data_6MSJ
#
_entry.id   6MSJ
#
loop_
_entity.id
_entity.type
_entity.pdbx_description
1 polymer '26S proteasome non-ATPase regulatory subunit 1'
2 polymer '26S proteasome non-ATPase regulatory subunit 3'
3 polymer '26S proteasome non-ATPase regulatory subunit 12'
4 polymer '26S proteasome non-ATPase regulatory subunit 11'
5 polymer '26S proteasome non-ATPase regulatory subunit 6'
6 polymer '26S proteasome non-ATPase regulatory subunit 7'
7 polymer '26S proteasome non-ATPase regulatory subunit 13'
8 polymer '26S proteasome non-ATPase regulatory subunit 4'
9 polymer '26S proteasome non-ATPase regulatory subunit 14'
10 polymer '26S proteasome non-ATPase regulatory subunit 8'
11 polymer '26S proteasome complex subunit SEM1'
12 polymer '26S proteasome non-ATPase regulatory subunit 2'
13 polymer '26S proteasome regulatory subunit 7'
14 polymer 'Rpt2, NP_002793.2 (26SHA chain B)'
15 polymer '26S proteasome regulatory subunit 8'
16 polymer '26S proteasome regulatory subunit 6B'
17 polymer '26S proteasome regulatory subunit 10B'
18 polymer '26S proteasome regulatory subunit 6A'
19 polymer substrate
20 polymer 'Proteasome subunit alpha type-6'
21 polymer 'Proteasome subunit alpha type-2'
22 polymer 'Proteasome subunit alpha type-4'
23 polymer 'Proteasome subunit alpha type-7'
24 polymer 'Proteasome subunit alpha type-5'
25 polymer 'Proteasome subunit alpha type-1'
26 polymer 'Proteasome subunit alpha type-3'
27 polymer 'Proteasome subunit beta type-6'
28 polymer 'Proteasome subunit beta type-7'
29 polymer 'Proteasome subunit beta type-3'
30 polymer 'Proteasome subunit beta type-2'
31 polymer 'Proteasome subunit beta type-5'
32 polymer 'Proteasome subunit beta type-1'
33 polymer 'Proteasome subunit beta type-4'
34 polymer 'Proteasome subunit alpha type-6'
35 non-polymer 'ZINC ION'
36 non-polymer "ADENOSINE-5'-TRIPHOSPHATE"
37 non-polymer 'MAGNESIUM ION'
38 non-polymer "ADENOSINE-5'-DIPHOSPHATE"
#
loop_
_entity_poly.entity_id
_entity_poly.type
_entity_poly.pdbx_seq_one_letter_code
_entity_poly.pdbx_strand_id
1 'polypeptide(L)'
;MITSAAGIISLLDEDEPQLKEFALHKLNAVVNDFWAEISESVDKIEVLYEDEGFRSRQFAALVASKVFYHLGAFEESLNY
ALGAGDLFNVNDNSEYVETIIAKCIDHYTKQCVENADLPEGEKKPIDQRLEGIVNKMFQRCLDDHKYKQAIGIALETRRL
DVFEKTILESNDVPGMLAYSLKLCMSLMQNKQFRNKVLRVLVKIYMNLEKPDFINVCQCLIFLDDPQAVSDILEKLVKED
NLLMAYQICFDLYESASQQFLSSVIQNLRTVGTPIASVPGSTNTGTVPGSEKDSDSMETEEKTSSAFVGKTPEASPEPKD
QTLKMIKILSGEMAIELHLQFLIRNNNTDLMILKNTKDAVRNSVCHTATVIANSFMHCGTTSDQFLRDNLEWLARATNWA
KFTATASLGVIHKGHEKEALQLMATYLPKDTSPGSAYQEGGGLYALGLIHANHGGDIIDYLLNQLKNASNDIVRHGGSLG
LGLAAMGTARQDVYDLLKTNLYQDDAVTGEAAGLALGLVMLGSKNAQAIEDMVGYAQETQHEKILRGLAVGIALVMYGRM
EEADALIESLCRDKDPILRRSGMYTVAMAYCGSGNNKAIRRLLHVAVSDVNDDVRRAAVESLGFILFRTPEQCPSVVSLL
SESYNPHVRYGAAMALGICCAGTGNKEAINLLEPMTNDPVNYVRQGALIASALIMIQQTEITCPKVNQFRQLYSKVINDK
HDDVMAKFGAILAQGILDAGGHNVTISLQSRTGHTHMPSVVGVLVFTQFWFWFPLSHFLSLAYTPTCVIGLNKDLKMPKV
QYKSNCKPSTFAYPAPLEVPKEKEKEKVSTAVLSITAKAKKKEKEKEKKEEEKMEVDEAEKKEEKEKKKEPEPNFQLLDN
PARVMPAQLKVLTMPETCRYQPFKPLSIGGIIILKDTSEDIEELVEPVAAHGPKIEEEEQEPEPPEPFEYIDD
;
U
2 'polypeptide(L)'
;KQEGSARRRGADKAKPPPGGGEQEPPPPPAPQDVEMKEEAATGGGSTGEADGKTAAAAAEHSQRELDTVTLEDIKEHVKQ
LEKAVSGKEPRFVLRALRMLPSTSRRLNHYVLYKAVQGFFTSNNATRDFLLPFLEEPMDTEADLQFRPRTGKAASTPLLP
EVEAYLQLLVVIFMMNSKRYKEAQKISDDLMQKISTQNRRALDLVAAKCYYYHARVYEFLDKLDVVRSFLHARLRTATLR
HDADGQATLLNLLLRNYLHYSLYDQAEKLVSKSVFPEQANNNEWARYLYYTGRIKAIQLEYSEARRTMTNALRKAPQHTA
VGFKQTVHKLLIVVELLLGEIPDRLQFRQPSLKRSLMPYFLLTQAVRTGNLAKFNQVLDQFGEKFQADGTYTLIIRLRHN
VIKTGVRMISLSYSRISLADIAQKLQLDSPEDAEFIVAKAIRDGVIEASINHEKGYVQSKEMIDIYSTREPQLAFHQRIS
FCLDIHNMSVKAMRFPPKSYNKDLESAEERREREQQDLEFAKEMAEDDDDSFP
;
V
3 'polypeptide(L)'
;MADGGSERADGRIVKMEVDYSATVDQRLPECAKLAKEGRLQEVIETLLSLEKQTRTASDMVSTSRILVAVVKMCYEAKEW
DLLNENIMLLSKRRSQLKQAVAKMVQQCCTYVEEITDLPIKLRLIDTLRMVTEGKIYVEIERARLTKTLATIKEQNGDVK
EAASILQELQVETYGSMEKKERVEFILEQMRLCLAVKDYIRTQIISKKINTKFFQEENTEKLKLKYYNLMIQLDQHEGSY
LSICKHYRAIYDTPCIQAESEKWQQALKSVVLYVILAPFDNEQSDLVHRISGDKKLEEIPKYKDLLKLFTTMELMRWSTL
VEDYGMELRKGSLESPATDVFGSTEEGEKRWKDLKNRVVEHNIRIMAKYYTRITMKRMAQLLDLSVDESEAFLSNLVVNK
TIFAKVDRLAGIINFQRPKDPNNLLNDWSQKLNSLMSLVNKTTHLIAKEEMIHNLQ
;
W
4 'polypeptide(L)'
;MAAAAVVEFQRAQSLLSTDREASIDILHSIVKRDIQENDEEAVQVKEQSILELGSLLAKTGQAAELGGLLKYVRPFLNSI
SKAKAARLVRSLLDLFLDMEAATGQEVELCLECIEWAKSEKRTFLRQALEARLVSLYFDTKRYQEALHLGSQLLRELKKM
DDKALLVEVQLLESKTYHALSNLPKARAALTSARTTANAIYCPPKLQATLDMQSGIIHAAEEKDWKTAYSYFYEAFEGYD
SIDSPKAITSLKYMLLCKIMLNTPEDVQALVSGKLALRYAGRQTEALKCVAQASKNRSLADFEKALTDYRAELRDDPIIS
THLAKLYDNLLEQNLIRVIEPFSRVQIEHISSLIKLSKADVERKLSQMILDKKFHGILDQGEGVLIIFDEPPVDKTYEAA
LETIQNMSKVVDSLYNKAKKLT
;
X
5 'polypeptide(L)'
;MPLENLEEEGLPKNPDLRIAQLRFLLSLPEHRGDAAVRDELMAAVRDNNMAPYYEALCKSLDWQIDVDLLNKMKKANEDE
LKRLDEELEDAEKNLGESEIRDAMMAKAEYLCRIGDKEGALTAFRKTYDKTVALGHRLDIVFYLLRIGLFYMDNDLITRN
TEKAKSLIEEGGDWDRRNRLKVYQGLYCVAIRDFKQAAELFLDTVSTFTSYELMDYKTFVTYTVYVSMIALERPDLREKV
IKGAEILEVLHSLPAVRQYLFSLYECRYSVFFQSLAVVEQEMKKDWLFAPHYRYYVREMRIHAYSQLLESYRSLTLGYMA
EAFGVGVEFIDQELSRFIAAGRLHCKIDKVNEIVETNRPDSKNWQYQETIKKGDLLLNRVQKLSRVINM
;
Y
6 'polypeptide(L)'
;MPELAVQKVVVHPLVLLSVVDHFNRIGKVGNQKRVVGVLLGSWQKKVLDVSNSFAVPFDEDDKDDSVWFLDHDYLENMYG
MFKKVNARERIVGWYHTGPKLHKNDIAINELMKRYCPNSVLVIIDVKPKDLGLPTEAYISVEEVHDDGTPTSKTFEHVTS
EIGAEEAEEVGVEHLLRDIKDTTVGTLSQRITNQVHGLKGLNSKLLDIRSYLEKVATGKLPINHQIIYQLQDVFNLLPDV
SLQEFVKAFYLKTNDQMVVVYLASLIRSVVALHNLINNKIANRDAEKKEGQEKEESKKDRKEDKEKDKDKEKSDVKKEEK
KEKK
;
Z
7 'polypeptide(L)'
;MKDVPGFLQQSQNSGPGQPAVWHRLEELYTKKLWHQLTLQVLDFVQDPCFAQGDGLIKLYENFISEFEHRVNPLSLVEII
LHVVRQMTDPNVALTFLEKTREKVKSSDEAVILCKTAIGALKLNIGDLQVTKETIEDVEEMLNNLPGVTSVHSRFYDLSS
KYYQTIGNHASYYKDALRFLGCVDIKDLPVSEQQERAFTLGLAGLLGEGVFNFGELLMHPVLESLRNTDRQWLIDTLYAF
NSGNVERFQTLKTAWGQQPDLAANEAQLLRKIQLLCLMEMTFTRPANHRQLTFEEIAKSAKITVNEVELLVMKALSVGLV
KGSIDEVDKRVHMTWVQPRVLDLQQIKGMKDRLEFWCTDVKSMEMLVEHQAHDILT
;
a
8 'polypeptide(L)'
;MVLESTMVCVDNSEYMRNGDFLPTRLQAQQDAVNIVCHSKTRSNPENNVGLITLANDCEVLTTLTPDTGRILSKLHTVQP
KGKITFCTGIRVAHLALKHRQGKNHKMRIIAFVGSPVEDNEKDLVKLAKRLKKEKVNVDIINFGEEEVNTEKLTAFVNTL
NGKDGTGSHLVTVPPGPSLADALISSPILAGEGGAMLGLGASDFEFGVDPSADPELALALRVSMEEQRQRQEEEARRAAA
ASAAEAGIATTGTEDSDDALLKMTISQQEFGRTGLPDLSSMTEEEQIAYAMQMSLQGAEFGQAESADIDASSAMDTSEPA
KEEDDYDVMQDPEFLQSVLENLPGVDPNNEAIRNAMGSLASQATKDGKKDKKEEDKK
;
b
9 'polypeptide(L)'
;DRLLRLGGGMPGLGQGPPTDAPAVDTAEQVYISSLALLKMLKHGRAGVPMEVMGLMLGEFVDDYTVRVIDVFAMPQSGTG
VSVEAVDPVFQAKMLDMLKQTGRPEMVVGWYHSHPGFGCWLSGVDINTQQSFEALSERAVAVVVDPIQSVKGKVVIDAFR
LINANMMVLGHEPRQTTSNLGHLNKPSIQALIHGLNRHYYSITINYRKNELEQKMLLNLHKKSWMEGLTLQDYSEHCKHN
ESVVKEMLELAKNYNKAVEEEDKMTPEQLAIKNVGKQDPKRHLEEHVDVLMTSNIVQCLAAMLDTVVFK
;
c
10 'polypeptide(L)'
;FIKGRAPRAPPRERRRATRGGLRQVVAPPRALGSTSRPHFRRASVCRRRCRKSGGLLAASRKMAAAAVNGAAGFSSSGPA
ATSGAVLQAATGMYEQLKGEWNRKSPNLSKCGEELGRLKLVLLELNFLPTTGTKLTKQQLILARDILEIGAQWSILRKDI
PSFERYMAQLKCYYFDYKEQLPESAYMHQLLGLNLLFLLSQNRVAEFHTELERLPAKDIQTNVYIKHPVSLEQYLMEGSY
NKVFLAKGNIPAESYTFFIDILLDTIRDEIAGCIEKAYEKILFTEATRILFFNTPKKMTDYAKKRGWVLGPNNYYSFASQ
QQKPEDTTIPSTELAKQVIEYARQLEMIV
;
d
11 'polypeptide(L)' MSEKKQPVDLGLLEEDDEFEEFPAEDWAGLDEDEDAHVWEDNWDDDNVEDDFSNQLRAELEKHGYKMETS e
12 'polypeptide(L)'
;MEEGGRDKAPVQPQQSPAAAPGGTDEKPSGKERRDAGDKDKEQELSEEDKQLQDELEMLVERLGEKDTSLYRPALEELRR
QIRSSTTSMTSVPKPLKFLRPHYGKLKEIYENMAPGENKRFAADIISVLAMTMSGERECLKYRLVGSQEELASWGHEYVR
HLAGEVAKEWQELDDAEKVQREPLLTLVKEIVPYNMAHNAEHEACDLLMEIEQVDMLEKDIDENAYAKVCLYLTSCVNYV
PEPENSALLRCALGVFRKFSRFPEALRLALMLNDMELVEDIFTSCKDVVVQKQMAFMLGRHGVFLELSEDVEEYEDLTEI
MSNVQLNSNFLALARELDIMEPKVPDDIYKTHLENNRFGGSGSQVDSARMNLASSFVNGFVNAAFGQDKLLTDDGNKWLY
KNKDHGMLSAAASLGMILLWDVDGGLTQIDKYLYSSEDYIKSGALLACGIVNSGVRNECDPALALLSDYVLHNSNTMRLG
SIFGLGLAYAGSNREDVLTLLLPVMGDSKSSMEVAGVTALACGMIAVGSCNGDVTSTILQTIMEKSETELKDTYARWLPL
GLGLNHLGKGEAIEAILAALEVVSEPFRSFANTLVDVCAYAGSGNVLKVQQLLHICSEHFDSKEKEEDKDKKEKKDKDKK
EAPADMGAHQGVAVLGIALIAMGEEIGAEMALRTFGHLLRYGEPTLRRAVPLALALISVSNPRLNILDTLSKFSHDADPE
VSYNSIFAMGMVGSGTNNARLAAMLRQLAQYHAKDPNNLFMVRLAQGLTHLGKGTLTLCPYHSDRQLMSQVAVAGLLTVL
VSFLDVRNIILGKSHYVLYGLVAAMQPRMLVTFDEELRPLPVSVRVGQAVDVVGQAGKPKTITGFQTHTTPVLLAHGERA
ELATEEFLPVTP
;
f
13 'polypeptide(L)'
;MPDYLGADQRKTKEDEKDDKPIRALDEGDIALLKTYGQSTYSRQIKQVEDDIQQLLKKINELTGIKESDTGLAPPALWDL
AADKQTLQSEQPLQVARCTKIINADSEDPKYIINVKQFAKFVVDLSDQVAPTDIEEGMRVGVDRNKYQIHIPLPPKIDPT
VTMMQVEEKPDVTYSDVGGCKEQIEKLREVVETPLLHPERFVNLGIEPPKGVLLFGPPGTGKTLCARAVANRTDACFIRV
IGSELVQKYVGEGARMVRELFEMARTKKACLIFFDEIDAIGGARFDDGAGGDNEVQRTMLELINQLDGFDPRGNIKVLMA
TNRPDTLDPALMRPGRLDRKIEFSLPDLEGRTHIFKIHARSMSVERDIRFELLARLCPNSTGAEIRSVCTEAGMFAIRAR
RKIATEKDFLEAVNKVIKSYAKFSATPRYMTYN
;
A
14 'polypeptide(L)'
;MGQSQSGGHGPGGGKKDDKDKKKKYEPPVPTRVGKKKKKTKGPDAASKLPLVTPHTQCRLKLLKLERIKDYLLMEEEFIR
NQEQMKPLEEKQEEERSKVDDLRGTPMSVGTLEEIIDDNHAIVSTSVGSEHYVSILSFVDKDLLEPGCSVLLNHKVHAVI
GVLMDDTDPLVTVMKVEKAPQETYADIGGLDNQIQEIKESVELPLTHPEYYEEMGIKPPKGVILYGPPGTGKTLLAKAVA
NQTSATFLRVVGSELIQKYLGDGPKLVRELFRVAEEHAPSIVFIDEIDAIGTKRYDSNSGGEREIQRTMLELLNQLDGFD
SRGDVKVIMATNRIETLDPALIRPGRIDRKIEFPLPDEKTKKRIFQIHTSRMTLADDVTLDDLIMAKDDLSGADIKAICT
EAGLMALRERRMKVTNEDFKKSKENVLYKKQEGTPEGLYL
;
B
15 'polypeptide(L)'
;MELEEGKAGSGLRQYYLSKIEELQLIVNDKSQNLRRLQAQRNELNAKVRLLREELQLLQEQGSYVGEVVRAMDKKKVLVK
VHPEGKFVVDVDKNIDINDVTPNCRVALRNDSYTLHKILPNKVDPLVSLMMVEKVPDSTYEMIGGLDKQIKEIKEVIELP
VKHPELFEALGIAQPKGVLLYGPPGTGKTLLARAVAHHTDCTFIRVSGSELVQKFIGEGARMVRELFVMAREHAPSIIFM
DEIDSIGSSRLEGGSGGDSEVQRTMLELLNQLDGFEATKNIKVIMATNRIDILDSALLRPGRIDRKIEFPPPNEEARLDI
LKIHSRKMNLTRGINLRKIAELMPGASGAEVKGVCTEAGMYALRERRVHVTQEDFEMAVAKVMQKDSEKNMSIKKLWK
;
C
16 'polypeptide(L)'
;MEEIGILVEKAQDEIPALSVSRPQTGLSFLGPEPEDLEDLYSRYKKLQQELEFLEVQEEYIKDEQKNLKKEFLHAQEEVK
RIQSIPLVIGQFLEAVDQNTAIVGSTTGSNYYVRILSTIDRELLKPNASVALHKHSNALVDVLPPEADSSIMMLTSDQKP
DVMYADIGGMDIQKQEVREAVELPLTHFELYKQIGIDPPRGVLMYGPPGCGKTMLAKAVAHHTTAAFIRVVGSEFVQKYL
GEGPRMVRDVFRLAKENAPAIIFIDEIDAIATKRFDAQTGADREVQRILLELLNQMDGFDQNVNVKVIMATNRADTLDPA
LLRPGRLDRKIEFPLPDRRQKRLIFSTITSKMNLSEEVDLEDYVARPDKISGADINSICQESGMLAVRENRYIVLAKDFE
KAYKTVIKKDEQEHEFYK
;
D
17 'polypeptide(L)'
;MAIPGIPYERRLLIMADPRDKALQDYRKKLLEHKEIDGRLKELREQLKELTKQYEKSENDLKALQSVGQIVGEVLKQLTE
EKFIVKATNGPRYVVGCRRQLDKSKLKPGTRVALDMTTLTIMRYLPREVDPLVYNMSHEDPGNVSYSEIGGLSEQIRELR
EVIELPLTNPELFQRVGIIPPKGCLLYGPPGTGKTLLARAVASQLDCNFLKVVSSSIVDKYIGESARLIREMFNYARDHQ
PCIIFMDEIDAIGGRRFSEGTSADREIQRTLMELLNQMDGFDTLHRVKMIMATNRPDTLDPALLRPGRLDRKIHIDLPNE
QARLDILKIHAGPITKHGEIDYEAIVKLSDGFNGADLRNVCTEAGMFAIRADHDFVVQEDFMKAVRKVADSKKLESKLDY
KPV
;
E
18 'polypeptide(L)'
;MNLLPNIESPVTRQEKMATVWDEAEQDGIGEEVLKMSTEEIIQRTRLLDSEIKIMKSEVLRVTHELQAMKDKIKENSEKI
KVNKTLPYLVSNVIELLDVDPNDQEEDGANIDLDSQRKGKCAVIKTSTRQTYFLPVIGLVDAEKLKPGDLVGVNKDSYLI
LETLPTEYDSRVKAMEVDERPTEQYSDIGGLDKQIQELVEAIVLPMNHKEKFENLGIQPPKGVLMYGPPGTGKTLLARAC
AAQTKATFLKLAGPQLVQMFIGDGAKLVRDAFALAKEKAPSIIFIDELDAIGTKRFDSEKAGDREVQRTMLELLNQLDGF
QPNTQVKVIAATNRVDILDPALLRSGRLDRKIEFPMPNEEARARIMQIHSRKMNVSPDVNYEELARCTDDFNGAQCKAVC
VEAGMIALRRGATELTHEDYMEGILEVQAKKKANLQYYA
;
F
19 'polypeptide(L)'
;(UNK)(UNK)(UNK)(UNK)(UNK)(UNK)(UNK)(UNK)(UNK)(UNK)(UNK)(UNK)(UNK)(UNK)(UNK)(UNK)
(UNK)(UNK)(UNK)(UNK)(UNK)(UNK)(UNK)(UNK)(UNK)(UNK)(UNK)(UNK)(UNK)(UNK)(UNK)(UNK)
(UNK)(UNK)(UNK)(UNK)
;
v
20 'polypeptide(L)'
;SRGSSAGFDRHITIFSPEGRLYQVEYAFKAINQGGLTSVAVRGKDCAVIVTQKKVPDKLLDSSTVTHLFKITENIGCVMT
GMTADSRSQVQRARYEAANWKYKYGYEIPVDMLCKRIADISQVYTQNAEMRPLGCCMILIGIDEEQGPQVYKCDPAGYYC
GFKATAAGVKQTESTSFLEKKVKKKFDWTFEQTVETAITCLSTVLSIDFKPSEIEVGVVTVENPKFRILTEAEIDAHLVA
LAERD
;
G
21 'polypeptide(L)'
;AERGYSFSLTTFSPSGKLVQIEYALAAVAGGAPSVGIKAANGVVLATEKKQKSILYDERSVHKVEPITKHIGLVYSGMGP
DYRVLVHRARKLAQQYYLVYQEPIPTAQLVQRVASVMQEYTQSGGVRPFGVSLLICGWNEGRPYLFQSDPSGAYFAWKAT
AMGKNYVNGKTFLEKRYNEDLELEDAIHTAILTLKESFEGQMTEDNIEVGICNEAGFRRLTPTEVKDYLAAIA
;
H,h
22 'polypeptide(L)'
;SRRYDSRTTIFSPEGRLYQVEYAMEAIGHAGTCLGILANDGVLLAAERRNIHKLLDEVFFSEKIYKLNEDMACSVAGITS
DANVLTNELRLIAQRYLLQYQEPIPCEQLVTALCDIKQAYTQFGGKRPFGVSLLYIGWDKHYGFQLYQSDPSGNYGGWKA
TCIGNNSAAAVSMLKQDYKEGEMTLKSALALAIKVLNKTMDVSKLSAEKVEIATLTRENGKTVIRVLKQKEVEQLIKKHE
EEEAKAEREKKEKEQKEKDK
;
I,i
23 'polypeptide(L)'
;SYDRAITVFSPDGHLFQVEYAQEAVKKGSTAVGVRGRDIVVLGVEKKSVAKLQDERTVRKICALDDNVCMAFAGLTADAR
IVINRARVECQSHRLTVEDPVTVEYITRYIASLKQRYTQSNGRRPFGISALIVGFDFDGTPRLYQTDPSGTYHAWKANAI
GRGAKSVREFLEKNYTDEAIETDDLTIKLVIKALLEVVQSGGKNIELAVMRRDQSLKILNPEEIEKYVAEIEKEKEENEK
KKQKKAS
;
J,j
24 'polypeptide(L)'
;FLTRSEYDRGVNTFSPEGRLFQVEYAIEAIKLGSTAIGIQTSEGVCLAVEKRITSPLMEPSSIEKIVEIDAHIGCAMSGL
IADAKTLIDKARVETQNHWFTYNETMTVESVTQAVSNLALQFGEEDADPGAMSRPFGVALLFGGVDEKGPQLFHMDPSGT
FVQCDARAIGSASEGAQSSLQEVYHKSMTLKEAIKSSLIILKQVMEEKLNATNIELATVQPGQNFHMFTKEELEEVIKDI
;
K,k
25 'polypeptide(L)'
;QLSKVKFRNQYDNDVTVWSPQGRIHQIEYAMEAVKQGSATVGLKSKTHAVLVALKRAQSELAAHQKKILHVDNHIGISIA
GLTADARLLCNFMRQECLDSRFVFDRPLPVSRLVSLIGSKTQIPTQRYGRRPYGVGLLIAGYDDMGPHIFQTCPSANYFD
CRAMSIGARSQSARTYLERHMSEFMECNLNELVKHGLRALRETLPAEQDLTTKNVSIGIVGKDLEFTIYDDDDVSPFLEG
LEERPQRKAQPAQPADEPAEKADEPMEH
;
L,l
26 'polypeptide(L)'
;SSIGTGYDLSASTFSPDGRVFQVEYAMKAVENSSTAIGIRCKDGVVFGVEKLVLSKLYEEGSNKRLFNVDRHVGMAVAGL
LADARSLADIAREEASNFRSNFGYNIPLKHLADRVAMYVHAYTLYSAVRPFGCSFMLGSYSVNDGAQLYMIDPSGVSYGY
WGCAIGKARQAAKTEIEKLQMKEMTCRDIVKEVAKIIYIVHDEVKDKAFELELSWVGELTNGRHEIVPKDIREEAEKYAK
ESLKEEDESDDDNM
;
M,m
27 'polypeptide(L)'
;AATLLAARGAGPAPAWGPEAFTPDWESREVSTGTTIMAVQFDGGVVLGADSRTTTGSYIANRVTDKLTPIHDRIFCCRSG
SAADTQAVADAVTYQLGFHSIELNEPPLVHTAASLFKEMCYRYREDLMAGIIIAGWDPQEGGQVYSVPMGGMMVRQSFAI
GGSGSSYIYGYVDATYREGMTKEECLQFTANALALAMERDGSSGGVIRLAAIAESGVERQVLLGDQIPKFAVATLPPA
;
N,n
28 'polypeptide(L)'
;AAVSVYAPPVGGFSFDNCRRNAVLEADFAKRGYKLPKVRKTGTTIAGVVYKDGIVLGADTRATEGMVVADKNCSKIHFIS
PNIYCCGAGTAADTDMTTQLISSNLELHSLSTGRLPRVVTANRMLKQMLFRYQGYIGAALVLGGVDVTGPHLYSIYPHGS
TDKLPYVTMGSGSLAAMAVFEDKFRPDMEEEEAKNLVSEAIAAGIFNDLGSGSNIDLCVISKNKLDFLRPYTVPNKKGTR
LGRYRCEKGTTAVLTEKITPLEIEVLEETVQTMDTS
;
O,o
29 'polypeptide(L)'
;SIMSYNGGAVMAMKGKNCVAIAADRRFGIQAQMVTTDFQKIFPMGDRLYIGLAGLATDVQTVAQRLKFRLNLYELKEGRQ
IKPYTLMSMVANLLYEKRFGPYYTEPVIAGLDPKTFKPFICSLDLIGCPMVTDDFVVSGTCAEQMYGMCESLWEPNMDPD
HLFETISQAMLNAVDRDAVSGMGVIVHIIEKDKITTRTLKARMD
;
P,p
30 'polypeptide(L)'
;MEYLIGIQGPDYVLVASDRVAASNIVQMKDDHDKMFKMSEKILLLCVGEAGDTVQFAEYIQKNVQLYKMRNGYELSPTAA
ANFTRRNLADCLRSRTPYHVNLLLAGYDEHEGPALYYMDYLAALAKAPFAAHGYGAFLTLSILDRYYTPTISRERAVELL
RKCLEELQKRFILNLPTFSVRIIDKNGIHDLDNISFPKQGS
;
Q,q
31 'polypeptide(L)'
;ALASVLERPLPVNQRGFFGLGGRADLLDLGPGSLSDGLSLAAPGWGVPEEPGIEMLHGTTTLAFKFRHGVIVAADSRATA
GAYIASQTVKKVIEINPYLLGTMAGGAADCSFWERLLARQCRIYELRNKERISVAAASKLLANMVYQYKGMGLSMGTMIC
GWDKRGPGLYYVDSEGNRISGATFSVGSGSVYAYGVMDRGYSYDLEVEQAYDLARRAIYQATYRDAYSGGAVNLYHVRED
GWIRVSSDNVADLHEKYSGSTP
;
R,r
32 'polypeptide(L)'
;LSSTAMYSAPGRDLGMEPHRAAGPLQLRFSPYVFNGGTILAIAGEDFAIVASDTRLSEGFSIHTRDSPKCYKLTDKTVIG
CSGFHGDCLTLTKIIEARLKMYKHSNNKAMTTGAIAAMLSTILYSRRFFPYYVYNIIGGLDEEGKGAVYSFDPVGSYQRD
SFKAGGSASAMLQPLLDNQVGFKNMQNVEHVPLSLDRAMRLVKDVFISAAERDVYTGDALRICIVTKEGIREETVSLRKD
;
S,s
33 'polypeptide(L)'
;EAFLGSRSGLWAGGPAPGQFYRIPSTPDSFMDPASALYRGPITRTQNPMVTGTSVLGVKFEGGVVIAADMLGSYGSLARF
RNISRIMRVNNSTMLGASGDYADFQYLKQVLGQMVIDEELLGDGHSYSPRAIHSWLTRAMYSRRSKMNPLWNTMVIGGYA
DGESFLGYVDMLGVAYEAPSLATGYGAYLAQPLLREVLEKQPVLSQTEARDLVERCMRVLYYRDARSYNRFQIATVTEKG
VEIEGPLSTETNWDIAHMISGFE
;
T,t
34 'polypeptide(L)'
;SSAGFDRHITIFSPEGRLYQVEYAFKAINQGGLTSVAVRGKDCAVIVTQKKVPDKLLDSSTVTHLFKITENIGCVMTGMT
ADSRSQVQRARYEAANWKYKYGYEIPVDMLCKRIADISQVYTQNAEMRPLGCCMILIGIDEEQGPQVYKCDPAGYYCGFK
ATAAGVKQTESTSFLEKKVKKKFDWTFEQTVETAITCLSTVLSIDFKPSEIEVGVVTVENPKFRILTEAEIDAHLVALAE
;
g
#
# COMPACT_ATOMS: atom_id res chain seq x y z
N GLY A 7 112.36 28.34 -77.00
CA GLY A 7 113.64 27.67 -76.77
C GLY A 7 114.83 28.46 -77.29
N ILE A 8 114.56 29.60 -77.92
CA ILE A 8 115.62 30.50 -78.37
C ILE A 8 116.09 31.43 -77.27
N ILE A 9 115.55 31.29 -76.06
CA ILE A 9 116.10 31.96 -74.89
C ILE A 9 117.49 31.42 -74.61
N SER A 10 117.72 30.15 -74.91
CA SER A 10 119.05 29.55 -74.81
C SER A 10 120.03 30.20 -75.78
N LEU A 11 119.54 30.67 -76.93
CA LEU A 11 120.37 31.49 -77.81
C LEU A 11 120.66 32.85 -77.19
N LEU A 12 119.75 33.36 -76.37
CA LEU A 12 119.97 34.65 -75.72
C LEU A 12 120.89 34.55 -74.52
N ASP A 13 121.27 33.34 -74.11
CA ASP A 13 122.30 33.18 -73.09
C ASP A 13 123.68 33.46 -73.67
N GLU A 14 123.88 33.11 -74.94
CA GLU A 14 125.19 33.03 -75.54
C GLU A 14 125.69 34.43 -75.91
N ASP A 15 126.98 34.67 -75.65
CA ASP A 15 127.50 36.01 -75.35
C ASP A 15 128.09 36.73 -76.56
N GLU A 16 127.50 36.56 -77.75
CA GLU A 16 127.88 37.36 -78.88
C GLU A 16 126.72 38.28 -79.28
N PRO A 17 127.00 39.46 -79.85
CA PRO A 17 125.89 40.39 -80.11
C PRO A 17 124.98 39.96 -81.25
N GLN A 18 125.51 39.52 -82.40
CA GLN A 18 124.65 39.28 -83.55
C GLN A 18 123.82 38.01 -83.45
N LEU A 19 124.02 37.22 -82.40
CA LEU A 19 123.12 36.10 -82.13
C LEU A 19 121.90 36.58 -81.35
N LYS A 20 122.06 37.64 -80.56
CA LYS A 20 121.00 38.13 -79.69
C LYS A 20 119.81 38.65 -80.49
N GLU A 21 120.07 39.63 -81.37
CA GLU A 21 118.97 40.35 -82.00
C GLU A 21 118.23 39.48 -83.00
N PHE A 22 118.92 38.51 -83.59
CA PHE A 22 118.25 37.55 -84.47
C PHE A 22 117.28 36.68 -83.68
N ALA A 23 117.63 36.35 -82.44
CA ALA A 23 116.71 35.63 -81.57
C ALA A 23 115.60 36.55 -81.08
N LEU A 24 115.91 37.82 -80.82
CA LEU A 24 114.86 38.73 -80.40
C LEU A 24 114.33 39.59 -81.54
N HIS A 25 114.70 39.26 -82.78
CA HIS A 25 113.78 39.45 -83.90
C HIS A 25 112.74 38.35 -83.89
N LYS A 26 113.12 37.15 -83.47
CA LYS A 26 112.16 36.06 -83.41
C LYS A 26 111.23 36.18 -82.20
N LEU A 27 111.57 37.04 -81.23
CA LEU A 27 110.68 37.22 -80.08
C LEU A 27 109.39 37.92 -80.49
N ASN A 28 109.48 39.15 -80.99
CA ASN A 28 108.27 39.87 -81.39
C ASN A 28 107.65 39.35 -82.68
N ALA A 29 108.23 38.34 -83.32
CA ALA A 29 107.53 37.64 -84.38
C ALA A 29 106.45 36.73 -83.83
N VAL A 30 106.74 36.02 -82.73
CA VAL A 30 105.79 35.07 -82.17
C VAL A 30 105.52 35.33 -80.69
N VAL A 31 105.60 36.60 -80.26
CA VAL A 31 105.28 36.90 -78.87
C VAL A 31 103.77 36.82 -78.64
N ASN A 32 102.97 36.95 -79.70
CA ASN A 32 101.53 36.78 -79.59
C ASN A 32 101.11 35.31 -79.53
N ASP A 33 102.03 34.37 -79.73
CA ASP A 33 101.70 32.96 -79.69
C ASP A 33 102.40 32.22 -78.55
N PHE A 34 103.46 32.79 -77.99
CA PHE A 34 104.22 32.16 -76.92
C PHE A 34 104.31 33.11 -75.74
N TRP A 35 103.13 33.56 -75.31
CA TRP A 35 102.89 34.55 -74.26
C TRP A 35 103.71 34.37 -72.99
N ALA A 36 103.48 33.28 -72.26
CA ALA A 36 103.95 33.15 -70.89
C ALA A 36 105.30 32.45 -70.77
N GLU A 37 105.85 31.96 -71.87
CA GLU A 37 107.20 31.41 -71.79
C GLU A 37 108.22 32.51 -71.64
N ILE A 38 107.91 33.70 -72.15
CA ILE A 38 108.82 34.83 -72.08
C ILE A 38 108.82 35.48 -70.71
N SER A 39 107.91 35.05 -69.83
CA SER A 39 107.82 35.57 -68.48
C SER A 39 109.06 35.27 -67.65
N GLU A 40 109.73 34.16 -67.94
CA GLU A 40 110.99 33.85 -67.31
C GLU A 40 112.16 34.55 -67.98
N SER A 41 112.01 34.93 -69.26
CA SER A 41 113.02 35.70 -69.95
C SER A 41 112.95 37.18 -69.64
N VAL A 42 112.03 37.60 -68.78
CA VAL A 42 111.94 38.97 -68.29
C VAL A 42 113.24 39.39 -67.60
N ASP A 43 113.81 38.49 -66.80
CA ASP A 43 115.04 38.78 -66.08
C ASP A 43 116.22 38.98 -67.02
N LYS A 44 116.19 38.35 -68.19
CA LYS A 44 117.26 38.53 -69.16
C LYS A 44 117.13 39.84 -69.90
N ILE A 45 115.91 40.27 -70.21
CA ILE A 45 115.72 41.47 -71.02
C ILE A 45 115.85 42.73 -70.17
N GLU A 46 115.14 42.76 -69.06
CA GLU A 46 115.22 43.90 -68.15
C GLU A 46 116.69 44.20 -67.86
N VAL A 47 117.55 43.20 -68.07
CA VAL A 47 118.99 43.39 -68.04
C VAL A 47 119.48 43.98 -69.35
N LEU A 48 119.54 43.15 -70.40
CA LEU A 48 120.00 43.62 -71.70
C LEU A 48 119.59 45.05 -71.99
N TYR A 49 118.49 45.52 -71.40
CA TYR A 49 118.15 46.93 -71.57
C TYR A 49 119.09 47.82 -70.76
N GLU A 50 119.48 47.38 -69.57
CA GLU A 50 120.45 48.13 -68.78
C GLU A 50 121.86 48.02 -69.36
N ASP A 51 122.14 46.95 -70.09
CA ASP A 51 123.41 46.79 -70.80
C ASP A 51 123.44 47.78 -71.96
N GLU A 52 124.25 48.82 -71.83
CA GLU A 52 124.12 49.98 -72.70
C GLU A 52 124.80 49.78 -74.04
N GLY A 53 126.06 49.33 -74.05
CA GLY A 53 126.75 49.29 -75.33
C GLY A 53 126.51 48.00 -76.08
N PHE A 54 125.45 48.05 -76.88
CA PHE A 54 124.90 47.07 -77.81
C PHE A 54 123.78 47.81 -78.54
N ARG A 55 123.51 47.42 -79.77
CA ARG A 55 122.32 47.91 -80.46
C ARG A 55 121.15 46.94 -80.28
N SER A 56 120.95 46.58 -79.00
CA SER A 56 119.97 45.59 -78.59
C SER A 56 119.30 46.04 -77.32
N ARG A 57 118.89 47.29 -77.26
CA ARG A 57 118.23 47.79 -76.06
C ARG A 57 116.86 48.36 -76.31
N GLN A 58 116.67 49.12 -77.39
CA GLN A 58 115.32 49.57 -77.74
C GLN A 58 114.54 48.46 -78.40
N PHE A 59 115.19 47.69 -79.27
CA PHE A 59 114.53 46.57 -79.92
C PHE A 59 114.37 45.39 -78.95
N ALA A 60 115.10 45.43 -77.83
CA ALA A 60 114.77 44.56 -76.70
C ALA A 60 113.67 45.16 -75.85
N ALA A 61 113.54 46.49 -75.82
CA ALA A 61 112.46 47.10 -75.05
C ALA A 61 111.11 46.95 -75.74
N LEU A 62 111.11 46.65 -77.05
CA LEU A 62 109.88 46.21 -77.72
C LEU A 62 109.38 44.91 -77.11
N VAL A 63 110.22 43.88 -77.13
CA VAL A 63 109.79 42.56 -76.70
C VAL A 63 109.62 42.51 -75.19
N ALA A 64 110.23 43.45 -74.47
CA ALA A 64 109.92 43.61 -73.06
C ALA A 64 108.53 44.19 -72.87
N SER A 65 108.15 45.15 -73.71
CA SER A 65 106.85 45.81 -73.55
C SER A 65 105.71 44.89 -73.96
N LYS A 66 106.00 43.90 -74.80
CA LYS A 66 104.95 42.97 -75.23
C LYS A 66 104.59 41.99 -74.13
N VAL A 67 105.57 41.57 -73.33
CA VAL A 67 105.30 40.51 -72.36
C VAL A 67 104.71 41.08 -71.08
N PHE A 68 105.04 42.31 -70.69
CA PHE A 68 104.34 42.93 -69.57
C PHE A 68 102.92 43.34 -69.96
N TYR A 69 102.67 43.51 -71.25
CA TYR A 69 101.32 43.77 -71.72
C TYR A 69 100.43 42.55 -71.57
N HIS A 70 100.98 41.37 -71.80
CA HIS A 70 100.23 40.14 -71.59
C HIS A 70 100.07 39.83 -70.11
N LEU A 71 101.08 40.13 -69.30
CA LEU A 71 101.03 39.86 -67.87
C LEU A 71 100.28 40.91 -67.08
N GLY A 72 99.67 41.89 -67.74
CA GLY A 72 98.90 42.91 -67.06
C GLY A 72 99.70 44.03 -66.45
N ALA A 73 101.02 43.92 -66.42
CA ALA A 73 101.87 44.96 -65.86
C ALA A 73 101.90 46.11 -66.86
N PHE A 74 101.01 47.07 -66.65
CA PHE A 74 100.75 48.09 -67.65
C PHE A 74 101.68 49.28 -67.54
N GLU A 75 102.07 49.67 -66.33
CA GLU A 75 103.11 50.68 -66.17
C GLU A 75 104.47 50.14 -66.61
N GLU A 76 104.67 48.83 -66.49
CA GLU A 76 105.91 48.23 -66.99
C GLU A 76 105.97 48.29 -68.50
N SER A 77 104.84 48.01 -69.16
CA SER A 77 104.77 48.21 -70.61
C SER A 77 104.85 49.69 -70.96
N LEU A 78 104.46 50.57 -70.04
CA LEU A 78 104.47 52.00 -70.34
C LEU A 78 105.88 52.56 -70.30
N ASN A 79 106.65 52.23 -69.27
CA ASN A 79 108.02 52.75 -69.18
C ASN A 79 108.93 52.13 -70.22
N TYR A 80 108.64 50.91 -70.65
CA TYR A 80 109.54 50.22 -71.56
C TYR A 80 109.21 50.53 -73.01
N ALA A 81 107.96 50.90 -73.30
CA ALA A 81 107.65 51.46 -74.61
C ALA A 81 108.18 52.88 -74.77
N LEU A 82 108.38 53.60 -73.67
CA LEU A 82 109.20 54.79 -73.71
C LEU A 82 110.62 54.44 -74.09
N GLY A 83 111.22 53.47 -73.39
CA GLY A 83 112.57 53.02 -73.68
C GLY A 83 112.72 52.27 -74.99
N ALA A 84 111.62 51.95 -75.67
CA ALA A 84 111.67 51.38 -77.00
C ALA A 84 112.05 52.40 -78.07
N GLY A 85 112.02 53.68 -77.74
CA GLY A 85 112.51 54.72 -78.61
C GLY A 85 111.66 54.94 -79.84
N ASP A 86 112.31 55.10 -80.99
CA ASP A 86 111.61 55.45 -82.22
C ASP A 86 110.96 54.25 -82.88
N LEU A 87 111.39 53.04 -82.52
CA LEU A 87 110.78 51.83 -83.09
C LEU A 87 109.36 51.62 -82.57
N PHE A 88 109.04 52.19 -81.41
CA PHE A 88 107.66 52.21 -80.95
C PHE A 88 106.90 53.40 -81.51
N ASN A 89 107.55 54.56 -81.58
CA ASN A 89 106.88 55.81 -81.91
C ASN A 89 106.46 55.87 -83.38
N VAL A 90 107.12 55.09 -84.23
CA VAL A 90 106.78 55.05 -85.65
C VAL A 90 105.44 54.34 -85.88
N ASN A 91 104.99 53.54 -84.94
CA ASN A 91 103.82 52.71 -85.15
C ASN A 91 102.54 53.51 -84.96
N ASP A 92 101.51 53.11 -85.70
CA ASP A 92 100.23 53.80 -85.65
C ASP A 92 99.01 52.90 -85.61
N ASN A 93 99.12 51.61 -85.92
CA ASN A 93 97.92 50.78 -86.06
C ASN A 93 98.18 49.38 -85.52
N SER A 94 97.56 49.09 -84.38
CA SER A 94 97.40 47.74 -83.84
C SER A 94 96.35 47.79 -82.74
N GLU A 95 95.99 46.63 -82.20
CA GLU A 95 95.23 46.57 -80.95
C GLU A 95 96.18 46.71 -79.76
N TYR A 96 97.42 46.27 -79.94
CA TYR A 96 98.45 46.45 -78.93
C TYR A 96 98.74 47.90 -78.62
N VAL A 97 99.14 48.66 -79.65
CA VAL A 97 99.74 49.97 -79.44
C VAL A 97 98.70 50.97 -78.94
N GLU A 98 97.45 50.84 -79.41
CA GLU A 98 96.44 51.85 -79.09
C GLU A 98 95.98 51.76 -77.65
N THR A 99 96.20 50.63 -76.99
CA THR A 99 95.82 50.49 -75.59
C THR A 99 96.86 51.12 -74.67
N ILE A 100 98.14 50.86 -74.92
CA ILE A 100 99.16 51.37 -74.03
C ILE A 100 99.41 52.86 -74.25
N ILE A 101 99.03 53.40 -75.41
CA ILE A 101 99.05 54.85 -75.54
C ILE A 101 97.80 55.47 -74.95
N ALA A 102 96.72 54.70 -74.82
CA ALA A 102 95.53 55.21 -74.13
C ALA A 102 95.81 55.35 -72.64
N LYS A 103 96.53 54.38 -72.07
CA LYS A 103 96.97 54.50 -70.68
C LYS A 103 98.05 55.56 -70.55
N CYS A 104 98.81 55.81 -71.62
CA CYS A 104 99.78 56.90 -71.61
C CYS A 104 99.09 58.24 -71.55
N ILE A 105 97.96 58.39 -72.25
CA ILE A 105 97.15 59.60 -72.10
C ILE A 105 96.58 59.68 -70.68
N ASP A 106 96.18 58.53 -70.14
CA ASP A 106 95.66 58.46 -68.78
C ASP A 106 96.75 58.82 -67.77
N HIS A 107 97.97 58.31 -67.98
CA HIS A 107 99.07 58.64 -67.09
C HIS A 107 99.46 60.11 -67.24
N TYR A 108 99.31 60.66 -68.44
CA TYR A 108 99.73 62.04 -68.66
C TYR A 108 98.71 63.02 -68.09
N THR A 109 97.41 62.74 -68.26
CA THR A 109 96.42 63.69 -67.78
C THR A 109 96.27 63.65 -66.26
N LYS A 110 96.64 62.54 -65.62
CA LYS A 110 96.66 62.54 -64.16
C LYS A 110 97.97 63.12 -63.65
N GLN A 111 98.98 63.19 -64.52
CA GLN A 111 100.20 63.88 -64.16
C GLN A 111 100.03 65.38 -64.25
N CYS A 112 99.39 65.85 -65.33
CA CYS A 112 99.28 67.29 -65.57
C CYS A 112 98.33 67.97 -64.60
N VAL A 113 97.25 67.30 -64.20
CA VAL A 113 96.38 67.84 -63.18
C VAL A 113 97.10 67.85 -61.83
N GLU A 114 97.94 66.84 -61.59
CA GLU A 114 98.79 66.85 -60.40
C GLU A 114 99.80 67.98 -60.45
N ASN A 115 100.37 68.26 -61.62
CA ASN A 115 101.26 69.41 -61.75
C ASN A 115 100.52 70.73 -61.68
N ALA A 116 99.22 70.74 -61.99
CA ALA A 116 98.42 71.95 -61.83
C ALA A 116 98.10 72.22 -60.37
N ASP A 117 98.33 71.25 -59.48
CA ASP A 117 98.01 71.43 -58.07
C ASP A 117 99.10 72.20 -57.33
N LEU A 118 100.31 72.22 -57.85
CA LEU A 118 101.47 72.83 -57.19
C LEU A 118 102.13 73.84 -58.12
N PRO A 119 101.73 75.11 -58.04
CA PRO A 119 102.36 76.13 -58.88
C PRO A 119 103.70 76.60 -58.35
N GLU A 120 104.00 76.37 -57.07
CA GLU A 120 105.20 76.91 -56.43
C GLU A 120 106.38 75.98 -56.74
N GLY A 121 106.82 76.04 -58.01
CA GLY A 121 107.89 75.19 -58.49
C GLY A 121 107.53 73.72 -58.39
N GLU A 122 108.49 72.93 -57.88
CA GLU A 122 108.34 71.56 -57.34
C GLU A 122 107.62 70.59 -58.29
N LYS A 123 107.65 70.85 -59.58
CA LYS A 123 106.91 70.02 -60.52
C LYS A 123 107.68 68.73 -60.81
N LYS A 124 107.03 67.85 -61.56
CA LYS A 124 107.63 66.54 -61.73
C LYS A 124 108.50 66.50 -62.98
N PRO A 125 109.59 65.73 -62.94
CA PRO A 125 110.33 65.45 -64.17
C PRO A 125 109.48 64.59 -65.10
N ILE A 126 109.26 65.10 -66.31
CA ILE A 126 108.35 64.50 -67.26
C ILE A 126 109.18 64.03 -68.45
N ASP A 127 109.00 62.76 -68.83
CA ASP A 127 109.65 62.24 -70.02
C ASP A 127 109.09 62.93 -71.26
N GLN A 128 109.92 63.01 -72.29
CA GLN A 128 109.58 63.76 -73.49
C GLN A 128 109.07 62.88 -74.61
N ARG A 129 109.35 61.58 -74.58
CA ARG A 129 108.75 60.67 -75.54
C ARG A 129 107.27 60.48 -75.26
N LEU A 130 106.86 60.59 -73.99
CA LEU A 130 105.44 60.43 -73.68
C LEU A 130 104.63 61.64 -74.12
N GLU A 131 105.16 62.84 -73.93
CA GLU A 131 104.51 64.02 -74.50
C GLU A 131 104.81 64.17 -75.98
N GLY A 132 105.83 63.47 -76.48
CA GLY A 132 106.09 63.47 -77.91
C GLY A 132 105.07 62.66 -78.69
N ILE A 133 104.44 61.70 -78.02
CA ILE A 133 103.35 60.99 -78.67
C ILE A 133 101.98 61.53 -78.26
N VAL A 134 101.94 62.44 -77.29
CA VAL A 134 100.71 63.17 -77.00
C VAL A 134 100.36 64.12 -78.14
N ASN A 135 101.29 64.99 -78.50
CA ASN A 135 101.04 65.90 -79.60
C ASN A 135 101.12 65.22 -80.96
N LYS A 136 101.83 64.09 -81.07
CA LYS A 136 101.75 63.26 -82.28
C LYS A 136 100.33 62.75 -82.47
N MET A 137 99.69 62.32 -81.38
CA MET A 137 98.27 61.98 -81.43
C MET A 137 97.42 63.20 -81.73
N PHE A 138 97.83 64.37 -81.26
CA PHE A 138 97.13 65.59 -81.63
C PHE A 138 97.35 65.94 -83.10
N GLN A 139 98.51 65.59 -83.66
CA GLN A 139 98.69 65.76 -85.10
C GLN A 139 97.75 64.87 -85.89
N ARG A 140 97.42 63.69 -85.35
CA ARG A 140 96.38 62.88 -85.96
C ARG A 140 95.01 63.52 -85.82
N CYS A 141 94.79 64.26 -84.72
CA CYS A 141 93.58 65.04 -84.58
C CYS A 141 93.59 66.25 -85.50
N LEU A 142 94.77 66.73 -85.87
CA LEU A 142 94.86 67.72 -86.94
C LEU A 142 94.60 67.06 -88.30
N ASP A 143 95.06 65.81 -88.46
CA ASP A 143 94.80 65.08 -89.69
C ASP A 143 93.40 64.48 -89.72
N ASP A 144 92.67 64.56 -88.61
CA ASP A 144 91.27 64.17 -88.60
C ASP A 144 90.45 65.05 -89.54
N HIS A 145 90.73 66.37 -89.53
CA HIS A 145 89.94 67.51 -90.01
C HIS A 145 88.71 67.76 -89.13
N LYS A 146 88.45 66.89 -88.16
CA LYS A 146 87.44 67.12 -87.14
C LYS A 146 88.16 67.45 -85.85
N TYR A 147 87.87 68.62 -85.28
CA TYR A 147 88.69 69.20 -84.24
C TYR A 147 87.99 69.25 -82.89
N LYS A 148 86.76 68.77 -82.79
CA LYS A 148 86.16 68.58 -81.48
C LYS A 148 86.77 67.38 -80.78
N GLN A 149 87.22 66.39 -81.55
CA GLN A 149 88.05 65.33 -81.00
C GLN A 149 89.38 65.89 -80.49
N ALA A 150 89.89 66.92 -81.16
CA ALA A 150 91.13 67.55 -80.73
C ALA A 150 90.92 68.36 -79.45
N ILE A 151 89.75 68.98 -79.30
CA ILE A 151 89.56 69.89 -78.17
C ILE A 151 89.24 69.12 -76.90
N GLY A 152 88.93 67.82 -77.01
CA GLY A 152 88.68 67.03 -75.82
C GLY A 152 89.94 66.83 -74.99
N ILE A 153 90.98 66.27 -75.60
CA ILE A 153 92.25 66.00 -74.92
C ILE A 153 92.90 67.31 -74.48
N ALA A 154 92.70 68.37 -75.28
CA ALA A 154 93.32 69.67 -75.02
C ALA A 154 92.83 70.29 -73.72
N LEU A 155 91.58 70.02 -73.35
CA LEU A 155 91.12 70.45 -72.04
C LEU A 155 91.32 69.40 -70.95
N GLU A 156 91.66 68.17 -71.32
CA GLU A 156 91.95 67.16 -70.30
C GLU A 156 93.29 67.44 -69.63
N THR A 157 94.33 67.62 -70.44
CA THR A 157 95.70 67.72 -69.94
C THR A 157 96.11 69.15 -69.59
N ARG A 158 95.14 70.08 -69.50
CA ARG A 158 95.33 71.44 -68.99
C ARG A 158 96.31 72.26 -69.82
N ARG A 159 96.47 71.95 -71.09
CA ARG A 159 97.36 72.69 -71.98
C ARG A 159 96.55 73.64 -72.84
N LEU A 160 97.04 74.87 -73.01
CA LEU A 160 96.21 75.93 -73.57
C LEU A 160 96.73 76.54 -74.87
N ASP A 161 97.97 76.30 -75.27
CA ASP A 161 98.34 76.73 -76.62
C ASP A 161 97.76 75.79 -77.66
N VAL A 162 97.59 74.52 -77.29
CA VAL A 162 96.86 73.58 -78.12
C VAL A 162 95.40 73.98 -78.20
N PHE A 163 94.88 74.63 -77.16
CA PHE A 163 93.53 75.18 -77.18
C PHE A 163 93.43 76.34 -78.16
N GLU A 164 94.43 77.21 -78.16
CA GLU A 164 94.42 78.40 -79.02
C GLU A 164 94.58 78.05 -80.49
N LYS A 165 95.32 76.98 -80.79
CA LYS A 165 95.62 76.68 -82.19
C LYS A 165 94.44 76.02 -82.89
N THR A 166 93.63 75.26 -82.16
CA THR A 166 92.45 74.61 -82.71
C THR A 166 91.33 75.57 -83.05
N ILE A 167 91.31 76.77 -82.47
CA ILE A 167 90.37 77.78 -82.89
C ILE A 167 91.01 78.80 -83.83
N LEU A 168 92.31 79.05 -83.72
CA LEU A 168 93.03 79.80 -84.74
C LEU A 168 93.71 78.82 -85.71
N GLU A 169 92.91 77.89 -86.20
CA GLU A 169 93.32 76.96 -87.24
C GLU A 169 92.90 77.53 -88.60
N SER A 170 92.90 76.69 -89.63
CA SER A 170 92.32 77.07 -90.90
C SER A 170 90.80 77.22 -90.80
N ASN A 171 90.20 77.67 -91.89
CA ASN A 171 88.78 78.01 -91.88
C ASN A 171 87.93 76.74 -91.80
N ASP A 172 87.74 76.24 -90.59
CA ASP A 172 86.87 75.09 -90.34
C ASP A 172 85.99 75.49 -89.16
N VAL A 173 84.88 76.16 -89.47
CA VAL A 173 83.83 76.57 -88.54
C VAL A 173 84.40 77.39 -87.39
N PRO A 174 84.65 78.70 -87.58
CA PRO A 174 85.19 79.53 -86.48
C PRO A 174 84.26 79.71 -85.27
N GLY A 175 83.04 79.16 -85.30
CA GLY A 175 82.18 79.12 -84.13
C GLY A 175 82.44 77.91 -83.23
N MET A 176 83.64 77.34 -83.29
CA MET A 176 84.07 76.38 -82.28
C MET A 176 84.21 77.04 -80.91
N LEU A 177 84.44 78.35 -80.88
CA LEU A 177 84.41 79.10 -79.63
C LEU A 177 83.03 79.09 -79.00
N ALA A 178 81.97 79.05 -79.82
CA ALA A 178 80.62 78.95 -79.27
C ALA A 178 80.36 77.58 -78.67
N TYR A 179 81.01 76.54 -79.20
CA TYR A 179 80.96 75.25 -78.53
C TYR A 179 81.80 75.27 -77.27
N SER A 180 82.97 75.89 -77.31
CA SER A 180 83.88 75.86 -76.18
C SER A 180 83.39 76.74 -75.04
N LEU A 181 82.61 77.78 -75.34
CA LEU A 181 82.07 78.63 -74.29
C LEU A 181 81.02 77.88 -73.47
N LYS A 182 80.09 77.20 -74.16
CA LYS A 182 79.09 76.39 -73.48
C LYS A 182 79.73 75.18 -72.79
N LEU A 183 80.84 74.68 -73.35
CA LEU A 183 81.56 73.59 -72.71
C LEU A 183 82.19 74.06 -71.39
N CYS A 184 82.71 75.28 -71.36
CA CYS A 184 83.24 75.85 -70.13
C CYS A 184 82.13 76.40 -69.23
N MET A 185 80.99 76.75 -69.81
CA MET A 185 79.88 77.23 -69.01
C MET A 185 79.22 76.11 -68.23
N SER A 186 78.94 74.99 -68.90
CA SER A 186 78.05 73.98 -68.34
C SER A 186 78.77 73.09 -67.34
N LEU A 187 79.92 72.54 -67.72
CA LEU A 187 80.49 71.39 -67.05
C LEU A 187 81.89 71.64 -66.51
N MET A 188 82.24 72.88 -66.22
CA MET A 188 83.52 73.17 -65.58
C MET A 188 83.31 73.28 -64.08
N GLN A 189 83.93 72.37 -63.34
CA GLN A 189 83.79 72.35 -61.88
C GLN A 189 84.74 73.34 -61.21
N ASN A 190 86.02 73.26 -61.53
CA ASN A 190 87.03 74.14 -60.95
C ASN A 190 86.85 75.56 -61.47
N LYS A 191 87.27 76.52 -60.65
CA LYS A 191 87.31 77.91 -61.03
C LYS A 191 88.74 78.45 -61.16
N GLN A 192 89.74 77.62 -60.86
CA GLN A 192 91.11 78.11 -60.83
C GLN A 192 91.67 78.31 -62.23
N PHE A 193 91.47 77.35 -63.12
CA PHE A 193 91.87 77.51 -64.50
C PHE A 193 90.70 77.87 -65.39
N ARG A 194 89.50 77.96 -64.83
CA ARG A 194 88.31 78.24 -65.63
C ARG A 194 88.38 79.63 -66.22
N ASN A 195 88.74 80.61 -65.39
CA ASN A 195 88.95 81.97 -65.88
C ASN A 195 90.11 82.06 -66.85
N LYS A 196 91.13 81.21 -66.69
CA LYS A 196 92.26 81.20 -67.61
C LYS A 196 91.85 80.73 -68.99
N VAL A 197 91.05 79.67 -69.04
CA VAL A 197 90.48 79.23 -70.32
C VAL A 197 89.48 80.27 -70.81
N LEU A 198 88.79 80.93 -69.89
CA LEU A 198 87.83 81.96 -70.27
C LEU A 198 88.52 83.23 -70.77
N ARG A 199 89.74 83.51 -70.31
CA ARG A 199 90.44 84.70 -70.77
C ARG A 199 91.41 84.41 -71.91
N VAL A 200 91.68 83.13 -72.21
CA VAL A 200 92.37 82.84 -73.44
C VAL A 200 91.35 82.78 -74.58
N LEU A 201 90.07 82.69 -74.24
CA LEU A 201 89.01 82.89 -75.23
C LEU A 201 88.94 84.34 -75.67
N VAL A 202 88.98 85.29 -74.72
CA VAL A 202 88.81 86.70 -75.07
C VAL A 202 90.03 87.26 -75.78
N LYS A 203 91.14 86.53 -75.81
CA LYS A 203 92.24 86.91 -76.67
C LYS A 203 91.87 86.74 -78.13
N ILE A 204 91.14 85.69 -78.46
CA ILE A 204 90.75 85.51 -79.85
C ILE A 204 89.47 86.30 -80.16
N TYR A 205 88.69 86.68 -79.15
CA TYR A 205 87.55 87.55 -79.40
C TYR A 205 88.01 88.96 -79.74
N MET A 206 89.06 89.44 -79.06
CA MET A 206 89.65 90.71 -79.43
C MET A 206 90.35 90.63 -80.77
N ASN A 207 90.92 89.48 -81.09
CA ASN A 207 91.56 89.24 -82.37
C ASN A 207 90.56 88.85 -83.46
N LEU A 208 89.30 88.66 -83.09
CA LEU A 208 88.25 88.49 -84.06
C LEU A 208 87.92 89.85 -84.67
N GLU A 209 87.15 89.82 -85.76
CA GLU A 209 86.86 91.04 -86.52
C GLU A 209 86.04 92.03 -85.69
N LYS A 210 84.90 91.59 -85.16
CA LYS A 210 84.03 92.48 -84.42
C LYS A 210 84.06 92.14 -82.95
N PRO A 211 84.46 93.06 -82.08
CA PRO A 211 84.68 92.72 -80.67
C PRO A 211 83.42 92.56 -79.83
N ASP A 212 82.41 93.42 -80.05
CA ASP A 212 81.48 93.83 -79.00
C ASP A 212 80.65 92.69 -78.41
N PHE A 213 80.05 91.87 -79.28
CA PHE A 213 78.69 91.34 -79.07
C PHE A 213 78.46 90.49 -77.83
N ILE A 214 79.13 89.34 -77.73
CA ILE A 214 78.80 88.36 -76.71
C ILE A 214 79.93 88.21 -75.69
N ASN A 215 81.17 88.49 -76.11
CA ASN A 215 82.35 88.12 -75.32
C ASN A 215 82.44 88.85 -73.99
N VAL A 216 81.88 90.05 -73.92
CA VAL A 216 81.98 90.83 -72.69
C VAL A 216 81.09 90.22 -71.61
N CYS A 217 79.81 90.09 -71.90
CA CYS A 217 78.85 89.73 -70.88
C CYS A 217 78.72 88.23 -70.71
N GLN A 218 79.48 87.44 -71.46
CA GLN A 218 79.57 86.01 -71.20
C GLN A 218 80.85 85.61 -70.51
N CYS A 219 81.90 86.42 -70.61
CA CYS A 219 83.21 86.05 -70.07
C CYS A 219 83.71 87.01 -69.02
N LEU A 220 83.68 88.31 -69.30
CA LEU A 220 84.34 89.29 -68.44
C LEU A 220 83.61 89.51 -67.13
N ILE A 221 82.30 89.26 -67.09
CA ILE A 221 81.57 89.41 -65.84
C ILE A 221 81.89 88.26 -64.90
N PHE A 222 82.22 87.09 -65.44
CA PHE A 222 82.82 86.05 -64.62
C PHE A 222 84.23 86.43 -64.20
N LEU A 223 84.97 87.05 -65.11
CA LEU A 223 86.36 87.42 -64.92
C LEU A 223 86.51 88.74 -64.17
N ASP A 224 85.37 89.38 -63.83
CA ASP A 224 85.14 90.62 -63.08
C ASP A 224 86.21 91.69 -63.25
N ASP A 225 86.51 92.04 -64.51
CA ASP A 225 87.43 93.12 -64.83
C ASP A 225 86.62 94.37 -65.08
N PRO A 226 86.61 95.35 -64.16
CA PRO A 226 85.81 96.55 -64.38
C PRO A 226 86.34 97.42 -65.50
N GLN A 227 87.62 97.79 -65.40
CA GLN A 227 88.18 98.78 -66.30
C GLN A 227 88.44 98.22 -67.70
N ALA A 228 88.50 96.89 -67.84
CA ALA A 228 88.58 96.32 -69.17
C ALA A 228 87.29 96.56 -69.94
N VAL A 229 86.16 96.56 -69.24
CA VAL A 229 84.87 96.82 -69.89
C VAL A 229 84.76 98.30 -70.24
N SER A 230 85.20 99.18 -69.33
CA SER A 230 85.05 100.61 -69.50
C SER A 230 85.90 101.13 -70.65
N ASP A 231 87.10 100.56 -70.81
CA ASP A 231 88.00 101.02 -71.85
C ASP A 231 87.54 100.59 -73.23
N ILE A 232 87.12 99.33 -73.37
CA ILE A 232 86.76 98.86 -74.70
C ILE A 232 85.39 99.38 -75.11
N LEU A 233 84.56 99.79 -74.15
CA LEU A 233 83.31 100.43 -74.53
C LEU A 233 83.54 101.90 -74.89
N GLU A 234 84.53 102.53 -74.24
CA GLU A 234 84.98 103.84 -74.66
C GLU A 234 85.61 103.79 -76.05
N LYS A 235 86.21 102.65 -76.41
CA LYS A 235 86.66 102.43 -77.78
C LYS A 235 85.48 102.35 -78.73
N LEU A 236 84.39 101.71 -78.32
CA LEU A 236 83.24 101.54 -79.19
C LEU A 236 82.50 102.84 -79.41
N VAL A 237 82.56 103.76 -78.45
CA VAL A 237 82.02 105.10 -78.65
C VAL A 237 82.93 105.89 -79.59
N LYS A 238 84.23 105.59 -79.54
CA LYS A 238 85.23 106.42 -80.20
C LYS A 238 85.17 106.31 -81.71
N GLU A 239 84.81 105.15 -82.27
CA GLU A 239 84.60 105.04 -83.71
C GLU A 239 83.19 105.48 -84.13
N ASP A 240 82.46 106.19 -83.26
CA ASP A 240 81.08 106.64 -83.48
C ASP A 240 80.17 105.45 -83.77
N ASN A 241 80.12 104.54 -82.80
CA ASN A 241 79.27 103.35 -82.88
C ASN A 241 78.50 103.32 -81.57
N LEU A 242 77.38 104.03 -81.54
CA LEU A 242 76.52 104.12 -80.38
C LEU A 242 75.30 103.24 -80.48
N LEU A 243 75.28 102.30 -81.42
CA LEU A 243 74.12 101.45 -81.60
C LEU A 243 74.29 100.11 -80.89
N MET A 244 75.49 99.54 -80.92
CA MET A 244 75.75 98.27 -80.26
C MET A 244 76.36 98.42 -78.88
N ALA A 245 77.02 99.54 -78.59
CA ALA A 245 77.33 99.87 -77.21
C ALA A 245 76.07 100.13 -76.41
N TYR A 246 75.06 100.69 -77.07
CA TYR A 246 73.74 100.86 -76.47
C TYR A 246 73.11 99.52 -76.13
N GLN A 247 73.43 98.48 -76.92
CA GLN A 247 72.93 97.15 -76.62
C GLN A 247 73.64 96.54 -75.43
N ILE A 248 74.97 96.62 -75.41
CA ILE A 248 75.75 95.84 -74.45
C ILE A 248 75.63 96.40 -73.04
N CYS A 249 75.24 97.67 -72.90
CA CYS A 249 75.04 98.23 -71.58
C CYS A 249 73.75 97.70 -70.95
N PHE A 250 72.71 97.52 -71.78
CA PHE A 250 71.50 96.86 -71.31
C PHE A 250 71.77 95.43 -70.89
N ASP A 251 72.54 94.70 -71.69
CA ASP A 251 72.81 93.31 -71.37
C ASP A 251 73.74 93.19 -70.17
N LEU A 252 74.57 94.21 -69.93
CA LEU A 252 75.43 94.22 -68.76
C LEU A 252 74.62 94.46 -67.49
N TYR A 253 73.67 95.40 -67.55
CA TYR A 253 72.89 95.73 -66.36
C TYR A 253 71.96 94.60 -65.96
N GLU A 254 71.42 93.88 -66.93
CA GLU A 254 70.52 92.77 -66.62
C GLU A 254 71.30 91.61 -66.00
N SER A 255 72.47 91.30 -66.53
CA SER A 255 73.19 90.12 -66.08
C SER A 255 74.02 90.41 -64.84
N ALA A 256 75.02 91.30 -64.96
CA ALA A 256 76.07 91.40 -63.96
C ALA A 256 75.56 92.08 -62.69
N SER A 257 76.40 92.03 -61.65
CA SER A 257 75.97 92.27 -60.29
C SER A 257 76.31 93.69 -59.84
N GLN A 258 75.87 93.98 -58.62
CA GLN A 258 76.26 95.19 -57.91
C GLN A 258 77.75 95.16 -57.62
N GLN A 259 78.36 96.35 -57.61
CA GLN A 259 79.76 96.68 -57.28
C GLN A 259 80.71 96.26 -58.40
N PHE A 260 80.22 95.52 -59.39
CA PHE A 260 80.93 95.45 -60.66
C PHE A 260 80.48 96.56 -61.58
N LEU A 261 79.18 96.87 -61.55
CA LEU A 261 78.70 98.03 -62.29
C LEU A 261 79.06 99.33 -61.60
N SER A 262 79.14 99.34 -60.28
CA SER A 262 79.58 100.54 -59.57
C SER A 262 81.06 100.79 -59.80
N SER A 263 81.84 99.73 -59.99
CA SER A 263 83.27 99.88 -60.24
C SER A 263 83.55 100.34 -61.67
N VAL A 264 82.76 99.88 -62.64
CA VAL A 264 83.04 100.26 -64.02
C VAL A 264 82.56 101.69 -64.26
N ILE A 265 81.47 102.12 -63.63
CA ILE A 265 80.96 103.46 -63.86
C ILE A 265 81.83 104.51 -63.19
N GLN A 266 82.66 104.11 -62.22
CA GLN A 266 83.71 104.99 -61.73
C GLN A 266 84.77 105.21 -62.78
N ASN A 267 85.15 104.14 -63.48
CA ASN A 267 86.12 104.24 -64.56
C ASN A 267 85.52 104.73 -65.86
N LEU A 268 84.19 104.86 -65.93
CA LEU A 268 83.56 105.57 -67.04
C LEU A 268 83.97 107.04 -67.06
N ARG A 269 83.73 107.75 -65.97
CA ARG A 269 83.91 109.20 -65.94
C ARG A 269 85.36 109.63 -65.82
N THR A 270 86.31 108.70 -65.84
CA THR A 270 87.72 109.06 -65.77
C THR A 270 88.20 109.68 -67.07
N ASP A 320 75.56 114.18 -72.63
CA ASP A 320 76.35 113.67 -73.74
C ASP A 320 76.00 112.22 -74.02
N GLN A 321 76.69 111.65 -75.02
CA GLN A 321 76.64 110.21 -75.21
C GLN A 321 77.34 109.48 -74.09
N THR A 322 78.26 110.15 -73.39
CA THR A 322 78.79 109.62 -72.15
C THR A 322 77.72 109.62 -71.06
N LEU A 323 76.92 110.68 -71.01
CA LEU A 323 75.83 110.71 -70.03
C LEU A 323 74.71 109.76 -70.44
N LYS A 324 74.60 109.46 -71.73
CA LYS A 324 73.73 108.40 -72.21
C LYS A 324 74.14 107.05 -71.63
N MET A 325 75.44 106.75 -71.67
CA MET A 325 75.90 105.47 -71.13
C MET A 325 76.13 105.52 -69.63
N ILE A 326 75.96 106.67 -68.98
CA ILE A 326 75.82 106.67 -67.52
C ILE A 326 74.49 106.03 -67.12
N LYS A 327 73.40 106.49 -67.73
CA LYS A 327 72.05 106.11 -67.30
C LYS A 327 71.77 104.65 -67.58
N ILE A 328 72.21 104.14 -68.72
CA ILE A 328 71.93 102.75 -69.08
C ILE A 328 72.92 101.79 -68.44
N LEU A 329 73.98 102.30 -67.81
CA LEU A 329 74.81 101.47 -66.95
C LEU A 329 74.48 101.66 -65.48
N SER A 330 73.93 102.81 -65.09
CA SER A 330 73.35 102.91 -63.77
C SER A 330 71.99 102.24 -63.71
N GLY A 331 71.43 101.86 -64.87
CA GLY A 331 70.20 101.12 -64.91
C GLY A 331 68.97 101.94 -64.60
N GLU A 332 69.00 103.23 -64.92
CA GLU A 332 67.84 104.07 -64.66
C GLU A 332 66.70 103.74 -65.60
N MET A 333 66.90 103.94 -66.89
CA MET A 333 65.78 103.85 -67.82
C MET A 333 65.34 102.42 -68.08
N ALA A 334 66.13 101.43 -67.69
CA ALA A 334 65.67 100.04 -67.74
C ALA A 334 64.54 99.81 -66.75
N ILE A 335 64.54 100.55 -65.64
CA ILE A 335 63.51 100.40 -64.62
C ILE A 335 62.18 100.95 -65.11
N GLU A 336 62.18 102.16 -65.69
CA GLU A 336 60.92 102.79 -66.05
C GLU A 336 60.24 102.09 -67.22
N LEU A 337 61.02 101.54 -68.16
CA LEU A 337 60.38 100.73 -69.20
C LEU A 337 59.84 99.43 -68.64
N HIS A 338 60.54 98.86 -67.67
CA HIS A 338 59.99 97.74 -66.90
C HIS A 338 58.76 98.19 -66.12
N LEU A 339 58.78 99.42 -65.60
CA LEU A 339 57.58 99.99 -65.00
C LEU A 339 56.53 100.29 -66.05
N GLN A 340 56.98 100.66 -67.27
CA GLN A 340 56.04 100.97 -68.34
C GLN A 340 55.34 99.72 -68.83
N PHE A 341 56.02 98.58 -68.80
CA PHE A 341 55.42 97.34 -69.27
C PHE A 341 54.30 96.89 -68.35
N LEU A 342 54.52 96.96 -67.04
CA LEU A 342 53.54 96.44 -66.10
C LEU A 342 52.37 97.39 -65.88
N ILE A 343 52.53 98.68 -66.16
CA ILE A 343 51.40 99.57 -66.02
C ILE A 343 50.49 99.46 -67.25
N ARG A 344 51.04 99.06 -68.41
CA ARG A 344 50.21 98.86 -69.59
C ARG A 344 49.42 97.57 -69.49
N ASN A 345 50.06 96.50 -69.03
CA ASN A 345 49.48 95.17 -69.06
C ASN A 345 49.10 94.74 -67.66
N ASN A 346 47.83 94.38 -67.47
CA ASN A 346 47.34 93.99 -66.15
C ASN A 346 46.16 93.05 -66.37
N ASN A 347 46.36 91.77 -66.11
CA ASN A 347 45.30 90.78 -66.20
C ASN A 347 45.16 90.12 -64.83
N THR A 348 44.35 90.72 -63.97
CA THR A 348 43.97 90.12 -62.71
C THR A 348 42.46 90.11 -62.62
N ASP A 349 41.90 88.97 -62.20
CA ASP A 349 40.47 88.86 -61.94
C ASP A 349 40.26 89.35 -60.52
N LEU A 350 39.43 90.37 -60.38
CA LEU A 350 39.16 90.95 -59.07
C LEU A 350 38.37 89.99 -58.20
N MET A 351 37.51 89.17 -58.81
CA MET A 351 36.55 88.37 -58.08
C MET A 351 37.18 87.16 -57.40
N ILE A 352 38.32 86.68 -57.92
CA ILE A 352 39.05 85.58 -57.29
C ILE A 352 39.46 85.95 -55.88
N LEU A 353 39.99 87.16 -55.69
CA LEU A 353 40.30 87.60 -54.35
C LEU A 353 39.04 87.97 -53.58
N LYS A 354 37.95 88.27 -54.28
CA LYS A 354 36.68 88.47 -53.57
C LYS A 354 36.12 87.15 -53.07
N ASN A 355 36.24 86.09 -53.86
CA ASN A 355 35.77 84.79 -53.40
C ASN A 355 36.64 84.18 -52.33
N THR A 356 37.83 84.72 -52.09
CA THR A 356 38.60 84.33 -50.93
C THR A 356 38.36 85.27 -49.75
N LYS A 357 38.03 86.53 -50.02
CA LYS A 357 37.88 87.50 -48.94
C LYS A 357 36.65 87.21 -48.09
N ASP A 358 35.54 86.82 -48.74
CA ASP A 358 34.30 86.57 -48.00
C ASP A 358 34.37 85.29 -47.19
N ALA A 359 35.23 84.34 -47.56
CA ALA A 359 35.37 83.10 -46.82
C ALA A 359 36.30 83.24 -45.62
N VAL A 360 36.82 84.44 -45.37
CA VAL A 360 37.70 84.68 -44.24
C VAL A 360 36.85 85.02 -43.01
N ARG A 361 37.00 84.22 -41.97
CA ARG A 361 36.32 84.46 -40.70
C ARG A 361 37.10 85.47 -39.87
N ASN A 362 36.81 85.56 -38.57
CA ASN A 362 37.46 86.53 -37.69
C ASN A 362 38.86 86.10 -37.24
N SER A 363 39.51 85.20 -37.98
CA SER A 363 40.87 84.76 -37.72
C SER A 363 41.87 85.81 -38.21
N VAL A 364 43.13 85.41 -38.28
CA VAL A 364 44.20 86.34 -38.67
C VAL A 364 44.59 85.94 -40.08
N CYS A 365 43.61 85.51 -40.85
CA CYS A 365 43.78 85.32 -42.29
C CYS A 365 43.72 86.63 -43.05
N HIS A 366 43.45 87.75 -42.36
CA HIS A 366 43.53 89.06 -43.01
C HIS A 366 44.93 89.37 -43.47
N THR A 367 45.94 88.96 -42.68
CA THR A 367 47.32 89.08 -43.10
C THR A 367 47.60 88.20 -44.30
N ALA A 368 46.93 87.06 -44.37
CA ALA A 368 47.13 86.13 -45.48
C ALA A 368 46.49 86.65 -46.75
N THR A 369 45.46 87.48 -46.63
CA THR A 369 44.85 88.08 -47.81
C THR A 369 45.63 89.29 -48.30
N VAL A 370 46.17 90.10 -47.39
CA VAL A 370 46.85 91.31 -47.83
C VAL A 370 48.24 90.98 -48.35
N ILE A 371 48.74 89.78 -48.08
CA ILE A 371 49.97 89.35 -48.72
C ILE A 371 49.64 88.75 -50.08
N ALA A 372 48.38 88.39 -50.32
CA ALA A 372 48.01 87.76 -51.58
C ALA A 372 47.84 88.78 -52.69
N ASN A 373 47.04 89.82 -52.44
CA ASN A 373 46.84 90.85 -53.45
C ASN A 373 48.08 91.69 -53.68
N SER A 374 48.97 91.77 -52.70
CA SER A 374 50.24 92.46 -52.93
C SER A 374 51.11 91.69 -53.90
N PHE A 375 51.01 90.36 -53.88
CA PHE A 375 51.78 89.55 -54.81
C PHE A 375 51.23 89.66 -56.23
N MET A 376 49.92 89.56 -56.39
CA MET A 376 49.33 89.64 -57.71
C MET A 376 48.92 91.06 -58.09
N HIS A 377 49.52 92.07 -57.44
CA HIS A 377 49.55 93.42 -57.96
C HIS A 377 50.93 94.02 -57.71
N CYS A 378 51.95 93.16 -57.70
CA CYS A 378 53.31 93.61 -57.45
C CYS A 378 53.86 94.31 -58.67
N GLY A 379 54.44 95.49 -58.46
CA GLY A 379 54.95 96.28 -59.56
C GLY A 379 53.89 96.83 -60.48
N THR A 380 52.64 96.88 -60.03
CA THR A 380 51.52 97.26 -60.87
C THR A 380 51.08 98.68 -60.61
N THR A 381 51.28 99.17 -59.39
CA THR A 381 50.77 100.44 -58.87
C THR A 381 49.27 100.55 -59.10
N SER A 382 48.57 99.56 -58.56
CA SER A 382 47.11 99.48 -58.64
C SER A 382 46.56 99.41 -57.23
N ASP A 383 45.81 100.43 -56.84
CA ASP A 383 45.24 100.53 -55.51
C ASP A 383 43.72 100.46 -55.63
N GLN A 384 43.17 99.30 -55.41
CA GLN A 384 41.72 99.22 -55.28
C GLN A 384 41.29 98.51 -54.01
N PHE A 385 42.03 97.48 -53.59
CA PHE A 385 41.74 96.80 -52.35
C PHE A 385 42.19 97.58 -51.12
N LEU A 386 43.08 98.54 -51.28
CA LEU A 386 43.37 99.48 -50.22
C LEU A 386 42.47 100.71 -50.34
N ARG A 387 41.47 100.66 -51.21
CA ARG A 387 40.54 101.77 -51.40
C ARG A 387 39.09 101.39 -51.12
N ASP A 388 38.61 100.27 -51.66
CA ASP A 388 37.17 100.03 -51.62
C ASP A 388 36.71 99.38 -50.33
N ASN A 389 37.34 98.28 -49.91
CA ASN A 389 37.04 97.65 -48.64
C ASN A 389 38.08 98.13 -47.63
N LEU A 390 37.99 99.41 -47.29
CA LEU A 390 38.95 100.05 -46.40
C LEU A 390 38.62 99.88 -44.94
N GLU A 391 37.34 99.74 -44.58
CA GLU A 391 36.99 99.45 -43.19
C GLU A 391 37.36 98.02 -42.82
N TRP A 392 37.30 97.10 -43.78
CA TRP A 392 37.72 95.73 -43.55
C TRP A 392 39.22 95.66 -43.33
N LEU A 393 39.98 96.53 -43.99
CA LEU A 393 41.42 96.59 -43.79
C LEU A 393 41.77 97.14 -42.41
N ALA A 394 40.93 97.98 -41.83
CA ALA A 394 41.18 98.51 -40.51
C ALA A 394 40.72 97.59 -39.40
N ARG A 395 40.23 96.39 -39.74
CA ARG A 395 39.79 95.46 -38.71
C ARG A 395 40.99 94.81 -38.02
N ALA A 396 41.87 94.17 -38.81
CA ALA A 396 43.06 93.54 -38.26
C ALA A 396 44.03 94.61 -37.79
N THR A 397 44.85 94.25 -36.80
CA THR A 397 45.62 95.27 -36.11
C THR A 397 46.88 94.72 -35.49
N ASN A 398 47.73 95.67 -35.10
CA ASN A 398 48.86 95.65 -34.17
C ASN A 398 50.11 94.98 -34.75
N TRP A 399 49.95 94.14 -35.76
CA TRP A 399 51.03 93.77 -36.66
C TRP A 399 50.60 93.63 -38.09
N ALA A 400 49.29 93.51 -38.35
CA ALA A 400 48.83 93.58 -39.72
C ALA A 400 48.93 94.99 -40.26
N LYS A 401 48.83 95.99 -39.37
CA LYS A 401 49.11 97.36 -39.79
C LYS A 401 50.54 97.51 -40.25
N PHE A 402 51.47 96.79 -39.63
CA PHE A 402 52.84 96.75 -40.10
C PHE A 402 52.93 96.05 -41.45
N THR A 403 52.17 94.98 -41.63
CA THR A 403 52.29 94.19 -42.84
C THR A 403 51.55 94.84 -44.01
N ALA A 404 50.40 95.45 -43.76
CA ALA A 404 49.60 95.99 -44.86
C ALA A 404 50.23 97.23 -45.46
N THR A 405 50.80 98.10 -44.64
CA THR A 405 51.51 99.24 -45.21
C THR A 405 52.86 98.86 -45.77
N ALA A 406 53.34 97.66 -45.44
CA ALA A 406 54.48 97.10 -46.16
C ALA A 406 54.06 96.56 -47.52
N SER A 407 52.82 96.07 -47.61
CA SER A 407 52.30 95.58 -48.89
C SER A 407 52.14 96.72 -49.87
N LEU A 408 51.93 97.94 -49.37
CA LEU A 408 51.79 99.10 -50.23
C LEU A 408 53.08 99.40 -50.98
N GLY A 409 54.23 99.13 -50.36
CA GLY A 409 55.49 99.29 -51.06
C GLY A 409 55.73 98.22 -52.10
N VAL A 410 55.08 97.08 -51.96
CA VAL A 410 55.25 96.00 -52.93
C VAL A 410 54.51 96.32 -54.22
N ILE A 411 53.34 96.96 -54.10
CA ILE A 411 52.54 97.32 -55.27
C ILE A 411 53.26 98.37 -56.10
N HIS A 412 54.02 99.24 -55.45
CA HIS A 412 54.76 100.31 -56.11
C HIS A 412 56.23 99.99 -56.24
N LYS A 413 56.57 98.75 -56.60
CA LYS A 413 57.96 98.39 -56.84
C LYS A 413 58.46 99.08 -58.10
N GLY A 414 59.66 99.68 -58.01
CA GLY A 414 60.26 100.38 -59.12
C GLY A 414 59.52 101.62 -59.52
N HIS A 415 59.41 102.57 -58.60
CA HIS A 415 58.48 103.69 -58.76
C HIS A 415 59.17 104.96 -58.31
N GLU A 416 60.44 105.11 -58.73
CA GLU A 416 61.53 105.83 -58.07
C GLU A 416 61.20 107.18 -57.45
N LYS A 417 60.78 108.15 -58.27
CA LYS A 417 60.50 109.48 -57.74
C LYS A 417 59.07 109.59 -57.25
N GLU A 418 58.15 108.92 -57.95
CA GLU A 418 56.73 109.09 -57.66
C GLU A 418 56.34 108.39 -56.37
N ALA A 419 57.14 107.44 -55.91
CA ALA A 419 56.86 106.75 -54.66
C ALA A 419 57.23 107.58 -53.45
N LEU A 420 58.30 108.38 -53.55
CA LEU A 420 58.75 109.18 -52.41
C LEU A 420 57.75 110.27 -52.09
N GLN A 421 57.14 110.86 -53.11
CA GLN A 421 56.05 111.79 -52.86
C GLN A 421 54.74 111.07 -52.53
N LEU A 422 54.61 109.79 -52.88
CA LEU A 422 53.41 109.03 -52.53
C LEU A 422 53.38 108.75 -51.04
N MET A 423 54.47 108.20 -50.50
CA MET A 423 54.60 108.00 -49.07
C MET A 423 55.19 109.21 -48.37
N ALA A 424 55.12 110.39 -49.02
CA ALA A 424 55.16 111.67 -48.33
C ALA A 424 53.79 112.09 -47.80
N THR A 425 52.88 111.14 -47.69
CA THR A 425 51.62 111.26 -46.98
C THR A 425 51.68 110.52 -45.65
N TYR A 426 52.45 109.44 -45.59
CA TYR A 426 52.46 108.51 -44.48
C TYR A 426 53.79 108.51 -43.76
N LEU A 427 54.30 109.70 -43.46
CA LEU A 427 55.60 110.00 -42.84
C LEU A 427 55.82 109.30 -41.50
N PRO A 428 57.06 109.22 -41.01
CA PRO A 428 57.30 108.84 -39.62
C PRO A 428 57.02 109.93 -38.59
N LYS A 429 56.30 111.01 -38.93
CA LYS A 429 55.85 111.94 -37.91
C LYS A 429 54.44 112.48 -38.17
N ASP A 430 53.71 111.95 -39.14
CA ASP A 430 52.42 112.52 -39.51
C ASP A 430 51.26 111.53 -39.51
N THR A 431 51.51 110.22 -39.34
CA THR A 431 50.40 109.27 -39.34
C THR A 431 49.65 109.29 -38.01
N SER A 432 50.33 108.90 -36.93
CA SER A 432 49.71 108.76 -35.62
C SER A 432 50.77 108.74 -34.53
N PRO A 433 50.62 109.57 -33.49
CA PRO A 433 51.55 109.48 -32.35
C PRO A 433 51.36 108.25 -31.50
N GLY A 434 50.29 107.48 -31.70
CA GLY A 434 50.06 106.27 -30.94
C GLY A 434 50.34 105.00 -31.73
N SER A 435 50.46 105.13 -33.05
CA SER A 435 50.72 103.99 -33.92
C SER A 435 52.13 104.08 -34.46
N ALA A 436 53.02 103.23 -33.95
CA ALA A 436 54.36 103.10 -34.51
C ALA A 436 54.44 102.03 -35.58
N TYR A 437 53.46 101.12 -35.62
CA TYR A 437 53.46 100.09 -36.65
C TYR A 437 53.13 100.68 -38.01
N GLN A 438 52.40 101.79 -38.02
CA GLN A 438 52.10 102.47 -39.27
C GLN A 438 53.36 103.11 -39.85
N GLU A 439 54.08 103.86 -39.02
CA GLU A 439 55.27 104.55 -39.48
C GLU A 439 56.47 103.62 -39.62
N GLY A 440 56.47 102.50 -38.89
CA GLY A 440 57.56 101.55 -39.03
C GLY A 440 57.51 100.80 -40.33
N GLY A 441 56.31 100.31 -40.69
CA GLY A 441 56.16 99.61 -41.95
C GLY A 441 56.22 100.52 -43.14
N GLY A 442 56.00 101.82 -42.94
CA GLY A 442 56.22 102.78 -44.01
C GLY A 442 57.68 102.85 -44.42
N LEU A 443 58.58 102.85 -43.44
CA LEU A 443 60.00 102.89 -43.73
C LEU A 443 60.46 101.60 -44.40
N TYR A 444 59.89 100.47 -43.98
CA TYR A 444 60.17 99.21 -44.65
C TYR A 444 59.58 99.17 -46.05
N ALA A 445 58.50 99.92 -46.29
CA ALA A 445 57.92 99.95 -47.62
C ALA A 445 58.79 100.77 -48.58
N LEU A 446 59.46 101.82 -48.08
CA LEU A 446 60.41 102.54 -48.91
C LEU A 446 61.60 101.68 -49.29
N GLY A 447 62.01 100.77 -48.40
CA GLY A 447 63.08 99.86 -48.72
C GLY A 447 62.68 98.86 -49.78
N LEU A 448 61.43 98.41 -49.75
CA LEU A 448 60.95 97.46 -50.74
C LEU A 448 60.82 98.10 -52.11
N ILE A 449 60.59 99.41 -52.17
CA ILE A 449 60.48 100.08 -53.46
C ILE A 449 61.85 100.25 -54.10
N HIS A 450 62.79 100.82 -53.35
CA HIS A 450 64.07 101.25 -53.91
C HIS A 450 65.18 100.24 -53.63
N ALA A 451 64.88 98.94 -53.69
CA ALA A 451 65.90 97.93 -53.52
C ALA A 451 66.85 97.93 -54.70
N ASN A 452 68.14 97.68 -54.40
CA ASN A 452 69.24 97.77 -55.36
C ASN A 452 69.30 99.13 -56.06
N HIS A 453 69.07 100.19 -55.29
CA HIS A 453 69.10 101.55 -55.84
C HIS A 453 69.68 102.48 -54.78
N GLY A 454 70.92 102.89 -55.01
CA GLY A 454 71.53 103.87 -54.12
C GLY A 454 71.08 105.27 -54.46
N GLY A 455 70.82 106.06 -53.45
CA GLY A 455 70.44 107.44 -53.64
C GLY A 455 70.34 108.16 -52.32
N ASP A 456 69.55 109.24 -52.30
CA ASP A 456 69.29 109.98 -51.08
C ASP A 456 68.47 109.17 -50.08
N ILE A 457 67.74 108.16 -50.56
CA ILE A 457 66.87 107.37 -49.70
C ILE A 457 67.67 106.52 -48.74
N ILE A 458 68.90 106.12 -49.13
CA ILE A 458 69.83 105.56 -48.16
C ILE A 458 70.17 106.57 -47.10
N ASP A 459 70.51 107.80 -47.52
CA ASP A 459 70.81 108.86 -46.57
C ASP A 459 69.56 109.29 -45.80
N TYR A 460 68.40 109.24 -46.44
CA TYR A 460 67.16 109.64 -45.79
C TYR A 460 66.76 108.65 -44.71
N LEU A 461 66.92 107.36 -44.99
CA LEU A 461 66.66 106.35 -43.99
C LEU A 461 67.76 106.28 -42.95
N LEU A 462 68.98 106.68 -43.30
CA LEU A 462 70.06 106.71 -42.33
C LEU A 462 69.84 107.80 -41.30
N ASN A 463 69.30 108.95 -41.74
CA ASN A 463 69.09 110.06 -40.83
C ASN A 463 67.88 109.86 -39.93
N GLN A 464 67.01 108.90 -40.24
CA GLN A 464 65.90 108.58 -39.38
C GLN A 464 66.16 107.37 -38.49
N LEU A 465 67.26 106.64 -38.72
CA LEU A 465 67.80 105.81 -37.65
C LEU A 465 68.64 106.62 -36.68
N LYS A 466 69.10 107.79 -37.10
CA LYS A 466 69.64 108.74 -36.14
C LYS A 466 68.53 109.24 -35.21
N ASN A 467 67.49 109.82 -35.78
CA ASN A 467 66.36 110.35 -35.02
C ASN A 467 65.25 109.32 -35.10
N ALA A 468 65.25 108.39 -34.16
CA ALA A 468 64.31 107.28 -34.18
C ALA A 468 63.49 107.26 -32.91
N SER A 469 62.31 106.66 -33.02
CA SER A 469 61.45 106.38 -31.88
C SER A 469 61.89 105.10 -31.19
N ASN A 470 61.01 104.53 -30.36
CA ASN A 470 61.45 103.54 -29.38
C ASN A 470 61.83 102.21 -30.01
N ASP A 471 60.86 101.47 -30.54
CA ASP A 471 61.21 100.11 -30.94
C ASP A 471 60.86 99.74 -32.37
N ILE A 472 59.63 99.98 -32.79
CA ILE A 472 59.13 99.35 -34.00
C ILE A 472 59.11 100.43 -35.07
N VAL A 473 59.99 101.41 -34.90
CA VAL A 473 60.39 102.28 -35.99
C VAL A 473 61.76 101.79 -36.38
N ARG A 474 62.46 101.18 -35.41
CA ARG A 474 63.80 100.68 -35.65
C ARG A 474 63.80 99.39 -36.47
N HIS A 475 62.66 98.72 -36.58
CA HIS A 475 62.60 97.57 -37.48
C HIS A 475 62.59 98.01 -38.94
N GLY A 476 61.50 98.67 -39.33
CA GLY A 476 61.30 99.00 -40.72
C GLY A 476 62.26 100.05 -41.21
N GLY A 477 62.84 100.82 -40.29
CA GLY A 477 64.01 101.59 -40.64
C GLY A 477 65.17 100.71 -41.04
N SER A 478 65.51 99.75 -40.18
CA SER A 478 66.70 98.94 -40.43
C SER A 478 66.50 97.94 -41.57
N LEU A 479 65.31 97.32 -41.65
CA LEU A 479 65.04 96.42 -42.76
C LEU A 479 65.03 97.18 -44.08
N GLY A 480 64.46 98.39 -44.08
CA GLY A 480 64.47 99.19 -45.29
C GLY A 480 65.86 99.69 -45.64
N LEU A 481 66.66 100.03 -44.64
CA LEU A 481 67.97 100.62 -44.92
C LEU A 481 68.95 99.55 -45.39
N GLY A 482 68.92 98.37 -44.78
CA GLY A 482 69.73 97.28 -45.26
C GLY A 482 69.31 96.75 -46.61
N LEU A 483 68.06 96.97 -46.99
CA LEU A 483 67.60 96.50 -48.29
C LEU A 483 68.02 97.45 -49.40
N ALA A 484 67.97 98.76 -49.14
CA ALA A 484 68.41 99.72 -50.13
C ALA A 484 69.92 99.71 -50.30
N ALA A 485 70.65 99.38 -49.24
CA ALA A 485 72.10 99.32 -49.27
C ALA A 485 72.62 97.90 -49.47
N MET A 486 71.85 97.05 -50.14
CA MET A 486 72.22 95.66 -50.29
C MET A 486 73.34 95.52 -51.31
N GLY A 487 74.38 94.78 -50.94
CA GLY A 487 75.50 94.54 -51.82
C GLY A 487 76.41 95.73 -52.05
N THR A 488 76.28 96.79 -51.26
CA THR A 488 77.04 98.00 -51.49
C THR A 488 78.35 98.03 -50.72
N ALA A 489 78.45 97.24 -49.65
CA ALA A 489 79.58 97.21 -48.71
C ALA A 489 79.86 98.59 -48.13
N ARG A 490 78.79 99.34 -47.92
CA ARG A 490 78.90 100.71 -47.45
C ARG A 490 79.20 100.73 -45.96
N GLN A 491 80.20 101.52 -45.58
CA GLN A 491 80.76 101.45 -44.24
C GLN A 491 79.91 102.16 -43.19
N ASP A 492 79.37 103.33 -43.53
CA ASP A 492 78.75 104.18 -42.51
C ASP A 492 77.42 103.59 -42.04
N VAL A 493 76.68 102.98 -42.96
CA VAL A 493 75.47 102.26 -42.56
C VAL A 493 75.85 101.00 -41.77
N TYR A 494 76.99 100.38 -42.10
CA TYR A 494 77.42 99.17 -41.42
C TYR A 494 77.83 99.45 -39.98
N ASP A 495 78.31 100.67 -39.71
CA ASP A 495 78.74 101.01 -38.37
C ASP A 495 77.56 101.20 -37.43
N LEU A 496 76.52 101.88 -37.90
CA LEU A 496 75.41 102.16 -37.00
C LEU A 496 74.49 100.96 -36.86
N LEU A 497 74.52 100.04 -37.81
CA LEU A 497 73.81 98.77 -37.64
C LEU A 497 74.49 97.90 -36.59
N LYS A 498 75.79 98.09 -36.37
CA LYS A 498 76.43 97.39 -35.25
C LYS A 498 75.96 97.97 -33.92
N THR A 499 75.96 99.30 -33.78
CA THR A 499 75.54 99.89 -32.53
C THR A 499 74.02 99.84 -32.38
N ASN A 500 73.30 99.53 -33.45
CA ASN A 500 71.92 99.09 -33.33
C ASN A 500 71.85 97.66 -32.81
N LEU A 501 72.78 96.81 -33.24
CA LEU A 501 72.80 95.43 -32.80
C LEU A 501 73.24 95.32 -31.35
N TYR A 502 74.21 96.15 -30.95
CA TYR A 502 74.69 96.09 -29.57
C TYR A 502 73.80 96.83 -28.59
N GLN A 503 72.60 97.26 -29.00
CA GLN A 503 71.62 97.77 -28.04
C GLN A 503 71.13 96.67 -27.12
N ASP A 504 71.17 95.42 -27.58
CA ASP A 504 70.69 94.23 -26.89
C ASP A 504 69.19 94.34 -26.60
N ASP A 505 68.49 95.06 -27.45
CA ASP A 505 67.04 95.04 -27.43
C ASP A 505 66.56 93.73 -28.02
N ALA A 506 65.44 93.24 -27.51
CA ALA A 506 65.01 91.90 -27.85
C ALA A 506 64.34 91.86 -29.22
N VAL A 507 63.67 92.94 -29.60
CA VAL A 507 62.73 92.87 -30.70
C VAL A 507 63.38 93.39 -31.98
N THR A 508 64.39 94.25 -31.87
CA THR A 508 65.07 94.70 -33.05
C THR A 508 66.28 93.85 -33.40
N GLY A 509 66.47 92.75 -32.68
CA GLY A 509 67.56 91.84 -32.97
C GLY A 509 67.38 91.10 -34.27
N GLU A 510 66.14 90.68 -34.56
CA GLU A 510 65.83 90.13 -35.87
C GLU A 510 65.95 91.19 -36.94
N ALA A 511 65.67 92.44 -36.56
CA ALA A 511 65.76 93.55 -37.51
C ALA A 511 67.20 93.86 -37.87
N ALA A 512 68.08 93.84 -36.86
CA ALA A 512 69.44 94.28 -37.10
C ALA A 512 70.26 93.21 -37.81
N GLY A 513 70.05 91.95 -37.45
CA GLY A 513 70.91 90.88 -37.95
C GLY A 513 70.67 90.55 -39.41
N LEU A 514 69.43 90.69 -39.87
CA LEU A 514 69.16 90.51 -41.29
C LEU A 514 69.76 91.63 -42.12
N ALA A 515 69.64 92.86 -41.63
CA ALA A 515 70.12 94.01 -42.39
C ALA A 515 71.63 94.10 -42.34
N LEU A 516 72.25 93.51 -41.31
CA LEU A 516 73.70 93.56 -41.19
C LEU A 516 74.35 92.62 -42.20
N GLY A 517 73.63 91.58 -42.61
CA GLY A 517 74.16 90.69 -43.63
C GLY A 517 73.97 91.22 -45.03
N LEU A 518 72.87 91.96 -45.26
CA LEU A 518 72.55 92.46 -46.59
C LEU A 518 73.56 93.50 -47.05
N VAL A 519 74.03 94.34 -46.13
CA VAL A 519 75.04 95.33 -46.49
C VAL A 519 76.41 94.73 -46.67
N MET A 520 76.63 93.51 -46.19
CA MET A 520 77.91 92.82 -46.37
C MET A 520 77.71 91.53 -47.17
N LEU A 521 76.76 91.54 -48.09
CA LEU A 521 76.46 90.36 -48.89
C LEU A 521 77.58 90.06 -49.87
N GLY A 522 78.12 88.84 -49.78
CA GLY A 522 79.22 88.43 -50.62
C GLY A 522 80.49 89.20 -50.37
N SER A 523 80.67 89.71 -49.16
CA SER A 523 81.81 90.56 -48.83
C SER A 523 83.02 89.79 -48.38
N LYS A 524 82.83 88.75 -47.55
CA LYS A 524 83.89 88.01 -46.87
C LYS A 524 84.80 88.98 -46.10
N ASN A 525 84.23 89.60 -45.07
CA ASN A 525 84.94 90.55 -44.26
C ASN A 525 85.61 89.84 -43.08
N ALA A 526 86.67 90.44 -42.57
CA ALA A 526 87.28 89.94 -41.34
C ALA A 526 86.42 90.29 -40.14
N GLN A 527 85.99 91.55 -40.04
CA GLN A 527 85.30 92.00 -38.84
C GLN A 527 83.86 91.52 -38.78
N ALA A 528 83.21 91.31 -39.94
CA ALA A 528 81.79 91.02 -39.93
C ALA A 528 81.50 89.63 -39.40
N ILE A 529 82.22 88.63 -39.89
CA ILE A 529 82.04 87.26 -39.41
C ILE A 529 82.40 87.17 -37.93
N GLU A 530 83.50 87.84 -37.55
CA GLU A 530 84.00 87.71 -36.19
C GLU A 530 83.09 88.41 -35.19
N ASP A 531 82.57 89.59 -35.53
CA ASP A 531 81.69 90.27 -34.60
C ASP A 531 80.35 89.58 -34.51
N MET A 532 79.84 89.04 -35.62
CA MET A 532 78.54 88.41 -35.55
C MET A 532 78.60 87.01 -34.95
N VAL A 533 79.66 86.24 -35.22
CA VAL A 533 79.74 84.94 -34.57
C VAL A 533 80.24 85.09 -33.15
N GLY A 534 80.81 86.24 -32.81
CA GLY A 534 81.19 86.52 -31.44
C GLY A 534 79.97 86.85 -30.63
N TYR A 535 79.11 87.72 -31.18
CA TYR A 535 77.91 88.20 -30.51
C TYR A 535 76.86 87.10 -30.36
N ALA A 536 77.00 86.00 -31.07
CA ALA A 536 76.00 84.94 -31.08
C ALA A 536 76.11 83.99 -29.89
N GLN A 537 76.87 84.34 -28.85
CA GLN A 537 76.82 83.48 -27.68
C GLN A 537 76.45 84.19 -26.39
N GLU A 538 76.99 85.38 -26.14
CA GLU A 538 76.72 86.04 -24.87
C GLU A 538 75.34 86.66 -24.80
N THR A 539 74.65 86.80 -25.93
CA THR A 539 73.25 87.18 -25.86
C THR A 539 72.42 86.01 -25.33
N GLN A 540 71.26 86.33 -24.80
CA GLN A 540 70.46 85.34 -24.09
C GLN A 540 69.06 85.18 -24.67
N HIS A 541 68.82 85.69 -25.87
CA HIS A 541 67.58 85.43 -26.59
C HIS A 541 67.89 84.54 -27.78
N GLU A 542 66.87 84.17 -28.54
CA GLU A 542 67.08 83.39 -29.75
C GLU A 542 66.50 84.06 -30.99
N LYS A 543 65.61 85.04 -30.83
CA LYS A 543 65.26 85.92 -31.93
C LYS A 543 66.50 86.60 -32.47
N ILE A 544 67.35 87.11 -31.57
CA ILE A 544 68.64 87.66 -31.94
C ILE A 544 69.52 86.61 -32.61
N LEU A 545 69.36 85.34 -32.25
CA LEU A 545 70.11 84.31 -32.95
C LEU A 545 69.54 84.05 -34.34
N ARG A 546 68.22 84.16 -34.50
CA ARG A 546 67.63 83.83 -35.79
C ARG A 546 67.86 84.92 -36.81
N GLY A 547 67.93 86.18 -36.37
CA GLY A 547 68.29 87.25 -37.28
C GLY A 547 69.73 87.15 -37.73
N LEU A 548 70.63 86.86 -36.80
CA LEU A 548 72.02 86.63 -37.16
C LEU A 548 72.26 85.25 -37.75
N ALA A 549 71.24 84.38 -37.75
CA ALA A 549 71.37 83.09 -38.42
C ALA A 549 71.49 83.27 -39.92
N VAL A 550 70.55 84.01 -40.51
CA VAL A 550 70.58 84.23 -41.94
C VAL A 550 71.68 85.23 -42.29
N GLY A 551 72.01 86.12 -41.36
CA GLY A 551 72.96 87.18 -41.66
C GLY A 551 74.37 86.68 -41.88
N ILE A 552 74.86 85.79 -41.00
CA ILE A 552 76.19 85.22 -41.21
C ILE A 552 76.21 84.20 -42.33
N ALA A 553 75.04 83.71 -42.75
CA ALA A 553 75.00 82.86 -43.93
C ALA A 553 75.06 83.69 -45.19
N LEU A 554 74.62 84.93 -45.09
CA LEU A 554 74.48 85.80 -46.25
C LEU A 554 75.67 86.74 -46.40
N VAL A 555 76.55 86.81 -45.40
CA VAL A 555 77.75 87.62 -45.54
C VAL A 555 78.72 86.99 -46.52
N MET A 556 78.68 85.67 -46.68
CA MET A 556 79.43 84.97 -47.70
C MET A 556 78.45 84.46 -48.74
N TYR A 557 78.86 84.56 -50.01
CA TYR A 557 77.94 84.26 -51.11
C TYR A 557 78.76 83.88 -52.32
N GLY A 558 78.74 82.61 -52.68
CA GLY A 558 79.43 82.14 -53.87
C GLY A 558 80.93 82.24 -53.76
N ARG A 559 81.47 81.82 -52.61
CA ARG A 559 82.91 81.80 -52.42
C ARG A 559 83.54 80.48 -52.83
N MET A 560 82.79 79.40 -52.71
CA MET A 560 82.97 78.09 -53.34
C MET A 560 84.13 77.27 -52.77
N GLU A 561 85.05 77.89 -52.05
CA GLU A 561 85.99 77.15 -51.22
C GLU A 561 86.34 77.95 -49.98
N GLU A 562 86.06 79.25 -50.02
CA GLU A 562 86.65 80.20 -49.10
C GLU A 562 85.89 80.30 -47.78
N ALA A 563 84.87 79.48 -47.60
CA ALA A 563 84.03 79.54 -46.41
C ALA A 563 84.25 78.36 -45.46
N ASP A 564 85.07 77.39 -45.86
CA ASP A 564 85.00 76.05 -45.26
C ASP A 564 85.49 76.03 -43.82
N ALA A 565 86.34 76.99 -43.45
CA ALA A 565 86.70 77.13 -42.04
C ALA A 565 85.51 77.59 -41.22
N LEU A 566 84.72 78.50 -41.77
CA LEU A 566 83.51 78.92 -41.09
C LEU A 566 82.41 77.88 -41.21
N ILE A 567 82.37 77.18 -42.35
CA ILE A 567 81.37 76.12 -42.59
C ILE A 567 81.53 75.01 -41.56
N GLU A 568 82.77 74.61 -41.31
CA GLU A 568 83.02 73.55 -40.35
C GLU A 568 82.78 74.03 -38.92
N SER A 569 83.09 75.29 -38.64
CA SER A 569 83.03 75.76 -37.26
C SER A 569 81.59 75.95 -36.78
N LEU A 570 80.70 76.35 -37.69
CA LEU A 570 79.31 76.55 -37.31
C LEU A 570 78.59 75.23 -37.12
N CYS A 571 79.01 74.19 -37.83
CA CYS A 571 78.34 72.90 -37.71
C CYS A 571 78.71 72.17 -36.43
N ARG A 572 79.90 72.46 -35.89
CA ARG A 572 80.37 71.70 -34.74
C ARG A 572 79.73 72.17 -33.43
N ASP A 573 79.29 73.43 -33.36
CA ASP A 573 78.87 74.03 -32.10
C ASP A 573 77.57 73.41 -31.60
N LYS A 574 77.36 73.52 -30.29
CA LYS A 574 76.22 72.91 -29.62
C LYS A 574 74.97 73.78 -29.67
N ASP A 575 75.04 74.96 -30.27
CA ASP A 575 73.88 75.80 -30.46
C ASP A 575 73.10 75.29 -31.67
N PRO A 576 71.84 74.88 -31.50
CA PRO A 576 71.11 74.32 -32.65
C PRO A 576 70.80 75.34 -33.73
N ILE A 577 70.60 76.59 -33.34
CA ILE A 577 70.36 77.65 -34.32
C ILE A 577 71.63 77.92 -35.11
N LEU A 578 72.77 77.83 -34.45
CA LEU A 578 74.03 78.12 -35.13
C LEU A 578 74.45 76.98 -36.05
N ARG A 579 74.09 75.74 -35.70
CA ARG A 579 74.24 74.65 -36.65
C ARG A 579 73.30 74.82 -37.83
N ARG A 580 72.08 75.29 -37.55
CA ARG A 580 71.12 75.56 -38.60
C ARG A 580 71.60 76.66 -39.53
N SER A 581 72.25 77.67 -38.97
CA SER A 581 72.76 78.77 -39.76
C SER A 581 73.94 78.36 -40.62
N GLY A 582 74.71 77.37 -40.16
CA GLY A 582 75.78 76.84 -40.99
C GLY A 582 75.26 76.08 -42.19
N MET A 583 74.04 75.57 -42.09
CA MET A 583 73.45 74.87 -43.23
C MET A 583 72.97 75.86 -44.27
N TYR A 584 72.52 77.04 -43.85
CA TYR A 584 72.22 78.07 -44.83
C TYR A 584 73.50 78.63 -45.45
N THR A 585 74.60 78.58 -44.71
CA THR A 585 75.83 79.17 -45.20
C THR A 585 76.46 78.32 -46.28
N VAL A 586 76.40 76.99 -46.12
CA VAL A 586 76.92 76.10 -47.13
C VAL A 586 76.02 76.07 -48.36
N ALA A 587 74.77 76.48 -48.20
CA ALA A 587 73.91 76.69 -49.35
C ALA A 587 74.36 77.91 -50.16
N MET A 588 74.53 79.04 -49.49
CA MET A 588 74.77 80.29 -50.18
C MET A 588 76.18 80.42 -50.71
N ALA A 589 77.12 79.64 -50.21
CA ALA A 589 78.47 79.69 -50.76
C ALA A 589 78.63 78.78 -51.95
N TYR A 590 77.74 77.81 -52.14
CA TYR A 590 77.87 76.81 -53.18
C TYR A 590 76.69 76.84 -54.14
N CYS A 591 76.17 78.01 -54.45
CA CYS A 591 74.97 78.12 -55.27
C CYS A 591 75.25 77.74 -56.71
N GLY A 592 74.48 76.78 -57.22
CA GLY A 592 74.58 76.40 -58.61
C GLY A 592 75.78 75.54 -58.96
N SER A 593 76.40 74.90 -57.98
CA SER A 593 77.55 74.06 -58.21
C SER A 593 77.21 72.61 -57.86
N GLY A 594 77.66 71.69 -58.71
CA GLY A 594 77.45 70.29 -58.44
C GLY A 594 78.55 69.68 -57.60
N ASN A 595 78.85 70.30 -56.46
CA ASN A 595 79.88 69.79 -55.58
C ASN A 595 79.41 68.51 -54.90
N ASN A 596 80.19 67.45 -55.05
CA ASN A 596 79.89 66.25 -54.29
C ASN A 596 80.19 66.46 -52.82
N LYS A 597 81.19 67.29 -52.51
CA LYS A 597 81.54 67.57 -51.12
C LYS A 597 80.43 68.35 -50.42
N ALA A 598 79.72 69.20 -51.16
CA ALA A 598 78.54 69.86 -50.61
C ALA A 598 77.46 68.86 -50.27
N ILE A 599 76.98 68.13 -51.28
CA ILE A 599 75.78 67.31 -51.17
C ILE A 599 76.01 66.11 -50.25
N ARG A 600 77.27 65.70 -50.06
CA ARG A 600 77.59 64.71 -49.05
C ARG A 600 77.40 65.28 -47.65
N ARG A 601 78.13 66.34 -47.35
CA ARG A 601 78.16 66.92 -46.01
C ARG A 601 76.83 67.56 -45.66
N LEU A 602 76.10 68.05 -46.64
CA LEU A 602 74.85 68.72 -46.37
C LEU A 602 73.75 67.74 -46.01
N LEU A 603 73.87 66.50 -46.48
CA LEU A 603 72.77 65.56 -46.31
C LEU A 603 73.11 64.53 -45.25
N HIS A 604 74.39 64.40 -44.90
CA HIS A 604 74.79 63.57 -43.76
C HIS A 604 74.19 64.09 -42.47
N VAL A 605 74.17 65.40 -42.30
CA VAL A 605 73.54 65.99 -41.12
C VAL A 605 72.02 66.00 -41.25
N ALA A 606 71.49 65.87 -42.47
CA ALA A 606 70.04 65.83 -42.65
C ALA A 606 69.44 64.56 -42.04
N VAL A 607 70.19 63.46 -42.09
CA VAL A 607 69.71 62.21 -41.54
C VAL A 607 70.05 62.12 -40.06
N SER A 608 71.23 62.58 -39.68
CA SER A 608 71.82 62.22 -38.39
C SER A 608 71.44 63.15 -37.26
N ASP A 609 71.12 64.41 -37.53
CA ASP A 609 71.10 65.39 -36.45
C ASP A 609 69.82 65.26 -35.64
N VAL A 610 69.89 65.76 -34.40
CA VAL A 610 68.87 65.47 -33.40
C VAL A 610 67.81 66.56 -33.29
N ASN A 611 68.15 67.83 -33.51
CA ASN A 611 67.11 68.82 -33.62
C ASN A 611 66.41 68.67 -34.97
N ASP A 612 65.13 69.02 -35.02
CA ASP A 612 64.38 68.90 -36.25
C ASP A 612 64.41 70.15 -37.12
N ASP A 613 64.67 71.32 -36.53
CA ASP A 613 64.75 72.54 -37.32
C ASP A 613 65.99 72.55 -38.20
N VAL A 614 67.10 71.99 -37.70
CA VAL A 614 68.30 71.91 -38.50
C VAL A 614 68.15 70.82 -39.56
N ARG A 615 67.28 69.84 -39.33
CA ARG A 615 67.00 68.84 -40.35
C ARG A 615 66.25 69.44 -41.53
N ARG A 616 65.42 70.45 -41.26
CA ARG A 616 64.72 71.12 -42.34
C ARG A 616 65.68 71.93 -43.19
N ALA A 617 66.45 72.80 -42.55
CA ALA A 617 67.33 73.71 -43.27
C ALA A 617 68.46 72.96 -43.95
N ALA A 618 68.74 71.73 -43.53
CA ALA A 618 69.55 70.84 -44.35
C ALA A 618 68.83 70.51 -45.65
N VAL A 619 67.64 69.92 -45.57
CA VAL A 619 66.94 69.50 -46.77
C VAL A 619 66.23 70.64 -47.48
N GLU A 620 66.28 71.85 -46.92
CA GLU A 620 65.89 73.03 -47.69
C GLU A 620 67.04 73.60 -48.49
N SER A 621 68.27 73.29 -48.11
CA SER A 621 69.43 73.76 -48.86
C SER A 621 69.71 72.93 -50.10
N LEU A 622 68.90 71.91 -50.37
CA LEU A 622 69.12 71.04 -51.52
C LEU A 622 68.91 71.80 -52.82
N GLY A 623 67.88 72.63 -52.89
CA GLY A 623 67.55 73.30 -54.14
C GLY A 623 68.48 74.45 -54.45
N PHE A 624 69.14 75.00 -53.43
CA PHE A 624 70.01 76.16 -53.64
C PHE A 624 71.29 75.76 -54.33
N ILE A 625 71.70 74.50 -54.21
CA ILE A 625 72.93 74.05 -54.84
C ILE A 625 72.70 73.24 -56.09
N LEU A 626 71.44 72.97 -56.45
CA LEU A 626 71.15 72.09 -57.58
C LEU A 626 70.13 72.69 -58.53
N PHE A 627 69.89 74.00 -58.44
CA PHE A 627 68.82 74.60 -59.23
C PHE A 627 69.19 74.71 -60.71
N ARG A 628 70.49 74.74 -61.01
CA ARG A 628 70.90 74.88 -62.40
C ARG A 628 70.61 73.63 -63.22
N THR A 629 70.73 72.45 -62.62
CA THR A 629 70.35 71.18 -63.27
C THR A 629 69.14 70.59 -62.54
N PRO A 630 67.93 70.85 -63.04
CA PRO A 630 66.73 70.41 -62.33
C PRO A 630 66.38 68.94 -62.53
N GLU A 631 67.19 68.18 -63.27
CA GLU A 631 66.90 66.78 -63.46
C GLU A 631 67.14 65.95 -62.20
N GLN A 632 68.06 66.40 -61.35
CA GLN A 632 68.49 65.59 -60.21
C GLN A 632 67.59 65.74 -59.00
N CYS A 633 66.97 66.91 -58.82
CA CYS A 633 66.16 67.18 -57.63
C CYS A 633 64.93 66.30 -57.46
N PRO A 634 64.20 65.87 -58.51
CA PRO A 634 63.18 64.84 -58.25
C PRO A 634 63.76 63.51 -57.82
N SER A 635 64.96 63.16 -58.29
CA SER A 635 65.50 61.85 -57.97
C SER A 635 66.06 61.77 -56.56
N VAL A 636 66.38 62.89 -55.93
CA VAL A 636 67.07 62.86 -54.64
C VAL A 636 66.17 63.23 -53.48
N VAL A 637 65.04 63.89 -53.72
CA VAL A 637 64.18 64.35 -52.65
C VAL A 637 62.94 63.45 -52.53
N SER A 638 62.66 62.64 -53.56
CA SER A 638 61.45 61.81 -53.59
C SER A 638 61.41 60.80 -52.45
N LEU A 639 62.55 60.24 -52.08
CA LEU A 639 62.54 59.29 -51.00
C LEU A 639 62.62 59.98 -49.65
N LEU A 640 63.17 61.18 -49.59
CA LEU A 640 63.13 61.98 -48.37
C LEU A 640 61.77 62.60 -48.15
N SER A 641 60.91 62.64 -49.17
CA SER A 641 59.56 63.15 -48.99
C SER A 641 58.64 62.15 -48.32
N GLU A 642 59.12 60.94 -48.05
CA GLU A 642 58.34 59.91 -47.39
C GLU A 642 59.00 59.46 -46.10
N SER A 643 59.53 60.40 -45.34
CA SER A 643 60.24 60.06 -44.12
C SER A 643 59.24 59.77 -43.01
N TYR A 644 59.74 59.58 -41.79
CA TYR A 644 58.86 59.33 -40.67
C TYR A 644 58.48 60.59 -39.90
N ASN A 645 59.34 61.60 -39.90
CA ASN A 645 58.98 62.85 -39.24
C ASN A 645 58.54 63.89 -40.26
N PRO A 646 57.62 64.78 -39.88
CA PRO A 646 57.13 65.77 -40.84
C PRO A 646 58.12 66.85 -41.19
N HIS A 647 59.12 67.09 -40.33
CA HIS A 647 60.06 68.19 -40.59
C HIS A 647 60.94 67.89 -41.80
N VAL A 648 61.35 66.62 -41.96
CA VAL A 648 62.02 66.24 -43.20
C VAL A 648 61.06 66.33 -44.37
N ARG A 649 59.80 65.93 -44.16
CA ARG A 649 58.83 65.97 -45.24
C ARG A 649 58.42 67.40 -45.59
N TYR A 650 58.57 68.33 -44.64
CA TYR A 650 58.32 69.72 -44.97
C TYR A 650 59.38 70.28 -45.90
N GLY A 651 60.64 70.22 -45.47
CA GLY A 651 61.72 70.78 -46.27
C GLY A 651 62.00 69.97 -47.52
N ALA A 652 61.46 68.76 -47.60
CA ALA A 652 61.44 68.05 -48.88
C ALA A 652 60.53 68.75 -49.88
N ALA A 653 59.42 69.31 -49.40
CA ALA A 653 58.47 69.92 -50.33
C ALA A 653 58.99 71.24 -50.87
N MET A 654 59.56 72.08 -50.00
CA MET A 654 60.06 73.35 -50.49
C MET A 654 61.41 73.22 -51.17
N ALA A 655 62.06 72.06 -51.08
CA ALA A 655 63.22 71.82 -51.93
C ALA A 655 62.78 71.67 -53.38
N LEU A 656 61.61 71.08 -53.61
CA LEU A 656 61.06 71.01 -54.96
C LEU A 656 60.67 72.39 -55.46
N GLY A 657 60.23 73.26 -54.55
CA GLY A 657 59.76 74.57 -54.96
C GLY A 657 60.88 75.49 -55.40
N ILE A 658 62.09 75.28 -54.91
CA ILE A 658 63.19 76.17 -55.23
C ILE A 658 64.15 75.60 -56.27
N CYS A 659 64.26 74.28 -56.38
CA CYS A 659 65.18 73.70 -57.36
C CYS A 659 64.59 73.83 -58.75
N CYS A 660 63.47 73.17 -58.99
CA CYS A 660 62.67 73.43 -60.18
C CYS A 660 61.90 74.71 -59.91
N ALA A 661 62.36 75.83 -60.47
CA ALA A 661 61.83 77.12 -60.04
C ALA A 661 60.51 77.42 -60.74
N GLY A 662 60.54 77.59 -62.06
CA GLY A 662 59.34 77.97 -62.78
C GLY A 662 59.13 77.14 -64.02
N THR A 663 59.59 75.89 -63.97
CA THR A 663 59.49 75.03 -65.13
C THR A 663 58.19 74.22 -65.09
N GLY A 664 57.86 73.64 -66.23
CA GLY A 664 56.82 72.65 -66.27
C GLY A 664 57.41 71.27 -66.10
N ASN A 665 57.94 71.00 -64.90
CA ASN A 665 58.70 69.77 -64.69
C ASN A 665 57.79 68.54 -64.68
N LYS A 666 56.69 68.61 -63.92
CA LYS A 666 55.57 67.66 -63.83
C LYS A 666 55.98 66.37 -63.10
N GLU A 667 57.27 66.17 -62.88
CA GLU A 667 57.72 65.09 -62.03
C GLU A 667 57.74 65.52 -60.57
N ALA A 668 58.06 66.80 -60.34
CA ALA A 668 57.90 67.37 -59.02
C ALA A 668 56.43 67.47 -58.65
N ILE A 669 55.59 67.81 -59.64
CA ILE A 669 54.15 67.84 -59.44
C ILE A 669 53.62 66.45 -59.16
N ASN A 670 54.22 65.43 -59.79
CA ASN A 670 53.87 64.05 -59.51
C ASN A 670 54.21 63.66 -58.07
N LEU A 671 55.24 64.30 -57.50
CA LEU A 671 55.57 64.04 -56.10
C LEU A 671 54.70 64.82 -55.15
N LEU A 672 54.28 66.03 -55.51
CA LEU A 672 53.54 66.88 -54.59
C LEU A 672 52.07 66.49 -54.45
N GLU A 673 51.60 65.52 -55.23
CA GLU A 673 50.19 65.14 -55.15
C GLU A 673 49.82 64.46 -53.82
N PRO A 674 50.56 63.47 -53.28
CA PRO A 674 50.22 63.03 -51.92
C PRO A 674 50.75 63.98 -50.86
N MET A 675 51.67 64.89 -51.21
CA MET A 675 52.22 65.81 -50.22
C MET A 675 51.16 66.80 -49.75
N THR A 676 50.31 67.26 -50.66
CA THR A 676 49.22 68.15 -50.28
C THR A 676 48.07 67.41 -49.64
N ASN A 677 48.11 66.09 -49.60
CA ASN A 677 47.09 65.29 -48.95
C ASN A 677 47.69 64.61 -47.72
N ASP A 678 48.52 65.32 -46.99
CA ASP A 678 49.15 64.76 -45.82
C ASP A 678 48.23 64.91 -44.62
N PRO A 679 48.37 64.04 -43.61
CA PRO A 679 47.65 64.28 -42.36
C PRO A 679 48.13 65.51 -41.59
N VAL A 680 49.44 65.74 -41.56
CA VAL A 680 49.98 66.84 -40.78
C VAL A 680 49.73 68.16 -41.51
N ASN A 681 49.39 69.20 -40.76
CA ASN A 681 48.85 70.41 -41.37
C ASN A 681 49.92 71.26 -42.05
N TYR A 682 51.05 71.50 -41.37
CA TYR A 682 52.00 72.45 -41.90
C TYR A 682 52.79 71.88 -43.08
N VAL A 683 52.85 70.56 -43.21
CA VAL A 683 53.47 70.01 -44.41
C VAL A 683 52.49 70.06 -45.58
N ARG A 684 51.19 70.13 -45.30
CA ARG A 684 50.25 70.46 -46.38
C ARG A 684 50.44 71.89 -46.85
N GLN A 685 50.72 72.79 -45.90
CA GLN A 685 51.00 74.18 -46.23
C GLN A 685 52.18 74.33 -47.17
N GLY A 686 53.25 73.61 -46.88
CA GLY A 686 54.45 73.70 -47.72
C GLY A 686 54.25 73.09 -49.08
N ALA A 687 53.38 72.07 -49.17
CA ALA A 687 53.08 71.48 -50.46
C ALA A 687 52.25 72.42 -51.32
N LEU A 688 51.41 73.25 -50.71
CA LEU A 688 50.62 74.19 -51.48
C LEU A 688 51.47 75.33 -52.02
N ILE A 689 52.41 75.82 -51.21
CA ILE A 689 53.24 76.95 -51.63
C ILE A 689 54.24 76.52 -52.69
N ALA A 690 54.81 75.33 -52.54
CA ALA A 690 55.73 74.82 -53.54
C ALA A 690 55.02 74.48 -54.85
N SER A 691 53.75 74.11 -54.76
CA SER A 691 52.95 73.91 -55.97
C SER A 691 52.68 75.24 -56.67
N ALA A 692 52.55 76.32 -55.90
CA ALA A 692 52.31 77.60 -56.52
C ALA A 692 53.55 78.16 -57.18
N LEU A 693 54.74 77.78 -56.68
CA LEU A 693 55.97 78.29 -57.25
C LEU A 693 56.26 77.66 -58.60
N ILE A 694 55.97 76.38 -58.74
CA ILE A 694 56.42 75.64 -59.91
C ILE A 694 55.61 75.98 -61.15
N MET A 695 54.36 76.39 -61.01
CA MET A 695 53.49 76.53 -62.17
C MET A 695 52.95 77.95 -62.36
N ILE A 696 53.76 78.96 -62.13
CA ILE A 696 53.34 80.31 -62.48
C ILE A 696 53.40 80.47 -64.00
N GLN A 697 52.39 81.15 -64.54
CA GLN A 697 52.26 81.47 -65.96
C GLN A 697 52.25 80.22 -66.84
N GLN A 698 51.47 79.23 -66.44
CA GLN A 698 51.36 78.01 -67.24
C GLN A 698 49.90 77.66 -67.40
N THR A 699 49.45 77.56 -68.65
CA THR A 699 48.06 77.24 -68.92
C THR A 699 47.85 75.72 -68.89
N GLU A 700 46.63 75.31 -69.22
CA GLU A 700 46.27 73.90 -69.14
C GLU A 700 46.98 73.09 -70.21
N ILE A 701 47.17 73.68 -71.40
CA ILE A 701 47.85 72.96 -72.47
C ILE A 701 49.36 72.91 -72.23
N THR A 702 49.89 73.79 -71.37
CA THR A 702 51.31 73.71 -71.04
C THR A 702 51.60 72.51 -70.17
N CYS A 703 50.83 72.31 -69.10
CA CYS A 703 50.90 71.11 -68.29
C CYS A 703 49.52 70.90 -67.69
N PRO A 704 49.04 69.65 -67.66
CA PRO A 704 47.61 69.41 -67.38
C PRO A 704 47.21 69.58 -65.93
N LYS A 705 48.15 69.65 -65.00
CA LYS A 705 47.81 69.68 -63.59
C LYS A 705 47.53 71.08 -63.06
N VAL A 706 47.35 72.06 -63.95
CA VAL A 706 47.08 73.42 -63.50
C VAL A 706 45.67 73.54 -62.95
N ASN A 707 44.68 73.16 -63.75
CA ASN A 707 43.28 73.30 -63.32
C ASN A 707 42.93 72.31 -62.22
N GLN A 708 43.71 71.24 -62.08
CA GLN A 708 43.57 70.35 -60.94
C GLN A 708 43.87 71.08 -59.64
N PHE A 709 44.93 71.87 -59.62
CA PHE A 709 45.38 72.47 -58.38
C PHE A 709 44.70 73.79 -58.08
N ARG A 710 44.16 74.48 -59.08
CA ARG A 710 43.47 75.74 -58.84
C ARG A 710 42.17 75.50 -58.10
N GLN A 711 41.41 74.48 -58.50
CA GLN A 711 40.23 74.10 -57.74
C GLN A 711 40.61 73.42 -56.43
N LEU A 712 41.80 72.82 -56.36
CA LEU A 712 42.27 72.25 -55.12
C LEU A 712 42.63 73.34 -54.12
N TYR A 713 43.19 74.45 -54.62
CA TYR A 713 43.36 75.63 -53.79
C TYR A 713 42.01 76.16 -53.35
N SER A 714 41.02 76.12 -54.25
CA SER A 714 39.70 76.63 -53.96
C SER A 714 38.97 75.73 -52.97
N LYS A 715 39.25 74.42 -53.02
CA LYS A 715 38.57 73.49 -52.13
C LYS A 715 39.00 73.70 -50.68
N VAL A 716 40.32 73.73 -50.44
CA VAL A 716 40.82 73.83 -49.07
C VAL A 716 40.81 75.25 -48.54
N ILE A 717 40.37 76.22 -49.34
CA ILE A 717 40.17 77.57 -48.82
C ILE A 717 38.70 77.82 -48.50
N ASN A 718 37.78 77.09 -49.11
CA ASN A 718 36.37 77.25 -48.81
C ASN A 718 35.86 76.18 -47.85
N ASP A 719 36.68 75.21 -47.50
CA ASP A 719 36.30 74.27 -46.46
C ASP A 719 36.33 74.97 -45.11
N LYS A 720 35.35 74.65 -44.27
CA LYS A 720 35.24 75.25 -42.95
C LYS A 720 36.02 74.47 -41.90
N HIS A 721 36.15 73.16 -42.07
CA HIS A 721 36.78 72.30 -41.07
C HIS A 721 38.21 71.93 -41.42
N ASP A 722 38.96 72.84 -42.04
CA ASP A 722 40.40 72.67 -42.20
C ASP A 722 41.13 73.63 -41.27
N ASP A 723 42.43 73.38 -41.14
CA ASP A 723 43.24 74.19 -40.23
C ASP A 723 43.53 75.55 -40.85
N VAL A 724 43.71 76.54 -39.97
CA VAL A 724 44.08 77.87 -40.41
C VAL A 724 45.48 77.85 -41.01
N MET A 725 46.39 77.12 -40.38
CA MET A 725 47.74 76.95 -40.91
C MET A 725 47.73 76.14 -42.19
N ALA A 726 46.78 75.20 -42.33
CA ALA A 726 46.70 74.44 -43.57
C ALA A 726 46.14 75.29 -44.71
N LYS A 727 45.22 76.20 -44.42
CA LYS A 727 44.68 77.06 -45.46
C LYS A 727 45.45 78.36 -45.61
N PHE A 728 46.41 78.64 -44.71
CA PHE A 728 47.29 79.78 -44.89
C PHE A 728 48.10 79.65 -46.16
N GLY A 729 48.55 78.43 -46.46
CA GLY A 729 49.27 78.21 -47.70
C GLY A 729 48.40 78.28 -48.93
N ALA A 730 47.10 78.08 -48.76
CA ALA A 730 46.19 78.06 -49.90
C ALA A 730 45.93 79.47 -50.42
N ILE A 731 45.60 80.39 -49.51
CA ILE A 731 45.39 81.79 -49.87
C ILE A 731 46.68 82.42 -50.38
N LEU A 732 47.82 82.02 -49.82
CA LEU A 732 49.08 82.52 -50.34
C LEU A 732 49.41 81.90 -51.69
N ALA A 733 48.90 80.70 -51.97
CA ALA A 733 49.09 80.12 -53.30
C ALA A 733 48.26 80.84 -54.35
N GLN A 734 47.19 81.51 -53.94
CA GLN A 734 46.43 82.36 -54.85
C GLN A 734 47.27 83.55 -55.29
N GLY A 735 48.04 84.13 -54.36
CA GLY A 735 48.80 85.32 -54.69
C GLY A 735 50.00 85.04 -55.55
N ILE A 736 50.61 83.87 -55.38
CA ILE A 736 51.80 83.51 -56.15
C ILE A 736 51.42 83.24 -57.60
N LEU A 737 50.32 82.53 -57.81
CA LEU A 737 50.02 81.91 -59.10
C LEU A 737 49.71 82.92 -60.20
N ASP A 738 49.23 84.11 -59.83
CA ASP A 738 48.89 85.13 -60.81
C ASP A 738 49.64 86.42 -60.53
N ALA A 739 50.91 86.30 -60.12
CA ALA A 739 51.65 87.44 -59.62
C ALA A 739 51.98 88.43 -60.73
N GLY A 740 51.69 89.70 -60.49
CA GLY A 740 51.96 90.73 -61.47
C GLY A 740 51.08 90.68 -62.69
N GLY A 741 49.90 90.06 -62.59
CA GLY A 741 49.00 89.95 -63.72
C GLY A 741 49.54 89.06 -64.81
N HIS A 742 50.09 87.91 -64.41
CA HIS A 742 50.65 86.89 -65.31
C HIS A 742 51.79 87.43 -66.15
N ASN A 743 52.59 88.33 -65.60
CA ASN A 743 53.59 89.03 -66.39
C ASN A 743 55.00 88.99 -65.81
N VAL A 744 55.15 88.65 -64.53
CA VAL A 744 56.46 88.45 -63.94
C VAL A 744 56.64 86.97 -63.65
N THR A 745 57.88 86.58 -63.43
CA THR A 745 58.21 85.21 -63.10
C THR A 745 59.37 85.20 -62.12
N ILE A 746 59.64 84.03 -61.55
CA ILE A 746 60.77 83.83 -60.65
C ILE A 746 61.77 82.90 -61.34
N SER A 747 63.05 83.24 -61.22
CA SER A 747 64.12 82.43 -61.76
C SER A 747 65.41 82.85 -61.06
N LEU A 748 66.01 81.94 -60.31
CA LEU A 748 67.35 82.16 -59.81
C LEU A 748 68.34 82.27 -60.94
N GLN A 749 68.15 81.44 -61.97
CA GLN A 749 68.92 81.56 -63.20
C GLN A 749 68.57 82.85 -63.92
N SER A 750 69.56 83.50 -64.49
CA SER A 750 69.29 84.70 -65.26
C SER A 750 69.23 84.38 -66.75
N ARG A 751 69.25 85.43 -67.56
CA ARG A 751 69.20 85.31 -69.02
C ARG A 751 70.47 84.67 -69.57
N THR A 752 71.63 85.25 -69.26
CA THR A 752 72.86 84.98 -69.98
C THR A 752 73.72 83.91 -69.33
N GLY A 753 73.12 82.99 -68.59
CA GLY A 753 73.87 81.98 -67.88
C GLY A 753 74.31 82.38 -66.50
N HIS A 754 74.40 83.68 -66.21
CA HIS A 754 74.75 84.19 -64.90
C HIS A 754 73.61 83.89 -63.91
N THR A 755 73.91 84.01 -62.62
CA THR A 755 72.91 83.80 -61.59
C THR A 755 72.61 85.10 -60.86
N HIS A 756 71.35 85.30 -60.49
CA HIS A 756 70.95 86.51 -59.79
C HIS A 756 71.43 86.50 -58.36
N MET A 757 71.90 87.63 -57.90
CA MET A 757 71.92 87.82 -56.47
C MET A 757 70.55 88.19 -55.85
N PRO A 758 69.62 88.96 -56.48
CA PRO A 758 68.39 89.23 -55.74
C PRO A 758 67.44 88.05 -55.69
N SER A 759 67.38 87.24 -56.74
CA SER A 759 66.44 86.13 -56.77
C SER A 759 66.84 85.00 -55.84
N VAL A 760 68.11 84.92 -55.43
CA VAL A 760 68.53 83.95 -54.44
C VAL A 760 68.28 84.45 -53.03
N VAL A 761 68.66 85.70 -52.78
CA VAL A 761 68.41 86.32 -51.49
C VAL A 761 66.91 86.49 -51.27
N GLY A 762 66.18 86.81 -52.34
CA GLY A 762 64.75 86.99 -52.22
C GLY A 762 64.00 85.73 -51.87
N VAL A 763 64.53 84.57 -52.24
CA VAL A 763 63.78 83.34 -52.00
C VAL A 763 64.12 82.73 -50.65
N LEU A 764 65.37 82.88 -50.18
CA LEU A 764 65.74 82.16 -48.96
C LEU A 764 65.31 82.90 -47.72
N VAL A 765 65.29 84.23 -47.77
CA VAL A 765 64.76 84.97 -46.64
C VAL A 765 63.24 84.92 -46.67
N PHE A 766 62.65 84.60 -47.82
CA PHE A 766 61.23 84.29 -47.87
C PHE A 766 60.91 83.00 -47.14
N THR A 767 61.83 82.04 -47.12
CA THR A 767 61.58 80.79 -46.41
C THR A 767 61.55 80.98 -44.91
N GLN A 768 62.09 82.08 -44.41
CA GLN A 768 61.99 82.45 -43.01
C GLN A 768 60.66 83.17 -42.73
N PHE A 769 59.58 82.56 -43.19
CA PHE A 769 58.25 83.03 -42.87
C PHE A 769 57.63 82.25 -41.75
N TRP A 770 58.22 81.14 -41.35
CA TRP A 770 57.83 80.52 -40.09
C TRP A 770 58.09 81.44 -38.93
N PHE A 771 59.28 82.01 -38.86
CA PHE A 771 59.69 82.71 -37.65
C PHE A 771 59.22 84.14 -37.64
N TRP A 772 58.83 84.67 -38.79
CA TRP A 772 58.42 86.07 -38.91
C TRP A 772 57.62 86.20 -40.20
N PHE A 773 56.32 86.47 -40.09
CA PHE A 773 55.52 86.68 -41.28
C PHE A 773 55.92 87.88 -42.15
N PRO A 774 56.30 89.07 -41.64
CA PRO A 774 56.65 90.15 -42.57
C PRO A 774 57.92 89.95 -43.38
N LEU A 775 58.62 88.83 -43.27
CA LEU A 775 59.67 88.54 -44.23
C LEU A 775 59.13 88.02 -45.55
N SER A 776 57.82 87.83 -45.66
CA SER A 776 57.22 87.29 -46.87
C SER A 776 57.21 88.29 -48.03
N HIS A 777 57.45 89.57 -47.76
CA HIS A 777 57.50 90.55 -48.83
C HIS A 777 58.74 90.41 -49.69
N PHE A 778 59.78 89.74 -49.19
CA PHE A 778 61.05 89.67 -49.89
C PHE A 778 61.03 88.79 -51.13
N LEU A 779 59.96 88.04 -51.36
CA LEU A 779 59.87 87.24 -52.58
C LEU A 779 59.64 88.12 -53.80
N SER A 780 59.15 89.34 -53.61
CA SER A 780 58.99 90.30 -54.69
C SER A 780 60.32 90.74 -55.31
N LEU A 781 61.44 90.49 -54.63
CA LEU A 781 62.75 90.74 -55.23
C LEU A 781 63.03 89.79 -56.38
N ALA A 782 62.44 88.60 -56.35
CA ALA A 782 62.67 87.59 -57.37
C ALA A 782 61.68 87.65 -58.52
N TYR A 783 60.76 88.62 -58.53
CA TYR A 783 59.78 88.73 -59.61
C TYR A 783 60.45 89.38 -60.80
N THR A 784 60.99 88.56 -61.69
CA THR A 784 61.59 89.00 -62.94
C THR A 784 60.55 89.02 -64.04
N PRO A 785 60.57 90.05 -64.88
CA PRO A 785 59.50 90.22 -65.87
C PRO A 785 59.60 89.23 -67.02
N THR A 786 58.46 89.00 -67.68
CA THR A 786 58.39 88.22 -68.91
C THR A 786 58.02 89.15 -70.06
N CYS A 787 59.04 89.78 -70.65
CA CYS A 787 58.76 90.83 -71.62
C CYS A 787 59.87 90.92 -72.65
N VAL A 788 59.49 91.37 -73.86
CA VAL A 788 60.42 91.78 -74.89
C VAL A 788 60.05 93.19 -75.35
N ILE A 789 61.06 94.06 -75.42
CA ILE A 789 60.88 95.48 -75.74
C ILE A 789 61.93 95.87 -76.77
N GLY A 790 61.48 96.42 -77.90
CA GLY A 790 62.36 96.74 -79.02
C GLY A 790 62.78 98.20 -79.11
N LEU A 791 63.12 98.79 -77.96
CA LEU A 791 63.64 100.15 -77.87
C LEU A 791 64.98 100.28 -78.59
N ASN A 792 65.03 101.05 -79.69
CA ASN A 792 66.27 101.12 -80.45
C ASN A 792 67.10 102.37 -80.15
N LYS A 793 66.44 103.51 -80.01
CA LYS A 793 67.10 104.74 -79.60
C LYS A 793 66.85 104.87 -78.09
N ASP A 794 67.26 106.00 -77.51
CA ASP A 794 67.09 106.20 -76.07
C ASP A 794 65.62 106.26 -75.68
N LEU A 795 64.79 106.90 -76.50
CA LEU A 795 63.37 107.02 -76.23
C LEU A 795 62.52 106.24 -77.22
N LYS A 796 63.04 105.93 -78.40
CA LYS A 796 62.23 105.40 -79.48
C LYS A 796 61.93 103.92 -79.25
N MET A 797 60.71 103.64 -78.80
CA MET A 797 60.13 102.31 -78.92
C MET A 797 59.08 102.34 -80.02
N PRO A 798 59.40 101.87 -81.21
CA PRO A 798 58.42 101.89 -82.30
C PRO A 798 57.38 100.80 -82.06
N LYS A 799 56.19 101.01 -82.58
CA LYS A 799 55.15 99.99 -82.50
C LYS A 799 55.38 99.04 -83.67
N VAL A 800 56.01 97.92 -83.37
CA VAL A 800 56.35 96.89 -84.35
C VAL A 800 55.54 95.65 -84.02
N GLN A 801 54.80 95.15 -85.01
CA GLN A 801 53.98 93.95 -84.84
C GLN A 801 54.77 92.74 -85.30
N TYR A 802 55.07 91.84 -84.36
CA TYR A 802 55.79 90.61 -84.65
C TYR A 802 55.10 89.44 -83.97
N LYS A 803 55.34 88.25 -84.50
CA LYS A 803 54.46 87.13 -84.23
C LYS A 803 55.22 85.92 -83.72
N SER A 804 54.45 84.98 -83.17
CA SER A 804 54.92 83.67 -82.73
C SER A 804 54.37 82.61 -83.69
N ASN A 805 54.90 81.40 -83.54
CA ASN A 805 54.60 80.30 -84.44
C ASN A 805 54.36 79.02 -83.67
N CYS A 806 53.47 79.09 -82.67
CA CYS A 806 53.19 77.98 -81.77
C CYS A 806 52.59 76.81 -82.55
N LYS A 807 52.98 75.57 -82.16
CA LYS A 807 53.06 74.49 -83.15
C LYS A 807 51.68 74.01 -83.63
N PRO A 808 50.75 73.48 -82.75
CA PRO A 808 49.41 73.22 -83.34
C PRO A 808 48.35 74.26 -83.01
N SER A 809 48.58 75.14 -82.03
CA SER A 809 47.49 75.81 -81.34
C SER A 809 48.04 77.03 -80.61
N THR A 810 47.25 77.54 -79.65
CA THR A 810 47.64 78.68 -78.83
C THR A 810 47.63 78.30 -77.35
N PHE A 811 48.27 79.16 -76.57
CA PHE A 811 48.34 79.10 -75.11
C PHE A 811 48.30 80.53 -74.59
N ALA A 812 48.96 80.80 -73.46
CA ALA A 812 49.37 82.15 -73.09
C ALA A 812 48.28 83.09 -72.61
N TYR A 813 48.12 83.15 -71.27
CA TYR A 813 47.59 84.34 -70.59
C TYR A 813 46.08 84.42 -70.76
N PRO A 814 45.35 83.55 -70.07
CA PRO A 814 43.94 83.30 -70.43
C PRO A 814 43.01 84.37 -69.90
N ALA A 815 41.71 84.11 -70.13
CA ALA A 815 40.58 84.94 -69.76
C ALA A 815 40.20 84.70 -68.29
N PRO A 816 39.68 85.71 -67.61
CA PRO A 816 39.16 85.51 -66.26
C PRO A 816 37.88 84.68 -66.28
N LEU A 817 37.56 84.12 -65.13
CA LEU A 817 36.46 83.17 -65.00
C LEU A 817 35.41 83.77 -64.08
N GLU A 818 34.29 84.18 -64.68
CA GLU A 818 33.10 84.57 -63.93
C GLU A 818 32.01 83.58 -64.30
N VAL A 819 31.99 82.46 -63.58
CA VAL A 819 30.94 81.45 -63.70
C VAL A 819 30.66 80.94 -62.28
N PRO A 820 29.86 81.67 -61.47
CA PRO A 820 29.63 81.25 -60.08
C PRO A 820 28.89 79.93 -59.95
N LYS A 821 27.60 79.91 -60.30
CA LYS A 821 26.69 78.79 -60.53
C LYS A 821 25.32 79.38 -60.80
N GLU A 822 24.46 78.60 -61.47
CA GLU A 822 23.02 78.69 -61.24
C GLU A 822 22.44 77.30 -61.47
N LYS A 823 22.22 76.56 -60.40
CA LYS A 823 21.72 75.20 -60.46
C LYS A 823 20.27 75.15 -59.98
N GLU A 824 19.56 74.10 -60.40
CA GLU A 824 18.15 73.93 -60.07
C GLU A 824 17.88 72.48 -59.68
N LYS A 825 17.24 72.30 -58.52
CA LYS A 825 16.76 70.97 -58.14
C LYS A 825 15.59 70.56 -59.02
N GLU A 826 14.49 71.32 -58.94
CA GLU A 826 13.49 71.53 -59.98
C GLU A 826 12.56 70.36 -60.27
N LYS A 827 12.93 69.14 -59.87
CA LYS A 827 12.19 67.93 -60.27
C LYS A 827 12.61 66.78 -59.37
N VAL A 828 11.70 65.81 -59.25
CA VAL A 828 12.02 64.41 -59.00
C VAL A 828 11.28 63.61 -60.06
N SER A 829 12.01 62.76 -60.78
CA SER A 829 11.45 62.09 -61.94
C SER A 829 10.40 61.07 -61.54
N THR A 830 9.23 61.15 -62.18
CA THR A 830 8.11 60.26 -61.87
C THR A 830 8.39 58.88 -62.45
N ALA A 831 8.66 57.92 -61.58
CA ALA A 831 9.00 56.56 -61.98
C ALA A 831 7.80 55.61 -61.94
N VAL A 832 6.60 56.11 -62.23
CA VAL A 832 5.41 55.28 -62.20
C VAL A 832 5.44 54.37 -63.42
N LEU A 833 5.77 53.11 -63.22
CA LEU A 833 5.81 52.13 -64.30
C LEU A 833 4.61 51.19 -64.21
N SER A 834 3.50 51.73 -63.73
CA SER A 834 2.20 51.08 -63.66
C SER A 834 1.52 51.12 -65.02
N ILE A 835 0.18 51.06 -65.02
CA ILE A 835 -0.69 51.11 -66.20
C ILE A 835 -0.49 52.32 -67.12
N THR A 836 0.32 53.30 -66.66
CA THR A 836 0.78 54.41 -67.51
C THR A 836 1.48 53.94 -68.77
N ALA A 837 2.13 52.77 -68.74
CA ALA A 837 2.97 52.32 -69.85
C ALA A 837 2.15 52.05 -71.11
N LYS A 838 1.04 51.34 -70.97
CA LYS A 838 0.13 51.20 -72.10
C LYS A 838 -0.69 52.46 -72.33
N ALA A 839 -0.80 53.34 -71.34
CA ALA A 839 -1.58 54.56 -71.51
C ALA A 839 -0.85 55.59 -72.35
N LYS A 840 0.47 55.70 -72.17
CA LYS A 840 1.25 56.62 -73.00
C LYS A 840 1.43 56.10 -74.41
N LYS A 841 1.41 54.77 -74.59
CA LYS A 841 1.66 54.17 -75.90
C LYS A 841 0.50 54.42 -76.85
N LYS A 842 -0.73 54.29 -76.37
CA LYS A 842 -1.89 54.62 -77.18
C LYS A 842 -2.05 56.12 -77.39
N GLU A 843 -1.41 56.94 -76.56
CA GLU A 843 -1.36 58.37 -76.82
C GLU A 843 -0.40 58.70 -77.96
N LYS A 844 0.71 57.95 -78.07
CA LYS A 844 1.60 58.13 -79.21
C LYS A 844 0.94 57.67 -80.51
N GLU A 845 -0.02 56.74 -80.43
CA GLU A 845 -0.84 56.41 -81.59
C GLU A 845 -1.76 57.56 -81.96
N LYS A 846 -2.20 58.34 -80.97
CA LYS A 846 -3.09 59.46 -81.26
C LYS A 846 -2.37 60.59 -81.99
N GLU A 847 -1.04 60.68 -81.84
CA GLU A 847 -0.29 61.68 -82.58
C GLU A 847 0.05 61.23 -84.00
N LYS A 848 0.02 59.93 -84.28
CA LYS A 848 0.26 59.44 -85.63
C LYS A 848 -0.89 59.74 -86.58
N LYS A 849 -2.05 60.10 -86.06
CA LYS A 849 -3.14 60.65 -86.86
C LYS A 849 -3.08 62.16 -86.96
N GLU A 850 -2.46 62.84 -86.00
CA GLU A 850 -2.48 64.29 -85.90
C GLU A 850 -1.23 64.96 -86.45
N GLU A 851 -0.06 64.34 -86.31
CA GLU A 851 1.18 65.03 -86.68
C GLU A 851 1.47 64.90 -88.17
N GLU A 852 1.51 63.67 -88.69
CA GLU A 852 1.96 63.43 -90.05
C GLU A 852 0.85 63.61 -91.08
N LYS A 853 -0.37 63.95 -90.67
CA LYS A 853 -1.48 64.08 -91.60
C LYS A 853 -1.99 65.49 -91.77
N MET A 854 -1.64 66.43 -90.89
CA MET A 854 -2.06 67.81 -91.05
C MET A 854 -0.94 68.73 -91.51
N GLU A 855 0.13 68.85 -90.71
CA GLU A 855 1.25 69.74 -91.04
C GLU A 855 2.41 69.45 -90.09
N VAL A 856 3.60 69.19 -90.66
CA VAL A 856 4.84 69.19 -89.89
C VAL A 856 6.03 69.57 -90.78
N ASP A 857 6.76 70.61 -90.38
CA ASP A 857 8.04 71.00 -90.99
C ASP A 857 8.81 71.90 -90.03
N GLU A 858 9.99 71.43 -89.58
CA GLU A 858 10.90 72.24 -88.77
C GLU A 858 12.31 71.68 -88.89
N ALA A 859 13.31 72.54 -89.09
CA ALA A 859 14.67 72.07 -89.32
C ALA A 859 15.66 73.12 -88.84
N GLU A 860 16.93 72.70 -88.75
CA GLU A 860 18.02 73.56 -88.31
C GLU A 860 19.28 73.08 -89.03
N LYS A 861 20.29 73.94 -89.10
CA LYS A 861 21.48 73.69 -89.89
C LYS A 861 22.64 73.29 -88.99
N LYS A 862 23.46 72.36 -89.48
CA LYS A 862 24.59 71.78 -88.80
C LYS A 862 25.87 72.46 -89.31
N GLU A 863 26.99 72.16 -88.66
CA GLU A 863 28.40 72.42 -89.02
C GLU A 863 28.74 73.88 -89.26
N GLU A 864 27.89 74.83 -88.80
CA GLU A 864 28.32 76.22 -88.80
C GLU A 864 29.34 76.48 -87.70
N LYS A 865 29.14 75.88 -86.54
CA LYS A 865 30.01 76.11 -85.39
C LYS A 865 31.33 75.34 -85.49
N GLU A 866 31.37 74.28 -86.28
CA GLU A 866 32.60 73.57 -86.57
C GLU A 866 33.49 74.33 -87.55
N LYS A 867 32.91 75.24 -88.32
CA LYS A 867 33.59 75.82 -89.47
C LYS A 867 34.68 76.80 -89.05
N LYS A 868 34.41 77.64 -88.05
CA LYS A 868 35.32 78.72 -87.67
C LYS A 868 36.52 78.25 -86.87
N LYS A 869 36.54 77.00 -86.40
CA LYS A 869 37.60 76.56 -85.50
C LYS A 869 38.89 76.27 -86.26
N GLU A 870 38.80 75.45 -87.30
CA GLU A 870 40.01 74.98 -87.99
C GLU A 870 40.83 76.02 -88.79
N PRO A 871 40.31 77.14 -89.33
CA PRO A 871 41.22 78.05 -90.03
C PRO A 871 42.04 78.98 -89.13
N GLU A 872 42.15 78.68 -87.83
CA GLU A 872 42.70 79.52 -86.78
C GLU A 872 44.15 79.95 -87.01
N PRO A 873 44.58 81.04 -86.33
CA PRO A 873 46.01 81.39 -86.25
C PRO A 873 46.85 80.44 -85.41
N ASN A 874 47.93 80.93 -84.77
CA ASN A 874 49.33 80.49 -84.67
C ASN A 874 50.25 81.34 -85.54
N PHE A 875 49.81 82.57 -85.82
CA PHE A 875 50.73 83.60 -86.28
C PHE A 875 50.43 84.94 -85.59
N GLN A 876 50.14 84.90 -84.28
CA GLN A 876 49.63 86.07 -83.56
C GLN A 876 50.65 87.19 -83.45
N LEU A 877 50.39 88.28 -84.17
CA LEU A 877 51.21 89.47 -84.08
C LEU A 877 51.10 90.10 -82.69
N LEU A 878 52.15 90.81 -82.29
CA LEU A 878 52.23 91.41 -80.97
C LEU A 878 52.95 92.74 -81.07
N ASP A 879 52.44 93.75 -80.37
CA ASP A 879 53.14 95.02 -80.21
C ASP A 879 54.34 94.85 -79.29
N ASN A 880 55.05 95.94 -79.00
CA ASN A 880 56.22 95.65 -78.18
C ASN A 880 56.27 96.35 -76.82
N PRO A 881 55.15 96.53 -76.14
CA PRO A 881 55.02 95.92 -74.82
C PRO A 881 54.49 94.51 -75.01
N ALA A 882 55.33 93.49 -74.85
CA ALA A 882 54.95 92.15 -75.25
C ALA A 882 55.24 91.17 -74.14
N ARG A 883 54.20 90.64 -73.50
CA ARG A 883 54.39 89.51 -72.63
C ARG A 883 54.75 88.30 -73.47
N VAL A 884 55.64 87.48 -72.95
CA VAL A 884 56.09 86.30 -73.67
C VAL A 884 56.52 85.26 -72.66
N MET A 885 56.09 84.03 -72.87
CA MET A 885 56.47 82.97 -71.98
C MET A 885 57.94 82.61 -72.24
N PRO A 886 58.69 82.26 -71.20
CA PRO A 886 60.04 81.72 -71.42
C PRO A 886 60.08 80.41 -72.20
N ALA A 887 58.95 79.74 -72.41
CA ALA A 887 58.93 78.61 -73.33
C ALA A 887 58.89 79.08 -74.77
N GLN A 888 58.10 80.10 -75.09
CA GLN A 888 57.89 80.51 -76.47
C GLN A 888 58.89 81.57 -76.93
N LEU A 889 60.06 81.66 -76.31
CA LEU A 889 61.09 82.57 -76.78
C LEU A 889 61.69 82.09 -78.09
N LYS A 890 61.68 80.78 -78.32
CA LYS A 890 62.33 80.19 -79.48
C LYS A 890 61.42 80.05 -80.68
N VAL A 891 60.11 80.25 -80.52
CA VAL A 891 59.18 80.01 -81.61
C VAL A 891 58.57 81.32 -82.11
N LEU A 892 59.09 82.45 -81.66
CA LEU A 892 58.66 83.75 -82.17
C LEU A 892 59.58 84.19 -83.29
N THR A 893 59.02 84.99 -84.21
CA THR A 893 59.72 85.33 -85.44
C THR A 893 59.49 86.79 -85.76
N MET A 894 60.55 87.49 -86.13
CA MET A 894 60.45 88.85 -86.62
C MET A 894 59.70 88.86 -87.96
N PRO A 895 59.05 89.97 -88.31
CA PRO A 895 58.42 90.06 -89.63
C PRO A 895 59.46 90.35 -90.69
N GLU A 896 59.80 89.33 -91.48
CA GLU A 896 60.73 89.52 -92.57
C GLU A 896 60.10 90.27 -93.73
N THR A 897 58.77 90.30 -93.81
CA THR A 897 58.09 91.16 -94.77
C THR A 897 58.14 92.62 -94.33
N CYS A 898 58.34 92.88 -93.05
CA CYS A 898 58.68 94.22 -92.60
C CYS A 898 60.17 94.42 -92.70
N ARG A 899 60.57 95.66 -92.92
CA ARG A 899 61.98 95.94 -93.18
C ARG A 899 62.78 96.14 -91.91
N TYR A 900 62.14 96.63 -90.85
CA TYR A 900 62.83 96.95 -89.61
C TYR A 900 63.18 95.66 -88.87
N GLN A 901 64.45 95.31 -88.85
CA GLN A 901 64.91 94.08 -88.25
C GLN A 901 65.66 94.35 -86.95
N PRO A 902 65.64 93.43 -85.98
CA PRO A 902 66.37 93.66 -84.73
C PRO A 902 67.88 93.46 -84.89
N PHE A 903 68.60 93.59 -83.77
CA PHE A 903 70.06 93.57 -83.79
C PHE A 903 70.66 92.31 -83.23
N LYS A 904 70.19 91.87 -82.11
CA LYS A 904 70.54 90.64 -81.44
C LYS A 904 69.67 89.50 -81.98
N PRO A 905 70.21 88.26 -82.05
CA PRO A 905 69.37 87.10 -82.37
C PRO A 905 68.18 86.94 -81.43
N LEU A 906 66.99 87.13 -81.99
CA LEU A 906 65.78 87.28 -81.20
C LEU A 906 65.21 85.90 -80.92
N SER A 907 65.77 85.25 -79.91
CA SER A 907 65.27 83.96 -79.47
C SER A 907 65.21 83.87 -77.96
N ILE A 908 65.32 84.99 -77.25
CA ILE A 908 65.37 84.99 -75.79
C ILE A 908 64.83 86.31 -75.29
N GLY A 909 64.05 86.26 -74.21
CA GLY A 909 63.29 87.39 -73.74
C GLY A 909 64.07 88.33 -72.85
N GLY A 910 63.63 89.58 -72.84
CA GLY A 910 64.36 90.65 -72.20
C GLY A 910 64.26 91.94 -72.99
N ILE A 911 65.39 92.51 -73.40
CA ILE A 911 65.38 93.75 -74.17
C ILE A 911 66.39 93.65 -75.30
N ILE A 912 65.97 94.08 -76.49
CA ILE A 912 66.83 94.18 -77.67
C ILE A 912 66.57 95.53 -78.32
N ILE A 913 67.42 95.87 -79.29
CA ILE A 913 67.27 97.12 -80.00
C ILE A 913 66.94 96.80 -81.46
N LEU A 914 66.21 97.72 -82.09
CA LEU A 914 65.87 97.58 -83.49
C LEU A 914 66.97 98.19 -84.35
N LYS A 915 67.26 97.54 -85.47
CA LYS A 915 68.15 98.11 -86.47
C LYS A 915 67.23 98.78 -87.49
N ASP A 916 66.98 100.07 -87.28
CA ASP A 916 66.02 100.82 -88.09
C ASP A 916 66.66 101.18 -89.41
N THR A 917 66.06 100.73 -90.51
CA THR A 917 66.73 100.81 -91.81
C THR A 917 66.51 102.14 -92.52
N SER A 918 65.29 102.42 -92.98
CA SER A 918 65.15 103.38 -94.06
C SER A 918 64.98 104.85 -93.67
N GLU A 919 63.80 105.19 -93.17
CA GLU A 919 63.30 106.58 -93.22
C GLU A 919 61.91 106.60 -92.60
N ASP A 920 61.50 107.80 -92.17
CA ASP A 920 60.11 108.15 -91.84
C ASP A 920 59.58 107.33 -90.67
N ILE A 921 60.23 107.49 -89.54
CA ILE A 921 59.88 106.76 -88.33
C ILE A 921 58.86 107.56 -87.55
N GLU A 922 57.82 106.87 -87.08
CA GLU A 922 56.71 107.50 -86.37
C GLU A 922 56.24 106.51 -85.30
N GLU A 923 55.06 106.78 -84.75
CA GLU A 923 54.29 105.87 -83.89
C GLU A 923 55.02 105.56 -82.57
N LEU A 924 55.24 106.62 -81.79
CA LEU A 924 55.71 106.49 -80.43
C LEU A 924 54.52 106.55 -79.48
N VAL A 925 54.58 105.78 -78.39
CA VAL A 925 53.44 105.68 -77.49
C VAL A 925 53.93 105.63 -76.04
N GLU A 926 53.32 106.46 -75.19
CA GLU A 926 53.53 106.48 -73.75
C GLU A 926 52.19 106.84 -73.12
N PRO A 927 51.71 106.09 -72.13
CA PRO A 927 50.54 106.53 -71.37
C PRO A 927 50.94 107.39 -70.17
N PRO B 17 56.00 7.41 -102.44
CA PRO B 17 54.98 8.48 -102.43
C PRO B 17 53.57 8.12 -101.88
N PRO B 18 53.05 6.89 -101.99
CA PRO B 18 51.87 6.56 -101.18
C PRO B 18 52.21 6.12 -99.76
N GLY B 19 53.45 5.69 -99.50
CA GLY B 19 53.81 5.25 -98.16
C GLY B 19 54.36 6.35 -97.29
N GLY B 20 55.38 7.04 -97.78
CA GLY B 20 55.99 8.11 -97.02
C GLY B 20 55.69 9.49 -97.59
N GLY B 21 55.31 9.54 -98.86
CA GLY B 21 55.05 10.81 -99.52
C GLY B 21 53.80 11.51 -99.05
N GLU B 22 52.84 10.78 -98.52
CA GLU B 22 51.65 11.41 -97.96
C GLU B 22 51.92 11.97 -96.57
N GLN B 23 52.94 11.45 -95.88
CA GLN B 23 53.39 12.00 -94.62
C GLN B 23 54.57 12.95 -94.79
N GLU B 24 54.84 13.37 -96.01
CA GLU B 24 55.72 14.49 -96.36
C GLU B 24 55.13 15.90 -96.22
N PRO B 25 53.84 16.16 -96.49
CA PRO B 25 53.29 17.51 -96.17
C PRO B 25 53.28 17.90 -94.69
N PRO B 26 53.03 17.01 -93.71
CA PRO B 26 53.02 17.50 -92.28
C PRO B 26 54.35 17.97 -91.68
N PRO B 27 55.54 17.45 -92.05
CA PRO B 27 56.78 17.94 -91.36
C PRO B 27 57.24 19.35 -91.69
N PRO B 28 57.00 19.96 -92.86
CA PRO B 28 57.40 21.39 -92.99
C PRO B 28 56.61 22.36 -92.11
N PRO B 29 55.27 22.46 -92.23
CA PRO B 29 54.64 23.76 -91.93
C PRO B 29 54.59 24.10 -90.44
N ALA B 30 54.44 23.11 -89.57
CA ALA B 30 54.39 23.45 -88.15
C ALA B 30 55.79 23.78 -87.61
N PRO B 31 56.89 23.10 -88.03
CA PRO B 31 58.20 23.72 -87.81
C PRO B 31 58.44 24.99 -88.62
N GLN B 32 57.72 25.18 -89.74
CA GLN B 32 57.77 26.48 -90.40
C GLN B 32 57.03 27.54 -89.61
N ASP B 33 56.08 27.15 -88.77
CA ASP B 33 55.29 28.15 -88.06
C ASP B 33 55.83 28.45 -86.67
N VAL B 34 55.79 27.45 -85.78
CA VAL B 34 56.02 27.75 -84.37
C VAL B 34 57.50 27.71 -84.01
N GLU B 35 58.31 26.95 -84.76
CA GLU B 35 59.74 27.02 -84.56
C GLU B 35 60.28 28.33 -85.12
N MET B 36 59.64 28.87 -86.16
CA MET B 36 60.03 30.18 -86.66
C MET B 36 59.71 31.27 -85.66
N LYS B 37 58.56 31.17 -84.99
CA LYS B 37 58.19 32.16 -83.99
C LYS B 37 59.02 32.06 -82.71
N GLU B 38 59.83 31.00 -82.56
CA GLU B 38 60.76 30.93 -81.44
C GLU B 38 61.79 32.04 -81.51
N GLU B 39 62.63 32.01 -82.54
CA GLU B 39 63.64 33.06 -82.69
C GLU B 39 63.07 34.37 -83.19
N ALA B 40 61.84 34.36 -83.71
CA ALA B 40 61.19 35.62 -84.05
C ALA B 40 60.83 36.39 -82.78
N ALA B 41 60.28 35.70 -81.79
CA ALA B 41 60.01 36.35 -80.51
C ALA B 41 61.28 36.53 -79.69
N THR B 42 62.22 35.58 -79.79
CA THR B 42 63.47 35.70 -79.04
C THR B 42 64.35 36.78 -79.63
N GLY B 43 64.58 36.73 -80.95
CA GLY B 43 65.42 37.73 -81.59
C GLY B 43 64.79 39.12 -81.56
N GLY B 44 63.46 39.18 -81.52
CA GLY B 44 62.81 40.43 -81.19
C GLY B 44 62.97 40.78 -79.72
N GLY B 45 62.87 39.77 -78.85
CA GLY B 45 62.98 40.02 -77.43
C GLY B 45 64.40 40.30 -76.98
N SER B 46 65.38 39.62 -77.58
CA SER B 46 66.78 39.87 -77.24
C SER B 46 67.23 41.23 -77.73
N THR B 47 66.65 41.73 -78.82
CA THR B 47 67.05 43.01 -79.36
C THR B 47 66.56 44.16 -78.48
N GLY B 48 65.29 44.12 -78.08
CA GLY B 48 64.73 45.17 -77.25
C GLY B 48 65.30 45.17 -75.85
N GLU B 49 65.70 43.99 -75.37
CA GLU B 49 66.41 43.90 -74.10
C GLU B 49 67.88 44.26 -74.22
N ALA B 50 68.42 44.27 -75.44
CA ALA B 50 69.73 44.87 -75.66
C ALA B 50 69.61 46.39 -75.74
N ASP B 51 68.43 46.90 -76.08
CA ASP B 51 68.22 48.33 -76.18
C ASP B 51 67.97 48.95 -74.81
N GLY B 52 66.96 48.47 -74.11
CA GLY B 52 66.67 48.91 -72.75
C GLY B 52 66.84 47.75 -71.80
N LYS B 53 67.32 48.06 -70.59
CA LYS B 53 67.73 47.10 -69.56
C LYS B 53 68.78 46.13 -70.14
N THR B 54 69.93 46.74 -70.47
CA THR B 54 70.95 46.08 -71.26
C THR B 54 71.62 44.93 -70.53
N ALA B 55 71.65 44.96 -69.21
CA ALA B 55 72.12 43.82 -68.45
C ALA B 55 71.07 42.72 -68.48
N ALA B 56 71.08 41.91 -69.54
CA ALA B 56 70.08 40.88 -69.75
C ALA B 56 70.65 39.48 -69.54
N ALA B 57 71.50 39.32 -68.52
CA ALA B 57 71.98 37.99 -68.18
C ALA B 57 70.86 37.12 -67.61
N ALA B 58 69.89 37.74 -66.94
CA ALA B 58 68.69 37.05 -66.46
C ALA B 58 67.55 37.30 -67.45
N ALA B 59 67.66 36.64 -68.59
CA ALA B 59 66.69 36.80 -69.68
C ALA B 59 66.66 35.50 -70.48
N GLU B 60 66.08 35.56 -71.67
CA GLU B 60 65.96 34.39 -72.52
C GLU B 60 67.22 34.11 -73.34
N HIS B 61 68.28 34.90 -73.14
CA HIS B 61 69.54 34.71 -73.85
C HIS B 61 70.12 33.32 -73.57
N SER B 62 70.09 32.91 -72.31
CA SER B 62 70.78 31.70 -71.88
C SER B 62 70.06 30.45 -72.38
N GLN B 63 68.75 30.36 -72.14
CA GLN B 63 68.02 29.14 -72.46
C GLN B 63 67.82 28.98 -73.97
N ARG B 64 67.70 30.11 -74.70
CA ARG B 64 67.76 30.03 -76.15
C ARG B 64 69.13 29.53 -76.61
N GLU B 65 70.18 29.97 -75.94
CA GLU B 65 71.49 29.43 -76.24
C GLU B 65 71.61 27.98 -75.75
N LEU B 66 70.90 27.64 -74.67
CA LEU B 66 70.78 26.24 -74.29
C LEU B 66 69.94 25.47 -75.32
N ASP B 67 69.01 26.15 -75.99
CA ASP B 67 68.26 25.51 -77.06
C ASP B 67 69.14 25.31 -78.30
N THR B 68 69.95 26.31 -78.66
CA THR B 68 70.73 26.21 -79.89
C THR B 68 71.81 25.14 -79.79
N VAL B 69 72.24 24.80 -78.57
CA VAL B 69 73.04 23.60 -78.37
C VAL B 69 72.19 22.35 -78.58
N THR B 70 71.00 22.34 -78.00
CA THR B 70 70.21 21.11 -77.91
C THR B 70 69.10 21.04 -78.95
N LEU B 71 68.21 22.05 -78.96
CA LEU B 71 66.95 21.96 -79.70
C LEU B 71 67.18 21.99 -81.21
N GLU B 72 67.76 23.09 -81.71
CA GLU B 72 67.87 23.28 -83.15
C GLU B 72 68.83 22.32 -83.83
N ASP B 73 69.74 21.68 -83.08
CA ASP B 73 70.49 20.58 -83.66
C ASP B 73 69.61 19.36 -83.87
N ILE B 74 68.66 19.09 -82.97
CA ILE B 74 67.76 17.97 -83.15
C ILE B 74 66.40 18.39 -83.68
N LYS B 75 66.13 19.70 -83.76
CA LYS B 75 64.96 20.16 -84.51
C LYS B 75 65.18 19.99 -86.00
N GLU B 76 66.41 20.21 -86.46
CA GLU B 76 66.71 20.09 -87.87
C GLU B 76 68.17 19.68 -88.05
N HIS B 77 68.41 18.79 -89.01
CA HIS B 77 69.75 18.37 -89.40
C HIS B 77 70.04 18.68 -90.86
N VAL B 78 69.12 18.33 -91.76
CA VAL B 78 69.20 18.71 -93.17
C VAL B 78 68.65 20.13 -93.25
N LYS B 79 68.82 20.79 -94.40
CA LYS B 79 68.31 22.13 -94.60
C LYS B 79 66.82 22.18 -94.95
N GLN B 80 66.08 21.10 -94.69
CA GLN B 80 64.62 21.12 -94.49
C GLN B 80 63.88 21.62 -95.74
N LEU B 81 63.91 20.77 -96.76
CA LEU B 81 63.21 21.02 -98.02
C LEU B 81 61.70 21.18 -97.78
N GLU B 82 61.04 21.74 -98.81
CA GLU B 82 59.77 22.47 -98.68
C GLU B 82 59.92 23.56 -97.62
N LYS B 83 61.03 24.28 -97.72
CA LYS B 83 61.19 25.69 -97.33
C LYS B 83 61.00 25.95 -95.84
N ALA B 84 61.65 25.14 -95.02
CA ALA B 84 61.73 25.44 -93.59
C ALA B 84 63.09 25.99 -93.21
N VAL B 85 64.17 25.34 -93.63
CA VAL B 85 65.50 25.91 -93.51
C VAL B 85 66.09 26.25 -94.88
N SER B 86 65.72 25.49 -95.93
CA SER B 86 66.01 25.91 -97.30
C SER B 86 65.26 27.17 -97.70
N GLY B 87 64.16 27.49 -97.01
CA GLY B 87 63.45 28.72 -97.22
C GLY B 87 63.95 29.90 -96.42
N LYS B 88 64.78 29.66 -95.39
CA LYS B 88 65.34 30.75 -94.59
C LYS B 88 66.19 31.70 -95.43
N GLU B 89 66.86 31.19 -96.45
CA GLU B 89 67.71 32.04 -97.27
C GLU B 89 66.92 32.89 -98.26
N PRO B 90 65.87 32.40 -98.95
CA PRO B 90 64.98 33.37 -99.63
C PRO B 90 64.11 34.18 -98.68
N ARG B 91 64.00 33.78 -97.42
CA ARG B 91 63.30 34.61 -96.44
C ARG B 91 64.13 35.82 -96.07
N PHE B 92 65.39 35.61 -95.70
CA PHE B 92 66.26 36.68 -95.22
C PHE B 92 67.23 37.16 -96.29
N VAL B 93 66.89 36.97 -97.56
CA VAL B 93 67.67 37.59 -98.63
C VAL B 93 67.40 39.09 -98.71
N LEU B 94 66.27 39.56 -98.20
CA LEU B 94 65.82 40.93 -98.40
C LEU B 94 65.38 41.46 -97.03
N ARG B 95 66.34 42.03 -96.30
CA ARG B 95 66.10 42.56 -94.97
C ARG B 95 66.84 43.89 -94.85
N ALA B 96 66.09 44.99 -94.88
CA ALA B 96 66.68 46.32 -94.74
C ALA B 96 66.78 46.68 -93.26
N LEU B 97 65.63 46.77 -92.59
CA LEU B 97 65.49 46.88 -91.12
C LEU B 97 66.22 48.08 -90.52
N ARG B 98 66.48 49.13 -91.30
CA ARG B 98 67.46 50.12 -90.88
C ARG B 98 66.83 51.27 -90.10
N MET B 99 65.80 51.91 -90.64
CA MET B 99 65.06 52.93 -89.92
C MET B 99 63.74 52.32 -89.44
N LEU B 100 63.03 53.05 -88.57
CA LEU B 100 61.71 52.61 -88.10
C LEU B 100 60.68 52.37 -89.21
N PRO B 101 60.60 53.13 -90.30
CA PRO B 101 59.80 52.62 -91.43
C PRO B 101 60.43 51.42 -92.12
N SER B 102 61.76 51.36 -92.23
CA SER B 102 62.43 50.24 -92.89
C SER B 102 62.25 48.94 -92.10
N THR B 103 62.12 49.05 -90.78
CA THR B 103 61.71 47.89 -90.00
C THR B 103 60.26 47.54 -90.27
N SER B 104 59.37 48.53 -90.25
CA SER B 104 57.95 48.28 -90.40
C SER B 104 57.60 47.88 -91.83
N ARG B 105 58.44 48.28 -92.79
CA ARG B 105 58.36 47.69 -94.12
C ARG B 105 58.71 46.21 -94.08
N ARG B 106 59.80 45.86 -93.41
CA ARG B 106 60.21 44.46 -93.35
C ARG B 106 59.37 43.65 -92.38
N LEU B 107 58.74 44.29 -91.39
CA LEU B 107 57.76 43.59 -90.57
C LEU B 107 56.55 43.18 -91.38
N ASN B 108 56.19 43.96 -92.40
CA ASN B 108 55.23 43.50 -93.39
C ASN B 108 55.82 42.37 -94.23
N HIS B 109 57.13 42.43 -94.50
CA HIS B 109 57.78 41.37 -95.28
C HIS B 109 58.00 40.11 -94.46
N TYR B 110 58.10 40.23 -93.12
CA TYR B 110 58.06 39.04 -92.29
C TYR B 110 56.71 38.35 -92.37
N VAL B 111 55.63 39.10 -92.60
CA VAL B 111 54.34 38.49 -92.81
C VAL B 111 54.25 37.88 -94.20
N LEU B 112 54.79 38.57 -95.21
CA LEU B 112 54.61 38.16 -96.60
C LEU B 112 55.43 36.92 -96.95
N TYR B 113 56.74 36.98 -96.73
CA TYR B 113 57.62 35.92 -97.23
C TYR B 113 57.46 34.63 -96.44
N LYS B 114 57.09 34.71 -95.17
CA LYS B 114 56.81 33.49 -94.41
C LYS B 114 55.51 32.85 -94.87
N ALA B 115 54.56 33.68 -95.33
CA ALA B 115 53.32 33.14 -95.88
C ALA B 115 53.56 32.49 -97.24
N VAL B 116 54.44 33.08 -98.04
CA VAL B 116 54.76 32.50 -99.36
C VAL B 116 55.49 31.18 -99.20
N GLN B 117 56.46 31.12 -98.28
CA GLN B 117 57.16 29.88 -97.99
C GLN B 117 56.30 28.87 -97.26
N GLY B 118 55.22 29.33 -96.60
CA GLY B 118 54.26 28.40 -96.04
C GLY B 118 53.26 27.90 -97.05
N PHE B 119 53.02 28.67 -98.10
CA PHE B 119 52.07 28.29 -99.15
C PHE B 119 52.77 27.57 -100.29
N PHE B 120 53.71 28.25 -100.93
CA PHE B 120 54.27 27.86 -102.22
C PHE B 120 55.79 27.70 -102.08
N THR B 121 56.45 27.58 -103.22
CA THR B 121 57.88 27.30 -103.28
C THR B 121 58.65 28.59 -103.56
N SER B 122 59.53 28.97 -102.64
CA SER B 122 60.50 30.03 -102.82
C SER B 122 61.79 29.43 -103.41
N ASN B 123 62.91 30.15 -103.28
CA ASN B 123 64.22 29.65 -103.72
C ASN B 123 64.56 28.40 -102.93
N ASN B 124 64.59 27.26 -103.63
CA ASN B 124 64.84 25.98 -102.98
C ASN B 124 66.35 25.77 -102.88
N ALA B 125 66.85 25.59 -101.66
CA ALA B 125 68.28 25.37 -101.45
C ALA B 125 68.58 23.88 -101.64
N THR B 126 69.08 23.52 -102.81
CA THR B 126 69.50 22.14 -103.08
C THR B 126 70.99 21.95 -102.81
N ARG B 127 71.42 22.34 -101.60
CA ARG B 127 72.72 22.08 -101.00
C ARG B 127 73.91 22.69 -101.74
N ASP B 128 73.67 23.61 -102.67
CA ASP B 128 74.74 24.11 -103.53
C ASP B 128 74.83 25.62 -103.65
N PHE B 129 73.77 26.36 -103.34
CA PHE B 129 73.74 27.80 -103.53
C PHE B 129 74.16 28.56 -102.30
N LEU B 130 75.07 27.99 -101.50
CA LEU B 130 75.30 28.51 -100.15
C LEU B 130 76.10 29.80 -100.15
N LEU B 131 77.01 29.99 -101.10
CA LEU B 131 77.71 31.27 -101.19
C LEU B 131 76.86 32.41 -101.76
N PRO B 132 75.97 32.22 -102.76
CA PRO B 132 74.95 33.25 -102.99
C PRO B 132 73.87 33.29 -101.92
N PHE B 133 73.85 32.34 -101.00
CA PHE B 133 73.06 32.46 -99.79
C PHE B 133 73.87 33.02 -98.63
N LEU B 134 75.10 33.47 -98.91
CA LEU B 134 75.88 34.25 -97.95
C LEU B 134 76.16 35.67 -98.41
N GLU B 135 76.09 35.93 -99.71
CA GLU B 135 76.29 37.31 -100.19
C GLU B 135 75.00 38.10 -100.09
N GLU B 136 73.99 37.69 -100.85
CA GLU B 136 72.73 38.42 -100.98
C GLU B 136 71.83 38.42 -99.74
N PRO B 137 71.82 37.39 -98.88
CA PRO B 137 71.26 37.63 -97.54
C PRO B 137 72.04 38.64 -96.74
N MET B 138 73.38 38.62 -96.80
CA MET B 138 74.17 39.66 -96.16
C MET B 138 74.04 40.98 -96.91
N ASP B 139 73.78 40.91 -98.21
CA ASP B 139 73.47 42.10 -98.97
C ASP B 139 71.97 42.38 -98.86
N THR B 140 71.46 43.26 -99.72
CA THR B 140 70.12 43.86 -99.63
C THR B 140 69.90 44.47 -98.25
N GLU B 141 70.87 45.32 -97.86
CA GLU B 141 70.79 46.25 -96.74
C GLU B 141 70.64 45.54 -95.40
N ALA B 142 71.27 44.38 -95.26
CA ALA B 142 71.33 43.74 -93.96
C ALA B 142 72.24 44.54 -93.03
N ASP B 143 71.78 44.74 -91.80
CA ASP B 143 72.39 45.70 -90.89
C ASP B 143 73.49 45.08 -90.05
N LEU B 144 74.33 45.95 -89.51
CA LEU B 144 75.13 45.65 -88.33
C LEU B 144 74.48 46.17 -87.06
N GLN B 145 73.35 46.85 -87.18
CA GLN B 145 72.51 47.11 -86.02
C GLN B 145 71.90 45.80 -85.52
N PHE B 146 71.45 44.96 -86.44
CA PHE B 146 71.00 43.61 -86.13
C PHE B 146 72.14 42.61 -86.31
N ARG B 147 73.28 42.93 -85.71
CA ARG B 147 74.40 42.01 -85.62
C ARG B 147 74.16 40.77 -84.73
N PRO B 148 73.23 40.75 -83.76
CA PRO B 148 72.81 39.43 -83.26
C PRO B 148 72.02 38.63 -84.29
N ARG B 149 71.25 39.30 -85.15
CA ARG B 149 70.52 38.59 -86.18
C ARG B 149 71.48 38.01 -87.22
N THR B 150 72.47 38.80 -87.63
CA THR B 150 73.47 38.28 -88.57
C THR B 150 74.37 37.27 -87.88
N GLY B 151 74.59 37.43 -86.58
CA GLY B 151 75.42 36.47 -85.86
C GLY B 151 74.73 35.13 -85.68
N LYS B 152 73.45 35.16 -85.35
CA LYS B 152 72.73 33.90 -85.15
C LYS B 152 72.38 33.25 -86.48
N ALA B 153 71.90 34.03 -87.45
CA ALA B 153 71.53 33.46 -88.74
C ALA B 153 72.70 33.31 -89.69
N ALA B 154 73.95 33.35 -89.20
CA ALA B 154 75.08 32.78 -89.91
C ALA B 154 75.67 31.57 -89.19
N SER B 155 75.57 31.55 -87.86
CA SER B 155 76.04 30.41 -87.08
C SER B 155 75.05 29.25 -87.12
N THR B 156 73.77 29.54 -87.19
CA THR B 156 72.77 28.48 -87.34
C THR B 156 72.71 27.83 -88.73
N PRO B 157 72.98 28.51 -89.86
CA PRO B 157 73.17 27.76 -91.11
C PRO B 157 74.51 27.07 -91.26
N LEU B 158 75.35 27.03 -90.23
CA LEU B 158 76.48 26.10 -90.25
C LEU B 158 76.00 24.67 -90.12
N LEU B 159 74.96 24.48 -89.35
CA LEU B 159 74.49 23.19 -88.87
C LEU B 159 73.72 22.36 -89.90
N PRO B 160 72.93 22.92 -90.83
CA PRO B 160 72.57 22.11 -92.00
C PRO B 160 73.74 21.89 -92.94
N GLU B 161 74.70 22.81 -92.93
CA GLU B 161 75.80 22.83 -93.88
C GLU B 161 76.95 21.90 -93.49
N VAL B 162 77.16 21.65 -92.20
CA VAL B 162 78.21 20.72 -91.79
C VAL B 162 77.63 19.32 -91.71
N GLU B 163 76.49 19.19 -91.02
CA GLU B 163 75.85 17.90 -90.76
C GLU B 163 75.23 17.26 -92.00
N ALA B 164 75.32 17.85 -93.18
CA ALA B 164 75.13 17.07 -94.39
C ALA B 164 76.30 16.12 -94.59
N TYR B 165 77.51 16.54 -94.21
CA TYR B 165 78.76 15.77 -94.23
C TYR B 165 79.14 15.26 -95.62
N LEU B 166 78.65 15.87 -96.69
CA LEU B 166 79.03 15.39 -98.00
C LEU B 166 80.43 15.87 -98.37
N GLN B 167 80.87 17.02 -97.83
CA GLN B 167 82.26 17.50 -97.83
C GLN B 167 82.81 17.71 -99.24
N LEU B 168 81.93 17.90 -100.21
CA LEU B 168 82.32 18.09 -101.62
C LEU B 168 82.09 19.57 -101.91
N LEU B 169 83.17 20.35 -101.85
CA LEU B 169 83.20 21.81 -102.02
C LEU B 169 82.34 22.50 -100.95
N VAL B 170 82.22 21.87 -99.78
CA VAL B 170 81.46 22.37 -98.65
C VAL B 170 82.39 22.79 -97.51
N VAL B 171 83.63 22.26 -97.49
CA VAL B 171 84.65 22.70 -96.54
C VAL B 171 84.94 24.19 -96.73
N ILE B 172 84.95 24.66 -97.98
CA ILE B 172 85.10 26.09 -98.22
C ILE B 172 83.78 26.83 -97.97
N PHE B 173 82.65 26.13 -98.07
CA PHE B 173 81.39 26.74 -97.66
C PHE B 173 81.36 26.91 -96.14
N MET B 174 81.96 25.98 -95.41
CA MET B 174 82.22 26.19 -93.98
C MET B 174 83.17 27.36 -93.78
N MET B 175 84.28 27.36 -94.52
CA MET B 175 85.38 28.27 -94.29
C MET B 175 84.99 29.71 -94.57
N ASN B 176 84.26 29.94 -95.67
CA ASN B 176 83.83 31.29 -96.01
C ASN B 176 82.77 31.79 -95.04
N SER B 177 81.89 30.89 -94.58
CA SER B 177 80.81 31.30 -93.69
C SER B 177 81.34 31.70 -92.33
N LYS B 178 82.38 31.03 -91.86
CA LYS B 178 82.98 31.40 -90.58
C LYS B 178 83.71 32.73 -90.68
N ARG B 179 84.44 32.94 -91.77
CA ARG B 179 85.23 34.16 -91.90
C ARG B 179 84.33 35.35 -92.18
N TYR B 180 83.21 35.13 -92.87
CA TYR B 180 82.19 36.18 -92.96
C TYR B 180 81.64 36.52 -91.59
N LYS B 181 81.25 35.49 -90.83
CA LYS B 181 80.63 35.68 -89.53
C LYS B 181 81.59 36.27 -88.51
N GLU B 182 82.85 35.85 -88.55
CA GLU B 182 83.79 36.42 -87.59
C GLU B 182 84.32 37.78 -88.01
N ALA B 183 84.27 38.13 -89.30
CA ALA B 183 84.55 39.50 -89.67
C ALA B 183 83.40 40.42 -89.25
N GLN B 184 82.17 39.90 -89.23
CA GLN B 184 81.07 40.61 -88.59
C GLN B 184 81.32 40.75 -87.10
N LYS B 185 81.89 39.70 -86.49
CA LYS B 185 82.25 39.74 -85.08
C LYS B 185 83.39 40.73 -84.83
N ILE B 186 84.36 40.79 -85.73
CA ILE B 186 85.43 41.77 -85.62
C ILE B 186 84.90 43.18 -85.80
N SER B 187 83.97 43.35 -86.75
CA SER B 187 83.35 44.66 -86.97
C SER B 187 82.50 45.09 -85.78
N ASP B 188 81.98 44.13 -85.02
CA ASP B 188 81.43 44.47 -83.71
C ASP B 188 82.54 44.86 -82.75
N ASP B 189 83.65 44.11 -82.75
CA ASP B 189 84.68 44.25 -81.73
C ASP B 189 85.42 45.58 -81.81
N LEU B 190 85.43 46.22 -82.97
CA LEU B 190 86.05 47.54 -83.10
C LEU B 190 85.04 48.67 -83.10
N MET B 191 83.87 48.46 -83.70
CA MET B 191 82.95 49.55 -84.01
C MET B 191 81.65 49.39 -83.21
N GLN B 192 81.52 50.17 -82.13
CA GLN B 192 80.24 50.50 -81.47
C GLN B 192 79.50 49.27 -80.94
N LYS B 193 80.07 48.66 -79.90
CA LYS B 193 79.32 47.68 -79.10
C LYS B 193 78.57 48.43 -77.97
N ILE B 194 77.68 49.32 -78.40
CA ILE B 194 77.04 50.30 -77.53
C ILE B 194 76.01 49.55 -76.68
N SER B 195 76.39 49.23 -75.44
CA SER B 195 75.56 48.60 -74.41
C SER B 195 74.99 47.25 -74.84
N THR B 196 75.64 46.57 -75.78
CA THR B 196 75.12 45.32 -76.32
C THR B 196 75.84 44.10 -75.76
N GLN B 197 77.16 44.03 -75.95
CA GLN B 197 78.04 42.93 -75.51
C GLN B 197 77.56 41.61 -76.09
N ASN B 198 77.72 41.48 -77.40
CA ASN B 198 77.39 40.26 -78.14
C ASN B 198 78.30 39.08 -77.82
N ARG B 199 79.32 39.27 -76.96
CA ARG B 199 80.22 38.20 -76.55
C ARG B 199 79.46 37.04 -75.92
N ARG B 200 78.38 37.34 -75.17
CA ARG B 200 77.48 36.31 -74.64
C ARG B 200 76.94 35.40 -75.74
N ALA B 201 76.55 35.98 -76.87
CA ALA B 201 76.16 35.21 -78.03
C ALA B 201 77.38 34.66 -78.76
N LEU B 202 78.40 35.48 -78.96
CA LEU B 202 79.44 35.12 -79.90
C LEU B 202 80.53 34.25 -79.29
N ASP B 203 80.45 33.94 -78.00
CA ASP B 203 81.38 32.95 -77.44
C ASP B 203 81.11 31.56 -77.98
N LEU B 204 79.87 31.07 -77.81
CA LEU B 204 79.54 29.75 -78.32
C LEU B 204 79.49 29.74 -79.84
N VAL B 205 79.24 30.89 -80.45
CA VAL B 205 79.36 31.02 -81.90
C VAL B 205 80.81 30.79 -82.32
N ALA B 206 81.76 31.37 -81.57
CA ALA B 206 83.17 31.10 -81.80
C ALA B 206 83.52 29.65 -81.45
N ALA B 207 82.76 29.05 -80.53
CA ALA B 207 83.02 27.65 -80.20
C ALA B 207 82.48 26.72 -81.27
N LYS B 208 81.19 26.89 -81.62
CA LYS B 208 80.52 25.96 -82.53
C LYS B 208 81.09 26.00 -83.93
N CYS B 209 81.60 27.16 -84.36
CA CYS B 209 82.26 27.23 -85.64
C CYS B 209 83.59 26.49 -85.60
N TYR B 210 84.23 26.47 -84.43
CA TYR B 210 85.56 25.90 -84.30
C TYR B 210 85.58 24.55 -83.61
N TYR B 211 84.41 24.01 -83.22
CA TYR B 211 84.35 22.57 -83.01
C TYR B 211 84.46 21.84 -84.35
N TYR B 212 83.79 22.36 -85.38
CA TYR B 212 83.79 21.69 -86.67
C TYR B 212 84.95 22.10 -87.55
N HIS B 213 85.49 23.32 -87.36
CA HIS B 213 86.74 23.66 -88.05
C HIS B 213 87.91 22.90 -87.46
N ALA B 214 87.80 22.49 -86.20
CA ALA B 214 88.68 21.45 -85.69
C ALA B 214 88.42 20.12 -86.37
N ARG B 215 87.16 19.79 -86.60
CA ARG B 215 86.82 18.54 -87.27
C ARG B 215 87.27 18.56 -88.73
N VAL B 216 87.21 19.73 -89.36
CA VAL B 216 87.80 19.91 -90.68
C VAL B 216 89.29 19.61 -90.64
N TYR B 217 89.97 20.08 -89.60
CA TYR B 217 91.38 19.76 -89.46
C TYR B 217 91.61 18.42 -88.78
N GLU B 218 90.56 17.63 -88.56
CA GLU B 218 90.73 16.21 -88.28
C GLU B 218 90.73 15.41 -89.58
N PHE B 219 89.87 15.79 -90.54
CA PHE B 219 89.86 15.14 -91.84
C PHE B 219 91.12 15.46 -92.64
N LEU B 220 91.71 16.62 -92.40
CA LEU B 220 92.92 17.04 -93.12
C LEU B 220 93.92 17.43 -92.03
N ASP B 221 94.98 18.15 -92.44
CA ASP B 221 96.16 18.42 -91.63
C ASP B 221 95.92 19.22 -90.35
N LYS B 222 96.99 19.45 -89.60
CA LYS B 222 96.97 19.81 -88.18
C LYS B 222 96.31 21.17 -87.95
N LEU B 223 96.01 21.44 -86.69
CA LEU B 223 95.14 22.55 -86.29
C LEU B 223 95.84 23.47 -85.31
N ASP B 224 97.13 23.70 -85.53
CA ASP B 224 97.79 24.84 -84.91
C ASP B 224 97.47 26.14 -85.64
N VAL B 225 96.94 26.06 -86.86
CA VAL B 225 96.44 27.23 -87.56
C VAL B 225 95.26 27.82 -86.81
N VAL B 226 94.46 26.97 -86.17
CA VAL B 226 93.36 27.43 -85.33
C VAL B 226 93.92 28.12 -84.09
N ARG B 227 94.99 27.57 -83.52
CA ARG B 227 95.51 28.04 -82.23
C ARG B 227 96.17 29.40 -82.34
N SER B 228 96.77 29.73 -83.48
CA SER B 228 97.36 31.06 -83.64
C SER B 228 96.27 32.12 -83.70
N PHE B 229 95.17 31.82 -84.40
CA PHE B 229 94.03 32.72 -84.40
C PHE B 229 93.32 32.72 -83.05
N LEU B 230 93.35 31.60 -82.34
CA LEU B 230 92.66 31.51 -81.07
C LEU B 230 93.41 32.25 -79.97
N HIS B 231 94.74 32.36 -80.08
CA HIS B 231 95.46 33.29 -79.23
C HIS B 231 95.03 34.73 -79.51
N ALA B 232 94.83 35.06 -80.78
CA ALA B 232 94.49 36.42 -81.16
C ALA B 232 93.10 36.80 -80.69
N ARG B 233 92.16 35.85 -80.72
CA ARG B 233 90.87 36.13 -80.11
C ARG B 233 90.96 36.17 -78.60
N LEU B 234 91.93 35.47 -78.01
CA LEU B 234 92.12 35.56 -76.57
C LEU B 234 93.00 36.77 -76.22
N ARG B 235 93.78 37.26 -77.18
CA ARG B 235 94.48 38.52 -76.99
C ARG B 235 93.50 39.69 -76.98
N THR B 236 92.52 39.69 -77.89
CA THR B 236 91.49 40.73 -77.80
C THR B 236 90.49 40.45 -76.69
N ALA B 237 90.42 39.21 -76.22
CA ALA B 237 89.76 38.95 -74.96
C ALA B 237 90.67 39.35 -73.81
N THR B 238 90.10 39.39 -72.59
CA THR B 238 90.74 39.59 -71.29
C THR B 238 91.19 41.04 -71.10
N LEU B 239 91.20 41.82 -72.18
CA LEU B 239 91.60 43.21 -72.16
C LEU B 239 90.42 44.13 -71.92
N ARG B 240 89.28 43.82 -72.53
CA ARG B 240 88.07 44.60 -72.29
C ARG B 240 87.59 44.41 -70.87
N HIS B 241 87.12 43.20 -70.57
CA HIS B 241 86.81 42.56 -69.29
C HIS B 241 86.39 41.14 -69.65
N ASP B 242 86.43 40.26 -68.67
CA ASP B 242 86.04 38.87 -68.87
C ASP B 242 84.55 38.72 -68.58
N ALA B 243 83.76 38.45 -69.61
CA ALA B 243 82.39 37.98 -69.45
C ALA B 243 82.28 36.75 -70.35
N ASP B 244 82.76 35.61 -69.84
CA ASP B 244 82.74 34.27 -70.44
C ASP B 244 83.59 34.17 -71.71
N GLY B 245 84.21 35.27 -72.14
CA GLY B 245 84.98 35.24 -73.36
C GLY B 245 86.31 34.56 -73.15
N GLN B 246 87.02 34.95 -72.09
CA GLN B 246 88.25 34.26 -71.72
C GLN B 246 87.98 32.83 -71.30
N ALA B 247 86.82 32.57 -70.71
CA ALA B 247 86.50 31.23 -70.21
C ALA B 247 86.35 30.23 -71.36
N THR B 248 85.55 30.59 -72.37
CA THR B 248 85.29 29.66 -73.46
C THR B 248 86.50 29.46 -74.35
N LEU B 249 87.29 30.52 -74.56
CA LEU B 249 88.43 30.39 -75.44
C LEU B 249 89.58 29.64 -74.77
N LEU B 250 89.62 29.64 -73.44
CA LEU B 250 90.73 29.00 -72.74
C LEU B 250 90.63 27.48 -72.82
N ASN B 251 89.41 26.94 -72.65
CA ASN B 251 89.22 25.50 -72.82
C ASN B 251 89.44 25.09 -74.26
N LEU B 252 89.11 25.96 -75.20
CA LEU B 252 89.41 25.65 -76.59
C LEU B 252 90.89 25.67 -76.86
N LEU B 253 91.61 26.67 -76.34
CA LEU B 253 93.05 26.77 -76.57
C LEU B 253 93.82 25.66 -75.87
N LEU B 254 93.26 25.11 -74.81
CA LEU B 254 93.96 24.05 -74.09
C LEU B 254 93.82 22.71 -74.81
N ARG B 255 92.75 22.54 -75.58
CA ARG B 255 92.33 21.20 -75.98
C ARG B 255 93.26 20.60 -77.04
N ASN B 256 93.63 21.38 -78.06
CA ASN B 256 94.55 20.87 -79.07
C ASN B 256 95.92 20.64 -78.50
N TYR B 257 96.38 21.55 -77.64
CA TYR B 257 97.70 21.39 -77.05
C TYR B 257 97.74 20.19 -76.12
N LEU B 258 96.60 19.78 -75.59
CA LEU B 258 96.51 18.48 -74.95
C LEU B 258 96.27 17.37 -75.95
N HIS B 259 95.57 17.65 -77.05
CA HIS B 259 95.29 16.61 -78.05
C HIS B 259 96.55 16.18 -78.78
N TYR B 260 97.48 17.11 -78.97
CA TYR B 260 98.75 16.72 -79.54
C TYR B 260 99.57 15.94 -78.52
N SER B 261 100.15 14.83 -78.97
CA SER B 261 100.94 13.96 -78.13
C SER B 261 102.42 14.30 -78.16
N LEU B 262 102.76 15.56 -78.36
CA LEU B 262 104.14 16.03 -78.24
C LEU B 262 104.30 16.46 -76.77
N TYR B 263 105.36 17.20 -76.45
CA TYR B 263 105.70 17.65 -75.09
C TYR B 263 104.57 18.43 -74.44
N ASP B 264 104.25 19.61 -74.93
CA ASP B 264 102.91 20.19 -74.88
C ASP B 264 102.30 20.52 -73.53
N GLN B 265 102.90 20.17 -72.41
CA GLN B 265 102.21 20.42 -71.15
C GLN B 265 102.89 21.45 -70.25
N ALA B 266 104.16 21.77 -70.49
CA ALA B 266 104.76 22.89 -69.76
C ALA B 266 104.26 24.22 -70.27
N GLU B 267 103.66 24.24 -71.47
CA GLU B 267 102.98 25.43 -71.96
C GLU B 267 101.77 25.74 -71.10
N LYS B 268 101.14 24.71 -70.55
CA LYS B 268 99.94 24.91 -69.75
C LYS B 268 100.29 25.14 -68.28
N LEU B 269 101.42 24.59 -67.84
CA LEU B 269 101.89 24.85 -66.48
C LEU B 269 102.27 26.31 -66.31
N VAL B 270 102.81 26.93 -67.37
CA VAL B 270 103.07 28.35 -67.32
C VAL B 270 101.87 29.17 -67.73
N SER B 271 100.78 28.53 -68.15
CA SER B 271 99.57 29.27 -68.52
C SER B 271 98.91 29.82 -67.28
N LYS B 272 99.29 31.05 -66.90
CA LYS B 272 98.74 31.71 -65.73
C LYS B 272 97.57 32.60 -66.17
N SER B 273 96.48 31.91 -66.49
CA SER B 273 95.21 32.56 -66.81
C SER B 273 94.09 31.76 -66.17
N VAL B 274 94.31 31.38 -64.90
CA VAL B 274 93.58 30.28 -64.26
C VAL B 274 92.16 30.66 -63.87
N PHE B 275 91.77 31.91 -64.05
CA PHE B 275 90.54 32.45 -63.45
C PHE B 275 89.51 32.83 -64.50
N PRO B 276 88.44 32.06 -64.64
CA PRO B 276 87.22 32.63 -65.21
C PRO B 276 86.30 33.22 -64.14
N GLU B 277 86.39 32.64 -62.93
CA GLU B 277 85.79 33.06 -61.66
C GLU B 277 84.28 32.89 -61.54
N GLN B 278 83.60 32.62 -62.66
CA GLN B 278 82.22 32.18 -62.71
C GLN B 278 81.96 31.69 -64.13
N ALA B 279 81.32 30.53 -64.25
CA ALA B 279 81.26 29.92 -65.57
C ALA B 279 79.96 29.21 -65.85
N ASN B 280 78.91 29.50 -65.09
CA ASN B 280 77.54 29.03 -65.34
C ASN B 280 77.45 27.50 -65.29
N ASN B 281 78.24 26.90 -64.40
CA ASN B 281 78.21 25.48 -64.01
C ASN B 281 78.62 24.56 -65.16
N ASN B 282 79.09 25.08 -66.27
CA ASN B 282 79.33 24.18 -67.38
C ASN B 282 80.71 24.36 -68.00
N GLU B 283 81.18 25.59 -68.14
CA GLU B 283 82.57 25.78 -68.54
C GLU B 283 83.50 25.33 -67.43
N TRP B 284 83.16 25.70 -66.19
CA TRP B 284 83.96 25.38 -65.02
C TRP B 284 84.04 23.88 -64.78
N ALA B 285 83.03 23.13 -65.23
CA ALA B 285 83.03 21.68 -65.03
C ALA B 285 84.12 21.01 -65.87
N ARG B 286 84.19 21.33 -67.16
CA ARG B 286 85.18 20.69 -68.01
C ARG B 286 86.53 21.38 -67.98
N TYR B 287 86.57 22.63 -67.52
CA TYR B 287 87.84 23.27 -67.22
C TYR B 287 88.59 22.52 -66.14
N LEU B 288 87.88 22.08 -65.10
CA LEU B 288 88.49 21.27 -64.06
C LEU B 288 88.84 19.87 -64.54
N TYR B 289 88.24 19.41 -65.64
CA TYR B 289 88.67 18.15 -66.21
C TYR B 289 90.03 18.27 -66.87
N TYR B 290 90.24 19.34 -67.64
CA TYR B 290 91.48 19.45 -68.38
C TYR B 290 92.66 19.76 -67.47
N THR B 291 92.45 20.59 -66.46
CA THR B 291 93.55 20.86 -65.53
C THR B 291 93.78 19.70 -64.58
N GLY B 292 92.80 18.82 -64.39
CA GLY B 292 93.06 17.60 -63.65
C GLY B 292 93.87 16.62 -64.46
N ARG B 293 93.68 16.63 -65.78
CA ARG B 293 94.52 15.85 -66.68
C ARG B 293 95.97 16.31 -66.62
N ILE B 294 96.19 17.60 -66.43
CA ILE B 294 97.54 18.14 -66.40
C ILE B 294 98.23 17.79 -65.10
N LYS B 295 97.57 18.02 -63.97
CA LYS B 295 98.20 17.78 -62.69
C LYS B 295 98.38 16.29 -62.37
N ALA B 296 97.69 15.42 -63.10
CA ALA B 296 97.93 13.99 -62.96
C ALA B 296 99.20 13.54 -63.67
N ILE B 297 99.56 14.19 -64.77
CA ILE B 297 100.70 13.69 -65.54
C ILE B 297 102.01 14.23 -64.99
N GLN B 298 102.00 15.35 -64.26
CA GLN B 298 103.18 15.83 -63.56
C GLN B 298 103.16 15.43 -62.09
N LEU B 299 102.62 14.26 -61.79
CA LEU B 299 102.76 13.52 -60.54
C LEU B 299 102.16 14.19 -59.32
N GLU B 300 101.46 15.32 -59.48
CA GLU B 300 100.75 15.95 -58.37
C GLU B 300 99.43 15.22 -58.21
N TYR B 301 99.49 14.05 -57.58
CA TYR B 301 98.37 13.11 -57.60
C TYR B 301 97.23 13.55 -56.71
N SER B 302 97.53 14.01 -55.49
CA SER B 302 96.48 14.24 -54.50
C SER B 302 95.68 15.49 -54.84
N GLU B 303 96.32 16.51 -55.41
CA GLU B 303 95.56 17.67 -55.86
C GLU B 303 94.77 17.34 -57.12
N ALA B 304 95.27 16.42 -57.94
CA ALA B 304 94.58 16.09 -59.19
C ALA B 304 93.29 15.34 -58.93
N ARG B 305 93.32 14.33 -58.05
CA ARG B 305 92.15 13.49 -57.84
C ARG B 305 91.02 14.26 -57.16
N ARG B 306 91.34 15.28 -56.38
CA ARG B 306 90.29 16.01 -55.69
C ARG B 306 89.64 17.05 -56.60
N THR B 307 90.36 17.55 -57.60
CA THR B 307 89.70 18.40 -58.57
C THR B 307 89.10 17.60 -59.72
N MET B 308 89.57 16.37 -59.93
CA MET B 308 88.82 15.45 -60.77
C MET B 308 87.52 15.03 -60.10
N THR B 309 87.54 14.89 -58.76
CA THR B 309 86.33 14.61 -58.02
C THR B 309 85.37 15.79 -58.09
N ASN B 310 85.91 17.00 -58.03
CA ASN B 310 85.09 18.20 -58.14
C ASN B 310 84.50 18.32 -59.53
N ALA B 311 85.24 17.88 -60.55
CA ALA B 311 84.73 17.96 -61.92
C ALA B 311 83.66 16.90 -62.18
N LEU B 312 83.78 15.75 -61.54
CA LEU B 312 82.83 14.66 -61.76
C LEU B 312 81.46 14.99 -61.18
N ARG B 313 81.43 15.56 -59.98
CA ARG B 313 80.18 15.86 -59.31
C ARG B 313 79.62 17.22 -59.69
N LYS B 314 80.15 17.87 -60.72
CA LYS B 314 79.69 19.22 -61.02
C LYS B 314 78.69 19.27 -62.15
N ALA B 315 78.85 18.47 -63.20
CA ALA B 315 77.82 18.34 -64.24
C ALA B 315 77.50 16.87 -64.49
N PRO B 316 76.65 16.25 -63.63
CA PRO B 316 76.19 14.89 -63.94
C PRO B 316 74.84 14.88 -64.61
N GLN B 317 74.24 16.07 -64.76
CA GLN B 317 72.87 16.21 -65.23
C GLN B 317 72.85 16.03 -66.74
N HIS B 318 72.99 14.77 -67.15
CA HIS B 318 73.11 14.40 -68.56
C HIS B 318 72.46 13.04 -68.74
N THR B 319 72.58 12.50 -69.96
CA THR B 319 71.98 11.23 -70.33
C THR B 319 73.02 10.38 -71.08
N ALA B 320 73.81 9.60 -70.32
CA ALA B 320 74.82 8.66 -70.84
C ALA B 320 75.81 9.35 -71.79
N VAL B 321 76.41 10.43 -71.29
CA VAL B 321 76.84 11.49 -72.19
C VAL B 321 78.23 11.21 -72.77
N GLY B 322 79.04 10.37 -72.13
CA GLY B 322 80.29 9.93 -72.68
C GLY B 322 81.51 10.64 -72.14
N PHE B 323 81.45 11.95 -71.91
CA PHE B 323 82.56 12.57 -71.21
C PHE B 323 82.48 12.33 -69.72
N LYS B 324 81.27 12.10 -69.21
CA LYS B 324 81.14 11.56 -67.86
C LYS B 324 81.75 10.16 -67.78
N GLN B 325 81.69 9.41 -68.89
CA GLN B 325 82.40 8.14 -68.96
C GLN B 325 83.90 8.34 -69.01
N THR B 326 84.36 9.54 -69.36
CA THR B 326 85.78 9.78 -69.49
C THR B 326 86.39 10.25 -68.17
N VAL B 327 85.71 11.17 -67.48
CA VAL B 327 86.20 11.67 -66.19
C VAL B 327 86.13 10.58 -65.13
N HIS B 328 85.13 9.70 -65.22
CA HIS B 328 85.06 8.54 -64.34
C HIS B 328 86.15 7.53 -64.65
N LYS B 329 86.67 7.56 -65.88
CA LYS B 329 87.71 6.61 -66.26
C LYS B 329 89.07 7.02 -65.74
N LEU B 330 89.35 8.32 -65.71
CA LEU B 330 90.65 8.78 -65.26
C LEU B 330 90.75 8.79 -63.74
N LEU B 331 89.64 9.06 -63.06
CA LEU B 331 89.67 9.26 -61.61
C LEU B 331 89.94 7.96 -60.86
N ILE B 332 89.53 6.83 -61.42
CA ILE B 332 89.81 5.57 -60.76
C ILE B 332 91.28 5.21 -60.93
N VAL B 333 91.92 5.72 -61.98
CA VAL B 333 93.34 5.43 -62.20
C VAL B 333 94.19 6.17 -61.20
N VAL B 334 93.90 7.46 -60.99
CA VAL B 334 94.74 8.26 -60.09
C VAL B 334 94.54 7.90 -58.63
N GLU B 335 93.41 7.28 -58.29
CA GLU B 335 93.26 6.76 -56.95
C GLU B 335 93.89 5.38 -56.82
N LEU B 336 93.96 4.64 -57.92
CA LEU B 336 94.86 3.49 -57.96
C LEU B 336 96.32 3.91 -58.00
N LEU B 337 96.61 5.18 -58.24
CA LEU B 337 97.93 5.72 -57.97
C LEU B 337 98.07 6.20 -56.53
N LEU B 338 97.04 6.02 -55.70
CA LEU B 338 97.10 6.36 -54.30
C LEU B 338 96.67 5.21 -53.38
N GLY B 339 96.31 4.07 -53.94
CA GLY B 339 96.03 2.88 -53.15
C GLY B 339 94.56 2.58 -52.94
N GLU B 340 93.78 3.61 -52.66
CA GLU B 340 92.36 3.43 -52.40
C GLU B 340 91.59 3.25 -53.71
N ILE B 341 90.44 2.58 -53.62
CA ILE B 341 89.56 2.39 -54.77
C ILE B 341 88.12 2.23 -54.32
N PRO B 342 87.19 3.00 -54.87
CA PRO B 342 85.77 2.82 -54.52
C PRO B 342 85.03 1.88 -55.45
N ASP B 343 83.73 1.72 -55.21
CA ASP B 343 82.82 1.12 -56.18
C ASP B 343 82.66 2.08 -57.35
N ARG B 344 82.67 1.52 -58.56
CA ARG B 344 82.60 2.33 -59.78
C ARG B 344 81.45 1.98 -60.71
N LEU B 345 81.16 0.70 -60.94
CA LEU B 345 80.25 0.31 -62.01
C LEU B 345 78.80 0.19 -61.55
N GLN B 346 78.45 0.78 -60.43
CA GLN B 346 77.11 0.63 -59.87
C GLN B 346 76.06 1.49 -60.57
N PHE B 347 76.41 2.18 -61.65
CA PHE B 347 75.49 3.02 -62.40
C PHE B 347 75.57 2.67 -63.88
N ARG B 348 75.43 1.38 -64.19
CA ARG B 348 75.78 0.87 -65.52
C ARG B 348 74.85 1.42 -66.60
N GLN B 349 75.45 1.74 -67.74
CA GLN B 349 74.87 2.52 -68.81
C GLN B 349 74.74 1.66 -70.06
N PRO B 350 74.08 2.11 -71.13
CA PRO B 350 74.21 1.39 -72.41
C PRO B 350 75.59 1.47 -73.04
N SER B 351 76.46 2.36 -72.55
CA SER B 351 77.81 2.47 -73.08
C SER B 351 78.90 2.13 -72.06
N LEU B 352 78.59 2.11 -70.77
CA LEU B 352 79.55 1.80 -69.72
C LEU B 352 79.96 0.33 -69.71
N LYS B 353 79.19 -0.53 -70.38
CA LYS B 353 79.52 -1.95 -70.52
C LYS B 353 80.88 -2.15 -71.17
N ARG B 354 81.23 -1.28 -72.12
CA ARG B 354 82.54 -1.37 -72.76
C ARG B 354 83.65 -0.87 -71.84
N SER B 355 83.36 0.10 -70.97
CA SER B 355 84.39 0.75 -70.18
C SER B 355 84.45 0.25 -68.73
N LEU B 356 83.52 -0.60 -68.31
CA LEU B 356 83.62 -1.16 -66.98
C LEU B 356 84.51 -2.40 -66.97
N MET B 357 84.40 -3.23 -68.01
CA MET B 357 85.11 -4.51 -68.08
C MET B 357 86.63 -4.42 -68.03
N PRO B 358 87.31 -3.44 -68.64
CA PRO B 358 88.76 -3.37 -68.39
C PRO B 358 89.11 -2.92 -66.98
N TYR B 359 88.51 -1.83 -66.53
CA TYR B 359 89.02 -1.15 -65.35
C TYR B 359 88.59 -1.83 -64.06
N PHE B 360 87.42 -2.46 -64.05
CA PHE B 360 87.04 -3.26 -62.90
C PHE B 360 87.89 -4.51 -62.80
N LEU B 361 88.21 -5.12 -63.94
CA LEU B 361 89.08 -6.29 -63.90
C LEU B 361 90.54 -5.86 -63.69
N LEU B 362 90.84 -4.59 -63.98
CA LEU B 362 92.16 -4.04 -63.67
C LEU B 362 92.37 -3.95 -62.17
N THR B 363 91.50 -3.21 -61.48
CA THR B 363 91.63 -3.02 -60.04
C THR B 363 91.35 -4.30 -59.27
N GLN B 364 90.74 -5.29 -59.92
CA GLN B 364 90.67 -6.64 -59.37
C GLN B 364 92.07 -7.21 -59.18
N ALA B 365 92.95 -6.99 -60.15
CA ALA B 365 94.31 -7.47 -60.04
C ALA B 365 95.17 -6.56 -59.17
N VAL B 366 94.80 -5.27 -59.07
CA VAL B 366 95.58 -4.33 -58.28
C VAL B 366 95.45 -4.63 -56.79
N ARG B 367 94.23 -4.94 -56.34
CA ARG B 367 94.01 -5.24 -54.93
C ARG B 367 94.68 -6.54 -54.52
N THR B 368 94.73 -7.51 -55.43
CA THR B 368 95.52 -8.71 -55.20
C THR B 368 97.00 -8.39 -55.42
N GLY B 369 97.86 -9.31 -55.00
CA GLY B 369 99.28 -9.15 -55.17
C GLY B 369 99.80 -9.83 -56.41
N ASN B 370 98.92 -10.09 -57.37
CA ASN B 370 99.28 -10.83 -58.55
C ASN B 370 99.80 -9.90 -59.65
N LEU B 371 100.75 -10.41 -60.41
CA LEU B 371 101.38 -9.67 -61.49
C LEU B 371 101.30 -10.37 -62.84
N ALA B 372 101.36 -11.70 -62.85
CA ALA B 372 101.22 -12.43 -64.11
C ALA B 372 99.80 -12.32 -64.65
N LYS B 373 98.83 -12.16 -63.75
CA LYS B 373 97.49 -11.77 -64.18
C LYS B 373 97.48 -10.33 -64.65
N PHE B 374 98.24 -9.46 -63.98
CA PHE B 374 98.24 -8.04 -64.33
C PHE B 374 98.83 -7.80 -65.71
N ASN B 375 99.89 -8.53 -66.06
CA ASN B 375 100.44 -8.41 -67.40
C ASN B 375 99.53 -9.07 -68.43
N GLN B 376 98.73 -10.06 -68.00
CA GLN B 376 97.73 -10.64 -68.89
C GLN B 376 96.63 -9.65 -69.21
N VAL B 377 96.31 -8.76 -68.26
CA VAL B 377 95.36 -7.69 -68.52
C VAL B 377 95.92 -6.72 -69.55
N LEU B 378 97.23 -6.45 -69.46
CA LEU B 378 97.86 -5.49 -70.35
C LEU B 378 97.89 -6.02 -71.78
N ASP B 379 98.14 -7.31 -71.96
CA ASP B 379 98.12 -7.88 -73.30
C ASP B 379 96.70 -8.04 -73.81
N GLN B 380 95.73 -8.22 -72.90
CA GLN B 380 94.34 -8.36 -73.33
C GLN B 380 93.75 -7.02 -73.75
N PHE B 381 93.97 -5.98 -72.95
CA PHE B 381 93.25 -4.72 -73.09
C PHE B 381 94.17 -3.54 -73.33
N GLY B 382 95.36 -3.78 -73.90
CA GLY B 382 96.24 -2.68 -74.24
C GLY B 382 95.72 -1.77 -75.32
N GLU B 383 94.95 -2.31 -76.26
CA GLU B 383 94.43 -1.51 -77.37
C GLU B 383 93.44 -0.46 -76.89
N LYS B 384 92.60 -0.82 -75.92
CA LYS B 384 91.68 0.14 -75.34
C LYS B 384 92.41 1.17 -74.48
N PHE B 385 93.44 0.72 -73.76
CA PHE B 385 94.27 1.63 -72.96
C PHE B 385 95.01 2.61 -73.85
N GLN B 386 95.46 2.14 -75.01
CA GLN B 386 96.08 3.04 -75.97
C GLN B 386 95.05 3.94 -76.63
N ALA B 387 93.81 3.47 -76.75
CA ALA B 387 92.77 4.30 -77.35
C ALA B 387 92.30 5.38 -76.39
N ASP B 388 92.37 5.12 -75.09
CA ASP B 388 91.84 6.07 -74.11
C ASP B 388 92.82 7.19 -73.78
N GLY B 389 94.03 7.16 -74.31
CA GLY B 389 95.00 8.19 -73.99
C GLY B 389 95.65 8.00 -72.64
N THR B 390 95.86 6.74 -72.25
CA THR B 390 96.46 6.39 -70.97
C THR B 390 97.51 5.30 -71.16
N TYR B 391 98.46 5.56 -72.06
CA TYR B 391 99.68 4.75 -72.17
C TYR B 391 100.38 4.64 -70.83
N THR B 392 100.42 5.75 -70.09
CA THR B 392 101.37 6.01 -69.03
C THR B 392 101.11 5.20 -67.76
N LEU B 393 100.01 4.44 -67.69
CA LEU B 393 99.67 3.74 -66.46
C LEU B 393 100.69 2.65 -66.12
N ILE B 394 101.25 2.00 -67.13
CA ILE B 394 102.12 0.85 -66.89
C ILE B 394 103.43 1.28 -66.22
N ILE B 395 103.87 2.51 -66.47
CA ILE B 395 105.09 2.95 -65.79
C ILE B 395 104.77 3.52 -64.40
N ARG B 396 103.52 3.92 -64.14
CA ARG B 396 103.22 4.59 -62.89
C ARG B 396 102.34 3.76 -61.95
N LEU B 397 101.56 2.80 -62.46
CA LEU B 397 100.73 2.00 -61.57
C LEU B 397 101.47 0.78 -61.02
N ARG B 398 102.58 0.38 -61.64
CA ARG B 398 103.39 -0.69 -61.05
C ARG B 398 104.09 -0.25 -59.78
N HIS B 399 104.22 1.06 -59.56
CA HIS B 399 104.63 1.62 -58.28
C HIS B 399 103.68 1.22 -57.16
N ASN B 400 102.38 1.49 -57.33
CA ASN B 400 101.38 1.27 -56.30
C ASN B 400 101.00 -0.20 -56.14
N VAL B 401 101.56 -1.10 -56.94
CA VAL B 401 101.33 -2.53 -56.73
C VAL B 401 101.92 -2.96 -55.39
N ILE B 402 103.09 -2.41 -55.05
CA ILE B 402 103.64 -2.67 -53.73
C ILE B 402 103.14 -1.65 -52.70
N LYS B 403 102.70 -0.47 -53.14
CA LYS B 403 102.31 0.57 -52.19
C LYS B 403 100.88 0.41 -51.72
N THR B 404 100.10 -0.48 -52.33
CA THR B 404 98.74 -0.71 -51.87
C THR B 404 98.72 -1.51 -50.58
N GLY B 405 99.46 -2.62 -50.56
CA GLY B 405 99.44 -3.47 -49.38
C GLY B 405 100.16 -2.87 -48.19
N VAL B 406 101.20 -2.09 -48.42
CA VAL B 406 101.93 -1.52 -47.29
C VAL B 406 101.13 -0.39 -46.67
N ARG B 407 100.27 0.27 -47.45
CA ARG B 407 99.29 1.17 -46.87
C ARG B 407 98.18 0.39 -46.17
N MET B 408 97.82 -0.77 -46.72
CA MET B 408 96.81 -1.62 -46.12
C MET B 408 97.28 -2.21 -44.80
N ILE B 409 98.55 -2.61 -44.73
CA ILE B 409 99.10 -3.18 -43.51
C ILE B 409 99.23 -2.10 -42.44
N SER B 410 99.80 -0.96 -42.80
CA SER B 410 99.96 0.15 -41.87
C SER B 410 98.64 0.77 -41.46
N LEU B 411 97.56 0.52 -42.19
CA LEU B 411 96.23 0.85 -41.72
C LEU B 411 95.69 -0.22 -40.79
N SER B 412 96.00 -1.49 -41.05
CA SER B 412 95.47 -2.58 -40.23
C SER B 412 96.25 -2.74 -38.95
N TYR B 413 97.53 -3.04 -39.06
CA TYR B 413 98.35 -3.29 -37.89
C TYR B 413 98.75 -1.99 -37.22
N SER B 414 99.34 -2.12 -36.04
CA SER B 414 99.77 -0.98 -35.26
C SER B 414 101.26 -0.96 -35.00
N ARG B 415 101.87 -2.13 -34.81
CA ARG B 415 103.29 -2.18 -34.48
C ARG B 415 103.82 -3.50 -35.03
N ILE B 416 104.29 -3.47 -36.26
CA ILE B 416 104.61 -4.67 -37.01
C ILE B 416 106.11 -4.90 -36.98
N SER B 417 106.50 -6.16 -36.96
CA SER B 417 107.90 -6.52 -37.16
C SER B 417 108.21 -6.48 -38.65
N LEU B 418 109.35 -5.88 -38.99
CA LEU B 418 109.71 -5.78 -40.40
C LEU B 418 110.16 -7.12 -40.96
N ALA B 419 110.52 -8.05 -40.08
CA ALA B 419 110.75 -9.42 -40.54
C ALA B 419 109.46 -10.06 -41.01
N ASP B 420 108.35 -9.75 -40.35
CA ASP B 420 107.08 -10.39 -40.69
C ASP B 420 106.44 -9.75 -41.90
N ILE B 421 106.74 -8.47 -42.16
CA ILE B 421 106.10 -7.76 -43.24
C ILE B 421 106.67 -8.18 -44.59
N ALA B 422 107.84 -8.82 -44.59
CA ALA B 422 108.43 -9.27 -45.85
C ALA B 422 107.66 -10.44 -46.44
N GLN B 423 107.21 -11.37 -45.60
CA GLN B 423 106.40 -12.46 -46.11
C GLN B 423 104.99 -12.00 -46.42
N LYS B 424 104.50 -11.01 -45.68
CA LYS B 424 103.13 -10.56 -45.88
C LYS B 424 103.02 -9.71 -47.13
N LEU B 425 104.09 -9.02 -47.51
CA LEU B 425 104.15 -8.32 -48.79
C LEU B 425 104.86 -9.15 -49.85
N GLN B 426 105.04 -10.46 -49.60
CA GLN B 426 105.79 -11.46 -50.38
C GLN B 426 107.10 -10.92 -50.96
N LEU B 427 107.82 -10.13 -50.15
CA LEU B 427 108.94 -9.35 -50.61
C LEU B 427 110.20 -10.18 -50.81
N ASP B 428 110.22 -11.39 -50.25
CA ASP B 428 111.24 -12.43 -50.43
C ASP B 428 112.60 -12.03 -49.84
N SER B 429 112.64 -10.96 -49.03
CA SER B 429 113.84 -10.48 -48.36
C SER B 429 113.45 -9.55 -47.22
N PRO B 430 113.94 -9.79 -46.01
CA PRO B 430 113.60 -8.90 -44.89
C PRO B 430 114.39 -7.61 -44.88
N GLU B 431 115.48 -7.53 -45.63
CA GLU B 431 116.41 -6.41 -45.48
C GLU B 431 115.98 -5.17 -46.26
N ASP B 432 115.32 -5.32 -47.41
CA ASP B 432 114.85 -4.15 -48.12
C ASP B 432 113.51 -3.67 -47.63
N ALA B 433 112.91 -4.39 -46.68
CA ALA B 433 111.66 -3.95 -46.06
C ALA B 433 111.86 -2.65 -45.28
N GLU B 434 113.10 -2.38 -44.85
CA GLU B 434 113.43 -1.03 -44.41
C GLU B 434 113.23 -0.02 -45.53
N PHE B 435 113.62 -0.37 -46.76
CA PHE B 435 113.70 0.62 -47.83
C PHE B 435 112.33 1.00 -48.36
N ILE B 436 111.42 0.03 -48.51
CA ILE B 436 110.07 0.34 -49.00
C ILE B 436 109.33 1.20 -47.98
N VAL B 437 109.41 0.82 -46.70
CA VAL B 437 108.79 1.60 -45.63
C VAL B 437 109.48 2.96 -45.49
N ALA B 438 110.78 3.02 -45.79
CA ALA B 438 111.44 4.33 -45.89
C ALA B 438 110.89 5.14 -47.05
N LYS B 439 110.61 4.48 -48.19
CA LYS B 439 110.01 5.19 -49.31
C LYS B 439 108.57 5.60 -49.01
N ALA B 440 107.89 4.82 -48.18
CA ALA B 440 106.50 5.14 -47.85
C ALA B 440 106.42 6.36 -46.95
N ILE B 441 107.31 6.46 -45.97
CA ILE B 441 107.22 7.54 -45.01
C ILE B 441 107.85 8.81 -45.55
N ARG B 442 108.93 8.69 -46.33
CA ARG B 442 109.55 9.87 -46.94
C ARG B 442 108.61 10.50 -47.97
N ASP B 443 107.89 9.67 -48.73
CA ASP B 443 106.86 10.19 -49.61
C ASP B 443 105.54 10.39 -48.90
N GLY B 444 105.41 9.96 -47.65
CA GLY B 444 104.22 10.25 -46.87
C GLY B 444 103.03 9.35 -47.13
N VAL B 445 103.26 8.05 -47.34
CA VAL B 445 102.15 7.10 -47.41
C VAL B 445 101.51 6.94 -46.03
N ILE B 446 102.33 6.59 -45.04
CA ILE B 446 101.86 6.45 -43.67
C ILE B 446 102.73 7.33 -42.78
N GLU B 447 102.13 7.82 -41.69
CA GLU B 447 102.79 8.65 -40.69
C GLU B 447 103.45 7.80 -39.61
N ALA B 448 103.77 6.54 -39.90
CA ALA B 448 104.37 5.65 -38.94
C ALA B 448 105.87 5.91 -38.85
N SER B 449 106.61 5.07 -38.10
CA SER B 449 108.04 5.23 -37.98
C SER B 449 108.69 3.88 -37.69
N ILE B 450 109.99 3.79 -38.00
CA ILE B 450 110.76 2.57 -37.86
C ILE B 450 111.69 2.74 -36.67
N ASN B 451 111.74 1.74 -35.82
CA ASN B 451 112.86 1.58 -34.90
C ASN B 451 113.86 0.69 -35.61
N HIS B 452 115.01 1.24 -35.99
CA HIS B 452 116.05 0.45 -36.63
C HIS B 452 116.91 -0.28 -35.62
N GLU B 453 116.30 -0.94 -34.66
CA GLU B 453 117.05 -1.69 -33.67
C GLU B 453 116.59 -3.13 -33.57
N LYS B 454 115.28 -3.37 -33.59
CA LYS B 454 114.79 -4.75 -33.48
C LYS B 454 113.55 -5.01 -34.33
N GLY B 455 113.30 -4.20 -35.35
CA GLY B 455 112.31 -4.53 -36.35
C GLY B 455 110.98 -3.81 -36.22
N TYR B 456 110.85 -2.89 -35.28
CA TYR B 456 109.58 -2.21 -35.05
C TYR B 456 109.26 -1.27 -36.19
N VAL B 457 108.03 -1.33 -36.67
CA VAL B 457 107.43 -0.25 -37.44
C VAL B 457 106.21 0.17 -36.65
N GLN B 458 106.38 1.18 -35.78
CA GLN B 458 105.33 1.59 -34.88
C GLN B 458 104.53 2.73 -35.50
N SER B 459 103.28 2.84 -35.10
CA SER B 459 102.33 3.75 -35.72
C SER B 459 102.32 5.09 -35.00
N LYS B 460 101.25 5.86 -35.22
CA LYS B 460 101.14 7.24 -34.77
C LYS B 460 100.81 7.32 -33.28
N GLU B 461 100.46 8.54 -32.84
CA GLU B 461 100.01 8.85 -31.50
C GLU B 461 98.51 8.57 -31.40
N MET B 462 97.96 8.71 -30.20
CA MET B 462 96.53 8.57 -29.94
C MET B 462 95.75 9.69 -30.63
N ILE B 463 94.53 9.35 -31.05
CA ILE B 463 93.68 10.27 -31.80
C ILE B 463 93.21 11.39 -30.88
N ASP B 464 93.52 12.64 -31.26
CA ASP B 464 93.25 13.80 -30.43
C ASP B 464 92.63 14.93 -31.27
N ILE B 465 91.63 14.59 -32.06
CA ILE B 465 91.24 15.49 -33.14
C ILE B 465 89.94 16.19 -32.73
N TYR B 466 89.82 16.49 -31.46
CA TYR B 466 88.77 17.39 -31.01
C TYR B 466 89.25 18.52 -30.12
N SER B 467 90.22 18.26 -29.24
CA SER B 467 90.72 19.28 -28.32
C SER B 467 92.05 19.84 -28.79
N THR B 468 92.29 19.85 -30.10
CA THR B 468 93.56 20.35 -30.61
C THR B 468 93.29 21.26 -31.82
N ARG B 469 92.32 22.15 -31.70
CA ARG B 469 92.10 23.32 -32.56
C ARG B 469 91.69 22.98 -34.00
N GLU B 470 91.79 21.71 -34.39
CA GLU B 470 91.41 21.21 -35.70
C GLU B 470 89.92 21.33 -36.04
N PRO B 471 88.96 21.15 -35.12
CA PRO B 471 87.56 21.46 -35.48
C PRO B 471 87.30 22.91 -35.81
N GLN B 472 88.14 23.84 -35.37
CA GLN B 472 87.94 25.24 -35.70
C GLN B 472 88.28 25.51 -37.16
N LEU B 473 89.22 24.77 -37.74
CA LEU B 473 89.64 25.02 -39.12
C LEU B 473 88.54 24.67 -40.10
N ALA B 474 87.94 23.49 -39.93
CA ALA B 474 86.82 23.11 -40.78
C ALA B 474 85.61 24.01 -40.53
N PHE B 475 85.41 24.44 -39.29
CA PHE B 475 84.28 25.33 -39.00
C PHE B 475 84.47 26.71 -39.60
N HIS B 476 85.71 27.13 -39.83
CA HIS B 476 85.94 28.41 -40.47
C HIS B 476 85.70 28.33 -41.97
N GLN B 477 85.99 27.17 -42.57
CA GLN B 477 85.72 26.99 -43.99
C GLN B 477 84.23 27.06 -44.26
N ARG B 478 83.42 26.53 -43.36
CA ARG B 478 81.99 26.48 -43.61
C ARG B 478 81.31 27.79 -43.27
N ILE B 479 81.91 28.61 -42.41
CA ILE B 479 81.46 29.99 -42.24
C ILE B 479 81.74 30.79 -43.50
N SER B 480 82.97 30.73 -43.98
CA SER B 480 83.44 31.58 -45.06
C SER B 480 82.78 31.25 -46.39
N PHE B 481 82.15 30.09 -46.50
CA PHE B 481 81.46 29.77 -47.74
C PHE B 481 79.96 30.02 -47.62
N CYS B 482 79.36 29.71 -46.47
CA CYS B 482 77.91 29.76 -46.37
C CYS B 482 77.38 31.19 -46.31
N LEU B 483 78.00 32.07 -45.52
CA LEU B 483 77.55 33.45 -45.54
C LEU B 483 78.04 34.18 -46.77
N ASP B 484 79.00 33.60 -47.50
CA ASP B 484 79.36 34.16 -48.80
C ASP B 484 78.27 33.90 -49.82
N ILE B 485 77.52 32.80 -49.66
CA ILE B 485 76.34 32.57 -50.47
C ILE B 485 75.28 33.61 -50.13
N HIS B 486 75.18 33.96 -48.85
CA HIS B 486 74.20 34.92 -48.37
C HIS B 486 74.38 36.28 -49.01
N ASN B 487 75.61 36.77 -49.03
CA ASN B 487 75.86 38.09 -49.57
C ASN B 487 75.75 38.10 -51.09
N MET B 488 76.13 36.99 -51.73
CA MET B 488 75.98 36.91 -53.18
C MET B 488 74.52 36.75 -53.57
N SER B 489 73.70 36.20 -52.69
CA SER B 489 72.29 36.02 -53.01
C SER B 489 71.54 37.34 -52.92
N VAL B 490 71.85 38.16 -51.92
CA VAL B 490 71.08 39.38 -51.68
C VAL B 490 71.34 40.40 -52.78
N LYS B 491 72.58 40.46 -53.27
CA LYS B 491 72.88 41.34 -54.39
C LYS B 491 72.26 40.83 -55.67
N ALA B 492 72.26 39.52 -55.87
CA ALA B 492 71.76 38.98 -57.13
C ALA B 492 70.24 38.93 -57.17
N MET B 493 69.58 39.04 -56.01
CA MET B 493 68.14 38.82 -56.06
C MET B 493 67.38 40.07 -56.47
N ARG B 494 67.76 41.23 -55.97
CA ARG B 494 66.97 42.42 -56.23
C ARG B 494 67.55 43.19 -57.38
N PHE B 495 67.05 42.91 -58.57
CA PHE B 495 67.31 43.82 -59.67
C PHE B 495 66.33 44.99 -59.73
N PRO B 496 65.00 44.83 -59.52
CA PRO B 496 64.26 46.09 -59.62
C PRO B 496 64.26 46.88 -58.33
N MET C 1 25.49 6.31 71.66
CA MET C 1 25.32 4.86 71.67
C MET C 1 26.66 4.15 71.62
N ALA C 2 27.61 4.72 70.88
CA ALA C 2 28.95 4.14 70.76
C ALA C 2 29.85 4.48 71.93
N ASP C 3 29.36 5.22 72.94
CA ASP C 3 30.12 5.41 74.16
C ASP C 3 30.24 4.11 74.96
N GLY C 4 29.30 3.19 74.79
CA GLY C 4 29.50 1.83 75.27
C GLY C 4 30.64 1.15 74.56
N GLY C 5 30.79 1.39 73.26
CA GLY C 5 31.97 0.93 72.55
C GLY C 5 33.22 1.68 72.94
N SER C 6 33.08 2.91 73.43
CA SER C 6 34.24 3.63 73.96
C SER C 6 34.67 3.06 75.30
N GLU C 7 33.72 2.66 76.15
CA GLU C 7 34.10 1.99 77.39
C GLU C 7 34.38 0.51 77.18
N ARG C 8 33.96 -0.05 76.04
CA ARG C 8 34.58 -1.29 75.56
C ARG C 8 36.03 -1.06 75.20
N ALA C 9 36.32 0.06 74.54
CA ALA C 9 37.69 0.40 74.18
C ALA C 9 38.50 0.76 75.41
N ASP C 10 37.84 1.25 76.46
CA ASP C 10 38.52 1.46 77.74
C ASP C 10 38.87 0.11 78.38
N GLY C 11 38.03 -0.89 78.16
CA GLY C 11 38.23 -2.17 78.83
C GLY C 11 39.35 -2.99 78.24
N ARG C 12 39.49 -2.97 76.91
CA ARG C 12 40.44 -3.88 76.28
C ARG C 12 41.89 -3.38 76.38
N ILE C 13 42.13 -2.09 76.13
CA ILE C 13 43.50 -1.61 75.98
C ILE C 13 44.28 -1.61 77.29
N VAL C 14 43.58 -1.74 78.42
CA VAL C 14 44.25 -2.01 79.69
C VAL C 14 44.38 -3.50 79.93
N LYS C 15 43.35 -4.28 79.56
CA LYS C 15 43.26 -5.68 79.93
C LYS C 15 43.58 -6.63 78.79
N MET C 16 44.54 -6.28 77.93
CA MET C 16 45.02 -7.24 76.93
C MET C 16 45.85 -8.34 77.59
N GLU C 17 46.58 -7.99 78.64
CA GLU C 17 47.38 -8.94 79.40
C GLU C 17 46.67 -9.43 80.65
N VAL C 18 45.86 -8.58 81.27
CA VAL C 18 45.10 -8.98 82.45
C VAL C 18 44.03 -10.00 82.08
N ASP C 19 43.34 -9.78 80.98
CA ASP C 19 42.35 -10.72 80.47
C ASP C 19 42.93 -11.46 79.28
N TYR C 20 42.31 -12.60 78.96
CA TYR C 20 42.80 -13.43 77.86
C TYR C 20 42.43 -12.81 76.52
N SER C 21 43.21 -13.17 75.49
CA SER C 21 43.09 -12.52 74.18
C SER C 21 41.82 -12.94 73.46
N ALA C 22 41.32 -14.15 73.69
CA ALA C 22 40.08 -14.55 73.03
C ALA C 22 38.86 -13.86 73.61
N THR C 23 38.98 -13.26 74.80
CA THR C 23 37.91 -12.43 75.33
C THR C 23 37.74 -11.15 74.53
N VAL C 24 38.82 -10.67 73.91
CA VAL C 24 38.71 -9.57 72.96
C VAL C 24 37.93 -10.02 71.73
N ASP C 25 38.13 -11.28 71.33
CA ASP C 25 37.31 -11.90 70.30
C ASP C 25 35.92 -12.27 70.81
N GLN C 26 35.71 -12.23 72.13
CA GLN C 26 34.37 -12.33 72.66
C GLN C 26 33.67 -10.97 72.70
N ARG C 27 34.45 -9.89 72.66
CA ARG C 27 33.89 -8.56 72.50
C ARG C 27 33.76 -8.19 71.03
N LEU C 28 34.32 -9.03 70.15
CA LEU C 28 34.24 -8.85 68.70
C LEU C 28 32.82 -8.75 68.12
N PRO C 29 31.87 -9.68 68.34
CA PRO C 29 30.60 -9.59 67.59
C PRO C 29 29.70 -8.46 68.05
N GLU C 30 29.87 -7.96 69.27
CA GLU C 30 29.06 -6.84 69.73
C GLU C 30 29.43 -5.57 68.99
N CYS C 31 30.72 -5.28 68.88
CA CYS C 31 31.18 -4.18 68.03
C CYS C 31 30.91 -4.45 66.56
N ALA C 32 30.87 -5.72 66.16
CA ALA C 32 30.50 -6.04 64.79
C ALA C 32 29.02 -5.80 64.55
N LYS C 33 28.19 -6.02 65.57
CA LYS C 33 26.79 -5.63 65.46
C LYS C 33 26.62 -4.13 65.56
N LEU C 34 27.54 -3.44 66.25
CA LEU C 34 27.57 -1.99 66.17
C LEU C 34 27.96 -1.53 64.77
N ALA C 35 28.87 -2.28 64.13
CA ALA C 35 29.29 -1.96 62.77
C ALA C 35 28.17 -2.16 61.77
N LYS C 36 27.21 -3.05 62.09
CA LYS C 36 25.97 -3.07 61.33
C LYS C 36 25.22 -1.76 61.44
N GLU C 37 25.14 -1.22 62.66
CA GLU C 37 24.18 -0.18 63.00
C GLU C 37 24.39 1.12 62.24
N GLY C 38 25.46 1.85 62.58
CA GLY C 38 25.87 3.11 61.96
C GLY C 38 24.80 4.11 61.54
N ARG C 39 23.76 4.33 62.36
CA ARG C 39 22.51 4.85 61.83
C ARG C 39 22.57 6.34 61.50
N LEU C 40 22.57 7.19 62.53
CA LEU C 40 22.34 8.62 62.29
C LEU C 40 23.44 9.51 62.85
N GLN C 41 23.67 9.48 64.17
CA GLN C 41 24.56 10.44 64.82
C GLN C 41 25.45 9.88 65.90
N GLU C 42 25.12 8.75 66.53
CA GLU C 42 25.75 8.32 67.77
C GLU C 42 26.59 7.06 67.65
N VAL C 43 26.18 6.08 66.84
CA VAL C 43 26.90 4.82 66.73
C VAL C 43 27.38 4.70 65.27
N ILE C 44 27.69 5.84 64.66
CA ILE C 44 27.87 5.93 63.22
C ILE C 44 29.29 5.50 62.86
N GLU C 45 29.49 5.20 61.57
CA GLU C 45 30.70 4.77 60.87
C GLU C 45 32.00 5.38 61.37
N THR C 46 31.99 6.70 61.59
CA THR C 46 33.18 7.40 62.06
C THR C 46 33.61 6.90 63.43
N LEU C 47 32.66 6.68 64.33
CA LEU C 47 33.01 6.07 65.60
C LEU C 47 33.22 4.57 65.47
N LEU C 48 32.59 3.93 64.48
CA LEU C 48 32.74 2.49 64.29
C LEU C 48 34.14 2.12 63.86
N SER C 49 34.76 2.98 63.04
CA SER C 49 36.14 2.78 62.65
C SER C 49 37.09 2.89 63.82
N LEU C 50 36.70 3.64 64.86
CA LEU C 50 37.58 3.85 66.01
C LEU C 50 37.70 2.61 66.87
N GLU C 51 36.61 1.84 67.04
CA GLU C 51 36.74 0.61 67.80
C GLU C 51 37.52 -0.43 67.01
N LYS C 52 37.47 -0.34 65.69
CA LYS C 52 38.31 -1.20 64.87
C LYS C 52 39.76 -0.72 64.91
N GLN C 53 39.95 0.59 65.09
CA GLN C 53 41.27 1.14 65.27
C GLN C 53 41.88 0.71 66.60
N THR C 54 41.06 0.51 67.62
CA THR C 54 41.59 0.13 68.92
C THR C 54 41.95 -1.35 68.96
N ARG C 55 41.13 -2.21 68.35
CA ARG C 55 41.41 -3.64 68.41
C ARG C 55 42.59 -4.02 67.54
N THR C 56 42.79 -3.33 66.43
CA THR C 56 43.98 -3.59 65.63
C THR C 56 45.23 -3.10 66.31
N ALA C 57 45.15 -1.99 67.05
CA ALA C 57 46.29 -1.52 67.81
C ALA C 57 46.58 -2.44 68.99
N SER C 58 45.53 -2.95 69.64
CA SER C 58 45.73 -3.85 70.76
C SER C 58 46.24 -5.21 70.29
N ASP C 59 45.87 -5.62 69.07
CA ASP C 59 46.42 -6.84 68.52
C ASP C 59 47.90 -6.69 68.16
N MET C 60 48.30 -5.50 67.69
CA MET C 60 49.70 -5.29 67.34
C MET C 60 50.58 -5.18 68.59
N VAL C 61 49.98 -4.86 69.74
CA VAL C 61 50.72 -4.97 70.99
C VAL C 61 50.97 -6.43 71.33
N SER C 62 49.94 -7.28 71.18
CA SER C 62 50.07 -8.69 71.48
C SER C 62 50.93 -9.39 70.44
N THR C 63 50.67 -9.13 69.16
CA THR C 63 51.41 -9.72 68.07
C THR C 63 52.64 -8.91 67.70
N SER C 64 53.12 -8.04 68.59
CA SER C 64 54.43 -7.41 68.45
C SER C 64 55.55 -8.44 68.47
N ARG C 65 55.32 -9.56 69.15
CA ARG C 65 56.25 -10.68 69.14
C ARG C 65 56.13 -11.45 67.83
N ILE C 66 56.87 -12.55 67.71
CA ILE C 66 56.79 -13.41 66.53
C ILE C 66 55.49 -14.19 66.45
N LEU C 67 54.70 -14.22 67.53
CA LEU C 67 53.36 -14.80 67.48
C LEU C 67 52.46 -13.76 66.83
N VAL C 68 52.46 -13.77 65.49
CA VAL C 68 51.69 -12.82 64.71
C VAL C 68 50.37 -13.43 64.24
N ALA C 69 50.23 -14.75 64.36
CA ALA C 69 49.09 -15.49 63.82
C ALA C 69 47.77 -15.19 64.51
N VAL C 70 47.74 -14.36 65.55
CA VAL C 70 46.47 -13.89 66.08
C VAL C 70 45.88 -12.81 65.18
N VAL C 71 46.66 -11.75 64.89
CA VAL C 71 46.10 -10.56 64.23
C VAL C 71 45.73 -10.85 62.78
N LYS C 72 46.45 -11.76 62.12
CA LYS C 72 46.13 -12.07 60.74
C LYS C 72 44.90 -12.95 60.66
N MET C 73 44.83 -13.97 61.50
CA MET C 73 43.74 -14.94 61.41
C MET C 73 42.45 -14.37 61.96
N CYS C 74 42.54 -13.49 62.97
CA CYS C 74 41.32 -12.90 63.51
C CYS C 74 40.72 -11.89 62.55
N TYR C 75 41.56 -11.13 61.86
CA TYR C 75 41.06 -10.07 60.98
C TYR C 75 40.40 -10.65 59.75
N GLU C 76 41.01 -11.69 59.16
CA GLU C 76 40.41 -12.34 58.01
C GLU C 76 39.10 -13.03 58.39
N ALA C 77 39.08 -13.70 59.54
CA ALA C 77 37.85 -14.34 60.01
C ALA C 77 36.82 -13.31 60.46
N LYS C 78 37.27 -12.10 60.79
CA LYS C 78 36.34 -11.01 61.07
C LYS C 78 35.61 -10.60 59.80
N GLU C 79 36.38 -10.23 58.77
CA GLU C 79 35.82 -9.67 57.54
C GLU C 79 35.04 -10.73 56.76
N TRP C 80 35.46 -11.99 56.87
CA TRP C 80 34.67 -13.08 56.33
C TRP C 80 33.31 -13.19 57.02
N ASP C 81 33.31 -13.21 58.37
CA ASP C 81 32.09 -13.45 59.14
C ASP C 81 31.09 -12.30 59.03
N LEU C 82 31.56 -11.06 58.96
CA LEU C 82 30.63 -9.94 58.94
C LEU C 82 30.06 -9.75 57.53
N LEU C 83 30.73 -10.34 56.53
CA LEU C 83 30.07 -10.65 55.26
C LEU C 83 29.11 -11.82 55.43
N ASN C 84 29.46 -12.78 56.29
CA ASN C 84 28.78 -14.07 56.27
C ASN C 84 27.54 -14.09 57.17
N GLU C 85 27.30 -13.01 57.92
CA GLU C 85 26.02 -12.80 58.56
C GLU C 85 25.05 -12.11 57.61
N ASN C 86 25.46 -11.93 56.35
CA ASN C 86 24.80 -11.06 55.40
C ASN C 86 25.04 -11.66 54.01
N ILE C 87 24.97 -10.81 53.01
CA ILE C 87 25.26 -11.11 51.61
C ILE C 87 26.40 -10.18 51.20
N MET C 88 26.43 -9.78 49.92
CA MET C 88 27.47 -9.01 49.22
C MET C 88 28.54 -8.19 49.95
N LEU C 89 28.22 -7.01 50.51
CA LEU C 89 29.32 -6.05 50.80
C LEU C 89 29.28 -5.59 52.26
N LEU C 90 30.45 -5.68 52.92
CA LEU C 90 30.63 -5.89 54.36
C LEU C 90 29.76 -5.11 55.35
N SER C 91 29.99 -3.81 55.47
CA SER C 91 29.03 -2.92 56.12
C SER C 91 28.96 -1.56 55.47
N LYS C 92 30.05 -1.11 54.86
CA LYS C 92 30.24 0.16 54.19
C LYS C 92 31.60 0.05 53.53
N ARG C 93 31.75 0.66 52.35
CA ARG C 93 32.96 0.46 51.57
C ARG C 93 34.16 1.19 52.18
N ARG C 94 33.89 2.24 52.95
CA ARG C 94 34.97 3.14 53.32
C ARG C 94 35.79 2.66 54.53
N SER C 95 35.17 2.58 55.70
CA SER C 95 35.93 2.75 56.92
C SER C 95 36.58 1.46 57.40
N GLN C 96 35.77 0.41 57.60
CA GLN C 96 36.16 -0.72 58.42
C GLN C 96 37.29 -1.51 57.78
N LEU C 97 37.38 -1.47 56.46
CA LEU C 97 38.53 -2.05 55.78
C LEU C 97 39.68 -1.06 55.73
N LYS C 98 39.47 0.03 55.00
CA LYS C 98 40.59 0.77 54.46
C LYS C 98 41.23 1.71 55.48
N GLN C 99 40.48 2.12 56.51
CA GLN C 99 41.14 2.83 57.60
C GLN C 99 41.94 1.87 58.48
N ALA C 100 41.47 0.62 58.58
CA ALA C 100 42.23 -0.37 59.34
C ALA C 100 43.46 -0.82 58.57
N VAL C 101 43.34 -0.99 57.24
CA VAL C 101 44.46 -1.43 56.42
C VAL C 101 45.49 -0.31 56.26
N ALA C 102 45.04 0.95 56.33
CA ALA C 102 45.98 2.07 56.39
C ALA C 102 46.81 2.01 57.66
N LYS C 103 46.24 1.49 58.75
CA LYS C 103 47.01 1.29 59.95
C LYS C 103 47.86 0.02 59.85
N MET C 104 47.40 -0.98 59.10
CA MET C 104 48.18 -2.21 58.93
C MET C 104 49.52 -1.93 58.26
N VAL C 105 49.49 -1.19 57.15
CA VAL C 105 50.74 -0.79 56.51
C VAL C 105 51.48 0.27 57.31
N GLN C 106 50.77 0.99 58.19
CA GLN C 106 51.46 1.88 59.12
C GLN C 106 52.20 1.09 60.18
N GLN C 107 51.55 0.06 60.75
CA GLN C 107 52.24 -0.84 61.66
C GLN C 107 53.30 -1.65 60.94
N CYS C 108 53.04 -2.03 59.67
CA CYS C 108 54.07 -2.69 58.89
C CYS C 108 55.21 -1.75 58.54
N CYS C 109 54.96 -0.45 58.50
CA CYS C 109 56.06 0.49 58.29
C CYS C 109 56.95 0.57 59.52
N THR C 110 56.40 0.28 60.70
CA THR C 110 57.19 0.35 61.92
C THR C 110 58.03 -0.90 62.12
N TYR C 111 57.44 -2.08 61.97
CA TYR C 111 58.14 -3.32 62.30
C TYR C 111 58.96 -3.86 61.14
N VAL C 112 59.02 -3.19 60.00
CA VAL C 112 59.80 -3.71 58.88
C VAL C 112 61.29 -3.56 59.15
N GLU C 113 61.68 -2.54 59.92
CA GLU C 113 63.08 -2.27 60.19
C GLU C 113 63.69 -3.25 61.19
N GLU C 114 62.87 -3.98 61.94
CA GLU C 114 63.39 -4.89 62.96
C GLU C 114 63.10 -6.34 62.64
N ILE C 115 61.86 -6.69 62.32
CA ILE C 115 61.44 -8.08 62.29
C ILE C 115 62.04 -8.77 61.07
N THR C 116 62.20 -10.09 61.17
CA THR C 116 62.82 -10.83 60.09
C THR C 116 61.84 -10.99 58.94
N ASP C 117 62.32 -11.61 57.87
CA ASP C 117 61.56 -11.67 56.62
C ASP C 117 60.29 -12.50 56.76
N LEU C 118 60.29 -13.49 57.66
CA LEU C 118 59.24 -14.50 57.65
C LEU C 118 57.88 -13.97 58.11
N PRO C 119 57.70 -13.43 59.33
CA PRO C 119 56.33 -13.08 59.72
C PRO C 119 55.83 -11.81 59.07
N ILE C 120 56.72 -11.00 58.49
CA ILE C 120 56.23 -9.85 57.74
C ILE C 120 55.81 -10.24 56.33
N LYS C 121 56.48 -11.22 55.71
CA LYS C 121 55.98 -11.63 54.41
C LYS C 121 54.78 -12.56 54.56
N LEU C 122 54.61 -13.17 55.73
CA LEU C 122 53.28 -13.69 56.08
C LEU C 122 52.29 -12.56 56.28
N ARG C 123 52.74 -11.44 56.84
CA ARG C 123 51.84 -10.32 57.06
C ARG C 123 51.53 -9.62 55.74
N LEU C 124 52.53 -9.48 54.88
CA LEU C 124 52.29 -8.83 53.60
C LEU C 124 51.46 -9.69 52.66
N ILE C 125 51.61 -11.01 52.73
CA ILE C 125 50.83 -11.84 51.82
C ILE C 125 49.38 -11.89 52.28
N ASP C 126 49.12 -11.73 53.57
CA ASP C 126 47.75 -11.79 54.05
C ASP C 126 47.04 -10.48 53.90
N THR C 127 47.75 -9.42 53.56
CA THR C 127 47.10 -8.25 53.00
C THR C 127 47.27 -8.17 51.48
N LEU C 128 48.11 -9.02 50.89
CA LEU C 128 47.96 -9.28 49.46
C LEU C 128 46.65 -9.99 49.19
N ARG C 129 46.43 -11.14 49.85
CA ARG C 129 45.33 -12.05 49.54
C ARG C 129 43.96 -11.46 49.87
N MET C 130 43.89 -10.36 50.60
CA MET C 130 42.61 -9.72 50.87
C MET C 130 42.29 -8.61 49.88
N VAL C 131 43.30 -8.02 49.25
CA VAL C 131 43.07 -7.00 48.25
C VAL C 131 43.38 -7.55 46.83
N THR C 132 43.47 -8.87 46.71
CA THR C 132 43.48 -9.50 45.39
C THR C 132 42.06 -9.78 44.89
N GLU C 133 41.20 -10.32 45.74
CA GLU C 133 39.85 -10.65 45.32
C GLU C 133 38.75 -9.97 46.13
N GLY C 134 38.99 -9.62 47.40
CA GLY C 134 37.90 -9.10 48.19
C GLY C 134 37.57 -7.63 48.07
N LYS C 135 38.36 -6.75 48.67
CA LYS C 135 37.97 -5.34 48.72
C LYS C 135 38.80 -4.47 47.77
N ILE C 136 38.76 -4.79 46.47
CA ILE C 136 39.88 -4.47 45.62
C ILE C 136 39.75 -3.16 44.84
N TYR C 137 38.57 -2.56 44.80
CA TYR C 137 38.38 -1.43 43.91
C TYR C 137 38.95 -0.17 44.57
N VAL C 138 38.86 0.95 43.86
CA VAL C 138 39.04 2.28 44.39
C VAL C 138 38.18 2.47 45.64
N GLU C 139 38.65 3.37 46.52
CA GLU C 139 38.44 3.36 47.97
C GLU C 139 38.96 2.07 48.61
N ILE C 140 40.30 1.92 48.67
CA ILE C 140 41.34 2.82 48.19
C ILE C 140 42.34 1.97 47.42
N GLU C 141 43.10 2.65 46.57
CA GLU C 141 44.04 2.02 45.66
C GLU C 141 45.48 2.26 46.03
N ARG C 142 45.82 3.45 46.51
CA ARG C 142 47.20 3.81 46.84
C ARG C 142 47.75 3.03 48.02
N ALA C 143 46.89 2.50 48.89
CA ALA C 143 47.38 1.73 50.02
C ALA C 143 48.02 0.43 49.61
N ARG C 144 47.52 -0.20 48.54
CA ARG C 144 48.16 -1.38 48.03
C ARG C 144 49.36 -1.03 47.16
N LEU C 145 49.34 0.16 46.54
CA LEU C 145 50.46 0.66 45.77
C LEU C 145 51.70 0.83 46.65
N THR C 146 51.53 1.49 47.79
CA THR C 146 52.64 1.63 48.71
C THR C 146 52.94 0.34 49.46
N LYS C 147 52.00 -0.61 49.46
CA LYS C 147 52.26 -1.91 50.06
C LYS C 147 53.11 -2.78 49.13
N THR C 148 52.77 -2.82 47.85
CA THR C 148 53.56 -3.59 46.91
C THR C 148 54.89 -2.93 46.58
N LEU C 149 55.02 -1.63 46.87
CA LEU C 149 56.33 -0.99 46.84
C LEU C 149 57.14 -1.38 48.07
N ALA C 150 56.45 -1.75 49.16
CA ALA C 150 57.15 -2.28 50.32
C ALA C 150 57.35 -3.79 50.23
N THR C 151 56.52 -4.47 49.42
CA THR C 151 56.67 -5.91 49.24
C THR C 151 57.94 -6.23 48.46
N ILE C 152 58.37 -5.31 47.60
CA ILE C 152 59.39 -5.61 46.62
C ILE C 152 60.80 -5.52 47.19
N LYS C 153 60.97 -4.92 48.34
CA LYS C 153 62.30 -4.74 48.91
C LYS C 153 62.77 -5.90 49.76
N GLU C 154 62.15 -7.07 49.65
CA GLU C 154 62.50 -8.15 50.58
C GLU C 154 63.79 -8.83 50.17
N GLN C 155 63.82 -9.48 49.01
CA GLN C 155 65.03 -10.12 48.52
C GLN C 155 65.82 -9.23 47.59
N ASN C 156 65.47 -7.94 47.54
CA ASN C 156 66.24 -6.88 46.89
C ASN C 156 66.37 -7.10 45.39
N GLY C 157 65.31 -7.62 44.77
CA GLY C 157 65.26 -7.66 43.33
C GLY C 157 65.75 -8.94 42.68
N ASP C 158 64.88 -9.55 41.89
CA ASP C 158 65.20 -10.71 41.07
C ASP C 158 64.21 -10.71 39.91
N VAL C 159 64.07 -11.86 39.23
CA VAL C 159 63.10 -12.00 38.16
C VAL C 159 61.69 -11.88 38.71
N LYS C 160 61.46 -12.40 39.92
CA LYS C 160 60.11 -12.47 40.48
C LYS C 160 59.59 -11.09 40.85
N GLU C 161 60.46 -10.23 41.39
CA GLU C 161 59.98 -8.94 41.88
C GLU C 161 59.72 -7.95 40.75
N ALA C 162 60.44 -8.08 39.64
CA ALA C 162 60.16 -7.22 38.50
C ALA C 162 58.79 -7.51 37.91
N ALA C 163 58.45 -8.79 37.76
CA ALA C 163 57.13 -9.15 37.28
C ALA C 163 56.07 -8.88 38.34
N SER C 164 56.47 -8.83 39.62
CA SER C 164 55.52 -8.54 40.68
C SER C 164 55.06 -7.10 40.64
N ILE C 165 55.83 -6.21 40.04
CA ILE C 165 55.41 -4.83 39.99
C ILE C 165 54.90 -4.43 38.61
N LEU C 166 55.37 -5.09 37.53
CA LEU C 166 54.88 -4.79 36.19
C LEU C 166 53.41 -5.14 36.02
N GLN C 167 52.91 -6.10 36.78
CA GLN C 167 51.49 -6.39 36.77
C GLN C 167 50.67 -5.29 37.45
N GLU C 168 51.29 -4.53 38.35
CA GLU C 168 50.58 -3.49 39.10
C GLU C 168 51.11 -2.10 38.79
N LEU C 169 51.37 -1.81 37.52
CA LEU C 169 51.68 -0.44 37.11
C LEU C 169 50.53 0.15 36.31
N GLN C 170 50.00 -0.63 35.38
CA GLN C 170 49.15 -0.13 34.29
C GLN C 170 47.82 0.42 34.78
N VAL C 171 47.35 -0.03 35.93
CA VAL C 171 46.10 0.50 36.48
C VAL C 171 46.35 1.83 37.18
N GLU C 172 47.47 1.96 37.87
CA GLU C 172 47.62 2.98 38.90
C GLU C 172 48.00 4.34 38.35
N THR C 173 47.75 4.56 37.06
CA THR C 173 48.09 5.82 36.42
C THR C 173 46.88 6.73 36.22
N TYR C 174 45.69 6.21 36.49
CA TYR C 174 44.46 6.98 36.35
C TYR C 174 44.57 8.24 37.22
N GLY C 175 44.95 8.05 38.47
CA GLY C 175 45.12 9.15 39.40
C GLY C 175 46.40 8.99 40.19
N SER C 176 46.30 8.31 41.33
CA SER C 176 47.44 8.04 42.21
C SER C 176 48.22 9.28 42.63
N MET C 177 47.50 10.36 42.92
CA MET C 177 48.09 11.63 43.33
C MET C 177 49.27 12.09 42.48
N GLU C 178 49.05 12.23 41.18
CA GLU C 178 50.12 12.68 40.28
C GLU C 178 50.70 14.05 40.66
N LYS C 179 51.71 14.02 41.53
CA LYS C 179 52.39 15.22 42.00
C LYS C 179 53.68 14.78 42.67
N LYS C 180 54.06 13.53 42.41
CA LYS C 180 55.26 12.94 42.98
C LYS C 180 55.14 11.46 43.25
N GLU C 181 54.03 11.02 43.87
CA GLU C 181 53.90 9.64 44.31
C GLU C 181 53.85 8.67 43.13
N ARG C 182 53.13 9.05 42.09
CA ARG C 182 53.12 8.24 40.88
C ARG C 182 54.46 8.30 40.16
N VAL C 183 55.12 9.45 40.19
CA VAL C 183 56.36 9.63 39.44
C VAL C 183 57.50 8.87 40.12
N GLU C 184 57.53 8.90 41.46
CA GLU C 184 58.51 8.09 42.20
C GLU C 184 58.27 6.61 42.01
N PHE C 185 57.00 6.21 41.94
CA PHE C 185 56.68 4.81 41.83
C PHE C 185 56.97 4.29 40.43
N ILE C 186 56.94 5.15 39.42
CA ILE C 186 57.07 4.69 38.05
C ILE C 186 58.52 4.67 37.58
N LEU C 187 59.43 5.33 38.30
CA LEU C 187 60.84 5.19 37.98
C LEU C 187 61.50 4.07 38.77
N GLU C 188 60.75 3.42 39.66
CA GLU C 188 61.33 2.39 40.51
C GLU C 188 61.53 1.08 39.77
N GLN C 189 60.67 0.77 38.79
CA GLN C 189 60.73 -0.52 38.13
C GLN C 189 61.62 -0.52 36.90
N MET C 190 62.04 0.64 36.43
CA MET C 190 62.88 0.63 35.24
C MET C 190 64.31 0.23 35.56
N ARG C 191 64.78 0.48 36.79
CA ARG C 191 66.06 -0.10 37.19
C ARG C 191 65.95 -1.59 37.39
N LEU C 192 64.75 -2.07 37.76
CA LEU C 192 64.54 -3.50 37.90
C LEU C 192 64.64 -4.19 36.56
N CYS C 193 64.06 -3.59 35.52
CA CYS C 193 64.16 -4.17 34.18
C CYS C 193 65.57 -4.05 33.63
N LEU C 194 66.35 -3.08 34.10
CA LEU C 194 67.77 -3.07 33.80
C LEU C 194 68.50 -4.17 34.56
N ALA C 195 68.04 -4.50 35.76
CA ALA C 195 68.67 -5.57 36.53
C ALA C 195 68.40 -6.94 35.90
N VAL C 196 67.25 -7.10 35.25
CA VAL C 196 66.93 -8.36 34.57
C VAL C 196 67.29 -8.16 33.10
N LYS C 197 67.94 -7.02 32.80
CA LYS C 197 68.58 -6.74 31.51
C LYS C 197 67.56 -6.68 30.37
N ASP C 198 66.37 -6.22 30.67
CA ASP C 198 65.31 -6.09 29.68
C ASP C 198 65.28 -4.62 29.28
N TYR C 199 65.90 -4.31 28.14
CA TYR C 199 66.13 -2.94 27.73
C TYR C 199 64.99 -2.37 26.93
N ILE C 200 64.30 -3.20 26.13
CA ILE C 200 63.17 -2.71 25.38
C ILE C 200 61.99 -2.42 26.31
N ARG C 201 61.87 -3.16 27.39
CA ARG C 201 60.86 -2.90 28.41
C ARG C 201 61.12 -1.58 29.10
N THR C 202 62.40 -1.24 29.27
CA THR C 202 62.75 -0.04 30.02
C THR C 202 62.45 1.22 29.22
N GLN C 203 62.73 1.21 27.92
CA GLN C 203 62.58 2.46 27.19
C GLN C 203 61.13 2.75 26.82
N ILE C 204 60.26 1.74 26.89
CA ILE C 204 58.84 2.04 26.72
C ILE C 204 58.31 2.78 27.93
N ILE C 205 58.64 2.29 29.13
CA ILE C 205 58.14 2.95 30.33
C ILE C 205 58.95 4.20 30.66
N SER C 206 60.17 4.32 30.14
CA SER C 206 60.91 5.58 30.33
C SER C 206 60.33 6.68 29.48
N LYS C 207 59.65 6.32 28.40
CA LYS C 207 59.05 7.31 27.53
C LYS C 207 57.79 7.93 28.13
N LYS C 208 57.28 7.34 29.21
CA LYS C 208 56.15 7.88 29.95
C LYS C 208 56.49 9.13 30.75
N ILE C 209 57.76 9.32 31.09
CA ILE C 209 58.13 10.14 32.25
C ILE C 209 58.01 11.63 31.94
N ASN C 210 58.66 12.07 30.86
CA ASN C 210 59.14 13.45 30.72
C ASN C 210 58.04 14.51 30.61
N THR C 211 56.77 14.11 30.49
CA THR C 211 55.71 15.09 30.49
C THR C 211 55.52 15.75 31.85
N LYS C 212 56.00 15.14 32.93
CA LYS C 212 56.19 15.83 34.21
C LYS C 212 57.60 16.42 34.22
N PHE C 213 57.79 17.37 33.32
CA PHE C 213 59.06 18.08 33.24
C PHE C 213 59.09 19.15 34.33
N PHE C 214 60.23 19.84 34.42
CA PHE C 214 60.53 20.85 35.45
C PHE C 214 60.31 20.29 36.85
N GLN C 215 60.68 19.03 37.05
CA GLN C 215 60.60 18.41 38.36
C GLN C 215 61.81 18.74 39.24
N GLU C 216 62.71 19.59 38.75
CA GLU C 216 63.79 20.16 39.54
C GLU C 216 63.34 21.32 40.40
N GLU C 217 62.10 21.76 40.27
CA GLU C 217 61.66 23.01 40.89
C GLU C 217 61.50 22.85 42.40
N ASN C 218 60.74 21.84 42.82
CA ASN C 218 60.48 21.65 44.23
C ASN C 218 61.32 20.56 44.87
N THR C 219 61.63 19.50 44.14
CA THR C 219 62.51 18.44 44.59
C THR C 219 63.73 18.38 43.68
N GLU C 220 64.77 17.72 44.16
CA GLU C 220 66.02 17.65 43.41
C GLU C 220 66.54 16.24 43.20
N LYS C 221 66.37 15.34 44.17
CA LYS C 221 66.90 13.99 44.05
C LYS C 221 66.06 13.11 43.15
N LEU C 222 64.88 13.59 42.74
CA LEU C 222 64.10 12.90 41.72
C LEU C 222 64.81 12.98 40.38
N LYS C 223 65.52 14.07 40.13
CA LYS C 223 66.14 14.31 38.83
C LYS C 223 67.30 13.37 38.58
N LEU C 224 68.14 13.17 39.59
CA LEU C 224 69.37 12.42 39.41
C LEU C 224 69.10 10.94 39.22
N LYS C 225 68.07 10.42 39.90
CA LYS C 225 67.73 9.01 39.77
C LYS C 225 67.18 8.71 38.38
N TYR C 226 66.59 9.72 37.74
CA TYR C 226 66.05 9.52 36.40
C TYR C 226 67.16 9.38 35.38
N TYR C 227 68.05 10.36 35.30
CA TYR C 227 69.05 10.36 34.23
C TYR C 227 70.10 9.30 34.42
N ASN C 228 70.41 8.91 35.67
CA ASN C 228 71.38 7.87 35.90
C ASN C 228 70.90 6.52 35.41
N LEU C 229 69.59 6.34 35.30
CA LEU C 229 69.05 5.19 34.59
C LEU C 229 68.99 5.45 33.10
N MET C 230 68.77 6.71 32.72
CA MET C 230 68.69 7.04 31.30
C MET C 230 70.04 6.92 30.63
N ILE C 231 71.12 7.25 31.35
CA ILE C 231 72.44 7.13 30.74
C ILE C 231 72.84 5.66 30.66
N GLN C 232 72.33 4.82 31.56
CA GLN C 232 72.70 3.41 31.56
C GLN C 232 71.96 2.66 30.46
N LEU C 233 70.76 3.13 30.11
CA LEU C 233 69.96 2.48 29.09
C LEU C 233 70.60 2.60 27.71
N ASP C 234 71.03 3.80 27.34
CA ASP C 234 71.70 4.00 26.07
C ASP C 234 73.13 3.50 26.09
N GLN C 235 73.68 3.26 27.28
CA GLN C 235 75.05 2.77 27.42
C GLN C 235 75.22 1.37 26.86
N HIS C 236 74.13 0.61 26.78
CA HIS C 236 74.19 -0.70 26.16
C HIS C 236 74.14 -0.53 24.63
N GLU C 237 73.88 0.69 24.16
CA GLU C 237 73.80 1.01 22.74
C GLU C 237 74.95 1.90 22.28
N GLY C 238 74.68 3.18 22.01
CA GLY C 238 75.75 4.07 21.58
C GLY C 238 75.48 5.53 21.24
N SER C 239 74.24 5.99 21.29
CA SER C 239 73.95 7.38 20.97
C SER C 239 74.70 8.26 21.95
N TYR C 240 75.98 8.48 21.66
CA TYR C 240 76.90 9.06 22.63
C TYR C 240 76.60 10.54 22.88
N LEU C 241 76.02 11.23 21.90
CA LEU C 241 75.55 12.57 22.16
C LEU C 241 74.35 12.59 23.07
N SER C 242 73.56 11.51 23.12
CA SER C 242 72.38 11.50 23.95
C SER C 242 72.74 11.38 25.43
N ILE C 243 73.82 10.66 25.75
CA ILE C 243 74.29 10.64 27.13
C ILE C 243 74.86 12.00 27.50
N CYS C 244 75.59 12.63 26.56
CA CYS C 244 76.16 13.94 26.84
C CYS C 244 75.09 15.02 26.98
N LYS C 245 73.99 14.88 26.25
CA LYS C 245 72.85 15.75 26.51
C LYS C 245 72.22 15.46 27.86
N HIS C 246 72.23 14.20 28.30
CA HIS C 246 71.79 13.90 29.66
C HIS C 246 72.78 14.44 30.69
N TYR C 247 74.07 14.36 30.38
CA TYR C 247 75.09 14.85 31.28
C TYR C 247 75.07 16.36 31.45
N ARG C 248 74.50 17.09 30.50
CA ARG C 248 74.28 18.52 30.70
C ARG C 248 73.31 18.75 31.85
N ALA C 249 72.27 17.93 31.95
CA ALA C 249 71.38 18.00 33.11
C ALA C 249 72.09 17.50 34.36
N ILE C 250 72.99 16.52 34.20
CA ILE C 250 73.82 16.10 35.32
C ILE C 250 74.85 17.18 35.65
N TYR C 251 75.14 18.07 34.69
CA TYR C 251 76.13 19.11 34.97
C TYR C 251 75.54 20.23 35.82
N ASP C 252 74.39 20.76 35.43
CA ASP C 252 73.94 22.03 35.98
C ASP C 252 73.05 21.89 37.21
N THR C 253 72.69 20.69 37.61
CA THR C 253 71.89 20.59 38.82
C THR C 253 72.77 20.52 40.10
N PRO C 254 73.84 19.71 40.21
CA PRO C 254 74.65 19.78 41.43
C PRO C 254 75.64 20.94 41.46
N CYS C 255 75.74 21.75 40.40
CA CYS C 255 76.57 22.95 40.50
C CYS C 255 75.93 23.94 41.46
N ILE C 256 74.60 24.05 41.40
CA ILE C 256 73.87 24.86 42.38
C ILE C 256 73.69 24.12 43.69
N GLN C 257 73.96 22.82 43.73
CA GLN C 257 74.17 22.14 45.00
C GLN C 257 75.60 22.24 45.50
N ALA C 258 76.42 23.11 44.89
CA ALA C 258 77.67 23.61 45.43
C ALA C 258 78.69 22.49 45.67
N GLU C 259 78.99 21.77 44.61
CA GLU C 259 79.88 20.63 44.70
C GLU C 259 81.25 21.01 44.14
N SER C 260 82.28 20.41 44.72
CA SER C 260 83.64 20.68 44.31
C SER C 260 84.32 19.48 43.68
N GLU C 261 83.76 18.28 43.86
CA GLU C 261 84.29 17.12 43.17
C GLU C 261 83.15 16.42 42.44
N LYS C 262 81.96 16.44 43.05
CA LYS C 262 80.79 15.81 42.42
C LYS C 262 80.37 16.59 41.18
N TRP C 263 80.52 17.90 41.24
CA TRP C 263 80.38 18.76 40.07
C TRP C 263 81.45 18.47 39.03
N GLN C 264 82.63 18.05 39.47
CA GLN C 264 83.72 17.78 38.52
C GLN C 264 83.54 16.46 37.81
N GLN C 265 82.89 15.48 38.47
CA GLN C 265 82.59 14.24 37.77
C GLN C 265 81.61 14.48 36.63
N ALA C 266 80.62 15.34 36.86
CA ALA C 266 79.67 15.68 35.81
C ALA C 266 80.34 16.45 34.68
N LEU C 267 81.29 17.31 35.03
CA LEU C 267 81.98 18.09 34.01
C LEU C 267 82.91 17.21 33.17
N LYS C 268 83.67 16.33 33.83
CA LYS C 268 84.65 15.53 33.11
C LYS C 268 83.98 14.39 32.35
N SER C 269 82.75 14.06 32.69
CA SER C 269 82.00 13.11 31.88
C SER C 269 81.47 13.76 30.62
N VAL C 270 81.10 15.04 30.67
CA VAL C 270 80.71 15.78 29.47
C VAL C 270 81.89 15.86 28.51
N VAL C 271 83.03 16.31 29.02
CA VAL C 271 84.17 16.62 28.16
C VAL C 271 84.84 15.36 27.65
N LEU C 272 84.51 14.19 28.19
CA LEU C 272 85.15 12.99 27.71
C LEU C 272 84.56 12.58 26.36
N TYR C 273 83.26 12.27 26.32
CA TYR C 273 82.81 11.66 25.08
C TYR C 273 81.66 12.37 24.36
N VAL C 274 81.79 13.69 24.23
CA VAL C 274 81.33 14.31 22.99
C VAL C 274 82.31 13.96 21.88
N ILE C 275 83.57 13.68 22.27
CA ILE C 275 84.59 13.15 21.37
C ILE C 275 84.16 11.82 20.75
N LEU C 276 83.61 10.92 21.56
CA LEU C 276 83.30 9.59 21.06
C LEU C 276 82.08 9.57 20.14
N ALA C 277 81.33 10.66 20.07
CA ALA C 277 80.28 10.75 19.09
C ALA C 277 80.88 10.83 17.68
N PRO C 278 80.23 10.23 16.69
CA PRO C 278 80.67 10.41 15.31
C PRO C 278 80.44 11.83 14.88
N PHE C 279 81.18 12.24 13.85
CA PHE C 279 81.20 13.65 13.49
C PHE C 279 79.91 14.07 12.83
N ASP C 280 79.45 15.25 13.21
CA ASP C 280 78.18 15.80 12.80
C ASP C 280 78.23 17.28 13.12
N ASN C 281 77.27 18.05 12.60
CA ASN C 281 77.21 19.44 13.01
C ASN C 281 76.74 19.59 14.45
N GLU C 282 76.00 18.61 14.96
CA GLU C 282 75.60 18.62 16.36
C GLU C 282 76.78 18.41 17.29
N GLN C 283 77.80 17.69 16.84
CA GLN C 283 79.03 17.63 17.62
C GLN C 283 79.78 18.96 17.52
N SER C 284 79.67 19.64 16.38
CA SER C 284 80.52 20.79 16.11
C SER C 284 80.11 22.00 16.94
N ASP C 285 78.80 22.29 16.99
CA ASP C 285 78.37 23.41 17.81
C ASP C 285 78.40 23.07 19.30
N LEU C 286 78.27 21.80 19.65
CA LEU C 286 78.28 21.43 21.07
C LEU C 286 79.66 21.61 21.67
N VAL C 287 80.70 21.23 20.93
CA VAL C 287 82.04 21.50 21.42
C VAL C 287 82.36 22.99 21.33
N HIS C 288 81.65 23.75 20.49
CA HIS C 288 81.78 25.18 20.54
C HIS C 288 81.02 25.79 21.70
N ARG C 289 80.06 25.06 22.26
CA ARG C 289 79.38 25.52 23.47
C ARG C 289 80.15 25.10 24.71
N ILE C 290 80.51 23.82 24.82
CA ILE C 290 81.06 23.33 26.07
C ILE C 290 82.53 23.68 26.26
N SER C 291 83.20 24.20 25.23
CA SER C 291 84.56 24.67 25.44
C SER C 291 84.56 26.18 25.68
N GLY C 292 85.75 26.70 25.97
CA GLY C 292 85.90 28.12 26.24
C GLY C 292 85.29 28.57 27.55
N ASP C 293 85.20 27.67 28.53
CA ASP C 293 84.52 27.95 29.78
C ASP C 293 85.53 28.10 30.91
N LYS C 294 85.20 28.93 31.89
CA LYS C 294 86.04 29.19 33.05
C LYS C 294 85.90 28.09 34.09
N LYS C 295 85.05 27.11 33.83
CA LYS C 295 84.93 25.96 34.71
C LYS C 295 85.76 24.79 34.23
N LEU C 296 86.31 24.87 33.02
CA LEU C 296 86.77 23.70 32.30
C LEU C 296 88.27 23.47 32.40
N GLU C 297 89.04 24.51 32.73
CA GLU C 297 90.51 24.45 32.70
C GLU C 297 91.11 23.61 33.81
N GLU C 298 90.30 23.05 34.72
CA GLU C 298 90.80 22.33 35.88
C GLU C 298 91.49 21.02 35.51
N ILE C 299 91.29 20.52 34.30
CA ILE C 299 91.70 19.18 33.92
C ILE C 299 92.65 19.33 32.74
N PRO C 300 93.70 18.50 32.62
CA PRO C 300 94.49 18.48 31.37
C PRO C 300 93.73 18.01 30.15
N LYS C 301 92.54 17.43 30.32
CA LYS C 301 91.68 17.11 29.19
C LYS C 301 90.96 18.32 28.63
N TYR C 302 91.14 19.50 29.23
CA TYR C 302 90.86 20.75 28.52
C TYR C 302 91.71 20.84 27.26
N LYS C 303 92.97 20.44 27.37
CA LYS C 303 93.85 20.43 26.22
C LYS C 303 93.49 19.30 25.25
N ASP C 304 92.93 18.21 25.77
CA ASP C 304 92.62 17.05 24.93
C ASP C 304 91.49 17.35 23.96
N LEU C 305 90.43 17.99 24.45
CA LEU C 305 89.36 18.44 23.55
C LEU C 305 89.85 19.55 22.63
N LEU C 306 90.79 20.37 23.09
CA LEU C 306 91.42 21.34 22.21
C LEU C 306 92.21 20.66 21.11
N LYS C 307 92.88 19.54 21.44
CA LYS C 307 93.67 18.82 20.47
C LYS C 307 92.82 18.06 19.45
N LEU C 308 91.55 17.83 19.75
CA LEU C 308 90.68 17.19 18.78
C LEU C 308 89.79 18.22 18.08
N PHE C 309 90.28 19.45 17.90
CA PHE C 309 89.49 20.44 17.17
C PHE C 309 89.53 20.21 15.66
N THR C 310 90.69 20.41 15.06
CA THR C 310 90.88 20.49 13.61
C THR C 310 92.35 20.68 13.32
N THR C 311 92.69 20.61 12.02
CA THR C 311 94.02 20.92 11.45
C THR C 311 95.12 20.05 12.06
N MET C 312 94.74 18.85 12.46
CA MET C 312 95.50 17.72 12.99
C MET C 312 95.99 17.93 14.42
N GLU C 313 96.05 19.20 14.88
CA GLU C 313 96.66 19.64 16.14
C GLU C 313 97.91 18.82 16.49
N LEU C 314 98.87 18.82 15.56
CA LEU C 314 99.48 17.62 14.98
C LEU C 314 99.59 16.43 15.94
N MET C 315 98.97 15.31 15.56
CA MET C 315 98.69 14.24 16.51
C MET C 315 99.06 12.89 15.91
N ARG C 316 99.07 11.89 16.79
CA ARG C 316 99.31 10.50 16.48
C ARG C 316 98.85 9.69 17.68
N TRP C 317 98.17 8.57 17.40
CA TRP C 317 97.56 7.77 18.46
C TRP C 317 98.58 7.10 19.35
N SER C 318 99.77 6.82 18.82
CA SER C 318 100.84 6.26 19.65
C SER C 318 101.31 7.28 20.67
N THR C 319 101.37 8.55 20.29
CA THR C 319 101.68 9.60 21.25
C THR C 319 100.52 9.83 22.20
N LEU C 320 99.30 9.63 21.72
CA LEU C 320 98.11 9.92 22.51
C LEU C 320 97.93 8.91 23.64
N VAL C 321 98.33 7.66 23.40
CA VAL C 321 98.15 6.63 24.42
C VAL C 321 99.25 6.71 25.48
N GLU C 322 100.37 7.35 25.19
CA GLU C 322 101.50 7.34 26.09
C GLU C 322 101.64 8.62 26.89
N ASP C 323 100.81 9.64 26.64
CA ASP C 323 100.77 10.81 27.50
C ASP C 323 99.48 10.94 28.29
N TYR C 324 98.40 10.33 27.81
CA TYR C 324 97.12 10.36 28.50
C TYR C 324 96.71 8.99 29.03
N GLY C 325 97.53 7.96 28.81
CA GLY C 325 97.27 6.68 29.43
C GLY C 325 97.51 6.71 30.92
N MET C 326 98.35 7.62 31.39
CA MET C 326 98.50 7.87 32.82
C MET C 326 97.25 8.50 33.39
N GLU C 327 96.53 9.31 32.61
CA GLU C 327 95.25 9.86 33.03
C GLU C 327 94.20 8.77 33.20
N LEU C 328 94.32 7.65 32.50
CA LEU C 328 93.40 6.54 32.62
C LEU C 328 93.75 5.60 33.77
N ARG C 329 94.94 5.74 34.33
CA ARG C 329 95.33 5.08 35.55
C ARG C 329 95.21 6.07 36.70
N LYS C 330 95.54 5.59 37.91
CA LYS C 330 95.26 6.29 39.17
C LYS C 330 95.95 7.65 39.22
N GLY C 331 95.25 8.61 39.78
CA GLY C 331 95.77 9.95 39.91
C GLY C 331 95.22 10.61 41.15
N SER C 332 95.02 11.92 41.07
CA SER C 332 94.50 12.67 42.21
C SER C 332 93.02 12.38 42.42
N LEU C 333 92.19 12.73 41.44
CA LEU C 333 90.76 12.47 41.51
C LEU C 333 90.30 11.48 40.46
N GLU C 334 90.43 11.82 39.17
CA GLU C 334 90.60 10.88 38.06
C GLU C 334 89.40 9.97 37.76
N SER C 335 88.38 9.96 38.61
CA SER C 335 87.44 8.83 38.65
C SER C 335 86.49 8.67 37.45
N PRO C 336 86.03 9.70 36.72
CA PRO C 336 85.27 9.40 35.50
C PRO C 336 86.10 8.75 34.39
N ALA C 337 87.41 8.97 34.37
CA ALA C 337 88.26 8.29 33.40
C ALA C 337 88.28 6.79 33.65
N THR C 338 88.42 6.39 34.92
CA THR C 338 88.30 4.98 35.28
C THR C 338 86.87 4.50 35.10
N ASP C 339 85.90 5.41 35.19
CA ASP C 339 84.50 5.02 35.03
C ASP C 339 84.17 4.73 33.57
N VAL C 340 84.70 5.54 32.64
CA VAL C 340 84.36 5.36 31.24
C VAL C 340 85.21 4.27 30.62
N PHE C 341 86.53 4.46 30.59
CA PHE C 341 87.40 3.45 30.03
C PHE C 341 87.78 2.44 31.11
N GLY C 342 88.76 1.59 30.81
CA GLY C 342 89.39 0.76 31.81
C GLY C 342 88.57 -0.37 32.36
N SER C 343 87.34 -0.57 31.89
CA SER C 343 86.49 -1.62 32.41
C SER C 343 86.82 -2.94 31.73
N THR C 344 85.98 -3.94 31.93
CA THR C 344 86.23 -5.26 31.36
C THR C 344 85.80 -5.35 29.91
N GLU C 345 84.58 -4.97 29.58
CA GLU C 345 84.16 -5.00 28.19
C GLU C 345 83.56 -3.67 27.76
N GLU C 346 83.02 -2.91 28.71
CA GLU C 346 82.40 -1.64 28.36
C GLU C 346 83.45 -0.58 28.09
N GLY C 347 84.46 -0.49 28.96
CA GLY C 347 85.55 0.43 28.71
C GLY C 347 86.44 -0.01 27.57
N GLU C 348 86.55 -1.33 27.37
CA GLU C 348 87.48 -1.86 26.39
C GLU C 348 87.03 -1.59 24.97
N LYS C 349 85.72 -1.70 24.71
CA LYS C 349 85.19 -1.26 23.44
C LYS C 349 85.33 0.25 23.28
N ARG C 350 85.30 0.99 24.39
CA ARG C 350 85.50 2.43 24.33
C ARG C 350 86.97 2.78 24.16
N TRP C 351 87.89 1.88 24.54
CA TRP C 351 89.27 2.04 24.09
C TRP C 351 89.34 1.93 22.57
N LYS C 352 88.60 0.97 22.01
CA LYS C 352 88.62 0.76 20.56
C LYS C 352 87.92 1.89 19.83
N ASP C 353 86.88 2.44 20.43
CA ASP C 353 86.10 3.45 19.74
C ASP C 353 86.78 4.80 19.78
N LEU C 354 87.60 5.06 20.80
CA LEU C 354 88.42 6.26 20.78
C LEU C 354 89.48 6.17 19.69
N LYS C 355 90.05 4.97 19.50
CA LYS C 355 90.91 4.71 18.35
C LYS C 355 90.18 4.94 17.04
N ASN C 356 88.90 4.58 17.00
CA ASN C 356 88.09 4.77 15.80
C ASN C 356 87.86 6.25 15.54
N ARG C 357 87.66 7.04 16.59
CA ARG C 357 87.38 8.46 16.41
C ARG C 357 88.62 9.24 15.99
N VAL C 358 89.81 8.82 16.46
CA VAL C 358 90.99 9.59 16.10
C VAL C 358 91.46 9.25 14.70
N VAL C 359 91.25 8.01 14.23
CA VAL C 359 91.65 7.71 12.87
C VAL C 359 90.66 8.33 11.88
N GLU C 360 89.40 8.46 12.29
CA GLU C 360 88.41 9.16 11.48
C GLU C 360 88.72 10.66 11.43
N HIS C 361 89.28 11.20 12.50
CA HIS C 361 89.73 12.57 12.49
C HIS C 361 90.94 12.73 11.57
N ASN C 362 91.76 11.68 11.44
CA ASN C 362 92.93 11.80 10.58
C ASN C 362 92.59 11.61 9.11
N ILE C 363 91.44 11.03 8.78
CA ILE C 363 91.09 10.88 7.36
C ILE C 363 90.62 12.21 6.80
N ARG C 364 89.78 12.93 7.54
CA ARG C 364 89.19 14.18 7.05
C ARG C 364 90.23 15.26 6.81
N ILE C 365 91.26 15.31 7.64
CA ILE C 365 92.31 16.31 7.42
C ILE C 365 93.21 15.90 6.27
N MET C 366 93.27 14.61 5.94
CA MET C 366 94.02 14.21 4.75
C MET C 366 93.28 14.63 3.49
N ALA C 367 91.95 14.55 3.50
CA ALA C 367 91.18 15.00 2.36
C ALA C 367 91.23 16.52 2.19
N LYS C 368 91.60 17.24 3.24
CA LYS C 368 91.78 18.68 3.10
C LYS C 368 93.09 19.03 2.42
N TYR C 369 94.17 18.33 2.75
CA TYR C 369 95.51 18.81 2.43
C TYR C 369 96.30 17.85 1.56
N TYR C 370 95.62 17.01 0.79
CA TYR C 370 96.36 16.11 -0.08
C TYR C 370 95.66 15.94 -1.42
N THR C 371 96.38 16.23 -2.49
CA THR C 371 95.94 15.78 -3.81
C THR C 371 95.97 14.28 -3.90
N ARG C 372 97.12 13.68 -3.62
CA ARG C 372 97.28 12.23 -3.58
C ARG C 372 98.13 11.87 -2.38
N ILE C 373 98.16 10.57 -2.11
CA ILE C 373 98.93 9.98 -1.02
C ILE C 373 99.13 8.51 -1.33
N THR C 374 100.36 8.02 -1.14
CA THR C 374 100.63 6.61 -1.36
C THR C 374 99.97 5.77 -0.28
N MET C 375 99.82 4.48 -0.56
CA MET C 375 99.14 3.61 0.38
C MET C 375 100.01 3.29 1.58
N LYS C 376 101.33 3.24 1.39
CA LYS C 376 102.23 2.90 2.48
C LYS C 376 102.38 4.05 3.46
N ARG C 377 102.22 5.29 2.99
CA ARG C 377 102.31 6.41 3.91
C ARG C 377 101.05 6.50 4.77
N MET C 378 99.90 6.18 4.20
CA MET C 378 98.67 6.21 4.98
C MET C 378 98.67 5.13 6.05
N ALA C 379 99.28 3.99 5.77
CA ALA C 379 99.35 2.92 6.76
C ALA C 379 100.24 3.30 7.93
N GLN C 380 101.39 3.93 7.66
CA GLN C 380 102.29 4.27 8.74
C GLN C 380 101.85 5.52 9.50
N LEU C 381 100.95 6.32 8.93
CA LEU C 381 100.44 7.49 9.61
C LEU C 381 99.16 7.22 10.40
N LEU C 382 98.54 6.07 10.22
CA LEU C 382 97.35 5.72 10.99
C LEU C 382 97.62 4.65 12.04
N ASP C 383 98.89 4.22 12.19
CA ASP C 383 99.34 3.26 13.19
C ASP C 383 98.66 1.90 13.03
N LEU C 384 98.44 1.48 11.79
CA LEU C 384 97.74 0.24 11.51
C LEU C 384 98.15 -0.28 10.15
N SER C 385 97.67 -1.47 9.81
CA SER C 385 98.16 -2.24 8.68
C SER C 385 97.70 -1.65 7.36
N VAL C 386 98.26 -2.20 6.27
CA VAL C 386 97.82 -1.80 4.94
C VAL C 386 96.43 -2.33 4.66
N ASP C 387 96.13 -3.55 5.11
CA ASP C 387 94.86 -4.16 4.77
C ASP C 387 93.73 -3.56 5.59
N GLU C 388 94.02 -3.21 6.85
CA GLU C 388 93.03 -2.55 7.70
C GLU C 388 92.71 -1.16 7.17
N SER C 389 93.73 -0.46 6.66
CA SER C 389 93.53 0.86 6.09
C SER C 389 92.75 0.80 4.78
N GLU C 390 92.83 -0.34 4.08
CA GLU C 390 91.96 -0.54 2.91
C GLU C 390 90.50 -0.64 3.35
N ALA C 391 90.22 -1.50 4.32
CA ALA C 391 88.84 -1.80 4.67
C ALA C 391 88.20 -0.67 5.46
N PHE C 392 89.00 0.05 6.25
CA PHE C 392 88.45 1.18 6.99
C PHE C 392 88.11 2.33 6.06
N LEU C 393 88.90 2.51 5.00
CA LEU C 393 88.57 3.54 4.03
C LEU C 393 87.43 3.09 3.11
N SER C 394 87.40 1.80 2.78
CA SER C 394 86.33 1.26 1.94
C SER C 394 84.99 1.32 2.64
N ASN C 395 85.01 1.22 3.98
CA ASN C 395 83.78 1.40 4.74
C ASN C 395 83.30 2.85 4.67
N LEU C 396 84.22 3.80 4.72
CA LEU C 396 83.82 5.20 4.75
C LEU C 396 83.35 5.70 3.39
N VAL C 397 83.76 5.04 2.31
CA VAL C 397 83.37 5.53 0.99
C VAL C 397 82.08 4.86 0.51
N VAL C 398 81.79 3.63 0.95
CA VAL C 398 80.46 3.08 0.68
C VAL C 398 79.43 3.71 1.59
N ASN C 399 79.87 4.32 2.69
CA ASN C 399 79.03 5.17 3.51
C ASN C 399 78.99 6.59 2.97
N LYS C 400 79.84 6.88 1.98
CA LYS C 400 80.07 8.16 1.32
C LYS C 400 80.09 9.35 2.29
N THR C 401 80.84 9.15 3.38
CA THR C 401 81.09 10.23 4.32
C THR C 401 82.45 10.89 4.13
N ILE C 402 83.37 10.25 3.42
CA ILE C 402 84.59 10.89 2.94
C ILE C 402 84.73 10.55 1.46
N PHE C 403 84.94 11.57 0.64
CA PHE C 403 84.73 11.47 -0.80
C PHE C 403 86.07 11.26 -1.50
N ALA C 404 86.49 10.00 -1.57
CA ALA C 404 87.80 9.61 -2.08
C ALA C 404 87.67 8.38 -2.96
N LYS C 405 88.80 7.97 -3.53
CA LYS C 405 88.83 6.88 -4.50
C LYS C 405 90.26 6.36 -4.62
N VAL C 406 90.44 5.06 -4.74
CA VAL C 406 91.76 4.46 -4.65
C VAL C 406 92.12 3.74 -5.96
N ASP C 407 93.36 3.30 -6.03
CA ASP C 407 93.90 2.56 -7.17
C ASP C 407 94.95 1.61 -6.59
N ARG C 408 94.54 0.38 -6.28
CA ARG C 408 95.37 -0.48 -5.45
C ARG C 408 96.30 -1.37 -6.25
N LEU C 409 96.36 -1.22 -7.58
CA LEU C 409 97.44 -1.91 -8.28
C LEU C 409 98.75 -1.20 -8.05
N ALA C 410 98.73 0.12 -7.94
CA ALA C 410 99.92 0.90 -7.69
C ALA C 410 99.95 1.50 -6.29
N GLY C 411 98.84 1.46 -5.56
CA GLY C 411 98.78 2.00 -4.23
C GLY C 411 98.60 3.50 -4.15
N ILE C 412 98.70 4.20 -5.28
CA ILE C 412 98.50 5.63 -5.29
C ILE C 412 97.01 5.92 -5.29
N ILE C 413 96.53 6.57 -4.23
CA ILE C 413 95.13 6.91 -4.15
C ILE C 413 95.03 8.41 -4.30
N ASN C 414 93.82 8.90 -4.58
CA ASN C 414 93.63 10.34 -4.73
C ASN C 414 92.41 10.81 -3.97
N PHE C 415 92.44 12.10 -3.61
CA PHE C 415 91.36 12.74 -2.87
C PHE C 415 90.62 13.77 -3.70
N GLN C 416 91.30 14.42 -4.63
CA GLN C 416 90.70 15.43 -5.48
C GLN C 416 89.75 14.78 -6.47
N ARG C 417 88.90 15.60 -7.06
CA ARG C 417 87.98 14.99 -8.01
C ARG C 417 88.22 15.52 -9.42
N PRO C 418 87.84 14.73 -10.43
CA PRO C 418 87.95 15.22 -11.81
C PRO C 418 87.04 16.40 -12.10
N LYS C 419 87.65 17.57 -12.29
CA LYS C 419 86.94 18.79 -12.58
C LYS C 419 86.56 18.85 -14.05
N ASP C 420 85.55 19.66 -14.34
CA ASP C 420 84.97 19.72 -15.67
C ASP C 420 85.51 20.94 -16.43
N PRO C 421 85.52 20.90 -17.77
CA PRO C 421 85.81 22.13 -18.52
C PRO C 421 84.81 23.24 -18.30
N ASN C 422 83.58 22.94 -17.88
CA ASN C 422 82.70 24.01 -17.44
C ASN C 422 83.15 24.54 -16.09
N ASN C 423 83.84 23.72 -15.31
CA ASN C 423 84.25 24.07 -13.95
C ASN C 423 85.63 24.70 -13.89
N LEU C 424 86.60 24.14 -14.61
CA LEU C 424 87.94 24.72 -14.64
C LEU C 424 87.93 26.09 -15.27
N LEU C 425 87.09 26.28 -16.29
CA LEU C 425 86.98 27.59 -16.90
C LEU C 425 86.25 28.56 -15.99
N ASN C 426 85.34 28.05 -15.17
CA ASN C 426 84.66 28.87 -14.18
C ASN C 426 85.60 29.28 -13.06
N ASP C 427 86.63 28.49 -12.77
CA ASP C 427 87.63 28.90 -11.80
C ASP C 427 88.63 29.84 -12.44
N TRP C 428 88.85 29.70 -13.74
CA TRP C 428 89.73 30.60 -14.46
C TRP C 428 89.16 32.00 -14.50
N SER C 429 87.86 32.11 -14.75
CA SER C 429 87.21 33.41 -14.79
C SER C 429 87.00 33.99 -13.41
N GLN C 430 86.94 33.16 -12.38
CA GLN C 430 86.62 33.65 -11.05
C GLN C 430 87.79 34.38 -10.43
N LYS C 431 88.99 33.81 -10.52
CA LYS C 431 90.20 34.50 -10.10
C LYS C 431 90.46 35.71 -10.97
N LEU C 432 90.04 35.63 -12.23
CA LEU C 432 90.19 36.74 -13.16
C LEU C 432 89.30 37.90 -12.77
N ASN C 433 88.02 37.64 -12.59
CA ASN C 433 87.05 38.70 -12.36
C ASN C 433 87.18 39.28 -10.97
N SER C 434 87.02 38.42 -9.96
CA SER C 434 86.76 38.88 -8.61
C SER C 434 87.98 39.48 -7.95
N LEU C 435 89.17 39.08 -8.36
CA LEU C 435 90.34 39.44 -7.57
C LEU C 435 91.52 39.77 -8.47
N MET C 436 91.24 40.18 -9.69
CA MET C 436 92.20 40.93 -10.48
C MET C 436 91.64 42.23 -11.01
N SER C 437 90.32 42.36 -11.11
CA SER C 437 89.70 43.61 -11.49
C SER C 437 89.26 44.41 -10.28
N LEU C 438 88.78 43.74 -9.23
CA LEU C 438 88.29 44.46 -8.07
C LEU C 438 89.44 44.95 -7.20
N VAL C 439 90.48 44.14 -7.03
CA VAL C 439 91.63 44.58 -6.24
C VAL C 439 92.41 45.64 -7.01
N ASN C 440 92.36 45.61 -8.35
CA ASN C 440 92.97 46.66 -9.14
C ASN C 440 92.16 47.94 -9.02
N LYS C 441 90.85 47.81 -8.90
CA LYS C 441 90.02 48.94 -8.52
C LYS C 441 90.35 49.40 -7.10
N THR C 442 90.72 48.47 -6.24
CA THR C 442 90.93 48.79 -4.83
C THR C 442 92.24 49.53 -4.62
N THR C 443 93.32 49.05 -5.26
CA THR C 443 94.64 49.66 -5.11
C THR C 443 94.67 51.10 -5.60
N HIS C 444 93.86 51.42 -6.61
CA HIS C 444 93.87 52.76 -7.20
C HIS C 444 93.35 53.80 -6.23
N LEU C 445 92.42 53.43 -5.36
CA LEU C 445 91.78 54.42 -4.51
C LEU C 445 92.58 54.68 -3.26
N ILE C 446 93.31 53.68 -2.76
CA ILE C 446 94.31 53.94 -1.74
C ILE C 446 95.48 54.70 -2.35
N ALA C 447 95.79 54.47 -3.63
CA ALA C 447 96.85 55.21 -4.30
C ALA C 447 96.48 56.68 -4.46
N LYS C 448 95.20 56.99 -4.56
CA LYS C 448 94.77 58.38 -4.52
C LYS C 448 94.83 58.92 -3.09
N GLU C 449 94.62 58.04 -2.10
CA GLU C 449 94.62 58.47 -0.71
C GLU C 449 96.02 58.84 -0.23
N GLU C 450 97.06 58.30 -0.86
CA GLU C 450 98.40 58.65 -0.45
C GLU C 450 98.80 60.03 -0.95
N MET C 451 98.16 60.50 -2.02
CA MET C 451 98.39 61.86 -2.49
C MET C 451 97.75 62.88 -1.56
N ILE C 452 96.80 62.45 -0.73
CA ILE C 452 96.20 63.35 0.26
C ILE C 452 97.20 63.66 1.37
N HIS C 453 97.81 62.62 1.92
CA HIS C 453 98.62 62.77 3.12
C HIS C 453 100.03 63.24 2.81
N ASN C 454 100.59 62.84 1.67
CA ASN C 454 102.02 63.08 1.44
C ASN C 454 102.30 64.44 0.83
N LEU C 455 101.44 64.94 -0.05
CA LEU C 455 101.63 66.27 -0.62
C LEU C 455 100.33 67.06 -0.49
N GLN C 456 100.40 68.26 0.10
CA GLN C 456 101.62 68.82 0.67
C GLN C 456 101.75 68.45 2.14
N VAL D 43 27.63 -67.16 -10.20
CA VAL D 43 27.91 -66.12 -11.17
C VAL D 43 28.95 -65.14 -10.64
N GLN D 44 28.64 -64.51 -9.50
CA GLN D 44 29.54 -63.52 -8.92
C GLN D 44 30.79 -64.16 -8.33
N VAL D 45 30.72 -65.41 -7.89
CA VAL D 45 31.88 -66.07 -7.31
C VAL D 45 32.91 -66.42 -8.39
N LYS D 46 32.48 -66.49 -9.64
CA LYS D 46 33.43 -66.56 -10.75
C LYS D 46 33.89 -65.17 -11.17
N GLU D 47 33.02 -64.16 -11.01
CA GLU D 47 33.39 -62.79 -11.34
C GLU D 47 34.45 -62.25 -10.37
N GLN D 48 34.27 -62.48 -9.08
CA GLN D 48 35.23 -61.99 -8.11
C GLN D 48 36.49 -62.84 -8.06
N SER D 49 36.44 -64.08 -8.56
CA SER D 49 37.64 -64.90 -8.66
C SER D 49 38.59 -64.36 -9.73
N ILE D 50 38.04 -63.75 -10.78
CA ILE D 50 38.89 -63.09 -11.77
C ILE D 50 39.44 -61.79 -11.20
N LEU D 51 38.62 -61.05 -10.45
CA LEU D 51 39.10 -59.86 -9.74
C LEU D 51 40.01 -60.22 -8.56
N GLU D 52 39.91 -61.44 -8.04
CA GLU D 52 40.90 -61.92 -7.08
C GLU D 52 42.24 -62.14 -7.77
N LEU D 53 42.21 -62.78 -8.95
CA LEU D 53 43.43 -62.93 -9.74
C LEU D 53 43.87 -61.59 -10.32
N GLY D 54 42.93 -60.69 -10.59
CA GLY D 54 43.29 -59.38 -11.11
C GLY D 54 44.01 -58.52 -10.09
N SER D 55 43.65 -58.67 -8.81
CA SER D 55 44.41 -58.01 -7.75
C SER D 55 45.76 -58.67 -7.53
N LEU D 56 45.88 -59.97 -7.82
CA LEU D 56 47.16 -60.65 -7.68
C LEU D 56 48.13 -60.22 -8.77
N LEU D 57 47.63 -60.06 -10.00
CA LEU D 57 48.49 -59.63 -11.11
C LEU D 57 48.95 -58.20 -10.95
N ALA D 58 48.21 -57.40 -10.18
CA ALA D 58 48.58 -56.00 -9.99
C ALA D 58 49.58 -55.82 -8.86
N LYS D 59 49.33 -56.44 -7.72
CA LYS D 59 50.14 -56.18 -6.53
C LYS D 59 51.51 -56.88 -6.63
N THR D 60 51.53 -58.09 -7.15
CA THR D 60 52.76 -58.88 -7.18
C THR D 60 53.69 -58.49 -8.32
N GLY D 61 53.24 -57.64 -9.24
CA GLY D 61 54.14 -57.07 -10.24
C GLY D 61 54.44 -57.93 -11.45
N GLN D 62 53.42 -58.29 -12.21
CA GLN D 62 53.60 -58.93 -13.50
C GLN D 62 52.60 -58.34 -14.50
N ALA D 63 53.07 -58.15 -15.73
CA ALA D 63 52.36 -57.37 -16.73
C ALA D 63 51.91 -58.18 -17.94
N ALA D 64 52.64 -59.22 -18.32
CA ALA D 64 52.28 -59.99 -19.50
C ALA D 64 51.03 -60.81 -19.27
N GLU D 65 50.91 -61.43 -18.10
CA GLU D 65 49.67 -62.12 -17.75
C GLU D 65 48.57 -61.12 -17.43
N LEU D 66 48.93 -59.93 -16.94
CA LEU D 66 47.92 -58.90 -16.70
C LEU D 66 47.46 -58.29 -18.02
N GLY D 67 48.36 -58.15 -18.99
CA GLY D 67 47.96 -57.66 -20.30
C GLY D 67 47.06 -58.63 -21.02
N GLY D 68 47.23 -59.93 -20.76
CA GLY D 68 46.26 -60.90 -21.24
C GLY D 68 44.93 -60.78 -20.53
N LEU D 69 44.93 -60.34 -19.26
CA LEU D 69 43.68 -60.17 -18.52
C LEU D 69 42.90 -58.97 -19.04
N LEU D 70 43.61 -57.88 -19.39
CA LEU D 70 42.96 -56.75 -20.05
C LEU D 70 42.34 -57.13 -21.39
N LYS D 71 42.94 -58.11 -22.08
CA LYS D 71 42.29 -58.67 -23.25
C LYS D 71 41.23 -59.70 -22.89
N TYR D 72 41.29 -60.25 -21.68
CA TYR D 72 40.34 -61.29 -21.28
C TYR D 72 38.99 -60.70 -20.88
N VAL D 73 38.99 -59.49 -20.31
CA VAL D 73 37.80 -58.94 -19.69
C VAL D 73 36.94 -58.18 -20.69
N ARG D 74 37.28 -58.27 -21.97
CA ARG D 74 36.61 -57.49 -22.99
C ARG D 74 35.21 -58.03 -23.36
N PRO D 75 34.96 -59.36 -23.40
CA PRO D 75 33.56 -59.79 -23.38
C PRO D 75 32.93 -59.80 -21.99
N PHE D 76 33.75 -59.68 -20.94
CA PHE D 76 33.24 -59.63 -19.57
C PHE D 76 32.58 -58.29 -19.26
N LEU D 77 32.85 -57.26 -20.06
CA LEU D 77 32.35 -55.91 -19.81
C LEU D 77 30.83 -55.84 -19.91
N ASN D 78 30.24 -56.53 -20.88
CA ASN D 78 28.79 -56.47 -21.07
C ASN D 78 28.09 -57.51 -20.20
N SER D 79 28.20 -57.30 -18.88
CA SER D 79 27.51 -58.10 -17.89
C SER D 79 26.90 -57.28 -16.76
N ILE D 80 27.30 -56.02 -16.59
CA ILE D 80 26.78 -55.13 -15.56
C ILE D 80 26.41 -53.81 -16.23
N SER D 81 26.08 -52.81 -15.41
CA SER D 81 25.58 -51.51 -15.89
C SER D 81 26.55 -50.83 -16.84
N LYS D 82 25.98 -50.19 -17.86
CA LYS D 82 26.78 -49.61 -18.94
C LYS D 82 27.55 -48.37 -18.47
N ALA D 83 26.93 -47.54 -17.64
CA ALA D 83 27.57 -46.32 -17.19
C ALA D 83 28.57 -46.59 -16.07
N LYS D 84 28.43 -47.70 -15.36
CA LYS D 84 29.36 -48.06 -14.29
C LYS D 84 30.33 -49.15 -14.70
N ALA D 85 30.37 -49.52 -15.97
CA ALA D 85 31.41 -50.42 -16.45
C ALA D 85 32.70 -49.67 -16.74
N ALA D 86 32.59 -48.36 -17.02
CA ALA D 86 33.76 -47.57 -17.37
C ALA D 86 34.67 -47.36 -16.17
N ARG D 87 34.11 -47.30 -14.96
CA ARG D 87 34.94 -47.14 -13.77
C ARG D 87 35.74 -48.38 -13.48
N LEU D 88 35.16 -49.57 -13.73
CA LEU D 88 35.88 -50.82 -13.58
C LEU D 88 37.01 -50.92 -14.59
N VAL D 89 36.81 -50.38 -15.80
CA VAL D 89 37.89 -50.31 -16.77
C VAL D 89 38.92 -49.28 -16.34
N ARG D 90 38.45 -48.14 -15.80
CA ARG D 90 39.34 -47.13 -15.24
C ARG D 90 40.16 -47.68 -14.09
N SER D 91 39.56 -48.54 -13.27
CA SER D 91 40.26 -49.12 -12.13
C SER D 91 41.33 -50.10 -12.59
N LEU D 92 41.01 -50.94 -13.56
CA LEU D 92 41.98 -51.91 -14.05
C LEU D 92 43.06 -51.25 -14.88
N LEU D 93 42.76 -50.11 -15.51
CA LEU D 93 43.78 -49.40 -16.25
C LEU D 93 44.76 -48.69 -15.31
N ASP D 94 44.25 -48.15 -14.20
CA ASP D 94 45.14 -47.49 -13.24
C ASP D 94 46.02 -48.49 -12.52
N LEU D 95 45.49 -49.69 -12.24
CA LEU D 95 46.32 -50.75 -11.68
C LEU D 95 47.29 -51.31 -12.73
N PHE D 96 46.97 -51.12 -14.01
CA PHE D 96 47.89 -51.54 -15.06
C PHE D 96 49.05 -50.56 -15.20
N LEU D 97 48.77 -49.26 -15.12
CA LEU D 97 49.77 -48.26 -15.44
C LEU D 97 50.71 -48.00 -14.27
N ASP D 98 50.23 -48.13 -13.04
CA ASP D 98 50.98 -47.71 -11.86
C ASP D 98 51.93 -48.79 -11.34
N MET D 99 52.31 -49.73 -12.19
CA MET D 99 53.26 -50.78 -11.81
C MET D 99 54.70 -50.32 -12.02
N GLU D 100 55.05 -49.99 -13.26
CA GLU D 100 56.42 -49.73 -13.68
C GLU D 100 56.34 -49.06 -15.05
N ALA D 101 57.35 -48.24 -15.35
CA ALA D 101 57.44 -47.59 -16.66
C ALA D 101 57.83 -48.65 -17.69
N ALA D 102 56.82 -49.38 -18.15
CA ALA D 102 56.96 -50.40 -19.17
C ALA D 102 56.28 -49.85 -20.42
N THR D 103 57.03 -49.10 -21.21
CA THR D 103 56.46 -48.33 -22.31
C THR D 103 56.16 -49.16 -23.56
N GLY D 104 56.35 -50.48 -23.51
CA GLY D 104 56.10 -51.29 -24.68
C GLY D 104 54.63 -51.60 -24.92
N GLN D 105 53.83 -51.61 -23.85
CA GLN D 105 52.45 -52.07 -23.94
C GLN D 105 51.41 -51.07 -23.45
N GLU D 106 51.83 -49.97 -22.82
CA GLU D 106 50.88 -49.07 -22.18
C GLU D 106 50.10 -48.26 -23.21
N VAL D 107 50.82 -47.56 -24.09
CA VAL D 107 50.16 -46.71 -25.08
C VAL D 107 49.53 -47.55 -26.19
N GLU D 108 49.98 -48.80 -26.35
CA GLU D 108 49.45 -49.64 -27.41
C GLU D 108 48.09 -50.22 -27.02
N LEU D 109 47.97 -50.76 -25.80
CA LEU D 109 46.70 -51.31 -25.35
C LEU D 109 45.65 -50.21 -25.13
N CYS D 110 46.08 -48.99 -24.84
CA CYS D 110 45.13 -47.89 -24.76
C CYS D 110 44.56 -47.55 -26.13
N LEU D 111 45.40 -47.59 -27.17
CA LEU D 111 44.90 -47.37 -28.52
C LEU D 111 44.03 -48.53 -29.00
N GLU D 112 44.25 -49.73 -28.44
CA GLU D 112 43.40 -50.88 -28.77
C GLU D 112 41.99 -50.68 -28.26
N CYS D 113 41.85 -50.20 -27.02
CA CYS D 113 40.54 -50.03 -26.43
C CYS D 113 39.78 -48.86 -27.06
N ILE D 114 40.51 -47.88 -27.59
CA ILE D 114 39.88 -46.82 -28.36
C ILE D 114 39.30 -47.37 -29.66
N GLU D 115 40.05 -48.26 -30.32
CA GLU D 115 39.53 -48.92 -31.51
C GLU D 115 38.37 -49.85 -31.19
N TRP D 116 38.32 -50.38 -29.97
CA TRP D 116 37.11 -51.07 -29.54
C TRP D 116 35.97 -50.09 -29.32
N ALA D 117 36.30 -48.90 -28.84
CA ALA D 117 35.27 -47.88 -28.68
C ALA D 117 34.87 -47.28 -30.02
N LYS D 118 35.72 -47.39 -31.04
CA LYS D 118 35.27 -47.11 -32.39
C LYS D 118 34.26 -48.16 -32.84
N SER D 119 34.43 -49.39 -32.37
CA SER D 119 33.60 -50.53 -32.77
C SER D 119 32.44 -50.80 -31.83
N GLU D 120 32.30 -50.03 -30.76
CA GLU D 120 31.22 -50.30 -29.81
C GLU D 120 30.42 -49.03 -29.53
N LYS D 121 31.08 -47.87 -29.65
CA LYS D 121 30.49 -46.53 -29.60
C LYS D 121 29.77 -46.26 -28.28
N ARG D 122 30.57 -46.23 -27.22
CA ARG D 122 30.12 -45.72 -25.92
C ARG D 122 30.86 -44.43 -25.67
N THR D 123 30.11 -43.35 -25.41
CA THR D 123 30.70 -42.03 -25.33
C THR D 123 31.50 -41.86 -24.04
N PHE D 124 30.93 -42.28 -22.91
CA PHE D 124 31.59 -42.04 -21.63
C PHE D 124 32.82 -42.93 -21.46
N LEU D 125 32.82 -44.10 -22.09
CA LEU D 125 33.97 -44.98 -21.94
C LEU D 125 35.14 -44.51 -22.79
N ARG D 126 34.87 -44.05 -24.01
CA ARG D 126 35.96 -43.56 -24.85
C ARG D 126 36.55 -42.28 -24.30
N GLN D 127 35.73 -41.44 -23.66
CA GLN D 127 36.24 -40.22 -23.05
C GLN D 127 37.06 -40.53 -21.81
N ALA D 128 36.74 -41.63 -21.12
CA ALA D 128 37.57 -42.08 -20.02
C ALA D 128 38.92 -42.56 -20.51
N LEU D 129 38.96 -43.15 -21.71
CA LEU D 129 40.21 -43.66 -22.25
C LEU D 129 41.05 -42.56 -22.86
N GLU D 130 40.40 -41.56 -23.46
CA GLU D 130 41.13 -40.46 -24.07
C GLU D 130 41.81 -39.60 -23.02
N ALA D 131 41.13 -39.37 -21.90
CA ALA D 131 41.67 -38.52 -20.84
C ALA D 131 42.88 -39.16 -20.18
N ARG D 132 42.90 -40.49 -20.09
CA ARG D 132 44.08 -41.15 -19.53
C ARG D 132 45.23 -41.16 -20.53
N LEU D 133 44.92 -41.29 -21.82
CA LEU D 133 45.95 -41.41 -22.84
C LEU D 133 46.71 -40.10 -23.01
N VAL D 134 46.00 -38.97 -22.99
CA VAL D 134 46.65 -37.68 -23.11
C VAL D 134 47.42 -37.34 -21.84
N SER D 135 47.02 -37.92 -20.71
CA SER D 135 47.83 -37.82 -19.51
C SER D 135 49.10 -38.65 -19.64
N LEU D 136 48.99 -39.81 -20.30
CA LEU D 136 50.16 -40.64 -20.55
C LEU D 136 51.08 -40.00 -21.57
N TYR D 137 50.50 -39.26 -22.53
CA TYR D 137 51.32 -38.53 -23.50
C TYR D 137 52.16 -37.46 -22.81
N PHE D 138 51.60 -36.85 -21.76
CA PHE D 138 52.34 -35.84 -21.01
C PHE D 138 53.43 -36.46 -20.17
N ASP D 139 53.30 -37.74 -19.82
CA ASP D 139 54.28 -38.38 -18.96
C ASP D 139 55.63 -38.52 -19.64
N THR D 140 55.64 -38.71 -20.96
CA THR D 140 56.87 -38.65 -21.74
C THR D 140 57.05 -37.30 -22.41
N LYS D 141 56.09 -36.38 -22.24
CA LYS D 141 56.04 -35.06 -22.85
C LYS D 141 56.10 -35.17 -24.38
N ARG D 142 55.03 -35.74 -24.94
CA ARG D 142 54.92 -35.82 -26.38
C ARG D 142 54.55 -34.46 -26.95
N TYR D 143 55.17 -34.11 -28.07
CA TYR D 143 55.27 -32.72 -28.48
C TYR D 143 53.97 -32.24 -29.14
N GLN D 144 53.60 -32.83 -30.27
CA GLN D 144 52.41 -32.40 -31.00
C GLN D 144 51.19 -33.24 -30.74
N GLU D 145 51.35 -34.57 -30.65
CA GLU D 145 50.19 -35.45 -30.63
C GLU D 145 49.46 -35.40 -29.29
N ALA D 146 50.13 -34.96 -28.23
CA ALA D 146 49.42 -34.70 -26.99
C ALA D 146 48.48 -33.52 -27.13
N LEU D 147 48.93 -32.47 -27.83
CA LEU D 147 48.09 -31.32 -28.08
C LEU D 147 47.06 -31.64 -29.16
N HIS D 148 47.44 -32.47 -30.13
CA HIS D 148 46.51 -32.82 -31.21
C HIS D 148 45.43 -33.76 -30.71
N LEU D 149 45.72 -34.56 -29.69
CA LEU D 149 44.66 -35.36 -29.10
C LEU D 149 43.74 -34.49 -28.25
N GLY D 150 44.32 -33.48 -27.59
CA GLY D 150 43.50 -32.55 -26.81
C GLY D 150 42.66 -31.65 -27.70
N SER D 151 43.12 -31.40 -28.92
CA SER D 151 42.31 -30.63 -29.85
C SER D 151 41.13 -31.45 -30.35
N GLN D 152 41.38 -32.69 -30.76
CA GLN D 152 40.34 -33.50 -31.39
C GLN D 152 39.28 -33.98 -30.42
N LEU D 153 39.56 -34.02 -29.12
CA LEU D 153 38.57 -34.35 -28.13
C LEU D 153 37.75 -33.15 -27.69
N LEU D 154 38.39 -31.99 -27.56
CA LEU D 154 37.70 -30.78 -27.17
C LEU D 154 36.94 -30.13 -28.32
N ARG D 155 36.99 -30.71 -29.53
CA ARG D 155 36.01 -30.33 -30.54
C ARG D 155 34.63 -30.85 -30.18
N GLU D 156 34.57 -31.93 -29.39
CA GLU D 156 33.31 -32.55 -29.02
C GLU D 156 32.91 -32.32 -27.58
N LEU D 157 33.87 -32.12 -26.67
CA LEU D 157 33.56 -32.01 -25.25
C LEU D 157 32.82 -30.72 -24.93
N LYS D 158 33.21 -29.61 -25.56
CA LYS D 158 32.41 -28.40 -25.45
C LYS D 158 31.12 -28.51 -26.26
N LYS D 159 31.06 -29.44 -27.21
CA LYS D 159 29.85 -29.67 -27.99
C LYS D 159 28.88 -30.62 -27.29
N MET D 160 29.38 -31.59 -26.53
CA MET D 160 28.50 -32.54 -25.86
C MET D 160 27.93 -31.95 -24.57
N ASP D 161 27.34 -32.80 -23.75
CA ASP D 161 26.52 -32.38 -22.62
C ASP D 161 27.30 -32.30 -21.32
N ASP D 162 28.35 -33.09 -21.16
CA ASP D 162 29.07 -33.19 -19.89
C ASP D 162 29.84 -31.90 -19.61
N LYS D 163 30.11 -31.66 -18.33
CA LYS D 163 30.79 -30.43 -17.91
C LYS D 163 32.00 -30.74 -17.04
N ALA D 164 31.91 -31.80 -16.22
CA ALA D 164 32.92 -32.05 -15.19
C ALA D 164 34.24 -32.53 -15.79
N LEU D 165 34.19 -33.28 -16.89
CA LEU D 165 35.42 -33.77 -17.51
C LEU D 165 36.14 -32.65 -18.25
N LEU D 166 35.41 -31.61 -18.67
CA LEU D 166 36.00 -30.54 -19.45
C LEU D 166 36.95 -29.69 -18.63
N VAL D 167 36.70 -29.60 -17.32
CA VAL D 167 37.54 -28.77 -16.46
C VAL D 167 38.93 -29.37 -16.34
N GLU D 168 39.02 -30.69 -16.39
CA GLU D 168 40.32 -31.33 -16.24
C GLU D 168 41.13 -31.24 -17.53
N VAL D 169 40.49 -31.43 -18.68
CA VAL D 169 41.25 -31.45 -19.93
C VAL D 169 41.60 -30.05 -20.40
N GLN D 170 40.84 -29.04 -19.98
CA GLN D 170 41.32 -27.67 -20.14
C GLN D 170 42.52 -27.44 -19.25
N LEU D 171 42.50 -28.01 -18.04
CA LEU D 171 43.58 -27.80 -17.09
C LEU D 171 44.83 -28.58 -17.51
N LEU D 172 44.64 -29.72 -18.17
CA LEU D 172 45.80 -30.50 -18.59
C LEU D 172 46.49 -29.86 -19.78
N GLU D 173 45.75 -29.14 -20.62
CA GLU D 173 46.40 -28.39 -21.68
C GLU D 173 47.20 -27.21 -21.14
N SER D 174 46.77 -26.62 -20.02
CA SER D 174 47.52 -25.51 -19.44
C SER D 174 48.86 -25.98 -18.88
N LYS D 175 48.98 -27.26 -18.57
CA LYS D 175 50.29 -27.82 -18.27
C LYS D 175 51.16 -27.87 -19.51
N THR D 176 50.60 -28.35 -20.62
CA THR D 176 51.44 -28.63 -21.78
C THR D 176 51.72 -27.39 -22.61
N TYR D 177 50.86 -26.35 -22.54
CA TYR D 177 51.25 -25.10 -23.17
C TYR D 177 52.31 -24.39 -22.34
N HIS D 178 52.30 -24.59 -21.03
CA HIS D 178 53.41 -24.12 -20.21
C HIS D 178 54.63 -25.02 -20.39
N ALA D 179 54.41 -26.30 -20.69
CA ALA D 179 55.54 -27.19 -20.94
C ALA D 179 56.25 -26.84 -22.24
N LEU D 180 55.53 -26.26 -23.20
CA LEU D 180 56.16 -25.71 -24.40
C LEU D 180 56.59 -24.26 -24.21
N SER D 181 56.52 -23.77 -22.97
CA SER D 181 56.94 -22.43 -22.57
C SER D 181 56.19 -21.34 -23.32
N ASN D 182 54.90 -21.55 -23.53
CA ASN D 182 54.02 -20.54 -24.13
C ASN D 182 53.22 -19.92 -22.99
N LEU D 183 53.74 -18.83 -22.44
CA LEU D 183 53.17 -18.27 -21.22
C LEU D 183 51.85 -17.51 -21.42
N PRO D 184 51.67 -16.66 -22.46
CA PRO D 184 50.36 -16.01 -22.59
C PRO D 184 49.23 -16.94 -22.99
N LYS D 185 49.52 -18.00 -23.75
CA LYS D 185 48.47 -18.94 -24.11
C LYS D 185 48.06 -19.80 -22.93
N ALA D 186 49.01 -20.15 -22.06
CA ALA D 186 48.69 -20.95 -20.89
C ALA D 186 47.89 -20.15 -19.87
N ARG D 187 48.17 -18.85 -19.76
CA ARG D 187 47.31 -17.96 -19.00
C ARG D 187 45.91 -17.90 -19.59
N ALA D 188 45.82 -17.94 -20.92
CA ALA D 188 44.51 -17.89 -21.57
C ALA D 188 43.73 -19.17 -21.35
N ALA D 189 44.40 -20.32 -21.42
CA ALA D 189 43.69 -21.58 -21.27
C ALA D 189 43.33 -21.84 -19.82
N LEU D 190 44.10 -21.29 -18.89
CA LEU D 190 43.77 -21.45 -17.48
C LEU D 190 42.53 -20.66 -17.11
N THR D 191 42.39 -19.46 -17.65
CA THR D 191 41.26 -18.60 -17.33
C THR D 191 39.96 -19.16 -17.89
N SER D 192 40.04 -19.79 -19.07
CA SER D 192 38.89 -20.48 -19.62
C SER D 192 38.54 -21.72 -18.79
N ALA D 193 39.53 -22.27 -18.08
CA ALA D 193 39.23 -23.35 -17.17
C ALA D 193 38.63 -22.83 -15.87
N ARG D 194 38.94 -21.58 -15.51
CA ARG D 194 38.37 -21.01 -14.29
C ARG D 194 36.88 -20.76 -14.42
N THR D 195 36.48 -20.13 -15.54
CA THR D 195 35.08 -19.81 -15.75
C THR D 195 34.22 -21.04 -16.00
N THR D 196 34.84 -22.15 -16.39
CA THR D 196 34.09 -23.39 -16.55
C THR D 196 33.95 -24.10 -15.21
N ALA D 197 34.92 -23.91 -14.32
CA ALA D 197 35.01 -24.66 -13.08
C ALA D 197 33.95 -24.28 -12.06
N ASN D 198 33.20 -23.21 -12.29
CA ASN D 198 32.32 -22.68 -11.27
C ASN D 198 30.91 -23.22 -11.36
N ALA D 199 30.69 -24.34 -12.06
CA ALA D 199 29.34 -24.86 -12.28
C ALA D 199 29.31 -26.38 -12.16
N ILE D 200 29.96 -26.93 -11.15
CA ILE D 200 30.08 -28.38 -10.99
C ILE D 200 29.66 -28.73 -9.56
N TYR D 201 29.01 -29.89 -9.40
CA TYR D 201 28.64 -30.43 -8.10
C TYR D 201 29.82 -30.52 -7.16
N CYS D 202 30.84 -31.29 -7.52
CA CYS D 202 32.09 -31.31 -6.78
C CYS D 202 33.24 -31.24 -7.76
N PRO D 203 34.11 -30.25 -7.62
CA PRO D 203 35.52 -30.45 -7.92
C PRO D 203 36.29 -30.82 -6.67
N PRO D 204 36.15 -32.06 -6.17
CA PRO D 204 36.55 -32.32 -4.78
C PRO D 204 38.05 -32.44 -4.57
N LYS D 205 38.79 -32.77 -5.62
CA LYS D 205 40.23 -32.94 -5.59
C LYS D 205 40.81 -32.11 -6.73
N LEU D 206 40.01 -31.93 -7.77
CA LEU D 206 40.36 -31.07 -8.90
C LEU D 206 40.48 -29.60 -8.52
N GLN D 207 39.97 -29.21 -7.36
CA GLN D 207 40.17 -27.84 -6.89
C GLN D 207 41.64 -27.57 -6.59
N ALA D 208 42.27 -28.45 -5.79
CA ALA D 208 43.68 -28.25 -5.45
C ALA D 208 44.58 -28.43 -6.66
N THR D 209 44.19 -29.31 -7.59
CA THR D 209 44.90 -29.45 -8.85
C THR D 209 44.86 -28.16 -9.64
N LEU D 210 43.69 -27.52 -9.69
CA LEU D 210 43.58 -26.21 -10.32
C LEU D 210 44.32 -25.15 -9.54
N ASP D 211 44.38 -25.29 -8.22
CA ASP D 211 45.01 -24.27 -7.39
C ASP D 211 46.52 -24.29 -7.53
N MET D 212 47.09 -25.48 -7.77
CA MET D 212 48.54 -25.56 -7.94
C MET D 212 48.98 -24.87 -9.22
N GLN D 213 48.32 -25.20 -10.34
CA GLN D 213 48.72 -24.64 -11.62
C GLN D 213 48.38 -23.17 -11.71
N SER D 214 47.39 -22.73 -10.95
CA SER D 214 47.11 -21.30 -10.82
C SER D 214 48.27 -20.58 -10.13
N GLY D 215 48.97 -21.28 -9.23
CA GLY D 215 50.21 -20.73 -8.72
C GLY D 215 51.31 -20.75 -9.75
N ILE D 216 51.30 -21.75 -10.64
CA ILE D 216 52.41 -21.97 -11.57
C ILE D 216 52.48 -20.87 -12.61
N ILE D 217 51.36 -20.62 -13.30
CA ILE D 217 51.36 -19.61 -14.34
C ILE D 217 51.48 -18.21 -13.71
N HIS D 218 50.96 -18.03 -12.50
CA HIS D 218 51.23 -16.79 -11.78
C HIS D 218 52.68 -16.68 -11.33
N ALA D 219 53.35 -17.81 -11.08
CA ALA D 219 54.78 -17.76 -10.79
C ALA D 219 55.58 -17.43 -12.04
N ALA D 220 55.20 -18.03 -13.17
CA ALA D 220 55.93 -17.85 -14.42
C ALA D 220 55.76 -16.46 -15.03
N GLU D 221 54.91 -15.60 -14.44
CA GLU D 221 54.96 -14.19 -14.79
C GLU D 221 56.24 -13.54 -14.30
N GLU D 222 56.82 -14.06 -13.21
CA GLU D 222 57.91 -13.45 -12.46
C GLU D 222 57.57 -12.02 -12.02
N LYS D 223 56.31 -11.80 -11.68
CA LYS D 223 55.76 -10.50 -11.32
C LYS D 223 55.03 -10.51 -10.00
N ASP D 224 54.31 -11.59 -9.70
CA ASP D 224 53.37 -11.62 -8.60
C ASP D 224 53.67 -12.84 -7.74
N TRP D 225 54.60 -12.66 -6.80
CA TRP D 225 55.04 -13.73 -5.92
C TRP D 225 54.33 -13.70 -4.58
N LYS D 226 53.14 -13.16 -4.55
CA LYS D 226 52.39 -13.22 -3.31
C LYS D 226 51.02 -13.83 -3.51
N THR D 227 50.37 -13.57 -4.65
CA THR D 227 49.10 -14.23 -4.94
C THR D 227 49.32 -15.69 -5.30
N ALA D 228 50.40 -15.96 -6.05
CA ALA D 228 50.73 -17.33 -6.41
C ALA D 228 51.01 -18.19 -5.19
N TYR D 229 51.56 -17.57 -4.15
CA TYR D 229 51.71 -18.25 -2.86
C TYR D 229 50.37 -18.70 -2.31
N SER D 230 49.34 -17.85 -2.45
CA SER D 230 48.03 -18.21 -1.95
C SER D 230 47.41 -19.33 -2.79
N TYR D 231 47.72 -19.37 -4.09
CA TYR D 231 47.19 -20.46 -4.91
C TYR D 231 47.86 -21.78 -4.56
N PHE D 232 49.18 -21.76 -4.31
CA PHE D 232 49.85 -22.99 -3.90
C PHE D 232 49.40 -23.42 -2.51
N TYR D 233 49.13 -22.45 -1.64
CA TYR D 233 48.76 -22.79 -0.27
C TYR D 233 47.39 -23.45 -0.22
N GLU D 234 46.47 -22.98 -1.05
CA GLU D 234 45.17 -23.63 -1.15
C GLU D 234 45.29 -25.00 -1.81
N ALA D 235 46.29 -25.18 -2.67
CA ALA D 235 46.51 -26.47 -3.30
C ALA D 235 46.99 -27.50 -2.29
N PHE D 236 47.78 -27.08 -1.31
CA PHE D 236 48.26 -28.05 -0.33
C PHE D 236 47.21 -28.35 0.73
N GLU D 237 46.43 -27.34 1.10
CA GLU D 237 45.32 -27.57 2.03
C GLU D 237 44.28 -28.49 1.40
N GLY D 238 44.10 -28.41 0.09
CA GLY D 238 43.27 -29.40 -0.59
C GLY D 238 43.95 -30.76 -0.65
N TYR D 239 45.27 -30.77 -0.76
CA TYR D 239 46.03 -32.01 -0.76
C TYR D 239 46.33 -32.52 0.63
N ASP D 240 45.63 -32.04 1.66
CA ASP D 240 46.05 -32.29 3.03
C ASP D 240 45.79 -33.74 3.41
N SER D 241 46.84 -34.56 3.28
CA SER D 241 46.92 -35.95 3.73
C SER D 241 45.92 -36.87 3.05
N ILE D 242 45.29 -36.42 1.96
CA ILE D 242 44.45 -37.31 1.19
C ILE D 242 45.20 -37.88 -0.01
N ASP D 243 46.25 -37.21 -0.46
CA ASP D 243 47.19 -37.75 -1.45
C ASP D 243 48.54 -37.10 -1.16
N SER D 244 49.33 -37.78 -0.35
CA SER D 244 50.65 -37.25 0.03
C SER D 244 51.68 -37.16 -1.08
N PRO D 245 51.78 -38.06 -2.08
CA PRO D 245 52.73 -37.81 -3.19
C PRO D 245 52.44 -36.56 -3.99
N LYS D 246 51.18 -36.17 -4.12
CA LYS D 246 50.88 -34.88 -4.71
C LYS D 246 51.00 -33.74 -3.70
N ALA D 247 51.01 -34.06 -2.41
CA ALA D 247 51.09 -33.01 -1.39
C ALA D 247 52.52 -32.68 -1.01
N ILE D 248 53.45 -33.62 -1.18
CA ILE D 248 54.80 -33.39 -0.72
C ILE D 248 55.52 -32.41 -1.63
N THR D 249 55.11 -32.33 -2.90
CA THR D 249 55.71 -31.37 -3.81
C THR D 249 55.18 -29.96 -3.60
N SER D 250 54.07 -29.82 -2.86
CA SER D 250 53.40 -28.53 -2.77
C SER D 250 54.16 -27.55 -1.90
N LEU D 251 54.86 -28.04 -0.88
CA LEU D 251 55.67 -27.13 -0.06
C LEU D 251 56.87 -26.62 -0.83
N LYS D 252 57.36 -27.41 -1.79
CA LYS D 252 58.51 -27.01 -2.59
C LYS D 252 58.19 -25.78 -3.42
N TYR D 253 56.97 -25.71 -3.97
CA TYR D 253 56.60 -24.55 -4.74
C TYR D 253 56.37 -23.34 -3.86
N MET D 254 55.65 -23.52 -2.75
CA MET D 254 55.28 -22.35 -1.96
C MET D 254 56.44 -21.82 -1.13
N LEU D 255 57.42 -22.66 -0.82
CA LEU D 255 58.62 -22.10 -0.20
C LEU D 255 59.46 -21.37 -1.22
N LEU D 256 59.53 -21.90 -2.45
CA LEU D 256 60.27 -21.23 -3.52
C LEU D 256 59.59 -19.94 -3.92
N CYS D 257 58.27 -19.89 -3.80
CA CYS D 257 57.56 -18.63 -3.99
C CYS D 257 57.90 -17.64 -2.90
N LYS D 258 58.23 -18.13 -1.71
CA LYS D 258 58.63 -17.26 -0.62
C LYS D 258 60.09 -16.84 -0.73
N ILE D 259 60.91 -17.64 -1.42
CA ILE D 259 62.33 -17.30 -1.56
C ILE D 259 62.51 -16.07 -2.44
N MET D 260 61.89 -16.07 -3.61
CA MET D 260 61.96 -14.90 -4.47
C MET D 260 61.15 -13.73 -3.91
N LEU D 261 60.24 -13.99 -2.98
CA LEU D 261 59.57 -12.96 -2.20
C LEU D 261 60.50 -12.33 -1.17
N ASN D 262 61.70 -12.88 -0.98
CA ASN D 262 62.78 -12.32 -0.18
C ASN D 262 62.42 -12.24 1.30
N THR D 263 61.62 -13.17 1.77
CA THR D 263 61.35 -13.35 3.20
C THR D 263 61.78 -14.76 3.56
N PRO D 264 63.08 -15.00 3.70
CA PRO D 264 63.55 -16.38 3.90
C PRO D 264 63.34 -16.88 5.31
N GLU D 265 63.10 -16.00 6.27
CA GLU D 265 62.89 -16.42 7.65
C GLU D 265 61.58 -17.18 7.79
N ASP D 266 60.56 -16.79 7.03
CA ASP D 266 59.26 -17.44 7.15
C ASP D 266 59.25 -18.84 6.54
N VAL D 267 60.28 -19.20 5.78
CA VAL D 267 60.47 -20.60 5.38
C VAL D 267 60.67 -21.47 6.61
N GLN D 268 61.48 -20.99 7.54
CA GLN D 268 61.65 -21.68 8.82
C GLN D 268 60.37 -21.67 9.64
N ALA D 269 59.60 -20.58 9.55
CA ALA D 269 58.37 -20.46 10.33
C ALA D 269 57.31 -21.45 9.85
N LEU D 270 57.26 -21.71 8.54
CA LEU D 270 56.28 -22.67 8.04
C LEU D 270 56.63 -24.09 8.43
N VAL D 271 57.90 -24.48 8.25
CA VAL D 271 58.30 -25.85 8.54
C VAL D 271 58.34 -26.12 10.04
N SER D 272 58.39 -25.08 10.86
CA SER D 272 58.14 -25.21 12.28
C SER D 272 56.67 -25.35 12.60
N GLY D 273 55.79 -25.00 11.66
CA GLY D 273 54.38 -25.16 11.87
C GLY D 273 53.96 -26.62 11.92
N LYS D 274 52.90 -26.87 12.68
CA LYS D 274 52.51 -28.22 13.02
C LYS D 274 51.94 -29.00 11.84
N LEU D 275 51.51 -28.33 10.78
CA LEU D 275 51.09 -29.05 9.61
C LEU D 275 52.27 -29.52 8.77
N ALA D 276 53.31 -28.69 8.68
CA ALA D 276 54.51 -29.08 7.95
C ALA D 276 55.39 -30.05 8.72
N LEU D 277 55.14 -30.24 10.01
CA LEU D 277 55.84 -31.27 10.76
C LEU D 277 55.42 -32.67 10.34
N ARG D 278 54.27 -32.81 9.69
CA ARG D 278 53.84 -34.08 9.13
C ARG D 278 54.78 -34.55 8.02
N TYR D 279 55.37 -33.62 7.27
CA TYR D 279 56.08 -33.91 6.03
C TYR D 279 57.54 -33.48 6.11
N ALA D 280 58.22 -33.79 7.20
CA ALA D 280 59.64 -33.49 7.28
C ALA D 280 60.44 -34.47 6.42
N GLY D 281 61.70 -34.16 6.22
CA GLY D 281 62.58 -35.04 5.47
C GLY D 281 63.70 -34.26 4.81
N ARG D 282 64.12 -34.75 3.64
CA ARG D 282 65.24 -34.14 2.94
C ARG D 282 64.85 -32.83 2.28
N GLN D 283 63.66 -32.79 1.68
CA GLN D 283 63.28 -31.67 0.84
C GLN D 283 63.03 -30.42 1.65
N THR D 284 62.62 -30.55 2.91
CA THR D 284 62.56 -29.37 3.76
C THR D 284 63.94 -28.96 4.22
N GLU D 285 64.88 -29.91 4.36
CA GLU D 285 66.23 -29.54 4.72
C GLU D 285 66.94 -28.85 3.57
N ALA D 286 66.50 -29.14 2.34
CA ALA D 286 67.05 -28.45 1.18
C ALA D 286 66.66 -26.98 1.18
N LEU D 287 65.38 -26.69 1.37
CA LEU D 287 64.92 -25.32 1.26
C LEU D 287 65.27 -24.50 2.49
N LYS D 288 65.60 -25.14 3.61
CA LYS D 288 66.03 -24.37 4.77
C LYS D 288 67.43 -23.83 4.59
N CYS D 289 68.37 -24.68 4.16
CA CYS D 289 69.75 -24.24 4.01
C CYS D 289 69.93 -23.33 2.81
N VAL D 290 69.12 -23.52 1.76
CA VAL D 290 69.11 -22.58 0.65
C VAL D 290 68.63 -21.21 1.10
N ALA D 291 67.58 -21.18 1.90
CA ALA D 291 67.10 -19.91 2.46
C ALA D 291 68.10 -19.34 3.43
N GLN D 292 68.83 -20.20 4.15
CA GLN D 292 69.82 -19.72 5.10
C GLN D 292 71.00 -19.10 4.38
N ALA D 293 71.41 -19.67 3.25
CA ALA D 293 72.50 -19.10 2.49
C ALA D 293 72.10 -17.81 1.81
N SER D 294 70.86 -17.75 1.31
CA SER D 294 70.38 -16.52 0.67
C SER D 294 70.14 -15.43 1.69
N LYS D 295 69.79 -15.80 2.92
CA LYS D 295 69.69 -14.82 3.99
C LYS D 295 71.06 -14.26 4.35
N ASN D 296 72.07 -15.11 4.36
CA ASN D 296 73.42 -14.69 4.72
C ASN D 296 74.13 -13.96 3.59
N ARG D 297 73.59 -14.02 2.37
CA ARG D 297 74.19 -13.44 1.15
C ARG D 297 75.58 -13.99 0.86
N SER D 298 75.84 -15.22 1.28
CA SER D 298 77.09 -15.90 0.97
C SER D 298 76.88 -16.66 -0.32
N LEU D 299 77.64 -16.29 -1.35
CA LEU D 299 77.34 -16.75 -2.69
C LEU D 299 77.77 -18.20 -2.90
N ALA D 300 78.97 -18.55 -2.43
CA ALA D 300 79.43 -19.93 -2.57
C ALA D 300 78.68 -20.87 -1.67
N ASP D 301 78.18 -20.37 -0.53
CA ASP D 301 77.37 -21.18 0.36
C ASP D 301 76.07 -21.58 -0.28
N PHE D 302 75.52 -20.70 -1.11
CA PHE D 302 74.38 -21.07 -1.95
C PHE D 302 74.77 -22.18 -2.92
N GLU D 303 75.95 -22.04 -3.52
CA GLU D 303 76.43 -23.06 -4.45
C GLU D 303 76.78 -24.35 -3.73
N LYS D 304 77.31 -24.25 -2.51
CA LYS D 304 77.57 -25.43 -1.71
C LYS D 304 76.27 -26.12 -1.33
N ALA D 305 75.26 -25.33 -0.92
CA ALA D 305 73.95 -25.92 -0.62
C ALA D 305 73.28 -26.45 -1.87
N LEU D 306 73.55 -25.85 -3.02
CA LEU D 306 73.14 -26.46 -4.28
C LEU D 306 73.87 -27.77 -4.52
N THR D 307 75.13 -27.84 -4.12
CA THR D 307 75.95 -29.00 -4.44
C THR D 307 75.71 -30.14 -3.44
N ASP D 308 75.45 -29.79 -2.17
CA ASP D 308 75.25 -30.83 -1.16
C ASP D 308 73.96 -31.59 -1.38
N TYR D 309 72.94 -30.92 -1.91
CA TYR D 309 71.63 -31.49 -2.16
C TYR D 309 71.39 -31.37 -3.65
N ARG D 310 71.82 -32.37 -4.42
CA ARG D 310 71.61 -32.26 -5.86
C ARG D 310 70.20 -32.69 -6.24
N ALA D 311 69.91 -33.97 -6.08
CA ALA D 311 68.74 -34.61 -6.69
C ALA D 311 67.41 -34.11 -6.14
N GLU D 312 67.43 -33.39 -5.02
CA GLU D 312 66.23 -32.73 -4.56
C GLU D 312 65.88 -31.54 -5.44
N LEU D 313 66.86 -30.68 -5.74
CA LEU D 313 66.51 -29.37 -6.28
C LEU D 313 67.41 -28.84 -7.40
N ARG D 314 68.34 -29.63 -7.95
CA ARG D 314 68.91 -29.22 -9.22
C ARG D 314 68.15 -29.81 -10.40
N ASP D 315 67.23 -30.72 -10.15
CA ASP D 315 66.18 -31.00 -11.12
C ASP D 315 65.24 -29.81 -11.19
N ASP D 316 64.49 -29.72 -12.28
CA ASP D 316 63.64 -28.55 -12.54
C ASP D 316 62.14 -28.88 -12.55
N PRO D 317 61.51 -29.25 -11.38
CA PRO D 317 60.04 -29.11 -11.29
C PRO D 317 59.46 -27.94 -10.48
N ILE D 318 59.46 -26.68 -10.93
CA ILE D 318 60.22 -26.13 -12.02
C ILE D 318 61.03 -25.07 -11.30
N ILE D 319 61.39 -25.43 -10.07
CA ILE D 319 62.04 -24.53 -9.13
C ILE D 319 63.46 -24.17 -9.56
N SER D 320 64.12 -25.02 -10.35
CA SER D 320 65.52 -24.79 -10.68
C SER D 320 65.69 -23.64 -11.66
N THR D 321 64.62 -23.30 -12.38
CA THR D 321 64.65 -22.12 -13.23
C THR D 321 64.79 -20.86 -12.40
N HIS D 322 63.94 -20.71 -11.38
CA HIS D 322 63.96 -19.50 -10.58
C HIS D 322 65.18 -19.43 -9.68
N LEU D 323 65.71 -20.58 -9.26
CA LEU D 323 66.92 -20.60 -8.47
C LEU D 323 68.12 -20.15 -9.30
N ALA D 324 68.09 -20.45 -10.60
CA ALA D 324 69.12 -19.92 -11.49
C ALA D 324 68.99 -18.41 -11.63
N LYS D 325 67.75 -17.91 -11.63
CA LYS D 325 67.53 -16.47 -11.74
C LYS D 325 67.94 -15.76 -10.46
N LEU D 326 67.72 -16.40 -9.32
CA LEU D 326 68.04 -15.74 -8.06
C LEU D 326 69.54 -15.79 -7.81
N TYR D 327 70.21 -16.85 -8.24
CA TYR D 327 71.65 -16.92 -8.13
C TYR D 327 72.32 -15.91 -9.06
N ASP D 328 71.90 -15.90 -10.33
CA ASP D 328 72.46 -14.97 -11.30
C ASP D 328 71.97 -13.55 -11.11
N ASN D 329 71.07 -13.32 -10.15
CA ASN D 329 70.87 -11.99 -9.61
C ASN D 329 71.92 -11.69 -8.55
N LEU D 330 72.10 -12.62 -7.61
CA LEU D 330 72.83 -12.36 -6.38
C LEU D 330 74.33 -12.20 -6.61
N LEU D 331 74.84 -12.63 -7.77
CA LEU D 331 76.23 -12.32 -8.13
C LEU D 331 76.44 -10.82 -8.22
N GLU D 332 75.76 -10.16 -9.15
CA GLU D 332 75.98 -8.73 -9.31
C GLU D 332 75.28 -7.91 -8.25
N GLN D 333 74.45 -8.53 -7.41
CA GLN D 333 74.05 -7.85 -6.18
C GLN D 333 75.26 -7.60 -5.30
N ASN D 334 76.10 -8.61 -5.12
CA ASN D 334 77.30 -8.46 -4.33
C ASN D 334 78.40 -7.73 -5.08
N LEU D 335 78.43 -7.86 -6.41
CA LEU D 335 79.50 -7.25 -7.19
C LEU D 335 79.36 -5.74 -7.26
N ILE D 336 78.14 -5.21 -7.25
CA ILE D 336 78.02 -3.76 -7.31
C ILE D 336 78.36 -3.10 -5.98
N ARG D 337 78.44 -3.86 -4.90
CA ARG D 337 78.79 -3.30 -3.62
C ARG D 337 80.27 -3.02 -3.48
N VAL D 338 81.10 -3.70 -4.27
CA VAL D 338 82.53 -3.75 -4.00
C VAL D 338 83.32 -3.17 -5.16
N ILE D 339 82.75 -2.16 -5.83
CA ILE D 339 83.47 -1.49 -6.90
C ILE D 339 83.81 -0.08 -6.46
N GLU D 340 82.87 0.57 -5.79
CA GLU D 340 82.97 1.93 -5.26
C GLU D 340 84.20 2.32 -4.43
N PRO D 341 84.90 1.41 -3.72
CA PRO D 341 86.16 1.85 -3.11
C PRO D 341 87.24 2.32 -4.09
N PHE D 342 87.26 1.84 -5.33
CA PHE D 342 88.39 2.12 -6.20
C PHE D 342 87.94 2.72 -7.52
N SER D 343 88.91 3.29 -8.22
CA SER D 343 88.77 3.57 -9.64
C SER D 343 89.25 2.43 -10.49
N ARG D 344 90.18 1.63 -10.00
CA ARG D 344 90.85 0.64 -10.82
C ARG D 344 91.42 -0.45 -9.94
N VAL D 345 91.17 -1.70 -10.32
CA VAL D 345 91.62 -2.86 -9.55
C VAL D 345 91.97 -3.94 -10.56
N GLN D 346 92.75 -4.92 -10.09
CA GLN D 346 92.98 -6.16 -10.82
C GLN D 346 92.05 -7.24 -10.30
N ILE D 347 91.66 -8.13 -11.22
CA ILE D 347 90.46 -8.93 -10.98
C ILE D 347 90.68 -10.08 -10.01
N GLU D 348 91.92 -10.42 -9.67
CA GLU D 348 92.09 -11.49 -8.71
C GLU D 348 91.79 -11.02 -7.29
N HIS D 349 91.89 -9.72 -7.03
CA HIS D 349 91.41 -9.19 -5.76
C HIS D 349 89.90 -9.26 -5.67
N ILE D 350 89.21 -8.96 -6.76
CA ILE D 350 87.76 -8.96 -6.71
C ILE D 350 87.22 -10.38 -6.74
N SER D 351 88.01 -11.34 -7.20
CA SER D 351 87.65 -12.74 -6.99
C SER D 351 87.87 -13.12 -5.53
N SER D 352 88.87 -12.50 -4.90
CA SER D 352 89.19 -12.82 -3.51
C SER D 352 88.17 -12.24 -2.55
N LEU D 353 87.66 -11.04 -2.83
CA LEU D 353 86.63 -10.45 -2.00
C LEU D 353 85.27 -11.08 -2.23
N ILE D 354 85.09 -11.82 -3.32
CA ILE D 354 83.84 -12.51 -3.56
C ILE D 354 83.95 -14.00 -3.27
N LYS D 355 85.18 -14.51 -3.09
CA LYS D 355 85.51 -15.91 -2.82
C LYS D 355 84.93 -16.82 -3.91
N LEU D 356 85.49 -16.64 -5.09
CA LEU D 356 85.06 -17.36 -6.29
C LEU D 356 86.23 -17.33 -7.27
N SER D 357 86.16 -18.21 -8.28
CA SER D 357 87.13 -18.23 -9.35
C SER D 357 87.05 -16.95 -10.19
N LYS D 358 88.06 -16.71 -11.01
CA LYS D 358 88.09 -15.49 -11.80
C LYS D 358 87.51 -15.67 -13.19
N ALA D 359 87.36 -16.91 -13.66
CA ALA D 359 86.95 -17.14 -15.04
C ALA D 359 85.49 -16.79 -15.27
N ASP D 360 84.62 -17.21 -14.36
CA ASP D 360 83.22 -16.81 -14.43
C ASP D 360 83.04 -15.34 -14.11
N VAL D 361 83.90 -14.79 -13.25
CA VAL D 361 83.87 -13.37 -12.93
C VAL D 361 84.18 -12.53 -14.16
N GLU D 362 85.11 -12.99 -15.01
CA GLU D 362 85.36 -12.34 -16.28
C GLU D 362 84.13 -12.38 -17.18
N ARG D 363 83.44 -13.52 -17.24
CA ARG D 363 82.27 -13.60 -18.07
C ARG D 363 81.10 -12.84 -17.46
N LYS D 364 81.03 -12.80 -16.12
CA LYS D 364 79.89 -12.14 -15.50
C LYS D 364 80.03 -10.63 -15.56
N LEU D 365 81.25 -10.12 -15.37
CA LEU D 365 81.47 -8.69 -15.51
C LEU D 365 81.25 -8.21 -16.93
N SER D 366 81.77 -8.95 -17.90
CA SER D 366 81.67 -8.54 -19.30
C SER D 366 80.23 -8.50 -19.79
N GLN D 367 79.40 -9.39 -19.25
CA GLN D 367 77.97 -9.35 -19.55
C GLN D 367 77.33 -8.09 -18.99
N MET D 368 77.86 -7.57 -17.88
CA MET D 368 77.29 -6.36 -17.31
C MET D 368 77.65 -5.12 -18.13
N ILE D 369 78.80 -5.12 -18.79
CA ILE D 369 79.11 -4.03 -19.71
C ILE D 369 78.23 -4.12 -20.95
N LEU D 370 78.05 -5.34 -21.49
CA LEU D 370 77.27 -5.54 -22.70
C LEU D 370 75.81 -5.14 -22.51
N ASP D 371 75.24 -5.45 -21.36
CA ASP D 371 73.86 -5.09 -21.08
C ASP D 371 73.75 -3.78 -20.30
N LYS D 372 74.84 -3.00 -20.28
CA LYS D 372 74.87 -1.61 -19.79
C LYS D 372 74.47 -1.49 -18.33
N LYS D 373 74.79 -2.50 -17.53
CA LYS D 373 74.51 -2.46 -16.11
C LYS D 373 75.60 -1.75 -15.33
N PHE D 374 76.64 -1.28 -16.01
CA PHE D 374 77.90 -0.96 -15.36
C PHE D 374 78.77 -0.18 -16.33
N HIS D 375 79.55 0.76 -15.81
CA HIS D 375 80.35 1.65 -16.65
C HIS D 375 81.83 1.37 -16.41
N GLY D 376 82.36 0.40 -17.13
CA GLY D 376 83.75 0.04 -16.98
C GLY D 376 84.28 -0.63 -18.21
N ILE D 377 85.48 -1.21 -18.07
CA ILE D 377 86.16 -1.86 -19.19
C ILE D 377 87.16 -2.83 -18.59
N LEU D 378 87.54 -3.84 -19.36
CA LEU D 378 88.46 -4.87 -18.90
C LEU D 378 89.70 -4.91 -19.79
N ASP D 379 90.73 -5.59 -19.29
CA ASP D 379 91.98 -5.79 -20.00
C ASP D 379 92.43 -7.24 -19.86
N GLN D 380 92.69 -7.89 -21.00
CA GLN D 380 93.31 -9.21 -20.95
C GLN D 380 94.81 -9.13 -20.71
N GLY D 381 95.46 -8.08 -21.22
CA GLY D 381 96.89 -7.92 -21.05
C GLY D 381 97.31 -7.51 -19.66
N GLU D 382 96.36 -7.11 -18.81
CA GLU D 382 96.66 -6.71 -17.46
C GLU D 382 95.84 -7.43 -16.41
N GLY D 383 94.70 -8.01 -16.76
CA GLY D 383 93.80 -8.59 -15.77
C GLY D 383 93.22 -7.53 -14.86
N VAL D 384 93.01 -6.34 -15.38
CA VAL D 384 92.78 -5.14 -14.58
C VAL D 384 91.45 -4.53 -14.97
N LEU D 385 90.59 -4.31 -13.99
CA LEU D 385 89.30 -3.65 -14.21
C LEU D 385 89.43 -2.15 -14.02
N ILE D 386 88.89 -1.38 -14.96
CA ILE D 386 89.00 0.08 -14.95
C ILE D 386 87.60 0.66 -14.98
N ILE D 387 87.35 1.66 -14.13
CA ILE D 387 86.03 2.27 -13.97
C ILE D 387 86.09 3.74 -14.35
N PHE D 388 85.18 4.16 -15.22
CA PHE D 388 85.12 5.53 -15.74
C PHE D 388 83.66 5.96 -15.75
N ASP D 389 83.39 7.12 -16.36
CA ASP D 389 82.05 7.69 -16.38
C ASP D 389 81.60 8.03 -17.79
N GLU D 390 80.43 8.67 -17.92
CA GLU D 390 79.82 8.91 -19.22
C GLU D 390 79.61 10.41 -19.45
N PRO D 391 79.75 10.86 -20.69
CA PRO D 391 79.49 12.27 -21.00
C PRO D 391 78.02 12.51 -21.33
N PRO D 392 77.36 13.39 -20.58
CA PRO D 392 75.94 13.70 -20.87
C PRO D 392 75.71 14.92 -21.75
N VAL D 393 76.72 15.40 -22.47
CA VAL D 393 76.62 16.73 -23.09
C VAL D 393 76.38 16.53 -24.58
N ASP D 394 75.69 15.45 -24.92
CA ASP D 394 75.43 15.12 -26.30
C ASP D 394 74.36 15.99 -26.94
N LYS D 395 73.60 16.73 -26.13
CA LYS D 395 72.32 17.27 -26.57
C LYS D 395 72.44 18.39 -27.58
N THR D 396 73.51 19.19 -27.51
CA THR D 396 73.62 20.33 -28.40
C THR D 396 73.97 19.89 -29.82
N TYR D 397 74.91 18.97 -29.97
CA TYR D 397 75.23 18.49 -31.30
C TYR D 397 74.12 17.61 -31.85
N GLU D 398 73.40 16.93 -30.97
CA GLU D 398 72.30 16.07 -31.39
C GLU D 398 71.14 16.90 -31.92
N ALA D 399 70.80 17.99 -31.24
CA ALA D 399 69.78 18.90 -31.74
C ALA D 399 70.27 19.69 -32.96
N ALA D 400 71.57 19.75 -33.18
CA ALA D 400 72.09 20.45 -34.34
C ALA D 400 71.85 19.66 -35.61
N LEU D 401 72.29 18.39 -35.62
CA LEU D 401 72.23 17.62 -36.86
C LEU D 401 70.83 17.14 -37.21
N GLU D 402 69.83 17.32 -36.33
CA GLU D 402 68.48 17.04 -36.73
C GLU D 402 67.89 18.18 -37.56
N THR D 403 68.38 19.40 -37.35
CA THR D 403 67.97 20.52 -38.17
C THR D 403 68.51 20.42 -39.58
N ILE D 404 69.66 19.78 -39.75
CA ILE D 404 70.21 19.58 -41.09
C ILE D 404 69.33 18.64 -41.90
N GLN D 405 68.68 17.69 -41.23
CA GLN D 405 67.69 16.87 -41.92
C GLN D 405 66.47 17.69 -42.32
N ASN D 406 66.11 18.68 -41.50
CA ASN D 406 65.05 19.60 -41.89
C ASN D 406 65.49 20.50 -43.02
N MET D 407 66.70 21.07 -42.90
CA MET D 407 67.19 22.00 -43.92
C MET D 407 67.51 21.30 -45.23
N SER D 408 67.74 19.99 -45.20
CA SER D 408 67.93 19.25 -46.45
C SER D 408 66.62 19.17 -47.24
N LYS D 409 65.51 19.15 -46.53
CA LYS D 409 64.23 19.01 -47.21
C LYS D 409 63.73 20.36 -47.73
N VAL D 410 64.13 21.46 -47.08
CA VAL D 410 63.64 22.75 -47.54
C VAL D 410 64.42 23.21 -48.77
N VAL D 411 65.65 22.73 -48.93
CA VAL D 411 66.39 23.03 -50.14
C VAL D 411 65.84 22.21 -51.29
N ASP D 412 65.44 20.96 -50.99
CA ASP D 412 64.74 20.15 -51.98
C ASP D 412 63.39 20.77 -52.33
N SER D 413 62.76 21.45 -51.38
CA SER D 413 61.54 22.18 -51.66
C SER D 413 61.79 23.38 -52.56
N LEU D 414 62.95 24.03 -52.39
CA LEU D 414 63.27 25.13 -53.27
C LEU D 414 63.93 24.66 -54.55
N TYR D 415 64.38 23.40 -54.58
CA TYR D 415 65.03 22.87 -55.78
C TYR D 415 64.03 22.64 -56.89
N ASN D 416 62.90 21.99 -56.57
CA ASN D 416 61.87 21.79 -57.57
C ASN D 416 60.94 22.99 -57.72
N LYS D 417 60.97 23.94 -56.79
CA LYS D 417 60.26 25.19 -57.00
C LYS D 417 60.91 26.01 -58.09
N ALA D 418 62.24 26.03 -58.14
CA ALA D 418 62.93 26.65 -59.26
C ALA D 418 62.87 25.80 -60.52
N LYS D 419 62.66 24.49 -60.36
CA LYS D 419 62.58 23.62 -61.52
C LYS D 419 61.19 23.68 -62.16
N LYS D 420 60.15 23.80 -61.34
CA LYS D 420 58.78 23.90 -61.86
C LYS D 420 58.60 25.20 -62.63
N LEU D 421 59.13 26.29 -62.10
CA LEU D 421 59.11 27.58 -62.79
C LEU D 421 60.43 28.27 -62.48
N THR D 422 61.01 28.91 -63.49
CA THR D 422 62.37 29.44 -63.39
C THR D 422 62.50 30.60 -62.40
N PRO E 12 45.92 -26.78 -57.00
CA PRO E 12 46.63 -26.55 -58.26
C PRO E 12 47.97 -25.86 -58.02
N LYS E 13 47.88 -24.69 -57.41
CA LYS E 13 49.04 -23.90 -57.06
C LYS E 13 49.41 -24.07 -55.60
N ASN E 14 48.64 -24.83 -54.83
CA ASN E 14 48.69 -24.71 -53.38
C ASN E 14 49.85 -25.50 -52.76
N PRO E 15 50.14 -26.80 -53.16
CA PRO E 15 51.40 -27.41 -52.70
C PRO E 15 52.54 -27.23 -53.70
N ASP E 16 52.40 -26.29 -54.62
CA ASP E 16 53.19 -26.27 -55.85
C ASP E 16 54.64 -25.85 -55.62
N LEU E 17 54.94 -25.09 -54.57
CA LEU E 17 56.25 -24.45 -54.46
C LEU E 17 57.36 -25.43 -54.09
N ARG E 18 57.03 -26.64 -53.64
CA ARG E 18 58.06 -27.63 -53.39
C ARG E 18 58.69 -28.10 -54.69
N ILE E 19 57.91 -28.05 -55.78
CA ILE E 19 58.45 -28.40 -57.10
C ILE E 19 59.55 -27.44 -57.50
N ALA E 20 59.36 -26.14 -57.25
CA ALA E 20 60.37 -25.16 -57.60
C ALA E 20 61.61 -25.26 -56.72
N GLN E 21 61.48 -25.89 -55.55
CA GLN E 21 62.67 -26.26 -54.78
C GLN E 21 63.46 -27.36 -55.48
N LEU E 22 62.75 -28.41 -55.93
CA LEU E 22 63.43 -29.53 -56.58
C LEU E 22 63.89 -29.18 -58.00
N ARG E 23 63.35 -28.13 -58.60
CA ARG E 23 63.93 -27.64 -59.84
C ARG E 23 65.31 -27.07 -59.60
N PHE E 24 65.48 -26.35 -58.48
CA PHE E 24 66.79 -25.81 -58.13
C PHE E 24 67.74 -26.92 -57.73
N LEU E 25 67.30 -27.78 -56.81
CA LEU E 25 68.19 -28.70 -56.12
C LEU E 25 68.75 -29.77 -57.06
N LEU E 26 67.95 -30.19 -58.03
CA LEU E 26 68.44 -31.13 -59.02
C LEU E 26 69.43 -30.47 -59.97
N SER E 27 69.17 -29.22 -60.35
CA SER E 27 69.89 -28.62 -61.47
C SER E 27 71.26 -28.09 -61.06
N LEU E 28 71.30 -27.09 -60.20
CA LEU E 28 72.48 -26.24 -60.10
C LEU E 28 73.63 -26.87 -59.31
N PRO E 29 73.40 -27.60 -58.18
CA PRO E 29 74.46 -28.51 -57.73
C PRO E 29 74.49 -29.76 -58.60
N GLU E 30 75.50 -29.84 -59.47
CA GLU E 30 75.56 -30.92 -60.45
C GLU E 30 75.84 -32.27 -59.80
N HIS E 31 76.51 -32.26 -58.64
CA HIS E 31 76.65 -33.48 -57.86
C HIS E 31 75.31 -33.96 -57.35
N ARG E 32 74.40 -33.03 -57.02
CA ARG E 32 73.09 -33.38 -56.50
C ARG E 32 72.21 -33.76 -57.69
N GLY E 33 72.27 -35.05 -58.04
CA GLY E 33 71.42 -35.59 -59.07
C GLY E 33 70.90 -36.96 -58.69
N ASP E 34 70.79 -37.21 -57.39
CA ASP E 34 70.47 -38.53 -56.87
C ASP E 34 69.01 -38.65 -56.41
N ALA E 35 68.55 -37.73 -55.55
CA ALA E 35 67.30 -37.92 -54.83
C ALA E 35 66.18 -36.99 -55.26
N ALA E 36 66.49 -35.90 -55.96
CA ALA E 36 65.43 -35.01 -56.42
C ALA E 36 64.63 -35.67 -57.51
N VAL E 37 65.30 -36.35 -58.45
CA VAL E 37 64.62 -37.01 -59.56
C VAL E 37 63.84 -38.22 -59.05
N ARG E 38 64.18 -38.73 -57.86
CA ARG E 38 63.49 -39.90 -57.34
C ARG E 38 62.08 -39.56 -56.87
N ASP E 39 61.87 -38.34 -56.38
CA ASP E 39 60.54 -37.95 -55.93
C ASP E 39 59.98 -36.75 -56.69
N GLU E 40 60.58 -36.39 -57.82
CA GLU E 40 59.99 -35.40 -58.72
C GLU E 40 59.36 -36.04 -59.94
N LEU E 41 60.03 -37.02 -60.54
CA LEU E 41 59.51 -37.68 -61.73
C LEU E 41 58.24 -38.45 -61.44
N MET E 42 58.16 -39.10 -60.28
CA MET E 42 56.92 -39.75 -59.88
C MET E 42 55.85 -38.71 -59.53
N ALA E 43 56.28 -37.53 -59.06
CA ALA E 43 55.36 -36.41 -58.94
C ALA E 43 55.09 -35.72 -60.27
N ALA E 44 55.99 -35.86 -61.25
CA ALA E 44 55.77 -35.25 -62.55
C ALA E 44 54.83 -36.07 -63.42
N VAL E 45 54.85 -37.40 -63.27
CA VAL E 45 53.84 -38.20 -63.97
C VAL E 45 52.49 -38.03 -63.28
N ARG E 46 52.49 -37.71 -61.99
CA ARG E 46 51.29 -37.21 -61.33
C ARG E 46 51.12 -35.73 -61.63
N ASP E 47 50.00 -35.18 -61.13
CA ASP E 47 49.65 -33.76 -61.15
C ASP E 47 49.46 -33.20 -62.58
N ASN E 48 49.60 -34.05 -63.60
CA ASN E 48 49.45 -33.73 -65.03
C ASN E 48 50.43 -32.63 -65.48
N ASN E 49 51.62 -32.57 -64.86
CA ASN E 49 52.57 -31.49 -65.15
C ASN E 49 53.18 -31.69 -66.54
N MET E 50 52.78 -30.86 -67.48
CA MET E 50 53.14 -31.19 -68.85
C MET E 50 53.95 -30.14 -69.59
N ALA E 51 53.60 -28.88 -69.45
CA ALA E 51 54.36 -27.89 -70.22
C ALA E 51 55.75 -27.50 -69.68
N PRO E 52 55.98 -27.25 -68.38
CA PRO E 52 57.31 -26.73 -68.00
C PRO E 52 58.43 -27.74 -68.04
N TYR E 53 58.16 -29.03 -68.00
CA TYR E 53 59.22 -29.97 -67.67
C TYR E 53 60.08 -30.36 -68.87
N TYR E 54 59.80 -29.81 -70.06
CA TYR E 54 60.57 -30.18 -71.24
C TYR E 54 62.02 -29.72 -71.15
N GLU E 55 62.24 -28.48 -70.72
CA GLU E 55 63.61 -28.03 -70.47
C GLU E 55 64.17 -28.71 -69.24
N ALA E 56 63.32 -28.98 -68.25
CA ALA E 56 63.76 -29.67 -67.05
C ALA E 56 64.13 -31.12 -67.35
N LEU E 57 63.50 -31.72 -68.38
CA LEU E 57 63.90 -33.05 -68.79
C LEU E 57 65.20 -33.02 -69.59
N CYS E 58 65.52 -31.88 -70.20
CA CYS E 58 66.79 -31.75 -70.93
C CYS E 58 67.96 -31.69 -69.97
N LYS E 59 67.83 -30.93 -68.88
CA LYS E 59 68.91 -30.82 -67.91
C LYS E 59 68.99 -32.08 -67.05
N SER E 60 67.88 -32.75 -66.86
CA SER E 60 67.86 -34.08 -66.25
C SER E 60 68.07 -35.13 -67.34
N LEU E 61 67.76 -36.38 -67.04
CA LEU E 61 67.85 -37.46 -68.01
C LEU E 61 66.95 -37.21 -69.21
N ASP E 62 67.49 -37.50 -70.40
CA ASP E 62 67.14 -36.91 -71.68
C ASP E 62 65.66 -37.01 -72.06
N TRP E 63 65.14 -38.21 -72.25
CA TRP E 63 63.76 -38.36 -72.67
C TRP E 63 63.16 -39.63 -72.10
N GLN E 64 61.83 -39.69 -72.14
CA GLN E 64 61.04 -40.87 -71.84
C GLN E 64 59.66 -40.64 -72.43
N ILE E 65 59.03 -41.69 -72.94
CA ILE E 65 57.74 -41.55 -73.63
C ILE E 65 56.65 -41.72 -72.58
N ASP E 66 56.40 -40.63 -71.86
CA ASP E 66 55.10 -40.36 -71.24
C ASP E 66 54.59 -39.02 -71.73
N VAL E 67 55.26 -38.43 -72.71
CA VAL E 67 54.94 -37.09 -73.16
C VAL E 67 53.63 -37.10 -73.93
N ASP E 68 53.53 -37.96 -74.94
CA ASP E 68 52.31 -38.06 -75.72
C ASP E 68 51.18 -38.73 -74.96
N LEU E 69 51.50 -39.42 -73.85
CA LEU E 69 50.45 -40.01 -73.01
C LEU E 69 49.59 -38.93 -72.38
N LEU E 70 50.22 -38.00 -71.66
CA LEU E 70 49.47 -36.91 -71.06
C LEU E 70 49.24 -35.75 -72.01
N ASN E 71 49.82 -35.76 -73.22
CA ASN E 71 49.50 -34.72 -74.19
C ASN E 71 48.05 -34.80 -74.64
N LYS E 72 47.58 -36.00 -74.97
CA LYS E 72 46.17 -36.15 -75.27
C LYS E 72 45.31 -36.06 -74.02
N MET E 73 45.90 -36.29 -72.84
CA MET E 73 45.15 -36.15 -71.60
C MET E 73 45.08 -34.70 -71.16
N LYS E 74 46.13 -33.92 -71.44
CA LYS E 74 46.01 -32.47 -71.19
C LYS E 74 45.15 -31.81 -72.26
N LYS E 75 45.06 -32.42 -73.44
CA LYS E 75 44.19 -31.89 -74.48
C LYS E 75 42.74 -32.24 -74.19
N ALA E 76 42.51 -33.37 -73.53
CA ALA E 76 41.16 -33.77 -73.17
C ALA E 76 40.56 -32.80 -72.16
N ASN E 77 41.25 -32.57 -71.04
CA ASN E 77 40.70 -31.68 -70.02
C ASN E 77 40.76 -30.22 -70.44
N GLU E 78 41.61 -29.88 -71.39
CA GLU E 78 41.49 -28.59 -72.04
C GLU E 78 40.18 -28.50 -72.81
N ASP E 79 39.92 -29.49 -73.67
CA ASP E 79 38.73 -29.45 -74.51
C ASP E 79 37.45 -29.71 -73.72
N GLU E 80 37.54 -30.52 -72.65
CA GLU E 80 36.35 -30.87 -71.87
C GLU E 80 35.79 -29.66 -71.14
N LEU E 81 36.64 -28.72 -70.75
CA LEU E 81 36.15 -27.53 -70.08
C LEU E 81 36.08 -26.34 -71.02
N LYS E 82 36.79 -26.41 -72.16
CA LYS E 82 36.57 -25.42 -73.20
C LYS E 82 35.17 -25.55 -73.79
N ARG E 83 34.71 -26.80 -74.02
CA ARG E 83 33.36 -26.99 -74.51
C ARG E 83 32.32 -26.67 -73.44
N LEU E 84 32.73 -26.64 -72.17
CA LEU E 84 31.83 -26.24 -71.12
C LEU E 84 31.54 -24.75 -71.19
N ASP E 85 32.58 -23.91 -71.15
CA ASP E 85 32.33 -22.48 -71.04
C ASP E 85 32.04 -21.82 -72.38
N GLU E 86 32.25 -22.49 -73.52
CA GLU E 86 31.74 -21.89 -74.75
C GLU E 86 30.25 -22.17 -74.91
N GLU E 87 29.79 -23.35 -74.50
CA GLU E 87 28.36 -23.63 -74.48
C GLU E 87 27.66 -22.82 -73.41
N LEU E 88 28.39 -22.52 -72.34
CA LEU E 88 27.86 -21.71 -71.24
C LEU E 88 27.61 -20.28 -71.68
N GLU E 89 28.60 -19.65 -72.32
CA GLU E 89 28.42 -18.28 -72.78
C GLU E 89 27.47 -18.17 -73.95
N ASP E 90 27.18 -19.29 -74.63
CA ASP E 90 26.23 -19.29 -75.72
C ASP E 90 24.82 -19.67 -75.28
N ALA E 91 24.65 -20.17 -74.06
CA ALA E 91 23.34 -20.50 -73.53
C ALA E 91 22.98 -19.70 -72.29
N GLU E 92 23.89 -19.59 -71.34
CA GLU E 92 23.62 -18.92 -70.07
C GLU E 92 24.15 -17.49 -70.17
N LYS E 93 23.30 -16.53 -69.82
CA LYS E 93 23.53 -15.13 -70.16
C LYS E 93 23.74 -14.23 -68.94
N ASN E 94 24.51 -14.70 -67.97
CA ASN E 94 25.00 -13.83 -66.91
C ASN E 94 26.47 -13.53 -67.14
N LEU E 95 26.92 -12.37 -66.69
CA LEU E 95 28.30 -11.94 -66.87
C LEU E 95 28.90 -11.56 -65.54
N GLY E 96 30.12 -11.03 -65.59
CA GLY E 96 30.82 -10.53 -64.42
C GLY E 96 31.52 -11.61 -63.62
N GLU E 97 30.90 -12.00 -62.51
CA GLU E 97 31.35 -13.12 -61.70
C GLU E 97 30.41 -14.31 -61.86
N SER E 98 29.97 -14.53 -63.10
CA SER E 98 28.97 -15.54 -63.43
C SER E 98 29.55 -16.94 -63.51
N GLU E 99 28.80 -17.85 -64.13
CA GLU E 99 29.36 -19.18 -64.33
C GLU E 99 30.42 -19.17 -65.42
N ILE E 100 30.36 -18.20 -66.34
CA ILE E 100 31.43 -18.01 -67.33
C ILE E 100 32.72 -17.63 -66.62
N ARG E 101 32.62 -16.87 -65.53
CA ARG E 101 33.77 -16.46 -64.75
C ARG E 101 34.49 -17.64 -64.13
N ASP E 102 33.80 -18.40 -63.26
CA ASP E 102 34.49 -19.44 -62.49
C ASP E 102 34.84 -20.66 -63.34
N ALA E 103 34.23 -20.82 -64.51
CA ALA E 103 34.69 -21.85 -65.44
C ALA E 103 35.98 -21.40 -66.12
N MET E 104 36.06 -20.13 -66.49
CA MET E 104 37.23 -19.67 -67.23
C MET E 104 38.40 -19.36 -66.30
N MET E 105 38.15 -19.13 -65.00
CA MET E 105 39.28 -19.15 -64.10
C MET E 105 39.72 -20.57 -63.78
N ALA E 106 38.83 -21.56 -63.96
CA ALA E 106 39.24 -22.94 -63.79
C ALA E 106 40.08 -23.40 -64.97
N LYS E 107 39.92 -22.75 -66.13
CA LYS E 107 40.82 -22.99 -67.24
C LYS E 107 42.22 -22.50 -66.94
N ALA E 108 42.35 -21.29 -66.39
CA ALA E 108 43.67 -20.76 -66.10
C ALA E 108 44.29 -21.46 -64.89
N GLU E 109 43.47 -21.88 -63.93
CA GLU E 109 44.02 -22.68 -62.83
C GLU E 109 44.32 -24.09 -63.28
N TYR E 110 43.69 -24.54 -64.36
CA TYR E 110 44.22 -25.71 -65.05
C TYR E 110 45.54 -25.38 -65.73
N LEU E 111 45.77 -24.13 -66.11
CA LEU E 111 47.03 -23.80 -66.74
C LEU E 111 48.14 -23.61 -65.71
N CYS E 112 47.81 -23.05 -64.54
CA CYS E 112 48.85 -22.87 -63.52
C CYS E 112 49.30 -24.19 -62.94
N ARG E 113 48.41 -25.16 -62.85
CA ARG E 113 48.80 -26.48 -62.36
C ARG E 113 49.53 -27.28 -63.43
N ILE E 114 49.18 -27.08 -64.70
CA ILE E 114 49.67 -27.95 -65.77
C ILE E 114 50.55 -27.18 -66.74
N GLY E 115 50.01 -26.13 -67.35
CA GLY E 115 50.68 -25.45 -68.44
C GLY E 115 51.76 -24.52 -67.93
N ASP E 116 52.30 -23.75 -68.88
CA ASP E 116 53.30 -22.75 -68.57
C ASP E 116 52.63 -21.50 -67.99
N LYS E 117 53.43 -20.46 -67.78
CA LYS E 117 52.89 -19.24 -67.21
C LYS E 117 52.12 -18.41 -68.23
N GLU E 118 52.50 -18.49 -69.51
CA GLU E 118 52.10 -17.48 -70.48
C GLU E 118 50.62 -17.58 -70.83
N GLY E 119 50.11 -18.80 -71.01
CA GLY E 119 48.69 -18.96 -71.20
C GLY E 119 47.90 -18.64 -69.95
N ALA E 120 48.51 -18.85 -68.79
CA ALA E 120 47.82 -18.59 -67.53
C ALA E 120 47.71 -17.09 -67.26
N LEU E 121 48.78 -16.34 -67.54
CA LEU E 121 48.78 -14.92 -67.21
C LEU E 121 47.92 -14.11 -68.17
N THR E 122 47.82 -14.54 -69.43
CA THR E 122 46.96 -13.80 -70.34
C THR E 122 45.50 -14.14 -70.12
N ALA E 123 45.21 -15.30 -69.51
CA ALA E 123 43.84 -15.60 -69.13
C ALA E 123 43.47 -14.88 -67.84
N PHE E 124 44.46 -14.64 -66.99
CA PHE E 124 44.25 -13.82 -65.81
C PHE E 124 43.97 -12.36 -66.17
N ARG E 125 44.73 -11.82 -67.12
CA ARG E 125 44.43 -10.48 -67.62
C ARG E 125 43.15 -10.44 -68.43
N LYS E 126 42.76 -11.56 -69.03
CA LYS E 126 41.48 -11.63 -69.72
C LYS E 126 40.32 -11.58 -68.73
N THR E 127 40.50 -12.19 -67.55
CA THR E 127 39.43 -12.29 -66.59
C THR E 127 39.49 -11.19 -65.53
N TYR E 128 40.55 -10.39 -65.51
CA TYR E 128 40.66 -9.36 -64.48
C TYR E 128 39.70 -8.21 -64.75
N ASP E 129 39.58 -7.80 -66.02
CA ASP E 129 38.70 -6.70 -66.35
C ASP E 129 37.24 -7.13 -66.47
N LYS E 130 36.95 -8.41 -66.34
CA LYS E 130 35.59 -8.92 -66.34
C LYS E 130 35.01 -8.95 -64.93
N THR E 131 35.82 -8.67 -63.92
CA THR E 131 35.41 -8.68 -62.53
C THR E 131 34.92 -7.30 -62.09
N VAL E 132 34.10 -7.29 -61.04
CA VAL E 132 33.76 -6.06 -60.33
C VAL E 132 34.00 -6.14 -58.83
N ALA E 133 34.04 -7.33 -58.24
CA ALA E 133 34.29 -7.46 -56.82
C ALA E 133 35.79 -7.53 -56.55
N LEU E 134 36.23 -6.83 -55.51
CA LEU E 134 37.66 -6.76 -55.20
C LEU E 134 38.20 -8.07 -54.66
N GLY E 135 37.33 -8.88 -54.03
CA GLY E 135 37.79 -10.14 -53.49
C GLY E 135 38.18 -11.13 -54.57
N HIS E 136 37.43 -11.15 -55.67
CA HIS E 136 37.82 -11.97 -56.80
C HIS E 136 39.03 -11.38 -57.52
N ARG E 137 39.17 -10.05 -57.51
CA ARG E 137 40.34 -9.42 -58.09
C ARG E 137 41.59 -9.78 -57.31
N LEU E 138 41.52 -9.74 -55.98
CA LEU E 138 42.69 -10.00 -55.15
C LEU E 138 43.11 -11.47 -55.21
N ASP E 139 42.16 -12.38 -55.43
CA ASP E 139 42.51 -13.79 -55.53
C ASP E 139 43.25 -14.08 -56.84
N ILE E 140 42.94 -13.31 -57.88
CA ILE E 140 43.74 -13.40 -59.11
C ILE E 140 45.12 -12.83 -58.88
N VAL E 141 45.21 -11.73 -58.12
CA VAL E 141 46.50 -11.12 -57.81
C VAL E 141 47.30 -12.03 -56.87
N PHE E 142 46.61 -12.86 -56.07
CA PHE E 142 47.27 -13.95 -55.36
C PHE E 142 47.93 -14.92 -56.32
N TYR E 143 47.28 -15.16 -57.46
CA TYR E 143 47.78 -16.14 -58.41
C TYR E 143 48.97 -15.61 -59.20
N LEU E 144 48.93 -14.32 -59.56
CA LEU E 144 50.05 -13.68 -60.24
C LEU E 144 51.27 -13.60 -59.36
N LEU E 145 51.08 -13.31 -58.07
CA LEU E 145 52.20 -13.24 -57.15
C LEU E 145 52.82 -14.60 -56.90
N ARG E 146 52.01 -15.65 -56.96
CA ARG E 146 52.54 -16.98 -56.73
C ARG E 146 53.24 -17.51 -57.98
N ILE E 147 52.73 -17.17 -59.16
CA ILE E 147 53.39 -17.66 -60.36
C ILE E 147 54.60 -16.80 -60.69
N GLY E 148 54.64 -15.56 -60.19
CA GLY E 148 55.88 -14.80 -60.23
C GLY E 148 56.88 -15.26 -59.21
N LEU E 149 56.44 -15.99 -58.20
CA LEU E 149 57.33 -16.59 -57.22
C LEU E 149 57.76 -17.99 -57.63
N PHE E 150 56.98 -18.65 -58.48
CA PHE E 150 57.42 -19.90 -59.11
C PHE E 150 58.68 -19.68 -59.93
N TYR E 151 58.61 -18.76 -60.87
CA TYR E 151 59.67 -18.57 -61.86
C TYR E 151 60.56 -17.39 -61.54
N MET E 152 60.49 -16.88 -60.30
CA MET E 152 61.23 -15.76 -59.71
C MET E 152 61.35 -14.53 -60.62
N ASP E 153 60.31 -14.28 -61.42
CA ASP E 153 60.33 -13.18 -62.37
C ASP E 153 60.07 -11.88 -61.63
N ASN E 154 61.07 -10.99 -61.62
CA ASN E 154 61.02 -9.79 -60.80
C ASN E 154 60.21 -8.66 -61.43
N ASP E 155 59.60 -8.88 -62.59
CA ASP E 155 58.86 -7.81 -63.24
C ASP E 155 57.40 -7.83 -62.85
N LEU E 156 56.82 -9.03 -62.77
CA LEU E 156 55.40 -9.14 -62.45
C LEU E 156 55.14 -8.82 -60.99
N ILE E 157 56.07 -9.22 -60.11
CA ILE E 157 55.83 -9.16 -58.67
C ILE E 157 55.93 -7.72 -58.17
N THR E 158 56.74 -6.89 -58.82
CA THR E 158 56.81 -5.48 -58.41
C THR E 158 55.53 -4.74 -58.77
N ARG E 159 54.83 -5.17 -59.81
CA ARG E 159 53.67 -4.43 -60.30
C ARG E 159 52.44 -4.71 -59.43
N ASN E 160 52.06 -5.97 -59.31
CA ASN E 160 50.81 -6.36 -58.68
C ASN E 160 50.79 -6.18 -57.17
N THR E 161 51.96 -6.13 -56.52
CA THR E 161 52.00 -5.75 -55.11
C THR E 161 51.53 -4.32 -54.92
N GLU E 162 51.90 -3.44 -55.84
CA GLU E 162 51.35 -2.09 -55.83
C GLU E 162 49.87 -2.12 -56.18
N LYS E 163 49.46 -3.05 -57.04
CA LYS E 163 48.05 -3.24 -57.32
C LYS E 163 47.33 -3.79 -56.09
N ALA E 164 48.00 -4.67 -55.34
CA ALA E 164 47.41 -5.20 -54.12
C ALA E 164 47.30 -4.14 -53.04
N LYS E 165 48.32 -3.28 -52.91
CA LYS E 165 48.26 -2.20 -51.94
C LYS E 165 47.22 -1.17 -52.34
N SER E 166 47.45 -0.52 -53.48
CA SER E 166 46.71 0.69 -53.82
C SER E 166 45.33 0.38 -54.37
N LEU E 167 45.25 -0.55 -55.32
CA LEU E 167 44.00 -0.74 -56.04
C LEU E 167 43.04 -1.70 -55.36
N ILE E 168 43.49 -2.46 -54.38
CA ILE E 168 42.63 -3.48 -53.80
C ILE E 168 42.44 -3.27 -52.32
N GLU E 169 43.52 -3.30 -51.56
CA GLU E 169 43.40 -3.40 -50.10
C GLU E 169 43.28 -2.06 -49.41
N GLU E 170 42.35 -1.25 -49.92
CA GLU E 170 41.62 -0.29 -49.11
C GLU E 170 40.25 -0.84 -48.77
N GLY E 171 39.94 -2.04 -49.24
CA GLY E 171 38.67 -2.69 -49.02
C GLY E 171 38.77 -3.81 -48.00
N GLY E 172 38.90 -5.05 -48.47
CA GLY E 172 38.88 -6.22 -47.62
C GLY E 172 40.04 -6.30 -46.66
N ASP E 173 39.96 -7.27 -45.76
CA ASP E 173 40.83 -7.26 -44.58
C ASP E 173 41.19 -8.68 -44.18
N TRP E 174 42.46 -8.82 -43.76
CA TRP E 174 43.06 -10.07 -43.30
C TRP E 174 43.04 -11.17 -44.34
N ASP E 175 43.05 -10.76 -45.60
CA ASP E 175 43.72 -11.49 -46.66
C ASP E 175 44.95 -10.72 -47.12
N ARG E 176 45.37 -9.71 -46.37
CA ARG E 176 46.62 -9.00 -46.63
C ARG E 176 47.79 -9.58 -45.87
N ARG E 177 47.55 -10.22 -44.73
CA ARG E 177 48.61 -10.84 -43.96
C ARG E 177 49.16 -12.04 -44.71
N ASN E 178 48.34 -12.62 -45.59
CA ASN E 178 48.82 -13.64 -46.51
C ASN E 178 49.85 -13.07 -47.45
N ARG E 179 49.71 -11.81 -47.83
CA ARG E 179 50.67 -11.18 -48.72
C ARG E 179 51.74 -10.40 -48.00
N LEU E 180 51.57 -10.12 -46.70
CA LEU E 180 52.68 -9.69 -45.87
C LEU E 180 53.80 -10.72 -45.89
N LYS E 181 53.46 -12.00 -45.73
CA LYS E 181 54.48 -13.05 -45.89
C LYS E 181 55.04 -13.11 -47.31
N VAL E 182 54.35 -12.54 -48.28
CA VAL E 182 54.88 -12.50 -49.64
C VAL E 182 55.71 -11.24 -49.89
N TYR E 183 55.42 -10.12 -49.20
CA TYR E 183 56.28 -8.95 -49.33
C TYR E 183 57.69 -9.24 -48.83
N GLN E 184 57.82 -10.03 -47.78
CA GLN E 184 59.17 -10.29 -47.33
C GLN E 184 59.71 -11.61 -47.85
N GLY E 185 58.89 -12.41 -48.53
CA GLY E 185 59.43 -13.42 -49.42
C GLY E 185 60.20 -12.79 -50.57
N LEU E 186 59.74 -11.62 -51.03
CA LEU E 186 60.51 -10.85 -52.00
C LEU E 186 61.81 -10.32 -51.42
N TYR E 187 61.81 -10.02 -50.12
CA TYR E 187 62.96 -9.30 -49.58
C TYR E 187 64.10 -10.25 -49.23
N CYS E 188 63.77 -11.50 -48.92
CA CYS E 188 64.81 -12.49 -48.70
C CYS E 188 65.35 -13.05 -50.01
N VAL E 189 64.54 -13.12 -51.07
CA VAL E 189 65.12 -13.48 -52.36
C VAL E 189 65.88 -12.30 -52.95
N ALA E 190 65.57 -11.09 -52.53
CA ALA E 190 66.46 -9.96 -52.77
C ALA E 190 67.58 -9.98 -51.73
N ILE E 191 68.47 -8.99 -51.80
CA ILE E 191 69.53 -8.86 -50.79
C ILE E 191 69.02 -8.17 -49.54
N ARG E 192 67.74 -7.79 -49.49
CA ARG E 192 67.18 -7.12 -48.32
C ARG E 192 67.01 -8.09 -47.16
N ASP E 193 68.13 -8.63 -46.68
CA ASP E 193 68.21 -9.56 -45.58
C ASP E 193 68.37 -8.83 -44.26
N PHE E 194 68.10 -7.52 -44.26
CA PHE E 194 68.57 -6.69 -43.17
C PHE E 194 67.43 -6.22 -42.28
N LYS E 195 66.48 -5.43 -42.77
CA LYS E 195 65.52 -4.89 -41.82
C LYS E 195 64.08 -5.08 -42.27
N GLN E 196 63.83 -4.96 -43.57
CA GLN E 196 62.47 -5.02 -44.06
C GLN E 196 61.92 -6.42 -43.96
N ALA E 197 62.78 -7.42 -44.12
CA ALA E 197 62.38 -8.81 -43.94
C ALA E 197 62.05 -9.09 -42.48
N ALA E 198 62.96 -8.74 -41.57
CA ALA E 198 62.79 -9.12 -40.17
C ALA E 198 61.73 -8.26 -39.47
N GLU E 199 61.32 -7.15 -40.07
CA GLU E 199 60.33 -6.31 -39.40
C GLU E 199 58.93 -6.91 -39.51
N LEU E 200 58.53 -7.34 -40.70
CA LEU E 200 57.19 -7.85 -40.89
C LEU E 200 57.18 -9.36 -41.03
N PHE E 201 58.30 -10.02 -40.75
CA PHE E 201 58.26 -11.40 -40.34
C PHE E 201 57.88 -11.56 -38.89
N LEU E 202 57.93 -10.48 -38.12
CA LEU E 202 57.88 -10.57 -36.67
C LEU E 202 56.50 -10.94 -36.15
N ASP E 203 55.44 -10.65 -36.90
CA ASP E 203 54.10 -11.15 -36.59
C ASP E 203 53.99 -12.59 -37.08
N THR E 204 54.34 -13.52 -36.22
CA THR E 204 54.42 -14.93 -36.55
C THR E 204 53.12 -15.67 -36.27
N VAL E 205 52.04 -14.93 -36.07
CA VAL E 205 50.74 -15.55 -35.74
C VAL E 205 50.05 -15.80 -37.08
N SER E 206 50.49 -16.87 -37.75
CA SER E 206 49.86 -17.40 -38.95
C SER E 206 50.39 -18.81 -39.08
N THR E 207 49.54 -19.81 -38.84
CA THR E 207 50.01 -21.13 -38.43
C THR E 207 49.88 -22.21 -39.49
N PHE E 208 48.71 -22.35 -40.10
CA PHE E 208 48.43 -23.54 -40.90
C PHE E 208 49.17 -23.50 -42.22
N THR E 209 49.82 -24.61 -42.56
CA THR E 209 50.65 -24.68 -43.77
C THR E 209 49.74 -24.74 -45.00
N SER E 210 49.29 -23.55 -45.40
CA SER E 210 48.33 -23.40 -46.48
C SER E 210 49.03 -23.06 -47.80
N TYR E 211 48.24 -22.67 -48.80
CA TYR E 211 48.81 -22.00 -49.96
C TYR E 211 49.27 -20.61 -49.60
N GLU E 212 48.49 -19.90 -48.81
CA GLU E 212 48.76 -18.53 -48.40
C GLU E 212 49.75 -18.48 -47.25
N LEU E 213 49.95 -19.59 -46.57
CA LEU E 213 50.98 -19.72 -45.54
C LEU E 213 51.69 -21.00 -45.97
N MET E 214 52.71 -20.87 -46.83
CA MET E 214 53.26 -22.01 -47.57
C MET E 214 53.92 -23.06 -46.69
N ASP E 215 54.48 -22.66 -45.54
CA ASP E 215 54.96 -23.58 -44.53
C ASP E 215 55.04 -22.82 -43.22
N TYR E 216 55.11 -23.54 -42.12
CA TYR E 216 55.19 -22.88 -40.81
C TYR E 216 56.56 -23.07 -40.16
N LYS E 217 57.06 -24.31 -40.10
CA LYS E 217 58.28 -24.55 -39.36
C LYS E 217 59.50 -23.97 -40.07
N THR E 218 59.52 -24.08 -41.40
CA THR E 218 60.60 -23.44 -42.14
C THR E 218 60.41 -21.93 -42.18
N PHE E 219 59.18 -21.45 -42.02
CA PHE E 219 58.97 -20.03 -41.87
C PHE E 219 59.57 -19.52 -40.57
N VAL E 220 59.57 -20.35 -39.54
CA VAL E 220 60.20 -19.99 -38.28
C VAL E 220 61.71 -19.92 -38.43
N THR E 221 62.28 -20.86 -39.18
CA THR E 221 63.72 -20.83 -39.42
C THR E 221 64.11 -19.65 -40.31
N TYR E 222 63.22 -19.25 -41.22
CA TYR E 222 63.49 -18.08 -42.05
C TYR E 222 63.52 -16.81 -41.22
N THR E 223 62.56 -16.66 -40.30
CA THR E 223 62.49 -15.45 -39.50
C THR E 223 63.41 -15.47 -38.31
N VAL E 224 64.22 -16.51 -38.12
CA VAL E 224 65.15 -16.49 -37.01
C VAL E 224 66.55 -16.34 -37.58
N TYR E 225 66.72 -16.72 -38.83
CA TYR E 225 68.00 -16.47 -39.49
C TYR E 225 68.15 -14.99 -39.81
N VAL E 226 67.09 -14.38 -40.30
CA VAL E 226 67.13 -12.98 -40.72
C VAL E 226 67.05 -12.04 -39.53
N SER E 227 66.64 -12.53 -38.36
CA SER E 227 66.32 -11.66 -37.24
C SER E 227 67.54 -11.08 -36.55
N MET E 228 68.66 -11.80 -36.50
CA MET E 228 69.83 -11.35 -35.78
C MET E 228 70.77 -10.51 -36.65
N ILE E 229 70.24 -9.91 -37.70
CA ILE E 229 70.95 -8.87 -38.43
C ILE E 229 70.25 -7.53 -38.31
N ALA E 230 68.92 -7.52 -38.11
CA ALA E 230 68.16 -6.28 -37.99
C ALA E 230 68.54 -5.49 -36.76
N LEU E 231 69.03 -6.16 -35.73
CA LEU E 231 69.20 -5.54 -34.43
C LEU E 231 70.13 -6.38 -33.59
N GLU E 232 71.00 -5.72 -32.83
CA GLU E 232 71.98 -6.45 -32.05
C GLU E 232 71.54 -6.60 -30.61
N ARG E 233 71.46 -5.49 -29.89
CA ARG E 233 70.71 -5.41 -28.65
C ARG E 233 69.85 -4.15 -28.52
N PRO E 234 69.08 -3.67 -29.56
CA PRO E 234 67.93 -2.85 -29.12
C PRO E 234 66.73 -3.76 -28.84
N ASP E 235 66.88 -4.51 -27.76
CA ASP E 235 65.90 -5.46 -27.26
C ASP E 235 65.55 -6.51 -28.32
N LEU E 236 66.59 -7.16 -28.84
CA LEU E 236 66.38 -8.41 -29.57
C LEU E 236 65.74 -9.46 -28.68
N ARG E 237 66.15 -9.49 -27.41
CA ARG E 237 65.76 -10.58 -26.52
C ARG E 237 64.29 -10.54 -26.16
N GLU E 238 63.61 -9.40 -26.29
CA GLU E 238 62.18 -9.45 -26.00
C GLU E 238 61.41 -10.04 -27.17
N LYS E 239 61.76 -9.67 -28.39
CA LYS E 239 60.93 -10.05 -29.51
C LYS E 239 61.16 -11.48 -29.96
N VAL E 240 62.35 -12.03 -29.76
CA VAL E 240 62.61 -13.41 -30.17
C VAL E 240 62.99 -14.33 -29.03
N ILE E 241 63.55 -13.84 -27.92
CA ILE E 241 63.93 -14.70 -26.82
C ILE E 241 62.88 -14.69 -25.71
N LYS E 242 62.40 -13.51 -25.32
CA LYS E 242 61.25 -13.47 -24.43
C LYS E 242 59.95 -13.76 -25.15
N GLY E 243 59.95 -13.77 -26.48
CA GLY E 243 58.79 -14.22 -27.23
C GLY E 243 58.56 -15.71 -27.01
N ALA E 244 57.31 -16.06 -26.77
CA ALA E 244 56.95 -17.41 -26.36
C ALA E 244 56.40 -18.26 -27.48
N GLU E 245 55.59 -17.68 -28.35
CA GLU E 245 55.05 -18.40 -29.50
C GLU E 245 56.14 -18.73 -30.51
N ILE E 246 57.24 -17.97 -30.52
CA ILE E 246 58.39 -18.38 -31.29
C ILE E 246 59.14 -19.47 -30.55
N LEU E 247 59.06 -19.48 -29.22
CA LEU E 247 59.87 -20.36 -28.40
C LEU E 247 59.31 -21.78 -28.38
N GLU E 248 58.06 -21.94 -28.80
CA GLU E 248 57.47 -23.28 -28.91
C GLU E 248 58.19 -24.11 -29.97
N VAL E 249 58.32 -23.55 -31.17
CA VAL E 249 58.74 -24.36 -32.31
C VAL E 249 60.23 -24.39 -32.50
N LEU E 250 60.98 -23.50 -31.85
CA LEU E 250 62.42 -23.68 -31.78
C LEU E 250 62.80 -24.58 -30.63
N HIS E 251 61.84 -24.93 -29.78
CA HIS E 251 62.01 -26.06 -28.88
C HIS E 251 61.87 -27.38 -29.60
N SER E 252 61.20 -27.38 -30.76
CA SER E 252 61.20 -28.55 -31.62
C SER E 252 62.56 -28.75 -32.29
N LEU E 253 63.17 -27.66 -32.77
CA LEU E 253 64.40 -27.78 -33.53
C LEU E 253 65.59 -27.45 -32.64
N PRO E 254 66.37 -28.44 -32.23
CA PRO E 254 67.41 -28.19 -31.23
C PRO E 254 68.61 -27.41 -31.77
N ALA E 255 68.95 -27.63 -33.04
CA ALA E 255 70.12 -27.00 -33.61
C ALA E 255 69.90 -25.52 -33.83
N VAL E 256 68.67 -25.14 -34.15
CA VAL E 256 68.36 -23.74 -34.37
C VAL E 256 68.39 -22.99 -33.05
N ARG E 257 67.85 -23.60 -31.99
CA ARG E 257 67.85 -22.98 -30.67
C ARG E 257 69.25 -22.86 -30.11
N GLN E 258 70.09 -23.85 -30.36
CA GLN E 258 71.49 -23.79 -29.93
C GLN E 258 72.24 -22.68 -30.65
N TYR E 259 71.87 -22.43 -31.91
CA TYR E 259 72.47 -21.35 -32.67
C TYR E 259 72.09 -19.99 -32.09
N LEU E 260 70.88 -19.90 -31.53
CA LEU E 260 70.45 -18.68 -30.87
C LEU E 260 71.23 -18.44 -29.59
N PHE E 261 71.16 -19.39 -28.67
CA PHE E 261 71.59 -19.14 -27.31
C PHE E 261 73.10 -19.11 -27.17
N SER E 262 73.81 -19.65 -28.16
CA SER E 262 75.26 -19.53 -28.14
C SER E 262 75.68 -18.10 -28.38
N LEU E 263 74.96 -17.40 -29.24
CA LEU E 263 75.29 -16.00 -29.55
C LEU E 263 74.88 -15.08 -28.43
N TYR E 264 73.73 -15.34 -27.81
CA TYR E 264 73.23 -14.43 -26.79
C TYR E 264 73.94 -14.63 -25.46
N GLU E 265 74.26 -15.87 -25.11
CA GLU E 265 74.93 -16.16 -23.85
C GLU E 265 76.45 -16.25 -24.05
N CYS E 266 76.93 -15.75 -25.19
CA CYS E 266 78.35 -15.48 -25.46
C CYS E 266 79.21 -16.74 -25.46
N ARG E 267 78.68 -17.85 -25.97
CA ARG E 267 79.48 -19.06 -26.16
C ARG E 267 79.95 -19.05 -27.60
N TYR E 268 81.16 -18.59 -27.82
CA TYR E 268 81.62 -18.31 -29.16
C TYR E 268 82.22 -19.53 -29.84
N SER E 269 82.79 -20.46 -29.08
CA SER E 269 83.39 -21.64 -29.69
C SER E 269 82.33 -22.56 -30.27
N VAL E 270 81.22 -22.74 -29.56
CA VAL E 270 80.15 -23.56 -30.11
C VAL E 270 79.31 -22.75 -31.09
N PHE E 271 79.48 -21.43 -31.09
CA PHE E 271 78.77 -20.60 -32.06
C PHE E 271 79.26 -20.85 -33.48
N PHE E 272 80.56 -21.08 -33.65
CA PHE E 272 81.08 -21.36 -34.98
C PHE E 272 80.62 -22.72 -35.48
N GLN E 273 80.56 -23.72 -34.59
CA GLN E 273 80.09 -25.03 -34.97
C GLN E 273 78.61 -25.00 -35.33
N SER E 274 77.84 -24.14 -34.66
CA SER E 274 76.46 -23.94 -35.06
C SER E 274 76.39 -23.20 -36.38
N LEU E 275 77.22 -22.17 -36.55
CA LEU E 275 77.19 -21.40 -37.79
C LEU E 275 77.74 -22.19 -38.96
N ALA E 276 78.57 -23.20 -38.69
CA ALA E 276 79.04 -24.08 -39.75
C ALA E 276 77.91 -24.93 -40.31
N VAL E 277 77.03 -25.40 -39.44
CA VAL E 277 75.91 -26.23 -39.90
C VAL E 277 74.92 -25.38 -40.68
N VAL E 278 74.72 -24.13 -40.26
CA VAL E 278 73.74 -23.23 -40.85
C VAL E 278 74.07 -22.93 -42.31
N GLU E 279 75.33 -22.57 -42.57
CA GLU E 279 75.76 -22.22 -43.92
C GLU E 279 75.68 -23.41 -44.85
N GLN E 280 76.04 -24.59 -44.35
CA GLN E 280 75.92 -25.77 -45.20
C GLN E 280 74.47 -26.19 -45.37
N GLU E 281 73.63 -26.00 -44.34
CA GLU E 281 72.21 -26.30 -44.49
C GLU E 281 71.51 -25.26 -45.36
N MET E 282 72.06 -24.05 -45.42
CA MET E 282 71.49 -22.99 -46.26
C MET E 282 71.56 -23.37 -47.73
N LYS E 283 72.57 -24.17 -48.10
CA LYS E 283 72.81 -24.60 -49.48
C LYS E 283 71.59 -25.24 -50.14
N LYS E 284 70.70 -25.81 -49.35
CA LYS E 284 69.48 -26.41 -49.89
C LYS E 284 68.33 -25.42 -49.75
N ASP E 285 68.29 -24.48 -50.70
CA ASP E 285 67.32 -23.40 -50.71
C ASP E 285 67.25 -22.85 -52.12
N TRP E 286 66.11 -22.29 -52.50
CA TRP E 286 65.94 -21.76 -53.86
C TRP E 286 65.86 -20.25 -53.92
N LEU E 287 65.76 -19.57 -52.78
CA LEU E 287 65.96 -18.13 -52.67
C LEU E 287 67.32 -17.81 -52.07
N PHE E 288 68.32 -18.55 -52.53
CA PHE E 288 69.53 -18.86 -51.78
C PHE E 288 70.71 -17.97 -52.15
N ALA E 289 70.80 -17.59 -53.42
CA ALA E 289 71.87 -16.78 -54.01
C ALA E 289 72.26 -15.50 -53.25
N PRO E 290 71.36 -14.69 -52.68
CA PRO E 290 71.84 -13.57 -51.87
C PRO E 290 72.39 -13.93 -50.51
N HIS E 291 72.10 -15.13 -49.99
CA HIS E 291 72.41 -15.43 -48.59
C HIS E 291 73.90 -15.62 -48.35
N TYR E 292 74.43 -16.69 -48.92
CA TYR E 292 75.42 -17.52 -48.23
C TYR E 292 76.79 -16.89 -48.20
N ARG E 293 77.18 -16.18 -49.24
CA ARG E 293 78.47 -15.50 -49.19
C ARG E 293 78.38 -14.22 -48.37
N TYR E 294 77.19 -13.66 -48.23
CA TYR E 294 76.98 -12.43 -47.49
C TYR E 294 76.54 -12.68 -46.06
N TYR E 295 75.80 -13.76 -45.82
CA TYR E 295 75.22 -13.99 -44.50
C TYR E 295 76.28 -14.33 -43.47
N VAL E 296 77.18 -15.25 -43.81
CA VAL E 296 78.16 -15.73 -42.85
C VAL E 296 79.15 -14.65 -42.50
N ARG E 297 79.65 -13.94 -43.51
CA ARG E 297 80.63 -12.89 -43.25
C ARG E 297 80.04 -11.72 -42.47
N GLU E 298 78.73 -11.52 -42.57
CA GLU E 298 78.10 -10.49 -41.76
C GLU E 298 77.97 -10.95 -40.32
N MET E 299 77.75 -12.25 -40.12
CA MET E 299 77.63 -12.73 -38.75
C MET E 299 78.97 -12.96 -38.09
N ARG E 300 79.99 -13.33 -38.87
CA ARG E 300 81.33 -13.47 -38.31
C ARG E 300 81.86 -12.12 -37.84
N ILE E 301 81.54 -11.05 -38.55
CA ILE E 301 81.95 -9.73 -38.10
C ILE E 301 80.98 -9.21 -37.05
N HIS E 302 79.80 -9.81 -36.95
CA HIS E 302 78.87 -9.43 -35.90
C HIS E 302 79.32 -9.98 -34.56
N ALA E 303 79.87 -11.20 -34.55
CA ALA E 303 80.33 -11.78 -33.29
C ALA E 303 81.62 -11.14 -32.83
N TYR E 304 82.42 -10.63 -33.76
CA TYR E 304 83.68 -9.99 -33.39
C TYR E 304 83.45 -8.66 -32.70
N SER E 305 82.45 -7.91 -33.18
CA SER E 305 82.25 -6.54 -32.72
C SER E 305 81.76 -6.51 -31.29
N GLN E 306 80.86 -7.41 -30.91
CA GLN E 306 80.42 -7.43 -29.53
C GLN E 306 81.46 -8.08 -28.61
N LEU E 307 82.34 -8.92 -29.15
CA LEU E 307 83.36 -9.53 -28.31
C LEU E 307 84.47 -8.55 -28.00
N LEU E 308 84.82 -7.69 -28.95
CA LEU E 308 85.80 -6.64 -28.69
C LEU E 308 85.23 -5.57 -27.77
N GLU E 309 83.91 -5.43 -27.75
CA GLU E 309 83.26 -4.68 -26.68
C GLU E 309 83.48 -5.40 -25.36
N SER E 310 83.52 -4.62 -24.28
CA SER E 310 83.79 -4.92 -22.87
C SER E 310 85.28 -5.11 -22.60
N TYR E 311 86.12 -5.17 -23.62
CA TYR E 311 87.56 -5.17 -23.45
C TYR E 311 88.12 -3.94 -24.15
N ARG E 312 89.30 -3.52 -23.74
CA ARG E 312 90.07 -2.60 -24.56
C ARG E 312 91.55 -2.96 -24.58
N SER E 313 91.94 -4.03 -23.92
CA SER E 313 93.24 -4.65 -24.11
C SER E 313 92.98 -6.14 -24.19
N LEU E 314 92.73 -6.63 -25.39
CA LEU E 314 92.54 -8.04 -25.64
C LEU E 314 93.83 -8.60 -26.20
N THR E 315 94.10 -9.86 -25.92
CA THR E 315 95.20 -10.57 -26.57
C THR E 315 94.65 -11.67 -27.46
N LEU E 316 95.21 -11.78 -28.66
CA LEU E 316 94.69 -12.75 -29.60
C LEU E 316 95.11 -14.18 -29.27
N GLY E 317 96.02 -14.35 -28.30
CA GLY E 317 96.20 -15.65 -27.70
C GLY E 317 95.00 -16.10 -26.90
N TYR E 318 94.19 -15.17 -26.40
CA TYR E 318 92.96 -15.55 -25.73
C TYR E 318 91.88 -15.96 -26.73
N MET E 319 92.05 -15.59 -27.99
CA MET E 319 91.19 -16.13 -29.05
C MET E 319 91.58 -17.53 -29.44
N ALA E 320 92.71 -18.03 -28.96
CA ALA E 320 93.17 -19.34 -29.41
C ALA E 320 92.48 -20.49 -28.69
N GLU E 321 91.76 -20.23 -27.60
CA GLU E 321 91.04 -21.29 -26.92
C GLU E 321 89.64 -20.92 -26.44
N ALA E 322 89.36 -19.65 -26.18
CA ALA E 322 88.03 -19.26 -25.73
C ALA E 322 87.07 -19.09 -26.90
N PHE E 323 87.54 -19.33 -28.10
CA PHE E 323 86.95 -18.81 -29.30
C PHE E 323 86.94 -19.80 -30.45
N GLY E 324 87.69 -20.87 -30.36
CA GLY E 324 88.11 -21.64 -31.48
C GLY E 324 89.61 -21.89 -31.32
N VAL E 325 90.31 -22.04 -32.44
CA VAL E 325 91.77 -22.19 -32.44
C VAL E 325 92.33 -21.31 -33.57
N GLY E 326 93.62 -21.48 -33.88
CA GLY E 326 94.16 -20.76 -35.02
C GLY E 326 94.59 -19.34 -34.77
N VAL E 327 95.69 -19.18 -34.03
CA VAL E 327 96.29 -17.87 -33.76
C VAL E 327 96.46 -17.04 -35.03
N GLU E 328 97.02 -17.63 -36.08
CA GLU E 328 97.18 -16.91 -37.33
C GLU E 328 95.85 -16.75 -38.07
N PHE E 329 94.84 -17.53 -37.73
CA PHE E 329 93.56 -17.42 -38.40
C PHE E 329 92.79 -16.19 -37.93
N ILE E 330 92.76 -15.96 -36.62
CA ILE E 330 92.19 -14.73 -36.07
C ILE E 330 92.96 -13.52 -36.58
N ASP E 331 94.29 -13.67 -36.69
CA ASP E 331 95.14 -12.58 -37.16
C ASP E 331 94.82 -12.17 -38.59
N GLN E 332 94.63 -13.14 -39.48
CA GLN E 332 94.37 -12.77 -40.87
C GLN E 332 92.95 -12.29 -41.06
N GLU E 333 92.00 -12.76 -40.24
CA GLU E 333 90.61 -12.40 -40.50
C GLU E 333 90.28 -11.05 -39.91
N LEU E 334 90.93 -10.69 -38.80
CA LEU E 334 90.80 -9.32 -38.29
C LEU E 334 91.46 -8.33 -39.23
N SER E 335 92.58 -8.72 -39.85
CA SER E 335 93.30 -7.83 -40.73
C SER E 335 92.48 -7.52 -41.98
N ARG E 336 91.73 -8.50 -42.46
CA ARG E 336 90.86 -8.27 -43.61
C ARG E 336 89.66 -7.41 -43.24
N PHE E 337 89.21 -7.50 -42.00
CA PHE E 337 88.02 -6.77 -41.59
C PHE E 337 88.32 -5.36 -41.12
N ILE E 338 89.50 -5.13 -40.54
CA ILE E 338 89.89 -3.76 -40.22
C ILE E 338 90.13 -2.97 -41.49
N ALA E 339 90.80 -3.59 -42.47
CA ALA E 339 91.02 -2.97 -43.76
C ALA E 339 89.73 -2.80 -44.57
N ALA E 340 88.67 -3.50 -44.18
CA ALA E 340 87.36 -3.35 -44.80
C ALA E 340 86.63 -2.09 -44.38
N GLY E 341 87.17 -1.33 -43.42
CA GLY E 341 86.47 -0.18 -42.91
C GLY E 341 85.48 -0.47 -41.81
N ARG E 342 85.31 -1.73 -41.45
CA ARG E 342 84.48 -2.15 -40.34
C ARG E 342 85.39 -2.56 -39.18
N LEU E 343 84.77 -3.05 -38.10
CA LEU E 343 85.45 -3.73 -36.99
C LEU E 343 86.48 -2.81 -36.35
N HIS E 344 85.96 -1.81 -35.65
CA HIS E 344 86.74 -0.64 -35.24
C HIS E 344 87.68 -1.00 -34.09
N CYS E 345 88.81 -1.61 -34.44
CA CYS E 345 89.88 -1.88 -33.49
C CYS E 345 91.21 -1.93 -34.24
N LYS E 346 92.31 -2.13 -33.49
CA LYS E 346 93.67 -2.08 -34.05
C LYS E 346 94.45 -3.33 -33.66
N ILE E 347 94.66 -4.21 -34.64
CA ILE E 347 95.41 -5.44 -34.42
C ILE E 347 96.89 -5.12 -34.29
N ASP E 348 97.62 -5.98 -33.58
CA ASP E 348 99.03 -5.76 -33.33
C ASP E 348 99.81 -7.05 -33.53
N LYS E 349 101.09 -6.88 -33.89
CA LYS E 349 102.13 -7.90 -33.95
C LYS E 349 102.81 -7.88 -32.58
N VAL E 350 104.12 -8.19 -32.51
CA VAL E 350 104.87 -8.89 -31.47
C VAL E 350 104.49 -8.64 -30.01
N ASN E 351 103.90 -7.48 -29.70
CA ASN E 351 103.24 -7.35 -28.40
C ASN E 351 102.08 -8.33 -28.28
N GLU E 352 101.40 -8.61 -29.39
CA GLU E 352 100.30 -9.56 -29.52
C GLU E 352 99.14 -9.15 -28.60
N ILE E 353 98.72 -7.90 -28.78
CA ILE E 353 97.67 -7.28 -27.97
C ILE E 353 96.69 -6.61 -28.92
N VAL E 354 95.48 -7.14 -29.00
CA VAL E 354 94.50 -6.53 -29.88
C VAL E 354 93.92 -5.33 -29.15
N GLU E 355 94.54 -4.17 -29.34
CA GLU E 355 94.04 -2.94 -28.78
C GLU E 355 92.85 -2.45 -29.60
N THR E 356 91.87 -1.86 -28.94
CA THR E 356 90.75 -1.28 -29.66
C THR E 356 90.83 0.24 -29.63
N ASN E 357 90.10 0.85 -30.56
CA ASN E 357 89.87 2.28 -30.57
C ASN E 357 88.43 2.52 -31.01
N ARG E 358 87.63 3.05 -30.12
CA ARG E 358 86.26 3.46 -30.42
C ARG E 358 86.16 4.95 -30.19
N PRO E 359 85.33 5.66 -30.96
CA PRO E 359 85.33 7.13 -30.80
C PRO E 359 84.61 7.54 -29.54
N ASP E 360 84.76 8.79 -29.15
CA ASP E 360 84.01 9.30 -28.02
C ASP E 360 82.67 9.79 -28.53
N SER E 361 81.94 10.49 -27.67
CA SER E 361 80.73 11.16 -28.12
C SER E 361 81.08 12.27 -29.11
N LYS E 362 81.96 13.18 -28.70
CA LYS E 362 82.30 14.34 -29.51
C LYS E 362 83.03 13.94 -30.79
N ASN E 363 83.90 12.94 -30.71
CA ASN E 363 84.57 12.46 -31.91
C ASN E 363 83.64 11.69 -32.84
N TRP E 364 82.49 11.25 -32.35
CA TRP E 364 81.49 10.68 -33.24
C TRP E 364 80.58 11.75 -33.83
N GLN E 365 80.16 12.70 -33.00
CA GLN E 365 79.24 13.73 -33.45
C GLN E 365 79.89 14.70 -34.42
N TYR E 366 81.18 14.96 -34.25
CA TYR E 366 81.90 15.86 -35.16
C TYR E 366 82.02 15.25 -36.55
N GLN E 367 82.07 13.93 -36.63
CA GLN E 367 82.19 13.29 -37.95
C GLN E 367 80.88 13.32 -38.69
N GLU E 368 79.76 13.15 -37.99
CA GLU E 368 78.48 13.15 -38.66
C GLU E 368 78.10 14.54 -39.14
N THR E 369 78.45 15.57 -38.39
CA THR E 369 78.12 16.94 -38.79
C THR E 369 78.99 17.42 -39.94
N ILE E 370 80.19 16.85 -40.10
CA ILE E 370 81.02 17.29 -41.22
C ILE E 370 80.67 16.50 -42.48
N LYS E 371 80.04 15.34 -42.34
CA LYS E 371 79.54 14.64 -43.52
C LYS E 371 78.25 15.29 -44.01
N LYS E 372 77.31 15.52 -43.10
CA LYS E 372 76.06 16.15 -43.48
C LYS E 372 76.25 17.62 -43.78
N GLY E 373 77.30 18.23 -43.24
CA GLY E 373 77.59 19.62 -43.56
C GLY E 373 78.00 19.81 -45.00
N ASP E 374 78.91 18.97 -45.49
CA ASP E 374 79.39 19.12 -46.86
C ASP E 374 78.35 18.65 -47.87
N LEU E 375 77.40 17.83 -47.43
CA LEU E 375 76.34 17.40 -48.32
C LEU E 375 75.40 18.55 -48.64
N LEU E 376 74.93 19.25 -47.60
CA LEU E 376 74.06 20.39 -47.81
C LEU E 376 74.81 21.58 -48.39
N LEU E 377 76.11 21.69 -48.11
CA LEU E 377 76.91 22.74 -48.72
C LEU E 377 77.02 22.53 -50.23
N ASN E 378 77.29 21.29 -50.65
CA ASN E 378 77.30 20.96 -52.07
C ASN E 378 75.91 21.11 -52.66
N ARG E 379 74.88 20.88 -51.86
CA ARG E 379 73.51 20.96 -52.34
C ARG E 379 73.13 22.41 -52.67
N VAL E 380 73.63 23.36 -51.88
CA VAL E 380 73.35 24.76 -52.17
C VAL E 380 74.43 25.41 -53.02
N GLN E 381 75.54 24.71 -53.26
CA GLN E 381 76.42 25.08 -54.36
C GLN E 381 75.68 25.03 -55.68
N LYS E 382 75.11 23.87 -56.00
CA LYS E 382 74.50 23.63 -57.30
C LYS E 382 73.22 24.42 -57.47
N LEU E 383 72.46 24.59 -56.37
CA LEU E 383 71.21 25.33 -56.45
C LEU E 383 71.45 26.80 -56.71
N SER E 384 72.51 27.36 -56.14
CA SER E 384 72.83 28.76 -56.40
C SER E 384 73.34 28.99 -57.81
N ARG E 385 73.81 27.95 -58.49
CA ARG E 385 74.23 28.07 -59.88
C ARG E 385 73.10 27.85 -60.87
N VAL E 386 72.05 27.15 -60.48
CA VAL E 386 70.87 27.03 -61.33
C VAL E 386 70.17 28.38 -61.43
N ILE E 387 69.96 29.03 -60.29
CA ILE E 387 69.49 30.41 -60.29
C ILE E 387 70.67 31.30 -60.65
N ASN E 388 70.38 32.58 -60.92
CA ASN E 388 71.34 33.58 -61.36
C ASN E 388 72.08 33.10 -62.60
N MET E 389 71.29 32.93 -63.67
CA MET E 389 71.67 32.25 -64.91
C MET E 389 72.19 30.83 -64.64
N ALA F 5 79.88 51.61 9.63
CA ALA F 5 79.75 50.46 8.74
C ALA F 5 78.78 50.76 7.62
N VAL F 6 79.31 51.20 6.48
CA VAL F 6 78.51 51.61 5.34
C VAL F 6 78.85 50.68 4.17
N GLN F 7 77.81 50.07 3.59
CA GLN F 7 78.01 49.19 2.44
C GLN F 7 78.33 50.01 1.19
N LYS F 8 77.40 50.85 0.78
CA LYS F 8 77.57 51.75 -0.36
C LYS F 8 76.56 52.86 -0.25
N VAL F 9 76.87 53.98 -0.85
CA VAL F 9 75.94 55.10 -0.89
C VAL F 9 75.23 55.08 -2.22
N VAL F 10 74.02 55.64 -2.23
CA VAL F 10 73.17 55.66 -3.41
C VAL F 10 72.97 57.11 -3.80
N VAL F 11 73.57 57.54 -4.90
CA VAL F 11 73.41 58.93 -5.35
C VAL F 11 72.15 59.12 -6.20
N HIS F 12 71.14 59.78 -5.63
CA HIS F 12 69.98 60.23 -6.39
C HIS F 12 70.39 61.35 -7.34
N PRO F 13 70.01 61.24 -8.62
CA PRO F 13 70.48 62.31 -9.53
C PRO F 13 69.65 63.57 -9.52
N LEU F 14 69.59 64.22 -8.37
CA LEU F 14 69.17 65.61 -8.27
C LEU F 14 70.28 66.34 -7.55
N VAL F 15 70.90 65.66 -6.58
CA VAL F 15 71.97 66.19 -5.75
C VAL F 15 73.26 66.65 -6.44
N LEU F 16 73.93 65.76 -7.18
CA LEU F 16 75.08 66.15 -8.01
C LEU F 16 74.58 67.29 -8.89
N LEU F 17 73.56 66.97 -9.67
CA LEU F 17 72.87 67.94 -10.49
C LEU F 17 72.64 69.26 -9.75
N SER F 18 72.21 69.22 -8.50
CA SER F 18 72.05 70.46 -7.75
C SER F 18 73.36 70.95 -7.15
N VAL F 19 74.48 70.31 -7.45
CA VAL F 19 75.77 70.89 -7.12
C VAL F 19 76.31 71.70 -8.30
N VAL F 20 76.14 71.14 -9.51
CA VAL F 20 76.71 71.72 -10.72
C VAL F 20 76.11 73.10 -11.01
N ASP F 21 74.81 73.26 -10.76
CA ASP F 21 74.21 74.57 -10.93
C ASP F 21 74.71 75.56 -9.90
N HIS F 22 74.94 75.09 -8.66
CA HIS F 22 75.41 76.00 -7.63
C HIS F 22 76.86 76.37 -7.83
N PHE F 23 77.64 75.48 -8.44
CA PHE F 23 78.96 75.88 -8.92
C PHE F 23 78.82 76.92 -10.02
N ASN F 24 77.79 76.80 -10.83
CA ASN F 24 77.54 77.78 -11.87
C ASN F 24 76.90 79.04 -11.32
N ARG F 25 76.27 78.98 -10.14
CA ARG F 25 75.75 80.20 -9.51
C ARG F 25 76.88 81.11 -9.08
N ILE F 26 77.88 80.56 -8.38
CA ILE F 26 79.03 81.35 -7.96
C ILE F 26 80.05 81.55 -9.07
N GLY F 27 79.87 80.89 -10.22
CA GLY F 27 80.84 80.94 -11.30
C GLY F 27 80.98 82.30 -11.95
N LYS F 28 79.96 83.15 -11.83
CA LYS F 28 80.10 84.52 -12.34
C LYS F 28 81.04 85.35 -11.47
N VAL F 29 81.27 84.96 -10.23
CA VAL F 29 82.25 85.59 -9.37
C VAL F 29 83.35 84.58 -9.01
N GLY F 30 83.42 83.48 -9.76
CA GLY F 30 84.22 82.31 -9.44
C GLY F 30 85.71 82.49 -9.28
N ASN F 31 86.15 82.44 -8.03
CA ASN F 31 87.56 82.46 -7.67
C ASN F 31 87.87 81.47 -6.55
N GLN F 32 86.92 80.63 -6.18
CA GLN F 32 87.06 79.74 -5.04
C GLN F 32 87.49 78.34 -5.41
N LYS F 33 87.13 77.88 -6.62
CA LYS F 33 87.35 76.53 -7.20
C LYS F 33 86.97 75.38 -6.24
N ARG F 34 86.06 75.63 -5.31
CA ARG F 34 85.46 74.59 -4.49
C ARG F 34 84.12 75.10 -4.01
N VAL F 35 83.16 74.18 -3.90
CA VAL F 35 81.83 74.50 -3.42
C VAL F 35 81.46 73.49 -2.35
N VAL F 36 81.20 73.96 -1.15
CA VAL F 36 80.86 73.11 -0.01
C VAL F 36 79.41 73.39 0.37
N GLY F 37 78.62 72.33 0.47
CA GLY F 37 77.25 72.45 0.93
C GLY F 37 76.85 71.23 1.74
N VAL F 38 75.59 71.21 2.13
CA VAL F 38 75.07 70.22 3.06
C VAL F 38 74.36 69.12 2.26
N LEU F 39 74.63 67.88 2.61
CA LEU F 39 74.10 66.71 1.93
C LEU F 39 73.00 66.11 2.80
N LEU F 40 71.75 66.28 2.39
CA LEU F 40 70.65 65.60 3.07
C LEU F 40 70.66 64.13 2.71
N GLY F 41 70.05 63.31 3.56
CA GLY F 41 70.08 61.88 3.34
C GLY F 41 68.87 61.19 3.90
N SER F 42 68.86 59.88 3.72
CA SER F 42 67.82 59.03 4.32
C SER F 42 68.51 57.69 4.64
N TRP F 43 68.99 57.58 5.87
CA TRP F 43 69.68 56.38 6.30
C TRP F 43 68.68 55.25 6.51
N GLN F 44 68.87 54.14 5.79
CA GLN F 44 67.95 53.02 5.87
C GLN F 44 68.63 51.78 6.46
N LYS F 45 69.79 51.41 5.95
CA LYS F 45 70.47 50.17 6.33
C LYS F 45 71.96 50.48 6.22
N LYS F 46 72.80 49.44 6.19
CA LYS F 46 74.22 49.58 5.90
C LYS F 46 74.46 50.23 4.53
N VAL F 47 73.53 50.07 3.59
CA VAL F 47 73.51 50.87 2.37
C VAL F 47 72.84 52.22 2.69
N LEU F 48 73.42 53.30 2.17
CA LEU F 48 72.98 54.66 2.46
C LEU F 48 72.20 55.22 1.26
N ASP F 49 71.36 56.22 1.54
CA ASP F 49 70.60 56.85 0.46
C ASP F 49 70.67 58.37 0.59
N VAL F 50 70.84 59.04 -0.56
CA VAL F 50 70.84 60.49 -0.66
C VAL F 50 69.88 60.88 -1.77
N SER F 51 69.03 61.86 -1.48
CA SER F 51 68.05 62.32 -2.45
C SER F 51 67.83 63.83 -2.46
N ASN F 52 68.48 64.56 -1.56
CA ASN F 52 68.29 66.01 -1.54
C ASN F 52 69.54 66.64 -0.96
N SER F 53 69.74 67.92 -1.26
CA SER F 53 70.85 68.70 -0.72
C SER F 53 70.58 70.17 -0.91
N PHE F 54 71.48 70.97 -0.36
CA PHE F 54 71.51 72.41 -0.56
C PHE F 54 72.93 72.87 -0.28
N ALA F 55 73.17 74.16 -0.40
CA ALA F 55 74.51 74.70 -0.24
C ALA F 55 74.55 75.64 0.95
N VAL F 56 75.76 76.16 1.23
CA VAL F 56 76.03 76.94 2.42
C VAL F 56 77.23 77.84 2.08
N PRO F 57 77.30 79.06 2.62
CA PRO F 57 78.48 79.90 2.35
C PRO F 57 79.75 79.34 2.99
N PHE F 58 80.81 79.28 2.19
CA PHE F 58 82.07 78.70 2.59
C PHE F 58 83.19 79.44 1.89
N ASP F 59 84.27 79.71 2.63
CA ASP F 59 85.48 80.24 2.05
C ASP F 59 86.69 79.53 2.63
N GLU F 60 87.83 79.75 2.00
CA GLU F 60 89.04 79.00 2.26
C GLU F 60 90.20 79.81 1.72
N ASP F 61 91.31 79.80 2.45
CA ASP F 61 92.48 80.56 2.08
C ASP F 61 93.61 79.61 1.72
N ASP F 62 94.31 79.91 0.63
CA ASP F 62 95.43 79.09 0.20
C ASP F 62 96.57 79.13 1.21
N LYS F 63 96.75 80.27 1.87
CA LYS F 63 97.78 80.39 2.90
C LYS F 63 97.26 79.80 4.20
N ASP F 64 98.03 78.87 4.77
CA ASP F 64 97.89 78.19 6.06
C ASP F 64 96.76 77.14 6.06
N ASP F 65 95.91 77.13 5.02
CA ASP F 65 94.81 76.20 4.66
C ASP F 65 94.02 75.65 5.83
N SER F 66 93.80 76.48 6.86
CA SER F 66 93.13 76.02 8.06
C SER F 66 92.17 77.08 8.60
N VAL F 67 91.87 78.10 7.81
CA VAL F 67 90.91 79.13 8.19
C VAL F 67 89.74 78.99 7.23
N TRP F 68 88.60 78.54 7.76
CA TRP F 68 87.50 78.06 6.94
C TRP F 68 86.20 78.32 7.67
N PHE F 69 85.09 78.30 6.92
CA PHE F 69 83.82 78.85 7.40
C PHE F 69 82.67 77.98 6.92
N LEU F 70 82.26 77.05 7.76
CA LEU F 70 80.88 76.61 7.63
C LEU F 70 80.00 77.52 8.47
N ASP F 71 78.84 77.84 7.92
CA ASP F 71 77.90 78.72 8.59
C ASP F 71 76.89 77.85 9.33
N HIS F 72 76.96 77.87 10.66
CA HIS F 72 76.06 77.07 11.47
C HIS F 72 74.63 77.59 11.41
N ASP F 73 74.46 78.91 11.54
CA ASP F 73 73.12 79.50 11.62
C ASP F 73 72.37 79.34 10.31
N TYR F 74 73.08 79.47 9.18
CA TYR F 74 72.46 79.19 7.89
C TYR F 74 72.14 77.71 7.75
N LEU F 75 72.98 76.85 8.35
CA LEU F 75 72.71 75.42 8.33
C LEU F 75 71.55 75.05 9.26
N GLU F 76 71.30 75.84 10.29
CA GLU F 76 70.19 75.54 11.18
C GLU F 76 68.85 75.82 10.52
N ASN F 77 68.69 77.03 9.98
CA ASN F 77 67.38 77.50 9.58
C ASN F 77 66.90 76.84 8.30
N MET F 78 67.80 76.71 7.31
CA MET F 78 67.38 76.18 6.02
C MET F 78 67.13 74.68 6.10
N TYR F 79 67.84 73.98 6.98
CA TYR F 79 67.46 72.60 7.29
C TYR F 79 66.16 72.54 8.06
N GLY F 80 65.88 73.56 8.88
CA GLY F 80 64.57 73.63 9.52
C GLY F 80 63.46 73.86 8.53
N MET F 81 63.77 74.50 7.40
CA MET F 81 62.78 74.65 6.34
C MET F 81 62.50 73.32 5.66
N PHE F 82 63.55 72.62 5.24
CA PHE F 82 63.38 71.36 4.52
C PHE F 82 62.84 70.26 5.40
N LYS F 83 63.03 70.37 6.72
CA LYS F 83 62.34 69.46 7.62
C LYS F 83 60.86 69.76 7.66
N LYS F 84 60.49 71.05 7.61
CA LYS F 84 59.09 71.44 7.74
C LYS F 84 58.29 71.05 6.50
N VAL F 85 58.90 71.17 5.32
CA VAL F 85 58.17 70.82 4.10
C VAL F 85 58.24 69.32 3.83
N ASN F 86 59.19 68.61 4.44
CA ASN F 86 59.31 67.17 4.26
C ASN F 86 60.02 66.61 5.47
N ALA F 87 59.26 65.97 6.37
CA ALA F 87 59.83 65.39 7.57
C ALA F 87 60.43 64.02 7.34
N ARG F 88 60.43 63.52 6.11
CA ARG F 88 61.09 62.26 5.80
C ARG F 88 62.61 62.41 5.83
N GLU F 89 63.11 63.58 5.45
CA GLU F 89 64.51 63.78 5.09
C GLU F 89 65.28 64.36 6.27
N ARG F 90 66.53 63.92 6.42
CA ARG F 90 67.44 64.51 7.38
C ARG F 90 68.84 64.60 6.78
N ILE F 91 69.74 65.23 7.54
CA ILE F 91 71.12 65.38 7.11
C ILE F 91 71.86 64.05 7.22
N VAL F 92 72.86 63.85 6.37
CA VAL F 92 73.71 62.67 6.46
C VAL F 92 75.16 63.11 6.29
N GLY F 93 75.37 64.34 5.80
CA GLY F 93 76.73 64.82 5.61
C GLY F 93 76.87 66.06 4.74
N TRP F 94 77.85 66.05 3.84
CA TRP F 94 78.24 67.24 3.10
C TRP F 94 78.99 66.84 1.84
N TYR F 95 79.28 67.82 0.99
CA TYR F 95 79.95 67.56 -0.29
C TYR F 95 80.97 68.65 -0.58
N HIS F 96 81.92 68.33 -1.46
CA HIS F 96 82.71 69.34 -2.15
C HIS F 96 83.23 68.78 -3.46
N THR F 97 83.89 69.64 -4.22
CA THR F 97 84.44 69.31 -5.53
C THR F 97 85.92 69.67 -5.58
N GLY F 98 86.54 69.66 -6.76
CA GLY F 98 87.96 69.91 -6.81
C GLY F 98 88.75 68.70 -6.35
N PRO F 99 88.87 67.70 -7.23
CA PRO F 99 89.30 66.34 -6.82
C PRO F 99 90.66 66.26 -6.13
N LYS F 100 91.57 67.19 -6.41
CA LYS F 100 92.72 67.36 -5.53
C LYS F 100 92.22 68.04 -4.26
N LEU F 101 91.82 67.24 -3.28
CA LEU F 101 91.09 67.76 -2.13
C LEU F 101 92.04 68.47 -1.18
N HIS F 102 91.58 69.58 -0.62
CA HIS F 102 92.33 70.24 0.43
C HIS F 102 92.38 69.38 1.68
N LYS F 103 93.50 69.45 2.39
CA LYS F 103 93.70 68.66 3.59
C LYS F 103 92.94 69.20 4.78
N ASN F 104 92.19 70.29 4.62
CA ASN F 104 91.38 70.88 5.66
C ASN F 104 90.16 70.03 6.00
N ASP F 105 89.90 68.98 5.21
CA ASP F 105 88.66 68.21 5.30
C ASP F 105 88.55 67.41 6.59
N ILE F 106 89.66 67.24 7.32
CA ILE F 106 89.58 66.77 8.69
C ILE F 106 88.78 67.74 9.54
N ALA F 107 89.02 69.04 9.38
CA ALA F 107 88.41 70.03 10.26
C ALA F 107 86.93 70.24 9.90
N ILE F 108 86.62 70.23 8.61
CA ILE F 108 85.23 70.35 8.16
C ILE F 108 84.40 69.18 8.67
N ASN F 109 84.95 67.97 8.61
CA ASN F 109 84.19 66.79 8.98
C ASN F 109 84.00 66.71 10.48
N GLU F 110 85.07 66.94 11.25
CA GLU F 110 85.00 66.83 12.71
C GLU F 110 84.17 67.93 13.35
N LEU F 111 83.90 69.02 12.62
CA LEU F 111 82.90 69.97 13.11
C LEU F 111 81.51 69.38 13.03
N MET F 112 81.06 69.07 11.81
CA MET F 112 79.68 68.68 11.59
C MET F 112 79.42 67.19 11.78
N LYS F 113 80.29 66.49 12.53
CA LYS F 113 79.88 65.21 13.09
C LYS F 113 79.01 65.37 14.31
N ARG F 114 78.84 66.59 14.83
CA ARG F 114 77.89 66.84 15.89
C ARG F 114 76.48 67.03 15.37
N TYR F 115 76.27 66.97 14.06
CA TYR F 115 74.95 66.90 13.48
C TYR F 115 74.55 65.48 13.13
N CYS F 116 75.46 64.68 12.60
CA CYS F 116 75.24 63.28 12.32
C CYS F 116 76.45 62.53 12.84
N PRO F 117 76.25 61.50 13.66
CA PRO F 117 77.37 60.74 14.22
C PRO F 117 78.23 60.05 13.17
N ASN F 118 77.59 59.20 12.36
CA ASN F 118 78.26 58.57 11.24
C ASN F 118 78.12 59.47 10.01
N SER F 119 78.82 60.60 10.07
CA SER F 119 78.82 61.55 8.97
C SER F 119 79.62 61.00 7.80
N VAL F 120 79.27 61.47 6.60
CA VAL F 120 79.81 60.92 5.37
C VAL F 120 79.93 62.07 4.38
N LEU F 121 80.91 61.98 3.49
CA LEU F 121 81.13 63.05 2.52
C LEU F 121 81.31 62.44 1.14
N VAL F 122 80.82 63.17 0.14
CA VAL F 122 80.85 62.73 -1.25
C VAL F 122 81.55 63.81 -2.07
N ILE F 123 82.56 63.41 -2.84
CA ILE F 123 83.21 64.32 -3.77
C ILE F 123 82.59 64.12 -5.14
N ILE F 124 82.05 65.18 -5.72
CA ILE F 124 81.65 65.17 -7.09
C ILE F 124 82.77 65.80 -7.90
N ASP F 125 82.75 65.55 -9.21
CA ASP F 125 83.82 66.01 -10.10
C ASP F 125 83.13 66.73 -11.25
N VAL F 126 82.95 68.05 -11.10
CA VAL F 126 82.17 68.80 -12.08
C VAL F 126 82.92 68.93 -13.41
N LYS F 127 84.16 69.40 -13.37
CA LYS F 127 84.90 69.57 -14.62
C LYS F 127 85.53 68.26 -15.10
N PRO F 128 86.24 67.43 -14.26
CA PRO F 128 86.67 66.13 -14.78
C PRO F 128 85.50 65.16 -14.87
N LYS F 129 85.03 64.91 -16.08
CA LYS F 129 83.79 64.17 -16.25
C LYS F 129 83.87 63.23 -17.44
N ASP F 130 85.07 62.72 -17.72
CA ASP F 130 85.39 62.17 -19.02
C ASP F 130 85.59 60.66 -19.05
N LEU F 131 86.51 60.11 -18.27
CA LEU F 131 86.95 58.72 -18.50
C LEU F 131 86.14 57.68 -17.73
N GLY F 132 86.22 57.70 -16.41
CA GLY F 132 85.65 56.61 -15.63
C GLY F 132 85.08 57.01 -14.28
N LEU F 133 84.93 58.30 -14.03
CA LEU F 133 84.72 58.81 -12.68
C LEU F 133 83.36 59.48 -12.50
N PRO F 134 82.35 58.78 -11.99
CA PRO F 134 81.11 59.48 -11.62
C PRO F 134 81.29 60.42 -10.42
N THR F 135 81.63 59.87 -9.26
CA THR F 135 81.81 60.60 -8.01
C THR F 135 82.85 59.84 -7.19
N GLU F 136 82.94 60.20 -5.90
CA GLU F 136 83.71 59.45 -4.92
C GLU F 136 83.20 59.83 -3.54
N ALA F 137 83.15 58.86 -2.64
CA ALA F 137 82.69 59.09 -1.28
C ALA F 137 83.69 58.53 -0.27
N TYR F 138 83.91 59.25 0.82
CA TYR F 138 84.76 58.80 1.90
C TYR F 138 83.96 58.49 3.14
N ILE F 139 84.60 57.77 4.06
CA ILE F 139 84.07 57.54 5.40
C ILE F 139 85.18 57.91 6.39
N SER F 140 84.78 58.38 7.57
CA SER F 140 85.70 58.86 8.58
C SER F 140 85.81 57.84 9.70
N VAL F 141 86.97 57.20 9.81
CA VAL F 141 87.36 56.45 11.00
C VAL F 141 88.72 57.00 11.42
N GLU F 142 89.09 56.75 12.68
CA GLU F 142 90.39 57.17 13.21
C GLU F 142 90.95 56.07 14.09
N GLU F 143 91.96 55.37 13.60
CA GLU F 143 92.84 54.55 14.42
C GLU F 143 94.01 55.42 14.85
N VAL F 144 95.07 54.84 15.40
CA VAL F 144 96.24 55.66 15.65
C VAL F 144 96.92 55.90 14.30
N HIS F 145 97.63 54.90 13.77
CA HIS F 145 97.67 54.68 12.33
C HIS F 145 97.73 53.18 12.05
N ASP F 146 98.49 52.49 12.88
CA ASP F 146 98.93 51.10 12.69
C ASP F 146 99.50 50.68 14.05
N ASP F 147 100.25 49.58 14.08
CA ASP F 147 100.77 49.09 15.35
C ASP F 147 101.79 50.03 15.98
N GLY F 148 102.90 50.32 15.29
CA GLY F 148 103.98 51.08 15.90
C GLY F 148 104.19 52.42 15.24
N THR F 149 103.09 53.12 14.97
CA THR F 149 103.06 54.34 14.19
C THR F 149 102.40 55.45 14.99
N PRO F 150 102.70 56.73 14.67
CA PRO F 150 102.03 57.84 15.35
C PRO F 150 100.55 58.00 15.00
N THR F 151 99.91 59.01 15.56
CA THR F 151 98.49 59.21 15.33
C THR F 151 98.24 59.80 13.95
N SER F 152 97.00 59.64 13.47
CA SER F 152 96.60 60.09 12.14
C SER F 152 95.08 60.14 12.09
N LYS F 153 94.57 60.74 11.01
CA LYS F 153 93.13 60.72 10.79
C LYS F 153 92.73 59.57 9.88
N THR F 154 93.26 59.56 8.64
CA THR F 154 93.05 58.51 7.64
C THR F 154 91.58 58.33 7.27
N PHE F 155 91.06 59.27 6.47
CA PHE F 155 89.84 59.04 5.69
C PHE F 155 89.89 57.67 5.01
N GLU F 156 88.79 56.93 5.12
CA GLU F 156 88.65 55.67 4.42
C GLU F 156 87.53 55.78 3.40
N HIS F 157 87.53 54.84 2.46
CA HIS F 157 86.63 54.89 1.32
C HIS F 157 85.49 53.89 1.49
N VAL F 158 84.29 54.32 1.08
CA VAL F 158 83.18 53.42 0.84
C VAL F 158 82.78 53.58 -0.62
N THR F 159 82.55 52.45 -1.30
CA THR F 159 82.18 52.46 -2.71
C THR F 159 80.84 53.17 -2.93
N SER F 160 80.65 53.66 -4.15
CA SER F 160 79.50 54.50 -4.46
C SER F 160 78.82 53.98 -5.71
N GLU F 161 77.60 54.47 -5.93
CA GLU F 161 76.85 54.17 -7.14
C GLU F 161 75.85 55.29 -7.37
N ILE F 162 75.23 55.27 -8.54
CA ILE F 162 74.20 56.22 -8.92
C ILE F 162 72.88 55.48 -8.96
N GLY F 163 71.92 55.93 -8.16
CA GLY F 163 70.67 55.24 -8.00
C GLY F 163 69.59 55.75 -8.93
N ALA F 164 68.43 55.08 -8.84
CA ALA F 164 67.32 55.35 -9.75
C ALA F 164 66.03 54.89 -9.09
N GLU F 165 65.07 55.80 -8.95
CA GLU F 165 63.71 55.44 -8.59
C GLU F 165 62.76 55.91 -9.69
N GLU F 166 61.50 55.54 -9.53
CA GLU F 166 60.51 56.01 -10.48
C GLU F 166 60.20 57.49 -10.22
N ALA F 167 59.74 58.16 -11.28
CA ALA F 167 59.60 59.62 -11.35
C ALA F 167 60.90 60.33 -11.00
N GLU F 168 62.02 59.74 -11.40
CA GLU F 168 63.16 60.50 -11.87
C GLU F 168 63.72 59.93 -13.15
N GLU F 169 63.55 58.63 -13.42
CA GLU F 169 63.81 58.09 -14.73
C GLU F 169 62.87 58.68 -15.76
N VAL F 170 61.67 59.05 -15.32
CA VAL F 170 60.75 59.80 -16.17
C VAL F 170 61.38 61.14 -16.54
N GLY F 171 62.02 61.78 -15.57
CA GLY F 171 62.77 62.98 -15.87
C GLY F 171 64.06 62.71 -16.62
N VAL F 172 64.62 61.52 -16.46
CA VAL F 172 65.84 61.20 -17.20
C VAL F 172 65.52 60.90 -18.65
N GLU F 173 64.62 59.95 -18.90
CA GLU F 173 64.37 59.45 -20.25
C GLU F 173 63.75 60.51 -21.15
N HIS F 174 63.07 61.48 -20.59
CA HIS F 174 62.55 62.58 -21.38
C HIS F 174 63.63 63.61 -21.71
N LEU F 175 64.74 63.61 -20.97
CA LEU F 175 65.79 64.59 -21.20
C LEU F 175 66.94 64.09 -22.06
N LEU F 176 67.03 62.79 -22.35
CA LEU F 176 68.17 62.35 -23.15
C LEU F 176 67.90 62.60 -24.64
N ARG F 177 66.97 61.84 -25.22
CA ARG F 177 66.35 62.07 -26.54
C ARG F 177 67.34 62.15 -27.70
N ASP F 178 68.63 61.82 -27.53
CA ASP F 178 69.55 61.98 -28.65
C ASP F 178 70.16 60.67 -29.14
N ILE F 179 70.87 59.93 -28.28
CA ILE F 179 71.42 58.64 -28.63
C ILE F 179 71.00 57.63 -27.58
N LYS F 180 71.01 58.08 -26.32
CA LYS F 180 70.47 57.45 -25.11
C LYS F 180 71.23 56.22 -24.64
N ASP F 181 72.22 55.73 -25.39
CA ASP F 181 72.81 54.40 -25.21
C ASP F 181 71.70 53.34 -25.11
N THR F 182 71.05 53.15 -26.26
CA THR F 182 69.78 52.41 -26.42
C THR F 182 69.77 51.02 -25.80
N THR F 183 68.56 50.50 -25.57
CA THR F 183 68.36 49.25 -24.85
C THR F 183 68.95 48.07 -25.62
N VAL F 184 68.85 46.89 -25.00
CA VAL F 184 69.88 45.84 -24.91
C VAL F 184 70.66 45.66 -26.20
N GLY F 185 71.98 45.75 -26.11
CA GLY F 185 72.77 46.24 -27.21
C GLY F 185 72.92 45.25 -28.34
N THR F 186 73.40 45.78 -29.45
CA THR F 186 73.70 45.01 -30.65
C THR F 186 75.15 44.55 -30.58
N LEU F 187 75.66 44.08 -31.73
CA LEU F 187 77.06 43.71 -31.83
C LEU F 187 77.97 44.91 -31.62
N SER F 188 77.61 46.04 -32.21
CA SER F 188 78.45 47.23 -32.11
C SER F 188 78.44 47.79 -30.71
N GLN F 189 77.34 47.62 -29.98
CA GLN F 189 77.25 48.16 -28.64
C GLN F 189 78.13 47.39 -27.65
N ARG F 190 78.19 46.06 -27.82
CA ARG F 190 78.96 45.25 -26.88
C ARG F 190 80.46 45.42 -27.11
N ILE F 191 80.85 45.63 -28.37
CA ILE F 191 82.27 45.76 -28.68
C ILE F 191 82.81 47.08 -28.14
N THR F 192 82.01 48.15 -28.22
CA THR F 192 82.40 49.42 -27.61
C THR F 192 82.49 49.32 -26.09
N ASN F 193 81.67 48.45 -25.48
CA ASN F 193 81.81 48.19 -24.05
C ASN F 193 83.12 47.49 -23.76
N GLN F 194 83.59 46.67 -24.70
CA GLN F 194 84.90 46.06 -24.54
C GLN F 194 86.01 47.05 -24.85
N VAL F 195 85.74 48.05 -25.69
CA VAL F 195 86.77 49.02 -26.01
C VAL F 195 87.01 49.96 -24.83
N HIS F 196 85.99 50.74 -24.46
CA HIS F 196 86.20 51.70 -23.37
C HIS F 196 86.12 51.05 -22.01
N GLY F 197 85.76 49.77 -21.94
CA GLY F 197 86.04 48.99 -20.75
C GLY F 197 87.51 48.69 -20.62
N LEU F 198 88.21 48.62 -21.75
CA LEU F 198 89.63 48.32 -21.71
C LEU F 198 90.46 49.60 -21.76
N LYS F 199 89.89 50.69 -22.29
CA LYS F 199 90.59 51.97 -22.29
C LYS F 199 90.74 52.53 -20.89
N GLY F 200 89.92 52.06 -19.95
CA GLY F 200 90.11 52.45 -18.57
C GLY F 200 90.96 51.47 -17.80
N LEU F 201 91.21 50.28 -18.37
CA LEU F 201 92.09 49.31 -17.73
C LEU F 201 93.51 49.82 -17.61
N ASN F 202 94.09 50.28 -18.72
CA ASN F 202 95.39 50.91 -18.62
C ASN F 202 95.33 52.28 -17.97
N SER F 203 94.17 52.94 -17.97
CA SER F 203 94.04 54.24 -17.34
C SER F 203 94.18 54.14 -15.82
N LYS F 204 93.54 53.13 -15.21
CA LYS F 204 93.82 52.83 -13.81
C LYS F 204 95.25 52.36 -13.63
N LEU F 205 95.78 51.66 -14.64
CA LEU F 205 97.11 51.10 -14.57
C LEU F 205 98.18 52.17 -14.77
N LEU F 206 97.92 53.16 -15.62
CA LEU F 206 98.85 54.29 -15.75
C LEU F 206 98.88 55.15 -14.50
N ASP F 207 97.83 55.10 -13.68
CA ASP F 207 97.90 55.78 -12.39
C ASP F 207 98.73 54.99 -11.40
N ILE F 208 98.56 53.67 -11.37
CA ILE F 208 99.37 52.85 -10.48
C ILE F 208 100.77 52.68 -11.06
N ARG F 209 100.93 52.97 -12.36
CA ARG F 209 102.25 53.16 -12.94
C ARG F 209 102.99 54.29 -12.25
N SER F 210 102.37 55.47 -12.22
CA SER F 210 103.04 56.68 -11.76
C SER F 210 103.27 56.67 -10.25
N TYR F 211 102.47 55.91 -9.50
CA TYR F 211 102.63 55.90 -8.06
C TYR F 211 103.92 55.21 -7.64
N LEU F 212 104.12 53.98 -8.09
CA LEU F 212 105.37 53.27 -7.80
C LEU F 212 106.50 53.69 -8.71
N GLU F 213 106.29 54.65 -9.61
CA GLU F 213 107.42 55.42 -10.13
C GLU F 213 107.89 56.43 -9.11
N LYS F 214 106.99 57.28 -8.61
CA LYS F 214 107.41 58.40 -7.79
C LYS F 214 107.62 58.05 -6.32
N VAL F 215 107.31 56.82 -5.91
CA VAL F 215 107.56 56.40 -4.53
C VAL F 215 108.79 55.51 -4.43
N ALA F 216 109.10 54.84 -5.54
CA ALA F 216 110.21 53.90 -5.64
C ALA F 216 111.42 54.58 -6.27
N THR F 217 111.15 55.69 -6.96
CA THR F 217 112.21 56.49 -7.56
C THR F 217 112.91 57.13 -6.38
N GLY F 218 112.11 57.63 -5.45
CA GLY F 218 112.63 58.22 -4.24
C GLY F 218 112.15 59.60 -3.90
N LYS F 219 110.84 59.88 -4.03
CA LYS F 219 110.46 61.24 -3.66
C LYS F 219 109.69 61.25 -2.35
N LEU F 220 108.53 60.63 -2.34
CA LEU F 220 107.66 60.77 -1.18
C LEU F 220 107.81 59.54 -0.27
N PRO F 221 107.52 59.68 1.03
CA PRO F 221 107.70 58.55 1.95
C PRO F 221 106.77 57.39 1.63
N ILE F 222 107.31 56.18 1.74
CA ILE F 222 106.58 54.99 1.32
C ILE F 222 105.50 54.67 2.34
N ASN F 223 104.30 54.37 1.87
CA ASN F 223 103.40 53.58 2.67
C ASN F 223 103.92 52.16 2.70
N HIS F 224 103.58 51.43 3.76
CA HIS F 224 103.84 50.01 3.75
C HIS F 224 102.60 49.20 3.42
N GLN F 225 101.42 49.73 3.75
CA GLN F 225 100.16 49.01 3.56
C GLN F 225 99.89 48.74 2.09
N ILE F 226 100.06 49.74 1.24
CA ILE F 226 99.74 49.61 -0.18
C ILE F 226 100.72 48.72 -0.93
N ILE F 227 101.90 48.46 -0.37
CA ILE F 227 102.92 47.74 -1.10
C ILE F 227 102.61 46.26 -1.18
N TYR F 228 102.41 45.61 -0.03
CA TYR F 228 102.10 44.20 -0.05
C TYR F 228 100.66 43.92 -0.46
N GLN F 229 99.78 44.91 -0.31
CA GLN F 229 98.44 44.83 -0.88
C GLN F 229 98.47 44.91 -2.40
N LEU F 230 99.55 45.43 -2.97
CA LEU F 230 99.77 45.34 -4.41
C LEU F 230 100.46 44.04 -4.79
N GLN F 231 101.19 43.45 -3.83
CA GLN F 231 102.04 42.30 -4.13
C GLN F 231 101.23 41.07 -4.48
N ASP F 232 100.14 40.83 -3.75
CA ASP F 232 99.34 39.63 -3.99
C ASP F 232 98.58 39.67 -5.31
N VAL F 233 98.43 40.86 -5.90
CA VAL F 233 97.83 40.98 -7.22
C VAL F 233 98.68 40.27 -8.26
N PHE F 234 99.99 40.47 -8.20
CA PHE F 234 100.88 39.87 -9.17
C PHE F 234 101.02 38.37 -8.96
N ASN F 235 100.90 37.92 -7.72
CA ASN F 235 100.80 36.48 -7.45
C ASN F 235 99.35 36.06 -7.36
N LEU F 236 98.53 36.51 -8.30
CA LEU F 236 97.19 35.94 -8.42
C LEU F 236 96.73 35.84 -9.87
N LEU F 237 97.50 36.34 -10.83
CA LEU F 237 97.08 36.25 -12.22
C LEU F 237 97.28 34.84 -12.76
N PRO F 238 96.36 34.36 -13.59
CA PRO F 238 96.48 33.00 -14.12
C PRO F 238 97.54 32.93 -15.20
N ASP F 239 97.98 31.70 -15.46
CA ASP F 239 98.97 31.45 -16.48
C ASP F 239 98.40 30.44 -17.46
N VAL F 240 99.14 30.18 -18.51
CA VAL F 240 98.72 29.19 -19.48
C VAL F 240 99.34 27.85 -19.08
N SER F 241 98.61 26.78 -19.35
CA SER F 241 99.05 25.43 -19.00
C SER F 241 98.34 24.47 -19.94
N LEU F 242 98.64 23.18 -19.78
CA LEU F 242 97.95 22.18 -20.58
C LEU F 242 96.50 22.04 -20.16
N GLN F 243 96.20 22.25 -18.87
CA GLN F 243 94.81 22.17 -18.42
C GLN F 243 94.01 23.36 -18.91
N GLU F 244 94.65 24.52 -19.04
CA GLU F 244 93.99 25.63 -19.69
C GLU F 244 93.88 25.39 -21.20
N PHE F 245 94.83 24.64 -21.77
CA PHE F 245 94.90 24.46 -23.22
C PHE F 245 93.77 23.59 -23.74
N VAL F 246 93.68 22.34 -23.28
CA VAL F 246 92.71 21.40 -23.83
C VAL F 246 91.30 21.79 -23.45
N LYS F 247 91.14 22.53 -22.36
CA LYS F 247 89.82 22.98 -21.94
C LYS F 247 89.33 24.12 -22.82
N ALA F 248 90.21 25.04 -23.19
CA ALA F 248 89.78 26.22 -23.94
C ALA F 248 89.29 25.85 -25.33
N PHE F 249 90.01 24.99 -26.03
CA PHE F 249 89.52 24.48 -27.30
C PHE F 249 88.40 23.46 -27.15
N TYR F 250 88.15 22.96 -25.94
CA TYR F 250 86.98 22.11 -25.76
C TYR F 250 85.70 22.91 -25.81
N LEU F 251 85.74 24.15 -25.31
CA LEU F 251 84.52 24.93 -25.20
C LEU F 251 84.49 26.12 -26.14
N LYS F 252 85.62 26.50 -26.72
CA LYS F 252 85.57 27.43 -27.85
C LYS F 252 84.93 26.78 -29.05
N THR F 253 85.28 25.52 -29.32
CA THR F 253 84.66 24.73 -30.37
C THR F 253 83.17 24.56 -30.11
N ASN F 254 82.80 24.35 -28.85
CA ASN F 254 81.40 24.14 -28.50
C ASN F 254 80.61 25.44 -28.66
N ASP F 255 81.22 26.58 -28.37
CA ASP F 255 80.59 27.85 -28.72
C ASP F 255 80.57 28.04 -30.22
N GLN F 256 81.55 27.48 -30.93
CA GLN F 256 81.69 27.75 -32.36
C GLN F 256 80.63 27.02 -33.16
N MET F 257 80.34 25.78 -32.79
CA MET F 257 79.39 24.92 -33.49
C MET F 257 78.01 25.54 -33.61
N VAL F 258 77.58 26.27 -32.57
CA VAL F 258 76.28 26.94 -32.58
C VAL F 258 76.26 28.05 -33.62
N VAL F 259 77.39 28.72 -33.78
CA VAL F 259 77.48 29.81 -34.76
C VAL F 259 77.49 29.25 -36.18
N VAL F 260 78.29 28.20 -36.38
CA VAL F 260 78.66 27.76 -37.71
C VAL F 260 77.50 27.11 -38.46
N TYR F 261 76.96 26.04 -37.94
CA TYR F 261 76.03 25.27 -38.75
C TYR F 261 74.61 25.72 -38.54
N LEU F 262 74.34 26.35 -37.40
CA LEU F 262 72.95 26.65 -37.08
C LEU F 262 72.60 28.09 -37.43
N ALA F 263 73.58 28.98 -37.39
CA ALA F 263 73.26 30.37 -37.68
C ALA F 263 73.62 30.74 -39.11
N SER F 264 74.76 30.25 -39.62
CA SER F 264 75.17 30.68 -40.95
C SER F 264 74.36 29.98 -42.04
N LEU F 265 74.02 28.72 -41.84
CA LEU F 265 73.26 27.98 -42.84
C LEU F 265 71.85 28.50 -42.95
N ILE F 266 71.17 28.65 -41.82
CA ILE F 266 69.75 28.97 -41.83
C ILE F 266 69.51 30.40 -42.28
N ARG F 267 70.41 31.32 -41.94
CA ARG F 267 70.29 32.69 -42.46
C ARG F 267 70.51 32.74 -43.96
N SER F 268 71.34 31.84 -44.49
CA SER F 268 71.55 31.80 -45.93
C SER F 268 70.33 31.28 -46.67
N VAL F 269 69.68 30.26 -46.11
CA VAL F 269 68.53 29.63 -46.78
C VAL F 269 67.35 30.58 -46.80
N VAL F 270 67.18 31.37 -45.73
CA VAL F 270 66.14 32.40 -45.70
C VAL F 270 66.40 33.45 -46.78
N ALA F 271 67.65 33.88 -46.92
CA ALA F 271 67.97 34.80 -48.01
C ALA F 271 67.90 34.09 -49.36
N LEU F 272 68.12 32.79 -49.38
CA LEU F 272 67.93 32.04 -50.61
C LEU F 272 66.45 31.91 -50.93
N HIS F 273 65.59 31.89 -49.92
CA HIS F 273 64.16 31.89 -50.18
C HIS F 273 63.71 33.22 -50.76
N ASN F 274 64.42 34.30 -50.42
CA ASN F 274 64.06 35.61 -50.94
C ASN F 274 64.54 35.80 -52.36
N LEU F 275 65.46 34.93 -52.82
CA LEU F 275 65.83 34.90 -54.24
C LEU F 275 64.64 34.48 -55.10
N ILE F 276 64.12 33.28 -54.85
CA ILE F 276 63.11 32.68 -55.71
C ILE F 276 61.80 33.46 -55.62
N ASN F 277 61.46 33.94 -54.42
CA ASN F 277 60.26 34.75 -54.27
C ASN F 277 60.37 36.08 -54.98
N ASN F 278 61.59 36.59 -55.13
CA ASN F 278 61.75 37.82 -55.91
C ASN F 278 61.71 37.52 -57.40
N LYS F 279 62.44 36.51 -57.84
CA LYS F 279 62.60 36.27 -59.28
C LYS F 279 61.32 35.74 -59.91
N ILE F 280 60.50 35.02 -59.17
CA ILE F 280 59.18 34.64 -59.68
C ILE F 280 58.31 35.88 -59.81
N ALA F 281 58.23 36.68 -58.74
CA ALA F 281 57.40 37.88 -58.77
C ALA F 281 57.96 38.97 -59.66
N ASN F 282 59.25 38.90 -60.02
CA ASN F 282 59.78 39.87 -60.96
C ASN F 282 59.30 39.58 -62.38
N ARG F 283 59.62 38.39 -62.89
CA ARG F 283 59.34 38.09 -64.29
C ARG F 283 57.88 37.82 -64.58
N ASP F 284 57.10 37.42 -63.58
CA ASP F 284 55.68 37.21 -63.82
C ASP F 284 54.91 38.52 -63.90
N ALA F 285 55.47 39.60 -63.38
CA ALA F 285 54.98 40.93 -63.69
C ALA F 285 55.59 41.48 -64.96
N GLU F 286 56.74 40.95 -65.36
CA GLU F 286 57.39 41.39 -66.58
C GLU F 286 56.71 40.81 -67.81
N LYS F 287 56.50 39.49 -67.83
CA LYS F 287 55.88 38.82 -68.96
C LYS F 287 54.39 39.10 -69.07
N LYS F 288 53.78 39.68 -68.04
CA LYS F 288 52.36 40.00 -68.04
C LYS F 288 52.12 41.50 -68.01
N GLU F 289 53.08 42.29 -68.46
CA GLU F 289 52.82 43.72 -68.67
C GLU F 289 51.91 43.92 -69.87
N GLY F 290 52.27 43.33 -71.01
CA GLY F 290 51.43 43.38 -72.18
C GLY F 290 50.72 42.07 -72.44
N VAL G 4 100.36 81.18 56.57
CA VAL G 4 100.39 80.52 55.28
C VAL G 4 101.49 81.10 54.33
N PRO G 5 101.70 82.43 54.27
CA PRO G 5 102.97 82.88 53.70
C PRO G 5 104.14 82.58 54.59
N GLY G 6 103.97 82.71 55.90
CA GLY G 6 105.02 82.31 56.82
C GLY G 6 105.22 80.81 56.91
N PHE G 7 104.23 80.04 56.43
CA PHE G 7 104.36 78.58 56.35
C PHE G 7 105.49 78.19 55.41
N LEU G 8 105.66 78.93 54.31
CA LEU G 8 106.81 78.71 53.46
C LEU G 8 108.01 79.55 53.86
N GLN G 9 107.83 80.56 54.71
CA GLN G 9 108.99 81.28 55.23
C GLN G 9 109.78 80.44 56.22
N GLN G 10 109.11 79.53 56.91
CA GLN G 10 109.79 78.60 57.80
C GLN G 10 110.15 77.28 57.11
N SER G 11 109.41 76.90 56.08
CA SER G 11 109.76 75.73 55.27
C SER G 11 110.46 76.14 53.98
N GLN G 12 111.28 77.19 54.05
CA GLN G 12 111.97 77.73 52.89
C GLN G 12 113.14 76.87 52.45
N ASN G 13 113.65 76.04 53.34
CA ASN G 13 114.88 75.31 53.07
C ASN G 13 114.64 74.14 52.13
N SER G 14 115.76 73.50 51.75
CA SER G 14 115.90 72.35 50.85
C SER G 14 115.56 72.66 49.39
N GLY G 15 115.12 73.88 49.10
CA GLY G 15 114.99 74.35 47.75
C GLY G 15 116.03 75.43 47.49
N PRO G 16 117.11 75.07 46.79
CA PRO G 16 118.29 75.95 46.71
C PRO G 16 118.02 77.20 45.89
N GLY G 17 118.65 78.29 46.31
CA GLY G 17 118.28 79.59 45.80
C GLY G 17 116.98 80.02 46.43
N GLN G 18 116.97 80.08 47.76
CA GLN G 18 115.75 80.31 48.54
C GLN G 18 114.98 81.60 48.24
N PRO G 19 115.60 82.80 48.10
CA PRO G 19 114.75 83.97 47.80
C PRO G 19 114.16 83.96 46.41
N ALA G 20 114.91 83.47 45.42
CA ALA G 20 114.49 83.59 44.03
C ALA G 20 113.34 82.66 43.66
N VAL G 21 113.05 81.62 44.45
CA VAL G 21 111.99 80.68 44.12
C VAL G 21 110.88 80.68 45.18
N TRP G 22 111.20 81.04 46.43
CA TRP G 22 110.16 81.03 47.45
C TRP G 22 109.47 82.38 47.57
N HIS G 23 110.22 83.47 47.41
CA HIS G 23 109.58 84.78 47.38
C HIS G 23 108.92 85.04 46.04
N ARG G 24 109.41 84.38 44.98
CA ARG G 24 108.66 84.32 43.74
C ARG G 24 107.39 83.51 43.92
N LEU G 25 107.42 82.50 44.79
CA LEU G 25 106.25 81.67 45.02
C LEU G 25 105.15 82.43 45.72
N GLU G 26 105.51 83.22 46.73
CA GLU G 26 104.50 83.97 47.47
C GLU G 26 104.00 85.20 46.73
N GLU G 27 104.58 85.53 45.58
CA GLU G 27 103.92 86.47 44.68
C GLU G 27 102.75 85.80 43.98
N LEU G 28 102.93 84.53 43.60
CA LEU G 28 102.05 83.91 42.61
C LEU G 28 100.72 83.48 43.20
N TYR G 29 100.71 82.89 44.40
CA TYR G 29 99.42 82.50 44.96
C TYR G 29 98.76 83.60 45.76
N THR G 30 99.48 84.66 46.12
CA THR G 30 98.85 85.81 46.74
C THR G 30 98.24 86.77 45.73
N LYS G 31 98.62 86.67 44.46
CA LYS G 31 97.85 87.26 43.38
C LYS G 31 96.78 86.32 42.85
N LYS G 32 96.61 85.16 43.51
CA LYS G 32 95.60 84.14 43.21
C LYS G 32 95.73 83.57 41.81
N LEU G 33 96.91 83.61 41.19
CA LEU G 33 97.04 82.96 39.91
C LEU G 33 97.38 81.49 40.12
N TRP G 34 97.14 80.68 39.10
CA TRP G 34 97.19 79.23 39.26
C TRP G 34 97.87 78.51 38.10
N HIS G 35 98.61 79.21 37.24
CA HIS G 35 99.25 78.55 36.12
C HIS G 35 100.76 78.67 36.15
N GLN G 36 101.27 79.90 36.25
CA GLN G 36 102.67 80.10 36.58
C GLN G 36 102.97 79.56 37.97
N LEU G 37 101.97 79.61 38.85
CA LEU G 37 102.04 78.89 40.11
C LEU G 37 102.14 77.39 39.87
N THR G 38 101.32 76.86 38.97
CA THR G 38 101.36 75.44 38.67
C THR G 38 102.68 75.07 38.00
N LEU G 39 103.19 75.93 37.13
CA LEU G 39 104.49 75.70 36.52
C LEU G 39 105.61 75.81 37.55
N GLN G 40 105.40 76.61 38.59
CA GLN G 40 106.44 76.75 39.62
C GLN G 40 106.47 75.53 40.54
N VAL G 41 105.30 75.02 40.93
CA VAL G 41 105.27 73.84 41.78
C VAL G 41 105.66 72.61 40.98
N LEU G 42 105.31 72.57 39.69
CA LEU G 42 105.82 71.51 38.82
C LEU G 42 107.34 71.56 38.69
N ASP G 43 107.91 72.77 38.75
CA ASP G 43 109.37 72.90 38.66
C ASP G 43 110.05 72.38 39.92
N PHE G 44 109.42 72.53 41.08
CA PHE G 44 110.00 72.03 42.32
C PHE G 44 109.99 70.51 42.37
N VAL G 45 108.90 69.90 41.90
CA VAL G 45 108.74 68.47 42.06
C VAL G 45 109.50 67.72 40.96
N GLN G 46 109.62 68.32 39.76
CA GLN G 46 110.43 67.73 38.71
C GLN G 46 111.92 67.76 39.05
N ASP G 47 112.34 68.66 39.93
CA ASP G 47 113.74 68.79 40.35
C ASP G 47 114.21 67.52 41.03
N PRO G 48 115.23 66.83 40.52
CA PRO G 48 115.72 65.63 41.20
C PRO G 48 116.49 65.97 42.46
N CYS G 49 115.81 65.78 43.59
CA CYS G 49 116.39 65.89 44.91
C CYS G 49 115.87 64.71 45.71
N PHE G 50 116.12 64.71 47.01
CA PHE G 50 115.44 63.72 47.84
C PHE G 50 113.98 64.10 48.06
N ALA G 51 113.70 65.41 48.10
CA ALA G 51 112.35 65.99 48.15
C ALA G 51 111.56 65.48 49.36
N GLN G 52 112.17 65.53 50.54
CA GLN G 52 111.58 64.98 51.75
C GLN G 52 110.33 65.73 52.21
N GLY G 53 110.14 66.96 51.75
CA GLY G 53 109.02 67.76 52.20
C GLY G 53 107.72 67.51 51.47
N ASP G 54 107.44 66.26 51.10
CA ASP G 54 106.14 65.94 50.53
C ASP G 54 105.04 66.10 51.57
N GLY G 55 105.29 65.66 52.80
CA GLY G 55 104.38 65.98 53.89
C GLY G 55 104.38 67.46 54.22
N LEU G 56 105.53 68.11 54.05
CA LEU G 56 105.63 69.55 54.27
C LEU G 56 104.99 70.35 53.15
N ILE G 57 104.76 69.74 51.99
CA ILE G 57 104.09 70.43 50.91
C ILE G 57 102.63 69.99 50.76
N LYS G 58 102.26 68.78 51.22
CA LYS G 58 100.88 68.34 51.06
C LYS G 58 99.93 69.08 51.98
N LEU G 59 100.42 69.66 53.07
CA LEU G 59 99.59 70.59 53.82
C LEU G 59 99.37 71.86 53.01
N TYR G 60 100.44 72.34 52.35
CA TYR G 60 100.31 73.45 51.42
C TYR G 60 99.55 73.05 50.16
N GLU G 61 99.69 71.80 49.71
CA GLU G 61 98.88 71.33 48.58
C GLU G 61 97.42 71.25 48.97
N ASN G 62 97.14 70.94 50.23
CA ASN G 62 95.78 71.08 50.73
C ASN G 62 95.39 72.55 50.83
N PHE G 63 96.35 73.42 51.17
CA PHE G 63 96.09 74.86 51.16
C PHE G 63 95.86 75.36 49.75
N ILE G 64 96.50 74.73 48.76
CA ILE G 64 96.19 75.01 47.35
C ILE G 64 94.74 74.64 47.05
N SER G 65 94.30 73.48 47.53
CA SER G 65 92.96 73.01 47.20
C SER G 65 91.88 73.67 48.05
N GLU G 66 92.27 74.48 49.05
CA GLU G 66 91.28 75.24 49.82
C GLU G 66 90.62 76.31 48.98
N PHE G 67 91.39 77.29 48.52
CA PHE G 67 90.90 78.38 47.69
C PHE G 67 91.20 78.13 46.22
N GLU G 68 91.06 76.87 45.81
CA GLU G 68 91.47 76.42 44.48
C GLU G 68 90.54 76.92 43.39
N HIS G 69 89.33 76.34 43.32
CA HIS G 69 88.16 76.70 42.51
C HIS G 69 88.40 76.86 41.01
N ARG G 70 89.63 76.64 40.51
CA ARG G 70 89.95 76.80 39.09
C ARG G 70 90.82 75.71 38.51
N VAL G 71 91.61 74.99 39.31
CA VAL G 71 92.84 74.37 38.84
C VAL G 71 92.54 73.09 38.06
N ASN G 72 93.25 72.93 36.93
CA ASN G 72 93.22 71.76 36.08
C ASN G 72 93.58 70.51 36.88
N PRO G 73 92.66 69.55 37.00
CA PRO G 73 92.99 68.30 37.71
C PRO G 73 93.92 67.39 36.93
N LEU G 74 94.15 67.66 35.64
CA LEU G 74 95.12 66.88 34.88
C LEU G 74 96.52 67.05 35.46
N SER G 75 97.01 68.29 35.50
CA SER G 75 98.32 68.55 36.07
C SER G 75 98.32 68.39 37.59
N LEU G 76 97.16 68.48 38.22
CA LEU G 76 97.08 68.33 39.68
C LEU G 76 97.31 66.88 40.08
N VAL G 77 96.78 65.94 39.29
CA VAL G 77 97.04 64.54 39.58
C VAL G 77 98.40 64.12 39.03
N GLU G 78 98.86 64.78 37.97
CA GLU G 78 100.20 64.52 37.42
C GLU G 78 101.29 64.90 38.41
N ILE G 79 101.01 65.81 39.34
CA ILE G 79 102.01 66.17 40.32
C ILE G 79 101.81 65.39 41.63
N ILE G 80 100.61 64.90 41.90
CA ILE G 80 100.40 64.14 43.12
C ILE G 80 100.89 62.70 42.95
N LEU G 81 101.10 62.24 41.72
CA LEU G 81 101.65 60.91 41.53
C LEU G 81 103.14 60.89 41.81
N HIS G 82 103.80 62.04 41.71
CA HIS G 82 105.18 62.15 42.17
C HIS G 82 105.23 62.30 43.68
N VAL G 83 104.22 62.98 44.25
CA VAL G 83 104.14 63.12 45.71
C VAL G 83 103.88 61.76 46.36
N VAL G 84 102.95 61.00 45.79
CA VAL G 84 102.64 59.69 46.35
C VAL G 84 103.74 58.68 46.01
N ARG G 85 104.58 59.00 45.02
CA ARG G 85 105.82 58.25 44.85
C ARG G 85 106.80 58.54 45.97
N GLN G 86 106.82 59.79 46.43
CA GLN G 86 107.72 60.20 47.49
C GLN G 86 107.25 59.72 48.86
N MET G 87 105.96 59.37 49.00
CA MET G 87 105.44 58.91 50.27
C MET G 87 106.04 57.57 50.68
N THR G 88 106.30 56.70 49.69
CA THR G 88 107.04 55.43 49.84
C THR G 88 106.42 54.50 50.89
N ASP G 89 105.09 54.51 51.01
CA ASP G 89 104.39 53.60 51.91
C ASP G 89 103.07 53.28 51.24
N PRO G 90 102.95 52.11 50.60
CA PRO G 90 101.82 51.87 49.69
C PRO G 90 100.49 51.59 50.40
N ASN G 91 100.49 51.45 51.72
CA ASN G 91 99.26 51.12 52.42
C ASN G 91 98.31 52.31 52.47
N VAL G 92 98.78 53.44 53.01
CA VAL G 92 97.97 54.66 53.02
C VAL G 92 98.02 55.40 51.71
N ALA G 93 98.93 55.01 50.81
CA ALA G 93 99.05 55.69 49.53
C ALA G 93 97.86 55.41 48.64
N LEU G 94 97.30 54.20 48.72
CA LEU G 94 96.12 53.86 47.94
C LEU G 94 94.90 54.61 48.45
N THR G 95 94.77 54.73 49.77
CA THR G 95 93.66 55.48 50.35
C THR G 95 93.80 56.96 50.07
N PHE G 96 95.04 57.46 50.02
CA PHE G 96 95.28 58.85 49.66
C PHE G 96 94.99 59.08 48.19
N LEU G 97 95.26 58.08 47.35
CA LEU G 97 95.04 58.24 45.91
C LEU G 97 93.57 58.23 45.58
N GLU G 98 92.79 57.34 46.21
CA GLU G 98 91.37 57.24 45.94
C GLU G 98 90.61 58.45 46.47
N LYS G 99 91.13 59.10 47.52
CA LYS G 99 90.55 60.36 47.95
C LYS G 99 90.83 61.46 46.94
N THR G 100 92.07 61.53 46.44
CA THR G 100 92.38 62.48 45.38
C THR G 100 91.79 62.06 44.05
N ARG G 101 91.44 60.79 43.87
CA ARG G 101 90.73 60.39 42.67
C ARG G 101 89.29 60.88 42.70
N GLU G 102 88.61 60.68 43.83
CA GLU G 102 87.20 61.03 43.90
C GLU G 102 86.97 62.52 44.07
N LYS G 103 88.00 63.30 44.37
CA LYS G 103 87.76 64.73 44.53
C LYS G 103 87.58 65.40 43.18
N VAL G 104 88.03 64.78 42.10
CA VAL G 104 87.63 65.18 40.76
C VAL G 104 87.06 63.95 40.08
N LYS G 105 85.74 63.79 40.15
CA LYS G 105 85.01 62.90 39.28
C LYS G 105 84.39 63.67 38.11
N SER G 106 84.90 64.87 37.87
CA SER G 106 84.34 65.78 36.87
C SER G 106 84.77 65.33 35.48
N SER G 107 84.45 66.15 34.48
CA SER G 107 84.56 65.78 33.07
C SER G 107 86.01 65.70 32.58
N ASP G 108 86.98 66.16 33.36
CA ASP G 108 88.37 65.98 33.00
C ASP G 108 88.79 64.57 33.35
N GLU G 109 89.20 63.80 32.34
CA GLU G 109 89.56 62.41 32.54
C GLU G 109 91.01 62.32 33.01
N ALA G 110 91.19 62.64 34.29
CA ALA G 110 92.39 62.28 35.02
C ALA G 110 92.13 61.10 35.94
N VAL G 111 90.87 60.68 36.07
CA VAL G 111 90.50 59.49 36.83
C VAL G 111 91.07 58.24 36.17
N ILE G 112 91.25 58.27 34.84
CA ILE G 112 91.82 57.13 34.14
C ILE G 112 93.29 56.95 34.47
N LEU G 113 94.00 58.05 34.68
CA LEU G 113 95.40 57.94 35.05
C LEU G 113 95.59 57.88 36.56
N CYS G 114 94.50 58.06 37.32
CA CYS G 114 94.49 57.61 38.70
C CYS G 114 94.50 56.09 38.77
N LYS G 115 93.74 55.44 37.89
CA LYS G 115 93.66 53.99 37.89
C LYS G 115 94.96 53.37 37.43
N THR G 116 95.67 54.03 36.51
CA THR G 116 97.01 53.58 36.18
C THR G 116 97.96 53.82 37.33
N ALA G 117 97.72 54.88 38.11
CA ALA G 117 98.52 55.12 39.29
C ALA G 117 98.17 54.15 40.41
N ILE G 118 96.98 53.56 40.37
CA ILE G 118 96.67 52.49 41.30
C ILE G 118 97.50 51.26 40.99
N GLY G 119 97.48 50.82 39.73
CA GLY G 119 98.20 49.61 39.37
C GLY G 119 99.70 49.79 39.34
N ALA G 120 100.16 51.04 39.26
CA ALA G 120 101.58 51.32 39.37
C ALA G 120 102.10 51.02 40.77
N LEU G 121 101.23 51.09 41.77
CA LEU G 121 101.56 50.68 43.12
C LEU G 121 100.98 49.33 43.51
N LYS G 122 100.25 48.67 42.61
CA LYS G 122 99.57 47.44 42.94
C LYS G 122 100.02 46.26 42.07
N LEU G 123 100.83 46.50 41.05
CA LEU G 123 101.53 45.39 40.41
C LEU G 123 102.86 45.10 41.09
N ASN G 124 103.03 45.58 42.33
CA ASN G 124 104.08 45.11 43.22
C ASN G 124 103.53 44.36 44.42
N ILE G 125 102.39 44.78 44.95
CA ILE G 125 101.70 44.09 46.04
C ILE G 125 100.22 43.94 45.67
N GLY G 126 99.67 42.75 45.89
CA GLY G 126 98.31 42.46 45.46
C GLY G 126 98.20 42.42 43.95
N ASP G 127 98.80 41.39 43.34
CA ASP G 127 99.21 41.45 41.95
C ASP G 127 98.25 40.78 40.98
N LEU G 128 97.15 40.23 41.45
CA LEU G 128 96.28 39.56 40.49
C LEU G 128 94.82 39.96 40.58
N GLN G 129 94.30 40.18 41.79
CA GLN G 129 92.86 40.11 42.01
C GLN G 129 92.10 41.31 41.40
N VAL G 130 92.69 42.49 41.39
CA VAL G 130 92.06 43.66 40.81
C VAL G 130 93.01 44.43 39.90
N THR G 131 94.24 43.92 39.73
CA THR G 131 95.15 44.46 38.72
C THR G 131 94.61 44.27 37.31
N LYS G 132 94.05 43.08 37.03
CA LYS G 132 93.45 42.84 35.72
C LYS G 132 92.20 43.69 35.52
N GLU G 133 91.51 44.01 36.60
CA GLU G 133 90.36 44.89 36.53
C GLU G 133 90.78 46.33 36.28
N THR G 134 91.86 46.80 36.91
CA THR G 134 92.35 48.13 36.58
C THR G 134 93.21 48.13 35.32
N ILE G 135 93.58 46.97 34.80
CA ILE G 135 93.90 46.88 33.38
C ILE G 135 92.66 47.17 32.55
N GLU G 136 91.59 46.41 32.79
CA GLU G 136 90.47 46.36 31.85
C GLU G 136 89.68 47.66 31.84
N ASP G 137 89.54 48.31 32.99
CA ASP G 137 88.70 49.50 33.13
C ASP G 137 89.21 50.68 32.32
N VAL G 138 90.49 50.72 32.00
CA VAL G 138 91.06 51.88 31.31
C VAL G 138 90.62 51.90 29.85
N GLU G 139 90.77 50.77 29.13
CA GLU G 139 90.33 50.76 27.74
C GLU G 139 88.80 50.70 27.62
N GLU G 140 88.11 50.40 28.71
CA GLU G 140 86.67 50.67 28.76
C GLU G 140 86.41 52.16 28.66
N MET G 141 87.30 52.97 29.21
CA MET G 141 87.17 54.41 29.18
C MET G 141 88.09 55.08 28.17
N LEU G 142 89.08 54.37 27.64
CA LEU G 142 89.95 54.93 26.61
C LEU G 142 89.15 54.98 25.31
N ASN G 143 88.33 56.01 25.19
CA ASN G 143 87.35 56.14 24.14
C ASN G 143 87.16 57.63 23.84
N ASN G 144 86.73 57.91 22.61
CA ASN G 144 86.33 59.22 22.09
C ASN G 144 87.46 60.25 22.02
N LEU G 145 88.69 59.90 22.40
CA LEU G 145 89.71 60.93 22.55
C LEU G 145 91.11 60.33 22.44
N PRO G 146 91.75 60.42 21.28
CA PRO G 146 93.19 60.13 21.18
C PRO G 146 94.08 61.33 21.43
N GLY G 147 93.50 62.45 21.86
CA GLY G 147 94.25 63.70 21.96
C GLY G 147 95.19 63.83 23.13
N VAL G 148 94.92 63.16 24.25
CA VAL G 148 95.82 63.22 25.40
C VAL G 148 97.07 62.39 25.14
N THR G 149 96.86 61.08 24.89
CA THR G 149 97.84 60.05 24.51
C THR G 149 98.74 59.66 25.70
N SER G 150 98.69 60.45 26.76
CA SER G 150 99.24 60.04 28.05
C SER G 150 98.32 59.06 28.77
N VAL G 151 97.06 58.97 28.31
CA VAL G 151 96.16 57.94 28.80
C VAL G 151 96.63 56.55 28.37
N HIS G 152 97.01 56.39 27.11
CA HIS G 152 97.52 55.11 26.66
C HIS G 152 98.97 54.92 27.07
N SER G 153 99.71 56.02 27.23
CA SER G 153 101.10 55.95 27.68
C SER G 153 101.20 55.30 29.06
N ARG G 154 100.31 55.71 29.98
CA ARG G 154 100.35 55.11 31.31
C ARG G 154 99.59 53.79 31.34
N PHE G 155 98.67 53.58 30.40
CA PHE G 155 98.00 52.29 30.31
C PHE G 155 98.96 51.20 29.83
N TYR G 156 99.94 51.55 29.02
CA TYR G 156 100.98 50.58 28.69
C TYR G 156 101.89 50.33 29.89
N ASP G 157 102.06 51.33 30.75
CA ASP G 157 103.02 51.21 31.84
C ASP G 157 102.58 50.19 32.87
N LEU G 158 101.27 50.03 33.05
CA LEU G 158 100.81 48.90 33.84
C LEU G 158 100.88 47.60 33.05
N SER G 159 100.69 47.66 31.73
CA SER G 159 100.87 46.47 30.90
C SER G 159 102.33 46.08 30.79
N SER G 160 103.24 47.06 30.90
CA SER G 160 104.66 46.75 30.96
C SER G 160 105.03 46.06 32.26
N LYS G 161 104.38 46.44 33.36
CA LYS G 161 104.55 45.69 34.60
C LYS G 161 103.81 44.36 34.55
N TYR G 162 102.80 44.27 33.68
CA TYR G 162 102.06 43.03 33.45
C TYR G 162 102.81 42.10 32.49
N TYR G 163 103.96 42.54 31.97
CA TYR G 163 104.82 41.66 31.20
C TYR G 163 105.40 40.54 32.07
N GLN G 164 105.57 40.80 33.35
CA GLN G 164 106.08 39.77 34.26
C GLN G 164 104.93 38.92 34.80
N THR G 165 104.08 38.48 33.89
CA THR G 165 103.15 37.38 34.04
C THR G 165 103.53 36.34 33.01
N ILE G 166 102.75 35.26 32.95
CA ILE G 166 103.13 34.14 32.10
C ILE G 166 102.73 34.41 30.65
N GLY G 167 101.45 34.57 30.40
CA GLY G 167 100.94 34.61 29.04
C GLY G 167 100.90 35.98 28.41
N ASN G 168 101.84 36.83 28.78
CA ASN G 168 101.93 38.17 28.21
C ASN G 168 103.29 38.21 27.50
N HIS G 169 103.32 37.68 26.28
CA HIS G 169 104.48 37.85 25.41
C HIS G 169 104.11 38.48 24.08
N ALA G 170 103.08 37.97 23.42
CA ALA G 170 102.60 38.60 22.20
C ALA G 170 101.70 39.79 22.49
N SER G 171 100.90 39.70 23.55
CA SER G 171 100.00 40.79 23.90
C SER G 171 100.78 42.00 24.40
N TYR G 172 101.88 41.74 25.11
CA TYR G 172 102.84 42.80 25.42
C TYR G 172 103.45 43.36 24.16
N TYR G 173 103.84 42.48 23.22
CA TYR G 173 104.49 42.89 21.99
C TYR G 173 103.57 43.71 21.11
N LYS G 174 102.27 43.39 21.12
CA LYS G 174 101.31 44.22 20.41
C LYS G 174 101.17 45.58 21.09
N ASP G 175 101.22 45.59 22.42
CA ASP G 175 101.05 46.83 23.16
C ASP G 175 102.33 47.65 23.20
N ALA G 176 103.50 47.01 23.10
CA ALA G 176 104.75 47.75 23.06
C ALA G 176 104.89 48.55 21.78
N LEU G 177 104.28 48.06 20.70
CA LEU G 177 104.20 48.86 19.49
C LEU G 177 103.18 49.97 19.67
N ARG G 178 102.09 49.70 20.39
CA ARG G 178 101.02 50.69 20.56
C ARG G 178 101.51 51.89 21.36
N PHE G 179 102.26 51.65 22.43
CA PHE G 179 102.86 52.72 23.21
C PHE G 179 103.85 53.51 22.38
N LEU G 180 104.88 52.82 21.89
CA LEU G 180 105.99 53.50 21.24
C LEU G 180 105.58 54.06 19.89
N GLY G 181 104.46 53.61 19.34
CA GLY G 181 103.83 54.31 18.25
C GLY G 181 103.13 55.58 18.72
N CYS G 182 102.36 55.49 19.81
CA CYS G 182 101.53 56.64 20.18
C CYS G 182 102.36 57.75 20.84
N VAL G 183 103.32 57.40 21.68
CA VAL G 183 104.34 58.38 22.06
C VAL G 183 105.30 58.54 20.88
N ASP G 184 105.85 59.74 20.73
CA ASP G 184 106.61 60.06 19.53
C ASP G 184 108.08 60.37 19.80
N ILE G 185 108.37 61.33 20.67
CA ILE G 185 109.73 61.83 20.82
C ILE G 185 110.57 60.85 21.63
N LYS G 186 111.88 61.00 21.53
CA LYS G 186 112.81 60.05 22.12
C LYS G 186 113.03 60.34 23.59
N ASP G 187 113.24 61.62 23.92
CA ASP G 187 113.09 62.33 25.20
C ASP G 187 113.65 61.66 26.45
N LEU G 188 114.60 60.74 26.29
CA LEU G 188 115.31 60.02 27.35
C LEU G 188 116.44 59.26 26.68
N PRO G 189 117.57 58.99 27.37
CA PRO G 189 118.77 58.51 26.67
C PRO G 189 118.70 57.09 26.11
N VAL G 190 119.81 56.65 25.54
CA VAL G 190 119.91 55.32 24.96
C VAL G 190 119.82 54.25 26.03
N SER G 191 120.37 54.54 27.23
CA SER G 191 120.54 53.58 28.31
C SER G 191 119.24 53.08 28.93
N GLU G 192 118.08 53.51 28.46
CA GLU G 192 116.84 52.85 28.83
C GLU G 192 116.13 52.41 27.56
N GLN G 193 116.33 53.16 26.48
CA GLN G 193 115.66 52.88 25.22
C GLN G 193 116.15 51.61 24.55
N GLN G 194 117.45 51.32 24.65
CA GLN G 194 117.98 50.13 23.99
C GLN G 194 117.57 48.86 24.73
N GLU G 195 117.23 48.96 26.00
CA GLU G 195 116.67 47.83 26.72
C GLU G 195 115.19 47.68 26.44
N ARG G 196 114.52 48.78 26.09
CA ARG G 196 113.16 48.69 25.60
C ARG G 196 113.11 47.95 24.28
N ALA G 197 114.08 48.23 23.41
CA ALA G 197 114.21 47.48 22.16
C ALA G 197 114.64 46.05 22.43
N PHE G 198 115.37 45.84 23.52
CA PHE G 198 115.81 44.49 23.87
C PHE G 198 114.64 43.63 24.31
N THR G 199 113.75 44.16 25.15
CA THR G 199 112.57 43.40 25.53
C THR G 199 111.52 43.41 24.43
N LEU G 200 111.61 44.34 23.48
CA LEU G 200 110.71 44.30 22.33
C LEU G 200 111.09 43.17 21.38
N GLY G 201 112.39 42.99 21.16
CA GLY G 201 112.84 41.93 20.26
C GLY G 201 112.59 40.55 20.82
N LEU G 202 112.58 40.43 22.15
CA LEU G 202 112.31 39.13 22.76
C LEU G 202 110.82 38.85 22.82
N ALA G 203 109.99 39.90 22.86
CA ALA G 203 108.55 39.70 22.94
C ALA G 203 107.97 39.23 21.62
N GLY G 204 108.47 39.73 20.50
CA GLY G 204 108.11 39.17 19.21
C GLY G 204 108.79 37.85 18.94
N LEU G 205 109.87 37.57 19.66
CA LEU G 205 110.55 36.31 19.53
C LEU G 205 109.75 35.16 20.13
N LEU G 206 109.13 35.38 21.29
CA LEU G 206 108.34 34.36 21.94
C LEU G 206 106.88 34.41 21.55
N GLY G 207 106.45 35.48 20.89
CA GLY G 207 105.03 35.65 20.60
C GLY G 207 104.53 34.65 19.59
N GLU G 208 103.25 34.31 19.72
CA GLU G 208 102.70 33.19 18.96
C GLU G 208 102.39 33.58 17.52
N GLY G 209 101.47 34.53 17.33
CA GLY G 209 101.01 34.88 15.99
C GLY G 209 102.03 35.64 15.17
N VAL G 210 102.94 36.32 15.81
CA VAL G 210 104.00 37.05 15.11
C VAL G 210 104.99 36.05 14.51
N PHE G 211 105.45 36.33 13.30
CA PHE G 211 106.64 35.61 12.84
C PHE G 211 107.90 36.37 13.23
N ASN G 212 108.14 37.57 12.69
CA ASN G 212 108.98 38.57 13.35
C ASN G 212 108.35 39.94 13.17
N PHE G 213 107.40 40.05 12.23
CA PHE G 213 106.73 41.30 11.83
C PHE G 213 107.76 42.37 11.46
N GLY G 214 108.42 42.13 10.33
CA GLY G 214 109.41 43.06 9.81
C GLY G 214 108.86 44.46 9.56
N GLU G 215 109.80 45.33 9.18
CA GLU G 215 109.87 46.80 9.20
C GLU G 215 110.15 47.29 10.64
N LEU G 216 110.13 46.41 11.64
CA LEU G 216 110.76 46.79 12.90
C LEU G 216 112.28 46.85 12.75
N LEU G 217 112.82 46.00 11.87
CA LEU G 217 114.20 46.15 11.44
C LEU G 217 114.41 47.49 10.76
N MET G 218 113.40 47.96 10.03
CA MET G 218 113.44 49.30 9.48
C MET G 218 113.17 50.35 10.56
N HIS G 219 112.43 49.98 11.61
CA HIS G 219 112.06 50.95 12.63
C HIS G 219 113.26 51.30 13.50
N PRO G 220 113.51 52.59 13.78
CA PRO G 220 114.84 52.99 14.27
C PRO G 220 115.12 52.72 15.72
N VAL G 221 114.15 52.33 16.54
CA VAL G 221 114.38 52.34 17.98
C VAL G 221 115.18 51.13 18.44
N LEU G 222 115.54 50.25 17.52
CA LEU G 222 116.48 49.17 17.81
C LEU G 222 117.75 49.25 16.98
N GLU G 223 117.65 49.70 15.73
CA GLU G 223 118.84 49.74 14.88
C GLU G 223 119.71 50.95 15.20
N SER G 224 119.11 52.06 15.61
CA SER G 224 119.89 53.22 16.01
C SER G 224 120.39 53.10 17.44
N LEU G 225 119.80 52.21 18.24
CA LEU G 225 120.10 52.16 19.66
C LEU G 225 120.84 50.91 20.09
N ARG G 226 120.95 49.91 19.23
CA ARG G 226 121.76 48.73 19.53
C ARG G 226 122.68 48.37 18.38
N ASN G 227 123.17 49.37 17.67
CA ASN G 227 124.09 49.14 16.56
C ASN G 227 125.51 48.86 17.04
N THR G 228 125.77 48.95 18.35
CA THR G 228 127.07 48.65 18.93
C THR G 228 127.03 47.39 19.78
N ASP G 229 126.07 47.28 20.69
CA ASP G 229 125.95 46.14 21.57
C ASP G 229 124.68 45.37 21.25
N ARG G 230 124.69 44.09 21.63
CA ARG G 230 123.60 43.13 21.40
C ARG G 230 123.26 42.99 19.92
N GLN G 231 124.30 43.03 19.08
CA GLN G 231 124.11 42.89 17.64
C GLN G 231 123.73 41.48 17.24
N TRP G 232 123.91 40.51 18.13
CA TRP G 232 123.41 39.15 17.92
C TRP G 232 121.89 39.14 17.77
N LEU G 233 121.19 40.04 18.47
CA LEU G 233 119.74 40.08 18.34
C LEU G 233 119.33 40.70 17.02
N ILE G 234 120.07 41.72 16.56
CA ILE G 234 119.86 42.24 15.22
C ILE G 234 120.30 41.20 14.18
N ASP G 235 121.30 40.38 14.54
CA ASP G 235 121.72 39.31 13.65
C ASP G 235 120.65 38.22 13.56
N THR G 236 120.06 37.82 14.68
CA THR G 236 119.04 36.79 14.61
C THR G 236 117.71 37.32 14.11
N LEU G 237 117.51 38.64 14.12
CA LEU G 237 116.36 39.19 13.39
C LEU G 237 116.65 39.26 11.90
N TYR G 238 117.92 39.38 11.51
CA TYR G 238 118.28 39.29 10.10
C TYR G 238 118.00 37.89 9.57
N ALA G 239 118.33 36.87 10.34
CA ALA G 239 118.18 35.49 9.88
C ALA G 239 116.70 35.11 9.79
N PHE G 240 115.84 35.77 10.55
CA PHE G 240 114.42 35.48 10.48
C PHE G 240 113.79 36.18 9.29
N ASN G 241 114.12 37.45 9.11
CA ASN G 241 113.54 38.20 8.01
C ASN G 241 114.18 37.82 6.67
N SER G 242 115.36 37.20 6.69
CA SER G 242 115.91 36.51 5.53
C SER G 242 115.70 35.01 5.61
N GLY G 243 114.94 34.53 6.60
CA GLY G 243 114.28 33.24 6.57
C GLY G 243 115.14 32.00 6.57
N ASN G 244 116.46 32.12 6.46
CA ASN G 244 117.34 30.97 6.42
C ASN G 244 117.40 30.30 7.79
N VAL G 245 117.80 29.02 7.77
CA VAL G 245 118.13 28.33 9.01
C VAL G 245 119.37 29.01 9.54
N GLU G 246 120.47 28.90 8.79
CA GLU G 246 121.76 29.52 9.09
C GLU G 246 122.20 29.15 10.51
N ARG G 247 122.49 27.85 10.65
CA ARG G 247 122.52 27.18 11.95
C ARG G 247 123.60 27.74 12.87
N PHE G 248 124.62 28.37 12.30
CA PHE G 248 125.72 28.93 13.08
C PHE G 248 125.24 30.06 13.99
N GLN G 249 124.83 31.18 13.40
CA GLN G 249 124.46 32.35 14.19
C GLN G 249 123.11 32.19 14.88
N THR G 250 122.21 31.37 14.33
CA THR G 250 120.98 31.13 15.06
C THR G 250 121.18 30.15 16.21
N LEU G 251 122.37 29.56 16.32
CA LEU G 251 122.81 29.00 17.59
C LEU G 251 123.59 30.01 18.42
N LYS G 252 124.30 30.94 17.77
CA LYS G 252 125.09 31.94 18.50
C LYS G 252 124.22 32.91 19.28
N THR G 253 122.95 33.05 18.92
CA THR G 253 122.03 33.77 19.80
C THR G 253 121.76 33.00 21.08
N ALA G 254 121.77 31.66 21.02
CA ALA G 254 121.63 30.87 22.23
C ALA G 254 122.93 30.89 23.02
N TRP G 255 124.07 31.01 22.34
CA TRP G 255 125.33 31.26 23.03
C TRP G 255 125.29 32.62 23.72
N GLY G 256 124.73 33.62 23.06
CA GLY G 256 124.61 34.94 23.65
C GLY G 256 123.53 35.01 24.72
N GLN G 257 122.30 34.68 24.35
CA GLN G 257 121.17 34.81 25.25
C GLN G 257 121.00 33.51 26.03
N GLN G 258 121.42 33.52 27.30
CA GLN G 258 121.28 32.36 28.15
C GLN G 258 119.88 32.22 28.76
N PRO G 259 119.24 33.25 29.35
CA PRO G 259 117.87 33.02 29.81
C PRO G 259 116.84 33.20 28.71
N ASP G 260 115.73 32.46 28.86
CA ASP G 260 114.54 32.53 28.01
C ASP G 260 114.82 32.23 26.54
N LEU G 261 115.90 31.54 26.24
CA LEU G 261 116.10 31.22 24.84
C LEU G 261 116.35 29.74 24.62
N ALA G 262 117.10 29.08 25.49
CA ALA G 262 117.20 27.64 25.45
C ALA G 262 115.90 26.97 25.88
N ALA G 263 115.09 27.65 26.70
CA ALA G 263 113.80 27.11 27.09
C ALA G 263 112.80 27.12 25.96
N ASN G 264 113.04 27.90 24.91
CA ASN G 264 112.14 27.97 23.76
C ASN G 264 112.89 27.75 22.46
N GLU G 265 114.00 27.00 22.53
CA GLU G 265 114.79 26.70 21.33
C GLU G 265 114.02 25.82 20.36
N ALA G 266 113.15 24.94 20.88
CA ALA G 266 112.31 24.14 20.01
C ALA G 266 111.31 25.00 19.26
N GLN G 267 110.80 26.04 19.91
CA GLN G 267 109.90 26.95 19.22
C GLN G 267 110.64 27.84 18.23
N LEU G 268 111.93 28.09 18.47
CA LEU G 268 112.74 28.82 17.50
C LEU G 268 112.87 28.04 16.21
N LEU G 269 113.27 26.77 16.32
CA LEU G 269 113.42 25.92 15.15
C LEU G 269 112.07 25.61 14.52
N ARG G 270 111.01 25.64 15.32
CA ARG G 270 109.68 25.45 14.76
C ARG G 270 109.28 26.63 13.90
N LYS G 271 109.58 27.85 14.33
CA LYS G 271 109.15 29.03 13.59
C LYS G 271 109.94 29.22 12.31
N ILE G 272 111.25 28.96 12.33
CA ILE G 272 112.05 29.25 11.14
C ILE G 272 111.82 28.22 10.05
N GLN G 273 111.43 27.00 10.42
CA GLN G 273 111.18 25.99 9.41
C GLN G 273 109.84 26.20 8.73
N LEU G 274 108.94 26.96 9.35
CA LEU G 274 107.75 27.43 8.66
C LEU G 274 107.87 28.90 8.25
N LEU G 275 109.05 29.50 8.39
CA LEU G 275 109.28 30.82 7.86
C LEU G 275 110.17 30.81 6.63
N CYS G 276 111.02 29.78 6.50
CA CYS G 276 111.74 29.58 5.25
C CYS G 276 110.81 29.21 4.10
N LEU G 277 109.64 28.62 4.40
CA LEU G 277 108.66 28.30 3.38
C LEU G 277 108.18 29.52 2.64
N MET G 278 107.86 30.58 3.37
CA MET G 278 107.31 31.77 2.74
C MET G 278 108.37 32.69 2.16
N GLU G 279 109.58 32.18 1.97
CA GLU G 279 110.57 32.83 1.13
C GLU G 279 111.00 31.98 -0.04
N MET G 280 111.06 30.65 0.13
CA MET G 280 111.32 29.79 -1.01
C MET G 280 110.16 29.76 -1.99
N THR G 281 108.94 30.04 -1.53
CA THR G 281 107.84 30.28 -2.44
C THR G 281 107.82 31.71 -2.94
N PHE G 282 108.57 32.60 -2.30
CA PHE G 282 108.73 33.98 -2.75
C PHE G 282 109.83 34.10 -3.79
N THR G 283 110.69 33.09 -3.91
CA THR G 283 111.82 33.16 -4.82
C THR G 283 111.38 33.06 -6.28
N ARG G 284 110.78 31.94 -6.65
CA ARG G 284 110.36 31.87 -8.04
C ARG G 284 108.94 32.40 -8.18
N PRO G 285 108.70 33.33 -9.10
CA PRO G 285 107.40 34.03 -9.14
C PRO G 285 106.31 33.22 -9.85
N ALA G 286 105.98 32.06 -9.29
CA ALA G 286 104.90 31.16 -9.70
C ALA G 286 105.03 30.66 -11.14
N ASN G 287 106.21 30.79 -11.76
CA ASN G 287 106.41 30.15 -13.06
C ASN G 287 106.51 28.64 -12.89
N HIS G 288 107.33 28.20 -11.95
CA HIS G 288 107.33 26.82 -11.50
C HIS G 288 107.31 26.88 -9.97
N ARG G 289 106.11 27.06 -9.42
CA ARG G 289 105.90 27.09 -7.99
C ARG G 289 105.65 25.70 -7.42
N GLN G 290 105.71 24.68 -8.27
CA GLN G 290 105.62 23.28 -7.82
C GLN G 290 106.97 22.92 -7.22
N LEU G 291 107.11 23.18 -5.92
CA LEU G 291 108.37 22.97 -5.23
C LEU G 291 108.57 21.49 -4.92
N THR G 292 109.78 20.99 -5.12
CA THR G 292 110.08 19.62 -4.75
C THR G 292 110.38 19.51 -3.26
N PHE G 293 110.08 18.34 -2.70
CA PHE G 293 110.21 18.11 -1.26
C PHE G 293 111.66 18.13 -0.80
N GLU G 294 112.59 17.83 -1.71
CA GLU G 294 114.00 17.82 -1.34
C GLU G 294 114.53 19.22 -1.13
N GLU G 295 113.94 20.21 -1.80
CA GLU G 295 114.36 21.59 -1.63
C GLU G 295 114.00 22.11 -0.24
N ILE G 296 112.86 21.67 0.29
CA ILE G 296 112.53 21.98 1.67
C ILE G 296 113.48 21.25 2.62
N ALA G 297 113.76 19.99 2.33
CA ALA G 297 114.67 19.20 3.16
C ALA G 297 116.11 19.68 3.05
N LYS G 298 116.45 20.44 2.02
CA LYS G 298 117.76 21.06 1.91
C LYS G 298 117.79 22.41 2.61
N SER G 299 116.81 23.27 2.35
CA SER G 299 116.84 24.62 2.89
C SER G 299 116.53 24.64 4.37
N ALA G 300 115.44 23.98 4.78
CA ALA G 300 115.09 23.91 6.20
C ALA G 300 115.92 22.90 6.97
N LYS G 301 116.77 22.13 6.27
CA LYS G 301 117.60 21.01 6.76
C LYS G 301 116.82 20.09 7.73
N ILE G 302 115.58 19.83 7.36
CA ILE G 302 114.73 18.92 8.09
C ILE G 302 114.71 17.62 7.29
N THR G 303 114.35 16.52 7.96
CA THR G 303 114.30 15.25 7.27
C THR G 303 113.08 15.19 6.35
N VAL G 304 113.03 14.11 5.56
CA VAL G 304 112.02 13.97 4.53
C VAL G 304 110.64 13.74 5.14
N ASN G 305 110.57 12.96 6.23
CA ASN G 305 109.29 12.58 6.81
C ASN G 305 108.59 13.71 7.55
N GLU G 306 109.27 14.82 7.81
CA GLU G 306 108.65 15.89 8.59
C GLU G 306 108.14 17.03 7.74
N VAL G 307 108.36 17.01 6.43
CA VAL G 307 107.99 18.17 5.62
C VAL G 307 106.48 18.24 5.44
N GLU G 308 105.78 17.10 5.54
CA GLU G 308 104.33 17.11 5.36
C GLU G 308 103.65 17.72 6.58
N LEU G 309 104.10 17.35 7.77
CA LEU G 309 103.60 17.99 8.98
C LEU G 309 104.04 19.44 9.05
N LEU G 310 105.18 19.75 8.42
CA LEU G 310 105.65 21.12 8.37
C LEU G 310 104.76 21.97 7.47
N VAL G 311 104.39 21.45 6.30
CA VAL G 311 103.57 22.27 5.41
C VAL G 311 102.09 22.24 5.80
N MET G 312 101.61 21.19 6.46
CA MET G 312 100.24 21.23 6.96
C MET G 312 100.12 22.18 8.13
N LYS G 313 101.23 22.43 8.84
CA LYS G 313 101.23 23.42 9.90
C LYS G 313 101.05 24.82 9.34
N ALA G 314 101.84 25.18 8.32
CA ALA G 314 101.77 26.51 7.75
C ALA G 314 100.46 26.72 6.99
N LEU G 315 99.91 25.64 6.44
CA LEU G 315 98.55 25.71 5.91
C LEU G 315 97.53 25.89 7.02
N SER G 316 97.78 25.30 8.19
CA SER G 316 96.83 25.43 9.30
C SER G 316 96.85 26.85 9.86
N VAL G 317 98.03 27.43 9.99
CA VAL G 317 98.14 28.79 10.52
C VAL G 317 97.53 29.78 9.54
N GLY G 318 97.81 29.59 8.25
CA GLY G 318 97.12 30.36 7.24
C GLY G 318 98.00 31.37 6.55
N LEU G 319 99.30 31.08 6.50
CA LEU G 319 100.22 31.91 5.76
C LEU G 319 100.45 31.39 4.34
N VAL G 320 99.69 30.37 3.92
CA VAL G 320 99.81 29.80 2.59
C VAL G 320 98.53 29.01 2.33
N LYS G 321 98.16 28.87 1.06
CA LYS G 321 96.94 28.16 0.67
C LYS G 321 97.22 27.21 -0.48
N GLY G 322 98.32 26.48 -0.42
CA GLY G 322 98.65 25.56 -1.48
C GLY G 322 98.02 24.20 -1.33
N SER G 323 98.70 23.15 -1.80
CA SER G 323 98.23 21.78 -1.68
C SER G 323 99.44 20.87 -1.79
N ILE G 324 99.21 19.58 -1.54
CA ILE G 324 100.27 18.58 -1.49
C ILE G 324 99.89 17.42 -2.39
N ASP G 325 100.77 17.12 -3.35
CA ASP G 325 100.73 15.86 -4.08
C ASP G 325 101.82 14.95 -3.53
N GLU G 326 101.57 13.65 -3.55
CA GLU G 326 102.58 12.69 -3.12
C GLU G 326 102.91 11.59 -4.11
N VAL G 327 102.23 11.52 -5.25
CA VAL G 327 102.69 10.59 -6.28
C VAL G 327 104.00 11.10 -6.88
N ASP G 328 104.20 12.42 -6.87
CA ASP G 328 105.49 13.02 -7.18
C ASP G 328 106.18 13.57 -5.95
N LYS G 329 105.48 13.62 -4.82
CA LYS G 329 105.92 14.22 -3.57
C LYS G 329 106.30 15.69 -3.73
N ARG G 330 105.65 16.37 -4.66
CA ARG G 330 105.86 17.79 -4.92
C ARG G 330 104.72 18.60 -4.33
N VAL G 331 105.03 19.82 -3.92
CA VAL G 331 104.09 20.66 -3.19
C VAL G 331 103.69 21.81 -4.10
N HIS G 332 102.39 21.95 -4.33
CA HIS G 332 101.84 23.06 -5.09
C HIS G 332 101.58 24.23 -4.16
N MET G 333 101.73 25.45 -4.68
CA MET G 333 101.78 26.65 -3.87
C MET G 333 100.90 27.75 -4.48
N THR G 334 99.81 28.09 -3.79
CA THR G 334 99.04 29.29 -4.10
C THR G 334 99.08 30.13 -2.83
N TRP G 335 99.72 31.28 -2.89
CA TRP G 335 100.27 31.93 -1.71
C TRP G 335 99.75 33.36 -1.58
N VAL G 336 99.33 33.72 -0.36
CA VAL G 336 98.61 34.95 -0.11
C VAL G 336 99.11 35.74 1.09
N GLN G 337 100.34 35.50 1.55
CA GLN G 337 100.83 36.21 2.74
C GLN G 337 101.98 37.14 2.38
N PRO G 338 101.71 38.37 1.95
CA PRO G 338 102.78 39.20 1.41
C PRO G 338 103.50 40.01 2.49
N ARG G 339 104.63 40.63 2.14
CA ARG G 339 105.45 41.34 3.11
C ARG G 339 106.21 42.45 2.39
N VAL G 340 107.21 43.02 3.06
CA VAL G 340 107.94 44.17 2.51
C VAL G 340 108.85 43.71 1.36
N LEU G 341 108.98 44.55 0.33
CA LEU G 341 109.73 44.13 -0.84
C LEU G 341 110.74 45.18 -1.28
N ASP G 342 111.42 45.80 -0.29
CA ASP G 342 112.82 46.26 -0.31
C ASP G 342 113.28 46.99 -1.58
N LEU G 343 112.98 48.29 -1.66
CA LEU G 343 112.86 49.19 -2.82
C LEU G 343 113.63 48.85 -4.10
N GLN G 344 114.81 48.24 -3.96
CA GLN G 344 115.50 47.69 -5.13
C GLN G 344 114.68 46.62 -5.85
N GLN G 345 113.74 45.97 -5.16
CA GLN G 345 112.81 45.08 -5.83
C GLN G 345 111.46 45.72 -6.12
N ILE G 346 111.30 47.02 -5.82
CA ILE G 346 110.23 47.76 -6.46
C ILE G 346 110.60 48.02 -7.91
N LYS G 347 111.91 48.10 -8.18
CA LYS G 347 112.42 48.33 -9.53
C LYS G 347 112.03 47.18 -10.47
N GLY G 348 112.25 45.93 -10.03
CA GLY G 348 111.78 44.80 -10.81
C GLY G 348 110.28 44.71 -10.84
N MET G 349 109.62 45.24 -9.82
CA MET G 349 108.17 45.31 -9.84
C MET G 349 107.69 46.36 -10.83
N LYS G 350 108.50 47.41 -11.06
CA LYS G 350 108.15 48.39 -12.08
C LYS G 350 108.20 47.80 -13.48
N ASP G 351 109.19 46.93 -13.73
CA ASP G 351 109.39 46.41 -15.08
C ASP G 351 108.34 45.37 -15.43
N ARG G 352 107.85 44.65 -14.41
CA ARG G 352 106.70 43.79 -14.62
C ARG G 352 105.47 44.60 -14.99
N LEU G 353 105.31 45.76 -14.37
CA LEU G 353 104.13 46.57 -14.60
C LEU G 353 104.16 47.22 -15.97
N GLU G 354 105.36 47.50 -16.50
CA GLU G 354 105.45 48.16 -17.81
C GLU G 354 105.24 47.17 -18.94
N PHE G 355 105.75 45.94 -18.79
CA PHE G 355 105.46 44.89 -19.77
C PHE G 355 103.98 44.58 -19.78
N TRP G 356 103.38 44.57 -18.60
CA TRP G 356 101.94 44.46 -18.44
C TRP G 356 101.23 45.65 -19.06
N CYS G 357 101.85 46.83 -19.01
CA CYS G 357 101.22 48.04 -19.53
C CYS G 357 101.18 48.04 -21.05
N THR G 358 102.29 47.69 -21.71
CA THR G 358 102.35 47.81 -23.15
C THR G 358 101.60 46.68 -23.86
N ASP G 359 101.36 45.56 -23.17
CA ASP G 359 100.56 44.51 -23.78
C ASP G 359 99.09 44.87 -23.78
N VAL G 360 98.66 45.63 -22.77
CA VAL G 360 97.29 46.13 -22.74
C VAL G 360 97.07 47.13 -23.86
N LYS G 361 98.00 48.07 -24.01
CA LYS G 361 97.79 49.19 -24.92
C LYS G 361 97.90 48.76 -26.38
N SER G 362 98.83 47.85 -26.68
CA SER G 362 99.12 47.52 -28.07
C SER G 362 97.97 46.76 -28.71
N MET G 363 97.52 45.70 -28.06
CA MET G 363 96.47 44.88 -28.64
C MET G 363 95.08 45.39 -28.32
N GLU G 364 94.98 46.53 -27.62
CA GLU G 364 93.77 47.33 -27.71
C GLU G 364 93.72 48.09 -29.04
N MET G 365 94.87 48.60 -29.48
CA MET G 365 94.93 49.31 -30.75
C MET G 365 94.70 48.37 -31.93
N LEU G 366 95.06 47.09 -31.78
CA LEU G 366 94.81 46.14 -32.85
C LEU G 366 93.32 45.86 -32.99
N VAL G 367 92.59 45.88 -31.88
CA VAL G 367 91.16 45.63 -31.93
C VAL G 367 90.41 46.84 -32.49
N GLU G 368 90.82 48.04 -32.07
CA GLU G 368 90.14 49.25 -32.53
C GLU G 368 90.36 49.49 -34.02
N HIS G 369 91.59 49.22 -34.50
CA HIS G 369 91.86 49.41 -35.92
C HIS G 369 91.22 48.33 -36.76
N GLN G 370 91.03 47.13 -36.21
CA GLN G 370 90.44 46.05 -36.98
C GLN G 370 88.95 46.25 -37.19
N ALA G 371 88.22 46.66 -36.15
CA ALA G 371 86.78 46.77 -36.21
C ALA G 371 86.33 48.22 -36.16
N HIS G 372 87.09 49.12 -36.80
CA HIS G 372 86.74 50.53 -36.77
C HIS G 372 85.49 50.83 -37.59
N ASP G 373 85.23 50.04 -38.62
CA ASP G 373 84.14 50.35 -39.54
C ASP G 373 82.78 50.00 -38.96
N ILE G 374 82.72 49.02 -38.06
CA ILE G 374 81.46 48.64 -37.43
C ILE G 374 81.35 49.10 -36.00
N LEU G 375 82.39 49.75 -35.46
CA LEU G 375 82.32 50.25 -34.10
C LEU G 375 81.40 51.46 -34.03
N THR G 376 81.78 52.53 -34.72
CA THR G 376 81.08 53.82 -34.81
C THR G 376 80.79 54.48 -33.45
N MET H 1 71.32 103.39 15.51
CA MET H 1 70.90 103.59 14.13
C MET H 1 72.02 103.22 13.15
N VAL H 2 73.26 103.33 13.62
CA VAL H 2 74.42 103.11 12.76
C VAL H 2 74.58 101.62 12.48
N LEU H 3 74.95 101.30 11.22
CA LEU H 3 74.98 99.95 10.72
C LEU H 3 76.40 99.41 10.78
N GLU H 4 76.66 98.49 11.71
CA GLU H 4 77.94 97.81 11.75
C GLU H 4 77.72 96.37 12.19
N SER H 5 78.81 95.63 12.21
CA SER H 5 78.79 94.19 12.48
C SER H 5 79.81 93.90 13.57
N THR H 6 79.34 93.71 14.80
CA THR H 6 80.21 93.55 15.95
C THR H 6 80.58 92.09 16.12
N MET H 7 81.88 91.81 16.20
CA MET H 7 82.38 90.44 16.33
C MET H 7 83.18 90.37 17.62
N VAL H 8 82.52 89.98 18.72
CA VAL H 8 83.18 89.91 20.01
C VAL H 8 84.08 88.67 20.05
N CYS H 9 85.25 88.82 20.67
CA CYS H 9 86.27 87.77 20.67
C CYS H 9 86.73 87.53 22.11
N VAL H 10 86.29 86.43 22.70
CA VAL H 10 86.59 86.10 24.10
C VAL H 10 87.73 85.11 24.19
N ASP H 11 88.29 84.97 25.39
CA ASP H 11 89.33 83.98 25.66
C ASP H 11 88.81 82.92 26.61
N ASN H 12 89.11 81.66 26.29
CA ASN H 12 88.88 80.53 27.19
C ASN H 12 90.11 79.62 27.18
N SER H 13 91.29 80.21 27.35
CA SER H 13 92.52 79.44 27.45
C SER H 13 92.67 78.88 28.86
N GLU H 14 93.84 78.34 29.16
CA GLU H 14 94.11 77.96 30.53
C GLU H 14 94.28 79.18 31.42
N TYR H 15 94.88 80.26 30.90
CA TYR H 15 95.28 81.42 31.68
C TYR H 15 94.11 82.28 32.15
N MET H 16 92.87 81.82 31.93
CA MET H 16 91.69 82.40 32.52
C MET H 16 91.17 81.55 33.67
N ARG H 17 91.83 80.42 33.96
CA ARG H 17 91.52 79.60 35.14
C ARG H 17 92.32 80.05 36.36
N ASN H 18 92.21 81.32 36.71
CA ASN H 18 92.88 81.89 37.86
C ASN H 18 92.16 83.17 38.26
N GLY H 19 92.54 83.70 39.41
CA GLY H 19 91.70 84.69 40.05
C GLY H 19 92.29 86.02 40.47
N ASP H 20 93.09 86.67 39.63
CA ASP H 20 93.50 88.04 39.96
C ASP H 20 92.30 88.99 39.97
N PHE H 21 91.34 88.79 39.07
CA PHE H 21 90.03 89.37 39.23
C PHE H 21 89.24 88.49 40.20
N LEU H 22 88.63 89.13 41.18
CA LEU H 22 88.24 88.47 42.43
C LEU H 22 87.15 87.40 42.33
N PRO H 23 86.00 87.59 41.61
CA PRO H 23 85.08 86.44 41.49
C PRO H 23 85.64 85.30 40.63
N THR H 24 85.94 85.58 39.36
CA THR H 24 86.50 84.69 38.35
C THR H 24 86.79 85.56 37.12
N ARG H 25 87.92 85.31 36.46
CA ARG H 25 88.23 86.01 35.22
C ARG H 25 87.23 85.70 34.12
N LEU H 26 86.64 84.50 34.14
CA LEU H 26 85.54 84.18 33.24
C LEU H 26 84.33 85.05 33.51
N GLN H 27 83.95 85.16 34.77
CA GLN H 27 82.84 86.01 35.14
C GLN H 27 83.15 87.49 34.92
N ALA H 28 84.42 87.86 34.97
CA ALA H 28 84.83 89.21 34.62
C ALA H 28 84.65 89.46 33.12
N GLN H 29 85.08 88.51 32.29
CA GLN H 29 84.90 88.70 30.85
C GLN H 29 83.47 88.42 30.41
N GLN H 30 82.73 87.59 31.17
CA GLN H 30 81.33 87.33 30.82
C GLN H 30 80.48 88.56 31.03
N ASP H 31 80.70 89.26 32.16
CA ASP H 31 80.00 90.51 32.41
C ASP H 31 80.45 91.60 31.44
N ALA H 32 81.66 91.49 30.92
CA ALA H 32 82.10 92.40 29.87
C ALA H 32 81.33 92.14 28.58
N VAL H 33 80.97 90.88 28.32
CA VAL H 33 80.16 90.57 27.15
C VAL H 33 78.74 91.09 27.34
N ASN H 34 78.24 91.08 28.59
CA ASN H 34 76.90 91.58 28.88
C ASN H 34 76.79 93.08 28.60
N ILE H 35 77.81 93.84 28.93
CA ILE H 35 77.69 95.28 28.77
C ILE H 35 77.98 95.73 27.35
N VAL H 36 78.67 94.90 26.54
CA VAL H 36 78.88 95.30 25.15
C VAL H 36 77.74 94.83 24.26
N CYS H 37 77.08 93.72 24.62
CA CYS H 37 75.95 93.28 23.81
C CYS H 37 74.73 94.14 24.06
N HIS H 38 74.55 94.59 25.29
CA HIS H 38 73.48 95.53 25.57
C HIS H 38 73.78 96.91 25.03
N SER H 39 75.06 97.25 24.84
CA SER H 39 75.39 98.55 24.27
C SER H 39 75.07 98.61 22.79
N LYS H 40 75.51 97.61 22.02
CA LYS H 40 75.25 97.59 20.59
C LYS H 40 73.78 97.34 20.27
N THR H 41 73.05 96.68 21.16
CA THR H 41 71.62 96.48 20.96
C THR H 41 70.86 97.78 21.18
N ARG H 42 71.16 98.49 22.26
CA ARG H 42 70.41 99.69 22.58
C ARG H 42 70.87 100.89 21.76
N SER H 43 72.04 100.81 21.13
CA SER H 43 72.45 101.85 20.21
C SER H 43 71.76 101.69 18.86
N ASN H 44 71.50 100.45 18.45
CA ASN H 44 70.87 100.19 17.18
C ASN H 44 70.14 98.86 17.30
N PRO H 45 68.84 98.82 17.04
CA PRO H 45 68.14 97.54 16.87
C PRO H 45 68.35 96.90 15.52
N GLU H 46 69.28 97.38 14.71
CA GLU H 46 69.58 96.81 13.40
C GLU H 46 70.99 96.25 13.31
N ASN H 47 71.79 96.31 14.36
CA ASN H 47 73.11 95.72 14.33
C ASN H 47 73.02 94.25 14.70
N ASN H 48 74.18 93.60 14.83
CA ASN H 48 74.25 92.16 15.01
C ASN H 48 75.58 91.80 15.66
N VAL H 49 75.54 90.82 16.55
CA VAL H 49 76.69 90.46 17.38
C VAL H 49 76.90 88.96 17.31
N GLY H 50 78.09 88.54 16.89
CA GLY H 50 78.46 87.14 16.91
C GLY H 50 79.78 86.96 17.62
N LEU H 51 79.94 85.79 18.26
CA LEU H 51 81.11 85.55 19.08
C LEU H 51 82.08 84.59 18.38
N ILE H 52 83.35 84.71 18.79
CA ILE H 52 84.43 83.88 18.29
C ILE H 52 85.39 83.60 19.44
N THR H 53 85.77 82.35 19.61
CA THR H 53 86.79 82.03 20.60
C THR H 53 88.16 82.00 19.93
N LEU H 54 89.20 81.86 20.74
CA LEU H 54 90.56 81.79 20.20
C LEU H 54 91.43 80.69 20.77
N ALA H 55 91.02 80.02 21.84
CA ALA H 55 91.85 79.01 22.49
C ALA H 55 91.64 77.68 21.82
N ASN H 56 92.74 77.09 21.33
CA ASN H 56 92.88 75.72 20.82
C ASN H 56 92.22 75.53 19.45
N ASP H 57 91.43 76.52 19.04
CA ASP H 57 90.61 76.57 17.84
C ASP H 57 89.94 77.92 17.88
N CYS H 58 89.36 78.33 16.76
CA CYS H 58 88.48 79.49 16.72
C CYS H 58 87.13 79.04 16.20
N GLU H 59 86.12 79.13 17.04
CA GLU H 59 84.79 78.61 16.73
C GLU H 59 83.79 79.76 16.69
N VAL H 60 82.85 79.67 15.75
CA VAL H 60 82.00 80.79 15.36
C VAL H 60 80.63 80.45 15.93
N LEU H 61 80.64 79.88 17.13
CA LEU H 61 79.53 79.30 17.89
C LEU H 61 78.20 80.06 17.83
N THR H 62 78.25 81.39 17.77
CA THR H 62 77.10 82.17 17.33
C THR H 62 77.49 82.98 16.12
N THR H 63 76.61 83.03 15.13
CA THR H 63 76.89 83.78 13.93
C THR H 63 76.41 85.22 14.16
N LEU H 64 76.72 86.08 13.20
CA LEU H 64 76.52 87.52 13.31
C LEU H 64 75.03 87.86 13.22
N THR H 65 74.32 87.69 14.34
CA THR H 65 72.87 87.80 14.38
C THR H 65 72.45 88.90 15.34
N PRO H 66 71.33 89.59 15.04
CA PRO H 66 70.78 90.54 16.01
C PRO H 66 70.17 89.90 17.24
N ASP H 67 70.00 88.58 17.26
CA ASP H 67 69.68 87.87 18.48
C ASP H 67 70.81 88.02 19.49
N THR H 68 70.47 88.00 20.78
CA THR H 68 71.46 87.95 21.83
C THR H 68 71.25 86.84 22.84
N GLY H 69 70.06 86.22 22.86
CA GLY H 69 69.79 85.18 23.85
C GLY H 69 70.57 83.91 23.61
N ARG H 70 70.85 83.59 22.35
CA ARG H 70 71.71 82.45 22.05
C ARG H 70 73.14 82.72 22.48
N ILE H 71 73.60 83.97 22.31
CA ILE H 71 74.94 84.37 22.73
C ILE H 71 75.09 84.23 24.25
N LEU H 72 74.07 84.68 25.00
CA LEU H 72 74.11 84.57 26.45
C LEU H 72 74.06 83.10 26.91
N SER H 73 73.41 82.24 26.13
CA SER H 73 73.41 80.83 26.45
C SER H 73 74.77 80.20 26.18
N LYS H 74 75.42 80.61 25.08
CA LYS H 74 76.72 80.06 24.75
C LYS H 74 77.85 80.64 25.58
N LEU H 75 77.59 81.72 26.33
CA LEU H 75 78.59 82.20 27.29
C LEU H 75 78.82 81.18 28.40
N HIS H 76 77.77 80.46 28.80
CA HIS H 76 77.95 79.39 29.75
C HIS H 76 78.60 78.19 29.07
N THR H 77 78.98 77.22 29.91
CA THR H 77 79.80 76.02 29.60
C THR H 77 80.91 76.30 28.58
N VAL H 78 81.64 77.39 28.82
CA VAL H 78 82.67 77.81 27.89
C VAL H 78 83.93 76.95 28.01
N GLN H 79 84.17 76.34 29.19
CA GLN H 79 85.25 75.40 29.50
C GLN H 79 86.63 75.95 29.16
N PRO H 80 87.18 76.82 30.02
CA PRO H 80 88.50 77.42 29.73
C PRO H 80 89.66 76.43 29.83
N LYS H 81 89.82 75.60 28.80
CA LYS H 81 90.83 74.57 28.83
C LYS H 81 91.88 74.69 27.72
N GLY H 82 91.84 75.73 26.90
CA GLY H 82 92.63 75.80 25.70
C GLY H 82 93.97 76.49 25.89
N LYS H 83 94.62 76.74 24.76
CA LYS H 83 95.84 77.52 24.66
C LYS H 83 95.65 78.56 23.56
N ILE H 84 96.08 79.79 23.85
CA ILE H 84 95.74 80.93 22.99
C ILE H 84 96.44 80.82 21.64
N THR H 85 95.66 80.98 20.58
CA THR H 85 96.15 81.07 19.21
C THR H 85 95.51 82.29 18.58
N PHE H 86 96.31 83.34 18.35
CA PHE H 86 95.79 84.67 18.12
C PHE H 86 95.93 85.16 16.68
N CYS H 87 96.92 84.67 15.93
CA CYS H 87 97.12 85.12 14.55
C CYS H 87 95.98 84.69 13.65
N THR H 88 95.42 83.51 13.88
CA THR H 88 94.26 83.09 13.12
C THR H 88 92.96 83.72 13.62
N GLY H 89 92.98 84.34 14.80
CA GLY H 89 91.75 84.86 15.38
C GLY H 89 91.22 86.09 14.66
N ILE H 90 92.13 86.91 14.15
CA ILE H 90 91.70 88.04 13.34
C ILE H 90 91.23 87.57 11.98
N ARG H 91 91.97 86.62 11.39
CA ARG H 91 91.67 86.14 10.05
C ARG H 91 90.35 85.36 10.01
N VAL H 92 90.00 84.71 11.13
CA VAL H 92 88.72 84.03 11.21
C VAL H 92 87.63 85.02 11.63
N ALA H 93 88.00 86.24 12.01
CA ALA H 93 86.98 87.23 12.31
C ALA H 93 86.70 88.08 11.09
N HIS H 94 87.71 88.31 10.27
CA HIS H 94 87.54 89.14 9.08
C HIS H 94 86.74 88.43 8.00
N LEU H 95 87.11 87.20 7.63
CA LEU H 95 86.40 86.49 6.58
C LEU H 95 85.03 86.01 7.06
N ALA H 96 84.80 86.02 8.37
CA ALA H 96 83.44 85.96 8.88
C ALA H 96 82.64 87.19 8.46
N LEU H 97 83.26 88.37 8.60
CA LEU H 97 82.64 89.63 8.25
C LEU H 97 82.70 89.94 6.76
N LYS H 98 83.21 89.03 5.93
CA LYS H 98 82.92 89.13 4.51
C LYS H 98 81.78 88.24 4.08
N HIS H 99 81.27 87.40 4.98
CA HIS H 99 80.04 86.65 4.74
C HIS H 99 78.83 87.34 5.35
N ARG H 100 78.83 88.66 5.42
CA ARG H 100 77.70 89.39 6.00
C ARG H 100 76.48 89.29 5.09
N GLN H 101 75.33 89.01 5.70
CA GLN H 101 74.10 88.99 4.92
C GLN H 101 73.58 90.38 4.61
N GLY H 102 73.86 91.35 5.48
CA GLY H 102 73.63 92.74 5.15
C GLY H 102 74.95 93.41 4.85
N LYS H 103 75.24 93.62 3.56
CA LYS H 103 76.54 94.13 3.16
C LYS H 103 76.58 95.66 3.09
N ASN H 104 75.70 96.32 3.83
CA ASN H 104 75.79 97.76 4.03
C ASN H 104 76.29 98.12 5.42
N HIS H 105 76.42 97.13 6.30
CA HIS H 105 76.94 97.38 7.63
C HIS H 105 78.43 97.69 7.58
N LYS H 106 78.89 98.44 8.59
CA LYS H 106 80.31 98.62 8.80
C LYS H 106 80.90 97.40 9.50
N MET H 107 82.19 97.48 9.81
CA MET H 107 82.92 96.35 10.37
C MET H 107 83.69 96.82 11.59
N ARG H 108 83.43 96.18 12.73
CA ARG H 108 84.11 96.50 13.97
C ARG H 108 84.24 95.24 14.82
N ILE H 109 85.45 94.98 15.31
CA ILE H 109 85.76 93.78 16.08
C ILE H 109 86.22 94.23 17.47
N ILE H 110 85.71 93.58 18.51
CA ILE H 110 86.25 93.74 19.85
C ILE H 110 86.81 92.40 20.30
N ALA H 111 87.89 92.46 21.07
CA ALA H 111 88.65 91.27 21.43
C ALA H 111 89.06 91.33 22.89
N PHE H 112 88.99 90.18 23.56
CA PHE H 112 89.35 90.05 24.96
C PHE H 112 90.60 89.20 25.07
N VAL H 113 91.70 89.83 25.47
CA VAL H 113 92.99 89.16 25.59
C VAL H 113 93.30 89.03 27.07
N GLY H 114 93.12 87.83 27.62
CA GLY H 114 93.40 87.61 29.02
C GLY H 114 94.54 86.63 29.22
N SER H 115 95.42 86.59 28.23
CA SER H 115 96.54 85.66 28.24
C SER H 115 97.71 86.36 27.57
N PRO H 116 98.95 86.05 28.00
CA PRO H 116 100.11 86.52 27.25
C PRO H 116 100.17 85.87 25.88
N VAL H 117 100.25 86.70 24.85
CA VAL H 117 100.26 86.26 23.47
C VAL H 117 101.71 86.05 23.05
N GLU H 118 101.96 85.02 22.25
CA GLU H 118 103.30 84.66 21.80
C GLU H 118 103.24 84.62 20.27
N ASP H 119 103.65 85.71 19.64
CA ASP H 119 103.53 85.84 18.19
C ASP H 119 104.68 86.71 17.69
N ASN H 120 105.01 86.53 16.43
CA ASN H 120 106.00 87.39 15.79
C ASN H 120 105.45 88.79 15.63
N GLU H 121 106.34 89.78 15.66
CA GLU H 121 105.93 91.14 15.34
C GLU H 121 105.63 91.30 13.85
N LYS H 122 106.18 90.40 13.02
CA LYS H 122 105.98 90.50 11.58
C LYS H 122 104.61 89.99 11.17
N ASP H 123 104.11 88.95 11.87
CA ASP H 123 102.86 88.32 11.49
C ASP H 123 101.67 89.25 11.72
N LEU H 124 101.70 89.97 12.84
CA LEU H 124 100.59 90.87 13.16
C LEU H 124 100.63 92.13 12.30
N VAL H 125 101.82 92.59 11.93
CA VAL H 125 101.88 93.80 11.12
C VAL H 125 101.59 93.46 9.66
N LYS H 126 101.75 92.20 9.25
CA LYS H 126 101.18 91.77 7.98
C LYS H 126 99.66 91.73 8.07
N LEU H 127 99.14 91.29 9.23
CA LEU H 127 97.69 91.33 9.43
C LEU H 127 97.19 92.76 9.58
N ALA H 128 98.01 93.65 10.14
CA ALA H 128 97.59 95.04 10.31
C ALA H 128 97.52 95.77 8.99
N LYS H 129 98.51 95.58 8.12
CA LYS H 129 98.45 96.18 6.79
C LYS H 129 97.49 95.42 5.89
N ARG H 130 97.13 94.19 6.25
CA ARG H 130 96.02 93.52 5.56
C ARG H 130 94.71 94.22 5.87
N LEU H 131 94.50 94.59 7.13
CA LEU H 131 93.29 95.33 7.50
C LEU H 131 93.33 96.76 7.00
N LYS H 132 94.52 97.33 6.76
CA LYS H 132 94.62 98.62 6.10
C LYS H 132 94.12 98.53 4.66
N LYS H 133 94.38 97.40 4.01
CA LYS H 133 93.84 97.14 2.68
C LYS H 133 92.44 96.56 2.72
N GLU H 134 91.81 96.49 3.89
CA GLU H 134 90.49 95.90 4.04
C GLU H 134 89.53 96.69 4.91
N LYS H 135 90.01 97.71 5.64
CA LYS H 135 89.20 98.71 6.36
C LYS H 135 88.31 98.05 7.43
N VAL H 136 89.00 97.53 8.45
CA VAL H 136 88.35 96.92 9.61
C VAL H 136 88.99 97.47 10.88
N ASN H 137 88.16 97.98 11.78
CA ASN H 137 88.61 98.46 13.08
C ASN H 137 88.50 97.34 14.11
N VAL H 138 89.58 97.10 14.84
CA VAL H 138 89.62 96.05 15.85
C VAL H 138 89.97 96.69 17.19
N ASP H 139 89.18 96.38 18.23
CA ASP H 139 89.41 96.88 19.58
C ASP H 139 89.99 95.76 20.42
N ILE H 140 91.22 95.94 20.87
CA ILE H 140 91.90 94.95 21.71
C ILE H 140 91.83 95.45 23.15
N ILE H 141 91.17 94.67 24.01
CA ILE H 141 91.03 94.99 25.43
C ILE H 141 91.72 93.91 26.23
N ASN H 142 92.71 94.31 27.03
CA ASN H 142 93.54 93.36 27.76
C ASN H 142 92.91 92.98 29.09
N PHE H 143 92.87 91.67 29.36
CA PHE H 143 92.37 91.11 30.61
C PHE H 143 93.46 90.31 31.31
N GLY H 144 93.08 89.59 32.37
CA GLY H 144 93.83 88.57 33.09
C GLY H 144 95.17 89.08 33.58
N GLU H 145 96.15 88.19 33.63
CA GLU H 145 97.52 88.65 33.74
C GLU H 145 97.90 89.31 32.42
N GLU H 146 98.73 90.34 32.51
CA GLU H 146 98.88 91.28 31.40
C GLU H 146 100.33 91.66 31.27
N GLU H 147 101.01 91.08 30.29
CA GLU H 147 102.26 91.66 29.79
C GLU H 147 101.85 92.93 29.07
N VAL H 148 101.90 94.05 29.80
CA VAL H 148 101.08 95.20 29.45
C VAL H 148 101.77 96.05 28.38
N ASN H 149 101.03 96.31 27.29
CA ASN H 149 101.42 97.20 26.18
C ASN H 149 102.75 96.75 25.54
N THR H 150 102.71 95.56 24.97
CA THR H 150 103.89 95.02 24.30
C THR H 150 104.19 95.81 23.03
N GLU H 151 105.37 95.54 22.47
CA GLU H 151 105.66 95.98 21.11
C GLU H 151 104.72 95.32 20.10
N LYS H 152 104.27 94.10 20.40
CA LYS H 152 103.30 93.43 19.54
C LYS H 152 101.96 94.16 19.55
N LEU H 153 101.47 94.49 20.75
CA LEU H 153 100.12 95.05 20.88
C LEU H 153 100.07 96.51 20.46
N THR H 154 101.10 97.28 20.78
CA THR H 154 101.05 98.72 20.51
C THR H 154 101.24 99.00 19.03
N ALA H 155 102.18 98.30 18.38
CA ALA H 155 102.42 98.51 16.96
C ALA H 155 101.31 97.93 16.10
N PHE H 156 100.58 96.94 16.60
CA PHE H 156 99.41 96.46 15.87
C PHE H 156 98.27 97.47 15.94
N VAL H 157 98.08 98.08 17.11
CA VAL H 157 97.06 99.12 17.26
C VAL H 157 97.43 100.35 16.45
N ASN H 158 98.72 100.69 16.40
CA ASN H 158 99.15 101.86 15.63
C ASN H 158 98.98 101.64 14.14
N THR H 159 99.49 100.51 13.64
CA THR H 159 99.35 100.17 12.22
C THR H 159 97.97 99.63 11.87
N LEU H 160 97.06 99.52 12.84
CA LEU H 160 95.66 99.30 12.50
C LEU H 160 95.09 100.54 11.81
N ASN H 161 95.40 101.72 12.34
CA ASN H 161 94.82 102.97 11.86
C ASN H 161 95.84 104.09 12.09
N GLY H 162 96.68 104.32 11.09
CA GLY H 162 97.65 105.39 11.13
C GLY H 162 97.19 106.58 10.30
N LYS H 163 97.80 107.74 10.57
CA LYS H 163 97.49 109.03 9.95
C LYS H 163 96.01 109.38 10.14
N ASP H 164 95.66 109.62 11.42
CA ASP H 164 94.34 110.04 11.88
C ASP H 164 93.28 108.99 11.54
N GLY H 165 93.46 107.83 12.17
CA GLY H 165 92.53 106.72 12.03
C GLY H 165 91.36 106.80 12.99
N THR H 166 90.91 105.62 13.43
CA THR H 166 89.73 105.55 14.30
C THR H 166 90.08 105.99 15.71
N GLY H 167 91.11 105.39 16.29
CA GLY H 167 91.36 105.53 17.70
C GLY H 167 90.90 104.26 18.41
N SER H 168 91.16 103.12 17.77
CA SER H 168 90.85 101.82 18.35
C SER H 168 91.74 101.60 19.56
N HIS H 169 91.15 101.64 20.76
CA HIS H 169 91.93 101.74 21.99
C HIS H 169 92.53 100.40 22.37
N LEU H 170 93.82 100.42 22.71
CA LEU H 170 94.49 99.26 23.30
C LEU H 170 94.25 99.36 24.80
N VAL H 171 93.10 98.86 25.23
CA VAL H 171 92.61 99.08 26.59
C VAL H 171 93.40 98.21 27.55
N THR H 172 93.94 98.82 28.60
CA THR H 172 94.66 98.12 29.65
C THR H 172 93.83 98.14 30.93
N VAL H 173 93.94 97.06 31.70
CA VAL H 173 93.16 96.91 32.92
C VAL H 173 94.13 96.82 34.09
N PRO H 174 93.73 97.22 35.30
CA PRO H 174 94.40 96.70 36.49
C PRO H 174 94.04 95.25 36.67
N PRO H 175 95.06 94.38 36.79
CA PRO H 175 94.88 92.94 36.96
C PRO H 175 94.23 92.60 38.30
N GLY H 176 92.90 92.68 38.36
CA GLY H 176 92.17 92.39 39.58
C GLY H 176 91.28 93.53 40.00
N PRO H 177 91.59 94.16 41.14
CA PRO H 177 90.67 95.08 41.82
C PRO H 177 90.21 96.20 40.89
N SER H 178 88.98 96.09 40.38
CA SER H 178 88.43 97.09 39.49
C SER H 178 87.55 96.38 38.47
N LEU H 179 86.33 96.85 38.33
CA LEU H 179 85.36 96.24 37.43
C LEU H 179 85.52 96.85 36.04
N ALA H 180 84.50 96.70 35.19
CA ALA H 180 84.55 97.17 33.81
C ALA H 180 84.18 98.65 33.69
N ASP H 181 84.39 99.43 34.76
CA ASP H 181 84.13 100.86 34.73
C ASP H 181 85.09 101.58 33.77
N ALA H 182 86.36 101.18 33.76
CA ALA H 182 87.28 101.70 32.75
C ALA H 182 86.97 101.13 31.38
N LEU H 183 86.34 99.96 31.33
CA LEU H 183 85.92 99.39 30.06
C LEU H 183 84.73 100.12 29.45
N ILE H 184 83.92 100.78 30.27
CA ILE H 184 82.83 101.59 29.75
C ILE H 184 83.19 103.07 29.72
N SER H 185 84.38 103.44 30.19
CA SER H 185 84.81 104.83 30.11
C SER H 185 85.02 105.31 28.69
N SER H 186 86.08 104.84 28.04
CA SER H 186 86.37 105.30 26.69
C SER H 186 85.64 104.55 25.57
N PRO H 187 85.78 103.21 25.40
CA PRO H 187 85.49 102.64 24.08
C PRO H 187 84.01 102.45 23.78
N ILE H 188 83.16 102.35 24.80
CA ILE H 188 81.77 101.98 24.58
C ILE H 188 80.98 103.12 23.98
N LEU H 189 81.51 104.33 24.01
CA LEU H 189 80.90 105.49 23.39
C LEU H 189 81.85 106.18 22.42
N ALA H 190 83.14 106.17 22.71
CA ALA H 190 84.18 106.74 21.85
C ALA H 190 85.22 105.64 21.60
N GLY H 191 84.98 104.82 20.58
CA GLY H 191 85.91 103.76 20.24
C GLY H 191 87.16 104.26 19.55
N ALA I 23 50.43 96.35 -28.39
CA ALA I 23 50.96 95.90 -27.11
C ALA I 23 50.12 94.77 -26.54
N VAL I 24 50.33 93.56 -27.06
CA VAL I 24 49.51 92.42 -26.66
C VAL I 24 50.32 91.13 -26.86
N ASP I 25 49.79 90.01 -26.38
CA ASP I 25 50.49 88.74 -26.36
C ASP I 25 50.74 88.17 -27.75
N THR I 26 51.63 87.20 -27.81
CA THR I 26 52.15 86.61 -29.03
C THR I 26 52.12 85.10 -28.81
N ALA I 27 52.78 84.32 -29.67
CA ALA I 27 53.13 82.94 -29.37
C ALA I 27 54.46 82.96 -28.63
N GLU I 28 54.38 82.96 -27.29
CA GLU I 28 55.55 83.11 -26.42
C GLU I 28 56.36 81.83 -26.30
N GLN I 29 57.27 81.80 -25.33
CA GLN I 29 58.06 80.60 -25.09
C GLN I 29 58.47 80.54 -23.63
N VAL I 30 58.39 79.35 -23.05
CA VAL I 30 58.72 79.12 -21.64
C VAL I 30 59.95 78.22 -21.57
N TYR I 31 61.01 78.71 -20.94
CA TYR I 31 62.22 77.94 -20.71
C TYR I 31 62.20 77.42 -19.28
N ILE I 32 62.20 76.11 -19.10
CA ILE I 32 62.36 75.55 -17.78
C ILE I 32 63.72 74.86 -17.74
N SER I 33 64.38 74.95 -16.60
CA SER I 33 65.69 74.34 -16.46
C SER I 33 65.55 72.85 -16.20
N SER I 34 66.64 72.13 -16.43
CA SER I 34 66.66 70.70 -16.14
C SER I 34 66.54 70.43 -14.65
N LEU I 35 67.08 71.34 -13.83
CA LEU I 35 67.01 71.15 -12.39
C LEU I 35 65.61 71.44 -11.88
N ALA I 36 64.82 72.21 -12.63
CA ALA I 36 63.46 72.49 -12.21
C ALA I 36 62.59 71.25 -12.35
N LEU I 37 62.69 70.58 -13.51
CA LEU I 37 61.78 69.50 -13.86
C LEU I 37 61.90 68.30 -12.93
N LEU I 38 63.10 68.07 -12.39
CA LEU I 38 63.24 66.96 -11.46
C LEU I 38 62.66 67.33 -10.09
N LYS I 39 62.71 68.61 -9.72
CA LYS I 39 62.04 69.04 -8.50
C LYS I 39 60.53 68.97 -8.65
N MET I 40 60.04 69.12 -9.88
CA MET I 40 58.60 69.14 -10.12
C MET I 40 58.00 67.76 -9.87
N LEU I 41 58.44 66.77 -10.64
CA LEU I 41 57.76 65.48 -10.63
C LEU I 41 58.30 64.51 -9.59
N LYS I 42 59.30 64.91 -8.80
CA LYS I 42 59.59 64.16 -7.58
C LYS I 42 58.68 64.59 -6.44
N HIS I 43 58.50 65.90 -6.30
CA HIS I 43 57.62 66.44 -5.27
C HIS I 43 56.17 66.09 -5.55
N GLY I 44 55.81 65.93 -6.83
CA GLY I 44 54.47 65.46 -7.15
C GLY I 44 54.29 63.99 -6.85
N ARG I 45 55.32 63.20 -7.12
CA ARG I 45 55.27 61.77 -6.84
C ARG I 45 55.32 61.49 -5.34
N ALA I 46 55.87 62.43 -4.56
CA ALA I 46 55.95 62.25 -3.12
C ALA I 46 54.56 62.26 -2.48
N GLY I 47 53.83 63.35 -2.66
CA GLY I 47 52.45 63.40 -2.21
C GLY I 47 51.46 63.09 -3.31
N VAL I 48 51.46 61.86 -3.80
CA VAL I 48 50.55 61.40 -4.85
C VAL I 48 49.04 61.49 -4.56
N PRO I 49 48.51 61.36 -3.34
CA PRO I 49 47.06 61.57 -3.21
C PRO I 49 46.65 63.02 -3.05
N MET I 50 47.53 63.89 -2.58
CA MET I 50 47.08 65.09 -1.88
C MET I 50 47.52 66.41 -2.52
N GLU I 51 47.67 66.43 -3.85
CA GLU I 51 47.74 67.62 -4.73
C GLU I 51 48.72 68.69 -4.22
N VAL I 52 50.01 68.33 -4.28
CA VAL I 52 51.09 69.14 -3.72
C VAL I 52 51.22 70.49 -4.43
N MET I 53 51.97 71.39 -3.81
CA MET I 53 51.95 72.81 -4.15
C MET I 53 53.36 73.37 -4.01
N GLY I 54 53.72 74.25 -4.94
CA GLY I 54 55.05 74.86 -4.87
C GLY I 54 55.12 76.10 -5.73
N LEU I 55 56.27 76.76 -5.66
CA LEU I 55 56.50 78.01 -6.35
C LEU I 55 57.50 77.85 -7.48
N MET I 56 57.62 78.90 -8.29
CA MET I 56 58.36 78.84 -9.54
C MET I 56 59.15 80.13 -9.68
N LEU I 57 60.48 80.01 -9.76
CA LEU I 57 61.39 81.12 -9.49
C LEU I 57 62.35 81.29 -10.66
N GLY I 58 62.20 82.37 -11.42
CA GLY I 58 62.99 82.58 -12.62
C GLY I 58 63.18 84.05 -12.95
N GLU I 59 63.03 84.40 -14.22
CA GLU I 59 63.27 85.79 -14.63
C GLU I 59 62.55 86.07 -15.95
N PHE I 60 61.77 87.15 -15.97
CA PHE I 60 61.09 87.61 -17.19
C PHE I 60 62.14 88.27 -18.08
N VAL I 61 62.60 87.56 -19.11
CA VAL I 61 63.79 88.01 -19.80
C VAL I 61 63.47 89.04 -20.89
N ASP I 62 62.32 88.90 -21.55
CA ASP I 62 61.90 89.90 -22.53
C ASP I 62 60.38 89.91 -22.60
N ASP I 63 59.86 90.43 -23.71
CA ASP I 63 58.42 90.44 -23.94
C ASP I 63 57.86 89.03 -24.08
N TYR I 64 58.36 88.26 -25.03
CA TYR I 64 57.68 87.01 -25.34
C TYR I 64 58.63 85.82 -25.38
N THR I 65 59.58 85.78 -24.45
CA THR I 65 60.13 84.54 -23.92
C THR I 65 60.24 84.69 -22.41
N VAL I 66 60.22 83.58 -21.70
CA VAL I 66 60.38 83.59 -20.26
C VAL I 66 61.19 82.37 -19.86
N ARG I 67 62.01 82.52 -18.84
CA ARG I 67 62.81 81.42 -18.33
C ARG I 67 62.58 81.26 -16.83
N VAL I 68 62.69 80.04 -16.38
CA VAL I 68 62.70 79.73 -14.96
C VAL I 68 63.88 78.80 -14.68
N ILE I 69 64.64 79.13 -13.65
CA ILE I 69 65.81 78.37 -13.30
C ILE I 69 65.59 77.51 -12.06
N ASP I 70 64.70 77.88 -11.15
CA ASP I 70 64.69 77.22 -9.86
C ASP I 70 63.26 77.07 -9.36
N VAL I 71 63.06 76.02 -8.56
CA VAL I 71 61.76 75.63 -8.01
C VAL I 71 61.96 75.20 -6.56
N PHE I 72 61.20 75.78 -5.65
CA PHE I 72 61.10 75.23 -4.30
C PHE I 72 59.64 74.98 -3.95
N ALA I 73 59.42 74.08 -3.01
CA ALA I 73 58.09 73.60 -2.68
C ALA I 73 57.45 74.49 -1.63
N MET I 74 56.30 74.05 -1.12
CA MET I 74 55.54 74.77 -0.12
C MET I 74 55.03 73.77 0.91
N PRO I 75 54.92 74.15 2.17
CA PRO I 75 54.26 73.29 3.15
C PRO I 75 52.77 73.25 2.91
N GLN I 76 52.18 72.08 3.13
CA GLN I 76 50.82 71.80 2.70
C GLN I 76 49.85 72.07 3.83
N SER I 77 48.79 72.79 3.52
CA SER I 77 47.75 73.13 4.47
C SER I 77 46.58 72.18 4.32
N GLY I 78 45.61 72.31 5.24
CA GLY I 78 44.40 71.52 5.15
C GLY I 78 43.47 71.97 4.06
N THR I 79 43.61 73.22 3.60
CA THR I 79 42.76 73.71 2.53
C THR I 79 43.11 73.05 1.20
N GLY I 80 44.38 73.05 0.84
CA GLY I 80 44.83 72.54 -0.43
C GLY I 80 45.30 73.67 -1.32
N VAL I 81 45.25 73.41 -2.62
CA VAL I 81 45.75 74.36 -3.61
C VAL I 81 44.80 75.55 -3.69
N SER I 82 45.23 76.68 -3.10
CA SER I 82 44.46 77.90 -3.08
C SER I 82 45.40 79.05 -2.76
N VAL I 83 44.84 80.23 -2.49
CA VAL I 83 45.67 81.36 -2.11
C VAL I 83 46.11 81.25 -0.65
N GLU I 84 45.40 80.48 0.17
CA GLU I 84 45.74 80.41 1.59
C GLU I 84 46.94 79.52 1.83
N ALA I 85 47.20 78.55 0.96
CA ALA I 85 48.37 77.70 1.11
C ALA I 85 49.66 78.45 0.81
N VAL I 86 49.60 79.59 0.14
CA VAL I 86 50.76 80.46 -0.03
C VAL I 86 51.03 81.11 1.32
N ASP I 87 52.14 80.74 1.94
CA ASP I 87 52.50 81.27 3.25
C ASP I 87 53.43 82.46 3.06
N PRO I 88 53.03 83.67 3.43
CA PRO I 88 53.91 84.83 3.20
C PRO I 88 55.11 84.86 4.12
N VAL I 89 55.06 84.23 5.28
CA VAL I 89 56.23 84.23 6.15
C VAL I 89 57.19 83.12 5.75
N PHE I 90 56.67 82.05 5.16
CA PHE I 90 57.54 81.07 4.53
C PHE I 90 58.08 81.60 3.21
N GLN I 91 57.35 82.54 2.60
CA GLN I 91 57.77 83.17 1.36
C GLN I 91 59.06 83.96 1.55
N ALA I 92 59.00 84.98 2.40
CA ALA I 92 60.10 85.93 2.49
C ALA I 92 61.31 85.34 3.19
N LYS I 93 61.10 84.33 4.04
CA LYS I 93 62.22 83.71 4.70
C LYS I 93 62.97 82.78 3.76
N MET I 94 62.24 82.07 2.89
CA MET I 94 62.89 81.22 1.90
C MET I 94 63.60 82.04 0.84
N LEU I 95 63.01 83.18 0.47
CA LEU I 95 63.66 84.07 -0.49
C LEU I 95 64.93 84.66 0.08
N ASP I 96 64.92 84.97 1.38
CA ASP I 96 66.05 85.63 2.02
C ASP I 96 67.29 84.74 2.03
N MET I 97 67.10 83.46 2.33
CA MET I 97 68.24 82.56 2.42
C MET I 97 68.65 81.99 1.08
N LEU I 98 67.97 82.37 0.00
CA LEU I 98 68.46 82.14 -1.35
C LEU I 98 69.14 83.37 -1.94
N LYS I 99 69.06 84.52 -1.26
CA LYS I 99 69.73 85.70 -1.76
C LYS I 99 71.24 85.59 -1.59
N GLN I 100 71.69 85.14 -0.43
CA GLN I 100 73.12 85.11 -0.15
C GLN I 100 73.79 83.84 -0.65
N THR I 101 73.03 82.80 -0.96
CA THR I 101 73.59 81.54 -1.43
C THR I 101 72.89 81.18 -2.73
N GLY I 102 73.67 80.95 -3.76
CA GLY I 102 73.11 80.69 -5.09
C GLY I 102 72.87 82.00 -5.84
N ARG I 103 71.59 82.37 -6.01
CA ARG I 103 71.27 83.62 -6.67
C ARG I 103 69.90 84.09 -6.25
N PRO I 104 69.71 85.38 -6.01
CA PRO I 104 68.35 85.91 -5.84
C PRO I 104 67.71 86.29 -7.17
N GLU I 105 66.44 85.95 -7.32
CA GLU I 105 65.68 86.40 -8.49
C GLU I 105 64.21 86.49 -8.13
N MET I 106 63.42 86.95 -9.10
CA MET I 106 62.00 87.19 -8.91
C MET I 106 61.23 85.90 -9.12
N VAL I 107 60.11 85.76 -8.39
CA VAL I 107 59.19 84.68 -8.69
C VAL I 107 58.50 84.96 -10.02
N VAL I 108 58.25 83.88 -10.77
CA VAL I 108 57.63 83.99 -12.08
C VAL I 108 56.37 83.15 -12.20
N GLY I 109 55.97 82.44 -11.16
CA GLY I 109 54.73 81.69 -11.23
C GLY I 109 54.61 80.72 -10.09
N TRP I 110 53.97 79.58 -10.39
CA TRP I 110 53.60 78.60 -9.38
C TRP I 110 53.20 77.34 -10.09
N TYR I 111 52.97 76.29 -9.31
CA TYR I 111 52.50 75.04 -9.89
C TYR I 111 51.73 74.27 -8.83
N HIS I 112 51.03 73.24 -9.28
CA HIS I 112 50.37 72.31 -8.39
C HIS I 112 50.21 71.00 -9.15
N SER I 113 49.77 69.97 -8.43
CA SER I 113 49.67 68.63 -9.00
C SER I 113 48.22 68.20 -9.07
N HIS I 114 47.81 67.73 -10.25
CA HIS I 114 46.48 67.18 -10.48
C HIS I 114 46.64 65.71 -10.81
N PRO I 115 46.47 64.82 -9.85
CA PRO I 115 46.68 63.39 -10.11
C PRO I 115 45.63 62.75 -11.01
N GLY I 116 44.36 62.96 -10.70
CA GLY I 116 43.30 62.20 -11.35
C GLY I 116 42.98 62.55 -12.78
N PHE I 117 43.68 63.51 -13.37
CA PHE I 117 43.34 64.04 -14.68
C PHE I 117 44.54 64.83 -15.18
N GLY I 118 44.60 65.07 -16.48
CA GLY I 118 45.82 65.58 -17.07
C GLY I 118 46.19 66.99 -16.69
N CYS I 119 45.50 67.99 -17.24
CA CYS I 119 45.90 69.38 -17.03
C CYS I 119 44.77 70.31 -17.43
N TRP I 120 44.23 71.04 -16.46
CA TRP I 120 43.36 72.19 -16.68
C TRP I 120 43.19 72.93 -15.37
N LEU I 121 43.00 74.25 -15.48
CA LEU I 121 42.87 75.08 -14.30
C LEU I 121 41.46 74.94 -13.74
N SER I 122 41.37 74.59 -12.47
CA SER I 122 40.10 74.47 -11.78
C SER I 122 39.59 75.84 -11.32
N GLY I 123 38.43 75.84 -10.66
CA GLY I 123 37.82 77.08 -10.24
C GLY I 123 38.55 77.72 -9.07
N VAL I 124 39.20 76.91 -8.25
CA VAL I 124 40.08 77.47 -7.24
C VAL I 124 41.44 77.79 -7.82
N ASP I 125 41.82 77.09 -8.89
CA ASP I 125 43.07 77.40 -9.57
C ASP I 125 42.98 78.74 -10.27
N ILE I 126 41.79 79.10 -10.75
CA ILE I 126 41.66 80.33 -11.52
C ILE I 126 41.65 81.55 -10.60
N ASN I 127 41.30 81.39 -9.32
CA ASN I 127 41.32 82.55 -8.45
C ASN I 127 42.72 82.89 -7.99
N THR I 128 43.54 81.88 -7.70
CA THR I 128 44.90 82.15 -7.29
C THR I 128 45.75 82.61 -8.46
N GLN I 129 45.32 82.33 -9.69
CA GLN I 129 45.98 82.91 -10.85
C GLN I 129 45.69 84.40 -10.95
N GLN I 130 44.46 84.81 -10.58
CA GLN I 130 44.11 86.22 -10.58
C GLN I 130 44.95 87.00 -9.58
N SER I 131 45.31 86.37 -8.47
CA SER I 131 46.09 87.04 -7.44
C SER I 131 47.50 87.34 -7.91
N PHE I 132 48.09 86.40 -8.65
CA PHE I 132 49.49 86.56 -9.03
C PHE I 132 49.63 87.43 -10.26
N GLU I 133 48.70 87.32 -11.20
CA GLU I 133 48.76 88.16 -12.38
C GLU I 133 48.45 89.62 -12.07
N ALA I 134 47.77 89.89 -10.95
CA ALA I 134 47.60 91.27 -10.51
C ALA I 134 48.86 91.79 -9.86
N LEU I 135 49.60 90.92 -9.18
CA LEU I 135 50.85 91.34 -8.57
C LEU I 135 51.98 91.36 -9.58
N SER I 136 52.12 90.30 -10.36
CA SER I 136 53.24 90.14 -11.26
C SER I 136 52.85 90.51 -12.69
N GLU I 137 53.78 90.31 -13.62
CA GLU I 137 53.57 90.61 -15.03
C GLU I 137 52.62 89.62 -15.67
N ARG I 138 53.03 88.37 -15.74
CA ARG I 138 52.10 87.40 -16.29
C ARG I 138 51.90 86.18 -15.39
N ALA I 139 52.95 85.72 -14.69
CA ALA I 139 52.88 84.70 -13.64
C ALA I 139 52.28 83.39 -14.16
N VAL I 140 53.08 82.73 -15.00
CA VAL I 140 52.67 81.50 -15.67
C VAL I 140 52.43 80.39 -14.66
N ALA I 141 51.27 79.74 -14.75
CA ALA I 141 51.00 78.56 -13.94
C ALA I 141 51.51 77.30 -14.65
N VAL I 142 51.69 76.22 -13.88
CA VAL I 142 52.12 74.93 -14.41
C VAL I 142 51.28 73.85 -13.75
N VAL I 143 50.78 72.91 -14.55
CA VAL I 143 50.04 71.77 -14.04
C VAL I 143 50.81 70.50 -14.41
N VAL I 144 51.06 69.65 -13.41
CA VAL I 144 51.83 68.42 -13.57
C VAL I 144 51.02 67.25 -13.06
N ASP I 145 50.81 66.25 -13.91
CA ASP I 145 50.19 65.01 -13.47
C ASP I 145 51.27 63.98 -13.27
N PRO I 146 51.59 63.58 -12.05
CA PRO I 146 52.68 62.62 -11.85
C PRO I 146 52.29 61.19 -12.18
N ILE I 147 51.05 60.79 -11.88
CA ILE I 147 50.71 59.39 -12.05
C ILE I 147 50.34 59.07 -13.49
N GLN I 148 50.10 60.09 -14.31
CA GLN I 148 49.93 59.83 -15.73
C GLN I 148 51.27 59.87 -16.45
N SER I 149 52.16 60.77 -16.02
CA SER I 149 53.50 60.88 -16.57
C SER I 149 54.33 59.71 -16.08
N VAL I 150 54.35 58.62 -16.83
CA VAL I 150 55.05 57.42 -16.37
C VAL I 150 56.07 56.95 -17.39
N LYS I 151 55.64 56.75 -18.64
CA LYS I 151 56.39 55.84 -19.49
C LYS I 151 57.62 56.50 -20.13
N GLY I 152 57.41 57.42 -21.05
CA GLY I 152 58.53 58.07 -21.70
C GLY I 152 58.15 59.48 -22.06
N LYS I 153 56.96 59.88 -21.63
CA LYS I 153 56.43 61.21 -21.90
C LYS I 153 55.90 61.79 -20.61
N VAL I 154 55.91 63.11 -20.53
CA VAL I 154 55.50 63.83 -19.35
C VAL I 154 54.29 64.69 -19.68
N VAL I 155 53.24 64.55 -18.87
CA VAL I 155 52.04 65.37 -19.05
C VAL I 155 52.23 66.60 -18.15
N ILE I 156 52.98 67.55 -18.69
CA ILE I 156 53.18 68.85 -18.06
C ILE I 156 52.71 69.91 -19.04
N ASP I 157 52.06 70.93 -18.52
CA ASP I 157 51.58 71.99 -19.39
C ASP I 157 51.55 73.28 -18.60
N ALA I 158 51.65 74.39 -19.32
CA ALA I 158 51.69 75.70 -18.71
C ALA I 158 50.62 76.58 -19.36
N PHE I 159 50.07 77.50 -18.58
CA PHE I 159 48.90 78.24 -19.02
C PHE I 159 48.98 79.68 -18.53
N ARG I 160 48.02 80.47 -18.97
CA ARG I 160 47.98 81.89 -18.66
C ARG I 160 46.57 82.42 -18.87
N LEU I 161 46.08 83.15 -17.89
CA LEU I 161 44.69 83.58 -17.83
C LEU I 161 44.42 84.74 -18.79
N ILE I 162 43.33 84.63 -19.56
CA ILE I 162 43.00 85.64 -20.56
C ILE I 162 41.83 86.49 -20.06
N ASN I 163 41.82 87.75 -20.48
CA ASN I 163 40.81 88.71 -20.04
C ASN I 163 39.48 88.44 -20.74
N ALA I 164 38.43 89.06 -20.20
CA ALA I 164 37.13 89.10 -20.84
C ALA I 164 36.89 90.41 -21.58
N ASN I 165 37.82 91.36 -21.47
CA ASN I 165 37.70 92.64 -22.15
C ASN I 165 37.90 92.52 -23.65
N MET I 166 38.55 91.45 -24.11
CA MET I 166 38.78 91.21 -25.53
C MET I 166 37.72 90.27 -26.10
N MET I 167 36.48 90.36 -25.59
CA MET I 167 35.42 89.49 -26.07
C MET I 167 34.97 89.87 -27.48
N VAL I 168 35.19 91.13 -27.88
CA VAL I 168 34.88 91.58 -29.24
C VAL I 168 36.10 91.52 -30.13
N LEU I 169 37.19 90.92 -29.66
CA LEU I 169 38.46 90.89 -30.34
C LEU I 169 39.01 89.46 -30.26
N GLY I 170 40.17 89.21 -30.85
CA GLY I 170 40.70 87.87 -30.85
C GLY I 170 41.37 87.49 -29.54
N HIS I 171 40.70 86.64 -28.76
CA HIS I 171 41.36 85.96 -27.65
C HIS I 171 42.45 85.05 -28.19
N GLU I 172 43.50 84.85 -27.38
CA GLU I 172 44.82 84.39 -27.83
C GLU I 172 45.27 85.33 -28.95
N PRO I 173 45.85 86.45 -28.60
CA PRO I 173 46.04 87.52 -29.58
C PRO I 173 47.16 87.31 -30.59
N ARG I 174 47.61 86.06 -30.81
CA ARG I 174 48.79 85.65 -31.57
C ARG I 174 48.97 86.28 -32.94
N GLN I 175 50.20 86.22 -33.43
CA GLN I 175 50.68 87.01 -34.55
C GLN I 175 51.71 86.26 -35.36
N THR I 176 52.63 87.03 -35.94
CA THR I 176 53.44 86.69 -37.10
C THR I 176 54.45 85.61 -36.76
N THR I 177 53.95 84.37 -36.72
CA THR I 177 54.77 83.19 -36.55
C THR I 177 53.97 81.97 -36.97
N SER I 178 54.69 80.89 -37.28
CA SER I 178 54.05 79.65 -37.70
C SER I 178 54.36 78.49 -36.78
N ASN I 179 54.72 78.77 -35.52
CA ASN I 179 54.97 77.73 -34.53
C ASN I 179 53.87 77.68 -33.48
N LEU I 180 52.64 78.00 -33.87
CA LEU I 180 51.49 77.82 -33.00
C LEU I 180 50.81 76.48 -33.22
N GLY I 181 50.80 75.98 -34.46
CA GLY I 181 50.21 74.70 -34.77
C GLY I 181 51.06 73.51 -34.37
N HIS I 182 52.17 73.75 -33.69
CA HIS I 182 53.05 72.69 -33.22
C HIS I 182 52.76 72.44 -31.73
N LEU I 183 53.46 71.52 -31.07
CA LEU I 183 53.62 71.30 -29.64
C LEU I 183 52.38 70.72 -28.95
N ASN I 184 51.20 70.99 -29.50
CA ASN I 184 49.92 70.38 -29.14
C ASN I 184 48.88 70.99 -30.06
N LYS I 185 47.97 70.20 -30.58
CA LYS I 185 46.65 70.73 -30.84
C LYS I 185 45.92 70.79 -29.51
N PRO I 186 45.02 71.77 -29.30
CA PRO I 186 44.28 71.85 -28.03
C PRO I 186 43.45 70.59 -27.78
N SER I 187 43.86 69.84 -26.77
CA SER I 187 43.31 68.51 -26.55
C SER I 187 41.88 68.60 -26.04
N ILE I 188 41.11 67.54 -26.31
CA ILE I 188 39.68 67.58 -26.08
C ILE I 188 39.37 67.53 -24.58
N GLN I 189 40.24 66.88 -23.81
CA GLN I 189 40.05 66.80 -22.37
C GLN I 189 40.42 68.10 -21.67
N ALA I 190 41.11 69.00 -22.36
CA ALA I 190 41.46 70.29 -21.80
C ALA I 190 40.63 71.44 -22.33
N LEU I 191 40.08 71.33 -23.55
CA LEU I 191 39.21 72.38 -24.06
C LEU I 191 37.79 72.24 -23.56
N ILE I 192 37.47 71.14 -22.88
CA ILE I 192 36.17 71.02 -22.24
C ILE I 192 36.08 71.94 -21.04
N HIS I 193 37.20 72.27 -20.43
CA HIS I 193 37.30 73.28 -19.38
C HIS I 193 37.68 74.61 -20.01
N GLY I 194 38.24 75.53 -19.23
CA GLY I 194 38.25 76.96 -19.61
C GLY I 194 39.05 77.32 -20.86
N LEU I 195 39.78 76.36 -21.43
CA LEU I 195 40.25 76.54 -22.79
C LEU I 195 39.06 76.60 -23.74
N ASN I 196 38.98 77.62 -24.57
CA ASN I 196 40.06 78.56 -24.82
C ASN I 196 39.54 79.95 -24.56
N ARG I 197 38.55 80.03 -23.67
CA ARG I 197 37.87 81.29 -23.38
C ARG I 197 38.10 81.78 -21.96
N HIS I 198 38.92 81.08 -21.18
CA HIS I 198 39.28 81.60 -19.87
C HIS I 198 40.79 81.72 -19.77
N TYR I 199 41.51 80.77 -20.34
CA TYR I 199 42.96 80.81 -20.31
C TYR I 199 43.48 80.21 -21.61
N TYR I 200 44.74 80.44 -21.90
CA TYR I 200 45.37 79.90 -23.10
C TYR I 200 46.59 79.07 -22.76
N SER I 201 46.94 78.17 -23.66
CA SER I 201 48.15 77.37 -23.51
C SER I 201 49.37 78.15 -24.01
N ILE I 202 50.54 77.67 -23.61
CA ILE I 202 51.80 78.33 -23.95
C ILE I 202 52.86 77.25 -24.07
N THR I 203 53.82 77.46 -24.97
CA THR I 203 54.73 76.39 -25.38
C THR I 203 55.87 76.23 -24.39
N ILE I 204 56.38 75.00 -24.30
CA ILE I 204 57.48 74.66 -23.40
C ILE I 204 58.58 73.96 -24.19
N ASN I 205 59.78 74.53 -24.13
CA ASN I 205 61.00 73.79 -24.47
C ASN I 205 62.03 74.05 -23.39
N TYR I 206 63.11 73.29 -23.45
CA TYR I 206 63.99 73.10 -22.30
C TYR I 206 65.32 73.81 -22.55
N ARG I 207 65.78 74.55 -21.54
CA ARG I 207 67.12 75.12 -21.58
C ARG I 207 68.10 73.98 -21.31
N LYS I 208 68.43 73.26 -22.37
CA LYS I 208 69.20 72.02 -22.28
C LYS I 208 70.62 72.28 -22.78
N ASN I 209 71.62 71.93 -21.96
CA ASN I 209 72.99 72.26 -22.27
C ASN I 209 73.93 71.08 -22.05
N GLU I 210 75.11 71.19 -22.64
CA GLU I 210 76.22 70.30 -22.39
C GLU I 210 76.77 70.57 -20.99
N LEU I 211 77.50 69.57 -20.45
CA LEU I 211 78.09 69.41 -19.12
C LEU I 211 77.02 69.06 -18.08
N GLU I 212 75.74 69.16 -18.43
CA GLU I 212 74.66 68.59 -17.66
C GLU I 212 74.01 67.45 -18.41
N GLN I 213 73.99 67.53 -19.73
CA GLN I 213 73.53 66.43 -20.58
C GLN I 213 74.46 65.23 -20.48
N LYS I 214 75.77 65.47 -20.52
CA LYS I 214 76.71 64.36 -20.58
C LYS I 214 76.91 63.75 -19.20
N MET I 215 76.81 64.55 -18.14
CA MET I 215 76.99 64.00 -16.82
C MET I 215 75.74 63.25 -16.36
N LEU I 216 74.62 63.44 -17.03
CA LEU I 216 73.45 62.68 -16.67
C LEU I 216 73.35 61.43 -17.53
N LEU I 217 73.87 61.53 -18.76
CA LEU I 217 74.02 60.37 -19.63
C LEU I 217 75.01 59.38 -19.03
N ASN I 218 76.25 59.83 -18.86
CA ASN I 218 77.36 58.93 -18.55
C ASN I 218 77.34 58.45 -17.11
N LEU I 219 76.58 59.08 -16.23
CA LEU I 219 76.64 58.65 -14.83
C LEU I 219 75.44 57.80 -14.43
N HIS I 220 74.36 57.83 -15.18
CA HIS I 220 73.23 56.99 -14.84
C HIS I 220 73.33 55.60 -15.47
N LYS I 221 73.92 55.51 -16.66
CA LYS I 221 74.08 54.25 -17.36
C LYS I 221 75.56 54.11 -17.72
N LYS I 222 76.28 53.32 -16.94
CA LYS I 222 77.70 53.11 -17.17
C LYS I 222 78.08 51.79 -16.50
N SER I 223 79.11 51.15 -17.05
CA SER I 223 79.67 49.92 -16.51
C SER I 223 81.09 49.78 -17.03
N TRP I 224 82.07 49.85 -16.15
CA TRP I 224 83.46 49.86 -16.59
C TRP I 224 84.08 48.46 -16.62
N MET I 225 84.19 47.82 -15.45
CA MET I 225 84.79 46.50 -15.40
C MET I 225 83.83 45.42 -15.85
N GLU I 226 82.54 45.74 -15.94
CA GLU I 226 81.55 44.81 -16.48
C GLU I 226 81.75 44.58 -17.97
N GLY I 227 82.42 45.50 -18.66
CA GLY I 227 82.59 45.42 -20.10
C GLY I 227 83.43 44.25 -20.58
N LEU I 228 84.10 43.54 -19.69
CA LEU I 228 84.92 42.40 -20.08
C LEU I 228 84.72 41.24 -19.11
N THR I 229 83.54 41.11 -18.55
CA THR I 229 83.23 39.95 -17.72
C THR I 229 82.77 38.80 -18.61
N LEU I 230 82.32 37.71 -18.00
CA LEU I 230 82.14 36.49 -18.76
C LEU I 230 80.74 35.89 -18.72
N GLN I 231 80.02 36.04 -17.58
CA GLN I 231 78.78 35.33 -17.21
C GLN I 231 78.86 33.84 -17.59
N ASP I 232 79.81 33.15 -16.96
CA ASP I 232 80.85 32.49 -17.72
C ASP I 232 80.38 31.47 -18.75
N TYR I 233 80.08 30.23 -18.32
CA TYR I 233 79.66 29.23 -19.30
C TYR I 233 78.60 28.26 -18.82
N SER I 234 78.35 28.17 -17.51
CA SER I 234 77.39 27.20 -17.02
C SER I 234 75.97 27.59 -17.38
N GLU I 235 75.71 28.87 -17.54
CA GLU I 235 74.43 29.37 -18.02
C GLU I 235 74.49 29.89 -19.43
N HIS I 236 75.69 30.20 -19.94
CA HIS I 236 75.80 30.67 -21.31
C HIS I 236 75.65 29.51 -22.29
N CYS I 237 76.45 28.45 -22.11
CA CYS I 237 76.30 27.26 -22.93
C CYS I 237 75.00 26.53 -22.67
N LYS I 238 74.41 26.71 -21.49
CA LYS I 238 73.06 26.20 -21.25
C LYS I 238 72.03 26.94 -22.10
N HIS I 239 72.16 28.25 -22.21
CA HIS I 239 71.31 29.04 -23.08
C HIS I 239 71.51 28.72 -24.56
N ASN I 240 72.69 28.22 -24.93
CA ASN I 240 72.91 27.71 -26.28
C ASN I 240 72.10 26.46 -26.57
N GLU I 241 71.63 25.77 -25.56
CA GLU I 241 70.64 24.72 -25.76
C GLU I 241 69.23 25.29 -25.76
N SER I 242 69.03 26.40 -25.06
CA SER I 242 67.70 26.91 -24.78
C SER I 242 67.01 27.48 -26.00
N VAL I 243 67.76 27.81 -27.04
CA VAL I 243 67.17 28.43 -28.22
C VAL I 243 67.07 27.43 -29.37
N VAL I 244 68.11 26.61 -29.54
CA VAL I 244 68.25 25.69 -30.67
C VAL I 244 67.11 24.69 -30.72
N LYS I 245 66.60 24.30 -29.57
CA LYS I 245 65.61 23.23 -29.47
C LYS I 245 64.28 23.60 -30.11
N GLU I 246 63.71 24.75 -29.74
CA GLU I 246 62.49 25.19 -30.41
C GLU I 246 62.78 25.72 -31.80
N MET I 247 64.02 26.15 -32.05
CA MET I 247 64.41 26.55 -33.39
C MET I 247 64.43 25.35 -34.33
N LEU I 248 64.67 24.16 -33.79
CA LEU I 248 64.51 22.94 -34.58
C LEU I 248 63.04 22.76 -34.99
N GLU I 249 62.13 22.88 -34.03
CA GLU I 249 60.72 22.67 -34.33
C GLU I 249 60.16 23.77 -35.20
N LEU I 250 60.63 25.00 -34.99
CA LEU I 250 60.23 26.11 -35.83
C LEU I 250 60.84 25.99 -37.22
N ALA I 251 61.95 25.25 -37.36
CA ALA I 251 62.45 24.94 -38.70
C ALA I 251 61.57 23.93 -39.39
N LYS I 252 61.02 22.98 -38.62
CA LYS I 252 60.08 22.03 -39.20
C LYS I 252 58.79 22.72 -39.60
N ASN I 253 58.40 23.75 -38.85
CA ASN I 253 57.29 24.58 -39.28
C ASN I 253 57.67 25.41 -40.51
N TYR I 254 58.96 25.77 -40.63
CA TYR I 254 59.40 26.46 -41.83
C TYR I 254 59.43 25.51 -43.03
N ASN I 255 59.63 24.21 -42.77
CA ASN I 255 59.51 23.23 -43.84
C ASN I 255 58.10 23.19 -44.37
N LYS I 256 57.12 23.34 -43.48
CA LYS I 256 55.73 23.07 -43.79
C LYS I 256 55.16 24.06 -44.81
N ALA I 257 55.43 25.35 -44.60
CA ALA I 257 54.87 26.37 -45.48
C ALA I 257 55.56 26.39 -46.83
N VAL I 258 56.84 26.04 -46.88
CA VAL I 258 57.60 26.19 -48.12
C VAL I 258 57.32 25.01 -49.06
N GLU I 259 57.24 23.79 -48.54
CA GLU I 259 56.86 22.67 -49.39
C GLU I 259 55.36 22.65 -49.69
N GLU I 260 54.59 23.52 -49.03
CA GLU I 260 53.17 23.61 -49.34
C GLU I 260 53.00 24.22 -50.71
N GLU I 261 53.35 25.50 -50.84
CA GLU I 261 53.50 26.29 -52.08
C GLU I 261 52.43 25.98 -53.12
N ASP I 262 51.20 26.30 -52.77
CA ASP I 262 50.08 26.07 -53.66
C ASP I 262 49.54 27.39 -54.18
N LYS I 263 49.04 27.37 -55.41
CA LYS I 263 48.40 28.53 -56.00
C LYS I 263 46.99 28.64 -55.41
N MET I 264 46.94 29.17 -54.19
CA MET I 264 45.70 29.51 -53.50
C MET I 264 45.56 31.02 -53.50
N THR I 265 45.87 31.62 -54.67
CA THR I 265 46.08 33.04 -54.93
C THR I 265 47.12 33.52 -53.92
N PRO I 266 48.40 33.24 -54.16
CA PRO I 266 49.39 33.27 -53.06
C PRO I 266 49.65 34.65 -52.45
N GLU I 267 49.20 35.73 -53.09
CA GLU I 267 49.25 37.03 -52.42
C GLU I 267 48.11 37.17 -51.41
N GLN I 268 47.02 36.42 -51.62
CA GLN I 268 45.97 36.34 -50.62
C GLN I 268 46.29 35.30 -49.55
N LEU I 269 47.00 34.24 -49.94
CA LEU I 269 47.36 33.18 -49.00
C LEU I 269 48.38 33.67 -47.99
N ALA I 270 49.19 34.65 -48.37
CA ALA I 270 50.17 35.21 -47.44
C ALA I 270 49.54 36.23 -46.51
N ILE I 271 48.45 36.89 -46.93
CA ILE I 271 47.89 37.97 -46.13
C ILE I 271 46.80 37.48 -45.18
N LYS I 272 46.15 36.36 -45.48
CA LYS I 272 45.12 35.84 -44.59
C LYS I 272 45.68 34.99 -43.45
N ASN I 273 47.01 34.85 -43.36
CA ASN I 273 47.62 34.11 -42.27
C ASN I 273 48.82 34.87 -41.72
N VAL I 274 48.72 36.19 -41.63
CA VAL I 274 49.68 36.95 -40.84
C VAL I 274 49.41 36.65 -39.37
N GLY I 275 50.44 36.19 -38.67
CA GLY I 275 50.26 35.82 -37.27
C GLY I 275 51.43 36.13 -36.38
N LYS I 276 52.36 36.97 -36.87
CA LYS I 276 53.68 37.20 -36.30
C LYS I 276 54.37 35.85 -36.08
N GLN I 277 54.50 35.13 -37.19
CA GLN I 277 54.67 33.68 -37.13
C GLN I 277 55.79 33.28 -38.08
N ASP I 278 55.85 31.97 -38.36
CA ASP I 278 56.99 31.17 -38.82
C ASP I 278 57.98 31.77 -39.81
N PRO I 279 57.60 32.11 -41.07
CA PRO I 279 58.53 31.97 -42.21
C PRO I 279 59.76 32.87 -42.15
N LYS I 280 59.55 34.10 -41.71
CA LYS I 280 60.66 35.02 -41.51
C LYS I 280 60.63 35.71 -40.16
N ARG I 281 59.46 35.92 -39.57
CA ARG I 281 59.37 36.65 -38.31
C ARG I 281 59.89 35.80 -37.16
N HIS I 282 59.39 34.58 -37.03
CA HIS I 282 59.83 33.72 -35.94
C HIS I 282 61.11 32.98 -36.31
N LEU I 283 61.56 33.12 -37.56
CA LEU I 283 62.90 32.77 -38.02
C LEU I 283 63.92 33.78 -37.53
N GLU I 284 64.94 34.03 -38.35
CA GLU I 284 66.29 34.53 -38.06
C GLU I 284 66.51 35.53 -36.93
N GLU I 285 65.44 36.15 -36.40
CA GLU I 285 65.47 36.76 -35.08
C GLU I 285 66.20 35.90 -34.05
N HIS I 286 65.90 34.60 -34.01
CA HIS I 286 66.66 33.69 -33.13
C HIS I 286 68.11 33.57 -33.58
N VAL I 287 68.34 33.55 -34.90
CA VAL I 287 69.69 33.44 -35.45
C VAL I 287 70.52 34.66 -35.06
N ASP I 288 69.87 35.82 -34.94
CA ASP I 288 70.57 37.02 -34.48
C ASP I 288 70.99 36.87 -33.02
N VAL I 289 70.11 36.34 -32.18
CA VAL I 289 70.40 36.27 -30.74
C VAL I 289 71.45 35.21 -30.46
N LEU I 290 71.44 34.11 -31.22
CA LEU I 290 72.49 33.11 -31.12
C LEU I 290 73.82 33.65 -31.59
N MET I 291 73.79 34.55 -32.56
CA MET I 291 75.03 35.11 -33.09
C MET I 291 75.63 36.12 -32.12
N THR I 292 74.81 37.03 -31.60
CA THR I 292 75.32 38.11 -30.77
C THR I 292 75.81 37.59 -29.43
N SER I 293 75.16 36.56 -28.90
CA SER I 293 75.55 36.05 -27.59
C SER I 293 76.86 35.29 -27.67
N ASN I 294 77.08 34.52 -28.73
CA ASN I 294 78.24 33.66 -28.78
C ASN I 294 79.50 34.40 -29.22
N ILE I 295 79.36 35.37 -30.12
CA ILE I 295 80.52 36.13 -30.55
C ILE I 295 81.07 36.98 -29.41
N VAL I 296 80.20 37.72 -28.73
CA VAL I 296 80.62 38.60 -27.64
C VAL I 296 81.19 37.79 -26.48
N GLN I 297 80.68 36.57 -26.29
CA GLN I 297 81.26 35.65 -25.31
C GLN I 297 82.65 35.22 -25.73
N CYS I 298 82.79 34.69 -26.94
CA CYS I 298 84.07 34.09 -27.34
C CYS I 298 85.12 35.16 -27.63
N LEU I 299 84.70 36.34 -28.07
CA LEU I 299 85.68 37.39 -28.36
C LEU I 299 86.24 37.95 -27.07
N ALA I 300 85.41 38.07 -26.04
CA ALA I 300 85.91 38.52 -24.74
C ALA I 300 86.76 37.44 -24.09
N ALA I 301 86.55 36.18 -24.43
CA ALA I 301 87.36 35.12 -23.88
C ALA I 301 88.77 35.15 -24.47
N MET I 302 88.90 35.46 -25.76
CA MET I 302 90.22 35.44 -26.37
C MET I 302 91.03 36.66 -25.93
N LEU I 303 90.34 37.76 -25.61
CA LEU I 303 91.06 38.96 -25.18
C LEU I 303 91.65 38.80 -23.79
N ASP I 304 90.94 38.11 -22.89
CA ASP I 304 91.44 37.93 -21.54
C ASP I 304 92.66 37.03 -21.50
N THR I 305 92.75 36.09 -22.44
CA THR I 305 93.98 35.34 -22.62
C THR I 305 95.09 36.23 -23.15
N VAL I 306 94.74 37.18 -24.01
CA VAL I 306 95.74 38.10 -24.57
C VAL I 306 96.22 39.08 -23.51
N VAL I 307 95.28 39.69 -22.79
CA VAL I 307 95.65 40.79 -21.90
C VAL I 307 96.33 40.27 -20.64
N PHE I 308 95.76 39.25 -20.02
CA PHE I 308 96.27 38.75 -18.73
C PHE I 308 97.29 37.66 -19.03
N LYS I 309 98.57 38.04 -19.01
CA LYS I 309 99.70 37.22 -19.46
C LYS I 309 99.50 36.64 -20.86
N MET J 93 132.06 28.67 -95.27
CA MET J 93 130.98 27.85 -95.82
C MET J 93 131.47 26.40 -95.99
N TYR J 94 130.65 25.46 -95.51
CA TYR J 94 130.97 24.03 -95.43
C TYR J 94 132.26 23.79 -94.63
N GLU J 95 132.19 24.18 -93.36
CA GLU J 95 133.38 24.39 -92.54
C GLU J 95 133.59 23.25 -91.56
N GLN J 96 134.61 22.42 -91.83
CA GLN J 96 135.20 21.44 -90.90
C GLN J 96 134.15 20.46 -90.37
N LEU J 97 133.70 19.62 -91.30
CA LEU J 97 132.59 18.71 -91.02
C LEU J 97 132.97 17.65 -89.98
N LYS J 98 134.07 16.94 -90.20
CA LYS J 98 134.52 15.90 -89.28
C LYS J 98 136.01 16.06 -89.01
N GLY J 99 136.41 17.30 -88.68
CA GLY J 99 137.80 17.62 -88.47
C GLY J 99 138.44 16.92 -87.29
N GLU J 100 138.00 17.24 -86.08
CA GLU J 100 138.53 16.63 -84.87
C GLU J 100 137.43 16.03 -84.01
N TRP J 101 136.55 15.24 -84.62
CA TRP J 101 135.52 14.54 -83.87
C TRP J 101 135.58 13.03 -84.04
N ASN J 102 135.72 12.55 -85.28
CA ASN J 102 135.66 11.12 -85.54
C ASN J 102 136.84 10.37 -84.96
N ARG J 103 138.04 10.97 -84.96
CA ARG J 103 139.18 10.32 -84.31
C ARG J 103 139.21 10.60 -82.81
N LYS J 104 139.46 11.86 -82.45
CA LYS J 104 139.62 12.29 -81.05
C LYS J 104 139.22 13.75 -80.97
N SER J 105 138.69 14.15 -79.81
CA SER J 105 138.35 15.55 -79.55
C SER J 105 138.88 16.03 -78.21
N PRO J 106 140.19 16.32 -78.10
CA PRO J 106 140.68 17.05 -76.92
C PRO J 106 140.72 18.56 -77.11
N ASN J 107 140.29 19.06 -78.27
CA ASN J 107 140.55 20.44 -78.66
C ASN J 107 139.42 21.37 -78.24
N LEU J 108 139.79 22.61 -77.95
CA LEU J 108 138.84 23.69 -77.78
C LEU J 108 138.89 24.69 -78.92
N SER J 109 139.85 24.55 -79.85
CA SER J 109 139.99 25.49 -80.95
C SER J 109 138.89 25.29 -81.99
N LYS J 110 138.60 24.04 -82.33
CA LYS J 110 137.49 23.75 -83.23
C LYS J 110 136.13 23.99 -82.57
N CYS J 111 136.10 23.99 -81.23
CA CYS J 111 134.90 24.43 -80.52
C CYS J 111 134.66 25.92 -80.75
N GLY J 112 135.74 26.70 -80.85
CA GLY J 112 135.61 28.08 -81.27
C GLY J 112 135.33 28.22 -82.75
N GLU J 113 135.72 27.21 -83.54
CA GLU J 113 135.38 27.21 -84.96
C GLU J 113 133.95 26.74 -85.19
N GLU J 114 133.46 25.81 -84.37
CA GLU J 114 132.04 25.49 -84.37
C GLU J 114 131.20 26.67 -83.96
N LEU J 115 131.71 27.49 -83.02
CA LEU J 115 131.12 28.79 -82.73
C LEU J 115 131.10 29.69 -83.96
N GLY J 116 132.19 29.69 -84.73
CA GLY J 116 132.17 30.37 -86.02
C GLY J 116 131.26 29.70 -87.02
N ARG J 117 131.12 28.37 -86.92
CA ARG J 117 130.16 27.66 -87.75
C ARG J 117 128.73 27.98 -87.32
N LEU J 118 128.51 28.26 -86.03
CA LEU J 118 127.21 28.75 -85.59
C LEU J 118 126.96 30.16 -86.09
N LYS J 119 128.01 30.94 -86.30
CA LYS J 119 127.83 32.28 -86.87
C LYS J 119 127.51 32.20 -88.35
N LEU J 120 128.03 31.20 -89.04
CA LEU J 120 127.74 31.10 -90.48
C LEU J 120 126.33 30.61 -90.73
N VAL J 121 125.85 29.65 -89.94
CA VAL J 121 124.54 29.04 -90.20
C VAL J 121 123.42 29.99 -89.79
N LEU J 122 123.53 30.58 -88.61
CA LEU J 122 122.48 31.49 -88.15
C LEU J 122 122.62 32.90 -88.72
N LEU J 123 123.53 33.10 -89.67
CA LEU J 123 123.47 34.22 -90.58
C LEU J 123 123.18 33.80 -92.02
N GLU J 124 122.85 32.52 -92.28
CA GLU J 124 122.40 32.16 -93.62
C GLU J 124 121.06 32.80 -93.93
N LEU J 125 119.97 32.27 -93.36
CA LEU J 125 118.74 33.06 -93.31
C LEU J 125 118.10 33.11 -91.94
N ASN J 126 117.63 31.94 -91.47
CA ASN J 126 116.63 31.85 -90.42
C ASN J 126 116.32 30.37 -90.19
N PHE J 127 115.51 30.06 -89.18
CA PHE J 127 114.82 28.77 -89.13
C PHE J 127 113.37 28.93 -88.70
N LEU J 128 112.85 30.15 -88.64
CA LEU J 128 111.55 30.43 -88.04
C LEU J 128 110.33 30.06 -88.89
N PRO J 129 110.17 30.51 -90.20
CA PRO J 129 108.91 30.17 -90.88
C PRO J 129 108.75 28.70 -91.28
N THR J 130 109.73 28.17 -92.02
CA THR J 130 109.75 26.81 -92.58
C THR J 130 108.44 26.51 -93.34
N THR J 131 108.23 27.25 -94.42
CA THR J 131 106.96 27.13 -95.13
C THR J 131 106.92 25.89 -96.01
N GLY J 132 107.78 25.84 -97.01
CA GLY J 132 107.98 24.67 -97.84
C GLY J 132 109.47 24.47 -98.05
N THR J 133 109.88 24.42 -99.32
CA THR J 133 111.26 24.68 -99.75
C THR J 133 112.24 23.65 -99.15
N LYS J 134 112.21 22.45 -99.75
CA LYS J 134 113.21 21.43 -99.44
C LYS J 134 114.64 21.93 -99.64
N LEU J 135 114.85 22.92 -100.53
CA LEU J 135 116.16 23.54 -100.68
C LEU J 135 116.61 24.29 -99.44
N THR J 136 115.69 24.91 -98.69
CA THR J 136 116.09 25.49 -97.41
C THR J 136 115.98 24.47 -96.28
N LYS J 137 115.40 23.30 -96.54
CA LYS J 137 115.55 22.15 -95.68
C LYS J 137 116.90 21.47 -95.85
N GLN J 138 117.67 21.85 -96.87
CA GLN J 138 118.98 21.24 -97.08
C GLN J 138 119.96 21.64 -95.98
N GLN J 139 120.01 22.94 -95.65
CA GLN J 139 120.84 23.35 -94.52
C GLN J 139 120.20 22.96 -93.19
N LEU J 140 118.89 22.67 -93.17
CA LEU J 140 118.28 22.13 -91.96
C LEU J 140 118.76 20.73 -91.67
N ILE J 141 119.16 20.00 -92.70
CA ILE J 141 119.93 18.77 -92.48
C ILE J 141 121.28 19.12 -91.85
N LEU J 142 121.93 20.15 -92.39
CA LEU J 142 123.24 20.56 -91.89
C LEU J 142 123.18 21.14 -90.49
N ALA J 143 122.18 21.99 -90.22
CA ALA J 143 122.11 22.68 -88.94
C ALA J 143 121.81 21.72 -87.80
N ARG J 144 121.01 20.69 -88.06
CA ARG J 144 120.75 19.70 -87.02
C ARG J 144 121.97 18.82 -86.81
N ASP J 145 122.69 18.50 -87.89
CA ASP J 145 123.86 17.63 -87.77
C ASP J 145 124.98 18.31 -87.02
N ILE J 146 125.19 19.61 -87.26
CA ILE J 146 126.28 20.31 -86.57
C ILE J 146 125.92 20.63 -85.12
N LEU J 147 124.64 20.53 -84.75
CA LEU J 147 124.31 20.64 -83.33
C LEU J 147 124.25 19.29 -82.66
N GLU J 148 124.09 18.22 -83.43
CA GLU J 148 124.37 16.88 -82.91
C GLU J 148 125.83 16.74 -82.51
N ILE J 149 126.73 17.26 -83.35
CA ILE J 149 128.14 17.15 -83.05
C ILE J 149 128.53 18.18 -81.99
N GLY J 150 127.73 19.24 -81.83
CA GLY J 150 127.93 20.14 -80.72
C GLY J 150 127.41 19.56 -79.42
N ALA J 151 126.39 18.71 -79.51
CA ALA J 151 125.90 18.03 -78.32
C ALA J 151 126.85 16.93 -77.88
N GLN J 152 127.46 16.22 -78.83
CA GLN J 152 128.46 15.22 -78.50
C GLN J 152 129.69 15.87 -77.88
N TRP J 153 130.05 17.05 -78.39
CA TRP J 153 131.17 17.79 -77.80
C TRP J 153 130.82 18.36 -76.43
N SER J 154 129.55 18.68 -76.20
CA SER J 154 129.17 19.30 -74.93
C SER J 154 129.23 18.30 -73.78
N ILE J 155 128.81 17.07 -74.01
CA ILE J 155 128.87 16.08 -72.95
C ILE J 155 130.29 15.56 -72.79
N LEU J 156 131.11 15.65 -73.84
CA LEU J 156 132.48 15.18 -73.74
C LEU J 156 133.34 16.14 -72.92
N ARG J 157 132.99 17.43 -72.90
CA ARG J 157 133.82 18.43 -72.26
C ARG J 157 133.40 18.74 -70.83
N LYS J 158 132.40 18.03 -70.30
CA LYS J 158 131.90 18.17 -68.93
C LYS J 158 131.39 19.59 -68.66
N ASP J 159 130.30 19.92 -69.34
CA ASP J 159 129.72 21.26 -69.28
C ASP J 159 128.21 21.13 -69.09
N ILE J 160 127.72 21.61 -67.94
CA ILE J 160 126.32 21.47 -67.57
C ILE J 160 125.40 22.49 -68.26
N PRO J 161 125.62 23.86 -68.21
CA PRO J 161 124.61 24.75 -68.78
C PRO J 161 124.57 24.72 -70.30
N SER J 162 125.70 24.39 -70.92
CA SER J 162 125.74 24.41 -72.37
C SER J 162 125.15 23.15 -72.97
N PHE J 163 125.17 22.04 -72.23
CA PHE J 163 124.62 20.80 -72.76
C PHE J 163 123.12 20.90 -72.95
N GLU J 164 122.42 21.44 -71.96
CA GLU J 164 121.00 21.70 -72.11
C GLU J 164 120.71 22.85 -73.05
N ARG J 165 121.70 23.71 -73.31
CA ARG J 165 121.50 24.82 -74.23
C ARG J 165 121.42 24.32 -75.67
N TYR J 166 122.36 23.45 -76.06
CA TYR J 166 122.30 22.90 -77.42
C TYR J 166 121.18 21.89 -77.57
N MET J 167 120.87 21.14 -76.51
CA MET J 167 119.84 20.11 -76.59
C MET J 167 118.45 20.72 -76.75
N ALA J 168 118.23 21.89 -76.15
CA ALA J 168 116.95 22.59 -76.32
C ALA J 168 116.75 23.02 -77.77
N GLN J 169 117.81 23.50 -78.41
CA GLN J 169 117.70 23.95 -79.78
C GLN J 169 117.61 22.76 -80.73
N LEU J 170 118.24 21.64 -80.36
CA LEU J 170 118.00 20.38 -81.04
C LEU J 170 116.55 19.95 -80.92
N LYS J 171 115.99 20.05 -79.71
CA LYS J 171 114.58 19.76 -79.51
C LYS J 171 113.71 20.79 -80.22
N CYS J 172 114.19 22.03 -80.35
CA CYS J 172 113.50 23.02 -81.18
C CYS J 172 113.56 22.65 -82.66
N TYR J 173 114.56 21.87 -83.07
CA TYR J 173 114.61 21.48 -84.47
C TYR J 173 113.84 20.19 -84.73
N TYR J 174 113.50 19.44 -83.68
CA TYR J 174 112.45 18.45 -83.77
C TYR J 174 111.11 19.00 -83.36
N PHE J 175 111.04 20.31 -83.07
CA PHE J 175 109.83 21.10 -82.97
C PHE J 175 109.52 21.77 -84.32
N ASP J 176 109.91 21.13 -85.41
CA ASP J 176 109.69 21.69 -86.73
C ASP J 176 108.22 21.56 -87.11
N TYR J 177 107.64 22.67 -87.58
CA TYR J 177 106.22 22.69 -87.90
C TYR J 177 105.93 21.92 -89.18
N LYS J 178 106.78 22.06 -90.20
CA LYS J 178 106.59 21.44 -91.50
C LYS J 178 107.70 20.42 -91.66
N GLU J 179 107.48 19.23 -91.11
CA GLU J 179 108.54 18.26 -90.86
C GLU J 179 108.46 17.16 -91.91
N GLN J 180 109.08 17.40 -93.07
CA GLN J 180 109.25 16.33 -94.04
C GLN J 180 110.37 15.43 -93.57
N LEU J 181 111.59 15.99 -93.52
CA LEU J 181 112.68 15.69 -92.60
C LEU J 181 113.01 14.21 -92.47
N PRO J 182 113.73 13.62 -93.42
CA PRO J 182 114.16 12.22 -93.28
C PRO J 182 115.00 12.01 -92.03
N GLU J 183 114.85 10.83 -91.44
CA GLU J 183 115.22 10.60 -90.05
C GLU J 183 116.73 10.60 -89.86
N SER J 184 117.22 11.57 -89.10
CA SER J 184 118.61 11.56 -88.65
C SER J 184 118.74 10.53 -87.55
N ALA J 185 119.53 9.48 -87.80
CA ALA J 185 119.61 8.28 -86.96
C ALA J 185 120.27 8.51 -85.61
N TYR J 186 120.63 9.72 -85.21
CA TYR J 186 121.18 9.98 -83.89
C TYR J 186 120.13 10.49 -82.91
N MET J 187 118.86 10.55 -83.30
CA MET J 187 117.85 11.26 -82.52
C MET J 187 117.53 10.53 -81.21
N HIS J 188 117.44 9.21 -81.25
CA HIS J 188 116.87 8.47 -80.13
C HIS J 188 117.83 8.42 -78.95
N GLN J 189 119.12 8.22 -79.22
CA GLN J 189 120.06 8.32 -78.11
C GLN J 189 120.32 9.76 -77.72
N LEU J 190 120.08 10.72 -78.61
CA LEU J 190 120.20 12.13 -78.24
C LEU J 190 119.12 12.51 -77.24
N LEU J 191 117.90 12.03 -77.46
CA LEU J 191 116.86 12.19 -76.44
C LEU J 191 117.20 11.41 -75.17
N GLY J 192 117.83 10.25 -75.32
CA GLY J 192 118.20 9.46 -74.16
C GLY J 192 119.28 10.12 -73.33
N LEU J 193 120.12 10.94 -73.96
CA LEU J 193 121.04 11.79 -73.20
C LEU J 193 120.26 12.78 -72.35
N ASN J 194 119.27 13.44 -72.95
CA ASN J 194 118.48 14.43 -72.23
C ASN J 194 117.56 13.77 -71.22
N LEU J 195 117.01 12.60 -71.58
CA LEU J 195 116.09 11.90 -70.70
C LEU J 195 116.81 11.39 -69.46
N LEU J 196 118.08 11.01 -69.61
CA LEU J 196 118.84 10.55 -68.46
C LEU J 196 119.38 11.73 -67.65
N PHE J 197 119.72 12.83 -68.33
CA PHE J 197 120.21 14.03 -67.66
C PHE J 197 119.14 14.66 -66.80
N LEU J 198 117.93 14.73 -67.32
CA LEU J 198 116.84 15.40 -66.64
C LEU J 198 116.21 14.50 -65.58
N LEU J 199 116.51 13.20 -65.62
CA LEU J 199 116.30 12.35 -64.46
C LEU J 199 117.32 12.65 -63.37
N SER J 200 118.53 13.03 -63.77
CA SER J 200 119.63 13.09 -62.83
C SER J 200 119.55 14.30 -61.92
N GLN J 201 119.01 15.40 -62.43
CA GLN J 201 118.82 16.61 -61.64
C GLN J 201 117.45 16.68 -60.99
N ASN J 202 116.76 15.54 -60.88
CA ASN J 202 115.50 15.38 -60.15
C ASN J 202 114.39 16.26 -60.74
N ARG J 203 114.30 16.28 -62.07
CA ARG J 203 113.17 16.86 -62.76
C ARG J 203 112.21 15.76 -63.18
N VAL J 204 111.67 15.09 -62.17
CA VAL J 204 110.84 13.91 -62.40
C VAL J 204 109.50 14.30 -63.01
N ALA J 205 108.99 15.50 -62.70
CA ALA J 205 107.78 15.97 -63.34
C ALA J 205 108.02 16.29 -64.81
N GLU J 206 109.21 16.82 -65.11
CA GLU J 206 109.58 17.05 -66.49
C GLU J 206 109.99 15.76 -67.17
N PHE J 207 110.34 14.73 -66.41
CA PHE J 207 110.74 13.45 -66.97
C PHE J 207 109.57 12.79 -67.69
N HIS J 208 108.43 12.72 -67.03
CA HIS J 208 107.31 11.97 -67.57
C HIS J 208 106.53 12.77 -68.60
N THR J 209 106.56 14.10 -68.53
CA THR J 209 105.88 14.89 -69.53
C THR J 209 106.68 14.99 -70.83
N GLU J 210 107.96 14.63 -70.80
CA GLU J 210 108.73 14.55 -72.03
C GLU J 210 108.43 13.26 -72.78
N LEU J 211 108.04 12.20 -72.06
CA LEU J 211 107.85 10.87 -72.62
C LEU J 211 106.62 10.76 -73.52
N GLU J 212 105.84 11.82 -73.67
CA GLU J 212 104.62 11.77 -74.46
C GLU J 212 104.91 11.63 -75.94
N ARG J 213 106.05 12.15 -76.41
CA ARG J 213 106.30 12.31 -77.84
C ARG J 213 106.65 11.03 -78.58
N LEU J 214 106.79 9.90 -77.89
CA LEU J 214 107.20 8.68 -78.56
C LEU J 214 106.05 7.70 -78.64
N PRO J 215 105.60 7.34 -79.84
CA PRO J 215 104.43 6.45 -79.98
C PRO J 215 104.67 5.02 -79.51
N ALA J 216 105.71 4.38 -80.04
CA ALA J 216 105.96 2.98 -79.74
C ALA J 216 107.43 2.66 -79.50
N LYS J 217 108.32 3.64 -79.53
CA LYS J 217 109.73 3.39 -79.30
C LYS J 217 110.06 3.12 -77.84
N ASP J 218 109.13 3.34 -76.92
CA ASP J 218 109.39 3.10 -75.51
C ASP J 218 109.41 1.61 -75.21
N ILE J 219 108.55 0.85 -75.88
CA ILE J 219 108.29 -0.54 -75.52
C ILE J 219 108.81 -1.51 -76.59
N GLN J 220 108.59 -1.20 -77.86
CA GLN J 220 108.85 -2.15 -78.93
C GLN J 220 110.34 -2.36 -79.14
N THR J 221 111.12 -1.29 -79.11
CA THR J 221 112.54 -1.32 -79.41
C THR J 221 113.21 -0.20 -78.63
N ASN J 222 114.38 0.24 -79.11
CA ASN J 222 115.05 1.48 -78.70
C ASN J 222 115.45 1.44 -77.23
N VAL J 223 116.46 0.59 -76.98
CA VAL J 223 117.10 0.45 -75.68
C VAL J 223 117.66 1.77 -75.13
N TYR J 224 117.94 2.75 -76.01
CA TYR J 224 118.42 4.06 -75.55
C TYR J 224 117.36 4.81 -74.76
N ILE J 225 116.09 4.61 -75.08
CA ILE J 225 115.00 5.26 -74.37
C ILE J 225 114.46 4.26 -73.34
N LYS J 226 114.59 2.97 -73.66
CA LYS J 226 114.17 1.93 -72.73
C LYS J 226 115.04 1.89 -71.49
N HIS J 227 116.29 2.34 -71.57
CA HIS J 227 117.16 2.30 -70.39
C HIS J 227 116.76 3.31 -69.31
N PRO J 228 116.46 4.59 -69.58
CA PRO J 228 116.02 5.45 -68.47
C PRO J 228 114.63 5.14 -67.94
N VAL J 229 113.70 4.68 -68.77
CA VAL J 229 112.37 4.42 -68.24
C VAL J 229 112.33 3.11 -67.45
N SER J 230 113.20 2.15 -67.79
CA SER J 230 113.37 1.01 -66.91
C SER J 230 114.12 1.42 -65.65
N LEU J 231 115.01 2.40 -65.77
CA LEU J 231 115.71 2.93 -64.61
C LEU J 231 114.75 3.65 -63.67
N GLU J 232 113.90 4.51 -64.24
CA GLU J 232 112.93 5.26 -63.43
C GLU J 232 111.90 4.33 -62.81
N GLN J 233 111.59 3.22 -63.48
CA GLN J 233 110.75 2.19 -62.89
C GLN J 233 111.42 1.57 -61.68
N TYR J 234 112.74 1.45 -61.71
CA TYR J 234 113.45 0.84 -60.58
C TYR J 234 113.51 1.78 -59.39
N LEU J 235 113.46 3.09 -59.62
CA LEU J 235 113.39 4.04 -58.52
C LEU J 235 112.02 4.04 -57.83
N MET J 236 111.01 3.43 -58.43
CA MET J 236 109.66 3.56 -57.89
C MET J 236 109.46 2.71 -56.65
N GLU J 237 109.55 1.38 -56.79
CA GLU J 237 108.90 0.53 -55.80
C GLU J 237 109.73 0.36 -54.54
N GLY J 238 110.86 -0.35 -54.65
CA GLY J 238 111.78 -0.45 -53.54
C GLY J 238 113.21 -0.63 -53.99
N SER J 239 113.42 -0.53 -55.29
CA SER J 239 114.55 -1.19 -55.94
C SER J 239 115.71 -0.22 -56.11
N TYR J 240 116.38 0.07 -54.99
CA TYR J 240 117.60 0.87 -55.08
C TYR J 240 118.72 0.08 -55.72
N ASN J 241 118.89 -1.19 -55.32
CA ASN J 241 120.11 -1.92 -55.63
C ASN J 241 120.21 -2.30 -57.10
N LYS J 242 119.08 -2.51 -57.78
CA LYS J 242 119.10 -2.84 -59.20
C LYS J 242 119.61 -1.68 -60.04
N VAL J 243 119.41 -0.44 -59.57
CA VAL J 243 120.01 0.72 -60.22
C VAL J 243 121.53 0.65 -60.15
N PHE J 244 122.06 0.31 -58.97
CA PHE J 244 123.50 0.28 -58.77
C PHE J 244 124.13 -0.94 -59.39
N LEU J 245 123.34 -2.00 -59.63
CA LEU J 245 123.86 -3.18 -60.30
C LEU J 245 123.77 -3.10 -61.81
N ALA J 246 122.69 -2.53 -62.34
CA ALA J 246 122.54 -2.36 -63.78
C ALA J 246 123.18 -1.07 -64.29
N LYS J 247 124.05 -0.44 -63.49
CA LYS J 247 124.89 0.63 -64.00
C LYS J 247 125.82 0.10 -65.08
N GLY J 248 126.44 -1.05 -64.84
CA GLY J 248 127.41 -1.59 -65.77
C GLY J 248 126.83 -2.27 -67.00
N ASN J 249 125.84 -1.63 -67.64
CA ASN J 249 125.27 -2.14 -68.87
C ASN J 249 124.69 -0.94 -69.62
N ILE J 250 125.43 -0.43 -70.60
CA ILE J 250 124.97 0.69 -71.42
C ILE J 250 125.11 0.27 -72.88
N PRO J 251 124.09 0.47 -73.70
CA PRO J 251 124.28 0.22 -75.14
C PRO J 251 125.17 1.26 -75.80
N ALA J 252 125.12 2.50 -75.35
CA ALA J 252 125.86 3.61 -75.93
C ALA J 252 127.21 3.76 -75.24
N GLU J 253 127.84 4.93 -75.40
CA GLU J 253 128.93 5.37 -74.54
C GLU J 253 128.46 5.42 -73.09
N SER J 254 129.44 5.44 -72.17
CA SER J 254 129.24 5.00 -70.80
C SER J 254 128.29 5.86 -69.96
N TYR J 255 127.83 7.01 -70.48
CA TYR J 255 126.88 7.92 -69.82
C TYR J 255 127.40 8.40 -68.47
N THR J 256 128.73 8.57 -68.37
CA THR J 256 129.39 8.66 -67.07
C THR J 256 129.06 9.98 -66.38
N PHE J 257 128.95 11.07 -67.14
CA PHE J 257 128.66 12.37 -66.55
C PHE J 257 127.22 12.45 -66.06
N PHE J 258 126.34 11.57 -66.56
CA PHE J 258 124.97 11.52 -66.05
C PHE J 258 124.88 10.66 -64.81
N ILE J 259 125.41 9.43 -64.88
CA ILE J 259 125.13 8.41 -63.87
C ILE J 259 125.80 8.70 -62.54
N ASP J 260 126.93 9.41 -62.52
CA ASP J 260 127.62 9.65 -61.26
C ASP J 260 126.89 10.70 -60.43
N ILE J 261 126.38 11.75 -61.10
CA ILE J 261 125.48 12.68 -60.44
C ILE J 261 124.17 11.97 -60.11
N LEU J 262 123.74 11.04 -60.98
CA LEU J 262 122.51 10.29 -60.76
C LEU J 262 122.62 9.42 -59.52
N LEU J 263 123.75 8.75 -59.34
CA LEU J 263 123.89 7.93 -58.14
C LEU J 263 124.12 8.81 -56.91
N ASP J 264 124.78 9.95 -57.08
CA ASP J 264 125.03 10.84 -55.95
C ASP J 264 123.74 11.45 -55.42
N THR J 265 122.79 11.71 -56.30
CA THR J 265 121.49 12.15 -55.84
C THR J 265 120.58 10.99 -55.42
N ILE J 266 121.10 9.76 -55.46
CA ILE J 266 120.47 8.66 -54.72
C ILE J 266 121.14 8.49 -53.35
N ARG J 267 122.44 8.79 -53.25
CA ARG J 267 123.17 8.58 -52.00
C ARG J 267 122.68 9.52 -50.90
N ASP J 268 122.36 10.77 -51.26
CA ASP J 268 121.87 11.71 -50.26
C ASP J 268 120.46 11.37 -49.79
N GLU J 269 119.67 10.68 -50.63
CA GLU J 269 118.36 10.24 -50.19
C GLU J 269 118.48 9.09 -49.19
N ILE J 270 119.38 8.14 -49.45
CA ILE J 270 119.76 7.15 -48.45
C ILE J 270 120.39 7.83 -47.23
N ALA J 271 121.19 8.87 -47.46
CA ALA J 271 121.74 9.64 -46.35
C ALA J 271 120.64 10.36 -45.59
N GLY J 272 119.76 11.08 -46.32
CA GLY J 272 118.68 11.81 -45.68
C GLY J 272 117.66 10.92 -44.99
N CYS J 273 117.59 9.64 -45.38
CA CYS J 273 116.90 8.65 -44.58
C CYS J 273 117.68 8.25 -43.34
N ILE J 274 119.01 8.18 -43.43
CA ILE J 274 119.83 7.69 -42.32
C ILE J 274 120.42 8.84 -41.49
N GLU J 275 120.29 10.09 -41.95
CA GLU J 275 120.67 11.25 -41.15
C GLU J 275 119.63 11.62 -40.10
N LYS J 276 118.67 10.74 -39.80
CA LYS J 276 117.67 11.04 -38.79
C LYS J 276 118.27 10.93 -37.38
N ALA J 277 117.42 11.12 -36.38
CA ALA J 277 117.83 11.08 -34.98
C ALA J 277 118.09 9.67 -34.46
N TYR J 278 117.95 8.66 -35.33
CA TYR J 278 118.30 7.29 -35.01
C TYR J 278 119.82 7.23 -34.87
N GLU J 279 120.29 6.99 -33.64
CA GLU J 279 121.58 7.53 -33.20
C GLU J 279 122.76 6.81 -33.83
N LYS J 280 122.92 5.52 -33.55
CA LYS J 280 124.18 4.88 -33.86
C LYS J 280 123.97 3.61 -34.67
N ILE J 281 124.85 3.40 -35.63
CA ILE J 281 124.99 2.16 -36.37
C ILE J 281 126.47 1.85 -36.52
N LEU J 282 126.78 0.75 -37.18
CA LEU J 282 128.15 0.27 -37.29
C LEU J 282 128.57 0.36 -38.75
N PHE J 283 129.80 -0.04 -39.04
CA PHE J 283 130.32 0.02 -40.39
C PHE J 283 129.62 -0.95 -41.33
N THR J 284 129.08 -2.05 -40.80
CA THR J 284 128.36 -2.98 -41.67
C THR J 284 127.01 -2.40 -42.11
N GLU J 285 126.42 -1.49 -41.34
CA GLU J 285 125.27 -0.77 -41.82
C GLU J 285 125.65 0.25 -42.87
N ALA J 286 126.87 0.77 -42.83
CA ALA J 286 127.34 1.60 -43.92
C ALA J 286 127.45 0.78 -45.21
N THR J 287 127.89 -0.47 -45.10
CA THR J 287 127.98 -1.33 -46.28
C THR J 287 126.59 -1.68 -46.81
N ARG J 288 125.65 -1.99 -45.92
CA ARG J 288 124.30 -2.32 -46.37
C ARG J 288 123.55 -1.08 -46.84
N ILE J 289 123.39 -0.10 -45.95
CA ILE J 289 122.54 1.04 -46.28
C ILE J 289 123.28 2.02 -47.18
N LEU J 290 124.47 2.46 -46.77
CA LEU J 290 125.08 3.56 -47.52
C LEU J 290 125.70 3.06 -48.82
N PHE J 291 126.81 2.29 -48.73
CA PHE J 291 127.30 1.19 -49.59
C PHE J 291 128.72 0.81 -49.20
N PHE J 292 129.37 -0.04 -50.01
CA PHE J 292 130.83 -0.06 -50.11
C PHE J 292 131.61 -0.51 -48.88
N ASN J 293 131.81 -1.82 -48.69
CA ASN J 293 132.93 -2.30 -47.88
C ASN J 293 134.25 -1.62 -48.28
N THR J 294 135.19 -1.56 -47.31
CA THR J 294 135.96 -0.37 -46.90
C THR J 294 136.38 0.52 -48.06
N PRO J 295 135.72 1.66 -48.22
CA PRO J 295 135.97 2.55 -49.35
C PRO J 295 136.82 3.74 -49.00
N LYS J 296 137.05 4.63 -49.97
CA LYS J 296 137.38 6.01 -49.64
C LYS J 296 136.14 6.82 -49.29
N LYS J 297 134.95 6.27 -49.51
CA LYS J 297 133.70 6.97 -49.24
C LYS J 297 133.43 7.07 -47.74
N MET J 298 133.96 6.14 -46.95
CA MET J 298 133.83 6.28 -45.50
C MET J 298 134.73 7.39 -44.99
N THR J 299 135.82 7.68 -45.70
CA THR J 299 136.63 8.86 -45.40
C THR J 299 135.93 10.12 -45.92
N ASP J 300 135.16 9.98 -47.00
CA ASP J 300 134.41 11.10 -47.55
C ASP J 300 133.36 11.60 -46.57
N TYR J 301 132.54 10.68 -46.05
CA TYR J 301 131.54 11.09 -45.08
C TYR J 301 132.14 11.39 -43.71
N ALA J 302 133.37 10.95 -43.44
CA ALA J 302 134.03 11.34 -42.20
C ALA J 302 134.44 12.81 -42.24
N LYS J 303 134.82 13.31 -43.41
CA LYS J 303 135.27 14.70 -43.53
C LYS J 303 134.15 15.64 -43.94
N LYS J 304 133.20 15.17 -44.74
CA LYS J 304 132.06 16.00 -45.12
C LYS J 304 131.09 16.13 -43.96
N ARG J 305 130.51 15.00 -43.56
CA ARG J 305 129.64 14.88 -42.41
C ARG J 305 130.44 14.39 -41.20
N GLY J 306 129.75 13.90 -40.18
CA GLY J 306 130.39 13.29 -39.04
C GLY J 306 130.57 11.81 -39.31
N TRP J 307 129.77 10.95 -38.63
CA TRP J 307 129.72 9.51 -38.88
C TRP J 307 131.08 8.85 -38.68
N VAL J 308 131.83 9.34 -37.70
CA VAL J 308 133.21 8.92 -37.51
C VAL J 308 133.23 7.53 -36.87
N LEU J 309 134.03 6.63 -37.44
CA LEU J 309 134.20 5.29 -36.89
C LEU J 309 134.98 5.38 -35.58
N GLY J 310 134.29 5.27 -34.47
CA GLY J 310 134.93 5.23 -33.18
C GLY J 310 135.31 3.81 -32.82
N PRO J 311 134.88 3.34 -31.65
CA PRO J 311 135.10 1.92 -31.28
C PRO J 311 134.15 0.98 -32.01
N ASN J 312 134.36 0.90 -33.33
CA ASN J 312 133.51 0.16 -34.29
C ASN J 312 132.06 0.60 -34.17
N ASN J 313 131.84 1.91 -34.32
CA ASN J 313 130.53 2.49 -34.10
C ASN J 313 130.49 3.84 -34.80
N TYR J 314 129.46 4.07 -35.60
CA TYR J 314 129.22 5.40 -36.12
C TYR J 314 128.30 6.17 -35.20
N TYR J 315 128.58 7.46 -35.03
CA TYR J 315 127.76 8.35 -34.22
C TYR J 315 127.07 9.35 -35.14
N SER J 316 125.77 9.17 -35.33
CA SER J 316 124.93 10.18 -35.97
C SER J 316 124.17 10.91 -34.87
N PHE J 317 124.25 12.23 -34.88
CA PHE J 317 123.65 13.04 -33.83
C PHE J 317 122.14 13.04 -33.97
N ALA J 318 121.46 13.53 -32.92
CA ALA J 318 120.02 13.62 -32.93
C ALA J 318 119.59 14.77 -33.83
N SER J 319 118.84 14.45 -34.89
CA SER J 319 118.20 15.46 -35.73
C SER J 319 116.78 15.77 -35.27
N GLN J 320 116.51 15.61 -33.98
CA GLN J 320 115.18 15.76 -33.43
C GLN J 320 114.90 17.21 -33.08
N GLN J 321 113.69 17.66 -33.40
CA GLN J 321 113.26 19.02 -33.10
C GLN J 321 112.86 19.15 -31.63
N GLN J 322 112.51 20.36 -31.22
CA GLN J 322 112.16 20.65 -29.84
C GLN J 322 110.67 20.80 -29.61
N LYS J 323 109.91 21.18 -30.63
CA LYS J 323 108.47 21.46 -30.62
C LYS J 323 108.02 22.40 -29.50
N PRO J 324 108.40 23.70 -29.50
CA PRO J 324 107.84 24.60 -28.48
C PRO J 324 106.42 25.02 -28.83
N GLU J 325 105.43 24.44 -28.17
CA GLU J 325 104.04 24.70 -28.49
C GLU J 325 103.28 25.20 -27.26
N ASP J 326 102.44 26.20 -27.49
CA ASP J 326 101.36 26.59 -26.61
C ASP J 326 100.02 26.32 -27.26
N THR J 327 99.88 26.80 -28.50
CA THR J 327 98.80 26.58 -29.46
C THR J 327 97.48 27.22 -28.99
N THR J 328 97.46 27.89 -27.85
CA THR J 328 96.51 28.95 -27.55
C THR J 328 97.01 30.29 -28.01
N ILE J 329 98.30 30.39 -28.30
CA ILE J 329 98.94 31.56 -28.92
C ILE J 329 98.36 31.94 -30.27
N PRO J 330 97.63 31.07 -31.03
CA PRO J 330 96.61 31.65 -31.90
C PRO J 330 95.42 32.16 -31.10
N SER J 331 95.63 33.27 -30.40
CA SER J 331 94.60 33.99 -29.66
C SER J 331 94.29 35.32 -30.30
N THR J 332 95.29 36.00 -30.84
CA THR J 332 95.04 37.24 -31.56
C THR J 332 94.40 36.98 -32.91
N GLU J 333 94.96 36.03 -33.66
CA GLU J 333 94.38 35.72 -34.96
C GLU J 333 93.03 35.03 -34.83
N LEU J 334 92.80 34.31 -33.73
CA LEU J 334 91.48 33.74 -33.50
C LEU J 334 90.49 34.82 -33.07
N ALA J 335 90.94 35.81 -32.30
CA ALA J 335 90.07 36.93 -31.99
C ALA J 335 89.85 37.79 -33.23
N LYS J 336 90.85 37.85 -34.10
CA LYS J 336 90.68 38.52 -35.38
C LYS J 336 89.67 37.80 -36.25
N GLN J 337 89.74 36.47 -36.25
CA GLN J 337 88.93 35.63 -37.14
C GLN J 337 87.45 35.72 -36.79
N VAL J 338 87.14 36.01 -35.53
CA VAL J 338 85.75 36.21 -35.12
C VAL J 338 85.23 37.56 -35.63
N ILE J 339 86.10 38.55 -35.78
CA ILE J 339 85.65 39.92 -36.06
C ILE J 339 85.08 40.04 -37.47
N GLU J 340 85.74 39.44 -38.47
CA GLU J 340 85.21 39.53 -39.82
C GLU J 340 83.96 38.69 -40.03
N TYR J 341 83.62 37.83 -39.07
CA TYR J 341 82.33 37.17 -39.12
C TYR J 341 81.22 38.19 -38.91
N ALA J 342 81.25 38.89 -37.77
CA ALA J 342 80.22 39.88 -37.45
C ALA J 342 80.30 41.09 -38.37
N ARG J 343 81.47 41.36 -38.93
CA ARG J 343 81.63 42.42 -39.90
C ARG J 343 80.83 42.12 -41.17
N GLN J 344 80.99 40.91 -41.69
CA GLN J 344 80.34 40.53 -42.93
C GLN J 344 78.87 40.24 -42.76
N LEU J 345 78.40 40.02 -41.53
CA LEU J 345 76.97 39.98 -41.28
C LEU J 345 76.38 41.38 -41.37
N GLU J 346 77.03 42.33 -40.72
CA GLU J 346 76.58 43.72 -40.71
C GLU J 346 77.19 44.44 -41.92
N MET J 347 77.16 45.77 -41.90
CA MET J 347 77.95 46.68 -42.73
C MET J 347 77.47 46.77 -44.17
N ILE J 348 76.58 45.88 -44.59
CA ILE J 348 75.88 45.99 -45.87
C ILE J 348 74.41 46.21 -45.53
N VAL J 349 74.01 47.47 -45.47
CA VAL J 349 72.71 47.81 -44.96
C VAL J 349 71.90 48.47 -46.06
N MET K 1 72.59 19.04 -73.26
CA MET K 1 73.68 20.00 -73.25
C MET K 1 75.00 19.29 -73.49
N SER K 2 75.32 19.07 -74.75
CA SER K 2 76.60 18.45 -75.10
C SER K 2 77.74 19.43 -74.86
N GLU K 3 78.93 18.87 -74.67
CA GLU K 3 80.15 19.66 -74.56
C GLU K 3 81.09 19.42 -75.73
N LYS K 4 80.64 18.63 -76.72
CA LYS K 4 81.47 18.11 -77.82
C LYS K 4 82.69 17.37 -77.29
N LYS K 5 82.50 16.69 -76.16
CA LYS K 5 83.55 15.94 -75.49
C LYS K 5 83.07 14.50 -75.36
N GLN K 6 82.04 14.14 -76.12
CA GLN K 6 81.40 12.83 -76.18
C GLN K 6 82.15 11.72 -76.91
N PRO K 7 82.98 12.01 -77.94
CA PRO K 7 82.85 11.33 -79.25
C PRO K 7 82.78 9.80 -79.23
N VAL K 8 83.37 9.15 -78.22
CA VAL K 8 83.24 7.70 -78.10
C VAL K 8 81.81 7.33 -77.73
N ASP K 9 81.31 7.90 -76.64
CA ASP K 9 80.01 7.50 -76.10
C ASP K 9 79.14 8.71 -75.79
N GLU K 40 69.49 -11.08 -56.22
CA GLU K 40 70.83 -10.54 -56.06
C GLU K 40 71.86 -11.38 -56.80
N ASP K 41 72.19 -10.96 -58.02
CA ASP K 41 73.33 -11.56 -58.72
C ASP K 41 74.56 -10.67 -58.56
N ASN K 42 74.48 -9.45 -59.08
CA ASN K 42 75.46 -8.40 -58.87
C ASN K 42 74.72 -7.09 -58.64
N TRP K 43 73.58 -7.18 -57.95
CA TRP K 43 72.68 -6.05 -57.87
C TRP K 43 73.11 -5.05 -56.79
N ASP K 44 73.68 -5.53 -55.69
CA ASP K 44 74.22 -4.63 -54.67
C ASP K 44 75.47 -5.23 -54.04
N ASP K 45 76.27 -5.95 -54.82
CA ASP K 45 77.29 -6.84 -54.29
C ASP K 45 78.67 -6.20 -54.20
N ASP K 46 78.89 -5.07 -54.87
CA ASP K 46 80.25 -4.69 -55.25
C ASP K 46 81.03 -4.13 -54.06
N ASN K 47 80.35 -3.70 -53.00
CA ASN K 47 81.08 -3.37 -51.77
C ASN K 47 81.56 -4.65 -51.08
N VAL K 48 80.67 -5.64 -50.97
CA VAL K 48 81.05 -6.94 -50.44
C VAL K 48 81.99 -7.65 -51.39
N GLU K 49 81.85 -7.42 -52.69
CA GLU K 49 82.71 -8.06 -53.67
C GLU K 49 84.10 -7.43 -53.68
N ASP K 50 84.19 -6.11 -53.54
CA ASP K 50 85.50 -5.48 -53.39
C ASP K 50 86.16 -5.85 -52.08
N ASP K 51 85.39 -6.31 -51.09
CA ASP K 51 86.00 -6.73 -49.83
C ASP K 51 86.59 -8.12 -49.98
N PHE K 52 85.73 -9.13 -50.17
CA PHE K 52 86.18 -10.51 -50.44
C PHE K 52 85.63 -10.92 -51.80
N SER K 53 86.42 -11.70 -52.54
CA SER K 53 85.95 -12.27 -53.79
C SER K 53 86.05 -13.79 -53.84
N ASN K 54 87.21 -14.35 -53.48
CA ASN K 54 87.47 -15.77 -53.76
C ASN K 54 88.23 -16.44 -52.61
N GLN K 55 87.84 -16.18 -51.37
CA GLN K 55 88.62 -16.65 -50.23
C GLN K 55 88.11 -17.99 -49.70
N LEU K 56 87.97 -18.94 -50.63
CA LEU K 56 87.30 -20.23 -50.44
C LEU K 56 85.94 -20.03 -49.76
N ARG K 57 85.06 -19.43 -50.55
CA ARG K 57 83.74 -18.91 -50.16
C ARG K 57 82.80 -19.91 -49.49
N ALA K 58 83.12 -21.20 -49.56
CA ALA K 58 82.38 -22.18 -48.77
C ALA K 58 82.61 -22.01 -47.28
N GLU K 59 83.78 -21.49 -46.90
CA GLU K 59 84.07 -20.94 -45.56
C GLU K 59 83.97 -21.96 -44.45
N LEU K 60 84.12 -23.22 -44.78
CA LEU K 60 83.96 -24.31 -43.82
C LEU K 60 85.13 -25.28 -43.82
N GLU K 61 85.68 -25.59 -44.98
CA GLU K 61 86.66 -26.67 -45.10
C GLU K 61 88.03 -26.27 -44.59
N LYS K 62 88.28 -24.99 -44.40
CA LYS K 62 89.44 -24.51 -43.66
C LYS K 62 89.06 -23.59 -42.53
N HIS K 63 88.12 -22.69 -42.77
CA HIS K 63 87.73 -21.69 -41.77
C HIS K 63 87.04 -22.34 -40.57
N GLY K 64 86.39 -23.48 -40.77
CA GLY K 64 85.82 -24.20 -39.65
C GLY K 64 86.64 -25.42 -39.31
N TYR K 65 87.51 -25.84 -40.22
CA TYR K 65 88.32 -27.05 -40.04
C TYR K 65 89.75 -26.71 -39.63
N LYS K 66 89.89 -25.73 -38.75
CA LYS K 66 91.19 -25.50 -38.12
C LYS K 66 91.51 -26.57 -37.11
N MET K 67 90.47 -27.16 -36.50
CA MET K 67 90.63 -27.83 -35.21
C MET K 67 91.38 -29.15 -35.32
N GLU K 68 91.40 -29.76 -36.49
CA GLU K 68 92.25 -30.93 -36.65
C GLU K 68 93.72 -30.56 -36.80
N THR K 69 94.02 -29.30 -37.12
CA THR K 69 95.41 -28.88 -37.16
C THR K 69 95.92 -28.48 -35.78
N SER K 70 95.03 -28.05 -34.90
CA SER K 70 95.42 -27.73 -33.54
C SER K 70 95.28 -28.95 -32.65
N MET L 1 13.23 6.73 -49.82
CA MET L 1 13.80 6.96 -51.14
C MET L 1 14.25 5.64 -51.76
N GLU L 2 13.35 4.67 -51.80
CA GLU L 2 13.63 3.37 -52.42
C GLU L 2 13.01 3.39 -53.82
N GLU L 3 13.73 4.03 -54.75
CA GLU L 3 13.32 4.08 -56.15
C GLU L 3 14.10 3.03 -56.95
N GLY L 4 13.65 2.81 -58.18
CA GLY L 4 14.24 1.77 -59.00
C GLY L 4 13.57 0.43 -58.81
N GLY L 5 13.37 -0.30 -59.90
CA GLY L 5 12.67 -1.55 -59.87
C GLY L 5 11.23 -1.48 -60.33
N ARG L 6 10.57 -0.34 -60.11
CA ARG L 6 9.21 -0.12 -60.61
C ARG L 6 9.15 1.08 -61.53
N ASP L 7 10.29 1.52 -62.05
CA ASP L 7 10.34 2.67 -62.95
C ASP L 7 10.09 2.17 -64.36
N LYS L 8 8.83 1.83 -64.64
CA LYS L 8 8.46 1.37 -65.96
C LYS L 8 8.45 2.53 -66.94
N ALA L 9 7.62 3.53 -66.66
CA ALA L 9 7.46 4.75 -67.44
C ALA L 9 8.70 5.63 -67.57
N PRO L 10 9.67 5.65 -66.61
CA PRO L 10 10.95 6.31 -66.95
C PRO L 10 11.91 5.45 -67.76
N VAL L 11 11.45 4.35 -68.35
CA VAL L 11 12.32 3.50 -69.17
C VAL L 11 11.74 3.31 -70.57
N GLN L 12 10.52 2.81 -70.65
CA GLN L 12 9.99 2.45 -71.97
C GLN L 12 9.50 3.70 -72.73
N PRO L 13 8.82 4.68 -72.11
CA PRO L 13 8.72 6.00 -72.76
C PRO L 13 9.99 6.84 -72.67
N GLN L 14 11.05 6.34 -72.07
CA GLN L 14 12.37 6.94 -72.26
C GLN L 14 13.06 6.40 -73.51
N GLN L 15 12.72 5.17 -73.90
CA GLN L 15 13.34 4.49 -75.03
C GLN L 15 12.54 4.59 -76.32
N SER L 16 11.22 4.42 -76.27
CA SER L 16 10.42 4.38 -77.49
C SER L 16 10.30 5.74 -78.19
N PRO L 17 10.17 6.89 -77.51
CA PRO L 17 10.40 8.15 -78.22
C PRO L 17 11.86 8.43 -78.54
N ALA L 18 12.81 7.79 -77.85
CA ALA L 18 14.19 7.88 -78.28
C ALA L 18 14.42 7.01 -79.51
N ALA L 19 13.66 5.93 -79.64
CA ALA L 19 13.65 5.12 -80.85
C ALA L 19 12.67 5.62 -81.89
N ALA L 20 12.04 6.78 -81.65
CA ALA L 20 11.17 7.37 -82.66
C ALA L 20 11.97 8.05 -83.77
N PRO L 21 13.10 8.75 -83.52
CA PRO L 21 14.01 9.02 -84.65
C PRO L 21 14.70 7.77 -85.16
N GLY L 22 14.85 6.75 -84.34
CA GLY L 22 15.28 5.46 -84.84
C GLY L 22 14.22 4.67 -85.56
N GLY L 23 12.97 5.16 -85.55
CA GLY L 23 11.90 4.51 -86.25
C GLY L 23 10.89 5.44 -86.91
N THR L 24 11.32 6.67 -87.25
CA THR L 24 10.50 7.51 -88.11
C THR L 24 10.74 7.17 -89.57
N ASP L 25 11.99 7.28 -90.02
CA ASP L 25 12.40 6.70 -91.29
C ASP L 25 12.57 5.20 -91.09
N GLU L 26 12.43 4.46 -92.20
CA GLU L 26 12.51 3.00 -92.37
C GLU L 26 11.59 2.20 -91.45
N LYS L 27 10.66 2.86 -90.75
CA LYS L 27 9.66 2.19 -89.92
C LYS L 27 8.39 3.01 -89.99
N PRO L 28 7.54 2.74 -90.99
CA PRO L 28 6.29 3.51 -91.10
C PRO L 28 5.27 3.13 -90.05
N SER L 29 5.33 1.90 -89.53
CA SER L 29 4.40 1.50 -88.49
C SER L 29 4.83 2.05 -87.13
N GLY L 30 6.10 1.86 -86.78
CA GLY L 30 6.61 2.33 -85.51
C GLY L 30 6.69 3.83 -85.38
N LYS L 31 6.72 4.55 -86.49
CA LYS L 31 6.54 5.99 -86.46
C LYS L 31 5.14 6.38 -86.02
N GLU L 32 4.13 5.60 -86.42
CA GLU L 32 2.74 5.93 -86.22
C GLU L 32 2.14 5.26 -84.99
N ARG L 33 2.38 3.96 -84.82
CA ARG L 33 1.66 3.21 -83.80
C ARG L 33 2.28 3.37 -82.42
N ARG L 34 3.60 3.50 -82.36
CA ARG L 34 4.23 3.85 -81.08
C ARG L 34 3.93 5.30 -80.71
N ASP L 35 3.67 6.15 -81.70
CA ASP L 35 3.21 7.50 -81.42
C ASP L 35 1.80 7.48 -80.86
N ALA L 36 0.95 6.58 -81.37
CA ALA L 36 -0.42 6.48 -80.86
C ALA L 36 -0.46 5.84 -79.49
N GLY L 37 0.40 4.85 -79.24
CA GLY L 37 0.53 4.29 -77.91
C GLY L 37 1.15 5.23 -76.91
N ASP L 38 2.00 6.15 -77.38
CA ASP L 38 2.54 7.19 -76.51
C ASP L 38 1.46 8.22 -76.19
N LYS L 39 0.65 8.57 -77.18
CA LYS L 39 -0.22 9.73 -77.07
C LYS L 39 -1.39 9.48 -76.12
N ASP L 40 -2.03 8.32 -76.23
CA ASP L 40 -3.19 8.03 -75.39
C ASP L 40 -2.79 7.73 -73.95
N LYS L 41 -1.61 7.12 -73.76
CA LYS L 41 -1.16 6.80 -72.42
C LYS L 41 -0.69 8.05 -71.69
N GLU L 42 -0.04 8.98 -72.40
CA GLU L 42 0.28 10.28 -71.82
C GLU L 42 -0.99 11.07 -71.57
N GLN L 43 -2.00 10.90 -72.41
CA GLN L 43 -3.30 11.51 -72.17
C GLN L 43 -3.98 10.88 -70.96
N GLU L 44 -3.85 9.56 -70.79
CA GLU L 44 -4.52 8.89 -69.67
C GLU L 44 -3.81 9.15 -68.34
N LEU L 45 -2.50 9.35 -68.35
CA LEU L 45 -1.75 9.70 -67.14
C LEU L 45 -1.82 11.19 -66.81
N SER L 46 -2.80 11.91 -67.32
CA SER L 46 -3.04 13.29 -66.92
C SER L 46 -4.48 13.59 -66.57
N GLU L 47 -5.44 12.71 -66.89
CA GLU L 47 -6.85 13.09 -66.77
C GLU L 47 -7.33 13.04 -65.33
N GLU L 48 -6.79 12.13 -64.52
CA GLU L 48 -7.10 12.17 -63.10
C GLU L 48 -6.35 13.36 -62.50
N ASP L 49 -7.10 14.29 -61.92
CA ASP L 49 -6.46 15.38 -61.19
C ASP L 49 -6.37 15.05 -59.71
N LYS L 50 -5.91 13.82 -59.47
CA LYS L 50 -5.42 13.36 -58.18
C LYS L 50 -4.09 12.68 -58.38
N GLN L 51 -3.47 12.85 -59.54
CA GLN L 51 -2.06 12.56 -59.76
C GLN L 51 -1.54 13.73 -60.58
N LEU L 52 -1.13 14.80 -59.90
CA LEU L 52 -0.47 15.86 -60.63
C LEU L 52 0.93 15.44 -61.06
N GLN L 53 1.59 14.63 -60.24
CA GLN L 53 2.79 13.94 -60.69
C GLN L 53 2.42 13.00 -61.83
N ASP L 54 3.11 13.18 -62.96
CA ASP L 54 2.86 12.41 -64.16
C ASP L 54 4.15 11.71 -64.55
N GLU L 55 4.07 10.38 -64.69
CA GLU L 55 5.26 9.55 -64.85
C GLU L 55 5.92 9.68 -66.22
N LEU L 56 5.37 10.49 -67.12
CA LEU L 56 6.03 10.85 -68.37
C LEU L 56 6.30 12.33 -68.50
N GLU L 57 5.35 13.16 -68.06
CA GLU L 57 5.28 14.56 -68.46
C GLU L 57 6.42 15.38 -67.89
N MET L 58 7.01 14.95 -66.79
CA MET L 58 8.30 15.46 -66.35
C MET L 58 9.36 14.36 -66.34
N LEU L 59 9.18 13.33 -67.14
CA LEU L 59 10.18 12.28 -67.33
C LEU L 59 10.65 12.17 -68.76
N VAL L 60 9.78 12.46 -69.73
CA VAL L 60 10.16 12.20 -71.11
C VAL L 60 11.01 13.34 -71.69
N GLU L 61 10.81 14.57 -71.23
CA GLU L 61 11.39 15.71 -71.93
C GLU L 61 12.83 16.00 -71.52
N ARG L 62 13.39 15.21 -70.60
CA ARG L 62 14.82 15.30 -70.30
C ARG L 62 15.66 15.01 -71.53
N LEU L 63 15.24 14.03 -72.34
CA LEU L 63 15.73 13.91 -73.70
C LEU L 63 14.69 14.36 -74.72
N GLY L 64 13.41 14.37 -74.35
CA GLY L 64 12.34 14.64 -75.29
C GLY L 64 12.26 16.06 -75.78
N GLU L 65 12.82 17.01 -75.02
CA GLU L 65 12.88 18.38 -75.50
C GLU L 65 13.85 18.52 -76.66
N LYS L 66 15.03 17.89 -76.54
CA LYS L 66 15.95 17.82 -77.68
C LYS L 66 15.42 16.89 -78.76
N ASP L 67 14.56 15.93 -78.39
CA ASP L 67 13.92 15.09 -79.38
C ASP L 67 12.94 15.88 -80.24
N THR L 68 11.98 16.56 -79.59
CA THR L 68 10.92 17.29 -80.30
C THR L 68 11.50 18.45 -81.11
N SER L 69 12.64 18.99 -80.67
CA SER L 69 13.36 19.98 -81.48
C SER L 69 13.96 19.37 -82.73
N LEU L 70 14.18 18.05 -82.75
CA LEU L 70 14.67 17.34 -83.92
C LEU L 70 13.64 16.40 -84.52
N TYR L 71 12.43 16.37 -83.98
CA TYR L 71 11.36 15.51 -84.48
C TYR L 71 10.28 16.31 -85.20
N ARG L 72 9.83 17.42 -84.61
CA ARG L 72 8.81 18.23 -85.25
C ARG L 72 9.36 19.10 -86.39
N PRO L 73 10.44 19.96 -86.21
CA PRO L 73 10.91 20.71 -87.37
C PRO L 73 11.61 19.84 -88.40
N ALA L 74 12.57 19.05 -87.92
CA ALA L 74 13.53 18.36 -88.77
C ALA L 74 12.94 17.20 -89.56
N LEU L 75 11.68 16.84 -89.32
CA LEU L 75 11.05 15.82 -90.14
C LEU L 75 10.77 16.36 -91.54
N GLU L 76 10.22 17.58 -91.63
CA GLU L 76 10.08 18.37 -92.87
C GLU L 76 9.16 17.76 -93.93
N GLU L 77 8.51 16.64 -93.62
CA GLU L 77 7.61 15.98 -94.55
C GLU L 77 6.38 15.50 -93.79
N LEU L 78 5.85 16.39 -92.95
CA LEU L 78 4.83 16.03 -91.97
C LEU L 78 3.53 15.64 -92.66
N ARG L 79 3.06 14.44 -92.34
CA ARG L 79 1.85 13.89 -92.92
C ARG L 79 0.62 14.54 -92.31
N ARG L 80 -0.55 14.14 -92.80
CA ARG L 80 -1.82 14.65 -92.31
C ARG L 80 -2.27 13.98 -91.02
N GLN L 81 -1.64 12.88 -90.64
CA GLN L 81 -2.02 12.19 -89.41
C GLN L 81 -0.91 12.32 -88.37
N ILE L 82 0.35 12.33 -88.82
CA ILE L 82 1.44 12.34 -87.87
C ILE L 82 1.60 13.71 -87.24
N ARG L 83 1.02 14.75 -87.83
CA ARG L 83 1.00 16.04 -87.14
C ARG L 83 -0.09 16.07 -86.09
N SER L 84 -1.17 15.32 -86.31
CA SER L 84 -2.23 15.20 -85.32
C SER L 84 -1.86 14.26 -84.19
N SER L 85 -0.78 13.48 -84.35
CA SER L 85 -0.28 12.62 -83.29
C SER L 85 0.94 13.23 -82.59
N THR L 86 1.74 14.02 -83.32
CA THR L 86 2.86 14.72 -82.70
C THR L 86 2.38 15.86 -81.83
N THR L 87 1.63 16.80 -82.43
CA THR L 87 1.26 18.03 -81.74
C THR L 87 0.25 17.79 -80.64
N SER L 88 -0.57 16.75 -80.76
CA SER L 88 -1.47 16.41 -79.66
C SER L 88 -0.70 15.81 -78.49
N MET L 89 0.46 15.20 -78.77
CA MET L 89 1.25 14.58 -77.72
C MET L 89 2.34 15.51 -77.18
N THR L 90 2.79 16.47 -77.99
CA THR L 90 3.93 17.30 -77.60
C THR L 90 3.56 18.75 -77.28
N SER L 91 2.32 19.19 -77.52
CA SER L 91 1.91 20.50 -77.04
C SER L 91 1.40 20.45 -75.61
N VAL L 92 1.22 19.26 -75.06
CA VAL L 92 0.79 19.12 -73.67
C VAL L 92 1.89 19.51 -72.69
N PRO L 93 3.13 18.98 -72.74
CA PRO L 93 4.05 19.30 -71.65
C PRO L 93 4.76 20.64 -71.80
N LYS L 94 4.53 21.37 -72.90
CA LYS L 94 5.30 22.59 -73.17
C LYS L 94 5.19 23.75 -72.16
N PRO L 95 4.15 23.90 -71.31
CA PRO L 95 4.34 24.85 -70.20
C PRO L 95 5.38 24.37 -69.19
N LEU L 96 5.56 23.06 -69.08
CA LEU L 96 6.50 22.50 -68.13
C LEU L 96 7.80 22.07 -68.78
N LYS L 97 7.79 21.83 -70.09
CA LYS L 97 9.03 21.69 -70.85
C LYS L 97 9.84 22.98 -70.78
N PHE L 98 9.17 24.10 -70.98
CA PHE L 98 9.85 25.37 -71.12
C PHE L 98 9.72 26.20 -69.84
N LEU L 99 10.67 27.10 -69.67
CA LEU L 99 10.68 28.04 -68.57
C LEU L 99 9.98 29.32 -69.02
N ARG L 100 10.07 30.38 -68.22
CA ARG L 100 9.30 31.63 -68.34
C ARG L 100 9.39 32.37 -69.68
N PRO L 101 10.46 32.21 -70.50
CA PRO L 101 10.28 32.52 -71.93
C PRO L 101 9.67 31.39 -72.74
N HIS L 102 8.64 30.74 -72.20
CA HIS L 102 7.69 30.00 -73.01
C HIS L 102 6.76 30.95 -73.75
N TYR L 103 6.65 32.19 -73.27
CA TYR L 103 5.60 33.13 -73.66
C TYR L 103 5.73 33.59 -75.11
N GLY L 104 6.88 33.40 -75.73
CA GLY L 104 7.02 33.62 -77.15
C GLY L 104 6.86 32.35 -77.96
N LYS L 105 6.85 31.19 -77.30
CA LYS L 105 6.90 29.92 -77.99
C LYS L 105 5.91 28.92 -77.41
N LEU L 106 4.66 29.36 -77.20
CA LEU L 106 3.55 28.41 -77.07
C LEU L 106 3.02 27.97 -78.43
N LYS L 107 3.77 28.24 -79.50
CA LYS L 107 3.32 28.05 -80.86
C LYS L 107 4.23 27.16 -81.68
N GLU L 108 5.50 27.01 -81.29
CA GLU L 108 6.48 26.28 -82.09
C GLU L 108 6.27 24.78 -82.06
N ILE L 109 5.43 24.28 -81.16
CA ILE L 109 4.89 22.94 -81.25
C ILE L 109 3.42 22.98 -81.64
N TYR L 110 2.64 23.87 -81.02
CA TYR L 110 1.20 23.84 -81.19
C TYR L 110 0.76 24.44 -82.52
N GLU L 111 1.21 25.65 -82.82
CA GLU L 111 0.69 26.38 -83.98
C GLU L 111 1.44 26.02 -85.27
N ASN L 112 2.17 24.90 -85.28
CA ASN L 112 2.47 24.26 -86.56
C ASN L 112 1.18 23.85 -87.23
N MET L 113 0.34 23.14 -86.50
CA MET L 113 -1.07 22.92 -86.83
C MET L 113 -1.76 22.52 -85.54
N ALA L 114 -2.80 23.23 -85.17
CA ALA L 114 -3.65 22.82 -84.06
C ALA L 114 -4.42 21.56 -84.44
N PRO L 115 -4.13 20.40 -83.83
CA PRO L 115 -4.76 19.17 -84.32
C PRO L 115 -6.22 19.05 -83.94
N GLY L 116 -7.09 19.37 -84.90
CA GLY L 116 -8.51 19.20 -84.74
C GLY L 116 -9.20 19.96 -83.63
N GLU L 117 -9.58 19.22 -82.58
CA GLU L 117 -10.57 19.65 -81.59
C GLU L 117 -10.02 19.47 -80.18
N ASN L 118 -8.85 20.08 -79.93
CA ASN L 118 -7.91 19.87 -78.83
C ASN L 118 -8.51 19.62 -77.44
N LYS L 119 -9.73 20.11 -77.19
CA LYS L 119 -10.53 19.71 -76.04
C LYS L 119 -11.03 18.28 -76.12
N ARG L 120 -10.85 17.56 -77.25
CA ARG L 120 -11.26 16.16 -77.32
C ARG L 120 -10.45 15.28 -76.38
N PHE L 121 -9.20 15.65 -76.13
CA PHE L 121 -8.37 15.02 -75.11
C PHE L 121 -8.14 15.98 -73.95
N ALA L 122 -8.94 17.05 -73.89
CA ALA L 122 -8.85 18.03 -72.81
C ALA L 122 -10.24 18.45 -72.32
N ALA L 123 -11.23 17.56 -72.35
CA ALA L 123 -12.58 17.93 -71.94
C ALA L 123 -12.76 17.86 -70.43
N ASP L 124 -12.58 16.68 -69.84
CA ASP L 124 -12.90 16.46 -68.44
C ASP L 124 -11.83 17.02 -67.49
N ILE L 125 -10.65 17.33 -68.00
CA ILE L 125 -9.58 17.90 -67.19
C ILE L 125 -9.82 19.39 -67.04
N ILE L 126 -9.58 19.92 -65.85
CA ILE L 126 -9.96 21.28 -65.53
C ILE L 126 -9.01 22.27 -66.20
N SER L 127 -7.75 22.27 -65.79
CA SER L 127 -6.80 23.19 -66.39
C SER L 127 -5.40 22.61 -66.55
N VAL L 128 -5.16 21.36 -66.16
CA VAL L 128 -3.80 20.83 -66.12
C VAL L 128 -3.29 20.57 -67.53
N LEU L 129 -4.19 20.22 -68.46
CA LEU L 129 -3.75 19.88 -69.81
C LEU L 129 -3.38 21.15 -70.58
N ALA L 130 -4.38 21.96 -70.92
CA ALA L 130 -4.12 23.12 -71.77
C ALA L 130 -4.89 24.36 -71.40
N MET L 131 -5.77 24.32 -70.39
CA MET L 131 -6.61 25.49 -70.13
C MET L 131 -5.83 26.58 -69.43
N THR L 132 -4.90 26.20 -68.56
CA THR L 132 -3.92 27.16 -68.08
C THR L 132 -3.02 27.62 -69.22
N MET L 133 -2.62 26.68 -70.08
CA MET L 133 -1.82 27.01 -71.26
C MET L 133 -2.60 27.89 -72.24
N SER L 134 -3.93 27.74 -72.26
CA SER L 134 -4.75 28.59 -73.12
C SER L 134 -4.79 30.03 -72.60
N GLY L 135 -4.82 30.19 -71.28
CA GLY L 135 -4.69 31.51 -70.71
C GLY L 135 -3.30 32.08 -70.91
N GLU L 136 -2.29 31.21 -71.00
CA GLU L 136 -0.93 31.66 -71.28
C GLU L 136 -0.81 32.16 -72.72
N ARG L 137 -1.67 31.67 -73.62
CA ARG L 137 -1.69 32.20 -74.97
C ARG L 137 -2.28 33.61 -75.00
N GLU L 138 -3.41 33.80 -74.34
CA GLU L 138 -4.12 35.07 -74.47
C GLU L 138 -3.48 36.17 -73.65
N CYS L 139 -2.61 35.81 -72.70
CA CYS L 139 -1.94 36.81 -71.89
C CYS L 139 -0.91 37.58 -72.71
N LEU L 140 0.10 36.88 -73.22
CA LEU L 140 1.24 37.53 -73.84
C LEU L 140 1.17 37.49 -75.36
N LYS L 141 0.77 36.35 -75.93
CA LYS L 141 0.86 36.16 -77.38
C LYS L 141 -0.22 36.97 -78.11
N TYR L 142 -1.45 36.94 -77.59
CA TYR L 142 -2.52 37.64 -78.28
C TYR L 142 -2.44 39.15 -78.10
N ARG L 143 -1.92 39.60 -76.95
CA ARG L 143 -1.90 41.03 -76.68
C ARG L 143 -0.88 41.76 -77.55
N LEU L 144 0.26 41.12 -77.82
CA LEU L 144 1.22 41.72 -78.74
C LEU L 144 0.70 41.72 -80.17
N VAL L 145 -0.08 40.70 -80.53
CA VAL L 145 -0.81 40.74 -81.80
C VAL L 145 -1.88 41.81 -81.75
N GLY L 146 -2.75 41.76 -80.74
CA GLY L 146 -3.83 42.72 -80.61
C GLY L 146 -3.47 44.02 -79.92
N SER L 147 -2.20 44.43 -80.03
CA SER L 147 -1.83 45.77 -79.57
C SER L 147 -2.19 46.82 -80.60
N GLN L 148 -1.88 46.54 -81.88
CA GLN L 148 -2.24 47.39 -83.00
C GLN L 148 -2.78 46.59 -84.17
N GLU L 149 -2.73 45.27 -84.11
CA GLU L 149 -2.98 44.38 -85.23
C GLU L 149 -3.97 43.31 -84.78
N GLU L 150 -5.11 43.77 -84.27
CA GLU L 150 -6.19 42.86 -83.89
C GLU L 150 -6.68 42.06 -85.10
N LEU L 151 -7.04 42.76 -86.18
CA LEU L 151 -7.43 42.10 -87.41
C LEU L 151 -6.19 41.50 -88.06
N ALA L 152 -5.94 40.21 -87.81
CA ALA L 152 -4.68 39.60 -88.17
C ALA L 152 -4.91 38.13 -88.47
N SER L 153 -3.84 37.35 -88.42
CA SER L 153 -3.80 35.97 -88.86
C SER L 153 -4.44 35.00 -87.88
N TRP L 154 -4.12 33.72 -88.05
CA TRP L 154 -4.53 32.57 -87.22
C TRP L 154 -4.43 32.81 -85.72
N GLY L 155 -3.49 33.65 -85.29
CA GLY L 155 -3.40 34.12 -83.91
C GLY L 155 -4.56 35.01 -83.47
N HIS L 156 -5.45 35.38 -84.38
CA HIS L 156 -6.74 35.99 -84.07
C HIS L 156 -7.91 35.20 -84.61
N GLU L 157 -7.74 34.58 -85.78
CA GLU L 157 -8.86 34.01 -86.51
C GLU L 157 -9.40 32.76 -85.83
N TYR L 158 -8.56 31.73 -85.71
CA TYR L 158 -8.97 30.54 -84.97
C TYR L 158 -9.00 30.79 -83.47
N VAL L 159 -8.15 31.71 -83.00
CA VAL L 159 -8.06 32.08 -81.59
C VAL L 159 -9.36 32.68 -81.08
N ARG L 160 -10.14 33.31 -81.97
CA ARG L 160 -11.49 33.74 -81.64
C ARG L 160 -12.36 32.57 -81.22
N HIS L 161 -12.50 31.58 -82.10
CA HIS L 161 -13.34 30.43 -81.75
C HIS L 161 -12.67 29.53 -80.74
N LEU L 162 -11.33 29.54 -80.71
CA LEU L 162 -10.60 28.79 -79.67
C LEU L 162 -10.94 29.34 -78.29
N ALA L 163 -10.91 30.66 -78.14
CA ALA L 163 -11.33 31.25 -76.88
C ALA L 163 -12.84 31.23 -76.70
N GLY L 164 -13.58 30.95 -77.78
CA GLY L 164 -15.02 30.83 -77.65
C GLY L 164 -15.42 29.55 -76.95
N GLU L 165 -14.88 28.42 -77.40
CA GLU L 165 -15.20 27.14 -76.79
C GLU L 165 -14.52 26.97 -75.43
N VAL L 166 -13.37 27.61 -75.22
CA VAL L 166 -12.72 27.59 -73.91
C VAL L 166 -13.57 28.34 -72.90
N ALA L 167 -14.11 29.49 -73.29
CA ALA L 167 -14.98 30.24 -72.39
C ALA L 167 -16.29 29.52 -72.14
N LYS L 168 -16.74 28.69 -73.10
CA LYS L 168 -17.83 27.79 -72.81
C LYS L 168 -17.40 26.68 -71.85
N GLU L 169 -16.14 26.25 -71.95
CA GLU L 169 -15.67 25.13 -71.14
C GLU L 169 -15.54 25.49 -69.66
N TRP L 170 -15.40 26.78 -69.33
CA TRP L 170 -15.36 27.18 -67.93
C TRP L 170 -16.71 26.98 -67.27
N GLN L 171 -17.79 27.35 -67.95
CA GLN L 171 -19.11 26.94 -67.48
C GLN L 171 -19.58 25.68 -68.15
N GLU L 172 -18.73 24.67 -68.28
CA GLU L 172 -19.19 23.39 -68.82
C GLU L 172 -18.88 22.23 -67.88
N LEU L 173 -17.61 22.17 -67.45
CA LEU L 173 -17.07 21.02 -66.74
C LEU L 173 -17.72 20.83 -65.38
N ASP L 174 -17.53 21.79 -64.49
CA ASP L 174 -17.99 21.69 -63.12
C ASP L 174 -18.93 22.82 -62.72
N ASP L 175 -18.96 23.92 -63.49
CA ASP L 175 -19.74 25.12 -63.23
C ASP L 175 -19.43 25.70 -61.85
N ALA L 176 -18.17 25.61 -61.44
CA ALA L 176 -17.69 26.11 -60.15
C ALA L 176 -17.43 27.62 -60.27
N GLU L 177 -16.68 28.19 -59.32
CA GLU L 177 -16.30 29.61 -59.38
C GLU L 177 -15.38 29.99 -60.59
N LYS L 178 -15.03 29.04 -61.47
CA LYS L 178 -14.43 29.28 -62.78
C LYS L 178 -15.38 29.94 -63.77
N VAL L 179 -16.64 30.17 -63.37
CA VAL L 179 -17.49 31.12 -64.08
C VAL L 179 -16.83 32.48 -64.15
N GLN L 180 -16.31 32.95 -63.01
CA GLN L 180 -15.59 34.23 -62.99
C GLN L 180 -14.24 34.15 -63.67
N ARG L 181 -13.74 32.96 -64.00
CA ARG L 181 -12.57 32.87 -64.87
C ARG L 181 -12.86 33.33 -66.29
N GLU L 182 -14.13 33.31 -66.70
CA GLU L 182 -14.47 33.78 -68.05
C GLU L 182 -14.28 35.30 -68.20
N PRO L 183 -14.70 36.17 -67.27
CA PRO L 183 -14.28 37.59 -67.41
C PRO L 183 -12.81 37.81 -67.18
N LEU L 184 -12.13 36.91 -66.47
CA LEU L 184 -10.67 36.92 -66.45
C LEU L 184 -10.10 36.62 -67.83
N LEU L 185 -10.77 35.77 -68.60
CA LEU L 185 -10.26 35.41 -69.92
C LEU L 185 -10.71 36.43 -70.97
N THR L 186 -11.94 36.94 -70.82
CA THR L 186 -12.53 37.79 -71.84
C THR L 186 -11.89 39.16 -71.85
N LEU L 187 -11.30 39.57 -70.74
CA LEU L 187 -10.80 40.93 -70.61
C LEU L 187 -9.30 41.01 -70.78
N VAL L 188 -8.56 39.93 -70.53
CA VAL L 188 -7.15 39.92 -70.86
C VAL L 188 -6.97 39.78 -72.36
N LYS L 189 -7.71 38.85 -72.98
CA LYS L 189 -7.82 38.82 -74.43
C LYS L 189 -8.51 40.08 -74.91
N GLU L 190 -7.83 40.83 -75.79
CA GLU L 190 -8.32 42.06 -76.44
C GLU L 190 -8.98 43.03 -75.44
N ILE L 191 -8.08 43.62 -74.63
CA ILE L 191 -8.44 44.48 -73.50
C ILE L 191 -9.33 45.63 -73.96
N VAL L 192 -8.88 46.36 -74.99
CA VAL L 192 -9.67 47.46 -75.55
C VAL L 192 -10.81 46.90 -76.41
N PRO L 193 -10.61 45.80 -77.33
CA PRO L 193 -11.77 45.16 -77.97
C PRO L 193 -12.48 44.14 -77.07
N TYR L 194 -12.77 44.55 -75.83
CA TYR L 194 -13.46 43.66 -74.89
C TYR L 194 -14.87 43.35 -75.36
N ASN L 195 -15.56 44.36 -75.91
CA ASN L 195 -16.91 44.17 -76.43
C ASN L 195 -16.93 43.22 -77.62
N MET L 196 -15.87 43.24 -78.44
CA MET L 196 -15.77 42.29 -79.56
C MET L 196 -15.55 40.88 -79.04
N ALA L 197 -14.86 40.73 -77.92
CA ALA L 197 -14.85 39.45 -77.22
C ALA L 197 -16.17 39.21 -76.52
N HIS L 198 -16.72 40.23 -75.86
CA HIS L 198 -17.95 40.09 -75.09
C HIS L 198 -19.18 39.87 -75.95
N ASN L 199 -19.17 40.30 -77.22
CA ASN L 199 -20.35 40.14 -78.07
C ASN L 199 -20.63 38.66 -78.33
N ALA L 200 -19.58 37.89 -78.61
CA ALA L 200 -19.72 36.44 -78.62
C ALA L 200 -20.04 35.91 -77.23
N GLU L 201 -19.45 36.53 -76.20
CA GLU L 201 -19.66 36.03 -74.85
C GLU L 201 -20.98 36.51 -74.26
N HIS L 202 -21.60 37.54 -74.86
CA HIS L 202 -22.94 37.91 -74.44
C HIS L 202 -23.95 36.85 -74.87
N GLU L 203 -23.95 36.51 -76.16
CA GLU L 203 -24.89 35.54 -76.70
C GLU L 203 -24.63 34.15 -76.15
N ALA L 204 -23.36 33.81 -75.92
CA ALA L 204 -23.05 32.54 -75.26
C ALA L 204 -23.57 32.53 -73.83
N CYS L 205 -23.54 33.67 -73.14
CA CYS L 205 -24.08 33.73 -71.79
C CYS L 205 -25.60 33.74 -71.80
N ASP L 206 -26.21 34.23 -72.87
CA ASP L 206 -27.67 34.25 -72.98
C ASP L 206 -28.22 32.82 -73.05
N LEU L 207 -27.51 31.94 -73.74
CA LEU L 207 -27.87 30.53 -73.82
C LEU L 207 -27.10 29.66 -72.86
N LEU L 208 -26.35 30.25 -71.92
CA LEU L 208 -25.56 29.46 -70.99
C LEU L 208 -26.42 28.93 -69.85
N MET L 209 -26.96 29.85 -69.05
CA MET L 209 -27.77 29.45 -67.90
C MET L 209 -28.66 30.65 -67.59
N GLU L 210 -29.65 30.41 -66.74
CA GLU L 210 -30.42 31.50 -66.15
C GLU L 210 -30.37 31.43 -64.63
N ILE L 211 -29.66 30.45 -64.07
CA ILE L 211 -29.36 30.41 -62.66
C ILE L 211 -27.93 30.84 -62.37
N GLU L 212 -27.02 30.54 -63.29
CA GLU L 212 -25.61 30.92 -63.18
C GLU L 212 -25.33 32.19 -63.97
N GLN L 213 -26.26 33.13 -63.89
CA GLN L 213 -26.02 34.49 -64.34
C GLN L 213 -25.58 35.41 -63.23
N VAL L 214 -26.18 35.26 -62.05
CA VAL L 214 -26.27 36.36 -61.09
C VAL L 214 -24.95 36.65 -60.39
N ASP L 215 -24.10 35.65 -60.18
CA ASP L 215 -22.81 35.92 -59.54
C ASP L 215 -21.80 36.48 -60.54
N MET L 216 -21.88 36.02 -61.79
CA MET L 216 -21.10 36.65 -62.85
C MET L 216 -21.65 38.02 -63.16
N LEU L 217 -22.97 38.20 -63.01
CA LEU L 217 -23.60 39.50 -63.14
C LEU L 217 -23.04 40.51 -62.15
N GLU L 218 -22.86 40.11 -60.90
CA GLU L 218 -22.26 41.02 -59.93
C GLU L 218 -20.74 41.01 -60.00
N LYS L 219 -20.14 40.00 -60.66
CA LYS L 219 -18.71 40.03 -60.89
C LYS L 219 -18.32 41.17 -61.82
N ASP L 220 -19.16 41.45 -62.82
CA ASP L 220 -18.85 42.49 -63.79
C ASP L 220 -18.91 43.88 -63.15
N ILE L 221 -19.97 44.15 -62.39
CA ILE L 221 -20.13 45.46 -61.75
C ILE L 221 -19.09 45.66 -60.64
N ASP L 222 -18.55 44.57 -60.08
CA ASP L 222 -17.46 44.72 -59.14
C ASP L 222 -16.18 45.11 -59.88
N GLU L 223 -15.96 44.53 -61.05
CA GLU L 223 -14.91 45.01 -61.94
C GLU L 223 -15.24 46.38 -62.53
N ASN L 224 -16.52 46.72 -62.60
CA ASN L 224 -16.93 48.02 -63.07
C ASN L 224 -17.00 49.05 -61.95
N ALA L 225 -16.55 48.70 -60.75
CA ALA L 225 -16.38 49.72 -59.72
C ALA L 225 -15.23 50.64 -60.07
N TYR L 226 -14.23 50.14 -60.78
CA TYR L 226 -13.05 50.90 -61.13
C TYR L 226 -12.33 50.17 -62.25
N ALA L 227 -11.88 50.93 -63.25
CA ALA L 227 -11.13 50.43 -64.38
C ALA L 227 -10.37 51.59 -65.01
N LYS L 228 -9.88 51.39 -66.23
CA LYS L 228 -9.43 52.47 -67.08
C LYS L 228 -10.66 53.21 -67.62
N VAL L 229 -10.47 54.36 -68.27
CA VAL L 229 -11.57 55.12 -68.85
C VAL L 229 -12.29 54.31 -69.92
N CYS L 230 -11.55 53.78 -70.88
CA CYS L 230 -12.16 53.06 -71.99
C CYS L 230 -12.67 51.68 -71.57
N LEU L 231 -12.08 51.07 -70.55
CA LEU L 231 -12.60 49.80 -70.05
C LEU L 231 -13.91 50.00 -69.30
N TYR L 232 -13.96 51.00 -68.42
CA TYR L 232 -15.22 51.38 -67.77
C TYR L 232 -16.23 51.89 -68.79
N LEU L 233 -15.76 52.44 -69.89
CA LEU L 233 -16.61 52.75 -71.03
C LEU L 233 -17.11 51.49 -71.73
N THR L 234 -16.35 50.40 -71.68
CA THR L 234 -16.67 49.22 -72.48
C THR L 234 -17.56 48.25 -71.71
N SER L 235 -17.09 47.75 -70.58
CA SER L 235 -17.77 46.66 -69.89
C SER L 235 -19.05 47.11 -69.20
N CYS L 236 -19.27 48.41 -69.02
CA CYS L 236 -20.52 48.85 -68.43
C CYS L 236 -21.66 48.76 -69.44
N VAL L 237 -21.39 48.97 -70.73
CA VAL L 237 -22.45 48.78 -71.70
C VAL L 237 -22.59 47.30 -72.06
N ASN L 238 -21.54 46.52 -71.83
CA ASN L 238 -21.69 45.06 -71.88
C ASN L 238 -22.52 44.56 -70.73
N TYR L 239 -22.53 45.29 -69.61
CA TYR L 239 -23.33 44.91 -68.46
C TYR L 239 -24.81 45.06 -68.71
N VAL L 240 -25.19 45.97 -69.61
CA VAL L 240 -26.61 46.35 -69.75
C VAL L 240 -27.52 45.22 -70.23
N PRO L 241 -27.27 44.55 -71.36
CA PRO L 241 -28.34 43.71 -71.91
C PRO L 241 -28.51 42.36 -71.22
N GLU L 242 -27.67 42.01 -70.24
CA GLU L 242 -27.73 40.66 -69.66
C GLU L 242 -28.98 40.46 -68.77
N PRO L 243 -29.42 41.41 -67.93
CA PRO L 243 -30.79 41.30 -67.41
C PRO L 243 -31.86 41.80 -68.37
N GLU L 244 -31.50 42.19 -69.59
CA GLU L 244 -32.48 42.56 -70.60
C GLU L 244 -32.73 41.42 -71.58
N ASN L 245 -31.69 40.66 -71.92
CA ASN L 245 -31.79 39.62 -72.94
C ASN L 245 -31.81 38.22 -72.35
N SER L 246 -30.81 37.85 -71.55
CA SER L 246 -30.77 36.51 -70.98
C SER L 246 -31.85 36.33 -69.94
N ALA L 247 -31.79 37.13 -68.87
CA ALA L 247 -32.84 37.15 -67.88
C ALA L 247 -33.72 38.36 -68.13
N LEU L 248 -34.81 38.44 -67.38
CA LEU L 248 -35.64 39.63 -67.29
C LEU L 248 -35.86 39.98 -65.83
N LEU L 249 -34.77 39.96 -65.06
CA LEU L 249 -34.78 40.57 -63.74
C LEU L 249 -35.17 42.03 -63.85
N ARG L 250 -34.43 42.79 -64.66
CA ARG L 250 -34.82 43.98 -65.44
C ARG L 250 -35.36 45.15 -64.60
N CYS L 251 -35.47 44.99 -63.28
CA CYS L 251 -35.78 46.10 -62.42
C CYS L 251 -34.50 46.79 -62.00
N ALA L 252 -33.37 46.20 -62.35
CA ALA L 252 -32.05 46.82 -62.25
C ALA L 252 -31.70 47.65 -63.46
N LEU L 253 -32.70 48.15 -64.19
CA LEU L 253 -32.38 49.01 -65.32
C LEU L 253 -32.05 50.41 -64.84
N GLY L 254 -33.05 51.09 -64.27
CA GLY L 254 -33.05 52.55 -64.09
C GLY L 254 -31.90 53.15 -63.34
N VAL L 255 -31.58 52.57 -62.18
CA VAL L 255 -30.46 53.05 -61.40
C VAL L 255 -29.15 52.44 -61.86
N PHE L 256 -29.17 51.18 -62.27
CA PHE L 256 -27.93 50.49 -62.61
C PHE L 256 -27.58 50.65 -64.08
N ARG L 257 -28.32 51.47 -64.82
CA ARG L 257 -27.88 51.97 -66.11
C ARG L 257 -27.74 53.49 -66.09
N LYS L 258 -28.18 54.13 -65.00
CA LYS L 258 -27.68 55.46 -64.66
C LYS L 258 -26.18 55.40 -64.38
N PHE L 259 -25.69 54.24 -63.92
CA PHE L 259 -24.29 53.85 -64.09
C PHE L 259 -23.78 54.16 -65.49
N SER L 260 -24.49 53.69 -66.50
CA SER L 260 -24.03 53.76 -67.88
C SER L 260 -24.59 54.97 -68.62
N ARG L 261 -25.20 55.91 -67.92
CA ARG L 261 -25.79 57.06 -68.61
C ARG L 261 -24.73 58.05 -69.06
N PHE L 262 -24.00 58.64 -68.12
CA PHE L 262 -22.98 59.63 -68.46
C PHE L 262 -21.71 59.11 -69.15
N PRO L 263 -21.12 57.90 -68.80
CA PRO L 263 -19.92 57.47 -69.55
C PRO L 263 -20.14 57.18 -71.03
N GLU L 264 -21.09 56.31 -71.38
CA GLU L 264 -21.24 55.90 -72.77
C GLU L 264 -21.95 56.95 -73.60
N ALA L 265 -23.23 57.20 -73.31
CA ALA L 265 -24.03 58.16 -74.07
C ALA L 265 -25.28 58.50 -73.26
N LEU L 266 -25.61 59.80 -73.21
CA LEU L 266 -26.78 60.26 -72.48
C LEU L 266 -28.06 59.78 -73.14
N ARG L 267 -28.08 59.70 -74.47
CA ARG L 267 -29.22 59.16 -75.17
C ARG L 267 -29.32 57.65 -75.08
N LEU L 268 -28.22 56.97 -74.75
CA LEU L 268 -28.23 55.51 -74.66
C LEU L 268 -29.09 55.05 -73.48
N ALA L 269 -28.92 55.69 -72.32
CA ALA L 269 -29.83 55.43 -71.21
C ALA L 269 -31.21 56.01 -71.46
N LEU L 270 -31.32 57.02 -72.34
CA LEU L 270 -32.63 57.46 -72.77
C LEU L 270 -33.26 56.44 -73.71
N MET L 271 -32.43 55.73 -74.48
CA MET L 271 -32.93 54.54 -75.17
C MET L 271 -33.22 53.43 -74.18
N LEU L 272 -32.51 53.39 -73.06
CA LEU L 272 -32.86 52.47 -72.00
C LEU L 272 -34.06 52.98 -71.20
N ASN L 273 -34.22 54.30 -71.13
CA ASN L 273 -35.49 54.87 -70.69
C ASN L 273 -36.60 54.50 -71.66
N ASP L 274 -36.27 54.38 -72.95
CA ASP L 274 -37.22 53.83 -73.90
C ASP L 274 -37.39 52.33 -73.67
N MET L 275 -36.32 51.63 -73.29
CA MET L 275 -36.43 50.22 -72.92
C MET L 275 -37.21 50.05 -71.62
N GLU L 276 -37.28 51.08 -70.78
CA GLU L 276 -38.25 51.07 -69.69
C GLU L 276 -39.66 51.11 -70.24
N LEU L 277 -39.91 51.99 -71.21
CA LEU L 277 -41.23 52.11 -71.80
C LEU L 277 -41.56 50.98 -72.77
N VAL L 278 -40.66 50.03 -72.98
CA VAL L 278 -41.01 48.82 -73.71
C VAL L 278 -41.63 47.79 -72.80
N GLU L 279 -40.90 47.40 -71.75
CA GLU L 279 -41.30 46.29 -70.89
C GLU L 279 -42.20 46.79 -69.76
N ASP L 280 -43.45 47.08 -70.16
CA ASP L 280 -44.42 47.75 -69.29
C ASP L 280 -45.29 46.77 -68.52
N ILE L 281 -44.80 45.57 -68.24
CA ILE L 281 -45.61 44.54 -67.60
C ILE L 281 -45.08 44.31 -66.19
N PHE L 282 -45.96 44.42 -65.18
CA PHE L 282 -47.33 44.89 -65.39
C PHE L 282 -47.49 46.28 -64.75
N THR L 283 -47.29 46.40 -63.44
CA THR L 283 -47.15 47.68 -62.76
C THR L 283 -46.06 47.68 -61.69
N SER L 284 -45.81 46.54 -61.01
CA SER L 284 -45.10 46.54 -59.74
C SER L 284 -43.61 46.78 -59.92
N CYS L 285 -42.98 46.02 -60.82
CA CYS L 285 -41.59 46.31 -61.17
C CYS L 285 -41.51 47.61 -61.97
N LYS L 286 -42.55 47.90 -62.77
CA LYS L 286 -42.66 49.18 -63.46
C LYS L 286 -42.77 50.33 -62.46
N ASP L 287 -43.45 50.11 -61.34
CA ASP L 287 -43.61 51.17 -60.34
C ASP L 287 -42.28 51.58 -59.73
N VAL L 288 -41.38 50.63 -59.50
CA VAL L 288 -40.23 50.90 -58.65
C VAL L 288 -39.00 51.19 -59.49
N VAL L 289 -39.01 50.74 -60.76
CA VAL L 289 -38.10 51.33 -61.75
C VAL L 289 -38.33 52.82 -61.84
N VAL L 290 -39.59 53.26 -61.90
CA VAL L 290 -39.83 54.69 -62.03
C VAL L 290 -39.96 55.40 -60.70
N GLN L 291 -39.81 54.72 -59.55
CA GLN L 291 -39.73 55.48 -58.30
C GLN L 291 -38.45 56.28 -58.21
N LYS L 292 -37.35 55.72 -58.72
CA LYS L 292 -36.07 56.40 -58.55
C LYS L 292 -35.87 57.52 -59.55
N GLN L 293 -36.61 57.48 -60.64
CA GLN L 293 -36.51 58.42 -61.75
C GLN L 293 -36.91 59.86 -61.41
N MET L 294 -37.33 60.24 -60.19
CA MET L 294 -37.73 61.61 -59.89
C MET L 294 -36.81 62.29 -58.89
N ALA L 295 -36.62 61.68 -57.72
CA ALA L 295 -35.86 62.28 -56.65
C ALA L 295 -34.96 61.25 -56.00
N PHE L 296 -34.27 60.46 -56.81
CA PHE L 296 -33.28 59.56 -56.26
C PHE L 296 -31.99 59.60 -57.06
N MET L 297 -32.06 59.80 -58.38
CA MET L 297 -30.84 60.17 -59.08
C MET L 297 -31.00 61.31 -60.07
N LEU L 298 -32.18 61.56 -60.61
CA LEU L 298 -32.40 62.70 -61.49
C LEU L 298 -33.90 62.98 -61.50
N GLY L 299 -34.25 64.19 -61.90
CA GLY L 299 -35.64 64.51 -62.18
C GLY L 299 -35.91 64.45 -63.67
N ARG L 300 -36.42 65.57 -64.23
CA ARG L 300 -36.48 65.91 -65.67
C ARG L 300 -37.05 64.81 -66.57
N HIS L 301 -37.81 63.87 -66.01
CA HIS L 301 -38.41 62.80 -66.79
C HIS L 301 -39.89 63.02 -67.02
N GLY L 302 -40.39 64.21 -66.67
CA GLY L 302 -41.81 64.50 -66.73
C GLY L 302 -42.30 64.97 -68.07
N VAL L 303 -41.58 64.61 -69.14
CA VAL L 303 -41.94 64.99 -70.49
C VAL L 303 -42.19 63.79 -71.39
N PHE L 304 -41.90 62.58 -70.93
CA PHE L 304 -41.93 61.40 -71.79
C PHE L 304 -42.97 60.38 -71.37
N LEU L 305 -43.82 60.69 -70.39
CA LEU L 305 -44.86 59.77 -69.95
C LEU L 305 -46.25 60.39 -70.07
N GLU L 306 -46.44 61.32 -71.00
CA GLU L 306 -47.74 61.88 -71.32
C GLU L 306 -48.11 61.50 -72.76
N LEU L 307 -47.87 60.25 -73.11
CA LEU L 307 -48.22 59.73 -74.41
C LEU L 307 -49.60 59.07 -74.32
N SER L 308 -49.97 58.32 -75.35
CA SER L 308 -51.32 57.81 -75.62
C SER L 308 -51.92 56.89 -74.52
N GLU L 309 -51.26 56.50 -73.42
CA GLU L 309 -51.89 55.64 -72.43
C GLU L 309 -52.11 56.36 -71.10
N ASP L 310 -52.60 57.61 -71.17
CA ASP L 310 -52.81 58.44 -69.99
C ASP L 310 -54.08 58.04 -69.23
N VAL L 311 -54.07 56.84 -68.65
CA VAL L 311 -55.17 56.43 -67.78
C VAL L 311 -54.63 56.08 -66.40
N GLU L 312 -53.84 55.02 -66.33
CA GLU L 312 -53.05 54.71 -65.15
C GLU L 312 -51.62 54.30 -65.48
N GLU L 313 -51.38 53.78 -66.68
CA GLU L 313 -50.05 53.31 -67.06
C GLU L 313 -49.14 54.48 -67.41
N TYR L 314 -49.70 55.58 -67.92
CA TYR L 314 -48.93 56.80 -68.09
C TYR L 314 -49.38 57.92 -67.15
N GLU L 315 -50.29 57.64 -66.24
CA GLU L 315 -50.60 58.59 -65.18
C GLU L 315 -49.85 58.28 -63.90
N ASP L 316 -48.85 57.42 -63.97
CA ASP L 316 -47.89 57.25 -62.89
C ASP L 316 -46.92 58.41 -62.83
N LEU L 317 -46.79 59.18 -63.92
CA LEU L 317 -45.76 60.21 -64.04
C LEU L 317 -45.89 61.29 -62.99
N THR L 318 -47.06 61.92 -62.93
CA THR L 318 -47.30 62.97 -61.95
C THR L 318 -47.36 62.39 -60.54
N GLU L 319 -47.82 61.14 -60.43
CA GLU L 319 -47.74 60.40 -59.17
C GLU L 319 -46.29 60.25 -58.72
N ILE L 320 -45.41 59.91 -59.66
CA ILE L 320 -43.98 59.87 -59.39
C ILE L 320 -43.45 61.27 -59.07
N MET L 321 -43.95 62.28 -59.78
CA MET L 321 -43.35 63.60 -59.79
C MET L 321 -43.56 64.33 -58.47
N SER L 322 -44.81 64.35 -57.98
CA SER L 322 -45.11 65.08 -56.75
C SER L 322 -46.01 64.33 -55.77
N ASN L 323 -46.73 63.29 -56.18
CA ASN L 323 -47.67 62.65 -55.27
C ASN L 323 -46.97 61.68 -54.32
N VAL L 324 -46.06 60.85 -54.84
CA VAL L 324 -45.26 60.03 -53.93
C VAL L 324 -44.22 60.88 -53.22
N GLN L 325 -43.87 62.04 -53.79
CA GLN L 325 -43.18 63.07 -53.04
C GLN L 325 -44.03 63.52 -51.85
N LEU L 326 -45.33 63.72 -52.08
CA LEU L 326 -46.24 64.07 -51.00
C LEU L 326 -46.54 62.87 -50.11
N ASN L 327 -46.47 61.65 -50.63
CA ASN L 327 -46.57 60.48 -49.77
C ASN L 327 -45.30 60.31 -48.96
N SER L 328 -44.18 60.81 -49.49
CA SER L 328 -42.97 60.95 -48.68
C SER L 328 -43.10 62.06 -47.66
N ASN L 329 -43.89 63.09 -47.95
CA ASN L 329 -44.23 64.06 -46.92
C ASN L 329 -45.11 63.41 -45.86
N PHE L 330 -45.92 62.44 -46.27
CA PHE L 330 -46.77 61.72 -45.32
C PHE L 330 -45.96 60.79 -44.43
N LEU L 331 -44.73 60.44 -44.83
CA LEU L 331 -43.80 59.80 -43.90
C LEU L 331 -43.48 60.74 -42.75
N ALA L 332 -42.98 61.93 -43.06
CA ALA L 332 -42.63 62.88 -42.02
C ALA L 332 -43.86 63.49 -41.36
N LEU L 333 -45.00 63.51 -42.05
CA LEU L 333 -46.23 63.92 -41.40
C LEU L 333 -46.72 62.86 -40.43
N ALA L 334 -47.06 61.68 -40.93
CA ALA L 334 -47.66 60.66 -40.07
C ALA L 334 -46.58 59.95 -39.25
N ARG L 335 -45.65 59.28 -39.93
CA ARG L 335 -44.83 58.25 -39.29
C ARG L 335 -43.81 58.84 -38.33
N GLU L 336 -43.39 60.08 -38.52
CA GLU L 336 -42.30 60.61 -37.71
C GLU L 336 -42.76 61.54 -36.60
N LEU L 337 -44.00 62.02 -36.65
CA LEU L 337 -44.64 62.47 -35.43
C LEU L 337 -45.01 61.28 -34.55
N ASP L 338 -45.10 60.09 -35.13
CA ASP L 338 -45.40 58.90 -34.35
C ASP L 338 -44.18 58.38 -33.61
N ILE L 339 -43.03 58.36 -34.29
CA ILE L 339 -41.85 57.72 -33.70
C ILE L 339 -41.24 58.61 -32.63
N MET L 340 -40.98 59.87 -32.95
CA MET L 340 -40.24 60.62 -31.95
C MET L 340 -40.85 61.96 -31.58
N GLU L 341 -41.37 62.72 -32.55
CA GLU L 341 -41.08 64.14 -32.58
C GLU L 341 -42.33 65.00 -32.41
N PRO L 342 -42.41 65.81 -31.35
CA PRO L 342 -43.37 66.92 -31.33
C PRO L 342 -42.74 68.12 -32.01
N LYS L 343 -43.51 69.20 -32.26
CA LYS L 343 -43.17 70.18 -33.29
C LYS L 343 -41.91 70.98 -32.97
N VAL L 344 -41.65 71.23 -31.69
CA VAL L 344 -40.45 71.95 -31.30
C VAL L 344 -39.70 71.22 -30.19
N PRO L 345 -38.61 70.55 -30.51
CA PRO L 345 -37.66 70.17 -29.45
C PRO L 345 -37.04 71.41 -28.82
N ASP L 346 -36.36 72.23 -29.64
CA ASP L 346 -35.88 73.59 -29.29
C ASP L 346 -34.89 73.57 -28.11
N ASP L 347 -34.33 72.41 -27.77
CA ASP L 347 -33.65 72.27 -26.49
C ASP L 347 -32.24 71.70 -26.61
N ILE L 348 -31.66 71.68 -27.81
CA ILE L 348 -30.22 71.49 -27.88
C ILE L 348 -29.54 72.74 -27.36
N TYR L 349 -30.17 73.90 -27.58
CA TYR L 349 -29.82 75.12 -26.87
C TYR L 349 -29.95 74.94 -25.36
N LYS L 350 -31.06 74.34 -24.92
CA LYS L 350 -31.25 74.08 -23.50
C LYS L 350 -30.29 73.02 -22.97
N THR L 351 -29.72 72.19 -23.84
CA THR L 351 -28.72 71.21 -23.38
C THR L 351 -27.43 71.91 -22.92
N HIS L 352 -27.26 73.19 -23.25
CA HIS L 352 -26.26 74.05 -22.63
C HIS L 352 -26.77 74.65 -21.32
N LEU L 353 -27.23 73.78 -20.42
CA LEU L 353 -27.72 74.17 -19.11
C LEU L 353 -26.69 73.96 -18.01
N GLU L 354 -25.91 72.89 -18.10
CA GLU L 354 -24.95 72.54 -17.07
C GLU L 354 -23.71 73.43 -17.09
N ASN L 355 -23.54 74.23 -18.13
CA ASN L 355 -22.36 75.08 -18.27
C ASN L 355 -22.33 76.21 -17.25
N ASN L 356 -23.50 76.70 -16.84
CA ASN L 356 -23.58 77.88 -15.98
C ASN L 356 -23.13 77.60 -14.55
N ARG L 357 -23.07 76.35 -14.12
CA ARG L 357 -22.50 76.00 -12.84
C ARG L 357 -21.07 75.54 -12.94
N PHE L 358 -20.54 75.36 -14.15
CA PHE L 358 -19.18 74.91 -14.38
C PHE L 358 -18.25 76.10 -14.18
N GLY L 359 -17.78 76.28 -12.95
CA GLY L 359 -16.86 77.36 -12.66
C GLY L 359 -17.53 78.61 -12.11
N GLY L 360 -18.34 78.46 -11.07
CA GLY L 360 -18.92 79.59 -10.39
C GLY L 360 -20.30 79.97 -10.87
N SER L 361 -20.37 80.96 -11.76
CA SER L 361 -21.63 81.50 -12.24
C SER L 361 -21.63 81.49 -13.78
N GLY L 362 -22.66 82.12 -14.35
CA GLY L 362 -22.78 82.25 -15.79
C GLY L 362 -23.23 83.63 -16.21
N SER L 363 -23.98 83.68 -17.32
CA SER L 363 -24.57 84.92 -17.88
C SER L 363 -23.50 85.97 -18.19
N GLN L 364 -22.46 85.52 -18.89
CA GLN L 364 -21.34 86.37 -19.26
C GLN L 364 -21.29 86.62 -20.77
N VAL L 365 -22.08 85.88 -21.54
CA VAL L 365 -22.04 85.94 -23.00
C VAL L 365 -23.20 86.80 -23.48
N ASP L 366 -22.87 87.93 -24.12
CA ASP L 366 -23.87 88.83 -24.68
C ASP L 366 -23.54 89.21 -26.12
N SER L 367 -22.80 88.38 -26.85
CA SER L 367 -22.37 88.73 -28.20
C SER L 367 -23.53 88.69 -29.17
N ALA L 368 -23.64 89.75 -29.99
CA ALA L 368 -24.77 89.88 -30.91
C ALA L 368 -24.67 88.93 -32.09
N ARG L 369 -23.46 88.48 -32.42
CA ARG L 369 -23.31 87.53 -33.53
C ARG L 369 -23.67 86.11 -33.13
N MET L 370 -23.78 85.84 -31.82
CA MET L 370 -24.37 84.58 -31.37
C MET L 370 -25.83 84.48 -31.77
N ASN L 371 -26.52 85.62 -31.86
CA ASN L 371 -27.92 85.67 -32.22
C ASN L 371 -28.16 85.25 -33.68
N LEU L 372 -27.10 85.21 -34.49
CA LEU L 372 -27.16 84.49 -35.77
C LEU L 372 -27.41 83.01 -35.55
N ALA L 373 -26.64 82.40 -34.65
CA ALA L 373 -26.83 80.99 -34.34
C ALA L 373 -28.13 80.73 -33.59
N SER L 374 -28.71 81.76 -32.96
CA SER L 374 -29.99 81.61 -32.29
C SER L 374 -31.11 81.32 -33.26
N SER L 375 -30.92 81.61 -34.55
CA SER L 375 -31.89 81.26 -35.57
C SER L 375 -31.97 79.76 -35.83
N PHE L 376 -30.92 79.01 -35.49
CA PHE L 376 -30.88 77.60 -35.85
C PHE L 376 -31.43 76.67 -34.78
N VAL L 377 -31.68 77.17 -33.58
CA VAL L 377 -32.50 76.41 -32.63
C VAL L 377 -33.91 76.29 -33.16
N ASN L 378 -34.37 77.30 -33.88
CA ASN L 378 -35.59 77.24 -34.66
C ASN L 378 -35.35 76.71 -36.08
N GLY L 379 -34.13 76.88 -36.59
CA GLY L 379 -33.86 76.63 -37.99
C GLY L 379 -33.70 75.19 -38.40
N PHE L 380 -32.69 74.51 -37.84
CA PHE L 380 -32.38 73.16 -38.32
C PHE L 380 -33.33 72.12 -37.80
N VAL L 381 -33.92 72.33 -36.62
CA VAL L 381 -34.72 71.27 -36.01
C VAL L 381 -36.10 71.19 -36.65
N ASN L 382 -36.50 72.23 -37.37
CA ASN L 382 -37.86 72.30 -37.90
C ASN L 382 -37.94 71.88 -39.36
N ALA L 383 -36.92 71.20 -39.86
CA ALA L 383 -37.05 70.52 -41.13
C ALA L 383 -38.05 69.38 -41.00
N ALA L 384 -38.71 69.06 -42.12
CA ALA L 384 -39.75 68.03 -42.22
C ALA L 384 -40.90 68.32 -41.26
N PHE L 385 -41.61 69.41 -41.58
CA PHE L 385 -42.89 69.79 -40.96
C PHE L 385 -42.72 70.17 -39.49
N GLY L 386 -41.71 70.99 -39.21
CA GLY L 386 -41.61 71.62 -37.92
C GLY L 386 -42.27 72.98 -37.94
N GLN L 387 -43.53 73.02 -38.37
CA GLN L 387 -44.21 74.30 -38.62
C GLN L 387 -44.48 75.02 -37.30
N ASP L 388 -44.24 76.32 -37.31
CA ASP L 388 -44.15 77.11 -36.08
C ASP L 388 -44.87 78.43 -36.26
N LYS L 389 -46.09 78.52 -35.76
CA LYS L 389 -46.72 79.80 -35.48
C LYS L 389 -46.34 80.18 -34.06
N LEU L 390 -45.74 81.36 -33.91
CA LEU L 390 -45.32 82.01 -32.66
C LEU L 390 -44.17 81.29 -31.96
N LEU L 391 -43.70 80.14 -32.45
CA LEU L 391 -42.38 79.65 -32.08
C LEU L 391 -41.30 80.28 -32.93
N THR L 392 -41.69 81.02 -33.96
CA THR L 392 -40.81 81.89 -34.72
C THR L 392 -40.78 83.31 -34.15
N ASP L 393 -41.21 83.49 -32.90
CA ASP L 393 -41.18 84.83 -32.30
C ASP L 393 -39.75 85.24 -31.94
N ASP L 394 -38.89 84.27 -31.62
CA ASP L 394 -37.45 84.56 -31.50
C ASP L 394 -36.88 85.02 -32.84
N GLY L 395 -37.38 84.45 -33.94
CA GLY L 395 -37.13 85.03 -35.23
C GLY L 395 -37.80 86.38 -35.38
N ASN L 396 -39.09 86.47 -35.04
CA ASN L 396 -39.92 87.63 -35.36
C ASN L 396 -39.41 88.89 -34.63
N LYS L 397 -38.88 88.73 -33.42
CA LYS L 397 -38.29 89.87 -32.75
C LYS L 397 -36.96 90.24 -33.38
N TRP L 398 -36.04 89.26 -33.50
CA TRP L 398 -34.72 89.51 -34.05
C TRP L 398 -34.75 89.85 -35.54
N LEU L 399 -35.78 89.41 -36.27
CA LEU L 399 -36.01 89.94 -37.62
C LEU L 399 -36.30 91.43 -37.57
N TYR L 400 -37.04 91.88 -36.55
CA TYR L 400 -37.43 93.28 -36.46
C TYR L 400 -36.60 94.05 -35.44
N LYS L 401 -35.37 93.61 -35.17
CA LYS L 401 -34.53 94.26 -34.17
C LYS L 401 -33.27 94.86 -34.79
N ASN L 402 -32.45 94.06 -35.47
CA ASN L 402 -31.25 94.53 -36.14
C ASN L 402 -30.82 93.49 -37.18
N LYS L 403 -29.55 93.59 -37.61
CA LYS L 403 -28.81 92.51 -38.29
C LYS L 403 -29.47 92.15 -39.63
N ASP L 404 -29.26 93.05 -40.59
CA ASP L 404 -29.82 92.93 -41.93
C ASP L 404 -29.49 91.60 -42.60
N HIS L 405 -28.25 91.13 -42.45
CA HIS L 405 -27.91 89.82 -42.99
C HIS L 405 -28.53 88.70 -42.17
N GLY L 406 -28.84 88.98 -40.90
CA GLY L 406 -29.66 88.05 -40.13
C GLY L 406 -31.14 88.23 -40.38
N MET L 407 -31.55 89.39 -40.92
CA MET L 407 -32.93 89.52 -41.39
C MET L 407 -33.14 88.66 -42.63
N LEU L 408 -32.13 88.59 -43.47
CA LEU L 408 -32.21 87.73 -44.64
C LEU L 408 -32.11 86.26 -44.23
N SER L 409 -31.32 85.99 -43.19
CA SER L 409 -31.06 84.61 -42.79
C SER L 409 -32.27 84.00 -42.10
N ALA L 410 -32.87 84.74 -41.15
CA ALA L 410 -34.06 84.24 -40.47
C ALA L 410 -35.24 84.12 -41.42
N ALA L 411 -35.28 84.96 -42.45
CA ALA L 411 -36.28 84.78 -43.49
C ALA L 411 -35.97 83.57 -44.37
N ALA L 412 -34.69 83.26 -44.54
CA ALA L 412 -34.31 82.07 -45.28
C ALA L 412 -34.52 80.79 -44.49
N SER L 413 -34.65 80.90 -43.17
CA SER L 413 -34.87 79.72 -42.34
C SER L 413 -36.27 79.18 -42.49
N LEU L 414 -37.22 80.02 -42.93
CA LEU L 414 -38.60 79.60 -43.06
C LEU L 414 -38.80 78.58 -44.17
N GLY L 415 -37.96 78.63 -45.21
CA GLY L 415 -38.02 77.63 -46.25
C GLY L 415 -37.57 76.27 -45.77
N MET L 416 -36.58 76.22 -44.88
CA MET L 416 -36.21 74.96 -44.25
C MET L 416 -37.26 74.47 -43.27
N ILE L 417 -38.08 75.38 -42.72
CA ILE L 417 -39.15 74.96 -41.82
C ILE L 417 -40.23 74.23 -42.61
N LEU L 418 -40.64 74.79 -43.74
CA LEU L 418 -41.56 74.09 -44.64
C LEU L 418 -40.76 73.57 -45.83
N LEU L 419 -40.16 72.40 -45.66
CA LEU L 419 -39.37 71.76 -46.69
C LEU L 419 -40.19 70.69 -47.38
N TRP L 420 -39.94 70.52 -48.69
CA TRP L 420 -40.63 69.58 -49.58
C TRP L 420 -42.14 69.82 -49.60
N ASP L 421 -42.54 71.09 -49.64
CA ASP L 421 -43.95 71.45 -49.48
C ASP L 421 -44.43 72.26 -50.67
N VAL L 422 -45.65 71.98 -51.11
CA VAL L 422 -46.26 72.74 -52.21
C VAL L 422 -47.69 73.07 -51.83
N ASP L 423 -48.17 72.44 -50.75
CA ASP L 423 -49.59 72.53 -50.40
C ASP L 423 -49.95 73.88 -49.78
N GLY L 424 -49.16 74.34 -48.81
CA GLY L 424 -49.44 75.61 -48.17
C GLY L 424 -48.18 76.37 -47.80
N GLY L 425 -47.12 76.16 -48.57
CA GLY L 425 -45.83 76.74 -48.22
C GLY L 425 -45.78 78.24 -48.45
N LEU L 426 -46.33 78.70 -49.57
CA LEU L 426 -46.29 80.12 -49.88
C LEU L 426 -47.21 80.94 -48.99
N THR L 427 -48.27 80.32 -48.47
CA THR L 427 -49.18 81.02 -47.56
C THR L 427 -48.51 81.32 -46.23
N GLN L 428 -47.55 80.50 -45.83
CA GLN L 428 -46.76 80.79 -44.65
C GLN L 428 -45.84 81.98 -44.87
N ILE L 429 -45.32 82.13 -46.08
CA ILE L 429 -44.42 83.24 -46.38
C ILE L 429 -45.15 84.57 -46.46
N ASP L 430 -46.37 84.59 -47.02
CA ASP L 430 -47.03 85.84 -47.41
C ASP L 430 -47.37 86.70 -46.20
N LYS L 431 -47.73 86.08 -45.07
CA LYS L 431 -47.99 86.87 -43.87
C LYS L 431 -46.73 87.47 -43.29
N TYR L 432 -45.59 86.81 -43.48
CA TYR L 432 -44.30 87.35 -43.06
C TYR L 432 -43.56 88.02 -44.21
N LEU L 433 -44.22 88.20 -45.36
CA LEU L 433 -43.58 88.79 -46.53
C LEU L 433 -43.67 90.30 -46.56
N TYR L 434 -44.83 90.85 -46.25
CA TYR L 434 -45.11 92.26 -46.51
C TYR L 434 -44.63 93.12 -45.34
N SER L 435 -43.31 93.30 -45.29
CA SER L 435 -42.69 94.31 -44.45
C SER L 435 -42.01 95.40 -45.28
N SER L 436 -42.00 95.24 -46.61
CA SER L 436 -41.46 96.20 -47.57
C SER L 436 -39.99 96.51 -47.33
N GLU L 437 -39.24 95.50 -46.93
CA GLU L 437 -37.82 95.65 -46.66
C GLU L 437 -37.00 94.86 -47.66
N ASP L 438 -35.78 95.36 -47.88
CA ASP L 438 -34.86 94.70 -48.81
C ASP L 438 -34.44 93.33 -48.29
N TYR L 439 -34.02 93.27 -47.04
CA TYR L 439 -33.42 92.05 -46.52
C TYR L 439 -34.48 91.01 -46.17
N ILE L 440 -35.67 91.46 -45.79
CA ILE L 440 -36.71 90.53 -45.35
C ILE L 440 -37.29 89.78 -46.54
N LYS L 441 -37.66 90.51 -47.59
CA LYS L 441 -38.28 89.85 -48.75
C LYS L 441 -37.26 89.07 -49.56
N SER L 442 -36.02 89.55 -49.65
CA SER L 442 -35.00 88.80 -50.39
C SER L 442 -34.59 87.53 -49.69
N GLY L 443 -34.77 87.45 -48.37
CA GLY L 443 -34.56 86.21 -47.67
C GLY L 443 -35.77 85.32 -47.77
N ALA L 444 -36.96 85.92 -47.72
CA ALA L 444 -38.19 85.14 -47.71
C ALA L 444 -38.48 84.56 -49.09
N LEU L 445 -38.32 85.36 -50.14
CA LEU L 445 -38.63 84.88 -51.48
C LEU L 445 -37.53 83.98 -52.04
N LEU L 446 -36.31 84.07 -51.51
CA LEU L 446 -35.32 83.04 -51.77
C LEU L 446 -35.72 81.73 -51.11
N ALA L 447 -36.30 81.82 -49.91
CA ALA L 447 -36.76 80.62 -49.21
C ALA L 447 -37.98 80.01 -49.88
N CYS L 448 -38.70 80.78 -50.69
CA CYS L 448 -39.79 80.20 -51.48
C CYS L 448 -39.29 79.19 -52.49
N GLY L 449 -38.11 79.44 -53.08
CA GLY L 449 -37.51 78.46 -53.97
C GLY L 449 -37.09 77.19 -53.25
N ILE L 450 -36.78 77.31 -51.96
CA ILE L 450 -36.48 76.16 -51.13
C ILE L 450 -37.74 75.38 -50.81
N VAL L 451 -38.88 76.08 -50.68
CA VAL L 451 -40.14 75.43 -50.33
C VAL L 451 -40.59 74.49 -51.45
N ASN L 452 -40.65 74.99 -52.67
CA ASN L 452 -41.03 74.18 -53.83
C ASN L 452 -39.85 73.46 -54.47
N SER L 453 -38.73 73.32 -53.76
CA SER L 453 -37.60 72.59 -54.27
C SER L 453 -37.90 71.11 -54.28
N GLY L 454 -37.54 70.44 -55.38
CA GLY L 454 -37.87 69.05 -55.57
C GLY L 454 -39.28 68.79 -56.07
N VAL L 455 -40.13 69.80 -56.13
CA VAL L 455 -41.49 69.64 -56.64
C VAL L 455 -41.51 69.69 -58.16
N ARG L 456 -40.88 70.74 -58.71
CA ARG L 456 -40.81 71.12 -60.14
C ARG L 456 -42.17 71.09 -60.86
N ASN L 457 -43.27 71.25 -60.13
CA ASN L 457 -44.59 71.38 -60.73
C ASN L 457 -44.81 72.85 -61.05
N GLU L 458 -46.04 73.23 -61.38
CA GLU L 458 -46.32 74.64 -61.60
C GLU L 458 -46.52 75.30 -60.23
N CYS L 459 -45.47 75.95 -59.77
CA CYS L 459 -45.55 76.84 -58.61
C CYS L 459 -45.20 78.26 -58.99
N ASP L 460 -44.00 78.47 -59.49
CA ASP L 460 -43.51 79.73 -60.04
C ASP L 460 -42.30 79.48 -60.93
N PRO L 461 -42.50 79.05 -62.17
CA PRO L 461 -41.36 79.04 -63.11
C PRO L 461 -40.90 80.42 -63.47
N ALA L 462 -41.83 81.36 -63.64
CA ALA L 462 -41.51 82.77 -63.76
C ALA L 462 -42.52 83.63 -63.03
N LEU L 463 -43.31 83.05 -62.12
CA LEU L 463 -44.41 83.78 -61.51
C LEU L 463 -43.90 84.71 -60.41
N ALA L 464 -43.32 84.14 -59.36
CA ALA L 464 -42.97 84.94 -58.18
C ALA L 464 -41.56 85.49 -58.27
N LEU L 465 -40.56 84.61 -58.43
CA LEU L 465 -39.17 85.02 -58.30
C LEU L 465 -38.65 85.73 -59.54
N LEU L 466 -39.31 85.58 -60.69
CA LEU L 466 -38.96 86.43 -61.82
C LEU L 466 -39.52 87.83 -61.63
N SER L 467 -40.71 87.94 -61.03
CA SER L 467 -41.24 89.24 -60.66
C SER L 467 -40.46 89.86 -59.51
N ASP L 468 -39.91 89.03 -58.62
CA ASP L 468 -39.03 89.55 -57.58
C ASP L 468 -37.72 90.04 -58.19
N TYR L 469 -37.28 89.39 -59.27
CA TYR L 469 -35.98 89.74 -59.83
C TYR L 469 -36.04 91.05 -60.59
N VAL L 470 -37.14 91.30 -61.31
CA VAL L 470 -37.26 92.53 -62.10
C VAL L 470 -37.57 93.75 -61.23
N LEU L 471 -37.67 93.58 -59.91
CA LEU L 471 -37.72 94.67 -58.96
C LEU L 471 -36.37 95.34 -58.77
N HIS L 472 -35.30 94.76 -59.34
CA HIS L 472 -33.94 95.16 -59.01
C HIS L 472 -33.60 96.53 -59.58
N ASN L 473 -33.14 97.41 -58.70
CA ASN L 473 -32.34 98.59 -59.01
C ASN L 473 -31.32 98.79 -57.92
N SER L 474 -31.02 97.74 -57.18
CA SER L 474 -30.61 97.87 -55.80
C SER L 474 -29.86 96.61 -55.39
N ASN L 475 -29.84 96.36 -54.08
CA ASN L 475 -29.17 95.27 -53.39
C ASN L 475 -29.98 93.98 -53.57
N THR L 476 -29.84 93.05 -52.61
CA THR L 476 -30.13 91.61 -52.69
C THR L 476 -31.46 91.17 -53.31
N MET L 477 -32.40 92.10 -53.55
CA MET L 477 -33.43 91.87 -54.55
C MET L 477 -32.79 91.49 -55.88
N ARG L 478 -31.73 92.22 -56.26
CA ARG L 478 -30.91 91.86 -57.41
C ARG L 478 -30.25 90.48 -57.22
N LEU L 479 -29.93 90.10 -55.98
CA LEU L 479 -29.19 88.87 -55.74
C LEU L 479 -30.12 87.69 -55.45
N GLY L 480 -30.90 87.79 -54.38
CA GLY L 480 -31.56 86.64 -53.80
C GLY L 480 -32.70 86.05 -54.62
N SER L 481 -33.09 86.71 -55.69
CA SER L 481 -34.23 86.22 -56.47
C SER L 481 -33.84 85.15 -57.46
N ILE L 482 -32.65 85.24 -58.05
CA ILE L 482 -32.26 84.23 -59.04
C ILE L 482 -31.82 82.93 -58.38
N PHE L 483 -31.47 82.96 -57.10
CA PHE L 483 -30.83 81.82 -56.47
C PHE L 483 -31.82 80.71 -56.16
N GLY L 484 -32.97 81.06 -55.58
CA GLY L 484 -33.90 80.05 -55.11
C GLY L 484 -34.61 79.31 -56.23
N LEU L 485 -34.86 79.98 -57.35
CA LEU L 485 -35.56 79.33 -58.44
C LEU L 485 -34.63 78.38 -59.19
N GLY L 486 -33.37 78.76 -59.34
CA GLY L 486 -32.38 77.82 -59.85
C GLY L 486 -32.12 76.71 -58.86
N LEU L 487 -32.28 76.98 -57.57
CA LEU L 487 -32.24 75.93 -56.56
C LEU L 487 -33.48 75.04 -56.67
N ALA L 488 -34.63 75.62 -56.99
CA ALA L 488 -35.85 74.82 -57.12
C ALA L 488 -35.80 73.96 -58.38
N TYR L 489 -35.35 74.53 -59.50
CA TYR L 489 -35.29 73.82 -60.76
C TYR L 489 -33.88 73.31 -61.07
N ALA L 490 -33.13 72.98 -60.01
CA ALA L 490 -31.82 72.37 -60.21
C ALA L 490 -31.93 70.96 -60.77
N GLY L 491 -32.98 70.23 -60.38
CA GLY L 491 -33.15 68.87 -60.88
C GLY L 491 -33.56 68.83 -62.33
N SER L 492 -34.10 69.92 -62.85
CA SER L 492 -34.50 69.97 -64.24
C SER L 492 -33.36 70.52 -65.11
N ASN L 493 -33.49 70.28 -66.41
CA ASN L 493 -32.56 70.82 -67.39
C ASN L 493 -33.38 71.63 -68.40
N ARG L 494 -34.33 72.41 -67.89
CA ARG L 494 -35.18 73.20 -68.76
C ARG L 494 -34.41 74.39 -69.32
N GLU L 495 -34.69 74.71 -70.58
CA GLU L 495 -33.93 75.72 -71.30
C GLU L 495 -34.52 77.11 -71.17
N ASP L 496 -35.84 77.21 -70.93
CA ASP L 496 -36.54 78.50 -71.01
C ASP L 496 -36.10 79.47 -69.90
N VAL L 497 -36.20 79.06 -68.63
CA VAL L 497 -35.85 79.95 -67.54
C VAL L 497 -34.34 80.08 -67.42
N LEU L 498 -33.59 79.15 -68.01
CA LEU L 498 -32.17 79.36 -68.21
C LEU L 498 -31.92 80.54 -69.13
N THR L 499 -32.74 80.69 -70.16
CA THR L 499 -32.64 81.85 -71.03
C THR L 499 -33.35 83.07 -70.45
N LEU L 500 -34.26 82.88 -69.49
CA LEU L 500 -34.77 84.03 -68.75
C LEU L 500 -33.70 84.63 -67.85
N LEU L 501 -32.87 83.79 -67.25
CA LEU L 501 -31.89 84.24 -66.29
C LEU L 501 -30.49 84.35 -66.87
N LEU L 502 -30.33 84.13 -68.16
CA LEU L 502 -29.08 84.47 -68.84
C LEU L 502 -28.86 85.98 -69.01
N PRO L 503 -29.89 86.84 -69.22
CA PRO L 503 -29.62 88.29 -69.14
C PRO L 503 -29.24 88.80 -67.76
N VAL L 504 -29.33 87.99 -66.70
CA VAL L 504 -28.66 88.35 -65.45
C VAL L 504 -27.16 88.42 -65.68
N MET L 505 -26.61 87.40 -66.35
CA MET L 505 -25.22 87.41 -66.75
C MET L 505 -24.95 88.49 -67.79
N GLY L 506 -25.89 88.68 -68.72
CA GLY L 506 -25.72 89.65 -69.78
C GLY L 506 -26.09 91.07 -69.45
N ASP L 507 -26.52 91.34 -68.21
CA ASP L 507 -26.89 92.70 -67.84
C ASP L 507 -25.66 93.61 -67.74
N SER L 508 -24.55 93.05 -67.26
CA SER L 508 -23.31 93.76 -66.90
C SER L 508 -23.53 94.85 -65.85
N LYS L 509 -24.65 94.80 -65.13
CA LYS L 509 -24.80 95.55 -63.89
C LYS L 509 -23.85 94.93 -62.88
N SER L 510 -22.87 95.71 -62.44
CA SER L 510 -21.61 95.14 -61.97
C SER L 510 -21.62 94.79 -60.49
N SER L 511 -22.80 94.43 -59.96
CA SER L 511 -22.86 93.79 -58.65
C SER L 511 -22.15 92.44 -58.73
N MET L 512 -20.99 92.36 -58.09
CA MET L 512 -20.09 91.23 -58.31
C MET L 512 -20.62 89.95 -57.69
N GLU L 513 -21.20 90.05 -56.50
CA GLU L 513 -21.74 88.87 -55.83
C GLU L 513 -22.98 88.34 -56.54
N VAL L 514 -23.70 89.21 -57.24
CA VAL L 514 -24.89 88.79 -57.98
C VAL L 514 -24.49 87.96 -59.18
N ALA L 515 -23.48 88.42 -59.92
CA ALA L 515 -22.97 87.65 -61.05
C ALA L 515 -22.29 86.38 -60.60
N GLY L 516 -21.72 86.37 -59.39
CA GLY L 516 -21.08 85.17 -58.89
C GLY L 516 -22.08 84.06 -58.59
N VAL L 517 -23.16 84.39 -57.88
CA VAL L 517 -24.20 83.41 -57.61
C VAL L 517 -25.08 83.15 -58.81
N THR L 518 -24.96 83.98 -59.86
CA THR L 518 -25.61 83.67 -61.12
C THR L 518 -24.99 82.44 -61.75
N ALA L 519 -23.65 82.34 -61.72
CA ALA L 519 -22.97 81.14 -62.17
C ALA L 519 -23.31 79.95 -61.28
N LEU L 520 -23.54 80.22 -59.99
CA LEU L 520 -23.96 79.16 -59.09
C LEU L 520 -25.39 78.73 -59.38
N ALA L 521 -26.26 79.66 -59.76
CA ALA L 521 -27.66 79.33 -60.00
C ALA L 521 -27.82 78.51 -61.28
N CYS L 522 -27.15 78.93 -62.35
CA CYS L 522 -27.25 78.19 -63.60
C CYS L 522 -26.45 76.89 -63.55
N GLY L 523 -25.42 76.84 -62.71
CA GLY L 523 -24.66 75.62 -62.56
C GLY L 523 -25.47 74.50 -61.92
N MET L 524 -26.38 74.86 -61.01
CA MET L 524 -27.24 73.87 -60.39
C MET L 524 -28.22 73.26 -61.36
N ILE L 525 -28.55 73.98 -62.44
CA ILE L 525 -29.59 73.52 -63.35
C ILE L 525 -29.06 72.44 -64.27
N ALA L 526 -28.04 72.76 -65.07
CA ALA L 526 -27.59 71.87 -66.13
C ALA L 526 -26.24 71.25 -65.80
N VAL L 527 -26.05 70.02 -66.26
CA VAL L 527 -24.77 69.34 -66.18
C VAL L 527 -24.23 68.93 -67.54
N GLY L 528 -25.03 69.05 -68.60
CA GLY L 528 -24.66 68.55 -69.92
C GLY L 528 -24.46 69.63 -70.96
N SER L 529 -25.52 69.87 -71.73
CA SER L 529 -25.52 70.72 -72.91
C SER L 529 -25.51 72.21 -72.59
N CYS L 530 -25.88 73.00 -73.60
CA CYS L 530 -25.93 74.47 -73.57
C CYS L 530 -24.54 75.05 -73.29
N ASN L 531 -23.68 74.88 -74.30
CA ASN L 531 -22.36 75.49 -74.32
C ASN L 531 -22.42 77.02 -74.32
N GLY L 532 -23.56 77.61 -74.70
CA GLY L 532 -23.74 79.05 -74.61
C GLY L 532 -23.73 79.60 -73.20
N ASP L 533 -24.04 78.75 -72.22
CA ASP L 533 -23.80 79.13 -70.83
C ASP L 533 -22.32 79.32 -70.58
N VAL L 534 -21.50 78.41 -71.10
CA VAL L 534 -20.05 78.51 -70.95
C VAL L 534 -19.53 79.73 -71.71
N THR L 535 -20.18 80.07 -72.82
CA THR L 535 -19.84 81.31 -73.52
C THR L 535 -20.25 82.54 -72.71
N SER L 536 -21.48 82.55 -72.19
CA SER L 536 -22.02 83.71 -71.48
C SER L 536 -21.26 84.02 -70.21
N THR L 537 -20.78 82.98 -69.52
CA THR L 537 -20.00 83.19 -68.29
C THR L 537 -18.65 83.80 -68.61
N ILE L 538 -17.92 83.24 -69.58
CA ILE L 538 -16.55 83.69 -69.80
C ILE L 538 -16.49 85.05 -70.46
N LEU L 539 -17.59 85.52 -71.04
CA LEU L 539 -17.62 86.89 -71.54
C LEU L 539 -17.46 87.89 -70.41
N GLN L 540 -18.29 87.78 -69.37
CA GLN L 540 -18.16 88.68 -68.23
C GLN L 540 -16.90 88.38 -67.40
N THR L 541 -16.38 87.15 -67.49
CA THR L 541 -15.12 86.83 -66.84
C THR L 541 -13.96 87.60 -67.44
N ILE L 542 -13.87 87.60 -68.78
CA ILE L 542 -12.79 88.32 -69.45
C ILE L 542 -13.03 89.82 -69.36
N MET L 543 -14.29 90.26 -69.22
CA MET L 543 -14.54 91.69 -69.01
C MET L 543 -14.09 92.14 -67.63
N GLU L 544 -14.36 91.34 -66.59
CA GLU L 544 -14.18 91.81 -65.23
C GLU L 544 -12.86 91.32 -64.62
N LYS L 545 -12.65 90.01 -64.60
CA LYS L 545 -11.54 89.41 -63.86
C LYS L 545 -10.19 89.72 -64.51
N SER L 546 -10.17 90.05 -65.80
CA SER L 546 -8.95 90.51 -66.43
C SER L 546 -8.51 91.85 -65.87
N GLU L 547 -9.47 92.74 -65.60
CA GLU L 547 -9.14 94.07 -65.10
C GLU L 547 -9.14 94.13 -63.58
N THR L 548 -8.47 93.15 -62.96
CA THR L 548 -8.33 93.03 -61.52
C THR L 548 -7.33 91.91 -61.27
N GLU L 549 -6.81 91.87 -60.04
CA GLU L 549 -6.04 90.74 -59.52
C GLU L 549 -6.47 90.45 -58.09
N LEU L 550 -7.77 90.43 -57.87
CA LEU L 550 -8.34 90.57 -56.53
C LEU L 550 -9.25 89.38 -56.22
N LYS L 551 -10.07 89.56 -55.18
CA LYS L 551 -10.69 88.54 -54.34
C LYS L 551 -11.42 87.40 -55.04
N ASP L 552 -11.59 86.30 -54.32
CA ASP L 552 -12.11 85.05 -54.85
C ASP L 552 -13.63 85.05 -55.00
N THR L 553 -14.29 86.18 -54.77
CA THR L 553 -15.67 86.37 -55.25
C THR L 553 -15.75 86.16 -56.76
N TYR L 554 -14.74 86.63 -57.48
CA TYR L 554 -14.47 86.17 -58.84
C TYR L 554 -14.29 84.66 -58.89
N ALA L 555 -13.36 84.15 -58.09
CA ALA L 555 -12.78 82.83 -58.34
C ALA L 555 -13.59 81.69 -57.74
N ARG L 556 -14.27 81.92 -56.62
CA ARG L 556 -15.00 80.83 -55.98
C ARG L 556 -16.38 80.60 -56.59
N TRP L 557 -16.84 81.48 -57.44
CA TRP L 557 -18.22 81.41 -57.88
C TRP L 557 -18.38 81.28 -59.38
N LEU L 558 -17.58 81.99 -60.15
CA LEU L 558 -17.76 82.01 -61.60
C LEU L 558 -17.25 80.74 -62.30
N PRO L 559 -16.04 80.21 -62.05
CA PRO L 559 -15.67 78.97 -62.77
C PRO L 559 -16.36 77.74 -62.23
N LEU L 560 -17.05 77.84 -61.11
CA LEU L 560 -17.65 76.67 -60.50
C LEU L 560 -18.89 76.21 -61.26
N GLY L 561 -19.73 77.16 -61.66
CA GLY L 561 -20.91 76.80 -62.44
C GLY L 561 -20.57 76.28 -63.82
N LEU L 562 -19.38 76.62 -64.32
CA LEU L 562 -18.83 75.96 -65.49
C LEU L 562 -18.66 74.47 -65.26
N GLY L 563 -17.94 74.12 -64.20
CA GLY L 563 -17.75 72.72 -63.87
C GLY L 563 -19.03 72.02 -63.45
N LEU L 564 -19.98 72.78 -62.90
CA LEU L 564 -21.29 72.21 -62.63
C LEU L 564 -22.05 71.98 -63.92
N ASN L 565 -21.78 72.79 -64.94
CA ASN L 565 -22.35 72.56 -66.26
C ASN L 565 -21.62 71.47 -67.02
N HIS L 566 -20.48 70.99 -66.51
CA HIS L 566 -19.72 69.93 -67.16
C HIS L 566 -19.21 68.93 -66.14
N LEU L 567 -20.11 68.45 -65.29
CA LEU L 567 -19.75 67.51 -64.26
C LEU L 567 -19.86 66.08 -64.78
N GLY L 568 -18.93 65.23 -64.34
CA GLY L 568 -19.09 63.79 -64.42
C GLY L 568 -18.93 63.15 -65.78
N LYS L 569 -17.77 63.33 -66.41
CA LYS L 569 -17.43 62.60 -67.63
C LYS L 569 -15.92 62.57 -67.79
N GLY L 570 -15.36 61.38 -67.89
CA GLY L 570 -13.92 61.22 -67.97
C GLY L 570 -13.42 61.20 -69.40
N GLU L 571 -14.05 62.00 -70.24
CA GLU L 571 -13.71 62.05 -71.65
C GLU L 571 -12.44 62.85 -71.92
N ALA L 572 -12.11 63.79 -71.01
CA ALA L 572 -11.00 64.74 -71.14
C ALA L 572 -11.07 65.55 -72.43
N ILE L 573 -12.29 65.86 -72.88
CA ILE L 573 -12.50 66.85 -73.94
C ILE L 573 -12.90 68.16 -73.26
N GLU L 574 -13.60 68.04 -72.12
CA GLU L 574 -14.03 69.22 -71.39
C GLU L 574 -12.85 70.00 -70.82
N ALA L 575 -11.74 69.32 -70.54
CA ALA L 575 -10.51 70.04 -70.19
C ALA L 575 -9.91 70.69 -71.43
N ILE L 576 -10.01 70.03 -72.58
CA ILE L 576 -9.55 70.62 -73.83
C ILE L 576 -10.44 71.79 -74.22
N LEU L 577 -11.74 71.71 -73.90
CA LEU L 577 -12.64 72.84 -74.12
C LEU L 577 -12.27 74.01 -73.23
N ALA L 578 -12.30 73.81 -71.91
CA ALA L 578 -12.31 74.93 -70.98
C ALA L 578 -10.93 75.54 -70.79
N ALA L 579 -9.89 74.71 -70.64
CA ALA L 579 -8.57 75.23 -70.31
C ALA L 579 -7.94 75.96 -71.49
N LEU L 580 -8.24 75.52 -72.71
CA LEU L 580 -7.81 76.23 -73.89
C LEU L 580 -8.70 77.42 -74.21
N GLU L 581 -9.83 77.55 -73.52
CA GLU L 581 -10.75 78.67 -73.69
C GLU L 581 -10.35 79.85 -72.81
N VAL L 582 -9.74 79.58 -71.65
CA VAL L 582 -9.44 80.62 -70.69
C VAL L 582 -7.92 80.67 -70.56
N VAL L 583 -7.23 80.48 -71.69
CA VAL L 583 -5.79 80.68 -71.74
C VAL L 583 -5.49 82.14 -71.41
N SER L 584 -4.86 82.35 -70.25
CA SER L 584 -4.90 83.65 -69.59
C SER L 584 -3.82 83.68 -68.50
N GLU L 585 -3.86 84.73 -67.68
CA GLU L 585 -2.89 84.93 -66.62
C GLU L 585 -3.15 83.94 -65.48
N PRO L 586 -2.14 83.63 -64.64
CA PRO L 586 -2.31 82.51 -63.69
C PRO L 586 -3.34 82.72 -62.59
N PHE L 587 -3.68 83.97 -62.26
CA PHE L 587 -4.75 84.16 -61.29
C PHE L 587 -6.13 83.96 -61.91
N ARG L 588 -6.21 83.96 -63.24
CA ARG L 588 -7.36 83.39 -63.94
C ARG L 588 -7.15 81.92 -64.30
N SER L 589 -5.90 81.45 -64.32
CA SER L 589 -5.63 80.02 -64.47
C SER L 589 -5.68 79.29 -63.13
N PHE L 590 -6.15 79.97 -62.08
CA PHE L 590 -6.75 79.30 -60.94
C PHE L 590 -7.92 78.41 -61.36
N ALA L 591 -8.67 78.85 -62.39
CA ALA L 591 -9.80 78.13 -62.91
C ALA L 591 -9.43 76.90 -63.73
N ASN L 592 -8.13 76.68 -63.96
CA ASN L 592 -7.68 75.54 -64.74
C ASN L 592 -8.00 74.22 -64.05
N THR L 593 -7.87 74.18 -62.73
CA THR L 593 -8.11 72.97 -61.97
C THR L 593 -9.59 72.70 -61.72
N LEU L 594 -10.46 73.68 -61.96
CA LEU L 594 -11.86 73.52 -61.60
C LEU L 594 -12.58 72.60 -62.58
N VAL L 595 -12.69 73.02 -63.83
CA VAL L 595 -13.50 72.30 -64.79
C VAL L 595 -12.77 71.05 -65.28
N ASP L 596 -11.46 70.98 -65.02
CA ASP L 596 -10.70 69.74 -65.21
C ASP L 596 -11.30 68.59 -64.43
N VAL L 597 -11.42 68.75 -63.12
CA VAL L 597 -11.75 67.64 -62.24
C VAL L 597 -13.20 67.65 -61.81
N CYS L 598 -13.96 68.71 -62.14
CA CYS L 598 -15.40 68.64 -61.95
C CYS L 598 -16.03 67.63 -62.90
N ALA L 599 -15.40 67.40 -64.05
CA ALA L 599 -15.75 66.30 -64.94
C ALA L 599 -15.29 64.94 -64.42
N TYR L 600 -14.60 64.92 -63.29
CA TYR L 600 -13.90 63.76 -62.74
C TYR L 600 -14.46 63.48 -61.35
N ALA L 601 -15.77 63.26 -61.27
CA ALA L 601 -16.44 63.05 -59.99
C ALA L 601 -15.96 61.78 -59.30
N GLY L 602 -16.01 60.64 -59.98
CA GLY L 602 -15.59 59.41 -59.35
C GLY L 602 -15.39 58.23 -60.28
N SER L 603 -14.19 57.64 -60.18
CA SER L 603 -13.67 56.55 -61.00
C SER L 603 -12.29 56.19 -60.48
N GLY L 604 -11.61 55.26 -61.13
CA GLY L 604 -10.18 55.15 -60.93
C GLY L 604 -9.41 55.71 -62.11
N ASN L 605 -8.92 56.94 -61.98
CA ASN L 605 -8.10 57.56 -63.02
C ASN L 605 -6.85 58.15 -62.39
N VAL L 606 -6.14 57.30 -61.64
CA VAL L 606 -5.02 57.64 -60.76
C VAL L 606 -3.93 58.46 -61.48
N LEU L 607 -3.82 58.30 -62.79
CA LEU L 607 -2.96 59.15 -63.61
C LEU L 607 -3.38 60.61 -63.57
N LYS L 608 -4.67 60.89 -63.36
CA LYS L 608 -5.06 62.26 -63.10
C LYS L 608 -4.68 62.66 -61.68
N VAL L 609 -4.61 61.70 -60.76
CA VAL L 609 -4.37 62.08 -59.39
C VAL L 609 -2.90 62.42 -59.18
N GLN L 610 -2.03 61.90 -60.03
CA GLN L 610 -0.63 62.30 -59.92
C GLN L 610 -0.37 63.65 -60.56
N GLN L 611 -1.09 64.03 -61.61
CA GLN L 611 -0.99 65.41 -62.07
C GLN L 611 -1.79 66.33 -61.17
N LEU L 612 -2.65 65.77 -60.33
CA LEU L 612 -3.29 66.50 -59.26
C LEU L 612 -2.32 66.74 -58.10
N LEU L 613 -1.14 66.14 -58.13
CA LEU L 613 -0.13 66.38 -57.11
C LEU L 613 1.16 66.95 -57.69
N HIS L 614 1.68 66.36 -58.75
CA HIS L 614 3.07 66.62 -59.14
C HIS L 614 3.29 68.01 -59.71
N ILE L 615 2.29 68.62 -60.33
CA ILE L 615 2.50 69.92 -60.95
C ILE L 615 2.62 71.01 -59.89
N CYS L 616 1.58 71.21 -59.09
CA CYS L 616 1.66 72.11 -57.95
C CYS L 616 1.69 71.31 -56.65
N SER L 617 2.88 70.84 -56.28
CA SER L 617 2.99 70.08 -55.05
C SER L 617 3.21 70.99 -53.84
N GLU L 618 4.41 71.55 -53.69
CA GLU L 618 4.67 72.50 -52.61
C GLU L 618 5.25 73.81 -53.11
N HIS L 619 6.48 73.81 -53.63
CA HIS L 619 7.23 74.90 -54.26
C HIS L 619 7.58 76.08 -53.32
N PHE L 620 7.06 76.06 -52.09
CA PHE L 620 7.26 76.97 -50.96
C PHE L 620 6.64 78.36 -51.17
N ASP L 621 6.44 78.75 -52.44
CA ASP L 621 5.38 79.62 -52.96
C ASP L 621 5.00 80.83 -52.12
N SER L 622 5.84 81.86 -52.06
CA SER L 622 5.66 82.96 -51.11
C SER L 622 4.44 83.81 -51.49
N LYS L 623 3.25 83.24 -51.21
CA LYS L 623 1.96 83.93 -51.12
C LYS L 623 1.50 84.49 -52.47
N GLU L 624 1.62 83.69 -53.53
CA GLU L 624 1.09 84.11 -54.83
C GLU L 624 -0.01 83.19 -55.32
N LYS L 625 0.25 81.90 -55.50
CA LYS L 625 -0.75 80.98 -56.02
C LYS L 625 -1.27 80.00 -54.97
N GLU L 626 -1.15 80.34 -53.68
CA GLU L 626 -1.56 79.47 -52.57
C GLU L 626 -3.03 79.06 -52.62
N GLU L 627 -3.87 79.84 -53.31
CA GLU L 627 -5.26 79.43 -53.51
C GLU L 627 -5.35 78.25 -54.48
N ASP L 628 -4.43 78.18 -55.45
CA ASP L 628 -4.53 77.16 -56.48
C ASP L 628 -4.16 75.79 -55.95
N LYS L 629 -3.15 75.70 -55.08
CA LYS L 629 -2.81 74.43 -54.46
C LYS L 629 -3.87 73.98 -53.47
N ASP L 630 -4.61 74.92 -52.89
CA ASP L 630 -5.76 74.54 -52.08
C ASP L 630 -6.87 73.98 -52.94
N LYS L 631 -7.15 74.63 -54.06
CA LYS L 631 -8.22 74.16 -54.94
C LYS L 631 -7.78 72.92 -55.72
N LYS L 632 -6.48 72.75 -55.96
CA LYS L 632 -6.00 71.49 -56.51
C LYS L 632 -6.18 70.38 -55.49
N GLU L 633 -6.00 70.69 -54.20
CA GLU L 633 -6.30 69.73 -53.16
C GLU L 633 -7.80 69.53 -53.00
N LYS L 634 -8.59 70.57 -53.29
CA LYS L 634 -10.04 70.47 -53.24
C LYS L 634 -10.57 69.45 -54.23
N LYS L 635 -9.91 69.34 -55.37
CA LYS L 635 -10.37 68.36 -56.36
C LYS L 635 -9.79 66.98 -56.08
N ASP L 636 -8.84 66.88 -55.16
CA ASP L 636 -8.41 65.59 -54.68
C ASP L 636 -9.44 64.98 -53.75
N LYS L 637 -10.32 65.82 -53.19
CA LYS L 637 -11.31 65.37 -52.22
C LYS L 637 -12.35 64.48 -52.88
N ASP L 638 -12.86 64.89 -54.04
CA ASP L 638 -13.62 63.98 -54.88
C ASP L 638 -12.64 63.23 -55.76
N LYS L 639 -13.16 62.29 -56.56
CA LYS L 639 -12.47 61.13 -57.15
C LYS L 639 -11.91 60.22 -56.03
N LYS L 640 -12.50 60.36 -54.85
CA LYS L 640 -12.05 59.64 -53.66
C LYS L 640 -13.27 59.18 -52.88
N GLU L 641 -14.40 59.82 -53.12
CA GLU L 641 -15.60 59.58 -52.33
C GLU L 641 -16.52 58.55 -52.96
N ALA L 642 -16.17 58.03 -54.13
CA ALA L 642 -16.87 56.87 -54.67
C ALA L 642 -16.04 55.86 -55.46
N PRO L 643 -14.87 55.35 -54.98
CA PRO L 643 -14.47 54.00 -55.40
C PRO L 643 -14.93 52.98 -54.37
N ALA L 644 -15.79 53.43 -53.46
CA ALA L 644 -16.35 52.65 -52.35
C ALA L 644 -15.25 52.12 -51.44
N ASP L 645 -14.59 53.09 -50.79
CA ASP L 645 -13.72 52.92 -49.63
C ASP L 645 -12.38 52.28 -50.01
N MET L 646 -12.19 51.96 -51.28
CA MET L 646 -10.94 51.44 -51.79
C MET L 646 -9.85 52.49 -51.73
N GLY L 647 -10.21 53.74 -52.00
CA GLY L 647 -9.25 54.81 -51.99
C GLY L 647 -9.49 55.75 -50.82
N ALA L 648 -10.59 55.56 -50.12
CA ALA L 648 -10.88 56.38 -48.95
C ALA L 648 -9.91 56.08 -47.82
N HIS L 649 -9.51 54.82 -47.68
CA HIS L 649 -8.44 54.49 -46.74
C HIS L 649 -7.12 55.08 -47.22
N GLN L 650 -6.89 55.07 -48.53
CA GLN L 650 -5.67 55.66 -49.05
C GLN L 650 -5.72 57.18 -48.96
N GLY L 651 -6.92 57.74 -49.07
CA GLY L 651 -7.05 59.19 -48.99
C GLY L 651 -6.80 59.72 -47.59
N VAL L 652 -7.28 59.00 -46.59
CA VAL L 652 -7.01 59.44 -45.23
C VAL L 652 -5.58 59.10 -44.83
N ALA L 653 -4.95 58.14 -45.52
CA ALA L 653 -3.56 57.83 -45.24
C ALA L 653 -2.64 58.91 -45.78
N VAL L 654 -2.94 59.41 -46.98
CA VAL L 654 -2.13 60.46 -47.57
C VAL L 654 -2.34 61.78 -46.85
N LEU L 655 -3.60 62.22 -46.74
CA LEU L 655 -3.88 63.58 -46.34
C LEU L 655 -3.70 63.81 -44.84
N GLY L 656 -3.61 62.74 -44.07
CA GLY L 656 -3.26 62.90 -42.67
C GLY L 656 -1.76 63.08 -42.56
N ILE L 657 -1.01 62.30 -43.33
CA ILE L 657 0.44 62.36 -43.31
C ILE L 657 1.03 63.61 -43.98
N ALA L 658 1.29 63.51 -45.27
CA ALA L 658 1.87 64.62 -46.04
C ALA L 658 0.89 65.73 -46.40
N LEU L 659 0.47 66.48 -45.37
CA LEU L 659 -0.46 67.60 -45.53
C LEU L 659 -0.43 68.41 -44.24
N ILE L 660 -1.14 67.89 -43.24
CA ILE L 660 -1.22 68.51 -41.93
C ILE L 660 -0.06 68.06 -41.06
N ALA L 661 0.49 66.87 -41.32
CA ALA L 661 1.63 66.38 -40.54
C ALA L 661 2.93 66.47 -41.32
N MET L 662 2.85 67.14 -42.48
CA MET L 662 3.96 67.41 -43.37
C MET L 662 3.54 68.38 -44.48
N GLY L 663 3.17 69.61 -44.10
CA GLY L 663 2.74 70.61 -45.08
C GLY L 663 2.64 72.06 -44.60
N GLU L 664 2.08 72.92 -45.45
CA GLU L 664 1.91 74.36 -45.15
C GLU L 664 0.52 74.89 -45.52
N GLU L 665 0.42 76.19 -45.85
CA GLU L 665 -0.86 76.76 -46.21
C GLU L 665 -1.78 75.76 -46.89
N ILE L 666 -1.25 74.71 -47.49
CA ILE L 666 -2.12 73.69 -48.09
C ILE L 666 -2.77 72.87 -46.99
N GLY L 667 -1.97 72.38 -46.05
CA GLY L 667 -2.48 71.57 -44.96
C GLY L 667 -3.22 72.36 -43.91
N ALA L 668 -2.49 73.25 -43.23
CA ALA L 668 -2.99 73.89 -42.02
C ALA L 668 -3.93 75.07 -42.29
N GLU L 669 -4.42 75.23 -43.50
CA GLU L 669 -5.49 76.19 -43.78
C GLU L 669 -6.72 75.51 -44.34
N MET L 670 -6.55 74.48 -45.16
CA MET L 670 -7.62 74.05 -46.05
C MET L 670 -7.81 72.54 -46.14
N ALA L 671 -6.80 71.71 -45.85
CA ALA L 671 -6.86 70.30 -46.19
C ALA L 671 -7.72 69.46 -45.24
N LEU L 672 -8.53 70.08 -44.38
CA LEU L 672 -9.48 69.34 -43.58
C LEU L 672 -10.84 69.27 -44.24
N ARG L 673 -11.06 70.03 -45.31
CA ARG L 673 -12.34 69.95 -46.02
C ARG L 673 -12.51 68.65 -46.80
N THR L 674 -11.46 67.83 -46.88
CA THR L 674 -11.62 66.46 -47.37
C THR L 674 -12.57 65.68 -46.48
N PHE L 675 -12.34 65.78 -45.17
CA PHE L 675 -13.09 64.96 -44.22
C PHE L 675 -14.51 65.47 -44.08
N GLY L 676 -14.74 66.74 -44.38
CA GLY L 676 -16.07 67.27 -44.57
C GLY L 676 -16.68 66.98 -45.92
N HIS L 677 -15.96 66.24 -46.77
CA HIS L 677 -16.43 65.90 -48.10
C HIS L 677 -16.27 64.42 -48.43
N LEU L 678 -15.35 63.71 -47.76
CA LEU L 678 -15.12 62.31 -48.10
C LEU L 678 -16.26 61.44 -47.62
N LEU L 679 -16.53 61.46 -46.32
CA LEU L 679 -17.69 60.77 -45.79
C LEU L 679 -18.42 61.72 -44.86
N ARG L 680 -19.68 61.43 -44.52
CA ARG L 680 -20.27 62.15 -43.41
C ARG L 680 -21.10 61.21 -42.55
N TYR L 681 -20.71 59.94 -42.57
CA TYR L 681 -21.26 58.99 -41.62
C TYR L 681 -20.70 59.17 -40.22
N GLY L 682 -19.40 59.41 -40.11
CA GLY L 682 -18.75 59.48 -38.83
C GLY L 682 -18.21 58.13 -38.38
N GLU L 683 -16.92 58.08 -38.07
CA GLU L 683 -16.29 56.92 -37.48
C GLU L 683 -15.07 57.46 -36.75
N PRO L 684 -14.69 56.88 -35.61
CA PRO L 684 -13.74 57.57 -34.72
C PRO L 684 -12.30 57.61 -35.21
N THR L 685 -11.99 57.07 -36.39
CA THR L 685 -10.66 57.28 -36.94
C THR L 685 -10.45 58.73 -37.31
N LEU L 686 -11.24 59.23 -38.27
CA LEU L 686 -11.07 60.61 -38.69
C LEU L 686 -11.79 61.59 -37.76
N ARG L 687 -12.88 61.15 -37.12
CA ARG L 687 -13.59 62.02 -36.19
C ARG L 687 -12.76 62.30 -34.94
N ARG L 688 -11.78 61.48 -34.64
CA ARG L 688 -10.85 61.87 -33.59
C ARG L 688 -9.55 62.44 -34.14
N ALA L 689 -9.29 62.25 -35.44
CA ALA L 689 -8.10 62.82 -36.06
C ALA L 689 -8.20 64.32 -36.25
N VAL L 690 -9.41 64.86 -36.30
CA VAL L 690 -9.61 66.29 -36.43
C VAL L 690 -9.36 67.04 -35.11
N PRO L 691 -9.83 66.58 -33.92
CA PRO L 691 -9.42 67.29 -32.69
C PRO L 691 -7.97 67.11 -32.30
N LEU L 692 -7.23 66.23 -32.99
CA LEU L 692 -5.78 66.28 -32.89
C LEU L 692 -5.25 67.61 -33.40
N ALA L 693 -5.90 68.18 -34.40
CA ALA L 693 -5.55 69.48 -34.94
C ALA L 693 -6.57 70.56 -34.58
N LEU L 694 -7.50 70.28 -33.69
CA LEU L 694 -8.46 71.30 -33.25
C LEU L 694 -8.33 71.69 -31.79
N ALA L 695 -8.21 70.71 -30.89
CA ALA L 695 -7.90 71.01 -29.48
C ALA L 695 -6.57 71.75 -29.38
N LEU L 696 -5.61 71.35 -30.21
CA LEU L 696 -4.51 72.23 -30.59
C LEU L 696 -5.07 73.14 -31.68
N ILE L 697 -5.49 74.33 -31.27
CA ILE L 697 -6.08 75.30 -32.20
C ILE L 697 -5.00 75.83 -33.15
N SER L 698 -3.76 75.92 -32.68
CA SER L 698 -2.64 76.58 -33.35
C SER L 698 -2.98 78.02 -33.69
N VAL L 699 -3.16 78.83 -32.63
CA VAL L 699 -3.74 80.17 -32.72
C VAL L 699 -2.84 81.20 -33.39
N SER L 700 -1.62 80.83 -33.80
CA SER L 700 -0.70 81.77 -34.45
C SER L 700 -1.20 82.20 -35.82
N ASN L 701 -1.91 81.33 -36.54
CA ASN L 701 -2.48 81.66 -37.83
C ASN L 701 -3.78 82.45 -37.61
N PRO L 702 -4.43 82.95 -38.68
CA PRO L 702 -5.79 83.48 -38.49
C PRO L 702 -6.76 82.36 -38.17
N ARG L 703 -6.82 82.01 -36.87
CA ARG L 703 -7.29 80.75 -36.31
C ARG L 703 -8.67 80.28 -36.78
N LEU L 704 -9.46 81.17 -37.36
CA LEU L 704 -10.71 80.78 -37.99
C LEU L 704 -10.49 79.97 -39.26
N ASN L 705 -9.26 79.88 -39.75
CA ASN L 705 -8.91 78.82 -40.70
C ASN L 705 -9.04 77.45 -40.05
N ILE L 706 -8.46 77.27 -38.87
CA ILE L 706 -8.63 76.03 -38.12
C ILE L 706 -10.01 75.99 -37.49
N LEU L 707 -10.61 77.15 -37.20
CA LEU L 707 -12.00 77.10 -36.76
C LEU L 707 -12.97 76.99 -37.93
N ASP L 708 -12.51 77.18 -39.18
CA ASP L 708 -13.31 76.65 -40.29
C ASP L 708 -13.28 75.14 -40.27
N THR L 709 -12.14 74.57 -39.85
CA THR L 709 -12.05 73.12 -39.76
C THR L 709 -12.76 72.61 -38.51
N LEU L 710 -13.05 73.49 -37.57
CA LEU L 710 -13.98 73.15 -36.50
C LEU L 710 -15.38 72.97 -37.05
N SER L 711 -15.80 73.88 -37.94
CA SER L 711 -17.20 73.98 -38.33
C SER L 711 -17.65 72.75 -39.09
N LYS L 712 -16.91 72.36 -40.11
CA LYS L 712 -17.29 71.21 -40.90
C LYS L 712 -16.56 69.95 -40.49
N PHE L 713 -15.99 69.95 -39.29
CA PHE L 713 -15.81 68.71 -38.54
C PHE L 713 -17.15 68.11 -38.15
N SER L 714 -18.13 68.96 -37.85
CA SER L 714 -19.50 68.53 -37.63
C SER L 714 -20.33 68.60 -38.89
N HIS L 715 -19.69 68.41 -40.03
CA HIS L 715 -20.38 68.17 -41.29
C HIS L 715 -20.63 66.68 -41.47
N ASP L 716 -20.78 65.95 -40.38
CA ASP L 716 -21.14 64.55 -40.41
C ASP L 716 -22.56 64.42 -39.89
N ALA L 717 -23.44 63.89 -40.72
CA ALA L 717 -24.84 63.74 -40.40
C ALA L 717 -25.03 62.44 -39.59
N ASP L 718 -26.29 61.94 -39.48
CA ASP L 718 -26.69 60.77 -38.69
C ASP L 718 -26.29 60.96 -37.22
N PRO L 719 -27.13 61.67 -36.41
CA PRO L 719 -26.78 62.11 -35.05
C PRO L 719 -26.12 61.09 -34.12
N GLU L 720 -25.13 61.54 -33.35
CA GLU L 720 -24.25 60.62 -32.62
C GLU L 720 -23.93 61.09 -31.21
N VAL L 721 -22.90 60.48 -30.63
CA VAL L 721 -22.38 60.77 -29.31
C VAL L 721 -21.27 61.81 -29.38
N SER L 722 -21.13 62.48 -30.52
CA SER L 722 -20.05 63.44 -30.73
C SER L 722 -20.26 64.73 -29.95
N TYR L 723 -21.43 64.88 -29.33
CA TYR L 723 -21.77 65.99 -28.43
C TYR L 723 -20.73 66.22 -27.35
N ASN L 724 -20.09 65.14 -26.90
CA ASN L 724 -18.99 65.23 -25.93
C ASN L 724 -17.85 66.09 -26.46
N SER L 725 -17.51 65.93 -27.74
CA SER L 725 -16.42 66.70 -28.31
C SER L 725 -16.84 68.16 -28.49
N ILE L 726 -18.09 68.39 -28.88
CA ILE L 726 -18.49 69.72 -29.30
C ILE L 726 -18.82 70.60 -28.09
N PHE L 727 -19.59 70.05 -27.14
CA PHE L 727 -19.99 70.83 -25.97
C PHE L 727 -18.81 71.13 -25.07
N ALA L 728 -17.83 70.23 -25.02
CA ALA L 728 -16.62 70.53 -24.25
C ALA L 728 -15.79 71.58 -24.94
N MET L 729 -15.74 71.56 -26.27
CA MET L 729 -14.99 72.56 -26.99
C MET L 729 -15.75 73.88 -27.05
N GLY L 730 -17.07 73.82 -26.90
CA GLY L 730 -17.83 75.05 -26.72
C GLY L 730 -17.59 75.68 -25.36
N MET L 731 -17.30 74.86 -24.35
CA MET L 731 -16.99 75.38 -23.03
C MET L 731 -15.65 76.11 -23.03
N VAL L 732 -14.64 75.54 -23.70
CA VAL L 732 -13.37 76.24 -23.89
C VAL L 732 -13.49 77.23 -25.04
N GLY L 733 -14.57 77.17 -25.81
CA GLY L 733 -14.81 78.12 -26.88
C GLY L 733 -15.62 79.33 -26.50
N SER L 734 -16.05 79.44 -25.24
CA SER L 734 -16.78 80.62 -24.82
C SER L 734 -15.84 81.79 -24.57
N GLY L 735 -14.95 81.65 -23.59
CA GLY L 735 -13.97 82.68 -23.30
C GLY L 735 -12.87 82.74 -24.35
N THR L 736 -12.02 81.71 -24.38
CA THR L 736 -11.06 81.55 -25.46
C THR L 736 -11.79 81.11 -26.73
N ASN L 737 -11.06 81.13 -27.85
CA ASN L 737 -11.61 80.93 -29.20
C ASN L 737 -12.81 81.87 -29.42
N ASN L 738 -12.47 83.17 -29.42
CA ASN L 738 -13.34 84.24 -28.93
C ASN L 738 -14.71 84.26 -29.59
N ALA L 739 -15.72 84.59 -28.79
CA ALA L 739 -17.11 84.50 -29.18
C ALA L 739 -17.53 85.61 -30.14
N ARG L 740 -16.65 86.57 -30.42
CA ARG L 740 -16.93 87.55 -31.46
C ARG L 740 -16.98 86.90 -32.83
N LEU L 741 -16.21 85.85 -33.05
CA LEU L 741 -16.05 85.32 -34.40
C LEU L 741 -16.79 84.02 -34.65
N ALA L 742 -16.72 83.08 -33.71
CA ALA L 742 -17.19 81.73 -33.98
C ALA L 742 -18.23 81.23 -33.00
N ALA L 743 -18.83 82.12 -32.19
CA ALA L 743 -19.91 81.68 -31.31
C ALA L 743 -21.13 81.27 -32.12
N MET L 744 -21.30 81.88 -33.29
CA MET L 744 -22.20 81.31 -34.29
C MET L 744 -21.72 79.93 -34.71
N LEU L 745 -20.42 79.79 -34.95
CA LEU L 745 -19.88 78.66 -35.70
C LEU L 745 -19.91 77.36 -34.91
N ARG L 746 -19.47 77.40 -33.65
CA ARG L 746 -19.49 76.22 -32.79
C ARG L 746 -20.91 75.71 -32.63
N GLN L 747 -21.84 76.61 -32.37
CA GLN L 747 -23.23 76.22 -32.27
C GLN L 747 -23.85 75.94 -33.63
N LEU L 748 -23.28 76.48 -34.72
CA LEU L 748 -23.66 75.99 -36.04
C LEU L 748 -23.24 74.54 -36.21
N ALA L 749 -22.04 74.22 -35.73
CA ALA L 749 -21.59 72.83 -35.75
C ALA L 749 -22.37 71.98 -34.76
N GLN L 750 -22.65 72.53 -33.57
CA GLN L 750 -23.36 71.80 -32.52
C GLN L 750 -24.78 71.44 -32.96
N TYR L 751 -25.46 72.35 -33.63
CA TYR L 751 -26.87 72.14 -33.93
C TYR L 751 -27.06 71.46 -35.28
N HIS L 752 -25.98 71.03 -35.93
CA HIS L 752 -26.09 70.45 -37.25
C HIS L 752 -26.13 68.92 -37.23
N ALA L 753 -25.48 68.29 -36.24
CA ALA L 753 -25.53 66.84 -36.16
C ALA L 753 -26.94 66.35 -35.86
N LYS L 754 -27.61 66.98 -34.91
CA LYS L 754 -29.03 66.72 -34.65
C LYS L 754 -29.87 67.67 -35.50
N ASP L 755 -29.83 67.45 -36.82
CA ASP L 755 -30.55 68.36 -37.69
C ASP L 755 -32.07 68.12 -37.63
N PRO L 756 -32.72 67.08 -38.28
CA PRO L 756 -33.77 66.38 -37.54
C PRO L 756 -33.24 65.18 -36.80
N ASN L 757 -34.16 64.41 -36.23
CA ASN L 757 -33.90 63.03 -35.86
C ASN L 757 -33.41 62.23 -37.05
N ASN L 758 -34.00 62.51 -38.22
CA ASN L 758 -33.90 61.68 -39.40
C ASN L 758 -33.42 62.57 -40.53
N LEU L 759 -33.54 62.06 -41.75
CA LEU L 759 -33.30 62.81 -42.98
C LEU L 759 -31.86 63.31 -43.03
N PHE L 760 -30.92 62.35 -43.04
CA PHE L 760 -29.50 62.66 -43.08
C PHE L 760 -28.82 62.20 -44.36
N MET L 761 -29.55 61.60 -45.29
CA MET L 761 -28.91 60.98 -46.44
C MET L 761 -28.64 62.02 -47.52
N VAL L 762 -27.41 62.55 -47.52
CA VAL L 762 -26.98 63.57 -48.48
C VAL L 762 -25.68 63.18 -49.15
N ARG L 763 -25.43 61.88 -49.27
CA ARG L 763 -24.08 61.41 -49.40
C ARG L 763 -23.85 60.67 -50.71
N LEU L 764 -24.72 60.90 -51.69
CA LEU L 764 -24.44 60.63 -53.09
C LEU L 764 -24.28 59.14 -53.37
N ALA L 765 -25.00 58.35 -52.59
CA ALA L 765 -24.90 56.91 -52.72
C ALA L 765 -26.28 56.30 -52.52
N GLN L 766 -26.90 55.88 -53.61
CA GLN L 766 -28.21 55.29 -53.54
C GLN L 766 -28.13 53.87 -54.06
N GLY L 767 -28.96 53.01 -53.48
CA GLY L 767 -29.03 51.62 -53.91
C GLY L 767 -27.81 50.86 -53.44
N LEU L 768 -26.70 51.05 -54.14
CA LEU L 768 -25.42 50.69 -53.56
C LEU L 768 -24.38 51.79 -53.74
N THR L 769 -24.28 52.35 -54.96
CA THR L 769 -23.15 53.22 -55.22
C THR L 769 -23.39 54.37 -56.21
N HIS L 770 -24.60 54.55 -56.73
CA HIS L 770 -24.69 55.58 -57.77
C HIS L 770 -24.92 56.95 -57.17
N LEU L 771 -24.61 57.97 -57.98
CA LEU L 771 -24.33 59.29 -57.44
C LEU L 771 -25.61 60.03 -57.07
N GLY L 772 -26.41 60.42 -58.05
CA GLY L 772 -27.59 61.19 -57.74
C GLY L 772 -27.32 62.60 -57.26
N LYS L 773 -26.83 63.44 -58.16
CA LYS L 773 -26.22 64.71 -57.79
C LYS L 773 -27.29 65.79 -57.56
N GLY L 774 -27.32 66.36 -56.36
CA GLY L 774 -26.50 65.98 -55.21
C GLY L 774 -25.19 66.70 -54.96
N THR L 775 -24.17 66.42 -55.80
CA THR L 775 -22.89 67.12 -55.68
C THR L 775 -23.03 68.59 -55.98
N LEU L 776 -23.95 68.93 -56.88
CA LEU L 776 -24.13 70.31 -57.34
C LEU L 776 -24.66 71.23 -56.25
N THR L 777 -25.15 70.68 -55.16
CA THR L 777 -25.72 71.46 -54.07
C THR L 777 -24.77 71.51 -52.88
N LEU L 778 -23.97 70.46 -52.72
CA LEU L 778 -23.07 70.35 -51.57
C LEU L 778 -21.78 71.11 -51.82
N CYS L 779 -21.05 70.72 -52.86
CA CYS L 779 -19.79 71.30 -53.33
C CYS L 779 -19.73 72.82 -53.45
N PRO L 780 -20.83 73.57 -53.72
CA PRO L 780 -20.74 75.03 -53.57
C PRO L 780 -20.33 75.52 -52.19
N TYR L 781 -20.71 74.83 -51.11
CA TYR L 781 -20.37 75.36 -49.80
C TYR L 781 -18.90 75.14 -49.47
N HIS L 782 -18.35 73.98 -49.81
CA HIS L 782 -16.95 73.75 -49.52
C HIS L 782 -16.05 74.55 -50.43
N SER L 783 -16.54 74.92 -51.61
CA SER L 783 -15.84 75.94 -52.38
C SER L 783 -16.03 77.32 -51.78
N ASP L 784 -17.15 77.53 -51.08
CA ASP L 784 -17.45 78.86 -50.53
C ASP L 784 -16.56 79.20 -49.35
N ARG L 785 -16.17 78.20 -48.57
CA ARG L 785 -15.41 78.47 -47.36
C ARG L 785 -13.93 78.70 -47.64
N GLN L 786 -13.60 79.66 -48.51
CA GLN L 786 -12.21 80.00 -48.78
C GLN L 786 -12.07 81.53 -48.76
N LEU L 787 -11.81 82.12 -47.59
CA LEU L 787 -11.96 81.50 -46.29
C LEU L 787 -12.83 82.30 -45.34
N MET L 788 -12.43 83.56 -45.17
CA MET L 788 -12.94 84.45 -44.14
C MET L 788 -13.80 85.50 -44.84
N SER L 789 -14.42 86.40 -44.06
CA SER L 789 -15.22 87.57 -44.46
C SER L 789 -16.56 87.18 -45.05
N GLN L 790 -16.80 85.89 -45.22
CA GLN L 790 -18.11 85.37 -45.53
C GLN L 790 -18.70 84.74 -44.28
N VAL L 791 -17.97 84.86 -43.17
CA VAL L 791 -18.53 84.60 -41.86
C VAL L 791 -19.43 85.72 -41.38
N ALA L 792 -19.40 86.87 -42.05
CA ALA L 792 -20.13 88.05 -41.60
C ALA L 792 -21.18 88.52 -42.59
N VAL L 793 -20.84 88.65 -43.87
CA VAL L 793 -21.67 89.37 -44.84
C VAL L 793 -22.19 88.43 -45.93
N ALA L 794 -21.29 87.87 -46.73
CA ALA L 794 -21.70 87.29 -48.00
C ALA L 794 -22.06 85.81 -47.89
N GLY L 795 -21.35 85.05 -47.05
CA GLY L 795 -21.57 83.62 -46.99
C GLY L 795 -22.83 83.20 -46.29
N LEU L 796 -23.50 84.14 -45.61
CA LEU L 796 -24.79 83.86 -44.97
C LEU L 796 -25.87 83.52 -45.98
N LEU L 797 -25.72 83.93 -47.23
CA LEU L 797 -26.55 83.41 -48.31
C LEU L 797 -26.32 81.93 -48.48
N THR L 798 -25.06 81.50 -48.43
CA THR L 798 -24.67 80.13 -48.71
C THR L 798 -24.86 79.22 -47.50
N VAL L 799 -24.24 79.58 -46.36
CA VAL L 799 -23.99 78.66 -45.24
C VAL L 799 -25.27 78.11 -44.64
N LEU L 800 -26.38 78.84 -44.73
CA LEU L 800 -27.65 78.33 -44.24
C LEU L 800 -28.22 77.28 -45.19
N VAL L 801 -28.34 77.64 -46.46
CA VAL L 801 -29.17 76.90 -47.38
C VAL L 801 -28.37 76.45 -48.61
N SER L 802 -27.07 76.16 -48.45
CA SER L 802 -26.27 75.70 -49.58
C SER L 802 -26.75 74.34 -50.07
N PHE L 803 -26.62 73.31 -49.24
CA PHE L 803 -26.92 71.95 -49.64
C PHE L 803 -28.33 71.61 -49.15
N LEU L 804 -29.21 71.33 -50.10
CA LEU L 804 -30.62 71.12 -49.84
C LEU L 804 -31.10 69.95 -50.70
N ASP L 805 -30.31 68.89 -50.75
CA ASP L 805 -30.69 67.71 -51.52
C ASP L 805 -30.85 66.52 -50.61
N VAL L 806 -31.57 66.67 -49.56
CA VAL L 806 -31.69 65.58 -48.62
C VAL L 806 -32.84 64.70 -49.06
N ARG L 807 -32.54 63.43 -49.33
CA ARG L 807 -33.50 62.49 -49.86
C ARG L 807 -33.65 61.37 -48.84
N ASN L 808 -34.87 60.83 -48.73
CA ASN L 808 -35.66 61.00 -47.50
C ASN L 808 -34.86 60.56 -46.28
N ILE L 809 -34.97 59.30 -45.83
CA ILE L 809 -33.95 58.63 -45.04
C ILE L 809 -33.98 57.10 -45.19
N ILE L 810 -35.16 56.52 -44.95
CA ILE L 810 -35.33 55.18 -44.39
C ILE L 810 -35.95 54.24 -45.41
N LEU L 811 -35.59 52.96 -45.33
CA LEU L 811 -36.23 51.96 -46.18
C LEU L 811 -37.33 51.20 -45.43
N GLY L 812 -38.06 51.95 -44.62
CA GLY L 812 -39.26 51.41 -44.05
C GLY L 812 -40.51 52.10 -44.54
N LYS L 813 -41.20 51.37 -45.41
CA LYS L 813 -42.55 51.54 -45.95
C LYS L 813 -42.79 50.33 -46.85
N SER L 814 -44.02 50.03 -47.21
CA SER L 814 -44.28 48.79 -47.94
C SER L 814 -45.07 48.99 -49.21
N HIS L 815 -46.06 49.90 -49.18
CA HIS L 815 -46.75 50.41 -50.36
C HIS L 815 -47.57 49.40 -51.16
N TYR L 816 -47.69 48.15 -50.68
CA TYR L 816 -48.60 47.19 -51.30
C TYR L 816 -50.01 47.75 -51.28
N VAL L 817 -50.63 47.79 -52.46
CA VAL L 817 -51.25 48.98 -53.06
C VAL L 817 -51.98 49.91 -52.08
N LEU L 818 -52.65 49.35 -51.08
CA LEU L 818 -53.40 50.16 -50.14
C LEU L 818 -52.49 50.85 -49.11
N TYR L 819 -51.21 50.49 -49.09
CA TYR L 819 -50.23 50.91 -48.08
C TYR L 819 -50.73 50.58 -46.67
N GLY L 820 -50.77 49.27 -46.42
CA GLY L 820 -51.13 48.80 -45.10
C GLY L 820 -50.10 47.86 -44.50
N LEU L 821 -49.26 47.27 -45.35
CA LEU L 821 -48.28 46.30 -44.88
C LEU L 821 -47.15 47.01 -44.14
N VAL L 822 -46.49 46.28 -43.23
CA VAL L 822 -45.41 46.91 -42.48
C VAL L 822 -44.03 46.38 -42.87
N ALA L 823 -43.64 45.19 -42.35
CA ALA L 823 -42.84 44.10 -42.92
C ALA L 823 -42.43 43.17 -41.77
N ALA L 824 -41.56 42.21 -42.07
CA ALA L 824 -40.62 41.73 -41.07
C ALA L 824 -39.18 41.91 -41.58
N MET L 825 -38.59 43.09 -41.36
CA MET L 825 -37.27 43.38 -41.90
C MET L 825 -36.18 43.10 -40.88
N GLN L 826 -34.96 42.91 -41.36
CA GLN L 826 -33.94 42.40 -40.46
C GLN L 826 -32.61 43.14 -40.68
N PRO L 827 -32.35 44.22 -39.94
CA PRO L 827 -31.21 45.11 -40.23
C PRO L 827 -29.88 44.54 -39.77
N ARG L 828 -28.83 44.75 -40.57
CA ARG L 828 -27.51 44.16 -40.37
C ARG L 828 -26.39 45.07 -40.90
N MET L 829 -25.16 44.83 -40.43
CA MET L 829 -23.88 45.36 -40.94
C MET L 829 -23.65 44.83 -42.36
N LEU L 830 -23.35 45.75 -43.28
CA LEU L 830 -23.43 45.54 -44.74
C LEU L 830 -22.59 44.39 -45.30
N VAL L 831 -22.92 44.00 -46.53
CA VAL L 831 -22.43 42.82 -47.23
C VAL L 831 -20.91 42.84 -47.36
N THR L 832 -20.32 41.65 -47.35
CA THR L 832 -18.90 41.47 -47.56
C THR L 832 -18.71 40.42 -48.65
N PHE L 833 -19.81 39.75 -49.00
CA PHE L 833 -19.73 38.55 -49.81
C PHE L 833 -19.42 38.89 -51.27
N ASP L 834 -18.31 38.36 -51.78
CA ASP L 834 -17.92 38.67 -53.15
C ASP L 834 -17.93 37.41 -54.00
N GLU L 835 -17.12 36.42 -53.63
CA GLU L 835 -17.25 35.08 -54.20
C GLU L 835 -16.80 34.06 -53.15
N GLU L 836 -17.78 33.39 -52.57
CA GLU L 836 -17.59 32.34 -51.57
C GLU L 836 -18.61 31.25 -51.88
N LEU L 837 -18.87 30.39 -50.90
CA LEU L 837 -19.74 29.24 -51.11
C LEU L 837 -21.19 29.67 -51.29
N ARG L 838 -21.85 29.05 -52.27
CA ARG L 838 -23.23 29.33 -52.64
C ARG L 838 -24.18 28.54 -51.72
N PRO L 839 -25.27 29.19 -51.24
CA PRO L 839 -25.56 30.61 -51.39
C PRO L 839 -24.81 31.42 -50.35
N LEU L 840 -24.63 32.63 -50.62
CA LEU L 840 -23.72 33.33 -49.73
C LEU L 840 -24.52 34.12 -48.69
N PRO L 841 -24.09 34.10 -47.44
CA PRO L 841 -24.74 34.91 -46.42
C PRO L 841 -24.50 36.39 -46.66
N VAL L 842 -25.60 37.11 -46.81
CA VAL L 842 -25.54 38.51 -47.23
C VAL L 842 -24.94 39.35 -46.11
N SER L 843 -25.32 39.11 -44.87
CA SER L 843 -24.73 39.93 -43.81
C SER L 843 -24.59 39.17 -42.49
N VAL L 844 -24.24 39.92 -41.43
CA VAL L 844 -23.48 39.36 -40.31
C VAL L 844 -23.94 39.88 -38.94
N ARG L 845 -24.89 40.82 -38.88
CA ARG L 845 -25.22 41.48 -37.62
C ARG L 845 -26.66 41.19 -37.19
N VAL L 846 -27.01 39.90 -37.10
CA VAL L 846 -28.38 39.42 -37.14
C VAL L 846 -29.25 39.91 -35.99
N GLY L 847 -28.62 40.42 -34.93
CA GLY L 847 -29.28 40.80 -33.68
C GLY L 847 -30.43 41.78 -33.74
N GLN L 848 -30.26 42.91 -34.42
CA GLN L 848 -31.34 43.89 -34.48
C GLN L 848 -32.40 43.44 -35.47
N ALA L 849 -33.66 43.65 -35.12
CA ALA L 849 -34.81 43.17 -35.90
C ALA L 849 -35.98 44.11 -35.67
N VAL L 850 -36.44 44.75 -36.75
CA VAL L 850 -37.56 45.67 -36.72
C VAL L 850 -38.65 45.14 -37.66
N ASP L 851 -39.73 45.89 -37.83
CA ASP L 851 -40.77 45.49 -38.77
C ASP L 851 -40.98 46.55 -39.84
N VAL L 852 -40.98 47.81 -39.43
CA VAL L 852 -41.45 48.94 -40.22
C VAL L 852 -40.42 50.05 -40.01
N VAL L 853 -40.80 51.31 -40.18
CA VAL L 853 -40.06 52.50 -40.59
C VAL L 853 -38.69 52.78 -39.97
N GLY L 854 -38.10 51.84 -39.23
CA GLY L 854 -36.75 52.00 -38.69
C GLY L 854 -35.63 52.36 -39.65
N GLN L 855 -34.44 52.60 -39.09
CA GLN L 855 -33.48 53.58 -39.60
C GLN L 855 -32.61 53.01 -40.71
N ALA L 856 -31.85 53.91 -41.34
CA ALA L 856 -31.03 53.55 -42.49
C ALA L 856 -29.64 53.20 -42.00
N GLY L 857 -28.90 54.13 -41.40
CA GLY L 857 -27.55 53.83 -40.93
C GLY L 857 -26.53 53.71 -42.06
N LYS L 858 -25.26 53.65 -41.69
CA LYS L 858 -24.25 53.50 -42.73
C LYS L 858 -24.24 52.10 -43.35
N PRO L 859 -23.88 51.01 -42.62
CA PRO L 859 -23.65 49.81 -43.43
C PRO L 859 -24.85 48.88 -43.40
N LYS L 860 -25.97 49.27 -43.99
CA LYS L 860 -27.19 48.48 -43.81
C LYS L 860 -27.78 48.06 -45.13
N THR L 861 -27.60 46.79 -45.47
CA THR L 861 -28.46 46.11 -46.42
C THR L 861 -29.50 45.29 -45.63
N ILE L 862 -30.60 45.95 -45.31
CA ILE L 862 -31.62 45.32 -44.48
C ILE L 862 -32.42 44.34 -45.33
N THR L 863 -32.52 43.10 -44.89
CA THR L 863 -33.24 42.08 -45.64
C THR L 863 -34.51 41.68 -44.89
N GLY L 864 -35.31 40.86 -45.57
CA GLY L 864 -36.58 40.42 -45.00
C GLY L 864 -36.78 38.94 -45.25
N PHE L 865 -37.66 38.36 -44.46
CA PHE L 865 -37.93 36.92 -44.43
C PHE L 865 -39.44 36.68 -44.48
N GLN L 866 -39.86 35.46 -44.08
CA GLN L 866 -41.28 35.09 -43.82
C GLN L 866 -42.03 34.84 -45.13
N THR L 867 -41.25 34.56 -46.19
CA THR L 867 -41.70 34.14 -47.52
C THR L 867 -42.67 35.18 -48.09
N HIS L 868 -42.24 36.42 -48.13
CA HIS L 868 -42.99 37.48 -48.78
C HIS L 868 -42.34 37.80 -50.12
N THR L 869 -41.22 37.13 -50.42
CA THR L 869 -40.46 37.00 -51.65
C THR L 869 -39.69 38.26 -52.05
N THR L 870 -40.05 39.41 -51.45
CA THR L 870 -39.45 40.72 -51.67
C THR L 870 -38.96 41.01 -53.11
N PRO L 871 -39.78 40.70 -54.14
CA PRO L 871 -39.21 40.31 -55.43
C PRO L 871 -38.76 41.46 -56.30
N VAL L 872 -38.96 42.66 -55.79
CA VAL L 872 -39.10 43.88 -56.57
C VAL L 872 -37.88 44.24 -57.40
N LEU L 873 -36.77 44.57 -56.75
CA LEU L 873 -35.56 44.90 -57.50
C LEU L 873 -34.35 44.19 -56.90
N LEU L 874 -34.53 43.67 -55.68
CA LEU L 874 -33.55 42.83 -54.98
C LEU L 874 -32.23 43.60 -54.73
N ALA L 875 -32.32 44.93 -54.70
CA ALA L 875 -31.12 45.61 -54.24
C ALA L 875 -31.40 46.32 -52.93
N HIS L 876 -32.13 47.44 -52.98
CA HIS L 876 -33.11 48.03 -52.07
C HIS L 876 -33.33 49.43 -52.63
N GLY L 877 -33.86 50.36 -51.85
CA GLY L 877 -34.18 51.67 -52.37
C GLY L 877 -35.40 52.33 -51.82
N GLU L 878 -35.93 51.87 -50.69
CA GLU L 878 -36.72 52.62 -49.73
C GLU L 878 -38.12 52.96 -50.22
N ARG L 879 -38.51 52.41 -51.36
CA ARG L 879 -39.91 52.35 -51.71
C ARG L 879 -40.20 50.98 -52.32
N ALA L 880 -39.88 49.92 -51.57
CA ALA L 880 -40.16 48.56 -52.00
C ALA L 880 -41.66 48.34 -52.21
N GLU L 881 -42.02 47.36 -53.03
CA GLU L 881 -43.39 47.16 -53.48
C GLU L 881 -44.02 45.94 -52.82
N LEU L 882 -43.25 44.84 -52.67
CA LEU L 882 -43.56 43.73 -51.79
C LEU L 882 -44.83 42.95 -52.11
N ALA L 883 -44.81 42.15 -53.18
CA ALA L 883 -45.90 41.23 -53.45
C ALA L 883 -45.90 40.05 -52.48
N THR L 884 -46.71 39.02 -52.74
CA THR L 884 -46.91 37.95 -51.76
C THR L 884 -47.05 36.61 -52.44
N GLU L 885 -46.30 35.60 -51.96
CA GLU L 885 -46.29 34.27 -52.56
C GLU L 885 -45.63 33.28 -51.62
N GLU L 886 -46.24 32.10 -51.48
CA GLU L 886 -45.72 31.09 -50.56
C GLU L 886 -45.84 29.66 -51.10
N PHE L 887 -45.35 29.37 -52.31
CA PHE L 887 -45.54 28.01 -52.86
C PHE L 887 -44.35 27.12 -52.49
N LEU L 888 -43.94 27.14 -51.22
CA LEU L 888 -42.97 26.12 -50.81
C LEU L 888 -43.35 25.26 -49.61
N PRO L 889 -44.54 24.64 -49.52
CA PRO L 889 -44.53 23.57 -48.51
C PRO L 889 -44.25 22.19 -49.11
N PRO M 21 7.39 2.06 -49.70
CA PRO M 21 6.18 2.78 -50.09
C PRO M 21 5.99 4.09 -49.33
N ILE M 22 6.94 5.02 -49.45
CA ILE M 22 7.00 6.21 -48.59
C ILE M 22 7.15 7.46 -49.46
N ARG M 23 7.42 7.28 -50.76
CA ARG M 23 8.42 8.05 -51.52
C ARG M 23 8.55 9.55 -51.28
N ALA M 24 9.80 10.03 -51.38
CA ALA M 24 10.11 11.44 -51.22
C ALA M 24 10.17 12.08 -52.60
N LEU M 25 10.53 13.36 -52.68
CA LEU M 25 10.21 14.15 -53.86
C LEU M 25 11.50 14.55 -54.58
N ASP M 26 11.65 14.10 -55.81
CA ASP M 26 12.79 14.49 -56.63
C ASP M 26 12.61 15.90 -57.17
N GLU M 27 13.66 16.41 -57.78
CA GLU M 27 13.72 17.80 -58.22
C GLU M 27 12.78 18.07 -59.38
N GLY M 28 12.51 17.05 -60.19
CA GLY M 28 11.53 17.18 -61.24
C GLY M 28 10.15 17.10 -60.65
N ASP M 29 10.01 16.31 -59.58
CA ASP M 29 8.73 16.16 -58.91
C ASP M 29 8.33 17.42 -58.14
N ILE M 30 9.29 18.29 -57.81
CA ILE M 30 8.96 19.59 -57.24
C ILE M 30 8.25 20.45 -58.27
N ALA M 31 8.72 20.39 -59.52
CA ALA M 31 8.18 21.23 -60.59
C ALA M 31 6.74 20.87 -60.96
N LEU M 32 6.25 19.69 -60.59
CA LEU M 32 4.85 19.37 -60.85
C LEU M 32 3.94 20.20 -59.95
N LEU M 33 4.32 20.34 -58.67
CA LEU M 33 3.50 21.10 -57.73
C LEU M 33 3.53 22.58 -58.06
N LYS M 34 4.74 23.11 -58.27
CA LYS M 34 4.97 24.54 -58.36
C LYS M 34 4.39 25.13 -59.64
N THR M 35 4.13 24.30 -60.65
CA THR M 35 3.59 24.79 -61.91
C THR M 35 2.07 24.85 -61.88
N TYR M 36 1.44 23.77 -61.45
CA TYR M 36 0.00 23.58 -61.68
C TYR M 36 -0.83 24.49 -60.80
N GLY M 37 -1.84 25.11 -61.41
CA GLY M 37 -2.81 25.90 -60.70
C GLY M 37 -2.54 27.38 -60.80
N GLN M 38 -3.25 28.03 -61.72
CA GLN M 38 -3.15 29.44 -62.05
C GLN M 38 -1.71 29.87 -62.28
N SER M 39 -1.11 29.40 -63.37
CA SER M 39 0.25 29.81 -63.71
C SER M 39 0.31 31.15 -64.43
N THR M 40 -0.80 31.88 -64.49
CA THR M 40 -0.84 33.22 -65.06
C THR M 40 -0.86 34.30 -63.99
N TYR M 41 -1.53 34.06 -62.88
CA TYR M 41 -1.68 35.06 -61.83
C TYR M 41 -0.97 34.69 -60.54
N SER M 42 -0.16 33.64 -60.53
CA SER M 42 0.43 33.19 -59.27
C SER M 42 1.47 34.16 -58.76
N ARG M 43 2.56 34.34 -59.50
CA ARG M 43 3.51 35.37 -59.15
C ARG M 43 2.98 36.76 -59.41
N GLN M 44 2.02 36.88 -60.35
CA GLN M 44 1.48 38.17 -60.73
C GLN M 44 0.71 38.80 -59.57
N ILE M 45 0.02 37.98 -58.78
CA ILE M 45 -0.65 38.49 -57.60
C ILE M 45 0.31 38.59 -56.42
N LYS M 46 1.44 37.90 -56.48
CA LYS M 46 2.22 37.67 -55.27
C LYS M 46 3.27 38.76 -55.07
N GLN M 47 4.03 39.07 -56.11
CA GLN M 47 5.08 40.07 -56.00
C GLN M 47 4.52 41.48 -55.85
N VAL M 48 3.27 41.71 -56.28
CA VAL M 48 2.60 42.96 -55.98
C VAL M 48 2.35 43.09 -54.50
N GLU M 49 1.91 41.99 -53.87
CA GLU M 49 1.77 41.99 -52.41
C GLU M 49 3.13 42.00 -51.73
N ASP M 50 4.15 41.43 -52.39
CA ASP M 50 5.47 41.37 -51.78
C ASP M 50 6.11 42.74 -51.71
N ASP M 51 6.19 43.45 -52.84
CA ASP M 51 6.89 44.72 -52.83
C ASP M 51 6.09 45.85 -52.22
N ILE M 52 4.78 45.68 -52.04
CA ILE M 52 4.04 46.72 -51.35
C ILE M 52 4.36 46.70 -49.86
N GLN M 53 4.63 45.51 -49.30
CA GLN M 53 5.06 45.45 -47.91
C GLN M 53 6.48 45.92 -47.76
N GLN M 54 7.29 45.72 -48.80
CA GLN M 54 8.56 46.43 -48.88
C GLN M 54 8.33 47.93 -48.93
N LEU M 55 7.28 48.35 -49.63
CA LEU M 55 7.01 49.78 -49.76
C LEU M 55 6.41 50.36 -48.49
N LEU M 56 5.72 49.55 -47.69
CA LEU M 56 5.32 49.99 -46.35
C LEU M 56 6.52 50.34 -45.50
N LYS M 57 7.59 49.54 -45.62
CA LYS M 57 8.84 49.86 -44.95
C LYS M 57 9.43 51.15 -45.49
N LYS M 58 9.56 51.26 -46.81
CA LYS M 58 10.33 52.33 -47.41
C LYS M 58 9.66 53.69 -47.27
N ILE M 59 8.36 53.71 -46.95
CA ILE M 59 7.76 54.97 -46.54
C ILE M 59 8.24 55.36 -45.16
N ASN M 60 8.37 54.39 -44.26
CA ASN M 60 8.50 54.68 -42.84
C ASN M 60 9.87 55.29 -42.51
N GLU M 61 10.94 54.74 -43.08
CA GLU M 61 12.23 55.39 -42.89
C GLU M 61 12.34 56.66 -43.72
N LEU M 62 11.56 56.76 -44.79
CA LEU M 62 11.54 58.01 -45.54
C LEU M 62 10.81 59.10 -44.77
N THR M 63 9.77 58.73 -44.01
CA THR M 63 9.06 59.73 -43.25
C THR M 63 9.87 60.19 -42.06
N GLY M 64 10.04 59.31 -41.07
CA GLY M 64 10.82 59.58 -39.86
C GLY M 64 10.56 60.91 -39.19
N ILE M 65 9.29 61.24 -38.94
CA ILE M 65 8.84 62.62 -38.76
C ILE M 65 9.38 63.22 -37.47
N LYS M 66 9.75 62.36 -36.50
CA LYS M 66 9.87 62.67 -35.08
C LYS M 66 10.75 63.88 -34.79
N GLU M 67 10.24 64.74 -33.92
CA GLU M 67 10.89 66.01 -33.62
C GLU M 67 10.82 66.23 -32.12
N SER M 68 11.63 67.18 -31.65
CA SER M 68 11.74 67.45 -30.22
C SER M 68 10.96 68.70 -29.85
N ASP M 69 10.83 68.92 -28.54
CA ASP M 69 10.26 70.14 -28.00
C ASP M 69 11.27 70.91 -27.17
N THR M 70 11.90 70.25 -26.19
CA THR M 70 12.93 70.76 -25.28
C THR M 70 12.51 71.96 -24.44
N GLY M 71 11.21 72.25 -24.39
CA GLY M 71 10.63 73.08 -23.37
C GLY M 71 11.08 74.52 -23.27
N LEU M 72 11.31 75.19 -24.39
CA LEU M 72 11.73 76.58 -24.33
C LEU M 72 10.53 77.49 -24.09
N ALA M 73 10.82 78.76 -23.84
CA ALA M 73 9.87 79.81 -23.57
C ALA M 73 9.83 80.78 -24.75
N PRO M 74 8.73 81.51 -24.93
CA PRO M 74 8.68 82.52 -26.00
C PRO M 74 9.62 83.68 -25.72
N PRO M 75 10.35 84.16 -26.75
CA PRO M 75 11.46 85.10 -26.52
C PRO M 75 11.06 86.52 -26.18
N ALA M 76 9.79 86.76 -25.86
CA ALA M 76 9.38 88.08 -25.41
C ALA M 76 9.95 88.39 -24.03
N LEU M 77 10.02 87.39 -23.16
CA LEU M 77 10.40 87.67 -21.78
C LEU M 77 11.76 87.09 -21.38
N TRP M 78 12.39 86.27 -22.20
CA TRP M 78 13.66 85.68 -21.76
C TRP M 78 14.88 86.24 -22.45
N ASP M 79 14.71 87.14 -23.42
CA ASP M 79 15.87 87.68 -24.13
C ASP M 79 16.72 88.55 -23.20
N LEU M 80 16.06 89.38 -22.39
CA LEU M 80 16.79 90.11 -21.35
C LEU M 80 17.22 89.18 -20.22
N ALA M 81 16.48 88.08 -20.01
CA ALA M 81 16.94 87.09 -19.05
C ALA M 81 18.19 86.39 -19.55
N ALA M 82 18.28 86.14 -20.88
CA ALA M 82 19.42 85.49 -21.55
C ALA M 82 20.62 86.39 -21.72
N ASP M 83 20.63 87.52 -21.02
CA ASP M 83 21.78 88.40 -20.92
C ASP M 83 22.77 87.86 -19.90
N LYS M 84 23.66 88.75 -19.42
CA LYS M 84 24.66 88.37 -18.42
C LYS M 84 24.04 87.83 -17.12
N GLN M 85 22.76 88.09 -16.87
CA GLN M 85 22.07 87.45 -15.76
C GLN M 85 21.58 86.05 -16.11
N THR M 86 22.43 85.29 -16.77
CA THR M 86 22.55 83.85 -16.76
C THR M 86 23.93 83.45 -16.28
N LEU M 87 24.96 84.16 -16.77
CA LEU M 87 26.31 83.96 -16.29
C LEU M 87 26.46 84.37 -14.84
N GLN M 88 25.68 85.36 -14.41
CA GLN M 88 25.61 85.71 -12.99
C GLN M 88 24.95 84.61 -12.17
N SER M 89 24.20 83.73 -12.81
CA SER M 89 23.77 82.49 -12.19
C SER M 89 24.68 81.32 -12.51
N GLU M 90 25.58 81.46 -13.49
CA GLU M 90 26.52 80.37 -13.76
C GLU M 90 27.68 80.40 -12.78
N GLN M 91 28.49 81.44 -12.83
CA GLN M 91 29.73 81.45 -12.06
C GLN M 91 29.59 81.92 -10.61
N PRO M 92 28.81 82.95 -10.26
CA PRO M 92 28.64 83.23 -8.82
C PRO M 92 27.82 82.18 -8.08
N LEU M 93 26.75 81.66 -8.68
CA LEU M 93 25.94 80.69 -7.97
C LEU M 93 26.61 79.32 -7.97
N GLN M 94 26.19 78.49 -7.04
CA GLN M 94 26.88 77.24 -6.74
C GLN M 94 25.96 76.04 -6.97
N VAL M 95 26.47 74.87 -6.61
CA VAL M 95 25.92 73.59 -7.04
C VAL M 95 25.73 72.71 -5.80
N ALA M 96 25.43 73.35 -4.67
CA ALA M 96 25.44 72.69 -3.37
C ALA M 96 24.40 71.57 -3.26
N ARG M 97 24.79 70.48 -2.60
CA ARG M 97 23.94 69.32 -2.40
C ARG M 97 23.13 69.45 -1.10
N CYS M 98 22.18 68.53 -0.94
CA CYS M 98 21.36 68.45 0.27
C CYS M 98 21.55 67.09 0.92
N THR M 99 21.41 67.07 2.25
CA THR M 99 21.69 65.89 3.07
C THR M 99 20.72 65.88 4.26
N LYS M 100 21.04 65.06 5.25
CA LYS M 100 20.38 65.09 6.55
C LYS M 100 21.45 65.13 7.63
N ILE M 101 21.02 65.48 8.84
CA ILE M 101 21.92 65.60 9.99
C ILE M 101 21.55 64.50 10.97
N ILE M 102 22.56 63.74 11.41
CA ILE M 102 22.31 62.82 12.52
C ILE M 102 22.23 63.58 13.84
N ASN M 103 23.32 64.23 14.24
CA ASN M 103 23.31 64.96 15.50
C ASN M 103 24.36 66.07 15.46
N ALA M 104 24.71 66.58 16.63
CA ALA M 104 25.59 67.73 16.77
C ALA M 104 26.53 67.49 17.95
N ASP M 105 27.24 68.54 18.35
CA ASP M 105 28.03 68.54 19.58
C ASP M 105 27.88 69.90 20.26
N SER M 106 28.45 70.03 21.45
CA SER M 106 28.35 71.23 22.25
C SER M 106 29.62 72.06 22.13
N GLU M 107 29.43 73.39 22.06
CA GLU M 107 30.43 74.46 22.04
C GLU M 107 31.27 74.51 20.77
N ASP M 108 31.09 73.53 19.90
CA ASP M 108 31.85 73.29 18.68
C ASP M 108 31.01 72.34 17.84
N PRO M 109 30.89 72.60 16.54
CA PRO M 109 29.92 71.85 15.72
C PRO M 109 30.14 70.34 15.62
N LYS M 110 31.23 69.91 14.98
CA LYS M 110 31.57 68.51 14.72
C LYS M 110 30.37 67.69 14.26
N TYR M 111 29.64 68.23 13.29
CA TYR M 111 28.34 67.71 12.88
C TYR M 111 28.51 66.41 12.11
N ILE M 112 27.54 65.52 12.27
CA ILE M 112 27.55 64.23 11.60
C ILE M 112 26.42 64.23 10.59
N ILE M 113 26.77 64.00 9.32
CA ILE M 113 25.87 64.19 8.21
C ILE M 113 26.01 63.03 7.23
N ASN M 114 24.87 62.52 6.77
CA ASN M 114 24.82 61.53 5.71
C ASN M 114 24.34 62.13 4.40
N VAL M 115 25.15 61.98 3.36
CA VAL M 115 24.60 61.96 2.00
C VAL M 115 23.69 60.74 1.86
N LYS M 116 24.15 59.62 2.43
CA LYS M 116 23.52 58.31 2.57
C LYS M 116 23.51 57.56 1.23
N GLN M 117 23.79 58.26 0.15
CA GLN M 117 24.05 57.68 -1.16
C GLN M 117 25.53 57.66 -1.47
N PHE M 118 26.22 58.72 -1.11
CA PHE M 118 27.63 58.66 -0.77
C PHE M 118 27.72 58.32 0.72
N ALA M 119 28.89 58.49 1.31
CA ALA M 119 29.13 58.08 2.68
C ALA M 119 28.48 59.03 3.68
N LYS M 120 28.65 58.74 4.96
CA LYS M 120 28.31 59.67 6.03
C LYS M 120 29.58 60.42 6.40
N PHE M 121 29.44 61.70 6.71
CA PHE M 121 30.59 62.56 6.90
C PHE M 121 30.51 63.30 8.23
N VAL M 122 31.69 63.63 8.77
CA VAL M 122 31.82 64.52 9.91
C VAL M 122 32.34 65.84 9.37
N VAL M 123 31.48 66.86 9.37
CA VAL M 123 31.75 68.10 8.66
C VAL M 123 31.60 69.31 9.55
N ASP M 124 31.70 70.48 8.95
CA ASP M 124 31.56 71.77 9.60
C ASP M 124 30.46 72.55 8.92
N LEU M 125 30.05 73.65 9.54
CA LEU M 125 29.20 74.67 8.93
C LEU M 125 30.09 75.72 8.27
N SER M 126 29.57 76.37 7.24
CA SER M 126 30.30 77.48 6.65
C SER M 126 29.97 78.76 7.41
N ASP M 127 30.73 79.81 7.09
CA ASP M 127 30.68 81.05 7.86
C ASP M 127 29.43 81.88 7.64
N GLN M 128 28.60 81.53 6.65
CA GLN M 128 27.44 82.33 6.31
C GLN M 128 26.25 82.08 7.22
N VAL M 129 26.33 81.12 8.13
CA VAL M 129 25.18 80.78 8.97
C VAL M 129 25.48 80.99 10.43
N ALA M 130 24.45 80.88 11.25
CA ALA M 130 24.50 80.81 12.68
C ALA M 130 24.30 79.37 13.13
N PRO M 131 24.97 78.92 14.21
CA PRO M 131 24.84 77.52 14.62
C PRO M 131 23.54 77.17 15.31
N THR M 132 22.56 78.08 15.34
CA THR M 132 21.29 77.81 16.00
C THR M 132 20.44 76.83 15.19
N ASP M 133 20.06 77.22 13.98
CA ASP M 133 19.08 76.48 13.21
C ASP M 133 19.72 75.43 12.32
N ILE M 134 20.59 74.62 12.92
CA ILE M 134 21.22 73.50 12.23
C ILE M 134 20.84 72.26 13.03
N GLU M 135 19.60 72.23 13.49
CA GLU M 135 19.10 71.16 14.34
C GLU M 135 19.06 69.82 13.59
N GLU M 136 18.83 68.76 14.36
CA GLU M 136 18.95 67.40 13.84
C GLU M 136 17.81 67.07 12.89
N GLY M 137 18.13 66.27 11.89
CA GLY M 137 17.14 65.87 10.90
C GLY M 137 16.67 67.01 10.02
N MET M 138 17.59 67.76 9.46
CA MET M 138 17.26 68.95 8.69
C MET M 138 17.98 68.90 7.36
N ARG M 139 17.33 69.40 6.31
CA ARG M 139 17.98 69.55 5.02
C ARG M 139 18.91 70.75 5.05
N VAL M 140 20.15 70.55 4.63
CA VAL M 140 21.15 71.61 4.64
C VAL M 140 21.86 71.65 3.29
N GLY M 141 22.46 72.80 2.98
CA GLY M 141 23.22 72.95 1.75
C GLY M 141 24.68 72.61 1.98
N VAL M 142 25.20 71.67 1.19
CA VAL M 142 26.50 71.06 1.44
C VAL M 142 27.43 71.36 0.28
N ASP M 143 28.66 71.80 0.60
CA ASP M 143 29.69 72.06 -0.39
C ASP M 143 30.08 70.80 -1.14
N ARG M 144 30.47 70.97 -2.40
CA ARG M 144 30.91 69.83 -3.20
C ARG M 144 32.30 69.36 -2.84
N ASN M 145 33.19 70.27 -2.44
CA ASN M 145 34.57 69.91 -2.14
C ASN M 145 34.82 69.81 -0.63
N LYS M 146 34.56 70.87 0.10
CA LYS M 146 34.85 70.90 1.53
C LYS M 146 33.70 70.40 2.39
N TYR M 147 32.53 70.17 1.78
CA TYR M 147 31.36 69.58 2.42
C TYR M 147 30.85 70.40 3.61
N GLN M 148 31.04 71.72 3.57
CA GLN M 148 30.56 72.55 4.65
C GLN M 148 29.08 72.84 4.50
N ILE M 149 28.43 73.12 5.63
CA ILE M 149 27.01 73.47 5.60
C ILE M 149 26.88 74.92 5.17
N HIS M 150 26.21 75.13 4.03
CA HIS M 150 26.09 76.46 3.45
C HIS M 150 24.79 77.16 3.84
N ILE M 151 23.64 76.51 3.64
CA ILE M 151 22.34 77.07 3.97
C ILE M 151 21.51 75.96 4.60
N PRO M 152 20.88 76.18 5.75
CA PRO M 152 19.87 75.23 6.22
C PRO M 152 18.58 75.40 5.45
N LEU M 153 17.98 74.28 5.06
CA LEU M 153 16.76 74.34 4.28
C LEU M 153 15.62 73.66 5.01
N PRO M 154 14.38 74.03 4.71
CA PRO M 154 13.23 73.34 5.31
C PRO M 154 13.15 71.89 4.86
N PRO M 155 12.34 71.06 5.54
CA PRO M 155 12.23 69.63 5.15
C PRO M 155 11.41 69.37 3.89
N LYS M 156 11.25 70.39 3.03
CA LYS M 156 10.32 70.42 1.91
C LYS M 156 8.88 70.31 2.44
N ILE M 157 8.49 71.39 3.08
CA ILE M 157 7.15 71.56 3.60
C ILE M 157 6.28 72.28 2.56
N ASP M 158 5.06 71.79 2.34
CA ASP M 158 4.60 70.48 2.84
C ASP M 158 3.86 69.65 1.78
N PRO M 159 4.57 69.04 0.82
CA PRO M 159 3.94 68.03 -0.03
C PRO M 159 4.12 66.60 0.45
N THR M 160 4.92 66.39 1.49
CA THR M 160 5.10 65.04 2.01
C THR M 160 3.97 64.61 2.94
N VAL M 161 3.15 65.55 3.41
CA VAL M 161 2.03 65.24 4.28
C VAL M 161 0.71 65.74 3.70
N THR M 162 0.64 67.01 3.28
CA THR M 162 -0.61 67.63 2.85
C THR M 162 -1.09 67.10 1.50
N MET M 163 -0.22 66.47 0.71
CA MET M 163 -0.70 65.83 -0.51
C MET M 163 -1.49 64.55 -0.24
N MET M 164 -1.38 64.00 0.97
CA MET M 164 -2.33 62.98 1.44
C MET M 164 -3.17 63.44 2.61
N GLN M 165 -2.79 64.53 3.28
CA GLN M 165 -3.68 65.27 4.18
C GLN M 165 -4.50 66.23 3.32
N VAL M 166 -5.53 65.67 2.69
CA VAL M 166 -6.18 66.39 1.60
C VAL M 166 -7.05 67.53 2.11
N GLU M 167 -7.64 67.38 3.31
CA GLU M 167 -8.53 68.36 3.95
C GLU M 167 -9.66 68.79 3.02
N GLU M 168 -10.28 67.78 2.39
CA GLU M 168 -11.27 68.00 1.35
C GLU M 168 -12.42 67.02 1.58
N LYS M 169 -13.64 67.48 1.28
CA LYS M 169 -14.85 66.72 1.56
C LYS M 169 -14.98 65.59 0.55
N PRO M 170 -15.05 64.32 0.98
CA PRO M 170 -15.29 63.22 0.05
C PRO M 170 -16.77 62.98 -0.18
N ASP M 171 -17.09 62.40 -1.33
CA ASP M 171 -18.48 62.25 -1.76
C ASP M 171 -18.99 60.87 -1.36
N VAL M 172 -19.14 60.69 -0.05
CA VAL M 172 -19.73 59.48 0.51
C VAL M 172 -20.79 59.90 1.50
N THR M 173 -22.03 59.48 1.26
CA THR M 173 -23.15 59.79 2.13
C THR M 173 -23.11 58.85 3.33
N TYR M 174 -23.64 59.33 4.47
CA TYR M 174 -23.86 58.48 5.63
C TYR M 174 -24.80 57.32 5.33
N SER M 175 -25.73 57.51 4.41
CA SER M 175 -26.69 56.49 4.03
C SER M 175 -26.15 55.51 2.99
N ASP M 176 -24.85 55.55 2.69
CA ASP M 176 -24.29 54.63 1.72
C ASP M 176 -23.86 53.30 2.31
N VAL M 177 -23.49 53.27 3.60
CA VAL M 177 -22.87 52.08 4.16
C VAL M 177 -23.87 51.56 5.19
N GLY M 178 -25.15 51.78 4.92
CA GLY M 178 -26.17 51.28 5.82
C GLY M 178 -26.26 49.77 5.79
N GLY M 179 -26.72 49.21 6.91
CA GLY M 179 -26.81 47.78 7.08
C GLY M 179 -25.78 47.19 8.01
N CYS M 180 -24.66 47.90 8.23
CA CYS M 180 -23.65 47.46 9.20
C CYS M 180 -23.50 48.53 10.26
N LYS M 181 -24.63 49.01 10.78
CA LYS M 181 -24.64 50.19 11.64
C LYS M 181 -24.01 49.94 13.00
N GLU M 182 -23.98 48.70 13.45
CA GLU M 182 -23.41 48.41 14.77
C GLU M 182 -21.88 48.41 14.71
N GLN M 183 -21.31 47.91 13.62
CA GLN M 183 -19.88 48.10 13.39
C GLN M 183 -19.56 49.57 13.17
N ILE M 184 -20.48 50.32 12.56
CA ILE M 184 -20.35 51.77 12.53
C ILE M 184 -20.49 52.34 13.94
N GLU M 185 -21.38 51.76 14.76
CA GLU M 185 -21.59 52.28 16.11
C GLU M 185 -20.38 52.04 17.00
N LYS M 186 -19.67 50.94 16.78
CA LYS M 186 -18.37 50.74 17.42
C LYS M 186 -17.40 51.83 17.02
N LEU M 187 -17.31 52.10 15.72
CA LEU M 187 -16.37 53.09 15.23
C LEU M 187 -16.83 54.51 15.53
N ARG M 188 -18.14 54.72 15.66
CA ARG M 188 -18.64 56.04 16.02
C ARG M 188 -18.37 56.32 17.50
N GLU M 189 -18.34 55.27 18.32
CA GLU M 189 -18.01 55.47 19.72
C GLU M 189 -16.51 55.67 19.93
N VAL M 190 -15.68 54.97 19.17
CA VAL M 190 -14.23 55.05 19.39
C VAL M 190 -13.67 56.37 18.88
N VAL M 191 -14.13 56.81 17.72
CA VAL M 191 -13.52 57.97 17.08
C VAL M 191 -14.18 59.27 17.51
N GLU M 192 -15.50 59.37 17.34
CA GLU M 192 -16.19 60.65 17.48
C GLU M 192 -16.28 61.10 18.93
N THR M 193 -16.55 60.17 19.86
CA THR M 193 -16.83 60.57 21.24
C THR M 193 -15.67 61.16 22.03
N PRO M 194 -14.36 60.83 21.82
CA PRO M 194 -13.34 61.64 22.49
C PRO M 194 -13.03 62.95 21.78
N LEU M 195 -13.18 62.97 20.45
CA LEU M 195 -12.80 64.14 19.68
C LEU M 195 -13.75 65.32 19.89
N LEU M 196 -15.00 65.06 20.27
CA LEU M 196 -15.97 66.14 20.45
C LEU M 196 -16.62 66.16 21.82
N HIS M 197 -16.57 65.09 22.59
CA HIS M 197 -17.04 65.09 23.98
C HIS M 197 -16.13 64.34 24.93
N PRO M 198 -14.94 64.92 25.27
CA PRO M 198 -14.11 64.37 26.34
C PRO M 198 -14.52 64.89 27.71
N GLU M 199 -15.82 64.91 27.96
CA GLU M 199 -16.40 65.52 29.14
C GLU M 199 -17.07 64.50 30.02
N ARG M 200 -17.84 63.58 29.43
CA ARG M 200 -18.37 62.45 30.17
C ARG M 200 -17.26 61.51 30.64
N PHE M 201 -16.11 61.54 29.96
CA PHE M 201 -14.93 60.86 30.46
C PHE M 201 -14.48 61.43 31.79
N VAL M 202 -14.63 62.75 31.96
CA VAL M 202 -14.38 63.38 33.24
C VAL M 202 -15.57 63.19 34.18
N ASN M 203 -16.79 63.23 33.64
CA ASN M 203 -17.98 63.02 34.45
C ASN M 203 -18.12 61.60 34.96
N LEU M 204 -17.46 60.63 34.32
CA LEU M 204 -17.49 59.26 34.79
C LEU M 204 -16.18 58.84 35.43
N GLY M 205 -15.05 59.29 34.92
CA GLY M 205 -13.76 58.88 35.43
C GLY M 205 -13.03 57.89 34.57
N ILE M 206 -13.11 58.02 33.25
CA ILE M 206 -12.50 57.10 32.31
C ILE M 206 -11.69 57.89 31.29
N GLU M 207 -10.98 57.15 30.44
CA GLU M 207 -10.19 57.68 29.35
C GLU M 207 -10.53 56.86 28.11
N PRO M 208 -10.53 57.45 26.93
CA PRO M 208 -11.01 56.74 25.74
C PRO M 208 -10.01 55.71 25.26
N PRO M 209 -10.47 54.70 24.52
CA PRO M 209 -9.54 53.78 23.86
C PRO M 209 -8.85 54.49 22.72
N LYS M 210 -7.63 54.06 22.41
CA LYS M 210 -6.85 54.72 21.38
C LYS M 210 -6.18 53.71 20.44
N GLY M 211 -6.81 52.56 20.24
CA GLY M 211 -6.35 51.66 19.21
C GLY M 211 -7.40 50.72 18.62
N VAL M 212 -7.57 50.75 17.31
CA VAL M 212 -8.51 49.91 16.58
C VAL M 212 -7.88 49.51 15.25
N LEU M 213 -7.79 48.20 15.00
CA LEU M 213 -7.44 47.69 13.69
C LEU M 213 -8.67 47.09 13.03
N LEU M 214 -8.70 47.15 11.71
CA LEU M 214 -9.77 46.58 10.90
C LEU M 214 -9.22 45.45 10.04
N PHE M 215 -9.96 44.35 10.01
CA PHE M 215 -9.61 43.23 9.13
C PHE M 215 -10.89 42.48 8.82
N GLY M 216 -10.81 41.61 7.82
CA GLY M 216 -11.98 40.90 7.36
C GLY M 216 -11.92 40.68 5.86
N PRO M 217 -13.04 40.26 5.29
CA PRO M 217 -13.06 39.91 3.86
C PRO M 217 -12.93 41.16 2.99
N PRO M 218 -12.42 41.02 1.77
CA PRO M 218 -12.25 42.20 0.92
C PRO M 218 -13.58 42.68 0.37
N GLY M 219 -13.69 43.99 0.20
CA GLY M 219 -14.92 44.57 -0.30
C GLY M 219 -16.07 44.50 0.67
N THR M 220 -15.82 44.78 1.94
CA THR M 220 -16.83 44.63 2.97
C THR M 220 -17.37 45.96 3.46
N GLY M 221 -16.62 47.03 3.28
CA GLY M 221 -17.03 48.33 3.80
C GLY M 221 -15.90 48.95 4.58
N LYS M 222 -14.69 48.47 4.33
CA LYS M 222 -13.53 48.92 5.07
C LYS M 222 -13.21 50.38 4.73
N THR M 223 -12.99 50.63 3.45
CA THR M 223 -12.71 51.98 3.01
C THR M 223 -13.95 52.86 3.10
N LEU M 224 -15.13 52.25 2.99
CA LEU M 224 -16.38 53.00 3.10
C LEU M 224 -16.58 53.56 4.49
N CYS M 225 -16.46 52.71 5.51
CA CYS M 225 -16.64 53.18 6.88
C CYS M 225 -15.50 54.11 7.29
N ALA M 226 -14.36 53.99 6.64
CA ALA M 226 -13.30 54.98 6.80
C ALA M 226 -13.71 56.31 6.18
N ARG M 227 -14.14 56.29 4.91
CA ARG M 227 -14.39 57.53 4.19
C ARG M 227 -15.69 58.20 4.62
N ALA M 228 -16.64 57.43 5.18
CA ALA M 228 -17.89 58.02 5.64
C ALA M 228 -17.67 58.91 6.86
N VAL M 229 -16.83 58.46 7.79
CA VAL M 229 -16.48 59.32 8.92
C VAL M 229 -15.32 60.25 8.58
N ALA M 230 -14.65 60.03 7.46
CA ALA M 230 -13.77 61.06 6.93
C ALA M 230 -14.58 62.17 6.29
N ASN M 231 -15.77 61.85 5.77
CA ASN M 231 -16.70 62.89 5.38
C ASN M 231 -17.28 63.58 6.60
N ARG M 232 -17.65 62.80 7.62
CA ARG M 232 -18.18 63.36 8.86
C ARG M 232 -17.07 63.44 9.91
N THR M 233 -16.14 64.37 9.65
CA THR M 233 -15.20 64.80 10.68
C THR M 233 -15.03 66.31 10.77
N ASP M 234 -15.23 67.05 9.67
CA ASP M 234 -15.01 68.50 9.57
C ASP M 234 -13.60 68.88 10.06
N ALA M 235 -12.62 68.09 9.69
CA ALA M 235 -11.33 68.17 10.35
C ALA M 235 -10.25 67.57 9.46
N CYS M 236 -9.04 67.45 10.01
CA CYS M 236 -7.92 66.85 9.31
C CYS M 236 -8.12 65.36 9.13
N PHE M 237 -7.88 64.87 7.91
CA PHE M 237 -7.94 63.45 7.62
C PHE M 237 -6.80 63.06 6.71
N ILE M 238 -6.21 61.90 6.97
CA ILE M 238 -5.05 61.41 6.23
C ILE M 238 -5.32 59.97 5.82
N ARG M 239 -5.25 59.69 4.52
CA ARG M 239 -5.25 58.33 4.02
C ARG M 239 -3.83 57.98 3.59
N VAL M 240 -3.40 56.77 3.93
CA VAL M 240 -2.02 56.35 3.73
C VAL M 240 -1.97 55.15 2.80
N ILE M 241 -1.27 55.30 1.69
CA ILE M 241 -1.06 54.21 0.76
C ILE M 241 -0.08 53.22 1.38
N GLY M 242 -0.41 51.93 1.31
CA GLY M 242 0.45 50.91 1.89
C GLY M 242 1.77 50.76 1.16
N SER M 243 1.76 50.88 -0.16
CA SER M 243 3.00 50.80 -0.92
C SER M 243 3.79 52.10 -0.94
N GLU M 244 3.20 53.20 -0.48
CA GLU M 244 3.95 54.45 -0.37
C GLU M 244 5.04 54.35 0.69
N LEU M 245 4.79 53.56 1.74
CA LEU M 245 5.80 53.38 2.78
C LEU M 245 6.92 52.47 2.32
N VAL M 246 6.70 51.72 1.25
CA VAL M 246 7.76 50.94 0.61
C VAL M 246 8.48 51.84 -0.38
N GLN M 247 9.80 51.96 -0.23
CA GLN M 247 10.59 52.85 -1.05
C GLN M 247 11.65 52.06 -1.79
N LYS M 248 12.22 52.69 -2.82
CA LYS M 248 13.29 52.07 -3.62
C LYS M 248 14.61 52.18 -2.85
N TYR M 249 14.86 53.34 -2.25
CA TYR M 249 16.17 53.56 -1.67
C TYR M 249 16.19 53.18 -0.19
N VAL M 250 17.29 52.55 0.23
CA VAL M 250 17.44 52.09 1.61
C VAL M 250 17.64 53.28 2.54
N GLY M 251 16.84 53.33 3.60
CA GLY M 251 16.91 54.44 4.53
C GLY M 251 16.12 55.65 4.11
N GLU M 252 15.18 55.49 3.19
CA GLU M 252 14.36 56.61 2.71
C GLU M 252 12.95 56.55 3.25
N GLY M 253 12.37 55.36 3.37
CA GLY M 253 11.01 55.24 3.88
C GLY M 253 10.88 55.57 5.34
N ALA M 254 11.92 55.26 6.14
CA ALA M 254 11.91 55.61 7.56
C ALA M 254 11.94 57.12 7.73
N ARG M 255 12.71 57.81 6.88
CA ARG M 255 12.77 59.27 6.88
C ARG M 255 11.43 59.88 6.55
N MET M 256 10.66 59.23 5.69
CA MET M 256 9.32 59.71 5.38
C MET M 256 8.38 59.55 6.57
N VAL M 257 8.39 58.37 7.20
CA VAL M 257 7.47 58.07 8.30
C VAL M 257 7.85 58.87 9.54
N ARG M 258 9.11 59.29 9.64
CA ARG M 258 9.47 60.37 10.55
C ARG M 258 8.63 61.61 10.28
N GLU M 259 8.67 62.09 9.03
CA GLU M 259 8.07 63.38 8.68
C GLU M 259 6.56 63.33 8.73
N LEU M 260 5.97 62.15 8.52
CA LEU M 260 4.52 62.02 8.65
C LEU M 260 4.09 62.15 10.11
N PHE M 261 4.70 61.37 11.00
CA PHE M 261 4.26 61.40 12.38
C PHE M 261 4.69 62.65 13.15
N GLU M 262 5.61 63.43 12.62
CA GLU M 262 5.94 64.69 13.28
C GLU M 262 4.90 65.75 12.97
N MET M 263 4.68 66.02 11.68
CA MET M 263 3.84 67.14 11.25
C MET M 263 2.35 66.80 11.25
N ALA M 264 1.99 65.58 11.63
CA ALA M 264 0.58 65.29 11.89
C ALA M 264 0.21 65.49 13.35
N ARG M 265 1.18 65.34 14.26
CA ARG M 265 0.96 65.62 15.67
C ARG M 265 0.95 67.11 15.98
N THR M 266 1.21 67.97 14.99
CA THR M 266 1.25 69.40 15.23
C THR M 266 -0.16 69.96 15.40
N LYS M 267 -0.97 69.90 14.35
CA LYS M 267 -2.32 70.42 14.48
C LYS M 267 -3.20 69.41 15.20
N LYS M 268 -4.36 69.89 15.61
CA LYS M 268 -5.26 69.12 16.47
C LYS M 268 -6.38 68.51 15.65
N ALA M 269 -6.98 67.47 16.25
CA ALA M 269 -8.21 66.81 15.77
C ALA M 269 -8.03 66.25 14.35
N CYS M 270 -7.04 65.39 14.18
CA CYS M 270 -6.76 64.81 12.88
C CYS M 270 -6.91 63.30 12.92
N LEU M 271 -7.11 62.71 11.74
CA LEU M 271 -7.24 61.28 11.58
C LEU M 271 -6.26 60.80 10.52
N ILE M 272 -5.65 59.65 10.78
CA ILE M 272 -4.77 59.00 9.83
C ILE M 272 -5.34 57.62 9.56
N PHE M 273 -5.44 57.26 8.28
CA PHE M 273 -5.98 55.96 7.92
C PHE M 273 -4.90 55.17 7.22
N PHE M 274 -4.34 54.19 7.92
CA PHE M 274 -3.48 53.21 7.28
C PHE M 274 -4.31 52.23 6.50
N ASP M 275 -3.78 51.77 5.39
CA ASP M 275 -4.54 50.88 4.53
C ASP M 275 -3.55 50.00 3.79
N GLU M 276 -3.89 48.73 3.67
CA GLU M 276 -3.06 47.67 3.10
C GLU M 276 -1.70 47.63 3.80
N ILE M 277 -1.76 47.26 5.07
CA ILE M 277 -0.58 47.25 5.93
C ILE M 277 0.07 45.87 5.87
N ASP M 278 -0.29 45.08 4.85
CA ASP M 278 0.36 43.81 4.61
C ASP M 278 1.83 43.99 4.26
N ALA M 279 2.14 45.03 3.47
CA ALA M 279 3.52 45.23 3.04
C ALA M 279 4.42 45.70 4.18
N ILE M 280 3.87 46.47 5.12
CA ILE M 280 4.64 47.00 6.24
C ILE M 280 4.42 46.17 7.51
N GLY M 281 3.67 45.07 7.43
CA GLY M 281 3.29 44.32 8.57
C GLY M 281 4.05 43.02 8.72
N GLY M 282 3.47 42.11 9.50
CA GLY M 282 4.08 40.86 9.88
C GLY M 282 4.33 40.89 11.38
N ALA M 283 4.25 39.72 12.00
CA ALA M 283 4.51 39.62 13.43
C ALA M 283 6.01 39.75 13.69
N ARG M 284 6.39 40.82 14.38
CA ARG M 284 7.77 41.08 14.73
C ARG M 284 8.06 40.68 16.17
N PHE M 285 7.03 40.48 16.98
CA PHE M 285 7.15 39.93 18.32
C PHE M 285 7.26 38.41 18.29
N ASP M 286 6.98 37.78 17.14
CA ASP M 286 6.82 36.34 17.02
C ASP M 286 7.92 35.83 16.08
N ASP M 287 7.78 34.56 15.66
CA ASP M 287 8.80 33.73 15.01
C ASP M 287 9.56 34.35 13.83
N GLY M 288 8.97 35.30 13.13
CA GLY M 288 9.59 35.84 11.94
C GLY M 288 10.58 36.95 12.23
N ALA M 289 10.36 38.11 11.60
CA ALA M 289 11.18 39.32 11.76
C ALA M 289 12.66 39.07 11.41
N GLY M 290 12.87 38.26 10.37
CA GLY M 290 14.21 38.01 9.88
C GLY M 290 14.39 38.74 8.56
N GLY M 291 13.84 39.94 8.49
CA GLY M 291 13.70 40.72 7.28
C GLY M 291 14.79 41.77 7.20
N ASP M 292 14.46 43.01 7.61
CA ASP M 292 15.41 44.10 7.84
C ASP M 292 16.06 44.58 6.54
N ASN M 293 15.23 44.87 5.53
CA ASN M 293 15.68 45.56 4.32
C ASN M 293 14.59 46.55 3.92
N GLU M 294 14.62 47.74 4.52
CA GLU M 294 13.83 48.93 4.17
C GLU M 294 12.33 48.78 4.47
N VAL M 295 11.87 47.56 4.74
CA VAL M 295 10.54 47.37 5.27
C VAL M 295 10.55 47.60 6.77
N GLN M 296 11.56 47.06 7.44
CA GLN M 296 11.69 47.25 8.87
C GLN M 296 12.20 48.65 9.20
N ARG M 297 12.86 49.34 8.27
CA ARG M 297 13.17 50.76 8.48
C ARG M 297 11.90 51.56 8.69
N THR M 298 10.91 51.36 7.82
CA THR M 298 9.60 51.93 8.03
C THR M 298 8.96 51.40 9.30
N MET M 299 9.08 50.08 9.52
CA MET M 299 8.33 49.44 10.59
C MET M 299 8.88 49.78 11.96
N LEU M 300 10.21 49.72 12.12
CA LEU M 300 10.78 49.96 13.44
C LEU M 300 10.66 51.44 13.81
N GLU M 301 10.67 52.32 12.81
CA GLU M 301 10.56 53.73 13.12
C GLU M 301 9.13 54.11 13.48
N LEU M 302 8.14 53.46 12.86
CA LEU M 302 6.76 53.82 13.17
C LEU M 302 6.37 53.32 14.56
N ILE M 303 6.76 52.09 14.92
CA ILE M 303 6.49 51.60 16.27
C ILE M 303 7.33 52.33 17.31
N ASN M 304 8.44 52.95 16.90
CA ASN M 304 9.16 53.86 17.77
C ASN M 304 8.31 55.08 18.08
N GLN M 305 7.77 55.70 17.05
CA GLN M 305 7.07 56.97 17.22
C GLN M 305 5.59 56.78 17.50
N LEU M 306 5.10 55.53 17.46
CA LEU M 306 3.71 55.28 17.81
C LEU M 306 3.49 55.43 19.31
N ASP M 307 4.31 54.77 20.11
CA ASP M 307 4.40 55.12 21.52
C ASP M 307 5.50 56.15 21.69
N GLY M 308 5.89 56.42 22.92
CA GLY M 308 6.98 57.35 23.19
C GLY M 308 6.55 58.80 23.07
N PHE M 309 6.08 59.20 21.89
CA PHE M 309 5.57 60.54 21.68
C PHE M 309 4.05 60.60 21.79
N ASP M 310 3.39 59.49 22.13
CA ASP M 310 1.94 59.48 22.34
C ASP M 310 1.57 58.89 23.70
N PRO M 311 1.77 59.64 24.80
CA PRO M 311 0.78 59.57 25.88
C PRO M 311 -0.24 60.69 25.75
N ARG M 312 -1.54 60.34 25.76
CA ARG M 312 -2.67 61.28 25.79
C ARG M 312 -2.63 62.23 24.58
N GLY M 313 -2.88 61.64 23.42
CA GLY M 313 -2.79 62.36 22.16
C GLY M 313 -4.11 62.97 21.72
N ASN M 314 -4.14 63.39 20.45
CA ASN M 314 -5.35 63.94 19.84
C ASN M 314 -5.62 63.33 18.46
N ILE M 315 -4.66 62.65 17.86
CA ILE M 315 -4.77 62.16 16.48
C ILE M 315 -4.91 60.64 16.54
N LYS M 316 -6.03 60.13 16.06
CA LYS M 316 -6.29 58.70 16.02
C LYS M 316 -5.85 58.13 14.68
N VAL M 317 -5.27 56.94 14.72
CA VAL M 317 -4.78 56.26 13.52
C VAL M 317 -5.49 54.91 13.43
N LEU M 318 -5.98 54.60 12.23
CA LEU M 318 -6.66 53.34 11.98
C LEU M 318 -5.92 52.55 10.93
N MET M 319 -5.80 51.24 11.17
CA MET M 319 -5.21 50.32 10.22
C MET M 319 -6.29 49.44 9.64
N ALA M 320 -6.04 48.95 8.42
CA ALA M 320 -6.98 48.10 7.72
C ALA M 320 -6.22 47.18 6.79
N THR M 321 -6.57 45.90 6.81
CA THR M 321 -5.94 44.95 5.92
C THR M 321 -6.90 43.81 5.62
N ASN M 322 -6.56 43.06 4.58
CA ASN M 322 -7.30 41.86 4.20
C ASN M 322 -6.72 40.61 4.83
N ARG M 323 -5.48 40.66 5.30
CA ARG M 323 -4.80 39.49 5.85
C ARG M 323 -4.68 39.64 7.36
N PRO M 324 -5.39 38.82 8.15
CA PRO M 324 -5.16 38.82 9.60
C PRO M 324 -3.90 38.08 10.03
N ASP M 325 -3.02 37.71 9.11
CA ASP M 325 -1.74 37.12 9.47
C ASP M 325 -0.80 38.15 10.09
N THR M 326 -0.89 39.41 9.65
CA THR M 326 0.12 40.42 9.92
C THR M 326 -0.19 41.23 11.18
N LEU M 327 -0.79 40.60 12.18
CA LEU M 327 -1.05 41.24 13.45
C LEU M 327 0.21 41.20 14.31
N ASP M 328 0.60 42.36 14.83
CA ASP M 328 1.74 42.43 15.72
C ASP M 328 1.24 42.47 17.17
N PRO M 329 1.62 41.51 18.01
CA PRO M 329 1.21 41.58 19.42
C PRO M 329 1.84 42.73 20.19
N ALA M 330 2.99 43.24 19.72
CA ALA M 330 3.53 44.46 20.30
C ALA M 330 2.65 45.65 20.01
N LEU M 331 2.05 45.70 18.81
CA LEU M 331 0.98 46.65 18.57
C LEU M 331 -0.23 46.34 19.43
N MET M 332 -0.55 45.06 19.56
CA MET M 332 -1.71 44.66 20.33
C MET M 332 -1.46 44.62 21.83
N ARG M 333 -0.21 44.77 22.24
CA ARG M 333 0.05 45.20 23.61
C ARG M 333 -0.56 46.57 23.80
N PRO M 334 -1.33 46.80 24.86
CA PRO M 334 -2.07 48.07 25.00
C PRO M 334 -1.15 49.27 25.16
N GLY M 335 -1.63 50.39 24.64
CA GLY M 335 -0.79 51.57 24.48
C GLY M 335 -0.69 51.94 23.02
N ARG M 336 -0.54 50.92 22.16
CA ARG M 336 -0.58 51.13 20.72
C ARG M 336 -1.95 50.82 20.12
N LEU M 337 -2.41 49.57 20.23
CA LEU M 337 -3.67 49.15 19.62
C LEU M 337 -4.44 48.29 20.60
N ASP M 338 -5.75 48.53 20.67
CA ASP M 338 -6.59 47.97 21.73
C ASP M 338 -7.67 47.03 21.22
N ARG M 339 -8.38 47.40 20.16
CA ARG M 339 -9.63 46.76 19.80
C ARG M 339 -9.57 46.11 18.42
N LYS M 340 -10.15 44.91 18.33
CA LYS M 340 -10.28 44.17 17.08
C LYS M 340 -11.69 44.36 16.54
N ILE M 341 -11.89 45.43 15.79
CA ILE M 341 -13.14 45.63 15.06
C ILE M 341 -13.00 45.01 13.69
N GLU M 342 -13.79 43.98 13.44
CA GLU M 342 -13.85 43.34 12.13
C GLU M 342 -15.25 43.52 11.56
N PHE M 343 -15.37 43.35 10.26
CA PHE M 343 -16.65 43.53 9.59
C PHE M 343 -17.20 42.18 9.17
N SER M 344 -18.53 42.13 9.04
CA SER M 344 -19.24 40.89 8.81
C SER M 344 -20.17 41.04 7.62
N LEU M 345 -20.94 40.00 7.35
CA LEU M 345 -21.91 40.02 6.27
C LEU M 345 -23.28 40.42 6.79
N PRO M 346 -24.09 41.09 5.96
CA PRO M 346 -25.43 41.48 6.41
C PRO M 346 -26.38 40.29 6.46
N ASP M 347 -27.26 40.30 7.45
CA ASP M 347 -28.17 39.17 7.66
C ASP M 347 -29.19 38.99 6.52
N LEU M 348 -30.21 39.83 6.44
CA LEU M 348 -30.97 40.03 5.21
C LEU M 348 -31.24 41.51 5.03
N GLU M 349 -31.56 42.16 6.14
CA GLU M 349 -32.06 43.53 6.10
C GLU M 349 -30.95 44.49 5.76
N GLY M 350 -29.72 44.14 6.11
CA GLY M 350 -28.58 44.88 5.60
C GLY M 350 -28.44 44.74 4.11
N ARG M 351 -28.65 43.53 3.58
CA ARG M 351 -28.52 43.33 2.15
C ARG M 351 -29.62 44.05 1.39
N THR M 352 -30.87 43.93 1.85
CA THR M 352 -31.99 44.59 1.19
C THR M 352 -31.86 46.09 1.23
N HIS M 353 -31.20 46.61 2.26
CA HIS M 353 -30.86 48.02 2.27
C HIS M 353 -29.86 48.37 1.19
N ILE M 354 -28.88 47.49 0.97
CA ILE M 354 -27.80 47.80 0.03
C ILE M 354 -28.30 47.69 -1.41
N PHE M 355 -29.20 46.75 -1.69
CA PHE M 355 -29.81 46.69 -3.03
C PHE M 355 -30.59 47.95 -3.34
N LYS M 356 -31.21 48.55 -2.34
CA LYS M 356 -31.90 49.82 -2.55
C LYS M 356 -30.93 50.95 -2.80
N ILE M 357 -29.71 50.84 -2.27
CA ILE M 357 -28.71 51.88 -2.48
C ILE M 357 -28.24 51.88 -3.92
N HIS M 358 -27.84 50.72 -4.42
CA HIS M 358 -27.24 50.63 -5.74
C HIS M 358 -28.27 50.55 -6.85
N ALA M 359 -29.55 50.71 -6.53
CA ALA M 359 -30.56 50.70 -7.58
C ALA M 359 -31.45 51.92 -7.54
N ARG M 360 -31.33 52.78 -6.53
CA ARG M 360 -32.09 54.02 -6.55
C ARG M 360 -31.55 55.00 -7.57
N SER M 361 -30.28 54.87 -7.96
CA SER M 361 -29.61 55.83 -8.81
C SER M 361 -29.57 55.39 -10.26
N MET M 362 -30.49 54.52 -10.68
CA MET M 362 -30.49 54.02 -12.04
C MET M 362 -31.93 53.79 -12.49
N SER M 363 -32.08 53.58 -13.80
CA SER M 363 -33.39 53.49 -14.42
C SER M 363 -33.98 52.12 -14.14
N VAL M 364 -34.88 52.05 -13.18
CA VAL M 364 -35.47 50.80 -12.72
C VAL M 364 -36.97 50.85 -12.91
N GLU M 365 -37.62 49.75 -12.57
CA GLU M 365 -39.07 49.67 -12.50
C GLU M 365 -39.52 49.95 -11.07
N ARG M 366 -40.68 50.57 -10.93
CA ARG M 366 -41.20 50.98 -9.63
C ARG M 366 -41.91 49.86 -8.89
N ASP M 367 -41.77 48.61 -9.34
CA ASP M 367 -42.54 47.52 -8.78
C ASP M 367 -41.72 46.31 -8.39
N ILE M 368 -40.40 46.33 -8.57
CA ILE M 368 -39.59 45.19 -8.20
C ILE M 368 -39.43 45.13 -6.69
N ARG M 369 -39.29 43.93 -6.17
CA ARG M 369 -39.05 43.73 -4.75
C ARG M 369 -37.65 43.18 -4.54
N PHE M 370 -37.00 43.66 -3.49
CA PHE M 370 -35.60 43.36 -3.27
C PHE M 370 -35.36 42.30 -2.23
N GLU M 371 -36.35 42.01 -1.38
CA GLU M 371 -36.21 40.95 -0.40
C GLU M 371 -36.12 39.59 -1.07
N LEU M 372 -36.72 39.46 -2.24
CA LEU M 372 -36.54 38.26 -3.05
C LEU M 372 -35.09 38.12 -3.52
N LEU M 373 -34.40 39.24 -3.70
CA LEU M 373 -33.02 39.18 -4.17
C LEU M 373 -32.08 38.72 -3.06
N ALA M 374 -32.22 39.29 -1.86
CA ALA M 374 -31.30 38.96 -0.78
C ALA M 374 -31.52 37.56 -0.23
N ARG M 375 -32.65 36.93 -0.53
CA ARG M 375 -32.77 35.50 -0.33
C ARG M 375 -31.75 34.76 -1.18
N LEU M 376 -31.56 35.21 -2.41
CA LEU M 376 -30.69 34.55 -3.35
C LEU M 376 -29.23 34.95 -3.19
N CYS M 377 -28.90 35.73 -2.15
CA CYS M 377 -27.54 36.19 -1.93
C CYS M 377 -27.12 35.81 -0.51
N PRO M 378 -26.82 34.53 -0.26
CA PRO M 378 -26.61 34.08 1.13
C PRO M 378 -25.34 34.63 1.74
N ASN M 379 -24.24 34.41 1.05
CA ASN M 379 -22.91 34.81 1.51
C ASN M 379 -22.35 35.66 0.38
N SER M 380 -22.51 36.96 0.51
CA SER M 380 -22.12 37.87 -0.56
C SER M 380 -21.75 39.19 0.07
N THR M 381 -20.90 39.93 -0.63
CA THR M 381 -20.47 41.24 -0.19
C THR M 381 -21.18 42.30 -1.00
N GLY M 382 -21.11 43.54 -0.51
CA GLY M 382 -21.68 44.66 -1.25
C GLY M 382 -20.94 44.94 -2.53
N ALA M 383 -19.69 44.50 -2.63
CA ALA M 383 -18.99 44.53 -3.90
C ALA M 383 -19.67 43.63 -4.92
N GLU M 384 -20.11 42.45 -4.48
CA GLU M 384 -20.85 41.58 -5.38
C GLU M 384 -22.25 42.10 -5.63
N ILE M 385 -22.87 42.71 -4.62
CA ILE M 385 -24.20 43.28 -4.76
C ILE M 385 -24.18 44.42 -5.76
N ARG M 386 -23.12 45.23 -5.74
CA ARG M 386 -22.95 46.26 -6.75
C ARG M 386 -22.73 45.65 -8.12
N SER M 387 -22.03 44.53 -8.18
CA SER M 387 -21.73 43.91 -9.46
C SER M 387 -22.99 43.34 -10.11
N VAL M 388 -23.93 42.86 -9.30
CA VAL M 388 -25.19 42.38 -9.83
C VAL M 388 -26.00 43.53 -10.41
N CYS M 389 -26.01 44.68 -9.72
CA CYS M 389 -26.78 45.83 -10.17
C CYS M 389 -26.23 46.37 -11.49
N THR M 390 -24.91 46.30 -11.67
CA THR M 390 -24.36 46.70 -12.95
C THR M 390 -24.64 45.66 -14.02
N GLU M 391 -24.56 44.38 -13.66
CA GLU M 391 -24.76 43.32 -14.64
C GLU M 391 -26.20 43.26 -15.11
N ALA M 392 -27.14 43.50 -14.19
CA ALA M 392 -28.56 43.51 -14.56
C ALA M 392 -28.86 44.62 -15.53
N GLY M 393 -28.16 45.75 -15.39
CA GLY M 393 -28.28 46.80 -16.38
C GLY M 393 -27.72 46.37 -17.72
N MET M 394 -26.69 45.53 -17.72
CA MET M 394 -26.09 45.09 -18.97
C MET M 394 -27.02 44.18 -19.74
N PHE M 395 -27.88 43.43 -19.05
CA PHE M 395 -28.89 42.65 -19.77
C PHE M 395 -29.93 43.55 -20.40
N ALA M 396 -30.20 44.71 -19.81
CA ALA M 396 -31.15 45.63 -20.41
C ALA M 396 -30.60 46.27 -21.66
N ILE M 397 -29.28 46.31 -21.81
CA ILE M 397 -28.66 46.89 -22.99
C ILE M 397 -28.68 45.88 -24.13
N ARG M 398 -28.74 44.58 -23.80
CA ARG M 398 -28.74 43.53 -24.81
C ARG M 398 -29.96 43.62 -25.71
N ALA M 399 -31.13 43.72 -25.12
CA ALA M 399 -32.30 44.11 -25.89
C ALA M 399 -32.42 45.62 -25.91
N ARG M 400 -33.44 46.12 -26.59
CA ARG M 400 -33.73 47.54 -26.57
C ARG M 400 -34.58 47.82 -25.34
N ARG M 401 -33.93 48.20 -24.25
CA ARG M 401 -34.65 48.63 -23.07
C ARG M 401 -34.04 49.91 -22.54
N LYS M 402 -34.80 50.57 -21.67
CA LYS M 402 -34.30 51.72 -20.96
C LYS M 402 -34.72 51.68 -19.50
N ILE M 403 -35.38 50.61 -19.07
CA ILE M 403 -35.74 50.40 -17.67
C ILE M 403 -35.61 48.92 -17.40
N ALA M 404 -35.15 48.57 -16.21
CA ALA M 404 -34.91 47.18 -15.87
C ALA M 404 -36.17 46.52 -15.34
N THR M 405 -36.28 45.23 -15.60
CA THR M 405 -37.42 44.45 -15.14
C THR M 405 -37.00 43.63 -13.95
N GLU M 406 -37.92 42.79 -13.48
CA GLU M 406 -37.60 41.85 -12.41
C GLU M 406 -36.63 40.79 -12.89
N LYS M 407 -36.88 40.23 -14.07
CA LYS M 407 -36.08 39.13 -14.58
C LYS M 407 -34.69 39.56 -15.01
N ASP M 408 -34.48 40.86 -15.21
CA ASP M 408 -33.14 41.36 -15.49
C ASP M 408 -32.22 41.10 -14.30
N PHE M 409 -32.71 41.38 -13.10
CA PHE M 409 -31.94 41.07 -11.90
C PHE M 409 -31.85 39.57 -11.67
N LEU M 410 -32.89 38.83 -12.06
CA LEU M 410 -32.90 37.39 -11.81
C LEU M 410 -31.88 36.66 -12.65
N GLU M 411 -31.67 37.12 -13.89
CA GLU M 411 -30.62 36.55 -14.70
C GLU M 411 -29.25 36.95 -14.17
N ALA M 412 -29.15 38.12 -13.57
CA ALA M 412 -27.86 38.61 -13.09
C ALA M 412 -27.38 37.82 -11.88
N VAL M 413 -28.30 37.50 -10.96
CA VAL M 413 -27.95 36.70 -9.79
C VAL M 413 -27.54 35.31 -10.22
N ASN M 414 -28.21 34.77 -11.24
CA ASN M 414 -27.82 33.50 -11.81
C ASN M 414 -26.47 33.59 -12.48
N LYS M 415 -26.20 34.72 -13.14
CA LYS M 415 -24.93 34.89 -13.83
C LYS M 415 -23.79 35.09 -12.85
N VAL M 416 -24.03 35.81 -11.77
CA VAL M 416 -22.97 36.05 -10.80
C VAL M 416 -22.85 34.88 -9.83
N ILE M 417 -23.87 34.68 -9.01
CA ILE M 417 -23.72 33.79 -7.87
C ILE M 417 -23.82 32.33 -8.27
N LYS M 418 -24.86 31.95 -8.99
CA LYS M 418 -25.05 30.54 -9.32
C LYS M 418 -24.13 30.03 -10.43
N SER M 419 -23.17 30.84 -10.89
CA SER M 419 -22.21 30.40 -11.90
C SER M 419 -20.82 30.16 -11.34
N TYR M 420 -20.18 31.16 -10.74
CA TYR M 420 -18.82 30.96 -10.25
C TYR M 420 -18.72 30.62 -8.78
N ALA M 421 -19.75 30.93 -7.97
CA ALA M 421 -19.65 30.72 -6.53
C ALA M 421 -19.87 29.26 -6.15
N LYS M 422 -20.18 29.03 -4.88
CA LYS M 422 -20.00 27.73 -4.23
C LYS M 422 -21.20 26.81 -4.42
N PHE M 423 -22.00 27.05 -5.46
CA PHE M 423 -23.09 26.14 -5.75
C PHE M 423 -23.09 25.78 -7.23
N SER M 424 -23.14 24.49 -7.51
CA SER M 424 -23.22 23.98 -8.87
C SER M 424 -24.26 22.86 -8.87
N ALA M 425 -24.36 22.16 -10.02
CA ALA M 425 -25.20 20.97 -10.20
C ALA M 425 -26.67 21.26 -9.91
N THR M 426 -27.14 22.38 -10.44
CA THR M 426 -28.54 22.79 -10.29
C THR M 426 -29.57 21.80 -10.87
N PRO M 427 -29.39 21.17 -12.12
CA PRO M 427 -30.44 20.24 -12.59
C PRO M 427 -30.67 19.04 -11.73
N ARG M 428 -29.62 18.43 -11.17
CA ARG M 428 -29.84 17.31 -10.26
C ARG M 428 -30.28 17.85 -8.89
N TYR M 429 -31.55 18.23 -8.77
CA TYR M 429 -31.94 18.88 -7.54
C TYR M 429 -32.87 18.00 -6.73
N MET M 430 -34.11 17.80 -7.23
CA MET M 430 -35.01 16.67 -7.03
C MET M 430 -34.91 15.89 -5.72
N THR M 431 -34.57 16.57 -4.62
CA THR M 431 -34.44 15.96 -3.30
C THR M 431 -35.01 16.87 -2.23
N TYR M 432 -35.47 18.06 -2.60
CA TYR M 432 -35.66 19.15 -1.66
C TYR M 432 -37.05 19.77 -1.71
N ASN M 433 -37.69 19.78 -2.86
CA ASN M 433 -39.05 20.29 -2.95
C ASN M 433 -40.01 19.28 -2.32
N PRO N 30 -10.27 77.73 -11.51
CA PRO N 30 -11.03 77.89 -12.76
C PRO N 30 -11.94 76.71 -13.04
N THR N 31 -12.63 76.75 -14.19
CA THR N 31 -13.53 75.66 -14.56
C THR N 31 -12.78 74.53 -15.26
N ARG N 32 -11.77 74.88 -16.07
CA ARG N 32 -11.11 73.96 -16.99
C ARG N 32 -9.61 73.96 -16.73
N VAL N 33 -9.24 73.72 -15.47
CA VAL N 33 -7.88 73.76 -14.94
C VAL N 33 -6.93 72.85 -15.71
N GLY N 34 -5.91 73.44 -16.32
CA GLY N 34 -4.87 72.70 -17.02
C GLY N 34 -5.27 72.08 -18.34
N LYS N 35 -6.55 72.24 -18.73
CA LYS N 35 -7.23 71.70 -19.91
C LYS N 35 -6.85 70.26 -20.25
N LYS N 36 -6.66 69.44 -19.20
CA LYS N 36 -6.44 67.99 -19.27
C LYS N 36 -5.22 67.62 -20.10
N LYS N 37 -4.06 68.06 -19.61
CA LYS N 37 -2.72 67.57 -19.95
C LYS N 37 -2.31 67.78 -21.40
N LYS N 38 -3.10 68.50 -22.19
CA LYS N 38 -2.72 69.04 -23.51
C LYS N 38 -2.38 67.94 -24.53
N LYS N 39 -2.87 66.73 -24.31
CA LYS N 39 -2.25 65.54 -24.90
C LYS N 39 -3.18 64.82 -25.84
N THR N 40 -2.64 64.41 -26.98
CA THR N 40 -3.34 63.70 -28.03
C THR N 40 -3.20 62.19 -27.80
N LYS N 41 -3.51 61.40 -28.83
CA LYS N 41 -3.32 59.95 -28.80
C LYS N 41 -2.71 59.51 -30.13
N GLY N 42 -1.82 58.53 -30.08
CA GLY N 42 -1.35 57.93 -31.30
C GLY N 42 -1.83 56.50 -31.49
N PRO N 43 -2.87 56.31 -32.29
CA PRO N 43 -3.38 54.96 -32.56
C PRO N 43 -2.57 54.20 -33.60
N ASP N 44 -3.07 53.05 -34.04
CA ASP N 44 -2.36 52.24 -35.02
C ASP N 44 -2.35 52.91 -36.39
N ALA N 45 -1.46 52.41 -37.25
CA ALA N 45 -1.35 52.91 -38.62
C ALA N 45 -1.57 51.83 -39.67
N ALA N 46 -1.71 50.58 -39.27
CA ALA N 46 -1.97 49.49 -40.20
C ALA N 46 -3.47 49.38 -40.43
N SER N 47 -3.92 48.21 -40.93
CA SER N 47 -5.21 48.01 -41.57
C SER N 47 -5.36 48.99 -42.73
N LYS N 48 -4.40 48.91 -43.66
CA LYS N 48 -4.33 49.86 -44.74
C LYS N 48 -5.49 49.68 -45.72
N LEU N 49 -5.86 48.42 -46.00
CA LEU N 49 -6.98 48.11 -46.87
C LEU N 49 -7.34 46.66 -46.63
N PRO N 50 -8.22 46.36 -45.68
CA PRO N 50 -8.61 44.97 -45.41
C PRO N 50 -9.74 44.50 -46.32
N LEU N 51 -9.64 44.79 -47.60
CA LEU N 51 -10.67 44.42 -48.57
C LEU N 51 -9.94 43.75 -49.72
N VAL N 52 -9.64 42.47 -49.51
CA VAL N 52 -8.95 41.65 -50.49
C VAL N 52 -9.88 40.49 -50.77
N THR N 53 -11.17 40.77 -50.64
CA THR N 53 -12.30 39.85 -50.52
C THR N 53 -12.51 38.74 -51.56
N PRO N 54 -11.95 38.76 -52.78
CA PRO N 54 -11.95 37.50 -53.55
C PRO N 54 -11.28 36.33 -52.85
N HIS N 55 -10.17 36.57 -52.15
CA HIS N 55 -9.42 35.57 -51.38
C HIS N 55 -8.93 34.41 -52.24
N THR N 56 -8.76 34.64 -53.53
CA THR N 56 -8.47 33.58 -54.49
C THR N 56 -7.72 34.19 -55.65
N GLN N 57 -7.37 33.35 -56.60
CA GLN N 57 -6.63 33.81 -57.77
C GLN N 57 -7.63 34.37 -58.78
N CYS N 58 -7.90 35.66 -58.65
CA CYS N 58 -8.87 36.37 -59.47
C CYS N 58 -8.29 37.71 -59.86
N ARG N 59 -8.76 38.26 -60.98
CA ARG N 59 -8.20 39.50 -61.50
C ARG N 59 -8.59 40.70 -60.66
N LEU N 60 -9.65 40.59 -59.86
CA LEU N 60 -10.02 41.64 -58.91
C LEU N 60 -8.89 41.92 -57.93
N LYS N 61 -8.35 40.88 -57.28
CA LYS N 61 -7.24 41.08 -56.37
C LYS N 61 -5.98 41.52 -57.10
N LEU N 62 -5.86 41.19 -58.38
CA LEU N 62 -4.82 41.83 -59.17
C LEU N 62 -5.13 43.30 -59.38
N LEU N 63 -6.39 43.63 -59.59
CA LEU N 63 -6.76 45.04 -59.73
C LEU N 63 -6.74 45.78 -58.41
N LYS N 64 -7.17 45.12 -57.32
CA LYS N 64 -7.24 45.77 -56.02
C LYS N 64 -5.86 46.17 -55.51
N LEU N 65 -4.92 45.23 -55.54
CA LEU N 65 -3.60 45.48 -54.97
C LEU N 65 -2.78 46.45 -55.80
N GLU N 66 -2.98 46.48 -57.11
CA GLU N 66 -2.30 47.47 -57.93
C GLU N 66 -2.84 48.88 -57.72
N ARG N 67 -4.09 49.01 -57.30
CA ARG N 67 -4.57 50.31 -56.85
C ARG N 67 -3.82 50.74 -55.59
N ILE N 68 -3.60 49.80 -54.67
CA ILE N 68 -2.92 50.10 -53.42
C ILE N 68 -1.45 50.45 -53.69
N LYS N 69 -0.86 49.79 -54.69
CA LYS N 69 0.49 50.15 -55.13
C LYS N 69 0.53 51.57 -55.70
N ASP N 70 -0.55 52.00 -56.35
CA ASP N 70 -0.57 53.32 -56.95
C ASP N 70 -0.61 54.42 -55.90
N TYR N 71 -1.40 54.22 -54.84
CA TYR N 71 -1.52 55.28 -53.84
C TYR N 71 -0.29 55.35 -52.94
N LEU N 72 0.40 54.22 -52.74
CA LEU N 72 1.60 54.27 -51.90
C LEU N 72 2.81 54.82 -52.66
N LEU N 73 2.91 54.56 -53.96
CA LEU N 73 3.99 55.15 -54.74
C LEU N 73 3.83 56.65 -54.85
N MET N 74 2.59 57.12 -54.98
CA MET N 74 2.35 58.56 -55.09
C MET N 74 2.59 59.26 -53.76
N GLU N 75 2.21 58.62 -52.66
CA GLU N 75 2.46 59.23 -51.35
C GLU N 75 3.96 59.25 -51.05
N GLU N 76 4.69 58.27 -51.59
CA GLU N 76 6.15 58.34 -51.58
C GLU N 76 6.64 59.51 -52.40
N GLU N 77 6.11 59.67 -53.62
CA GLU N 77 6.64 60.69 -54.51
C GLU N 77 6.20 62.09 -54.11
N PHE N 78 5.10 62.20 -53.36
CA PHE N 78 4.68 63.52 -52.90
C PHE N 78 5.55 64.00 -51.76
N ILE N 79 5.91 63.10 -50.85
CA ILE N 79 6.81 63.51 -49.78
C ILE N 79 8.23 63.58 -50.30
N ARG N 80 8.56 62.88 -51.39
CA ARG N 80 9.86 63.01 -52.02
C ARG N 80 10.02 64.39 -52.63
N ASN N 81 8.97 64.89 -53.28
CA ASN N 81 8.94 66.27 -53.74
C ASN N 81 8.81 67.25 -52.59
N GLN N 82 8.38 66.79 -51.40
CA GLN N 82 8.24 67.72 -50.29
C GLN N 82 9.60 68.11 -49.74
N GLU N 83 10.49 67.14 -49.47
CA GLU N 83 11.81 67.54 -49.02
C GLU N 83 12.70 67.99 -50.18
N GLN N 84 12.22 67.89 -51.42
CA GLN N 84 12.99 68.38 -52.54
C GLN N 84 12.84 69.89 -52.71
N MET N 85 11.62 70.34 -52.96
CA MET N 85 11.37 71.71 -53.41
C MET N 85 11.09 72.65 -52.24
N LYS N 86 11.99 72.63 -51.24
CA LYS N 86 11.97 73.59 -50.14
C LYS N 86 13.25 74.42 -50.16
N PRO N 87 13.29 75.51 -50.92
CA PRO N 87 14.42 76.43 -50.77
C PRO N 87 14.23 77.26 -49.52
N LEU N 88 14.93 76.92 -48.44
CA LEU N 88 14.86 77.71 -47.22
C LEU N 88 16.20 78.37 -46.91
N GLU N 89 17.25 77.57 -46.70
CA GLU N 89 18.61 78.03 -46.38
C GLU N 89 18.62 79.02 -45.22
N GLU N 90 18.23 78.51 -44.06
CA GLU N 90 17.91 79.35 -42.92
C GLU N 90 19.15 79.98 -42.31
N LYS N 91 18.91 81.02 -41.52
CA LYS N 91 19.89 81.60 -40.62
C LYS N 91 19.24 81.75 -39.27
N GLN N 92 19.84 81.17 -38.24
CA GLN N 92 19.22 81.11 -36.93
C GLN N 92 19.16 82.49 -36.28
N GLU N 93 18.17 82.67 -35.42
CA GLU N 93 18.04 83.90 -34.66
C GLU N 93 19.19 84.00 -33.66
N GLU N 94 19.52 85.24 -33.32
CA GLU N 94 20.65 85.50 -32.43
C GLU N 94 20.38 84.99 -31.02
N GLU N 95 19.13 85.10 -30.57
CA GLU N 95 18.76 84.60 -29.26
C GLU N 95 18.83 83.08 -29.21
N ARG N 96 18.35 82.41 -30.25
CA ARG N 96 18.35 80.95 -30.24
C ARG N 96 19.75 80.39 -30.44
N SER N 97 20.58 81.05 -31.24
CA SER N 97 21.91 80.54 -31.52
C SER N 97 22.83 80.67 -30.32
N LYS N 98 22.68 81.74 -29.55
CA LYS N 98 23.56 81.92 -28.39
C LYS N 98 23.15 81.04 -27.22
N VAL N 99 21.85 80.82 -27.03
CA VAL N 99 21.38 79.98 -25.94
C VAL N 99 21.79 78.53 -26.16
N ASP N 100 21.77 78.07 -27.42
CA ASP N 100 22.31 76.77 -27.78
C ASP N 100 23.80 76.65 -27.48
N ASP N 101 24.52 77.77 -27.47
CA ASP N 101 25.88 77.79 -26.98
C ASP N 101 25.97 78.18 -25.52
N LEU N 102 24.93 78.81 -24.96
CA LEU N 102 24.91 79.08 -23.54
C LEU N 102 24.72 77.78 -22.75
N ARG N 103 23.88 76.89 -23.26
CA ARG N 103 23.77 75.57 -22.67
C ARG N 103 24.99 74.72 -23.01
N GLY N 104 25.20 73.68 -22.23
CA GLY N 104 26.25 72.75 -22.53
C GLY N 104 25.91 71.89 -23.73
N THR N 105 26.95 71.39 -24.38
CA THR N 105 26.71 70.52 -25.52
C THR N 105 26.36 69.11 -25.03
N PRO N 106 27.09 68.48 -24.07
CA PRO N 106 26.50 67.20 -23.61
C PRO N 106 25.48 67.40 -22.49
N MET N 107 24.26 67.77 -22.87
CA MET N 107 23.19 67.91 -21.89
C MET N 107 22.80 66.57 -21.29
N SER N 108 22.47 66.59 -20.01
CA SER N 108 22.13 65.40 -19.25
C SER N 108 20.68 65.47 -18.79
N VAL N 109 20.08 64.30 -18.66
CA VAL N 109 18.66 64.19 -18.32
C VAL N 109 18.53 63.99 -16.83
N GLY N 110 17.74 64.86 -16.19
CA GLY N 110 17.54 64.77 -14.76
C GLY N 110 16.08 64.61 -14.40
N THR N 111 15.74 64.81 -13.13
CA THR N 111 14.38 64.62 -12.65
C THR N 111 14.06 65.66 -11.60
N LEU N 112 12.94 66.36 -11.76
CA LEU N 112 12.46 67.27 -10.74
C LEU N 112 12.04 66.51 -9.50
N GLU N 113 12.35 67.07 -8.33
CA GLU N 113 11.80 66.57 -7.09
C GLU N 113 10.87 67.59 -6.44
N GLU N 114 11.38 68.78 -6.12
CA GLU N 114 10.56 69.85 -5.59
C GLU N 114 11.00 71.15 -6.23
N ILE N 115 10.25 72.21 -5.96
CA ILE N 115 10.40 73.49 -6.65
C ILE N 115 10.39 74.60 -5.61
N ILE N 116 11.38 75.48 -5.65
CA ILE N 116 11.31 76.79 -5.02
C ILE N 116 11.34 77.83 -6.15
N ASP N 117 10.39 78.74 -6.13
CA ASP N 117 10.10 79.63 -7.26
C ASP N 117 11.10 80.77 -7.43
N ASP N 118 12.20 80.78 -6.68
CA ASP N 118 13.16 81.87 -6.71
C ASP N 118 14.27 81.63 -7.72
N ASN N 119 13.94 80.98 -8.83
CA ASN N 119 14.83 80.59 -9.91
C ASN N 119 15.94 79.65 -9.46
N HIS N 120 15.72 78.93 -8.37
CA HIS N 120 16.55 77.77 -8.06
C HIS N 120 15.70 76.77 -7.30
N ALA N 121 15.82 75.50 -7.70
CA ALA N 121 15.02 74.45 -7.11
C ALA N 121 15.91 73.24 -6.85
N ILE N 122 15.28 72.15 -6.42
CA ILE N 122 15.96 70.92 -6.04
C ILE N 122 15.55 69.81 -7.00
N VAL N 123 16.55 69.23 -7.66
CA VAL N 123 16.31 68.16 -8.63
C VAL N 123 17.07 66.92 -8.19
N SER N 124 16.99 65.88 -8.98
CA SER N 124 17.70 64.65 -8.67
C SER N 124 18.37 64.13 -9.93
N THR N 125 19.53 63.53 -9.77
CA THR N 125 20.24 62.92 -10.86
C THR N 125 19.68 61.52 -11.11
N SER N 126 20.31 60.77 -12.01
CA SER N 126 19.92 59.39 -12.22
C SER N 126 20.30 58.52 -11.02
N VAL N 127 21.47 58.78 -10.44
CA VAL N 127 21.89 58.03 -9.26
C VAL N 127 21.19 58.52 -8.00
N GLY N 128 20.49 59.64 -8.07
CA GLY N 128 19.74 60.15 -6.95
C GLY N 128 20.43 61.27 -6.21
N SER N 129 21.60 61.71 -6.66
CA SER N 129 22.26 62.84 -6.02
C SER N 129 21.43 64.11 -6.27
N GLU N 130 21.17 64.83 -5.20
CA GLU N 130 20.20 65.92 -5.22
C GLU N 130 20.90 67.24 -5.02
N HIS N 131 20.56 68.22 -5.86
CA HIS N 131 21.38 69.40 -6.03
C HIS N 131 20.52 70.64 -5.99
N TYR N 132 20.98 71.66 -5.27
CA TYR N 132 20.32 72.96 -5.19
C TYR N 132 20.74 73.81 -6.38
N VAL N 133 20.29 73.42 -7.56
CA VAL N 133 20.73 74.08 -8.76
C VAL N 133 19.78 75.21 -9.08
N SER N 134 20.30 76.20 -9.81
CA SER N 134 19.45 77.24 -10.35
C SER N 134 18.64 76.68 -11.51
N ILE N 135 17.54 77.34 -11.80
CA ILE N 135 16.81 77.11 -13.03
C ILE N 135 16.85 78.38 -13.85
N LEU N 136 17.19 78.25 -15.12
CA LEU N 136 17.39 79.42 -15.96
C LEU N 136 16.03 80.02 -16.33
N SER N 137 16.05 81.32 -16.62
CA SER N 137 14.80 81.99 -16.92
C SER N 137 14.50 82.00 -18.41
N PHE N 138 14.51 80.81 -19.04
CA PHE N 138 13.92 80.65 -20.36
C PHE N 138 13.24 79.28 -20.48
N VAL N 139 12.93 78.65 -19.35
CA VAL N 139 12.50 77.27 -19.33
C VAL N 139 11.00 77.10 -19.50
N ASP N 140 10.26 78.18 -19.77
CA ASP N 140 8.79 78.19 -19.83
C ASP N 140 8.21 77.70 -18.50
N LYS N 141 8.34 78.56 -17.49
CA LYS N 141 8.08 78.21 -16.10
C LYS N 141 6.57 78.01 -15.84
N ASP N 142 5.98 76.99 -16.48
CA ASP N 142 4.66 76.51 -16.12
C ASP N 142 4.64 74.98 -16.13
N LEU N 143 5.51 74.39 -16.95
CA LEU N 143 5.58 72.94 -17.07
C LEU N 143 6.26 72.28 -15.89
N LEU N 144 6.78 73.06 -14.95
CA LEU N 144 7.48 72.54 -13.78
C LEU N 144 6.48 71.91 -12.83
N GLU N 145 6.33 70.60 -12.93
CA GLU N 145 5.60 69.87 -11.94
C GLU N 145 6.48 68.77 -11.37
N PRO N 146 6.35 68.45 -10.07
CA PRO N 146 7.22 67.43 -9.47
C PRO N 146 7.03 66.05 -10.07
N GLY N 147 8.05 65.60 -10.78
CA GLY N 147 7.96 64.36 -11.53
C GLY N 147 8.29 64.56 -12.98
N CYS N 148 8.34 65.83 -13.42
CA CYS N 148 8.66 66.11 -14.81
C CYS N 148 10.15 66.01 -15.05
N SER N 149 10.52 65.61 -16.27
CA SER N 149 11.90 65.41 -16.64
C SER N 149 12.50 66.67 -17.24
N VAL N 150 13.73 66.98 -16.86
CA VAL N 150 14.40 68.22 -17.25
C VAL N 150 15.74 67.90 -17.89
N LEU N 151 16.42 68.96 -18.34
CA LEU N 151 17.76 68.85 -18.89
C LEU N 151 18.72 69.65 -18.02
N LEU N 152 19.93 69.12 -17.86
CA LEU N 152 20.87 69.67 -16.90
C LEU N 152 22.21 69.95 -17.57
N ASN N 153 23.05 70.68 -16.85
CA ASN N 153 24.38 71.04 -17.27
C ASN N 153 25.38 70.15 -16.54
N HIS N 154 26.66 70.28 -16.87
CA HIS N 154 27.70 69.58 -16.14
C HIS N 154 28.40 70.45 -15.11
N LYS N 155 28.64 71.71 -15.44
CA LYS N 155 29.41 72.58 -14.56
C LYS N 155 28.61 72.91 -13.30
N VAL N 156 27.47 73.55 -13.46
CA VAL N 156 26.65 73.93 -12.32
C VAL N 156 25.39 73.10 -12.22
N HIS N 157 25.18 72.15 -13.15
CA HIS N 157 24.07 71.20 -13.17
C HIS N 157 22.70 71.89 -13.22
N ALA N 158 22.64 73.13 -13.69
CA ALA N 158 21.43 73.91 -13.65
C ALA N 158 20.43 73.41 -14.68
N VAL N 159 19.16 73.71 -14.43
CA VAL N 159 18.08 73.23 -15.29
C VAL N 159 18.11 74.07 -16.56
N ILE N 160 18.60 73.48 -17.64
CA ILE N 160 18.65 74.19 -18.91
C ILE N 160 17.26 74.34 -19.50
N GLY N 161 16.54 73.23 -19.63
CA GLY N 161 15.20 73.28 -20.19
C GLY N 161 14.47 72.02 -19.80
N VAL N 162 13.16 72.13 -19.71
CA VAL N 162 12.34 70.97 -19.36
C VAL N 162 12.21 70.08 -20.58
N LEU N 163 12.26 68.77 -20.34
CA LEU N 163 12.03 67.79 -21.39
C LEU N 163 10.55 67.44 -21.41
N MET N 164 10.01 67.19 -22.60
CA MET N 164 8.66 66.68 -22.70
C MET N 164 8.62 65.25 -22.15
N ASP N 165 7.40 64.80 -21.84
CA ASP N 165 7.22 63.57 -21.06
C ASP N 165 7.56 62.37 -21.94
N ASP N 166 8.85 62.09 -22.01
CA ASP N 166 9.39 60.99 -22.79
C ASP N 166 9.71 59.81 -21.88
N THR N 167 9.60 58.61 -22.46
CA THR N 167 9.72 57.38 -21.68
C THR N 167 10.89 56.56 -22.18
N ASP N 168 11.17 55.48 -21.48
CA ASP N 168 12.26 54.57 -21.82
C ASP N 168 11.89 53.74 -23.04
N PRO N 169 12.88 53.17 -23.75
CA PRO N 169 12.57 52.31 -24.89
C PRO N 169 11.91 51.00 -24.55
N LEU N 170 11.86 50.62 -23.27
CA LEU N 170 11.25 49.35 -22.90
C LEU N 170 9.75 49.36 -23.14
N VAL N 171 9.10 50.48 -22.88
CA VAL N 171 7.65 50.56 -23.02
C VAL N 171 7.25 50.86 -24.46
N THR N 172 8.11 51.51 -25.23
CA THR N 172 7.78 51.85 -26.61
C THR N 172 7.78 50.65 -27.52
N VAL N 173 8.51 49.59 -27.15
CA VAL N 173 8.40 48.33 -27.87
C VAL N 173 7.03 47.73 -27.66
N MET N 174 6.47 47.92 -26.46
CA MET N 174 5.22 47.30 -26.06
C MET N 174 4.00 48.04 -26.59
N LYS N 175 4.19 48.99 -27.50
CA LYS N 175 3.10 49.67 -28.18
C LYS N 175 2.99 49.11 -29.59
N VAL N 176 1.79 48.69 -29.96
CA VAL N 176 1.60 47.92 -31.18
C VAL N 176 1.56 48.87 -32.38
N GLU N 177 2.27 48.50 -33.43
CA GLU N 177 2.29 49.26 -34.68
C GLU N 177 1.39 48.67 -35.76
N LYS N 178 1.37 47.35 -35.88
CA LYS N 178 0.66 46.70 -36.97
C LYS N 178 -0.55 45.94 -36.44
N ALA N 179 -1.69 46.17 -37.07
CA ALA N 179 -2.85 45.32 -36.86
C ALA N 179 -2.51 43.92 -37.33
N PRO N 180 -2.52 42.93 -36.45
CA PRO N 180 -1.84 41.67 -36.75
C PRO N 180 -2.46 40.81 -37.83
N GLN N 181 -3.74 40.47 -37.68
CA GLN N 181 -4.32 39.34 -38.40
C GLN N 181 -5.77 39.65 -38.71
N GLU N 182 -6.54 38.61 -38.93
CA GLU N 182 -7.86 38.70 -39.52
C GLU N 182 -8.89 39.06 -38.46
N THR N 183 -10.09 39.34 -38.93
CA THR N 183 -11.14 39.92 -38.11
C THR N 183 -11.97 38.77 -37.53
N TYR N 184 -13.16 39.07 -37.03
CA TYR N 184 -14.01 38.10 -36.34
C TYR N 184 -14.51 36.98 -37.25
N ALA N 185 -14.37 37.13 -38.56
CA ALA N 185 -14.69 36.02 -39.44
C ALA N 185 -13.66 34.91 -39.38
N ASP N 186 -12.49 35.17 -38.80
CA ASP N 186 -11.45 34.17 -38.75
C ASP N 186 -11.77 33.07 -37.75
N ILE N 187 -12.43 33.41 -36.65
CA ILE N 187 -12.65 32.47 -35.56
C ILE N 187 -13.88 31.63 -35.84
N GLY N 188 -13.90 30.43 -35.27
CA GLY N 188 -14.83 29.41 -35.70
C GLY N 188 -16.07 29.25 -34.85
N GLY N 189 -16.63 30.34 -34.37
CA GLY N 189 -17.89 30.29 -33.67
C GLY N 189 -17.69 30.31 -32.18
N LEU N 190 -17.74 31.51 -31.63
CA LEU N 190 -17.50 31.67 -30.20
C LEU N 190 -18.41 32.76 -29.68
N ASP N 191 -19.54 32.97 -30.38
CA ASP N 191 -20.29 34.22 -30.38
C ASP N 191 -20.98 34.53 -29.08
N ASN N 192 -21.15 33.54 -28.20
CA ASN N 192 -21.65 33.85 -26.88
C ASN N 192 -20.67 34.72 -26.12
N GLN N 193 -19.38 34.47 -26.31
CA GLN N 193 -18.34 35.21 -25.61
C GLN N 193 -17.82 36.39 -26.41
N ILE N 194 -18.05 36.38 -27.73
CA ILE N 194 -17.63 37.52 -28.54
C ILE N 194 -18.53 38.69 -28.26
N GLN N 195 -19.80 38.42 -28.04
CA GLN N 195 -20.77 39.45 -27.78
C GLN N 195 -20.59 40.01 -26.37
N GLU N 196 -19.91 39.26 -25.50
CA GLU N 196 -19.59 39.76 -24.16
C GLU N 196 -18.52 40.83 -24.22
N ILE N 197 -17.39 40.50 -24.85
CA ILE N 197 -16.24 41.40 -24.85
C ILE N 197 -16.51 42.64 -25.69
N LYS N 198 -17.40 42.53 -26.68
CA LYS N 198 -17.70 43.67 -27.51
C LYS N 198 -18.56 44.68 -26.75
N GLU N 199 -19.37 44.18 -25.82
CA GLU N 199 -20.09 45.06 -24.93
C GLU N 199 -19.17 45.78 -23.95
N SER N 200 -18.10 45.12 -23.53
CA SER N 200 -17.27 45.67 -22.49
C SER N 200 -16.19 46.61 -23.02
N VAL N 201 -15.85 46.50 -24.30
CA VAL N 201 -14.72 47.22 -24.87
C VAL N 201 -15.16 48.11 -26.03
N GLU N 202 -15.79 47.52 -27.05
CA GLU N 202 -16.03 48.28 -28.27
C GLU N 202 -17.27 49.16 -28.15
N LEU N 203 -18.33 48.64 -27.55
CA LEU N 203 -19.53 49.44 -27.32
C LEU N 203 -19.34 50.70 -26.49
N PRO N 204 -18.59 50.73 -25.36
CA PRO N 204 -18.44 52.01 -24.65
C PRO N 204 -17.63 53.02 -25.41
N LEU N 205 -16.81 52.59 -26.35
CA LEU N 205 -16.04 53.57 -27.12
C LEU N 205 -16.84 54.08 -28.30
N THR N 206 -17.46 53.16 -29.05
CA THR N 206 -18.19 53.57 -30.24
C THR N 206 -19.48 54.28 -29.90
N HIS N 207 -20.18 53.81 -28.88
CA HIS N 207 -21.54 54.26 -28.62
C HIS N 207 -21.81 54.34 -27.13
N PRO N 208 -21.22 55.31 -26.41
CA PRO N 208 -21.53 55.41 -24.98
C PRO N 208 -22.77 56.24 -24.71
N GLU N 209 -23.82 56.04 -25.49
CA GLU N 209 -25.10 56.65 -25.21
C GLU N 209 -25.94 55.79 -24.30
N TYR N 210 -25.80 54.47 -24.42
CA TYR N 210 -26.64 53.53 -23.70
C TYR N 210 -26.41 53.59 -22.20
N TYR N 211 -25.18 53.85 -21.78
CA TYR N 211 -24.85 53.77 -20.37
C TYR N 211 -25.36 54.97 -19.62
N GLU N 212 -25.30 56.14 -20.25
CA GLU N 212 -25.81 57.35 -19.63
C GLU N 212 -27.33 57.39 -19.62
N GLU N 213 -27.99 56.56 -20.44
CA GLU N 213 -29.42 56.41 -20.39
C GLU N 213 -29.90 55.73 -19.12
N MET N 214 -29.02 55.01 -18.43
CA MET N 214 -29.37 54.41 -17.16
C MET N 214 -28.39 54.73 -16.04
N GLY N 215 -27.34 55.49 -16.31
CA GLY N 215 -26.38 55.84 -15.28
C GLY N 215 -25.58 54.66 -14.77
N ILE N 216 -25.07 53.83 -15.66
CA ILE N 216 -24.33 52.64 -15.29
C ILE N 216 -22.92 52.76 -15.85
N LYS N 217 -21.95 52.60 -15.00
CA LYS N 217 -20.59 52.69 -15.51
C LYS N 217 -20.21 51.39 -16.22
N PRO N 218 -19.38 51.46 -17.26
CA PRO N 218 -18.95 50.25 -17.95
C PRO N 218 -18.04 49.41 -17.07
N PRO N 219 -17.90 48.11 -17.37
CA PRO N 219 -16.94 47.28 -16.63
C PRO N 219 -15.51 47.67 -16.94
N LYS N 220 -14.60 47.27 -16.06
CA LYS N 220 -13.23 47.75 -16.08
C LYS N 220 -12.25 46.68 -16.55
N GLY N 221 -12.22 45.53 -15.90
CA GLY N 221 -11.27 44.50 -16.22
C GLY N 221 -11.97 43.22 -16.62
N VAL N 222 -11.35 42.50 -17.54
CA VAL N 222 -11.89 41.26 -18.08
C VAL N 222 -10.79 40.22 -18.05
N ILE N 223 -11.07 39.06 -17.46
CA ILE N 223 -10.15 37.94 -17.42
C ILE N 223 -10.64 36.86 -18.38
N LEU N 224 -9.76 36.39 -19.25
CA LEU N 224 -10.06 35.31 -20.16
C LEU N 224 -9.34 34.06 -19.68
N TYR N 225 -10.09 33.01 -19.40
CA TYR N 225 -9.49 31.79 -18.89
C TYR N 225 -10.15 30.57 -19.50
N GLY N 226 -9.50 29.43 -19.32
CA GLY N 226 -9.97 28.18 -19.85
C GLY N 226 -8.81 27.26 -20.18
N PRO N 227 -9.11 26.10 -20.76
CA PRO N 227 -8.05 25.20 -21.20
C PRO N 227 -7.27 25.82 -22.33
N PRO N 228 -6.00 25.46 -22.49
CA PRO N 228 -5.18 26.08 -23.53
C PRO N 228 -5.57 25.62 -24.91
N GLY N 229 -5.18 26.41 -25.90
CA GLY N 229 -5.52 26.10 -27.26
C GLY N 229 -6.96 26.36 -27.60
N THR N 230 -7.58 27.34 -26.96
CA THR N 230 -9.00 27.56 -27.15
C THR N 230 -9.29 28.84 -27.91
N GLY N 231 -8.38 29.81 -27.88
CA GLY N 231 -8.60 31.01 -28.64
C GLY N 231 -8.56 32.26 -27.80
N LYS N 232 -7.85 32.20 -26.67
CA LYS N 232 -7.68 33.38 -25.84
C LYS N 232 -6.83 34.42 -26.55
N THR N 233 -5.76 33.98 -27.20
CA THR N 233 -4.89 34.92 -27.89
C THR N 233 -5.55 35.42 -29.18
N LEU N 234 -6.41 34.59 -29.80
CA LEU N 234 -7.12 35.00 -31.02
C LEU N 234 -8.02 36.20 -30.77
N LEU N 235 -8.83 36.13 -29.71
CA LEU N 235 -9.75 37.20 -29.43
C LEU N 235 -9.02 38.47 -29.02
N ALA N 236 -7.83 38.33 -28.47
CA ALA N 236 -7.01 39.51 -28.22
C ALA N 236 -6.54 40.13 -29.52
N LYS N 237 -6.17 39.30 -30.49
CA LYS N 237 -5.68 39.81 -31.75
C LYS N 237 -6.81 40.37 -32.60
N ALA N 238 -8.00 39.78 -32.51
CA ALA N 238 -9.10 40.22 -33.35
C ALA N 238 -9.66 41.56 -32.87
N VAL N 239 -9.66 41.78 -31.56
CA VAL N 239 -10.03 43.08 -31.03
C VAL N 239 -9.00 44.13 -31.42
N ALA N 240 -7.73 43.77 -31.31
CA ALA N 240 -6.66 44.68 -31.70
C ALA N 240 -6.65 44.94 -33.20
N ASN N 241 -7.26 44.05 -33.99
CA ASN N 241 -7.44 44.35 -35.40
C ASN N 241 -8.47 45.44 -35.59
N GLN N 242 -9.70 45.19 -35.18
CA GLN N 242 -10.81 46.10 -35.45
C GLN N 242 -11.01 46.97 -34.21
N THR N 243 -10.25 48.06 -34.17
CA THR N 243 -10.37 49.01 -33.08
C THR N 243 -9.87 50.37 -33.52
N SER N 244 -10.20 51.37 -32.71
CA SER N 244 -9.61 52.69 -32.83
C SER N 244 -8.81 53.06 -31.59
N ALA N 245 -8.61 52.11 -30.68
CA ALA N 245 -7.89 52.36 -29.46
C ALA N 245 -6.40 52.13 -29.66
N THR N 246 -5.60 52.68 -28.77
CA THR N 246 -4.19 52.32 -28.68
C THR N 246 -4.09 51.02 -27.92
N PHE N 247 -3.49 50.03 -28.56
CA PHE N 247 -3.43 48.68 -28.03
C PHE N 247 -2.02 48.42 -27.52
N LEU N 248 -1.90 48.12 -26.23
CA LEU N 248 -0.62 47.88 -25.61
C LEU N 248 -0.45 46.38 -25.39
N ARG N 249 0.69 45.85 -25.80
CA ARG N 249 0.99 44.43 -25.68
C ARG N 249 2.04 44.24 -24.60
N VAL N 250 1.63 43.69 -23.47
CA VAL N 250 2.54 43.31 -22.40
C VAL N 250 2.35 41.83 -22.15
N VAL N 251 3.45 41.08 -22.05
CA VAL N 251 3.35 39.65 -21.86
C VAL N 251 4.08 39.31 -20.57
N GLY N 252 3.36 39.31 -19.45
CA GLY N 252 3.78 38.63 -18.23
C GLY N 252 5.12 39.03 -17.65
N SER N 253 6.10 38.17 -17.88
CA SER N 253 7.47 38.31 -17.41
C SER N 253 8.29 39.30 -18.22
N GLU N 254 7.68 40.11 -19.09
CA GLU N 254 8.34 41.32 -19.56
C GLU N 254 8.64 42.24 -18.40
N LEU N 255 7.76 42.24 -17.41
CA LEU N 255 7.57 43.34 -16.50
C LEU N 255 8.42 43.19 -15.24
N ILE N 256 9.27 42.17 -15.20
CA ILE N 256 10.04 41.83 -14.01
C ILE N 256 11.51 42.07 -14.31
N GLN N 257 12.16 42.91 -13.50
CA GLN N 257 13.58 43.18 -13.66
C GLN N 257 14.27 43.09 -12.30
N LYS N 258 15.52 43.54 -12.22
CA LYS N 258 16.33 43.22 -11.05
C LYS N 258 17.05 44.39 -10.39
N TYR N 259 16.75 45.64 -10.74
CA TYR N 259 17.48 46.76 -10.18
C TYR N 259 16.76 47.41 -9.01
N LEU N 260 15.98 46.62 -8.25
CA LEU N 260 15.43 46.93 -6.93
C LEU N 260 14.29 47.95 -6.97
N GLY N 261 14.08 48.60 -8.10
CA GLY N 261 12.95 49.48 -8.25
C GLY N 261 12.38 49.44 -9.64
N ASP N 262 13.01 48.65 -10.51
CA ASP N 262 12.65 48.61 -11.92
C ASP N 262 11.31 47.93 -12.14
N GLY N 263 10.90 47.05 -11.23
CA GLY N 263 9.60 46.42 -11.25
C GLY N 263 8.46 47.40 -11.13
N PRO N 264 8.30 48.02 -9.95
CA PRO N 264 7.20 48.98 -9.77
C PRO N 264 7.36 50.29 -10.51
N LYS N 265 8.53 50.57 -11.11
CA LYS N 265 8.65 51.77 -11.90
C LYS N 265 7.91 51.63 -13.23
N LEU N 266 7.99 50.46 -13.86
CA LEU N 266 7.42 50.30 -15.19
C LEU N 266 5.91 50.34 -15.19
N VAL N 267 5.28 49.84 -14.11
CA VAL N 267 3.82 49.88 -14.00
C VAL N 267 3.33 51.31 -13.97
N ARG N 268 4.05 52.18 -13.27
CA ARG N 268 3.70 53.59 -13.28
C ARG N 268 3.93 54.21 -14.64
N GLU N 269 4.97 53.78 -15.34
CA GLU N 269 5.25 54.33 -16.65
C GLU N 269 4.31 53.78 -17.70
N LEU N 270 3.96 52.50 -17.59
CA LEU N 270 3.07 51.88 -18.57
C LEU N 270 1.67 52.47 -18.50
N PHE N 271 1.19 52.76 -17.29
CA PHE N 271 -0.15 53.30 -17.20
C PHE N 271 -0.15 54.82 -17.29
N ARG N 272 1.01 55.46 -17.19
CA ARG N 272 1.08 56.87 -17.58
C ARG N 272 0.93 57.01 -19.08
N VAL N 273 1.58 56.13 -19.83
CA VAL N 273 1.46 56.14 -21.29
C VAL N 273 0.02 55.82 -21.69
N ALA N 274 -0.58 54.86 -21.01
CA ALA N 274 -1.96 54.49 -21.31
C ALA N 274 -2.94 55.60 -20.93
N GLU N 275 -2.58 56.42 -19.95
CA GLU N 275 -3.45 57.53 -19.56
C GLU N 275 -3.34 58.68 -20.54
N GLU N 276 -2.10 59.09 -20.87
CA GLU N 276 -1.90 60.23 -21.75
C GLU N 276 -2.39 59.96 -23.16
N HIS N 277 -2.29 58.74 -23.62
CA HIS N 277 -2.81 58.39 -24.92
C HIS N 277 -4.30 58.05 -24.78
N ALA N 278 -4.83 57.35 -25.76
CA ALA N 278 -6.24 57.10 -26.06
C ALA N 278 -7.08 56.56 -24.93
N PRO N 279 -8.40 56.58 -25.08
CA PRO N 279 -9.19 55.48 -24.54
C PRO N 279 -8.55 54.20 -25.04
N SER N 280 -7.94 53.44 -24.14
CA SER N 280 -6.89 52.51 -24.53
C SER N 280 -7.17 51.11 -24.01
N ILE N 281 -6.47 50.15 -24.60
CA ILE N 281 -6.59 48.74 -24.25
C ILE N 281 -5.23 48.24 -23.82
N VAL N 282 -5.13 47.77 -22.60
CA VAL N 282 -3.89 47.21 -22.06
C VAL N 282 -4.10 45.72 -21.96
N PHE N 283 -3.39 44.95 -22.77
CA PHE N 283 -3.50 43.51 -22.75
C PHE N 283 -2.27 42.92 -22.07
N ILE N 284 -2.45 42.41 -20.87
CA ILE N 284 -1.38 41.73 -20.15
C ILE N 284 -1.67 40.24 -20.19
N ASP N 285 -0.71 39.45 -20.62
CA ASP N 285 -0.95 38.05 -20.90
C ASP N 285 -0.18 37.19 -19.91
N GLU N 286 -0.85 36.17 -19.37
CA GLU N 286 -0.35 35.25 -18.35
C GLU N 286 0.10 36.01 -17.10
N ILE N 287 -0.89 36.59 -16.44
CA ILE N 287 -0.68 37.24 -15.16
C ILE N 287 -0.52 36.28 -14.01
N ASP N 288 -0.68 34.97 -14.25
CA ASP N 288 -0.31 33.97 -13.27
C ASP N 288 1.19 33.97 -13.01
N ALA N 289 2.00 34.42 -13.94
CA ALA N 289 3.42 34.60 -13.69
C ALA N 289 3.73 35.85 -12.89
N ILE N 290 2.73 36.64 -12.54
CA ILE N 290 3.00 37.83 -11.75
C ILE N 290 2.01 37.87 -10.57
N GLY N 291 1.16 36.87 -10.46
CA GLY N 291 0.31 36.86 -9.27
C GLY N 291 -0.16 35.53 -8.76
N THR N 292 0.21 35.23 -7.51
CA THR N 292 -0.26 34.02 -6.80
C THR N 292 -0.10 34.20 -5.29
N LYS N 293 -1.21 34.48 -4.62
CA LYS N 293 -1.49 34.21 -3.21
C LYS N 293 -0.52 34.81 -2.16
N ARG N 294 0.47 35.59 -2.57
CA ARG N 294 1.18 36.56 -1.73
C ARG N 294 1.88 35.93 -0.52
N TYR N 295 2.92 35.16 -0.78
CA TYR N 295 3.78 34.81 0.33
C TYR N 295 4.95 35.79 0.41
N ASP N 296 5.46 35.99 1.63
CA ASP N 296 6.42 37.05 1.93
C ASP N 296 7.63 36.50 2.69
N SER N 297 8.31 35.51 2.11
CA SER N 297 9.63 35.12 2.59
C SER N 297 10.57 36.32 2.65
N ASN N 298 11.39 36.34 3.70
CA ASN N 298 12.25 37.49 3.98
C ASN N 298 13.43 37.60 3.02
N SER N 299 13.67 36.58 2.20
CA SER N 299 14.71 36.66 1.19
C SER N 299 14.35 37.69 0.14
N GLY N 300 15.36 38.42 -0.33
CA GLY N 300 15.14 39.47 -1.29
C GLY N 300 15.09 38.99 -2.73
N GLY N 301 14.33 37.93 -2.97
CA GLY N 301 14.03 37.52 -4.33
C GLY N 301 12.54 37.56 -4.59
N GLU N 302 11.75 37.25 -3.57
CA GLU N 302 10.31 37.19 -3.73
C GLU N 302 9.66 38.55 -3.49
N ARG N 303 10.35 39.45 -2.80
CA ARG N 303 9.79 40.77 -2.51
C ARG N 303 9.65 41.60 -3.77
N GLU N 304 10.68 41.57 -4.62
CA GLU N 304 10.67 42.30 -5.89
C GLU N 304 9.52 41.85 -6.78
N ILE N 305 9.20 40.56 -6.73
CA ILE N 305 7.95 40.09 -7.31
C ILE N 305 6.77 40.70 -6.58
N GLN N 306 6.79 40.64 -5.24
CA GLN N 306 5.61 40.95 -4.46
C GLN N 306 5.34 42.44 -4.38
N ARG N 307 6.39 43.27 -4.32
CA ARG N 307 6.20 44.71 -4.34
C ARG N 307 5.62 45.17 -5.67
N THR N 308 6.11 44.58 -6.77
CA THR N 308 5.56 44.84 -8.08
C THR N 308 4.13 44.33 -8.20
N MET N 309 3.89 43.13 -7.65
CA MET N 309 2.55 42.54 -7.61
C MET N 309 1.58 43.43 -6.88
N LEU N 310 2.03 44.07 -5.81
CA LEU N 310 1.15 44.89 -4.99
C LEU N 310 0.82 46.20 -5.68
N GLU N 311 1.81 46.80 -6.34
CA GLU N 311 1.63 48.14 -6.87
C GLU N 311 0.84 48.13 -8.16
N LEU N 312 0.93 47.06 -8.94
CA LEU N 312 0.07 46.88 -10.10
C LEU N 312 -1.39 46.84 -9.70
N LEU N 313 -1.70 46.10 -8.64
CA LEU N 313 -3.05 46.08 -8.09
C LEU N 313 -3.43 47.45 -7.53
N ASN N 314 -2.45 48.20 -7.06
CA ASN N 314 -2.73 49.57 -6.64
C ASN N 314 -2.92 50.49 -7.83
N GLN N 315 -2.05 50.39 -8.83
CA GLN N 315 -2.13 51.29 -9.98
C GLN N 315 -3.31 50.95 -10.86
N LEU N 316 -3.84 49.72 -10.71
CA LEU N 316 -5.11 49.36 -11.33
C LEU N 316 -6.25 50.25 -10.83
N ASP N 317 -6.51 50.21 -9.53
CA ASP N 317 -7.48 51.11 -8.92
C ASP N 317 -6.75 52.33 -8.40
N GLY N 318 -6.17 53.08 -9.31
CA GLY N 318 -5.51 54.31 -8.92
C GLY N 318 -6.52 55.40 -8.68
N PHE N 319 -7.56 55.42 -9.52
CA PHE N 319 -8.78 56.23 -9.43
C PHE N 319 -8.54 57.74 -9.55
N ASP N 320 -7.30 58.19 -9.76
CA ASP N 320 -6.97 59.59 -9.93
C ASP N 320 -7.66 60.13 -11.19
N SER N 321 -7.22 59.63 -12.34
CA SER N 321 -7.96 59.78 -13.58
C SER N 321 -7.50 58.63 -14.47
N ARG N 322 -8.29 57.56 -14.51
CA ARG N 322 -7.92 56.49 -15.41
C ARG N 322 -8.24 56.86 -16.85
N GLY N 323 -9.31 57.62 -17.08
CA GLY N 323 -9.60 58.14 -18.40
C GLY N 323 -9.94 57.07 -19.43
N ASP N 324 -10.71 56.06 -19.03
CA ASP N 324 -11.11 54.92 -19.86
C ASP N 324 -9.89 54.15 -20.38
N VAL N 325 -9.18 53.52 -19.46
CA VAL N 325 -8.16 52.55 -19.81
C VAL N 325 -8.71 51.17 -19.51
N LYS N 326 -8.87 50.37 -20.55
CA LYS N 326 -9.40 49.02 -20.40
C LYS N 326 -8.25 48.03 -20.28
N VAL N 327 -8.44 47.04 -19.42
CA VAL N 327 -7.41 46.06 -19.10
C VAL N 327 -7.94 44.68 -19.41
N ILE N 328 -7.22 43.93 -20.24
CA ILE N 328 -7.58 42.58 -20.57
C ILE N 328 -6.48 41.66 -20.08
N MET N 329 -6.85 40.63 -19.33
CA MET N 329 -5.92 39.71 -18.71
C MET N 329 -6.31 38.29 -19.11
N ALA N 330 -5.31 37.42 -19.25
CA ALA N 330 -5.60 36.11 -19.82
C ALA N 330 -4.61 35.08 -19.29
N THR N 331 -5.14 34.03 -18.64
CA THR N 331 -4.34 32.89 -18.22
C THR N 331 -5.05 31.62 -18.60
N ASN N 332 -4.43 30.49 -18.26
CA ASN N 332 -5.02 29.18 -18.45
C ASN N 332 -5.72 28.70 -17.19
N ARG N 333 -4.99 28.66 -16.08
CA ARG N 333 -5.58 28.29 -14.81
C ARG N 333 -5.99 29.55 -14.04
N ILE N 334 -7.13 29.45 -13.36
CA ILE N 334 -7.65 30.56 -12.58
C ILE N 334 -7.52 30.29 -11.08
N GLU N 335 -7.29 29.04 -10.69
CA GLU N 335 -7.35 28.64 -9.30
C GLU N 335 -6.15 29.14 -8.51
N THR N 336 -5.02 29.29 -9.17
CA THR N 336 -3.78 29.69 -8.52
C THR N 336 -3.59 31.19 -8.49
N LEU N 337 -4.68 31.94 -8.49
CA LEU N 337 -4.60 33.39 -8.52
C LEU N 337 -4.79 33.98 -7.13
N ASP N 338 -4.25 35.16 -6.96
CA ASP N 338 -4.51 35.97 -5.78
C ASP N 338 -5.97 36.40 -5.78
N PRO N 339 -6.73 36.11 -4.72
CA PRO N 339 -8.14 36.53 -4.70
C PRO N 339 -8.34 38.04 -4.59
N ALA N 340 -7.30 38.81 -4.30
CA ALA N 340 -7.44 40.26 -4.32
C ALA N 340 -7.57 40.79 -5.74
N LEU N 341 -7.00 40.08 -6.72
CA LEU N 341 -7.21 40.46 -8.10
C LEU N 341 -8.61 40.08 -8.58
N ILE N 342 -9.08 38.90 -8.20
CA ILE N 342 -10.28 38.33 -8.81
C ILE N 342 -11.54 39.02 -8.34
N ARG N 343 -11.48 39.74 -7.23
CA ARG N 343 -12.66 40.32 -6.63
C ARG N 343 -13.21 41.45 -7.50
N PRO N 344 -14.53 41.66 -7.49
CA PRO N 344 -15.10 42.82 -8.16
C PRO N 344 -14.66 44.12 -7.48
N GLY N 345 -14.82 45.21 -8.22
CA GLY N 345 -14.18 46.45 -7.85
C GLY N 345 -12.90 46.61 -8.62
N ARG N 346 -12.19 45.51 -8.81
CA ARG N 346 -11.04 45.52 -9.70
C ARG N 346 -11.41 44.95 -11.06
N ILE N 347 -11.86 43.70 -11.10
CA ILE N 347 -12.14 43.01 -12.35
C ILE N 347 -13.57 42.52 -12.30
N ASP N 348 -14.35 42.87 -13.32
CA ASP N 348 -15.78 42.62 -13.29
C ASP N 348 -16.22 41.42 -14.10
N ARG N 349 -15.43 40.98 -15.08
CA ARG N 349 -15.85 39.93 -15.98
C ARG N 349 -14.91 38.75 -15.92
N LYS N 350 -15.48 37.56 -15.76
CA LYS N 350 -14.76 36.30 -15.83
C LYS N 350 -15.39 35.49 -16.94
N ILE N 351 -14.59 35.01 -17.88
CA ILE N 351 -15.10 34.40 -19.10
C ILE N 351 -14.46 33.04 -19.30
N GLU N 352 -15.28 32.00 -19.38
CA GLU N 352 -14.81 30.66 -19.68
C GLU N 352 -14.73 30.44 -21.17
N PHE N 353 -13.65 29.79 -21.61
CA PHE N 353 -13.50 29.31 -22.98
C PHE N 353 -13.38 27.79 -22.92
N PRO N 354 -14.49 27.07 -22.98
CA PRO N 354 -14.45 25.62 -22.82
C PRO N 354 -14.08 24.94 -24.13
N LEU N 355 -13.84 23.63 -24.03
CA LEU N 355 -13.77 22.79 -25.21
C LEU N 355 -15.18 22.71 -25.79
N PRO N 356 -15.40 23.23 -26.99
CA PRO N 356 -16.71 23.85 -27.31
C PRO N 356 -17.94 22.96 -27.35
N ASP N 357 -18.04 22.13 -28.39
CA ASP N 357 -19.26 21.41 -28.76
C ASP N 357 -18.99 20.56 -30.00
N GLU N 358 -20.00 19.87 -30.51
CA GLU N 358 -19.90 19.27 -31.84
C GLU N 358 -20.46 20.17 -32.92
N LYS N 359 -20.78 21.42 -32.60
CA LYS N 359 -21.42 22.32 -33.56
C LYS N 359 -20.49 23.39 -34.08
N THR N 360 -19.77 24.08 -33.19
CA THR N 360 -18.83 25.08 -33.68
C THR N 360 -17.58 24.44 -34.27
N LYS N 361 -17.36 23.15 -33.99
CA LYS N 361 -16.33 22.40 -34.71
C LYS N 361 -16.59 22.38 -36.20
N LYS N 362 -17.86 22.33 -36.60
CA LYS N 362 -18.22 22.38 -38.01
C LYS N 362 -17.78 23.69 -38.65
N ARG N 363 -17.79 24.76 -37.87
CA ARG N 363 -17.35 26.04 -38.40
C ARG N 363 -15.82 26.13 -38.47
N ILE N 364 -15.12 25.51 -37.51
CA ILE N 364 -13.66 25.57 -37.54
C ILE N 364 -13.12 24.69 -38.66
N PHE N 365 -13.75 23.54 -38.87
CA PHE N 365 -13.39 22.74 -40.05
C PHE N 365 -13.84 23.42 -41.33
N GLN N 366 -14.87 24.27 -41.26
CA GLN N 366 -15.22 25.06 -42.42
C GLN N 366 -14.16 26.11 -42.70
N ILE N 367 -13.57 26.70 -41.67
CA ILE N 367 -12.63 27.80 -41.87
C ILE N 367 -11.26 27.28 -42.25
N HIS N 368 -10.74 26.32 -41.49
CA HIS N 368 -9.37 25.89 -41.72
C HIS N 368 -9.21 25.00 -42.95
N THR N 369 -10.29 24.65 -43.63
CA THR N 369 -10.20 23.91 -44.88
C THR N 369 -10.65 24.75 -46.07
N SER N 370 -10.73 26.07 -45.90
CA SER N 370 -11.28 26.91 -46.95
C SER N 370 -10.28 27.13 -48.07
N ARG N 371 -9.01 27.30 -47.74
CA ARG N 371 -7.99 27.67 -48.72
C ARG N 371 -7.25 26.46 -49.26
N MET N 372 -7.93 25.33 -49.41
CA MET N 372 -7.29 24.13 -49.89
C MET N 372 -8.25 23.35 -50.77
N THR N 373 -7.68 22.63 -51.74
CA THR N 373 -8.49 21.89 -52.70
C THR N 373 -9.11 20.67 -52.05
N LEU N 374 -10.30 20.83 -51.52
CA LEU N 374 -10.99 19.76 -50.82
C LEU N 374 -11.61 18.82 -51.84
N ALA N 375 -11.27 17.54 -51.74
CA ALA N 375 -11.87 16.54 -52.60
C ALA N 375 -13.25 16.16 -52.09
N ASP N 376 -14.10 15.67 -52.99
CA ASP N 376 -15.50 15.46 -52.70
C ASP N 376 -15.80 14.10 -52.10
N ASP N 377 -14.79 13.42 -51.56
CA ASP N 377 -15.01 12.14 -50.89
C ASP N 377 -15.13 12.28 -49.39
N VAL N 378 -14.79 13.43 -48.83
CA VAL N 378 -14.64 13.57 -47.39
C VAL N 378 -16.00 13.83 -46.75
N THR N 379 -16.15 13.32 -45.52
CA THR N 379 -17.26 13.68 -44.65
C THR N 379 -16.62 14.16 -43.35
N LEU N 380 -16.41 15.47 -43.24
CA LEU N 380 -15.72 16.01 -42.07
C LEU N 380 -16.57 15.93 -40.81
N ASP N 381 -17.87 15.71 -40.95
CA ASP N 381 -18.73 15.46 -39.81
C ASP N 381 -18.36 14.18 -39.09
N ASP N 382 -17.79 13.20 -39.80
CA ASP N 382 -17.41 11.94 -39.18
C ASP N 382 -16.31 12.13 -38.15
N LEU N 383 -15.39 13.06 -38.40
CA LEU N 383 -14.34 13.35 -37.44
C LEU N 383 -14.87 14.06 -36.22
N ILE N 384 -15.85 14.95 -36.41
CA ILE N 384 -16.52 15.60 -35.29
C ILE N 384 -17.39 14.59 -34.54
N MET N 385 -17.89 13.59 -35.26
CA MET N 385 -18.78 12.60 -34.66
C MET N 385 -18.05 11.69 -33.67
N ALA N 386 -16.87 11.20 -34.02
CA ALA N 386 -16.25 10.15 -33.23
C ALA N 386 -15.57 10.68 -31.98
N LYS N 387 -15.39 12.00 -31.87
CA LYS N 387 -14.56 12.60 -30.84
C LYS N 387 -15.35 13.71 -30.15
N ASP N 388 -14.94 14.06 -28.93
CA ASP N 388 -15.65 15.05 -28.14
C ASP N 388 -14.79 16.18 -27.57
N ASP N 389 -13.48 15.99 -27.38
CA ASP N 389 -12.69 16.95 -26.61
C ASP N 389 -11.38 17.31 -27.30
N LEU N 390 -11.43 17.64 -28.58
CA LEU N 390 -10.29 18.26 -29.24
C LEU N 390 -10.58 19.75 -29.45
N SER N 391 -9.53 20.54 -29.50
CA SER N 391 -9.63 21.99 -29.44
C SER N 391 -9.43 22.59 -30.83
N GLY N 392 -9.41 23.93 -30.87
CA GLY N 392 -9.20 24.61 -32.13
C GLY N 392 -7.79 24.43 -32.66
N ALA N 393 -6.80 24.44 -31.78
CA ALA N 393 -5.43 24.16 -32.21
C ALA N 393 -5.27 22.70 -32.61
N ASP N 394 -6.14 21.83 -32.12
CA ASP N 394 -6.14 20.44 -32.59
C ASP N 394 -6.64 20.37 -34.02
N ILE N 395 -7.64 21.17 -34.35
CA ILE N 395 -8.24 21.13 -35.69
C ILE N 395 -7.26 21.66 -36.73
N LYS N 396 -6.55 22.73 -36.41
CA LYS N 396 -5.59 23.32 -37.32
C LYS N 396 -4.41 22.38 -37.57
N ALA N 397 -4.03 21.60 -36.55
CA ALA N 397 -2.98 20.62 -36.75
C ALA N 397 -3.44 19.47 -37.62
N ILE N 398 -4.71 19.09 -37.52
CA ILE N 398 -5.26 18.05 -38.39
C ILE N 398 -5.27 18.53 -39.83
N CYS N 399 -5.63 19.79 -40.05
CA CYS N 399 -5.74 20.33 -41.39
C CYS N 399 -4.39 20.45 -42.06
N THR N 400 -3.34 20.74 -41.30
CA THR N 400 -2.01 20.79 -41.89
C THR N 400 -1.47 19.40 -42.15
N GLU N 401 -1.72 18.47 -41.24
CA GLU N 401 -1.14 17.14 -41.37
C GLU N 401 -1.79 16.35 -42.49
N ALA N 402 -3.11 16.48 -42.67
CA ALA N 402 -3.78 15.83 -43.78
C ALA N 402 -3.31 16.36 -45.12
N GLY N 403 -2.96 17.65 -45.17
CA GLY N 403 -2.35 18.20 -46.37
C GLY N 403 -0.96 17.67 -46.62
N LEU N 404 -0.23 17.36 -45.55
CA LEU N 404 1.10 16.79 -45.73
C LEU N 404 1.03 15.35 -46.20
N MET N 405 -0.02 14.63 -45.81
CA MET N 405 -0.16 13.24 -46.23
C MET N 405 -0.46 13.13 -47.71
N ALA N 406 -1.15 14.11 -48.28
CA ALA N 406 -1.40 14.12 -49.72
C ALA N 406 -0.13 14.36 -50.50
N LEU N 407 0.79 15.15 -49.94
CA LEU N 407 2.07 15.37 -50.59
C LEU N 407 2.94 14.13 -50.52
N ARG N 408 2.76 13.31 -49.50
CA ARG N 408 3.55 12.09 -49.38
C ARG N 408 3.17 11.09 -50.45
N GLU N 409 1.87 10.87 -50.66
CA GLU N 409 1.41 10.07 -51.78
C GLU N 409 1.11 10.91 -53.01
N ARG N 410 1.73 12.09 -53.12
CA ARG N 410 1.90 12.82 -54.38
C ARG N 410 0.56 13.28 -54.97
N ARG N 411 -0.16 14.14 -54.25
CA ARG N 411 -1.45 14.63 -54.70
C ARG N 411 -1.59 16.13 -54.43
N MET N 412 -2.75 16.67 -54.80
CA MET N 412 -3.19 18.01 -54.40
C MET N 412 -4.50 17.97 -53.66
N LYS N 413 -5.51 17.30 -54.20
CA LYS N 413 -6.74 17.09 -53.46
C LYS N 413 -6.49 16.13 -52.31
N VAL N 414 -7.35 16.21 -51.31
CA VAL N 414 -7.14 15.47 -50.07
C VAL N 414 -8.30 14.50 -49.89
N THR N 415 -7.98 13.21 -49.83
CA THR N 415 -8.99 12.18 -49.69
C THR N 415 -9.53 12.14 -48.27
N ASN N 416 -10.44 11.20 -48.03
CA ASN N 416 -10.86 10.92 -46.67
C ASN N 416 -9.73 10.26 -45.88
N GLU N 417 -8.86 9.53 -46.56
CA GLU N 417 -7.85 8.73 -45.88
C GLU N 417 -6.77 9.58 -45.24
N ASP N 418 -6.49 10.76 -45.80
CA ASP N 418 -5.50 11.64 -45.18
C ASP N 418 -6.01 12.17 -43.86
N PHE N 419 -7.31 12.45 -43.76
CA PHE N 419 -7.88 12.87 -42.48
C PHE N 419 -7.92 11.72 -41.50
N LYS N 420 -8.06 10.48 -41.98
CA LYS N 420 -8.00 9.34 -41.09
C LYS N 420 -6.60 9.15 -40.53
N LYS N 421 -5.59 9.31 -41.39
CA LYS N 421 -4.22 9.15 -40.93
C LYS N 421 -3.75 10.35 -40.12
N SER N 422 -4.29 11.53 -40.40
CA SER N 422 -3.95 12.71 -39.61
C SER N 422 -4.54 12.62 -38.21
N LYS N 423 -5.74 12.07 -38.09
CA LYS N 423 -6.39 11.95 -36.80
C LYS N 423 -5.65 10.96 -35.91
N GLU N 424 -5.15 9.88 -36.51
CA GLU N 424 -4.42 8.88 -35.72
C GLU N 424 -3.04 9.38 -35.33
N ASN N 425 -2.40 10.14 -36.22
CA ASN N 425 -1.03 10.56 -35.99
C ASN N 425 -0.96 11.69 -34.98
N VAL N 426 -1.88 12.64 -35.06
CA VAL N 426 -1.78 13.83 -34.22
C VAL N 426 -2.29 13.56 -32.82
N LEU N 427 -3.42 12.85 -32.69
CA LEU N 427 -4.12 12.84 -31.40
C LEU N 427 -3.45 11.94 -30.37
N TYR N 428 -2.97 10.76 -30.76
CA TYR N 428 -2.51 9.80 -29.74
C TYR N 428 -1.13 10.21 -29.22
N LYS N 429 -1.15 11.17 -28.30
CA LYS N 429 0.01 11.46 -27.48
C LYS N 429 -0.34 11.78 -26.04
N LYS N 430 -1.60 12.09 -25.75
CA LYS N 430 -2.02 12.53 -24.42
C LYS N 430 -3.05 11.61 -23.80
N GLN N 431 -3.89 10.98 -24.63
CA GLN N 431 -5.05 10.23 -24.16
C GLN N 431 -4.67 9.04 -23.30
N GLU N 432 -4.85 9.17 -21.99
CA GLU N 432 -4.40 8.17 -21.02
C GLU N 432 -5.37 8.14 -19.86
N GLY N 433 -5.98 6.98 -19.62
CA GLY N 433 -6.78 6.81 -18.43
C GLY N 433 -8.28 6.86 -18.66
N THR N 434 -8.90 5.69 -18.71
CA THR N 434 -10.34 5.54 -18.81
C THR N 434 -10.79 4.17 -18.31
N PRO N 435 -11.91 4.09 -17.63
CA PRO N 435 -12.41 2.80 -17.15
C PRO N 435 -13.34 2.11 -18.15
N GLU N 436 -12.79 1.52 -19.20
CA GLU N 436 -13.63 0.87 -20.19
C GLU N 436 -14.14 -0.46 -19.65
N GLY N 437 -15.43 -0.72 -19.88
CA GLY N 437 -16.07 -1.93 -19.40
C GLY N 437 -16.69 -1.75 -18.04
N LEU N 438 -16.12 -0.83 -17.26
CA LEU N 438 -16.60 -0.54 -15.92
C LEU N 438 -17.97 0.10 -15.98
N TYR N 439 -18.12 1.10 -16.84
CA TYR N 439 -19.41 1.74 -17.07
C TYR N 439 -20.09 1.07 -18.25
N LEU N 440 -21.25 1.59 -18.61
CA LEU N 440 -21.90 1.29 -19.87
C LEU N 440 -22.92 2.36 -20.16
N LEU O 3 91.71 56.36 -96.15
CA LEU O 3 90.88 56.43 -94.95
C LEU O 3 91.03 57.76 -94.24
N GLU O 4 90.21 58.74 -94.63
CA GLU O 4 90.18 60.02 -93.93
C GLU O 4 89.63 59.87 -92.52
N GLU O 5 88.53 59.12 -92.40
CA GLU O 5 87.91 58.87 -91.10
C GLU O 5 88.25 57.49 -90.56
N GLY O 6 88.68 56.56 -91.42
CA GLY O 6 89.02 55.22 -90.96
C GLY O 6 90.25 55.20 -90.07
N LYS O 7 91.21 56.08 -90.34
CA LYS O 7 92.34 56.24 -89.43
C LYS O 7 91.95 57.07 -88.22
N ALA O 8 90.95 57.95 -88.37
CA ALA O 8 90.47 58.74 -87.26
C ALA O 8 89.49 57.99 -86.38
N GLY O 9 88.82 56.97 -86.92
CA GLY O 9 87.88 56.20 -86.12
C GLY O 9 88.58 55.29 -85.13
N SER O 10 89.73 54.72 -85.52
CA SER O 10 90.43 53.77 -84.67
C SER O 10 91.49 54.41 -83.79
N GLY O 11 91.84 55.67 -84.03
CA GLY O 11 92.88 56.31 -83.25
C GLY O 11 92.39 57.25 -82.18
N LEU O 12 91.43 58.12 -82.52
CA LEU O 12 91.04 59.22 -81.64
C LEU O 12 89.56 59.15 -81.29
N ARG O 13 88.80 58.29 -81.95
CA ARG O 13 87.44 57.95 -81.56
C ARG O 13 87.38 56.63 -80.81
N GLN O 14 88.23 55.67 -81.18
CA GLN O 14 88.29 54.40 -80.45
C GLN O 14 88.86 54.60 -79.05
N TYR O 15 89.65 55.65 -78.85
CA TYR O 15 90.01 56.07 -77.51
C TYR O 15 88.78 56.49 -76.71
N TYR O 16 87.83 57.17 -77.37
CA TYR O 16 86.62 57.58 -76.66
C TYR O 16 85.63 56.43 -76.53
N LEU O 17 85.45 55.66 -77.61
CA LEU O 17 84.47 54.57 -77.62
C LEU O 17 84.82 53.49 -76.60
N SER O 18 86.11 53.21 -76.42
CA SER O 18 86.50 52.30 -75.36
C SER O 18 86.33 52.95 -74.00
N LYS O 19 86.46 54.26 -73.93
CA LYS O 19 86.38 54.94 -72.63
C LYS O 19 84.94 55.01 -72.14
N ILE O 20 84.00 55.36 -73.02
CA ILE O 20 82.61 55.49 -72.59
C ILE O 20 81.91 54.16 -72.43
N GLU O 21 82.57 53.05 -72.76
CA GLU O 21 81.93 51.74 -72.63
C GLU O 21 81.74 51.36 -71.17
N GLU O 22 82.84 51.29 -70.41
CA GLU O 22 82.74 50.88 -69.02
C GLU O 22 82.09 51.97 -68.17
N LEU O 23 82.21 53.23 -68.58
CA LEU O 23 81.48 54.30 -67.91
C LEU O 23 79.98 54.16 -68.11
N GLN O 24 79.55 53.49 -69.17
CA GLN O 24 78.15 53.10 -69.28
C GLN O 24 77.86 51.89 -68.41
N LEU O 25 78.82 50.97 -68.28
CA LEU O 25 78.56 49.73 -67.56
C LEU O 25 78.43 49.94 -66.06
N ILE O 26 79.16 50.92 -65.51
CA ILE O 26 79.05 51.20 -64.09
C ILE O 26 77.70 51.86 -63.79
N VAL O 27 77.30 52.82 -64.63
CA VAL O 27 76.00 53.48 -64.46
C VAL O 27 74.87 52.49 -64.70
N ASN O 28 75.07 51.53 -65.59
CA ASN O 28 74.12 50.43 -65.73
C ASN O 28 74.11 49.56 -64.48
N ASP O 29 75.24 49.47 -63.77
CA ASP O 29 75.32 48.65 -62.57
C ASP O 29 74.72 49.35 -61.37
N LYS O 30 75.03 50.64 -61.17
CA LYS O 30 74.66 51.31 -59.94
C LYS O 30 73.17 51.56 -59.84
N SER O 31 72.49 51.73 -60.97
CA SER O 31 71.04 51.92 -60.94
C SER O 31 70.33 50.65 -60.50
N GLN O 32 70.88 49.48 -60.86
CA GLN O 32 70.40 48.23 -60.28
C GLN O 32 70.64 48.22 -58.77
N ASN O 33 71.83 48.65 -58.34
CA ASN O 33 72.18 48.63 -56.93
C ASN O 33 71.42 49.70 -56.16
N LEU O 34 71.10 50.81 -56.82
CA LEU O 34 70.42 51.89 -56.12
C LEU O 34 68.99 51.52 -55.77
N ARG O 35 68.25 50.98 -56.75
CA ARG O 35 66.85 50.62 -56.53
C ARG O 35 66.69 49.49 -55.53
N ARG O 36 67.70 48.66 -55.37
CA ARG O 36 67.71 47.72 -54.25
C ARG O 36 67.77 48.47 -52.93
N LEU O 37 68.62 49.48 -52.83
CA LEU O 37 68.73 50.26 -51.61
C LEU O 37 67.49 51.10 -51.35
N GLN O 38 66.79 51.52 -52.42
CA GLN O 38 65.57 52.29 -52.27
C GLN O 38 64.51 51.49 -51.54
N ALA O 39 64.18 50.31 -52.06
CA ALA O 39 63.07 49.52 -51.52
C ALA O 39 63.39 49.00 -50.13
N GLN O 40 64.65 48.72 -49.84
CA GLN O 40 65.03 48.31 -48.51
C GLN O 40 64.85 49.43 -47.50
N ARG O 41 65.03 50.68 -47.92
CA ARG O 41 64.63 51.80 -47.09
C ARG O 41 63.12 51.96 -47.06
N ASN O 42 62.44 51.56 -48.15
CA ASN O 42 60.98 51.68 -48.17
C ASN O 42 60.31 50.70 -47.23
N GLU O 43 60.92 49.55 -46.99
CA GLU O 43 60.32 48.59 -46.08
C GLU O 43 60.43 49.06 -44.64
N LEU O 44 61.64 49.46 -44.24
CA LEU O 44 61.88 49.85 -42.86
C LEU O 44 61.17 51.15 -42.49
N ASN O 45 61.00 52.05 -43.45
CA ASN O 45 60.25 53.26 -43.16
C ASN O 45 58.77 52.96 -43.06
N ALA O 46 58.29 51.98 -43.82
CA ALA O 46 56.90 51.55 -43.69
C ALA O 46 56.65 50.86 -42.36
N LYS O 47 57.68 50.28 -41.75
CA LYS O 47 57.56 49.75 -40.41
C LYS O 47 57.35 50.86 -39.40
N VAL O 48 58.24 51.85 -39.42
CA VAL O 48 58.36 52.80 -38.33
C VAL O 48 57.17 53.75 -38.32
N ARG O 49 56.71 54.17 -39.51
CA ARG O 49 55.54 55.04 -39.59
C ARG O 49 54.28 54.32 -39.11
N LEU O 50 54.19 53.02 -39.35
CA LEU O 50 53.10 52.23 -38.79
C LEU O 50 53.21 52.13 -37.28
N LEU O 51 54.43 51.95 -36.76
CA LEU O 51 54.62 51.79 -35.33
C LEU O 51 54.35 53.09 -34.57
N ARG O 52 54.72 54.22 -35.16
CA ARG O 52 54.41 55.50 -34.53
C ARG O 52 52.91 55.79 -34.59
N GLU O 53 52.26 55.36 -35.66
CA GLU O 53 50.83 55.59 -35.79
C GLU O 53 50.05 54.75 -34.80
N GLU O 54 50.54 53.54 -34.50
CA GLU O 54 49.91 52.72 -33.49
C GLU O 54 50.11 53.31 -32.11
N LEU O 55 51.35 53.69 -31.79
CA LEU O 55 51.70 54.05 -30.42
C LEU O 55 51.09 55.38 -30.02
N GLN O 56 50.75 56.22 -30.99
CA GLN O 56 50.07 57.45 -30.64
C GLN O 56 48.58 57.20 -30.41
N LEU O 57 47.97 56.35 -31.24
CA LEU O 57 46.56 56.04 -31.07
C LEU O 57 46.31 55.13 -29.88
N LEU O 58 47.33 54.36 -29.48
CA LEU O 58 47.27 53.68 -28.19
C LEU O 58 47.19 54.69 -27.05
N GLN O 59 48.01 55.73 -27.09
CA GLN O 59 48.00 56.71 -26.02
C GLN O 59 46.77 57.60 -26.13
N GLU O 60 45.61 57.06 -25.82
CA GLU O 60 44.35 57.76 -26.04
C GLU O 60 43.28 57.15 -25.17
N GLN O 61 42.54 57.99 -24.46
CA GLN O 61 41.44 57.53 -23.63
C GLN O 61 40.33 56.98 -24.50
N GLY O 62 39.87 55.77 -24.18
CA GLY O 62 38.99 55.05 -25.08
C GLY O 62 37.58 55.58 -25.07
N SER O 63 36.80 55.13 -26.05
CA SER O 63 35.45 55.62 -26.25
C SER O 63 34.45 54.88 -25.38
N TYR O 64 33.37 55.58 -25.04
CA TYR O 64 32.25 54.98 -24.36
C TYR O 64 31.34 54.28 -25.36
N VAL O 65 30.41 53.48 -24.85
CA VAL O 65 29.39 52.85 -25.66
C VAL O 65 28.04 53.09 -25.00
N GLY O 66 27.09 53.59 -25.77
CA GLY O 66 25.74 53.80 -25.27
C GLY O 66 24.74 53.33 -26.30
N GLU O 67 23.62 52.83 -25.81
CA GLU O 67 22.64 52.18 -26.66
C GLU O 67 21.51 53.15 -26.95
N VAL O 68 21.13 53.23 -28.23
CA VAL O 68 19.98 54.01 -28.67
C VAL O 68 19.13 53.11 -29.56
N VAL O 69 17.93 52.77 -29.08
CA VAL O 69 16.94 52.15 -29.96
C VAL O 69 16.30 53.20 -30.83
N ARG O 70 15.99 54.35 -30.24
CA ARG O 70 15.48 55.50 -30.95
C ARG O 70 15.79 56.75 -30.14
N ALA O 71 15.92 57.87 -30.85
CA ALA O 71 16.18 59.16 -30.25
C ALA O 71 15.71 60.24 -31.21
N MET O 72 15.50 61.44 -30.68
CA MET O 72 14.92 62.50 -31.47
C MET O 72 15.93 63.07 -32.47
N ASP O 73 15.41 63.86 -33.40
CA ASP O 73 16.14 64.41 -34.51
C ASP O 73 16.69 65.80 -34.14
N LYS O 74 17.04 66.59 -35.16
CA LYS O 74 17.58 67.95 -35.05
C LYS O 74 18.98 67.93 -34.42
N LYS O 75 19.87 67.15 -35.01
CA LYS O 75 21.32 67.11 -34.77
C LYS O 75 21.71 66.69 -33.36
N LYS O 76 20.75 66.28 -32.54
CA LYS O 76 21.03 65.88 -31.16
C LYS O 76 20.22 64.64 -30.87
N VAL O 77 20.86 63.65 -30.26
CA VAL O 77 20.18 62.41 -29.94
C VAL O 77 20.22 62.21 -28.44
N LEU O 78 19.69 61.09 -27.97
CA LEU O 78 19.37 60.86 -26.56
C LEU O 78 19.93 59.49 -26.19
N VAL O 79 21.00 59.47 -25.42
CA VAL O 79 21.78 58.26 -25.18
C VAL O 79 21.85 57.98 -23.69
N LYS O 80 21.48 56.77 -23.29
CA LYS O 80 21.80 56.22 -21.98
C LYS O 80 22.96 55.25 -22.17
N VAL O 81 23.98 55.33 -21.29
CA VAL O 81 25.23 54.74 -21.76
C VAL O 81 25.48 53.30 -21.34
N HIS O 82 26.22 53.03 -20.26
CA HIS O 82 25.95 51.76 -19.61
C HIS O 82 25.39 51.91 -18.19
N PRO O 83 26.17 52.43 -17.18
CA PRO O 83 25.67 52.34 -15.80
C PRO O 83 25.10 53.65 -15.31
N GLU O 84 24.42 54.43 -16.15
CA GLU O 84 24.21 55.83 -15.82
C GLU O 84 22.88 56.28 -16.40
N GLY O 85 22.69 57.58 -16.44
CA GLY O 85 21.47 58.17 -16.95
C GLY O 85 21.53 58.46 -18.43
N LYS O 86 20.63 59.31 -18.87
CA LYS O 86 20.47 59.62 -20.27
C LYS O 86 21.11 60.97 -20.57
N PHE O 87 21.64 61.10 -21.78
CA PHE O 87 22.35 62.30 -22.18
C PHE O 87 21.84 62.79 -23.52
N VAL O 88 21.59 64.09 -23.62
CA VAL O 88 21.36 64.74 -24.89
C VAL O 88 22.71 65.17 -25.41
N VAL O 89 23.17 64.52 -26.46
CA VAL O 89 24.53 64.69 -26.95
C VAL O 89 24.48 65.31 -28.33
N ASP O 90 25.66 65.52 -28.91
CA ASP O 90 25.78 66.02 -30.27
C ASP O 90 26.46 64.97 -31.13
N VAL O 91 26.24 65.07 -32.44
CA VAL O 91 26.82 64.13 -33.39
C VAL O 91 28.19 64.65 -33.79
N ASP O 92 28.98 63.77 -34.38
CA ASP O 92 30.13 64.21 -35.16
C ASP O 92 29.70 64.42 -36.60
N LYS O 93 30.56 65.08 -37.37
CA LYS O 93 30.19 65.51 -38.71
C LYS O 93 30.65 64.55 -39.80
N ASN O 94 31.07 63.34 -39.43
CA ASN O 94 31.33 62.30 -40.41
C ASN O 94 30.21 61.29 -40.50
N ILE O 95 29.16 61.46 -39.71
CA ILE O 95 28.01 60.57 -39.71
C ILE O 95 26.75 61.41 -39.92
N ASP O 96 25.61 60.74 -39.91
CA ASP O 96 24.34 61.35 -40.27
C ASP O 96 23.47 61.54 -39.04
N ILE O 97 22.27 62.10 -39.26
CA ILE O 97 21.21 62.05 -38.27
C ILE O 97 20.36 60.81 -38.49
N ASN O 98 20.64 60.05 -39.55
CA ASN O 98 19.88 58.86 -39.90
C ASN O 98 20.44 57.61 -39.24
N ASP O 99 21.01 57.78 -38.05
CA ASP O 99 21.67 56.68 -37.36
C ASP O 99 20.71 55.74 -36.67
N VAL O 100 19.42 56.09 -36.59
CA VAL O 100 18.50 55.41 -35.68
C VAL O 100 18.19 54.04 -36.25
N THR O 101 18.80 53.05 -35.66
CA THR O 101 18.49 51.64 -35.77
C THR O 101 17.97 51.15 -34.43
N PRO O 102 17.16 50.10 -34.41
CA PRO O 102 16.75 49.54 -33.12
C PRO O 102 17.92 48.89 -32.42
N ASN O 103 18.01 49.16 -31.10
CA ASN O 103 19.06 48.64 -30.20
C ASN O 103 20.45 49.07 -30.65
N CYS O 104 20.54 50.21 -31.34
CA CYS O 104 21.78 50.65 -31.96
C CYS O 104 22.69 51.20 -30.89
N ARG O 105 23.86 50.59 -30.76
CA ARG O 105 24.90 51.18 -29.94
C ARG O 105 25.78 52.07 -30.78
N VAL O 106 26.33 53.08 -30.13
CA VAL O 106 27.20 54.05 -30.79
C VAL O 106 28.48 54.19 -30.00
N ALA O 107 29.55 54.51 -30.71
CA ALA O 107 30.79 54.88 -30.06
C ALA O 107 30.68 56.32 -29.62
N LEU O 108 30.93 56.57 -28.34
CA LEU O 108 30.77 57.90 -27.77
C LEU O 108 32.13 58.40 -27.29
N ARG O 109 32.51 59.59 -27.73
CA ARG O 109 33.76 60.18 -27.28
C ARG O 109 33.66 60.55 -25.82
N ASN O 110 34.56 60.01 -25.00
CA ASN O 110 34.35 59.98 -23.56
C ASN O 110 34.52 61.33 -22.88
N ASP O 111 35.10 62.32 -23.55
CA ASP O 111 35.20 63.64 -22.95
C ASP O 111 33.93 64.44 -23.12
N SER O 112 33.60 64.74 -24.38
CA SER O 112 32.59 65.73 -24.69
C SER O 112 31.27 65.08 -25.09
N TYR O 113 31.21 63.75 -25.12
CA TYR O 113 30.04 62.96 -25.47
C TYR O 113 29.55 63.33 -26.87
N THR O 114 30.39 63.03 -27.84
CA THR O 114 30.03 63.19 -29.23
C THR O 114 30.05 61.83 -29.91
N LEU O 115 29.17 61.64 -30.88
CA LEU O 115 29.00 60.33 -31.49
C LEU O 115 30.18 60.02 -32.38
N HIS O 116 31.05 59.13 -31.91
CA HIS O 116 32.24 58.79 -32.68
C HIS O 116 31.90 57.93 -33.88
N LYS O 117 31.11 56.88 -33.68
CA LYS O 117 30.82 55.94 -34.74
C LYS O 117 29.58 55.13 -34.38
N ILE O 118 28.78 54.80 -35.39
CA ILE O 118 27.73 53.81 -35.23
C ILE O 118 28.37 52.46 -34.96
N LEU O 119 28.03 51.87 -33.84
CA LEU O 119 28.59 50.55 -33.61
C LEU O 119 27.68 49.48 -34.21
N PRO O 120 28.22 48.54 -34.96
CA PRO O 120 27.41 47.41 -35.41
C PRO O 120 27.25 46.37 -34.33
N ASN O 121 26.69 45.21 -34.70
CA ASN O 121 26.61 44.03 -33.85
C ASN O 121 25.82 44.30 -32.57
N LYS O 122 24.51 44.43 -32.76
CA LYS O 122 23.61 44.72 -31.64
C LYS O 122 23.69 43.60 -30.61
N VAL O 123 23.44 43.98 -29.34
CA VAL O 123 23.87 43.29 -28.13
C VAL O 123 23.57 41.79 -28.08
N ASP O 124 24.63 41.00 -27.93
CA ASP O 124 24.51 39.54 -27.84
C ASP O 124 25.42 39.02 -26.73
N PRO O 125 25.05 39.23 -25.46
CA PRO O 125 25.85 38.65 -24.39
C PRO O 125 25.50 37.18 -24.22
N LEU O 126 26.53 36.35 -24.06
CA LEU O 126 26.42 34.93 -23.73
C LEU O 126 25.64 34.18 -24.81
N VAL O 127 26.24 34.17 -25.98
CA VAL O 127 25.69 33.49 -27.15
C VAL O 127 26.76 32.55 -27.68
N SER O 128 27.60 32.07 -26.75
CA SER O 128 28.83 31.40 -27.13
C SER O 128 28.58 30.06 -27.79
N LEU O 129 27.91 29.15 -27.08
CA LEU O 129 27.60 27.85 -27.67
C LEU O 129 26.53 27.95 -28.75
N MET O 130 25.74 29.02 -28.73
CA MET O 130 24.86 29.34 -29.83
C MET O 130 25.71 29.62 -31.07
N MET O 131 25.19 29.21 -32.24
CA MET O 131 25.88 29.16 -33.53
C MET O 131 27.26 28.54 -33.41
N VAL O 132 27.27 27.22 -33.23
CA VAL O 132 28.37 26.35 -32.84
C VAL O 132 29.73 26.61 -33.52
N GLU O 133 29.70 27.09 -34.77
CA GLU O 133 30.86 27.46 -35.61
C GLU O 133 31.74 26.30 -36.02
N LYS O 134 31.47 25.09 -35.55
CA LYS O 134 32.12 23.90 -36.10
C LYS O 134 31.10 22.77 -36.07
N VAL O 135 30.68 22.37 -37.25
CA VAL O 135 29.71 21.30 -37.40
C VAL O 135 30.26 19.87 -37.38
N PRO O 136 31.41 19.48 -38.08
CA PRO O 136 31.56 18.05 -38.43
C PRO O 136 31.91 17.13 -37.26
N ASP O 137 30.93 16.40 -36.84
CA ASP O 137 31.07 15.46 -35.75
C ASP O 137 30.56 14.07 -36.10
N SER O 138 29.47 14.00 -36.86
CA SER O 138 28.93 12.72 -37.31
C SER O 138 28.13 12.99 -38.55
N THR O 139 28.07 12.00 -39.44
CA THR O 139 27.46 12.22 -40.74
C THR O 139 26.06 11.64 -40.76
N TYR O 140 25.41 11.85 -41.89
CA TYR O 140 24.01 11.49 -42.09
C TYR O 140 23.82 10.00 -42.27
N GLU O 141 24.85 9.27 -42.68
CA GLU O 141 24.71 7.87 -43.05
C GLU O 141 25.01 6.92 -41.92
N MET O 142 25.75 7.35 -40.90
CA MET O 142 26.22 6.45 -39.85
C MET O 142 25.20 6.22 -38.76
N ILE O 143 23.91 6.45 -39.02
CA ILE O 143 22.90 6.22 -38.00
C ILE O 143 22.33 4.81 -38.17
N GLY O 144 21.62 4.56 -39.26
CA GLY O 144 21.13 3.23 -39.50
C GLY O 144 19.91 2.83 -38.70
N GLY O 145 18.94 2.21 -39.35
CA GLY O 145 17.80 1.64 -38.66
C GLY O 145 16.80 2.64 -38.12
N LEU O 146 16.89 3.90 -38.51
CA LEU O 146 15.98 4.93 -38.03
C LEU O 146 15.44 5.76 -39.17
N ASP O 147 15.13 5.11 -40.29
CA ASP O 147 14.93 5.83 -41.54
C ASP O 147 13.62 6.60 -41.56
N LYS O 148 12.57 6.07 -40.93
CA LYS O 148 11.29 6.76 -40.90
C LYS O 148 11.37 8.05 -40.09
N GLN O 149 12.13 8.02 -39.00
CA GLN O 149 12.28 9.21 -38.18
C GLN O 149 13.13 10.26 -38.90
N ILE O 150 14.06 9.82 -39.73
CA ILE O 150 14.86 10.76 -40.50
C ILE O 150 14.01 11.43 -41.57
N LYS O 151 13.10 10.68 -42.18
CA LYS O 151 12.28 11.21 -43.26
C LYS O 151 11.29 12.26 -42.75
N GLU O 152 10.78 12.07 -41.54
CA GLU O 152 9.78 13.00 -41.01
C GLU O 152 10.40 14.34 -40.65
N ILE O 153 11.60 14.32 -40.08
CA ILE O 153 12.25 15.54 -39.66
C ILE O 153 12.75 16.34 -40.86
N LYS O 154 13.14 15.66 -41.92
CA LYS O 154 13.54 16.38 -43.13
C LYS O 154 12.34 17.02 -43.81
N GLU O 155 11.16 16.42 -43.66
CA GLU O 155 9.95 17.00 -44.20
C GLU O 155 9.50 18.22 -43.41
N VAL O 156 9.99 18.40 -42.19
CA VAL O 156 9.55 19.51 -41.36
C VAL O 156 10.61 20.58 -41.21
N ILE O 157 11.84 20.31 -41.67
CA ILE O 157 12.87 21.33 -41.61
C ILE O 157 13.32 21.70 -43.02
N GLU O 158 13.77 20.72 -43.79
CA GLU O 158 14.32 21.03 -45.10
C GLU O 158 13.22 21.38 -46.10
N LEU O 159 12.13 20.63 -46.10
CA LEU O 159 11.01 20.91 -47.00
C LEU O 159 10.36 22.28 -46.81
N PRO O 160 10.08 22.80 -45.59
CA PRO O 160 9.49 24.15 -45.54
C PRO O 160 10.48 25.25 -45.87
N VAL O 161 11.78 25.02 -45.71
CA VAL O 161 12.76 26.08 -45.90
C VAL O 161 13.24 26.13 -47.34
N LYS O 162 13.51 24.97 -47.94
CA LYS O 162 14.00 24.95 -49.32
C LYS O 162 12.90 25.38 -50.29
N HIS O 163 11.65 25.01 -50.03
CA HIS O 163 10.57 25.30 -50.95
C HIS O 163 9.35 25.75 -50.18
N PRO O 164 9.29 27.02 -49.81
CA PRO O 164 8.17 27.51 -48.99
C PRO O 164 6.89 27.64 -49.80
N GLU O 165 7.04 27.79 -51.11
CA GLU O 165 5.90 28.05 -51.97
C GLU O 165 5.05 26.82 -52.21
N LEU O 166 5.52 25.64 -51.83
CA LEU O 166 4.68 24.44 -51.93
C LEU O 166 3.54 24.51 -50.92
N PHE O 167 3.85 24.95 -49.70
CA PHE O 167 2.82 25.07 -48.68
C PHE O 167 1.93 26.27 -48.95
N GLU O 168 2.49 27.30 -49.58
CA GLU O 168 1.68 28.45 -50.00
C GLU O 168 0.69 28.05 -51.07
N ALA O 169 1.12 27.19 -52.00
CA ALA O 169 0.23 26.73 -53.04
C ALA O 169 -0.83 25.79 -52.51
N LEU O 170 -0.52 25.06 -51.44
CA LEU O 170 -1.49 24.12 -50.91
C LEU O 170 -2.43 24.78 -49.91
N GLY O 171 -2.00 25.83 -49.24
CA GLY O 171 -2.89 26.55 -48.35
C GLY O 171 -2.94 26.04 -46.93
N ILE O 172 -1.81 25.61 -46.37
CA ILE O 172 -1.72 25.26 -44.96
C ILE O 172 -0.56 26.02 -44.34
N ALA O 173 -0.64 26.23 -43.04
CA ALA O 173 0.46 26.85 -42.32
C ALA O 173 1.60 25.86 -42.16
N GLN O 174 2.81 26.36 -42.28
CA GLN O 174 3.91 25.42 -42.14
C GLN O 174 4.21 25.15 -40.67
N PRO O 175 4.51 23.91 -40.31
CA PRO O 175 4.82 23.59 -38.92
C PRO O 175 6.22 24.04 -38.52
N LYS O 176 6.40 24.21 -37.22
CA LYS O 176 7.69 24.67 -36.70
C LYS O 176 8.17 23.96 -35.44
N GLY O 177 7.39 23.10 -34.80
CA GLY O 177 7.82 22.49 -33.56
C GLY O 177 7.91 20.97 -33.59
N VAL O 178 9.04 20.43 -33.13
CA VAL O 178 9.28 18.99 -33.12
C VAL O 178 9.70 18.57 -31.72
N LEU O 179 8.98 17.61 -31.16
CA LEU O 179 9.36 16.99 -29.90
C LEU O 179 9.87 15.59 -30.17
N LEU O 180 11.11 15.34 -29.82
CA LEU O 180 11.67 14.00 -29.91
C LEU O 180 11.60 13.34 -28.54
N TYR O 181 11.23 12.06 -28.52
CA TYR O 181 11.20 11.38 -27.24
C TYR O 181 11.55 9.91 -27.40
N GLY O 182 12.33 9.41 -26.46
CA GLY O 182 12.72 8.02 -26.44
C GLY O 182 13.32 7.71 -25.09
N PRO O 183 12.84 6.63 -24.46
CA PRO O 183 13.15 6.40 -23.04
C PRO O 183 14.61 6.09 -22.75
N PRO O 184 15.26 5.08 -23.37
CA PRO O 184 16.58 4.68 -22.82
C PRO O 184 17.69 5.62 -23.20
N GLY O 185 17.51 6.37 -24.27
CA GLY O 185 18.58 7.05 -24.94
C GLY O 185 18.94 6.24 -26.16
N THR O 186 18.34 6.59 -27.29
CA THR O 186 18.52 5.85 -28.53
C THR O 186 18.56 6.89 -29.65
N GLY O 187 19.76 7.35 -29.97
CA GLY O 187 19.92 8.19 -31.12
C GLY O 187 19.34 9.57 -31.04
N LYS O 188 19.09 10.08 -29.83
CA LYS O 188 18.44 11.38 -29.69
C LYS O 188 19.37 12.50 -30.11
N THR O 189 20.67 12.28 -29.99
CA THR O 189 21.67 13.32 -30.19
C THR O 189 22.33 13.25 -31.57
N LEU O 190 22.55 12.02 -32.08
CA LEU O 190 23.19 11.83 -33.38
C LEU O 190 22.35 12.45 -34.48
N LEU O 191 21.04 12.21 -34.42
CA LEU O 191 20.11 12.75 -35.39
C LEU O 191 20.05 14.26 -35.31
N ALA O 192 20.31 14.83 -34.14
CA ALA O 192 20.45 16.27 -34.05
C ALA O 192 21.81 16.72 -34.58
N ARG O 193 22.86 15.94 -34.35
CA ARG O 193 24.17 16.32 -34.86
C ARG O 193 24.28 16.11 -36.36
N ALA O 194 23.50 15.18 -36.91
CA ALA O 194 23.51 15.00 -38.35
C ALA O 194 22.86 16.18 -39.06
N VAL O 195 21.72 16.63 -38.53
CA VAL O 195 21.08 17.84 -39.01
C VAL O 195 21.97 19.05 -38.76
N ALA O 196 22.74 19.04 -37.67
CA ALA O 196 23.72 20.09 -37.44
C ALA O 196 24.81 20.09 -38.50
N HIS O 197 25.13 18.93 -39.04
CA HIS O 197 26.15 18.82 -40.07
C HIS O 197 25.60 19.02 -41.47
N HIS O 198 24.31 18.81 -41.69
CA HIS O 198 23.76 18.72 -43.04
C HIS O 198 22.62 19.70 -43.29
N THR O 199 22.64 20.90 -42.72
CA THR O 199 21.53 21.80 -42.94
C THR O 199 21.84 22.99 -43.81
N ASP O 200 23.09 23.47 -43.82
CA ASP O 200 23.52 24.74 -44.41
C ASP O 200 22.61 25.87 -43.94
N CYS O 201 22.62 26.09 -42.62
CA CYS O 201 21.68 27.02 -41.99
C CYS O 201 22.23 27.41 -40.64
N THR O 202 21.72 28.50 -40.10
CA THR O 202 22.12 28.94 -38.76
C THR O 202 21.55 27.97 -37.75
N PHE O 203 22.40 27.43 -36.89
CA PHE O 203 22.02 26.35 -36.00
C PHE O 203 22.43 26.71 -34.58
N ILE O 204 21.48 26.69 -33.66
CA ILE O 204 21.69 27.15 -32.30
C ILE O 204 21.58 25.97 -31.34
N ARG O 205 22.59 25.79 -30.51
CA ARG O 205 22.59 24.78 -29.46
C ARG O 205 22.31 25.44 -28.13
N VAL O 206 21.20 25.07 -27.50
CA VAL O 206 20.90 25.50 -26.15
C VAL O 206 20.61 24.27 -25.31
N SER O 207 21.58 23.87 -24.49
CA SER O 207 21.30 22.89 -23.46
C SER O 207 20.56 23.59 -22.35
N GLY O 208 19.23 23.56 -22.37
CA GLY O 208 18.51 24.44 -21.47
C GLY O 208 18.55 24.00 -20.02
N SER O 209 19.52 24.56 -19.33
CA SER O 209 19.54 24.72 -17.89
C SER O 209 20.30 26.00 -17.62
N GLU O 210 20.72 26.64 -18.72
CA GLU O 210 21.61 27.79 -18.69
C GLU O 210 20.84 29.10 -18.76
N LEU O 211 19.59 29.07 -18.32
CA LEU O 211 18.74 30.24 -18.31
C LEU O 211 18.09 30.42 -16.94
N VAL O 212 18.85 30.13 -15.88
CA VAL O 212 18.36 30.16 -14.51
C VAL O 212 19.14 31.16 -13.67
N GLN O 213 20.03 31.95 -14.30
CA GLN O 213 21.39 32.19 -13.81
C GLN O 213 21.59 32.39 -12.33
N LYS O 214 21.20 33.54 -11.77
CA LYS O 214 21.13 33.65 -10.32
C LYS O 214 20.01 34.62 -9.95
N PHE O 215 19.65 35.44 -10.91
CA PHE O 215 18.93 36.67 -10.63
C PHE O 215 17.48 36.56 -11.01
N ILE O 216 16.66 37.33 -10.28
CA ILE O 216 15.35 37.69 -10.78
C ILE O 216 15.53 38.43 -12.10
N GLY O 217 14.68 38.14 -13.07
CA GLY O 217 14.91 38.82 -14.33
C GLY O 217 15.77 38.01 -15.26
N GLU O 218 17.09 38.25 -15.18
CA GLU O 218 18.15 37.83 -16.11
C GLU O 218 17.99 36.45 -16.73
N GLY O 219 17.52 35.48 -15.94
CA GLY O 219 17.24 34.16 -16.47
C GLY O 219 16.12 34.13 -17.48
N ALA O 220 15.23 35.12 -17.45
CA ALA O 220 14.17 35.19 -18.44
C ALA O 220 14.53 36.02 -19.65
N ARG O 221 15.14 37.20 -19.45
CA ARG O 221 15.29 38.18 -20.52
C ARG O 221 16.16 37.70 -21.66
N MET O 222 17.06 36.75 -21.40
CA MET O 222 17.89 36.24 -22.47
C MET O 222 17.12 35.32 -23.41
N VAL O 223 15.99 34.78 -22.98
CA VAL O 223 15.14 34.03 -23.89
C VAL O 223 14.59 34.95 -24.96
N ARG O 224 14.15 36.14 -24.56
CA ARG O 224 13.80 37.18 -25.52
C ARG O 224 15.01 37.57 -26.35
N GLU O 225 16.16 37.66 -25.71
CA GLU O 225 17.39 37.97 -26.42
C GLU O 225 17.91 36.80 -27.23
N LEU O 226 17.37 35.61 -27.03
CA LEU O 226 17.74 34.48 -27.86
C LEU O 226 17.06 34.54 -29.22
N PHE O 227 15.75 34.74 -29.25
CA PHE O 227 15.04 34.57 -30.51
C PHE O 227 15.26 35.75 -31.45
N VAL O 228 15.60 36.92 -30.91
CA VAL O 228 15.99 38.01 -31.78
C VAL O 228 17.36 37.76 -32.39
N MET O 229 18.23 37.05 -31.68
CA MET O 229 19.50 36.61 -32.23
C MET O 229 19.28 35.51 -33.26
N ALA O 230 18.20 34.74 -33.11
CA ALA O 230 17.84 33.80 -34.16
C ALA O 230 17.09 34.48 -35.28
N ARG O 231 16.43 35.61 -35.01
CA ARG O 231 15.75 36.34 -36.07
C ARG O 231 16.74 37.07 -36.95
N GLU O 232 17.90 37.45 -36.38
CA GLU O 232 18.92 38.14 -37.14
C GLU O 232 19.51 37.24 -38.22
N HIS O 233 19.81 36.00 -37.86
CA HIS O 233 20.17 34.99 -38.83
C HIS O 233 18.93 34.18 -39.15
N ALA O 234 18.11 34.79 -40.02
CA ALA O 234 16.67 34.50 -40.03
C ALA O 234 16.30 33.07 -40.42
N PRO O 235 16.96 32.38 -41.35
CA PRO O 235 16.74 30.92 -41.36
C PRO O 235 17.51 30.32 -40.19
N SER O 236 16.81 29.60 -39.32
CA SER O 236 17.43 29.16 -38.08
C SER O 236 16.78 27.90 -37.55
N ILE O 237 17.56 27.12 -36.81
CA ILE O 237 17.08 25.96 -36.07
C ILE O 237 17.66 26.02 -34.67
N ILE O 238 16.79 25.99 -33.67
CA ILE O 238 17.18 26.08 -32.27
C ILE O 238 16.94 24.72 -31.64
N PHE O 239 17.87 24.28 -30.81
CA PHE O 239 17.83 22.93 -30.28
C PHE O 239 17.80 22.96 -28.76
N MET O 240 16.91 22.17 -28.18
CA MET O 240 16.82 22.00 -26.74
C MET O 240 17.36 20.65 -26.32
N ASP O 241 18.25 20.66 -25.34
CA ASP O 241 18.66 19.46 -24.64
C ASP O 241 17.81 19.30 -23.39
N GLU O 242 17.15 18.13 -23.30
CA GLU O 242 16.64 17.58 -22.05
C GLU O 242 15.62 18.49 -21.39
N ILE O 243 14.45 18.58 -22.01
CA ILE O 243 13.38 19.30 -21.32
C ILE O 243 12.70 18.30 -20.40
N ASP O 244 13.38 17.99 -19.32
CA ASP O 244 12.86 17.45 -18.08
C ASP O 244 13.13 18.43 -16.97
N SER O 245 13.96 19.43 -17.27
CA SER O 245 14.24 20.66 -16.56
C SER O 245 13.08 21.61 -16.82
N ILE O 246 13.41 22.90 -16.86
CA ILE O 246 12.53 24.03 -17.15
C ILE O 246 11.57 23.67 -18.27
N GLY O 247 10.28 23.76 -17.98
CA GLY O 247 9.27 23.12 -18.78
C GLY O 247 8.61 21.93 -18.14
N SER O 248 8.68 21.79 -16.82
CA SER O 248 8.13 20.59 -16.20
C SER O 248 6.63 20.72 -16.00
N SER O 249 6.21 21.57 -15.08
CA SER O 249 4.78 21.68 -14.76
C SER O 249 4.56 22.90 -13.88
N ARG O 250 3.43 23.54 -14.06
CA ARG O 250 3.10 24.71 -13.26
C ARG O 250 2.64 24.26 -11.87
N LEU O 251 3.45 24.53 -10.85
CA LEU O 251 3.03 24.35 -9.48
C LEU O 251 2.44 25.64 -8.95
N GLU O 252 2.09 25.67 -7.67
CA GLU O 252 1.43 26.80 -7.06
C GLU O 252 2.47 27.80 -6.57
N GLY O 253 2.03 28.80 -5.81
CA GLY O 253 2.94 29.84 -5.36
C GLY O 253 3.89 29.35 -4.29
N GLY O 254 4.98 30.09 -4.11
CA GLY O 254 6.11 29.56 -3.37
C GLY O 254 5.97 29.44 -1.87
N SER O 255 5.72 28.22 -1.43
CA SER O 255 6.20 27.73 -0.14
C SER O 255 7.08 26.51 -0.37
N GLY O 256 6.55 25.51 -1.05
CA GLY O 256 7.32 24.55 -1.81
C GLY O 256 7.22 24.80 -3.29
N GLY O 257 6.87 26.02 -3.70
CA GLY O 257 6.76 26.32 -5.10
C GLY O 257 8.06 26.81 -5.68
N ASP O 258 8.27 26.48 -6.96
CA ASP O 258 9.47 26.90 -7.64
C ASP O 258 9.35 28.37 -8.04
N SER O 259 8.38 28.68 -8.90
CA SER O 259 7.89 30.02 -9.17
C SER O 259 8.94 30.95 -9.74
N GLU O 260 10.02 30.43 -10.28
CA GLU O 260 10.89 31.34 -11.00
C GLU O 260 11.22 30.84 -12.39
N VAL O 261 11.48 29.55 -12.56
CA VAL O 261 11.55 29.01 -13.91
C VAL O 261 10.17 28.87 -14.52
N GLN O 262 9.12 29.01 -13.72
CA GLN O 262 7.79 29.26 -14.23
C GLN O 262 7.77 30.49 -15.12
N ARG O 263 8.44 31.57 -14.70
CA ARG O 263 8.49 32.78 -15.50
C ARG O 263 9.26 32.54 -16.79
N THR O 264 10.32 31.74 -16.71
CA THR O 264 11.14 31.49 -17.87
C THR O 264 10.43 30.57 -18.85
N MET O 265 9.67 29.60 -18.34
CA MET O 265 8.91 28.71 -19.20
C MET O 265 7.80 29.47 -19.91
N LEU O 266 7.11 30.35 -19.20
CA LEU O 266 6.03 31.13 -19.79
C LEU O 266 6.51 32.03 -20.91
N GLU O 267 7.75 32.51 -20.82
CA GLU O 267 8.27 33.28 -21.95
C GLU O 267 8.61 32.41 -23.13
N LEU O 268 9.09 31.18 -22.91
CA LEU O 268 9.22 30.23 -24.01
C LEU O 268 7.85 29.94 -24.61
N LEU O 269 6.84 29.87 -23.77
CA LEU O 269 5.51 29.58 -24.24
C LEU O 269 4.90 30.80 -24.92
N ASN O 270 5.46 31.98 -24.74
CA ASN O 270 4.87 33.17 -25.33
C ASN O 270 5.74 33.84 -26.37
N GLN O 271 6.99 33.42 -26.53
CA GLN O 271 7.81 34.00 -27.58
C GLN O 271 7.80 33.13 -28.82
N LEU O 272 7.06 32.01 -28.80
CA LEU O 272 6.86 31.24 -30.02
C LEU O 272 5.40 31.11 -30.42
N ASP O 273 4.46 31.37 -29.51
CA ASP O 273 3.06 31.40 -29.90
C ASP O 273 2.35 32.53 -29.16
N GLY O 274 2.95 33.71 -29.16
CA GLY O 274 2.32 34.84 -28.55
C GLY O 274 1.44 35.60 -29.51
N PHE O 275 1.68 36.90 -29.59
CA PHE O 275 0.91 37.81 -30.40
C PHE O 275 1.38 37.83 -31.85
N GLU O 276 2.57 37.30 -32.12
CA GLU O 276 3.15 37.35 -33.46
C GLU O 276 3.63 35.97 -33.84
N ALA O 277 3.05 35.40 -34.89
CA ALA O 277 3.50 34.10 -35.39
C ALA O 277 4.75 34.34 -36.22
N THR O 278 5.91 34.17 -35.60
CA THR O 278 7.16 34.38 -36.32
C THR O 278 7.42 33.24 -37.30
N LYS O 279 8.39 33.47 -38.18
CA LYS O 279 8.59 32.62 -39.34
C LYS O 279 10.07 32.26 -39.46
N ASN O 280 10.33 31.20 -40.23
CA ASN O 280 11.66 30.67 -40.54
C ASN O 280 12.42 30.26 -39.29
N ILE O 281 11.72 29.89 -38.23
CA ILE O 281 12.32 29.50 -36.97
C ILE O 281 11.70 28.17 -36.59
N LYS O 282 12.54 27.15 -36.43
CA LYS O 282 12.07 25.81 -36.11
C LYS O 282 12.84 25.29 -34.91
N VAL O 283 12.11 24.80 -33.93
CA VAL O 283 12.71 24.31 -32.70
C VAL O 283 12.68 22.79 -32.70
N ILE O 284 13.69 22.20 -32.07
CA ILE O 284 13.78 20.75 -31.89
C ILE O 284 14.01 20.50 -30.42
N MET O 285 13.02 19.91 -29.76
CA MET O 285 13.09 19.64 -28.34
C MET O 285 13.17 18.14 -28.13
N ALA O 286 14.03 17.71 -27.22
CA ALA O 286 14.32 16.29 -27.08
C ALA O 286 14.46 15.96 -25.61
N THR O 287 13.65 15.01 -25.15
CA THR O 287 13.68 14.52 -23.78
C THR O 287 12.92 13.21 -23.71
N ASN O 288 13.20 12.44 -22.67
CA ASN O 288 12.30 11.40 -22.21
C ASN O 288 11.37 12.02 -21.16
N ARG O 289 10.68 11.18 -20.40
CA ARG O 289 9.71 11.58 -19.35
C ARG O 289 8.59 12.43 -19.94
N ILE O 290 7.79 11.79 -20.78
CA ILE O 290 6.82 12.51 -21.60
C ILE O 290 5.61 12.92 -20.77
N ASP O 291 5.18 12.08 -19.84
CA ASP O 291 3.94 12.34 -19.12
C ASP O 291 4.05 13.45 -18.09
N ILE O 292 5.23 14.01 -17.85
CA ILE O 292 5.41 14.98 -16.77
C ILE O 292 5.74 16.36 -17.27
N LEU O 293 6.01 16.56 -18.56
CA LEU O 293 6.19 17.92 -19.00
C LEU O 293 4.83 18.53 -19.27
N ASP O 294 4.78 19.85 -19.19
CA ASP O 294 3.52 20.56 -19.01
C ASP O 294 2.66 20.52 -20.26
N SER O 295 1.35 20.38 -20.06
CA SER O 295 0.43 20.24 -21.19
C SER O 295 -0.07 21.58 -21.66
N ALA O 296 0.85 22.50 -21.85
CA ALA O 296 0.56 23.72 -22.58
C ALA O 296 1.62 24.04 -23.61
N LEU O 297 2.82 23.50 -23.48
CA LEU O 297 3.76 23.43 -24.57
C LEU O 297 3.70 22.09 -25.27
N LEU O 298 2.73 21.26 -24.92
CA LEU O 298 2.49 20.03 -25.65
C LEU O 298 1.29 20.14 -26.57
N ARG O 299 0.58 21.26 -26.54
CA ARG O 299 -0.57 21.42 -27.40
C ARG O 299 -0.12 21.56 -28.85
N PRO O 300 -0.92 21.07 -29.80
CA PRO O 300 -0.46 21.01 -31.20
C PRO O 300 -0.43 22.33 -31.95
N GLY O 301 -0.49 23.45 -31.25
CA GLY O 301 -0.24 24.71 -31.90
C GLY O 301 1.24 25.01 -31.91
N ARG O 302 1.96 24.45 -30.94
CA ARG O 302 3.37 24.75 -30.76
C ARG O 302 4.24 23.65 -31.34
N ILE O 303 4.06 22.43 -30.84
CA ILE O 303 4.77 21.26 -31.32
C ILE O 303 3.81 20.46 -32.17
N ASP O 304 4.20 20.24 -33.42
CA ASP O 304 3.31 19.61 -34.37
C ASP O 304 3.73 18.20 -34.72
N ARG O 305 5.01 17.88 -34.58
CA ARG O 305 5.53 16.55 -34.81
C ARG O 305 6.06 16.00 -33.51
N LYS O 306 5.46 14.93 -33.02
CA LYS O 306 5.91 14.27 -31.81
C LYS O 306 6.39 12.88 -32.18
N ILE O 307 7.68 12.65 -32.06
CA ILE O 307 8.34 11.51 -32.68
C ILE O 307 8.92 10.62 -31.60
N GLU O 308 8.49 9.37 -31.58
CA GLU O 308 8.99 8.36 -30.67
C GLU O 308 10.33 7.81 -31.16
N PHE O 309 10.97 7.04 -30.29
CA PHE O 309 12.23 6.37 -30.62
C PHE O 309 12.24 5.03 -29.91
N PRO O 310 11.68 4.00 -30.52
CA PRO O 310 11.64 2.69 -29.89
C PRO O 310 12.99 2.03 -29.91
N PRO O 311 13.20 1.00 -29.09
CA PRO O 311 14.42 0.22 -29.20
C PRO O 311 14.45 -0.55 -30.52
N PRO O 312 15.62 -0.74 -31.11
CA PRO O 312 15.68 -1.17 -32.51
C PRO O 312 15.31 -2.62 -32.70
N ASN O 313 15.14 -2.99 -33.96
CA ASN O 313 14.78 -4.35 -34.34
C ASN O 313 16.04 -5.16 -34.63
N GLU O 314 15.85 -6.43 -34.96
CA GLU O 314 16.98 -7.33 -35.20
C GLU O 314 17.76 -6.92 -36.44
N GLU O 315 17.05 -6.48 -37.48
CA GLU O 315 17.74 -5.94 -38.64
C GLU O 315 18.42 -4.63 -38.31
N ALA O 316 17.80 -3.82 -37.44
CA ALA O 316 18.41 -2.55 -37.08
C ALA O 316 19.57 -2.74 -36.13
N ARG O 317 19.48 -3.72 -35.22
CA ARG O 317 20.62 -4.07 -34.39
C ARG O 317 21.74 -4.66 -35.22
N LEU O 318 21.39 -5.33 -36.32
CA LEU O 318 22.40 -5.82 -37.24
C LEU O 318 23.13 -4.67 -37.90
N ASP O 319 22.41 -3.61 -38.24
CA ASP O 319 23.00 -2.54 -39.04
C ASP O 319 23.91 -1.67 -38.20
N ILE O 320 23.50 -1.36 -36.97
CA ILE O 320 24.32 -0.55 -36.07
C ILE O 320 25.59 -1.29 -35.70
N LEU O 321 25.50 -2.61 -35.59
CA LEU O 321 26.67 -3.44 -35.39
C LEU O 321 27.61 -3.36 -36.58
N LYS O 322 27.06 -3.23 -37.79
CA LYS O 322 27.91 -3.08 -38.97
C LYS O 322 28.59 -1.73 -38.98
N ILE O 323 27.97 -0.72 -38.37
CA ILE O 323 28.54 0.62 -38.41
C ILE O 323 29.75 0.72 -37.49
N HIS O 324 29.64 0.19 -36.28
CA HIS O 324 30.69 0.35 -35.30
C HIS O 324 31.78 -0.69 -35.41
N SER O 325 31.55 -1.79 -36.11
CA SER O 325 32.58 -2.77 -36.39
C SER O 325 33.32 -2.48 -37.67
N ARG O 326 33.02 -1.35 -38.31
CA ARG O 326 33.68 -0.96 -39.55
C ARG O 326 35.17 -0.74 -39.35
N LYS O 327 35.52 0.14 -38.42
CA LYS O 327 36.93 0.37 -38.12
C LYS O 327 37.54 -0.76 -37.32
N MET O 328 36.74 -1.65 -36.75
CA MET O 328 37.27 -2.81 -36.08
C MET O 328 37.75 -3.83 -37.11
N ASN O 329 38.38 -4.88 -36.62
CA ASN O 329 39.20 -5.75 -37.46
C ASN O 329 38.76 -7.19 -37.23
N LEU O 330 37.71 -7.58 -37.95
CA LEU O 330 37.07 -8.88 -37.76
C LEU O 330 37.92 -9.97 -38.38
N THR O 331 37.76 -11.19 -37.88
CA THR O 331 38.72 -12.22 -38.27
C THR O 331 38.36 -12.84 -39.62
N ARG O 332 37.33 -13.70 -39.64
CA ARG O 332 36.58 -14.31 -40.75
C ARG O 332 35.59 -15.26 -40.11
N GLY O 333 34.70 -15.84 -40.93
CA GLY O 333 33.81 -16.89 -40.47
C GLY O 333 32.86 -16.48 -39.37
N ILE O 334 32.49 -15.21 -39.33
CA ILE O 334 31.84 -14.61 -38.18
C ILE O 334 30.44 -14.18 -38.58
N ASN O 335 29.46 -14.50 -37.74
CA ASN O 335 28.06 -14.25 -38.04
C ASN O 335 27.57 -13.13 -37.15
N LEU O 336 27.34 -11.97 -37.75
CA LEU O 336 26.84 -10.83 -37.00
C LEU O 336 25.35 -10.95 -36.72
N ARG O 337 24.65 -11.77 -37.51
CA ARG O 337 23.20 -11.87 -37.33
C ARG O 337 22.84 -12.57 -36.03
N LYS O 338 23.60 -13.60 -35.66
CA LYS O 338 23.28 -14.33 -34.43
C LYS O 338 23.58 -13.49 -33.20
N ILE O 339 24.49 -12.53 -33.33
CA ILE O 339 24.81 -11.66 -32.21
C ILE O 339 23.64 -10.74 -31.91
N ALA O 340 23.00 -10.19 -32.94
CA ALA O 340 21.83 -9.36 -32.75
C ALA O 340 20.63 -10.18 -32.32
N GLU O 341 20.63 -11.48 -32.63
CA GLU O 341 19.60 -12.38 -32.13
C GLU O 341 19.72 -12.59 -30.63
N LEU O 342 20.91 -12.38 -30.06
CA LEU O 342 21.13 -12.56 -28.64
C LEU O 342 20.70 -11.37 -27.79
N MET O 343 20.14 -10.31 -28.39
CA MET O 343 19.78 -9.10 -27.67
C MET O 343 18.29 -8.84 -27.81
N PRO O 344 17.46 -9.41 -26.96
CA PRO O 344 16.03 -9.09 -27.01
C PRO O 344 15.72 -7.76 -26.36
N GLY O 345 15.88 -6.67 -27.09
CA GLY O 345 15.50 -5.37 -26.57
C GLY O 345 16.68 -4.52 -26.16
N ALA O 346 17.72 -4.51 -26.98
CA ALA O 346 18.87 -3.66 -26.71
C ALA O 346 18.53 -2.20 -27.02
N SER O 347 19.44 -1.31 -26.63
CA SER O 347 19.24 0.10 -26.88
C SER O 347 19.87 0.56 -28.17
N GLY O 348 21.10 0.14 -28.44
CA GLY O 348 21.90 0.69 -29.50
C GLY O 348 23.04 1.54 -29.01
N ALA O 349 22.91 2.14 -27.83
CA ALA O 349 24.06 2.71 -27.16
C ALA O 349 24.90 1.62 -26.50
N GLU O 350 24.36 0.42 -26.38
CA GLU O 350 25.10 -0.71 -25.84
C GLU O 350 25.59 -1.68 -26.91
N VAL O 351 25.16 -1.49 -28.15
CA VAL O 351 25.80 -2.18 -29.27
C VAL O 351 27.23 -1.68 -29.42
N LYS O 352 27.46 -0.40 -29.13
CA LYS O 352 28.82 0.10 -28.99
C LYS O 352 29.56 -0.57 -27.86
N GLY O 353 28.86 -0.82 -26.74
CA GLY O 353 29.52 -1.41 -25.59
C GLY O 353 30.00 -2.81 -25.86
N VAL O 354 29.26 -3.56 -26.68
CA VAL O 354 29.72 -4.86 -27.13
C VAL O 354 30.95 -4.70 -28.01
N CYS O 355 30.95 -3.71 -28.88
CA CYS O 355 32.08 -3.50 -29.77
C CYS O 355 33.30 -3.00 -29.03
N THR O 356 33.11 -2.30 -27.91
CA THR O 356 34.28 -1.91 -27.13
C THR O 356 34.83 -3.06 -26.31
N GLU O 357 33.95 -3.87 -25.72
CA GLU O 357 34.42 -4.93 -24.84
C GLU O 357 35.00 -6.10 -25.62
N ALA O 358 34.48 -6.36 -26.82
CA ALA O 358 35.10 -7.38 -27.66
C ALA O 358 36.50 -6.95 -28.08
N GLY O 359 36.68 -5.67 -28.39
CA GLY O 359 38.01 -5.16 -28.63
C GLY O 359 38.84 -5.10 -27.37
N MET O 360 38.17 -5.01 -26.22
CA MET O 360 38.91 -4.98 -24.97
C MET O 360 39.44 -6.36 -24.61
N TYR O 361 38.70 -7.42 -24.96
CA TYR O 361 39.19 -8.78 -24.78
C TYR O 361 40.41 -9.06 -25.65
N ALA O 362 40.44 -8.50 -26.86
CA ALA O 362 41.62 -8.68 -27.69
C ALA O 362 42.79 -7.85 -27.19
N LEU O 363 42.52 -6.77 -26.45
CA LEU O 363 43.58 -5.88 -26.01
C LEU O 363 44.45 -6.53 -24.95
N ARG O 364 43.83 -7.17 -23.97
CA ARG O 364 44.56 -7.83 -22.89
C ARG O 364 45.40 -9.00 -23.37
N GLU O 365 45.10 -9.55 -24.54
CA GLU O 365 45.91 -10.59 -25.14
C GLU O 365 47.08 -10.06 -25.95
N ARG O 366 47.18 -8.74 -26.08
CA ARG O 366 48.03 -8.07 -27.05
C ARG O 366 47.83 -8.66 -28.45
N ARG O 367 46.56 -8.65 -28.86
CA ARG O 367 46.12 -9.36 -30.04
C ARG O 367 45.15 -8.43 -30.78
N VAL O 368 44.88 -8.73 -32.04
CA VAL O 368 43.97 -7.93 -32.84
C VAL O 368 42.80 -8.76 -33.37
N HIS O 369 42.81 -10.06 -33.11
CA HIS O 369 41.82 -10.96 -33.66
C HIS O 369 40.50 -10.84 -32.92
N VAL O 370 39.51 -11.60 -33.40
CA VAL O 370 38.22 -11.68 -32.72
C VAL O 370 37.64 -13.06 -33.05
N THR O 371 36.62 -13.49 -32.31
CA THR O 371 35.85 -14.68 -32.67
C THR O 371 34.38 -14.31 -32.57
N GLN O 372 33.53 -15.21 -33.05
CA GLN O 372 32.10 -15.08 -32.79
C GLN O 372 31.80 -15.36 -31.33
N GLU O 373 32.62 -16.19 -30.68
CA GLU O 373 32.41 -16.51 -29.28
C GLU O 373 32.68 -15.32 -28.37
N ASP O 374 33.58 -14.43 -28.78
CA ASP O 374 33.87 -13.23 -27.99
C ASP O 374 32.64 -12.34 -27.88
N PHE O 375 31.88 -12.25 -28.96
CA PHE O 375 30.61 -11.54 -28.90
C PHE O 375 29.59 -12.32 -28.09
N GLU O 376 29.68 -13.65 -28.12
CA GLU O 376 28.76 -14.46 -27.33
C GLU O 376 29.02 -14.29 -25.84
N MET O 377 30.24 -13.93 -25.47
CA MET O 377 30.52 -13.56 -24.10
C MET O 377 30.13 -12.13 -23.81
N ALA O 378 30.29 -11.23 -24.77
CA ALA O 378 30.08 -9.82 -24.50
C ALA O 378 28.61 -9.45 -24.41
N VAL O 379 27.74 -10.21 -25.09
CA VAL O 379 26.30 -9.93 -25.00
C VAL O 379 25.78 -10.23 -23.61
N ALA O 380 26.12 -11.41 -23.08
CA ALA O 380 25.72 -11.77 -21.74
C ALA O 380 26.39 -10.92 -20.67
N LYS O 381 27.51 -10.28 -21.00
CA LYS O 381 28.11 -9.35 -20.06
C LYS O 381 27.32 -8.05 -19.99
N VAL O 382 26.91 -7.52 -21.15
CA VAL O 382 26.17 -6.27 -21.18
C VAL O 382 24.75 -6.47 -20.63
N MET O 383 24.08 -7.52 -21.09
CA MET O 383 22.76 -7.85 -20.55
C MET O 383 22.88 -8.25 -19.09
N GLN O 384 22.12 -7.58 -18.24
CA GLN O 384 22.24 -7.74 -16.80
C GLN O 384 20.88 -7.60 -16.14
N LYS O 385 20.60 -8.51 -15.22
CA LYS O 385 19.28 -8.63 -14.62
C LYS O 385 19.37 -8.38 -13.13
N ASP O 386 18.20 -8.34 -12.49
CA ASP O 386 18.10 -8.27 -11.04
C ASP O 386 18.34 -9.61 -10.36
N SER O 387 17.99 -10.71 -11.04
CA SER O 387 18.02 -12.07 -10.49
C SER O 387 17.20 -12.16 -9.21
N GLU O 388 15.89 -11.93 -9.36
CA GLU O 388 14.91 -11.85 -8.28
C GLU O 388 14.88 -13.11 -7.43
N LYS O 389 15.21 -12.96 -6.14
CA LYS O 389 15.44 -14.12 -5.31
C LYS O 389 14.16 -14.56 -4.62
N ASN O 390 14.27 -15.72 -3.98
CA ASN O 390 13.42 -16.43 -3.03
C ASN O 390 12.15 -16.99 -3.62
N MET O 391 11.74 -16.53 -4.81
CA MET O 391 10.60 -16.99 -5.60
C MET O 391 9.25 -16.73 -4.90
N SER O 392 9.25 -16.29 -3.65
CA SER O 392 8.05 -16.09 -2.87
C SER O 392 7.35 -14.84 -3.37
N ILE O 393 8.12 -13.82 -3.72
CA ILE O 393 7.55 -12.63 -4.33
C ILE O 393 6.98 -12.97 -5.70
N LYS O 394 7.69 -13.80 -6.45
CA LYS O 394 7.32 -14.05 -7.84
C LYS O 394 6.14 -14.99 -7.94
N LYS O 395 5.79 -15.66 -6.85
CA LYS O 395 4.79 -16.70 -6.96
C LYS O 395 3.63 -16.48 -6.01
N LEU O 396 3.82 -15.58 -5.03
CA LEU O 396 2.69 -14.81 -4.53
C LEU O 396 1.94 -14.20 -5.69
N TRP O 397 2.69 -13.56 -6.56
CA TRP O 397 2.17 -12.87 -7.72
C TRP O 397 2.27 -13.72 -8.97
N LYS O 398 1.34 -14.66 -9.15
CA LYS O 398 1.28 -15.42 -10.37
C LYS O 398 0.39 -14.63 -11.31
N ASP P 39 79.57 65.39 -80.09
CA ASP P 39 78.80 64.50 -79.23
C ASP P 39 79.70 63.57 -78.44
N LEU P 40 80.85 63.23 -79.01
CA LEU P 40 81.70 62.20 -78.42
C LEU P 40 82.41 62.68 -77.16
N TYR P 41 82.51 63.98 -76.96
CA TYR P 41 83.03 64.49 -75.70
C TYR P 41 81.92 64.81 -74.71
N SER P 42 80.81 65.34 -75.22
CA SER P 42 79.69 65.72 -74.38
C SER P 42 79.01 64.53 -73.73
N ARG P 43 79.00 63.37 -74.39
CA ARG P 43 78.48 62.17 -73.75
C ARG P 43 79.36 61.74 -72.59
N TYR P 44 80.67 61.99 -72.71
CA TYR P 44 81.62 61.48 -71.73
C TYR P 44 81.53 62.23 -70.41
N LYS P 45 81.29 63.54 -70.46
CA LYS P 45 81.16 64.29 -69.23
C LYS P 45 79.82 64.01 -68.54
N LYS P 46 78.76 63.81 -69.34
CA LYS P 46 77.44 63.55 -68.77
C LYS P 46 77.39 62.20 -68.08
N LEU P 47 78.22 61.25 -68.52
CA LEU P 47 78.32 59.99 -67.78
C LEU P 47 79.04 60.19 -66.47
N GLN P 48 80.03 61.09 -66.43
CA GLN P 48 80.76 61.34 -65.18
C GLN P 48 79.88 62.03 -64.15
N GLN P 49 79.10 63.02 -64.58
CA GLN P 49 78.28 63.80 -63.66
C GLN P 49 77.21 62.94 -63.02
N GLU P 50 76.56 62.08 -63.82
CA GLU P 50 75.59 61.15 -63.26
C GLU P 50 76.25 60.13 -62.35
N LEU P 51 77.46 59.69 -62.70
CA LEU P 51 78.18 58.71 -61.88
C LEU P 51 78.56 59.30 -60.54
N GLU P 52 78.97 60.57 -60.52
CA GLU P 52 79.24 61.23 -59.26
C GLU P 52 77.98 61.39 -58.43
N PHE P 53 76.86 61.63 -59.10
CA PHE P 53 75.60 61.83 -58.39
C PHE P 53 75.10 60.54 -57.77
N LEU P 54 74.98 59.46 -58.55
CA LEU P 54 74.35 58.28 -57.96
C LEU P 54 75.32 57.47 -57.11
N GLU P 55 76.56 57.93 -56.93
CA GLU P 55 77.36 57.46 -55.81
C GLU P 55 76.97 58.16 -54.52
N VAL P 56 76.51 59.40 -54.62
CA VAL P 56 76.08 60.11 -53.42
C VAL P 56 74.73 59.56 -52.94
N GLN P 57 73.85 59.22 -53.87
CA GLN P 57 72.52 58.77 -53.44
C GLN P 57 72.56 57.36 -52.88
N GLU P 58 73.48 56.52 -53.34
CA GLU P 58 73.63 55.22 -52.69
C GLU P 58 74.32 55.33 -51.34
N GLU P 59 75.02 56.43 -51.12
CA GLU P 59 75.72 56.60 -49.85
C GLU P 59 74.75 56.89 -48.72
N TYR P 60 73.93 57.94 -48.86
CA TYR P 60 73.12 58.33 -47.70
C TYR P 60 71.94 57.41 -47.48
N ILE P 61 71.46 56.72 -48.50
CA ILE P 61 70.42 55.73 -48.30
C ILE P 61 70.94 54.57 -47.47
N LYS P 62 72.18 54.14 -47.75
CA LYS P 62 72.87 53.22 -46.86
C LYS P 62 73.12 53.82 -45.49
N ASP P 63 73.29 55.15 -45.42
CA ASP P 63 73.42 55.82 -44.14
C ASP P 63 72.06 55.96 -43.45
N GLU P 64 71.02 56.30 -44.21
CA GLU P 64 69.71 56.53 -43.62
C GLU P 64 69.12 55.24 -43.08
N GLN P 65 69.30 54.15 -43.80
CA GLN P 65 68.77 52.86 -43.37
C GLN P 65 69.43 52.38 -42.09
N LYS P 66 70.70 52.76 -41.88
CA LYS P 66 71.34 52.50 -40.59
C LYS P 66 70.71 53.34 -39.50
N ASN P 67 70.52 54.63 -39.75
CA ASN P 67 69.98 55.54 -38.74
C ASN P 67 68.50 55.33 -38.51
N LEU P 68 67.82 54.65 -39.42
CA LEU P 68 66.40 54.39 -39.28
C LEU P 68 66.12 53.20 -38.38
N LYS P 69 67.09 52.30 -38.23
CA LYS P 69 66.90 51.13 -37.38
C LYS P 69 66.85 51.49 -35.90
N LYS P 70 67.46 52.60 -35.51
CA LYS P 70 67.48 52.98 -34.10
C LYS P 70 66.09 53.35 -33.62
N GLU P 71 65.37 54.13 -34.42
CA GLU P 71 64.00 54.50 -34.06
C GLU P 71 63.07 53.30 -34.13
N PHE P 72 63.41 52.33 -34.97
CA PHE P 72 62.65 51.08 -35.02
C PHE P 72 62.80 50.30 -33.72
N LEU P 73 63.97 50.39 -33.09
CA LEU P 73 64.16 49.72 -31.81
C LEU P 73 63.54 50.52 -30.68
N HIS P 74 63.49 51.85 -30.81
CA HIS P 74 62.73 52.65 -29.85
C HIS P 74 61.25 52.33 -29.91
N ALA P 75 60.75 52.02 -31.11
CA ALA P 75 59.32 51.76 -31.25
C ALA P 75 58.94 50.42 -30.63
N GLN P 76 59.76 49.39 -30.86
CA GLN P 76 59.45 48.08 -30.30
C GLN P 76 59.59 48.06 -28.79
N GLU P 77 60.48 48.88 -28.24
CA GLU P 77 60.60 48.95 -26.79
C GLU P 77 59.36 49.58 -26.18
N GLU P 78 58.92 50.71 -26.73
CA GLU P 78 57.78 51.42 -26.17
C GLU P 78 56.48 50.65 -26.33
N VAL P 79 56.37 49.89 -27.42
CA VAL P 79 55.26 48.95 -27.55
C VAL P 79 55.36 47.84 -26.50
N LYS P 80 56.58 47.38 -26.22
CA LYS P 80 56.77 46.31 -25.25
C LYS P 80 56.43 46.76 -23.83
N ARG P 81 56.83 47.97 -23.45
CA ARG P 81 56.66 48.40 -22.07
C ARG P 81 55.37 49.16 -21.85
N ILE P 82 54.36 48.94 -22.69
CA ILE P 82 53.02 49.41 -22.38
C ILE P 82 52.22 48.35 -21.65
N GLN P 83 52.71 47.13 -21.60
CA GLN P 83 51.95 46.03 -21.05
C GLN P 83 52.43 45.55 -19.69
N SER P 84 53.70 45.72 -19.37
CA SER P 84 54.19 45.37 -18.04
C SER P 84 53.80 46.49 -17.09
N ILE P 85 52.65 46.33 -16.42
CA ILE P 85 52.01 47.41 -15.68
C ILE P 85 50.93 46.73 -14.82
N PRO P 86 50.41 47.37 -13.77
CA PRO P 86 49.19 46.82 -13.14
C PRO P 86 47.95 46.97 -14.02
N LEU P 87 47.79 45.99 -14.90
CA LEU P 87 46.63 45.88 -15.77
C LEU P 87 45.35 45.63 -14.98
N VAL P 88 44.25 46.13 -15.51
CA VAL P 88 42.93 45.75 -15.01
C VAL P 88 42.40 44.66 -15.94
N ILE P 89 41.45 43.87 -15.45
CA ILE P 89 40.96 42.71 -16.17
C ILE P 89 39.48 42.91 -16.46
N GLY P 90 39.15 42.92 -17.75
CA GLY P 90 37.76 42.86 -18.15
C GLY P 90 37.57 41.63 -19.00
N GLN P 91 36.42 41.50 -19.64
CA GLN P 91 36.16 40.36 -20.51
C GLN P 91 35.84 40.88 -21.90
N PHE P 92 36.35 40.17 -22.90
CA PHE P 92 36.09 40.53 -24.29
C PHE P 92 34.63 40.31 -24.62
N LEU P 93 34.04 41.26 -25.34
CA LEU P 93 32.62 41.16 -25.65
C LEU P 93 32.37 40.98 -27.13
N GLU P 94 32.77 41.93 -27.98
CA GLU P 94 32.50 41.87 -29.40
C GLU P 94 33.60 42.58 -30.15
N ALA P 95 33.80 42.16 -31.40
CA ALA P 95 34.82 42.71 -32.26
C ALA P 95 34.15 43.40 -33.43
N VAL P 96 34.39 44.71 -33.56
CA VAL P 96 33.83 45.44 -34.70
C VAL P 96 34.52 45.02 -35.99
N ASP P 97 35.83 45.25 -36.05
CA ASP P 97 36.55 45.12 -37.30
C ASP P 97 37.99 44.75 -36.98
N GLN P 98 38.88 44.98 -37.93
CA GLN P 98 40.30 44.99 -37.66
C GLN P 98 40.61 46.06 -36.61
N ASN P 99 41.51 45.70 -35.69
CA ASN P 99 42.14 46.46 -34.61
C ASN P 99 41.26 47.41 -33.81
N THR P 100 39.97 47.11 -33.66
CA THR P 100 39.12 47.86 -32.74
C THR P 100 37.98 46.93 -32.32
N ALA P 101 37.57 46.99 -31.06
CA ALA P 101 36.59 46.06 -30.54
C ALA P 101 35.88 46.62 -29.31
N ILE P 102 34.86 45.88 -28.85
CA ILE P 102 34.11 46.21 -27.65
C ILE P 102 34.60 45.28 -26.56
N VAL P 103 34.98 45.84 -25.42
CA VAL P 103 35.25 45.05 -24.23
C VAL P 103 34.53 45.67 -23.06
N GLY P 104 34.06 44.81 -22.16
CA GLY P 104 33.44 45.24 -20.92
C GLY P 104 34.35 44.93 -19.76
N SER P 105 34.52 45.90 -18.88
CA SER P 105 35.42 45.74 -17.75
C SER P 105 34.73 45.01 -16.61
N THR P 106 35.52 44.57 -15.65
CA THR P 106 34.99 44.10 -14.39
C THR P 106 34.86 45.21 -13.35
N THR P 107 34.90 46.46 -13.80
CA THR P 107 34.40 47.58 -13.03
C THR P 107 32.95 47.89 -13.34
N GLY P 108 32.30 47.06 -14.16
CA GLY P 108 31.12 47.48 -14.86
C GLY P 108 31.52 48.43 -15.96
N SER P 109 30.53 49.16 -16.47
CA SER P 109 30.70 50.31 -17.38
C SER P 109 31.44 49.89 -18.65
N ASN P 110 30.73 49.11 -19.47
CA ASN P 110 31.18 48.61 -20.76
C ASN P 110 31.83 49.70 -21.61
N TYR P 111 32.91 49.35 -22.32
CA TYR P 111 33.67 50.35 -23.08
C TYR P 111 33.80 50.03 -24.55
N TYR P 112 34.55 50.86 -25.26
CA TYR P 112 34.83 50.65 -26.68
C TYR P 112 36.18 51.26 -26.99
N VAL P 113 37.20 50.42 -27.18
CA VAL P 113 38.58 50.86 -27.27
C VAL P 113 39.24 50.20 -28.48
N ARG P 114 40.43 50.70 -28.80
CA ARG P 114 41.28 50.09 -29.79
C ARG P 114 41.97 48.87 -29.21
N ILE P 115 42.39 47.97 -30.08
CA ILE P 115 43.09 46.76 -29.66
C ILE P 115 44.43 46.76 -30.38
N LEU P 116 45.34 45.89 -29.95
CA LEU P 116 46.69 45.94 -30.46
C LEU P 116 46.88 45.34 -31.85
N SER P 117 48.13 45.17 -32.24
CA SER P 117 48.51 44.41 -33.41
C SER P 117 49.32 43.19 -33.03
N THR P 118 49.55 42.97 -31.74
CA THR P 118 50.36 41.87 -31.25
C THR P 118 49.56 40.58 -31.13
N ILE P 119 48.35 40.68 -30.59
CA ILE P 119 47.53 39.51 -30.28
C ILE P 119 47.03 38.89 -31.57
N ASP P 120 47.25 37.58 -31.71
CA ASP P 120 46.59 36.84 -32.77
C ASP P 120 45.10 36.79 -32.49
N ARG P 121 44.29 37.20 -33.47
CA ARG P 121 42.88 37.50 -33.23
C ARG P 121 42.01 36.26 -33.09
N GLU P 122 42.58 35.05 -33.12
CA GLU P 122 41.82 33.83 -32.97
C GLU P 122 41.70 33.38 -31.52
N LEU P 123 41.87 34.29 -30.57
CA LEU P 123 41.73 33.99 -29.16
C LEU P 123 40.68 34.88 -28.51
N LEU P 124 39.74 35.36 -29.31
CA LEU P 124 38.76 36.36 -28.91
C LEU P 124 37.38 35.95 -29.38
N LYS P 125 36.97 34.72 -29.04
CA LYS P 125 36.00 34.01 -29.87
C LYS P 125 34.58 34.62 -29.78
N PRO P 126 33.76 34.48 -28.69
CA PRO P 126 33.06 35.69 -28.22
C PRO P 126 33.61 36.18 -26.90
N ASN P 127 34.40 35.35 -26.24
CA ASN P 127 34.62 35.49 -24.81
C ASN P 127 36.04 35.10 -24.46
N ALA P 128 36.67 35.96 -23.67
CA ALA P 128 37.97 35.72 -23.06
C ALA P 128 38.14 36.80 -22.01
N SER P 129 38.71 36.42 -20.87
CA SER P 129 39.19 37.42 -19.94
C SER P 129 40.40 38.10 -20.56
N VAL P 130 40.40 39.43 -20.54
CA VAL P 130 41.40 40.20 -21.24
C VAL P 130 42.04 41.21 -20.29
N ALA P 131 43.19 41.70 -20.71
CA ALA P 131 43.96 42.66 -19.93
C ALA P 131 43.82 44.04 -20.54
N LEU P 132 43.64 45.03 -19.69
CA LEU P 132 43.34 46.38 -20.14
C LEU P 132 44.21 47.39 -19.40
N HIS P 133 44.67 48.39 -20.14
CA HIS P 133 45.37 49.52 -19.54
C HIS P 133 44.39 50.30 -18.67
N LYS P 134 44.94 51.03 -17.69
CA LYS P 134 44.10 51.85 -16.84
C LYS P 134 43.53 53.05 -17.59
N HIS P 135 44.41 53.91 -18.09
CA HIS P 135 43.94 55.18 -18.63
C HIS P 135 43.52 55.05 -20.09
N SER P 136 44.41 54.53 -20.93
CA SER P 136 44.10 54.45 -22.34
C SER P 136 43.08 53.37 -22.63
N ASN P 137 42.98 52.40 -21.73
CA ASN P 137 41.89 51.43 -21.62
C ASN P 137 41.86 50.44 -22.78
N ALA P 138 42.88 50.43 -23.62
CA ALA P 138 42.92 49.59 -24.81
C ALA P 138 43.16 48.13 -24.45
N LEU P 139 42.90 47.24 -25.40
CA LEU P 139 43.33 45.85 -25.20
C LEU P 139 44.83 45.76 -25.17
N VAL P 140 45.30 44.96 -24.25
CA VAL P 140 46.72 44.87 -23.94
C VAL P 140 47.15 43.43 -24.12
N ASP P 141 46.42 42.51 -23.49
CA ASP P 141 46.79 41.10 -23.59
C ASP P 141 45.55 40.24 -23.37
N VAL P 142 45.59 39.04 -23.93
CA VAL P 142 44.59 38.01 -23.71
C VAL P 142 45.11 37.06 -22.64
N LEU P 143 44.32 36.85 -21.60
CA LEU P 143 44.69 35.91 -20.56
C LEU P 143 44.62 34.49 -21.09
N PRO P 144 45.33 33.55 -20.47
CA PRO P 144 45.12 32.13 -20.78
C PRO P 144 43.71 31.71 -20.39
N PRO P 145 43.10 30.83 -21.20
CA PRO P 145 41.72 30.36 -20.95
C PRO P 145 41.52 29.81 -19.55
N GLU P 146 40.29 29.92 -19.03
CA GLU P 146 39.98 29.43 -17.70
C GLU P 146 41.24 29.26 -16.87
N ALA P 147 41.83 30.37 -16.43
CA ALA P 147 43.05 30.34 -15.63
C ALA P 147 42.72 30.30 -14.14
N ASP P 148 41.44 30.36 -13.82
CA ASP P 148 41.00 30.32 -12.43
C ASP P 148 39.71 29.52 -12.29
N SER P 149 38.60 30.13 -12.69
CA SER P 149 37.28 29.49 -12.63
C SER P 149 37.00 28.88 -11.26
N SER P 150 37.36 27.62 -11.08
CA SER P 150 37.13 26.93 -9.82
C SER P 150 38.42 26.50 -9.14
N ILE P 151 39.55 26.82 -9.78
CA ILE P 151 40.92 26.50 -9.30
C ILE P 151 41.07 25.15 -8.58
N MET P 152 41.00 24.07 -9.35
CA MET P 152 41.10 22.74 -8.76
C MET P 152 42.18 21.88 -9.43
N MET P 153 43.43 22.11 -9.04
CA MET P 153 44.55 21.33 -9.58
C MET P 153 45.32 20.69 -8.41
N LEU P 154 45.18 19.38 -8.25
CA LEU P 154 45.88 18.69 -7.16
C LEU P 154 47.28 18.37 -7.63
N THR P 155 48.23 19.19 -7.20
CA THR P 155 49.61 19.06 -7.64
C THR P 155 50.52 19.14 -6.44
N SER P 156 51.23 18.04 -6.15
CA SER P 156 52.47 18.03 -5.37
C SER P 156 52.32 18.61 -3.97
N ASP P 157 51.67 17.87 -3.07
CA ASP P 157 51.22 18.37 -1.76
C ASP P 157 50.22 19.52 -1.96
N GLN P 158 49.01 19.15 -2.38
CA GLN P 158 48.46 17.82 -2.13
C GLN P 158 48.45 16.87 -3.32
N LYS P 159 48.88 15.62 -3.05
CA LYS P 159 48.87 14.48 -3.97
C LYS P 159 49.12 13.24 -3.08
N PRO P 160 49.22 12.00 -3.58
CA PRO P 160 48.35 10.93 -3.05
C PRO P 160 48.62 10.45 -1.62
N ASP P 161 49.89 10.48 -1.18
CA ASP P 161 50.39 9.75 0.01
C ASP P 161 50.05 8.25 -0.08
N VAL P 162 50.18 7.66 -1.27
CA VAL P 162 49.92 6.24 -1.46
C VAL P 162 50.66 5.80 -2.72
N MET P 163 50.81 4.49 -2.89
CA MET P 163 51.34 3.94 -4.14
C MET P 163 50.47 2.80 -4.64
N TYR P 164 50.83 2.27 -5.82
CA TYR P 164 49.95 1.35 -6.55
C TYR P 164 49.94 -0.04 -5.93
N ALA P 165 51.08 -0.49 -5.42
CA ALA P 165 51.19 -1.82 -4.86
C ALA P 165 50.77 -1.89 -3.40
N ASP P 166 50.28 -0.79 -2.84
CA ASP P 166 49.88 -0.76 -1.44
C ASP P 166 48.59 -1.51 -1.20
N ILE P 167 47.74 -1.60 -2.20
CA ILE P 167 46.47 -2.32 -2.11
C ILE P 167 46.74 -3.79 -2.29
N GLY P 168 46.20 -4.61 -1.39
CA GLY P 168 46.36 -6.04 -1.47
C GLY P 168 45.11 -6.70 -1.98
N GLY P 169 45.25 -7.41 -3.11
CA GLY P 169 44.30 -8.43 -3.47
C GLY P 169 43.20 -8.04 -4.42
N MET P 170 43.22 -6.83 -4.97
CA MET P 170 42.20 -6.42 -5.92
C MET P 170 42.72 -6.63 -7.34
N ASP P 171 42.95 -7.90 -7.67
CA ASP P 171 43.72 -8.23 -8.87
C ASP P 171 42.93 -7.98 -10.13
N ILE P 172 41.66 -8.38 -10.15
CA ILE P 172 40.80 -8.08 -11.29
C ILE P 172 40.53 -6.59 -11.36
N GLN P 173 40.27 -5.97 -10.21
CA GLN P 173 39.69 -4.64 -10.21
C GLN P 173 40.75 -3.57 -10.41
N LYS P 174 42.00 -3.80 -9.99
CA LYS P 174 43.06 -2.86 -10.31
C LYS P 174 43.34 -2.85 -11.80
N GLN P 175 43.19 -4.00 -12.45
CA GLN P 175 43.43 -4.07 -13.89
C GLN P 175 42.31 -3.40 -14.66
N GLU P 176 41.09 -3.46 -14.16
CA GLU P 176 39.93 -3.00 -14.91
C GLU P 176 39.87 -1.48 -14.94
N VAL P 177 40.20 -0.83 -13.82
CA VAL P 177 40.30 0.62 -13.79
C VAL P 177 41.47 1.08 -14.64
N ARG P 178 42.54 0.28 -14.67
CA ARG P 178 43.75 0.62 -15.40
C ARG P 178 43.49 0.62 -16.91
N GLU P 179 42.56 -0.21 -17.37
CA GLU P 179 42.20 -0.21 -18.78
C GLU P 179 41.51 1.08 -19.18
N ALA P 180 40.68 1.62 -18.30
CA ALA P 180 39.84 2.74 -18.68
C ALA P 180 40.54 4.07 -18.50
N VAL P 181 41.49 4.15 -17.58
CA VAL P 181 42.06 5.43 -17.15
C VAL P 181 43.55 5.50 -17.44
N GLU P 182 44.32 4.56 -16.91
CA GLU P 182 45.77 4.66 -16.97
C GLU P 182 46.30 4.33 -18.36
N LEU P 183 45.87 3.22 -18.92
CA LEU P 183 46.36 2.71 -20.18
C LEU P 183 46.13 3.59 -21.42
N PRO P 184 44.93 4.13 -21.70
CA PRO P 184 44.76 4.88 -22.96
C PRO P 184 45.49 6.20 -23.00
N LEU P 185 45.96 6.68 -21.85
CA LEU P 185 46.80 7.85 -21.85
C LEU P 185 48.18 7.55 -22.41
N THR P 186 48.72 6.37 -22.15
CA THR P 186 50.08 6.03 -22.60
C THR P 186 50.03 5.28 -23.92
N HIS P 187 49.38 4.13 -23.93
CA HIS P 187 49.37 3.26 -25.10
C HIS P 187 48.10 3.49 -25.89
N PHE P 188 47.93 4.75 -26.31
CA PHE P 188 46.76 5.15 -27.06
C PHE P 188 46.72 4.51 -28.44
N GLU P 189 47.88 4.13 -28.99
CA GLU P 189 47.93 3.53 -30.30
C GLU P 189 47.39 2.12 -30.33
N LEU P 190 47.36 1.44 -29.19
CA LEU P 190 46.80 0.10 -29.14
C LEU P 190 45.31 0.13 -29.42
N TYR P 191 44.62 1.16 -28.93
CA TYR P 191 43.22 1.33 -29.25
C TYR P 191 43.04 1.75 -30.70
N LYS P 192 43.95 2.58 -31.21
CA LYS P 192 43.87 3.01 -32.60
C LYS P 192 44.18 1.87 -33.55
N GLN P 193 44.98 0.91 -33.10
CA GLN P 193 45.30 -0.24 -33.92
C GLN P 193 44.09 -1.14 -34.14
N ILE P 194 43.18 -1.16 -33.19
CA ILE P 194 42.01 -2.02 -33.29
C ILE P 194 40.82 -1.16 -33.67
N GLY P 195 40.86 0.12 -33.30
CA GLY P 195 39.74 1.00 -33.59
C GLY P 195 38.61 0.80 -32.60
N ILE P 196 38.85 1.14 -31.33
CA ILE P 196 37.96 0.74 -30.26
C ILE P 196 37.09 1.89 -29.75
N ASP P 197 37.62 3.13 -29.70
CA ASP P 197 37.13 4.23 -28.86
C ASP P 197 37.13 3.75 -27.41
N PRO P 198 38.27 3.88 -26.74
CA PRO P 198 38.42 3.32 -25.39
C PRO P 198 37.43 3.94 -24.42
N PRO P 199 37.07 3.20 -23.36
CA PRO P 199 35.93 3.62 -22.52
C PRO P 199 36.19 4.90 -21.76
N ARG P 200 35.08 5.52 -21.36
CA ARG P 200 35.06 6.92 -20.96
C ARG P 200 34.74 7.12 -19.50
N GLY P 201 33.84 6.32 -18.92
CA GLY P 201 33.44 6.50 -17.54
C GLY P 201 33.38 5.18 -16.81
N VAL P 202 33.44 5.28 -15.47
CA VAL P 202 33.57 4.09 -14.64
C VAL P 202 32.82 4.31 -13.33
N LEU P 203 32.03 3.31 -12.94
CA LEU P 203 31.26 3.34 -11.70
C LEU P 203 31.75 2.24 -10.78
N MET P 204 32.04 2.60 -9.54
CA MET P 204 32.50 1.66 -8.53
C MET P 204 31.44 1.58 -7.44
N TYR P 205 31.13 0.37 -7.00
CA TYR P 205 30.09 0.22 -6.01
C TYR P 205 30.32 -1.02 -5.18
N GLY P 206 30.06 -0.89 -3.88
CA GLY P 206 30.21 -1.98 -2.96
C GLY P 206 29.89 -1.56 -1.53
N PRO P 207 29.96 -2.51 -0.60
CA PRO P 207 29.77 -2.17 0.80
C PRO P 207 30.90 -1.30 1.30
N PRO P 208 30.64 -0.43 2.29
CA PRO P 208 31.62 0.61 2.62
C PRO P 208 32.84 0.05 3.33
N GLY P 209 33.99 0.63 3.03
CA GLY P 209 35.24 0.18 3.59
C GLY P 209 35.88 -0.94 2.83
N CYS P 210 35.74 -0.99 1.51
CA CYS P 210 36.30 -2.05 0.71
C CYS P 210 37.22 -1.50 -0.37
N GLY P 211 37.93 -0.43 -0.04
CA GLY P 211 39.04 0.00 -0.87
C GLY P 211 38.66 0.84 -2.07
N LYS P 212 37.60 1.63 -1.97
CA LYS P 212 37.16 2.38 -3.14
C LYS P 212 37.92 3.68 -3.26
N THR P 213 37.88 4.48 -2.19
CA THR P 213 38.61 5.73 -2.13
C THR P 213 40.11 5.48 -2.18
N MET P 214 40.56 4.36 -1.63
CA MET P 214 41.98 4.02 -1.63
C MET P 214 42.48 3.77 -3.04
N LEU P 215 41.68 3.10 -3.86
CA LEU P 215 42.07 2.84 -5.24
C LEU P 215 42.10 4.13 -6.05
N ALA P 216 41.17 5.04 -5.75
CA ALA P 216 41.15 6.32 -6.45
C ALA P 216 42.37 7.16 -6.07
N LYS P 217 42.90 6.97 -4.87
CA LYS P 217 44.12 7.66 -4.51
C LYS P 217 45.32 7.10 -5.28
N ALA P 218 45.30 5.81 -5.56
CA ALA P 218 46.45 5.18 -6.21
C ALA P 218 46.52 5.54 -7.68
N VAL P 219 45.37 5.76 -8.31
CA VAL P 219 45.35 6.24 -9.69
C VAL P 219 45.91 7.65 -9.76
N ALA P 220 45.59 8.48 -8.76
CA ALA P 220 46.12 9.83 -8.70
C ALA P 220 47.60 9.88 -8.37
N HIS P 221 48.20 8.78 -7.93
CA HIS P 221 49.64 8.75 -7.79
C HIS P 221 50.30 8.68 -9.15
N HIS P 222 50.04 7.59 -9.85
CA HIS P 222 50.80 7.23 -11.03
C HIS P 222 50.18 7.75 -12.30
N THR P 223 49.31 8.76 -12.21
CA THR P 223 48.84 9.41 -13.41
C THR P 223 49.73 10.59 -13.75
N THR P 224 49.71 10.97 -15.02
CA THR P 224 50.41 12.16 -15.50
C THR P 224 49.42 13.14 -16.09
N ALA P 225 48.23 13.19 -15.52
CA ALA P 225 47.14 13.98 -16.02
C ALA P 225 46.79 15.08 -15.03
N ALA P 226 45.92 15.99 -15.45
CA ALA P 226 45.39 17.01 -14.56
C ALA P 226 44.24 16.36 -13.79
N PHE P 227 44.41 16.21 -12.49
CA PHE P 227 43.43 15.51 -11.67
C PHE P 227 42.60 16.49 -10.86
N ILE P 228 41.29 16.26 -10.84
CA ILE P 228 40.34 17.15 -10.19
C ILE P 228 39.43 16.32 -9.31
N ARG P 229 39.41 16.61 -8.02
CA ARG P 229 38.57 15.90 -7.08
C ARG P 229 37.28 16.68 -6.88
N VAL P 230 36.17 15.97 -6.82
CA VAL P 230 34.88 16.56 -6.52
C VAL P 230 34.19 15.63 -5.54
N VAL P 231 33.53 16.19 -4.55
CA VAL P 231 32.60 15.43 -3.73
C VAL P 231 31.21 15.76 -4.22
N GLY P 232 30.31 14.79 -4.19
CA GLY P 232 29.00 15.01 -4.75
C GLY P 232 28.02 15.80 -3.91
N SER P 233 28.49 16.83 -3.20
CA SER P 233 27.61 17.65 -2.40
C SER P 233 27.88 19.14 -2.49
N GLU P 234 29.07 19.57 -2.85
CA GLU P 234 29.35 21.00 -2.79
C GLU P 234 28.84 21.75 -4.01
N PHE P 235 28.31 21.08 -5.01
CA PHE P 235 27.70 21.79 -6.13
C PHE P 235 26.19 21.64 -6.13
N VAL P 236 25.60 21.50 -4.95
CA VAL P 236 24.21 21.87 -4.71
C VAL P 236 24.21 22.86 -3.55
N GLN P 237 23.77 24.08 -3.81
CA GLN P 237 24.02 25.13 -2.83
C GLN P 237 22.93 26.20 -2.92
N LYS P 238 23.26 27.39 -2.39
CA LYS P 238 22.29 28.37 -1.92
C LYS P 238 21.38 28.88 -3.03
N TYR P 239 21.96 29.54 -4.01
CA TYR P 239 21.15 30.37 -4.90
C TYR P 239 20.61 29.57 -6.07
N LEU P 240 19.67 30.19 -6.78
CA LEU P 240 18.98 29.53 -7.86
C LEU P 240 19.86 29.47 -9.09
N GLY P 241 19.97 28.28 -9.68
CA GLY P 241 20.83 28.09 -10.83
C GLY P 241 22.31 28.13 -10.53
N GLU P 242 22.67 28.12 -9.25
CA GLU P 242 24.06 28.24 -8.86
C GLU P 242 24.79 26.92 -9.00
N GLY P 243 24.12 25.83 -8.63
CA GLY P 243 24.62 24.48 -8.75
C GLY P 243 25.07 24.07 -10.13
N PRO P 244 24.18 24.10 -11.13
CA PRO P 244 24.60 23.71 -12.48
C PRO P 244 25.64 24.61 -13.12
N ARG P 245 25.84 25.82 -12.63
CA ARG P 245 26.94 26.60 -13.16
C ARG P 245 28.28 26.05 -12.66
N MET P 246 28.31 25.48 -11.46
CA MET P 246 29.52 24.82 -10.99
C MET P 246 29.81 23.55 -11.77
N VAL P 247 28.78 22.89 -12.29
CA VAL P 247 28.99 21.76 -13.18
C VAL P 247 29.60 22.24 -14.48
N ARG P 248 29.17 23.41 -14.95
CA ARG P 248 29.77 24.01 -16.13
C ARG P 248 31.21 24.41 -15.88
N ASP P 249 31.53 24.80 -14.65
CA ASP P 249 32.87 25.25 -14.34
C ASP P 249 33.86 24.09 -14.36
N VAL P 250 33.40 22.90 -14.00
CA VAL P 250 34.30 21.76 -13.95
C VAL P 250 34.62 21.28 -15.36
N PHE P 251 33.60 21.03 -16.17
CA PHE P 251 33.83 20.41 -17.46
C PHE P 251 34.46 21.35 -18.46
N ARG P 252 34.30 22.67 -18.29
CA ARG P 252 35.09 23.57 -19.11
C ARG P 252 36.55 23.53 -18.69
N LEU P 253 36.81 23.45 -17.39
CA LEU P 253 38.17 23.42 -16.90
C LEU P 253 38.91 22.16 -17.32
N ALA P 254 38.20 21.04 -17.42
CA ALA P 254 38.85 19.82 -17.86
C ALA P 254 39.08 19.81 -19.36
N LYS P 255 38.10 20.32 -20.12
CA LYS P 255 38.23 20.38 -21.57
C LYS P 255 39.30 21.37 -21.98
N GLU P 256 39.43 22.47 -21.25
CA GLU P 256 40.50 23.43 -21.52
C GLU P 256 41.87 22.84 -21.21
N ASN P 257 41.96 21.99 -20.21
CA ASN P 257 43.24 21.44 -19.80
C ASN P 257 43.60 20.25 -20.69
N ALA P 258 44.53 19.45 -20.23
CA ALA P 258 45.10 18.29 -20.89
C ALA P 258 44.09 17.14 -20.88
N PRO P 259 44.44 15.93 -21.40
CA PRO P 259 43.78 14.73 -20.89
C PRO P 259 43.73 14.72 -19.38
N ALA P 260 42.52 14.61 -18.82
CA ALA P 260 42.29 14.93 -17.44
C ALA P 260 41.35 13.90 -16.82
N ILE P 261 41.37 13.85 -15.49
CA ILE P 261 40.60 12.88 -14.73
C ILE P 261 39.74 13.64 -13.73
N ILE P 262 38.46 13.34 -13.72
CA ILE P 262 37.52 13.95 -12.79
C ILE P 262 36.96 12.86 -11.91
N PHE P 263 37.26 12.92 -10.63
CA PHE P 263 36.76 11.96 -9.66
C PHE P 263 35.68 12.65 -8.84
N ILE P 264 34.43 12.28 -9.08
CA ILE P 264 33.33 12.83 -8.31
C ILE P 264 32.95 11.80 -7.25
N ASP P 265 33.23 12.12 -5.99
CA ASP P 265 32.91 11.23 -4.91
C ASP P 265 31.42 11.33 -4.60
N GLU P 266 30.94 10.47 -3.69
CA GLU P 266 29.67 9.74 -3.77
C GLU P 266 28.52 10.54 -4.35
N ILE P 267 27.93 10.00 -5.40
CA ILE P 267 27.05 10.78 -6.25
C ILE P 267 25.61 10.46 -6.03
N ASP P 268 25.28 9.53 -5.14
CA ASP P 268 23.89 9.20 -4.86
C ASP P 268 23.13 10.33 -4.17
N ALA P 269 23.81 11.42 -3.78
CA ALA P 269 23.13 12.67 -3.51
C ALA P 269 22.38 13.12 -4.74
N ILE P 270 23.09 13.49 -5.80
CA ILE P 270 22.44 13.79 -7.08
C ILE P 270 22.49 12.59 -8.04
N ALA P 271 21.73 11.55 -7.76
CA ALA P 271 21.65 10.46 -8.72
C ALA P 271 20.30 9.79 -8.81
N THR P 272 19.45 10.02 -7.82
CA THR P 272 18.21 9.26 -7.73
C THR P 272 17.24 9.74 -8.80
N LYS P 273 16.64 8.78 -9.51
CA LYS P 273 15.76 9.13 -10.60
C LYS P 273 14.45 9.66 -10.02
N ARG P 274 14.07 10.84 -10.47
CA ARG P 274 12.86 11.46 -9.97
C ARG P 274 11.77 11.28 -11.00
N PHE P 275 10.55 11.00 -10.54
CA PHE P 275 9.47 10.87 -11.49
C PHE P 275 8.65 12.16 -11.58
N ASP P 276 8.21 12.72 -10.45
CA ASP P 276 7.89 14.15 -10.40
C ASP P 276 8.00 14.65 -8.98
N ALA P 277 8.41 15.91 -8.86
CA ALA P 277 8.58 16.54 -7.56
C ALA P 277 7.54 17.63 -7.40
N GLN P 278 6.65 17.48 -6.43
CA GLN P 278 5.69 18.54 -6.15
C GLN P 278 6.21 19.46 -5.07
N THR P 279 7.48 19.84 -5.21
CA THR P 279 8.20 20.66 -4.25
C THR P 279 9.22 21.51 -4.99
N GLY P 280 9.43 22.70 -4.47
CA GLY P 280 10.61 23.46 -4.85
C GLY P 280 11.86 22.80 -4.32
N ALA P 281 12.97 23.08 -4.99
CA ALA P 281 14.34 22.67 -4.66
C ALA P 281 14.57 21.17 -4.76
N ASP P 282 13.56 20.37 -5.07
CA ASP P 282 13.83 18.99 -5.44
C ASP P 282 14.01 18.86 -6.93
N ARG P 283 13.38 19.75 -7.70
CA ARG P 283 13.72 19.84 -9.10
C ARG P 283 15.06 20.53 -9.32
N GLU P 284 15.59 21.21 -8.31
CA GLU P 284 16.94 21.73 -8.41
C GLU P 284 17.96 20.62 -8.34
N VAL P 285 17.70 19.61 -7.50
CA VAL P 285 18.53 18.42 -7.49
C VAL P 285 18.39 17.67 -8.81
N GLN P 286 17.17 17.60 -9.32
CA GLN P 286 16.88 16.83 -10.53
C GLN P 286 17.50 17.48 -11.76
N ARG P 287 17.63 18.81 -11.77
CA ARG P 287 18.25 19.44 -12.93
C ARG P 287 19.76 19.41 -12.89
N ILE P 288 20.35 19.17 -11.72
CA ILE P 288 21.80 18.97 -11.65
C ILE P 288 22.19 17.66 -12.32
N LEU P 289 21.32 16.65 -12.22
CA LEU P 289 21.45 15.46 -13.05
C LEU P 289 21.48 15.79 -14.53
N LEU P 290 20.55 16.63 -14.98
CA LEU P 290 20.39 16.87 -16.41
C LEU P 290 21.56 17.66 -16.97
N GLU P 291 22.10 18.59 -16.19
CA GLU P 291 23.31 19.28 -16.61
C GLU P 291 24.51 18.34 -16.60
N LEU P 292 24.51 17.37 -15.69
CA LEU P 292 25.57 16.38 -15.71
C LEU P 292 25.43 15.44 -16.91
N LEU P 293 24.20 15.09 -17.26
CA LEU P 293 23.99 14.23 -18.42
C LEU P 293 24.30 14.96 -19.73
N ASN P 294 24.08 16.27 -19.78
CA ASN P 294 24.35 17.01 -21.00
C ASN P 294 25.85 17.13 -21.25
N GLN P 295 26.59 17.62 -20.28
CA GLN P 295 28.01 17.82 -20.46
C GLN P 295 28.82 16.54 -20.37
N MET P 296 28.16 15.39 -20.34
CA MET P 296 28.77 14.09 -20.51
C MET P 296 28.51 13.49 -21.88
N ASP P 297 27.30 13.69 -22.44
CA ASP P 297 26.93 13.10 -23.72
C ASP P 297 26.10 14.10 -24.53
N GLY P 298 26.57 15.34 -24.63
CA GLY P 298 25.88 16.32 -25.46
C GLY P 298 26.36 16.32 -26.89
N PHE P 299 26.35 17.47 -27.56
CA PHE P 299 26.91 17.48 -28.91
C PHE P 299 28.41 17.38 -28.91
N ASP P 300 29.04 18.03 -27.94
CA ASP P 300 30.41 18.47 -28.09
C ASP P 300 31.41 17.33 -28.03
N GLN P 301 31.14 16.31 -27.20
CA GLN P 301 31.99 15.14 -27.01
C GLN P 301 33.42 15.55 -26.64
N ASN P 302 33.51 16.09 -25.44
CA ASN P 302 34.78 16.53 -24.88
C ASN P 302 35.71 15.34 -24.73
N VAL P 303 36.71 15.26 -25.60
CA VAL P 303 37.58 14.09 -25.62
C VAL P 303 38.62 14.23 -24.52
N ASN P 304 39.24 13.09 -24.20
CA ASN P 304 40.35 12.91 -23.26
C ASN P 304 40.02 13.22 -21.81
N VAL P 305 38.80 13.61 -21.48
CA VAL P 305 38.44 13.75 -20.08
C VAL P 305 37.94 12.42 -19.56
N LYS P 306 38.19 12.14 -18.29
CA LYS P 306 37.80 10.88 -17.70
C LYS P 306 37.02 11.11 -16.43
N VAL P 307 36.02 10.28 -16.21
CA VAL P 307 35.08 10.42 -15.10
C VAL P 307 35.10 9.13 -14.30
N ILE P 308 35.41 9.25 -13.01
CA ILE P 308 35.40 8.13 -12.09
C ILE P 308 34.38 8.41 -11.00
N MET P 309 33.41 7.53 -10.87
CA MET P 309 32.34 7.68 -9.88
C MET P 309 32.33 6.48 -8.94
N ALA P 310 31.89 6.72 -7.71
CA ALA P 310 31.85 5.67 -6.71
C ALA P 310 30.70 5.93 -5.76
N THR P 311 29.89 4.92 -5.45
CA THR P 311 28.71 5.11 -4.62
C THR P 311 28.65 4.04 -3.54
N ASN P 312 27.59 4.14 -2.73
CA ASN P 312 27.02 3.01 -2.01
C ASN P 312 26.14 2.21 -2.97
N ARG P 313 25.11 1.56 -2.45
CA ARG P 313 24.10 0.86 -3.23
C ARG P 313 23.62 1.66 -4.44
N ALA P 314 23.85 1.09 -5.62
CA ALA P 314 23.67 1.77 -6.89
C ALA P 314 22.48 1.28 -7.67
N ASP P 315 21.62 0.45 -7.07
CA ASP P 315 20.33 0.15 -7.67
C ASP P 315 19.37 1.34 -7.59
N THR P 316 19.67 2.30 -6.73
CA THR P 316 18.79 3.44 -6.50
C THR P 316 18.77 4.39 -7.69
N LEU P 317 19.91 4.55 -8.36
CA LEU P 317 20.12 5.74 -9.14
C LEU P 317 19.52 5.64 -10.54
N ASP P 318 19.73 6.68 -11.31
CA ASP P 318 19.04 6.93 -12.57
C ASP P 318 19.56 6.00 -13.65
N PRO P 319 18.69 5.29 -14.38
CA PRO P 319 19.14 4.49 -15.52
C PRO P 319 19.70 5.29 -16.67
N ALA P 320 19.47 6.59 -16.74
CA ALA P 320 20.09 7.39 -17.79
C ALA P 320 21.58 7.55 -17.56
N LEU P 321 22.02 7.46 -16.31
CA LEU P 321 23.46 7.38 -16.04
C LEU P 321 24.02 6.04 -16.52
N LEU P 322 23.29 4.97 -16.25
CA LEU P 322 23.86 3.63 -16.35
C LEU P 322 23.99 3.14 -17.78
N ARG P 323 23.52 3.89 -18.77
CA ARG P 323 23.69 3.43 -20.13
C ARG P 323 25.14 3.63 -20.56
N PRO P 324 25.70 2.66 -21.29
CA PRO P 324 27.08 2.79 -21.73
C PRO P 324 27.21 3.82 -22.85
N GLY P 325 28.42 4.31 -23.01
CA GLY P 325 28.66 5.50 -23.79
C GLY P 325 28.83 6.67 -22.84
N ARG P 326 28.26 6.52 -21.66
CA ARG P 326 28.34 7.48 -20.58
C ARG P 326 29.02 6.92 -19.34
N LEU P 327 28.67 5.72 -18.93
CA LEU P 327 29.22 5.06 -17.74
C LEU P 327 29.57 3.61 -18.07
N ASP P 328 30.46 3.45 -19.06
CA ASP P 328 30.79 2.16 -19.68
C ASP P 328 31.15 1.06 -18.68
N ARG P 329 31.88 1.42 -17.62
CA ARG P 329 32.43 0.41 -16.73
C ARG P 329 31.59 0.27 -15.46
N LYS P 330 31.19 -0.97 -15.18
CA LYS P 330 30.41 -1.33 -14.00
C LYS P 330 31.25 -2.29 -13.17
N ILE P 331 31.80 -1.81 -12.07
CA ILE P 331 32.73 -2.60 -11.27
C ILE P 331 32.15 -2.75 -9.86
N GLU P 332 31.88 -3.98 -9.46
CA GLU P 332 31.43 -4.25 -8.10
C GLU P 332 32.59 -4.66 -7.23
N PHE P 333 32.63 -4.13 -6.01
CA PHE P 333 33.61 -4.58 -5.05
C PHE P 333 32.93 -5.53 -4.09
N PRO P 334 33.39 -6.78 -3.95
CA PRO P 334 32.90 -7.63 -2.87
C PRO P 334 33.51 -7.24 -1.53
N LEU P 335 33.28 -8.00 -0.46
CA LEU P 335 33.80 -7.51 0.81
C LEU P 335 35.33 -7.70 0.91
N PRO P 336 35.86 -8.79 1.47
CA PRO P 336 36.74 -9.67 0.71
C PRO P 336 36.03 -10.96 0.39
N ASP P 337 36.79 -11.93 -0.11
CA ASP P 337 36.47 -13.34 0.12
C ASP P 337 37.69 -14.02 0.76
N ARG P 338 37.66 -15.34 0.89
CA ARG P 338 38.86 -16.08 1.22
C ARG P 338 39.83 -16.00 0.05
N ARG P 339 41.12 -16.15 0.35
CA ARG P 339 42.31 -15.96 -0.49
C ARG P 339 42.56 -14.50 -0.79
N GLN P 340 41.65 -13.60 -0.41
CA GLN P 340 41.93 -12.18 -0.38
C GLN P 340 41.99 -11.66 1.03
N LYS P 341 41.43 -12.38 1.99
CA LYS P 341 41.76 -12.12 3.39
C LYS P 341 43.24 -12.36 3.63
N ARG P 342 43.79 -13.41 3.01
CA ARG P 342 45.22 -13.71 3.09
C ARG P 342 46.05 -12.55 2.58
N LEU P 343 45.63 -11.94 1.48
CA LEU P 343 46.45 -10.93 0.85
C LEU P 343 46.41 -9.63 1.62
N ILE P 344 45.27 -9.32 2.23
CA ILE P 344 45.20 -8.12 3.05
C ILE P 344 45.88 -8.36 4.40
N PHE P 345 45.84 -9.61 4.87
CA PHE P 345 46.63 -9.97 6.04
C PHE P 345 48.12 -9.83 5.78
N SER P 346 48.55 -10.18 4.56
CA SER P 346 49.96 -10.08 4.23
C SER P 346 50.40 -8.63 4.15
N THR P 347 49.67 -7.80 3.42
CA THR P 347 50.08 -6.44 3.14
C THR P 347 50.04 -5.53 4.36
N ILE P 348 49.25 -5.85 5.38
CA ILE P 348 49.24 -5.04 6.59
C ILE P 348 50.30 -5.51 7.56
N THR P 349 50.42 -6.81 7.75
CA THR P 349 51.41 -7.36 8.66
C THR P 349 52.82 -7.37 8.08
N SER P 350 52.98 -7.06 6.80
CA SER P 350 54.33 -6.93 6.24
C SER P 350 55.07 -5.78 6.89
N LYS P 351 54.42 -4.63 7.01
CA LYS P 351 55.03 -3.46 7.61
C LYS P 351 54.72 -3.43 9.11
N MET P 352 55.04 -4.55 9.76
CA MET P 352 54.59 -4.77 11.13
C MET P 352 55.47 -5.83 11.76
N ASN P 353 55.87 -5.61 13.01
CA ASN P 353 56.72 -6.56 13.72
C ASN P 353 55.84 -7.63 14.35
N LEU P 354 55.37 -8.55 13.52
CA LEU P 354 54.57 -9.65 14.05
C LEU P 354 55.47 -10.64 14.76
N SER P 355 56.33 -11.31 13.97
CA SER P 355 57.49 -12.08 14.43
C SER P 355 57.11 -13.17 15.44
N GLU P 356 56.15 -14.01 15.06
CA GLU P 356 55.69 -15.06 15.95
C GLU P 356 55.73 -16.41 15.27
N GLU P 357 55.21 -17.41 15.96
CA GLU P 357 54.92 -18.70 15.36
C GLU P 357 53.46 -19.07 15.57
N VAL P 358 52.62 -18.07 15.84
CA VAL P 358 51.18 -18.26 15.98
C VAL P 358 50.53 -17.44 14.87
N ASP P 359 49.93 -18.14 13.91
CA ASP P 359 49.57 -17.52 12.65
C ASP P 359 48.09 -17.14 12.64
N LEU P 360 47.77 -16.19 11.75
CA LEU P 360 46.43 -15.75 11.42
C LEU P 360 45.64 -16.74 10.56
N GLU P 361 46.20 -17.94 10.32
CA GLU P 361 45.52 -18.99 9.58
C GLU P 361 44.21 -19.40 10.24
N ASP P 362 44.15 -19.33 11.57
CA ASP P 362 42.90 -19.56 12.30
C ASP P 362 41.86 -18.51 11.99
N TYR P 363 42.30 -17.34 11.53
CA TYR P 363 41.43 -16.21 11.33
C TYR P 363 41.35 -15.80 9.87
N VAL P 364 41.98 -16.56 8.98
CA VAL P 364 41.61 -16.46 7.58
C VAL P 364 40.31 -17.20 7.33
N ALA P 365 40.17 -18.39 7.89
CA ALA P 365 39.05 -19.27 7.60
C ALA P 365 37.85 -19.04 8.51
N ARG P 366 37.76 -17.87 9.13
CA ARG P 366 36.54 -17.75 9.91
C ARG P 366 35.37 -17.31 9.04
N PRO P 367 34.19 -17.80 9.32
CA PRO P 367 32.97 -17.24 8.74
C PRO P 367 32.60 -15.91 9.39
N ASP P 368 31.38 -15.42 9.09
CA ASP P 368 30.88 -14.12 9.56
C ASP P 368 31.78 -12.98 9.06
N LYS P 369 31.65 -12.76 7.75
CA LYS P 369 32.56 -12.01 6.90
C LYS P 369 32.86 -10.62 7.43
N ILE P 370 34.07 -10.16 7.11
CA ILE P 370 34.75 -9.07 7.80
C ILE P 370 35.34 -8.16 6.74
N SER P 371 34.86 -6.92 6.66
CA SER P 371 35.23 -6.01 5.58
C SER P 371 36.70 -5.61 5.67
N GLY P 372 37.22 -5.13 4.54
CA GLY P 372 38.66 -4.93 4.41
C GLY P 372 39.21 -3.82 5.28
N ALA P 373 38.39 -2.84 5.63
CA ALA P 373 38.85 -1.83 6.57
C ALA P 373 38.92 -2.37 7.99
N ASP P 374 38.25 -3.48 8.27
CA ASP P 374 38.28 -4.01 9.63
C ASP P 374 39.57 -4.77 9.89
N ILE P 375 40.13 -5.41 8.85
CA ILE P 375 41.42 -6.09 8.97
C ILE P 375 42.48 -5.11 9.40
N ASN P 376 42.41 -3.87 8.89
CA ASN P 376 43.26 -2.80 9.38
C ASN P 376 43.05 -2.58 10.87
N SER P 377 41.81 -2.52 11.31
CA SER P 377 41.51 -2.21 12.71
C SER P 377 41.93 -3.32 13.65
N ILE P 378 41.93 -4.57 13.17
CA ILE P 378 42.43 -5.68 13.97
C ILE P 378 43.90 -5.50 14.25
N CYS P 379 44.66 -5.14 13.23
CA CYS P 379 46.09 -4.92 13.41
C CYS P 379 46.34 -3.63 14.17
N GLN P 380 45.44 -2.65 14.03
CA GLN P 380 45.59 -1.41 14.78
C GLN P 380 45.30 -1.63 16.25
N GLU P 381 44.27 -2.43 16.57
CA GLU P 381 43.92 -2.65 17.97
C GLU P 381 44.98 -3.48 18.66
N SER P 382 45.52 -4.48 17.97
CA SER P 382 46.63 -5.26 18.52
C SER P 382 47.89 -4.43 18.63
N GLY P 383 48.06 -3.47 17.71
CA GLY P 383 49.16 -2.53 17.84
C GLY P 383 49.03 -1.65 19.06
N MET P 384 47.80 -1.24 19.39
CA MET P 384 47.57 -0.54 20.65
C MET P 384 47.84 -1.47 21.84
N LEU P 385 47.36 -2.70 21.73
CA LEU P 385 47.40 -3.65 22.82
C LEU P 385 48.76 -4.33 22.93
N ALA P 386 49.65 -4.11 21.97
CA ALA P 386 51.03 -4.54 22.17
C ALA P 386 51.78 -3.53 23.00
N VAL P 387 51.60 -2.25 22.71
CA VAL P 387 52.29 -1.20 23.43
C VAL P 387 51.65 -1.00 24.79
N ARG P 388 50.41 -1.47 24.96
CA ARG P 388 49.66 -1.23 26.19
C ARG P 388 50.27 -1.99 27.36
N GLU P 389 50.86 -3.15 27.10
CA GLU P 389 51.64 -3.86 28.09
C GLU P 389 53.14 -3.68 27.91
N ASN P 390 53.54 -2.66 27.15
CA ASN P 390 54.92 -2.24 26.95
C ASN P 390 55.74 -3.33 26.27
N ARG P 391 55.28 -3.71 25.08
CA ARG P 391 55.99 -4.63 24.21
C ARG P 391 56.20 -3.96 22.86
N TYR P 392 57.28 -4.36 22.21
CA TYR P 392 57.51 -4.07 20.81
C TYR P 392 56.84 -5.09 19.90
N ILE P 393 56.22 -6.11 20.50
CA ILE P 393 55.92 -7.35 19.78
C ILE P 393 54.48 -7.74 20.08
N VAL P 394 53.84 -8.37 19.11
CA VAL P 394 52.47 -8.86 19.24
C VAL P 394 52.55 -10.30 19.71
N LEU P 395 51.98 -10.60 20.87
CA LEU P 395 52.20 -11.89 21.51
C LEU P 395 51.05 -12.86 21.35
N ALA P 396 50.15 -12.59 20.39
CA ALA P 396 49.18 -13.56 19.86
C ALA P 396 48.18 -14.06 20.90
N LYS P 397 47.96 -13.28 21.96
CA LYS P 397 46.79 -13.49 22.81
C LYS P 397 46.06 -12.16 22.83
N ASP P 398 46.82 -11.10 22.55
CA ASP P 398 46.25 -9.81 22.21
C ASP P 398 45.50 -9.87 20.89
N PHE P 399 45.96 -10.73 19.99
CA PHE P 399 45.38 -10.86 18.66
C PHE P 399 43.93 -11.33 18.74
N GLU P 400 43.62 -12.15 19.73
CA GLU P 400 42.25 -12.63 19.90
C GLU P 400 41.40 -11.61 20.62
N LYS P 401 42.00 -10.84 21.53
CA LYS P 401 41.28 -9.73 22.15
C LYS P 401 40.93 -8.68 21.12
N ALA P 402 41.83 -8.46 20.16
CA ALA P 402 41.54 -7.54 19.07
C ALA P 402 40.47 -8.09 18.15
N TYR P 403 40.45 -9.41 17.96
CA TYR P 403 39.47 -10.01 17.07
C TYR P 403 38.07 -9.95 17.66
N LYS P 404 37.94 -10.29 18.94
CA LYS P 404 36.63 -10.27 19.57
C LYS P 404 36.13 -8.86 19.82
N THR P 405 37.01 -7.87 19.85
CA THR P 405 36.57 -6.50 20.04
C THR P 405 35.85 -6.00 18.81
N VAL P 406 36.40 -6.28 17.63
CA VAL P 406 35.87 -5.69 16.41
C VAL P 406 34.64 -6.43 15.89
N ILE P 407 34.39 -7.66 16.36
CA ILE P 407 33.39 -8.52 15.72
C ILE P 407 32.12 -8.63 16.56
N LYS P 408 32.10 -8.10 17.77
CA LYS P 408 31.02 -8.34 18.72
C LYS P 408 29.90 -7.33 18.43
N LYS P 409 28.90 -7.73 17.63
CA LYS P 409 27.88 -6.73 17.31
C LYS P 409 26.44 -7.16 17.59
N ASP P 410 26.01 -8.36 17.19
CA ASP P 410 24.61 -8.73 17.34
C ASP P 410 24.43 -9.55 18.60
N GLU P 411 23.66 -9.01 19.55
CA GLU P 411 23.74 -9.58 20.89
C GLU P 411 22.41 -9.93 21.53
N GLN P 412 21.28 -9.46 20.99
CA GLN P 412 20.05 -9.77 21.69
C GLN P 412 19.13 -10.68 20.89
N GLU P 413 18.53 -10.18 19.81
CA GLU P 413 17.54 -10.86 18.96
C GLU P 413 16.32 -11.40 19.73
N HIS P 414 16.22 -11.11 21.02
CA HIS P 414 15.15 -11.43 21.96
C HIS P 414 14.81 -12.91 22.06
N GLU P 415 15.67 -13.80 21.54
CA GLU P 415 15.42 -15.23 21.39
C GLU P 415 14.05 -15.45 20.76
N PHE P 416 13.86 -14.77 19.65
CA PHE P 416 12.53 -14.53 19.14
C PHE P 416 12.66 -14.07 17.71
N TYR P 417 11.67 -14.46 16.89
CA TYR P 417 11.78 -14.61 15.44
C TYR P 417 13.10 -15.23 15.02
N LYS P 418 13.50 -16.28 15.76
CA LYS P 418 14.69 -17.10 15.53
C LYS P 418 15.99 -16.39 15.25
N MET Q 15 87.45 81.92 61.77
CA MET Q 15 86.89 80.77 61.09
C MET Q 15 87.98 79.77 60.72
N ALA Q 16 89.23 80.11 61.06
CA ALA Q 16 90.39 79.25 60.82
C ALA Q 16 90.26 77.96 61.62
N ASP Q 17 90.35 78.06 62.94
CA ASP Q 17 89.90 76.97 63.80
C ASP Q 17 89.19 77.36 65.11
N PRO Q 18 88.13 78.21 65.11
CA PRO Q 18 87.15 78.08 66.19
C PRO Q 18 86.13 77.00 65.84
N ARG Q 19 85.89 76.08 66.78
CA ARG Q 19 84.95 74.99 66.51
C ARG Q 19 83.51 75.47 66.49
N ASP Q 20 83.24 76.67 67.00
CA ASP Q 20 81.88 77.21 66.94
C ASP Q 20 81.60 77.86 65.60
N LYS Q 21 82.51 78.73 65.14
CA LYS Q 21 82.26 79.49 63.91
C LYS Q 21 82.42 78.60 62.68
N ALA Q 22 83.39 77.68 62.69
CA ALA Q 22 83.52 76.73 61.59
C ALA Q 22 82.40 75.70 61.57
N LEU Q 23 81.75 75.47 62.72
CA LEU Q 23 80.47 74.76 62.71
C LEU Q 23 79.41 75.58 61.99
N GLN Q 24 79.39 76.89 62.23
CA GLN Q 24 78.45 77.77 61.56
C GLN Q 24 78.95 78.19 60.18
N ASP Q 25 80.16 77.79 59.79
CA ASP Q 25 80.64 78.08 58.46
C ASP Q 25 79.87 77.31 57.41
N TYR Q 26 79.48 76.07 57.70
CA TYR Q 26 78.71 75.27 56.78
C TYR Q 26 77.23 75.22 57.10
N ARG Q 27 76.82 75.61 58.30
CA ARG Q 27 75.40 75.68 58.61
C ARG Q 27 74.75 76.93 58.03
N LYS Q 28 75.52 77.83 57.43
CA LYS Q 28 74.98 78.77 56.45
C LYS Q 28 75.13 78.24 55.03
N LYS Q 29 76.08 77.33 54.80
CA LYS Q 29 76.30 76.78 53.47
C LYS Q 29 75.36 75.61 53.16
N LEU Q 30 75.15 74.71 54.13
CA LEU Q 30 74.29 73.55 53.88
C LEU Q 30 72.83 73.94 53.72
N LEU Q 31 72.43 75.12 54.20
CA LEU Q 31 71.11 75.65 53.86
C LEU Q 31 71.05 76.13 52.42
N GLU Q 32 72.20 76.40 51.80
CA GLU Q 32 72.20 76.82 50.39
C GLU Q 32 72.37 75.64 49.46
N HIS Q 33 73.35 74.77 49.75
CA HIS Q 33 73.75 73.75 48.78
C HIS Q 33 72.72 72.63 48.65
N LYS Q 34 71.82 72.47 49.60
CA LYS Q 34 70.69 71.57 49.40
C LYS Q 34 69.51 72.31 48.77
N GLU Q 35 69.43 73.63 48.98
CA GLU Q 35 68.42 74.45 48.33
C GLU Q 35 68.66 74.58 46.83
N ILE Q 36 69.92 74.58 46.38
CA ILE Q 36 70.21 74.57 44.97
C ILE Q 36 70.12 73.16 44.38
N ASP Q 37 70.16 72.14 45.23
CA ASP Q 37 70.02 70.77 44.75
C ASP Q 37 68.56 70.32 44.71
N GLY Q 38 67.68 71.02 45.44
CA GLY Q 38 66.30 70.57 45.53
C GLY Q 38 65.51 70.80 44.25
N ARG Q 39 65.66 71.99 43.66
CA ARG Q 39 64.93 72.30 42.45
C ARG Q 39 65.51 71.63 41.21
N LEU Q 40 66.74 71.12 41.29
CA LEU Q 40 67.38 70.61 40.09
C LEU Q 40 66.84 69.23 39.73
N LYS Q 41 66.53 68.39 40.71
CA LYS Q 41 65.89 67.12 40.42
C LYS Q 41 64.44 67.32 39.99
N GLU Q 42 63.81 68.42 40.43
CA GLU Q 42 62.51 68.79 39.89
C GLU Q 42 62.61 69.16 38.42
N LEU Q 43 63.70 69.85 38.04
CA LEU Q 43 63.92 70.14 36.63
C LEU Q 43 64.25 68.87 35.86
N ARG Q 44 64.88 67.89 36.51
CA ARG Q 44 65.11 66.60 35.89
C ARG Q 44 63.78 65.89 35.61
N GLU Q 45 62.82 66.03 36.52
CA GLU Q 45 61.54 65.37 36.36
C GLU Q 45 60.71 66.04 35.26
N GLN Q 46 60.77 67.36 35.18
CA GLN Q 46 59.97 68.09 34.21
C GLN Q 46 60.46 67.87 32.79
N LEU Q 47 61.79 67.79 32.62
CA LEU Q 47 62.35 67.43 31.31
C LEU Q 47 62.04 65.98 30.96
N LYS Q 48 61.90 65.12 31.97
CA LYS Q 48 61.57 63.72 31.74
C LYS Q 48 60.14 63.57 31.21
N GLU Q 49 59.20 64.34 31.77
CA GLU Q 49 57.82 64.27 31.30
C GLU Q 49 57.67 64.88 29.93
N LEU Q 50 58.44 65.95 29.65
CA LEU Q 50 58.38 66.59 28.35
C LEU Q 50 58.98 65.71 27.26
N THR Q 51 60.02 64.95 27.60
CA THR Q 51 60.58 63.99 26.65
C THR Q 51 59.58 62.87 26.36
N LYS Q 52 58.81 62.48 27.38
CA LYS Q 52 57.75 61.50 27.17
C LYS Q 52 56.66 62.06 26.28
N GLN Q 53 56.36 63.36 26.43
CA GLN Q 53 55.37 63.98 25.58
C GLN Q 53 55.91 64.22 24.17
N TYR Q 54 57.20 64.50 24.06
CA TYR Q 54 57.83 64.66 22.76
C TYR Q 54 57.93 63.32 22.04
N GLU Q 55 58.00 62.23 22.79
CA GLU Q 55 57.97 60.90 22.19
C GLU Q 55 56.65 60.63 21.50
N LYS Q 56 55.55 61.09 22.09
CA LYS Q 56 54.24 60.87 21.50
C LYS Q 56 54.06 61.71 20.24
N SER Q 57 54.64 62.91 20.22
CA SER Q 57 54.52 63.79 19.06
C SER Q 57 55.29 63.22 17.87
N GLU Q 58 56.48 62.68 18.11
CA GLU Q 58 57.26 62.12 17.02
C GLU Q 58 56.71 60.80 16.51
N ASN Q 59 55.98 60.08 17.36
CA ASN Q 59 55.23 58.91 16.88
C ASN Q 59 54.15 59.33 15.91
N ASP Q 60 53.52 60.48 16.16
CA ASP Q 60 52.45 60.95 15.29
C ASP Q 60 53.00 61.52 14.00
N LEU Q 61 54.21 62.10 14.04
CA LEU Q 61 54.87 62.51 12.82
C LEU Q 61 55.22 61.32 11.96
N LYS Q 62 55.55 60.19 12.60
CA LYS Q 62 55.65 58.94 11.85
C LYS Q 62 54.29 58.46 11.39
N ALA Q 63 53.27 58.65 12.23
CA ALA Q 63 51.95 58.12 11.93
C ALA Q 63 51.25 58.92 10.84
N LEU Q 64 51.63 60.19 10.67
CA LEU Q 64 50.92 61.05 9.73
C LEU Q 64 51.22 60.70 8.29
N GLN Q 65 52.33 60.04 8.02
CA GLN Q 65 52.81 59.91 6.65
C GLN Q 65 52.40 58.61 5.99
N SER Q 66 51.65 57.75 6.66
CA SER Q 66 51.24 56.51 6.03
C SER Q 66 50.13 56.75 5.01
N VAL Q 67 49.93 55.76 4.14
CA VAL Q 67 49.12 55.94 2.94
C VAL Q 67 47.78 55.21 3.08
N GLY Q 68 47.81 54.01 3.63
CA GLY Q 68 46.59 53.21 3.59
C GLY Q 68 46.54 52.34 2.36
N GLN Q 69 45.97 51.15 2.52
CA GLN Q 69 46.14 50.09 1.56
C GLN Q 69 44.79 49.53 1.13
N ILE Q 70 44.85 48.67 0.11
CA ILE Q 70 43.67 48.07 -0.51
C ILE Q 70 43.65 46.59 -0.16
N VAL Q 71 42.51 46.11 0.31
CA VAL Q 71 42.36 44.72 0.70
C VAL Q 71 41.88 43.91 -0.50
N GLY Q 72 42.55 42.79 -0.77
CA GLY Q 72 42.20 41.95 -1.89
C GLY Q 72 42.62 40.52 -1.64
N GLU Q 73 42.24 39.63 -2.55
CA GLU Q 73 42.53 38.21 -2.43
C GLU Q 73 43.03 37.64 -3.73
N VAL Q 74 43.96 36.70 -3.62
CA VAL Q 74 44.64 36.12 -4.77
C VAL Q 74 43.76 35.06 -5.39
N LEU Q 75 43.49 35.19 -6.69
CA LEU Q 75 42.72 34.18 -7.39
C LEU Q 75 43.60 33.04 -7.88
N LYS Q 76 44.67 33.38 -8.59
CA LYS Q 76 45.64 32.38 -9.03
C LYS Q 76 46.96 33.07 -9.33
N GLN Q 77 47.96 32.25 -9.67
CA GLN Q 77 49.28 32.71 -10.06
C GLN Q 77 49.50 32.37 -11.53
N LEU Q 78 49.91 33.37 -12.32
CA LEU Q 78 50.13 33.15 -13.73
C LEU Q 78 51.57 32.74 -14.03
N THR Q 79 52.53 33.62 -13.72
CA THR Q 79 53.94 33.33 -13.92
C THR Q 79 54.68 33.58 -12.61
N GLU Q 80 56.02 33.63 -12.67
CA GLU Q 80 56.82 33.86 -11.49
C GLU Q 80 56.68 35.26 -10.91
N GLU Q 81 56.04 36.17 -11.63
CA GLU Q 81 55.81 37.51 -11.12
C GLU Q 81 54.39 38.01 -11.38
N LYS Q 82 53.64 37.36 -12.26
CA LYS Q 82 52.30 37.79 -12.59
C LYS Q 82 51.28 37.01 -11.76
N PHE Q 83 50.45 37.75 -11.04
CA PHE Q 83 49.40 37.19 -10.21
C PHE Q 83 48.07 37.67 -10.73
N ILE Q 84 46.99 37.03 -10.28
CA ILE Q 84 45.64 37.49 -10.56
C ILE Q 84 44.97 37.65 -9.20
N VAL Q 85 44.77 38.90 -8.78
CA VAL Q 85 44.12 39.19 -7.52
C VAL Q 85 42.77 39.81 -7.81
N LYS Q 86 41.99 40.01 -6.76
CA LYS Q 86 40.69 40.64 -6.91
C LYS Q 86 40.37 41.44 -5.66
N ALA Q 87 39.92 42.68 -5.84
CA ALA Q 87 39.54 43.51 -4.72
C ALA Q 87 38.26 43.00 -4.08
N THR Q 88 37.96 43.55 -2.89
CA THR Q 88 36.80 43.08 -2.14
C THR Q 88 35.50 43.48 -2.81
N ASN Q 89 35.43 44.66 -3.40
CA ASN Q 89 34.24 45.12 -4.07
C ASN Q 89 34.47 45.47 -5.54
N GLY Q 90 35.71 45.48 -6.00
CA GLY Q 90 36.02 45.98 -7.30
C GLY Q 90 36.46 44.93 -8.30
N PRO Q 91 37.29 45.34 -9.24
CA PRO Q 91 37.64 44.48 -10.37
C PRO Q 91 38.78 43.53 -10.07
N ARG Q 92 39.23 42.83 -11.10
CA ARG Q 92 40.42 41.99 -11.03
C ARG Q 92 41.62 42.74 -11.58
N TYR Q 93 42.81 42.23 -11.28
CA TYR Q 93 44.05 42.93 -11.62
C TYR Q 93 45.15 41.93 -11.92
N VAL Q 94 46.29 42.46 -12.36
CA VAL Q 94 47.54 41.73 -12.52
C VAL Q 94 48.61 42.53 -11.79
N VAL Q 95 49.29 41.90 -10.83
CA VAL Q 95 50.16 42.60 -9.89
C VAL Q 95 51.51 41.89 -9.82
N GLY Q 96 52.35 42.38 -8.91
CA GLY Q 96 53.61 41.74 -8.57
C GLY Q 96 53.95 41.82 -7.09
N CYS Q 97 55.15 41.41 -6.71
CA CYS Q 97 55.60 41.43 -5.32
C CYS Q 97 56.45 42.66 -5.06
N ARG Q 98 56.85 42.83 -3.79
CA ARG Q 98 57.72 43.96 -3.49
C ARG Q 98 59.17 43.64 -3.79
N ARG Q 99 59.82 42.86 -2.91
CA ARG Q 99 61.11 42.28 -3.22
C ARG Q 99 61.20 40.84 -2.77
N GLN Q 100 60.73 40.58 -1.55
CA GLN Q 100 61.07 39.37 -0.80
C GLN Q 100 59.85 38.80 -0.11
N LEU Q 101 58.72 38.76 -0.81
CA LEU Q 101 57.46 38.49 -0.14
C LEU Q 101 57.15 37.00 -0.06
N ASP Q 102 58.13 36.15 -0.38
CA ASP Q 102 58.05 34.68 -0.26
C ASP Q 102 56.89 34.13 -1.11
N LYS Q 103 57.11 34.21 -2.42
CA LYS Q 103 56.11 33.90 -3.44
C LYS Q 103 55.53 32.49 -3.32
N SER Q 104 56.24 31.55 -2.69
CA SER Q 104 55.69 30.24 -2.43
C SER Q 104 54.54 30.30 -1.42
N LYS Q 105 54.56 31.27 -0.50
CA LYS Q 105 53.53 31.35 0.51
C LYS Q 105 52.21 31.90 -0.03
N LEU Q 106 52.23 32.54 -1.19
CA LEU Q 106 51.00 33.08 -1.76
C LEU Q 106 50.28 31.97 -2.50
N LYS Q 107 49.21 31.48 -1.91
CA LYS Q 107 48.46 30.39 -2.48
C LYS Q 107 47.08 30.89 -2.92
N PRO Q 108 46.47 30.27 -3.93
CA PRO Q 108 45.16 30.71 -4.41
C PRO Q 108 44.09 30.56 -3.33
N GLY Q 109 43.62 31.71 -2.85
CA GLY Q 109 42.72 31.77 -1.71
C GLY Q 109 43.25 32.59 -0.56
N THR Q 110 44.50 33.02 -0.59
CA THR Q 110 45.01 33.84 0.51
C THR Q 110 44.49 35.27 0.39
N ARG Q 111 44.65 36.01 1.47
CA ARG Q 111 44.23 37.39 1.54
C ARG Q 111 45.46 38.28 1.60
N VAL Q 112 45.50 39.29 0.74
CA VAL Q 112 46.65 40.16 0.59
C VAL Q 112 46.24 41.60 0.80
N ALA Q 113 47.24 42.49 0.80
CA ALA Q 113 47.02 43.92 0.91
C ALA Q 113 47.81 44.60 -0.19
N LEU Q 114 47.16 45.49 -0.92
CA LEU Q 114 47.72 46.09 -2.12
C LEU Q 114 48.14 47.52 -1.87
N ASP Q 115 49.06 47.99 -2.71
CA ASP Q 115 49.37 49.40 -2.72
C ASP Q 115 48.21 50.19 -3.32
N MET Q 116 48.11 51.45 -2.94
CA MET Q 116 47.05 52.30 -3.46
C MET Q 116 47.27 52.62 -4.93
N THR Q 117 48.45 53.14 -5.27
CA THR Q 117 48.73 53.60 -6.63
C THR Q 117 49.58 52.62 -7.42
N THR Q 118 50.69 52.14 -6.82
CA THR Q 118 51.54 51.16 -7.50
C THR Q 118 50.82 49.84 -7.70
N LEU Q 119 49.92 49.52 -6.77
CA LEU Q 119 48.86 48.53 -6.84
C LEU Q 119 49.40 47.10 -6.67
N THR Q 120 50.72 46.93 -6.55
CA THR Q 120 51.29 45.61 -6.30
C THR Q 120 51.11 45.23 -4.83
N ILE Q 121 51.44 43.98 -4.52
CA ILE Q 121 51.16 43.39 -3.22
C ILE Q 121 52.18 43.88 -2.21
N MET Q 122 51.70 44.41 -1.08
CA MET Q 122 52.58 44.82 0.00
C MET Q 122 52.77 43.74 1.04
N ARG Q 123 51.68 43.13 1.51
CA ARG Q 123 51.75 42.20 2.63
C ARG Q 123 50.55 41.27 2.57
N TYR Q 124 50.78 39.98 2.78
CA TYR Q 124 49.66 39.05 2.83
C TYR Q 124 49.10 38.96 4.24
N LEU Q 125 47.89 38.45 4.33
CA LEU Q 125 47.14 38.39 5.57
C LEU Q 125 46.52 37.02 5.74
N PRO Q 126 46.36 36.55 6.97
CA PRO Q 126 45.59 35.33 7.22
C PRO Q 126 44.10 35.61 7.12
N ARG Q 127 43.31 34.55 7.25
CA ARG Q 127 41.88 34.61 7.06
C ARG Q 127 41.15 34.23 8.35
N GLU Q 128 40.15 35.02 8.71
CA GLU Q 128 39.44 34.87 9.99
C GLU Q 128 37.93 34.99 9.77
N VAL Q 129 37.43 34.26 8.80
CA VAL Q 129 36.09 34.50 8.27
C VAL Q 129 35.04 33.78 9.14
N ASP Q 130 33.75 34.06 8.87
CA ASP Q 130 32.46 33.46 9.26
C ASP Q 130 32.34 33.11 10.74
N PRO Q 131 31.96 34.10 11.57
CA PRO Q 131 32.08 33.97 13.03
C PRO Q 131 31.28 32.84 13.69
N LEU Q 132 30.51 32.05 12.95
CA LEU Q 132 29.96 30.81 13.50
C LEU Q 132 31.05 29.85 13.89
N VAL Q 133 32.05 29.67 13.01
CA VAL Q 133 33.19 28.83 13.33
C VAL Q 133 34.11 29.53 14.33
N TYR Q 134 34.05 30.86 14.41
CA TYR Q 134 34.73 31.57 15.49
C TYR Q 134 33.91 31.37 16.76
N ASN Q 135 34.10 30.19 17.35
CA ASN Q 135 33.51 29.87 18.63
C ASN Q 135 34.51 29.10 19.51
N MET Q 136 35.80 29.24 19.25
CA MET Q 136 36.83 28.47 19.91
C MET Q 136 37.68 29.30 20.85
N SER Q 137 37.53 30.62 20.82
CA SER Q 137 38.43 31.49 21.55
C SER Q 137 37.79 32.13 22.77
N HIS Q 138 36.50 31.96 22.98
CA HIS Q 138 35.83 32.58 24.11
C HIS Q 138 35.66 31.65 25.30
N GLU Q 139 35.55 30.36 25.06
CA GLU Q 139 35.33 29.40 26.14
C GLU Q 139 36.68 28.95 26.67
N ASP Q 140 36.64 28.22 27.77
CA ASP Q 140 37.86 27.76 28.39
C ASP Q 140 38.16 26.32 28.00
N PRO Q 141 39.44 25.92 27.99
CA PRO Q 141 39.75 24.49 27.95
C PRO Q 141 39.57 23.80 29.28
N GLY Q 142 39.30 24.54 30.36
CA GLY Q 142 39.16 23.95 31.66
C GLY Q 142 39.53 24.91 32.79
N ASN Q 143 40.46 24.51 33.66
CA ASN Q 143 41.22 23.27 33.51
C ASN Q 143 40.63 22.12 34.30
N VAL Q 144 40.57 20.97 33.65
CA VAL Q 144 40.23 19.71 34.29
C VAL Q 144 41.32 18.70 33.97
N SER Q 145 41.85 18.05 34.98
CA SER Q 145 43.11 17.33 34.87
C SER Q 145 43.00 15.93 35.44
N TYR Q 146 41.94 15.22 35.08
CA TYR Q 146 41.65 13.83 35.43
C TYR Q 146 41.50 13.59 36.94
N SER Q 147 41.46 14.65 37.74
CA SER Q 147 41.24 14.53 39.17
C SER Q 147 39.81 14.86 39.55
N GLU Q 148 39.11 15.60 38.71
CA GLU Q 148 37.71 15.90 38.90
C GLU Q 148 36.82 14.74 38.46
N ILE Q 149 37.21 14.03 37.40
CA ILE Q 149 36.38 12.96 36.88
C ILE Q 149 36.39 11.76 37.82
N GLY Q 150 35.24 11.14 37.99
CA GLY Q 150 35.12 10.10 38.99
C GLY Q 150 34.64 8.74 38.52
N GLY Q 151 35.45 7.72 38.80
CA GLY Q 151 35.03 6.34 38.67
C GLY Q 151 34.83 5.87 37.25
N LEU Q 152 35.44 6.55 36.28
CA LEU Q 152 35.26 6.19 34.89
C LEU Q 152 36.62 5.95 34.24
N SER Q 153 37.63 5.74 35.06
CA SER Q 153 39.03 5.78 34.63
C SER Q 153 39.40 4.63 33.70
N GLU Q 154 38.69 3.52 33.76
CA GLU Q 154 38.96 2.37 32.89
C GLU Q 154 38.68 2.73 31.44
N GLN Q 155 37.66 3.53 31.19
CA GLN Q 155 37.44 4.03 29.84
C GLN Q 155 38.36 5.19 29.52
N ILE Q 156 38.79 5.92 30.55
CA ILE Q 156 39.64 7.10 30.33
C ILE Q 156 41.00 6.69 29.79
N ARG Q 157 41.57 5.63 30.34
CA ARG Q 157 42.84 5.12 29.82
C ARG Q 157 42.70 4.63 28.40
N GLU Q 158 41.58 3.97 28.10
CA GLU Q 158 41.36 3.51 26.73
C GLU Q 158 41.11 4.67 25.78
N LEU Q 159 40.65 5.81 26.29
CA LEU Q 159 40.52 6.99 25.45
C LEU Q 159 41.89 7.57 25.10
N ARG Q 160 42.83 7.50 26.04
CA ARG Q 160 44.04 8.30 25.89
C ARG Q 160 45.06 7.66 24.97
N GLU Q 161 44.93 6.38 24.65
CA GLU Q 161 45.90 5.80 23.72
C GLU Q 161 45.65 6.28 22.29
N VAL Q 162 44.41 6.31 21.85
CA VAL Q 162 44.14 6.57 20.46
C VAL Q 162 44.12 8.05 20.13
N ILE Q 163 44.10 8.92 21.13
CA ILE Q 163 44.04 10.36 20.90
C ILE Q 163 45.28 11.07 21.41
N GLU Q 164 45.64 10.85 22.67
CA GLU Q 164 46.75 11.61 23.24
C GLU Q 164 48.09 11.10 22.72
N LEU Q 165 48.32 9.80 22.79
CA LEU Q 165 49.56 9.18 22.33
C LEU Q 165 49.95 9.34 20.85
N PRO Q 166 49.03 9.52 19.87
CA PRO Q 166 49.52 9.90 18.54
C PRO Q 166 50.22 11.25 18.52
N LEU Q 167 49.54 12.28 19.04
CA LEU Q 167 50.06 13.63 18.89
C LEU Q 167 51.17 13.93 19.88
N THR Q 168 51.30 13.16 20.96
CA THR Q 168 52.42 13.38 21.85
C THR Q 168 53.56 12.42 21.58
N ASN Q 169 53.31 11.32 20.91
CA ASN Q 169 54.31 10.27 20.98
C ASN Q 169 54.26 9.34 19.78
N PRO Q 170 54.71 9.80 18.61
CA PRO Q 170 54.55 8.99 17.40
C PRO Q 170 55.58 7.88 17.26
N GLU Q 171 56.64 7.89 18.06
CA GLU Q 171 57.69 6.89 17.93
C GLU Q 171 57.20 5.50 18.32
N LEU Q 172 56.28 5.43 19.28
CA LEU Q 172 55.71 4.15 19.66
C LEU Q 172 54.91 3.52 18.52
N PHE Q 173 54.28 4.35 17.71
CA PHE Q 173 53.50 3.83 16.60
C PHE Q 173 54.37 3.50 15.41
N GLN Q 174 55.66 3.84 15.47
CA GLN Q 174 56.60 3.49 14.42
C GLN Q 174 57.44 2.28 14.77
N ARG Q 175 57.43 1.85 16.04
CA ARG Q 175 58.15 0.63 16.39
C ARG Q 175 57.43 -0.59 15.84
N VAL Q 176 56.18 -0.79 16.24
CA VAL Q 176 55.38 -1.85 15.65
C VAL Q 176 55.01 -1.49 14.22
N GLY Q 177 54.75 -0.22 13.94
CA GLY Q 177 54.40 0.23 12.62
C GLY Q 177 52.90 0.26 12.53
N ILE Q 178 52.32 1.44 12.81
CA ILE Q 178 50.87 1.58 12.89
C ILE Q 178 50.57 3.07 12.84
N ILE Q 179 49.44 3.43 12.24
CA ILE Q 179 49.09 4.83 11.99
C ILE Q 179 48.38 5.57 13.12
N PRO Q 180 47.30 5.02 13.69
CA PRO Q 180 45.98 5.72 13.68
C PRO Q 180 45.94 6.97 14.53
N PRO Q 181 45.80 8.16 13.92
CA PRO Q 181 44.90 9.16 14.51
C PRO Q 181 43.47 9.04 13.94
N LYS Q 182 42.55 8.40 14.66
CA LYS Q 182 41.24 8.20 14.08
C LYS Q 182 40.14 8.91 14.86
N GLY Q 183 39.99 8.59 16.14
CA GLY Q 183 38.90 9.16 16.89
C GLY Q 183 37.92 8.12 17.37
N CYS Q 184 37.12 8.47 18.36
CA CYS Q 184 36.28 7.54 19.08
C CYS Q 184 34.81 7.82 18.84
N LEU Q 185 33.99 6.99 19.47
CA LEU Q 185 32.57 7.24 19.66
C LEU Q 185 32.24 6.98 21.12
N LEU Q 186 31.63 7.96 21.76
CA LEU Q 186 31.22 7.85 23.16
C LEU Q 186 29.73 7.59 23.19
N TYR Q 187 29.35 6.35 23.48
CA TYR Q 187 27.95 6.03 23.58
C TYR Q 187 27.60 5.65 25.01
N GLY Q 188 26.46 6.16 25.46
CA GLY Q 188 26.07 6.06 26.84
C GLY Q 188 24.99 7.08 27.17
N PRO Q 189 24.11 6.74 28.09
CA PRO Q 189 22.95 7.59 28.40
C PRO Q 189 23.38 8.90 29.02
N PRO Q 190 22.63 9.98 28.80
CA PRO Q 190 23.20 11.33 28.99
C PRO Q 190 23.35 11.68 30.46
N GLY Q 191 24.22 12.65 30.72
CA GLY Q 191 24.48 13.09 32.06
C GLY Q 191 25.76 12.57 32.66
N THR Q 192 26.34 11.50 32.11
CA THR Q 192 27.45 10.92 32.86
C THR Q 192 28.77 11.60 32.54
N GLY Q 193 29.35 11.35 31.38
CA GLY Q 193 30.72 11.82 31.25
C GLY Q 193 31.12 12.25 29.87
N LYS Q 194 30.14 12.39 28.98
CA LYS Q 194 30.44 12.36 27.56
C LYS Q 194 31.13 13.62 27.06
N THR Q 195 31.21 14.66 27.89
CA THR Q 195 31.88 15.89 27.52
C THR Q 195 33.15 16.15 28.32
N LEU Q 196 33.17 15.71 29.58
CA LEU Q 196 34.31 16.03 30.44
C LEU Q 196 35.55 15.29 29.99
N LEU Q 197 35.37 14.05 29.52
CA LEU Q 197 36.48 13.29 28.95
C LEU Q 197 37.06 13.98 27.74
N ALA Q 198 36.20 14.59 26.94
CA ALA Q 198 36.67 15.42 25.83
C ALA Q 198 37.39 16.66 26.35
N ARG Q 199 36.88 17.25 27.42
CA ARG Q 199 37.46 18.50 27.90
C ARG Q 199 38.73 18.23 28.71
N ALA Q 200 38.81 17.07 29.36
CA ALA Q 200 40.00 16.75 30.13
C ALA Q 200 41.18 16.49 29.20
N VAL Q 201 40.95 15.77 28.10
CA VAL Q 201 42.03 15.49 27.17
C VAL Q 201 42.32 16.72 26.31
N ALA Q 202 41.41 17.68 26.27
CA ALA Q 202 41.69 18.95 25.62
C ALA Q 202 42.33 19.96 26.56
N SER Q 203 42.80 19.52 27.72
CA SER Q 203 43.66 20.31 28.57
C SER Q 203 45.10 19.80 28.56
N GLN Q 204 45.27 18.48 28.51
CA GLN Q 204 46.60 17.90 28.49
C GLN Q 204 47.23 18.10 27.12
N LEU Q 205 48.22 19.00 27.07
CA LEU Q 205 48.89 19.43 25.85
C LEU Q 205 47.88 19.87 24.79
N ASP Q 206 47.17 20.93 25.15
CA ASP Q 206 46.02 21.39 24.40
C ASP Q 206 46.42 22.05 23.10
N CYS Q 207 45.45 22.16 22.21
CA CYS Q 207 45.48 23.11 21.11
C CYS Q 207 44.03 23.52 20.84
N ASN Q 208 43.78 24.02 19.64
CA ASN Q 208 42.52 24.68 19.33
C ASN Q 208 41.35 23.70 19.28
N PHE Q 209 40.85 23.39 20.47
CA PHE Q 209 39.72 22.48 20.63
C PHE Q 209 38.42 23.13 20.14
N LEU Q 210 37.59 22.34 19.47
CA LEU Q 210 36.31 22.80 18.96
C LEU Q 210 35.16 22.12 19.67
N LYS Q 211 34.00 22.80 19.66
CA LYS Q 211 32.78 22.28 20.26
C LYS Q 211 31.65 22.51 19.28
N VAL Q 212 30.95 21.46 18.91
CA VAL Q 212 29.86 21.53 17.95
C VAL Q 212 28.66 20.83 18.57
N VAL Q 213 27.54 21.54 18.69
CA VAL Q 213 26.35 20.93 19.25
C VAL Q 213 25.60 20.07 18.24
N SER Q 214 25.94 20.19 16.95
CA SER Q 214 25.40 19.35 15.85
C SER Q 214 23.89 19.43 15.72
N SER Q 215 23.29 20.51 16.20
CA SER Q 215 21.89 20.79 15.94
C SER Q 215 21.65 22.23 15.55
N SER Q 216 22.61 23.10 15.75
CA SER Q 216 22.60 24.45 15.22
C SER Q 216 23.08 24.51 13.78
N ILE Q 217 23.52 23.39 13.22
CA ILE Q 217 24.12 23.39 11.90
C ILE Q 217 23.12 22.95 10.83
N VAL Q 218 21.82 23.02 11.13
CA VAL Q 218 20.79 22.78 10.14
C VAL Q 218 19.87 23.98 10.10
N ASP Q 219 19.47 24.37 8.89
CA ASP Q 219 18.51 25.45 8.72
C ASP Q 219 17.76 25.25 7.42
N LYS Q 220 17.11 26.32 6.93
CA LYS Q 220 16.19 26.21 5.81
C LYS Q 220 16.93 25.94 4.51
N TYR Q 221 17.92 26.78 4.21
CA TYR Q 221 18.53 26.79 2.90
C TYR Q 221 19.43 25.57 2.74
N ILE Q 222 19.52 25.06 1.52
CA ILE Q 222 19.95 23.68 1.34
C ILE Q 222 21.47 23.57 1.35
N GLY Q 223 22.18 24.52 0.77
CA GLY Q 223 23.62 24.38 0.69
C GLY Q 223 24.37 25.13 1.76
N GLU Q 224 24.02 24.90 3.03
CA GLU Q 224 24.69 25.62 4.10
C GLU Q 224 25.21 24.66 5.14
N SER Q 225 24.47 23.57 5.37
CA SER Q 225 24.89 22.57 6.34
C SER Q 225 26.16 21.86 5.88
N ALA Q 226 26.30 21.65 4.57
CA ALA Q 226 27.58 21.17 4.06
C ALA Q 226 28.64 22.25 4.14
N ARG Q 227 28.24 23.52 4.03
CA ARG Q 227 29.20 24.61 3.98
C ARG Q 227 29.82 24.85 5.36
N LEU Q 228 29.07 24.57 6.41
CA LEU Q 228 29.65 24.68 7.75
C LEU Q 228 30.65 23.57 8.01
N ILE Q 229 30.35 22.36 7.53
CA ILE Q 229 31.22 21.22 7.77
C ILE Q 229 32.52 21.37 7.00
N ARG Q 230 32.46 21.90 5.79
CA ARG Q 230 33.66 22.16 5.02
C ARG Q 230 34.53 23.22 5.70
N GLU Q 231 33.90 24.22 6.30
CA GLU Q 231 34.68 25.29 6.93
C GLU Q 231 35.35 24.80 8.21
N MET Q 232 34.63 24.01 9.01
CA MET Q 232 35.19 23.55 10.27
C MET Q 232 36.33 22.57 10.08
N PHE Q 233 36.38 21.86 8.97
CA PHE Q 233 37.55 21.05 8.67
C PHE Q 233 38.68 21.87 8.07
N ASN Q 234 38.37 22.94 7.34
CA ASN Q 234 39.44 23.80 6.84
C ASN Q 234 40.11 24.56 7.96
N TYR Q 235 39.36 24.87 9.02
CA TYR Q 235 39.98 25.46 10.19
C TYR Q 235 40.87 24.45 10.90
N ALA Q 236 40.49 23.18 10.87
CA ALA Q 236 41.30 22.15 11.51
C ALA Q 236 42.57 21.88 10.73
N ARG Q 237 42.54 22.01 9.42
CA ARG Q 237 43.77 21.88 8.66
C ARG Q 237 44.62 23.13 8.77
N ASP Q 238 44.04 24.24 9.21
CA ASP Q 238 44.81 25.46 9.42
C ASP Q 238 45.70 25.32 10.65
N HIS Q 239 45.13 24.98 11.79
CA HIS Q 239 45.87 24.80 13.02
C HIS Q 239 46.09 23.31 13.22
N GLN Q 240 47.33 22.88 13.08
CA GLN Q 240 47.58 21.49 12.72
C GLN Q 240 47.28 20.51 13.86
N PRO Q 241 47.65 20.74 15.13
CA PRO Q 241 47.01 19.95 16.18
C PRO Q 241 45.62 20.49 16.47
N CYS Q 242 44.63 19.60 16.48
CA CYS Q 242 43.25 20.04 16.64
C CYS Q 242 42.38 18.86 17.07
N ILE Q 243 41.39 19.16 17.90
CA ILE Q 243 40.45 18.16 18.40
C ILE Q 243 39.05 18.62 18.03
N ILE Q 244 38.35 17.79 17.25
CA ILE Q 244 36.96 18.06 16.90
C ILE Q 244 36.07 17.36 17.91
N PHE Q 245 35.11 18.08 18.44
CA PHE Q 245 34.10 17.47 19.31
C PHE Q 245 32.72 17.82 18.77
N MET Q 246 31.91 16.79 18.53
CA MET Q 246 30.56 16.95 18.03
C MET Q 246 29.62 16.13 18.91
N ASP Q 247 28.92 16.79 19.81
CA ASP Q 247 27.92 16.12 20.62
C ASP Q 247 26.70 15.78 19.76
N GLU Q 248 25.96 14.76 20.18
CA GLU Q 248 24.67 14.29 19.61
C GLU Q 248 24.70 14.15 18.09
N ILE Q 249 25.49 13.17 17.65
CA ILE Q 249 25.59 12.83 16.23
C ILE Q 249 24.26 12.37 15.67
N ASP Q 250 23.44 11.73 16.53
CA ASP Q 250 22.16 11.15 16.14
C ASP Q 250 21.19 12.13 15.47
N ALA Q 251 21.38 13.43 15.69
CA ALA Q 251 20.61 14.44 14.97
C ALA Q 251 20.87 14.38 13.47
N ILE Q 252 22.14 14.29 13.07
CA ILE Q 252 22.44 14.31 11.64
C ILE Q 252 23.15 13.03 11.22
N GLY Q 253 23.31 12.09 12.15
CA GLY Q 253 23.98 10.86 11.82
C GLY Q 253 23.10 9.97 10.98
N GLY Q 254 22.03 9.46 11.57
CA GLY Q 254 20.96 8.74 10.95
C GLY Q 254 21.36 7.55 10.08
N ARG Q 255 20.42 7.18 9.22
CA ARG Q 255 20.62 6.13 8.24
C ARG Q 255 19.90 6.57 6.97
N ARG Q 256 20.40 6.10 5.84
CA ARG Q 256 19.83 6.48 4.56
C ARG Q 256 18.69 5.52 4.22
N PHE Q 257 17.67 6.03 3.54
CA PHE Q 257 16.54 5.20 3.16
C PHE Q 257 15.88 5.77 1.91
N SER Q 258 14.68 5.29 1.57
CA SER Q 258 14.12 5.51 0.24
C SER Q 258 13.63 6.92 0.00
N GLU Q 259 12.60 7.36 0.72
CA GLU Q 259 11.99 8.66 0.46
C GLU Q 259 11.64 9.35 1.78
N GLY Q 260 12.11 10.57 1.92
CA GLY Q 260 11.83 11.43 3.05
C GLY Q 260 11.64 12.84 2.53
N THR Q 261 11.01 12.91 1.35
CA THR Q 261 11.35 13.81 0.25
C THR Q 261 11.85 15.21 0.63
N SER Q 262 11.13 15.89 1.53
CA SER Q 262 11.40 17.30 1.75
C SER Q 262 12.66 17.52 2.59
N ALA Q 263 12.64 17.07 3.84
CA ALA Q 263 13.71 17.46 4.74
C ALA Q 263 14.85 16.45 4.76
N ASP Q 264 14.55 15.18 4.55
CA ASP Q 264 15.52 14.13 4.81
C ASP Q 264 16.64 14.07 3.80
N ARG Q 265 16.39 14.51 2.57
CA ARG Q 265 17.45 14.51 1.57
C ARG Q 265 18.52 15.53 1.87
N GLU Q 266 18.17 16.63 2.53
CA GLU Q 266 19.19 17.59 2.95
C GLU Q 266 20.09 16.98 4.01
N ILE Q 267 19.50 16.20 4.92
CA ILE Q 267 20.24 15.64 6.05
C ILE Q 267 21.22 14.59 5.56
N GLN Q 268 20.81 13.78 4.59
CA GLN Q 268 21.70 12.75 4.07
C GLN Q 268 22.84 13.36 3.27
N ARG Q 269 22.59 14.45 2.55
CA ARG Q 269 23.67 15.13 1.87
C ARG Q 269 24.57 15.86 2.85
N THR Q 270 23.98 16.34 3.96
CA THR Q 270 24.79 16.86 5.04
C THR Q 270 25.66 15.76 5.64
N LEU Q 271 25.10 14.55 5.73
CA LEU Q 271 25.83 13.44 6.31
C LEU Q 271 26.99 13.02 5.42
N MET Q 272 26.74 12.90 4.10
CA MET Q 272 27.76 12.42 3.19
C MET Q 272 28.91 13.42 3.04
N GLU Q 273 28.65 14.69 3.32
CA GLU Q 273 29.75 15.65 3.37
C GLU Q 273 30.61 15.41 4.60
N LEU Q 274 29.97 15.18 5.75
CA LEU Q 274 30.71 14.84 6.95
C LEU Q 274 31.38 13.48 6.83
N LEU Q 275 30.69 12.54 6.18
CA LEU Q 275 31.15 11.17 6.12
C LEU Q 275 32.39 11.03 5.26
N ASN Q 276 32.62 11.97 4.36
CA ASN Q 276 33.66 11.81 3.36
C ASN Q 276 34.53 13.04 3.25
N GLN Q 277 34.63 13.81 4.32
CA GLN Q 277 35.67 14.80 4.49
C GLN Q 277 36.52 14.51 5.71
N MET Q 278 36.15 13.52 6.50
CA MET Q 278 37.03 12.98 7.52
C MET Q 278 37.70 11.69 7.09
N ASP Q 279 37.27 11.12 5.97
CA ASP Q 279 37.97 10.04 5.30
C ASP Q 279 37.94 10.28 3.80
N GLY Q 280 38.17 11.52 3.40
CA GLY Q 280 38.09 11.92 2.02
C GLY Q 280 39.31 11.57 1.20
N PHE Q 281 39.45 12.27 0.07
CA PHE Q 281 40.65 12.12 -0.73
C PHE Q 281 41.86 12.73 -0.03
N ASP Q 282 41.65 13.78 0.74
CA ASP Q 282 42.72 14.39 1.51
C ASP Q 282 42.91 13.60 2.80
N THR Q 283 44.16 13.32 3.13
CA THR Q 283 44.46 12.66 4.39
C THR Q 283 44.26 13.65 5.52
N LEU Q 284 43.29 13.35 6.38
CA LEU Q 284 43.05 14.17 7.57
C LEU Q 284 44.22 13.92 8.52
N HIS Q 285 45.11 14.89 8.60
CA HIS Q 285 46.39 14.71 9.26
C HIS Q 285 46.47 15.56 10.52
N ARG Q 286 46.93 14.93 11.60
CA ARG Q 286 47.12 15.54 12.93
C ARG Q 286 45.81 16.04 13.55
N VAL Q 287 44.67 15.53 13.11
CA VAL Q 287 43.36 16.00 13.57
C VAL Q 287 42.60 14.82 14.15
N LYS Q 288 42.04 15.01 15.34
CA LYS Q 288 41.30 13.96 16.02
C LYS Q 288 39.85 14.40 16.24
N MET Q 289 38.95 13.43 16.26
CA MET Q 289 37.50 13.70 16.31
C MET Q 289 36.88 12.90 17.43
N ILE Q 290 36.12 13.55 18.28
CA ILE Q 290 35.40 12.87 19.35
C ILE Q 290 33.92 13.04 19.08
N MET Q 291 33.25 11.95 18.75
CA MET Q 291 31.82 11.96 18.55
C MET Q 291 31.14 11.37 19.77
N ALA Q 292 30.08 12.02 20.23
CA ALA Q 292 29.39 11.60 21.44
C ALA Q 292 27.89 11.75 21.23
N THR Q 293 27.16 10.67 21.43
CA THR Q 293 25.71 10.70 21.38
C THR Q 293 25.16 9.69 22.36
N ASN Q 294 24.01 10.00 22.93
CA ASN Q 294 23.40 9.14 23.93
C ASN Q 294 22.53 8.05 23.32
N ARG Q 295 22.14 8.21 22.07
CA ARG Q 295 21.20 7.31 21.45
C ARG Q 295 21.79 5.98 20.97
N PRO Q 296 22.97 5.98 20.31
CA PRO Q 296 23.06 5.34 18.99
C PRO Q 296 22.68 3.89 18.90
N ASP Q 297 21.52 3.69 18.27
CA ASP Q 297 21.09 2.40 17.78
C ASP Q 297 21.05 2.40 16.27
N THR Q 298 20.57 3.50 15.71
CA THR Q 298 20.56 3.75 14.28
C THR Q 298 21.62 4.79 13.95
N LEU Q 299 22.74 4.33 13.43
CA LEU Q 299 23.66 5.21 12.73
C LEU Q 299 23.99 4.57 11.41
N ASP Q 300 24.60 5.37 10.55
CA ASP Q 300 25.03 4.87 9.26
C ASP Q 300 26.18 3.90 9.47
N PRO Q 301 26.13 2.70 8.89
CA PRO Q 301 27.29 1.80 8.96
C PRO Q 301 28.54 2.35 8.32
N ALA Q 302 28.42 3.26 7.36
CA ALA Q 302 29.58 3.95 6.83
C ALA Q 302 30.18 4.88 7.87
N LEU Q 303 29.34 5.44 8.75
CA LEU Q 303 29.84 6.20 9.88
C LEU Q 303 30.46 5.30 10.94
N LEU Q 304 29.97 4.08 11.08
CA LEU Q 304 30.39 3.21 12.16
C LEU Q 304 31.51 2.28 11.77
N ARG Q 305 32.00 2.32 10.54
CA ARG Q 305 33.04 1.36 10.23
C ARG Q 305 34.38 1.87 10.75
N PRO Q 306 35.23 0.99 11.28
CA PRO Q 306 36.54 1.41 11.76
C PRO Q 306 37.43 1.84 10.62
N GLY Q 307 38.11 2.95 10.81
CA GLY Q 307 38.77 3.64 9.72
C GLY Q 307 38.35 5.08 9.80
N ARG Q 308 37.13 5.30 10.28
CA ARG Q 308 36.63 6.63 10.55
C ARG Q 308 36.39 6.87 12.03
N LEU Q 309 35.80 5.91 12.72
CA LEU Q 309 35.51 6.01 14.16
C LEU Q 309 36.02 4.75 14.85
N ASP Q 310 37.31 4.47 14.61
CA ASP Q 310 37.98 3.17 14.80
C ASP Q 310 37.66 2.41 16.08
N ARG Q 311 37.50 3.09 17.20
CA ARG Q 311 37.14 2.37 18.42
C ARG Q 311 36.04 3.10 19.17
N LYS Q 312 34.96 2.39 19.46
CA LYS Q 312 33.85 2.88 20.25
C LYS Q 312 34.03 2.45 21.70
N ILE Q 313 33.37 3.16 22.61
CA ILE Q 313 33.56 2.91 24.03
C ILE Q 313 32.29 3.33 24.79
N HIS Q 314 31.93 2.52 25.78
CA HIS Q 314 30.66 2.65 26.49
C HIS Q 314 30.87 3.38 27.79
N ILE Q 315 29.83 4.07 28.25
CA ILE Q 315 29.86 4.81 29.51
C ILE Q 315 28.62 4.43 30.31
N ASP Q 316 28.83 3.90 31.51
CA ASP Q 316 27.72 3.49 32.36
C ASP Q 316 27.47 4.49 33.47
N LEU Q 317 26.27 4.49 34.02
CA LEU Q 317 25.89 5.52 34.99
C LEU Q 317 26.37 5.19 36.41
N PRO Q 318 25.99 4.03 37.05
CA PRO Q 318 26.34 3.88 38.47
C PRO Q 318 27.57 3.04 38.72
N ASN Q 319 28.01 2.99 39.97
CA ASN Q 319 28.69 1.80 40.48
C ASN Q 319 28.30 1.44 41.90
N GLU Q 320 27.81 2.42 42.69
CA GLU Q 320 27.75 2.57 44.16
C GLU Q 320 29.16 2.86 44.71
N GLN Q 321 30.17 2.76 43.87
CA GLN Q 321 31.54 3.04 44.22
C GLN Q 321 32.14 4.16 43.40
N ALA Q 322 31.70 4.32 42.15
CA ALA Q 322 31.91 5.57 41.43
C ALA Q 322 30.97 6.65 41.95
N ARG Q 323 29.80 6.24 42.46
CA ARG Q 323 28.97 7.16 43.23
C ARG Q 323 29.73 7.67 44.44
N LEU Q 324 30.52 6.81 45.07
CA LEU Q 324 31.36 7.21 46.19
C LEU Q 324 32.44 8.18 45.72
N ASP Q 325 32.89 8.04 44.48
CA ASP Q 325 33.99 8.87 44.01
C ASP Q 325 33.52 10.26 43.62
N ILE Q 326 32.43 10.33 42.85
CA ILE Q 326 31.90 11.60 42.36
C ILE Q 326 31.42 12.45 43.53
N LEU Q 327 30.89 11.80 44.56
CA LEU Q 327 30.41 12.50 45.73
C LEU Q 327 31.55 13.15 46.50
N LYS Q 328 32.68 12.46 46.63
CA LYS Q 328 33.80 13.02 47.37
C LYS Q 328 34.48 14.14 46.61
N ILE Q 329 34.36 14.14 45.28
CA ILE Q 329 35.00 15.18 44.49
C ILE Q 329 34.18 16.46 44.51
N HIS Q 330 32.87 16.35 44.30
CA HIS Q 330 32.03 17.54 44.34
C HIS Q 330 31.78 18.03 45.76
N ALA Q 331 31.78 17.14 46.75
CA ALA Q 331 31.91 17.56 48.13
C ALA Q 331 33.37 17.51 48.55
N GLY Q 332 34.15 18.27 47.80
CA GLY Q 332 35.58 18.38 48.01
C GLY Q 332 35.81 19.66 48.78
N PRO Q 333 36.10 20.74 48.08
CA PRO Q 333 36.34 22.02 48.75
C PRO Q 333 35.09 22.64 49.37
N ILE Q 334 34.55 21.97 50.39
CA ILE Q 334 33.37 22.41 51.12
C ILE Q 334 33.64 22.18 52.61
N THR Q 335 33.53 23.25 53.40
CA THR Q 335 33.86 23.18 54.81
C THR Q 335 32.85 22.33 55.57
N LYS Q 336 33.37 21.50 56.48
CA LYS Q 336 32.56 20.48 57.15
C LYS Q 336 33.24 20.12 58.46
N HIS Q 337 32.80 19.02 59.08
CA HIS Q 337 33.42 18.51 60.30
C HIS Q 337 33.95 17.09 60.16
N GLY Q 338 33.89 16.49 58.97
CA GLY Q 338 34.30 15.10 58.85
C GLY Q 338 33.32 14.13 59.44
N GLU Q 339 32.05 14.52 59.56
CA GLU Q 339 30.99 13.70 60.11
C GLU Q 339 30.23 13.01 58.98
N ILE Q 340 30.95 12.65 57.92
CA ILE Q 340 30.32 12.35 56.65
C ILE Q 340 30.20 10.84 56.51
N ASP Q 341 28.99 10.32 56.73
CA ASP Q 341 28.69 8.95 56.38
C ASP Q 341 28.40 8.96 54.88
N TYR Q 342 29.48 8.80 54.10
CA TYR Q 342 29.35 8.81 52.65
C TYR Q 342 28.52 7.65 52.15
N GLU Q 343 28.66 6.48 52.77
CA GLU Q 343 28.02 5.27 52.25
C GLU Q 343 26.51 5.32 52.41
N ALA Q 344 26.03 5.75 53.58
CA ALA Q 344 24.59 5.82 53.80
C ALA Q 344 23.96 6.92 52.98
N ILE Q 345 24.73 7.93 52.59
CA ILE Q 345 24.27 8.83 51.55
C ILE Q 345 24.12 8.09 50.24
N VAL Q 346 25.20 7.44 49.79
CA VAL Q 346 25.24 6.68 48.53
C VAL Q 346 24.23 5.52 48.55
N LYS Q 347 23.96 4.97 49.72
CA LYS Q 347 22.88 3.99 49.85
C LYS Q 347 21.53 4.61 49.56
N LEU Q 348 21.24 5.77 50.16
CA LEU Q 348 20.01 6.47 49.84
C LEU Q 348 20.08 7.14 48.48
N SER Q 349 21.27 7.52 48.05
CA SER Q 349 21.39 8.23 46.78
C SER Q 349 21.26 7.25 45.64
N ASP Q 350 20.21 7.42 44.87
CA ASP Q 350 20.12 6.77 43.58
C ASP Q 350 20.12 7.94 42.62
N GLY Q 351 21.32 8.44 42.33
CA GLY Q 351 21.46 9.72 41.68
C GLY Q 351 21.67 9.55 40.20
N PHE Q 352 22.45 8.53 39.84
CA PHE Q 352 22.66 8.07 38.45
C PHE Q 352 23.31 9.11 37.56
N ASN Q 353 23.82 10.19 38.13
CA ASN Q 353 24.21 11.36 37.35
C ASN Q 353 25.05 12.20 38.28
N GLY Q 354 26.29 12.46 37.89
CA GLY Q 354 27.11 13.35 38.69
C GLY Q 354 26.61 14.77 38.66
N ALA Q 355 25.87 15.14 37.62
CA ALA Q 355 25.14 16.40 37.63
C ALA Q 355 24.09 16.42 38.73
N ASP Q 356 23.46 15.27 38.99
CA ASP Q 356 22.60 15.17 40.16
C ASP Q 356 23.44 15.14 41.43
N LEU Q 357 24.61 14.52 41.37
CA LEU Q 357 25.47 14.50 42.55
C LEU Q 357 26.12 15.85 42.79
N ARG Q 358 26.40 16.59 41.72
CA ARG Q 358 26.77 18.00 41.85
C ARG Q 358 25.64 18.79 42.46
N ASN Q 359 24.41 18.46 42.08
CA ASN Q 359 23.24 19.13 42.65
C ASN Q 359 23.05 18.76 44.12
N VAL Q 360 23.35 17.51 44.49
CA VAL Q 360 23.29 17.11 45.90
C VAL Q 360 24.30 17.88 46.72
N CYS Q 361 25.51 18.02 46.20
CA CYS Q 361 26.53 18.79 46.90
C CYS Q 361 26.21 20.28 46.90
N THR Q 362 25.45 20.74 45.90
CA THR Q 362 25.03 22.14 45.88
C THR Q 362 23.96 22.40 46.92
N GLU Q 363 22.95 21.53 46.99
CA GLU Q 363 21.82 21.76 47.88
C GLU Q 363 22.22 21.57 49.34
N ALA Q 364 23.10 20.62 49.63
CA ALA Q 364 23.53 20.39 51.01
C ALA Q 364 24.32 21.59 51.53
N GLY Q 365 25.02 22.29 50.64
CA GLY Q 365 25.56 23.57 51.02
C GLY Q 365 24.50 24.59 51.35
N MET Q 366 23.42 24.62 50.56
CA MET Q 366 22.39 25.64 50.74
C MET Q 366 21.62 25.46 52.04
N PHE Q 367 21.33 24.21 52.42
CA PHE Q 367 20.70 23.99 53.72
C PHE Q 367 21.64 24.26 54.88
N ALA Q 368 22.95 24.19 54.66
CA ALA Q 368 23.88 24.57 55.72
C ALA Q 368 23.88 26.08 55.92
N ILE Q 369 23.71 26.83 54.83
CA ILE Q 369 23.57 28.27 54.91
C ILE Q 369 22.26 28.64 55.59
N ARG Q 370 21.22 27.83 55.39
CA ARG Q 370 20.02 27.92 56.19
C ARG Q 370 20.36 27.62 57.65
N ALA Q 371 19.76 28.42 58.54
CA ALA Q 371 20.03 28.46 59.99
C ALA Q 371 21.49 28.77 60.33
N ASP Q 372 22.21 29.42 59.40
CA ASP Q 372 23.44 30.18 59.65
C ASP Q 372 24.56 29.32 60.25
N HIS Q 373 25.02 28.37 59.44
CA HIS Q 373 26.12 27.49 59.82
C HIS Q 373 27.29 27.69 58.87
N ASP Q 374 28.48 27.87 59.43
CA ASP Q 374 29.69 28.00 58.62
C ASP Q 374 30.24 26.66 58.16
N PHE Q 375 29.75 25.57 58.72
CA PHE Q 375 30.12 24.21 58.40
C PHE Q 375 29.02 23.59 57.56
N VAL Q 376 29.16 22.30 57.28
CA VAL Q 376 28.08 21.50 56.71
C VAL Q 376 27.91 20.27 57.57
N VAL Q 377 26.71 20.06 58.08
CA VAL Q 377 26.42 18.87 58.86
C VAL Q 377 25.93 17.79 57.91
N GLN Q 378 25.96 16.54 58.37
CA GLN Q 378 25.59 15.41 57.54
C GLN Q 378 24.09 15.38 57.24
N GLU Q 379 23.27 16.02 58.08
CA GLU Q 379 21.85 16.07 57.82
C GLU Q 379 21.51 16.96 56.63
N ASP Q 380 22.36 17.94 56.34
CA ASP Q 380 22.18 18.78 55.17
C ASP Q 380 22.28 17.96 53.88
N PHE Q 381 23.10 16.90 53.90
CA PHE Q 381 23.17 16.01 52.76
C PHE Q 381 21.88 15.20 52.60
N MET Q 382 21.35 14.68 53.70
CA MET Q 382 20.16 13.84 53.62
C MET Q 382 18.92 14.65 53.25
N LYS Q 383 18.92 15.94 53.59
CA LYS Q 383 17.91 16.83 53.05
C LYS Q 383 18.11 17.03 51.55
N ALA Q 384 19.38 17.08 51.11
CA ALA Q 384 19.67 17.28 49.71
C ALA Q 384 19.37 16.03 48.90
N VAL Q 385 19.58 14.85 49.49
CA VAL Q 385 19.34 13.61 48.76
C VAL Q 385 17.84 13.39 48.56
N ARG Q 386 17.04 13.71 49.59
CA ARG Q 386 15.59 13.50 49.46
C ARG Q 386 14.97 14.50 48.50
N LYS Q 387 15.53 15.70 48.41
CA LYS Q 387 15.03 16.67 47.44
C LYS Q 387 15.36 16.23 46.02
N VAL Q 388 16.61 15.82 45.79
CA VAL Q 388 17.06 15.48 44.44
C VAL Q 388 16.39 14.19 43.96
N ALA Q 389 16.23 13.21 44.85
CA ALA Q 389 15.52 11.99 44.47
C ALA Q 389 14.05 12.27 44.22
N ASP Q 390 13.47 13.23 44.93
CA ASP Q 390 12.09 13.61 44.64
C ASP Q 390 11.98 14.35 43.32
N SER Q 391 12.93 15.23 43.03
CA SER Q 391 12.87 16.03 41.81
C SER Q 391 13.09 15.17 40.57
N LYS Q 392 13.84 14.08 40.70
CA LYS Q 392 13.98 13.15 39.58
C LYS Q 392 12.70 12.38 39.33
N LYS Q 393 12.02 11.97 40.39
CA LYS Q 393 10.79 11.19 40.27
C LYS Q 393 9.62 11.99 39.72
N LEU Q 394 9.74 13.32 39.67
CA LEU Q 394 8.71 14.18 39.09
C LEU Q 394 8.93 14.42 37.61
N GLU Q 395 9.57 13.48 36.92
CA GLU Q 395 9.83 13.60 35.49
C GLU Q 395 9.30 12.38 34.76
N SER Q 396 8.85 12.60 33.53
CA SER Q 396 8.37 11.55 32.65
C SER Q 396 9.21 11.49 31.38
N LYS Q 397 8.91 10.48 30.55
CA LYS Q 397 9.54 10.13 29.27
C LYS Q 397 11.07 10.26 29.26
N LEU Q 398 11.71 9.46 30.11
CA LEU Q 398 13.15 9.50 30.37
C LEU Q 398 13.82 8.18 30.02
N ASP Q 399 13.53 7.66 28.82
CA ASP Q 399 13.92 6.31 28.40
C ASP Q 399 15.42 6.07 28.39
N TYR Q 400 15.82 4.88 28.80
CA TYR Q 400 17.20 4.44 28.73
C TYR Q 400 17.28 3.13 27.93
N LYS Q 401 17.50 3.27 26.62
CA LYS Q 401 17.68 2.14 25.72
C LYS Q 401 18.70 2.51 24.65
N PRO Q 402 20.01 2.40 24.96
CA PRO Q 402 21.03 2.52 23.92
C PRO Q 402 21.28 1.19 23.23
N VAL Q 403 22.30 1.12 22.39
CA VAL Q 403 22.74 -0.16 21.83
C VAL Q 403 23.36 -1.02 22.94
N GLU R 25 73.29 64.39 63.43
CA GLU R 25 73.90 65.70 63.65
C GLU R 25 75.03 65.58 64.66
N GLN R 26 75.27 64.37 65.16
CA GLN R 26 76.38 64.13 66.06
C GLN R 26 77.71 64.26 65.31
N ASP R 27 77.79 63.65 64.13
CA ASP R 27 78.99 63.79 63.31
C ASP R 27 79.15 65.20 62.76
N GLY R 28 78.05 65.96 62.63
CA GLY R 28 78.15 67.34 62.22
C GLY R 28 78.81 68.21 63.28
N ILE R 29 78.53 67.94 64.55
CA ILE R 29 79.28 68.57 65.63
C ILE R 29 80.62 67.87 65.82
N GLY R 30 80.63 66.54 65.73
CA GLY R 30 81.81 65.77 66.08
C GLY R 30 82.98 65.92 65.13
N GLU R 31 82.71 66.20 63.85
CA GLU R 31 83.82 66.48 62.94
C GLU R 31 84.35 67.90 63.11
N GLU R 32 83.59 68.76 63.78
CA GLU R 32 84.08 70.07 64.19
C GLU R 32 84.85 70.02 65.50
N VAL R 33 84.95 68.83 66.12
CA VAL R 33 85.72 68.63 67.33
C VAL R 33 87.13 68.14 67.02
N LEU R 34 87.24 67.14 66.12
CA LEU R 34 88.48 66.40 65.95
C LEU R 34 89.52 67.20 65.17
N LYS R 35 89.21 67.56 63.93
CA LYS R 35 90.21 68.10 63.01
C LYS R 35 89.88 69.56 62.68
N MET R 36 90.43 70.46 63.50
CA MET R 36 90.02 71.86 63.51
C MET R 36 90.67 72.69 62.41
N SER R 37 91.83 72.30 61.91
CA SER R 37 92.47 72.99 60.78
C SER R 37 92.75 72.05 59.62
N THR R 38 92.06 70.92 59.57
CA THR R 38 92.32 69.88 58.59
C THR R 38 91.15 69.67 57.62
N GLU R 39 89.91 69.84 58.08
CA GLU R 39 88.76 69.77 57.18
C GLU R 39 87.70 70.85 57.43
N GLU R 40 87.88 71.73 58.41
CA GLU R 40 86.86 72.75 58.65
C GLU R 40 86.92 73.85 57.60
N ILE R 41 88.11 74.18 57.13
CA ILE R 41 88.26 75.07 55.97
C ILE R 41 88.23 74.26 54.68
N ILE R 42 88.30 72.93 54.76
CA ILE R 42 88.64 72.14 53.59
C ILE R 42 87.43 71.34 53.14
N GLN R 43 86.92 70.44 54.01
CA GLN R 43 85.76 69.61 53.66
C GLN R 43 84.53 70.44 53.41
N ARG R 44 84.38 71.52 54.18
CA ARG R 44 83.25 72.42 54.03
C ARG R 44 83.48 73.43 52.92
N THR R 45 84.56 73.29 52.15
CA THR R 45 84.64 73.86 50.81
C THR R 45 84.50 72.79 49.74
N ARG R 46 85.28 71.70 49.83
CA ARG R 46 85.54 70.86 48.66
C ARG R 46 84.29 70.15 48.14
N LEU R 47 83.43 69.64 49.03
CA LEU R 47 82.21 69.01 48.57
C LEU R 47 81.06 70.00 48.49
N LEU R 48 81.32 71.27 48.77
CA LEU R 48 80.35 72.33 48.56
C LEU R 48 80.72 73.23 47.39
N ASP R 49 82.01 73.49 47.18
CA ASP R 49 82.46 74.18 45.98
C ASP R 49 82.21 73.33 44.75
N SER R 50 82.56 72.04 44.81
CA SER R 50 82.29 71.15 43.69
C SER R 50 80.80 70.88 43.54
N GLU R 51 80.04 71.05 44.63
CA GLU R 51 78.59 70.95 44.50
C GLU R 51 78.03 72.13 43.74
N ILE R 52 78.40 73.36 44.15
CA ILE R 52 77.76 74.56 43.61
C ILE R 52 78.19 74.82 42.18
N LYS R 53 79.37 74.34 41.76
CA LYS R 53 79.77 74.54 40.36
C LYS R 53 79.02 73.59 39.44
N ILE R 54 78.78 72.36 39.90
CA ILE R 54 77.95 71.43 39.13
C ILE R 54 76.49 71.84 39.19
N MET R 55 76.05 72.40 40.33
CA MET R 55 74.68 72.89 40.41
C MET R 55 74.48 74.14 39.56
N LYS R 56 75.51 75.00 39.45
CA LYS R 56 75.42 76.13 38.55
C LYS R 56 75.43 75.67 37.09
N SER R 57 76.17 74.60 36.80
CA SER R 57 76.22 74.09 35.44
C SER R 57 74.90 73.46 35.03
N GLU R 58 74.29 72.70 35.94
CA GLU R 58 73.13 71.89 35.57
C GLU R 58 71.80 72.54 35.88
N VAL R 59 71.79 73.76 36.43
CA VAL R 59 70.55 74.50 36.57
C VAL R 59 70.22 75.26 35.28
N LEU R 60 71.20 75.47 34.41
CA LEU R 60 70.99 76.21 33.17
C LEU R 60 70.92 75.31 31.95
N ARG R 61 71.59 74.15 32.00
CA ARG R 61 71.50 73.18 30.91
C ARG R 61 70.08 72.63 30.78
N VAL R 62 69.50 72.20 31.90
CA VAL R 62 68.18 71.60 31.85
C VAL R 62 67.12 72.66 31.58
N THR R 63 67.33 73.87 32.09
CA THR R 63 66.36 74.95 31.91
C THR R 63 66.30 75.41 30.47
N HIS R 64 67.47 75.55 29.83
CA HIS R 64 67.49 75.93 28.41
C HIS R 64 66.95 74.80 27.53
N GLU R 65 67.25 73.55 27.89
CA GLU R 65 66.69 72.42 27.15
C GLU R 65 65.22 72.23 27.45
N LEU R 66 64.74 72.73 28.59
CA LEU R 66 63.31 72.73 28.86
C LEU R 66 62.60 73.69 27.92
N GLN R 67 63.08 74.93 27.84
CA GLN R 67 62.42 75.96 27.05
C GLN R 67 62.51 75.66 25.55
N ALA R 68 63.59 75.00 25.12
CA ALA R 68 63.73 74.66 23.72
C ALA R 68 62.74 73.58 23.30
N MET R 69 62.56 72.57 24.15
CA MET R 69 61.68 71.46 23.79
C MET R 69 60.21 71.78 24.01
N LYS R 70 59.89 72.82 24.79
CA LYS R 70 58.52 73.32 24.81
C LYS R 70 58.19 73.97 23.48
N ASP R 71 59.18 74.60 22.85
CA ASP R 71 58.96 75.23 21.55
C ASP R 71 58.77 74.19 20.46
N LYS R 72 59.50 73.08 20.55
CA LYS R 72 59.41 72.06 19.52
C LYS R 72 58.12 71.26 19.63
N ILE R 73 57.63 71.03 20.86
CA ILE R 73 56.34 70.38 20.99
C ILE R 73 55.22 71.36 20.66
N LYS R 74 55.49 72.66 20.78
CA LYS R 74 54.52 73.65 20.31
C LYS R 74 54.42 73.63 18.80
N GLU R 75 55.57 73.57 18.11
CA GLU R 75 55.57 73.63 16.66
C GLU R 75 55.03 72.35 16.05
N ASN R 76 55.31 71.21 16.66
CA ASN R 76 54.73 69.95 16.21
C ASN R 76 53.23 69.92 16.43
N SER R 77 52.75 70.45 17.55
CA SER R 77 51.32 70.49 17.81
C SER R 77 50.61 71.44 16.85
N GLU R 78 51.29 72.51 16.44
CA GLU R 78 50.73 73.36 15.39
C GLU R 78 50.75 72.64 14.05
N LYS R 79 51.74 71.77 13.83
CA LYS R 79 51.82 71.04 12.57
C LYS R 79 50.76 69.96 12.50
N ILE R 80 50.49 69.29 13.62
CA ILE R 80 49.44 68.26 13.64
C ILE R 80 48.07 68.92 13.51
N LYS R 81 47.94 70.14 14.03
CA LYS R 81 46.66 70.86 13.98
C LYS R 81 46.24 71.16 12.55
N VAL R 82 47.20 71.46 11.68
CA VAL R 82 46.86 71.84 10.31
C VAL R 82 46.49 70.60 9.51
N ASN R 83 47.22 69.50 9.69
CA ASN R 83 46.95 68.30 8.93
C ASN R 83 45.83 67.44 9.51
N LYS R 84 45.35 67.76 10.71
CA LYS R 84 44.14 67.13 11.26
C LYS R 84 43.02 68.13 11.00
N THR R 85 42.31 67.92 9.90
CA THR R 85 41.38 68.93 9.41
C THR R 85 40.10 68.27 8.89
N LEU R 86 38.97 68.84 9.28
CA LEU R 86 37.66 68.51 8.72
C LEU R 86 37.63 68.80 7.21
N PRO R 87 36.77 68.10 6.44
CA PRO R 87 35.75 67.10 6.75
C PRO R 87 36.32 65.71 6.94
N TYR R 88 35.54 64.84 7.56
CA TYR R 88 35.98 63.49 7.85
C TYR R 88 35.09 62.49 7.13
N LEU R 89 35.69 61.39 6.73
CA LEU R 89 34.96 60.20 6.35
C LEU R 89 34.64 59.42 7.61
N VAL R 90 33.45 58.82 7.67
CA VAL R 90 33.17 57.91 8.77
C VAL R 90 33.33 56.50 8.23
N SER R 91 33.50 55.57 9.15
CA SER R 91 33.67 54.16 8.81
C SER R 91 33.41 53.36 10.07
N ASN R 92 33.63 52.05 9.96
CA ASN R 92 33.49 51.14 11.08
C ASN R 92 34.67 50.19 11.09
N VAL R 93 35.36 50.13 12.21
CA VAL R 93 36.45 49.18 12.36
C VAL R 93 35.89 47.77 12.42
N ILE R 94 36.29 46.92 11.49
CA ILE R 94 35.75 45.58 11.41
C ILE R 94 36.44 44.71 12.45
N GLU R 95 37.76 44.59 12.35
CA GLU R 95 38.55 43.90 13.37
C GLU R 95 39.82 44.70 13.61
N LEU R 96 40.60 44.23 14.59
CA LEU R 96 41.84 44.89 14.96
C LEU R 96 42.94 43.83 15.04
N LEU R 97 44.11 44.17 14.52
CA LEU R 97 45.27 43.29 14.63
C LEU R 97 46.46 44.08 15.18
N ASP R 98 47.63 43.44 15.25
CA ASP R 98 48.80 44.11 15.81
C ASP R 98 49.99 44.00 14.86
N VAL R 99 50.11 42.88 14.18
CA VAL R 99 51.20 42.67 13.23
C VAL R 99 50.64 42.49 11.83
N LYS R 120 47.38 47.06 16.72
CA LYS R 120 48.18 48.06 16.03
C LYS R 120 47.83 48.12 14.55
N CYS R 121 47.16 47.08 14.07
CA CYS R 121 46.71 47.00 12.68
C CYS R 121 45.20 46.94 12.66
N ALA R 122 44.60 47.46 11.59
CA ALA R 122 43.15 47.53 11.51
C ALA R 122 42.69 47.36 10.08
N VAL R 123 41.55 46.70 9.92
CA VAL R 123 40.88 46.56 8.63
C VAL R 123 39.56 47.33 8.71
N ILE R 124 39.38 48.27 7.81
CA ILE R 124 38.34 49.28 7.94
C ILE R 124 37.49 49.27 6.68
N LYS R 125 36.18 49.11 6.86
CA LYS R 125 35.22 49.30 5.78
C LYS R 125 34.63 50.70 5.91
N THR R 126 34.76 51.49 4.86
CA THR R 126 34.15 52.80 4.88
C THR R 126 32.68 52.69 4.56
N SER R 127 31.96 53.77 4.85
CA SER R 127 30.59 53.96 4.42
C SER R 127 30.46 54.37 2.96
N THR R 128 31.57 54.37 2.21
CA THR R 128 31.55 54.27 0.75
C THR R 128 31.51 52.83 0.28
N ARG R 129 31.27 51.89 1.20
CA ARG R 129 31.27 50.44 0.94
C ARG R 129 32.61 49.97 0.36
N GLN R 130 33.70 50.51 0.88
CA GLN R 130 35.04 50.17 0.43
C GLN R 130 35.87 49.76 1.64
N THR R 131 36.51 48.60 1.55
CA THR R 131 37.34 48.08 2.63
C THR R 131 38.79 48.48 2.40
N TYR R 132 39.38 49.17 3.36
CA TYR R 132 40.78 49.57 3.31
C TYR R 132 41.56 48.88 4.42
N PHE R 133 42.87 48.89 4.26
CA PHE R 133 43.79 48.48 5.32
C PHE R 133 44.70 49.64 5.66
N LEU R 134 45.07 49.72 6.94
CA LEU R 134 46.11 50.60 7.36
C LEU R 134 47.04 49.84 8.31
N PRO R 135 48.33 49.95 8.15
CA PRO R 135 49.25 49.33 9.11
C PRO R 135 49.42 50.17 10.36
N VAL R 136 49.29 51.49 10.22
CA VAL R 136 49.44 52.43 11.32
C VAL R 136 48.09 53.09 11.54
N ILE R 137 47.67 53.20 12.79
CA ILE R 137 46.30 53.61 13.08
C ILE R 137 46.17 55.13 13.13
N GLY R 138 46.94 55.79 13.98
CA GLY R 138 46.91 57.24 13.97
C GLY R 138 46.71 57.91 15.31
N LEU R 139 45.80 58.88 15.38
CA LEU R 139 45.67 59.74 16.55
C LEU R 139 44.66 59.19 17.56
N VAL R 140 44.76 57.90 17.83
CA VAL R 140 44.08 57.21 18.91
C VAL R 140 45.05 56.16 19.44
N ASP R 141 44.59 55.38 20.42
CA ASP R 141 45.32 54.21 20.86
C ASP R 141 44.58 52.96 20.42
N ALA R 142 45.36 51.92 20.06
CA ALA R 142 44.77 50.66 19.59
C ALA R 142 43.99 49.96 20.69
N GLU R 143 44.49 50.02 21.92
CA GLU R 143 43.81 49.39 23.04
C GLU R 143 42.52 50.11 23.42
N LYS R 144 42.41 51.39 23.09
CA LYS R 144 41.19 52.14 23.32
C LYS R 144 40.12 51.86 22.29
N LEU R 145 40.46 51.18 21.20
CA LEU R 145 39.50 50.93 20.14
C LEU R 145 38.83 49.57 20.32
N LYS R 146 37.70 49.41 19.65
CA LYS R 146 36.93 48.19 19.66
C LYS R 146 36.26 48.06 18.30
N PRO R 147 35.96 46.84 17.86
CA PRO R 147 35.32 46.67 16.54
C PRO R 147 33.94 47.29 16.48
N GLY R 148 33.75 48.17 15.51
CA GLY R 148 32.46 48.81 15.31
C GLY R 148 32.35 50.19 15.92
N ASP R 149 33.32 51.06 15.66
CA ASP R 149 33.26 52.44 16.12
C ASP R 149 33.11 53.37 14.93
N LEU R 150 32.52 54.54 15.20
CA LEU R 150 32.18 55.49 14.15
C LEU R 150 33.32 56.49 13.96
N VAL R 151 34.49 55.94 13.61
CA VAL R 151 35.73 56.71 13.66
C VAL R 151 35.79 57.74 12.54
N GLY R 152 36.46 58.86 12.83
CA GLY R 152 36.58 59.95 11.89
C GLY R 152 37.84 59.82 11.07
N VAL R 153 37.67 59.58 9.78
CA VAL R 153 38.74 59.13 8.91
C VAL R 153 38.98 60.21 7.86
N ASN R 154 40.26 60.44 7.54
CA ASN R 154 40.61 61.35 6.45
C ASN R 154 40.15 60.78 5.13
N LYS R 155 39.81 61.67 4.20
CA LYS R 155 39.27 61.24 2.91
C LYS R 155 40.35 60.60 2.05
N ASP R 156 41.48 61.28 1.90
CA ASP R 156 42.51 60.80 1.00
C ASP R 156 43.48 59.86 1.69
N SER R 157 43.91 60.19 2.90
CA SER R 157 44.89 59.38 3.60
C SER R 157 44.28 58.10 4.18
N TYR R 158 42.96 58.07 4.36
CA TYR R 158 42.22 56.96 4.97
C TYR R 158 42.81 56.58 6.32
N LEU R 159 42.92 57.57 7.19
CA LEU R 159 43.56 57.39 8.48
C LEU R 159 42.67 58.00 9.56
N ILE R 160 42.67 57.37 10.73
CA ILE R 160 41.77 57.78 11.81
C ILE R 160 42.29 59.06 12.44
N LEU R 161 41.46 60.09 12.42
CA LEU R 161 41.82 61.38 13.00
C LEU R 161 41.10 61.66 14.31
N GLU R 162 39.80 61.41 14.37
CA GLU R 162 39.03 61.45 15.61
C GLU R 162 38.15 60.21 15.65
N THR R 163 37.41 60.04 16.75
CA THR R 163 36.44 58.94 16.81
C THR R 163 35.02 59.45 17.01
N LEU R 164 34.73 60.15 18.12
CA LEU R 164 33.40 60.53 18.62
C LEU R 164 32.31 59.48 18.37
N PRO R 165 32.47 58.27 18.91
CA PRO R 165 31.65 57.15 18.44
C PRO R 165 30.29 57.10 19.11
N THR R 166 29.54 56.03 18.81
CA THR R 166 28.35 55.58 19.55
C THR R 166 27.26 56.65 19.61
N GLU R 167 26.70 56.95 18.45
CA GLU R 167 25.59 57.88 18.33
C GLU R 167 24.40 57.11 17.75
N TYR R 168 23.26 57.22 18.41
CA TYR R 168 22.15 56.29 18.16
C TYR R 168 20.83 57.04 18.35
N ASP R 169 19.74 56.29 18.47
CA ASP R 169 18.39 56.82 18.54
C ASP R 169 17.77 56.54 19.91
N SER R 170 16.59 57.11 20.12
CA SER R 170 16.00 57.25 21.45
C SER R 170 15.47 55.95 22.06
N ARG R 171 15.56 54.82 21.36
CA ARG R 171 15.16 53.56 21.97
C ARG R 171 16.17 53.09 23.01
N VAL R 172 17.46 53.21 22.71
CA VAL R 172 18.51 52.82 23.66
C VAL R 172 18.58 53.83 24.80
N LYS R 173 18.22 55.08 24.54
CA LYS R 173 18.07 56.07 25.60
C LYS R 173 16.93 55.73 26.56
N ALA R 174 15.88 55.07 26.08
CA ALA R 174 14.72 54.72 26.87
C ALA R 174 14.93 53.48 27.74
N MET R 175 16.15 52.95 27.84
CA MET R 175 16.39 51.72 28.59
C MET R 175 16.80 51.98 30.03
N GLU R 176 17.02 53.23 30.41
CA GLU R 176 17.58 53.57 31.72
C GLU R 176 16.45 53.82 32.72
N VAL R 177 16.27 52.90 33.67
CA VAL R 177 15.24 53.01 34.69
C VAL R 177 15.86 52.84 36.07
N ASP R 178 15.84 53.88 36.88
CA ASP R 178 16.43 53.84 38.21
C ASP R 178 15.48 54.45 39.22
N GLU R 179 15.44 53.84 40.41
CA GLU R 179 14.71 54.32 41.58
C GLU R 179 13.24 54.54 41.28
N ARG R 180 12.59 53.46 40.88
CA ARG R 180 11.28 53.43 40.25
C ARG R 180 10.24 52.95 41.27
N PRO R 181 8.94 53.26 41.09
CA PRO R 181 7.97 53.17 42.21
C PRO R 181 7.75 51.76 42.76
N THR R 182 7.07 51.74 43.91
CA THR R 182 6.99 50.58 44.80
C THR R 182 5.72 49.78 44.60
N GLU R 183 5.88 48.56 44.08
CA GLU R 183 4.88 47.52 44.21
C GLU R 183 5.26 46.58 45.35
N GLN R 184 4.28 46.24 46.18
CA GLN R 184 4.54 45.35 47.31
C GLN R 184 4.68 43.91 46.85
N TYR R 185 5.59 43.18 47.50
CA TYR R 185 5.58 41.72 47.39
C TYR R 185 4.32 41.15 48.01
N SER R 186 3.83 41.78 49.07
CA SER R 186 2.61 41.35 49.76
C SER R 186 1.36 41.61 48.95
N ASP R 187 1.43 42.47 47.93
CA ASP R 187 0.34 42.60 46.97
C ASP R 187 0.13 41.31 46.20
N ILE R 188 1.21 40.59 45.92
CA ILE R 188 1.14 39.29 45.27
C ILE R 188 0.74 38.25 46.31
N GLY R 189 -0.35 37.56 46.07
CA GLY R 189 -0.84 36.53 46.98
C GLY R 189 -0.63 35.15 46.41
N GLY R 190 -0.29 34.21 47.29
CA GLY R 190 -0.19 32.82 46.93
C GLY R 190 1.15 32.39 46.34
N LEU R 191 2.03 33.33 46.02
CA LEU R 191 3.31 33.01 45.42
C LEU R 191 4.44 33.44 46.35
N ASP R 192 4.23 33.28 47.65
CA ASP R 192 5.21 33.70 48.63
C ASP R 192 6.42 32.77 48.64
N LYS R 193 6.26 31.56 48.11
CA LYS R 193 7.40 30.67 47.94
C LYS R 193 8.41 31.26 46.96
N GLN R 194 7.94 31.63 45.76
CA GLN R 194 8.82 32.17 44.73
C GLN R 194 9.38 33.53 45.13
N ILE R 195 8.69 34.25 46.01
CA ILE R 195 9.28 35.44 46.62
C ILE R 195 10.45 35.04 47.51
N GLN R 196 10.24 34.05 48.38
CA GLN R 196 11.30 33.59 49.26
C GLN R 196 12.42 32.89 48.50
N GLU R 197 12.07 32.16 47.43
CA GLU R 197 13.08 31.52 46.59
C GLU R 197 13.98 32.54 45.93
N LEU R 198 13.42 33.69 45.56
CA LEU R 198 14.22 34.77 45.01
C LEU R 198 15.12 35.38 46.08
N VAL R 199 14.64 35.44 47.32
CA VAL R 199 15.46 35.93 48.42
C VAL R 199 16.60 34.95 48.68
N GLU R 200 16.31 33.66 48.57
CA GLU R 200 17.35 32.65 48.67
C GLU R 200 18.29 32.68 47.47
N ALA R 201 17.85 33.28 46.36
CA ALA R 201 18.65 33.26 45.13
C ALA R 201 19.56 34.47 45.00
N ILE R 202 19.02 35.67 45.28
CA ILE R 202 19.70 36.92 44.95
C ILE R 202 19.85 37.83 46.16
N VAL R 203 18.82 37.92 47.00
CA VAL R 203 18.84 38.90 48.10
C VAL R 203 19.81 38.46 49.19
N LEU R 204 19.82 37.18 49.54
CA LEU R 204 20.80 36.67 50.49
C LEU R 204 22.25 36.64 49.99
N PRO R 205 22.54 36.49 48.69
CA PRO R 205 23.86 36.92 48.19
C PRO R 205 24.20 38.35 48.52
N MET R 206 23.25 39.27 48.39
CA MET R 206 23.51 40.65 48.79
C MET R 206 23.55 40.78 50.30
N ASN R 207 22.78 39.97 51.02
CA ASN R 207 22.80 40.04 52.48
C ASN R 207 24.06 39.41 53.03
N HIS R 208 24.21 38.10 52.81
CA HIS R 208 25.35 37.35 53.32
C HIS R 208 26.34 37.18 52.18
N LYS R 209 27.10 38.25 51.92
CA LYS R 209 28.07 38.26 50.84
C LYS R 209 29.26 37.35 51.14
N GLU R 210 29.62 37.18 52.40
CA GLU R 210 30.78 36.39 52.79
C GLU R 210 30.42 35.03 53.33
N LYS R 211 29.13 34.77 53.62
CA LYS R 211 28.74 33.44 54.05
C LYS R 211 28.80 32.45 52.91
N PHE R 212 28.66 32.94 51.68
CA PHE R 212 28.85 32.08 50.52
C PHE R 212 30.30 31.89 50.17
N GLU R 213 31.21 32.63 50.81
CA GLU R 213 32.62 32.63 50.48
C GLU R 213 33.43 31.80 51.46
N ASN R 214 33.12 31.88 52.75
CA ASN R 214 33.81 31.04 53.72
C ASN R 214 33.29 29.60 53.70
N LEU R 215 32.08 29.39 53.20
CA LEU R 215 31.49 28.06 53.23
C LEU R 215 32.14 27.15 52.19
N GLY R 216 32.34 27.66 50.97
CA GLY R 216 32.98 26.87 49.94
C GLY R 216 32.02 26.49 48.82
N ILE R 217 31.06 27.37 48.53
CA ILE R 217 30.14 27.20 47.42
C ILE R 217 30.17 28.47 46.58
N GLN R 218 29.32 28.51 45.56
CA GLN R 218 29.19 29.69 44.72
C GLN R 218 27.74 30.16 44.68
N PRO R 219 27.46 31.42 44.97
CA PRO R 219 26.14 31.98 44.68
C PRO R 219 25.84 31.97 43.21
N PRO R 220 24.63 31.58 42.82
CA PRO R 220 24.26 31.64 41.40
C PRO R 220 24.10 33.08 40.95
N LYS R 221 24.24 33.28 39.64
CA LYS R 221 24.03 34.59 39.05
C LYS R 221 23.02 34.58 37.91
N GLY R 222 22.38 33.44 37.64
CA GLY R 222 21.31 33.40 36.68
C GLY R 222 20.08 32.71 37.22
N VAL R 223 19.00 33.48 37.39
CA VAL R 223 17.75 32.99 37.95
C VAL R 223 16.66 33.26 36.92
N LEU R 224 15.88 32.25 36.58
CA LEU R 224 14.96 32.33 35.45
C LEU R 224 13.52 32.21 35.92
N MET R 225 12.70 33.17 35.48
CA MET R 225 11.28 33.19 35.77
C MET R 225 10.51 32.64 34.58
N TYR R 226 9.55 31.76 34.86
CA TYR R 226 8.73 31.17 33.81
C TYR R 226 7.42 30.68 34.42
N GLY R 227 6.41 30.58 33.56
CA GLY R 227 5.06 30.27 33.96
C GLY R 227 4.18 30.19 32.73
N PRO R 228 2.87 30.05 32.92
CA PRO R 228 2.01 29.72 31.77
C PRO R 228 1.80 30.91 30.82
N PRO R 229 1.03 32.04 31.17
CA PRO R 229 1.52 33.37 30.73
C PRO R 229 2.14 34.22 31.82
N GLY R 230 2.39 35.48 31.44
CA GLY R 230 2.79 36.52 32.37
C GLY R 230 1.67 37.06 33.23
N THR R 231 1.72 38.36 33.51
CA THR R 231 1.15 38.97 34.71
C THR R 231 1.56 38.13 35.93
N GLY R 232 2.84 38.23 36.25
CA GLY R 232 3.46 37.34 37.21
C GLY R 232 4.87 37.03 36.75
N LYS R 233 5.12 37.19 35.46
CA LYS R 233 6.49 37.18 34.95
C LYS R 233 7.11 38.56 35.04
N THR R 234 6.50 39.54 34.37
CA THR R 234 6.94 40.91 34.54
C THR R 234 6.56 41.44 35.91
N LEU R 235 5.36 41.09 36.37
CA LEU R 235 4.76 41.63 37.60
C LEU R 235 5.55 41.24 38.84
N LEU R 236 6.05 40.01 38.91
CA LEU R 236 6.93 39.65 40.01
C LEU R 236 8.29 40.33 39.86
N ALA R 237 8.81 40.40 38.63
CA ALA R 237 10.03 41.15 38.38
C ALA R 237 9.82 42.64 38.56
N ARG R 238 8.60 43.12 38.30
CA ARG R 238 8.24 44.47 38.71
C ARG R 238 8.23 44.60 40.22
N ALA R 239 7.86 43.52 40.93
CA ALA R 239 7.90 43.57 42.39
C ALA R 239 9.33 43.44 42.91
N CYS R 240 10.24 42.86 42.11
CA CYS R 240 11.60 42.62 42.59
C CYS R 240 12.39 43.91 42.76
N ALA R 241 12.48 44.72 41.71
CA ALA R 241 13.27 45.93 41.83
C ALA R 241 12.48 47.12 42.33
N ALA R 242 11.21 46.92 42.66
CA ALA R 242 10.44 47.99 43.31
C ALA R 242 10.95 48.25 44.71
N GLN R 243 11.30 47.19 45.43
CA GLN R 243 11.79 47.32 46.80
C GLN R 243 13.26 46.93 46.95
N THR R 244 13.90 46.47 45.88
CA THR R 244 15.35 46.39 45.84
C THR R 244 15.86 47.48 44.91
N LYS R 245 16.63 48.39 45.49
CA LYS R 245 16.98 49.66 44.85
C LYS R 245 18.35 49.64 44.20
N ALA R 246 19.01 48.48 44.18
CA ALA R 246 20.40 48.39 43.76
C ALA R 246 20.59 48.51 42.26
N THR R 247 20.29 49.70 41.72
CA THR R 247 20.61 50.14 40.35
C THR R 247 20.01 49.19 39.31
N PHE R 248 18.69 49.20 39.27
CA PHE R 248 17.96 48.35 38.33
C PHE R 248 18.25 48.76 36.89
N LEU R 249 18.28 47.77 36.00
CA LEU R 249 18.56 48.03 34.60
C LEU R 249 17.74 47.05 33.76
N LYS R 250 16.64 47.53 33.22
CA LYS R 250 15.77 46.71 32.38
C LYS R 250 16.29 46.66 30.96
N LEU R 251 15.88 45.62 30.24
CA LEU R 251 16.24 45.45 28.84
C LEU R 251 15.26 44.48 28.20
N ALA R 252 14.72 44.85 27.04
CA ALA R 252 13.75 44.01 26.34
C ALA R 252 14.43 43.22 25.23
N GLY R 253 13.67 42.29 24.66
CA GLY R 253 14.21 41.35 23.71
C GLY R 253 14.40 41.91 22.32
N PRO R 254 13.30 42.22 21.61
CA PRO R 254 13.46 42.71 20.24
C PRO R 254 13.92 44.15 20.13
N GLN R 255 14.12 44.86 21.25
CA GLN R 255 14.89 46.10 21.25
C GLN R 255 16.32 45.86 20.81
N LEU R 256 16.86 44.67 21.10
CA LEU R 256 18.15 44.28 20.57
C LEU R 256 18.07 44.04 19.06
N VAL R 257 16.93 43.54 18.58
CA VAL R 257 16.75 43.21 17.17
C VAL R 257 16.65 44.50 16.38
N GLN R 258 17.65 44.75 15.54
CA GLN R 258 17.72 45.92 14.68
C GLN R 258 17.85 45.46 13.24
N MET R 259 17.80 46.43 12.32
CA MET R 259 18.33 46.16 10.99
C MET R 259 19.85 46.18 10.99
N PHE R 260 20.43 46.92 11.95
CA PHE R 260 21.88 46.91 12.15
C PHE R 260 22.38 45.51 12.48
N ILE R 261 23.28 45.01 11.66
CA ILE R 261 23.91 43.72 11.90
C ILE R 261 24.89 43.88 13.05
N GLY R 262 24.85 42.93 13.99
CA GLY R 262 25.78 42.92 15.10
C GLY R 262 25.48 43.88 16.23
N ASP R 263 24.70 44.95 15.99
CA ASP R 263 24.35 45.87 17.07
C ASP R 263 23.33 45.29 18.04
N GLY R 264 22.78 44.11 17.76
CA GLY R 264 22.22 43.31 18.82
C GLY R 264 23.30 42.89 19.80
N ALA R 265 24.38 42.29 19.28
CA ALA R 265 25.48 41.83 20.13
C ALA R 265 26.28 42.99 20.71
N LYS R 266 26.36 44.10 19.98
CA LYS R 266 27.03 45.29 20.51
C LYS R 266 26.26 45.86 21.70
N LEU R 267 24.93 45.95 21.58
CA LEU R 267 24.13 46.49 22.67
C LEU R 267 24.07 45.51 23.83
N VAL R 268 24.15 44.21 23.56
CA VAL R 268 24.21 43.21 24.63
C VAL R 268 25.46 43.40 25.47
N ARG R 269 26.61 43.52 24.82
CA ARG R 269 27.87 43.59 25.56
C ARG R 269 28.05 44.95 26.23
N ASP R 270 27.66 46.03 25.56
CA ASP R 270 27.93 47.36 26.10
C ASP R 270 27.02 47.69 27.27
N ALA R 271 25.78 47.20 27.24
CA ALA R 271 24.91 47.40 28.40
C ALA R 271 25.36 46.54 29.57
N PHE R 272 25.88 45.35 29.27
CA PHE R 272 26.41 44.49 30.33
C PHE R 272 27.67 45.09 30.94
N ALA R 273 28.55 45.61 30.09
CA ALA R 273 29.76 46.26 30.58
C ALA R 273 29.44 47.56 31.31
N LEU R 274 28.37 48.24 30.92
CA LEU R 274 27.92 49.41 31.68
C LEU R 274 27.38 48.99 33.04
N ALA R 275 26.65 47.87 33.07
CA ALA R 275 26.14 47.37 34.34
C ALA R 275 27.26 46.79 35.19
N LYS R 276 28.35 46.36 34.58
CA LYS R 276 29.52 45.94 35.34
C LYS R 276 30.24 47.13 35.95
N GLU R 277 30.23 48.28 35.26
CA GLU R 277 30.82 49.49 35.81
C GLU R 277 30.05 50.01 37.01
N LYS R 278 28.73 49.83 37.01
CA LYS R 278 27.96 50.11 38.21
C LYS R 278 28.18 49.00 39.22
N ALA R 279 28.37 49.36 40.47
CA ALA R 279 28.72 48.36 41.49
C ALA R 279 27.54 47.52 41.98
N PRO R 280 26.35 48.03 42.31
CA PRO R 280 25.29 47.12 42.78
C PRO R 280 24.30 46.68 41.71
N SER R 281 24.53 47.03 40.44
CA SER R 281 23.50 46.94 39.43
C SER R 281 23.20 45.51 39.01
N ILE R 282 21.92 45.17 38.99
CA ILE R 282 21.46 43.89 38.48
C ILE R 282 20.86 44.12 37.11
N ILE R 283 20.85 43.07 36.30
CA ILE R 283 20.49 43.13 34.89
C ILE R 283 19.17 42.41 34.70
N PHE R 284 18.21 43.08 34.08
CA PHE R 284 16.96 42.47 33.70
C PHE R 284 16.92 42.25 32.20
N ILE R 285 16.39 41.11 31.78
CA ILE R 285 16.23 40.78 30.37
C ILE R 285 14.79 40.36 30.15
N ASP R 286 14.09 41.08 29.27
CA ASP R 286 12.66 40.88 29.06
C ASP R 286 12.45 40.19 27.72
N GLU R 287 11.54 39.20 27.72
CA GLU R 287 11.26 38.25 26.64
C GLU R 287 12.55 37.74 25.96
N LEU R 288 13.38 37.08 26.77
CA LEU R 288 14.57 36.44 26.21
C LEU R 288 14.22 35.22 25.35
N ASP R 289 13.04 34.64 25.55
CA ASP R 289 12.59 33.55 24.68
C ASP R 289 12.30 34.00 23.25
N ALA R 290 12.25 35.31 22.98
CA ALA R 290 12.20 35.80 21.60
C ALA R 290 13.45 35.42 20.83
N ILE R 291 14.59 35.33 21.51
CA ILE R 291 15.78 34.71 20.93
C ILE R 291 16.13 33.40 21.60
N GLY R 292 15.50 33.07 22.73
CA GLY R 292 15.72 31.78 23.35
C GLY R 292 14.97 30.70 22.61
N THR R 293 15.70 29.91 21.83
CA THR R 293 15.11 29.14 20.73
C THR R 293 15.89 27.83 20.65
N LYS R 294 15.99 27.27 19.44
CA LYS R 294 16.83 26.13 19.06
C LYS R 294 16.19 24.84 19.55
N ARG R 295 14.87 24.78 19.57
CA ARG R 295 14.25 23.48 19.80
C ARG R 295 14.37 22.61 18.55
N PHE R 296 13.94 21.35 18.69
CA PHE R 296 14.59 20.23 18.02
C PHE R 296 14.46 20.27 16.50
N ASP R 297 13.26 20.48 16.00
CA ASP R 297 13.15 20.29 14.55
C ASP R 297 12.66 21.52 13.79
N SER R 298 11.61 22.18 14.27
CA SER R 298 10.85 23.07 13.40
C SER R 298 11.25 24.53 13.53
N GLU R 299 11.59 24.98 14.73
CA GLU R 299 11.77 26.40 14.99
C GLU R 299 13.25 26.74 14.76
N LYS R 300 13.65 27.96 15.20
CA LYS R 300 14.94 28.65 15.16
C LYS R 300 15.23 29.23 13.77
N ALA R 301 14.49 28.76 12.75
CA ALA R 301 14.16 29.50 11.52
C ALA R 301 15.31 30.12 10.73
N GLY R 302 16.55 29.78 11.05
CA GLY R 302 17.70 30.56 10.60
C GLY R 302 18.81 30.60 11.63
N ASP R 303 19.23 31.77 12.10
CA ASP R 303 18.76 33.11 11.73
C ASP R 303 19.98 34.00 11.53
N ARG R 304 19.79 35.32 11.50
CA ARG R 304 20.92 36.24 11.44
C ARG R 304 20.88 37.27 12.56
N GLU R 305 20.00 37.11 13.51
CA GLU R 305 19.98 37.91 14.72
C GLU R 305 19.94 37.08 15.98
N VAL R 306 19.31 35.90 15.92
CA VAL R 306 19.18 35.04 17.10
C VAL R 306 20.55 34.54 17.54
N GLN R 307 21.37 34.07 16.60
CA GLN R 307 22.67 33.52 16.94
C GLN R 307 23.64 34.60 17.39
N ARG R 308 23.54 35.81 16.83
CA ARG R 308 24.44 36.88 17.26
C ARG R 308 24.09 37.38 18.65
N THR R 309 22.83 37.26 19.04
CA THR R 309 22.44 37.74 20.36
C THR R 309 22.54 36.64 21.42
N MET R 310 22.24 35.39 21.05
CA MET R 310 22.34 34.30 22.02
C MET R 310 23.79 34.00 22.38
N LEU R 311 24.68 33.97 21.38
CA LEU R 311 26.08 33.65 21.65
C LEU R 311 26.75 34.77 22.43
N GLU R 312 26.48 36.02 22.07
CA GLU R 312 27.06 37.14 22.81
C GLU R 312 26.51 37.22 24.23
N LEU R 313 25.27 36.78 24.43
CA LEU R 313 24.77 36.54 25.78
C LEU R 313 25.58 35.45 26.48
N LEU R 314 25.82 34.34 25.79
CA LEU R 314 26.66 33.30 26.36
C LEU R 314 28.12 33.72 26.43
N ASN R 315 28.54 34.69 25.61
CA ASN R 315 29.91 35.17 25.67
C ASN R 315 30.16 35.98 26.95
N GLN R 316 29.31 36.96 27.22
CA GLN R 316 29.54 37.84 28.36
C GLN R 316 29.22 37.16 29.68
N LEU R 317 28.21 36.28 29.71
CA LEU R 317 27.77 35.68 30.97
C LEU R 317 28.78 34.67 31.49
N ASP R 318 29.62 34.13 30.63
CA ASP R 318 30.77 33.37 31.07
C ASP R 318 31.97 34.26 31.37
N GLY R 319 31.90 35.54 31.01
CA GLY R 319 33.07 36.39 31.14
C GLY R 319 33.29 36.92 32.54
N PHE R 320 32.24 37.42 33.19
CA PHE R 320 32.39 38.09 34.47
C PHE R 320 32.21 37.10 35.61
N GLN R 321 32.83 37.40 36.75
CA GLN R 321 32.84 36.48 37.87
C GLN R 321 31.49 36.52 38.60
N PRO R 322 31.08 35.38 39.18
CA PRO R 322 29.72 35.29 39.73
C PRO R 322 29.50 35.86 41.13
N ASN R 323 30.37 36.73 41.61
CA ASN R 323 30.19 37.31 42.94
C ASN R 323 29.21 38.49 42.88
N THR R 324 29.15 39.24 43.99
CA THR R 324 28.39 40.48 44.04
C THR R 324 29.00 41.51 43.10
N GLN R 325 28.16 42.38 42.51
CA GLN R 325 26.70 42.41 42.62
C GLN R 325 26.15 42.64 41.22
N VAL R 326 26.60 41.81 40.28
CA VAL R 326 26.28 42.00 38.87
C VAL R 326 25.42 40.81 38.47
N LYS R 327 24.55 40.40 39.38
CA LYS R 327 23.59 39.32 39.13
C LYS R 327 22.71 39.66 37.93
N VAL R 328 22.37 38.63 37.15
CA VAL R 328 21.64 38.79 35.90
C VAL R 328 20.34 38.02 36.00
N ILE R 329 19.23 38.68 35.68
CA ILE R 329 17.92 38.06 35.69
C ILE R 329 17.37 38.09 34.27
N ALA R 330 16.94 36.93 33.78
CA ALA R 330 16.22 36.85 32.53
C ALA R 330 14.75 36.56 32.80
N ALA R 331 13.89 37.10 31.93
CA ALA R 331 12.46 36.86 32.02
C ALA R 331 11.95 36.37 30.68
N THR R 332 11.47 35.14 30.66
CA THR R 332 10.94 34.49 29.47
C THR R 332 9.50 34.06 29.75
N ASN R 333 8.96 33.25 28.85
CA ASN R 333 7.67 32.60 29.11
C ASN R 333 7.81 31.14 29.49
N ARG R 334 8.42 30.32 28.65
CA ARG R 334 8.40 28.88 28.82
C ARG R 334 9.79 28.31 28.61
N VAL R 335 10.19 27.41 29.50
CA VAL R 335 11.48 26.72 29.38
C VAL R 335 11.49 25.81 28.15
N ASP R 336 10.34 25.23 27.80
CA ASP R 336 10.25 24.29 26.69
C ASP R 336 10.46 24.93 25.32
N ILE R 337 10.53 26.25 25.25
CA ILE R 337 11.05 26.92 24.06
C ILE R 337 12.56 27.18 24.20
N LEU R 338 13.04 27.36 25.43
CA LEU R 338 14.39 27.80 25.72
C LEU R 338 15.38 26.65 25.61
N ASP R 339 16.62 26.93 26.01
CA ASP R 339 17.70 25.94 26.10
C ASP R 339 18.14 25.78 27.56
N PRO R 340 17.47 24.91 28.33
CA PRO R 340 17.78 24.83 29.77
C PRO R 340 19.09 24.13 30.10
N ALA R 341 19.39 23.01 29.44
CA ALA R 341 20.57 22.22 29.75
C ALA R 341 21.84 22.81 29.14
N LEU R 342 21.72 23.79 28.27
CA LEU R 342 22.90 24.51 27.78
C LEU R 342 23.39 25.53 28.79
N LEU R 343 22.54 25.95 29.72
CA LEU R 343 22.92 27.03 30.62
C LEU R 343 23.49 26.48 31.92
N ARG R 344 22.67 25.83 32.73
CA ARG R 344 23.01 24.63 33.50
C ARG R 344 24.06 24.75 34.61
N SER R 345 24.94 25.75 34.58
CA SER R 345 26.01 25.70 35.57
C SER R 345 26.32 27.03 36.26
N GLY R 346 26.45 28.08 35.47
CA GLY R 346 26.77 29.39 36.01
C GLY R 346 25.97 30.42 35.26
N ARG R 347 25.29 29.93 34.22
CA ARG R 347 24.38 30.71 33.42
C ARG R 347 23.01 30.71 34.10
N LEU R 348 21.95 31.05 33.36
CA LEU R 348 20.59 31.01 33.89
C LEU R 348 20.23 29.59 34.32
N ASP R 349 20.20 29.36 35.61
CA ASP R 349 20.17 27.99 36.11
C ASP R 349 19.04 27.70 37.08
N ARG R 350 18.69 28.65 37.94
CA ARG R 350 17.67 28.41 38.95
C ARG R 350 16.29 28.53 38.30
N LYS R 351 15.55 27.43 38.31
CA LYS R 351 14.23 27.37 37.67
C LYS R 351 13.17 27.83 38.65
N ILE R 352 12.49 28.92 38.32
CA ILE R 352 11.42 29.45 39.17
C ILE R 352 10.12 29.34 38.36
N GLU R 353 9.37 28.27 38.61
CA GLU R 353 8.12 28.06 37.90
C GLU R 353 7.00 28.87 38.54
N PHE R 354 6.04 29.26 37.69
CA PHE R 354 4.87 30.02 38.10
C PHE R 354 3.61 29.23 37.76
N PRO R 355 2.63 29.22 38.65
CA PRO R 355 1.33 28.65 38.29
C PRO R 355 0.35 29.69 37.79
N MET R 356 -0.81 29.23 37.33
CA MET R 356 -1.94 30.11 37.12
C MET R 356 -2.41 30.64 38.49
N PRO R 357 -2.75 31.93 38.60
CA PRO R 357 -3.20 32.45 39.90
C PRO R 357 -4.55 31.90 40.30
N ASN R 358 -4.92 32.20 41.54
CA ASN R 358 -6.09 31.61 42.15
C ASN R 358 -7.30 32.51 41.95
N GLU R 359 -8.44 32.08 42.51
CA GLU R 359 -9.69 32.82 42.39
C GLU R 359 -9.63 34.15 43.13
N GLU R 360 -9.17 34.11 44.39
CA GLU R 360 -9.08 35.31 45.20
C GLU R 360 -8.01 36.25 44.66
N ALA R 361 -6.96 35.71 44.06
CA ALA R 361 -5.94 36.54 43.44
C ALA R 361 -6.50 37.26 42.23
N ARG R 362 -7.28 36.57 41.42
CA ARG R 362 -7.91 37.21 40.27
C ARG R 362 -9.01 38.15 40.70
N ALA R 363 -9.62 37.89 41.86
CA ALA R 363 -10.69 38.74 42.36
C ALA R 363 -10.16 40.08 42.82
N ARG R 364 -8.99 40.09 43.46
CA ARG R 364 -8.42 41.36 43.90
C ARG R 364 -7.76 42.10 42.76
N ILE R 365 -7.31 41.38 41.74
CA ILE R 365 -6.76 42.02 40.55
C ILE R 365 -7.84 42.82 39.83
N MET R 366 -9.09 42.37 39.94
CA MET R 366 -10.22 43.16 39.45
C MET R 366 -10.36 44.47 40.20
N GLN R 367 -10.37 44.42 41.54
CA GLN R 367 -10.74 45.60 42.32
C GLN R 367 -9.60 46.62 42.36
N ILE R 368 -8.37 46.19 42.15
CA ILE R 368 -7.24 47.10 42.07
C ILE R 368 -7.33 47.83 40.73
N HIS R 369 -7.62 47.08 39.68
CA HIS R 369 -7.73 47.67 38.35
C HIS R 369 -9.03 48.45 38.17
N SER R 370 -10.05 48.15 38.97
CA SER R 370 -11.30 48.91 38.90
C SER R 370 -11.33 50.10 39.82
N ARG R 371 -10.19 50.45 40.43
CA ARG R 371 -10.16 51.58 41.33
C ARG R 371 -10.27 52.90 40.57
N LYS R 372 -9.74 52.96 39.36
CA LYS R 372 -9.57 54.20 38.63
C LYS R 372 -10.79 54.61 37.81
N MET R 373 -11.89 53.88 37.91
CA MET R 373 -13.09 54.19 37.15
C MET R 373 -14.29 54.24 38.09
N ASN R 374 -15.43 54.70 37.56
CA ASN R 374 -16.67 54.68 38.32
C ASN R 374 -17.24 53.27 38.24
N VAL R 375 -17.16 52.55 39.35
CA VAL R 375 -17.75 51.24 39.47
C VAL R 375 -18.93 51.37 40.44
N SER R 376 -20.04 50.72 40.08
CA SER R 376 -21.13 50.57 41.03
C SER R 376 -20.62 49.82 42.26
N PRO R 377 -20.93 50.29 43.47
CA PRO R 377 -20.45 49.58 44.67
C PRO R 377 -21.34 48.42 45.06
N ASP R 378 -21.77 47.63 44.07
CA ASP R 378 -22.50 46.38 44.25
C ASP R 378 -21.71 45.40 43.41
N VAL R 379 -20.63 44.88 43.99
CA VAL R 379 -19.71 43.98 43.30
C VAL R 379 -19.52 42.77 44.19
N ASN R 380 -19.92 41.61 43.70
CA ASN R 380 -19.70 40.37 44.43
C ASN R 380 -18.42 39.74 43.88
N TYR R 381 -17.35 39.79 44.67
CA TYR R 381 -16.08 39.23 44.22
C TYR R 381 -16.08 37.72 44.27
N GLU R 382 -16.99 37.13 45.06
CA GLU R 382 -17.22 35.69 44.98
C GLU R 382 -17.78 35.31 43.61
N GLU R 383 -18.66 36.15 43.06
CA GLU R 383 -19.07 35.96 41.68
C GLU R 383 -17.90 36.15 40.74
N LEU R 384 -17.02 37.11 41.04
CA LEU R 384 -15.89 37.37 40.15
C LEU R 384 -14.78 36.33 40.30
N ALA R 385 -14.71 35.66 41.46
CA ALA R 385 -13.63 34.71 41.70
C ALA R 385 -13.84 33.44 40.89
N ARG R 386 -15.04 32.87 40.96
CA ARG R 386 -15.30 31.55 40.40
C ARG R 386 -15.63 31.62 38.90
N CYS R 387 -16.26 32.71 38.45
CA CYS R 387 -16.58 32.87 37.03
C CYS R 387 -15.31 32.92 36.19
N THR R 388 -14.24 33.46 36.76
CA THR R 388 -12.95 33.43 36.10
C THR R 388 -12.37 32.03 36.13
N ASP R 389 -11.90 31.58 34.97
CA ASP R 389 -11.24 30.30 34.84
C ASP R 389 -10.35 30.39 33.61
N ASP R 390 -9.12 29.88 33.73
CA ASP R 390 -8.09 29.92 32.68
C ASP R 390 -7.80 31.34 32.22
N PHE R 391 -7.82 32.28 33.17
CA PHE R 391 -7.61 33.70 32.89
C PHE R 391 -6.34 34.15 33.61
N ASN R 392 -5.48 34.87 32.91
CA ASN R 392 -4.38 35.53 33.59
C ASN R 392 -4.85 36.91 34.05
N GLY R 393 -3.99 37.58 34.82
CA GLY R 393 -4.30 38.94 35.24
C GLY R 393 -4.26 39.93 34.10
N ALA R 394 -3.59 39.58 33.01
CA ALA R 394 -3.67 40.38 31.78
C ALA R 394 -5.09 40.39 31.24
N GLN R 395 -5.71 39.21 31.15
CA GLN R 395 -7.11 39.16 30.74
C GLN R 395 -8.03 39.71 31.82
N CYS R 396 -7.66 39.54 33.10
CA CYS R 396 -8.48 40.07 34.17
C CYS R 396 -8.46 41.59 34.19
N LYS R 397 -7.31 42.19 33.82
CA LYS R 397 -7.29 43.62 33.56
C LYS R 397 -8.13 43.96 32.34
N ALA R 398 -8.09 43.09 31.31
CA ALA R 398 -8.81 43.36 30.08
C ALA R 398 -10.32 43.27 30.29
N VAL R 399 -10.77 42.35 31.15
CA VAL R 399 -12.19 42.23 31.48
C VAL R 399 -12.70 43.50 32.15
N CYS R 400 -11.91 44.05 33.06
CA CYS R 400 -12.29 45.26 33.77
C CYS R 400 -12.38 46.46 32.83
N VAL R 401 -11.47 46.54 31.87
CA VAL R 401 -11.49 47.66 30.94
C VAL R 401 -12.62 47.49 29.93
N GLU R 402 -12.85 46.25 29.49
CA GLU R 402 -13.96 45.99 28.56
C GLU R 402 -15.31 46.17 29.21
N ALA R 403 -15.42 45.89 30.51
CA ALA R 403 -16.66 46.20 31.22
C ALA R 403 -16.91 47.70 31.26
N GLY R 404 -15.84 48.48 31.47
CA GLY R 404 -15.98 49.92 31.47
C GLY R 404 -16.25 50.49 30.10
N MET R 405 -15.79 49.81 29.06
CA MET R 405 -16.04 50.30 27.70
C MET R 405 -17.48 50.03 27.28
N ILE R 406 -18.06 48.94 27.75
CA ILE R 406 -19.47 48.65 27.44
C ILE R 406 -20.40 49.60 28.19
N ALA R 407 -20.03 49.98 29.42
CA ALA R 407 -20.79 50.99 30.13
C ALA R 407 -20.69 52.36 29.47
N LEU R 408 -19.64 52.59 28.70
CA LEU R 408 -19.55 53.78 27.86
C LEU R 408 -20.40 53.65 26.60
N ARG R 409 -20.62 52.43 26.11
CA ARG R 409 -21.44 52.25 24.91
C ARG R 409 -22.89 52.62 25.17
N ARG R 410 -23.44 52.18 26.29
CA ARG R 410 -24.77 52.57 26.70
C ARG R 410 -24.79 53.87 27.47
N GLY R 411 -23.61 54.44 27.75
CA GLY R 411 -23.55 55.71 28.47
C GLY R 411 -23.90 55.65 29.93
N ALA R 412 -23.99 54.46 30.51
CA ALA R 412 -24.26 54.34 31.93
C ALA R 412 -23.02 54.70 32.74
N THR R 413 -23.25 55.27 33.93
CA THR R 413 -22.15 55.79 34.73
C THR R 413 -21.42 54.68 35.47
N GLU R 414 -22.07 53.55 35.71
CA GLU R 414 -21.56 52.53 36.60
C GLU R 414 -21.37 51.20 35.87
N LEU R 415 -20.92 50.21 36.63
CA LEU R 415 -20.72 48.86 36.13
C LEU R 415 -21.71 47.88 36.77
N THR R 416 -21.54 46.61 36.45
CA THR R 416 -22.25 45.51 37.10
C THR R 416 -21.40 44.27 36.91
N HIS R 417 -21.77 43.20 37.63
CA HIS R 417 -21.10 41.92 37.41
C HIS R 417 -21.40 41.37 36.02
N GLU R 418 -22.59 41.65 35.50
CA GLU R 418 -22.95 41.27 34.14
C GLU R 418 -22.05 41.96 33.12
N ASP R 419 -21.63 43.20 33.42
CA ASP R 419 -20.69 43.89 32.55
C ASP R 419 -19.34 43.20 32.53
N TYR R 420 -18.94 42.61 33.67
CA TYR R 420 -17.77 41.74 33.65
C TYR R 420 -18.07 40.45 32.90
N MET R 421 -19.28 39.91 33.05
CA MET R 421 -19.66 38.72 32.29
C MET R 421 -19.73 39.03 30.80
N GLU R 422 -20.20 40.23 30.45
CA GLU R 422 -20.13 40.68 29.06
C GLU R 422 -18.69 40.88 28.61
N GLY R 423 -17.83 41.31 29.53
CA GLY R 423 -16.42 41.40 29.21
C GLY R 423 -15.78 40.04 29.01
N ILE R 424 -16.26 39.04 29.74
CA ILE R 424 -15.78 37.66 29.55
C ILE R 424 -16.14 37.17 28.16
N LEU R 425 -17.35 37.49 27.69
CA LEU R 425 -17.75 37.11 26.35
C LEU R 425 -16.96 37.86 25.28
N GLU R 426 -16.46 39.03 25.63
CA GLU R 426 -15.73 39.85 24.68
C GLU R 426 -14.26 39.46 24.55
N VAL R 427 -13.66 38.87 25.59
CA VAL R 427 -12.23 38.55 25.56
C VAL R 427 -11.94 37.43 24.56
N GLN R 428 -12.55 36.27 24.76
CA GLN R 428 -12.37 35.16 23.84
C GLN R 428 -13.42 35.15 22.73
N ALA R 429 -14.11 36.29 22.54
CA ALA R 429 -15.03 36.55 21.43
C ALA R 429 -16.18 35.55 21.40
N LYS R 430 -16.84 35.37 22.55
CA LYS R 430 -18.01 34.53 22.53
C LYS R 430 -19.25 35.34 22.22
N LYS R 431 -20.28 34.64 21.74
CA LYS R 431 -21.55 35.27 21.47
C LYS R 431 -22.65 34.23 21.58
N LYS R 432 -23.71 34.55 22.31
CA LYS R 432 -24.78 33.60 22.56
C LYS R 432 -26.04 34.00 21.82
N ALA R 433 -27.03 33.14 21.90
CA ALA R 433 -28.36 33.35 21.33
C ALA R 433 -29.31 32.43 22.07
N ASN R 434 -30.49 32.22 21.51
CA ASN R 434 -31.30 31.05 21.82
C ASN R 434 -30.99 29.98 20.78
N LEU R 435 -30.78 28.76 21.22
CA LEU R 435 -30.18 27.74 20.36
C LEU R 435 -31.10 26.56 20.08
N GLN R 436 -32.35 26.63 20.53
CA GLN R 436 -33.49 25.74 20.25
C GLN R 436 -33.19 24.25 20.43
N TYR R 437 -32.16 23.91 21.20
CA TYR R 437 -31.96 22.55 21.68
C TYR R 437 -32.37 22.42 23.13
N TYR R 438 -32.55 23.55 23.80
CA TYR R 438 -32.41 23.62 25.24
C TYR R 438 -33.69 24.03 25.95
N ALA R 439 -34.83 23.85 25.28
CA ALA R 439 -36.18 24.09 25.82
C ALA R 439 -36.44 25.52 26.30
N UNK S 1 -8.69 4.05 16.95
CA UNK S 1 -9.37 5.32 16.72
C UNK S 1 -8.40 6.38 16.22
N UNK S 2 -7.12 6.18 16.49
CA UNK S 2 -6.08 7.12 16.06
C UNK S 2 -5.26 6.54 14.92
N UNK S 3 -5.75 5.44 14.34
CA UNK S 3 -5.06 4.80 13.23
C UNK S 3 -5.19 5.62 11.95
N UNK S 4 -6.36 6.21 11.75
CA UNK S 4 -6.62 7.02 10.58
C UNK S 4 -6.43 8.51 10.86
N UNK S 5 -5.87 8.80 12.04
CA UNK S 5 -5.62 10.18 12.44
C UNK S 5 -4.15 10.56 12.28
N UNK S 6 -3.27 9.68 12.75
CA UNK S 6 -1.83 9.92 12.67
C UNK S 6 -1.28 9.46 11.32
N UNK S 7 -2.09 8.71 10.58
CA UNK S 7 -1.68 8.21 9.27
C UNK S 7 -1.21 9.35 8.37
N UNK S 8 -2.02 10.41 8.30
CA UNK S 8 -1.69 11.57 7.48
C UNK S 8 -2.44 12.80 7.95
N UNK S 9 -1.77 13.62 8.77
CA UNK S 9 -2.38 14.84 9.29
C UNK S 9 -1.52 16.06 8.97
N UNK S 10 -1.61 17.08 9.81
CA UNK S 10 -0.85 18.31 9.62
C UNK S 10 0.10 18.56 10.79
N UNK S 11 1.33 18.10 10.65
CA UNK S 11 2.36 18.28 11.66
C UNK S 11 3.75 18.27 11.02
N UNK S 12 4.70 18.94 11.66
CA UNK S 12 6.08 19.02 11.17
C UNK S 12 6.17 19.41 9.69
N UNK S 13 6.44 18.44 8.84
CA UNK S 13 6.56 18.65 7.40
C UNK S 13 7.50 19.82 7.06
N UNK S 14 7.05 20.66 6.13
CA UNK S 14 7.75 21.86 5.64
C UNK S 14 9.09 21.64 4.89
N UNK S 15 9.03 21.73 3.56
CA UNK S 15 10.22 21.57 2.73
C UNK S 15 11.13 22.79 2.78
N UNK S 16 12.37 22.64 2.29
CA UNK S 16 13.32 23.74 2.32
C UNK S 16 13.35 24.49 1.00
N UNK S 17 13.44 25.82 1.06
CA UNK S 17 13.45 26.68 -0.13
C UNK S 17 14.81 26.90 -0.80
N UNK S 18 14.89 27.95 -1.61
CA UNK S 18 16.13 28.28 -2.31
C UNK S 18 16.59 29.68 -1.94
N UNK S 19 17.03 30.45 -2.92
CA UNK S 19 17.51 31.81 -2.68
C UNK S 19 17.46 32.66 -3.94
N UNK S 20 16.80 33.81 -3.86
CA UNK S 20 16.71 34.73 -4.98
C UNK S 20 17.66 35.89 -4.75
N UNK S 21 18.05 36.58 -5.82
CA UNK S 21 18.98 37.70 -5.70
C UNK S 21 18.37 39.05 -6.05
N UNK S 22 18.96 40.10 -5.51
CA UNK S 22 18.53 41.48 -5.76
C UNK S 22 19.72 42.42 -5.88
N UNK S 23 19.88 43.02 -7.05
CA UNK S 23 20.98 43.95 -7.29
C UNK S 23 20.54 45.40 -7.14
N UNK S 24 21.32 46.18 -6.42
CA UNK S 24 21.02 47.59 -6.20
C UNK S 24 22.27 48.35 -5.77
N UNK S 25 22.99 48.93 -6.73
CA UNK S 25 24.23 49.65 -6.42
C UNK S 25 24.20 51.16 -6.72
N UNK S 26 25.15 51.58 -7.56
CA UNK S 26 25.37 52.97 -8.04
C UNK S 26 25.91 53.98 -7.00
N UNK S 27 26.97 54.68 -7.40
CA UNK S 27 27.61 55.69 -6.54
C UNK S 27 28.12 56.86 -7.39
N UNK S 28 29.03 57.66 -6.83
CA UNK S 28 29.58 58.80 -7.55
C UNK S 28 30.97 59.17 -7.07
N UNK S 29 31.66 60.00 -7.86
CA UNK S 29 33.01 60.44 -7.52
C UNK S 29 33.49 61.53 -8.47
N UNK S 30 32.90 62.72 -8.37
CA UNK S 30 33.27 63.84 -9.23
C UNK S 30 33.02 65.17 -8.54
N UNK S 31 31.84 65.74 -8.78
CA UNK S 31 31.46 67.02 -8.19
C UNK S 31 32.55 68.07 -8.38
N UNK S 32 32.65 68.59 -9.59
CA UNK S 32 33.65 69.61 -9.92
C UNK S 32 32.97 70.96 -10.16
N UNK S 33 33.15 71.88 -9.21
CA UNK S 33 32.56 73.20 -9.32
C UNK S 33 33.62 74.30 -9.23
N UNK S 34 33.18 75.55 -9.23
CA UNK S 34 34.07 76.69 -9.15
C UNK S 34 33.43 77.84 -8.37
N UNK S 35 34.08 79.00 -8.40
CA UNK S 35 33.57 80.17 -7.69
C UNK S 35 33.71 81.44 -8.55
N UNK S 36 34.94 81.93 -8.65
CA UNK S 36 35.24 83.13 -9.42
C UNK S 36 34.31 84.29 -9.09
N SER T 5 15.08 7.22 11.40
CA SER T 5 14.60 5.86 11.21
C SER T 5 13.63 5.76 10.03
N ALA T 6 13.28 4.54 9.65
CA ALA T 6 12.19 4.36 8.70
C ALA T 6 10.88 4.80 9.32
N GLY T 7 10.70 4.52 10.61
CA GLY T 7 9.78 5.25 11.44
C GLY T 7 8.31 5.05 11.19
N PHE T 8 7.79 3.84 11.39
CA PHE T 8 6.36 3.58 11.25
C PHE T 8 5.53 4.11 12.40
N ASP T 9 6.19 4.70 13.39
CA ASP T 9 5.67 5.21 14.66
C ASP T 9 5.19 4.11 15.58
N ARG T 10 5.21 2.83 15.14
CA ARG T 10 4.91 1.60 15.87
C ARG T 10 3.71 1.69 16.82
N HIS T 11 2.63 2.30 16.36
CA HIS T 11 1.50 2.57 17.23
C HIS T 11 0.67 1.32 17.49
N ILE T 12 0.52 0.44 16.50
CA ILE T 12 -0.21 -0.80 16.68
C ILE T 12 0.72 -1.95 16.33
N THR T 13 0.16 -3.16 16.36
CA THR T 13 0.95 -4.38 16.13
C THR T 13 0.87 -4.77 14.67
N ILE T 14 1.74 -4.18 13.86
CA ILE T 14 1.95 -4.53 12.46
C ILE T 14 3.45 -4.59 12.20
N PHE T 15 3.82 -4.95 10.98
CA PHE T 15 5.22 -5.10 10.64
C PHE T 15 5.85 -3.76 10.28
N SER T 16 7.15 -3.73 10.27
CA SER T 16 8.14 -2.78 9.84
C SER T 16 8.90 -3.35 8.66
N PRO T 17 9.45 -2.51 7.76
CA PRO T 17 10.11 -3.02 6.55
C PRO T 17 11.41 -3.74 6.86
N GLU T 18 11.97 -3.47 8.05
CA GLU T 18 13.14 -4.20 8.50
C GLU T 18 12.81 -5.66 8.74
N GLY T 19 11.58 -5.93 9.14
CA GLY T 19 11.12 -7.29 9.27
C GLY T 19 10.61 -7.63 10.65
N ARG T 20 10.72 -6.70 11.58
CA ARG T 20 10.32 -6.96 12.95
C ARG T 20 9.15 -6.06 13.33
N LEU T 21 8.76 -6.14 14.60
CA LEU T 21 7.65 -5.37 15.13
C LEU T 21 7.97 -4.92 16.55
N TYR T 22 7.58 -3.68 16.85
CA TYR T 22 8.17 -2.99 17.99
C TYR T 22 7.34 -3.04 19.26
N GLN T 23 6.03 -3.22 19.15
CA GLN T 23 5.19 -3.18 20.34
C GLN T 23 5.43 -4.36 21.25
N VAL T 24 5.66 -5.54 20.69
CA VAL T 24 5.96 -6.69 21.53
C VAL T 24 7.33 -6.54 22.17
N GLU T 25 8.29 -6.04 21.41
CA GLU T 25 9.60 -5.85 21.98
C GLU T 25 9.71 -4.57 22.79
N TYR T 26 8.64 -3.79 22.91
CA TYR T 26 8.58 -2.81 23.99
C TYR T 26 8.10 -3.43 25.29
N ALA T 27 7.45 -4.59 25.23
CA ALA T 27 7.02 -5.22 26.47
C ALA T 27 8.16 -5.91 27.19
N PHE T 28 9.28 -6.14 26.51
CA PHE T 28 10.40 -6.76 27.20
C PHE T 28 11.08 -5.78 28.13
N LYS T 29 11.07 -4.50 27.82
CA LYS T 29 11.54 -3.50 28.75
C LYS T 29 10.45 -3.02 29.68
N ALA T 30 9.24 -3.58 29.56
CA ALA T 30 8.20 -3.30 30.54
C ALA T 30 8.42 -4.05 31.83
N ILE T 31 9.22 -5.12 31.81
CA ILE T 31 9.56 -5.82 33.04
C ILE T 31 10.42 -4.93 33.93
N ASN T 32 11.27 -4.10 33.34
CA ASN T 32 12.31 -3.39 34.06
C ASN T 32 11.77 -2.31 34.98
N GLN T 33 10.52 -1.89 34.84
CA GLN T 33 9.97 -0.92 35.78
C GLN T 33 9.53 -1.53 37.10
N GLY T 34 9.67 -2.84 37.27
CA GLY T 34 9.45 -3.41 38.58
C GLY T 34 10.56 -3.05 39.54
N GLY T 35 11.79 -2.95 39.04
CA GLY T 35 12.94 -2.71 39.88
C GLY T 35 13.23 -3.92 40.74
N LEU T 36 13.50 -5.05 40.11
CA LEU T 36 13.55 -6.31 40.83
C LEU T 36 14.34 -7.29 39.99
N THR T 37 14.77 -8.39 40.62
CA THR T 37 15.58 -9.40 39.94
C THR T 37 15.31 -10.74 40.60
N SER T 38 15.11 -11.77 39.78
CA SER T 38 14.78 -13.10 40.28
C SER T 38 15.70 -14.13 39.65
N VAL T 39 15.97 -15.21 40.40
CA VAL T 39 16.90 -16.24 39.98
C VAL T 39 16.29 -17.61 40.27
N ALA T 40 16.30 -18.50 39.29
CA ALA T 40 16.00 -19.90 39.48
C ALA T 40 17.22 -20.75 39.13
N VAL T 41 17.45 -21.82 39.90
CA VAL T 41 18.59 -22.70 39.70
C VAL T 41 18.11 -24.15 39.81
N ARG T 42 18.44 -24.95 38.79
CA ARG T 42 18.20 -26.39 38.81
C ARG T 42 19.55 -27.08 38.75
N GLY T 43 19.95 -27.73 39.84
CA GLY T 43 21.20 -28.44 39.81
C GLY T 43 21.15 -29.95 39.87
N LYS T 44 20.26 -30.47 40.70
CA LYS T 44 20.16 -31.89 41.01
C LYS T 44 18.68 -32.05 41.29
N ASP T 45 18.26 -33.10 42.01
CA ASP T 45 16.88 -33.42 42.38
C ASP T 45 16.09 -32.26 42.99
N CYS T 46 16.74 -31.21 43.45
CA CYS T 46 16.05 -30.05 44.00
C CYS T 46 16.10 -28.90 43.01
N ALA T 47 15.15 -27.98 43.15
CA ALA T 47 15.11 -26.78 42.33
C ALA T 47 14.71 -25.62 43.21
N VAL T 48 15.39 -24.49 43.03
CA VAL T 48 15.32 -23.37 43.98
C VAL T 48 14.94 -22.10 43.25
N ILE T 49 13.91 -21.43 43.73
CA ILE T 49 13.59 -20.05 43.36
C ILE T 49 14.18 -19.16 44.44
N VAL T 50 14.75 -18.02 44.04
CA VAL T 50 15.16 -17.01 45.00
C VAL T 50 14.90 -15.63 44.40
N THR T 51 14.36 -14.73 45.22
CA THR T 51 13.91 -13.42 44.77
C THR T 51 13.91 -12.50 45.98
N GLN T 52 14.42 -11.29 45.82
CA GLN T 52 14.36 -10.34 46.92
C GLN T 52 13.01 -9.67 46.97
N LYS T 53 12.68 -9.15 48.14
CA LYS T 53 11.55 -8.26 48.32
C LYS T 53 12.07 -6.85 48.55
N LYS T 54 11.15 -5.89 48.48
CA LYS T 54 11.49 -4.50 48.74
C LYS T 54 10.34 -3.89 49.50
N VAL T 55 10.52 -3.70 50.81
CA VAL T 55 9.50 -3.12 51.68
C VAL T 55 9.89 -1.68 51.96
N PRO T 56 9.23 -0.70 51.35
CA PRO T 56 9.68 0.69 51.50
C PRO T 56 9.09 1.40 52.70
N ASP T 57 8.07 0.81 53.32
CA ASP T 57 7.32 1.49 54.37
C ASP T 57 7.13 0.56 55.56
N LYS T 58 7.13 1.16 56.75
CA LYS T 58 6.80 0.41 57.95
C LYS T 58 5.30 0.21 58.11
N LEU T 59 4.49 1.11 57.54
CA LEU T 59 3.05 0.91 57.56
C LEU T 59 2.64 -0.19 56.60
N LEU T 60 3.43 -0.41 55.57
CA LEU T 60 3.20 -1.50 54.64
C LEU T 60 3.49 -2.82 55.32
N ASP T 61 2.70 -3.84 54.99
CA ASP T 61 2.78 -5.12 55.67
C ASP T 61 3.97 -5.93 55.15
N SER T 62 4.04 -7.19 55.57
CA SER T 62 5.15 -8.04 55.14
C SER T 62 4.62 -9.29 54.47
N SER T 63 3.49 -9.79 54.93
CA SER T 63 2.98 -11.06 54.42
C SER T 63 2.37 -10.91 53.04
N THR T 64 1.82 -9.73 52.73
CA THR T 64 1.12 -9.51 51.48
C THR T 64 2.03 -8.96 50.38
N VAL T 65 3.34 -9.17 50.49
CA VAL T 65 4.28 -8.63 49.53
C VAL T 65 4.85 -9.70 48.62
N THR T 66 4.78 -10.97 49.03
CA THR T 66 5.56 -12.04 48.44
C THR T 66 5.16 -12.34 47.00
N HIS T 67 6.16 -12.42 46.12
CA HIS T 67 5.93 -12.75 44.72
C HIS T 67 5.91 -14.24 44.45
N LEU T 68 6.27 -15.07 45.42
CA LEU T 68 6.16 -16.51 45.24
C LEU T 68 4.70 -16.89 45.25
N PHE T 69 4.27 -17.61 44.23
CA PHE T 69 2.88 -17.93 44.02
C PHE T 69 2.75 -19.43 43.83
N LYS T 70 1.98 -20.06 44.70
CA LYS T 70 1.76 -21.49 44.63
C LYS T 70 0.66 -21.77 43.62
N ILE T 71 1.02 -22.43 42.54
CA ILE T 71 0.05 -22.74 41.48
C ILE T 71 -0.72 -23.99 41.86
N THR T 72 0.00 -25.08 42.05
CA THR T 72 -0.63 -26.33 42.44
C THR T 72 0.15 -26.80 43.66
N GLU T 73 -0.18 -27.97 44.21
CA GLU T 73 0.57 -28.50 45.35
C GLU T 73 2.00 -28.82 45.00
N ASN T 74 2.28 -29.14 43.73
CA ASN T 74 3.63 -29.55 43.34
C ASN T 74 4.23 -28.60 42.32
N ILE T 75 3.59 -27.48 42.04
CA ILE T 75 4.08 -26.50 41.07
C ILE T 75 3.97 -25.12 41.69
N GLY T 76 5.10 -24.42 41.82
CA GLY T 76 5.11 -23.05 42.25
C GLY T 76 5.76 -22.18 41.19
N CYS T 77 5.64 -20.87 41.37
CA CYS T 77 6.19 -19.94 40.40
C CYS T 77 6.58 -18.64 41.07
N VAL T 78 7.25 -17.79 40.30
CA VAL T 78 7.62 -16.45 40.71
C VAL T 78 7.31 -15.52 39.55
N MET T 79 6.91 -14.29 39.86
CA MET T 79 6.49 -13.33 38.86
C MET T 79 7.35 -12.09 38.93
N THR T 80 7.73 -11.60 37.77
CA THR T 80 8.45 -10.34 37.62
C THR T 80 7.59 -9.38 36.82
N GLY T 81 8.17 -8.24 36.46
CA GLY T 81 7.42 -7.26 35.73
C GLY T 81 6.51 -6.46 36.65
N MET T 82 5.52 -5.82 36.05
CA MET T 82 4.60 -5.01 36.82
C MET T 82 3.60 -5.89 37.55
N THR T 83 3.06 -5.36 38.65
CA THR T 83 2.39 -6.19 39.63
C THR T 83 0.99 -6.60 39.17
N ALA T 84 0.21 -5.65 38.66
CA ALA T 84 -1.19 -5.91 38.35
C ALA T 84 -1.35 -6.88 37.19
N ASP T 85 -0.46 -6.82 36.20
CA ASP T 85 -0.50 -7.81 35.13
C ASP T 85 0.00 -9.16 35.59
N SER T 86 0.82 -9.19 36.63
CA SER T 86 1.40 -10.45 37.06
C SER T 86 0.37 -11.33 37.75
N ARG T 87 -0.50 -10.73 38.56
CA ARG T 87 -1.45 -11.54 39.31
C ARG T 87 -2.56 -12.09 38.42
N SER T 88 -2.96 -11.34 37.40
CA SER T 88 -3.94 -11.87 36.46
C SER T 88 -3.36 -12.99 35.62
N GLN T 89 -2.06 -12.94 35.39
CA GLN T 89 -1.37 -14.03 34.71
C GLN T 89 -1.41 -15.30 35.54
N VAL T 90 -1.35 -15.16 36.87
CA VAL T 90 -1.37 -16.31 37.76
C VAL T 90 -2.75 -16.96 37.77
N GLN T 91 -3.80 -16.15 37.65
CA GLN T 91 -5.15 -16.68 37.69
C GLN T 91 -5.45 -17.59 36.52
N ARG T 92 -4.91 -17.29 35.34
CA ARG T 92 -5.04 -18.22 34.23
C ARG T 92 -4.21 -19.47 34.47
N ALA T 93 -3.08 -19.32 35.15
CA ALA T 93 -2.26 -20.48 35.44
C ALA T 93 -2.92 -21.40 36.46
N ARG T 94 -3.56 -20.83 37.49
CA ARG T 94 -4.26 -21.66 38.45
C ARG T 94 -5.49 -22.29 37.83
N TYR T 95 -6.12 -21.59 36.89
CA TYR T 95 -7.36 -22.08 36.30
C TYR T 95 -7.10 -23.25 35.36
N GLU T 96 -6.15 -23.09 34.45
CA GLU T 96 -5.94 -24.12 33.46
C GLU T 96 -5.18 -25.31 34.01
N ALA T 97 -4.53 -25.16 35.16
CA ALA T 97 -3.99 -26.33 35.83
C ALA T 97 -5.09 -27.20 36.39
N ALA T 98 -6.21 -26.60 36.78
CA ALA T 98 -7.31 -27.38 37.32
C ALA T 98 -8.17 -28.00 36.23
N ASN T 99 -8.16 -27.43 35.02
CA ASN T 99 -8.89 -28.06 33.94
C ASN T 99 -8.20 -29.30 33.45
N TRP T 100 -6.88 -29.35 33.56
CA TRP T 100 -6.14 -30.54 33.19
C TRP T 100 -6.52 -31.71 34.09
N LYS T 101 -6.53 -31.48 35.39
CA LYS T 101 -6.88 -32.51 36.35
C LYS T 101 -8.32 -32.97 36.18
N TYR T 102 -9.20 -32.06 35.77
CA TYR T 102 -10.59 -32.42 35.57
C TYR T 102 -10.78 -33.19 34.26
N LYS T 103 -10.22 -32.68 33.16
CA LYS T 103 -10.40 -33.32 31.88
C LYS T 103 -9.63 -34.62 31.78
N TYR T 104 -8.42 -34.66 32.33
CA TYR T 104 -7.51 -35.74 31.99
C TYR T 104 -7.22 -36.68 33.13
N GLY T 105 -7.56 -36.30 34.36
CA GLY T 105 -7.55 -37.24 35.45
C GLY T 105 -6.23 -37.42 36.14
N TYR T 106 -5.24 -36.58 35.86
CA TYR T 106 -3.97 -36.70 36.56
C TYR T 106 -3.33 -35.32 36.64
N GLU T 107 -2.20 -35.26 37.33
CA GLU T 107 -1.56 -33.98 37.60
C GLU T 107 -0.82 -33.48 36.36
N ILE T 108 -0.93 -32.18 36.12
CA ILE T 108 -0.40 -31.57 34.89
C ILE T 108 1.12 -31.54 34.96
N PRO T 109 1.83 -31.83 33.87
CA PRO T 109 3.27 -31.66 33.86
C PRO T 109 3.63 -30.18 33.85
N VAL T 110 4.82 -29.88 34.36
CA VAL T 110 5.28 -28.50 34.37
C VAL T 110 5.63 -28.05 32.96
N ASP T 111 5.93 -28.99 32.07
CA ASP T 111 6.26 -28.62 30.69
C ASP T 111 5.03 -28.21 29.92
N MET T 112 3.92 -28.92 30.11
CA MET T 112 2.69 -28.63 29.37
C MET T 112 2.03 -27.34 29.82
N LEU T 113 2.30 -26.87 31.03
CA LEU T 113 1.62 -25.68 31.51
C LEU T 113 2.14 -24.43 30.82
N CYS T 114 3.43 -24.41 30.48
CA CYS T 114 3.98 -23.25 29.80
C CYS T 114 3.52 -23.17 28.35
N LYS T 115 3.14 -24.29 27.75
CA LYS T 115 2.56 -24.24 26.42
C LYS T 115 1.21 -23.54 26.45
N ARG T 116 0.41 -23.83 27.48
CA ARG T 116 -0.89 -23.18 27.60
C ARG T 116 -0.75 -21.71 27.90
N ILE T 117 0.24 -21.33 28.70
CA ILE T 117 0.41 -19.91 29.04
C ILE T 117 0.92 -19.14 27.84
N ALA T 118 1.88 -19.70 27.11
CA ALA T 118 2.47 -18.99 25.98
C ALA T 118 1.49 -18.85 24.83
N ASP T 119 0.55 -19.78 24.71
CA ASP T 119 -0.42 -19.67 23.62
C ASP T 119 -1.46 -18.60 23.90
N ILE T 120 -1.76 -18.33 25.17
CA ILE T 120 -2.64 -17.21 25.48
C ILE T 120 -1.96 -15.90 25.14
N SER T 121 -0.66 -15.80 25.41
CA SER T 121 0.08 -14.60 25.07
C SER T 121 0.29 -14.46 23.58
N GLN T 122 0.17 -15.55 22.82
CA GLN T 122 0.38 -15.49 21.39
C GLN T 122 -0.78 -14.83 20.68
N VAL T 123 -2.00 -15.07 21.16
CA VAL T 123 -3.20 -14.52 20.53
C VAL T 123 -3.22 -13.00 20.65
N TYR T 124 -2.67 -12.48 21.75
CA TYR T 124 -2.68 -11.04 21.95
C TYR T 124 -1.68 -10.36 21.02
N THR T 125 -0.69 -11.11 20.56
CA THR T 125 0.20 -10.60 19.53
C THR T 125 -0.44 -10.74 18.15
N GLN T 126 -0.97 -11.92 17.85
CA GLN T 126 -1.58 -12.18 16.54
C GLN T 126 -2.82 -11.34 16.33
N ASN T 127 -3.78 -11.43 17.23
CA ASN T 127 -4.96 -10.59 17.16
C ASN T 127 -4.73 -9.35 18.03
N ALA T 128 -5.25 -8.23 17.56
CA ALA T 128 -4.99 -6.96 18.23
C ALA T 128 -6.03 -6.73 19.33
N GLU T 129 -6.06 -5.48 19.80
CA GLU T 129 -7.10 -4.94 20.70
C GLU T 129 -7.11 -5.62 22.07
N MET T 130 -5.90 -5.83 22.62
CA MET T 130 -5.67 -6.11 24.03
C MET T 130 -4.19 -5.93 24.34
N ARG T 131 -3.87 -5.26 25.44
CA ARG T 131 -2.48 -4.98 25.77
C ARG T 131 -1.77 -6.26 26.19
N PRO T 132 -0.57 -6.51 25.71
CA PRO T 132 0.01 -7.85 25.88
C PRO T 132 0.76 -8.14 27.17
N LEU T 133 0.26 -7.74 28.35
CA LEU T 133 0.59 -8.36 29.64
C LEU T 133 2.09 -8.33 29.98
N GLY T 134 2.59 -7.14 30.26
CA GLY T 134 4.01 -6.97 30.47
C GLY T 134 4.56 -7.57 31.76
N CYS T 135 4.63 -8.89 31.83
CA CYS T 135 5.20 -9.59 32.97
C CYS T 135 5.77 -10.92 32.51
N CYS T 136 6.70 -11.45 33.30
CA CYS T 136 7.38 -12.70 32.99
C CYS T 136 7.18 -13.70 34.12
N MET T 137 7.16 -14.97 33.76
CA MET T 137 6.83 -16.05 34.68
C MET T 137 7.90 -17.12 34.65
N ILE T 138 8.34 -17.57 35.83
CA ILE T 138 9.33 -18.63 35.95
C ILE T 138 8.73 -19.74 36.80
N LEU T 139 8.78 -20.97 36.31
CA LEU T 139 8.17 -22.10 37.00
C LEU T 139 9.22 -23.09 37.48
N ILE T 140 8.83 -23.89 38.48
CA ILE T 140 9.58 -25.07 38.89
C ILE T 140 8.60 -26.20 39.18
N GLY T 141 9.11 -27.43 39.08
CA GLY T 141 8.31 -28.58 39.39
C GLY T 141 9.12 -29.84 39.19
N ILE T 142 8.63 -30.91 39.81
CA ILE T 142 9.24 -32.24 39.72
C ILE T 142 8.45 -33.03 38.70
N ASP T 143 9.15 -33.70 37.79
CA ASP T 143 8.51 -34.62 36.87
C ASP T 143 9.18 -35.97 37.00
N GLU T 144 8.37 -37.01 37.15
CA GLU T 144 8.87 -38.36 37.29
C GLU T 144 9.46 -38.84 35.98
N GLU T 145 10.55 -39.61 36.08
CA GLU T 145 11.42 -40.06 35.00
C GLU T 145 12.02 -38.91 34.21
N GLN T 146 12.02 -37.70 34.78
CA GLN T 146 12.54 -36.51 34.13
C GLN T 146 13.36 -35.64 35.06
N GLY T 147 13.25 -35.81 36.37
CA GLY T 147 13.90 -34.94 37.32
C GLY T 147 13.12 -33.65 37.47
N PRO T 148 13.73 -32.66 38.10
CA PRO T 148 13.11 -31.34 38.21
C PRO T 148 13.38 -30.47 37.00
N GLN T 149 12.50 -29.48 36.80
CA GLN T 149 12.59 -28.61 35.65
C GLN T 149 12.40 -27.17 36.05
N VAL T 150 12.92 -26.28 35.20
CA VAL T 150 12.76 -24.84 35.32
C VAL T 150 12.35 -24.31 33.95
N TYR T 151 11.29 -23.53 33.90
CA TYR T 151 10.82 -22.94 32.66
C TYR T 151 10.59 -21.46 32.82
N LYS T 152 10.79 -20.72 31.74
CA LYS T 152 10.52 -19.29 31.67
C LYS T 152 9.55 -19.03 30.52
N CYS T 153 8.56 -18.19 30.75
CA CYS T 153 7.61 -17.79 29.70
C CYS T 153 7.73 -16.30 29.44
N ASP T 154 7.86 -15.94 28.17
CA ASP T 154 8.05 -14.56 27.74
C ASP T 154 6.72 -13.91 27.40
N PRO T 155 6.66 -12.57 27.43
CA PRO T 155 5.45 -11.89 26.96
C PRO T 155 5.19 -12.04 25.48
N ALA T 156 6.19 -12.40 24.68
CA ALA T 156 5.97 -12.62 23.27
C ALA T 156 5.25 -13.93 22.98
N GLY T 157 5.16 -14.83 23.94
CA GLY T 157 4.70 -16.16 23.68
C GLY T 157 5.81 -17.17 23.51
N TYR T 158 7.01 -16.85 23.94
CA TYR T 158 8.15 -17.75 23.84
C TYR T 158 8.35 -18.44 25.19
N TYR T 159 8.72 -19.71 25.15
CA TYR T 159 9.10 -20.43 26.35
C TYR T 159 10.27 -21.34 26.04
N CYS T 160 11.08 -21.60 27.07
CA CYS T 160 12.12 -22.60 26.98
C CYS T 160 12.43 -23.09 28.38
N GLY T 161 13.08 -24.24 28.46
CA GLY T 161 13.48 -24.83 29.72
C GLY T 161 15.00 -24.85 29.85
N PHE T 162 15.49 -24.43 31.01
CA PHE T 162 16.93 -24.29 31.17
C PHE T 162 17.32 -24.25 32.63
N LYS T 163 18.62 -24.44 32.86
CA LYS T 163 19.10 -24.82 34.19
C LYS T 163 19.19 -23.62 35.11
N ALA T 164 19.99 -22.63 34.74
CA ALA T 164 20.19 -21.44 35.55
C ALA T 164 19.47 -20.28 34.88
N THR T 165 18.76 -19.50 35.67
CA THR T 165 17.80 -18.55 35.15
C THR T 165 17.94 -17.23 35.86
N ALA T 166 17.86 -16.14 35.11
CA ALA T 166 17.77 -14.81 35.69
C ALA T 166 16.64 -14.07 35.01
N ALA T 167 16.04 -13.14 35.75
CA ALA T 167 15.00 -12.29 35.20
C ALA T 167 15.03 -10.97 35.94
N GLY T 168 14.26 -10.02 35.44
CA GLY T 168 14.17 -8.73 36.08
C GLY T 168 15.03 -7.66 35.44
N VAL T 169 15.87 -6.99 36.24
CA VAL T 169 16.65 -5.88 35.75
C VAL T 169 18.01 -6.38 35.30
N LYS T 170 18.52 -7.40 35.99
CA LYS T 170 19.93 -7.74 35.89
C LYS T 170 20.16 -9.10 35.26
N GLN T 171 19.50 -9.38 34.12
CA GLN T 171 19.65 -10.67 33.47
C GLN T 171 21.08 -10.88 32.99
N THR T 172 21.60 -9.92 32.21
CA THR T 172 22.86 -10.12 31.51
C THR T 172 24.04 -10.22 32.47
N GLU T 173 23.93 -9.60 33.63
CA GLU T 173 25.01 -9.70 34.61
C GLU T 173 24.94 -11.01 35.35
N SER T 174 23.74 -11.43 35.73
CA SER T 174 23.58 -12.66 36.49
C SER T 174 23.82 -13.89 35.62
N THR T 175 23.38 -13.83 34.36
CA THR T 175 23.64 -14.95 33.45
C THR T 175 25.12 -15.03 33.07
N SER T 176 25.83 -13.90 33.10
CA SER T 176 27.26 -13.95 32.88
C SER T 176 27.98 -14.65 34.02
N PHE T 177 27.44 -14.55 35.24
CA PHE T 177 28.01 -15.26 36.36
C PHE T 177 27.80 -16.76 36.23
N LEU T 178 26.57 -17.15 35.88
CA LEU T 178 26.20 -18.56 35.91
C LEU T 178 26.82 -19.37 34.78
N GLU T 179 27.15 -18.72 33.67
CA GLU T 179 27.98 -19.39 32.67
C GLU T 179 29.36 -19.69 33.21
N LYS T 180 29.96 -18.69 33.88
CA LYS T 180 31.21 -18.92 34.59
C LYS T 180 31.02 -19.88 35.75
N LYS T 181 29.83 -19.94 36.33
CA LYS T 181 29.60 -20.88 37.41
C LYS T 181 29.29 -22.27 36.88
N VAL T 182 28.23 -22.40 36.09
CA VAL T 182 27.84 -23.71 35.55
C VAL T 182 28.61 -23.86 34.24
N LYS T 183 29.86 -24.22 34.38
CA LYS T 183 30.66 -24.81 33.32
C LYS T 183 31.47 -25.99 33.82
N LYS T 184 31.71 -26.06 35.13
CA LYS T 184 32.39 -27.17 35.78
C LYS T 184 31.42 -28.31 35.99
N LYS T 185 31.87 -29.34 36.71
CA LYS T 185 31.03 -30.50 36.96
C LYS T 185 30.72 -30.61 38.45
N PHE T 186 29.62 -30.01 38.88
CA PHE T 186 29.21 -30.10 40.27
C PHE T 186 28.09 -31.11 40.40
N ASP T 187 27.77 -31.51 41.63
CA ASP T 187 26.67 -32.42 41.87
C ASP T 187 25.47 -31.73 42.51
N TRP T 188 25.65 -30.54 43.06
CA TRP T 188 24.59 -29.62 43.48
C TRP T 188 23.70 -30.24 44.56
N THR T 189 24.32 -30.49 45.70
CA THR T 189 23.68 -31.29 46.73
C THR T 189 22.85 -30.47 47.69
N PHE T 190 21.96 -29.61 47.17
CA PHE T 190 20.88 -28.90 47.85
C PHE T 190 21.35 -27.82 48.83
N GLU T 191 22.60 -27.83 49.23
CA GLU T 191 23.22 -26.66 49.83
C GLU T 191 24.23 -26.06 48.89
N GLN T 192 24.74 -26.85 47.94
CA GLN T 192 25.45 -26.27 46.81
C GLN T 192 24.51 -25.42 45.97
N THR T 193 23.24 -25.83 45.85
CA THR T 193 22.29 -25.10 45.03
C THR T 193 21.91 -23.78 45.67
N VAL T 194 21.52 -23.82 46.94
CA VAL T 194 21.00 -22.64 47.63
C VAL T 194 22.09 -21.60 47.80
N GLU T 195 23.33 -22.05 48.03
CA GLU T 195 24.45 -21.13 48.19
C GLU T 195 24.73 -20.35 46.93
N THR T 196 24.70 -21.01 45.77
CA THR T 196 24.94 -20.31 44.52
C THR T 196 23.76 -19.43 44.15
N ALA T 197 22.54 -19.88 44.47
CA ALA T 197 21.37 -19.06 44.24
C ALA T 197 21.42 -17.77 45.05
N ILE T 198 22.08 -17.80 46.20
CA ILE T 198 22.43 -16.57 46.87
C ILE T 198 23.62 -15.92 46.17
N THR T 199 24.71 -16.65 45.97
CA THR T 199 25.95 -15.99 45.55
C THR T 199 25.99 -15.68 44.06
N CYS T 200 25.04 -16.15 43.27
CA CYS T 200 24.88 -15.53 41.96
C CYS T 200 24.31 -14.14 42.11
N LEU T 201 23.28 -14.00 42.92
CA LEU T 201 22.79 -12.69 43.33
C LEU T 201 23.76 -12.03 44.29
N SER T 202 24.67 -12.79 44.92
CA SER T 202 25.60 -12.09 45.80
C SER T 202 26.93 -11.79 45.16
N THR T 203 26.94 -11.49 43.88
CA THR T 203 27.95 -10.62 43.31
C THR T 203 27.33 -9.37 42.71
N VAL T 204 26.01 -9.38 42.54
CA VAL T 204 25.40 -8.44 41.60
C VAL T 204 25.05 -7.12 42.27
N LEU T 205 24.23 -7.16 43.31
CA LEU T 205 23.50 -5.93 43.63
C LEU T 205 24.13 -5.12 44.76
N SER T 206 25.06 -5.69 45.53
CA SER T 206 25.77 -5.05 46.65
C SER T 206 24.82 -4.48 47.72
N ILE T 207 24.20 -5.36 48.53
CA ILE T 207 23.07 -4.97 49.38
C ILE T 207 23.35 -5.12 50.88
N ASP T 208 23.66 -6.33 51.35
CA ASP T 208 23.70 -6.74 52.79
C ASP T 208 22.34 -6.66 53.51
N PHE T 209 21.51 -7.67 53.28
CA PHE T 209 20.43 -7.78 54.26
C PHE T 209 20.77 -8.64 55.47
N LYS T 210 20.21 -8.23 56.59
CA LYS T 210 19.73 -9.14 57.63
C LYS T 210 18.65 -10.02 57.02
N PRO T 211 18.54 -11.30 57.41
CA PRO T 211 17.89 -12.31 56.53
C PRO T 211 16.42 -12.13 56.18
N SER T 212 15.81 -10.95 56.34
CA SER T 212 14.40 -10.77 56.05
C SER T 212 14.13 -10.02 54.76
N GLU T 213 15.04 -9.98 53.81
CA GLU T 213 14.79 -9.27 52.56
C GLU T 213 14.70 -10.14 51.31
N ILE T 214 14.56 -11.46 51.43
CA ILE T 214 14.37 -12.28 50.24
C ILE T 214 13.20 -13.24 50.45
N GLU T 215 12.91 -14.00 49.40
CA GLU T 215 12.05 -15.16 49.48
C GLU T 215 12.71 -16.32 48.76
N VAL T 216 12.49 -17.52 49.27
CA VAL T 216 13.03 -18.73 48.66
C VAL T 216 11.94 -19.77 48.60
N GLY T 217 11.53 -20.14 47.39
CA GLY T 217 10.72 -21.32 47.17
C GLY T 217 11.62 -22.48 46.82
N VAL T 218 11.19 -23.68 47.17
CA VAL T 218 12.01 -24.86 46.96
C VAL T 218 11.11 -26.03 46.59
N VAL T 219 11.68 -26.99 45.88
CA VAL T 219 11.03 -28.27 45.63
C VAL T 219 12.15 -29.29 45.56
N THR T 220 11.84 -30.55 45.86
CA THR T 220 12.87 -31.55 46.11
C THR T 220 12.27 -32.91 45.78
N VAL T 221 13.08 -33.83 45.24
CA VAL T 221 12.61 -35.22 45.22
C VAL T 221 13.07 -35.86 46.53
N GLU T 222 12.47 -35.41 47.61
CA GLU T 222 12.15 -36.17 48.80
C GLU T 222 10.81 -35.74 49.35
N ASN T 223 10.39 -34.53 49.03
CA ASN T 223 9.06 -34.00 49.37
C ASN T 223 8.71 -33.09 48.20
N PRO T 224 7.97 -33.59 47.22
CA PRO T 224 7.71 -32.80 46.00
C PRO T 224 6.70 -31.67 46.17
N LYS T 225 6.23 -31.41 47.38
CA LYS T 225 5.37 -30.27 47.62
C LYS T 225 6.15 -28.97 47.44
N PHE T 226 5.46 -27.96 46.95
CA PHE T 226 6.07 -26.64 46.88
C PHE T 226 6.15 -26.07 48.29
N ARG T 227 7.23 -25.34 48.57
CA ARG T 227 7.58 -25.01 49.93
C ARG T 227 8.24 -23.64 49.99
N ILE T 228 7.66 -22.73 50.75
CA ILE T 228 8.26 -21.42 50.99
C ILE T 228 9.02 -21.47 52.30
N LEU T 229 10.29 -21.06 52.27
CA LEU T 229 11.16 -21.23 53.42
C LEU T 229 10.80 -20.28 54.55
N THR T 230 11.14 -20.73 55.76
CA THR T 230 10.94 -19.97 56.99
C THR T 230 12.07 -18.98 57.15
N GLU T 231 11.76 -17.82 57.75
CA GLU T 231 12.75 -16.81 58.10
C GLU T 231 13.89 -17.36 58.94
N ALA T 232 13.62 -18.35 59.80
CA ALA T 232 14.67 -18.95 60.61
C ALA T 232 15.62 -19.79 59.76
N GLU T 233 15.08 -20.62 58.87
CA GLU T 233 15.93 -21.48 58.07
C GLU T 233 16.55 -20.75 56.88
N ILE T 234 15.99 -19.61 56.48
CA ILE T 234 16.70 -18.70 55.60
C ILE T 234 17.96 -18.19 56.27
N ASP T 235 17.83 -17.81 57.56
CA ASP T 235 18.99 -17.38 58.34
C ASP T 235 19.99 -18.51 58.54
N ALA T 236 19.51 -19.76 58.56
CA ALA T 236 20.40 -20.89 58.68
C ALA T 236 21.30 -21.03 57.47
N HIS T 237 20.71 -21.06 56.27
CA HIS T 237 21.49 -21.16 55.05
C HIS T 237 22.31 -19.90 54.78
N LEU T 238 21.90 -18.76 55.32
CA LEU T 238 22.64 -17.53 55.09
C LEU T 238 23.94 -17.52 55.88
N VAL T 239 24.02 -18.30 56.96
CA VAL T 239 25.30 -18.50 57.62
C VAL T 239 25.83 -19.92 57.44
N ALA T 240 25.27 -20.70 56.51
CA ALA T 240 25.76 -22.05 56.29
C ALA T 240 26.71 -22.12 55.10
N LEU T 241 26.53 -21.23 54.12
CA LEU T 241 27.47 -21.08 53.02
C LEU T 241 28.67 -20.23 53.41
N ALA T 242 28.82 -19.97 54.69
CA ALA T 242 29.17 -18.64 55.13
C ALA T 242 29.78 -18.74 56.53
N GLU T 243 31.10 -18.72 56.58
CA GLU T 243 31.78 -19.19 57.78
C GLU T 243 32.37 -18.05 58.59
N GLY U 4 2.12 5.71 2.70
CA GLY U 4 0.79 5.86 3.29
C GLY U 4 -0.03 4.61 3.10
N TYR U 5 0.50 3.71 2.27
CA TYR U 5 -0.15 2.43 2.00
C TYR U 5 0.46 1.31 2.81
N SER U 6 1.56 1.59 3.49
CA SER U 6 2.30 0.57 4.19
C SER U 6 1.82 0.34 5.61
N PHE U 7 0.70 0.94 6.01
CA PHE U 7 0.22 0.79 7.37
C PHE U 7 -1.00 -0.12 7.49
N SER U 8 -1.72 -0.38 6.40
CA SER U 8 -2.91 -1.21 6.47
C SER U 8 -2.77 -2.36 5.49
N LEU U 9 -3.81 -3.18 5.44
CA LEU U 9 -3.81 -4.43 4.68
C LEU U 9 -4.97 -4.54 3.70
N THR U 10 -6.09 -3.89 3.96
CA THR U 10 -7.28 -4.09 3.17
C THR U 10 -7.32 -3.25 1.90
N THR U 11 -6.28 -2.49 1.60
CA THR U 11 -6.25 -1.64 0.42
C THR U 11 -5.00 -1.87 -0.40
N PHE U 12 -5.04 -1.40 -1.65
CA PHE U 12 -3.95 -1.61 -2.59
C PHE U 12 -3.01 -0.41 -2.66
N SER U 13 -1.93 -0.60 -3.37
CA SER U 13 -1.04 0.42 -3.89
C SER U 13 -1.48 0.74 -5.31
N PRO U 14 -1.19 1.94 -5.85
CA PRO U 14 -1.80 2.33 -7.12
C PRO U 14 -1.22 1.58 -8.29
N SER U 15 -0.06 0.98 -8.11
CA SER U 15 0.64 0.25 -9.15
C SER U 15 0.68 -1.24 -8.90
N GLY U 16 1.06 -1.67 -7.71
CA GLY U 16 1.36 -3.06 -7.54
C GLY U 16 0.53 -3.77 -6.50
N LYS U 17 1.20 -4.35 -5.53
CA LYS U 17 0.61 -5.38 -4.69
C LYS U 17 0.60 -4.96 -3.23
N LEU U 18 0.27 -5.92 -2.37
CA LEU U 18 0.09 -5.66 -0.95
C LEU U 18 1.43 -5.47 -0.27
N VAL U 19 1.52 -4.43 0.56
CA VAL U 19 2.79 -4.10 1.17
C VAL U 19 3.05 -4.95 2.41
N GLN U 20 2.01 -5.21 3.21
CA GLN U 20 2.20 -5.88 4.48
C GLN U 20 2.59 -7.34 4.32
N ILE U 21 2.15 -7.98 3.25
CA ILE U 21 2.56 -9.36 3.03
C ILE U 21 4.02 -9.42 2.61
N GLU U 22 4.49 -8.40 1.90
CA GLU U 22 5.89 -8.34 1.54
C GLU U 22 6.76 -8.05 2.75
N TYR U 23 6.24 -7.30 3.73
CA TYR U 23 7.02 -7.08 4.93
C TYR U 23 7.06 -8.32 5.80
N ALA U 24 6.02 -9.14 5.75
CA ALA U 24 6.02 -10.37 6.53
C ALA U 24 6.99 -11.38 5.95
N LEU U 25 7.23 -11.33 4.64
CA LEU U 25 8.23 -12.21 4.04
C LEU U 25 9.64 -11.78 4.41
N ALA U 26 9.83 -10.53 4.80
CA ALA U 26 11.14 -10.11 5.28
C ALA U 26 11.44 -10.71 6.64
N ALA U 27 10.41 -11.04 7.41
CA ALA U 27 10.63 -11.72 8.68
C ALA U 27 11.05 -13.16 8.49
N VAL U 28 10.66 -13.79 7.38
CA VAL U 28 11.09 -15.15 7.12
C VAL U 28 12.57 -15.20 6.79
N ALA U 29 13.06 -14.18 6.09
CA ALA U 29 14.47 -14.12 5.73
C ALA U 29 15.38 -13.92 6.94
N GLY U 30 14.85 -13.38 8.03
CA GLY U 30 15.64 -13.17 9.21
C GLY U 30 15.54 -14.30 10.22
N GLY U 31 15.15 -15.49 9.76
CA GLY U 31 15.01 -16.64 10.62
C GLY U 31 16.20 -17.57 10.54
N ALA U 32 16.11 -18.67 11.27
CA ALA U 32 17.16 -19.68 11.25
C ALA U 32 17.15 -20.40 9.91
N PRO U 33 18.32 -20.81 9.40
CA PRO U 33 18.36 -21.50 8.12
C PRO U 33 17.82 -22.91 8.20
N SER U 34 17.28 -23.38 7.08
CA SER U 34 16.67 -24.69 7.02
C SER U 34 16.75 -25.21 5.59
N VAL U 35 16.90 -26.53 5.48
CA VAL U 35 17.15 -27.19 4.20
C VAL U 35 16.21 -28.38 4.06
N GLY U 36 15.57 -28.49 2.89
CA GLY U 36 14.83 -29.68 2.56
C GLY U 36 15.26 -30.28 1.25
N ILE U 37 15.51 -31.59 1.20
CA ILE U 37 15.98 -32.27 0.01
C ILE U 37 15.12 -33.49 -0.22
N LYS U 38 14.55 -33.59 -1.42
CA LYS U 38 13.75 -34.74 -1.82
C LYS U 38 14.64 -35.74 -2.54
N ALA U 39 14.80 -36.91 -1.96
CA ALA U 39 15.65 -37.94 -2.53
C ALA U 39 14.81 -38.85 -3.43
N ALA U 40 15.40 -39.96 -3.86
CA ALA U 40 14.68 -40.88 -4.73
C ALA U 40 13.68 -41.72 -3.95
N ASN U 41 14.01 -42.09 -2.72
CA ASN U 41 13.16 -42.91 -1.89
C ASN U 41 12.63 -42.22 -0.65
N GLY U 42 13.17 -41.05 -0.28
CA GLY U 42 12.72 -40.36 0.89
C GLY U 42 12.90 -38.86 0.77
N VAL U 43 12.61 -38.16 1.85
CA VAL U 43 12.79 -36.72 1.96
C VAL U 43 13.57 -36.44 3.23
N VAL U 44 14.57 -35.57 3.15
CA VAL U 44 15.38 -35.16 4.29
C VAL U 44 15.04 -33.73 4.65
N LEU U 45 14.69 -33.51 5.90
CA LEU U 45 14.61 -32.17 6.47
C LEU U 45 15.80 -31.95 7.39
N ALA U 46 16.24 -30.71 7.48
CA ALA U 46 17.35 -30.35 8.35
C ALA U 46 17.25 -28.89 8.70
N THR U 47 17.60 -28.55 9.93
CA THR U 47 17.49 -27.18 10.40
C THR U 47 18.70 -26.87 11.27
N GLU U 48 18.68 -25.68 11.87
CA GLU U 48 19.83 -25.13 12.56
C GLU U 48 19.36 -24.62 13.92
N LYS U 49 19.93 -25.19 14.99
CA LYS U 49 19.41 -24.99 16.33
C LYS U 49 20.57 -24.58 17.24
N LYS U 50 20.88 -23.30 17.28
CA LYS U 50 21.86 -22.78 18.22
C LYS U 50 21.16 -22.02 19.33
N GLN U 51 21.48 -22.36 20.56
CA GLN U 51 20.98 -21.62 21.70
C GLN U 51 21.92 -20.46 21.99
N LYS U 52 21.40 -19.49 22.75
CA LYS U 52 22.20 -18.32 23.08
C LYS U 52 23.34 -18.68 24.04
N SER U 53 23.01 -19.31 25.16
CA SER U 53 23.98 -19.63 26.18
C SER U 53 24.13 -21.13 26.30
N ILE U 54 24.97 -21.53 27.25
CA ILE U 54 25.20 -22.94 27.54
C ILE U 54 24.05 -23.42 28.41
N LEU U 55 23.37 -22.49 29.08
CA LEU U 55 22.33 -22.80 30.04
C LEU U 55 21.11 -23.46 29.44
N TYR U 56 20.83 -23.19 28.16
CA TYR U 56 19.60 -23.66 27.55
C TYR U 56 19.65 -25.16 27.29
N ASP U 57 18.57 -25.85 27.67
CA ASP U 57 18.45 -27.27 27.36
C ASP U 57 18.01 -27.43 25.92
N GLU U 58 18.63 -28.37 25.23
CA GLU U 58 18.33 -28.60 23.83
C GLU U 58 17.21 -29.60 23.65
N ARG U 59 16.83 -30.32 24.68
CA ARG U 59 15.83 -31.38 24.57
C ARG U 59 14.45 -30.89 25.00
N SER U 60 14.24 -29.58 25.04
CA SER U 60 12.96 -29.02 25.47
C SER U 60 12.07 -28.68 24.27
N VAL U 61 12.57 -27.86 23.37
CA VAL U 61 11.82 -27.42 22.20
C VAL U 61 12.40 -28.09 20.98
N HIS U 62 11.54 -28.58 20.10
CA HIS U 62 11.96 -29.25 18.88
C HIS U 62 11.54 -28.45 17.67
N LYS U 63 12.25 -28.68 16.56
CA LYS U 63 11.95 -28.03 15.29
C LYS U 63 11.28 -28.99 14.31
N VAL U 64 11.95 -30.10 14.00
CA VAL U 64 11.36 -31.14 13.18
C VAL U 64 10.20 -31.74 13.97
N GLU U 65 9.00 -31.66 13.40
CA GLU U 65 7.83 -31.96 14.17
C GLU U 65 6.83 -32.79 13.39
N PRO U 66 6.39 -33.93 13.92
CA PRO U 66 5.46 -34.78 13.19
C PRO U 66 4.05 -34.26 13.26
N ILE U 67 3.31 -34.47 12.18
CA ILE U 67 1.90 -34.17 12.11
C ILE U 67 1.08 -35.44 12.13
N THR U 68 1.45 -36.39 11.27
CA THR U 68 0.83 -37.71 11.30
C THR U 68 2.01 -38.67 11.40
N LYS U 69 1.79 -39.97 11.25
CA LYS U 69 2.91 -40.91 11.32
C LYS U 69 3.78 -40.87 10.08
N HIS U 70 3.37 -40.17 9.03
CA HIS U 70 4.16 -40.12 7.81
C HIS U 70 4.32 -38.70 7.30
N ILE U 71 4.09 -37.69 8.13
CA ILE U 71 4.08 -36.30 7.70
C ILE U 71 4.85 -35.47 8.71
N GLY U 72 5.95 -34.86 8.28
CA GLY U 72 6.74 -33.99 9.11
C GLY U 72 6.83 -32.58 8.54
N LEU U 73 7.40 -31.69 9.34
CA LEU U 73 7.18 -30.27 9.11
C LEU U 73 8.19 -29.40 9.85
N VAL U 74 8.86 -28.48 9.15
CA VAL U 74 9.77 -27.52 9.74
C VAL U 74 9.40 -26.12 9.26
N TYR U 75 10.24 -25.16 9.64
CA TYR U 75 9.92 -23.77 9.39
C TYR U 75 11.16 -22.91 9.38
N SER U 76 10.95 -21.65 9.04
CA SER U 76 11.95 -20.60 9.22
C SER U 76 11.19 -19.29 9.37
N GLY U 77 11.24 -18.71 10.55
CA GLY U 77 10.41 -17.56 10.81
C GLY U 77 10.41 -17.22 12.28
N MET U 78 9.23 -17.08 12.86
CA MET U 78 9.11 -16.87 14.29
C MET U 78 8.49 -18.08 14.97
N GLY U 79 9.26 -18.66 15.88
CA GLY U 79 8.89 -19.82 16.67
C GLY U 79 7.53 -19.83 17.36
N PRO U 80 7.15 -18.75 18.06
CA PRO U 80 5.82 -18.77 18.68
C PRO U 80 4.65 -18.77 17.71
N ASP U 81 4.77 -18.15 16.53
CA ASP U 81 3.70 -18.31 15.55
C ASP U 81 3.69 -19.69 14.94
N TYR U 82 4.81 -20.39 14.97
CA TYR U 82 4.88 -21.74 14.43
C TYR U 82 4.01 -22.70 15.22
N ARG U 83 3.99 -22.56 16.54
CA ARG U 83 3.24 -23.48 17.37
C ARG U 83 1.74 -23.37 17.19
N VAL U 84 1.25 -22.26 16.66
CA VAL U 84 -0.18 -22.10 16.43
C VAL U 84 -0.63 -23.00 15.30
N LEU U 85 -0.06 -22.81 14.12
CA LEU U 85 -0.50 -23.57 12.96
C LEU U 85 -0.01 -25.01 12.96
N VAL U 86 0.90 -25.39 13.84
CA VAL U 86 1.15 -26.82 14.05
C VAL U 86 -0.06 -27.46 14.69
N HIS U 87 -0.51 -26.90 15.81
CA HIS U 87 -1.69 -27.39 16.52
C HIS U 87 -2.94 -27.27 15.67
N ARG U 88 -2.98 -26.31 14.76
CA ARG U 88 -4.05 -26.27 13.79
C ARG U 88 -3.94 -27.41 12.80
N ALA U 89 -2.74 -27.72 12.33
CA ALA U 89 -2.58 -28.75 11.33
C ALA U 89 -2.74 -30.15 11.91
N ARG U 90 -2.49 -30.31 13.21
CA ARG U 90 -2.77 -31.57 13.88
C ARG U 90 -4.26 -31.87 13.86
N LYS U 91 -5.05 -30.93 14.37
CA LYS U 91 -6.49 -31.13 14.52
C LYS U 91 -7.18 -31.22 13.19
N LEU U 92 -6.65 -30.54 12.18
CA LEU U 92 -7.21 -30.61 10.85
C LEU U 92 -6.87 -31.93 10.17
N ALA U 93 -5.78 -32.58 10.55
CA ALA U 93 -5.45 -33.87 9.96
C ALA U 93 -6.35 -34.97 10.49
N GLN U 94 -6.83 -34.84 11.72
CA GLN U 94 -7.70 -35.85 12.28
C GLN U 94 -9.09 -35.79 11.68
N GLN U 95 -9.54 -34.57 11.30
CA GLN U 95 -10.88 -34.41 10.75
C GLN U 95 -11.02 -35.10 9.41
N TYR U 96 -9.94 -35.21 8.65
CA TYR U 96 -9.96 -36.08 7.48
C TYR U 96 -10.13 -37.52 7.89
N TYR U 97 -9.41 -37.94 8.93
CA TYR U 97 -9.38 -39.33 9.30
C TYR U 97 -10.68 -39.77 9.97
N LEU U 98 -11.40 -38.85 10.60
CA LEU U 98 -12.70 -39.22 11.14
C LEU U 98 -13.72 -39.41 10.04
N VAL U 99 -13.56 -38.74 8.91
CA VAL U 99 -14.51 -38.87 7.83
C VAL U 99 -14.16 -40.05 6.94
N TYR U 100 -12.91 -40.12 6.49
CA TYR U 100 -12.56 -41.04 5.42
C TYR U 100 -11.87 -42.30 5.91
N GLN U 101 -11.52 -42.37 7.20
CA GLN U 101 -10.88 -43.53 7.82
C GLN U 101 -9.59 -43.90 7.12
N GLU U 102 -8.79 -42.89 6.79
CA GLU U 102 -7.64 -43.11 5.94
C GLU U 102 -6.68 -41.97 6.20
N PRO U 103 -5.37 -42.22 6.23
CA PRO U 103 -4.41 -41.13 6.49
C PRO U 103 -4.41 -40.12 5.36
N ILE U 104 -4.40 -38.85 5.74
CA ILE U 104 -4.59 -37.75 4.78
C ILE U 104 -3.37 -37.63 3.89
N PRO U 105 -3.53 -37.55 2.57
CA PRO U 105 -2.38 -37.41 1.69
C PRO U 105 -1.77 -36.04 1.81
N THR U 106 -0.47 -35.95 1.49
CA THR U 106 0.29 -34.75 1.76
C THR U 106 -0.07 -33.60 0.84
N ALA U 107 -0.67 -33.89 -0.31
CA ALA U 107 -1.19 -32.81 -1.13
C ALA U 107 -2.40 -32.16 -0.50
N GLN U 108 -3.11 -32.88 0.36
CA GLN U 108 -4.39 -32.42 0.84
C GLN U 108 -4.28 -31.49 2.04
N LEU U 109 -3.27 -31.67 2.90
CA LEU U 109 -3.07 -30.72 4.00
C LEU U 109 -2.71 -29.35 3.49
N VAL U 110 -1.84 -29.31 2.47
CA VAL U 110 -1.29 -28.05 2.04
C VAL U 110 -2.31 -27.26 1.23
N GLN U 111 -3.34 -27.94 0.71
CA GLN U 111 -4.56 -27.26 0.30
C GLN U 111 -5.15 -26.50 1.46
N ARG U 112 -5.21 -27.14 2.62
CA ARG U 112 -6.01 -26.65 3.72
C ARG U 112 -5.23 -25.76 4.68
N VAL U 113 -3.95 -26.05 4.90
CA VAL U 113 -3.14 -25.23 5.78
C VAL U 113 -2.91 -23.86 5.17
N ALA U 114 -2.75 -23.80 3.85
CA ALA U 114 -2.64 -22.52 3.17
C ALA U 114 -3.94 -21.73 3.24
N SER U 115 -5.08 -22.43 3.30
CA SER U 115 -6.34 -21.74 3.47
C SER U 115 -6.51 -21.22 4.89
N VAL U 116 -5.77 -21.78 5.85
CA VAL U 116 -5.75 -21.20 7.18
C VAL U 116 -4.93 -19.93 7.19
N MET U 117 -3.72 -20.00 6.60
CA MET U 117 -2.86 -18.83 6.52
C MET U 117 -3.43 -17.76 5.60
N GLN U 118 -4.30 -18.17 4.68
CA GLN U 118 -5.14 -17.25 3.93
C GLN U 118 -5.92 -16.33 4.84
N GLU U 119 -6.55 -16.90 5.86
CA GLU U 119 -7.63 -16.21 6.54
C GLU U 119 -7.11 -15.10 7.44
N TYR U 120 -5.85 -15.16 7.84
CA TYR U 120 -5.29 -14.07 8.62
C TYR U 120 -4.79 -12.93 7.77
N THR U 121 -4.79 -13.08 6.45
CA THR U 121 -4.51 -11.98 5.55
C THR U 121 -5.76 -11.18 5.22
N GLN U 122 -6.86 -11.42 5.91
CA GLN U 122 -8.08 -10.69 5.68
C GLN U 122 -8.07 -9.38 6.46
N SER U 123 -9.18 -8.67 6.41
CA SER U 123 -9.33 -7.44 7.15
C SER U 123 -9.54 -7.73 8.62
N GLY U 124 -9.13 -6.78 9.47
CA GLY U 124 -8.18 -5.73 9.16
C GLY U 124 -7.41 -5.40 10.41
N GLY U 125 -7.66 -6.18 11.45
CA GLY U 125 -7.06 -5.94 12.74
C GLY U 125 -6.25 -7.13 13.20
N VAL U 126 -5.87 -7.97 12.26
CA VAL U 126 -5.00 -9.10 12.53
C VAL U 126 -3.74 -8.97 11.68
N ARG U 127 -2.74 -9.58 12.12
CA ARG U 127 -1.50 -9.63 11.39
C ARG U 127 -1.34 -10.96 10.70
N PRO U 128 -0.63 -11.02 9.58
CA PRO U 128 -0.34 -12.30 8.96
C PRO U 128 0.72 -13.05 9.76
N PHE U 129 0.93 -14.31 9.38
CA PHE U 129 2.00 -15.07 9.98
C PHE U 129 3.35 -14.56 9.50
N GLY U 130 4.38 -14.88 10.26
CA GLY U 130 5.73 -14.57 9.83
C GLY U 130 6.53 -15.84 9.69
N VAL U 131 5.89 -16.89 9.19
CA VAL U 131 6.48 -18.22 9.14
C VAL U 131 6.24 -18.80 7.76
N SER U 132 7.29 -19.29 7.12
CA SER U 132 7.12 -20.19 5.99
C SER U 132 7.40 -21.60 6.44
N LEU U 133 6.88 -22.57 5.68
CA LEU U 133 6.91 -23.95 6.10
C LEU U 133 7.58 -24.82 5.06
N LEU U 134 7.96 -26.02 5.49
CA LEU U 134 8.44 -27.06 4.60
C LEU U 134 7.82 -28.36 5.05
N ILE U 135 7.00 -28.96 4.19
CA ILE U 135 6.16 -30.10 4.55
C ILE U 135 6.59 -31.29 3.72
N CYS U 136 6.73 -32.45 4.36
CA CYS U 136 7.23 -33.64 3.71
C CYS U 136 6.34 -34.84 4.03
N GLY U 137 6.39 -35.83 3.16
CA GLY U 137 5.63 -37.04 3.39
C GLY U 137 5.77 -38.00 2.24
N TRP U 138 5.58 -39.28 2.57
CA TRP U 138 5.69 -40.38 1.62
C TRP U 138 4.33 -41.03 1.50
N ASN U 139 3.52 -40.55 0.56
CA ASN U 139 2.19 -41.08 0.31
C ASN U 139 2.16 -41.72 -1.06
N GLU U 140 1.70 -42.97 -1.11
CA GLU U 140 1.56 -43.78 -2.33
C GLU U 140 2.90 -43.92 -3.06
N GLY U 141 3.88 -44.43 -2.34
CA GLY U 141 5.18 -44.69 -2.93
C GLY U 141 6.03 -43.46 -3.15
N ARG U 142 5.56 -42.54 -3.98
CA ARG U 142 6.34 -41.36 -4.29
C ARG U 142 6.36 -40.41 -3.10
N PRO U 143 7.51 -39.85 -2.77
CA PRO U 143 7.58 -38.87 -1.69
C PRO U 143 7.12 -37.50 -2.19
N TYR U 144 7.02 -36.57 -1.24
CA TYR U 144 6.58 -35.22 -1.54
C TYR U 144 7.31 -34.23 -0.66
N LEU U 145 7.58 -33.04 -1.20
CA LEU U 145 8.22 -31.97 -0.45
C LEU U 145 7.59 -30.66 -0.86
N PHE U 146 6.82 -30.05 0.04
CA PHE U 146 6.08 -28.85 -0.28
C PHE U 146 6.57 -27.68 0.55
N GLN U 147 6.20 -26.48 0.11
CA GLN U 147 6.56 -25.25 0.81
C GLN U 147 5.42 -24.25 0.72
N SER U 148 4.95 -23.79 1.87
CA SER U 148 3.95 -22.73 1.92
C SER U 148 4.61 -21.43 2.35
N ASP U 149 3.77 -20.40 2.51
CA ASP U 149 4.25 -19.05 2.79
C ASP U 149 3.12 -18.29 3.46
N PRO U 150 3.42 -17.15 4.09
CA PRO U 150 2.32 -16.37 4.72
C PRO U 150 1.31 -15.78 3.75
N SER U 151 1.61 -15.73 2.45
CA SER U 151 0.61 -15.24 1.51
C SER U 151 -0.48 -16.27 1.29
N GLY U 152 -0.12 -17.55 1.24
CA GLY U 152 -1.07 -18.61 0.98
C GLY U 152 -0.77 -19.44 -0.24
N ALA U 153 0.38 -19.24 -0.88
CA ALA U 153 0.76 -20.06 -2.02
C ALA U 153 1.46 -21.32 -1.52
N TYR U 154 1.63 -22.29 -2.40
CA TYR U 154 2.22 -23.55 -2.01
C TYR U 154 2.76 -24.27 -3.23
N PHE U 155 3.91 -24.92 -3.07
CA PHE U 155 4.68 -25.41 -4.21
C PHE U 155 5.23 -26.78 -3.90
N ALA U 156 6.15 -27.21 -4.75
CA ALA U 156 6.74 -28.54 -4.66
C ALA U 156 8.17 -28.43 -5.17
N TRP U 157 9.12 -28.62 -4.27
CA TRP U 157 10.53 -28.46 -4.61
C TRP U 157 11.20 -29.80 -4.80
N LYS U 158 12.19 -29.83 -5.69
CA LYS U 158 13.16 -30.91 -5.64
C LYS U 158 14.07 -30.76 -4.43
N ALA U 159 14.55 -29.54 -4.20
CA ALA U 159 15.34 -29.18 -3.03
C ALA U 159 15.30 -27.67 -2.91
N THR U 160 15.30 -27.17 -1.69
CA THR U 160 15.28 -25.73 -1.47
C THR U 160 15.86 -25.42 -0.11
N ALA U 161 15.97 -24.12 0.18
CA ALA U 161 16.48 -23.65 1.45
C ALA U 161 15.88 -22.29 1.78
N MET U 162 15.66 -22.06 3.06
CA MET U 162 15.09 -20.80 3.53
C MET U 162 15.81 -20.39 4.80
N GLY U 163 15.67 -19.11 5.16
CA GLY U 163 16.29 -18.58 6.36
C GLY U 163 17.37 -17.57 6.00
N LYS U 164 18.32 -17.40 6.93
CA LYS U 164 19.47 -16.55 6.65
C LYS U 164 20.38 -17.21 5.64
N ASN U 165 20.97 -16.39 4.77
CA ASN U 165 21.98 -16.79 3.78
C ASN U 165 21.46 -17.87 2.85
N TYR U 166 20.19 -17.78 2.51
CA TYR U 166 19.58 -18.80 1.67
C TYR U 166 20.06 -18.72 0.24
N VAL U 167 20.36 -17.51 -0.25
CA VAL U 167 20.85 -17.34 -1.62
C VAL U 167 22.19 -18.02 -1.84
N ASN U 168 23.02 -18.15 -0.81
CA ASN U 168 24.19 -18.99 -0.94
C ASN U 168 23.80 -20.45 -1.02
N GLY U 169 22.84 -20.86 -0.19
CA GLY U 169 22.36 -22.22 -0.23
C GLY U 169 21.55 -22.54 -1.47
N LYS U 170 20.91 -21.54 -2.06
CA LYS U 170 20.25 -21.76 -3.34
C LYS U 170 21.27 -22.03 -4.43
N THR U 171 22.29 -21.17 -4.52
CA THR U 171 23.37 -21.38 -5.49
C THR U 171 24.16 -22.63 -5.21
N PHE U 172 24.26 -23.03 -3.95
CA PHE U 172 24.89 -24.30 -3.63
C PHE U 172 24.09 -25.46 -4.18
N LEU U 173 22.83 -25.58 -3.75
CA LEU U 173 21.98 -26.70 -4.16
C LEU U 173 21.61 -26.67 -5.62
N GLU U 174 21.67 -25.50 -6.26
CA GLU U 174 21.51 -25.45 -7.72
C GLU U 174 22.65 -26.20 -8.39
N LYS U 175 23.87 -26.00 -7.91
CA LYS U 175 24.98 -26.84 -8.32
C LYS U 175 24.96 -28.21 -7.68
N ARG U 176 24.17 -28.43 -6.62
CA ARG U 176 24.40 -29.64 -5.85
C ARG U 176 23.30 -30.69 -6.01
N TYR U 177 22.30 -30.43 -6.83
CA TYR U 177 21.26 -31.44 -6.93
C TYR U 177 21.44 -32.26 -8.21
N ASN U 178 21.06 -33.54 -8.11
CA ASN U 178 20.84 -34.35 -9.28
C ASN U 178 19.43 -34.90 -9.23
N GLU U 179 19.10 -35.83 -10.12
CA GLU U 179 17.75 -36.37 -10.11
C GLU U 179 17.57 -37.38 -8.98
N ASP U 180 18.53 -38.28 -8.79
CA ASP U 180 18.38 -39.35 -7.83
C ASP U 180 19.67 -39.58 -7.07
N LEU U 181 19.56 -39.57 -5.75
CA LEU U 181 20.51 -40.18 -4.85
C LEU U 181 19.72 -41.01 -3.86
N GLU U 182 20.42 -41.78 -3.04
CA GLU U 182 19.71 -42.51 -2.01
C GLU U 182 19.41 -41.59 -0.84
N LEU U 183 18.71 -42.13 0.15
CA LEU U 183 18.34 -41.34 1.32
C LEU U 183 19.56 -41.03 2.17
N GLU U 184 20.59 -41.88 2.12
CA GLU U 184 21.78 -41.63 2.92
C GLU U 184 22.62 -40.51 2.33
N ASP U 185 22.81 -40.53 1.00
CA ASP U 185 23.60 -39.50 0.36
C ASP U 185 22.90 -38.15 0.39
N ALA U 186 21.57 -38.15 0.50
CA ALA U 186 20.85 -36.91 0.72
C ALA U 186 21.15 -36.33 2.09
N ILE U 187 21.37 -37.19 3.08
CA ILE U 187 21.71 -36.71 4.41
C ILE U 187 23.10 -36.11 4.44
N HIS U 188 24.05 -36.74 3.74
CA HIS U 188 25.42 -36.22 3.70
C HIS U 188 25.49 -34.88 2.99
N THR U 189 24.63 -34.67 2.01
CA THR U 189 24.65 -33.38 1.34
C THR U 189 23.73 -32.37 2.00
N ALA U 190 22.86 -32.79 2.91
CA ALA U 190 22.06 -31.83 3.64
C ALA U 190 22.78 -31.25 4.84
N ILE U 191 23.74 -31.99 5.40
CA ILE U 191 24.54 -31.43 6.46
C ILE U 191 25.62 -30.54 5.87
N LEU U 192 26.09 -30.87 4.67
CA LEU U 192 27.15 -30.09 4.03
C LEU U 192 26.65 -28.71 3.64
N THR U 193 25.37 -28.58 3.30
CA THR U 193 24.82 -27.26 3.01
C THR U 193 24.42 -26.50 4.27
N LEU U 194 24.15 -27.18 5.37
CA LEU U 194 23.92 -26.44 6.61
C LEU U 194 25.23 -25.94 7.19
N LYS U 195 26.31 -26.68 6.97
CA LYS U 195 27.65 -26.27 7.37
C LYS U 195 28.16 -25.09 6.56
N GLU U 196 27.58 -24.86 5.38
CA GLU U 196 28.01 -23.79 4.48
C GLU U 196 27.88 -22.42 5.13
N SER U 197 26.83 -22.21 5.91
CA SER U 197 26.59 -20.96 6.60
C SER U 197 26.38 -21.30 8.07
N PHE U 198 27.46 -21.34 8.83
CA PHE U 198 27.41 -21.74 10.22
C PHE U 198 28.53 -21.02 10.96
N GLU U 199 28.34 -20.84 12.27
CA GLU U 199 29.35 -20.15 13.07
C GLU U 199 29.60 -20.99 14.33
N GLY U 200 30.68 -21.76 14.28
CA GLY U 200 31.06 -22.57 15.43
C GLY U 200 31.28 -24.03 15.09
N GLN U 201 31.45 -24.85 16.11
CA GLN U 201 31.62 -26.29 15.93
C GLN U 201 30.25 -26.94 15.86
N MET U 202 29.92 -27.50 14.71
CA MET U 202 28.64 -28.19 14.55
C MET U 202 28.66 -29.52 15.28
N THR U 203 27.87 -29.63 16.34
CA THR U 203 27.80 -30.83 17.15
C THR U 203 26.47 -31.52 16.95
N GLU U 204 26.20 -32.55 17.76
CA GLU U 204 24.92 -33.24 17.70
C GLU U 204 23.76 -32.42 18.24
N ASP U 205 24.02 -31.28 18.87
CA ASP U 205 22.96 -30.45 19.42
C ASP U 205 22.78 -29.15 18.68
N ASN U 206 23.69 -28.80 17.77
CA ASN U 206 23.53 -27.56 17.03
C ASN U 206 22.58 -27.74 15.85
N ILE U 207 22.39 -28.97 15.38
CA ILE U 207 21.50 -29.25 14.28
C ILE U 207 20.43 -30.21 14.75
N GLU U 208 19.42 -30.42 13.91
CA GLU U 208 18.34 -31.35 14.24
C GLU U 208 17.68 -31.79 12.94
N VAL U 209 17.63 -33.10 12.71
CA VAL U 209 17.36 -33.68 11.40
C VAL U 209 16.22 -34.70 11.53
N GLY U 210 15.24 -34.61 10.64
CA GLY U 210 14.20 -35.63 10.52
C GLY U 210 14.02 -36.06 9.08
N ILE U 211 13.63 -37.32 8.89
CA ILE U 211 13.51 -37.91 7.56
C ILE U 211 12.13 -38.55 7.39
N CYS U 212 11.79 -38.81 6.13
CA CYS U 212 10.60 -39.58 5.77
C CYS U 212 11.03 -40.80 4.98
N ASN U 213 10.95 -41.97 5.60
CA ASN U 213 11.00 -43.19 4.83
C ASN U 213 9.65 -43.43 4.18
N GLU U 214 9.59 -44.46 3.36
CA GLU U 214 8.28 -44.98 2.99
C GLU U 214 7.68 -45.76 4.16
N ALA U 215 8.51 -46.20 5.10
CA ALA U 215 8.07 -46.82 6.33
C ALA U 215 7.68 -45.80 7.41
N GLY U 216 7.44 -44.55 7.06
CA GLY U 216 6.91 -43.59 8.00
C GLY U 216 7.86 -42.45 8.27
N PHE U 217 7.36 -41.49 9.05
CA PHE U 217 8.14 -40.34 9.46
C PHE U 217 8.80 -40.58 10.80
N ARG U 218 10.05 -40.13 10.93
CA ARG U 218 10.76 -40.20 12.20
C ARG U 218 11.79 -39.09 12.21
N ARG U 219 12.06 -38.55 13.38
CA ARG U 219 13.15 -37.61 13.58
C ARG U 219 14.29 -38.31 14.29
N LEU U 220 15.51 -37.85 14.05
CA LEU U 220 16.67 -38.59 14.49
C LEU U 220 17.01 -38.29 15.94
N THR U 221 17.57 -39.28 16.61
CA THR U 221 18.10 -39.10 17.95
C THR U 221 19.46 -38.43 17.84
N PRO U 222 19.94 -37.80 18.93
CA PRO U 222 21.28 -37.18 18.86
C PRO U 222 22.42 -38.15 18.60
N THR U 223 22.28 -39.41 19.01
CA THR U 223 23.31 -40.40 18.70
C THR U 223 23.37 -40.69 17.21
N GLU U 224 22.20 -40.82 16.59
CA GLU U 224 22.13 -41.02 15.14
C GLU U 224 22.66 -39.80 14.40
N VAL U 225 22.38 -38.60 14.91
CA VAL U 225 22.84 -37.39 14.25
C VAL U 225 24.32 -37.17 14.49
N LYS U 226 24.85 -37.71 15.59
CA LYS U 226 26.29 -37.65 15.82
C LYS U 226 27.04 -38.48 14.81
N ASP U 227 26.59 -39.72 14.60
CA ASP U 227 27.32 -40.66 13.78
C ASP U 227 27.27 -40.32 12.31
N TYR U 228 26.25 -39.59 11.88
CA TYR U 228 26.28 -39.04 10.53
C TYR U 228 27.25 -37.88 10.46
N LEU U 229 27.19 -36.98 11.45
CA LEU U 229 28.10 -35.84 11.48
C LEU U 229 29.52 -36.27 11.76
N ALA U 230 29.70 -37.38 12.47
CA ALA U 230 31.00 -38.03 12.50
C ALA U 230 31.30 -38.59 11.12
N ALA U 231 32.48 -38.25 10.61
CA ALA U 231 32.91 -38.57 9.24
C ALA U 231 31.91 -38.09 8.20
N ILE U 232 31.47 -36.85 8.37
CA ILE U 232 30.63 -36.17 7.39
C ILE U 232 31.55 -35.37 6.50
N ALA U 233 32.04 -36.01 5.45
CA ALA U 233 32.93 -35.43 4.43
C ALA U 233 34.19 -34.77 4.99
N ARG V 3 -6.49 13.11 -1.22
CA ARG V 3 -6.69 11.99 -2.12
C ARG V 3 -7.87 11.13 -1.69
N TYR V 4 -8.06 10.03 -2.39
CA TYR V 4 -9.22 9.15 -2.21
C TYR V 4 -8.73 7.71 -2.11
N ASP V 5 -7.75 7.52 -1.24
CA ASP V 5 -6.98 6.30 -1.06
C ASP V 5 -7.56 5.38 -0.01
N SER V 6 -8.75 5.68 0.49
CA SER V 6 -9.35 4.94 1.59
C SER V 6 -9.95 3.62 1.10
N ARG V 7 -10.91 3.11 1.84
CA ARG V 7 -11.64 1.88 1.49
C ARG V 7 -12.33 2.00 0.13
N THR V 8 -12.92 0.87 -0.30
CA THR V 8 -13.58 0.81 -1.60
C THR V 8 -14.76 1.76 -1.69
N THR V 9 -15.59 1.77 -0.65
CA THR V 9 -16.32 2.99 -0.32
C THR V 9 -15.24 3.98 0.09
N ILE V 10 -15.03 5.07 -0.64
CA ILE V 10 -16.05 5.91 -1.25
C ILE V 10 -15.95 6.12 -2.74
N PHE V 11 -16.85 6.96 -3.24
CA PHE V 11 -16.70 7.55 -4.56
C PHE V 11 -15.72 8.71 -4.52
N SER V 12 -14.99 8.86 -5.62
CA SER V 12 -14.30 10.10 -5.86
C SER V 12 -15.29 11.15 -6.32
N PRO V 13 -14.95 12.43 -6.22
CA PRO V 13 -15.63 13.41 -7.04
C PRO V 13 -15.20 13.22 -8.47
N GLU V 14 -16.08 13.68 -9.37
CA GLU V 14 -16.00 13.78 -10.84
C GLU V 14 -16.42 12.55 -11.72
N GLY V 15 -16.66 11.31 -11.23
CA GLY V 15 -16.43 10.59 -9.99
C GLY V 15 -16.34 9.11 -10.23
N ARG V 16 -15.31 8.47 -9.71
CA ARG V 16 -15.07 7.07 -10.01
C ARG V 16 -14.44 6.39 -8.81
N LEU V 17 -14.01 5.15 -9.01
CA LEU V 17 -13.64 4.26 -7.91
C LEU V 17 -12.20 3.82 -8.07
N TYR V 18 -11.31 4.38 -7.27
CA TYR V 18 -9.89 4.20 -7.47
C TYR V 18 -9.40 2.82 -7.07
N GLN V 19 -10.01 2.22 -6.05
CA GLN V 19 -9.57 0.90 -5.60
C GLN V 19 -9.90 -0.16 -6.63
N VAL V 20 -11.01 0.00 -7.34
CA VAL V 20 -11.33 -0.91 -8.43
C VAL V 20 -10.36 -0.71 -9.58
N GLU V 21 -9.98 0.54 -9.84
CA GLU V 21 -9.03 0.82 -10.91
C GLU V 21 -7.65 0.30 -10.59
N TYR V 22 -7.26 0.35 -9.31
CA TYR V 22 -5.95 -0.18 -8.94
C TYR V 22 -5.96 -1.70 -9.05
N ALA V 23 -7.10 -2.32 -8.80
CA ALA V 23 -7.20 -3.76 -8.93
C ALA V 23 -7.21 -4.19 -10.38
N MET V 24 -7.98 -3.50 -11.22
CA MET V 24 -8.10 -3.91 -12.61
C MET V 24 -6.84 -3.64 -13.41
N GLU V 25 -6.14 -2.56 -13.10
CA GLU V 25 -4.87 -2.29 -13.74
C GLU V 25 -3.79 -3.28 -13.32
N ALA V 26 -3.84 -3.79 -12.10
CA ALA V 26 -2.82 -4.69 -11.60
C ALA V 26 -2.89 -6.07 -12.22
N ILE V 27 -3.91 -6.35 -13.05
CA ILE V 27 -3.98 -7.61 -13.77
C ILE V 27 -2.89 -7.71 -14.83
N GLY V 28 -2.38 -6.58 -15.32
CA GLY V 28 -1.36 -6.60 -16.36
C GLY V 28 0.01 -7.11 -15.91
N HIS V 29 0.19 -7.36 -14.62
CA HIS V 29 1.43 -7.92 -14.13
C HIS V 29 1.36 -9.43 -13.93
N ALA V 30 0.29 -10.07 -14.37
CA ALA V 30 0.04 -11.49 -14.14
C ALA V 30 0.63 -12.30 -15.29
N GLY V 31 0.20 -13.54 -15.45
CA GLY V 31 0.65 -14.40 -16.52
C GLY V 31 0.05 -14.04 -17.86
N THR V 32 -0.38 -15.05 -18.61
CA THR V 32 -1.00 -14.81 -19.90
C THR V 32 -1.93 -15.97 -20.22
N CYS V 33 -3.19 -15.66 -20.53
CA CYS V 33 -4.17 -16.70 -20.86
C CYS V 33 -5.03 -16.21 -22.01
N LEU V 34 -5.48 -17.15 -22.85
CA LEU V 34 -6.30 -16.80 -24.01
C LEU V 34 -7.15 -17.98 -24.44
N GLY V 35 -8.23 -17.67 -25.13
CA GLY V 35 -9.08 -18.69 -25.73
C GLY V 35 -9.54 -18.24 -27.09
N ILE V 36 -9.90 -19.20 -27.93
CA ILE V 36 -10.09 -18.95 -29.35
C ILE V 36 -11.49 -19.38 -29.79
N LEU V 37 -11.88 -18.89 -30.96
CA LEU V 37 -13.07 -19.39 -31.63
C LEU V 37 -12.85 -20.83 -32.03
N ALA V 38 -13.92 -21.63 -31.95
CA ALA V 38 -13.90 -22.93 -32.60
C ALA V 38 -15.32 -23.40 -32.86
N ASN V 39 -15.53 -23.92 -34.06
CA ASN V 39 -16.57 -24.91 -34.25
C ASN V 39 -16.08 -26.21 -33.62
N ASP V 40 -17.05 -27.04 -33.22
CA ASP V 40 -16.97 -28.33 -32.53
C ASP V 40 -15.82 -28.46 -31.54
N GLY V 41 -15.65 -27.44 -30.73
CA GLY V 41 -14.58 -27.42 -29.75
C GLY V 41 -14.43 -26.05 -29.14
N VAL V 42 -13.46 -25.97 -28.23
CA VAL V 42 -12.98 -24.71 -27.67
C VAL V 42 -11.65 -25.03 -27.01
N LEU V 43 -10.78 -24.03 -26.86
CA LEU V 43 -9.47 -24.28 -26.30
C LEU V 43 -9.07 -23.17 -25.35
N LEU V 44 -8.05 -23.46 -24.54
CA LEU V 44 -7.37 -22.47 -23.71
C LEU V 44 -5.88 -22.67 -23.84
N ALA V 45 -5.15 -21.56 -23.72
CA ALA V 45 -3.70 -21.60 -23.73
C ALA V 45 -3.18 -20.69 -22.63
N ALA V 46 -2.06 -21.06 -22.05
CA ALA V 46 -1.53 -20.30 -20.93
C ALA V 46 -0.01 -20.41 -20.89
N GLU V 47 0.59 -19.60 -20.02
CA GLU V 47 2.03 -19.46 -19.94
C GLU V 47 2.55 -19.93 -18.60
N ARG V 48 3.51 -20.84 -18.63
CA ARG V 48 4.25 -21.22 -17.42
C ARG V 48 5.17 -20.06 -17.07
N ARG V 49 5.04 -19.55 -15.84
CA ARG V 49 5.98 -18.59 -15.31
C ARG V 49 6.89 -19.30 -14.31
N ASN V 50 8.13 -18.81 -14.19
CA ASN V 50 9.09 -19.24 -13.19
C ASN V 50 9.40 -20.73 -13.28
N ILE V 51 10.08 -21.12 -14.35
CA ILE V 51 10.25 -22.51 -14.73
C ILE V 51 11.64 -22.96 -14.27
N HIS V 52 12.10 -22.37 -13.17
CA HIS V 52 13.33 -22.78 -12.51
C HIS V 52 13.36 -24.28 -12.23
N LYS V 53 14.53 -24.87 -12.37
CA LYS V 53 14.68 -26.31 -12.45
C LYS V 53 14.59 -27.01 -11.13
N LEU V 54 14.23 -26.42 -10.00
CA LEU V 54 14.13 -27.16 -8.76
C LEU V 54 12.69 -27.36 -8.33
N LEU V 55 11.79 -27.48 -9.30
CA LEU V 55 10.38 -27.66 -9.02
C LEU V 55 9.93 -29.01 -9.58
N ASP V 56 8.70 -29.39 -9.23
CA ASP V 56 8.25 -30.76 -9.48
C ASP V 56 7.13 -30.88 -10.49
N GLU V 57 6.18 -29.95 -10.47
CA GLU V 57 4.90 -30.04 -11.18
C GLU V 57 4.19 -31.37 -10.86
N VAL V 58 3.89 -31.55 -9.57
CA VAL V 58 3.16 -32.75 -9.13
C VAL V 58 1.69 -32.72 -9.52
N PHE V 59 1.18 -31.58 -9.96
CA PHE V 59 -0.21 -31.45 -10.37
C PHE V 59 -0.40 -31.60 -11.86
N PHE V 60 0.55 -31.06 -12.64
CA PHE V 60 0.55 -31.00 -14.10
C PHE V 60 -0.64 -30.23 -14.67
N SER V 61 -1.29 -29.42 -13.83
CA SER V 61 -2.42 -28.61 -14.26
C SER V 61 -2.49 -27.45 -13.27
N GLU V 62 -2.01 -26.28 -13.68
CA GLU V 62 -1.86 -25.17 -12.75
C GLU V 62 -2.78 -24.01 -13.09
N LYS V 63 -2.75 -23.51 -14.32
CA LYS V 63 -3.67 -22.45 -14.71
C LYS V 63 -5.07 -22.99 -14.88
N ILE V 64 -5.20 -24.21 -15.32
CA ILE V 64 -6.47 -24.76 -15.74
C ILE V 64 -7.08 -25.52 -14.57
N TYR V 65 -8.38 -25.30 -14.35
CA TYR V 65 -9.11 -26.00 -13.32
C TYR V 65 -10.40 -26.53 -13.92
N LYS V 66 -10.44 -27.83 -14.20
CA LYS V 66 -11.69 -28.49 -14.59
C LYS V 66 -12.67 -28.36 -13.45
N LEU V 67 -13.74 -27.60 -13.65
CA LEU V 67 -14.54 -27.19 -12.50
C LEU V 67 -15.84 -27.98 -12.35
N ASN V 68 -16.63 -28.17 -13.40
CA ASN V 68 -17.87 -28.89 -13.14
C ASN V 68 -17.82 -30.35 -13.59
N GLU V 69 -18.14 -30.57 -14.86
CA GLU V 69 -17.82 -31.75 -15.66
C GLU V 69 -17.52 -31.39 -17.09
N ASP V 70 -18.02 -30.26 -17.56
CA ASP V 70 -17.93 -29.83 -18.94
C ASP V 70 -17.52 -28.37 -19.02
N MET V 71 -16.92 -27.83 -17.97
CA MET V 71 -16.39 -26.49 -17.96
C MET V 71 -15.05 -26.48 -17.24
N ALA V 72 -14.18 -25.58 -17.69
CA ALA V 72 -12.94 -25.30 -16.99
C ALA V 72 -12.68 -23.82 -17.07
N CYS V 73 -11.62 -23.37 -16.42
CA CYS V 73 -11.32 -21.96 -16.38
C CYS V 73 -9.82 -21.76 -16.24
N SER V 74 -9.34 -20.64 -16.78
CA SER V 74 -7.98 -20.19 -16.52
C SER V 74 -8.01 -19.32 -15.28
N VAL V 75 -6.91 -18.62 -14.99
CA VAL V 75 -6.82 -17.75 -13.83
C VAL V 75 -5.68 -16.77 -14.07
N ALA V 76 -5.82 -15.57 -13.50
CA ALA V 76 -4.78 -14.55 -13.57
C ALA V 76 -4.98 -13.58 -12.42
N GLY V 77 -3.97 -13.46 -11.56
CA GLY V 77 -4.02 -12.55 -10.44
C GLY V 77 -3.43 -13.17 -9.20
N ILE V 78 -3.87 -12.67 -8.05
CA ILE V 78 -3.33 -13.09 -6.76
C ILE V 78 -3.74 -14.54 -6.50
N THR V 79 -2.75 -15.39 -6.22
CA THR V 79 -2.98 -16.80 -5.91
C THR V 79 -3.81 -16.99 -4.66
N SER V 80 -3.66 -16.09 -3.69
CA SER V 80 -4.41 -16.19 -2.45
C SER V 80 -5.90 -16.06 -2.71
N ASP V 81 -6.28 -15.13 -3.58
CA ASP V 81 -7.69 -15.00 -3.94
C ASP V 81 -8.10 -16.00 -5.00
N ALA V 82 -7.15 -16.64 -5.67
CA ALA V 82 -7.48 -17.56 -6.75
C ALA V 82 -8.05 -18.86 -6.19
N ASN V 83 -7.45 -19.38 -5.13
CA ASN V 83 -7.91 -20.65 -4.57
C ASN V 83 -9.22 -20.51 -3.82
N VAL V 84 -9.57 -19.30 -3.39
CA VAL V 84 -10.84 -19.10 -2.72
C VAL V 84 -11.99 -19.22 -3.71
N LEU V 85 -11.80 -18.64 -4.90
CA LEU V 85 -12.88 -18.61 -5.87
C LEU V 85 -13.10 -19.98 -6.50
N THR V 86 -12.02 -20.71 -6.79
CA THR V 86 -12.15 -22.02 -7.40
C THR V 86 -12.81 -23.03 -6.47
N ASN V 87 -12.54 -22.92 -5.17
CA ASN V 87 -13.27 -23.76 -4.23
C ASN V 87 -14.71 -23.33 -4.09
N GLU V 88 -14.97 -22.03 -4.27
CA GLU V 88 -16.35 -21.56 -4.23
C GLU V 88 -17.10 -21.98 -5.48
N LEU V 89 -16.46 -21.86 -6.63
CA LEU V 89 -17.17 -21.98 -7.90
C LEU V 89 -17.55 -23.42 -8.19
N ARG V 90 -16.71 -24.37 -7.80
CA ARG V 90 -17.10 -25.78 -7.89
C ARG V 90 -18.26 -26.09 -6.98
N LEU V 91 -18.31 -25.42 -5.84
CA LEU V 91 -19.38 -25.61 -4.88
C LEU V 91 -20.68 -24.93 -5.30
N ILE V 92 -20.61 -23.97 -6.21
CA ILE V 92 -21.84 -23.42 -6.79
C ILE V 92 -22.51 -24.43 -7.70
N ALA V 93 -21.72 -25.08 -8.56
CA ALA V 93 -22.28 -25.93 -9.60
C ALA V 93 -22.90 -27.19 -9.03
N GLN V 94 -22.34 -27.73 -7.96
CA GLN V 94 -22.93 -28.92 -7.38
C GLN V 94 -24.20 -28.59 -6.60
N ARG V 95 -24.32 -27.37 -6.12
CA ARG V 95 -25.54 -26.95 -5.46
C ARG V 95 -26.70 -26.85 -6.44
N TYR V 96 -26.42 -26.37 -7.65
CA TYR V 96 -27.42 -26.36 -8.71
C TYR V 96 -27.80 -27.77 -9.11
N LEU V 97 -26.81 -28.65 -9.21
CA LEU V 97 -27.07 -30.02 -9.65
C LEU V 97 -27.87 -30.80 -8.62
N LEU V 98 -27.63 -30.54 -7.33
CA LEU V 98 -28.44 -31.14 -6.29
C LEU V 98 -29.89 -30.70 -6.39
N GLN V 99 -30.12 -29.47 -6.82
CA GLN V 99 -31.46 -28.90 -6.79
C GLN V 99 -32.30 -29.32 -7.99
N TYR V 100 -31.71 -29.48 -9.17
CA TYR V 100 -32.46 -29.75 -10.39
C TYR V 100 -32.12 -31.06 -11.07
N GLN V 101 -31.00 -31.70 -10.73
CA GLN V 101 -30.46 -32.89 -11.41
C GLN V 101 -30.25 -32.63 -12.89
N GLU V 102 -29.54 -31.53 -13.18
CA GLU V 102 -29.18 -31.12 -14.53
C GLU V 102 -27.97 -30.20 -14.40
N PRO V 103 -27.00 -30.24 -15.32
CA PRO V 103 -25.82 -29.39 -15.16
C PRO V 103 -26.13 -27.91 -15.33
N ILE V 104 -25.24 -27.10 -14.78
CA ILE V 104 -25.44 -25.65 -14.75
C ILE V 104 -25.15 -25.08 -16.14
N PRO V 105 -26.02 -24.26 -16.67
CA PRO V 105 -25.94 -23.89 -18.09
C PRO V 105 -25.00 -22.74 -18.42
N CYS V 106 -23.83 -22.72 -17.79
CA CYS V 106 -22.66 -21.99 -18.27
C CYS V 106 -22.75 -20.46 -18.32
N GLU V 107 -23.90 -19.87 -18.05
CA GLU V 107 -23.95 -18.42 -17.89
C GLU V 107 -24.33 -18.02 -16.48
N GLN V 108 -25.36 -18.67 -15.92
CA GLN V 108 -25.74 -18.33 -14.57
C GLN V 108 -24.80 -18.90 -13.53
N LEU V 109 -23.86 -19.76 -13.95
CA LEU V 109 -22.68 -19.98 -13.14
C LEU V 109 -21.83 -18.72 -13.06
N VAL V 110 -21.64 -18.06 -14.20
CA VAL V 110 -20.75 -16.90 -14.25
C VAL V 110 -21.35 -15.73 -13.49
N THR V 111 -22.66 -15.52 -13.63
CA THR V 111 -23.31 -14.44 -12.91
C THR V 111 -23.35 -14.71 -11.42
N ALA V 112 -23.31 -15.98 -11.01
CA ALA V 112 -23.28 -16.30 -9.59
C ALA V 112 -21.95 -15.88 -8.97
N LEU V 113 -20.85 -16.08 -9.69
CA LEU V 113 -19.56 -15.66 -9.16
C LEU V 113 -19.42 -14.14 -9.21
N CYS V 114 -19.86 -13.53 -10.31
CA CYS V 114 -19.70 -12.10 -10.47
C CYS V 114 -20.54 -11.30 -9.49
N ASP V 115 -21.60 -11.91 -8.95
CA ASP V 115 -22.30 -11.26 -7.85
C ASP V 115 -21.50 -11.33 -6.56
N ILE V 116 -20.74 -12.40 -6.38
CA ILE V 116 -19.88 -12.49 -5.20
C ILE V 116 -18.71 -11.55 -5.35
N LYS V 117 -18.12 -11.49 -6.54
CA LYS V 117 -16.97 -10.63 -6.77
C LYS V 117 -17.36 -9.17 -6.72
N GLN V 118 -18.60 -8.86 -7.06
CA GLN V 118 -19.08 -7.50 -6.91
C GLN V 118 -19.20 -7.11 -5.45
N ALA V 119 -19.76 -7.99 -4.62
CA ALA V 119 -20.23 -7.64 -3.29
C ALA V 119 -19.11 -7.20 -2.35
N TYR V 120 -17.87 -7.48 -2.67
CA TYR V 120 -16.79 -6.92 -1.88
C TYR V 120 -16.44 -5.50 -2.28
N THR V 121 -16.99 -4.99 -3.37
CA THR V 121 -16.78 -3.60 -3.71
C THR V 121 -17.79 -2.69 -3.03
N GLN V 122 -18.92 -3.22 -2.57
CA GLN V 122 -19.89 -2.34 -1.94
C GLN V 122 -19.79 -2.36 -0.43
N PHE V 123 -19.67 -3.53 0.16
CA PHE V 123 -19.55 -3.63 1.60
C PHE V 123 -18.13 -3.35 2.04
N GLY V 124 -17.99 -2.59 3.11
CA GLY V 124 -16.68 -2.27 3.68
C GLY V 124 -16.48 -3.05 4.96
N GLY V 125 -15.21 -3.27 5.32
CA GLY V 125 -14.08 -2.92 4.49
C GLY V 125 -13.41 -4.17 3.99
N LYS V 126 -13.59 -4.46 2.71
CA LYS V 126 -13.02 -5.63 2.10
C LYS V 126 -12.17 -5.24 0.91
N ARG V 127 -11.16 -6.04 0.68
CA ARG V 127 -10.38 -5.95 -0.53
C ARG V 127 -11.19 -6.55 -1.67
N PRO V 128 -11.27 -5.89 -2.82
CA PRO V 128 -11.82 -6.56 -4.01
C PRO V 128 -10.90 -7.66 -4.48
N PHE V 129 -11.48 -8.65 -5.16
CA PHE V 129 -10.69 -9.75 -5.69
C PHE V 129 -9.80 -9.25 -6.82
N GLY V 130 -8.50 -9.46 -6.69
CA GLY V 130 -7.61 -9.10 -7.75
C GLY V 130 -7.37 -10.25 -8.71
N VAL V 131 -8.45 -10.84 -9.22
CA VAL V 131 -8.38 -12.03 -10.06
C VAL V 131 -9.29 -11.81 -11.26
N SER V 132 -8.74 -11.98 -12.46
CA SER V 132 -9.54 -12.10 -13.66
C SER V 132 -9.33 -13.50 -14.23
N LEU V 133 -10.38 -14.04 -14.84
CA LEU V 133 -10.28 -15.41 -15.32
C LEU V 133 -11.29 -15.63 -16.44
N LEU V 134 -11.03 -16.65 -17.23
CA LEU V 134 -11.81 -16.98 -18.40
C LEU V 134 -12.78 -18.12 -18.10
N TYR V 135 -13.55 -18.50 -19.11
CA TYR V 135 -14.49 -19.60 -19.01
C TYR V 135 -14.61 -20.29 -20.35
N ILE V 136 -14.66 -21.61 -20.33
CA ILE V 136 -14.98 -22.40 -21.51
C ILE V 136 -16.05 -23.41 -21.10
N GLY V 137 -16.94 -23.73 -22.03
CA GLY V 137 -17.98 -24.69 -21.67
C GLY V 137 -18.93 -24.95 -22.81
N TRP V 138 -19.79 -25.95 -22.58
CA TRP V 138 -20.79 -26.42 -23.51
C TRP V 138 -22.10 -26.59 -22.75
N ASP V 139 -23.22 -26.35 -23.43
CA ASP V 139 -24.51 -26.49 -22.78
C ASP V 139 -25.52 -27.06 -23.75
N LYS V 140 -26.80 -26.96 -23.38
CA LYS V 140 -27.89 -27.37 -24.24
C LYS V 140 -28.39 -26.24 -25.12
N HIS V 141 -28.13 -25.00 -24.74
CA HIS V 141 -28.80 -23.87 -25.36
C HIS V 141 -27.95 -23.14 -26.38
N TYR V 142 -26.63 -23.11 -26.21
CA TYR V 142 -25.81 -22.38 -27.14
C TYR V 142 -24.56 -23.11 -27.58
N GLY V 143 -24.23 -24.24 -26.98
CA GLY V 143 -23.03 -24.94 -27.38
C GLY V 143 -21.81 -24.32 -26.75
N PHE V 144 -20.78 -24.12 -27.57
CA PHE V 144 -19.48 -23.71 -27.04
C PHE V 144 -19.45 -22.21 -26.80
N GLN V 145 -18.84 -21.81 -25.68
CA GLN V 145 -18.92 -20.44 -25.19
C GLN V 145 -17.59 -19.97 -24.63
N LEU V 146 -17.47 -18.66 -24.44
CA LEU V 146 -16.30 -18.03 -23.81
C LEU V 146 -16.77 -16.86 -22.95
N TYR V 147 -16.16 -16.69 -21.79
CA TYR V 147 -16.53 -15.57 -20.92
C TYR V 147 -15.29 -14.99 -20.26
N GLN V 148 -15.44 -13.77 -19.77
CA GLN V 148 -14.32 -12.92 -19.36
C GLN V 148 -14.65 -12.27 -18.03
N SER V 149 -14.07 -12.76 -16.94
CA SER V 149 -14.37 -12.16 -15.65
C SER V 149 -13.47 -10.97 -15.39
N ASP V 150 -13.95 -10.07 -14.54
CA ASP V 150 -13.26 -8.83 -14.20
C ASP V 150 -13.28 -8.67 -12.69
N PRO V 151 -12.35 -7.92 -12.12
CA PRO V 151 -12.40 -7.64 -10.69
C PRO V 151 -13.58 -6.78 -10.28
N SER V 152 -14.19 -6.05 -11.21
CA SER V 152 -15.36 -5.25 -10.89
C SER V 152 -16.59 -6.10 -10.64
N GLY V 153 -16.63 -7.30 -11.19
CA GLY V 153 -17.86 -8.06 -11.24
C GLY V 153 -18.57 -7.98 -12.58
N ASN V 154 -17.94 -7.41 -13.59
CA ASN V 154 -18.50 -7.33 -14.92
C ASN V 154 -17.97 -8.50 -15.75
N TYR V 155 -18.78 -8.94 -16.71
CA TYR V 155 -18.37 -10.03 -17.57
C TYR V 155 -18.80 -9.73 -19.01
N GLY V 156 -18.39 -10.60 -19.91
CA GLY V 156 -18.75 -10.46 -21.31
C GLY V 156 -18.47 -11.74 -22.06
N GLY V 157 -19.31 -12.02 -23.05
CA GLY V 157 -19.14 -13.21 -23.85
C GLY V 157 -18.39 -12.95 -25.14
N TRP V 158 -17.26 -13.61 -25.33
CA TRP V 158 -16.32 -13.32 -26.39
C TRP V 158 -16.27 -14.47 -27.39
N LYS V 159 -15.67 -14.20 -28.54
CA LYS V 159 -15.33 -15.25 -29.48
C LYS V 159 -13.85 -15.56 -29.51
N ALA V 160 -13.00 -14.58 -29.21
CA ALA V 160 -11.59 -14.81 -28.97
C ALA V 160 -11.08 -13.66 -28.14
N THR V 161 -10.41 -13.97 -27.04
CA THR V 161 -9.90 -12.94 -26.17
C THR V 161 -8.61 -13.41 -25.52
N CYS V 162 -8.00 -12.52 -24.76
CA CYS V 162 -6.75 -12.81 -24.09
C CYS V 162 -6.65 -11.86 -22.91
N ILE V 163 -5.94 -12.30 -21.87
CA ILE V 163 -5.77 -11.43 -20.71
C ILE V 163 -4.46 -11.79 -20.01
N GLY V 164 -3.79 -10.80 -19.46
CA GLY V 164 -2.59 -11.06 -18.71
C GLY V 164 -1.46 -10.06 -18.85
N ASN V 165 -0.24 -10.54 -19.14
CA ASN V 165 0.96 -9.73 -19.02
C ASN V 165 1.07 -8.71 -20.15
N ASN V 166 1.29 -9.20 -21.37
CA ASN V 166 1.41 -8.35 -22.53
C ASN V 166 0.19 -8.51 -23.43
N SER V 167 -0.97 -8.69 -22.81
CA SER V 167 -2.18 -8.96 -23.57
C SER V 167 -2.89 -7.69 -23.98
N ALA V 168 -2.15 -6.78 -24.60
CA ALA V 168 -2.73 -5.64 -25.28
C ALA V 168 -2.40 -5.62 -26.75
N ALA V 169 -1.31 -6.25 -27.16
CA ALA V 169 -0.97 -6.41 -28.55
C ALA V 169 -1.38 -7.77 -29.10
N ALA V 170 -1.63 -8.75 -28.23
CA ALA V 170 -2.06 -10.05 -28.68
C ALA V 170 -3.47 -10.02 -29.24
N VAL V 171 -4.29 -9.05 -28.81
CA VAL V 171 -5.63 -8.91 -29.35
C VAL V 171 -5.57 -8.44 -30.80
N SER V 172 -4.54 -7.66 -31.14
CA SER V 172 -4.39 -7.16 -32.50
C SER V 172 -4.11 -8.28 -33.49
N MET V 173 -3.32 -9.27 -33.07
CA MET V 173 -3.08 -10.42 -33.95
C MET V 173 -4.35 -11.25 -34.09
N LEU V 174 -5.19 -11.29 -33.05
CA LEU V 174 -6.45 -12.03 -33.14
C LEU V 174 -7.39 -11.40 -34.16
N LYS V 175 -7.45 -10.08 -34.22
CA LYS V 175 -8.27 -9.44 -35.23
C LYS V 175 -7.62 -9.51 -36.60
N GLN V 176 -6.29 -9.53 -36.66
CA GLN V 176 -5.62 -9.70 -37.94
C GLN V 176 -5.79 -11.11 -38.47
N ASP V 177 -5.95 -12.09 -37.58
CA ASP V 177 -6.13 -13.48 -37.97
C ASP V 177 -7.52 -13.98 -37.57
N TYR V 178 -8.51 -13.10 -37.68
CA TYR V 178 -9.88 -13.50 -37.39
C TYR V 178 -10.41 -14.43 -38.46
N LYS V 179 -10.89 -15.58 -38.03
CA LYS V 179 -11.55 -16.52 -38.93
C LYS V 179 -13.01 -16.62 -38.51
N GLU V 180 -13.86 -16.95 -39.47
CA GLU V 180 -15.27 -17.08 -39.19
C GLU V 180 -15.84 -18.13 -40.13
N GLY V 181 -16.62 -19.05 -39.58
CA GLY V 181 -17.05 -20.17 -40.38
C GLY V 181 -16.01 -21.27 -40.35
N GLU V 182 -14.87 -21.04 -40.99
CA GLU V 182 -13.74 -21.95 -40.81
C GLU V 182 -13.22 -21.74 -39.39
N MET V 183 -13.43 -22.74 -38.54
CA MET V 183 -12.99 -22.62 -37.16
C MET V 183 -12.55 -23.96 -36.59
N THR V 184 -11.95 -24.82 -37.41
CA THR V 184 -11.56 -26.15 -36.96
C THR V 184 -10.44 -26.07 -35.92
N LEU V 185 -10.31 -27.15 -35.15
CA LEU V 185 -9.38 -27.17 -34.03
C LEU V 185 -7.94 -27.08 -34.49
N LYS V 186 -7.61 -27.76 -35.58
CA LYS V 186 -6.25 -27.69 -36.11
C LYS V 186 -5.95 -26.32 -36.69
N SER V 187 -6.96 -25.66 -37.25
CA SER V 187 -6.78 -24.26 -37.59
C SER V 187 -6.71 -23.39 -36.35
N ALA V 188 -7.37 -23.81 -35.28
CA ALA V 188 -7.36 -23.01 -34.06
C ALA V 188 -6.10 -23.25 -33.23
N LEU V 189 -5.61 -24.48 -33.20
CA LEU V 189 -4.38 -24.76 -32.47
C LEU V 189 -3.18 -24.11 -33.16
N ALA V 190 -3.19 -24.09 -34.48
CA ALA V 190 -2.09 -23.48 -35.22
C ALA V 190 -2.08 -21.97 -35.04
N LEU V 191 -3.24 -21.37 -34.82
CA LEU V 191 -3.28 -19.94 -34.55
C LEU V 191 -2.75 -19.62 -33.16
N ALA V 192 -2.92 -20.53 -32.20
CA ALA V 192 -2.61 -20.21 -30.82
C ALA V 192 -1.10 -20.16 -30.56
N ILE V 193 -0.36 -21.10 -31.14
CA ILE V 193 1.08 -21.12 -30.96
C ILE V 193 1.75 -19.92 -31.60
N LYS V 194 1.13 -19.34 -32.63
CA LYS V 194 1.67 -18.15 -33.26
C LYS V 194 1.47 -16.93 -32.38
N VAL V 195 0.37 -16.88 -31.63
CA VAL V 195 0.08 -15.72 -30.81
C VAL V 195 1.01 -15.65 -29.61
N LEU V 196 1.23 -16.78 -28.93
CA LEU V 196 2.15 -16.84 -27.81
C LEU V 196 3.58 -16.61 -28.23
N ASN V 197 3.89 -16.83 -29.52
CA ASN V 197 5.22 -16.55 -30.02
C ASN V 197 5.47 -15.05 -30.07
N LYS V 198 4.42 -14.26 -30.29
CA LYS V 198 4.60 -12.81 -30.31
C LYS V 198 4.74 -12.26 -28.91
N THR V 199 3.97 -12.78 -27.96
CA THR V 199 3.97 -12.23 -26.61
C THR V 199 5.22 -12.65 -25.85
N MET V 200 5.50 -13.94 -25.82
CA MET V 200 6.68 -14.42 -25.12
C MET V 200 7.93 -14.09 -25.91
N ASP V 201 8.88 -13.43 -25.25
CA ASP V 201 10.15 -13.11 -25.88
C ASP V 201 11.17 -14.23 -25.72
N VAL V 202 10.80 -15.32 -25.04
CA VAL V 202 11.65 -16.49 -24.99
C VAL V 202 11.70 -17.12 -26.37
N SER V 203 12.91 -17.24 -26.92
CA SER V 203 13.07 -17.75 -28.27
C SER V 203 12.79 -19.25 -28.30
N LYS V 204 12.27 -19.71 -29.45
CA LYS V 204 12.04 -21.10 -29.83
C LYS V 204 10.89 -21.76 -29.08
N LEU V 205 10.36 -21.11 -28.04
CA LEU V 205 9.08 -21.43 -27.41
C LEU V 205 9.04 -22.87 -26.90
N SER V 206 9.81 -23.10 -25.84
CA SER V 206 9.88 -24.42 -25.21
C SER V 206 8.51 -24.90 -24.76
N ALA V 207 8.28 -26.22 -24.93
CA ALA V 207 7.01 -26.81 -24.54
C ALA V 207 6.82 -26.86 -23.03
N GLU V 208 7.88 -26.67 -22.26
CA GLU V 208 7.77 -26.58 -20.81
C GLU V 208 7.32 -25.22 -20.35
N LYS V 209 7.20 -24.25 -21.25
CA LYS V 209 6.79 -22.90 -20.90
C LYS V 209 5.34 -22.61 -21.23
N VAL V 210 4.64 -23.53 -21.90
CA VAL V 210 3.27 -23.27 -22.30
C VAL V 210 2.36 -24.35 -21.72
N GLU V 211 1.08 -24.22 -22.01
CA GLU V 211 0.08 -25.24 -21.70
C GLU V 211 -1.09 -25.04 -22.62
N ILE V 212 -1.66 -26.13 -23.11
CA ILE V 212 -2.83 -26.10 -23.99
C ILE V 212 -3.85 -27.10 -23.47
N ALA V 213 -5.06 -26.61 -23.21
CA ALA V 213 -6.17 -27.47 -22.84
C ALA V 213 -7.31 -27.28 -23.82
N THR V 214 -7.92 -28.38 -24.24
CA THR V 214 -9.02 -28.35 -25.19
C THR V 214 -10.26 -28.98 -24.61
N LEU V 215 -11.39 -28.73 -25.26
CA LEU V 215 -12.68 -29.28 -24.86
C LEU V 215 -13.48 -29.57 -26.11
N THR V 216 -13.70 -30.85 -26.41
CA THR V 216 -14.48 -31.26 -27.55
C THR V 216 -15.74 -31.97 -27.08
N ARG V 217 -16.54 -32.43 -28.04
CA ARG V 217 -17.84 -33.01 -27.79
C ARG V 217 -17.93 -34.32 -28.55
N GLU V 218 -17.94 -35.43 -27.83
CA GLU V 218 -17.79 -36.75 -28.44
C GLU V 218 -18.87 -37.68 -27.90
N ASN V 219 -19.87 -37.95 -28.73
CA ASN V 219 -20.94 -38.94 -28.50
C ASN V 219 -21.75 -38.68 -27.24
N GLY V 220 -21.76 -37.45 -26.74
CA GLY V 220 -22.52 -37.15 -25.54
C GLY V 220 -21.70 -37.31 -24.28
N LYS V 221 -20.44 -36.90 -24.33
CA LYS V 221 -19.56 -37.04 -23.18
C LYS V 221 -18.90 -35.74 -22.77
N THR V 222 -18.59 -34.86 -23.74
CA THR V 222 -17.88 -33.59 -23.55
C THR V 222 -16.54 -33.81 -22.83
N VAL V 223 -15.65 -34.48 -23.55
CA VAL V 223 -14.34 -34.78 -22.97
C VAL V 223 -13.51 -33.51 -22.88
N ILE V 224 -12.58 -33.50 -21.91
CA ILE V 224 -11.71 -32.37 -21.66
C ILE V 224 -10.27 -32.89 -21.69
N ARG V 225 -9.46 -32.31 -22.56
CA ARG V 225 -8.12 -32.80 -22.81
C ARG V 225 -7.10 -31.76 -22.37
N VAL V 226 -6.30 -32.10 -21.37
CA VAL V 226 -5.10 -31.35 -21.03
C VAL V 226 -3.95 -32.15 -21.63
N LEU V 227 -3.51 -31.76 -22.82
CA LEU V 227 -2.62 -32.59 -23.62
C LEU V 227 -1.17 -32.41 -23.19
N LYS V 228 -0.43 -33.52 -23.21
CA LYS V 228 0.87 -33.62 -22.56
C LYS V 228 1.99 -33.07 -23.46
N GLN V 229 3.20 -33.05 -22.90
CA GLN V 229 4.33 -32.36 -23.52
C GLN V 229 4.84 -33.07 -24.77
N LYS V 230 4.50 -34.34 -24.96
CA LYS V 230 4.98 -35.06 -26.13
C LYS V 230 4.32 -34.57 -27.41
N GLU V 231 3.03 -34.24 -27.34
CA GLU V 231 2.30 -33.82 -28.51
C GLU V 231 2.26 -32.31 -28.67
N VAL V 232 2.85 -31.56 -27.75
CA VAL V 232 3.08 -30.14 -28.01
C VAL V 232 4.22 -30.00 -29.00
N GLU V 233 5.12 -30.97 -29.02
CA GLU V 233 6.32 -30.90 -29.85
C GLU V 233 6.00 -30.92 -31.34
N GLN V 234 5.04 -31.74 -31.74
CA GLN V 234 4.63 -31.74 -33.14
C GLN V 234 3.87 -30.48 -33.49
N LEU V 235 3.32 -29.78 -32.50
CA LEU V 235 2.65 -28.52 -32.75
C LEU V 235 3.62 -27.35 -32.84
N ILE V 236 4.72 -27.42 -32.09
CA ILE V 236 5.70 -26.35 -32.14
C ILE V 236 6.51 -26.41 -33.43
N LYS V 237 7.05 -27.58 -33.74
CA LYS V 237 7.90 -27.73 -34.92
C LYS V 237 7.12 -27.56 -36.22
N LYS V 238 5.81 -27.79 -36.19
CA LYS V 238 4.97 -27.44 -37.32
C LYS V 238 4.98 -25.93 -37.53
N HIS V 239 4.90 -25.15 -36.45
CA HIS V 239 4.99 -23.71 -36.56
C HIS V 239 6.39 -23.25 -36.94
N GLU V 240 7.41 -23.97 -36.48
CA GLU V 240 8.77 -23.68 -36.91
C GLU V 240 8.98 -24.00 -38.38
N GLU V 241 8.30 -25.04 -38.87
CA GLU V 241 8.38 -25.38 -40.27
C GLU V 241 7.70 -24.32 -41.13
N GLU V 242 6.54 -23.84 -40.69
CA GLU V 242 5.77 -22.89 -41.50
C GLU V 242 6.45 -21.53 -41.54
N GLU V 243 7.30 -21.23 -40.56
CA GLU V 243 8.00 -19.95 -40.56
C GLU V 243 9.10 -19.92 -41.61
N ALA V 244 9.87 -21.01 -41.72
CA ALA V 244 10.97 -21.04 -42.67
C ALA V 244 10.46 -21.14 -44.10
N LYS V 245 9.32 -21.78 -44.30
CA LYS V 245 8.74 -21.88 -45.62
C LYS V 245 8.11 -20.57 -46.07
N ALA V 246 7.64 -19.74 -45.14
CA ALA V 246 6.93 -18.53 -45.51
C ALA V 246 7.85 -17.45 -46.06
N GLU V 247 9.14 -17.53 -45.78
CA GLU V 247 10.09 -16.55 -46.28
C GLU V 247 10.76 -16.99 -47.58
N ARG V 248 10.29 -18.06 -48.20
CA ARG V 248 10.82 -18.48 -49.48
C ARG V 248 10.40 -17.58 -50.63
N GLU V 249 9.35 -16.78 -50.44
CA GLU V 249 8.93 -15.83 -51.47
C GLU V 249 9.83 -14.61 -51.55
N LYS V 250 10.69 -14.39 -50.56
CA LYS V 250 11.61 -13.26 -50.58
C LYS V 250 12.99 -13.71 -51.05
N SER W 1 -13.08 20.69 3.31
CA SER W 1 -13.82 20.07 2.22
C SER W 1 -13.89 18.59 2.45
N TYR W 2 -14.61 18.20 3.50
CA TYR W 2 -14.73 16.80 3.83
C TYR W 2 -15.76 16.10 2.95
N ASP W 3 -15.27 15.23 2.08
CA ASP W 3 -16.12 14.44 1.20
C ASP W 3 -15.90 12.96 1.40
N ARG W 4 -15.49 12.54 2.59
CA ARG W 4 -14.99 11.19 2.77
C ARG W 4 -15.84 10.37 3.72
N ALA W 5 -17.07 10.80 3.98
CA ALA W 5 -18.02 10.01 4.75
C ALA W 5 -19.43 10.33 4.29
N ILE W 6 -20.34 9.40 4.51
CA ILE W 6 -21.70 9.56 4.01
C ILE W 6 -22.67 10.04 5.08
N THR W 7 -22.31 10.00 6.35
CA THR W 7 -23.17 10.44 7.43
C THR W 7 -22.83 11.82 7.94
N VAL W 8 -22.17 12.65 7.16
CA VAL W 8 -21.77 13.96 7.61
C VAL W 8 -22.45 15.02 6.75
N PHE W 9 -22.93 16.06 7.41
CA PHE W 9 -23.52 17.21 6.72
C PHE W 9 -22.44 18.25 6.51
N SER W 10 -22.51 18.93 5.37
CA SER W 10 -21.67 20.07 5.11
C SER W 10 -22.14 21.24 5.96
N PRO W 11 -21.30 22.25 6.19
CA PRO W 11 -21.78 23.41 6.94
C PRO W 11 -22.77 24.26 6.19
N ASP W 12 -22.99 24.02 4.90
CA ASP W 12 -24.16 24.53 4.21
C ASP W 12 -25.17 23.42 3.94
N GLY W 13 -25.02 22.27 4.55
CA GLY W 13 -26.05 21.25 4.50
C GLY W 13 -26.09 20.41 3.26
N HIS W 14 -25.05 19.65 2.98
CA HIS W 14 -25.03 18.76 1.82
C HIS W 14 -24.52 17.39 2.20
N LEU W 15 -24.75 16.44 1.31
CA LEU W 15 -24.22 15.09 1.40
C LEU W 15 -23.48 14.87 0.09
N PHE W 16 -22.19 15.18 0.07
CA PHE W 16 -21.44 15.19 -1.17
C PHE W 16 -21.23 13.79 -1.72
N GLN W 17 -21.18 12.79 -0.85
CA GLN W 17 -21.02 11.44 -1.35
C GLN W 17 -22.28 10.92 -2.02
N VAL W 18 -23.44 11.42 -1.62
CA VAL W 18 -24.63 11.15 -2.41
C VAL W 18 -24.53 11.91 -3.72
N GLU W 19 -23.99 13.12 -3.68
CA GLU W 19 -23.89 13.94 -4.88
C GLU W 19 -22.84 13.41 -5.84
N TYR W 20 -21.83 12.71 -5.34
CA TYR W 20 -20.80 12.20 -6.23
C TYR W 20 -21.26 10.96 -6.97
N ALA W 21 -22.25 10.25 -6.44
CA ALA W 21 -22.75 9.08 -7.13
C ALA W 21 -23.51 9.46 -8.39
N GLN W 22 -24.17 10.62 -8.39
CA GLN W 22 -24.92 11.03 -9.56
C GLN W 22 -24.02 11.53 -10.67
N GLU W 23 -22.76 11.85 -10.37
CA GLU W 23 -21.81 12.15 -11.42
C GLU W 23 -21.42 10.88 -12.17
N ALA W 24 -21.46 9.74 -11.50
CA ALA W 24 -21.16 8.48 -12.16
C ALA W 24 -22.26 8.05 -13.11
N VAL W 25 -23.47 8.59 -12.93
CA VAL W 25 -24.55 8.34 -13.88
C VAL W 25 -24.23 8.97 -15.22
N LYS W 26 -23.64 10.17 -15.21
CA LYS W 26 -23.41 10.94 -16.43
C LYS W 26 -22.34 10.34 -17.34
N LYS W 27 -21.62 9.31 -16.91
CA LYS W 27 -20.72 8.59 -17.79
C LYS W 27 -21.38 7.36 -18.40
N GLY W 28 -22.68 7.22 -18.23
CA GLY W 28 -23.40 6.06 -18.73
C GLY W 28 -24.04 6.38 -20.07
N SER W 29 -24.49 5.32 -20.72
CA SER W 29 -25.16 5.43 -22.00
C SER W 29 -26.50 6.13 -21.83
N THR W 30 -26.91 6.85 -22.86
CA THR W 30 -28.16 7.57 -22.81
C THR W 30 -29.31 6.63 -23.11
N ALA W 31 -30.47 6.96 -22.54
CA ALA W 31 -31.69 6.24 -22.85
C ALA W 31 -32.84 7.20 -22.64
N VAL W 32 -33.78 7.18 -23.57
CA VAL W 32 -34.95 8.04 -23.51
C VAL W 32 -36.18 7.17 -23.47
N GLY W 33 -37.31 7.79 -23.17
CA GLY W 33 -38.56 7.08 -23.13
C GLY W 33 -39.72 8.02 -23.01
N VAL W 34 -40.76 7.80 -23.82
CA VAL W 34 -42.00 8.55 -23.72
C VAL W 34 -43.11 7.55 -23.48
N ARG W 35 -44.24 8.07 -23.02
CA ARG W 35 -45.47 7.29 -23.01
C ARG W 35 -46.37 7.84 -24.11
N GLY W 36 -47.12 6.94 -24.73
CA GLY W 36 -47.98 7.29 -25.83
C GLY W 36 -49.45 7.27 -25.45
N ARG W 37 -50.29 7.20 -26.47
CA ARG W 37 -51.72 7.03 -26.25
C ARG W 37 -52.00 5.64 -25.69
N ASP W 38 -51.50 4.61 -26.36
CA ASP W 38 -51.69 3.26 -25.87
C ASP W 38 -50.35 2.51 -25.80
N ILE W 39 -49.44 2.83 -26.72
CA ILE W 39 -48.18 2.13 -26.84
C ILE W 39 -47.08 3.01 -26.25
N VAL W 40 -46.37 2.48 -25.28
CA VAL W 40 -45.19 3.13 -24.72
C VAL W 40 -43.96 2.67 -25.48
N VAL W 41 -42.88 3.43 -25.36
CA VAL W 41 -41.67 3.17 -26.12
C VAL W 41 -40.49 3.74 -25.37
N LEU W 42 -39.35 3.07 -25.50
CA LEU W 42 -38.10 3.58 -24.97
C LEU W 42 -36.97 3.13 -25.89
N GLY W 43 -35.90 3.90 -25.89
CA GLY W 43 -34.79 3.65 -26.79
C GLY W 43 -33.48 3.92 -26.11
N VAL W 44 -32.45 3.23 -26.58
CA VAL W 44 -31.12 3.29 -25.99
C VAL W 44 -30.13 3.58 -27.12
N GLU W 45 -28.88 3.83 -26.77
CA GLU W 45 -27.96 4.45 -27.72
C GLU W 45 -26.84 3.53 -28.20
N LYS W 46 -27.04 2.20 -28.19
CA LYS W 46 -26.02 1.16 -28.03
C LYS W 46 -24.63 1.41 -28.59
N LYS W 47 -23.61 1.19 -27.76
CA LYS W 47 -22.22 1.41 -28.10
C LYS W 47 -21.75 0.39 -29.13
N SER W 48 -20.59 0.66 -29.71
CA SER W 48 -20.11 -0.15 -30.82
C SER W 48 -19.56 -1.48 -30.33
N VAL W 49 -19.94 -2.55 -31.04
CA VAL W 49 -19.40 -3.87 -30.75
C VAL W 49 -17.95 -3.93 -31.24
N ALA W 50 -17.10 -4.59 -30.45
CA ALA W 50 -15.68 -4.64 -30.71
C ALA W 50 -15.26 -5.85 -31.54
N LYS W 51 -16.17 -6.32 -32.41
CA LYS W 51 -15.88 -7.16 -33.57
C LYS W 51 -15.52 -8.61 -33.22
N LEU W 52 -15.29 -8.90 -31.95
CA LEU W 52 -14.86 -10.25 -31.61
C LEU W 52 -15.64 -10.85 -30.43
N GLN W 53 -16.82 -10.35 -30.12
CA GLN W 53 -17.57 -10.86 -28.99
C GLN W 53 -19.03 -11.01 -29.35
N ASP W 54 -19.71 -11.84 -28.56
CA ASP W 54 -21.14 -12.01 -28.69
C ASP W 54 -21.85 -10.83 -28.03
N GLU W 55 -22.99 -10.46 -28.58
CA GLU W 55 -23.68 -9.25 -28.17
C GLU W 55 -25.02 -9.50 -27.52
N ARG W 56 -25.34 -10.74 -27.19
CA ARG W 56 -26.55 -11.03 -26.45
C ARG W 56 -26.35 -10.93 -24.95
N THR W 57 -25.14 -10.57 -24.51
CA THR W 57 -24.82 -10.44 -23.10
C THR W 57 -24.53 -9.01 -22.70
N VAL W 58 -24.97 -8.03 -23.49
CA VAL W 58 -24.71 -6.64 -23.23
C VAL W 58 -26.07 -5.97 -22.99
N ARG W 59 -26.98 -6.74 -22.40
CA ARG W 59 -28.38 -6.36 -22.26
C ARG W 59 -28.56 -5.16 -21.35
N LYS W 60 -29.14 -4.08 -21.90
CA LYS W 60 -29.38 -2.86 -21.16
C LYS W 60 -30.84 -2.59 -20.86
N ILE W 61 -31.75 -3.29 -21.51
CA ILE W 61 -33.18 -3.13 -21.27
C ILE W 61 -33.70 -4.47 -20.83
N CYS W 62 -34.33 -4.52 -19.67
CA CYS W 62 -34.85 -5.78 -19.16
C CYS W 62 -36.29 -5.59 -18.71
N ALA W 63 -36.96 -6.71 -18.49
CA ALA W 63 -38.31 -6.69 -17.97
C ALA W 63 -38.33 -7.32 -16.59
N LEU W 64 -39.02 -6.67 -15.66
CA LEU W 64 -39.15 -7.23 -14.34
C LEU W 64 -40.29 -8.24 -14.28
N ASP W 65 -41.47 -7.80 -14.68
CA ASP W 65 -42.65 -8.65 -14.77
C ASP W 65 -43.00 -8.77 -16.25
N ASP W 66 -44.12 -9.41 -16.55
CA ASP W 66 -44.52 -9.58 -17.94
C ASP W 66 -45.07 -8.30 -18.54
N ASN W 67 -45.24 -7.24 -17.76
CA ASN W 67 -45.85 -6.03 -18.23
C ASN W 67 -45.14 -4.75 -17.82
N VAL W 68 -43.90 -4.83 -17.32
CA VAL W 68 -43.16 -3.66 -16.90
C VAL W 68 -41.73 -3.78 -17.40
N CYS W 69 -41.16 -2.66 -17.83
CA CYS W 69 -39.85 -2.62 -18.47
C CYS W 69 -38.88 -1.83 -17.61
N MET W 70 -37.64 -1.72 -18.10
CA MET W 70 -36.57 -1.14 -17.32
C MET W 70 -35.44 -0.70 -18.23
N ALA W 71 -34.95 0.52 -18.00
CA ALA W 71 -33.75 1.01 -18.67
C ALA W 71 -32.94 1.80 -17.66
N PHE W 72 -31.62 1.68 -17.72
CA PHE W 72 -30.77 2.24 -16.68
C PHE W 72 -29.58 2.95 -17.28
N ALA W 73 -28.76 3.52 -16.40
CA ALA W 73 -27.47 4.09 -16.75
C ALA W 73 -26.50 3.71 -15.64
N GLY W 74 -25.36 4.39 -15.59
CA GLY W 74 -24.39 4.11 -14.56
C GLY W 74 -23.48 2.97 -14.90
N LEU W 75 -23.29 2.06 -13.96
CA LEU W 75 -22.34 0.96 -14.11
C LEU W 75 -23.04 -0.37 -13.91
N THR W 76 -22.69 -1.34 -14.76
CA THR W 76 -23.45 -2.57 -14.88
C THR W 76 -23.33 -3.50 -13.69
N ALA W 77 -22.33 -3.32 -12.84
CA ALA W 77 -22.22 -4.14 -11.65
C ALA W 77 -23.38 -3.86 -10.71
N ASP W 78 -23.58 -2.60 -10.34
CA ASP W 78 -24.67 -2.24 -9.46
C ASP W 78 -26.02 -2.37 -10.13
N ALA W 79 -26.07 -2.32 -11.46
CA ALA W 79 -27.35 -2.44 -12.14
C ALA W 79 -27.87 -3.87 -12.10
N ARG W 80 -26.98 -4.85 -12.15
CA ARG W 80 -27.41 -6.24 -12.21
C ARG W 80 -28.06 -6.69 -10.91
N ILE W 81 -27.60 -6.16 -9.78
CA ILE W 81 -28.16 -6.55 -8.49
C ILE W 81 -29.57 -6.01 -8.34
N VAL W 82 -29.78 -4.76 -8.75
CA VAL W 82 -31.07 -4.12 -8.57
C VAL W 82 -32.11 -4.77 -9.47
N ILE W 83 -31.70 -5.17 -10.66
CA ILE W 83 -32.59 -5.90 -11.56
C ILE W 83 -32.96 -7.25 -10.96
N ASN W 84 -31.95 -7.99 -10.50
CA ASN W 84 -32.17 -9.32 -9.93
C ASN W 84 -32.97 -9.25 -8.65
N ARG W 85 -32.84 -8.17 -7.89
CA ARG W 85 -33.63 -8.02 -6.68
C ARG W 85 -35.08 -7.69 -7.00
N ALA W 86 -35.29 -6.78 -7.95
CA ALA W 86 -36.64 -6.33 -8.25
C ALA W 86 -37.45 -7.38 -9.00
N ARG W 87 -36.80 -8.35 -9.64
CA ARG W 87 -37.53 -9.47 -10.19
C ARG W 87 -38.14 -10.33 -9.10
N VAL W 88 -37.48 -10.40 -7.95
CA VAL W 88 -38.01 -11.19 -6.84
C VAL W 88 -39.20 -10.49 -6.21
N GLU W 89 -39.11 -9.18 -6.04
CA GLU W 89 -40.13 -8.44 -5.31
C GLU W 89 -41.43 -8.37 -6.10
N CYS W 90 -41.34 -8.15 -7.42
CA CYS W 90 -42.53 -8.17 -8.25
C CYS W 90 -43.09 -9.59 -8.39
N GLN W 91 -42.31 -10.59 -8.04
CA GLN W 91 -42.84 -11.95 -8.03
C GLN W 91 -43.40 -12.31 -6.67
N SER W 92 -42.74 -11.87 -5.60
CA SER W 92 -43.22 -12.18 -4.26
C SER W 92 -44.45 -11.38 -3.89
N HIS W 93 -44.62 -10.19 -4.49
CA HIS W 93 -45.85 -9.43 -4.31
C HIS W 93 -47.04 -10.19 -4.84
N ARG W 94 -46.87 -10.82 -6.00
CA ARG W 94 -47.95 -11.56 -6.63
C ARG W 94 -48.38 -12.76 -5.79
N LEU W 95 -47.44 -13.33 -5.04
CA LEU W 95 -47.75 -14.45 -4.15
C LEU W 95 -48.53 -13.97 -2.93
N THR W 96 -48.08 -12.88 -2.30
CA THR W 96 -48.75 -12.41 -1.10
C THR W 96 -50.07 -11.74 -1.41
N VAL W 97 -50.16 -11.06 -2.54
CA VAL W 97 -51.39 -10.41 -2.99
C VAL W 97 -51.58 -10.77 -4.45
N GLU W 98 -52.72 -11.37 -4.77
CA GLU W 98 -52.91 -12.08 -6.03
C GLU W 98 -53.02 -11.18 -7.27
N ASP W 99 -52.86 -9.88 -7.12
CA ASP W 99 -52.90 -8.99 -8.27
C ASP W 99 -51.59 -9.07 -9.06
N PRO W 100 -51.57 -8.57 -10.28
CA PRO W 100 -50.28 -8.20 -10.88
C PRO W 100 -49.75 -6.94 -10.23
N VAL W 101 -48.45 -6.74 -10.37
CA VAL W 101 -47.77 -5.65 -9.69
C VAL W 101 -47.92 -4.37 -10.51
N THR W 102 -48.41 -3.31 -9.86
CA THR W 102 -48.50 -2.02 -10.54
C THR W 102 -47.10 -1.44 -10.73
N VAL W 103 -47.02 -0.52 -11.70
CA VAL W 103 -45.75 0.12 -12.01
C VAL W 103 -45.33 1.07 -10.89
N GLU W 104 -46.28 1.55 -10.09
CA GLU W 104 -45.94 2.46 -9.01
C GLU W 104 -45.40 1.70 -7.80
N TYR W 105 -45.83 0.47 -7.61
CA TYR W 105 -45.37 -0.28 -6.44
C TYR W 105 -43.92 -0.71 -6.59
N ILE W 106 -43.51 -1.06 -7.79
CA ILE W 106 -42.16 -1.59 -7.97
C ILE W 106 -41.12 -0.49 -7.93
N THR W 107 -41.49 0.76 -8.25
CA THR W 107 -40.52 1.84 -8.16
C THR W 107 -40.33 2.30 -6.74
N ARG W 108 -41.36 2.18 -5.90
CA ARG W 108 -41.18 2.46 -4.49
C ARG W 108 -40.25 1.44 -3.85
N TYR W 109 -40.26 0.19 -4.33
CA TYR W 109 -39.36 -0.80 -3.77
C TYR W 109 -37.92 -0.52 -4.14
N ILE W 110 -37.67 -0.16 -5.40
CA ILE W 110 -36.31 0.09 -5.85
C ILE W 110 -35.76 1.34 -5.18
N ALA W 111 -36.59 2.36 -5.04
CA ALA W 111 -36.16 3.58 -4.37
C ALA W 111 -35.91 3.35 -2.89
N SER W 112 -36.79 2.60 -2.22
CA SER W 112 -36.58 2.30 -0.81
C SER W 112 -35.41 1.36 -0.60
N LEU W 113 -35.11 0.51 -1.59
CA LEU W 113 -33.91 -0.30 -1.45
C LEU W 113 -32.67 0.54 -1.58
N LYS W 114 -32.68 1.50 -2.47
CA LYS W 114 -31.58 2.43 -2.60
C LYS W 114 -31.56 3.44 -1.47
N GLN W 115 -32.70 3.62 -0.79
CA GLN W 115 -32.79 4.55 0.33
C GLN W 115 -31.99 4.08 1.52
N ARG W 116 -32.37 2.92 2.07
CA ARG W 116 -31.77 2.38 3.29
C ARG W 116 -30.34 1.96 3.09
N TYR W 117 -29.92 1.84 1.85
CA TYR W 117 -28.58 1.48 1.45
C TYR W 117 -27.63 2.67 1.47
N THR W 118 -28.18 3.87 1.54
CA THR W 118 -27.38 5.09 1.61
C THR W 118 -26.90 5.39 3.02
N GLN W 119 -27.69 5.02 4.02
CA GLN W 119 -27.56 5.63 5.34
C GLN W 119 -26.37 5.10 6.13
N SER W 120 -26.01 3.84 5.97
CA SER W 120 -24.96 3.25 6.80
C SER W 120 -23.59 3.39 6.14
N ASN W 121 -22.57 3.62 6.96
CA ASN W 121 -21.19 3.60 6.49
C ASN W 121 -20.82 2.20 6.02
N GLY W 122 -19.83 2.14 5.13
CA GLY W 122 -19.45 0.87 4.56
C GLY W 122 -20.43 0.29 3.59
N ARG W 123 -21.35 1.10 3.06
CA ARG W 123 -22.29 0.68 2.03
C ARG W 123 -22.22 1.76 0.95
N ARG W 124 -21.43 1.52 -0.08
CA ARG W 124 -21.26 2.49 -1.14
C ARG W 124 -22.50 2.53 -2.02
N PRO W 125 -23.11 3.70 -2.21
CA PRO W 125 -24.44 3.77 -2.83
C PRO W 125 -24.44 3.37 -4.29
N PHE W 126 -25.62 2.95 -4.76
CA PHE W 126 -25.78 2.49 -6.13
C PHE W 126 -25.68 3.66 -7.10
N GLY W 127 -24.67 3.64 -7.95
CA GLY W 127 -24.51 4.71 -8.91
C GLY W 127 -25.21 4.43 -10.21
N ILE W 128 -26.51 4.15 -10.16
CA ILE W 128 -27.32 3.97 -11.35
C ILE W 128 -28.56 4.83 -11.25
N SER W 129 -29.22 5.01 -12.39
CA SER W 129 -30.48 5.72 -12.46
C SER W 129 -31.37 4.99 -13.43
N ALA W 130 -32.57 4.63 -12.98
CA ALA W 130 -33.41 3.72 -13.74
C ALA W 130 -34.59 4.45 -14.36
N LEU W 131 -35.12 3.87 -15.43
CA LEU W 131 -36.36 4.29 -16.05
C LEU W 131 -37.30 3.11 -16.08
N ILE W 132 -38.48 3.28 -15.51
CA ILE W 132 -39.43 2.18 -15.33
C ILE W 132 -40.67 2.53 -16.12
N VAL W 133 -40.98 1.72 -17.12
CA VAL W 133 -42.06 1.98 -18.06
C VAL W 133 -43.00 0.78 -18.05
N GLY W 134 -44.28 1.03 -17.87
CA GLY W 134 -45.26 -0.04 -17.99
C GLY W 134 -46.69 0.44 -18.09
N PHE W 135 -47.41 -0.03 -19.11
CA PHE W 135 -48.84 0.21 -19.24
C PHE W 135 -49.53 -0.99 -18.59
N ASP W 136 -49.44 -1.04 -17.26
CA ASP W 136 -49.77 -2.25 -16.54
C ASP W 136 -50.98 -2.00 -15.63
N PHE W 137 -51.01 -0.86 -14.97
CA PHE W 137 -52.04 -0.58 -13.98
C PHE W 137 -53.35 -0.24 -14.71
N ASP W 138 -54.01 -1.32 -15.18
CA ASP W 138 -55.35 -1.29 -15.75
C ASP W 138 -55.45 -0.36 -16.96
N GLY W 139 -54.63 -0.65 -17.97
CA GLY W 139 -54.68 0.09 -19.22
C GLY W 139 -54.13 1.49 -19.18
N THR W 140 -53.50 1.90 -18.09
CA THR W 140 -53.00 3.26 -17.96
C THR W 140 -51.50 3.28 -18.18
N PRO W 141 -51.00 3.95 -19.22
CA PRO W 141 -49.55 3.98 -19.46
C PRO W 141 -48.85 4.96 -18.53
N ARG W 142 -47.78 4.50 -17.89
CA ARG W 142 -47.01 5.32 -16.98
C ARG W 142 -45.52 5.09 -17.21
N LEU W 143 -44.73 6.12 -16.90
CA LEU W 143 -43.29 5.96 -16.81
C LEU W 143 -42.78 6.82 -15.67
N TYR W 144 -41.84 6.26 -14.91
CA TYR W 144 -41.22 6.91 -13.77
C TYR W 144 -39.72 6.94 -13.98
N GLN W 145 -39.00 7.54 -13.04
CA GLN W 145 -37.56 7.32 -12.99
C GLN W 145 -37.11 7.28 -11.54
N THR W 146 -35.87 6.84 -11.34
CA THR W 146 -35.25 6.83 -10.04
C THR W 146 -34.04 7.75 -10.06
N ASP W 147 -33.28 7.71 -8.98
CA ASP W 147 -32.18 8.63 -8.73
C ASP W 147 -31.33 8.00 -7.66
N PRO W 148 -30.01 8.17 -7.70
CA PRO W 148 -29.15 7.53 -6.69
C PRO W 148 -29.37 8.00 -5.27
N SER W 149 -30.00 9.15 -5.06
CA SER W 149 -30.43 9.52 -3.73
C SER W 149 -31.57 8.64 -3.25
N GLY W 150 -32.33 8.06 -4.16
CA GLY W 150 -33.43 7.19 -3.79
C GLY W 150 -34.75 7.93 -3.82
N THR W 151 -34.99 8.71 -4.88
CA THR W 151 -36.21 9.47 -5.04
C THR W 151 -36.87 9.05 -6.35
N TYR W 152 -37.93 8.26 -6.24
CA TYR W 152 -38.71 7.92 -7.42
C TYR W 152 -39.57 9.12 -7.80
N HIS W 153 -39.86 9.23 -9.09
CA HIS W 153 -40.41 10.47 -9.60
C HIS W 153 -41.02 10.22 -10.97
N ALA W 154 -42.11 10.90 -11.27
CA ALA W 154 -42.88 10.63 -12.48
C ALA W 154 -42.69 11.74 -13.51
N TRP W 155 -42.32 11.36 -14.72
CA TRP W 155 -42.29 12.26 -15.85
C TRP W 155 -43.28 11.81 -16.92
N LYS W 156 -43.35 12.59 -17.99
CA LYS W 156 -44.02 12.19 -19.21
C LYS W 156 -43.07 11.93 -20.36
N ALA W 157 -41.83 12.41 -20.27
CA ALA W 157 -40.77 12.09 -21.22
C ALA W 157 -39.46 12.26 -20.46
N ASN W 158 -38.42 11.55 -20.90
CA ASN W 158 -37.25 11.42 -20.06
C ASN W 158 -36.01 11.22 -20.92
N ALA W 159 -34.87 11.56 -20.32
CA ALA W 159 -33.56 11.33 -20.92
C ALA W 159 -32.55 11.25 -19.79
N ILE W 160 -31.61 10.32 -19.92
CA ILE W 160 -30.52 10.13 -18.97
C ILE W 160 -29.23 9.94 -19.77
N GLY W 161 -28.15 9.63 -19.08
CA GLY W 161 -26.89 9.35 -19.75
C GLY W 161 -26.08 10.59 -20.04
N ARG W 162 -25.10 10.43 -20.93
CA ARG W 162 -24.15 11.51 -21.20
C ARG W 162 -24.81 12.53 -22.13
N GLY W 163 -24.91 13.77 -21.69
CA GLY W 163 -25.55 14.80 -22.48
C GLY W 163 -27.04 14.60 -22.63
N ALA W 164 -27.70 14.21 -21.55
CA ALA W 164 -29.15 14.18 -21.55
C ALA W 164 -29.77 15.56 -21.55
N LYS W 165 -29.00 16.57 -21.13
CA LYS W 165 -29.50 17.94 -21.08
C LYS W 165 -29.85 18.45 -22.47
N SER W 166 -29.08 18.03 -23.48
CA SER W 166 -29.42 18.39 -24.84
C SER W 166 -30.73 17.74 -25.28
N VAL W 167 -30.97 16.52 -24.83
CA VAL W 167 -32.15 15.79 -25.25
C VAL W 167 -33.39 16.31 -24.52
N ARG W 168 -33.24 16.65 -23.24
CA ARG W 168 -34.38 17.14 -22.46
C ARG W 168 -34.81 18.51 -22.94
N GLU W 169 -33.85 19.36 -23.32
CA GLU W 169 -34.20 20.62 -23.96
C GLU W 169 -34.77 20.39 -25.34
N PHE W 170 -34.37 19.30 -26.00
CA PHE W 170 -34.89 19.00 -27.32
C PHE W 170 -36.35 18.58 -27.25
N LEU W 171 -36.72 17.80 -26.23
CA LEU W 171 -38.06 17.27 -26.18
C LEU W 171 -39.09 18.34 -25.84
N GLU W 172 -38.70 19.34 -25.04
CA GLU W 172 -39.64 20.38 -24.66
C GLU W 172 -40.05 21.23 -25.86
N LYS W 173 -39.14 21.41 -26.82
CA LYS W 173 -39.49 22.03 -28.08
C LYS W 173 -40.05 21.03 -29.08
N ASN W 174 -40.16 19.76 -28.73
CA ASN W 174 -40.59 18.77 -29.70
C ASN W 174 -41.83 18.00 -29.26
N TYR W 175 -41.94 17.65 -27.98
CA TYR W 175 -43.11 16.95 -27.48
C TYR W 175 -44.30 17.89 -27.54
N THR W 176 -45.16 17.68 -28.53
CA THR W 176 -46.24 18.61 -28.78
C THR W 176 -47.35 18.46 -27.74
N ASP W 177 -48.18 19.50 -27.67
CA ASP W 177 -49.42 19.40 -26.92
C ASP W 177 -50.37 18.44 -27.61
N GLU W 178 -50.26 18.32 -28.94
CA GLU W 178 -50.81 17.18 -29.65
C GLU W 178 -50.22 15.91 -29.08
N ALA W 179 -51.07 15.14 -28.40
CA ALA W 179 -50.68 13.80 -27.99
C ALA W 179 -50.50 12.95 -29.23
N ILE W 180 -49.28 12.51 -29.46
CA ILE W 180 -48.92 11.84 -30.72
C ILE W 180 -49.59 10.48 -30.72
N GLU W 181 -50.69 10.37 -31.46
CA GLU W 181 -51.37 9.11 -31.69
C GLU W 181 -50.72 8.48 -32.93
N THR W 182 -51.33 7.39 -33.42
CA THR W 182 -50.88 6.62 -34.59
C THR W 182 -49.43 6.12 -34.37
N ASP W 183 -49.34 5.17 -33.43
CA ASP W 183 -48.17 4.87 -32.60
C ASP W 183 -46.83 4.79 -33.35
N ASP W 184 -46.84 4.53 -34.66
CA ASP W 184 -45.62 4.70 -35.44
C ASP W 184 -45.17 6.16 -35.49
N LEU W 185 -46.11 7.10 -35.32
CA LEU W 185 -45.72 8.49 -35.14
C LEU W 185 -44.98 8.69 -33.82
N THR W 186 -45.43 8.02 -32.76
CA THR W 186 -44.75 8.12 -31.47
C THR W 186 -43.38 7.48 -31.50
N ILE W 187 -43.23 6.38 -32.25
CA ILE W 187 -41.91 5.79 -32.43
C ILE W 187 -41.04 6.69 -33.27
N LYS W 188 -41.64 7.36 -34.26
CA LYS W 188 -40.90 8.33 -35.06
C LYS W 188 -40.46 9.54 -34.26
N LEU W 189 -41.12 9.81 -33.13
CA LEU W 189 -40.66 10.86 -32.23
C LEU W 189 -39.37 10.46 -31.53
N VAL W 190 -39.34 9.23 -31.01
CA VAL W 190 -38.19 8.78 -30.24
C VAL W 190 -36.99 8.57 -31.15
N ILE W 191 -37.21 7.98 -32.33
CA ILE W 191 -36.12 7.74 -33.27
C ILE W 191 -35.57 9.06 -33.79
N LYS W 192 -36.41 10.10 -33.88
CA LYS W 192 -35.90 11.42 -34.21
C LYS W 192 -35.19 12.06 -33.04
N ALA W 193 -35.66 11.80 -31.83
CA ALA W 193 -34.98 12.32 -30.65
C ALA W 193 -33.63 11.66 -30.46
N LEU W 194 -33.59 10.34 -30.64
CA LEU W 194 -32.31 9.63 -30.61
C LEU W 194 -31.51 9.85 -31.89
N LEU W 195 -32.12 10.43 -32.93
CA LEU W 195 -31.31 10.88 -34.05
C LEU W 195 -30.50 12.11 -33.70
N GLU W 196 -30.85 12.82 -32.63
CA GLU W 196 -29.97 13.81 -32.04
C GLU W 196 -29.11 13.18 -30.95
N VAL W 197 -28.47 12.06 -31.30
CA VAL W 197 -27.59 11.33 -30.38
C VAL W 197 -26.29 12.09 -30.25
N VAL W 198 -25.44 11.64 -29.32
CA VAL W 198 -24.08 12.16 -29.22
C VAL W 198 -23.29 11.89 -30.50
N GLN W 199 -23.60 10.81 -31.23
CA GLN W 199 -22.95 10.54 -32.50
C GLN W 199 -23.91 10.34 -33.66
N SER W 200 -25.08 9.75 -33.44
CA SER W 200 -26.12 9.49 -34.45
C SER W 200 -25.57 8.72 -35.65
N GLY W 201 -25.07 7.52 -35.36
CA GLY W 201 -24.58 6.67 -36.44
C GLY W 201 -25.71 6.09 -37.28
N GLY W 202 -26.91 6.00 -36.72
CA GLY W 202 -28.05 5.42 -37.38
C GLY W 202 -28.21 3.93 -37.18
N LYS W 203 -27.12 3.19 -37.19
CA LYS W 203 -27.13 1.75 -36.98
C LYS W 203 -26.83 1.37 -35.54
N ASN W 204 -26.85 2.34 -34.61
CA ASN W 204 -26.47 2.11 -33.23
C ASN W 204 -27.63 2.32 -32.27
N ILE W 205 -28.85 2.12 -32.72
CA ILE W 205 -30.04 2.39 -31.93
C ILE W 205 -30.76 1.08 -31.66
N GLU W 206 -31.17 0.87 -30.41
CA GLU W 206 -32.07 -0.21 -30.06
C GLU W 206 -33.29 0.41 -29.38
N LEU W 207 -34.45 0.26 -30.01
CA LEU W 207 -35.70 0.76 -29.45
C LEU W 207 -36.55 -0.42 -29.01
N ALA W 208 -37.29 -0.23 -27.93
CA ALA W 208 -38.15 -1.28 -27.41
C ALA W 208 -39.51 -0.68 -27.10
N VAL W 209 -40.56 -1.33 -27.61
CA VAL W 209 -41.90 -0.79 -27.49
C VAL W 209 -42.77 -1.77 -26.73
N MET W 210 -43.97 -1.33 -26.37
CA MET W 210 -44.95 -2.21 -25.73
C MET W 210 -46.33 -1.66 -26.03
N ARG W 211 -47.16 -2.47 -26.69
CA ARG W 211 -48.49 -2.06 -27.13
C ARG W 211 -49.56 -2.32 -26.08
N ARG W 212 -49.18 -2.35 -24.80
CA ARG W 212 -50.01 -2.39 -23.60
C ARG W 212 -50.75 -3.71 -23.40
N ASP W 213 -50.70 -4.63 -24.35
CA ASP W 213 -51.35 -5.93 -24.21
C ASP W 213 -50.44 -7.08 -24.57
N GLN W 214 -49.46 -6.88 -25.44
CA GLN W 214 -48.53 -7.92 -25.83
C GLN W 214 -47.41 -8.00 -24.81
N SER W 215 -46.36 -8.75 -25.14
CA SER W 215 -45.15 -8.77 -24.35
C SER W 215 -44.20 -7.70 -24.88
N LEU W 216 -42.95 -7.74 -24.45
CA LEU W 216 -41.96 -6.82 -24.96
C LEU W 216 -41.61 -7.16 -26.40
N LYS W 217 -41.46 -6.11 -27.21
CA LYS W 217 -41.15 -6.27 -28.63
C LYS W 217 -39.85 -5.54 -28.90
N ILE W 218 -38.77 -6.28 -29.03
CA ILE W 218 -37.51 -5.70 -29.48
C ILE W 218 -37.56 -5.55 -30.99
N LEU W 219 -37.29 -4.34 -31.47
CA LEU W 219 -37.36 -4.10 -32.90
C LEU W 219 -36.14 -4.70 -33.60
N ASN W 220 -36.25 -4.80 -34.90
CA ASN W 220 -35.22 -5.45 -35.69
C ASN W 220 -34.50 -4.44 -36.58
N PRO W 221 -33.22 -4.65 -36.87
CA PRO W 221 -32.47 -3.64 -37.64
C PRO W 221 -32.70 -3.72 -39.15
N GLU W 222 -33.93 -3.91 -39.53
CA GLU W 222 -34.47 -3.67 -40.86
C GLU W 222 -35.74 -2.85 -40.77
N GLU W 223 -36.56 -3.12 -39.74
CA GLU W 223 -37.71 -2.28 -39.47
C GLU W 223 -37.28 -0.94 -38.89
N ILE W 224 -36.26 -0.95 -38.03
CA ILE W 224 -35.72 0.30 -37.50
C ILE W 224 -34.99 1.07 -38.60
N GLU W 225 -34.43 0.35 -39.57
CA GLU W 225 -33.83 1.03 -40.72
C GLU W 225 -34.89 1.66 -41.61
N LYS W 226 -36.11 1.12 -41.60
CA LYS W 226 -37.18 1.72 -42.40
C LYS W 226 -37.62 3.04 -41.80
N TYR W 227 -37.66 3.13 -40.47
CA TYR W 227 -38.11 4.34 -39.83
C TYR W 227 -37.07 5.45 -39.90
N VAL W 228 -35.80 5.08 -40.00
CA VAL W 228 -34.77 6.10 -40.16
C VAL W 228 -34.80 6.65 -41.57
N ALA W 229 -35.25 5.86 -42.53
CA ALA W 229 -35.29 6.32 -43.91
C ALA W 229 -36.40 7.34 -44.12
N GLU W 230 -37.56 7.10 -43.53
CA GLU W 230 -38.69 8.01 -43.69
C GLU W 230 -38.51 9.29 -42.90
N ILE W 231 -37.65 9.29 -41.87
CA ILE W 231 -37.38 10.52 -41.15
C ILE W 231 -36.54 11.46 -41.99
N GLU W 232 -35.53 10.92 -42.68
CA GLU W 232 -34.74 11.74 -43.59
C GLU W 232 -35.53 12.12 -44.83
N LYS W 233 -36.47 11.27 -45.24
CA LYS W 233 -37.28 11.57 -46.41
C LYS W 233 -38.28 12.69 -46.12
N GLU W 234 -38.92 12.64 -44.96
CA GLU W 234 -39.87 13.69 -44.61
C GLU W 234 -39.17 14.98 -44.25
N LYS W 235 -37.93 14.91 -43.77
CA LYS W 235 -37.18 16.13 -43.46
C LYS W 235 -36.72 16.84 -44.74
N GLU W 236 -36.49 16.08 -45.80
CA GLU W 236 -36.10 16.69 -47.07
C GLU W 236 -37.28 17.42 -47.71
N GLU W 237 -38.51 16.98 -47.42
CA GLU W 237 -39.68 17.63 -47.98
C GLU W 237 -39.99 18.95 -47.29
N ASN W 238 -39.49 19.15 -46.07
CA ASN W 238 -39.76 20.39 -45.35
C ASN W 238 -39.05 21.58 -45.97
N GLU W 239 -37.98 21.36 -46.73
CA GLU W 239 -37.28 22.43 -47.40
C GLU W 239 -38.01 22.85 -48.68
N TYR X 7 -14.13 21.20 15.45
CA TYR X 7 -14.17 19.91 16.14
C TYR X 7 -15.03 18.87 15.49
N ASP X 8 -16.14 19.34 14.94
CA ASP X 8 -17.40 18.60 14.94
C ASP X 8 -17.40 17.21 14.31
N ARG X 9 -17.44 17.10 12.97
CA ARG X 9 -17.18 15.88 12.19
C ARG X 9 -17.79 14.57 12.68
N GLY X 10 -18.88 14.65 13.46
CA GLY X 10 -19.42 13.48 14.12
C GLY X 10 -20.31 13.85 15.28
N VAL X 11 -21.39 13.09 15.50
CA VAL X 11 -22.38 13.49 16.49
C VAL X 11 -21.97 13.13 17.90
N ASN X 12 -20.93 12.33 18.07
CA ASN X 12 -20.50 11.90 19.40
C ASN X 12 -19.41 12.82 19.93
N THR X 13 -19.63 14.14 19.94
CA THR X 13 -18.57 15.09 20.24
C THR X 13 -19.21 16.40 20.68
N PHE X 14 -18.68 17.01 21.72
CA PHE X 14 -19.15 18.33 22.14
C PHE X 14 -18.17 19.42 21.71
N SER X 15 -18.69 20.60 21.63
CA SER X 15 -17.97 21.84 21.51
C SER X 15 -17.47 22.27 22.88
N PRO X 16 -16.48 23.16 22.96
CA PRO X 16 -16.20 23.78 24.25
C PRO X 16 -17.29 24.70 24.75
N GLU X 17 -18.16 25.19 23.88
CA GLU X 17 -19.15 26.19 24.29
C GLU X 17 -20.47 25.53 24.67
N GLY X 18 -21.11 24.88 23.72
CA GLY X 18 -22.11 23.87 23.99
C GLY X 18 -21.55 22.60 23.40
N ARG X 19 -21.90 22.13 22.18
CA ARG X 19 -23.14 22.20 21.36
C ARG X 19 -22.84 21.38 20.13
N LEU X 20 -23.84 21.23 19.27
CA LEU X 20 -23.70 20.65 17.95
C LEU X 20 -24.17 21.70 16.95
N PHE X 21 -23.45 22.01 15.86
CA PHE X 21 -22.23 21.52 15.14
C PHE X 21 -22.38 20.19 14.46
N GLN X 22 -23.42 19.49 14.72
CA GLN X 22 -23.89 18.49 13.78
C GLN X 22 -25.36 18.64 13.51
N VAL X 23 -26.13 18.94 14.55
CA VAL X 23 -27.55 19.17 14.41
C VAL X 23 -27.78 20.56 13.85
N GLU X 24 -26.87 21.49 14.17
CA GLU X 24 -26.89 22.82 13.57
C GLU X 24 -26.76 22.76 12.07
N TYR X 25 -25.95 21.82 11.58
CA TYR X 25 -25.85 21.64 10.15
C TYR X 25 -27.09 20.98 9.57
N ALA X 26 -27.82 20.21 10.37
CA ALA X 26 -29.05 19.61 9.89
C ALA X 26 -30.16 20.64 9.74
N ILE X 27 -30.16 21.66 10.60
CA ILE X 27 -31.12 22.75 10.45
C ILE X 27 -30.81 23.55 9.20
N GLU X 28 -29.54 23.60 8.82
CA GLU X 28 -29.14 24.29 7.60
C GLU X 28 -29.66 23.57 6.36
N ALA X 29 -29.83 22.25 6.42
CA ALA X 29 -30.35 21.51 5.28
C ALA X 29 -31.82 21.78 5.02
N ILE X 30 -32.54 22.30 6.01
CA ILE X 30 -33.93 22.69 5.80
C ILE X 30 -33.99 23.93 4.92
N LYS X 31 -32.99 24.81 5.06
CA LYS X 31 -33.05 26.16 4.53
C LYS X 31 -33.12 26.22 3.02
N LEU X 32 -32.67 25.18 2.32
CA LEU X 32 -32.79 25.09 0.88
C LEU X 32 -34.01 24.29 0.42
N GLY X 33 -35.01 24.13 1.28
CA GLY X 33 -36.25 23.52 0.85
C GLY X 33 -37.23 24.56 0.36
N SER X 34 -38.41 24.09 -0.03
CA SER X 34 -39.45 25.01 -0.49
C SER X 34 -40.25 25.54 0.69
N THR X 35 -40.84 26.70 0.50
CA THR X 35 -41.56 27.32 1.60
C THR X 35 -42.93 26.67 1.81
N ALA X 36 -43.47 26.87 3.01
CA ALA X 36 -44.72 26.23 3.40
C ALA X 36 -45.30 27.01 4.56
N ILE X 37 -46.58 27.34 4.48
CA ILE X 37 -47.24 28.16 5.50
C ILE X 37 -48.48 27.42 5.98
N GLY X 38 -48.62 27.30 7.30
CA GLY X 38 -49.87 26.83 7.88
C GLY X 38 -50.30 27.79 8.98
N ILE X 39 -51.61 27.97 9.09
CA ILE X 39 -52.21 28.90 10.03
C ILE X 39 -53.28 28.16 10.83
N GLN X 40 -53.20 28.25 12.15
CA GLN X 40 -54.22 27.70 13.02
C GLN X 40 -55.28 28.75 13.30
N THR X 41 -56.54 28.39 13.08
CA THR X 41 -57.68 29.28 13.27
C THR X 41 -58.79 28.44 13.84
N SER X 42 -59.62 29.04 14.71
CA SER X 42 -60.68 28.33 15.42
C SER X 42 -61.68 27.66 14.50
N GLU X 43 -61.89 28.20 13.30
CA GLU X 43 -62.74 27.52 12.32
C GLU X 43 -62.05 26.33 11.68
N GLY X 44 -60.74 26.21 11.79
CA GLY X 44 -60.02 25.11 11.20
C GLY X 44 -58.64 25.55 10.76
N VAL X 45 -57.84 24.57 10.39
CA VAL X 45 -56.45 24.79 10.03
C VAL X 45 -56.32 24.77 8.51
N CYS X 46 -55.89 25.88 7.94
CA CYS X 46 -55.54 25.95 6.53
C CYS X 46 -54.04 25.71 6.38
N LEU X 47 -53.62 25.52 5.14
CA LEU X 47 -52.24 25.13 4.90
C LEU X 47 -51.90 25.43 3.44
N ALA X 48 -50.68 25.87 3.19
CA ALA X 48 -50.25 26.28 1.86
C ALA X 48 -48.78 25.92 1.65
N VAL X 49 -48.40 25.72 0.39
CA VAL X 49 -47.04 25.32 0.05
C VAL X 49 -46.75 25.79 -1.37
N GLU X 50 -45.47 25.86 -1.73
CA GLU X 50 -45.02 26.19 -3.07
C GLU X 50 -44.38 24.97 -3.71
N LYS X 51 -44.70 24.73 -4.99
CA LYS X 51 -44.31 23.48 -5.63
C LYS X 51 -42.88 23.50 -6.15
N ARG X 52 -42.50 24.56 -6.89
CA ARG X 52 -41.24 24.69 -7.61
C ARG X 52 -41.06 23.54 -8.61
N ILE X 53 -41.89 23.60 -9.65
CA ILE X 53 -41.82 22.65 -10.75
C ILE X 53 -40.71 23.05 -11.71
N THR X 54 -39.90 22.09 -12.13
CA THR X 54 -38.79 22.37 -13.04
C THR X 54 -39.19 22.21 -14.50
N SER X 55 -39.70 21.05 -14.88
CA SER X 55 -39.98 20.77 -16.27
C SER X 55 -41.48 20.72 -16.53
N PRO X 56 -41.92 21.04 -17.74
CA PRO X 56 -43.30 20.73 -18.11
C PRO X 56 -43.53 19.25 -18.34
N LEU X 57 -42.50 18.52 -18.74
CA LEU X 57 -42.61 17.06 -18.85
C LEU X 57 -42.73 16.41 -17.49
N MET X 58 -42.22 17.08 -16.46
CA MET X 58 -42.31 16.66 -15.07
C MET X 58 -43.77 16.63 -14.63
N GLU X 59 -44.26 15.44 -14.29
CA GLU X 59 -45.64 15.31 -13.86
C GLU X 59 -45.82 15.97 -12.51
N PRO X 60 -46.83 16.82 -12.33
CA PRO X 60 -46.87 17.65 -11.12
C PRO X 60 -47.35 16.94 -9.87
N SER X 61 -48.25 15.98 -9.99
CA SER X 61 -48.81 15.37 -8.79
C SER X 61 -47.90 14.32 -8.17
N SER X 62 -46.78 14.00 -8.81
CA SER X 62 -45.81 13.13 -8.17
C SER X 62 -44.98 13.88 -7.14
N ILE X 63 -44.98 15.20 -7.17
CA ILE X 63 -44.31 16.01 -6.17
C ILE X 63 -45.29 16.20 -5.03
N GLU X 64 -45.02 15.58 -3.89
CA GLU X 64 -45.91 15.71 -2.75
C GLU X 64 -45.32 16.70 -1.76
N LYS X 65 -46.17 17.54 -1.26
CA LYS X 65 -45.79 18.42 -0.16
C LYS X 65 -46.80 18.34 0.96
N ILE X 66 -48.07 18.16 0.63
CA ILE X 66 -49.08 17.80 1.60
C ILE X 66 -49.38 16.33 1.42
N VAL X 67 -49.16 15.56 2.46
CA VAL X 67 -49.63 14.19 2.48
C VAL X 67 -50.70 14.09 3.56
N GLU X 68 -51.52 13.07 3.45
CA GLU X 68 -52.58 12.83 4.41
C GLU X 68 -52.11 11.76 5.38
N ILE X 69 -51.89 12.15 6.63
CA ILE X 69 -51.49 11.21 7.66
C ILE X 69 -52.66 10.35 8.07
N ASP X 70 -53.79 10.99 8.36
CA ASP X 70 -55.01 10.32 8.73
C ASP X 70 -56.15 11.19 8.23
N ALA X 71 -57.36 10.69 8.33
CA ALA X 71 -58.52 11.43 7.85
C ALA X 71 -58.87 12.64 8.70
N HIS X 72 -58.08 13.07 9.67
CA HIS X 72 -58.30 14.37 10.29
C HIS X 72 -57.01 15.10 10.59
N ILE X 73 -55.88 14.67 10.01
CA ILE X 73 -54.57 15.27 10.27
C ILE X 73 -53.83 15.40 8.95
N GLY X 74 -53.42 16.62 8.61
CA GLY X 74 -52.61 16.87 7.44
C GLY X 74 -51.13 16.99 7.78
N CYS X 75 -50.34 17.28 6.75
CA CYS X 75 -48.90 17.37 6.91
C CYS X 75 -48.32 18.30 5.87
N ALA X 76 -47.12 18.80 6.18
CA ALA X 76 -46.37 19.65 5.27
C ALA X 76 -44.90 19.53 5.62
N MET X 77 -44.05 19.50 4.61
CA MET X 77 -42.65 19.18 4.79
C MET X 77 -41.76 20.16 4.05
N SER X 78 -40.47 20.11 4.38
CA SER X 78 -39.44 20.78 3.61
C SER X 78 -38.14 20.00 3.82
N GLY X 79 -37.07 20.44 3.17
CA GLY X 79 -35.82 19.74 3.31
C GLY X 79 -35.79 18.46 2.50
N LEU X 80 -35.05 17.48 3.00
CA LEU X 80 -34.74 16.31 2.21
C LEU X 80 -35.94 15.39 2.07
N ILE X 81 -36.29 15.09 0.82
CA ILE X 81 -37.42 14.21 0.52
C ILE X 81 -37.11 12.78 0.97
N ALA X 82 -35.86 12.37 0.85
CA ALA X 82 -35.45 11.01 1.20
C ALA X 82 -35.62 10.74 2.69
N ASP X 83 -35.37 11.74 3.54
CA ASP X 83 -35.65 11.56 4.96
C ASP X 83 -37.13 11.68 5.26
N ALA X 84 -37.87 12.41 4.41
CA ALA X 84 -39.27 12.69 4.72
C ALA X 84 -40.14 11.46 4.56
N LYS X 85 -39.88 10.65 3.53
CA LYS X 85 -40.72 9.50 3.23
C LYS X 85 -40.66 8.44 4.32
N THR X 86 -39.61 8.43 5.13
CA THR X 86 -39.56 7.52 6.26
C THR X 86 -40.47 8.00 7.38
N LEU X 87 -40.45 9.30 7.68
CA LEU X 87 -41.24 9.82 8.78
C LEU X 87 -42.72 9.83 8.45
N ILE X 88 -43.08 9.96 7.18
CA ILE X 88 -44.48 9.87 6.80
C ILE X 88 -44.98 8.45 6.96
N ASP X 89 -44.11 7.47 6.71
CA ASP X 89 -44.53 6.08 6.75
C ASP X 89 -44.85 5.64 8.16
N LYS X 90 -44.06 6.08 9.14
CA LYS X 90 -44.33 5.64 10.51
C LYS X 90 -45.54 6.35 11.09
N ALA X 91 -45.69 7.65 10.78
CA ALA X 91 -46.76 8.45 11.35
C ALA X 91 -48.14 7.97 10.91
N ARG X 92 -48.23 7.30 9.76
CA ARG X 92 -49.47 6.65 9.40
C ARG X 92 -49.68 5.39 10.21
N VAL X 93 -48.61 4.68 10.54
CA VAL X 93 -48.75 3.42 11.26
C VAL X 93 -49.07 3.68 12.73
N GLU X 94 -48.49 4.73 13.30
CA GLU X 94 -48.66 5.00 14.73
C GLU X 94 -50.08 5.41 15.08
N THR X 95 -50.74 6.16 14.20
CA THR X 95 -52.15 6.43 14.41
C THR X 95 -52.98 5.19 14.17
N GLN X 96 -52.50 4.30 13.32
CA GLN X 96 -53.26 3.12 12.97
C GLN X 96 -53.22 2.09 14.07
N ASN X 97 -52.07 1.93 14.74
CA ASN X 97 -51.99 1.02 15.87
C ASN X 97 -52.78 1.55 17.05
N HIS X 98 -52.82 2.86 17.23
CA HIS X 98 -53.56 3.45 18.33
C HIS X 98 -55.05 3.26 18.18
N TRP X 99 -55.54 3.32 16.95
CA TRP X 99 -56.94 3.01 16.72
C TRP X 99 -57.22 1.53 16.92
N PHE X 100 -56.24 0.68 16.61
CA PHE X 100 -56.42 -0.76 16.72
C PHE X 100 -56.60 -1.19 18.16
N THR X 101 -55.92 -0.54 19.09
CA THR X 101 -55.96 -0.93 20.49
C THR X 101 -56.75 0.02 21.37
N TYR X 102 -57.37 1.05 20.81
CA TYR X 102 -58.15 1.94 21.66
C TYR X 102 -59.49 2.36 21.10
N ASN X 103 -59.81 2.02 19.84
CA ASN X 103 -61.04 2.42 19.15
C ASN X 103 -61.25 3.94 19.15
N GLU X 104 -60.17 4.67 18.94
CA GLU X 104 -60.28 6.11 18.92
C GLU X 104 -59.19 6.68 18.03
N THR X 105 -59.27 7.98 17.83
CA THR X 105 -58.33 8.70 16.98
C THR X 105 -57.24 9.31 17.84
N MET X 106 -55.99 9.09 17.45
CA MET X 106 -54.87 9.68 18.16
C MET X 106 -54.88 11.19 17.98
N THR X 107 -54.66 11.92 19.07
CA THR X 107 -54.65 13.38 19.01
C THR X 107 -53.42 13.87 18.27
N VAL X 108 -53.50 15.12 17.81
CA VAL X 108 -52.49 15.69 16.93
C VAL X 108 -51.19 15.89 17.67
N GLU X 109 -51.25 16.24 18.95
CA GLU X 109 -50.05 16.41 19.75
C GLU X 109 -49.34 15.08 19.97
N SER X 110 -50.09 14.03 20.25
CA SER X 110 -49.50 12.75 20.55
C SER X 110 -49.11 11.98 19.30
N VAL X 111 -49.49 12.45 18.12
CA VAL X 111 -48.88 11.93 16.89
C VAL X 111 -47.41 12.26 16.86
N THR X 112 -47.08 13.53 17.10
CA THR X 112 -45.72 14.01 16.88
C THR X 112 -44.78 13.49 17.95
N GLN X 113 -45.31 13.15 19.12
CA GLN X 113 -44.53 12.44 20.14
C GLN X 113 -44.00 11.13 19.63
N ALA X 114 -44.83 10.37 18.91
CA ALA X 114 -44.37 9.12 18.33
C ALA X 114 -43.40 9.37 17.19
N VAL X 115 -43.55 10.49 16.49
CA VAL X 115 -42.66 10.80 15.37
C VAL X 115 -41.32 11.29 15.89
N SER X 116 -41.33 12.13 16.92
CA SER X 116 -40.09 12.64 17.48
C SER X 116 -39.28 11.58 18.21
N ASN X 117 -39.90 10.45 18.55
CA ASN X 117 -39.18 9.40 19.26
C ASN X 117 -38.18 8.66 18.40
N LEU X 118 -38.22 8.80 17.08
CA LEU X 118 -37.08 8.41 16.29
C LEU X 118 -36.53 9.53 15.44
N ALA X 119 -37.04 10.74 15.60
CA ALA X 119 -36.25 11.89 15.19
C ALA X 119 -34.99 11.99 16.02
N LEU X 120 -35.06 11.55 17.27
CA LEU X 120 -33.90 11.45 18.16
C LEU X 120 -33.67 9.98 18.44
N GLN X 121 -33.03 9.30 17.48
CA GLN X 121 -32.44 7.99 17.70
C GLN X 121 -31.16 7.82 16.93
N PHE X 122 -30.61 8.91 16.39
CA PHE X 122 -29.64 8.82 15.30
C PHE X 122 -28.31 8.26 15.77
N GLY X 123 -27.90 8.58 16.98
CA GLY X 123 -26.70 7.97 17.53
C GLY X 123 -27.00 7.31 18.85
N GLU X 124 -28.28 7.26 19.20
CA GLU X 124 -28.73 6.80 20.51
C GLU X 124 -29.02 5.30 20.53
N GLU X 125 -28.44 4.54 19.61
CA GLU X 125 -28.64 3.10 19.55
C GLU X 125 -27.56 2.39 20.34
N ASP X 126 -27.97 1.48 21.22
CA ASP X 126 -27.11 0.59 21.99
C ASP X 126 -26.12 1.35 22.88
N SER X 133 -26.11 6.39 12.78
CA SER X 133 -26.59 7.09 11.59
C SER X 133 -26.63 8.58 11.84
N ARG X 134 -26.97 9.33 10.80
CA ARG X 134 -27.06 10.76 10.87
C ARG X 134 -28.44 11.20 11.35
N PRO X 135 -28.57 12.44 11.84
CA PRO X 135 -29.91 12.98 12.04
C PRO X 135 -30.60 13.23 10.72
N PHE X 136 -31.92 13.41 10.79
CA PHE X 136 -32.71 13.58 9.59
C PHE X 136 -32.59 15.00 9.07
N GLY X 137 -33.04 15.20 7.84
CA GLY X 137 -32.88 16.48 7.17
C GLY X 137 -34.18 17.15 6.77
N VAL X 138 -35.16 17.15 7.67
CA VAL X 138 -36.53 17.50 7.27
C VAL X 138 -37.25 18.14 8.45
N ALA X 139 -37.97 19.22 8.18
CA ALA X 139 -38.86 19.85 9.14
C ALA X 139 -40.30 19.62 8.72
N LEU X 140 -41.19 19.56 9.70
CA LEU X 140 -42.57 19.16 9.46
C LEU X 140 -43.54 20.13 10.11
N LEU X 141 -44.70 20.29 9.47
CA LEU X 141 -45.84 20.98 10.04
C LEU X 141 -47.02 20.01 10.08
N PHE X 142 -47.61 19.88 11.26
CA PHE X 142 -48.75 19.00 11.47
C PHE X 142 -49.96 19.81 11.88
N GLY X 143 -51.02 19.72 11.10
CA GLY X 143 -52.28 20.37 11.41
C GLY X 143 -53.38 19.34 11.50
N GLY X 144 -54.29 19.54 12.45
CA GLY X 144 -55.38 18.61 12.61
C GLY X 144 -56.42 19.14 13.55
N VAL X 145 -57.57 18.49 13.55
CA VAL X 145 -58.69 18.85 14.41
C VAL X 145 -58.93 17.66 15.33
N ASP X 146 -58.48 17.77 16.56
CA ASP X 146 -58.76 16.77 17.57
C ASP X 146 -59.84 17.30 18.52
N GLU X 147 -60.01 16.62 19.64
CA GLU X 147 -61.07 16.93 20.59
C GLU X 147 -60.86 18.27 21.29
N LYS X 148 -59.65 18.83 21.26
CA LYS X 148 -59.42 20.17 21.76
C LYS X 148 -59.51 21.23 20.67
N GLY X 149 -60.23 20.95 19.60
CA GLY X 149 -60.37 21.88 18.50
C GLY X 149 -59.30 21.68 17.45
N PRO X 150 -59.02 22.73 16.68
CA PRO X 150 -57.95 22.64 15.69
C PRO X 150 -56.59 22.88 16.32
N GLN X 151 -55.59 22.16 15.81
CA GLN X 151 -54.24 22.24 16.33
C GLN X 151 -53.23 22.37 15.20
N LEU X 152 -52.12 23.03 15.50
CA LEU X 152 -51.00 23.16 14.57
C LEU X 152 -49.70 23.02 15.33
N PHE X 153 -48.81 22.18 14.83
CA PHE X 153 -47.56 21.89 15.51
C PHE X 153 -46.40 21.96 14.53
N HIS X 154 -45.20 21.92 15.08
CA HIS X 154 -43.97 22.03 14.31
C HIS X 154 -42.87 21.28 15.01
N MET X 155 -42.05 20.57 14.25
CA MET X 155 -40.90 19.86 14.81
C MET X 155 -39.66 20.20 13.99
N ASP X 156 -38.56 19.56 14.33
CA ASP X 156 -37.27 19.83 13.71
C ASP X 156 -36.45 18.56 13.78
N PRO X 157 -35.32 18.48 13.07
CA PRO X 157 -34.43 17.33 13.22
C PRO X 157 -33.86 17.12 14.61
N SER X 158 -33.86 18.14 15.47
CA SER X 158 -33.45 17.94 16.85
C SER X 158 -34.58 17.40 17.71
N GLY X 159 -35.72 17.04 17.13
CA GLY X 159 -36.83 16.50 17.90
C GLY X 159 -37.54 17.49 18.80
N THR X 160 -37.18 18.76 18.75
CA THR X 160 -37.80 19.77 19.59
C THR X 160 -39.20 20.03 19.08
N PHE X 161 -40.17 19.50 19.81
CA PHE X 161 -41.57 19.59 19.43
C PHE X 161 -42.24 20.76 20.13
N VAL X 162 -43.07 21.49 19.40
CA VAL X 162 -43.61 22.76 19.88
C VAL X 162 -44.94 23.01 19.17
N GLN X 163 -45.77 23.87 19.75
CA GLN X 163 -47.02 24.29 19.16
C GLN X 163 -46.90 25.71 18.61
N CYS X 164 -47.38 25.90 17.40
CA CYS X 164 -47.34 27.21 16.76
C CYS X 164 -48.74 27.59 16.29
N ASP X 165 -49.01 28.89 16.29
CA ASP X 165 -50.30 29.40 15.85
C ASP X 165 -50.32 29.67 14.36
N ALA X 166 -49.20 30.14 13.81
CA ALA X 166 -49.06 30.28 12.37
C ALA X 166 -47.57 30.24 12.06
N ARG X 167 -47.14 29.22 11.34
CA ARG X 167 -45.73 28.94 11.17
C ARG X 167 -45.40 28.92 9.69
N ALA X 168 -44.16 29.30 9.35
CA ALA X 168 -43.69 29.21 7.98
C ALA X 168 -42.23 28.79 7.96
N ILE X 169 -41.93 27.73 7.24
CA ILE X 169 -40.60 27.14 7.24
C ILE X 169 -40.12 26.92 5.82
N GLY X 170 -38.96 26.28 5.69
CA GLY X 170 -38.30 26.14 4.41
C GLY X 170 -37.42 27.34 4.12
N SER X 171 -37.13 27.56 2.84
CA SER X 171 -36.57 28.83 2.45
C SER X 171 -37.65 29.91 2.58
N ALA X 172 -37.19 31.16 2.56
CA ALA X 172 -38.01 32.35 2.87
C ALA X 172 -38.70 32.22 4.22
N SER X 173 -38.00 31.61 5.17
CA SER X 173 -38.59 31.37 6.48
C SER X 173 -38.69 32.67 7.26
N GLU X 174 -37.57 33.38 7.39
CA GLU X 174 -37.56 34.62 8.15
C GLU X 174 -38.34 35.72 7.43
N GLY X 175 -38.29 35.72 6.11
CA GLY X 175 -39.03 36.72 5.35
C GLY X 175 -40.53 36.53 5.46
N ALA X 176 -40.99 35.30 5.65
CA ALA X 176 -42.40 35.08 5.84
C ALA X 176 -42.82 35.44 7.26
N GLN X 177 -42.07 34.95 8.25
CA GLN X 177 -42.44 35.09 9.66
C GLN X 177 -42.53 36.54 10.10
N SER X 178 -41.70 37.41 9.52
CA SER X 178 -41.80 38.83 9.85
C SER X 178 -43.08 39.43 9.29
N SER X 179 -43.43 39.06 8.06
CA SER X 179 -44.66 39.56 7.47
C SER X 179 -45.88 38.87 8.06
N LEU X 180 -45.72 37.64 8.53
CA LEU X 180 -46.86 36.87 9.01
C LEU X 180 -47.30 37.29 10.40
N GLN X 181 -46.42 37.86 11.20
CA GLN X 181 -46.83 38.37 12.50
C GLN X 181 -47.61 39.67 12.38
N GLU X 182 -47.59 40.30 11.21
CA GLU X 182 -48.29 41.56 11.06
C GLU X 182 -49.80 41.36 10.98
N VAL X 183 -50.24 40.31 10.30
CA VAL X 183 -51.65 40.17 9.95
C VAL X 183 -52.41 39.20 10.84
N TYR X 184 -51.71 38.39 11.64
CA TYR X 184 -52.39 37.39 12.43
C TYR X 184 -53.00 37.99 13.68
N HIS X 185 -54.20 37.53 14.00
CA HIS X 185 -54.82 37.83 15.28
C HIS X 185 -55.70 36.64 15.67
N LYS X 186 -56.24 36.69 16.88
CA LYS X 186 -56.93 35.53 17.42
C LYS X 186 -58.30 35.30 16.79
N SER X 187 -58.95 36.35 16.29
CA SER X 187 -60.33 36.27 15.83
C SER X 187 -60.43 36.16 14.32
N MET X 188 -59.48 35.48 13.68
CA MET X 188 -59.54 35.25 12.25
C MET X 188 -60.63 34.25 11.92
N THR X 189 -61.02 34.23 10.65
CA THR X 189 -61.87 33.16 10.13
C THR X 189 -61.07 32.35 9.12
N LEU X 190 -61.65 31.25 8.67
CA LEU X 190 -60.91 30.35 7.80
C LEU X 190 -60.79 30.91 6.39
N LYS X 191 -61.88 31.44 5.84
CA LYS X 191 -61.82 32.03 4.50
C LYS X 191 -60.98 33.29 4.47
N GLU X 192 -60.87 33.99 5.59
CA GLU X 192 -59.99 35.14 5.66
C GLU X 192 -58.53 34.71 5.65
N ALA X 193 -58.21 33.63 6.37
CA ALA X 193 -56.82 33.27 6.58
C ALA X 193 -56.23 32.58 5.36
N ILE X 194 -57.06 32.02 4.48
CA ILE X 194 -56.54 31.41 3.26
C ILE X 194 -56.02 32.48 2.32
N LYS X 195 -56.82 33.52 2.07
CA LYS X 195 -56.33 34.61 1.24
C LYS X 195 -55.34 35.48 1.97
N SER X 196 -55.29 35.41 3.30
CA SER X 196 -54.22 36.11 4.02
C SER X 196 -52.90 35.39 3.83
N SER X 197 -52.94 34.10 3.53
CA SER X 197 -51.72 33.31 3.42
C SER X 197 -51.03 33.54 2.10
N LEU X 198 -51.74 33.42 0.99
CA LEU X 198 -51.08 33.44 -0.31
C LEU X 198 -50.70 34.83 -0.77
N ILE X 199 -51.16 35.88 -0.08
CA ILE X 199 -50.56 37.20 -0.27
C ILE X 199 -49.10 37.15 0.12
N ILE X 200 -48.78 36.47 1.22
CA ILE X 200 -47.41 36.32 1.66
C ILE X 200 -46.62 35.47 0.67
N LEU X 201 -47.28 34.49 0.05
CA LEU X 201 -46.59 33.56 -0.85
C LEU X 201 -46.12 34.24 -2.12
N LYS X 202 -46.95 35.06 -2.73
CA LYS X 202 -46.51 35.73 -3.95
C LYS X 202 -45.53 36.84 -3.66
N GLN X 203 -45.43 37.29 -2.42
CA GLN X 203 -44.37 38.23 -2.07
C GLN X 203 -43.02 37.55 -1.97
N VAL X 204 -43.00 36.26 -1.64
CA VAL X 204 -41.75 35.60 -1.30
C VAL X 204 -41.31 34.58 -2.34
N MET X 205 -42.14 34.28 -3.31
CA MET X 205 -41.67 33.44 -4.40
C MET X 205 -41.26 34.32 -5.57
N GLU X 206 -40.71 33.68 -6.60
CA GLU X 206 -40.09 34.40 -7.70
C GLU X 206 -40.92 34.42 -8.96
N GLU X 207 -41.82 33.47 -9.14
CA GLU X 207 -42.65 33.39 -10.33
C GLU X 207 -43.96 34.12 -10.10
N LYS X 208 -44.62 34.44 -11.20
CA LYS X 208 -45.98 34.93 -11.11
C LYS X 208 -46.88 33.82 -10.60
N LEU X 209 -47.63 34.10 -9.55
CA LEU X 209 -48.42 33.07 -8.89
C LEU X 209 -49.61 32.68 -9.74
N ASN X 210 -49.75 31.39 -10.00
CA ASN X 210 -50.87 30.87 -10.78
C ASN X 210 -51.40 29.62 -10.10
N ALA X 211 -52.24 28.88 -10.84
CA ALA X 211 -52.84 27.66 -10.31
C ALA X 211 -51.91 26.47 -10.35
N THR X 212 -50.68 26.63 -10.82
CA THR X 212 -49.76 25.51 -10.93
C THR X 212 -48.54 25.65 -10.03
N ASN X 213 -48.38 26.77 -9.34
CA ASN X 213 -47.22 26.94 -8.49
C ASN X 213 -47.45 26.50 -7.07
N ILE X 214 -48.70 26.54 -6.59
CA ILE X 214 -49.01 26.31 -5.20
C ILE X 214 -50.11 25.26 -5.10
N GLU X 215 -50.36 24.81 -3.88
CA GLU X 215 -51.53 24.00 -3.58
C GLU X 215 -51.91 24.20 -2.13
N LEU X 216 -53.17 23.92 -1.81
CA LEU X 216 -53.73 24.19 -0.50
C LEU X 216 -54.20 22.91 0.16
N ALA X 217 -54.53 23.05 1.44
CA ALA X 217 -55.07 21.97 2.25
C ALA X 217 -55.74 22.61 3.45
N THR X 218 -57.02 22.33 3.66
CA THR X 218 -57.73 22.84 4.82
C THR X 218 -58.41 21.69 5.53
N VAL X 219 -58.36 21.68 6.85
CA VAL X 219 -59.13 20.74 7.64
C VAL X 219 -60.08 21.53 8.54
N GLN X 220 -61.31 21.05 8.62
CA GLN X 220 -62.39 21.68 9.37
C GLN X 220 -62.90 20.66 10.39
N PRO X 221 -63.60 21.10 11.44
CA PRO X 221 -64.20 20.14 12.38
C PRO X 221 -65.24 19.23 11.74
N GLY X 222 -66.25 19.80 11.10
CA GLY X 222 -67.27 18.99 10.48
C GLY X 222 -66.93 18.44 9.12
N GLN X 223 -65.73 18.76 8.62
CA GLN X 223 -65.33 18.42 7.27
C GLN X 223 -64.00 17.68 7.37
N ASN X 224 -64.00 16.55 8.07
CA ASN X 224 -62.83 15.70 8.15
C ASN X 224 -62.37 15.19 6.79
N PHE X 225 -63.26 15.13 5.81
CA PHE X 225 -62.86 14.86 4.45
C PHE X 225 -62.25 16.14 3.84
N HIS X 226 -61.55 15.95 2.71
CA HIS X 226 -61.14 17.02 1.79
C HIS X 226 -60.17 18.00 2.46
N MET X 227 -59.00 17.47 2.77
CA MET X 227 -57.84 18.31 3.11
C MET X 227 -57.13 18.81 1.86
N PHE X 228 -57.87 19.47 0.97
CA PHE X 228 -57.36 19.74 -0.35
C PHE X 228 -58.23 20.81 -0.99
N THR X 229 -57.72 21.42 -2.06
CA THR X 229 -58.52 22.21 -2.99
C THR X 229 -58.15 21.79 -4.40
N LYS X 230 -59.17 21.49 -5.21
CA LYS X 230 -58.97 20.99 -6.58
C LYS X 230 -59.63 21.95 -7.56
N GLU X 231 -58.87 22.93 -8.05
CA GLU X 231 -59.25 23.90 -9.09
C GLU X 231 -60.44 24.80 -8.73
N GLU X 232 -60.92 24.70 -7.50
CA GLU X 232 -61.48 25.85 -6.81
C GLU X 232 -60.38 26.82 -6.44
N LEU X 233 -59.14 26.32 -6.40
CA LEU X 233 -57.95 27.14 -6.20
C LEU X 233 -57.83 28.24 -7.25
N GLU X 234 -58.31 27.98 -8.47
CA GLU X 234 -58.34 29.01 -9.50
C GLU X 234 -59.27 30.15 -9.12
N GLU X 235 -60.33 29.85 -8.39
CA GLU X 235 -61.26 30.89 -7.96
C GLU X 235 -60.67 31.74 -6.85
N VAL X 236 -59.83 31.16 -6.01
CA VAL X 236 -59.25 31.91 -4.90
C VAL X 236 -58.20 32.89 -5.40
N ILE X 237 -57.52 32.54 -6.49
CA ILE X 237 -56.45 33.38 -7.04
C ILE X 237 -57.01 34.69 -7.59
N LYS X 238 -58.11 34.62 -8.33
CA LYS X 238 -58.73 35.84 -8.84
C LYS X 238 -59.43 36.63 -7.76
N ASP X 239 -59.61 36.08 -6.57
CA ASP X 239 -60.15 36.81 -5.42
C ASP X 239 -59.06 37.51 -4.62
N ILE X 240 -57.92 37.77 -5.23
CA ILE X 240 -56.79 38.42 -4.58
C ILE X 240 -57.16 39.88 -4.28
N ASN Y 9 -5.14 20.22 22.82
CA ASN Y 9 -6.39 20.06 22.09
C ASN Y 9 -6.51 18.69 21.46
N GLN Y 10 -5.37 17.99 21.35
CA GLN Y 10 -5.36 16.65 20.82
C GLN Y 10 -5.89 15.62 21.80
N TYR Y 11 -5.97 15.98 23.09
CA TYR Y 11 -6.61 15.14 24.08
C TYR Y 11 -8.10 15.42 24.18
N ASP Y 12 -8.57 16.42 23.46
CA ASP Y 12 -9.94 16.91 23.56
C ASP Y 12 -10.82 16.32 22.48
N ASN Y 13 -10.93 15.00 22.39
CA ASN Y 13 -11.76 14.43 21.34
C ASN Y 13 -12.72 13.36 21.83
N ASP Y 14 -12.31 12.52 22.77
CA ASP Y 14 -13.15 11.41 23.19
C ASP Y 14 -13.32 11.43 24.70
N VAL Y 15 -14.31 10.67 25.14
CA VAL Y 15 -14.54 10.54 26.57
C VAL Y 15 -13.49 9.61 27.19
N THR Y 16 -12.94 8.71 26.38
CA THR Y 16 -12.00 7.71 26.86
C THR Y 16 -10.66 8.33 27.23
N VAL Y 17 -10.23 9.37 26.51
CA VAL Y 17 -8.87 9.84 26.63
C VAL Y 17 -8.71 10.72 27.87
N TRP Y 18 -7.87 10.30 28.80
CA TRP Y 18 -7.47 11.17 29.90
C TRP Y 18 -6.57 12.28 29.41
N SER Y 19 -6.52 13.36 30.17
CA SER Y 19 -5.60 14.44 29.90
C SER Y 19 -4.30 14.20 30.64
N PRO Y 20 -3.22 14.89 30.26
CA PRO Y 20 -2.02 14.89 31.10
C PRO Y 20 -2.15 15.70 32.38
N GLN Y 21 -3.31 16.29 32.65
CA GLN Y 21 -3.58 16.91 33.93
C GLN Y 21 -4.63 16.15 34.73
N GLY Y 22 -5.23 15.12 34.15
CA GLY Y 22 -6.20 14.31 34.85
C GLY Y 22 -7.64 14.75 34.69
N ARG Y 23 -7.93 15.67 33.78
CA ARG Y 23 -9.27 16.21 33.62
C ARG Y 23 -9.80 15.82 32.25
N ILE Y 24 -10.85 15.01 32.21
CA ILE Y 24 -11.45 14.64 30.93
C ILE Y 24 -12.30 15.80 30.44
N HIS Y 25 -11.95 16.32 29.26
CA HIS Y 25 -12.58 17.55 28.79
C HIS Y 25 -14.01 17.35 28.28
N GLN Y 26 -14.36 16.14 27.84
CA GLN Y 26 -15.69 15.92 27.29
C GLN Y 26 -16.75 16.00 28.37
N ILE Y 27 -16.45 15.55 29.59
CA ILE Y 27 -17.36 15.75 30.71
C ILE Y 27 -17.41 17.23 31.07
N GLU Y 28 -16.27 17.93 30.97
CA GLU Y 28 -16.25 19.36 31.26
C GLU Y 28 -17.05 20.17 30.25
N TYR Y 29 -17.24 19.64 29.05
CA TYR Y 29 -18.01 20.38 28.05
C TYR Y 29 -19.49 20.18 28.22
N ALA Y 30 -19.90 19.02 28.74
CA ALA Y 30 -21.32 18.78 28.94
C ALA Y 30 -21.87 19.58 30.10
N MET Y 31 -21.01 20.00 31.02
CA MET Y 31 -21.42 20.97 32.03
C MET Y 31 -21.84 22.29 31.40
N GLU Y 32 -21.20 22.67 30.29
CA GLU Y 32 -21.52 23.92 29.64
C GLU Y 32 -22.84 23.87 28.90
N ALA Y 33 -23.28 22.68 28.50
CA ALA Y 33 -24.57 22.54 27.85
C ALA Y 33 -25.73 22.77 28.82
N VAL Y 34 -25.51 22.59 30.11
CA VAL Y 34 -26.55 22.86 31.09
C VAL Y 34 -26.79 24.36 31.20
N LYS Y 35 -25.75 25.16 31.02
CA LYS Y 35 -25.90 26.61 31.11
C LYS Y 35 -26.59 27.22 29.91
N GLN Y 36 -26.85 26.44 28.86
CA GLN Y 36 -27.59 26.95 27.73
C GLN Y 36 -29.08 27.06 27.99
N GLY Y 37 -29.64 26.20 28.84
CA GLY Y 37 -31.04 26.26 29.16
C GLY Y 37 -31.36 27.38 30.12
N SER Y 38 -32.66 27.57 30.35
CA SER Y 38 -33.07 28.66 31.22
C SER Y 38 -32.88 28.27 32.69
N ALA Y 39 -33.14 29.22 33.57
CA ALA Y 39 -32.94 29.00 34.99
C ALA Y 39 -34.17 28.35 35.61
N THR Y 40 -33.94 27.63 36.71
CA THR Y 40 -35.01 26.98 37.45
C THR Y 40 -34.55 26.82 38.89
N VAL Y 41 -35.51 26.90 39.82
CA VAL Y 41 -35.24 27.04 41.24
C VAL Y 41 -36.08 26.03 42.00
N GLY Y 42 -35.44 25.22 42.84
CA GLY Y 42 -36.14 24.30 43.72
C GLY Y 42 -35.77 24.55 45.17
N LEU Y 43 -36.74 24.30 46.05
CA LEU Y 43 -36.56 24.50 47.49
C LEU Y 43 -37.61 23.71 48.24
N LYS Y 44 -37.45 23.65 49.56
CA LYS Y 44 -38.38 22.86 50.35
C LYS Y 44 -38.50 23.43 51.76
N SER Y 45 -39.68 23.21 52.34
CA SER Y 45 -39.96 23.42 53.75
C SER Y 45 -39.84 22.09 54.48
N LYS Y 46 -40.33 22.06 55.72
CA LYS Y 46 -40.47 20.77 56.39
C LYS Y 46 -41.54 19.91 55.77
N THR Y 47 -42.58 20.54 55.19
CA THR Y 47 -43.70 19.79 54.66
C THR Y 47 -43.90 19.94 53.16
N HIS Y 48 -43.29 20.92 52.50
CA HIS Y 48 -43.61 21.15 51.11
C HIS Y 48 -42.36 21.46 50.30
N ALA Y 49 -42.22 20.74 49.20
CA ALA Y 49 -41.11 20.90 48.28
C ALA Y 49 -41.64 21.47 46.98
N VAL Y 50 -41.15 22.65 46.62
CA VAL Y 50 -41.66 23.41 45.48
C VAL Y 50 -40.50 23.71 44.55
N LEU Y 51 -40.66 23.36 43.28
CA LEU Y 51 -39.71 23.73 42.25
C LEU Y 51 -40.39 24.62 41.21
N VAL Y 52 -39.74 25.72 40.87
CA VAL Y 52 -40.29 26.74 39.99
C VAL Y 52 -39.32 26.96 38.84
N ALA Y 53 -39.83 26.93 37.62
CA ALA Y 53 -38.99 27.06 36.43
C ALA Y 53 -39.43 28.25 35.59
N LEU Y 54 -38.60 28.58 34.61
CA LEU Y 54 -38.81 29.73 33.74
C LEU Y 54 -38.94 29.24 32.30
N LYS Y 55 -40.07 29.55 31.68
CA LYS Y 55 -40.27 29.18 30.28
C LYS Y 55 -39.50 30.14 29.37
N ARG Y 56 -39.27 29.69 28.14
CA ARG Y 56 -38.65 30.52 27.13
C ARG Y 56 -39.44 30.41 25.84
N ALA Y 57 -39.75 31.56 25.24
CA ALA Y 57 -40.45 31.62 23.97
C ALA Y 57 -39.51 31.29 22.82
N GLN Y 58 -40.07 30.66 21.79
CA GLN Y 58 -39.33 30.45 20.56
C GLN Y 58 -39.55 31.59 19.58
N SER Y 59 -40.80 31.98 19.37
CA SER Y 59 -41.13 33.16 18.60
C SER Y 59 -42.18 33.97 19.34
N GLU Y 60 -42.75 34.97 18.69
CA GLU Y 60 -43.72 35.83 19.35
C GLU Y 60 -45.06 35.13 19.52
N LEU Y 61 -45.40 34.24 18.60
CA LEU Y 61 -46.71 33.62 18.64
C LEU Y 61 -46.67 32.11 18.86
N ALA Y 62 -45.49 31.50 18.88
CA ALA Y 62 -45.39 30.10 19.24
C ALA Y 62 -45.60 29.94 20.74
N ALA Y 63 -45.97 28.73 21.15
CA ALA Y 63 -46.14 28.45 22.56
C ALA Y 63 -44.78 28.38 23.26
N HIS Y 64 -44.79 28.56 24.57
CA HIS Y 64 -43.57 28.49 25.35
C HIS Y 64 -43.27 27.04 25.69
N GLN Y 65 -42.00 26.67 25.58
CA GLN Y 65 -41.60 25.29 25.79
C GLN Y 65 -41.63 24.95 27.27
N LYS Y 66 -42.22 23.82 27.61
CA LYS Y 66 -42.45 23.46 28.99
C LYS Y 66 -41.19 22.92 29.65
N LYS Y 67 -41.11 23.09 30.95
CA LYS Y 67 -39.96 22.65 31.74
C LYS Y 67 -40.32 21.61 32.78
N ILE Y 68 -41.30 21.88 33.62
CA ILE Y 68 -41.65 20.96 34.69
C ILE Y 68 -42.54 19.87 34.12
N LEU Y 69 -42.25 18.62 34.45
CA LEU Y 69 -43.05 17.53 33.94
C LEU Y 69 -43.26 16.46 35.00
N HIS Y 70 -44.46 15.90 35.00
CA HIS Y 70 -44.89 14.93 35.99
C HIS Y 70 -44.23 13.58 35.76
N VAL Y 71 -43.89 12.90 36.86
CA VAL Y 71 -43.28 11.58 36.79
C VAL Y 71 -44.17 10.57 37.48
N ASP Y 72 -44.45 10.80 38.76
CA ASP Y 72 -45.30 9.91 39.54
C ASP Y 72 -46.12 10.79 40.46
N ASN Y 73 -46.97 10.17 41.29
CA ASN Y 73 -47.85 10.92 42.18
C ASN Y 73 -47.11 11.59 43.33
N HIS Y 74 -45.83 11.30 43.51
CA HIS Y 74 -45.05 11.90 44.57
C HIS Y 74 -43.70 12.41 44.09
N ILE Y 75 -43.43 12.36 42.79
CA ILE Y 75 -42.15 12.81 42.22
C ILE Y 75 -42.44 13.62 40.96
N GLY Y 76 -41.88 14.81 40.89
CA GLY Y 76 -41.85 15.55 39.64
C GLY Y 76 -40.50 16.22 39.46
N ILE Y 77 -40.08 16.35 38.20
CA ILE Y 77 -38.73 16.82 37.91
C ILE Y 77 -38.79 18.07 37.04
N SER Y 78 -37.73 18.86 37.13
CA SER Y 78 -37.49 19.99 36.25
C SER Y 78 -36.41 19.61 35.24
N ILE Y 79 -36.03 20.54 34.38
CA ILE Y 79 -35.16 20.18 33.26
C ILE Y 79 -34.30 21.37 32.87
N ALA Y 80 -33.11 21.09 32.37
CA ALA Y 80 -32.20 22.08 31.81
C ALA Y 80 -31.18 21.35 30.94
N GLY Y 81 -31.04 21.79 29.69
CA GLY Y 81 -30.12 21.15 28.77
C GLY Y 81 -30.85 20.60 27.55
N LEU Y 82 -30.28 19.55 26.97
CA LEU Y 82 -30.78 19.02 25.72
C LEU Y 82 -32.15 18.36 25.90
N THR Y 83 -33.07 18.67 25.00
CA THR Y 83 -34.38 18.03 25.03
C THR Y 83 -34.32 16.59 24.54
N ALA Y 84 -33.24 16.21 23.86
CA ALA Y 84 -33.07 14.82 23.48
C ALA Y 84 -32.87 13.94 24.70
N ASP Y 85 -31.93 14.32 25.56
CA ASP Y 85 -31.68 13.56 26.78
C ASP Y 85 -32.73 13.81 27.85
N ALA Y 86 -33.59 14.80 27.66
CA ALA Y 86 -34.66 15.05 28.60
C ALA Y 86 -35.69 13.93 28.56
N ARG Y 87 -36.29 13.70 27.40
CA ARG Y 87 -37.28 12.63 27.28
C ARG Y 87 -36.64 11.25 27.33
N LEU Y 88 -35.34 11.16 27.08
CA LEU Y 88 -34.68 9.87 27.13
C LEU Y 88 -34.52 9.41 28.57
N LEU Y 89 -34.18 10.34 29.48
CA LEU Y 89 -34.13 9.97 30.89
C LEU Y 89 -35.51 9.93 31.52
N CYS Y 90 -36.46 10.66 30.96
CA CYS Y 90 -37.82 10.63 31.51
C CYS Y 90 -38.47 9.28 31.31
N ASN Y 91 -38.27 8.68 30.13
CA ASN Y 91 -38.85 7.37 29.86
C ASN Y 91 -38.20 6.29 30.70
N PHE Y 92 -36.92 6.46 31.03
CA PHE Y 92 -36.30 5.58 32.01
C PHE Y 92 -36.80 5.87 33.41
N MET Y 93 -37.15 7.12 33.68
CA MET Y 93 -37.59 7.50 35.02
C MET Y 93 -38.98 6.92 35.31
N ARG Y 94 -39.89 7.04 34.35
CA ARG Y 94 -41.26 6.59 34.57
C ARG Y 94 -41.34 5.07 34.63
N GLN Y 95 -40.41 4.39 33.96
CA GLN Y 95 -40.45 2.93 33.93
C GLN Y 95 -40.09 2.34 35.28
N GLU Y 96 -39.13 2.94 35.97
CA GLU Y 96 -38.70 2.40 37.26
C GLU Y 96 -39.72 2.65 38.35
N CYS Y 97 -40.51 3.70 38.23
CA CYS Y 97 -41.47 4.03 39.28
C CYS Y 97 -42.62 3.05 39.29
N LEU Y 98 -43.14 2.68 38.12
CA LEU Y 98 -44.26 1.75 38.10
C LEU Y 98 -43.83 0.32 38.29
N ASP Y 99 -42.53 0.02 38.23
CA ASP Y 99 -42.09 -1.32 38.56
C ASP Y 99 -42.16 -1.59 40.06
N SER Y 100 -41.80 -0.60 40.87
CA SER Y 100 -41.96 -0.74 42.31
C SER Y 100 -43.43 -0.76 42.71
N ARG Y 101 -44.28 -0.10 41.92
CA ARG Y 101 -45.71 -0.22 42.14
C ARG Y 101 -46.20 -1.61 41.74
N PHE Y 102 -45.59 -2.20 40.72
CA PHE Y 102 -46.04 -3.50 40.26
C PHE Y 102 -45.50 -4.62 41.13
N VAL Y 103 -44.27 -4.50 41.59
CA VAL Y 103 -43.64 -5.61 42.28
C VAL Y 103 -43.85 -5.49 43.78
N PHE Y 104 -43.42 -4.37 44.34
CA PHE Y 104 -43.45 -4.19 45.78
C PHE Y 104 -44.74 -3.58 46.27
N ASP Y 105 -45.54 -3.03 45.37
CA ASP Y 105 -46.80 -2.34 45.66
C ASP Y 105 -46.58 -1.20 46.66
N ARG Y 106 -45.50 -0.46 46.48
CA ARG Y 106 -45.22 0.73 47.25
C ARG Y 106 -44.64 1.77 46.30
N PRO Y 107 -44.71 3.05 46.66
CA PRO Y 107 -43.95 4.03 45.89
C PRO Y 107 -42.47 3.93 46.21
N LEU Y 108 -41.66 4.34 45.25
CA LEU Y 108 -40.22 4.32 45.43
C LEU Y 108 -39.77 5.32 46.48
N PRO Y 109 -38.74 4.98 47.25
CA PRO Y 109 -37.97 6.01 47.94
C PRO Y 109 -37.29 6.88 46.92
N VAL Y 110 -37.31 8.19 47.16
CA VAL Y 110 -36.80 9.14 46.19
C VAL Y 110 -35.28 9.05 46.12
N SER Y 111 -34.63 8.73 47.24
CA SER Y 111 -33.18 8.73 47.28
C SER Y 111 -32.60 7.60 46.46
N ARG Y 112 -33.19 6.41 46.52
CA ARG Y 112 -32.63 5.31 45.76
C ARG Y 112 -33.09 5.28 44.33
N LEU Y 113 -34.02 6.15 43.93
CA LEU Y 113 -34.29 6.32 42.51
C LEU Y 113 -33.15 7.06 41.83
N VAL Y 114 -32.58 8.05 42.51
CA VAL Y 114 -31.55 8.89 41.92
C VAL Y 114 -30.25 8.12 41.78
N SER Y 115 -30.02 7.14 42.66
CA SER Y 115 -28.85 6.28 42.52
C SER Y 115 -28.96 5.39 41.30
N LEU Y 116 -30.18 5.11 40.83
CA LEU Y 116 -30.33 4.41 39.57
C LEU Y 116 -29.96 5.30 38.38
N ILE Y 117 -30.19 6.60 38.52
CA ILE Y 117 -29.86 7.52 37.44
C ILE Y 117 -28.35 7.68 37.33
N GLY Y 118 -27.65 7.73 38.46
CA GLY Y 118 -26.20 7.84 38.43
C GLY Y 118 -25.54 6.60 37.88
N SER Y 119 -26.14 5.43 38.12
CA SER Y 119 -25.65 4.22 37.46
C SER Y 119 -26.01 4.21 35.98
N LYS Y 120 -27.11 4.87 35.60
CA LYS Y 120 -27.52 4.95 34.21
C LYS Y 120 -26.59 5.83 33.40
N THR Y 121 -26.27 7.01 33.91
CA THR Y 121 -25.45 7.95 33.17
C THR Y 121 -23.95 7.70 33.31
N GLN Y 122 -23.54 6.76 34.15
CA GLN Y 122 -22.12 6.45 34.32
C GLN Y 122 -21.54 5.76 33.10
N ILE Y 123 -22.22 4.69 32.63
CA ILE Y 123 -21.72 3.92 31.50
C ILE Y 123 -21.43 4.72 30.22
N PRO Y 124 -22.33 5.60 29.74
CA PRO Y 124 -21.90 6.44 28.60
C PRO Y 124 -20.83 7.50 28.90
N THR Y 125 -20.40 7.65 30.13
CA THR Y 125 -19.22 8.47 30.43
C THR Y 125 -17.94 7.68 30.49
N GLN Y 126 -17.96 6.39 30.17
CA GLN Y 126 -16.70 5.66 30.19
C GLN Y 126 -16.45 4.83 28.93
N ARG Y 127 -17.48 4.20 28.40
CA ARG Y 127 -17.25 3.42 27.20
C ARG Y 127 -17.31 4.31 25.96
N TYR Y 128 -16.57 3.92 24.94
CA TYR Y 128 -16.53 4.72 23.73
C TYR Y 128 -17.74 4.42 22.87
N GLY Y 129 -18.26 5.45 22.21
CA GLY Y 129 -19.33 5.24 21.25
C GLY Y 129 -20.63 5.87 21.67
N ARG Y 130 -20.60 6.65 22.75
CA ARG Y 130 -21.80 7.28 23.27
C ARG Y 130 -21.42 8.49 24.08
N ARG Y 131 -22.05 9.61 23.79
CA ARG Y 131 -21.77 10.84 24.51
C ARG Y 131 -22.40 10.81 25.90
N PRO Y 132 -21.93 11.65 26.81
CA PRO Y 132 -22.65 11.83 28.07
C PRO Y 132 -23.97 12.54 27.84
N TYR Y 133 -24.83 12.44 28.84
CA TYR Y 133 -26.16 13.04 28.78
C TYR Y 133 -26.07 14.48 29.25
N GLY Y 134 -26.22 15.43 28.34
CA GLY Y 134 -26.21 16.81 28.76
C GLY Y 134 -27.57 17.22 29.27
N VAL Y 135 -27.72 17.28 30.59
CA VAL Y 135 -29.03 17.42 31.21
C VAL Y 135 -28.83 17.96 32.62
N GLY Y 136 -29.87 18.57 33.17
CA GLY Y 136 -29.80 19.34 34.40
C GLY Y 136 -30.87 19.07 35.42
N LEU Y 137 -31.17 17.80 35.71
CA LEU Y 137 -32.34 17.42 36.49
C LEU Y 137 -32.37 18.01 37.90
N LEU Y 138 -33.52 18.57 38.27
CA LEU Y 138 -33.87 18.89 39.64
C LEU Y 138 -35.07 18.06 40.03
N ILE Y 139 -34.99 17.36 41.16
CA ILE Y 139 -35.97 16.36 41.53
C ILE Y 139 -36.58 16.74 42.88
N ALA Y 140 -37.92 16.71 42.95
CA ALA Y 140 -38.65 16.87 44.20
C ALA Y 140 -39.42 15.60 44.50
N GLY Y 141 -39.56 15.27 45.78
CA GLY Y 141 -40.16 13.99 46.10
C GLY Y 141 -40.65 13.85 47.52
N TYR Y 142 -41.30 12.70 47.76
CA TYR Y 142 -41.75 12.30 49.09
C TYR Y 142 -41.53 10.81 49.29
N ASP Y 143 -40.52 10.47 50.05
CA ASP Y 143 -40.43 9.14 50.63
C ASP Y 143 -41.08 9.20 52.03
N ASP Y 144 -40.82 8.20 52.86
CA ASP Y 144 -41.39 8.19 54.20
C ASP Y 144 -40.76 9.23 55.13
N MET Y 145 -39.63 9.81 54.76
CA MET Y 145 -38.92 10.74 55.62
C MET Y 145 -38.97 12.17 55.10
N GLY Y 146 -40.04 12.53 54.39
CA GLY Y 146 -40.31 13.91 54.11
C GLY Y 146 -39.86 14.36 52.73
N PRO Y 147 -39.86 15.66 52.50
CA PRO Y 147 -39.51 16.20 51.18
C PRO Y 147 -38.02 16.13 50.91
N HIS Y 148 -37.69 16.18 49.63
CA HIS Y 148 -36.31 16.14 49.18
C HIS Y 148 -36.16 17.01 47.94
N ILE Y 149 -35.00 17.65 47.83
CA ILE Y 149 -34.61 18.35 46.62
C ILE Y 149 -33.26 17.80 46.19
N PHE Y 150 -33.21 17.25 44.99
CA PHE Y 150 -32.00 16.65 44.46
C PHE Y 150 -31.61 17.37 43.18
N GLN Y 151 -30.32 17.45 42.90
CA GLN Y 151 -29.87 17.82 41.57
C GLN Y 151 -28.90 16.78 41.07
N THR Y 152 -28.79 16.71 39.76
CA THR Y 152 -27.82 15.88 39.10
C THR Y 152 -26.92 16.75 38.23
N CYS Y 153 -26.08 16.08 37.45
CA CYS Y 153 -25.12 16.72 36.57
C CYS Y 153 -24.70 15.68 35.54
N PRO Y 154 -24.20 16.11 34.38
CA PRO Y 154 -23.71 15.13 33.40
C PRO Y 154 -22.48 14.37 33.85
N SER Y 155 -21.80 14.79 34.91
CA SER Y 155 -20.74 14.00 35.50
C SER Y 155 -21.27 12.98 36.50
N ALA Y 156 -22.58 12.80 36.58
CA ALA Y 156 -23.26 11.78 37.39
C ALA Y 156 -23.03 11.95 38.89
N ASN Y 157 -22.71 13.15 39.34
CA ASN Y 157 -22.55 13.43 40.77
C ASN Y 157 -23.84 14.04 41.27
N TYR Y 158 -24.72 13.20 41.80
CA TYR Y 158 -25.99 13.70 42.30
C TYR Y 158 -25.85 14.21 43.72
N PHE Y 159 -26.49 15.35 43.99
CA PHE Y 159 -26.30 16.07 45.23
C PHE Y 159 -27.64 16.17 45.95
N ASP Y 160 -27.65 15.87 47.23
CA ASP Y 160 -28.77 16.25 48.08
C ASP Y 160 -28.59 17.71 48.48
N CYS Y 161 -29.69 18.45 48.48
CA CYS Y 161 -29.64 19.86 48.79
C CYS Y 161 -30.97 20.30 49.36
N ARG Y 162 -30.97 21.48 49.99
CA ARG Y 162 -32.18 22.07 50.53
C ARG Y 162 -32.71 23.23 49.70
N ALA Y 163 -31.88 23.78 48.81
CA ALA Y 163 -32.30 24.76 47.82
C ALA Y 163 -31.23 24.78 46.75
N MET Y 164 -31.64 24.99 45.50
CA MET Y 164 -30.70 24.92 44.39
C MET Y 164 -31.27 25.67 43.20
N SER Y 165 -30.38 26.24 42.40
CA SER Y 165 -30.79 26.87 41.16
C SER Y 165 -29.73 26.66 40.10
N ILE Y 166 -30.13 26.12 38.95
CA ILE Y 166 -29.22 25.81 37.87
C ILE Y 166 -29.78 26.33 36.55
N GLY Y 167 -28.88 26.54 35.59
CA GLY Y 167 -29.26 27.05 34.28
C GLY Y 167 -28.46 28.28 33.91
N ALA Y 168 -28.98 29.09 32.99
CA ALA Y 168 -28.29 30.31 32.60
C ALA Y 168 -28.44 31.37 33.68
N ARG Y 169 -27.34 32.09 33.95
CA ARG Y 169 -27.13 33.11 34.97
C ARG Y 169 -27.76 32.78 36.32
N SER Y 170 -27.67 31.51 36.73
CA SER Y 170 -28.34 31.06 37.92
C SER Y 170 -27.56 31.33 39.20
N GLN Y 171 -26.43 32.01 39.10
CA GLN Y 171 -25.68 32.35 40.31
C GLN Y 171 -26.41 33.40 41.13
N SER Y 172 -27.06 34.35 40.46
CA SER Y 172 -27.77 35.40 41.17
C SER Y 172 -28.96 34.85 41.94
N ALA Y 173 -29.51 33.72 41.51
CA ALA Y 173 -30.54 33.07 42.31
C ALA Y 173 -29.94 32.38 43.52
N ARG Y 174 -28.72 31.84 43.40
CA ARG Y 174 -28.10 31.15 44.53
C ARG Y 174 -27.74 32.12 45.64
N THR Y 175 -27.30 33.32 45.29
CA THR Y 175 -26.95 34.31 46.30
C THR Y 175 -28.18 34.80 47.05
N TYR Y 176 -29.34 34.80 46.39
CA TYR Y 176 -30.58 35.10 47.09
C TYR Y 176 -30.93 34.00 48.09
N LEU Y 177 -30.71 32.74 47.70
CA LEU Y 177 -31.13 31.62 48.52
C LEU Y 177 -30.26 31.45 49.76
N GLU Y 178 -29.01 31.89 49.72
CA GLU Y 178 -28.13 31.68 50.87
C GLU Y 178 -28.52 32.60 52.02
N ARG Y 179 -28.99 33.79 51.73
CA ARG Y 179 -29.40 34.72 52.77
C ARG Y 179 -30.87 34.59 53.12
N HIS Y 180 -31.53 33.52 52.67
CA HIS Y 180 -32.90 33.26 53.09
C HIS Y 180 -33.16 31.79 53.38
N MET Y 181 -32.13 30.94 53.34
CA MET Y 181 -32.32 29.51 53.57
C MET Y 181 -32.71 29.18 55.01
N SER Y 182 -32.42 30.08 55.95
CA SER Y 182 -32.88 29.88 57.32
C SER Y 182 -34.38 30.09 57.44
N GLU Y 183 -34.96 30.89 56.56
CA GLU Y 183 -36.39 31.20 56.63
C GLU Y 183 -37.27 30.14 56.01
N PHE Y 184 -36.70 29.14 55.34
CA PHE Y 184 -37.49 28.28 54.47
C PHE Y 184 -38.14 27.13 55.20
N MET Y 185 -37.58 26.70 56.33
CA MET Y 185 -38.10 25.50 56.98
C MET Y 185 -39.40 25.75 57.73
N GLU Y 186 -39.78 27.01 57.94
CA GLU Y 186 -40.90 27.32 58.82
C GLU Y 186 -42.11 27.89 58.12
N CYS Y 187 -41.97 28.44 56.92
CA CYS Y 187 -43.09 29.10 56.28
C CYS Y 187 -44.04 28.07 55.69
N ASN Y 188 -45.27 28.52 55.44
CA ASN Y 188 -46.32 27.62 54.94
C ASN Y 188 -46.19 27.42 53.45
N LEU Y 189 -47.25 26.90 52.81
CA LEU Y 189 -47.22 26.66 51.37
C LEU Y 189 -47.15 27.96 50.59
N ASN Y 190 -47.72 29.03 51.15
CA ASN Y 190 -48.01 30.19 50.32
C ASN Y 190 -46.77 31.03 50.06
N GLU Y 191 -46.14 31.56 51.10
CA GLU Y 191 -44.98 32.39 50.85
C GLU Y 191 -43.73 31.60 50.51
N LEU Y 192 -43.72 30.28 50.75
CA LEU Y 192 -42.62 29.45 50.28
C LEU Y 192 -42.52 29.49 48.76
N VAL Y 193 -43.67 29.50 48.09
CA VAL Y 193 -43.70 29.65 46.64
C VAL Y 193 -43.16 31.01 46.25
N LYS Y 194 -43.63 32.07 46.90
CA LYS Y 194 -43.13 33.39 46.54
C LYS Y 194 -41.89 33.78 47.33
N HIS Y 195 -41.32 32.88 48.12
CA HIS Y 195 -39.89 33.00 48.37
C HIS Y 195 -39.09 32.53 47.16
N GLY Y 196 -39.60 31.51 46.48
CA GLY Y 196 -38.89 30.90 45.37
C GLY Y 196 -38.89 31.73 44.12
N LEU Y 197 -40.02 32.35 43.79
CA LEU Y 197 -40.07 33.16 42.58
C LEU Y 197 -39.61 34.58 42.82
N ARG Y 198 -39.22 34.93 44.05
CA ARG Y 198 -38.37 36.11 44.21
C ARG Y 198 -36.95 35.82 43.79
N ALA Y 199 -36.57 34.55 43.68
CA ALA Y 199 -35.22 34.22 43.26
C ALA Y 199 -35.07 34.17 41.75
N LEU Y 200 -36.15 33.88 41.01
CA LEU Y 200 -36.03 33.80 39.56
C LEU Y 200 -35.86 35.17 38.93
N ARG Y 201 -36.38 36.21 39.58
CA ARG Y 201 -36.39 37.53 38.98
C ARG Y 201 -35.02 38.20 39.00
N GLU Y 202 -34.04 37.64 39.70
CA GLU Y 202 -32.65 38.09 39.55
C GLU Y 202 -31.92 37.33 38.45
N THR Y 203 -32.49 36.25 37.96
CA THR Y 203 -31.99 35.62 36.75
C THR Y 203 -32.59 36.21 35.49
N LEU Y 204 -33.24 37.35 35.62
CA LEU Y 204 -33.80 38.09 34.51
C LEU Y 204 -33.07 39.41 34.34
N PRO Y 205 -32.85 39.85 33.12
CA PRO Y 205 -32.48 41.24 32.88
C PRO Y 205 -33.57 42.18 33.39
N ALA Y 206 -33.16 43.29 33.96
CA ALA Y 206 -34.01 44.18 34.75
C ALA Y 206 -35.05 44.92 33.94
N GLU Y 207 -35.19 44.74 32.62
CA GLU Y 207 -36.15 45.49 31.85
C GLU Y 207 -37.46 44.74 31.61
N GLN Y 208 -37.48 43.42 31.79
CA GLN Y 208 -38.72 42.67 31.63
C GLN Y 208 -39.10 42.02 32.96
N ASP Y 209 -40.36 41.59 33.02
CA ASP Y 209 -40.98 41.16 34.26
C ASP Y 209 -41.43 39.72 34.14
N LEU Y 210 -41.52 39.05 35.28
CA LEU Y 210 -41.99 37.67 35.36
C LEU Y 210 -43.51 37.70 35.20
N THR Y 211 -43.99 37.35 34.01
CA THR Y 211 -45.41 37.42 33.70
C THR Y 211 -46.08 36.08 33.99
N THR Y 212 -47.31 35.91 33.49
CA THR Y 212 -48.03 34.65 33.69
C THR Y 212 -47.63 33.62 32.65
N LYS Y 213 -47.37 34.06 31.42
CA LYS Y 213 -47.20 33.13 30.31
C LYS Y 213 -45.83 32.49 30.25
N ASN Y 214 -44.91 32.85 31.13
CA ASN Y 214 -43.53 32.39 31.00
C ASN Y 214 -43.00 31.66 32.23
N VAL Y 215 -43.86 31.25 33.16
CA VAL Y 215 -43.40 30.64 34.39
C VAL Y 215 -44.30 29.45 34.71
N SER Y 216 -43.71 28.41 35.30
CA SER Y 216 -44.44 27.24 35.76
C SER Y 216 -44.07 26.96 37.21
N ILE Y 217 -45.02 26.44 37.96
CA ILE Y 217 -44.82 26.12 39.37
C ILE Y 217 -45.36 24.72 39.62
N GLY Y 218 -44.53 23.84 40.16
CA GLY Y 218 -44.94 22.51 40.55
C GLY Y 218 -44.77 22.33 42.05
N ILE Y 219 -45.81 21.80 42.70
CA ILE Y 219 -45.81 21.57 44.14
C ILE Y 219 -46.15 20.12 44.39
N VAL Y 220 -45.33 19.44 45.19
CA VAL Y 220 -45.72 18.18 45.81
C VAL Y 220 -45.69 18.38 47.32
N GLY Y 221 -46.70 17.86 48.01
CA GLY Y 221 -46.87 18.11 49.43
C GLY Y 221 -46.98 16.81 50.19
N LYS Y 222 -46.97 16.94 51.52
CA LYS Y 222 -47.06 15.77 52.38
C LYS Y 222 -48.42 15.09 52.25
N ASP Y 223 -49.48 15.87 52.09
CA ASP Y 223 -50.79 15.33 51.74
C ASP Y 223 -51.24 15.76 50.35
N LEU Y 224 -50.30 16.21 49.51
CA LEU Y 224 -50.64 16.78 48.22
C LEU Y 224 -49.89 16.05 47.11
N GLU Y 225 -50.64 15.59 46.12
CA GLU Y 225 -50.04 14.97 44.94
C GLU Y 225 -49.33 16.04 44.11
N PHE Y 226 -48.32 15.60 43.35
CA PHE Y 226 -47.54 16.53 42.55
C PHE Y 226 -48.38 17.16 41.44
N THR Y 227 -48.48 18.48 41.48
CA THR Y 227 -49.40 19.22 40.62
C THR Y 227 -48.65 20.30 39.88
N ILE Y 228 -48.88 20.41 38.58
CA ILE Y 228 -48.24 21.40 37.72
C ILE Y 228 -49.24 22.49 37.41
N TYR Y 229 -48.87 23.73 37.69
CA TYR Y 229 -49.71 24.88 37.36
C TYR Y 229 -49.08 25.68 36.24
N ASP Y 230 -49.92 26.28 35.41
CA ASP Y 230 -49.45 27.00 34.23
C ASP Y 230 -50.50 27.99 33.76
N ASP Y 231 -50.12 29.26 33.73
CA ASP Y 231 -50.70 30.35 32.94
C ASP Y 231 -52.08 30.82 33.42
N ASP Y 232 -52.73 30.09 34.28
CA ASP Y 232 -54.00 30.56 34.82
C ASP Y 232 -54.05 30.48 36.33
N ASP Y 233 -53.50 29.43 36.91
CA ASP Y 233 -53.43 29.28 38.35
C ASP Y 233 -52.15 29.87 38.91
N VAL Y 234 -51.32 30.45 38.06
CA VAL Y 234 -50.16 31.20 38.52
C VAL Y 234 -50.58 32.56 39.06
N SER Y 235 -51.71 33.09 38.59
CA SER Y 235 -52.19 34.37 39.08
C SER Y 235 -52.58 34.41 40.56
N PRO Y 236 -53.07 33.36 41.22
CA PRO Y 236 -53.09 33.40 42.69
C PRO Y 236 -51.73 33.39 43.34
N PHE Y 237 -50.68 33.02 42.63
CA PHE Y 237 -49.33 33.08 43.20
C PHE Y 237 -48.65 34.40 42.90
N LEU Y 238 -48.91 34.99 41.74
CA LEU Y 238 -48.25 36.23 41.37
C LEU Y 238 -48.80 37.45 42.09
N GLU Y 239 -49.97 37.34 42.71
CA GLU Y 239 -50.46 38.43 43.53
C GLU Y 239 -49.64 38.52 44.80
N GLY Y 240 -49.62 39.71 45.39
CA GLY Y 240 -48.84 39.92 46.60
C GLY Y 240 -47.35 39.96 46.38
N LEU Y 241 -46.89 40.67 45.36
CA LEU Y 241 -45.47 40.86 45.12
C LEU Y 241 -45.14 42.34 45.04
N GLU Y 242 -43.88 42.65 45.33
CA GLU Y 242 -43.35 43.98 45.15
C GLU Y 242 -42.68 44.08 43.77
N GLU Y 243 -42.42 45.31 43.35
CA GLU Y 243 -41.68 45.52 42.13
C GLU Y 243 -40.20 45.27 42.35
N ARG Y 244 -39.44 45.35 41.27
CA ARG Y 244 -38.00 45.16 41.37
C ARG Y 244 -37.36 46.40 42.02
N PRO Y 245 -36.39 46.21 42.91
CA PRO Y 245 -35.75 47.37 43.56
C PRO Y 245 -34.76 48.07 42.66
N GLN Y 246 -35.26 48.94 41.77
CA GLN Y 246 -34.40 49.68 40.85
C GLN Y 246 -34.16 51.11 41.34
N THR Z 5 4.14 10.52 25.28
CA THR Z 5 3.56 11.69 24.61
C THR Z 5 3.57 11.48 23.10
N GLY Z 6 2.37 11.44 22.53
CA GLY Z 6 2.18 10.95 21.17
C GLY Z 6 2.18 9.44 21.12
N TYR Z 7 2.07 8.80 22.28
CA TYR Z 7 1.99 7.36 22.42
C TYR Z 7 0.99 7.03 23.51
N ASP Z 8 0.26 8.03 23.96
CA ASP Z 8 -0.48 7.95 25.20
C ASP Z 8 -1.98 8.16 25.03
N LEU Z 9 -2.52 7.96 23.83
CA LEU Z 9 -3.96 8.12 23.66
C LEU Z 9 -4.70 6.90 24.18
N SER Z 10 -4.44 5.74 23.60
CA SER Z 10 -5.07 4.52 24.05
C SER Z 10 -4.38 3.97 25.29
N ALA Z 11 -5.13 3.18 26.04
CA ALA Z 11 -4.56 2.40 27.12
C ALA Z 11 -4.09 1.04 26.67
N SER Z 12 -4.17 0.76 25.37
CA SER Z 12 -3.73 -0.51 24.82
C SER Z 12 -2.33 -0.44 24.24
N THR Z 13 -1.69 0.72 24.25
CA THR Z 13 -0.38 0.91 23.66
C THR Z 13 0.68 1.14 24.73
N PHE Z 14 1.91 0.79 24.39
CA PHE Z 14 3.06 0.98 25.25
C PHE Z 14 3.81 2.24 24.88
N SER Z 15 4.52 2.75 25.82
CA SER Z 15 5.44 3.83 25.54
C SER Z 15 6.73 3.25 24.97
N PRO Z 16 7.57 4.06 24.35
CA PRO Z 16 8.86 3.53 23.88
C PRO Z 16 9.82 3.11 24.99
N ASP Z 17 9.55 3.43 26.26
CA ASP Z 17 10.33 2.86 27.34
C ASP Z 17 9.58 1.77 28.10
N GLY Z 18 8.30 1.58 27.85
CA GLY Z 18 7.63 0.42 28.39
C GLY Z 18 6.62 0.67 29.49
N ARG Z 19 5.84 1.75 29.40
CA ARG Z 19 4.75 1.93 30.34
C ARG Z 19 3.54 2.53 29.64
N VAL Z 20 2.45 2.66 30.39
CA VAL Z 20 1.18 3.12 29.87
C VAL Z 20 0.82 4.42 30.58
N PHE Z 21 0.76 5.51 29.83
CA PHE Z 21 0.52 6.80 30.46
C PHE Z 21 -0.93 7.03 30.83
N GLN Z 22 -1.87 6.34 30.19
CA GLN Z 22 -3.27 6.49 30.56
C GLN Z 22 -3.53 5.96 31.96
N VAL Z 23 -2.77 4.96 32.40
CA VAL Z 23 -2.80 4.57 33.80
C VAL Z 23 -2.09 5.62 34.64
N GLU Z 24 -1.01 6.18 34.12
CA GLU Z 24 -0.25 7.19 34.84
C GLU Z 24 -1.07 8.47 35.00
N TYR Z 25 -1.88 8.80 34.00
CA TYR Z 25 -2.65 10.02 34.06
C TYR Z 25 -3.80 9.90 35.04
N ALA Z 26 -4.43 8.74 35.11
CA ALA Z 26 -5.59 8.57 35.99
C ALA Z 26 -5.21 8.50 37.45
N MET Z 27 -3.96 8.18 37.76
CA MET Z 27 -3.55 8.11 39.17
C MET Z 27 -3.51 9.48 39.79
N LYS Z 28 -3.04 10.48 39.07
CA LYS Z 28 -2.92 11.81 39.63
C LYS Z 28 -4.17 12.66 39.43
N ALA Z 29 -5.26 12.03 38.99
CA ALA Z 29 -6.57 12.64 39.19
C ALA Z 29 -7.11 12.35 40.58
N VAL Z 30 -6.73 11.20 41.15
CA VAL Z 30 -7.05 10.91 42.55
C VAL Z 30 -6.28 11.84 43.48
N GLU Z 31 -5.12 12.33 43.04
CA GLU Z 31 -4.27 13.18 43.86
C GLU Z 31 -4.94 14.51 44.19
N ASN Z 32 -5.83 14.99 43.33
CA ASN Z 32 -6.54 16.24 43.58
C ASN Z 32 -7.76 16.06 44.47
N SER Z 33 -8.07 14.85 44.90
CA SER Z 33 -9.19 14.65 45.80
C SER Z 33 -8.76 14.88 47.24
N SER Z 34 -9.75 15.16 48.08
CA SER Z 34 -9.50 15.44 49.48
C SER Z 34 -9.02 14.21 50.22
N THR Z 35 -8.39 14.43 51.36
CA THR Z 35 -7.67 13.37 52.05
C THR Z 35 -8.61 12.48 52.84
N ALA Z 36 -8.46 11.17 52.66
CA ALA Z 36 -9.18 10.18 53.45
C ALA Z 36 -8.18 9.15 53.93
N ILE Z 37 -8.16 8.89 55.24
CA ILE Z 37 -7.15 8.05 55.84
C ILE Z 37 -7.81 6.81 56.43
N GLY Z 38 -6.99 5.82 56.76
CA GLY Z 38 -7.46 4.60 57.39
C GLY Z 38 -6.38 4.04 58.27
N ILE Z 39 -6.81 3.38 59.34
CA ILE Z 39 -5.89 2.88 60.35
C ILE Z 39 -6.60 1.75 61.09
N ARG Z 40 -5.85 0.73 61.50
CA ARG Z 40 -6.44 -0.39 62.19
C ARG Z 40 -5.76 -0.59 63.53
N CYS Z 41 -6.55 -0.89 64.54
CA CYS Z 41 -6.07 -1.16 65.88
C CYS Z 41 -5.96 -2.66 66.05
N LYS Z 42 -5.73 -3.11 67.29
CA LYS Z 42 -5.55 -4.53 67.49
C LYS Z 42 -6.87 -5.30 67.47
N ASP Z 43 -8.01 -4.63 67.56
CA ASP Z 43 -9.29 -5.31 67.42
C ASP Z 43 -10.28 -4.49 66.60
N GLY Z 44 -9.83 -3.94 65.48
CA GLY Z 44 -10.75 -3.29 64.57
C GLY Z 44 -10.05 -2.34 63.64
N VAL Z 45 -10.86 -1.76 62.75
CA VAL Z 45 -10.39 -0.83 61.73
C VAL Z 45 -11.20 0.45 61.87
N VAL Z 46 -10.53 1.60 61.87
CA VAL Z 46 -11.19 2.89 61.98
C VAL Z 46 -10.88 3.70 60.73
N PHE Z 47 -11.92 4.18 60.07
CA PHE Z 47 -11.80 5.04 58.89
C PHE Z 47 -11.96 6.50 59.26
N GLY Z 48 -11.56 7.38 58.35
CA GLY Z 48 -11.68 8.80 58.56
C GLY Z 48 -11.54 9.58 57.27
N VAL Z 49 -12.47 10.48 57.00
CA VAL Z 49 -12.54 11.20 55.73
C VAL Z 49 -12.60 12.70 56.03
N GLU Z 50 -11.66 13.45 55.47
CA GLU Z 50 -11.80 14.90 55.41
C GLU Z 50 -12.69 15.24 54.22
N LYS Z 51 -13.88 15.74 54.49
CA LYS Z 51 -14.82 16.09 53.44
C LYS Z 51 -15.20 17.55 53.58
N LEU Z 52 -15.13 18.29 52.49
CA LEU Z 52 -15.34 19.73 52.51
C LEU Z 52 -16.71 20.09 51.95
N VAL Z 53 -17.32 21.12 52.54
CA VAL Z 53 -18.64 21.58 52.13
C VAL Z 53 -18.51 22.32 50.81
N LEU Z 54 -19.40 22.00 49.86
CA LEU Z 54 -19.35 22.61 48.53
C LEU Z 54 -19.61 24.11 48.57
N SER Z 55 -20.84 24.54 48.85
CA SER Z 55 -20.99 25.94 49.20
C SER Z 55 -21.65 26.17 50.54
N LYS Z 56 -22.96 25.99 50.62
CA LYS Z 56 -23.67 26.06 51.89
C LYS Z 56 -24.88 25.15 51.82
N LEU Z 57 -25.27 24.82 50.59
CA LEU Z 57 -26.54 24.18 50.32
C LEU Z 57 -26.45 22.66 50.36
N TYR Z 58 -25.25 22.14 50.61
CA TYR Z 58 -25.06 20.78 51.08
C TYR Z 58 -25.94 20.50 52.29
N GLU Z 59 -26.48 19.29 52.39
CA GLU Z 59 -27.46 19.08 53.44
C GLU Z 59 -26.97 18.05 54.45
N GLU Z 60 -25.73 18.22 54.91
CA GLU Z 60 -25.19 17.66 56.15
C GLU Z 60 -25.25 16.13 56.17
N GLY Z 61 -24.50 15.53 55.26
CA GLY Z 61 -24.50 14.10 55.17
C GLY Z 61 -24.84 13.62 53.78
N SER Z 62 -24.95 14.56 52.85
CA SER Z 62 -25.07 14.21 51.46
C SER Z 62 -23.75 13.64 50.94
N ASN Z 63 -23.85 12.92 49.82
CA ASN Z 63 -22.80 12.34 48.96
C ASN Z 63 -21.55 11.86 49.70
N LYS Z 64 -21.75 11.08 50.76
CA LYS Z 64 -20.66 10.64 51.62
C LYS Z 64 -19.75 9.66 50.91
N ARG Z 65 -18.49 9.67 51.32
CA ARG Z 65 -17.48 8.80 50.73
C ARG Z 65 -17.18 7.59 51.59
N LEU Z 66 -17.97 7.33 52.62
CA LEU Z 66 -17.86 6.12 53.43
C LEU Z 66 -18.99 5.19 53.03
N PHE Z 67 -18.65 4.14 52.30
CA PHE Z 67 -19.65 3.24 51.75
C PHE Z 67 -19.81 2.04 52.67
N ASN Z 68 -20.68 1.12 52.28
CA ASN Z 68 -21.01 -0.01 53.13
C ASN Z 68 -21.26 -1.20 52.20
N VAL Z 69 -20.22 -1.99 51.97
CA VAL Z 69 -20.26 -3.02 50.94
C VAL Z 69 -21.03 -4.24 51.42
N ASP Z 70 -20.66 -4.76 52.57
CA ASP Z 70 -21.29 -5.96 53.10
C ASP Z 70 -21.68 -5.67 54.55
N ARG Z 71 -22.16 -6.71 55.24
CA ARG Z 71 -22.45 -6.69 56.66
C ARG Z 71 -21.26 -6.24 57.51
N HIS Z 72 -20.04 -6.49 57.04
CA HIS Z 72 -18.84 -6.24 57.82
C HIS Z 72 -17.73 -5.58 57.00
N VAL Z 73 -18.03 -5.08 55.81
CA VAL Z 73 -17.02 -4.50 54.93
C VAL Z 73 -17.54 -3.15 54.41
N GLY Z 74 -16.69 -2.11 54.46
CA GLY Z 74 -17.03 -0.84 53.85
C GLY Z 74 -15.82 -0.18 53.23
N MET Z 75 -16.10 0.86 52.45
CA MET Z 75 -15.11 1.55 51.64
C MET Z 75 -14.86 2.97 52.16
N ALA Z 76 -13.75 3.54 51.73
CA ALA Z 76 -13.31 4.87 52.12
C ALA Z 76 -12.82 5.63 50.90
N VAL Z 77 -13.67 5.71 49.87
CA VAL Z 77 -13.27 6.14 48.52
C VAL Z 77 -12.74 7.57 48.48
N ALA Z 78 -11.97 7.85 47.44
CA ALA Z 78 -11.46 9.18 47.15
C ALA Z 78 -11.11 9.25 45.67
N GLY Z 79 -11.46 10.37 45.04
CA GLY Z 79 -11.29 10.51 43.61
C GLY Z 79 -12.57 10.97 42.95
N LEU Z 80 -12.87 10.48 41.75
CA LEU Z 80 -14.13 10.78 41.11
C LEU Z 80 -15.24 10.05 41.84
N LEU Z 81 -16.19 10.81 42.41
CA LEU Z 81 -17.17 10.22 43.31
C LEU Z 81 -18.15 9.33 42.56
N ALA Z 82 -18.60 9.77 41.38
CA ALA Z 82 -19.55 8.98 40.61
C ALA Z 82 -18.91 7.71 40.07
N ASP Z 83 -17.61 7.76 39.81
CA ASP Z 83 -16.92 6.56 39.36
C ASP Z 83 -16.76 5.57 40.51
N ALA Z 84 -16.66 6.06 41.74
CA ALA Z 84 -16.57 5.17 42.89
C ALA Z 84 -17.91 4.54 43.23
N ARG Z 85 -19.01 5.22 42.90
CA ARG Z 85 -20.33 4.67 43.19
C ARG Z 85 -20.60 3.43 42.37
N SER Z 86 -20.27 3.47 41.07
CA SER Z 86 -20.42 2.30 40.23
C SER Z 86 -19.45 1.21 40.63
N LEU Z 87 -18.27 1.59 41.12
CA LEU Z 87 -17.31 0.59 41.55
C LEU Z 87 -17.74 -0.03 42.87
N ALA Z 88 -18.45 0.72 43.71
CA ALA Z 88 -18.95 0.15 44.95
C ALA Z 88 -20.06 -0.86 44.69
N ASP Z 89 -20.86 -0.64 43.65
CA ASP Z 89 -21.92 -1.59 43.31
C ASP Z 89 -21.36 -2.89 42.77
N ILE Z 90 -20.14 -2.89 42.24
CA ILE Z 90 -19.50 -4.14 41.88
C ILE Z 90 -19.17 -4.93 43.14
N ALA Z 91 -18.67 -4.25 44.17
CA ALA Z 91 -18.29 -4.94 45.39
C ALA Z 91 -19.52 -5.38 46.19
N ARG Z 92 -20.62 -4.62 46.14
CA ARG Z 92 -21.85 -5.07 46.76
C ARG Z 92 -22.37 -6.32 46.07
N GLU Z 93 -22.27 -6.35 44.74
CA GLU Z 93 -22.80 -7.48 43.99
C GLU Z 93 -21.89 -8.69 44.11
N GLU Z 94 -20.60 -8.47 44.34
CA GLU Z 94 -19.66 -9.59 44.39
C GLU Z 94 -19.83 -10.39 45.67
N ALA Z 95 -20.12 -9.72 46.78
CA ALA Z 95 -20.31 -10.42 48.05
C ALA Z 95 -21.60 -11.21 48.08
N SER Z 96 -22.60 -10.82 47.27
CA SER Z 96 -23.85 -11.56 47.26
C SER Z 96 -23.70 -12.89 46.55
N ASN Z 97 -22.85 -12.96 45.53
CA ASN Z 97 -22.66 -14.23 44.84
C ASN Z 97 -21.86 -15.21 45.68
N PHE Z 98 -20.92 -14.71 46.47
CA PHE Z 98 -20.17 -15.58 47.36
C PHE Z 98 -21.07 -16.12 48.46
N ARG Z 99 -22.01 -15.30 48.94
CA ARG Z 99 -23.00 -15.75 49.90
C ARG Z 99 -23.89 -16.82 49.31
N SER Z 100 -24.31 -16.64 48.06
CA SER Z 100 -25.25 -17.55 47.45
C SER Z 100 -24.59 -18.85 47.02
N ASN Z 101 -23.29 -18.83 46.73
CA ASN Z 101 -22.64 -20.03 46.21
C ASN Z 101 -21.87 -20.79 47.28
N PHE Z 102 -21.59 -20.18 48.41
CA PHE Z 102 -20.77 -20.82 49.44
C PHE Z 102 -21.36 -20.74 50.83
N GLY Z 103 -22.33 -19.88 51.07
CA GLY Z 103 -23.09 -19.94 52.29
C GLY Z 103 -22.47 -19.27 53.49
N TYR Z 104 -21.46 -18.43 53.31
CA TYR Z 104 -20.87 -17.73 54.44
C TYR Z 104 -20.29 -16.41 53.94
N ASN Z 105 -19.82 -15.61 54.88
CA ASN Z 105 -19.40 -14.24 54.58
C ASN Z 105 -18.10 -14.23 53.79
N ILE Z 106 -17.94 -13.20 52.97
CA ILE Z 106 -16.78 -13.13 52.08
C ILE Z 106 -15.53 -12.78 52.88
N PRO Z 107 -14.44 -13.51 52.71
CA PRO Z 107 -13.17 -13.08 53.31
C PRO Z 107 -12.64 -11.86 52.60
N LEU Z 108 -12.00 -10.98 53.37
CA LEU Z 108 -11.56 -9.71 52.81
C LEU Z 108 -10.36 -9.89 51.89
N LYS Z 109 -9.52 -10.90 52.15
CA LYS Z 109 -8.40 -11.18 51.27
C LYS Z 109 -8.88 -11.66 49.92
N HIS Z 110 -10.00 -12.35 49.87
CA HIS Z 110 -10.56 -12.79 48.60
C HIS Z 110 -11.39 -11.70 47.94
N LEU Z 111 -12.00 -10.83 48.73
CA LEU Z 111 -12.83 -9.79 48.15
C LEU Z 111 -12.00 -8.75 47.42
N ALA Z 112 -10.82 -8.43 47.96
CA ALA Z 112 -9.94 -7.49 47.29
C ALA Z 112 -9.37 -8.05 46.01
N ASP Z 113 -9.24 -9.38 45.93
CA ASP Z 113 -8.73 -9.98 44.69
C ASP Z 113 -9.77 -9.91 43.58
N ARG Z 114 -11.05 -10.07 43.93
CA ARG Z 114 -12.09 -10.06 42.91
C ARG Z 114 -12.31 -8.66 42.38
N VAL Z 115 -12.15 -7.65 43.23
CA VAL Z 115 -12.37 -6.28 42.78
C VAL Z 115 -11.20 -5.81 41.94
N ALA Z 116 -9.97 -6.11 42.37
CA ALA Z 116 -8.79 -5.61 41.69
C ALA Z 116 -8.61 -6.22 40.31
N MET Z 117 -9.07 -7.46 40.11
CA MET Z 117 -9.09 -8.01 38.77
C MET Z 117 -10.11 -7.31 37.89
N TYR Z 118 -11.21 -6.86 38.47
CA TYR Z 118 -12.19 -6.10 37.71
C TYR Z 118 -11.68 -4.71 37.37
N VAL Z 119 -10.89 -4.11 38.27
CA VAL Z 119 -10.26 -2.84 37.97
C VAL Z 119 -9.19 -3.02 36.90
N HIS Z 120 -8.54 -4.18 36.90
CA HIS Z 120 -7.47 -4.47 35.96
C HIS Z 120 -7.98 -4.51 34.52
N ALA Z 121 -9.22 -4.96 34.33
CA ALA Z 121 -9.73 -5.17 32.98
C ALA Z 121 -9.98 -3.86 32.25
N TYR Z 122 -10.15 -2.76 32.98
CA TYR Z 122 -10.29 -1.46 32.34
C TYR Z 122 -8.96 -0.83 32.01
N THR Z 123 -7.85 -1.51 32.28
CA THR Z 123 -6.54 -0.98 31.95
C THR Z 123 -5.95 -1.59 30.70
N LEU Z 124 -6.73 -2.37 29.95
CA LEU Z 124 -6.21 -3.11 28.81
C LEU Z 124 -6.75 -2.61 27.48
N TYR Z 125 -8.07 -2.41 27.40
CA TYR Z 125 -8.70 -2.22 26.11
C TYR Z 125 -8.76 -0.74 25.75
N SER Z 126 -8.79 -0.49 24.44
CA SER Z 126 -8.89 0.87 23.92
C SER Z 126 -10.30 1.42 24.01
N ALA Z 127 -11.31 0.56 24.16
CA ALA Z 127 -12.68 1.03 24.16
C ALA Z 127 -13.06 1.69 25.47
N VAL Z 128 -12.38 1.34 26.56
CA VAL Z 128 -12.72 1.85 27.88
C VAL Z 128 -11.50 2.55 28.47
N ARG Z 129 -11.72 3.30 29.53
CA ARG Z 129 -10.64 3.97 30.21
C ARG Z 129 -10.41 3.36 31.58
N PRO Z 130 -9.25 3.60 32.21
CA PRO Z 130 -9.09 3.19 33.60
C PRO Z 130 -9.95 4.04 34.53
N PHE Z 131 -10.26 3.45 35.69
CA PHE Z 131 -10.98 4.15 36.73
C PHE Z 131 -10.15 5.28 37.31
N GLY Z 132 -10.83 6.29 37.81
CA GLY Z 132 -10.15 7.39 38.46
C GLY Z 132 -10.40 7.39 39.95
N CYS Z 133 -10.34 6.21 40.55
CA CYS Z 133 -10.66 6.05 41.96
C CYS Z 133 -9.59 5.26 42.68
N SER Z 134 -9.51 5.49 43.98
CA SER Z 134 -8.76 4.63 44.87
C SER Z 134 -9.47 4.65 46.21
N PHE Z 135 -9.33 3.57 46.96
CA PHE Z 135 -10.22 3.35 48.09
C PHE Z 135 -9.57 2.40 49.08
N MET Z 136 -10.27 2.18 50.18
CA MET Z 136 -9.81 1.37 51.29
C MET Z 136 -10.82 0.26 51.53
N LEU Z 137 -10.39 -0.82 52.14
CA LEU Z 137 -11.28 -1.90 52.53
C LEU Z 137 -10.94 -2.34 53.94
N GLY Z 138 -11.88 -2.22 54.84
CA GLY Z 138 -11.69 -2.65 56.22
C GLY Z 138 -12.76 -3.63 56.64
N SER Z 139 -12.36 -4.58 57.48
CA SER Z 139 -13.29 -5.57 58.00
C SER Z 139 -12.76 -6.11 59.31
N TYR Z 140 -13.56 -6.96 59.94
CA TYR Z 140 -13.16 -7.59 61.18
C TYR Z 140 -13.88 -8.92 61.32
N SER Z 141 -13.17 -9.91 61.84
CA SER Z 141 -13.74 -11.21 62.11
C SER Z 141 -13.09 -11.78 63.36
N VAL Z 142 -13.74 -12.77 63.95
CA VAL Z 142 -13.17 -13.45 65.10
C VAL Z 142 -12.21 -14.56 64.70
N ASN Z 143 -12.34 -15.08 63.49
CA ASN Z 143 -11.42 -16.10 63.01
C ASN Z 143 -10.25 -15.52 62.24
N ASP Z 144 -10.28 -14.22 61.92
CA ASP Z 144 -9.26 -13.60 61.10
C ASP Z 144 -8.74 -12.29 61.64
N GLY Z 145 -9.36 -11.71 62.65
CA GLY Z 145 -8.92 -10.41 63.11
C GLY Z 145 -9.38 -9.30 62.18
N ALA Z 146 -8.64 -8.20 62.19
CA ALA Z 146 -8.93 -7.06 61.35
C ALA Z 146 -7.94 -6.98 60.20
N GLN Z 147 -8.43 -6.57 59.03
CA GLN Z 147 -7.57 -6.36 57.88
C GLN Z 147 -7.85 -5.01 57.26
N LEU Z 148 -6.87 -4.49 56.54
CA LEU Z 148 -6.98 -3.19 55.90
C LEU Z 148 -6.28 -3.24 54.56
N TYR Z 149 -6.99 -2.88 53.51
CA TYR Z 149 -6.50 -3.02 52.14
C TYR Z 149 -6.52 -1.68 51.41
N MET Z 150 -6.05 -1.71 50.16
CA MET Z 150 -5.69 -0.50 49.43
C MET Z 150 -5.61 -0.84 47.96
N ILE Z 151 -6.38 -0.16 47.13
CA ILE Z 151 -6.45 -0.47 45.71
C ILE Z 151 -6.21 0.81 44.92
N ASP Z 152 -5.20 0.79 44.07
CA ASP Z 152 -4.86 1.90 43.18
C ASP Z 152 -5.69 1.80 41.89
N PRO Z 153 -5.65 2.80 41.01
CA PRO Z 153 -6.28 2.61 39.70
C PRO Z 153 -5.65 1.54 38.82
N SER Z 154 -4.40 1.16 39.06
CA SER Z 154 -3.81 0.14 38.20
C SER Z 154 -4.29 -1.26 38.59
N GLY Z 155 -4.63 -1.46 39.86
CA GLY Z 155 -5.15 -2.75 40.27
C GLY Z 155 -4.28 -3.45 41.28
N VAL Z 156 -3.22 -2.77 41.71
CA VAL Z 156 -2.30 -3.35 42.69
C VAL Z 156 -2.95 -3.25 44.06
N SER Z 157 -3.08 -4.39 44.73
CA SER Z 157 -3.84 -4.47 45.97
C SER Z 157 -3.08 -5.30 46.98
N TYR Z 158 -2.69 -4.69 48.10
CA TYR Z 158 -2.14 -5.42 49.23
C TYR Z 158 -2.34 -4.61 50.51
N GLY Z 159 -1.92 -5.21 51.62
CA GLY Z 159 -2.35 -4.77 52.93
C GLY Z 159 -1.39 -3.85 53.65
N TYR Z 160 -1.97 -3.00 54.50
CA TYR Z 160 -1.26 -2.00 55.29
C TYR Z 160 -1.63 -2.15 56.75
N TRP Z 161 -1.03 -1.30 57.58
CA TRP Z 161 -1.58 -1.01 58.90
C TRP Z 161 -2.23 0.36 58.96
N GLY Z 162 -1.66 1.33 58.25
CA GLY Z 162 -2.29 2.64 58.13
C GLY Z 162 -2.03 3.17 56.74
N CYS Z 163 -2.93 4.02 56.26
CA CYS Z 163 -2.81 4.56 54.92
C CYS Z 163 -3.53 5.88 54.81
N ALA Z 164 -3.32 6.55 53.68
CA ALA Z 164 -3.91 7.84 53.40
C ALA Z 164 -4.06 7.97 51.89
N ILE Z 165 -5.15 8.60 51.44
CA ILE Z 165 -5.43 8.80 50.03
C ILE Z 165 -5.89 10.24 49.84
N GLY Z 166 -5.19 10.99 49.01
CA GLY Z 166 -5.66 12.32 48.68
C GLY Z 166 -4.50 13.22 48.30
N LYS Z 167 -4.67 14.51 48.56
CA LYS Z 167 -3.57 15.47 48.41
C LYS Z 167 -2.43 15.13 49.36
N ALA Z 168 -2.72 15.09 50.65
CA ALA Z 168 -1.69 14.88 51.66
C ALA Z 168 -1.56 13.40 51.97
N ARG Z 169 -1.15 12.65 50.94
CA ARG Z 169 -0.87 11.24 51.16
C ARG Z 169 0.43 11.06 51.94
N GLN Z 170 1.48 11.78 51.55
CA GLN Z 170 2.73 11.70 52.28
C GLN Z 170 2.64 12.45 53.60
N ALA Z 171 1.96 13.59 53.60
CA ALA Z 171 1.93 14.44 54.78
C ALA Z 171 1.07 13.89 55.90
N ALA Z 172 0.25 12.87 55.64
CA ALA Z 172 -0.53 12.24 56.68
C ALA Z 172 0.15 11.03 57.28
N LYS Z 173 0.72 10.16 56.45
CA LYS Z 173 1.37 8.96 56.97
C LYS Z 173 2.75 9.26 57.54
N THR Z 174 3.20 10.50 57.48
CA THR Z 174 4.37 10.90 58.25
C THR Z 174 4.11 10.82 59.74
N GLU Z 175 2.88 11.11 60.16
CA GLU Z 175 2.51 11.06 61.57
C GLU Z 175 1.53 9.96 61.90
N ILE Z 176 1.15 9.12 60.93
CA ILE Z 176 0.49 7.87 61.29
C ILE Z 176 1.50 6.93 61.93
N GLU Z 177 2.70 6.87 61.35
CA GLU Z 177 3.72 5.92 61.75
C GLU Z 177 4.34 6.22 63.11
N LYS Z 178 4.07 7.37 63.71
CA LYS Z 178 4.49 7.61 65.08
C LYS Z 178 3.45 7.20 66.11
N LEU Z 179 2.59 6.24 65.78
CA LEU Z 179 1.60 5.72 66.71
C LEU Z 179 1.89 4.26 67.01
N GLN Z 180 1.66 3.87 68.25
CA GLN Z 180 1.84 2.47 68.66
C GLN Z 180 0.50 1.76 68.50
N MET Z 181 0.16 1.52 67.25
CA MET Z 181 -1.16 1.02 66.86
C MET Z 181 -1.36 -0.45 67.16
N LYS Z 182 -0.31 -1.19 67.49
CA LYS Z 182 -0.43 -2.62 67.70
C LYS Z 182 -1.12 -2.97 69.01
N GLU Z 183 -1.21 -2.02 69.95
CA GLU Z 183 -1.75 -2.29 71.27
C GLU Z 183 -2.87 -1.35 71.68
N MET Z 184 -3.21 -0.37 70.84
CA MET Z 184 -4.27 0.55 71.17
C MET Z 184 -5.63 -0.07 70.89
N THR Z 185 -6.61 0.24 71.72
CA THR Z 185 -7.98 -0.10 71.40
C THR Z 185 -8.55 0.91 70.42
N CYS Z 186 -9.50 0.47 69.62
CA CYS Z 186 -10.06 1.33 68.59
C CYS Z 186 -10.89 2.48 69.15
N ARG Z 187 -11.35 2.41 70.40
CA ARG Z 187 -11.99 3.59 70.97
C ARG Z 187 -10.96 4.67 71.26
N ASP Z 188 -9.72 4.29 71.55
CA ASP Z 188 -8.66 5.28 71.67
C ASP Z 188 -8.22 5.79 70.31
N ILE Z 189 -8.41 4.99 69.27
CA ILE Z 189 -8.00 5.37 67.91
C ILE Z 189 -8.86 6.50 67.38
N VAL Z 190 -10.15 6.53 67.75
CA VAL Z 190 -11.12 7.46 67.17
C VAL Z 190 -10.75 8.91 67.48
N LYS Z 191 -10.32 9.18 68.70
CA LYS Z 191 -9.82 10.52 69.00
C LYS Z 191 -8.43 10.76 68.42
N GLU Z 192 -7.71 9.72 68.02
CA GLU Z 192 -6.41 9.90 67.41
C GLU Z 192 -6.51 10.10 65.92
N VAL Z 193 -7.54 9.55 65.27
CA VAL Z 193 -7.80 9.85 63.87
C VAL Z 193 -8.20 11.31 63.72
N ALA Z 194 -8.89 11.84 64.73
CA ALA Z 194 -9.47 13.19 64.66
C ALA Z 194 -8.40 14.25 64.54
N LYS Z 195 -7.25 14.07 65.19
CA LYS Z 195 -6.22 15.08 65.08
C LYS Z 195 -5.49 15.00 63.75
N ILE Z 196 -5.38 13.80 63.16
CA ILE Z 196 -4.58 13.65 61.94
C ILE Z 196 -5.29 14.32 60.77
N ILE Z 197 -6.62 14.20 60.72
CA ILE Z 197 -7.41 14.95 59.77
C ILE Z 197 -7.31 16.44 60.06
N TYR Z 198 -7.39 16.81 61.33
CA TYR Z 198 -7.47 18.22 61.68
C TYR Z 198 -6.11 18.92 61.61
N ILE Z 199 -5.01 18.18 61.67
CA ILE Z 199 -3.69 18.78 61.48
C ILE Z 199 -3.53 19.33 60.06
N VAL Z 200 -3.87 18.52 59.06
CA VAL Z 200 -3.64 18.92 57.68
C VAL Z 200 -4.83 19.72 57.15
N HIS Z 201 -4.60 21.01 56.95
CA HIS Z 201 -5.36 21.90 56.06
C HIS Z 201 -6.84 21.98 56.45
N ASP Z 202 -7.08 22.62 57.59
CA ASP Z 202 -8.45 22.90 58.01
C ASP Z 202 -9.14 23.88 57.06
N GLU Z 203 -8.64 25.13 56.97
CA GLU Z 203 -9.27 26.16 56.16
C GLU Z 203 -8.26 27.08 55.48
N VAL Z 204 -7.11 26.54 55.09
CA VAL Z 204 -6.02 27.40 54.60
C VAL Z 204 -6.35 27.92 53.20
N LYS Z 205 -6.47 27.03 52.24
CA LYS Z 205 -6.92 27.35 50.89
C LYS Z 205 -8.38 27.01 50.67
N ASP Z 206 -9.01 26.31 51.61
CA ASP Z 206 -10.43 26.01 51.57
C ASP Z 206 -11.15 26.84 52.61
N LYS Z 207 -12.46 26.65 52.70
CA LYS Z 207 -13.29 27.40 53.62
C LYS Z 207 -13.69 26.57 54.83
N ALA Z 208 -14.34 25.42 54.61
CA ALA Z 208 -14.84 24.64 55.71
C ALA Z 208 -14.88 23.18 55.29
N PHE Z 209 -14.89 22.30 56.29
CA PHE Z 209 -14.95 20.88 56.03
C PHE Z 209 -15.79 20.24 57.11
N GLU Z 210 -16.01 18.94 56.98
CA GLU Z 210 -16.75 18.21 57.98
C GLU Z 210 -16.16 16.81 58.07
N LEU Z 211 -16.14 16.27 59.29
CA LEU Z 211 -15.47 15.02 59.58
C LEU Z 211 -16.43 13.85 59.52
N GLU Z 212 -15.97 12.74 58.92
CA GLU Z 212 -16.73 11.51 58.86
C GLU Z 212 -15.86 10.37 59.32
N LEU Z 213 -16.38 9.53 60.22
CA LEU Z 213 -15.61 8.46 60.81
C LEU Z 213 -16.41 7.17 60.74
N SER Z 214 -15.90 6.20 60.00
CA SER Z 214 -16.50 4.88 59.97
C SER Z 214 -15.74 3.97 60.92
N TRP Z 215 -16.31 2.79 61.17
CA TRP Z 215 -16.01 2.12 62.42
C TRP Z 215 -16.44 0.66 62.35
N VAL Z 216 -15.47 -0.25 62.41
CA VAL Z 216 -15.75 -1.67 62.41
C VAL Z 216 -14.76 -2.33 63.36
N GLY Z 217 -15.23 -3.36 64.06
CA GLY Z 217 -14.34 -4.10 64.93
C GLY Z 217 -15.13 -4.90 65.95
N GLU Z 218 -14.40 -5.27 67.01
CA GLU Z 218 -14.96 -6.15 68.02
C GLU Z 218 -16.01 -5.43 68.86
N LEU Z 219 -15.90 -4.11 69.00
CA LEU Z 219 -16.85 -3.39 69.82
C LEU Z 219 -18.20 -3.28 69.12
N THR Z 220 -18.21 -3.32 67.80
CA THR Z 220 -19.45 -3.31 67.03
C THR Z 220 -19.97 -4.71 66.77
N ASN Z 221 -19.33 -5.73 67.37
CA ASN Z 221 -19.67 -7.15 67.21
C ASN Z 221 -19.60 -7.59 65.76
N GLY Z 222 -18.62 -7.07 65.02
CA GLY Z 222 -18.44 -7.40 63.64
C GLY Z 222 -19.25 -6.55 62.68
N ARG Z 223 -20.19 -5.76 63.18
CA ARG Z 223 -20.94 -4.86 62.32
C ARG Z 223 -20.05 -3.73 61.84
N HIS Z 224 -20.42 -3.12 60.71
CA HIS Z 224 -19.76 -1.93 60.23
C HIS Z 224 -20.76 -0.80 60.17
N GLU Z 225 -20.48 0.29 60.87
CA GLU Z 225 -21.38 1.43 60.89
C GLU Z 225 -20.60 2.69 61.21
N ILE Z 226 -21.29 3.82 61.07
CA ILE Z 226 -20.71 5.10 61.42
C ILE Z 226 -20.59 5.20 62.95
N VAL Z 227 -19.64 6.01 63.40
CA VAL Z 227 -19.46 6.25 64.83
C VAL Z 227 -20.66 7.00 65.38
N PRO Z 228 -20.96 6.85 66.64
CA PRO Z 228 -21.83 7.84 67.29
C PRO Z 228 -21.00 9.03 67.76
N LYS Z 229 -20.71 9.95 66.85
CA LYS Z 229 -19.96 11.15 67.22
C LYS Z 229 -20.89 12.34 67.44
N ASP Z 230 -22.14 12.25 66.97
CA ASP Z 230 -23.21 13.02 67.57
C ASP Z 230 -23.33 12.74 69.07
N ILE Z 231 -23.03 11.51 69.48
CA ILE Z 231 -22.77 11.19 70.87
C ILE Z 231 -21.36 11.66 71.24
N ARG Z 232 -21.28 12.45 72.31
CA ARG Z 232 -20.11 12.87 73.07
C ARG Z 232 -19.19 13.87 72.37
N GLU Z 233 -19.32 14.01 71.04
CA GLU Z 233 -18.63 14.98 70.17
C GLU Z 233 -17.12 15.05 70.42
N GLU Z 234 -16.51 13.93 70.82
CA GLU Z 234 -15.17 13.96 71.41
C GLU Z 234 -14.07 14.13 70.39
N ALA Z 235 -14.39 14.00 69.11
CA ALA Z 235 -13.38 14.22 68.08
C ALA Z 235 -12.97 15.68 68.03
N GLU Z 236 -13.94 16.57 67.86
CA GLU Z 236 -13.63 17.98 67.71
C GLU Z 236 -13.25 18.61 69.04
N LYS Z 237 -13.71 18.03 70.15
CA LYS Z 237 -13.29 18.51 71.46
C LYS Z 237 -11.82 18.22 71.73
N TYR Z 238 -11.28 17.22 71.06
CA TYR Z 238 -9.91 16.79 71.30
C TYR Z 238 -8.97 17.17 70.16
N ALA Z 239 -9.47 17.23 68.94
CA ALA Z 239 -8.62 17.62 67.82
C ALA Z 239 -8.33 19.11 67.84
N LYS Z 240 -9.28 19.93 68.29
CA LYS Z 240 -9.07 21.36 68.32
C LYS Z 240 -8.20 21.82 69.48
N GLU Z 241 -7.81 20.91 70.37
CA GLU Z 241 -6.86 21.20 71.42
C GLU Z 241 -5.43 21.29 70.92
N SER Z 242 -5.18 20.94 69.66
CA SER Z 242 -3.86 21.04 69.07
C SER Z 242 -3.59 22.41 68.44
N LEU Z 243 -4.29 23.45 68.91
CA LEU Z 243 -4.05 24.79 68.40
C LEU Z 243 -2.72 25.36 68.87
N LYS Z 244 -2.26 24.93 70.04
CA LYS Z 244 -1.04 25.47 70.63
C LYS Z 244 0.19 24.69 70.16
N THR AA 34 -27.92 -50.72 49.13
CA THR AA 34 -27.01 -49.62 49.43
C THR AA 34 -27.36 -49.02 50.77
N THR AA 35 -26.39 -48.97 51.67
CA THR AA 35 -26.59 -48.40 52.99
C THR AA 35 -25.35 -47.63 53.39
N ILE AA 36 -25.53 -46.36 53.74
CA ILE AA 36 -24.41 -45.50 54.11
C ILE AA 36 -24.67 -44.93 55.50
N MET AA 37 -23.58 -44.53 56.15
CA MET AA 37 -23.56 -44.30 57.58
C MET AA 37 -22.56 -43.20 57.90
N ALA AA 38 -22.90 -42.34 58.86
CA ALA AA 38 -21.98 -41.28 59.27
C ALA AA 38 -22.30 -40.89 60.70
N VAL AA 39 -21.29 -40.92 61.57
CA VAL AA 39 -21.43 -40.55 62.98
C VAL AA 39 -20.28 -39.64 63.35
N GLN AA 40 -20.59 -38.49 63.94
CA GLN AA 40 -19.53 -37.65 64.47
C GLN AA 40 -19.25 -38.00 65.92
N PHE AA 41 -18.05 -37.64 66.37
CA PHE AA 41 -17.66 -37.80 67.77
C PHE AA 41 -16.84 -36.58 68.13
N ASP AA 42 -16.14 -36.65 69.26
CA ASP AA 42 -15.45 -35.49 69.80
C ASP AA 42 -14.28 -35.06 68.91
N GLY AA 43 -13.47 -36.01 68.49
CA GLY AA 43 -12.34 -35.69 67.64
C GLY AA 43 -12.73 -35.37 66.21
N GLY AA 44 -13.45 -36.28 65.57
CA GLY AA 44 -13.84 -36.12 64.19
C GLY AA 44 -15.10 -36.87 63.87
N VAL AA 45 -15.12 -37.54 62.72
CA VAL AA 45 -16.29 -38.27 62.25
C VAL AA 45 -15.87 -39.68 61.85
N VAL AA 46 -16.86 -40.54 61.69
CA VAL AA 46 -16.69 -41.93 61.26
C VAL AA 46 -17.68 -42.20 60.14
N LEU AA 47 -17.19 -42.75 59.03
CA LEU AA 47 -18.02 -43.07 57.88
C LEU AA 47 -18.06 -44.57 57.66
N GLY AA 48 -19.06 -45.01 56.90
CA GLY AA 48 -19.20 -46.42 56.61
C GLY AA 48 -20.23 -46.77 55.54
N ALA AA 49 -19.98 -47.84 54.79
CA ALA AA 49 -20.90 -48.26 53.73
C ALA AA 49 -20.64 -49.72 53.36
N ASP AA 50 -21.59 -50.29 52.64
CA ASP AA 50 -21.52 -51.62 52.05
C ASP AA 50 -20.89 -51.51 50.66
N SER AA 51 -20.99 -52.57 49.84
CA SER AA 51 -20.66 -52.33 48.44
C SER AA 51 -21.78 -52.61 47.43
N ARG AA 52 -21.98 -53.88 47.06
CA ARG AA 52 -23.07 -54.46 46.25
C ARG AA 52 -23.81 -53.57 45.27
N THR AA 53 -23.10 -53.01 44.29
CA THR AA 53 -23.76 -52.26 43.24
C THR AA 53 -24.57 -53.21 42.37
N THR AA 54 -25.88 -53.12 42.46
CA THR AA 54 -26.77 -54.04 41.76
C THR AA 54 -27.37 -53.36 40.54
N THR AA 55 -28.01 -54.17 39.70
CA THR AA 55 -28.77 -53.70 38.56
C THR AA 55 -29.97 -54.63 38.38
N GLY AA 56 -31.14 -54.16 38.82
CA GLY AA 56 -32.27 -55.04 38.92
C GLY AA 56 -32.09 -56.03 40.05
N SER AA 57 -31.90 -57.30 39.71
CA SER AA 57 -31.67 -58.33 40.71
C SER AA 57 -30.30 -58.99 40.54
N TYR AA 58 -29.44 -58.40 39.73
CA TYR AA 58 -28.10 -58.92 39.49
C TYR AA 58 -27.07 -57.96 40.04
N ILE AA 59 -26.09 -58.48 40.76
CA ILE AA 59 -25.00 -57.67 41.28
C ILE AA 59 -24.02 -57.44 40.15
N ALA AA 60 -23.90 -56.18 39.73
CA ALA AA 60 -22.90 -55.86 38.72
C ALA AA 60 -21.51 -55.79 39.32
N ASN AA 61 -21.37 -55.08 40.44
CA ASN AA 61 -20.07 -54.91 41.09
C ASN AA 61 -20.15 -55.48 42.48
N ARG AA 62 -19.26 -56.43 42.78
CA ARG AA 62 -19.30 -57.15 44.04
C ARG AA 62 -18.67 -56.34 45.15
N VAL AA 63 -17.71 -55.49 44.83
CA VAL AA 63 -17.01 -54.67 45.80
C VAL AA 63 -16.80 -53.28 45.19
N THR AA 64 -17.14 -52.24 45.95
CA THR AA 64 -17.32 -50.90 45.40
C THR AA 64 -16.95 -49.87 46.45
N ASP AA 65 -16.16 -48.87 46.06
CA ASP AA 65 -15.87 -47.72 46.91
C ASP AA 65 -17.04 -46.76 46.86
N LYS AA 66 -17.97 -46.92 47.80
CA LYS AA 66 -19.10 -46.01 47.85
C LYS AA 66 -18.74 -44.67 48.49
N LEU AA 67 -17.64 -44.61 49.23
CA LEU AA 67 -17.19 -43.38 49.85
C LEU AA 67 -16.05 -42.80 49.03
N THR AA 68 -16.02 -41.47 48.90
CA THR AA 68 -15.16 -40.82 47.94
C THR AA 68 -14.43 -39.66 48.59
N PRO AA 69 -13.12 -39.55 48.40
CA PRO AA 69 -12.40 -38.35 48.86
C PRO AA 69 -12.72 -37.15 47.99
N ILE AA 70 -12.81 -36.00 48.63
CA ILE AA 70 -12.92 -34.71 47.95
C ILE AA 70 -11.69 -33.85 48.21
N HIS AA 71 -11.43 -33.56 49.48
CA HIS AA 71 -10.21 -32.87 49.86
C HIS AA 71 -9.53 -33.81 50.85
N ASP AA 72 -8.47 -33.36 51.53
CA ASP AA 72 -7.72 -34.26 52.40
C ASP AA 72 -8.46 -34.59 53.68
N ARG AA 73 -9.49 -33.83 54.03
CA ARG AA 73 -10.20 -34.04 55.28
C ARG AA 73 -11.70 -34.23 55.09
N ILE AA 74 -12.20 -34.23 53.87
CA ILE AA 74 -13.63 -34.23 53.60
C ILE AA 74 -13.95 -35.40 52.68
N PHE AA 75 -14.77 -36.32 53.15
CA PHE AA 75 -15.27 -37.39 52.31
C PHE AA 75 -16.74 -37.19 52.03
N CYS AA 76 -17.26 -37.96 51.08
CA CYS AA 76 -18.69 -38.11 50.92
C CYS AA 76 -18.99 -39.55 50.57
N CYS AA 77 -20.14 -40.02 51.01
CA CYS AA 77 -20.67 -41.31 50.63
C CYS AA 77 -21.96 -41.09 49.85
N ARG AA 78 -22.09 -41.79 48.74
CA ARG AA 78 -23.08 -41.45 47.74
C ARG AA 78 -24.09 -42.59 47.58
N SER AA 79 -25.31 -42.22 47.25
CA SER AA 79 -26.38 -43.20 47.03
C SER AA 79 -27.31 -42.69 45.96
N GLY AA 80 -28.12 -43.59 45.43
CA GLY AA 80 -28.98 -43.27 44.32
C GLY AA 80 -28.41 -43.81 43.02
N SER AA 81 -28.51 -43.03 41.95
CA SER AA 81 -27.98 -43.46 40.67
C SER AA 81 -26.46 -43.39 40.68
N ALA AA 82 -25.84 -44.39 40.06
CA ALA AA 82 -24.39 -44.48 40.07
C ALA AA 82 -23.77 -43.43 39.16
N ALA AA 83 -24.26 -43.35 37.92
CA ALA AA 83 -23.68 -42.42 36.95
C ALA AA 83 -23.96 -40.96 37.29
N ASP AA 84 -25.01 -40.70 38.06
CA ASP AA 84 -25.28 -39.32 38.46
C ASP AA 84 -24.32 -38.87 39.54
N THR AA 85 -24.18 -39.67 40.59
CA THR AA 85 -23.38 -39.27 41.74
C THR AA 85 -21.89 -39.29 41.46
N GLN AA 86 -21.45 -40.09 40.49
CA GLN AA 86 -20.07 -39.99 40.06
C GLN AA 86 -19.81 -38.69 39.32
N ALA AA 87 -20.81 -38.21 38.57
CA ALA AA 87 -20.62 -36.98 37.81
C ALA AA 87 -20.66 -35.76 38.70
N VAL AA 88 -21.46 -35.80 39.77
CA VAL AA 88 -21.57 -34.66 40.66
C VAL AA 88 -20.31 -34.51 41.50
N ALA AA 89 -19.80 -35.64 42.03
CA ALA AA 89 -18.66 -35.60 42.94
C ALA AA 89 -17.39 -35.15 42.24
N ASP AA 90 -17.27 -35.40 40.94
CA ASP AA 90 -16.11 -34.91 40.22
C ASP AA 90 -16.21 -33.40 39.98
N ALA AA 91 -17.41 -32.88 39.86
CA ALA AA 91 -17.57 -31.45 39.66
C ALA AA 91 -17.31 -30.68 40.94
N VAL AA 92 -17.73 -31.22 42.08
CA VAL AA 92 -17.52 -30.53 43.35
C VAL AA 92 -16.06 -30.56 43.73
N THR AA 93 -15.37 -31.67 43.44
CA THR AA 93 -13.94 -31.75 43.68
C THR AA 93 -13.17 -30.76 42.82
N TYR AA 94 -13.63 -30.56 41.59
CA TYR AA 94 -13.03 -29.54 40.73
C TYR AA 94 -13.26 -28.14 41.27
N GLN AA 95 -14.45 -27.86 41.79
CA GLN AA 95 -14.74 -26.52 42.25
C GLN AA 95 -14.11 -26.23 43.61
N LEU AA 96 -14.22 -27.18 44.54
CA LEU AA 96 -13.66 -26.97 45.87
C LEU AA 96 -12.14 -27.02 45.85
N GLY AA 97 -11.57 -27.90 45.02
CA GLY AA 97 -10.13 -27.96 44.90
C GLY AA 97 -9.54 -26.70 44.28
N PHE AA 98 -10.26 -26.07 43.37
CA PHE AA 98 -9.81 -24.80 42.83
C PHE AA 98 -10.03 -23.67 43.83
N HIS AA 99 -11.02 -23.80 44.70
CA HIS AA 99 -11.38 -22.71 45.59
C HIS AA 99 -10.41 -22.54 46.74
N SER AA 100 -9.82 -23.62 47.22
CA SER AA 100 -8.92 -23.54 48.36
C SER AA 100 -7.53 -23.07 47.96
N ILE AA 101 -7.12 -23.29 46.70
CA ILE AA 101 -5.82 -22.82 46.25
C ILE AA 101 -5.82 -21.29 46.14
N GLU AA 102 -6.97 -20.71 45.82
CA GLU AA 102 -7.08 -19.26 45.82
C GLU AA 102 -6.94 -18.69 47.22
N LEU AA 103 -7.66 -19.28 48.18
CA LEU AA 103 -7.63 -18.74 49.54
C LEU AA 103 -6.37 -19.09 50.30
N ASN AA 104 -5.63 -20.11 49.83
CA ASN AA 104 -4.46 -20.67 50.52
C ASN AA 104 -4.83 -21.10 51.93
N GLU AA 105 -5.98 -21.73 52.06
CA GLU AA 105 -6.56 -22.13 53.33
C GLU AA 105 -7.19 -23.50 53.16
N PRO AA 106 -7.28 -24.29 54.22
CA PRO AA 106 -8.06 -25.52 54.16
C PRO AA 106 -9.54 -25.20 54.08
N PRO AA 107 -10.30 -25.93 53.28
CA PRO AA 107 -11.71 -25.61 53.09
C PRO AA 107 -12.56 -26.01 54.28
N LEU AA 108 -13.71 -25.37 54.37
CA LEU AA 108 -14.69 -25.72 55.39
C LEU AA 108 -15.55 -26.87 54.91
N VAL AA 109 -16.01 -27.69 55.86
CA VAL AA 109 -16.90 -28.79 55.51
C VAL AA 109 -18.26 -28.24 55.09
N HIS AA 110 -18.69 -27.14 55.71
CA HIS AA 110 -19.94 -26.50 55.32
C HIS AA 110 -19.85 -25.89 53.93
N THR AA 111 -18.66 -25.50 53.50
CA THR AA 111 -18.49 -25.02 52.14
C THR AA 111 -18.68 -26.15 51.13
N ALA AA 112 -18.16 -27.33 51.46
CA ALA AA 112 -18.31 -28.47 50.56
C ALA AA 112 -19.75 -28.94 50.49
N ALA AA 113 -20.48 -28.91 51.60
CA ALA AA 113 -21.88 -29.30 51.58
C ALA AA 113 -22.73 -28.27 50.87
N SER AA 114 -22.27 -27.03 50.80
CA SER AA 114 -23.01 -26.01 50.08
C SER AA 114 -22.94 -26.23 48.58
N LEU AA 115 -21.86 -26.83 48.10
CA LEU AA 115 -21.71 -27.00 46.66
C LEU AA 115 -22.57 -28.13 46.13
N PHE AA 116 -22.75 -29.19 46.92
CA PHE AA 116 -23.65 -30.25 46.52
C PHE AA 116 -25.09 -29.79 46.51
N LYS AA 117 -25.44 -28.87 47.41
CA LYS AA 117 -26.80 -28.34 47.45
C LYS AA 117 -27.11 -27.53 46.20
N GLU AA 118 -26.13 -26.81 45.68
CA GLU AA 118 -26.36 -25.98 44.51
C GLU AA 118 -26.58 -26.82 43.26
N MET AA 119 -25.84 -27.92 43.12
CA MET AA 119 -26.06 -28.75 41.96
C MET AA 119 -27.31 -29.61 42.08
N CYS AA 120 -27.65 -30.06 43.28
CA CYS AA 120 -28.81 -30.93 43.42
C CYS AA 120 -30.12 -30.16 43.37
N TYR AA 121 -30.16 -28.95 43.92
CA TYR AA 121 -31.39 -28.18 43.86
C TYR AA 121 -31.64 -27.65 42.46
N ARG AA 122 -30.60 -27.21 41.77
CA ARG AA 122 -30.75 -26.73 40.41
C ARG AA 122 -31.12 -27.87 39.48
N TYR AA 123 -30.30 -28.92 39.47
CA TYR AA 123 -30.61 -30.06 38.61
C TYR AA 123 -31.39 -31.13 39.37
N ARG AA 124 -32.44 -30.72 40.04
CA ARG AA 124 -33.46 -31.67 40.43
C ARG AA 124 -34.36 -31.90 39.23
N GLU AA 125 -35.21 -32.92 39.35
CA GLU AA 125 -35.97 -33.57 38.28
C GLU AA 125 -35.08 -34.21 37.22
N ASP AA 126 -33.78 -34.32 37.48
CA ASP AA 126 -32.79 -34.87 36.57
C ASP AA 126 -31.84 -35.84 37.24
N LEU AA 127 -31.71 -35.79 38.56
CA LEU AA 127 -30.73 -36.57 39.29
C LEU AA 127 -31.41 -37.29 40.44
N MET AA 128 -30.81 -38.40 40.85
CA MET AA 128 -31.24 -39.13 42.05
C MET AA 128 -30.00 -39.32 42.91
N ALA AA 129 -29.76 -38.39 43.82
CA ALA AA 129 -28.54 -38.36 44.60
C ALA AA 129 -28.85 -38.39 46.10
N GLY AA 130 -28.09 -39.20 46.82
CA GLY AA 130 -28.26 -39.38 48.25
C GLY AA 130 -27.06 -39.00 49.07
N ILE AA 131 -26.47 -37.84 48.78
CA ILE AA 131 -25.13 -37.52 49.28
C ILE AA 131 -25.16 -37.21 50.77
N ILE AA 132 -24.21 -37.77 51.50
CA ILE AA 132 -23.91 -37.41 52.87
C ILE AA 132 -22.47 -36.95 52.93
N ILE AA 133 -22.25 -35.74 53.43
CA ILE AA 133 -20.92 -35.13 53.51
C ILE AA 133 -20.48 -35.10 54.95
N ALA AA 134 -19.29 -35.62 55.22
CA ALA AA 134 -18.74 -35.58 56.57
C ALA AA 134 -17.24 -35.37 56.49
N GLY AA 135 -16.69 -34.83 57.56
CA GLY AA 135 -15.25 -34.61 57.60
C GLY AA 135 -14.86 -33.64 58.69
N TRP AA 136 -13.57 -33.68 59.02
CA TRP AA 136 -13.03 -32.82 60.05
C TRP AA 136 -12.69 -31.45 59.48
N ASP AA 137 -12.84 -30.44 60.31
CA ASP AA 137 -12.55 -29.07 59.95
C ASP AA 137 -11.73 -28.41 61.05
N PRO AA 138 -10.77 -27.55 60.69
CA PRO AA 138 -9.99 -26.88 61.74
C PRO AA 138 -10.78 -25.88 62.55
N GLN AA 139 -11.72 -25.19 61.91
CA GLN AA 139 -12.51 -24.22 62.63
C GLN AA 139 -13.55 -24.89 63.52
N GLU AA 140 -14.11 -26.02 63.09
CA GLU AA 140 -15.29 -26.56 63.74
C GLU AA 140 -15.21 -28.02 64.14
N GLY AA 141 -14.13 -28.74 63.84
CA GLY AA 141 -14.05 -30.12 64.25
C GLY AA 141 -14.82 -31.04 63.32
N GLY AA 142 -15.48 -32.05 63.89
CA GLY AA 142 -16.23 -32.98 63.07
C GLY AA 142 -17.63 -32.47 62.78
N GLN AA 143 -18.08 -32.72 61.55
CA GLN AA 143 -19.40 -32.30 61.10
C GLN AA 143 -19.98 -33.37 60.18
N VAL AA 144 -21.30 -33.46 60.17
CA VAL AA 144 -22.02 -34.40 59.30
C VAL AA 144 -23.20 -33.65 58.69
N TYR AA 145 -23.28 -33.65 57.36
CA TYR AA 145 -24.38 -33.00 56.64
C TYR AA 145 -25.11 -34.01 55.77
N SER AA 146 -26.39 -33.72 55.54
CA SER AA 146 -27.27 -34.60 54.80
C SER AA 146 -27.86 -33.85 53.61
N VAL AA 147 -27.67 -34.40 52.41
CA VAL AA 147 -28.29 -33.90 51.21
C VAL AA 147 -29.10 -35.01 50.57
N PRO AA 148 -30.40 -35.06 50.83
CA PRO AA 148 -31.23 -36.10 50.21
C PRO AA 148 -31.62 -35.77 48.79
N MET AA 149 -32.51 -36.56 48.20
CA MET AA 149 -32.86 -36.44 46.79
C MET AA 149 -33.56 -35.13 46.45
N GLY AA 150 -34.15 -34.45 47.43
CA GLY AA 150 -34.82 -33.20 47.16
C GLY AA 150 -33.87 -32.08 46.83
N GLY AA 151 -32.91 -31.83 47.71
CA GLY AA 151 -31.95 -30.77 47.52
C GLY AA 151 -31.73 -29.95 48.76
N MET AA 152 -32.35 -30.34 49.87
CA MET AA 152 -32.15 -29.63 51.11
C MET AA 152 -30.85 -30.06 51.78
N MET AA 153 -30.45 -29.28 52.77
CA MET AA 153 -29.20 -29.50 53.50
C MET AA 153 -29.46 -29.29 54.98
N VAL AA 154 -28.96 -30.20 55.82
CA VAL AA 154 -29.15 -30.08 57.26
C VAL AA 154 -27.96 -30.74 57.96
N ARG AA 155 -27.56 -30.19 59.09
CA ARG AA 155 -26.52 -30.77 59.91
C ARG AA 155 -27.16 -31.69 60.94
N GLN AA 156 -26.55 -32.87 61.14
CA GLN AA 156 -27.04 -33.83 62.11
C GLN AA 156 -25.88 -34.38 62.93
N SER AA 157 -26.24 -34.93 64.09
CA SER AA 157 -25.26 -35.64 64.89
C SER AA 157 -24.86 -36.95 64.24
N PHE AA 158 -25.82 -37.63 63.61
CA PHE AA 158 -25.54 -38.82 62.85
C PHE AA 158 -26.54 -38.89 61.72
N ALA AA 159 -26.11 -39.47 60.61
CA ALA AA 159 -26.95 -39.50 59.42
C ALA AA 159 -26.78 -40.83 58.71
N ILE AA 160 -27.88 -41.40 58.25
CA ILE AA 160 -27.85 -42.61 57.45
C ILE AA 160 -28.60 -42.33 56.15
N GLY AA 161 -28.51 -43.27 55.22
CA GLY AA 161 -29.18 -43.11 53.95
C GLY AA 161 -29.03 -44.37 53.14
N GLY AA 162 -29.73 -44.40 52.03
CA GLY AA 162 -29.71 -45.54 51.12
C GLY AA 162 -31.02 -46.30 51.15
N SER AA 163 -31.05 -47.36 50.34
CA SER AA 163 -32.26 -48.16 50.23
C SER AA 163 -32.49 -49.00 51.48
N GLY AA 164 -31.44 -49.59 52.02
CA GLY AA 164 -31.59 -50.42 53.19
C GLY AA 164 -31.44 -49.67 54.50
N SER AA 165 -31.64 -48.36 54.45
CA SER AA 165 -31.52 -47.54 55.64
C SER AA 165 -32.75 -47.61 56.52
N SER AA 166 -33.89 -48.05 55.99
CA SER AA 166 -35.12 -48.07 56.75
C SER AA 166 -35.14 -49.20 57.78
N TYR AA 167 -34.26 -50.17 57.66
CA TYR AA 167 -34.35 -51.37 58.48
C TYR AA 167 -33.64 -51.21 59.81
N ILE AA 168 -32.53 -50.50 59.82
CA ILE AA 168 -31.75 -50.28 61.03
C ILE AA 168 -32.16 -48.93 61.62
N TYR AA 169 -33.22 -48.37 61.09
CA TYR AA 169 -33.57 -46.99 61.36
C TYR AA 169 -34.12 -46.81 62.75
N GLY AA 170 -34.68 -47.87 63.34
CA GLY AA 170 -35.14 -47.81 64.71
C GLY AA 170 -34.12 -48.39 65.66
N TYR AA 171 -33.16 -49.15 65.13
CA TYR AA 171 -32.07 -49.62 65.96
C TYR AA 171 -31.15 -48.48 66.35
N VAL AA 172 -30.96 -47.52 65.45
CA VAL AA 172 -29.86 -46.59 65.58
C VAL AA 172 -30.14 -45.55 66.66
N ASP AA 173 -31.40 -45.16 66.85
CA ASP AA 173 -31.73 -44.14 67.84
C ASP AA 173 -32.04 -44.71 69.20
N ALA AA 174 -32.21 -46.03 69.31
CA ALA AA 174 -32.23 -46.66 70.61
C ALA AA 174 -30.84 -47.01 71.09
N THR AA 175 -29.88 -47.05 70.19
CA THR AA 175 -28.51 -47.43 70.53
C THR AA 175 -27.58 -46.22 70.64
N TYR AA 176 -27.92 -45.12 69.98
CA TYR AA 176 -27.07 -43.93 70.00
C TYR AA 176 -27.03 -43.31 71.39
N ARG AA 177 -25.87 -42.78 71.73
CA ARG AA 177 -25.63 -42.22 73.04
C ARG AA 177 -24.68 -41.05 72.88
N GLU AA 178 -24.99 -39.93 73.52
CA GLU AA 178 -24.20 -38.73 73.35
C GLU AA 178 -22.88 -38.84 74.11
N GLY AA 179 -21.79 -38.49 73.44
CA GLY AA 179 -20.48 -38.52 74.07
C GLY AA 179 -19.76 -39.83 73.92
N MET AA 180 -19.66 -40.32 72.68
CA MET AA 180 -18.92 -41.55 72.43
C MET AA 180 -17.46 -41.24 72.13
N THR AA 181 -16.64 -42.28 72.20
CA THR AA 181 -15.25 -42.17 71.77
C THR AA 181 -15.18 -42.60 70.31
N LYS AA 182 -13.96 -42.65 69.78
CA LYS AA 182 -13.80 -43.07 68.40
C LYS AA 182 -14.04 -44.57 68.26
N GLU AA 183 -13.45 -45.36 69.17
CA GLU AA 183 -13.55 -46.81 69.10
C GLU AA 183 -14.96 -47.31 69.35
N GLU AA 184 -15.77 -46.55 70.08
CA GLU AA 184 -17.17 -46.91 70.23
C GLU AA 184 -17.93 -46.67 68.94
N CYS AA 185 -17.61 -45.58 68.24
CA CYS AA 185 -18.30 -45.27 66.99
C CYS AA 185 -17.93 -46.23 65.88
N LEU AA 186 -16.68 -46.71 65.86
CA LEU AA 186 -16.33 -47.78 64.94
C LEU AA 186 -17.06 -49.06 65.28
N GLN AA 187 -17.30 -49.30 66.56
CA GLN AA 187 -18.11 -50.45 66.93
C GLN AA 187 -19.58 -50.18 66.66
N PHE AA 188 -20.01 -48.92 66.77
CA PHE AA 188 -21.42 -48.58 66.60
C PHE AA 188 -21.86 -48.75 65.16
N THR AA 189 -21.09 -48.22 64.22
CA THR AA 189 -21.50 -48.28 62.82
C THR AA 189 -21.30 -49.67 62.23
N ALA AA 190 -20.38 -50.45 62.79
CA ALA AA 190 -20.15 -51.80 62.28
C ALA AA 190 -21.33 -52.70 62.59
N ASN AA 191 -21.87 -52.61 63.80
CA ASN AA 191 -23.06 -53.36 64.11
C ASN AA 191 -24.28 -52.80 63.42
N ALA AA 192 -24.28 -51.49 63.14
CA ALA AA 192 -25.43 -50.88 62.50
C ALA AA 192 -25.53 -51.29 61.03
N LEU AA 193 -24.41 -51.30 60.32
CA LEU AA 193 -24.45 -51.67 58.91
C LEU AA 193 -24.66 -53.16 58.73
N ALA AA 194 -24.21 -53.98 59.68
CA ALA AA 194 -24.30 -55.43 59.51
C ALA AA 194 -25.73 -55.93 59.58
N LEU AA 195 -26.64 -55.18 60.20
CA LEU AA 195 -28.02 -55.62 60.28
C LEU AA 195 -28.75 -55.40 58.97
N ALA AA 196 -28.50 -54.27 58.30
CA ALA AA 196 -29.10 -54.04 57.00
C ALA AA 196 -28.48 -54.92 55.93
N MET AA 197 -27.16 -55.10 56.00
CA MET AA 197 -26.45 -55.95 55.05
C MET AA 197 -26.90 -57.40 55.16
N GLU AA 198 -27.23 -57.85 56.37
CA GLU AA 198 -27.84 -59.16 56.53
C GLU AA 198 -29.20 -59.21 55.88
N ARG AA 199 -29.94 -58.11 55.91
CA ARG AA 199 -31.36 -58.15 55.62
C ARG AA 199 -31.72 -57.65 54.22
N ASP AA 200 -31.29 -56.46 53.86
CA ASP AA 200 -31.68 -55.88 52.58
C ASP AA 200 -30.99 -56.57 51.42
N GLY AA 201 -31.77 -56.88 50.38
CA GLY AA 201 -31.24 -57.60 49.24
C GLY AA 201 -30.33 -56.76 48.36
N SER AA 202 -30.54 -55.46 48.32
CA SER AA 202 -29.65 -54.59 47.56
C SER AA 202 -28.38 -54.26 48.33
N SER AA 203 -28.32 -54.59 49.61
CA SER AA 203 -27.16 -54.29 50.44
C SER AA 203 -26.39 -55.56 50.77
N GLY AA 204 -25.19 -55.37 51.30
CA GLY AA 204 -24.33 -56.45 51.74
C GLY AA 204 -22.97 -56.32 51.12
N GLY AA 205 -22.24 -57.43 51.10
CA GLY AA 205 -20.92 -57.44 50.51
C GLY AA 205 -19.83 -57.37 51.54
N VAL AA 206 -19.23 -56.20 51.71
CA VAL AA 206 -18.14 -56.00 52.65
C VAL AA 206 -18.28 -54.60 53.22
N ILE AA 207 -17.79 -54.41 54.44
CA ILE AA 207 -17.91 -53.15 55.14
C ILE AA 207 -16.64 -52.33 54.92
N ARG AA 208 -16.80 -51.12 54.41
CA ARG AA 208 -15.70 -50.18 54.27
C ARG AA 208 -15.91 -49.04 55.25
N LEU AA 209 -14.90 -48.78 56.08
CA LEU AA 209 -14.97 -47.77 57.11
C LEU AA 209 -13.88 -46.74 56.93
N ALA AA 210 -14.10 -45.56 57.51
CA ALA AA 210 -13.12 -44.50 57.46
C ALA AA 210 -13.29 -43.62 58.69
N ALA AA 211 -12.18 -43.27 59.31
CA ALA AA 211 -12.17 -42.38 60.47
C ALA AA 211 -11.37 -41.14 60.10
N ILE AA 212 -12.01 -39.98 60.18
CA ILE AA 212 -11.39 -38.72 59.83
C ILE AA 212 -11.24 -37.89 61.09
N ALA AA 213 -10.01 -37.48 61.37
CA ALA AA 213 -9.74 -36.64 62.52
C ALA AA 213 -8.71 -35.59 62.10
N GLU AA 214 -8.17 -34.88 63.08
CA GLU AA 214 -7.15 -33.88 62.81
C GLU AA 214 -5.84 -34.53 62.36
N SER AA 215 -5.58 -35.75 62.82
CA SER AA 215 -4.30 -36.38 62.51
C SER AA 215 -4.26 -36.88 61.08
N GLY AA 216 -5.13 -37.81 60.74
CA GLY AA 216 -5.10 -38.40 59.42
C GLY AA 216 -6.41 -39.04 59.08
N VAL AA 217 -6.37 -39.92 58.09
CA VAL AA 217 -7.53 -40.68 57.65
C VAL AA 217 -7.21 -42.16 57.78
N GLU AA 218 -8.02 -42.87 58.54
CA GLU AA 218 -7.80 -44.28 58.82
C GLU AA 218 -8.90 -45.07 58.10
N ARG AA 219 -8.55 -45.66 56.97
CA ARG AA 219 -9.49 -46.44 56.18
C ARG AA 219 -9.21 -47.92 56.39
N GLN AA 220 -10.27 -48.71 56.50
CA GLN AA 220 -10.12 -50.13 56.73
C GLN AA 220 -11.30 -50.87 56.14
N VAL AA 221 -11.07 -52.13 55.80
CA VAL AA 221 -12.05 -53.00 55.21
C VAL AA 221 -12.34 -54.12 56.19
N LEU AA 222 -13.60 -54.31 56.54
CA LEU AA 222 -13.99 -55.17 57.63
C LEU AA 222 -15.03 -56.18 57.15
N LEU AA 223 -15.07 -57.33 57.81
CA LEU AA 223 -16.12 -58.31 57.60
C LEU AA 223 -16.45 -58.98 58.93
N GLY AA 224 -17.73 -58.95 59.30
CA GLY AA 224 -18.16 -59.50 60.57
C GLY AA 224 -19.52 -58.97 61.00
N THR BA 43 -23.32 -61.45 21.93
CA THR BA 43 -22.28 -60.51 22.31
C THR BA 43 -21.74 -60.84 23.68
N THR BA 44 -20.46 -61.19 23.74
CA THR BA 44 -19.82 -61.56 25.00
C THR BA 44 -18.40 -61.04 24.99
N ILE BA 45 -18.11 -60.11 25.89
CA ILE BA 45 -16.77 -59.55 26.03
C ILE BA 45 -16.34 -59.67 27.48
N ALA BA 46 -15.04 -59.87 27.68
CA ALA BA 46 -14.51 -60.09 29.02
C ALA BA 46 -13.06 -59.65 29.06
N GLY BA 47 -12.57 -59.40 30.27
CA GLY BA 47 -11.20 -58.99 30.48
C GLY BA 47 -10.70 -59.44 31.83
N VAL BA 48 -9.38 -59.43 31.98
CA VAL BA 48 -8.74 -59.92 33.19
C VAL BA 48 -7.40 -59.22 33.33
N VAL BA 49 -6.87 -59.19 34.54
CA VAL BA 49 -5.58 -58.57 34.83
C VAL BA 49 -4.70 -59.66 35.43
N TYR BA 50 -3.70 -60.12 34.69
CA TYR BA 50 -2.78 -61.09 35.24
C TYR BA 50 -1.58 -60.35 35.83
N LYS BA 51 -0.52 -61.09 36.15
CA LYS BA 51 0.60 -60.56 36.92
C LYS BA 51 1.39 -59.49 36.16
N ASP BA 52 1.29 -59.45 34.84
CA ASP BA 52 2.05 -58.47 34.07
C ASP BA 52 1.21 -57.56 33.22
N GLY BA 53 0.08 -58.01 32.71
CA GLY BA 53 -0.73 -57.20 31.82
C GLY BA 53 -2.18 -57.61 31.81
N ILE BA 54 -2.82 -57.42 30.66
CA ILE BA 54 -4.27 -57.51 30.51
C ILE BA 54 -4.58 -58.35 29.29
N VAL BA 55 -5.51 -59.29 29.43
CA VAL BA 55 -6.01 -60.09 28.32
C VAL BA 55 -7.47 -59.71 28.09
N LEU BA 56 -7.81 -59.38 26.85
CA LEU BA 56 -9.17 -59.06 26.46
C LEU BA 56 -9.71 -60.15 25.53
N GLY BA 57 -11.01 -60.35 25.57
CA GLY BA 57 -11.63 -61.39 24.75
C GLY BA 57 -12.98 -60.94 24.25
N ALA BA 58 -13.38 -61.49 23.10
CA ALA BA 58 -14.64 -61.12 22.46
C ALA BA 58 -15.07 -62.25 21.54
N ASP BA 59 -16.18 -62.05 20.85
CA ASP BA 59 -16.74 -63.00 19.90
C ASP BA 59 -17.00 -62.30 18.57
N THR BA 60 -17.59 -63.02 17.63
CA THR BA 60 -17.66 -62.58 16.24
C THR BA 60 -19.05 -62.76 15.63
N ARG BA 61 -20.09 -62.26 16.30
CA ARG BA 61 -21.42 -62.28 15.71
C ARG BA 61 -22.13 -60.95 15.89
N ALA BA 62 -22.74 -60.48 14.81
CA ALA BA 62 -23.68 -59.37 14.87
C ALA BA 62 -25.01 -59.86 14.32
N THR BA 63 -26.07 -59.72 15.09
CA THR BA 63 -27.40 -60.15 14.70
C THR BA 63 -28.31 -58.97 14.46
N GLU BA 64 -29.34 -59.21 13.66
CA GLU BA 64 -30.41 -58.25 13.43
C GLU BA 64 -31.73 -58.97 13.66
N GLY BA 65 -32.45 -58.58 14.70
CA GLY BA 65 -33.60 -59.33 15.13
C GLY BA 65 -33.15 -60.65 15.71
N MET BA 66 -33.59 -61.76 15.12
CA MET BA 66 -33.09 -63.07 15.51
C MET BA 66 -32.43 -63.76 14.31
N VAL BA 67 -31.82 -62.99 13.43
CA VAL BA 67 -31.15 -63.50 12.25
C VAL BA 67 -29.68 -63.10 12.31
N VAL BA 68 -28.79 -64.05 12.10
CA VAL BA 68 -27.36 -63.78 12.12
C VAL BA 68 -27.00 -62.94 10.91
N ALA BA 69 -26.61 -61.69 11.13
CA ALA BA 69 -26.24 -60.82 10.02
C ALA BA 69 -24.77 -60.98 9.65
N ASP BA 70 -23.88 -61.11 10.63
CA ASP BA 70 -22.46 -61.19 10.37
C ASP BA 70 -21.87 -62.38 11.11
N LYS BA 71 -21.06 -63.15 10.40
CA LYS BA 71 -20.38 -64.30 10.97
C LYS BA 71 -19.00 -63.92 11.49
N ASN BA 72 -18.53 -62.71 11.24
CA ASN BA 72 -17.19 -62.31 11.66
C ASN BA 72 -17.19 -60.79 11.78
N CYS BA 73 -17.32 -60.30 13.00
CA CYS BA 73 -17.31 -58.86 13.28
C CYS BA 73 -16.26 -58.59 14.32
N SER BA 74 -15.38 -57.63 14.04
CA SER BA 74 -14.31 -57.30 14.97
C SER BA 74 -14.85 -56.42 16.08
N LYS BA 75 -14.80 -56.92 17.30
CA LYS BA 75 -15.37 -56.20 18.44
C LYS BA 75 -14.33 -55.59 19.35
N ILE BA 76 -13.04 -55.85 19.11
CA ILE BA 76 -11.97 -55.25 19.89
C ILE BA 76 -11.40 -54.09 19.09
N HIS BA 77 -11.50 -52.88 19.63
CA HIS BA 77 -11.16 -51.67 18.90
C HIS BA 77 -9.85 -51.09 19.37
N PHE BA 78 -9.12 -50.49 18.42
CA PHE BA 78 -7.88 -49.80 18.72
C PHE BA 78 -8.17 -48.45 19.35
N ILE BA 79 -7.36 -48.10 20.35
CA ILE BA 79 -7.39 -46.77 20.96
C ILE BA 79 -6.02 -46.11 20.87
N SER BA 80 -5.00 -46.76 21.42
CA SER BA 80 -3.64 -46.27 21.39
C SER BA 80 -2.74 -47.50 21.32
N PRO BA 81 -1.42 -47.33 21.07
CA PRO BA 81 -0.55 -48.52 21.09
C PRO BA 81 -0.42 -49.26 22.41
N ASN BA 82 -1.02 -48.77 23.49
CA ASN BA 82 -1.12 -49.51 24.72
C ASN BA 82 -2.54 -49.77 25.20
N ILE BA 83 -3.56 -49.12 24.64
CA ILE BA 83 -4.92 -49.20 25.15
C ILE BA 83 -5.82 -49.76 24.06
N TYR BA 84 -6.66 -50.71 24.42
CA TYR BA 84 -7.69 -51.26 23.54
C TYR BA 84 -9.03 -51.24 24.27
N CYS BA 85 -10.09 -51.45 23.50
CA CYS BA 85 -11.45 -51.34 24.04
C CYS BA 85 -12.36 -52.33 23.34
N CYS BA 86 -13.22 -52.97 24.12
CA CYS BA 86 -14.22 -53.88 23.60
C CYS BA 86 -15.59 -53.22 23.64
N GLY BA 87 -16.41 -53.50 22.63
CA GLY BA 87 -17.67 -52.82 22.45
C GLY BA 87 -18.85 -53.75 22.58
N ALA BA 88 -19.94 -53.23 23.14
CA ALA BA 88 -21.17 -53.99 23.30
C ALA BA 88 -22.34 -53.01 23.32
N GLY BA 89 -23.49 -53.47 22.87
CA GLY BA 89 -24.65 -52.61 22.77
C GLY BA 89 -24.98 -52.27 21.34
N THR BA 90 -25.30 -51.00 21.08
CA THR BA 90 -25.55 -50.56 19.71
C THR BA 90 -24.23 -50.52 18.96
N ALA BA 91 -24.18 -51.22 17.82
CA ALA BA 91 -22.91 -51.42 17.14
C ALA BA 91 -22.40 -50.13 16.51
N ALA BA 92 -23.29 -49.30 15.96
CA ALA BA 92 -22.86 -48.04 15.38
C ALA BA 92 -22.52 -47.00 16.44
N ASP BA 93 -23.13 -47.08 17.61
CA ASP BA 93 -22.79 -46.13 18.66
C ASP BA 93 -21.43 -46.42 19.26
N THR BA 94 -21.07 -47.69 19.35
CA THR BA 94 -19.74 -48.01 19.87
C THR BA 94 -18.65 -47.70 18.87
N ASP BA 95 -18.95 -47.82 17.58
CA ASP BA 95 -17.93 -47.56 16.56
C ASP BA 95 -17.59 -46.09 16.48
N MET BA 96 -18.60 -45.22 16.44
CA MET BA 96 -18.35 -43.80 16.33
C MET BA 96 -17.78 -43.21 17.61
N THR BA 97 -18.06 -43.81 18.76
CA THR BA 97 -17.51 -43.30 20.00
C THR BA 97 -16.05 -43.69 20.15
N THR BA 98 -15.71 -44.94 19.84
CA THR BA 98 -14.36 -45.42 20.05
C THR BA 98 -13.37 -44.85 19.05
N GLN BA 99 -13.84 -44.20 17.98
CA GLN BA 99 -12.94 -43.53 17.06
C GLN BA 99 -12.71 -42.09 17.44
N LEU BA 100 -13.69 -41.47 18.08
CA LEU BA 100 -13.54 -40.09 18.51
C LEU BA 100 -12.52 -39.95 19.61
N ILE BA 101 -12.58 -40.84 20.61
CA ILE BA 101 -11.65 -40.79 21.72
C ILE BA 101 -10.27 -41.23 21.28
N SER BA 102 -10.21 -42.19 20.35
CA SER BA 102 -8.93 -42.56 19.76
C SER BA 102 -8.35 -41.45 18.91
N SER BA 103 -9.18 -40.56 18.41
CA SER BA 103 -8.67 -39.39 17.71
C SER BA 103 -8.11 -38.37 18.68
N ASN BA 104 -8.78 -38.17 19.82
CA ASN BA 104 -8.34 -37.14 20.75
C ASN BA 104 -7.10 -37.56 21.53
N LEU BA 105 -6.94 -38.85 21.84
CA LEU BA 105 -5.75 -39.28 22.54
C LEU BA 105 -4.52 -39.24 21.63
N GLU BA 106 -4.71 -39.50 20.35
CA GLU BA 106 -3.63 -39.27 19.40
C GLU BA 106 -3.30 -37.80 19.30
N LEU BA 107 -4.31 -36.94 19.38
CA LEU BA 107 -4.07 -35.51 19.44
C LEU BA 107 -3.41 -35.10 20.75
N HIS BA 108 -3.79 -35.73 21.85
CA HIS BA 108 -3.26 -35.36 23.15
C HIS BA 108 -1.84 -35.84 23.36
N SER BA 109 -1.55 -37.09 22.97
CA SER BA 109 -0.23 -37.65 23.22
C SER BA 109 0.81 -37.07 22.29
N LEU BA 110 0.41 -36.71 21.08
CA LEU BA 110 1.37 -36.13 20.16
C LEU BA 110 1.68 -34.69 20.55
N SER BA 111 0.73 -34.01 21.19
CA SER BA 111 1.00 -32.68 21.73
C SER BA 111 1.82 -32.76 23.00
N THR BA 112 1.58 -33.77 23.83
CA THR BA 112 2.35 -33.93 25.06
C THR BA 112 3.75 -34.45 24.76
N GLY BA 113 3.84 -35.50 23.96
CA GLY BA 113 5.10 -36.11 23.66
C GLY BA 113 5.43 -37.34 24.47
N ARG BA 114 4.43 -37.99 25.06
CA ARG BA 114 4.68 -39.18 25.84
C ARG BA 114 3.46 -40.09 25.77
N LEU BA 115 3.58 -41.25 26.38
CA LEU BA 115 2.61 -42.33 26.29
C LEU BA 115 1.34 -41.96 27.07
N PRO BA 116 0.17 -42.28 26.53
CA PRO BA 116 -1.08 -41.88 27.21
C PRO BA 116 -1.34 -42.70 28.46
N ARG BA 117 -2.32 -42.23 29.23
CA ARG BA 117 -2.75 -42.90 30.44
C ARG BA 117 -4.17 -43.44 30.27
N VAL BA 118 -4.44 -44.57 30.93
CA VAL BA 118 -5.75 -45.20 30.81
C VAL BA 118 -6.81 -44.37 31.51
N VAL BA 119 -6.42 -43.68 32.60
CA VAL BA 119 -7.35 -42.82 33.31
C VAL BA 119 -7.74 -41.61 32.49
N THR BA 120 -6.95 -41.24 31.49
CA THR BA 120 -7.36 -40.17 30.59
C THR BA 120 -8.47 -40.65 29.67
N ALA BA 121 -8.35 -41.88 29.17
CA ALA BA 121 -9.38 -42.44 28.31
C ALA BA 121 -10.65 -42.74 29.09
N ASN BA 122 -10.52 -43.07 30.37
CA ASN BA 122 -11.69 -43.28 31.21
C ASN BA 122 -12.43 -41.97 31.41
N ARG BA 123 -11.70 -40.89 31.66
CA ARG BA 123 -12.33 -39.62 32.00
C ARG BA 123 -12.99 -39.00 30.79
N MET BA 124 -12.46 -39.25 29.59
CA MET BA 124 -13.11 -38.73 28.39
C MET BA 124 -14.41 -39.47 28.10
N LEU BA 125 -14.43 -40.78 28.30
CA LEU BA 125 -15.60 -41.57 27.95
C LEU BA 125 -16.74 -41.35 28.92
N LYS BA 126 -16.45 -41.34 30.23
CA LYS BA 126 -17.53 -41.20 31.20
C LYS BA 126 -18.12 -39.80 31.20
N GLN BA 127 -17.39 -38.82 30.69
CA GLN BA 127 -17.88 -37.46 30.65
C GLN BA 127 -18.60 -37.18 29.35
N MET BA 128 -18.27 -37.92 28.29
CA MET BA 128 -19.02 -37.82 27.06
C MET BA 128 -20.39 -38.46 27.19
N LEU BA 129 -20.43 -39.69 27.70
CA LEU BA 129 -21.66 -40.46 27.76
C LEU BA 129 -22.67 -39.89 28.74
N PHE BA 130 -22.21 -39.20 29.77
CA PHE BA 130 -23.15 -38.58 30.71
C PHE BA 130 -23.86 -37.41 30.07
N ARG BA 131 -23.26 -36.77 29.09
CA ARG BA 131 -23.86 -35.60 28.47
C ARG BA 131 -25.01 -35.99 27.56
N TYR BA 132 -25.02 -37.21 27.04
CA TYR BA 132 -26.09 -37.68 26.18
C TYR BA 132 -27.20 -38.39 26.93
N GLN BA 133 -27.10 -38.47 28.26
CA GLN BA 133 -28.12 -39.02 29.15
C GLN BA 133 -28.45 -40.47 28.82
N GLY BA 134 -27.47 -41.23 28.37
CA GLY BA 134 -27.70 -42.62 28.05
C GLY BA 134 -28.41 -42.89 26.75
N TYR BA 135 -28.59 -41.87 25.92
CA TYR BA 135 -29.18 -42.11 24.60
C TYR BA 135 -28.24 -42.90 23.72
N ILE BA 136 -26.95 -42.64 23.83
CA ILE BA 136 -25.96 -43.44 23.12
C ILE BA 136 -25.76 -44.73 23.89
N GLY BA 137 -26.22 -45.83 23.30
CA GLY BA 137 -26.12 -47.11 23.97
C GLY BA 137 -24.79 -47.76 23.70
N ALA BA 138 -23.85 -47.61 24.63
CA ALA BA 138 -22.51 -48.15 24.46
C ALA BA 138 -22.07 -48.76 25.77
N ALA BA 139 -21.69 -50.03 25.74
CA ALA BA 139 -21.15 -50.73 26.90
C ALA BA 139 -19.72 -51.12 26.57
N LEU BA 140 -18.76 -50.61 27.35
CA LEU BA 140 -17.37 -50.70 26.98
C LEU BA 140 -16.54 -51.33 28.08
N VAL BA 141 -15.50 -52.05 27.66
CA VAL BA 141 -14.49 -52.60 28.54
C VAL BA 141 -13.17 -51.98 28.13
N LEU BA 142 -12.55 -51.23 29.03
CA LEU BA 142 -11.37 -50.45 28.73
C LEU BA 142 -10.17 -51.04 29.46
N GLY BA 143 -9.10 -51.28 28.72
CA GLY BA 143 -7.91 -51.86 29.31
C GLY BA 143 -6.61 -51.39 28.67
N GLY BA 144 -5.57 -51.26 29.47
CA GLY BA 144 -4.29 -50.84 28.95
C GLY BA 144 -3.24 -50.85 30.04
N VAL BA 145 -1.99 -50.67 29.62
CA VAL BA 145 -0.86 -50.66 30.54
C VAL BA 145 -0.20 -49.29 30.48
N ASP BA 146 -0.15 -48.62 31.61
CA ASP BA 146 0.45 -47.30 31.73
C ASP BA 146 1.83 -47.39 32.35
N VAL BA 147 2.38 -46.22 32.69
CA VAL BA 147 3.55 -46.15 33.54
C VAL BA 147 3.24 -46.75 34.91
N THR BA 148 2.04 -46.49 35.42
CA THR BA 148 1.64 -47.03 36.71
C THR BA 148 1.36 -48.52 36.66
N GLY BA 149 1.06 -49.08 35.50
CA GLY BA 149 0.81 -50.49 35.38
C GLY BA 149 -0.47 -50.77 34.63
N PRO BA 150 -0.96 -52.00 34.70
CA PRO BA 150 -2.20 -52.35 34.00
C PRO BA 150 -3.42 -51.80 34.72
N HIS BA 151 -4.44 -51.48 33.94
CA HIS BA 151 -5.67 -50.92 34.47
C HIS BA 151 -6.84 -51.39 33.62
N LEU BA 152 -7.89 -51.87 34.28
CA LEU BA 152 -9.05 -52.41 33.60
C LEU BA 152 -10.29 -51.71 34.09
N TYR BA 153 -11.14 -51.26 33.17
CA TYR BA 153 -12.36 -50.55 33.51
C TYR BA 153 -13.55 -51.15 32.78
N SER BA 154 -14.73 -50.86 33.30
CA SER BA 154 -15.99 -51.20 32.65
C SER BA 154 -16.87 -49.97 32.66
N ILE BA 155 -17.46 -49.65 31.51
CA ILE BA 155 -18.20 -48.41 31.33
C ILE BA 155 -19.61 -48.75 30.86
N TYR BA 156 -20.57 -48.25 31.53
CA TYR BA 156 -22.00 -48.37 31.30
C TYR BA 156 -22.51 -47.16 30.54
N PRO BA 157 -23.56 -47.32 29.72
CA PRO BA 157 -23.96 -46.23 28.81
C PRO BA 157 -24.57 -45.00 29.48
N HIS BA 158 -24.80 -45.02 30.79
CA HIS BA 158 -25.18 -43.78 31.46
C HIS BA 158 -23.99 -43.00 31.97
N GLY BA 159 -22.83 -43.63 32.10
CA GLY BA 159 -21.64 -42.91 32.50
C GLY BA 159 -21.08 -43.35 33.83
N SER BA 160 -21.48 -44.51 34.30
CA SER BA 160 -20.95 -45.07 35.54
C SER BA 160 -19.81 -46.01 35.21
N THR BA 161 -18.68 -45.83 35.86
CA THR BA 161 -17.48 -46.62 35.61
C THR BA 161 -17.05 -47.35 36.86
N ASP BA 162 -16.35 -48.47 36.66
CA ASP BA 162 -15.84 -49.30 37.74
C ASP BA 162 -14.45 -49.80 37.38
N LYS BA 163 -13.54 -49.73 38.34
CA LYS BA 163 -12.24 -50.37 38.21
C LYS BA 163 -12.30 -51.72 38.90
N LEU BA 164 -12.00 -52.77 38.16
CA LEU BA 164 -12.11 -54.14 38.66
C LEU BA 164 -10.97 -54.97 38.09
N PRO BA 165 -10.58 -56.05 38.78
CA PRO BA 165 -9.60 -56.97 38.19
C PRO BA 165 -10.13 -57.81 37.05
N TYR BA 166 -11.44 -58.02 36.96
CA TYR BA 166 -12.02 -58.78 35.87
C TYR BA 166 -13.47 -58.37 35.68
N VAL BA 167 -13.89 -58.21 34.43
CA VAL BA 167 -15.24 -57.77 34.08
C VAL BA 167 -15.77 -58.60 32.93
N THR BA 168 -17.10 -58.66 32.82
CA THR BA 168 -17.78 -59.19 31.66
C THR BA 168 -18.90 -58.25 31.28
N MET BA 169 -19.09 -58.04 29.98
CA MET BA 169 -20.18 -57.21 29.48
C MET BA 169 -20.84 -57.92 28.31
N GLY BA 170 -22.01 -57.46 27.96
CA GLY BA 170 -22.74 -57.99 26.82
C GLY BA 170 -23.94 -58.81 27.27
N SER BA 171 -24.58 -59.44 26.28
CA SER BA 171 -25.73 -60.26 26.57
C SER BA 171 -25.33 -61.58 27.23
N GLY BA 172 -24.23 -62.16 26.79
CA GLY BA 172 -23.77 -63.41 27.37
C GLY BA 172 -22.80 -63.19 28.51
N SER BA 173 -22.89 -62.04 29.16
CA SER BA 173 -21.99 -61.71 30.25
C SER BA 173 -22.22 -62.57 31.48
N LEU BA 174 -23.46 -63.03 31.69
CA LEU BA 174 -23.75 -63.83 32.87
C LEU BA 174 -23.10 -65.19 32.79
N ALA BA 175 -23.00 -65.74 31.59
CA ALA BA 175 -22.34 -67.04 31.44
C ALA BA 175 -20.85 -66.93 31.61
N ALA BA 176 -20.27 -65.82 31.16
CA ALA BA 176 -18.82 -65.65 31.24
C ALA BA 176 -18.36 -65.31 32.64
N MET BA 177 -19.20 -64.65 33.43
CA MET BA 177 -18.87 -64.35 34.81
C MET BA 177 -18.88 -65.60 35.68
N ALA BA 178 -19.54 -66.67 35.23
CA ALA BA 178 -19.51 -67.94 35.93
C ALA BA 178 -18.10 -68.52 35.94
N VAL BA 179 -17.39 -68.39 34.82
CA VAL BA 179 -16.07 -68.99 34.71
C VAL BA 179 -15.06 -68.18 35.50
N PHE BA 180 -15.22 -66.85 35.52
CA PHE BA 180 -14.33 -66.00 36.30
C PHE BA 180 -14.51 -66.24 37.78
N GLU BA 181 -15.75 -66.18 38.27
CA GLU BA 181 -16.00 -66.26 39.71
C GLU BA 181 -15.69 -67.66 40.25
N ASP BA 182 -15.67 -68.67 39.39
CA ASP BA 182 -15.24 -69.99 39.81
C ASP BA 182 -13.72 -70.13 39.73
N LYS BA 183 -13.09 -69.58 38.71
CA LYS BA 183 -11.72 -69.93 38.36
C LYS BA 183 -10.81 -68.72 38.23
N PHE BA 184 -10.96 -67.72 39.08
CA PHE BA 184 -10.02 -66.62 39.11
C PHE BA 184 -9.15 -66.73 40.36
N ARG BA 185 -7.86 -66.46 40.19
CA ARG BA 185 -6.94 -66.32 41.28
C ARG BA 185 -6.03 -65.17 40.93
N PRO BA 186 -5.60 -64.37 41.91
CA PRO BA 186 -4.84 -63.16 41.60
C PRO BA 186 -3.43 -63.49 41.15
N ASP BA 187 -2.93 -62.67 40.24
CA ASP BA 187 -1.58 -62.75 39.67
C ASP BA 187 -1.32 -64.10 39.00
N MET BA 188 -2.11 -64.37 37.97
CA MET BA 188 -1.86 -65.54 37.15
C MET BA 188 -0.73 -65.28 36.17
N GLU BA 189 -0.34 -66.32 35.47
CA GLU BA 189 0.73 -66.21 34.49
C GLU BA 189 0.14 -65.91 33.13
N GLU BA 190 0.96 -66.04 32.09
CA GLU BA 190 0.54 -65.66 30.74
C GLU BA 190 -0.47 -66.66 30.17
N GLU BA 191 -0.03 -67.91 30.01
CA GLU BA 191 -0.90 -68.92 29.41
C GLU BA 191 -2.03 -69.32 30.33
N GLU BA 192 -1.90 -69.09 31.63
CA GLU BA 192 -3.00 -69.36 32.54
C GLU BA 192 -4.12 -68.34 32.34
N ALA BA 193 -3.78 -67.10 31.99
CA ALA BA 193 -4.79 -66.09 31.79
C ALA BA 193 -5.46 -66.24 30.42
N LYS BA 194 -4.68 -66.57 29.40
CA LYS BA 194 -5.24 -66.77 28.07
C LYS BA 194 -6.16 -67.99 28.03
N ASN BA 195 -5.85 -69.00 28.84
CA ASN BA 195 -6.73 -70.16 28.91
C ASN BA 195 -8.02 -69.82 29.61
N LEU BA 196 -7.99 -68.89 30.56
CA LEU BA 196 -9.18 -68.56 31.33
C LEU BA 196 -10.16 -67.76 30.49
N VAL BA 197 -9.67 -66.78 29.74
CA VAL BA 197 -10.55 -65.90 28.96
C VAL BA 197 -11.15 -66.67 27.78
N SER BA 198 -10.35 -67.52 27.14
CA SER BA 198 -10.86 -68.34 26.06
C SER BA 198 -11.87 -69.35 26.55
N GLU BA 199 -11.76 -69.76 27.82
CA GLU BA 199 -12.79 -70.60 28.42
C GLU BA 199 -14.04 -69.81 28.75
N ALA BA 200 -13.88 -68.56 29.19
CA ALA BA 200 -15.03 -67.78 29.63
C ALA BA 200 -15.85 -67.28 28.45
N ILE BA 201 -15.19 -66.94 27.34
CA ILE BA 201 -15.92 -66.53 26.14
C ILE BA 201 -16.65 -67.72 25.55
N ALA BA 202 -16.04 -68.91 25.61
CA ALA BA 202 -16.68 -70.10 25.06
C ALA BA 202 -17.91 -70.50 25.86
N ALA BA 203 -17.98 -70.11 27.13
CA ALA BA 203 -19.19 -70.37 27.91
C ALA BA 203 -20.36 -69.54 27.42
N GLY BA 204 -20.09 -68.34 26.91
CA GLY BA 204 -21.16 -67.53 26.36
C GLY BA 204 -21.57 -67.94 24.97
N ILE BA 205 -20.66 -68.57 24.22
CA ILE BA 205 -20.97 -68.96 22.85
C ILE BA 205 -21.92 -70.14 22.83
N PHE BA 206 -21.76 -71.06 23.77
CA PHE BA 206 -22.70 -72.16 23.91
C PHE BA 206 -23.88 -71.82 24.79
N ASN BA 207 -24.00 -70.57 25.21
CA ASN BA 207 -25.27 -69.97 25.55
C ASN BA 207 -25.77 -69.21 24.33
N ASP BA 208 -27.05 -68.85 24.33
CA ASP BA 208 -27.65 -68.28 23.13
C ASP BA 208 -27.13 -66.86 22.90
N LEU BA 209 -27.25 -66.41 21.66
CA LEU BA 209 -26.65 -65.18 21.13
C LEU BA 209 -25.14 -65.18 21.36
N GLY BA 210 -24.54 -66.32 21.08
CA GLY BA 210 -23.10 -66.47 21.16
C GLY BA 210 -22.52 -65.99 19.86
N SER BA 211 -21.76 -66.83 19.18
CA SER BA 211 -21.20 -66.39 17.92
C SER BA 211 -20.95 -67.54 16.98
N GLY BA 212 -20.69 -67.18 15.72
CA GLY BA 212 -20.09 -68.05 14.74
C GLY BA 212 -18.62 -68.06 15.08
N SER BA 213 -18.28 -68.86 16.09
CA SER BA 213 -17.20 -68.61 17.02
C SER BA 213 -15.82 -68.47 16.39
N ASN BA 214 -15.28 -67.28 16.54
CA ASN BA 214 -13.87 -67.03 16.33
C ASN BA 214 -13.47 -66.20 17.54
N ILE BA 215 -13.00 -66.86 18.59
CA ILE BA 215 -12.68 -66.18 19.83
C ILE BA 215 -11.47 -65.30 19.60
N ASP BA 216 -11.60 -64.02 19.91
CA ASP BA 216 -10.54 -63.06 19.71
C ASP BA 216 -9.80 -62.80 21.00
N LEU BA 217 -8.50 -62.60 20.91
CA LEU BA 217 -7.70 -62.24 22.07
C LEU BA 217 -6.79 -61.08 21.74
N CYS BA 218 -6.65 -60.18 22.70
CA CYS BA 218 -5.67 -59.10 22.64
C CYS BA 218 -4.89 -59.13 23.93
N VAL BA 219 -3.62 -59.49 23.86
CA VAL BA 219 -2.76 -59.54 25.03
C VAL BA 219 -1.94 -58.27 25.06
N ILE BA 220 -2.10 -57.51 26.14
CA ILE BA 220 -1.37 -56.27 26.34
C ILE BA 220 -0.42 -56.48 27.50
N SER BA 221 0.86 -56.26 27.27
CA SER BA 221 1.86 -56.34 28.32
C SER BA 221 2.60 -55.01 28.40
N LYS BA 222 3.67 -54.99 29.20
CA LYS BA 222 4.44 -53.76 29.37
C LYS BA 222 5.22 -53.40 28.11
N ASN BA 223 5.61 -54.39 27.33
CA ASN BA 223 6.36 -54.16 26.12
C ASN BA 223 5.79 -54.86 24.88
N LYS BA 224 5.24 -56.05 25.04
CA LYS BA 224 4.75 -56.84 23.93
C LYS BA 224 3.24 -56.65 23.79
N LEU BA 225 2.78 -56.50 22.54
CA LEU BA 225 1.37 -56.38 22.22
C LEU BA 225 0.97 -57.47 21.24
N ASP BA 226 -0.08 -58.20 21.56
CA ASP BA 226 -0.56 -59.29 20.74
C ASP BA 226 -2.00 -59.04 20.33
N PHE BA 227 -2.38 -59.64 19.20
CA PHE BA 227 -3.73 -59.45 18.66
C PHE BA 227 -4.04 -60.64 17.78
N LEU BA 228 -4.96 -61.48 18.20
CA LEU BA 228 -5.17 -62.79 17.60
C LEU BA 228 -6.63 -62.92 17.18
N ARG BA 229 -6.89 -62.82 15.88
CA ARG BA 229 -8.27 -62.97 15.43
C ARG BA 229 -8.68 -64.46 15.41
N PRO BA 230 -8.00 -65.38 14.67
CA PRO BA 230 -8.56 -66.74 14.75
C PRO BA 230 -7.89 -67.58 15.85
N TYR BA 231 -8.09 -67.19 17.11
CA TYR BA 231 -7.41 -67.89 18.20
C TYR BA 231 -7.98 -69.29 18.41
N THR BA 232 -9.28 -69.45 18.26
CA THR BA 232 -9.90 -70.77 18.39
C THR BA 232 -11.14 -70.79 17.52
N VAL BA 233 -11.25 -71.80 16.66
CA VAL BA 233 -12.43 -71.95 15.81
C VAL BA 233 -13.11 -73.26 16.20
N PRO BA 234 -14.06 -73.25 17.13
CA PRO BA 234 -14.74 -74.49 17.49
C PRO BA 234 -15.91 -74.86 16.60
N ASN BA 235 -16.59 -73.88 15.98
CA ASN BA 235 -17.79 -74.14 15.21
C ASN BA 235 -17.45 -74.17 13.72
N LYS BA 236 -17.51 -75.36 13.15
CA LYS BA 236 -17.26 -75.55 11.72
C LYS BA 236 -18.55 -75.84 10.99
N LYS BA 237 -18.78 -75.13 9.89
CA LYS BA 237 -19.92 -75.42 9.04
C LYS BA 237 -19.70 -76.75 8.34
N GLY BA 238 -20.72 -77.61 8.36
CA GLY BA 238 -20.63 -78.88 7.69
C GLY BA 238 -20.58 -78.74 6.19
N THR BA 239 -20.07 -79.77 5.54
CA THR BA 239 -19.89 -79.73 4.10
C THR BA 239 -21.23 -79.88 3.39
N ARG BA 240 -21.24 -79.48 2.13
CA ARG BA 240 -22.43 -79.53 1.29
C ARG BA 240 -22.37 -80.81 0.47
N LEU BA 241 -23.41 -81.64 0.58
CA LEU BA 241 -23.40 -82.98 0.01
C LEU BA 241 -24.30 -83.10 -1.22
N GLY BA 242 -24.78 -81.99 -1.75
CA GLY BA 242 -25.71 -82.08 -2.85
C GLY BA 242 -25.14 -81.62 -4.18
N ARG BA 243 -25.72 -82.10 -5.26
CA ARG BA 243 -25.39 -81.64 -6.60
C ARG BA 243 -26.29 -80.47 -6.94
N TYR BA 244 -25.68 -79.33 -7.29
CA TYR BA 244 -26.40 -78.11 -7.59
C TYR BA 244 -26.00 -77.60 -8.95
N ARG BA 245 -26.10 -78.49 -9.92
CA ARG BA 245 -25.68 -78.27 -11.31
C ARG BA 245 -26.38 -77.09 -11.95
N CYS BA 246 -25.62 -76.01 -12.18
CA CYS BA 246 -26.11 -74.83 -12.86
C CYS BA 246 -25.64 -74.85 -14.30
N GLU BA 247 -26.50 -74.41 -15.20
CA GLU BA 247 -26.24 -74.45 -16.63
C GLU BA 247 -26.07 -73.04 -17.16
N LYS BA 248 -25.13 -72.86 -18.09
CA LYS BA 248 -24.93 -71.57 -18.73
C LYS BA 248 -26.06 -71.36 -19.72
N GLY BA 249 -27.18 -70.87 -19.21
CA GLY BA 249 -28.35 -70.67 -20.04
C GLY BA 249 -29.63 -71.18 -19.43
N THR BA 250 -29.63 -71.51 -18.14
CA THR BA 250 -30.83 -71.94 -17.45
C THR BA 250 -31.63 -70.77 -16.90
N THR BA 251 -31.32 -69.54 -17.29
CA THR BA 251 -32.05 -68.36 -16.85
C THR BA 251 -32.37 -67.50 -18.06
N ALA BA 252 -33.66 -67.18 -18.23
CA ALA BA 252 -34.09 -66.39 -19.37
C ALA BA 252 -33.72 -64.93 -19.20
N VAL BA 253 -33.27 -64.30 -20.28
CA VAL BA 253 -32.81 -62.93 -20.27
C VAL BA 253 -33.65 -62.14 -21.26
N LEU BA 254 -34.20 -61.01 -20.81
CA LEU BA 254 -35.02 -60.19 -21.70
C LEU BA 254 -34.16 -59.23 -22.51
N THR BA 255 -33.22 -58.55 -21.85
CA THR BA 255 -32.44 -57.49 -22.51
C THR BA 255 -31.02 -57.52 -22.00
N GLU BA 256 -30.06 -57.64 -22.91
CA GLU BA 256 -28.65 -57.59 -22.57
C GLU BA 256 -28.06 -56.26 -23.00
N LYS BA 257 -26.90 -55.94 -22.43
CA LYS BA 257 -26.25 -54.66 -22.68
C LYS BA 257 -24.78 -54.79 -22.34
N ILE BA 258 -23.90 -54.35 -23.24
CA ILE BA 258 -22.46 -54.42 -23.04
C ILE BA 258 -21.91 -53.01 -23.13
N THR BA 259 -21.04 -52.66 -22.19
CA THR BA 259 -20.36 -51.36 -22.20
C THR BA 259 -18.89 -51.59 -21.92
N PRO BA 260 -18.00 -51.28 -22.87
CA PRO BA 260 -16.56 -51.48 -22.63
C PRO BA 260 -16.02 -50.44 -21.68
N LEU BA 261 -14.77 -50.66 -21.28
CA LEU BA 261 -14.07 -49.78 -20.35
C LEU BA 261 -12.65 -49.57 -20.87
N GLU BA 262 -11.78 -49.08 -20.01
CA GLU BA 262 -10.38 -48.88 -20.38
C GLU BA 262 -9.45 -49.22 -19.22
N SER CA 1 -44.09 -52.02 8.76
CA SER CA 1 -43.17 -50.99 9.21
C SER CA 1 -42.93 -49.94 8.14
N ILE CA 2 -42.08 -48.96 8.46
CA ILE CA 2 -41.72 -47.94 7.50
C ILE CA 2 -40.84 -48.54 6.41
N MET CA 3 -40.01 -49.52 6.77
CA MET CA 3 -39.24 -50.26 5.78
C MET CA 3 -40.13 -51.09 4.87
N SER CA 4 -41.30 -51.50 5.35
CA SER CA 4 -42.24 -52.28 4.57
C SER CA 4 -43.27 -51.40 3.86
N TYR CA 5 -42.98 -50.12 3.68
CA TYR CA 5 -43.95 -49.24 3.07
C TYR CA 5 -43.91 -49.32 1.55
N ASN CA 6 -42.73 -49.57 0.98
CA ASN CA 6 -42.59 -49.69 -0.46
C ASN CA 6 -41.92 -50.98 -0.91
N GLY CA 7 -41.33 -51.73 -0.01
CA GLY CA 7 -40.63 -52.93 -0.39
C GLY CA 7 -39.29 -52.64 -1.04
N GLY CA 8 -38.67 -53.68 -1.54
CA GLY CA 8 -37.39 -53.57 -2.21
C GLY CA 8 -36.46 -54.70 -1.81
N ALA CA 9 -35.48 -54.96 -2.66
CA ALA CA 9 -34.50 -56.02 -2.42
C ALA CA 9 -33.24 -55.69 -3.21
N VAL CA 10 -32.10 -55.68 -2.53
CA VAL CA 10 -30.81 -55.43 -3.15
C VAL CA 10 -29.87 -56.54 -2.72
N MET CA 11 -29.20 -57.16 -3.67
CA MET CA 11 -28.27 -58.25 -3.39
C MET CA 11 -26.95 -58.00 -4.11
N ALA CA 12 -25.85 -58.24 -3.43
CA ALA CA 12 -24.52 -58.22 -4.05
C ALA CA 12 -23.81 -59.53 -3.77
N MET CA 13 -22.90 -59.91 -4.67
CA MET CA 13 -22.22 -61.19 -4.56
C MET CA 13 -20.85 -61.09 -5.19
N LYS CA 14 -19.85 -61.64 -4.51
CA LYS CA 14 -18.46 -61.54 -4.93
C LYS CA 14 -18.08 -62.77 -5.74
N GLY CA 15 -17.38 -62.55 -6.85
CA GLY CA 15 -16.93 -63.64 -7.69
C GLY CA 15 -15.43 -63.86 -7.60
N LYS CA 16 -14.81 -64.29 -8.70
CA LYS CA 16 -13.37 -64.51 -8.71
C LYS CA 16 -12.61 -63.21 -8.89
N ASN CA 17 -12.79 -62.58 -10.05
CA ASN CA 17 -12.19 -61.28 -10.32
C ASN CA 17 -13.27 -60.26 -10.67
N CYS CA 18 -14.51 -60.60 -10.42
CA CYS CA 18 -15.66 -59.82 -10.83
C CYS CA 18 -16.63 -59.77 -9.66
N VAL CA 19 -17.65 -58.93 -9.80
CA VAL CA 19 -18.65 -58.76 -8.75
C VAL CA 19 -19.97 -58.44 -9.42
N ALA CA 20 -21.06 -58.92 -8.83
CA ALA CA 20 -22.39 -58.76 -9.40
C ALA CA 20 -23.30 -58.12 -8.36
N ILE CA 21 -24.31 -57.42 -8.86
CA ILE CA 21 -25.29 -56.73 -8.02
C ILE CA 21 -26.63 -56.77 -8.73
N ALA CA 22 -27.70 -56.92 -7.96
CA ALA CA 22 -29.03 -57.07 -8.54
C ALA CA 22 -30.06 -56.39 -7.65
N ALA CA 23 -31.18 -56.03 -8.26
CA ALA CA 23 -32.29 -55.43 -7.54
C ALA CA 23 -33.57 -55.68 -8.33
N ASP CA 24 -34.69 -55.41 -7.68
CA ASP CA 24 -36.01 -55.51 -8.30
C ASP CA 24 -36.36 -54.22 -9.01
N ARG CA 25 -37.58 -54.17 -9.54
CA ARG CA 25 -38.01 -53.03 -10.34
C ARG CA 25 -39.30 -52.40 -9.85
N ARG CA 26 -40.02 -53.02 -8.92
CA ARG CA 26 -41.34 -52.57 -8.54
C ARG CA 26 -41.28 -51.33 -7.68
N PHE CA 27 -42.05 -50.31 -8.06
CA PHE CA 27 -42.36 -49.19 -7.19
C PHE CA 27 -43.84 -49.21 -6.87
N GLY CA 28 -44.17 -49.01 -5.61
CA GLY CA 28 -45.56 -48.99 -5.23
C GLY CA 28 -45.72 -48.57 -3.79
N ILE CA 29 -46.91 -48.04 -3.51
CA ILE CA 29 -47.37 -47.79 -2.15
C ILE CA 29 -47.88 -49.13 -1.66
N GLN CA 30 -48.15 -49.24 -0.35
CA GLN CA 30 -48.21 -50.47 0.45
C GLN CA 30 -48.72 -51.72 -0.23
N ALA CA 31 -49.84 -51.61 -0.95
CA ALA CA 31 -50.37 -52.73 -1.69
C ALA CA 31 -50.58 -52.44 -3.16
N GLN CA 32 -50.63 -51.18 -3.56
CA GLN CA 32 -50.89 -50.80 -4.94
C GLN CA 32 -49.58 -50.46 -5.63
N MET CA 33 -49.25 -51.16 -6.70
CA MET CA 33 -48.08 -50.77 -7.46
C MET CA 33 -48.36 -49.49 -8.24
N VAL CA 34 -47.28 -48.86 -8.70
CA VAL CA 34 -47.35 -47.65 -9.51
C VAL CA 34 -46.61 -47.83 -10.83
N THR CA 35 -45.35 -48.25 -10.78
CA THR CA 35 -44.57 -48.42 -11.98
C THR CA 35 -43.58 -49.55 -11.77
N THR CA 36 -42.96 -49.99 -12.87
CA THR CA 36 -42.04 -51.11 -12.86
C THR CA 36 -40.66 -50.74 -13.38
N ASP CA 37 -40.26 -49.49 -13.24
CA ASP CA 37 -38.96 -49.04 -13.74
C ASP CA 37 -38.29 -48.11 -12.76
N PHE CA 38 -38.38 -48.44 -11.48
CA PHE CA 38 -37.83 -47.59 -10.44
C PHE CA 38 -36.36 -47.96 -10.25
N GLN CA 39 -35.47 -46.98 -10.41
CA GLN CA 39 -34.05 -47.24 -10.29
C GLN CA 39 -33.65 -47.34 -8.82
N LYS CA 40 -32.91 -48.39 -8.49
CA LYS CA 40 -32.39 -48.58 -7.14
C LYS CA 40 -30.89 -48.83 -7.13
N ILE CA 41 -30.25 -48.86 -8.30
CA ILE CA 41 -28.82 -49.07 -8.40
C ILE CA 41 -28.23 -47.87 -9.12
N PHE CA 42 -27.25 -47.23 -8.51
CA PHE CA 42 -26.71 -45.98 -9.02
C PHE CA 42 -25.22 -46.11 -9.27
N PRO CA 43 -24.72 -45.66 -10.41
CA PRO CA 43 -23.27 -45.73 -10.67
C PRO CA 43 -22.53 -44.63 -9.93
N MET CA 44 -21.45 -45.01 -9.26
CA MET CA 44 -20.59 -44.06 -8.56
C MET CA 44 -19.19 -44.28 -9.12
N GLY CA 45 -18.90 -43.62 -10.24
CA GLY CA 45 -17.65 -43.87 -10.91
C GLY CA 45 -17.71 -45.16 -11.72
N ASP CA 46 -16.56 -45.53 -12.25
CA ASP CA 46 -16.43 -46.72 -13.07
C ASP CA 46 -16.04 -47.91 -12.21
N ARG CA 47 -16.63 -49.06 -12.53
CA ARG CA 47 -16.42 -50.33 -11.83
C ARG CA 47 -16.74 -50.23 -10.34
N LEU CA 48 -17.74 -49.43 -9.99
CA LEU CA 48 -18.13 -49.25 -8.58
C LEU CA 48 -19.55 -48.71 -8.55
N TYR CA 49 -20.48 -49.51 -8.07
CA TYR CA 49 -21.89 -49.13 -8.00
C TYR CA 49 -22.35 -49.07 -6.55
N ILE CA 50 -23.61 -48.69 -6.37
CA ILE CA 50 -24.24 -48.71 -5.06
C ILE CA 50 -25.71 -49.06 -5.25
N GLY CA 51 -26.27 -49.77 -4.29
CA GLY CA 51 -27.67 -50.12 -4.30
C GLY CA 51 -28.36 -49.66 -3.04
N LEU CA 52 -29.59 -49.20 -3.18
CA LEU CA 52 -30.35 -48.66 -2.07
C LEU CA 52 -31.71 -49.35 -2.00
N ALA CA 53 -32.18 -49.54 -0.77
CA ALA CA 53 -33.48 -50.17 -0.56
C ALA CA 53 -34.09 -49.61 0.72
N GLY CA 54 -35.41 -49.58 0.76
CA GLY CA 54 -36.10 -49.08 1.93
C GLY CA 54 -37.18 -48.09 1.56
N LEU CA 55 -37.22 -46.97 2.26
CA LEU CA 55 -38.21 -45.94 1.95
C LEU CA 55 -37.76 -45.19 0.70
N ALA CA 56 -38.65 -45.13 -0.30
CA ALA CA 56 -38.30 -44.62 -1.61
C ALA CA 56 -38.00 -43.13 -1.61
N THR CA 57 -38.46 -42.40 -0.60
CA THR CA 57 -38.01 -41.02 -0.40
C THR CA 57 -36.53 -40.97 -0.13
N ASP CA 58 -36.07 -41.70 0.89
CA ASP CA 58 -34.68 -41.70 1.28
C ASP CA 58 -33.79 -42.42 0.28
N VAL CA 59 -34.35 -43.25 -0.59
CA VAL CA 59 -33.55 -43.83 -1.66
C VAL CA 59 -33.10 -42.75 -2.63
N GLN CA 60 -34.03 -41.89 -3.06
CA GLN CA 60 -33.66 -40.84 -3.99
C GLN CA 60 -32.92 -39.71 -3.30
N THR CA 61 -33.15 -39.50 -2.01
CA THR CA 61 -32.54 -38.37 -1.33
C THR CA 61 -31.07 -38.63 -1.03
N VAL CA 62 -30.77 -39.82 -0.50
CA VAL CA 62 -29.39 -40.16 -0.14
C VAL CA 62 -28.52 -40.30 -1.38
N ALA CA 63 -29.10 -40.82 -2.47
CA ALA CA 63 -28.34 -40.98 -3.71
C ALA CA 63 -27.98 -39.64 -4.34
N GLN CA 64 -28.70 -38.58 -4.01
CA GLN CA 64 -28.35 -37.27 -4.52
C GLN CA 64 -27.38 -36.56 -3.59
N ARG CA 65 -27.49 -36.77 -2.28
CA ARG CA 65 -26.54 -36.18 -1.36
C ARG CA 65 -25.18 -36.84 -1.46
N LEU CA 66 -25.16 -38.14 -1.74
CA LEU CA 66 -23.89 -38.83 -1.87
C LEU CA 66 -23.20 -38.45 -3.18
N LYS CA 67 -23.98 -38.21 -4.23
CA LYS CA 67 -23.40 -37.72 -5.47
C LYS CA 67 -22.88 -36.30 -5.31
N PHE CA 68 -23.50 -35.52 -4.42
CA PHE CA 68 -23.03 -34.18 -4.12
C PHE CA 68 -21.64 -34.22 -3.48
N ARG CA 69 -21.43 -35.12 -2.54
CA ARG CA 69 -20.16 -35.20 -1.86
C ARG CA 69 -19.10 -35.91 -2.69
N LEU CA 70 -19.50 -36.72 -3.66
CA LEU CA 70 -18.53 -37.46 -4.44
C LEU CA 70 -17.83 -36.55 -5.44
N ASN CA 71 -18.59 -35.69 -6.13
CA ASN CA 71 -18.00 -34.85 -7.16
C ASN CA 71 -17.10 -33.78 -6.57
N LEU CA 72 -17.38 -33.34 -5.35
CA LEU CA 72 -16.45 -32.43 -4.70
C LEU CA 72 -15.18 -33.15 -4.28
N TYR CA 73 -15.28 -34.44 -3.98
CA TYR CA 73 -14.11 -35.21 -3.59
C TYR CA 73 -13.21 -35.47 -4.79
N GLU CA 74 -13.79 -35.82 -5.93
CA GLU CA 74 -13.01 -36.17 -7.10
C GLU CA 74 -12.52 -34.96 -7.88
N LEU CA 75 -12.71 -33.75 -7.37
CA LEU CA 75 -12.09 -32.57 -7.95
C LEU CA 75 -11.00 -31.98 -7.09
N LYS CA 76 -11.10 -32.09 -5.77
CA LYS CA 76 -9.98 -31.73 -4.92
C LYS CA 76 -8.87 -32.75 -5.02
N GLU CA 77 -9.17 -33.96 -5.45
CA GLU CA 77 -8.17 -34.98 -5.73
C GLU CA 77 -8.37 -35.43 -7.17
N GLY CA 78 -7.27 -35.52 -7.92
CA GLY CA 78 -7.37 -35.97 -9.30
C GLY CA 78 -7.73 -37.44 -9.44
N ARG CA 79 -7.49 -38.23 -8.41
CA ARG CA 79 -7.81 -39.64 -8.46
C ARG CA 79 -9.30 -39.86 -8.28
N GLN CA 80 -9.74 -41.07 -8.60
CA GLN CA 80 -11.07 -41.52 -8.26
C GLN CA 80 -11.09 -42.07 -6.84
N ILE CA 81 -12.26 -42.42 -6.39
CA ILE CA 81 -12.46 -42.83 -5.00
C ILE CA 81 -12.22 -44.33 -4.88
N LYS CA 82 -11.64 -44.74 -3.76
CA LYS CA 82 -11.46 -46.14 -3.40
C LYS CA 82 -12.75 -46.69 -2.79
N PRO CA 83 -12.97 -48.00 -2.87
CA PRO CA 83 -14.22 -48.55 -2.31
C PRO CA 83 -14.32 -48.45 -0.80
N TYR CA 84 -13.20 -48.55 -0.06
CA TYR CA 84 -13.24 -48.34 1.37
C TYR CA 84 -13.56 -46.90 1.72
N THR CA 85 -13.11 -45.97 0.88
CA THR CA 85 -13.33 -44.56 1.15
C THR CA 85 -14.79 -44.19 0.99
N LEU CA 86 -15.49 -44.83 0.05
CA LEU CA 86 -16.90 -44.58 -0.12
C LEU CA 86 -17.71 -45.10 1.06
N MET CA 87 -17.32 -46.26 1.58
CA MET CA 87 -18.01 -46.85 2.72
C MET CA 87 -17.87 -45.98 3.96
N SER CA 88 -16.71 -45.37 4.15
CA SER CA 88 -16.53 -44.43 5.25
C SER CA 88 -17.28 -43.14 4.99
N MET CA 89 -17.47 -42.79 3.71
CA MET CA 89 -18.20 -41.58 3.38
C MET CA 89 -19.69 -41.75 3.64
N VAL CA 90 -20.25 -42.91 3.30
CA VAL CA 90 -21.68 -43.15 3.48
C VAL CA 90 -22.02 -43.25 4.95
N ALA CA 91 -21.18 -43.93 5.72
CA ALA CA 91 -21.41 -44.10 7.14
C ALA CA 91 -21.31 -42.79 7.89
N ASN CA 92 -20.56 -41.83 7.36
CA ASN CA 92 -20.57 -40.49 7.93
C ASN CA 92 -21.88 -39.80 7.64
N LEU CA 93 -22.43 -39.99 6.43
CA LEU CA 93 -23.64 -39.30 6.04
C LEU CA 93 -24.85 -39.83 6.78
N LEU CA 94 -24.86 -41.11 7.11
CA LEU CA 94 -25.99 -41.68 7.82
C LEU CA 94 -25.95 -41.36 9.30
N TYR CA 95 -24.77 -41.26 9.88
CA TYR CA 95 -24.68 -41.05 11.32
C TYR CA 95 -24.94 -39.61 11.71
N GLU CA 96 -24.84 -38.66 10.77
CA GLU CA 96 -25.20 -37.28 11.05
C GLU CA 96 -26.69 -37.15 11.36
N LYS CA 97 -27.51 -37.94 10.67
CA LYS CA 97 -28.91 -38.07 11.06
C LYS CA 97 -29.03 -39.25 12.02
N ARG CA 98 -28.44 -39.06 13.20
CA ARG CA 98 -28.46 -40.13 14.20
C ARG CA 98 -29.85 -40.30 14.79
N PHE CA 99 -30.53 -39.21 15.08
CA PHE CA 99 -31.83 -39.28 15.72
C PHE CA 99 -32.96 -38.91 14.77
N GLY CA 100 -32.66 -38.50 13.55
CA GLY CA 100 -33.66 -38.28 12.52
C GLY CA 100 -33.46 -39.13 11.28
N PRO CA 101 -33.23 -40.44 11.45
CA PRO CA 101 -32.46 -41.20 10.46
C PRO CA 101 -33.18 -41.43 9.15
N TYR CA 102 -32.40 -41.52 8.09
CA TYR CA 102 -32.92 -41.94 6.80
C TYR CA 102 -33.29 -43.42 6.87
N TYR CA 103 -34.41 -43.77 6.25
CA TYR CA 103 -34.88 -45.14 6.28
C TYR CA 103 -34.42 -45.85 5.01
N THR CA 104 -33.12 -46.15 4.98
CA THR CA 104 -32.57 -46.92 3.88
C THR CA 104 -31.39 -47.73 4.40
N GLU CA 105 -31.02 -48.75 3.62
CA GLU CA 105 -29.93 -49.66 3.97
C GLU CA 105 -29.10 -49.91 2.72
N PRO CA 106 -27.97 -49.23 2.57
CA PRO CA 106 -27.22 -49.30 1.32
C PRO CA 106 -26.42 -50.58 1.18
N VAL CA 107 -26.08 -50.89 -0.07
CA VAL CA 107 -25.21 -52.00 -0.43
C VAL CA 107 -24.24 -51.47 -1.48
N ILE CA 108 -22.94 -51.64 -1.21
CA ILE CA 108 -21.89 -51.13 -2.09
C ILE CA 108 -21.16 -52.31 -2.69
N ALA CA 109 -20.97 -52.29 -4.00
CA ALA CA 109 -20.20 -53.30 -4.69
C ALA CA 109 -19.33 -52.62 -5.73
N GLY CA 110 -18.11 -53.12 -5.90
CA GLY CA 110 -17.22 -52.56 -6.90
C GLY CA 110 -15.86 -53.20 -6.82
N LEU CA 111 -15.05 -52.87 -7.83
CA LEU CA 111 -13.68 -53.35 -7.91
C LEU CA 111 -12.72 -52.30 -7.38
N ASP CA 112 -11.48 -52.71 -7.22
CA ASP CA 112 -10.43 -51.77 -6.89
C ASP CA 112 -10.12 -50.90 -8.10
N PRO CA 113 -9.86 -49.60 -7.91
CA PRO CA 113 -9.52 -48.76 -9.06
C PRO CA 113 -8.15 -49.02 -9.63
N LYS CA 114 -7.22 -49.56 -8.84
CA LYS CA 114 -5.88 -49.85 -9.33
C LYS CA 114 -5.72 -51.34 -9.66
N THR CA 115 -5.97 -52.20 -8.68
CA THR CA 115 -5.89 -53.64 -8.91
C THR CA 115 -7.27 -54.13 -9.37
N PHE CA 116 -7.47 -55.44 -9.33
CA PHE CA 116 -8.70 -56.07 -9.78
C PHE CA 116 -9.58 -56.52 -8.63
N LYS CA 117 -9.27 -56.08 -7.42
CA LYS CA 117 -9.80 -56.74 -6.25
C LYS CA 117 -11.26 -56.34 -6.01
N PRO CA 118 -12.17 -57.29 -5.92
CA PRO CA 118 -13.58 -56.97 -5.68
C PRO CA 118 -13.80 -56.55 -4.24
N PHE CA 119 -14.97 -55.95 -4.01
CA PHE CA 119 -15.32 -55.42 -2.71
C PHE CA 119 -16.84 -55.39 -2.58
N ILE CA 120 -17.35 -55.90 -1.47
CA ILE CA 120 -18.75 -55.77 -1.14
C ILE CA 120 -18.90 -55.40 0.32
N CYS CA 121 -19.89 -54.57 0.62
CA CYS CA 121 -20.23 -54.22 1.99
C CYS CA 121 -21.67 -53.75 2.03
N SER CA 122 -22.23 -53.70 3.23
CA SER CA 122 -23.55 -53.17 3.45
C SER CA 122 -23.57 -52.47 4.79
N LEU CA 123 -24.55 -51.60 4.97
CA LEU CA 123 -24.62 -50.75 6.15
C LEU CA 123 -26.00 -50.84 6.76
N ASP CA 124 -26.09 -50.40 8.00
CA ASP CA 124 -27.37 -50.30 8.69
C ASP CA 124 -27.99 -48.95 8.39
N LEU CA 125 -29.13 -48.66 9.02
CA LEU CA 125 -29.79 -47.38 8.77
C LEU CA 125 -29.17 -46.25 9.56
N ILE CA 126 -28.20 -46.53 10.43
CA ILE CA 126 -27.44 -45.50 11.13
C ILE CA 126 -25.96 -45.59 10.87
N GLY CA 127 -25.51 -46.54 10.05
CA GLY CA 127 -24.15 -46.49 9.56
C GLY CA 127 -23.15 -47.41 10.24
N CYS CA 128 -23.55 -48.66 10.48
CA CYS CA 128 -22.60 -49.66 10.94
C CYS CA 128 -22.11 -50.44 9.72
N PRO CA 129 -20.87 -50.26 9.29
CA PRO CA 129 -20.41 -50.95 8.09
C PRO CA 129 -20.14 -52.41 8.37
N MET CA 130 -20.17 -53.21 7.30
CA MET CA 130 -20.02 -54.66 7.44
C MET CA 130 -19.52 -55.21 6.10
N VAL CA 131 -18.24 -55.55 6.05
CA VAL CA 131 -17.65 -56.16 4.86
C VAL CA 131 -17.70 -57.67 4.99
N THR CA 132 -17.97 -58.34 3.87
CA THR CA 132 -17.97 -59.79 3.85
C THR CA 132 -17.10 -60.30 2.71
N ASP CA 133 -17.15 -61.60 2.46
CA ASP CA 133 -16.39 -62.18 1.37
C ASP CA 133 -17.25 -62.95 0.38
N ASP CA 134 -18.53 -63.16 0.67
CA ASP CA 134 -19.38 -63.97 -0.19
C ASP CA 134 -20.56 -63.19 -0.76
N PHE CA 135 -21.37 -62.56 0.08
CA PHE CA 135 -22.59 -61.89 -0.36
C PHE CA 135 -23.07 -60.97 0.75
N VAL CA 136 -23.80 -59.94 0.34
CA VAL CA 136 -24.59 -59.12 1.26
C VAL CA 136 -25.97 -58.92 0.65
N VAL CA 137 -26.97 -58.80 1.52
CA VAL CA 137 -28.35 -58.59 1.09
C VAL CA 137 -28.98 -57.50 1.95
N SER CA 138 -30.03 -56.89 1.41
CA SER CA 138 -30.82 -55.90 2.13
C SER CA 138 -32.19 -55.82 1.51
N GLY CA 139 -33.15 -55.38 2.31
CA GLY CA 139 -34.51 -55.20 1.85
C GLY CA 139 -35.49 -55.88 2.78
N THR CA 140 -36.75 -55.91 2.34
CA THR CA 140 -37.79 -56.50 3.16
C THR CA 140 -37.69 -58.02 3.17
N CYS CA 141 -37.39 -58.61 2.02
CA CYS CA 141 -37.31 -60.07 1.91
C CYS CA 141 -35.89 -60.58 2.16
N ALA CA 142 -35.38 -60.23 3.35
CA ALA CA 142 -34.00 -60.56 3.69
C ALA CA 142 -33.82 -62.05 3.93
N GLU CA 143 -34.73 -62.66 4.69
CA GLU CA 143 -34.55 -64.06 5.10
C GLU CA 143 -34.67 -65.02 3.94
N GLN CA 144 -35.46 -64.67 2.92
CA GLN CA 144 -35.51 -65.49 1.71
C GLN CA 144 -34.19 -65.42 0.97
N MET CA 145 -33.52 -64.28 1.02
CA MET CA 145 -32.27 -64.15 0.29
C MET CA 145 -31.12 -64.84 1.01
N TYR CA 146 -31.19 -64.96 2.34
CA TYR CA 146 -30.15 -65.73 3.02
C TYR CA 146 -30.26 -67.21 2.74
N GLY CA 147 -31.47 -67.72 2.58
CA GLY CA 147 -31.64 -69.16 2.36
C GLY CA 147 -31.14 -69.60 1.00
N MET CA 148 -31.21 -68.71 0.02
CA MET CA 148 -30.74 -69.07 -1.31
C MET CA 148 -29.22 -68.93 -1.41
N CYS CA 149 -28.66 -67.89 -0.80
CA CYS CA 149 -27.24 -67.62 -0.99
C CYS CA 149 -26.35 -68.54 -0.18
N GLU CA 150 -26.83 -69.04 0.97
CA GLU CA 150 -26.05 -70.00 1.74
C GLU CA 150 -25.89 -71.33 1.02
N SER CA 151 -26.78 -71.65 0.09
CA SER CA 151 -26.72 -72.93 -0.59
C SER CA 151 -26.10 -72.85 -1.97
N LEU CA 152 -26.19 -71.72 -2.65
CA LEU CA 152 -25.78 -71.63 -4.04
C LEU CA 152 -24.40 -71.02 -4.22
N TRP CA 153 -23.84 -70.38 -3.21
CA TRP CA 153 -22.58 -69.67 -3.38
C TRP CA 153 -21.41 -70.64 -3.38
N GLU CA 154 -20.49 -70.42 -4.30
CA GLU CA 154 -19.23 -71.13 -4.41
C GLU CA 154 -18.09 -70.12 -4.31
N PRO CA 155 -16.91 -70.53 -3.83
CA PRO CA 155 -15.82 -69.57 -3.62
C PRO CA 155 -15.28 -68.86 -4.87
N ASN CA 156 -14.81 -69.61 -5.87
CA ASN CA 156 -14.14 -69.01 -7.02
C ASN CA 156 -14.95 -69.31 -8.27
N MET CA 157 -15.62 -68.30 -8.79
CA MET CA 157 -16.59 -68.49 -9.84
C MET CA 157 -16.29 -67.57 -11.01
N ASP CA 158 -16.41 -68.09 -12.23
CA ASP CA 158 -16.29 -67.29 -13.43
C ASP CA 158 -17.50 -66.35 -13.54
N PRO CA 159 -17.43 -65.33 -14.40
CA PRO CA 159 -18.62 -64.49 -14.64
C PRO CA 159 -19.81 -65.20 -15.25
N ASP CA 160 -19.66 -66.42 -15.75
CA ASP CA 160 -20.82 -67.17 -16.23
C ASP CA 160 -21.62 -67.73 -15.08
N HIS CA 161 -20.97 -68.50 -14.21
CA HIS CA 161 -21.69 -69.11 -13.09
C HIS CA 161 -22.02 -68.10 -12.00
N LEU CA 162 -21.32 -66.97 -11.95
CA LEU CA 162 -21.72 -65.91 -11.03
C LEU CA 162 -23.03 -65.30 -11.46
N PHE CA 163 -23.23 -65.16 -12.77
CA PHE CA 163 -24.50 -64.64 -13.27
C PHE CA 163 -25.65 -65.59 -13.00
N GLU CA 164 -25.42 -66.89 -13.19
CA GLU CA 164 -26.49 -67.85 -13.00
C GLU CA 164 -26.83 -68.05 -11.53
N THR CA 165 -25.88 -67.82 -10.63
CA THR CA 165 -26.15 -68.01 -9.22
C THR CA 165 -27.00 -66.88 -8.67
N ILE CA 166 -26.62 -65.63 -8.97
CA ILE CA 166 -27.38 -64.50 -8.46
C ILE CA 166 -28.72 -64.36 -9.19
N SER CA 167 -28.86 -64.96 -10.37
CA SER CA 167 -30.16 -64.97 -11.03
C SER CA 167 -31.11 -65.93 -10.33
N GLN CA 168 -30.65 -67.15 -10.04
CA GLN CA 168 -31.49 -68.11 -9.36
C GLN CA 168 -31.74 -67.72 -7.91
N ALA CA 169 -30.86 -66.93 -7.31
CA ALA CA 169 -31.10 -66.46 -5.95
C ALA CA 169 -32.19 -65.40 -5.93
N MET CA 170 -32.12 -64.46 -6.88
CA MET CA 170 -33.08 -63.36 -6.87
C MET CA 170 -34.45 -63.78 -7.37
N LEU CA 171 -34.51 -64.71 -8.33
CA LEU CA 171 -35.82 -65.08 -8.86
C LEU CA 171 -36.62 -65.90 -7.86
N ASN CA 172 -35.96 -66.79 -7.13
CA ASN CA 172 -36.70 -67.65 -6.23
C ASN CA 172 -37.05 -66.96 -4.93
N ALA CA 173 -36.21 -66.03 -4.47
CA ALA CA 173 -36.49 -65.38 -3.19
C ALA CA 173 -37.55 -64.30 -3.33
N VAL CA 174 -37.57 -63.58 -4.45
CA VAL CA 174 -38.51 -62.46 -4.59
C VAL CA 174 -39.92 -62.96 -4.87
N ASP CA 175 -40.05 -64.08 -5.60
CA ASP CA 175 -41.37 -64.66 -5.84
C ASP CA 175 -42.03 -65.18 -4.57
N ARG CA 176 -41.26 -65.45 -3.53
CA ARG CA 176 -41.81 -65.77 -2.22
C ARG CA 176 -42.21 -64.51 -1.46
N ASP CA 177 -41.66 -63.35 -1.82
CA ASP CA 177 -42.08 -62.10 -1.22
C ASP CA 177 -43.31 -61.56 -1.92
N ALA CA 178 -44.14 -60.83 -1.16
CA ALA CA 178 -45.35 -60.24 -1.70
C ALA CA 178 -45.12 -58.86 -2.29
N VAL CA 179 -44.39 -58.00 -1.59
CA VAL CA 179 -44.28 -56.61 -1.98
C VAL CA 179 -43.01 -56.34 -2.78
N SER CA 180 -42.42 -57.37 -3.37
CA SER CA 180 -41.27 -57.20 -4.23
C SER CA 180 -41.46 -58.03 -5.48
N GLY CA 181 -41.03 -57.50 -6.62
CA GLY CA 181 -41.15 -58.23 -7.86
C GLY CA 181 -41.14 -57.37 -9.09
N MET CA 182 -41.95 -57.78 -10.07
CA MET CA 182 -42.24 -57.03 -11.30
C MET CA 182 -40.98 -56.80 -12.14
N GLY CA 183 -40.05 -57.74 -12.09
CA GLY CA 183 -38.84 -57.60 -12.87
C GLY CA 183 -37.61 -57.48 -12.00
N VAL CA 184 -36.49 -58.00 -12.51
CA VAL CA 184 -35.21 -58.00 -11.80
C VAL CA 184 -34.13 -57.58 -12.78
N ILE CA 185 -33.32 -56.59 -12.40
CA ILE CA 185 -32.20 -56.14 -13.21
C ILE CA 185 -30.91 -56.57 -12.53
N VAL CA 186 -29.90 -56.94 -13.32
CA VAL CA 186 -28.64 -57.47 -12.83
C VAL CA 186 -27.49 -56.74 -13.50
N HIS CA 187 -26.60 -56.16 -12.71
CA HIS CA 187 -25.33 -55.65 -13.18
C HIS CA 187 -24.22 -56.61 -12.80
N ILE CA 188 -23.45 -57.06 -13.79
CA ILE CA 188 -22.25 -57.84 -13.58
C ILE CA 188 -21.09 -57.10 -14.21
N ILE CA 189 -20.16 -56.64 -13.38
CA ILE CA 189 -19.05 -55.82 -13.83
C ILE CA 189 -17.76 -56.59 -13.62
N GLU CA 190 -16.74 -56.20 -14.37
CA GLU CA 190 -15.43 -56.83 -14.30
C GLU CA 190 -14.40 -55.82 -14.79
N LYS CA 191 -13.16 -56.28 -14.98
CA LYS CA 191 -12.07 -55.37 -15.32
C LYS CA 191 -12.21 -54.84 -16.73
N ASP CA 192 -12.77 -55.63 -17.64
CA ASP CA 192 -12.78 -55.25 -19.03
C ASP CA 192 -14.06 -54.55 -19.45
N LYS CA 193 -15.19 -54.91 -18.87
CA LYS CA 193 -16.47 -54.42 -19.38
C LYS CA 193 -17.51 -54.51 -18.28
N ILE CA 194 -18.69 -54.00 -18.59
CA ILE CA 194 -19.83 -53.97 -17.68
C ILE CA 194 -21.04 -54.53 -18.43
N THR CA 195 -21.65 -55.57 -17.88
CA THR CA 195 -22.79 -56.21 -18.50
C THR CA 195 -24.03 -55.99 -17.65
N THR CA 196 -25.08 -55.47 -18.28
CA THR CA 196 -26.36 -55.25 -17.62
C THR CA 196 -27.42 -56.11 -18.29
N ARG CA 197 -28.04 -57.00 -17.52
CA ARG CA 197 -29.09 -57.83 -18.06
C ARG CA 197 -30.34 -57.69 -17.21
N THR CA 198 -31.50 -57.86 -17.86
CA THR CA 198 -32.78 -57.91 -17.17
C THR CA 198 -33.39 -59.29 -17.40
N LEU CA 199 -34.00 -59.82 -16.35
CA LEU CA 199 -34.43 -61.21 -16.33
C LEU CA 199 -35.93 -61.32 -16.58
N LYS CA 200 -36.35 -62.51 -16.97
CA LYS CA 200 -37.75 -62.80 -17.25
C LYS CA 200 -38.40 -63.29 -15.96
N ALA CA 201 -39.13 -62.41 -15.29
CA ALA CA 201 -39.70 -62.70 -13.99
C ALA CA 201 -41.22 -62.71 -14.04
N ARG CA 202 -41.81 -63.19 -12.95
CA ARG CA 202 -43.26 -63.19 -12.82
C ARG CA 202 -43.75 -61.77 -12.57
N MET CA 203 -44.71 -61.33 -13.37
CA MET CA 203 -45.24 -59.98 -13.27
C MET CA 203 -46.53 -59.92 -12.47
N ASP CA 204 -46.69 -60.81 -11.49
CA ASP CA 204 -47.91 -60.86 -10.70
C ASP CA 204 -47.73 -60.31 -9.29
N MET DA 1 -59.58 -38.52 -2.09
CA MET DA 1 -61.00 -38.28 -2.26
C MET DA 1 -61.33 -37.79 -3.67
N GLU DA 2 -60.83 -36.61 -4.03
CA GLU DA 2 -61.03 -36.09 -5.37
C GLU DA 2 -60.06 -36.76 -6.33
N TYR DA 3 -60.19 -36.43 -7.62
CA TYR DA 3 -59.70 -37.32 -8.67
C TYR DA 3 -58.79 -36.61 -9.65
N LEU DA 4 -57.78 -37.32 -10.12
CA LEU DA 4 -56.87 -36.86 -11.16
C LEU DA 4 -56.63 -38.01 -12.11
N ILE DA 5 -56.22 -37.68 -13.35
CA ILE DA 5 -55.95 -38.72 -14.35
C ILE DA 5 -54.92 -38.18 -15.34
N GLY DA 6 -54.07 -39.08 -15.83
CA GLY DA 6 -52.83 -38.72 -16.50
C GLY DA 6 -52.47 -39.40 -17.80
N ILE DA 7 -53.38 -39.53 -18.77
CA ILE DA 7 -53.09 -40.31 -19.98
C ILE DA 7 -51.99 -39.65 -20.80
N GLN DA 8 -50.92 -40.39 -21.05
CA GLN DA 8 -49.76 -39.95 -21.81
C GLN DA 8 -49.80 -40.52 -23.23
N GLY DA 9 -49.55 -39.67 -24.22
CA GLY DA 9 -49.55 -40.09 -25.61
C GLY DA 9 -48.17 -40.08 -26.22
N PRO DA 10 -48.09 -40.32 -27.54
CA PRO DA 10 -46.78 -40.26 -28.20
C PRO DA 10 -46.25 -38.84 -28.34
N ASP DA 11 -47.11 -37.88 -28.57
CA ASP DA 11 -46.67 -36.48 -28.69
C ASP DA 11 -47.61 -35.53 -27.97
N TYR DA 12 -48.31 -35.99 -26.95
CA TYR DA 12 -49.27 -35.15 -26.24
C TYR DA 12 -49.47 -35.74 -24.86
N VAL DA 13 -49.98 -34.93 -23.95
CA VAL DA 13 -50.33 -35.38 -22.61
C VAL DA 13 -51.76 -34.95 -22.33
N LEU DA 14 -52.63 -35.91 -22.02
CA LEU DA 14 -54.03 -35.65 -21.72
C LEU DA 14 -54.24 -35.73 -20.22
N VAL DA 15 -54.69 -34.62 -19.63
CA VAL DA 15 -54.96 -34.57 -18.19
C VAL DA 15 -56.40 -34.15 -17.96
N ALA DA 16 -56.94 -34.57 -16.83
CA ALA DA 16 -58.28 -34.18 -16.44
C ALA DA 16 -58.42 -34.31 -14.93
N SER DA 17 -59.22 -33.44 -14.34
CA SER DA 17 -59.54 -33.48 -12.93
C SER DA 17 -61.04 -33.26 -12.76
N ASP DA 18 -61.48 -33.16 -11.52
CA ASP DA 18 -62.86 -32.86 -11.18
C ASP DA 18 -62.95 -31.43 -10.64
N ARG DA 19 -64.19 -31.02 -10.33
CA ARG DA 19 -64.46 -29.61 -10.08
C ARG DA 19 -65.20 -29.43 -8.76
N VAL DA 20 -64.89 -30.22 -7.75
CA VAL DA 20 -65.68 -30.28 -6.53
C VAL DA 20 -64.86 -29.77 -5.35
N ALA DA 21 -65.49 -28.97 -4.49
CA ALA DA 21 -64.84 -28.31 -3.36
C ALA DA 21 -65.68 -28.47 -2.10
N ALA DA 22 -66.01 -29.70 -1.76
CA ALA DA 22 -67.01 -30.01 -0.75
C ALA DA 22 -66.54 -29.69 0.66
N SER DA 23 -67.53 -29.51 1.57
CA SER DA 23 -67.28 -29.28 3.00
C SER DA 23 -68.16 -30.22 3.83
N ASN DA 24 -67.66 -31.45 3.99
CA ASN DA 24 -67.98 -32.45 5.00
C ASN DA 24 -69.36 -33.10 4.89
N ILE DA 25 -70.35 -32.42 4.32
CA ILE DA 25 -71.53 -33.04 3.74
C ILE DA 25 -71.88 -32.32 2.45
N VAL DA 26 -71.92 -30.99 2.52
CA VAL DA 26 -72.39 -30.17 1.42
C VAL DA 26 -71.29 -30.00 0.39
N GLN DA 27 -71.66 -29.55 -0.78
CA GLN DA 27 -70.74 -29.33 -1.88
C GLN DA 27 -70.78 -27.84 -2.17
N MET DA 28 -69.79 -27.11 -1.66
CA MET DA 28 -69.86 -25.66 -1.69
C MET DA 28 -69.66 -25.10 -3.09
N LYS DA 29 -68.78 -25.72 -3.87
CA LYS DA 29 -68.41 -25.18 -5.17
C LYS DA 29 -68.33 -26.30 -6.18
N ASP DA 30 -68.99 -26.13 -7.32
CA ASP DA 30 -69.06 -27.15 -8.35
C ASP DA 30 -68.34 -26.76 -9.65
N ASP DA 31 -67.61 -25.66 -9.63
CA ASP DA 31 -66.79 -25.25 -10.77
C ASP DA 31 -65.38 -24.93 -10.32
N HIS DA 32 -64.88 -25.67 -9.35
CA HIS DA 32 -63.56 -25.45 -8.80
C HIS DA 32 -62.49 -25.91 -9.77
N ASP DA 33 -61.35 -25.23 -9.78
CA ASP DA 33 -60.26 -25.54 -10.68
C ASP DA 33 -59.06 -26.01 -9.88
N LYS DA 34 -58.44 -27.10 -10.33
CA LYS DA 34 -57.26 -27.66 -9.68
C LYS DA 34 -56.05 -27.66 -10.61
N MET DA 35 -56.05 -26.80 -11.61
CA MET DA 35 -55.05 -26.81 -12.66
C MET DA 35 -54.24 -25.52 -12.61
N PHE DA 36 -52.92 -25.66 -12.59
CA PHE DA 36 -52.01 -24.55 -12.35
C PHE DA 36 -51.00 -24.49 -13.50
N LYS DA 37 -51.10 -23.47 -14.34
CA LYS DA 37 -50.17 -23.29 -15.42
C LYS DA 37 -48.86 -22.77 -14.87
N MET DA 38 -47.90 -23.68 -14.69
CA MET DA 38 -46.58 -23.26 -14.26
C MET DA 38 -45.87 -22.47 -15.35
N SER DA 39 -45.96 -22.94 -16.60
CA SER DA 39 -45.30 -22.28 -17.70
C SER DA 39 -46.15 -22.47 -18.95
N GLU DA 40 -45.56 -22.23 -20.12
CA GLU DA 40 -46.28 -22.34 -21.37
C GLU DA 40 -46.35 -23.77 -21.88
N LYS DA 41 -45.67 -24.70 -21.23
CA LYS DA 41 -45.77 -26.09 -21.63
C LYS DA 41 -45.81 -27.03 -20.44
N ILE DA 42 -46.10 -26.54 -19.24
CA ILE DA 42 -46.08 -27.33 -18.02
C ILE DA 42 -47.32 -27.02 -17.20
N LEU DA 43 -48.10 -28.05 -16.89
CA LEU DA 43 -49.21 -27.93 -15.95
C LEU DA 43 -48.85 -28.55 -14.61
N LEU DA 44 -49.74 -28.37 -13.64
CA LEU DA 44 -49.54 -28.89 -12.30
C LEU DA 44 -50.90 -29.21 -11.69
N LEU DA 45 -51.03 -30.42 -11.17
CA LEU DA 45 -52.25 -30.86 -10.52
C LEU DA 45 -51.95 -31.14 -9.05
N CYS DA 46 -52.81 -30.65 -8.16
CA CYS DA 46 -52.53 -30.72 -6.74
C CYS DA 46 -53.76 -31.19 -5.98
N VAL DA 47 -53.58 -32.24 -5.17
CA VAL DA 47 -54.63 -32.83 -4.36
C VAL DA 47 -54.06 -33.09 -2.98
N GLY DA 48 -54.71 -32.56 -1.95
CA GLY DA 48 -54.21 -32.75 -0.61
C GLY DA 48 -55.07 -32.16 0.48
N GLU DA 49 -54.44 -31.54 1.48
CA GLU DA 49 -55.17 -30.97 2.59
C GLU DA 49 -55.86 -29.66 2.20
N ALA DA 50 -56.59 -29.09 3.15
CA ALA DA 50 -57.41 -27.93 2.88
C ALA DA 50 -56.59 -26.67 2.61
N GLY DA 51 -55.44 -26.51 3.28
CA GLY DA 51 -54.66 -25.31 3.09
C GLY DA 51 -53.38 -25.56 2.33
N ASP DA 52 -52.87 -26.79 2.40
CA ASP DA 52 -51.56 -27.07 1.86
C ASP DA 52 -51.51 -27.10 0.35
N THR DA 53 -52.67 -27.23 -0.31
CA THR DA 53 -52.67 -27.24 -1.77
C THR DA 53 -52.40 -25.87 -2.33
N VAL DA 54 -53.09 -24.85 -1.81
CA VAL DA 54 -52.94 -23.51 -2.36
C VAL DA 54 -51.62 -22.91 -1.94
N GLN DA 55 -51.17 -23.18 -0.72
CA GLN DA 55 -49.95 -22.57 -0.21
C GLN DA 55 -48.72 -23.14 -0.90
N PHE DA 56 -48.67 -24.44 -1.09
CA PHE DA 56 -47.47 -25.04 -1.68
C PHE DA 56 -47.41 -24.82 -3.17
N ALA DA 57 -48.52 -25.03 -3.88
CA ALA DA 57 -48.46 -25.05 -5.33
C ALA DA 57 -48.28 -23.65 -5.91
N GLU DA 58 -48.77 -22.62 -5.22
CA GLU DA 58 -48.47 -21.26 -5.63
C GLU DA 58 -47.03 -20.88 -5.33
N TYR DA 59 -46.41 -21.52 -4.34
CA TYR DA 59 -45.00 -21.26 -4.10
C TYR DA 59 -44.15 -21.79 -5.24
N ILE DA 60 -44.55 -22.92 -5.83
CA ILE DA 60 -43.85 -23.43 -6.99
C ILE DA 60 -44.21 -22.64 -8.23
N GLN DA 61 -45.46 -22.17 -8.29
CA GLN DA 61 -45.96 -21.42 -9.44
C GLN DA 61 -45.16 -20.15 -9.68
N LYS DA 62 -45.01 -19.33 -8.64
CA LYS DA 62 -44.27 -18.10 -8.77
C LYS DA 62 -42.77 -18.31 -8.80
N ASN DA 63 -42.27 -19.46 -8.40
CA ASN DA 63 -40.83 -19.62 -8.37
C ASN DA 63 -40.28 -20.08 -9.71
N VAL DA 64 -41.08 -20.79 -10.51
CA VAL DA 64 -40.65 -21.17 -11.84
C VAL DA 64 -40.71 -19.98 -12.78
N GLN DA 65 -41.67 -19.07 -12.55
CA GLN DA 65 -41.75 -17.84 -13.33
C GLN DA 65 -40.55 -16.94 -13.09
N LEU DA 66 -39.94 -17.03 -11.91
CA LEU DA 66 -38.72 -16.26 -11.65
C LEU DA 66 -37.56 -16.77 -12.49
N TYR DA 67 -37.49 -18.09 -12.72
CA TYR DA 67 -36.45 -18.64 -13.56
C TYR DA 67 -36.59 -18.18 -15.00
N LYS DA 68 -37.82 -18.01 -15.48
CA LYS DA 68 -38.04 -17.57 -16.84
C LYS DA 68 -37.62 -16.13 -17.05
N MET DA 69 -37.97 -15.26 -16.11
CA MET DA 69 -37.67 -13.84 -16.29
C MET DA 69 -36.20 -13.56 -16.11
N ARG DA 70 -35.51 -14.36 -15.32
CA ARG DA 70 -34.13 -14.06 -14.97
C ARG DA 70 -33.13 -14.69 -15.93
N ASN DA 71 -33.43 -15.85 -16.49
CA ASN DA 71 -32.53 -16.48 -17.45
C ASN DA 71 -32.93 -16.21 -18.89
N GLY DA 72 -34.22 -16.01 -19.14
CA GLY DA 72 -34.71 -15.73 -20.48
C GLY DA 72 -35.26 -16.93 -21.19
N TYR DA 73 -35.04 -18.14 -20.68
CA TYR DA 73 -35.59 -19.35 -21.28
C TYR DA 73 -36.30 -20.15 -20.19
N GLU DA 74 -36.96 -21.21 -20.63
CA GLU DA 74 -37.90 -21.96 -19.83
C GLU DA 74 -37.25 -23.22 -19.29
N LEU DA 75 -37.67 -23.65 -18.10
CA LEU DA 75 -37.26 -24.93 -17.56
C LEU DA 75 -37.75 -26.09 -18.40
N SER DA 76 -36.99 -27.17 -18.40
CA SER DA 76 -37.48 -28.42 -18.93
C SER DA 76 -38.51 -29.00 -17.97
N PRO DA 77 -39.42 -29.83 -18.46
CA PRO DA 77 -40.36 -30.50 -17.54
C PRO DA 77 -39.69 -31.48 -16.62
N THR DA 78 -38.51 -32.01 -16.97
CA THR DA 78 -37.80 -32.90 -16.07
C THR DA 78 -37.23 -32.14 -14.89
N ALA DA 79 -36.57 -31.01 -15.15
CA ALA DA 79 -35.97 -30.25 -14.07
C ALA DA 79 -37.01 -29.54 -13.23
N ALA DA 80 -38.10 -29.11 -13.87
CA ALA DA 80 -39.19 -28.49 -13.11
C ALA DA 80 -39.87 -29.48 -12.19
N ALA DA 81 -39.95 -30.74 -12.61
CA ALA DA 81 -40.54 -31.75 -11.75
C ALA DA 81 -39.62 -32.10 -10.60
N ASN DA 82 -38.34 -32.05 -10.83
CA ASN DA 82 -37.36 -32.54 -9.88
C ASN DA 82 -36.95 -31.46 -8.89
N PHE DA 83 -37.38 -30.23 -9.13
CA PHE DA 83 -37.26 -29.13 -8.19
C PHE DA 83 -38.36 -29.18 -7.15
N THR DA 84 -39.55 -29.64 -7.54
CA THR DA 84 -40.66 -29.74 -6.60
C THR DA 84 -40.39 -30.81 -5.56
N ARG DA 85 -39.80 -31.93 -5.98
CA ARG DA 85 -39.50 -33.02 -5.07
C ARG DA 85 -38.47 -32.59 -4.03
N ARG DA 86 -37.57 -31.68 -4.39
CA ARG DA 86 -36.60 -31.18 -3.45
C ARG DA 86 -37.26 -30.33 -2.37
N ASN DA 87 -38.40 -29.71 -2.68
CA ASN DA 87 -39.01 -28.81 -1.72
C ASN DA 87 -39.89 -29.54 -0.72
N LEU DA 88 -40.49 -30.68 -1.08
CA LEU DA 88 -41.21 -31.44 -0.07
C LEU DA 88 -40.27 -32.13 0.88
N ALA DA 89 -39.20 -32.74 0.34
CA ALA DA 89 -38.30 -33.55 1.15
C ALA DA 89 -37.51 -32.71 2.15
N ASP DA 90 -37.24 -31.45 1.81
CA ASP DA 90 -36.60 -30.57 2.78
C ASP DA 90 -37.57 -30.15 3.86
N CYS DA 91 -38.83 -29.91 3.48
CA CYS DA 91 -39.84 -29.43 4.40
C CYS DA 91 -40.61 -30.57 5.05
N LEU DA 92 -40.10 -31.80 4.94
CA LEU DA 92 -40.80 -32.96 5.49
C LEU DA 92 -40.44 -33.17 6.96
N ARG DA 93 -39.16 -33.13 7.29
CA ARG DA 93 -38.71 -33.32 8.67
C ARG DA 93 -38.72 -31.98 9.40
N SER DA 94 -39.92 -31.43 9.56
CA SER DA 94 -40.05 -30.13 10.19
C SER DA 94 -41.37 -30.11 10.94
N ARG DA 95 -41.61 -29.00 11.64
CA ARG DA 95 -42.86 -28.81 12.35
C ARG DA 95 -44.02 -28.53 11.41
N THR DA 96 -43.72 -28.11 10.18
CA THR DA 96 -44.74 -27.79 9.18
C THR DA 96 -44.49 -28.65 7.94
N PRO DA 97 -45.03 -29.86 7.89
CA PRO DA 97 -44.97 -30.62 6.64
C PRO DA 97 -46.18 -30.33 5.78
N TYR DA 98 -46.00 -30.48 4.47
CA TYR DA 98 -47.08 -30.32 3.51
C TYR DA 98 -47.60 -31.68 3.13
N HIS DA 99 -48.92 -31.80 3.07
CA HIS DA 99 -49.55 -33.08 2.74
C HIS DA 99 -50.38 -32.89 1.48
N VAL DA 100 -49.73 -33.00 0.33
CA VAL DA 100 -50.37 -32.86 -0.96
C VAL DA 100 -49.90 -34.00 -1.85
N ASN DA 101 -50.67 -34.28 -2.89
CA ASN DA 101 -50.33 -35.29 -3.87
C ASN DA 101 -50.38 -34.64 -5.24
N LEU DA 102 -49.31 -34.81 -6.01
CA LEU DA 102 -49.12 -34.05 -7.23
C LEU DA 102 -48.97 -35.00 -8.42
N LEU DA 103 -49.19 -34.45 -9.60
CA LEU DA 103 -48.69 -35.07 -10.82
C LEU DA 103 -48.44 -33.97 -11.82
N LEU DA 104 -47.38 -34.13 -12.61
CA LEU DA 104 -46.87 -33.10 -13.49
C LEU DA 104 -46.98 -33.53 -14.94
N ALA DA 105 -47.33 -32.57 -15.79
CA ALA DA 105 -47.52 -32.80 -17.21
C ALA DA 105 -46.75 -31.75 -17.97
N GLY DA 106 -45.82 -32.18 -18.81
CA GLY DA 106 -45.01 -31.24 -19.54
C GLY DA 106 -44.71 -31.72 -20.94
N TYR DA 107 -44.36 -30.77 -21.80
CA TYR DA 107 -43.89 -31.08 -23.14
C TYR DA 107 -42.53 -30.43 -23.32
N ASP DA 108 -41.60 -31.19 -23.86
CA ASP DA 108 -40.27 -30.68 -24.16
C ASP DA 108 -40.08 -30.61 -25.67
N GLU DA 109 -39.32 -29.62 -26.12
CA GLU DA 109 -38.99 -29.55 -27.53
C GLU DA 109 -37.97 -30.61 -27.92
N HIS DA 110 -37.16 -31.04 -26.96
CA HIS DA 110 -36.10 -32.02 -27.21
C HIS DA 110 -36.50 -33.42 -26.81
N GLU DA 111 -37.33 -33.57 -25.78
CA GLU DA 111 -37.67 -34.88 -25.24
C GLU DA 111 -39.12 -35.25 -25.45
N GLY DA 112 -39.91 -34.37 -26.06
CA GLY DA 112 -41.30 -34.66 -26.28
C GLY DA 112 -42.11 -34.51 -25.00
N PRO DA 113 -43.19 -35.27 -24.90
CA PRO DA 113 -44.05 -35.15 -23.74
C PRO DA 113 -43.49 -35.90 -22.54
N ALA DA 114 -44.03 -35.58 -21.37
CA ALA DA 114 -43.58 -36.19 -20.14
C ALA DA 114 -44.68 -36.14 -19.10
N LEU DA 115 -44.71 -37.16 -18.24
CA LEU DA 115 -45.65 -37.25 -17.14
C LEU DA 115 -44.91 -37.73 -15.90
N TYR DA 116 -45.16 -37.08 -14.76
CA TYR DA 116 -44.52 -37.46 -13.52
C TYR DA 116 -45.54 -37.66 -12.43
N TYR DA 117 -45.17 -38.49 -11.45
CA TYR DA 117 -46.03 -38.88 -10.34
C TYR DA 117 -45.37 -38.43 -9.05
N MET DA 118 -46.18 -38.00 -8.09
CA MET DA 118 -45.66 -37.49 -6.83
C MET DA 118 -46.55 -37.92 -5.68
N ASP DA 119 -45.93 -38.46 -4.65
CA ASP DA 119 -46.60 -38.88 -3.43
C ASP DA 119 -46.50 -37.75 -2.42
N TYR DA 120 -47.21 -37.87 -1.30
CA TYR DA 120 -47.01 -36.91 -0.22
C TYR DA 120 -45.75 -37.18 0.57
N LEU DA 121 -45.09 -38.30 0.33
CA LEU DA 121 -43.78 -38.57 0.88
C LEU DA 121 -42.67 -38.24 -0.09
N ALA DA 122 -42.99 -37.53 -1.18
CA ALA DA 122 -42.03 -36.99 -2.17
C ALA DA 122 -41.20 -38.10 -2.82
N ALA DA 123 -41.90 -38.94 -3.58
CA ALA DA 123 -41.27 -39.93 -4.43
C ALA DA 123 -41.64 -39.62 -5.88
N LEU DA 124 -40.63 -39.57 -6.74
CA LEU DA 124 -40.85 -39.35 -8.16
C LEU DA 124 -41.04 -40.66 -8.91
N ALA DA 125 -41.79 -40.59 -9.99
CA ALA DA 125 -41.98 -41.71 -10.89
C ALA DA 125 -42.31 -41.18 -12.27
N LYS DA 126 -41.89 -41.92 -13.28
CA LYS DA 126 -42.12 -41.58 -14.68
C LYS DA 126 -43.11 -42.61 -15.21
N ALA DA 127 -44.37 -42.19 -15.39
CA ALA DA 127 -45.40 -43.18 -15.68
C ALA DA 127 -46.09 -42.89 -17.01
N PRO DA 128 -46.56 -43.94 -17.69
CA PRO DA 128 -47.37 -43.72 -18.90
C PRO DA 128 -48.81 -43.35 -18.62
N PHE DA 129 -49.28 -43.46 -17.38
CA PHE DA 129 -50.57 -43.00 -16.90
C PHE DA 129 -50.60 -43.10 -15.38
N ALA DA 130 -51.37 -42.23 -14.75
CA ALA DA 130 -51.44 -42.21 -13.30
C ALA DA 130 -52.78 -41.62 -12.87
N ALA DA 131 -53.07 -41.78 -11.58
CA ALA DA 131 -54.31 -41.27 -11.01
C ALA DA 131 -54.12 -41.13 -9.50
N HIS DA 132 -54.95 -40.29 -8.90
CA HIS DA 132 -54.96 -40.11 -7.46
C HIS DA 132 -56.37 -40.19 -6.92
N GLY DA 133 -56.47 -40.28 -5.60
CA GLY DA 133 -57.75 -40.30 -4.92
C GLY DA 133 -58.28 -41.70 -4.75
N TYR DA 134 -59.50 -41.77 -4.23
CA TYR DA 134 -60.16 -43.06 -4.07
C TYR DA 134 -60.69 -43.59 -5.38
N GLY DA 135 -61.02 -42.70 -6.32
CA GLY DA 135 -61.41 -43.13 -7.64
C GLY DA 135 -60.28 -43.66 -8.48
N ALA DA 136 -59.04 -43.50 -8.02
CA ALA DA 136 -57.90 -44.08 -8.71
C ALA DA 136 -57.93 -45.59 -8.69
N PHE DA 137 -58.60 -46.18 -7.70
CA PHE DA 137 -58.63 -47.64 -7.59
C PHE DA 137 -59.51 -48.26 -8.66
N LEU DA 138 -60.70 -47.70 -8.89
CA LEU DA 138 -61.65 -48.33 -9.79
C LEU DA 138 -61.27 -48.14 -11.24
N THR DA 139 -60.55 -47.07 -11.54
CA THR DA 139 -60.48 -46.61 -12.92
C THR DA 139 -59.20 -47.01 -13.62
N LEU DA 140 -58.12 -47.23 -12.88
CA LEU DA 140 -56.85 -47.38 -13.59
C LEU DA 140 -56.67 -48.77 -14.16
N SER DA 141 -57.48 -49.74 -13.75
CA SER DA 141 -57.43 -51.05 -14.39
C SER DA 141 -58.16 -51.04 -15.72
N ILE DA 142 -59.17 -50.18 -15.88
CA ILE DA 142 -59.75 -49.91 -17.19
C ILE DA 142 -58.71 -49.31 -18.10
N LEU DA 143 -57.99 -48.32 -17.58
CA LEU DA 143 -56.95 -47.65 -18.33
C LEU DA 143 -55.76 -48.58 -18.56
N ASP DA 144 -55.58 -49.58 -17.71
CA ASP DA 144 -54.56 -50.59 -17.97
C ASP DA 144 -55.01 -51.58 -19.03
N ARG DA 145 -56.32 -51.72 -19.22
CA ARG DA 145 -56.84 -52.70 -20.17
C ARG DA 145 -56.67 -52.23 -21.60
N TYR DA 146 -57.08 -50.99 -21.90
CA TYR DA 146 -57.20 -50.53 -23.28
C TYR DA 146 -56.09 -49.57 -23.69
N TYR DA 147 -54.98 -49.56 -22.96
CA TYR DA 147 -53.93 -48.61 -23.30
C TYR DA 147 -53.04 -49.16 -24.39
N THR DA 148 -52.64 -48.29 -25.29
CA THR DA 148 -51.70 -48.59 -26.35
C THR DA 148 -50.71 -47.44 -26.33
N PRO DA 149 -49.41 -47.72 -26.39
CA PRO DA 149 -48.43 -46.62 -26.43
C PRO DA 149 -48.53 -45.77 -27.67
N THR DA 150 -48.93 -46.36 -28.80
CA THR DA 150 -49.14 -45.61 -30.03
C THR DA 150 -50.64 -45.39 -30.18
N ILE DA 151 -51.15 -44.42 -29.42
CA ILE DA 151 -52.58 -44.13 -29.40
C ILE DA 151 -52.78 -42.71 -29.91
N SER DA 152 -53.92 -42.47 -30.53
CA SER DA 152 -54.21 -41.16 -31.08
C SER DA 152 -54.95 -40.33 -30.04
N ARG DA 153 -54.96 -39.01 -30.25
CA ARG DA 153 -55.61 -38.13 -29.29
C ARG DA 153 -57.12 -38.23 -29.35
N GLU DA 154 -57.68 -38.80 -30.42
CA GLU DA 154 -59.12 -39.00 -30.48
C GLU DA 154 -59.53 -40.24 -29.70
N ARG DA 155 -58.70 -41.28 -29.75
CA ARG DA 155 -58.96 -42.46 -28.93
C ARG DA 155 -58.75 -42.16 -27.46
N ALA DA 156 -57.86 -41.24 -27.13
CA ALA DA 156 -57.54 -40.97 -25.72
C ALA DA 156 -58.69 -40.26 -25.03
N VAL DA 157 -59.39 -39.37 -25.75
CA VAL DA 157 -60.57 -38.74 -25.18
C VAL DA 157 -61.68 -39.77 -25.04
N GLU DA 158 -61.75 -40.71 -25.99
CA GLU DA 158 -62.73 -41.79 -25.88
C GLU DA 158 -62.37 -42.74 -24.75
N LEU DA 159 -61.09 -43.03 -24.58
CA LEU DA 159 -60.66 -43.85 -23.45
C LEU DA 159 -60.83 -43.13 -22.13
N LEU DA 160 -60.72 -41.81 -22.14
CA LEU DA 160 -61.04 -41.02 -20.95
C LEU DA 160 -62.51 -41.10 -20.61
N ARG DA 161 -63.38 -41.13 -21.62
CA ARG DA 161 -64.81 -41.22 -21.36
C ARG DA 161 -65.20 -42.59 -20.81
N LYS DA 162 -64.53 -43.65 -21.28
CA LYS DA 162 -64.73 -44.96 -20.69
C LYS DA 162 -64.25 -44.99 -19.25
N CYS DA 163 -63.19 -44.24 -18.96
CA CYS DA 163 -62.57 -44.27 -17.64
C CYS DA 163 -63.42 -43.54 -16.61
N LEU DA 164 -64.24 -42.59 -17.07
CA LEU DA 164 -65.04 -41.77 -16.17
C LEU DA 164 -66.46 -42.28 -15.96
N GLU DA 165 -67.00 -43.04 -16.91
CA GLU DA 165 -68.37 -43.48 -16.77
C GLU DA 165 -68.50 -44.60 -15.76
N GLU DA 166 -67.45 -45.39 -15.56
CA GLU DA 166 -67.51 -46.40 -14.53
C GLU DA 166 -67.32 -45.80 -13.15
N LEU DA 167 -66.66 -44.66 -13.07
CA LEU DA 167 -66.65 -43.90 -11.83
C LEU DA 167 -67.99 -43.22 -11.59
N GLN DA 168 -68.80 -43.06 -12.63
CA GLN DA 168 -70.16 -42.59 -12.44
C GLN DA 168 -71.06 -43.71 -11.93
N LYS DA 169 -70.68 -44.96 -12.15
CA LYS DA 169 -71.52 -46.10 -11.85
C LYS DA 169 -71.32 -46.64 -10.44
N ARG DA 170 -70.09 -46.93 -10.05
CA ARG DA 170 -69.84 -47.63 -8.80
C ARG DA 170 -68.98 -46.84 -7.85
N PHE DA 171 -69.17 -45.53 -7.78
CA PHE DA 171 -68.42 -44.74 -6.83
C PHE DA 171 -69.40 -43.91 -6.04
N ILE DA 172 -69.24 -43.90 -4.71
CA ILE DA 172 -70.25 -43.31 -3.85
C ILE DA 172 -70.31 -41.80 -3.93
N LEU DA 173 -69.23 -41.14 -4.32
CA LEU DA 173 -69.30 -39.69 -4.35
C LEU DA 173 -69.97 -39.22 -5.63
N ASN DA 174 -70.33 -37.94 -5.67
CA ASN DA 174 -71.20 -37.44 -6.72
C ASN DA 174 -70.41 -37.23 -8.01
N LEU DA 175 -69.50 -36.26 -8.00
CA LEU DA 175 -68.57 -35.91 -9.08
C LEU DA 175 -69.22 -35.74 -10.46
N PRO DA 176 -69.98 -34.68 -10.68
CA PRO DA 176 -70.69 -34.57 -11.97
C PRO DA 176 -69.85 -34.07 -13.14
N THR DA 177 -68.95 -33.13 -12.92
CA THR DA 177 -68.26 -32.46 -14.02
C THR DA 177 -66.76 -32.67 -13.94
N PHE DA 178 -66.10 -32.60 -15.10
CA PHE DA 178 -64.68 -32.92 -15.22
C PHE DA 178 -64.02 -32.05 -16.27
N SER DA 179 -63.10 -31.19 -15.84
CA SER DA 179 -62.39 -30.32 -16.78
C SER DA 179 -61.18 -31.03 -17.36
N VAL DA 180 -60.91 -30.76 -18.63
CA VAL DA 180 -59.93 -31.50 -19.43
C VAL DA 180 -59.00 -30.51 -20.13
N ARG DA 181 -57.69 -30.75 -20.04
CA ARG DA 181 -56.70 -30.02 -20.83
C ARG DA 181 -55.98 -30.98 -21.78
N ILE DA 182 -55.17 -30.39 -22.65
CA ILE DA 182 -54.29 -31.14 -23.54
C ILE DA 182 -53.07 -30.28 -23.82
N ILE DA 183 -51.90 -30.92 -23.89
CA ILE DA 183 -50.63 -30.24 -24.10
C ILE DA 183 -49.94 -30.88 -25.29
N ASP DA 184 -49.49 -30.08 -26.24
CA ASP DA 184 -48.83 -30.58 -27.43
C ASP DA 184 -47.66 -29.66 -27.76
N LYS DA 185 -47.18 -29.72 -29.00
CA LYS DA 185 -46.08 -28.88 -29.44
C LYS DA 185 -46.46 -27.40 -29.48
N ASN DA 186 -47.74 -27.07 -29.51
CA ASN DA 186 -48.14 -25.67 -29.54
C ASN DA 186 -48.23 -25.09 -28.14
N GLY DA 187 -48.92 -25.77 -27.24
CA GLY DA 187 -49.06 -25.29 -25.88
C GLY DA 187 -50.22 -25.98 -25.19
N ILE DA 188 -50.67 -25.38 -24.09
CA ILE DA 188 -51.82 -25.91 -23.37
C ILE DA 188 -53.08 -25.51 -24.13
N HIS DA 189 -53.83 -26.49 -24.60
CA HIS DA 189 -55.12 -26.25 -25.20
C HIS DA 189 -56.19 -26.79 -24.28
N ASP DA 190 -57.26 -26.04 -24.13
CA ASP DA 190 -58.36 -26.47 -23.29
C ASP DA 190 -59.40 -27.20 -24.12
N LEU DA 191 -59.63 -28.46 -23.81
CA LEU DA 191 -60.72 -29.19 -24.44
C LEU DA 191 -62.03 -28.85 -23.73
N ASP DA 192 -63.13 -29.35 -24.27
CA ASP DA 192 -64.43 -29.05 -23.70
C ASP DA 192 -64.63 -29.75 -22.36
N ASN DA 193 -65.52 -29.18 -21.55
CA ASN DA 193 -65.81 -29.71 -20.24
C ASN DA 193 -66.63 -30.99 -20.37
N ILE DA 194 -66.37 -31.94 -19.48
CA ILE DA 194 -67.07 -33.23 -19.50
C ILE DA 194 -68.06 -33.25 -18.34
N SER DA 195 -69.33 -33.38 -18.66
CA SER DA 195 -70.40 -33.50 -17.68
C SER DA 195 -71.17 -34.79 -17.93
N PHE DA 196 -72.15 -35.06 -17.07
CA PHE DA 196 -72.86 -36.33 -17.19
C PHE DA 196 -74.37 -36.22 -17.00
N PRO DA 197 -75.15 -36.42 -18.04
CA PRO DA 197 -76.55 -36.83 -17.85
C PRO DA 197 -76.62 -38.25 -17.31
N LYS DA 198 -77.05 -38.40 -16.06
CA LYS DA 198 -76.99 -39.70 -15.40
C LYS DA 198 -78.11 -40.62 -15.86
N GLN DA 199 -79.36 -40.26 -15.57
CA GLN DA 199 -80.49 -41.09 -15.97
C GLN DA 199 -81.40 -40.37 -16.94
N THR EA 59 -75.73 -20.55 15.45
CA THR EA 59 -75.03 -19.64 14.55
C THR EA 59 -75.37 -19.98 13.11
N THR EA 60 -75.86 -19.00 12.36
CA THR EA 60 -76.20 -19.21 10.97
C THR EA 60 -75.98 -17.92 10.21
N THR EA 61 -75.10 -17.96 9.21
CA THR EA 61 -74.87 -16.84 8.32
C THR EA 61 -75.09 -17.31 6.90
N LEU EA 62 -75.39 -16.36 6.02
CA LEU EA 62 -75.43 -16.67 4.59
C LEU EA 62 -75.07 -15.43 3.81
N ALA EA 63 -74.59 -15.65 2.60
CA ALA EA 63 -74.26 -14.55 1.70
C ALA EA 63 -74.40 -15.03 0.28
N PHE EA 64 -75.01 -14.20 -0.55
CA PHE EA 64 -75.10 -14.51 -1.97
C PHE EA 64 -75.03 -13.21 -2.76
N LYS EA 65 -74.49 -13.31 -3.96
CA LYS EA 65 -74.43 -12.18 -4.88
C LYS EA 65 -75.35 -12.42 -6.06
N PHE EA 66 -75.85 -11.34 -6.62
CA PHE EA 66 -76.81 -11.40 -7.72
C PHE EA 66 -76.56 -10.17 -8.58
N ARG EA 67 -77.54 -9.81 -9.39
CA ARG EA 67 -77.40 -8.68 -10.30
C ARG EA 67 -77.14 -7.38 -9.56
N HIS EA 68 -77.92 -7.10 -8.53
CA HIS EA 68 -77.77 -5.85 -7.79
C HIS EA 68 -77.01 -6.07 -6.48
N GLY EA 69 -75.76 -6.48 -6.59
CA GLY EA 69 -74.91 -6.54 -5.42
C GLY EA 69 -74.99 -7.80 -4.59
N VAL EA 70 -74.61 -7.70 -3.32
CA VAL EA 70 -74.45 -8.84 -2.43
C VAL EA 70 -75.36 -8.66 -1.22
N ILE EA 71 -76.01 -9.74 -0.80
CA ILE EA 71 -76.86 -9.77 0.39
C ILE EA 71 -76.13 -10.53 1.48
N VAL EA 72 -76.10 -9.97 2.69
CA VAL EA 72 -75.52 -10.62 3.85
C VAL EA 72 -76.57 -10.67 4.96
N ALA EA 73 -76.73 -11.84 5.58
CA ALA EA 73 -77.69 -11.97 6.66
C ALA EA 73 -77.18 -12.97 7.70
N ALA EA 74 -77.57 -12.77 8.95
CA ALA EA 74 -77.10 -13.61 10.04
C ALA EA 74 -78.07 -13.51 11.21
N ASP EA 75 -77.93 -14.45 12.15
CA ASP EA 75 -78.70 -14.48 13.37
C ASP EA 75 -77.98 -13.70 14.47
N SER EA 76 -78.41 -13.86 15.72
CA SER EA 76 -77.77 -13.12 16.79
C SER EA 76 -77.65 -13.89 18.10
N ARG EA 77 -77.73 -15.21 18.09
CA ARG EA 77 -77.66 -15.99 19.32
C ARG EA 77 -76.26 -16.53 19.52
N ALA EA 78 -75.71 -16.33 20.72
CA ALA EA 78 -74.43 -16.91 21.11
C ALA EA 78 -74.65 -17.75 22.36
N THR EA 79 -74.23 -19.01 22.30
CA THR EA 79 -74.42 -19.94 23.40
C THR EA 79 -73.09 -20.25 24.06
N ALA EA 80 -73.18 -20.94 25.20
CA ALA EA 80 -72.02 -21.45 25.92
C ALA EA 80 -72.43 -22.82 26.46
N GLY EA 81 -72.14 -23.86 25.68
CA GLY EA 81 -72.64 -25.17 26.03
C GLY EA 81 -74.13 -25.23 25.74
N ALA EA 82 -74.91 -25.54 26.77
CA ALA EA 82 -76.36 -25.52 26.68
C ALA EA 82 -76.95 -24.24 27.22
N TYR EA 83 -76.11 -23.25 27.51
CA TYR EA 83 -76.53 -22.01 28.12
C TYR EA 83 -76.41 -20.87 27.12
N ILE EA 84 -77.47 -20.10 26.97
CA ILE EA 84 -77.47 -18.97 26.05
C ILE EA 84 -76.81 -17.79 26.75
N ALA EA 85 -75.72 -17.30 26.18
CA ALA EA 85 -75.07 -16.11 26.71
C ALA EA 85 -75.89 -14.87 26.42
N SER EA 86 -76.10 -14.57 25.13
CA SER EA 86 -76.83 -13.37 24.74
C SER EA 86 -77.74 -13.68 23.56
N GLN EA 87 -78.56 -12.69 23.22
CA GLN EA 87 -79.42 -12.73 22.06
C GLN EA 87 -79.18 -11.57 21.12
N THR EA 88 -78.23 -10.69 21.42
CA THR EA 88 -78.01 -9.49 20.64
C THR EA 88 -76.58 -9.38 20.15
N VAL EA 89 -76.05 -10.47 19.60
CA VAL EA 89 -74.68 -10.49 19.13
C VAL EA 89 -74.65 -10.07 17.67
N LYS EA 90 -73.86 -9.06 17.37
CA LYS EA 90 -73.68 -8.59 15.99
C LYS EA 90 -72.65 -9.49 15.32
N LYS EA 91 -73.12 -10.43 14.51
CA LYS EA 91 -72.22 -11.40 13.89
C LYS EA 91 -71.72 -10.98 12.52
N VAL EA 92 -72.08 -9.78 12.06
CA VAL EA 92 -71.58 -9.27 10.78
C VAL EA 92 -70.68 -8.09 11.10
N ILE EA 93 -69.37 -8.29 10.96
CA ILE EA 93 -68.39 -7.31 11.39
C ILE EA 93 -68.18 -6.31 10.25
N GLU EA 94 -68.43 -5.04 10.56
CA GLU EA 94 -68.32 -3.96 9.58
C GLU EA 94 -66.86 -3.55 9.49
N ILE EA 95 -66.16 -4.07 8.49
CA ILE EA 95 -64.73 -3.80 8.36
C ILE EA 95 -64.49 -2.38 7.90
N ASN EA 96 -65.11 -2.00 6.80
CA ASN EA 96 -64.88 -0.71 6.17
C ASN EA 96 -66.22 -0.14 5.74
N PRO EA 97 -66.28 1.06 5.15
CA PRO EA 97 -67.46 1.43 4.38
C PRO EA 97 -67.61 0.68 3.06
N TYR EA 98 -66.72 -0.25 2.73
CA TYR EA 98 -66.79 -0.98 1.48
C TYR EA 98 -66.48 -2.47 1.64
N LEU EA 99 -66.34 -2.97 2.87
CA LEU EA 99 -66.12 -4.39 3.11
C LEU EA 99 -66.92 -4.83 4.30
N LEU EA 100 -67.38 -6.08 4.24
CA LEU EA 100 -68.12 -6.69 5.34
C LEU EA 100 -67.57 -8.09 5.59
N GLY EA 101 -67.47 -8.45 6.87
CA GLY EA 101 -67.06 -9.78 7.24
C GLY EA 101 -68.00 -10.36 8.27
N THR EA 102 -68.00 -11.68 8.35
CA THR EA 102 -68.93 -12.40 9.21
C THR EA 102 -68.19 -13.01 10.40
N MET EA 103 -68.97 -13.59 11.31
CA MET EA 103 -68.45 -14.20 12.52
C MET EA 103 -69.09 -15.58 12.64
N ALA EA 104 -68.33 -16.61 12.32
CA ALA EA 104 -68.87 -17.97 12.26
C ALA EA 104 -67.80 -18.93 12.76
N GLY EA 105 -67.94 -19.36 14.01
CA GLY EA 105 -66.99 -20.26 14.59
C GLY EA 105 -65.94 -19.48 15.35
N GLY EA 106 -66.01 -19.47 16.67
CA GLY EA 106 -65.08 -18.70 17.46
C GLY EA 106 -65.48 -17.25 17.53
N ALA EA 107 -65.55 -16.70 18.74
CA ALA EA 107 -65.99 -15.32 18.87
C ALA EA 107 -64.84 -14.35 18.81
N ALA EA 108 -63.85 -14.54 19.68
CA ALA EA 108 -62.72 -13.61 19.71
C ALA EA 108 -61.77 -13.84 18.56
N ASP EA 109 -61.77 -15.04 17.98
CA ASP EA 109 -60.89 -15.30 16.84
C ASP EA 109 -61.36 -14.55 15.60
N CYS EA 110 -62.66 -14.57 15.31
CA CYS EA 110 -63.16 -13.82 14.18
C CYS EA 110 -63.14 -12.32 14.45
N SER EA 111 -63.24 -11.92 15.72
CA SER EA 111 -63.25 -10.50 16.05
C SER EA 111 -61.88 -9.89 15.96
N PHE EA 112 -60.84 -10.66 16.31
CA PHE EA 112 -59.50 -10.10 16.36
C PHE EA 112 -58.91 -9.97 14.96
N TRP EA 113 -58.90 -11.06 14.21
CA TRP EA 113 -58.15 -11.09 12.96
C TRP EA 113 -58.80 -10.25 11.88
N GLU EA 114 -60.12 -10.05 11.95
CA GLU EA 114 -60.74 -9.14 11.00
C GLU EA 114 -60.49 -7.69 11.38
N ARG EA 115 -60.38 -7.39 12.68
CA ARG EA 115 -59.97 -6.06 13.09
C ARG EA 115 -58.52 -5.81 12.70
N LEU EA 116 -57.68 -6.84 12.75
CA LEU EA 116 -56.31 -6.70 12.29
C LEU EA 116 -56.25 -6.55 10.78
N LEU EA 117 -57.22 -7.11 10.06
CA LEU EA 117 -57.31 -6.91 8.63
C LEU EA 117 -57.75 -5.49 8.30
N ALA EA 118 -58.67 -4.94 9.09
CA ALA EA 118 -59.10 -3.57 8.89
C ALA EA 118 -57.99 -2.58 9.21
N ARG EA 119 -57.10 -2.95 10.13
CA ARG EA 119 -55.90 -2.17 10.37
C ARG EA 119 -54.97 -2.22 9.17
N GLN EA 120 -55.02 -3.30 8.41
CA GLN EA 120 -54.07 -3.48 7.31
C GLN EA 120 -54.53 -2.79 6.04
N CYS EA 121 -55.82 -2.84 5.74
CA CYS EA 121 -56.32 -2.30 4.49
C CYS EA 121 -56.31 -0.78 4.48
N ARG EA 122 -56.36 -0.16 5.66
CA ARG EA 122 -56.30 1.29 5.73
C ARG EA 122 -54.92 1.80 5.37
N ILE EA 123 -53.88 1.07 5.76
CA ILE EA 123 -52.52 1.45 5.43
C ILE EA 123 -52.26 1.30 3.94
N TYR EA 124 -52.85 0.26 3.34
CA TYR EA 124 -52.78 0.08 1.90
C TYR EA 124 -53.42 1.22 1.15
N GLU EA 125 -54.51 1.77 1.69
CA GLU EA 125 -55.20 2.87 1.03
C GLU EA 125 -54.40 4.16 1.15
N LEU EA 126 -53.71 4.35 2.27
CA LEU EA 126 -52.96 5.58 2.45
C LEU EA 126 -51.69 5.59 1.61
N ARG EA 127 -51.09 4.42 1.37
CA ARG EA 127 -49.85 4.39 0.61
C ARG EA 127 -50.11 4.48 -0.88
N ASN EA 128 -51.13 3.78 -1.37
CA ASN EA 128 -51.33 3.64 -2.80
C ASN EA 128 -52.46 4.51 -3.32
N LYS EA 129 -53.14 5.25 -2.44
CA LYS EA 129 -54.19 6.22 -2.79
C LYS EA 129 -55.33 5.54 -3.54
N GLU EA 130 -55.68 4.34 -3.13
CA GLU EA 130 -56.66 3.51 -3.83
C GLU EA 130 -57.14 2.43 -2.88
N ARG EA 131 -58.43 2.09 -2.97
CA ARG EA 131 -58.97 1.04 -2.13
C ARG EA 131 -58.42 -0.32 -2.55
N ILE EA 132 -58.39 -1.23 -1.61
CA ILE EA 132 -57.89 -2.58 -1.85
C ILE EA 132 -58.97 -3.39 -2.55
N SER EA 133 -58.57 -4.37 -3.35
CA SER EA 133 -59.54 -5.22 -4.00
C SER EA 133 -60.01 -6.32 -3.06
N VAL EA 134 -61.13 -6.95 -3.42
CA VAL EA 134 -61.75 -7.93 -2.55
C VAL EA 134 -60.94 -9.23 -2.54
N ALA EA 135 -60.38 -9.59 -3.69
CA ALA EA 135 -59.50 -10.75 -3.77
C ALA EA 135 -58.21 -10.55 -2.99
N ALA EA 136 -57.76 -9.31 -2.85
CA ALA EA 136 -56.55 -9.05 -2.10
C ALA EA 136 -56.80 -9.16 -0.60
N ALA EA 137 -57.92 -8.60 -0.13
CA ALA EA 137 -58.22 -8.62 1.30
C ALA EA 137 -58.56 -10.03 1.76
N SER EA 138 -59.11 -10.85 0.88
CA SER EA 138 -59.31 -12.25 1.22
C SER EA 138 -57.99 -12.99 1.32
N LYS EA 139 -57.02 -12.60 0.50
CA LYS EA 139 -55.75 -13.33 0.48
C LYS EA 139 -54.90 -12.98 1.69
N LEU EA 140 -54.94 -11.72 2.13
CA LEU EA 140 -54.17 -11.31 3.30
C LEU EA 140 -54.66 -11.98 4.57
N LEU EA 141 -55.97 -12.19 4.68
CA LEU EA 141 -56.51 -12.87 5.84
C LEU EA 141 -56.16 -14.34 5.81
N ALA EA 142 -56.04 -14.93 4.63
CA ALA EA 142 -55.72 -16.35 4.53
C ALA EA 142 -54.28 -16.62 4.94
N ASN EA 143 -53.37 -15.69 4.68
CA ASN EA 143 -51.98 -15.93 5.02
C ASN EA 143 -51.71 -15.73 6.49
N MET EA 144 -52.44 -14.83 7.15
CA MET EA 144 -52.22 -14.61 8.57
C MET EA 144 -52.68 -15.80 9.40
N VAL EA 145 -53.77 -16.43 9.00
CA VAL EA 145 -54.31 -17.54 9.76
C VAL EA 145 -53.47 -18.80 9.56
N TYR EA 146 -52.92 -18.98 8.35
CA TYR EA 146 -52.20 -20.20 8.00
C TYR EA 146 -50.93 -20.39 8.82
N GLN EA 147 -50.36 -19.31 9.37
CA GLN EA 147 -49.19 -19.45 10.22
C GLN EA 147 -49.50 -20.12 11.54
N TYR EA 148 -50.76 -20.08 11.98
CA TYR EA 148 -51.18 -20.69 13.22
C TYR EA 148 -51.96 -21.97 12.96
N LYS EA 149 -51.61 -22.68 11.89
CA LYS EA 149 -52.37 -23.86 11.51
C LYS EA 149 -52.07 -25.01 12.44
N GLY EA 150 -53.11 -25.60 13.00
CA GLY EA 150 -52.97 -26.67 13.95
C GLY EA 150 -52.94 -26.24 15.39
N MET EA 151 -52.76 -24.96 15.66
CA MET EA 151 -52.71 -24.48 17.03
C MET EA 151 -54.09 -24.27 17.64
N GLY EA 152 -55.15 -24.52 16.90
CA GLY EA 152 -56.48 -24.50 17.48
C GLY EA 152 -57.21 -23.19 17.34
N LEU EA 153 -57.24 -22.64 16.13
CA LEU EA 153 -58.08 -21.49 15.82
C LEU EA 153 -59.36 -21.96 15.18
N SER EA 154 -60.46 -21.27 15.49
CA SER EA 154 -61.74 -21.50 14.85
C SER EA 154 -62.12 -20.24 14.11
N MET EA 155 -62.31 -20.36 12.80
CA MET EA 155 -62.62 -19.20 11.97
C MET EA 155 -63.19 -19.69 10.65
N GLY EA 156 -64.39 -19.21 10.31
CA GLY EA 156 -65.04 -19.66 9.10
C GLY EA 156 -65.72 -18.54 8.34
N THR EA 157 -65.12 -17.35 8.35
CA THR EA 157 -65.82 -16.15 7.91
C THR EA 157 -65.91 -16.06 6.38
N MET EA 158 -66.58 -15.00 5.93
CA MET EA 158 -66.75 -14.68 4.53
C MET EA 158 -66.40 -13.20 4.32
N ILE EA 159 -65.91 -12.88 3.13
CA ILE EA 159 -65.52 -11.52 2.79
C ILE EA 159 -66.42 -11.04 1.67
N CYS EA 160 -67.05 -9.90 1.86
CA CYS EA 160 -67.98 -9.34 0.90
C CYS EA 160 -67.59 -7.92 0.55
N GLY EA 161 -67.86 -7.53 -0.68
CA GLY EA 161 -67.58 -6.16 -1.07
C GLY EA 161 -67.59 -5.92 -2.56
N TRP EA 162 -67.89 -4.69 -2.96
CA TRP EA 162 -67.83 -4.32 -4.35
C TRP EA 162 -66.39 -4.06 -4.75
N ASP EA 163 -66.06 -4.38 -5.99
CA ASP EA 163 -64.69 -4.28 -6.47
C ASP EA 163 -64.72 -3.64 -7.85
N LYS EA 164 -63.54 -3.35 -8.38
CA LYS EA 164 -63.43 -2.89 -9.76
C LYS EA 164 -63.86 -3.95 -10.76
N ARG EA 165 -63.73 -5.23 -10.38
CA ARG EA 165 -64.27 -6.32 -11.18
C ARG EA 165 -65.75 -6.55 -10.93
N GLY EA 166 -66.36 -5.86 -9.98
CA GLY EA 166 -67.77 -5.99 -9.74
C GLY EA 166 -68.06 -6.41 -8.31
N PRO EA 167 -69.05 -7.26 -8.12
CA PRO EA 167 -69.27 -7.84 -6.80
C PRO EA 167 -68.15 -8.80 -6.44
N GLY EA 168 -68.00 -9.01 -5.14
CA GLY EA 168 -66.97 -9.91 -4.67
C GLY EA 168 -67.42 -10.71 -3.47
N LEU EA 169 -67.20 -12.02 -3.51
CA LEU EA 169 -67.62 -12.89 -2.43
C LEU EA 169 -66.60 -14.00 -2.28
N TYR EA 170 -65.86 -13.98 -1.18
CA TYR EA 170 -64.88 -15.01 -0.90
C TYR EA 170 -65.18 -15.64 0.46
N TYR EA 171 -64.75 -16.88 0.60
CA TYR EA 171 -64.93 -17.67 1.80
C TYR EA 171 -63.58 -18.04 2.37
N VAL EA 172 -63.41 -17.88 3.68
CA VAL EA 172 -62.13 -18.08 4.34
C VAL EA 172 -62.34 -18.98 5.55
N ASP EA 173 -61.59 -20.07 5.61
CA ASP EA 173 -61.57 -20.95 6.78
C ASP EA 173 -60.36 -20.68 7.66
N SER EA 174 -60.39 -21.28 8.85
CA SER EA 174 -59.21 -21.38 9.67
C SER EA 174 -58.29 -22.49 9.19
N GLU EA 175 -58.76 -23.33 8.26
CA GLU EA 175 -57.94 -24.35 7.65
C GLU EA 175 -57.20 -23.85 6.42
N GLY EA 176 -57.65 -22.77 5.81
CA GLY EA 176 -56.98 -22.23 4.66
C GLY EA 176 -57.71 -22.53 3.36
N ASN EA 177 -59.04 -22.50 3.41
CA ASN EA 177 -59.86 -22.73 2.24
C ASN EA 177 -60.34 -21.40 1.69
N ARG EA 178 -59.43 -20.70 1.01
CA ARG EA 178 -59.79 -19.47 0.32
C ARG EA 178 -60.43 -19.83 -1.01
N ILE EA 179 -61.74 -19.70 -1.10
CA ILE EA 179 -62.46 -19.97 -2.34
C ILE EA 179 -63.43 -18.83 -2.63
N SER EA 180 -63.69 -18.63 -3.91
CA SER EA 180 -64.74 -17.73 -4.33
C SER EA 180 -66.02 -18.51 -4.56
N GLY EA 181 -67.07 -17.81 -4.99
CA GLY EA 181 -68.32 -18.48 -5.28
C GLY EA 181 -69.45 -17.47 -5.39
N ALA EA 182 -70.64 -18.01 -5.57
CA ALA EA 182 -71.85 -17.20 -5.72
C ALA EA 182 -72.74 -17.22 -4.50
N THR EA 183 -72.92 -18.38 -3.88
CA THR EA 183 -73.73 -18.51 -2.67
C THR EA 183 -72.92 -19.25 -1.62
N PHE EA 184 -73.04 -18.81 -0.37
CA PHE EA 184 -72.43 -19.52 0.75
C PHE EA 184 -73.34 -19.44 1.95
N SER EA 185 -73.16 -20.40 2.86
CA SER EA 185 -73.89 -20.40 4.13
C SER EA 185 -73.03 -21.15 5.14
N VAL EA 186 -72.65 -20.45 6.21
CA VAL EA 186 -71.72 -20.97 7.20
C VAL EA 186 -72.40 -20.95 8.56
N GLY EA 187 -72.16 -21.98 9.36
CA GLY EA 187 -72.68 -22.00 10.71
C GLY EA 187 -73.11 -23.37 11.15
N SER EA 188 -73.64 -23.48 12.36
CA SER EA 188 -74.17 -24.76 12.82
C SER EA 188 -75.48 -25.09 12.12
N GLY EA 189 -76.31 -24.07 11.90
CA GLY EA 189 -77.54 -24.27 11.15
C GLY EA 189 -77.36 -23.85 9.71
N SER EA 190 -76.19 -24.11 9.15
CA SER EA 190 -75.94 -23.70 7.78
C SER EA 190 -76.63 -24.59 6.78
N VAL EA 191 -76.68 -25.90 7.05
CA VAL EA 191 -77.26 -26.84 6.11
C VAL EA 191 -78.77 -26.71 6.03
N TYR EA 192 -79.38 -26.09 7.04
CA TYR EA 192 -80.80 -25.79 6.97
C TYR EA 192 -81.08 -24.62 6.05
N ALA EA 193 -80.06 -23.80 5.77
CA ALA EA 193 -80.23 -22.66 4.90
C ALA EA 193 -79.96 -22.98 3.45
N TYR EA 194 -79.13 -23.98 3.15
CA TYR EA 194 -78.82 -24.29 1.75
C TYR EA 194 -80.02 -24.84 1.01
N GLY EA 195 -80.96 -25.47 1.71
CA GLY EA 195 -82.11 -26.01 1.02
C GLY EA 195 -83.09 -24.92 0.60
N VAL EA 196 -83.46 -24.05 1.54
CA VAL EA 196 -84.46 -23.04 1.25
C VAL EA 196 -83.91 -21.91 0.38
N MET EA 197 -82.60 -21.67 0.43
CA MET EA 197 -82.04 -20.60 -0.39
C MET EA 197 -81.88 -21.03 -1.84
N ASP EA 198 -81.36 -22.24 -2.06
CA ASP EA 198 -81.10 -22.70 -3.42
C ASP EA 198 -82.38 -23.02 -4.18
N ARG EA 199 -83.47 -23.30 -3.47
CA ARG EA 199 -84.75 -23.46 -4.15
C ARG EA 199 -85.27 -22.12 -4.65
N GLY EA 200 -85.00 -21.05 -3.93
CA GLY EA 200 -85.47 -19.75 -4.33
C GLY EA 200 -84.46 -18.86 -5.03
N TYR EA 201 -83.22 -19.28 -5.17
CA TYR EA 201 -82.18 -18.41 -5.70
C TYR EA 201 -82.28 -18.26 -7.21
N SER EA 202 -82.10 -17.04 -7.68
CA SER EA 202 -81.89 -16.75 -9.09
C SER EA 202 -80.92 -15.59 -9.18
N TYR EA 203 -80.19 -15.53 -10.30
CA TYR EA 203 -79.28 -14.40 -10.48
C TYR EA 203 -80.05 -13.13 -10.82
N ASP EA 204 -81.24 -13.27 -11.39
CA ASP EA 204 -82.03 -12.13 -11.82
C ASP EA 204 -83.16 -11.82 -10.87
N LEU EA 205 -82.94 -11.99 -9.57
CA LEU EA 205 -83.94 -11.62 -8.59
C LEU EA 205 -84.03 -10.11 -8.48
N GLU EA 206 -85.16 -9.64 -7.96
CA GLU EA 206 -85.32 -8.23 -7.69
C GLU EA 206 -84.67 -7.88 -6.35
N VAL EA 207 -84.70 -6.60 -6.01
CA VAL EA 207 -84.10 -6.18 -4.75
C VAL EA 207 -84.98 -6.55 -3.57
N GLU EA 208 -86.28 -6.25 -3.67
CA GLU EA 208 -87.19 -6.59 -2.59
C GLU EA 208 -87.44 -8.09 -2.52
N GLN EA 209 -87.30 -8.80 -3.63
CA GLN EA 209 -87.44 -10.25 -3.62
C GLN EA 209 -86.27 -10.91 -2.90
N ALA EA 210 -85.07 -10.38 -3.11
CA ALA EA 210 -83.89 -10.94 -2.46
C ALA EA 210 -83.88 -10.64 -0.98
N TYR EA 211 -84.53 -9.55 -0.56
CA TYR EA 211 -84.66 -9.28 0.87
C TYR EA 211 -85.57 -10.30 1.52
N ASP EA 212 -86.64 -10.70 0.85
CA ASP EA 212 -87.54 -11.69 1.41
C ASP EA 212 -86.96 -13.09 1.38
N LEU EA 213 -86.02 -13.36 0.49
CA LEU EA 213 -85.43 -14.69 0.41
C LEU EA 213 -84.49 -14.94 1.58
N ALA EA 214 -83.61 -13.99 1.85
CA ALA EA 214 -82.64 -14.17 2.92
C ALA EA 214 -83.29 -14.11 4.29
N ARG EA 215 -84.35 -13.31 4.42
CA ARG EA 215 -85.06 -13.23 5.69
C ARG EA 215 -85.83 -14.51 5.97
N ARG EA 216 -86.35 -15.14 4.93
CA ARG EA 216 -87.01 -16.44 5.09
C ARG EA 216 -86.00 -17.52 5.45
N ALA EA 217 -84.81 -17.46 4.86
CA ALA EA 217 -83.86 -18.57 4.99
C ALA EA 217 -83.27 -18.64 6.39
N ILE EA 218 -83.05 -17.49 7.03
CA ILE EA 218 -82.61 -17.49 8.41
C ILE EA 218 -83.72 -17.96 9.33
N TYR EA 219 -84.98 -17.66 8.98
CA TYR EA 219 -86.10 -18.08 9.81
C TYR EA 219 -86.26 -19.58 9.81
N GLN EA 220 -86.04 -20.23 8.67
CA GLN EA 220 -86.13 -21.68 8.63
C GLN EA 220 -84.94 -22.34 9.30
N ALA EA 221 -83.81 -21.64 9.38
CA ALA EA 221 -82.65 -22.21 10.05
C ALA EA 221 -82.79 -22.15 11.56
N THR EA 222 -83.27 -21.03 12.09
CA THR EA 222 -83.45 -20.89 13.53
C THR EA 222 -84.60 -21.75 14.04
N TYR EA 223 -85.50 -22.19 13.17
CA TYR EA 223 -86.59 -23.03 13.60
C TYR EA 223 -86.10 -24.43 13.95
N ARG EA 224 -85.36 -25.07 13.04
CA ARG EA 224 -84.90 -26.44 13.26
C ARG EA 224 -83.72 -26.50 14.22
N ASP EA 225 -82.75 -25.60 14.06
CA ASP EA 225 -81.55 -25.63 14.88
C ASP EA 225 -81.84 -25.08 16.27
N ALA EA 226 -81.11 -25.58 17.25
CA ALA EA 226 -81.25 -25.09 18.61
C ALA EA 226 -80.27 -23.96 18.92
N TYR EA 227 -79.15 -23.89 18.22
CA TYR EA 227 -78.12 -22.90 18.48
C TYR EA 227 -78.26 -21.66 17.62
N SER EA 228 -79.48 -21.36 17.18
CA SER EA 228 -79.69 -20.20 16.31
C SER EA 228 -80.99 -19.54 16.69
N GLY EA 229 -80.94 -18.23 16.90
CA GLY EA 229 -82.12 -17.50 17.28
C GLY EA 229 -81.81 -16.04 17.42
N GLY EA 230 -82.67 -15.33 18.14
CA GLY EA 230 -82.47 -13.91 18.36
C GLY EA 230 -83.13 -13.08 17.27
N ALA EA 231 -82.38 -12.10 16.78
CA ALA EA 231 -82.86 -11.27 15.68
C ALA EA 231 -82.24 -11.74 14.36
N VAL EA 232 -82.70 -11.14 13.27
CA VAL EA 232 -82.20 -11.46 11.93
C VAL EA 232 -81.70 -10.16 11.32
N ASN EA 233 -80.38 -10.03 11.22
CA ASN EA 233 -79.80 -8.85 10.61
C ASN EA 233 -79.70 -9.03 9.11
N LEU EA 234 -79.59 -7.91 8.39
CA LEU EA 234 -79.64 -7.95 6.94
C LEU EA 234 -78.90 -6.76 6.37
N TYR EA 235 -77.81 -7.02 5.65
CA TYR EA 235 -77.04 -5.95 5.01
C TYR EA 235 -77.08 -6.12 3.50
N HIS EA 236 -76.91 -5.00 2.81
CA HIS EA 236 -76.93 -4.96 1.35
C HIS EA 236 -75.69 -4.23 0.86
N VAL EA 237 -74.89 -4.91 0.05
CA VAL EA 237 -73.67 -4.33 -0.50
C VAL EA 237 -73.99 -3.75 -1.86
N ARG EA 238 -73.85 -2.44 -1.98
CA ARG EA 238 -74.09 -1.73 -3.22
C ARG EA 238 -72.73 -1.32 -3.78
N GLU EA 239 -72.71 -0.74 -4.98
CA GLU EA 239 -71.47 -0.36 -5.63
C GLU EA 239 -70.72 0.71 -4.86
N ASP EA 240 -71.44 1.71 -4.35
CA ASP EA 240 -70.79 2.76 -3.57
C ASP EA 240 -70.35 2.27 -2.19
N GLY EA 241 -71.17 1.45 -1.54
CA GLY EA 241 -70.84 0.97 -0.22
C GLY EA 241 -71.99 0.15 0.32
N TRP EA 242 -71.76 -0.44 1.48
CA TRP EA 242 -72.79 -1.26 2.08
C TRP EA 242 -73.85 -0.39 2.74
N ILE EA 243 -75.03 -0.96 2.93
CA ILE EA 243 -76.15 -0.28 3.59
C ILE EA 243 -76.88 -1.29 4.46
N ARG EA 244 -77.19 -0.89 5.68
CA ARG EA 244 -78.00 -1.73 6.57
C ARG EA 244 -79.45 -1.71 6.12
N VAL EA 245 -80.05 -2.88 5.99
CA VAL EA 245 -81.43 -2.95 5.53
C VAL EA 245 -82.37 -2.91 6.71
N SER EA 246 -82.33 -3.93 7.56
CA SER EA 246 -83.29 -4.07 8.63
C SER EA 246 -82.76 -5.07 9.65
N SER EA 247 -83.50 -5.22 10.74
CA SER EA 247 -83.18 -6.17 11.79
C SER EA 247 -84.48 -6.56 12.47
N ASP EA 248 -84.92 -7.80 12.26
CA ASP EA 248 -86.23 -8.24 12.71
C ASP EA 248 -86.10 -9.38 13.70
N ASN EA 249 -86.97 -9.39 14.70
CA ASN EA 249 -87.01 -10.48 15.65
C ASN EA 249 -87.74 -11.67 15.04
N VAL EA 250 -87.36 -12.87 15.48
CA VAL EA 250 -87.94 -14.09 14.93
C VAL EA 250 -89.39 -14.23 15.37
N ALA EA 251 -89.71 -13.81 16.60
CA ALA EA 251 -91.08 -13.88 17.09
C ALA EA 251 -92.01 -12.94 16.34
N ASP EA 252 -91.47 -11.88 15.74
CA ASP EA 252 -92.27 -11.05 14.86
C ASP EA 252 -92.40 -11.68 13.48
N LEU EA 253 -91.36 -12.38 13.02
CA LEU EA 253 -91.43 -13.06 11.73
C LEU EA 253 -92.28 -14.31 11.81
N HIS EA 254 -92.48 -14.86 13.00
CA HIS EA 254 -93.31 -16.05 13.13
C HIS EA 254 -94.77 -15.75 12.87
N GLU EA 255 -95.25 -14.59 13.29
CA GLU EA 255 -96.63 -14.21 13.02
C GLU EA 255 -96.83 -13.82 11.56
N LYS EA 256 -95.81 -13.24 10.93
CA LYS EA 256 -95.92 -12.85 9.53
C LYS EA 256 -95.95 -14.06 8.62
N TYR EA 257 -95.10 -15.04 8.89
CA TYR EA 257 -94.95 -16.17 7.99
C TYR EA 257 -96.02 -17.22 8.20
N SER EA 258 -96.52 -17.38 9.42
CA SER EA 258 -97.62 -18.29 9.65
C SER EA 258 -98.96 -17.74 9.18
N GLY EA 259 -99.05 -16.43 8.97
CA GLY EA 259 -100.28 -15.83 8.50
C GLY EA 259 -101.14 -15.28 9.62
N ARG FA 28 -50.28 -34.66 38.71
CA ARG FA 28 -49.19 -33.70 38.73
C ARG FA 28 -49.77 -32.28 38.73
N PHE FA 29 -48.87 -31.29 38.70
CA PHE FA 29 -49.20 -29.88 38.83
C PHE FA 29 -50.19 -29.41 37.76
N SER FA 30 -51.29 -28.83 38.22
CA SER FA 30 -52.28 -28.18 37.38
C SER FA 30 -52.36 -26.70 37.72
N PRO FA 31 -52.34 -25.83 36.72
CA PRO FA 31 -52.12 -24.40 36.96
C PRO FA 31 -53.35 -23.58 37.24
N TYR FA 32 -54.53 -24.20 37.29
CA TYR FA 32 -55.79 -23.50 37.46
C TYR FA 32 -56.51 -24.04 38.70
N VAL FA 33 -57.37 -23.19 39.28
CA VAL FA 33 -58.29 -23.62 40.33
C VAL FA 33 -59.46 -22.64 40.30
N PHE FA 34 -60.61 -23.06 40.80
CA PHE FA 34 -61.80 -22.23 40.78
C PHE FA 34 -62.06 -21.65 42.15
N ASN FA 35 -62.44 -20.37 42.19
CA ASN FA 35 -62.60 -19.67 43.46
C ASN FA 35 -64.00 -19.13 43.69
N GLY FA 36 -64.88 -19.19 42.70
CA GLY FA 36 -66.23 -18.70 42.89
C GLY FA 36 -66.31 -17.19 42.84
N GLY FA 37 -67.53 -16.70 42.94
CA GLY FA 37 -67.82 -15.28 42.90
C GLY FA 37 -68.95 -15.01 41.94
N THR FA 38 -69.58 -13.85 42.11
CA THR FA 38 -70.70 -13.47 41.25
C THR FA 38 -70.65 -11.97 41.07
N ILE FA 39 -70.69 -11.53 39.81
CA ILE FA 39 -70.57 -10.12 39.46
C ILE FA 39 -71.83 -9.71 38.71
N LEU FA 40 -72.38 -8.56 39.07
CA LEU FA 40 -73.56 -8.03 38.43
C LEU FA 40 -73.34 -6.58 38.02
N ALA FA 41 -73.80 -6.22 36.83
CA ALA FA 41 -73.73 -4.84 36.38
C ALA FA 41 -75.01 -4.46 35.65
N ILE FA 42 -75.44 -3.21 35.84
CA ILE FA 42 -76.64 -2.67 35.21
C ILE FA 42 -76.32 -1.29 34.69
N ALA FA 43 -76.50 -1.07 33.40
CA ALA FA 43 -76.33 0.25 32.81
C ALA FA 43 -77.62 1.04 32.96
N GLY FA 44 -77.56 2.13 33.71
CA GLY FA 44 -78.70 3.01 33.87
C GLY FA 44 -78.75 4.05 32.77
N GLU FA 45 -79.69 4.98 32.93
CA GLU FA 45 -79.79 6.07 31.98
C GLU FA 45 -78.67 7.07 32.17
N ASP FA 46 -78.32 7.37 33.41
CA ASP FA 46 -77.20 8.25 33.70
C ASP FA 46 -76.34 7.69 34.82
N PHE FA 47 -76.35 6.38 35.00
CA PHE FA 47 -75.64 5.77 36.11
C PHE FA 47 -75.24 4.37 35.72
N ALA FA 48 -74.52 3.73 36.64
CA ALA FA 48 -74.14 2.33 36.48
C ALA FA 48 -73.91 1.75 37.86
N ILE FA 49 -74.37 0.52 38.07
CA ILE FA 49 -74.30 -0.15 39.35
C ILE FA 49 -73.55 -1.45 39.17
N VAL FA 50 -72.45 -1.61 39.91
CA VAL FA 50 -71.67 -2.84 39.89
C VAL FA 50 -71.67 -3.43 41.29
N ALA FA 51 -72.05 -4.70 41.40
CA ALA FA 51 -72.17 -5.35 42.69
C ALA FA 51 -71.53 -6.73 42.65
N SER FA 52 -71.05 -7.17 43.82
CA SER FA 52 -70.44 -8.48 43.95
C SER FA 52 -70.46 -8.88 45.42
N ASP FA 53 -70.34 -10.19 45.64
CA ASP FA 53 -70.18 -10.72 46.99
C ASP FA 53 -68.72 -10.70 47.39
N THR FA 54 -68.45 -10.98 48.67
CA THR FA 54 -67.10 -10.87 49.20
C THR FA 54 -66.56 -12.20 49.68
N ARG FA 55 -67.18 -13.30 49.29
CA ARG FA 55 -66.74 -14.62 49.74
C ARG FA 55 -65.66 -15.14 48.82
N LEU FA 56 -64.56 -15.60 49.40
CA LEU FA 56 -63.48 -16.22 48.67
C LEU FA 56 -63.34 -17.66 49.13
N SER FA 57 -63.63 -18.61 48.25
CA SER FA 57 -63.71 -20.01 48.60
C SER FA 57 -62.79 -20.81 47.70
N GLU FA 58 -62.58 -22.07 48.08
CA GLU FA 58 -61.83 -23.01 47.26
C GLU FA 58 -62.24 -24.42 47.66
N GLY FA 59 -62.77 -25.17 46.70
CA GLY FA 59 -63.16 -26.54 46.95
C GLY FA 59 -64.35 -26.63 47.89
N PHE FA 60 -64.09 -27.03 49.13
CA PHE FA 60 -65.11 -27.08 50.17
C PHE FA 60 -64.62 -26.32 51.38
N SER FA 61 -64.04 -25.15 51.16
CA SER FA 61 -63.48 -24.37 52.24
C SER FA 61 -63.77 -22.90 51.99
N ILE FA 62 -63.66 -22.11 53.04
CA ILE FA 62 -63.83 -20.67 52.97
C ILE FA 62 -62.51 -20.05 53.36
N HIS FA 63 -61.88 -19.36 52.41
CA HIS FA 63 -60.66 -18.64 52.77
C HIS FA 63 -60.97 -17.40 53.57
N THR FA 64 -61.81 -16.53 53.05
CA THR FA 64 -62.21 -15.34 53.79
C THR FA 64 -63.63 -14.97 53.43
N ARG FA 65 -64.23 -14.15 54.30
CA ARG FA 65 -65.55 -13.62 54.05
C ARG FA 65 -65.50 -12.15 53.68
N ASP FA 66 -64.31 -11.63 53.39
CA ASP FA 66 -64.16 -10.21 53.06
C ASP FA 66 -63.17 -10.12 51.91
N SER FA 67 -63.69 -10.14 50.70
CA SER FA 67 -62.88 -10.01 49.50
C SER FA 67 -63.74 -9.48 48.36
N PRO FA 68 -63.94 -8.16 48.29
CA PRO FA 68 -64.80 -7.61 47.24
C PRO FA 68 -64.13 -7.66 45.88
N LYS FA 69 -64.94 -7.85 44.85
CA LYS FA 69 -64.46 -7.98 43.50
C LYS FA 69 -64.53 -6.67 42.72
N CYS FA 70 -65.00 -5.60 43.35
CA CYS FA 70 -65.07 -4.30 42.70
C CYS FA 70 -63.70 -3.64 42.71
N TYR FA 71 -63.39 -2.90 41.65
CA TYR FA 71 -62.14 -2.17 41.55
C TYR FA 71 -62.40 -0.85 40.87
N LYS FA 72 -62.13 0.25 41.57
CA LYS FA 72 -62.32 1.58 41.01
C LYS FA 72 -61.11 1.90 40.14
N LEU FA 73 -61.28 1.82 38.82
CA LEU FA 73 -60.18 2.16 37.91
C LEU FA 73 -60.01 3.66 37.81
N THR FA 74 -61.02 4.35 37.32
CA THR FA 74 -61.05 5.80 37.26
C THR FA 74 -62.22 6.28 38.10
N ASP FA 75 -62.52 7.57 38.00
CA ASP FA 75 -63.69 8.11 38.67
C ASP FA 75 -64.97 7.81 37.92
N LYS FA 76 -64.91 7.19 36.74
CA LYS FA 76 -66.10 6.86 35.98
C LYS FA 76 -66.06 5.43 35.46
N THR FA 77 -65.24 4.55 36.04
CA THR FA 77 -65.14 3.19 35.55
C THR FA 77 -64.79 2.25 36.68
N VAL FA 78 -65.62 1.22 36.86
CA VAL FA 78 -65.40 0.17 37.84
C VAL FA 78 -65.40 -1.16 37.10
N ILE FA 79 -64.44 -2.01 37.42
CA ILE FA 79 -64.33 -3.33 36.81
C ILE FA 79 -64.57 -4.40 37.88
N GLY FA 80 -65.11 -5.52 37.45
CA GLY FA 80 -65.20 -6.70 38.30
C GLY FA 80 -64.47 -7.86 37.68
N CYS FA 81 -63.88 -8.70 38.53
CA CYS FA 81 -63.07 -9.82 38.08
C CYS FA 81 -63.45 -11.07 38.87
N SER FA 82 -63.83 -12.13 38.17
CA SER FA 82 -64.16 -13.40 38.81
C SER FA 82 -63.26 -14.51 38.27
N GLY FA 83 -63.48 -15.72 38.76
CA GLY FA 83 -62.76 -16.87 38.27
C GLY FA 83 -61.57 -17.24 39.13
N PHE FA 84 -60.46 -17.59 38.47
CA PHE FA 84 -59.24 -17.90 39.19
C PHE FA 84 -58.64 -16.65 39.79
N HIS FA 85 -58.47 -16.66 41.11
CA HIS FA 85 -58.14 -15.44 41.85
C HIS FA 85 -56.72 -14.97 41.62
N GLY FA 86 -55.79 -15.87 41.34
CA GLY FA 86 -54.42 -15.46 41.08
C GLY FA 86 -54.27 -14.67 39.79
N ASP FA 87 -55.12 -14.96 38.81
CA ASP FA 87 -55.14 -14.15 37.61
C ASP FA 87 -55.90 -12.84 37.81
N CYS FA 88 -56.83 -12.80 38.76
CA CYS FA 88 -57.54 -11.56 39.03
C CYS FA 88 -56.63 -10.52 39.67
N LEU FA 89 -55.67 -10.96 40.48
CA LEU FA 89 -54.73 -10.02 41.07
C LEU FA 89 -53.72 -9.54 40.05
N THR FA 90 -53.32 -10.42 39.13
CA THR FA 90 -52.35 -10.05 38.11
C THR FA 90 -52.96 -9.10 37.10
N LEU FA 91 -54.15 -9.43 36.61
CA LEU FA 91 -54.77 -8.65 35.54
C LEU FA 91 -55.17 -7.27 36.00
N THR FA 92 -55.52 -7.12 37.28
CA THR FA 92 -55.86 -5.81 37.82
C THR FA 92 -54.64 -4.92 37.86
N LYS FA 93 -53.49 -5.46 38.21
CA LYS FA 93 -52.28 -4.65 38.29
C LYS FA 93 -51.70 -4.32 36.93
N ILE FA 94 -52.00 -5.11 35.92
CA ILE FA 94 -51.57 -4.79 34.56
C ILE FA 94 -52.37 -3.60 34.03
N ILE FA 95 -53.66 -3.56 34.33
CA ILE FA 95 -54.52 -2.49 33.83
C ILE FA 95 -54.18 -1.16 34.46
N GLU FA 96 -53.93 -1.15 35.77
CA GLU FA 96 -53.60 0.09 36.47
C GLU FA 96 -52.25 0.65 36.06
N ALA FA 97 -51.33 -0.20 35.59
CA ALA FA 97 -50.08 0.32 35.04
C ALA FA 97 -50.32 1.01 33.70
N ARG FA 98 -51.13 0.40 32.85
CA ARG FA 98 -51.36 0.94 31.52
C ARG FA 98 -52.28 2.14 31.51
N LEU FA 99 -53.02 2.39 32.60
CA LEU FA 99 -53.73 3.64 32.72
C LEU FA 99 -52.75 4.80 32.88
N LYS FA 100 -51.70 4.59 33.67
CA LYS FA 100 -50.68 5.63 33.85
C LYS FA 100 -49.86 5.81 32.59
N MET FA 101 -49.64 4.72 31.85
CA MET FA 101 -48.89 4.81 30.60
C MET FA 101 -49.66 5.56 29.54
N TYR FA 102 -50.98 5.48 29.57
CA TYR FA 102 -51.80 6.30 28.68
C TYR FA 102 -51.69 7.77 29.06
N LYS FA 103 -51.68 8.05 30.36
CA LYS FA 103 -51.90 9.42 30.80
C LYS FA 103 -50.65 10.27 30.62
N HIS FA 104 -49.48 9.70 30.87
CA HIS FA 104 -48.26 10.47 30.64
C HIS FA 104 -47.94 10.57 29.16
N SER FA 105 -48.55 9.74 28.33
CA SER FA 105 -48.34 9.80 26.89
C SER FA 105 -49.40 10.61 26.17
N ASN FA 106 -50.55 10.85 26.80
CA ASN FA 106 -51.65 11.50 26.10
C ASN FA 106 -52.32 12.61 26.89
N ASN FA 107 -51.90 12.88 28.12
CA ASN FA 107 -52.32 14.04 28.92
C ASN FA 107 -53.82 14.04 29.22
N LYS FA 108 -54.41 12.86 29.30
CA LYS FA 108 -55.83 12.71 29.59
C LYS FA 108 -56.07 11.29 30.08
N ALA FA 109 -57.20 11.11 30.75
CA ALA FA 109 -57.55 9.78 31.23
C ALA FA 109 -58.31 9.01 30.15
N MET FA 110 -58.30 7.69 30.27
CA MET FA 110 -58.99 6.87 29.30
C MET FA 110 -60.50 6.96 29.49
N THR FA 111 -61.23 6.74 28.41
CA THR FA 111 -62.67 6.70 28.47
C THR FA 111 -63.10 5.31 28.91
N THR FA 112 -64.42 5.10 29.02
CA THR FA 112 -64.90 3.76 29.33
C THR FA 112 -64.72 2.84 28.13
N GLY FA 113 -65.03 3.33 26.93
CA GLY FA 113 -64.88 2.52 25.75
C GLY FA 113 -63.45 2.25 25.34
N ALA FA 114 -62.53 3.12 25.74
CA ALA FA 114 -61.12 2.89 25.40
C ALA FA 114 -60.54 1.77 26.23
N ILE FA 115 -60.98 1.63 27.49
CA ILE FA 115 -60.48 0.56 28.34
C ILE FA 115 -60.98 -0.77 27.84
N ALA FA 116 -62.23 -0.82 27.39
CA ALA FA 116 -62.79 -2.06 26.85
C ALA FA 116 -62.10 -2.47 25.57
N ALA FA 117 -61.65 -1.52 24.78
CA ALA FA 117 -60.89 -1.86 23.58
C ALA FA 117 -59.48 -2.32 23.93
N MET FA 118 -58.90 -1.76 25.00
CA MET FA 118 -57.55 -2.14 25.39
C MET FA 118 -57.52 -3.52 26.01
N LEU FA 119 -58.55 -3.83 26.81
CA LEU FA 119 -58.57 -5.09 27.55
C LEU FA 119 -58.71 -6.29 26.63
N SER FA 120 -59.39 -6.12 25.50
CA SER FA 120 -59.55 -7.22 24.55
C SER FA 120 -58.22 -7.60 23.92
N THR FA 121 -57.33 -6.65 23.72
CA THR FA 121 -56.01 -6.98 23.22
C THR FA 121 -55.16 -7.67 24.27
N ILE FA 122 -55.33 -7.29 25.53
CA ILE FA 122 -54.55 -7.89 26.61
C ILE FA 122 -54.97 -9.34 26.81
N LEU FA 123 -56.27 -9.61 26.79
CA LEU FA 123 -56.76 -10.96 26.98
C LEU FA 123 -56.41 -11.87 25.80
N TYR FA 124 -56.38 -11.31 24.59
CA TYR FA 124 -56.04 -12.15 23.46
C TYR FA 124 -54.54 -12.39 23.37
N SER FA 125 -53.74 -11.56 24.03
CA SER FA 125 -52.28 -11.67 23.98
C SER FA 125 -51.77 -12.95 24.62
N ARG FA 126 -52.56 -13.63 25.43
CA ARG FA 126 -52.19 -14.92 25.98
C ARG FA 126 -53.20 -15.96 25.50
N ARG FA 127 -53.46 -15.95 24.19
CA ARG FA 127 -54.45 -16.82 23.58
C ARG FA 127 -54.15 -18.30 23.81
N PHE FA 128 -52.88 -18.67 23.86
CA PHE FA 128 -52.52 -20.06 23.99
C PHE FA 128 -52.09 -20.44 25.41
N PHE FA 129 -52.40 -19.59 26.39
CA PHE FA 129 -52.30 -19.89 27.81
C PHE FA 129 -53.19 -18.90 28.55
N PRO FA 130 -54.50 -19.11 28.54
CA PRO FA 130 -55.44 -18.00 28.79
C PRO FA 130 -55.61 -17.67 30.25
N TYR FA 131 -56.01 -16.43 30.49
CA TYR FA 131 -56.52 -16.01 31.78
C TYR FA 131 -57.86 -16.66 32.04
N TYR FA 132 -58.04 -17.22 33.23
CA TYR FA 132 -59.32 -17.81 33.60
C TYR FA 132 -60.10 -16.80 34.44
N VAL FA 133 -60.51 -15.72 33.77
CA VAL FA 133 -61.12 -14.57 34.41
C VAL FA 133 -62.31 -14.12 33.57
N TYR FA 134 -63.47 -13.96 34.21
CA TYR FA 134 -64.63 -13.33 33.60
C TYR FA 134 -64.68 -11.87 34.01
N ASN FA 135 -64.87 -10.98 33.05
CA ASN FA 135 -64.74 -9.55 33.28
C ASN FA 135 -65.99 -8.81 32.84
N ILE FA 136 -66.40 -7.84 33.63
CA ILE FA 136 -67.46 -6.92 33.28
C ILE FA 136 -67.01 -5.51 33.65
N ILE FA 137 -67.04 -4.60 32.69
CA ILE FA 137 -66.69 -3.21 32.92
C ILE FA 137 -67.96 -2.38 32.87
N GLY FA 138 -68.25 -1.68 33.96
CA GLY FA 138 -69.35 -0.75 34.00
C GLY FA 138 -68.85 0.65 34.26
N GLY FA 139 -69.54 1.63 33.68
CA GLY FA 139 -69.15 3.00 33.89
C GLY FA 139 -69.88 3.92 32.94
N LEU FA 140 -69.55 5.20 33.03
CA LEU FA 140 -70.20 6.22 32.23
C LEU FA 140 -69.46 6.46 30.94
N ASP FA 141 -70.21 6.83 29.90
CA ASP FA 141 -69.61 7.15 28.62
C ASP FA 141 -69.18 8.61 28.60
N GLU FA 142 -68.87 9.13 27.41
CA GLU FA 142 -68.55 10.54 27.29
C GLU FA 142 -69.79 11.41 27.25
N GLU FA 143 -70.97 10.82 27.13
CA GLU FA 143 -72.21 11.56 27.13
C GLU FA 143 -72.91 11.53 28.49
N GLY FA 144 -72.34 10.83 29.46
CA GLY FA 144 -72.95 10.76 30.78
C GLY FA 144 -73.99 9.70 30.94
N LYS FA 145 -73.98 8.67 30.11
CA LYS FA 145 -74.93 7.57 30.20
C LYS FA 145 -74.20 6.30 30.59
N GLY FA 146 -74.97 5.33 31.08
CA GLY FA 146 -74.39 4.08 31.51
C GLY FA 146 -73.90 3.24 30.35
N ALA FA 147 -72.90 2.41 30.63
CA ALA FA 147 -72.29 1.56 29.63
C ALA FA 147 -71.74 0.32 30.31
N VAL FA 148 -72.11 -0.86 29.82
CA VAL FA 148 -71.67 -2.12 30.37
C VAL FA 148 -71.05 -2.95 29.24
N TYR FA 149 -69.83 -3.43 29.47
CA TYR FA 149 -69.13 -4.27 28.50
C TYR FA 149 -68.86 -5.62 29.16
N SER FA 150 -69.41 -6.68 28.60
CA SER FA 150 -69.13 -8.02 29.08
C SER FA 150 -67.96 -8.60 28.33
N PHE FA 151 -67.35 -9.65 28.89
CA PHE FA 151 -66.16 -10.24 28.30
C PHE FA 151 -66.24 -11.75 28.40
N ASP FA 152 -65.21 -12.40 27.85
CA ASP FA 152 -65.02 -13.84 27.90
C ASP FA 152 -63.54 -14.05 28.25
N PRO FA 153 -63.08 -15.26 28.61
CA PRO FA 153 -61.66 -15.40 28.96
C PRO FA 153 -60.67 -15.22 27.81
N VAL FA 154 -61.12 -15.17 26.56
CA VAL FA 154 -60.20 -14.97 25.44
C VAL FA 154 -60.26 -13.56 24.87
N GLY FA 155 -61.30 -12.79 25.14
CA GLY FA 155 -61.24 -11.38 24.82
C GLY FA 155 -62.23 -10.85 23.81
N SER FA 156 -63.37 -11.52 23.63
CA SER FA 156 -64.45 -10.98 22.82
C SER FA 156 -65.41 -10.23 23.71
N TYR FA 157 -65.89 -9.08 23.23
CA TYR FA 157 -66.71 -8.23 24.06
C TYR FA 157 -67.83 -7.60 23.25
N GLN FA 158 -68.82 -7.10 23.97
CA GLN FA 158 -69.90 -6.34 23.38
C GLN FA 158 -70.51 -5.45 24.45
N ARG FA 159 -71.19 -4.40 24.00
CA ARG FA 159 -71.87 -3.49 24.91
C ARG FA 159 -73.28 -3.97 25.14
N ASP FA 160 -73.67 -4.09 26.41
CA ASP FA 160 -75.00 -4.53 26.80
C ASP FA 160 -75.61 -3.52 27.76
N SER FA 161 -76.84 -3.80 28.19
CA SER FA 161 -77.48 -3.00 29.21
C SER FA 161 -77.33 -3.60 30.60
N PHE FA 162 -77.19 -4.92 30.69
CA PHE FA 162 -77.01 -5.60 31.96
C PHE FA 162 -76.43 -6.97 31.69
N LYS FA 163 -75.48 -7.38 32.52
CA LYS FA 163 -74.94 -8.72 32.49
C LYS FA 163 -74.65 -9.19 33.90
N ALA FA 164 -74.70 -10.51 34.07
CA ALA FA 164 -74.36 -11.15 35.34
C ALA FA 164 -73.31 -12.21 35.02
N GLY FA 165 -72.15 -12.10 35.67
CA GLY FA 165 -71.08 -13.05 35.47
C GLY FA 165 -70.68 -13.73 36.77
N GLY FA 166 -70.06 -14.88 36.62
CA GLY FA 166 -69.60 -15.65 37.74
C GLY FA 166 -70.28 -16.99 37.86
N SER FA 167 -70.31 -17.50 39.09
CA SER FA 167 -70.84 -18.83 39.34
C SER FA 167 -72.37 -18.85 39.31
N ALA FA 168 -73.01 -17.81 39.84
CA ALA FA 168 -74.45 -17.74 39.89
C ALA FA 168 -75.03 -16.97 38.72
N SER FA 169 -74.35 -17.00 37.58
CA SER FA 169 -74.78 -16.23 36.43
C SER FA 169 -76.06 -16.80 35.81
N ALA FA 170 -76.24 -18.10 35.86
CA ALA FA 170 -77.44 -18.70 35.29
C ALA FA 170 -78.67 -18.47 36.16
N MET FA 171 -78.49 -18.12 37.43
CA MET FA 171 -79.60 -17.85 38.31
C MET FA 171 -80.06 -16.40 38.29
N LEU FA 172 -79.38 -15.54 37.55
CA LEU FA 172 -79.66 -14.12 37.59
C LEU FA 172 -80.11 -13.56 36.25
N GLN FA 173 -79.60 -14.08 35.14
CA GLN FA 173 -80.04 -13.63 33.83
C GLN FA 173 -81.54 -13.81 33.54
N PRO FA 174 -82.22 -14.91 33.89
CA PRO FA 174 -83.66 -14.98 33.57
C PRO FA 174 -84.51 -14.02 34.36
N LEU FA 175 -84.08 -13.58 35.54
CA LEU FA 175 -84.91 -12.68 36.31
C LEU FA 175 -84.78 -11.25 35.81
N LEU FA 176 -83.57 -10.84 35.44
CA LEU FA 176 -83.37 -9.48 34.95
C LEU FA 176 -83.95 -9.29 33.55
N ASP FA 177 -84.13 -10.36 32.79
CA ASP FA 177 -84.86 -10.25 31.55
C ASP FA 177 -86.33 -9.93 31.80
N ASN FA 178 -86.87 -10.41 32.91
CA ASN FA 178 -88.25 -10.13 33.24
C ASN FA 178 -88.42 -8.71 33.73
N GLN FA 179 -87.55 -8.25 34.63
CA GLN FA 179 -87.76 -6.97 35.27
C GLN FA 179 -87.20 -5.80 34.48
N VAL FA 180 -85.97 -5.91 34.00
CA VAL FA 180 -85.37 -4.82 33.26
C VAL FA 180 -85.78 -4.86 31.79
N GLY FA 181 -85.59 -6.00 31.14
CA GLY FA 181 -85.89 -6.10 29.72
C GLY FA 181 -87.35 -6.23 29.39
N PHE FA 182 -88.18 -6.55 30.38
CA PHE FA 182 -89.63 -6.73 30.23
C PHE FA 182 -89.97 -7.80 29.19
N LYS FA 183 -89.15 -8.84 29.13
CA LYS FA 183 -89.41 -9.92 28.20
C LYS FA 183 -90.53 -10.81 28.72
N ASN FA 184 -91.28 -11.40 27.78
CA ASN FA 184 -92.39 -12.33 28.03
C ASN FA 184 -93.49 -11.70 28.89
N MET FA 185 -93.66 -10.40 28.79
CA MET FA 185 -94.71 -9.70 29.52
C MET FA 185 -95.67 -9.07 28.54
N GLN FA 186 -96.95 -9.10 28.88
CA GLN FA 186 -98.01 -8.59 28.02
C GLN FA 186 -98.62 -7.35 28.64
N ASN FA 187 -98.73 -6.29 27.84
CA ASN FA 187 -99.41 -5.04 28.20
C ASN FA 187 -98.77 -4.36 29.41
N VAL FA 188 -97.46 -4.41 29.48
CA VAL FA 188 -96.68 -3.71 30.51
C VAL FA 188 -95.89 -2.62 29.80
N GLU FA 189 -96.09 -1.38 30.24
CA GLU FA 189 -95.38 -0.25 29.65
C GLU FA 189 -93.91 -0.29 30.03
N HIS FA 190 -93.11 0.45 29.27
CA HIS FA 190 -91.66 0.45 29.42
C HIS FA 190 -91.24 1.77 30.03
N VAL FA 191 -91.31 1.86 31.35
CA VAL FA 191 -90.74 2.98 32.09
C VAL FA 191 -89.26 2.66 32.26
N PRO FA 192 -88.35 3.63 32.07
CA PRO FA 192 -86.94 3.35 32.31
C PRO FA 192 -86.66 3.16 33.79
N LEU FA 193 -85.60 2.41 34.07
CA LEU FA 193 -85.25 2.08 35.44
C LEU FA 193 -84.70 3.30 36.15
N SER FA 194 -85.36 3.69 37.24
CA SER FA 194 -84.86 4.76 38.07
C SER FA 194 -83.72 4.23 38.95
N LEU FA 195 -83.07 5.14 39.66
CA LEU FA 195 -81.96 4.72 40.52
C LEU FA 195 -82.46 3.97 41.74
N ASP FA 196 -83.54 4.45 42.35
CA ASP FA 196 -84.00 3.83 43.59
C ASP FA 196 -84.65 2.48 43.34
N ARG FA 197 -85.33 2.33 42.19
CA ARG FA 197 -85.90 1.03 41.85
C ARG FA 197 -84.82 0.04 41.50
N ALA FA 198 -83.72 0.51 40.91
CA ALA FA 198 -82.64 -0.39 40.54
C ALA FA 198 -81.88 -0.90 41.77
N MET FA 199 -81.92 -0.16 42.87
CA MET FA 199 -81.23 -0.60 44.07
C MET FA 199 -81.90 -1.82 44.68
N ARG FA 200 -83.22 -1.80 44.77
CA ARG FA 200 -83.90 -2.93 45.39
C ARG FA 200 -83.97 -4.14 44.48
N LEU FA 201 -83.75 -3.96 43.17
CA LEU FA 201 -83.63 -5.12 42.30
C LEU FA 201 -82.32 -5.85 42.54
N VAL FA 202 -81.24 -5.08 42.76
CA VAL FA 202 -79.94 -5.70 43.03
C VAL FA 202 -79.93 -6.36 44.39
N LYS FA 203 -80.60 -5.76 45.38
CA LYS FA 203 -80.60 -6.35 46.71
C LYS FA 203 -81.46 -7.61 46.77
N ASP FA 204 -82.44 -7.74 45.88
CA ASP FA 204 -83.30 -8.91 45.93
C ASP FA 204 -82.77 -10.09 45.14
N VAL FA 205 -81.98 -9.84 44.08
CA VAL FA 205 -81.53 -10.97 43.27
C VAL FA 205 -80.42 -11.73 44.00
N PHE FA 206 -79.65 -11.08 44.85
CA PHE FA 206 -78.59 -11.79 45.56
C PHE FA 206 -79.12 -12.55 46.77
N ILE FA 207 -80.23 -12.11 47.37
CA ILE FA 207 -80.84 -12.88 48.43
C ILE FA 207 -81.38 -14.20 47.88
N SER FA 208 -82.01 -14.16 46.71
CA SER FA 208 -82.48 -15.38 46.10
C SER FA 208 -81.33 -16.23 45.57
N ALA FA 209 -80.22 -15.60 45.21
CA ALA FA 209 -79.08 -16.37 44.71
C ALA FA 209 -78.31 -17.03 45.85
N ALA FA 210 -78.29 -16.39 47.02
CA ALA FA 210 -77.56 -16.95 48.15
C ALA FA 210 -78.26 -18.15 48.74
N GLU FA 211 -79.55 -18.35 48.44
CA GLU FA 211 -80.26 -19.51 48.94
C GLU FA 211 -79.87 -20.77 48.18
N ARG FA 212 -79.67 -20.66 46.88
CA ARG FA 212 -79.50 -21.83 46.03
C ARG FA 212 -78.06 -22.04 45.57
N ASP FA 213 -77.21 -21.04 45.66
CA ASP FA 213 -75.82 -21.19 45.31
C ASP FA 213 -74.97 -21.27 46.57
N VAL FA 214 -73.94 -22.11 46.53
CA VAL FA 214 -73.06 -22.28 47.68
C VAL FA 214 -71.85 -21.37 47.62
N TYR FA 215 -71.53 -20.80 46.45
CA TYR FA 215 -70.39 -19.92 46.30
C TYR FA 215 -70.76 -18.47 46.50
N THR FA 216 -71.83 -18.18 47.24
CA THR FA 216 -72.34 -16.82 47.32
C THR FA 216 -72.81 -16.55 48.74
N GLY FA 217 -72.32 -15.47 49.33
CA GLY FA 217 -72.85 -15.04 50.61
C GLY FA 217 -71.90 -14.07 51.30
N ASP FA 218 -72.18 -13.90 52.59
CA ASP FA 218 -71.39 -13.27 53.64
C ASP FA 218 -71.33 -11.75 53.59
N ALA FA 219 -71.69 -11.14 52.46
CA ALA FA 219 -71.79 -9.69 52.25
C ALA FA 219 -72.28 -9.38 50.85
N LEU FA 220 -72.46 -8.09 50.56
CA LEU FA 220 -72.77 -7.65 49.20
C LEU FA 220 -72.25 -6.23 49.04
N ARG FA 221 -71.15 -6.08 48.31
CA ARG FA 221 -70.54 -4.78 48.05
C ARG FA 221 -71.12 -4.22 46.77
N ILE FA 222 -71.70 -3.02 46.85
CA ILE FA 222 -72.35 -2.38 45.72
C ILE FA 222 -71.65 -1.06 45.45
N CYS FA 223 -71.30 -0.82 44.20
CA CYS FA 223 -70.70 0.43 43.77
C CYS FA 223 -71.63 1.13 42.78
N ILE FA 224 -71.83 2.43 42.99
CA ILE FA 224 -72.72 3.23 42.16
C ILE FA 224 -71.92 4.35 41.51
N VAL FA 225 -71.91 4.38 40.18
CA VAL FA 225 -71.17 5.37 39.42
C VAL FA 225 -72.17 6.39 38.91
N THR FA 226 -72.02 7.64 39.32
CA THR FA 226 -72.83 8.74 38.82
C THR FA 226 -71.93 9.84 38.30
N LYS FA 227 -72.52 11.00 38.03
CA LYS FA 227 -71.78 12.18 37.61
C LYS FA 227 -71.20 12.96 38.78
N GLU FA 228 -71.26 12.40 39.99
CA GLU FA 228 -70.79 13.09 41.18
C GLU FA 228 -69.74 12.29 41.94
N GLY FA 229 -69.31 11.16 41.39
CA GLY FA 229 -68.34 10.32 42.04
C GLY FA 229 -68.85 8.90 42.11
N ILE FA 230 -68.21 8.11 42.96
CA ILE FA 230 -68.53 6.71 43.13
C ILE FA 230 -68.91 6.46 44.57
N ARG FA 231 -70.14 5.99 44.79
CA ARG FA 231 -70.63 5.64 46.11
C ARG FA 231 -70.51 4.15 46.32
N GLU FA 232 -70.22 3.75 47.56
CA GLU FA 232 -70.18 2.35 47.93
C GLU FA 232 -71.19 2.06 49.02
N GLU FA 233 -71.64 0.80 49.06
CA GLU FA 233 -72.65 0.40 50.02
C GLU FA 233 -72.54 -1.11 50.22
N THR FA 234 -72.67 -1.53 51.48
CA THR FA 234 -72.50 -2.93 51.85
C THR FA 234 -73.75 -3.43 52.57
N VAL FA 235 -74.31 -4.53 52.08
CA VAL FA 235 -75.48 -5.16 52.67
C VAL FA 235 -75.10 -6.59 53.02
N SER FA 236 -75.42 -7.01 54.24
CA SER FA 236 -75.06 -8.35 54.70
C SER FA 236 -75.92 -9.40 54.03
N LEU FA 237 -75.40 -10.63 54.00
CA LEU FA 237 -76.15 -11.79 53.55
C LEU FA 237 -76.08 -12.90 54.57
N ARG FA 238 -76.56 -14.08 54.22
CA ARG FA 238 -76.51 -15.22 55.14
C ARG FA 238 -75.13 -15.84 55.16
N LYS FA 239 -74.72 -16.31 56.33
CA LYS FA 239 -73.33 -16.63 56.60
C LYS FA 239 -73.00 -18.10 56.50
N ASP FA 240 -73.96 -18.96 56.14
CA ASP FA 240 -73.70 -20.39 56.08
C ASP FA 240 -72.83 -20.77 54.89
N THR GA 45 -40.76 -27.38 40.38
CA THR GA 45 -40.93 -28.53 41.26
C THR GA 45 -42.18 -29.32 40.88
N GLN GA 46 -41.99 -30.58 40.52
CA GLN GA 46 -43.11 -31.45 40.19
C GLN GA 46 -43.46 -32.44 41.29
N ASN GA 47 -42.48 -32.82 42.10
CA ASN GA 47 -42.68 -33.83 43.13
C ASN GA 47 -42.03 -33.34 44.42
N PRO GA 48 -42.80 -32.92 45.42
CA PRO GA 48 -42.20 -32.51 46.70
C PRO GA 48 -41.66 -33.71 47.47
N MET GA 49 -40.36 -33.70 47.73
CA MET GA 49 -39.75 -34.84 48.40
C MET GA 49 -39.94 -34.77 49.91
N VAL GA 50 -39.37 -33.77 50.55
CA VAL GA 50 -39.42 -33.62 52.00
C VAL GA 50 -40.37 -32.48 52.31
N THR GA 51 -41.46 -32.78 52.99
CA THR GA 51 -42.52 -31.82 53.21
C THR GA 51 -42.73 -31.52 54.68
N GLY GA 52 -43.30 -30.36 54.94
CA GLY GA 52 -43.79 -30.00 56.25
C GLY GA 52 -45.27 -30.24 56.38
N THR GA 53 -45.93 -29.39 57.16
CA THR GA 53 -47.36 -29.54 57.43
C THR GA 53 -47.91 -28.17 57.84
N SER GA 54 -49.08 -28.18 58.47
CA SER GA 54 -49.89 -26.98 58.73
C SER GA 54 -49.16 -25.95 59.57
N VAL GA 55 -49.46 -24.68 59.29
CA VAL GA 55 -48.91 -23.54 60.01
C VAL GA 55 -50.07 -22.65 60.43
N LEU GA 56 -50.09 -22.23 61.69
CA LEU GA 56 -51.13 -21.39 62.21
C LEU GA 56 -50.68 -19.94 62.33
N GLY GA 57 -51.66 -19.05 62.43
CA GLY GA 57 -51.36 -17.64 62.64
C GLY GA 57 -52.60 -16.84 62.97
N VAL GA 58 -52.50 -15.92 63.92
CA VAL GA 58 -53.64 -15.11 64.33
C VAL GA 58 -53.14 -13.78 64.87
N LYS GA 59 -53.86 -12.71 64.55
CA LYS GA 59 -53.57 -11.40 65.07
C LYS GA 59 -53.97 -11.31 66.53
N PHE GA 60 -53.42 -10.32 67.21
CA PHE GA 60 -53.95 -9.90 68.50
C PHE GA 60 -53.71 -8.40 68.64
N GLU GA 61 -53.96 -7.88 69.83
CA GLU GA 61 -53.82 -6.46 70.11
C GLU GA 61 -52.34 -6.11 70.17
N GLY GA 62 -51.84 -5.54 69.09
CA GLY GA 62 -50.46 -5.09 69.05
C GLY GA 62 -49.45 -6.14 68.65
N GLY GA 63 -49.83 -7.11 67.82
CA GLY GA 63 -48.88 -8.10 67.38
C GLY GA 63 -49.58 -9.26 66.71
N VAL GA 64 -48.74 -10.13 66.14
CA VAL GA 64 -49.19 -11.32 65.43
C VAL GA 64 -48.38 -12.49 65.97
N VAL GA 65 -49.04 -13.60 66.24
CA VAL GA 65 -48.39 -14.81 66.75
C VAL GA 65 -48.57 -15.94 65.72
N ILE GA 66 -47.50 -16.70 65.49
CA ILE GA 66 -47.45 -17.75 64.47
C ILE GA 66 -46.78 -18.97 65.09
N ALA GA 67 -47.37 -20.15 64.86
CA ALA GA 67 -46.79 -21.40 65.33
C ALA GA 67 -46.72 -22.41 64.20
N ALA GA 68 -45.72 -23.30 64.30
CA ALA GA 68 -45.56 -24.44 63.42
C ALA GA 68 -44.67 -25.46 64.12
N ASP GA 69 -44.71 -26.70 63.63
CA ASP GA 69 -43.95 -27.76 64.27
C ASP GA 69 -42.57 -27.87 63.64
N MET GA 70 -41.85 -28.93 63.99
CA MET GA 70 -40.44 -29.10 63.67
C MET GA 70 -40.18 -30.44 63.02
N LEU GA 71 -40.97 -30.77 62.00
CA LEU GA 71 -40.92 -32.09 61.40
C LEU GA 71 -40.73 -32.00 59.89
N GLY GA 72 -39.88 -32.89 59.38
CA GLY GA 72 -39.48 -32.94 57.98
C GLY GA 72 -39.86 -34.23 57.27
N SER GA 73 -41.12 -34.64 57.38
CA SER GA 73 -41.57 -35.95 56.91
C SER GA 73 -41.31 -36.17 55.42
N TYR GA 74 -40.95 -37.41 55.09
CA TYR GA 74 -40.68 -37.87 53.73
C TYR GA 74 -41.71 -38.94 53.42
N GLY GA 75 -42.81 -38.55 52.81
CA GLY GA 75 -43.90 -39.48 52.61
C GLY GA 75 -44.61 -39.75 53.90
N SER GA 76 -44.41 -40.95 54.46
CA SER GA 76 -44.88 -41.27 55.80
C SER GA 76 -43.75 -41.33 56.81
N LEU GA 77 -42.52 -41.48 56.37
CA LEU GA 77 -41.39 -41.53 57.28
C LEU GA 77 -41.10 -40.15 57.84
N ALA GA 78 -41.08 -40.05 59.16
CA ALA GA 78 -40.73 -38.80 59.83
C ALA GA 78 -39.22 -38.73 59.90
N ARG GA 79 -38.60 -38.34 58.79
CA ARG GA 79 -37.16 -38.52 58.65
C ARG GA 79 -36.36 -37.46 59.40
N PHE GA 80 -36.73 -36.20 59.24
CA PHE GA 80 -36.00 -35.09 59.85
C PHE GA 80 -36.87 -34.49 60.93
N ARG GA 81 -36.65 -34.89 62.17
CA ARG GA 81 -37.51 -34.49 63.27
C ARG GA 81 -36.92 -33.36 64.09
N ASN GA 82 -35.96 -32.60 63.54
CA ASN GA 82 -35.49 -31.40 64.21
C ASN GA 82 -35.06 -30.41 63.14
N ILE GA 83 -36.00 -29.58 62.70
CA ILE GA 83 -35.76 -28.53 61.73
C ILE GA 83 -36.61 -27.33 62.12
N SER GA 84 -36.21 -26.16 61.65
CA SER GA 84 -36.94 -24.93 61.91
C SER GA 84 -37.66 -24.51 60.65
N ARG GA 85 -38.94 -24.14 60.79
CA ARG GA 85 -39.78 -23.79 59.66
C ARG GA 85 -40.29 -22.37 59.76
N ILE GA 86 -39.67 -21.54 60.59
CA ILE GA 86 -40.06 -20.15 60.77
C ILE GA 86 -38.83 -19.28 60.61
N MET GA 87 -38.88 -18.34 59.68
CA MET GA 87 -37.77 -17.44 59.43
C MET GA 87 -38.07 -16.05 59.98
N ARG GA 88 -37.12 -15.51 60.74
CA ARG GA 88 -37.24 -14.16 61.27
C ARG GA 88 -36.69 -13.18 60.24
N VAL GA 89 -37.57 -12.51 59.52
CA VAL GA 89 -37.19 -11.41 58.64
C VAL GA 89 -37.00 -10.22 59.58
N ASN GA 90 -36.44 -9.13 59.08
CA ASN GA 90 -35.60 -8.17 59.80
C ASN GA 90 -35.99 -7.74 61.22
N ASN GA 91 -37.06 -6.96 61.38
CA ASN GA 91 -37.51 -6.59 62.72
C ASN GA 91 -39.01 -6.55 62.88
N SER GA 92 -39.77 -6.52 61.81
CA SER GA 92 -41.21 -6.38 61.93
C SER GA 92 -41.96 -7.52 61.28
N THR GA 93 -41.49 -7.99 60.14
CA THR GA 93 -42.12 -9.08 59.42
C THR GA 93 -41.43 -10.39 59.70
N MET GA 94 -42.12 -11.48 59.35
CA MET GA 94 -41.81 -12.80 59.87
C MET GA 94 -42.55 -13.83 59.03
N LEU GA 95 -41.87 -14.93 58.72
CA LEU GA 95 -42.35 -15.87 57.71
C LEU GA 95 -42.31 -17.31 58.21
N GLY GA 96 -43.40 -18.02 58.00
CA GLY GA 96 -43.41 -19.46 58.13
C GLY GA 96 -43.99 -20.07 56.87
N ALA GA 97 -43.66 -21.32 56.63
CA ALA GA 97 -44.04 -21.94 55.37
C ALA GA 97 -44.40 -23.40 55.56
N SER GA 98 -45.07 -23.94 54.55
CA SER GA 98 -45.39 -25.34 54.49
C SER GA 98 -44.99 -25.90 53.13
N GLY GA 99 -45.36 -27.13 52.83
CA GLY GA 99 -45.00 -27.71 51.57
C GLY GA 99 -43.56 -28.19 51.57
N ASP GA 100 -42.93 -28.10 50.39
CA ASP GA 100 -41.59 -28.61 50.20
C ASP GA 100 -40.59 -27.75 50.97
N TYR GA 101 -39.62 -28.41 51.58
CA TYR GA 101 -38.66 -27.75 52.45
C TYR GA 101 -37.42 -27.29 51.71
N ALA GA 102 -37.03 -28.01 50.65
CA ALA GA 102 -35.89 -27.57 49.85
C ALA GA 102 -36.20 -26.30 49.09
N ASP GA 103 -37.46 -26.10 48.70
CA ASP GA 103 -37.86 -24.84 48.12
C ASP GA 103 -37.89 -23.74 49.16
N PHE GA 104 -38.18 -24.09 50.41
CA PHE GA 104 -38.20 -23.09 51.47
C PHE GA 104 -36.82 -22.55 51.77
N GLN GA 105 -35.80 -23.40 51.72
CA GLN GA 105 -34.43 -22.91 51.88
C GLN GA 105 -34.00 -22.01 50.74
N TYR GA 106 -34.60 -22.16 49.57
CA TYR GA 106 -34.30 -21.25 48.47
C TYR GA 106 -34.85 -19.87 48.73
N LEU GA 107 -36.11 -19.78 49.17
CA LEU GA 107 -36.68 -18.48 49.48
C LEU GA 107 -36.07 -17.88 50.73
N LYS GA 108 -35.62 -18.73 51.65
CA LYS GA 108 -34.86 -18.28 52.80
C LYS GA 108 -33.54 -17.66 52.39
N GLN GA 109 -32.98 -18.13 51.27
CA GLN GA 109 -31.74 -17.58 50.76
C GLN GA 109 -31.96 -16.26 50.05
N VAL GA 110 -33.04 -16.15 49.27
CA VAL GA 110 -33.25 -14.97 48.43
C VAL GA 110 -33.74 -13.80 49.25
N LEU GA 111 -34.73 -14.03 50.12
CA LEU GA 111 -35.21 -12.99 51.02
C LEU GA 111 -34.14 -12.54 51.99
N GLY GA 112 -33.24 -13.45 52.38
CA GLY GA 112 -32.14 -13.06 53.24
C GLY GA 112 -31.19 -12.08 52.57
N GLN GA 113 -31.08 -12.16 51.25
CA GLN GA 113 -30.18 -11.24 50.57
C GLN GA 113 -30.81 -9.87 50.37
N MET GA 114 -32.11 -9.84 50.09
CA MET GA 114 -32.80 -8.57 49.80
C MET GA 114 -32.87 -7.68 51.03
N VAL GA 115 -32.97 -8.28 52.22
CA VAL GA 115 -33.02 -7.49 53.44
C VAL GA 115 -31.65 -6.90 53.74
N ILE GA 116 -30.59 -7.66 53.47
CA ILE GA 116 -29.23 -7.15 53.65
C ILE GA 116 -28.96 -6.02 52.67
N ASP GA 117 -29.47 -6.15 51.44
CA ASP GA 117 -29.18 -5.17 50.41
C ASP GA 117 -29.85 -3.82 50.67
N GLU GA 118 -30.92 -3.80 51.45
CA GLU GA 118 -31.51 -2.51 51.77
C GLU GA 118 -30.84 -1.88 52.98
N GLU GA 119 -30.39 -2.69 53.94
CA GLU GA 119 -29.77 -2.17 55.14
C GLU GA 119 -28.42 -1.54 54.86
N LEU GA 120 -27.76 -1.96 53.78
CA LEU GA 120 -26.47 -1.38 53.45
C LEU GA 120 -26.60 0.01 52.86
N LEU GA 121 -27.78 0.36 52.35
CA LEU GA 121 -27.99 1.73 51.88
C LEU GA 121 -28.04 2.70 53.05
N GLY GA 122 -28.72 2.33 54.12
CA GLY GA 122 -28.78 3.17 55.30
C GLY GA 122 -29.58 4.43 55.12
N ASP GA 123 -30.57 4.41 54.23
CA ASP GA 123 -31.39 5.59 53.95
C ASP GA 123 -32.60 5.71 54.86
N GLY GA 124 -32.71 4.85 55.86
CA GLY GA 124 -33.84 4.90 56.75
C GLY GA 124 -35.10 4.25 56.23
N HIS GA 125 -35.00 3.45 55.18
CA HIS GA 125 -36.14 2.75 54.63
C HIS GA 125 -35.97 1.25 54.82
N SER GA 126 -37.09 0.58 55.08
CA SER GA 126 -37.11 -0.86 55.23
C SER GA 126 -38.32 -1.40 54.49
N TYR GA 127 -38.35 -2.71 54.29
CA TYR GA 127 -39.52 -3.31 53.66
C TYR GA 127 -40.63 -3.47 54.69
N SER GA 128 -41.80 -2.92 54.38
CA SER GA 128 -42.97 -3.17 55.18
C SER GA 128 -43.42 -4.62 55.01
N PRO GA 129 -44.15 -5.16 55.98
CA PRO GA 129 -44.66 -6.53 55.82
C PRO GA 129 -45.64 -6.68 54.67
N ARG GA 130 -46.32 -5.61 54.28
CA ARG GA 130 -47.18 -5.69 53.11
C ARG GA 130 -46.36 -5.73 51.83
N ALA GA 131 -45.16 -5.13 51.84
CA ALA GA 131 -44.32 -5.16 50.66
C ALA GA 131 -43.72 -6.52 50.42
N ILE GA 132 -43.37 -7.25 51.48
CA ILE GA 132 -42.90 -8.61 51.33
C ILE GA 132 -44.02 -9.50 50.81
N HIS GA 133 -45.25 -9.25 51.26
CA HIS GA 133 -46.40 -9.99 50.78
C HIS GA 133 -46.69 -9.69 49.32
N SER GA 134 -46.36 -8.48 48.87
CA SER GA 134 -46.53 -8.16 47.46
C SER GA 134 -45.46 -8.82 46.61
N TRP GA 135 -44.21 -8.77 47.07
CA TRP GA 135 -43.10 -9.33 46.31
C TRP GA 135 -43.21 -10.84 46.18
N LEU GA 136 -43.60 -11.49 47.27
CA LEU GA 136 -43.66 -12.94 47.28
C LEU GA 136 -44.78 -13.46 46.40
N THR GA 137 -45.84 -12.65 46.24
CA THR GA 137 -46.93 -13.03 45.35
C THR GA 137 -46.48 -13.04 43.91
N ARG GA 138 -45.75 -12.02 43.49
CA ARG GA 138 -45.29 -11.95 42.11
C ARG GA 138 -44.24 -13.01 41.81
N ALA GA 139 -43.49 -13.43 42.83
CA ALA GA 139 -42.51 -14.48 42.62
C ALA GA 139 -43.19 -15.83 42.38
N MET GA 140 -44.29 -16.08 43.09
CA MET GA 140 -44.99 -17.35 42.93
C MET GA 140 -45.79 -17.38 41.64
N TYR GA 141 -46.39 -16.26 41.27
CA TYR GA 141 -47.22 -16.22 40.07
C TYR GA 141 -46.37 -16.34 38.82
N SER GA 142 -45.20 -15.70 38.82
CA SER GA 142 -44.30 -15.83 37.69
C SER GA 142 -43.74 -17.23 37.57
N ARG GA 143 -43.65 -17.95 38.69
CA ARG GA 143 -43.04 -19.26 38.67
C ARG GA 143 -43.99 -20.33 38.14
N ARG GA 144 -45.28 -20.22 38.44
CA ARG GA 144 -46.24 -21.17 37.87
C ARG GA 144 -46.49 -20.93 36.39
N SER GA 145 -46.25 -19.71 35.90
CA SER GA 145 -46.53 -19.43 34.51
C SER GA 145 -45.51 -20.10 33.59
N LYS GA 146 -44.35 -20.44 34.12
CA LYS GA 146 -43.38 -21.27 33.42
C LYS GA 146 -43.64 -22.75 33.61
N MET GA 147 -44.72 -23.10 34.34
CA MET GA 147 -45.11 -24.47 34.65
C MET GA 147 -44.00 -25.22 35.39
N ASN GA 148 -43.32 -24.51 36.29
CA ASN GA 148 -42.26 -25.10 37.11
C ASN GA 148 -42.33 -24.52 38.51
N PRO GA 149 -43.39 -24.83 39.25
CA PRO GA 149 -43.76 -24.01 40.41
C PRO GA 149 -42.87 -24.24 41.62
N LEU GA 150 -43.11 -23.44 42.65
CA LEU GA 150 -42.52 -23.65 43.97
C LEU GA 150 -43.57 -24.27 44.87
N TRP GA 151 -43.30 -25.48 45.37
CA TRP GA 151 -44.29 -26.23 46.13
C TRP GA 151 -44.27 -25.75 47.57
N ASN GA 152 -44.94 -24.63 47.83
CA ASN GA 152 -45.03 -24.10 49.17
C ASN GA 152 -46.39 -23.48 49.42
N THR GA 153 -46.60 -23.13 50.68
CA THR GA 153 -47.77 -22.37 51.11
C THR GA 153 -47.32 -21.59 52.33
N MET GA 154 -47.34 -20.28 52.23
CA MET GA 154 -46.57 -19.44 53.15
C MET GA 154 -47.47 -18.45 53.87
N VAL GA 155 -47.13 -18.19 55.13
CA VAL GA 155 -47.87 -17.28 55.99
C VAL GA 155 -46.91 -16.19 56.43
N ILE GA 156 -47.30 -14.94 56.20
CA ILE GA 156 -46.47 -13.79 56.51
C ILE GA 156 -47.15 -13.01 57.62
N GLY GA 157 -46.46 -12.84 58.73
CA GLY GA 157 -46.94 -12.05 59.84
C GLY GA 157 -46.05 -10.85 60.06
N GLY GA 158 -46.65 -9.71 60.35
CA GLY GA 158 -45.88 -8.50 60.53
C GLY GA 158 -46.62 -7.48 61.35
N TYR GA 159 -45.85 -6.64 62.02
CA TYR GA 159 -46.39 -5.57 62.85
C TYR GA 159 -45.60 -4.30 62.57
N ALA GA 160 -46.25 -3.32 61.94
CA ALA GA 160 -45.58 -2.09 61.62
C ALA GA 160 -46.57 -0.94 61.73
N ASP GA 161 -46.07 0.20 62.23
CA ASP GA 161 -46.81 1.45 62.36
C ASP GA 161 -48.07 1.29 63.22
N GLY GA 162 -47.95 0.50 64.28
CA GLY GA 162 -49.08 0.22 65.13
C GLY GA 162 -50.13 -0.69 64.51
N GLU GA 163 -49.82 -1.33 63.39
CA GLU GA 163 -50.78 -2.16 62.69
C GLU GA 163 -50.26 -3.57 62.53
N SER GA 164 -51.10 -4.53 62.88
CA SER GA 164 -50.78 -5.92 62.65
C SER GA 164 -51.01 -6.26 61.18
N PHE GA 165 -50.35 -7.33 60.73
CA PHE GA 165 -50.50 -7.79 59.36
C PHE GA 165 -50.39 -9.30 59.35
N LEU GA 166 -51.24 -9.94 58.55
CA LEU GA 166 -51.26 -11.39 58.49
C LEU GA 166 -51.70 -11.80 57.09
N GLY GA 167 -50.79 -12.35 56.30
CA GLY GA 167 -51.04 -12.59 54.91
C GLY GA 167 -50.76 -14.02 54.51
N TYR GA 168 -51.50 -14.46 53.48
CA TYR GA 168 -51.43 -15.81 52.95
C TYR GA 168 -50.83 -15.76 51.56
N VAL GA 169 -50.06 -16.77 51.20
CA VAL GA 169 -49.53 -16.94 49.84
C VAL GA 169 -49.67 -18.39 49.45
N ASP GA 170 -50.35 -18.65 48.34
CA ASP GA 170 -50.55 -19.99 47.82
C ASP GA 170 -49.44 -20.34 46.83
N MET GA 171 -49.36 -21.61 46.48
CA MET GA 171 -48.49 -22.06 45.39
C MET GA 171 -48.91 -21.44 44.05
N LEU GA 172 -50.21 -21.33 43.81
CA LEU GA 172 -50.70 -20.82 42.54
C LEU GA 172 -50.79 -19.30 42.49
N GLY GA 173 -50.25 -18.60 43.47
CA GLY GA 173 -50.34 -17.15 43.47
C GLY GA 173 -51.64 -16.58 44.00
N VAL GA 174 -52.34 -17.31 44.85
CA VAL GA 174 -53.56 -16.82 45.47
C VAL GA 174 -53.20 -16.23 46.82
N ALA GA 175 -53.49 -14.95 47.02
CA ALA GA 175 -53.06 -14.25 48.21
C ALA GA 175 -54.19 -13.40 48.75
N TYR GA 176 -54.28 -13.31 50.07
CA TYR GA 176 -55.30 -12.50 50.73
C TYR GA 176 -54.82 -12.19 52.15
N GLU GA 177 -55.60 -11.36 52.84
CA GLU GA 177 -55.39 -11.04 54.24
C GLU GA 177 -56.55 -11.56 55.06
N ALA GA 178 -56.29 -11.86 56.33
CA ALA GA 178 -57.29 -12.39 57.23
C ALA GA 178 -56.84 -12.17 58.65
N PRO GA 179 -57.77 -12.08 59.60
CA PRO GA 179 -57.37 -12.03 61.01
C PRO GA 179 -56.92 -13.37 61.57
N SER GA 180 -57.10 -14.46 60.84
CA SER GA 180 -56.63 -15.76 61.28
C SER GA 180 -56.38 -16.63 60.07
N LEU GA 181 -55.28 -17.36 60.08
CA LEU GA 181 -54.88 -18.18 58.95
C LEU GA 181 -54.47 -19.57 59.41
N ALA GA 182 -54.56 -20.50 58.47
CA ALA GA 182 -54.18 -21.88 58.71
C ALA GA 182 -53.95 -22.55 57.37
N THR GA 183 -52.87 -23.30 57.26
CA THR GA 183 -52.54 -24.03 56.05
C THR GA 183 -52.80 -25.51 56.27
N GLY GA 184 -52.59 -26.29 55.21
CA GLY GA 184 -52.59 -27.74 55.30
C GLY GA 184 -53.93 -28.30 55.71
N TYR GA 185 -53.91 -29.28 56.62
CA TYR GA 185 -55.14 -29.76 57.23
C TYR GA 185 -55.66 -28.80 58.28
N GLY GA 186 -54.84 -27.86 58.75
CA GLY GA 186 -55.30 -26.90 59.74
C GLY GA 186 -56.38 -25.98 59.22
N ALA GA 187 -56.46 -25.80 57.90
CA ALA GA 187 -57.60 -25.12 57.30
C ALA GA 187 -58.89 -25.90 57.48
N TYR GA 188 -58.80 -27.22 57.65
CA TYR GA 188 -59.99 -28.00 57.94
C TYR GA 188 -60.18 -28.20 59.43
N LEU GA 189 -59.10 -28.21 60.20
CA LEU GA 189 -59.17 -28.65 61.58
C LEU GA 189 -59.14 -27.48 62.55
N ALA GA 190 -58.11 -26.65 62.49
CA ALA GA 190 -57.96 -25.59 63.48
C ALA GA 190 -58.68 -24.31 63.08
N GLN GA 191 -58.97 -24.14 61.80
CA GLN GA 191 -59.65 -22.92 61.33
C GLN GA 191 -61.05 -22.69 61.90
N PRO GA 192 -61.93 -23.68 62.10
CA PRO GA 192 -63.19 -23.35 62.77
C PRO GA 192 -63.05 -22.95 64.24
N LEU GA 193 -61.99 -23.39 64.91
CA LEU GA 193 -61.77 -22.93 66.28
C LEU GA 193 -61.31 -21.49 66.31
N LEU GA 194 -60.62 -21.03 65.26
CA LEU GA 194 -60.15 -19.66 65.22
C LEU GA 194 -61.30 -18.71 64.94
N ARG GA 195 -62.18 -19.07 64.02
CA ARG GA 195 -63.22 -18.16 63.57
C ARG GA 195 -64.34 -18.02 64.59
N GLU GA 196 -64.57 -19.05 65.39
CA GLU GA 196 -65.65 -18.97 66.38
C GLU GA 196 -65.32 -17.97 67.47
N VAL GA 197 -64.05 -17.86 67.83
CA VAL GA 197 -63.67 -16.91 68.88
C VAL GA 197 -63.66 -15.50 68.33
N LEU GA 198 -63.19 -15.33 67.09
CA LEU GA 198 -63.05 -13.99 66.54
C LEU GA 198 -64.40 -13.39 66.16
N GLU GA 199 -65.39 -14.22 65.85
CA GLU GA 199 -66.73 -13.69 65.64
C GLU GA 199 -67.41 -13.36 66.96
N LYS GA 200 -67.20 -14.17 67.98
CA LYS GA 200 -67.76 -13.86 69.29
C LYS GA 200 -67.00 -12.75 69.99
N GLN GA 201 -65.73 -12.53 69.64
CA GLN GA 201 -64.93 -11.47 70.22
C GLN GA 201 -63.89 -11.01 69.21
N PRO GA 202 -64.02 -9.80 68.67
CA PRO GA 202 -63.17 -9.41 67.53
C PRO GA 202 -61.72 -9.14 67.89
N VAL GA 203 -61.44 -8.66 69.09
CA VAL GA 203 -60.06 -8.36 69.47
C VAL GA 203 -59.63 -9.34 70.55
N LEU GA 204 -58.32 -9.57 70.62
CA LEU GA 204 -57.75 -10.50 71.58
C LEU GA 204 -56.51 -9.88 72.19
N SER GA 205 -56.28 -10.18 73.46
CA SER GA 205 -55.03 -9.84 74.12
C SER GA 205 -53.99 -10.89 73.79
N GLN GA 206 -52.76 -10.64 74.23
CA GLN GA 206 -51.66 -11.53 73.87
C GLN GA 206 -51.76 -12.86 74.60
N THR GA 207 -52.15 -12.85 75.87
CA THR GA 207 -52.27 -14.09 76.61
C THR GA 207 -53.45 -14.92 76.14
N GLU GA 208 -54.52 -14.27 75.69
CA GLU GA 208 -55.65 -15.00 75.11
C GLU GA 208 -55.26 -15.65 73.80
N ALA GA 209 -54.49 -14.95 72.98
CA ALA GA 209 -54.14 -15.47 71.66
C ALA GA 209 -53.15 -16.60 71.76
N ARG GA 210 -52.14 -16.46 72.63
CA ARG GA 210 -51.13 -17.49 72.77
C ARG GA 210 -51.69 -18.75 73.40
N ASP GA 211 -52.63 -18.61 74.32
CA ASP GA 211 -53.31 -19.77 74.88
C ASP GA 211 -54.19 -20.45 73.84
N LEU GA 212 -54.74 -19.68 72.92
CA LEU GA 212 -55.67 -20.25 71.95
C LEU GA 212 -54.93 -21.07 70.90
N VAL GA 213 -53.68 -20.72 70.61
CA VAL GA 213 -52.91 -21.46 69.62
C VAL GA 213 -52.52 -22.83 70.16
N GLU GA 214 -52.15 -22.87 71.45
CA GLU GA 214 -51.74 -24.13 72.08
C GLU GA 214 -52.88 -25.12 72.16
N ARG GA 215 -54.12 -24.63 72.21
CA ARG GA 215 -55.26 -25.52 72.09
C ARG GA 215 -55.37 -26.08 70.68
N CYS GA 216 -55.21 -25.22 69.67
CA CYS GA 216 -55.31 -25.67 68.30
C CYS GA 216 -54.15 -26.56 67.90
N MET GA 217 -52.96 -26.29 68.43
CA MET GA 217 -51.83 -27.18 68.17
C MET GA 217 -52.00 -28.52 68.85
N ARG GA 218 -52.73 -28.56 69.96
CA ARG GA 218 -53.01 -29.83 70.59
C ARG GA 218 -53.94 -30.68 69.74
N VAL GA 219 -54.94 -30.06 69.14
CA VAL GA 219 -55.95 -30.79 68.37
C VAL GA 219 -55.35 -31.33 67.09
N LEU GA 220 -54.42 -30.58 66.48
CA LEU GA 220 -53.71 -31.09 65.32
C LEU GA 220 -52.81 -32.27 65.66
N TYR GA 221 -52.38 -32.40 66.91
CA TYR GA 221 -51.58 -33.55 67.27
C TYR GA 221 -52.42 -34.82 67.32
N TYR GA 222 -53.71 -34.69 67.63
CA TYR GA 222 -54.54 -35.89 67.75
C TYR GA 222 -54.87 -36.51 66.40
N ARG GA 223 -55.15 -35.69 65.39
CA ARG GA 223 -55.82 -36.18 64.20
C ARG GA 223 -55.12 -35.77 62.93
N ASP GA 224 -53.80 -35.61 62.95
CA ASP GA 224 -53.05 -35.40 61.73
C ASP GA 224 -51.91 -36.41 61.69
N ALA GA 225 -51.85 -37.18 60.61
CA ALA GA 225 -50.88 -38.25 60.49
C ALA GA 225 -49.46 -37.75 60.26
N ARG GA 226 -49.27 -36.46 60.05
CA ARG GA 226 -47.95 -35.90 59.80
C ARG GA 226 -47.56 -34.91 60.89
N SER GA 227 -48.19 -35.02 62.05
CA SER GA 227 -47.94 -34.09 63.14
C SER GA 227 -46.82 -34.62 64.03
N TYR GA 228 -46.42 -33.82 64.99
CA TYR GA 228 -45.28 -34.15 65.85
C TYR GA 228 -45.41 -33.32 67.11
N ASN GA 229 -45.02 -33.91 68.24
CA ASN GA 229 -45.26 -33.28 69.54
C ASN GA 229 -44.09 -32.39 69.95
N ARG GA 230 -43.69 -31.50 69.05
CA ARG GA 230 -42.60 -30.59 69.32
C ARG GA 230 -42.73 -29.44 68.33
N PHE GA 231 -43.07 -28.26 68.83
CA PHE GA 231 -43.34 -27.12 67.98
C PHE GA 231 -42.73 -25.89 68.60
N GLN GA 232 -42.76 -24.79 67.85
CA GLN GA 232 -42.21 -23.55 68.33
C GLN GA 232 -43.14 -22.41 67.94
N ILE GA 233 -43.13 -21.37 68.75
CA ILE GA 233 -44.05 -20.25 68.62
C ILE GA 233 -43.24 -18.98 68.41
N ALA GA 234 -43.56 -18.25 67.36
CA ALA GA 234 -42.89 -17.00 67.06
C ALA GA 234 -43.90 -15.86 67.12
N THR GA 235 -43.45 -14.71 67.62
CA THR GA 235 -44.36 -13.61 67.91
C THR GA 235 -43.68 -12.28 67.57
N VAL GA 236 -44.37 -11.44 66.82
CA VAL GA 236 -43.92 -10.07 66.58
C VAL GA 236 -44.68 -9.15 67.52
N THR GA 237 -43.99 -8.12 67.99
CA THR GA 237 -44.58 -7.02 68.73
C THR GA 237 -43.96 -5.74 68.20
N GLU GA 238 -44.18 -4.65 68.91
CA GLU GA 238 -43.38 -3.46 68.68
C GLU GA 238 -41.97 -3.59 69.25
N LYS GA 239 -41.74 -4.59 70.10
CA LYS GA 239 -40.41 -4.85 70.62
C LYS GA 239 -39.56 -5.70 69.69
N GLY GA 240 -40.13 -6.27 68.64
CA GLY GA 240 -39.36 -6.99 67.66
C GLY GA 240 -39.91 -8.37 67.44
N VAL GA 241 -39.06 -9.25 66.91
CA VAL GA 241 -39.43 -10.62 66.58
C VAL GA 241 -38.81 -11.52 67.62
N GLU GA 242 -39.62 -12.39 68.21
CA GLU GA 242 -39.16 -13.31 69.24
C GLU GA 242 -39.65 -14.70 68.93
N ILE GA 243 -38.77 -15.69 69.03
CA ILE GA 243 -39.08 -17.07 68.68
C ILE GA 243 -38.88 -17.93 69.92
N GLU GA 244 -39.94 -18.59 70.36
CA GLU GA 244 -39.83 -19.47 71.51
C GLU GA 244 -39.31 -20.83 71.08
N GLY GA 245 -38.87 -21.61 72.06
CA GLY GA 245 -38.15 -22.83 71.81
C GLY GA 245 -39.04 -24.01 71.47
N PRO GA 246 -38.47 -25.21 71.50
CA PRO GA 246 -39.25 -26.41 71.14
C PRO GA 246 -40.24 -26.80 72.21
N LEU GA 247 -41.41 -26.19 72.17
CA LEU GA 247 -42.46 -26.49 73.14
C LEU GA 247 -43.11 -27.83 72.83
N SER GA 248 -43.91 -28.31 73.76
CA SER GA 248 -44.61 -29.58 73.61
C SER GA 248 -46.04 -29.42 74.09
N THR GA 249 -46.84 -30.45 73.83
CA THR GA 249 -48.27 -30.44 74.17
C THR GA 249 -48.53 -31.37 75.35
N GLU GA 250 -49.79 -31.38 75.77
CA GLU GA 250 -50.25 -32.25 76.85
C GLU GA 250 -51.49 -32.97 76.37
N THR GA 251 -51.41 -34.29 76.28
CA THR GA 251 -52.48 -35.07 75.67
C THR GA 251 -53.32 -35.75 76.75
N ASN GA 252 -54.51 -36.17 76.34
CA ASN GA 252 -55.42 -36.91 77.21
C ASN GA 252 -55.76 -38.21 76.52
N TRP GA 253 -55.76 -39.30 77.29
CA TRP GA 253 -56.06 -40.60 76.72
C TRP GA 253 -57.01 -41.39 77.61
N ASP GA 254 -57.94 -40.69 78.26
CA ASP GA 254 -58.87 -41.38 79.16
C ASP GA 254 -59.92 -42.17 78.41
N ILE GA 255 -60.16 -41.85 77.13
CA ILE GA 255 -61.12 -42.63 76.35
C ILE GA 255 -60.56 -43.97 75.90
N ALA GA 256 -59.27 -44.21 76.12
CA ALA GA 256 -58.70 -45.50 75.75
C ALA GA 256 -59.17 -46.61 76.68
N HIS GA 257 -59.52 -46.27 77.92
CA HIS GA 257 -60.05 -47.27 78.84
C HIS GA 257 -61.48 -47.65 78.53
N MET GA 258 -62.19 -46.82 77.75
CA MET GA 258 -63.50 -47.21 77.27
C MET GA 258 -63.37 -48.26 76.19
N ILE GA 259 -64.47 -48.96 75.92
CA ILE GA 259 -64.45 -50.00 74.90
C ILE GA 259 -64.70 -49.36 73.54
N SER HA 1 -110.76 -96.71 61.37
CA SER HA 1 -111.12 -95.79 60.30
C SER HA 1 -109.95 -95.58 59.35
N SER HA 2 -109.67 -96.59 58.52
CA SER HA 2 -108.63 -96.50 57.50
C SER HA 2 -109.27 -96.06 56.20
N ALA HA 3 -108.98 -94.84 55.76
CA ALA HA 3 -109.56 -94.25 54.55
C ALA HA 3 -108.44 -93.73 53.67
N GLY HA 4 -108.33 -94.28 52.47
CA GLY HA 4 -107.25 -93.87 51.59
C GLY HA 4 -105.91 -94.41 52.03
N PHE HA 5 -105.04 -93.53 52.53
CA PHE HA 5 -103.74 -93.92 53.06
C PHE HA 5 -103.47 -93.20 54.37
N ASP HA 6 -104.51 -93.03 55.19
CA ASP HA 6 -104.38 -92.27 56.44
C ASP HA 6 -103.64 -93.04 57.53
N ARG HA 7 -103.60 -94.36 57.46
CA ARG HA 7 -102.81 -95.12 58.41
C ARG HA 7 -101.33 -95.18 58.04
N HIS HA 8 -100.95 -94.60 56.91
CA HIS HA 8 -99.61 -94.76 56.39
C HIS HA 8 -98.85 -93.45 56.27
N ILE HA 9 -99.47 -92.41 55.72
CA ILE HA 9 -98.77 -91.14 55.53
C ILE HA 9 -99.46 -90.04 56.32
N THR HA 10 -98.92 -88.82 56.22
CA THR HA 10 -99.39 -87.69 57.01
C THR HA 10 -100.48 -86.95 56.23
N ILE HA 11 -101.69 -87.52 56.28
CA ILE HA 11 -102.89 -86.89 55.77
C ILE HA 11 -103.95 -86.95 56.86
N PHE HA 12 -104.99 -86.14 56.70
CA PHE HA 12 -106.05 -86.11 57.68
C PHE HA 12 -106.94 -87.33 57.53
N SER HA 13 -107.37 -87.85 58.65
CA SER HA 13 -108.33 -88.94 58.69
C SER HA 13 -109.72 -88.31 58.75
N PRO HA 14 -110.80 -89.09 58.73
CA PRO HA 14 -112.05 -88.59 59.31
C PRO HA 14 -111.88 -88.32 60.79
N GLU HA 15 -112.75 -87.45 61.31
CA GLU HA 15 -112.73 -86.90 62.67
C GLU HA 15 -111.46 -86.11 62.96
N GLY HA 16 -110.80 -85.59 61.93
CA GLY HA 16 -109.72 -84.65 62.11
C GLY HA 16 -108.41 -85.20 62.64
N ARG HA 17 -108.32 -86.49 62.91
CA ARG HA 17 -107.08 -87.04 63.43
C ARG HA 17 -106.06 -87.23 62.32
N LEU HA 18 -104.82 -87.48 62.74
CA LEU HA 18 -103.78 -87.94 61.84
C LEU HA 18 -102.86 -88.83 62.65
N TYR HA 19 -102.61 -90.04 62.16
CA TYR HA 19 -102.17 -91.12 63.04
C TYR HA 19 -100.66 -91.29 63.11
N GLN HA 20 -99.92 -90.89 62.07
CA GLN HA 20 -98.49 -91.13 62.06
C GLN HA 20 -97.76 -90.30 63.10
N VAL HA 21 -98.29 -89.13 63.45
CA VAL HA 21 -97.65 -88.33 64.49
C VAL HA 21 -97.97 -88.90 65.86
N GLU HA 22 -99.21 -89.30 66.09
CA GLU HA 22 -99.50 -89.90 67.38
C GLU HA 22 -99.07 -91.35 67.47
N TYR HA 23 -98.52 -91.93 66.40
CA TYR HA 23 -97.70 -93.12 66.55
C TYR HA 23 -96.31 -92.78 67.06
N ALA HA 24 -95.82 -91.57 66.78
CA ALA HA 24 -94.49 -91.20 67.22
C ALA HA 24 -94.44 -90.89 68.70
N PHE HA 25 -95.58 -90.59 69.32
CA PHE HA 25 -95.57 -90.26 70.74
C PHE HA 25 -95.22 -91.47 71.59
N LYS HA 26 -95.59 -92.66 71.13
CA LYS HA 26 -95.13 -93.87 71.78
C LYS HA 26 -94.01 -94.55 70.99
N ALA HA 27 -93.36 -93.80 70.10
CA ALA HA 27 -92.09 -94.24 69.57
C ALA HA 27 -90.93 -93.90 70.49
N ILE HA 28 -91.18 -93.04 71.49
CA ILE HA 28 -90.19 -92.81 72.54
C ILE HA 28 -90.07 -94.05 73.42
N ASN HA 29 -91.19 -94.72 73.69
CA ASN HA 29 -91.29 -95.74 74.72
C ASN HA 29 -90.53 -97.02 74.39
N GLN HA 30 -90.02 -97.20 73.18
CA GLN HA 30 -89.11 -98.31 72.94
C GLN HA 30 -87.70 -98.05 73.43
N GLY HA 31 -87.42 -96.86 73.96
CA GLY HA 31 -86.12 -96.62 74.55
C GLY HA 31 -85.98 -97.29 75.90
N GLY HA 32 -87.06 -97.29 76.69
CA GLY HA 32 -87.00 -97.81 78.04
C GLY HA 32 -86.19 -96.90 78.95
N LEU HA 33 -86.71 -95.71 79.21
CA LEU HA 33 -85.94 -94.70 79.91
C LEU HA 33 -86.92 -93.70 80.51
N THR HA 34 -86.45 -92.95 81.50
CA THR HA 34 -87.28 -91.90 82.10
C THR HA 34 -86.37 -90.76 82.51
N SER HA 35 -86.76 -89.54 82.16
CA SER HA 35 -85.99 -88.35 82.46
C SER HA 35 -86.84 -87.37 83.25
N VAL HA 36 -86.21 -86.64 84.16
CA VAL HA 36 -86.90 -85.72 85.07
C VAL HA 36 -86.16 -84.40 85.08
N ALA HA 37 -86.89 -83.29 84.89
CA ALA HA 37 -86.35 -81.94 85.00
C ALA HA 37 -87.14 -81.17 86.04
N VAL HA 38 -86.45 -80.36 86.85
CA VAL HA 38 -87.06 -79.60 87.93
C VAL HA 38 -86.51 -78.17 87.92
N ARG HA 39 -87.41 -77.19 87.92
CA ARG HA 39 -87.07 -75.79 88.13
C ARG HA 39 -87.75 -75.35 89.43
N GLY HA 40 -86.96 -74.93 90.40
CA GLY HA 40 -87.55 -74.49 91.66
C GLY HA 40 -87.05 -73.16 92.21
N LYS HA 41 -85.91 -72.71 91.73
CA LYS HA 41 -85.09 -71.74 92.46
C LYS HA 41 -84.37 -70.86 91.47
N ASP HA 42 -83.23 -70.31 91.88
CA ASP HA 42 -82.26 -69.72 90.96
C ASP HA 42 -81.43 -70.78 90.21
N CYS HA 43 -81.86 -72.03 90.14
CA CYS HA 43 -81.14 -73.11 89.49
C CYS HA 43 -82.09 -73.95 88.67
N ALA HA 44 -81.54 -74.98 88.02
CA ALA HA 44 -82.32 -75.91 87.22
C ALA HA 44 -81.58 -77.23 87.14
N VAL HA 45 -82.31 -78.34 87.32
CA VAL HA 45 -81.71 -79.66 87.52
C VAL HA 45 -82.28 -80.63 86.48
N ILE HA 46 -81.40 -81.36 85.80
CA ILE HA 46 -81.77 -82.50 84.97
C ILE HA 46 -81.29 -83.76 85.68
N VAL HA 47 -82.09 -84.83 85.62
CA VAL HA 47 -81.65 -86.13 86.10
C VAL HA 47 -82.22 -87.23 85.20
N THR HA 48 -81.39 -88.20 84.86
CA THR HA 48 -81.76 -89.30 83.97
C THR HA 48 -80.85 -90.48 84.28
N GLN HA 49 -81.41 -91.68 84.34
CA GLN HA 49 -80.57 -92.84 84.58
C GLN HA 49 -79.87 -93.26 83.29
N LYS HA 50 -78.78 -93.99 83.44
CA LYS HA 50 -78.23 -94.76 82.34
C LYS HA 50 -78.49 -96.23 82.62
N LYS HA 51 -78.30 -97.05 81.59
CA LYS HA 51 -78.48 -98.48 81.70
C LYS HA 51 -77.31 -99.14 81.01
N VAL HA 52 -76.41 -99.74 81.80
CA VAL HA 52 -75.26 -100.44 81.24
C VAL HA 52 -75.43 -101.93 81.47
N PRO HA 53 -75.85 -102.69 80.46
CA PRO HA 53 -76.01 -104.13 80.62
C PRO HA 53 -74.78 -104.96 80.28
N ASP HA 54 -73.66 -104.32 79.95
CA ASP HA 54 -72.48 -105.07 79.51
C ASP HA 54 -71.25 -104.54 80.20
N LYS HA 55 -70.39 -105.46 80.65
CA LYS HA 55 -69.11 -105.05 81.19
C LYS HA 55 -68.16 -104.59 80.09
N LEU HA 56 -68.34 -105.08 78.87
CA LEU HA 56 -67.51 -104.67 77.74
C LEU HA 56 -67.86 -103.29 77.24
N LEU HA 57 -69.07 -102.83 77.53
CA LEU HA 57 -69.56 -101.53 77.09
C LEU HA 57 -68.99 -100.45 77.98
N ASP HA 58 -68.61 -99.32 77.39
CA ASP HA 58 -67.93 -98.27 78.13
C ASP HA 58 -68.91 -97.50 79.02
N SER HA 59 -68.37 -96.59 79.81
CA SER HA 59 -69.17 -95.83 80.74
C SER HA 59 -69.26 -94.35 80.40
N SER HA 60 -68.24 -93.80 79.74
CA SER HA 60 -68.26 -92.37 79.44
C SER HA 60 -69.02 -92.07 78.16
N THR HA 61 -69.13 -93.04 77.25
CA THR HA 61 -69.76 -92.82 75.96
C THR HA 61 -71.23 -93.20 75.95
N VAL HA 62 -71.91 -93.08 77.07
CA VAL HA 62 -73.31 -93.47 77.18
C VAL HA 62 -74.21 -92.29 77.48
N THR HA 63 -73.71 -91.26 78.18
CA THR HA 63 -74.53 -90.25 78.84
C THR HA 63 -75.34 -89.41 77.85
N HIS HA 64 -76.65 -89.31 78.13
CA HIS HA 64 -77.56 -88.54 77.29
C HIS HA 64 -77.52 -87.06 77.55
N LEU HA 65 -76.80 -86.60 78.56
CA LEU HA 65 -76.67 -85.16 78.79
C LEU HA 65 -75.77 -84.56 77.71
N PHE HA 66 -76.31 -83.64 76.94
CA PHE HA 66 -75.64 -83.09 75.77
C PHE HA 66 -75.48 -81.60 75.97
N LYS HA 67 -74.24 -81.13 75.85
CA LYS HA 67 -73.94 -79.72 76.05
C LYS HA 67 -74.18 -78.99 74.73
N ILE HA 68 -75.26 -78.21 74.67
CA ILE HA 68 -75.56 -77.47 73.45
C ILE HA 68 -74.61 -76.29 73.31
N THR HA 69 -74.67 -75.37 74.26
CA THR HA 69 -73.79 -74.22 74.26
C THR HA 69 -73.21 -74.17 75.67
N GLU HA 70 -72.49 -73.11 76.03
CA GLU HA 70 -71.94 -73.04 77.38
C GLU HA 70 -73.01 -72.81 78.44
N ASN HA 71 -74.12 -72.20 78.08
CA ASN HA 71 -75.17 -71.91 79.05
C ASN HA 71 -76.41 -72.75 78.85
N ILE HA 72 -76.42 -73.65 77.87
CA ILE HA 72 -77.60 -74.45 77.55
C ILE HA 72 -77.18 -75.90 77.46
N GLY HA 73 -77.80 -76.75 78.26
CA GLY HA 73 -77.60 -78.18 78.17
C GLY HA 73 -78.92 -78.89 78.01
N CYS HA 74 -78.92 -80.11 77.49
CA CYS HA 74 -80.18 -80.77 77.19
C CYS HA 74 -80.06 -82.26 77.50
N VAL HA 75 -81.22 -82.90 77.55
CA VAL HA 75 -81.31 -84.34 77.72
C VAL HA 75 -82.22 -84.89 76.63
N MET HA 76 -81.93 -86.10 76.17
CA MET HA 76 -82.63 -86.70 75.05
C MET HA 76 -83.25 -88.02 75.47
N THR HA 77 -84.50 -88.23 75.06
CA THR HA 77 -85.19 -89.49 75.24
C THR HA 77 -85.53 -90.07 73.87
N GLY HA 78 -86.17 -91.21 73.89
CA GLY HA 78 -86.53 -91.86 72.64
C GLY HA 78 -85.38 -92.66 72.08
N MET HA 79 -85.45 -92.91 70.78
CA MET HA 79 -84.41 -93.69 70.13
C MET HA 79 -83.17 -92.85 69.91
N THR HA 80 -82.02 -93.52 69.93
CA THR HA 80 -80.74 -92.83 70.05
C THR HA 80 -80.32 -92.18 68.74
N ALA HA 81 -80.59 -92.83 67.61
CA ALA HA 81 -80.10 -92.34 66.33
C ALA HA 81 -80.83 -91.07 65.91
N ASP HA 82 -82.14 -90.99 66.16
CA ASP HA 82 -82.85 -89.76 65.88
C ASP HA 82 -82.50 -88.67 66.89
N SER HA 83 -82.07 -89.06 68.09
CA SER HA 83 -81.80 -88.06 69.11
C SER HA 83 -80.53 -87.29 68.82
N ARG HA 84 -79.47 -87.98 68.38
CA ARG HA 84 -78.20 -87.29 68.18
C ARG HA 84 -78.21 -86.42 66.94
N SER HA 85 -79.02 -86.75 65.95
CA SER HA 85 -79.16 -85.84 64.81
C SER HA 85 -79.93 -84.60 65.17
N GLN HA 86 -80.85 -84.72 66.13
CA GLN HA 86 -81.58 -83.55 66.62
C GLN HA 86 -80.66 -82.59 67.34
N VAL HA 87 -79.65 -83.11 68.05
CA VAL HA 87 -78.72 -82.25 68.77
C VAL HA 87 -77.78 -81.56 67.80
N GLN HA 88 -77.54 -82.15 66.63
CA GLN HA 88 -76.71 -81.52 65.61
C GLN HA 88 -77.33 -80.23 65.10
N ARG HA 89 -78.65 -80.19 64.95
CA ARG HA 89 -79.30 -78.96 64.53
C ARG HA 89 -79.32 -77.94 65.64
N ALA HA 90 -79.40 -78.39 66.90
CA ALA HA 90 -79.44 -77.45 68.02
C ALA HA 90 -78.08 -76.80 68.22
N ARG HA 91 -76.99 -77.56 68.09
CA ARG HA 91 -75.66 -76.97 68.16
C ARG HA 91 -75.42 -76.05 66.98
N TYR HA 92 -75.97 -76.38 65.81
CA TYR HA 92 -75.68 -75.61 64.61
C TYR HA 92 -76.41 -74.28 64.62
N GLU HA 93 -77.71 -74.29 64.92
CA GLU HA 93 -78.50 -73.08 64.80
C GLU HA 93 -78.36 -72.16 66.00
N ALA HA 94 -77.79 -72.65 67.11
CA ALA HA 94 -77.44 -71.74 68.18
C ALA HA 94 -76.24 -70.89 67.82
N ALA HA 95 -75.32 -71.43 67.03
CA ALA HA 95 -74.17 -70.65 66.61
C ALA HA 95 -74.53 -69.69 65.49
N ASN HA 96 -75.59 -69.97 64.73
CA ASN HA 96 -76.01 -69.02 63.72
C ASN HA 96 -76.66 -67.80 64.35
N TRP HA 97 -77.26 -67.97 65.52
CA TRP HA 97 -77.78 -66.81 66.25
C TRP HA 97 -76.64 -65.89 66.65
N LYS HA 98 -75.56 -66.45 67.19
CA LYS HA 98 -74.42 -65.66 67.61
C LYS HA 98 -73.74 -64.98 66.44
N TYR HA 99 -73.72 -65.63 65.28
CA TYR HA 99 -73.09 -65.03 64.12
C TYR HA 99 -73.97 -63.94 63.49
N LYS HA 100 -75.26 -64.23 63.34
CA LYS HA 100 -76.16 -63.25 62.72
C LYS HA 100 -76.47 -62.09 63.65
N TYR HA 101 -76.71 -62.38 64.93
CA TYR HA 101 -77.33 -61.39 65.79
C TYR HA 101 -76.41 -60.83 66.85
N GLY HA 102 -75.26 -61.44 67.07
CA GLY HA 102 -74.23 -60.81 67.87
C GLY HA 102 -74.35 -60.97 69.36
N TYR HA 103 -75.20 -61.87 69.84
CA TYR HA 103 -75.27 -62.14 71.26
C TYR HA 103 -75.75 -63.58 71.45
N GLU HA 104 -75.90 -63.98 72.71
CA GLU HA 104 -76.21 -65.36 73.04
C GLU HA 104 -77.70 -65.62 72.88
N ILE HA 105 -78.02 -66.79 72.33
CA ILE HA 105 -79.41 -67.16 72.04
C ILE HA 105 -80.16 -67.46 73.34
N PRO HA 106 -81.40 -66.99 73.46
CA PRO HA 106 -82.21 -67.40 74.61
C PRO HA 106 -82.63 -68.84 74.50
N VAL HA 107 -82.91 -69.44 75.66
CA VAL HA 107 -83.42 -70.81 75.69
C VAL HA 107 -84.84 -70.87 75.15
N ASP HA 108 -85.57 -69.76 75.21
CA ASP HA 108 -86.92 -69.73 74.69
C ASP HA 108 -86.92 -69.70 73.17
N MET HA 109 -86.02 -68.92 72.59
CA MET HA 109 -85.97 -68.78 71.13
C MET HA 109 -85.44 -70.04 70.46
N LEU HA 110 -84.61 -70.80 71.16
CA LEU HA 110 -84.04 -71.99 70.55
C LEU HA 110 -85.06 -73.10 70.42
N CYS HA 111 -85.94 -73.24 71.40
CA CYS HA 111 -86.94 -74.30 71.37
C CYS HA 111 -88.00 -74.04 70.31
N LYS HA 112 -88.19 -72.79 69.90
CA LYS HA 112 -89.06 -72.49 68.76
C LYS HA 112 -88.46 -73.03 67.47
N ARG HA 113 -87.18 -72.70 67.23
CA ARG HA 113 -86.55 -73.02 65.97
C ARG HA 113 -86.35 -74.52 65.81
N ILE HA 114 -86.20 -75.24 66.93
CA ILE HA 114 -86.16 -76.70 66.87
C ILE HA 114 -87.54 -77.25 66.51
N ALA HA 115 -88.59 -76.68 67.10
CA ALA HA 115 -89.94 -77.16 66.85
C ALA HA 115 -90.41 -76.85 65.43
N ASP HA 116 -89.85 -75.82 64.80
CA ASP HA 116 -90.24 -75.51 63.43
C ASP HA 116 -89.61 -76.46 62.44
N ILE HA 117 -88.47 -77.06 62.79
CA ILE HA 117 -87.90 -78.07 61.92
C ILE HA 117 -88.73 -79.34 61.99
N SER HA 118 -89.25 -79.65 63.18
CA SER HA 118 -90.15 -80.79 63.33
C SER HA 118 -91.51 -80.53 62.69
N GLN HA 119 -91.82 -79.28 62.38
CA GLN HA 119 -93.08 -78.94 61.74
C GLN HA 119 -93.11 -79.39 60.29
N VAL HA 120 -92.02 -79.15 59.56
CA VAL HA 120 -91.99 -79.42 58.13
C VAL HA 120 -92.02 -80.92 57.87
N TYR HA 121 -91.40 -81.71 58.76
CA TYR HA 121 -91.49 -83.15 58.65
C TYR HA 121 -92.91 -83.64 58.91
N THR HA 122 -93.65 -82.91 59.74
CA THR HA 122 -95.06 -83.22 59.92
C THR HA 122 -95.86 -82.75 58.71
N GLN HA 123 -95.57 -81.54 58.23
CA GLN HA 123 -96.35 -80.94 57.15
C GLN HA 123 -96.12 -81.63 55.82
N ASN HA 124 -94.87 -81.76 55.41
CA ASN HA 124 -94.55 -82.43 54.16
C ASN HA 124 -94.57 -83.94 54.37
N ALA HA 125 -94.91 -84.65 53.30
CA ALA HA 125 -94.94 -86.10 53.32
C ALA HA 125 -93.62 -86.66 52.82
N GLU HA 126 -93.53 -88.00 52.88
CA GLU HA 126 -92.33 -88.79 52.54
C GLU HA 126 -91.10 -88.38 53.34
N MET HA 127 -91.31 -87.82 54.54
CA MET HA 127 -90.23 -87.34 55.40
C MET HA 127 -90.57 -87.78 56.82
N ARG HA 128 -89.72 -88.59 57.40
CA ARG HA 128 -90.05 -89.30 58.64
C ARG HA 128 -89.93 -88.37 59.84
N PRO HA 129 -90.91 -88.34 60.73
CA PRO HA 129 -90.94 -87.31 61.78
C PRO HA 129 -90.23 -87.63 63.10
N LEU HA 130 -88.98 -88.11 63.07
CA LEU HA 130 -87.97 -88.00 64.14
C LEU HA 130 -88.48 -88.32 65.54
N GLY HA 131 -88.75 -89.60 65.78
CA GLY HA 131 -89.34 -90.00 67.04
C GLY HA 131 -88.45 -89.90 68.26
N CYS HA 132 -88.18 -88.67 68.70
CA CYS HA 132 -87.44 -88.42 69.92
C CYS HA 132 -87.90 -87.10 70.51
N CYS HA 133 -87.50 -86.85 71.76
CA CYS HA 133 -87.95 -85.68 72.51
C CYS HA 133 -86.76 -85.01 73.19
N MET HA 134 -86.87 -83.70 73.38
CA MET HA 134 -85.78 -82.89 73.89
C MET HA 134 -86.27 -82.00 75.02
N ILE HA 135 -85.49 -81.94 76.10
CA ILE HA 135 -85.76 -81.08 77.24
C ILE HA 135 -84.55 -80.18 77.46
N LEU HA 136 -84.76 -78.88 77.55
CA LEU HA 136 -83.68 -77.93 77.71
C LEU HA 136 -83.72 -77.27 79.08
N ILE HA 137 -82.56 -76.75 79.48
CA ILE HA 137 -82.44 -75.85 80.63
C ILE HA 137 -81.48 -74.73 80.28
N GLY HA 138 -81.56 -73.66 81.05
CA GLY HA 138 -80.65 -72.54 80.87
C GLY HA 138 -81.10 -71.36 81.68
N ILE HA 139 -80.16 -70.44 81.88
CA ILE HA 139 -80.39 -69.21 82.62
C ILE HA 139 -80.66 -68.09 81.63
N ASP HA 140 -81.76 -67.39 81.82
CA ASP HA 140 -82.04 -66.17 81.07
C ASP HA 140 -81.90 -64.98 82.00
N GLU HA 141 -81.18 -63.96 81.52
CA GLU HA 141 -81.04 -62.73 82.30
C GLU HA 141 -82.36 -62.01 82.37
N GLU HA 142 -82.67 -61.49 83.56
CA GLU HA 142 -83.93 -60.85 83.95
C GLU HA 142 -85.14 -61.77 83.83
N GLN HA 143 -84.93 -63.09 83.71
CA GLN HA 143 -86.03 -64.03 83.64
C GLN HA 143 -85.86 -65.24 84.55
N GLY HA 144 -84.65 -65.56 84.99
CA GLY HA 144 -84.42 -66.73 85.82
C GLY HA 144 -84.11 -67.97 85.01
N PRO HA 145 -84.10 -69.13 85.65
CA PRO HA 145 -83.92 -70.38 84.92
C PRO HA 145 -85.21 -70.85 84.27
N GLN HA 146 -85.06 -71.61 83.19
CA GLN HA 146 -86.21 -72.13 82.46
C GLN HA 146 -86.01 -73.58 82.12
N VAL HA 147 -87.13 -74.27 81.92
CA VAL HA 147 -87.16 -75.64 81.41
C VAL HA 147 -88.13 -75.67 80.24
N TYR HA 148 -87.68 -76.14 79.08
CA TYR HA 148 -88.55 -76.27 77.92
C TYR HA 148 -88.59 -77.73 77.48
N LYS HA 149 -89.57 -78.03 76.64
CA LYS HA 149 -89.79 -79.39 76.17
C LYS HA 149 -90.44 -79.35 74.79
N CYS HA 150 -89.84 -80.04 73.84
CA CYS HA 150 -90.29 -80.02 72.46
C CYS HA 150 -90.73 -81.41 72.02
N ASP HA 151 -91.86 -81.47 71.34
CA ASP HA 151 -92.48 -82.70 70.89
C ASP HA 151 -92.03 -83.04 69.48
N PRO HA 152 -92.22 -84.29 69.04
CA PRO HA 152 -92.10 -84.58 67.61
C PRO HA 152 -93.18 -83.93 66.76
N ALA HA 153 -94.29 -83.53 67.35
CA ALA HA 153 -95.34 -82.84 66.61
C ALA HA 153 -95.02 -81.37 66.37
N GLY HA 154 -93.97 -80.85 66.98
CA GLY HA 154 -93.66 -79.45 66.89
C GLY HA 154 -94.30 -78.60 67.97
N TYR HA 155 -94.99 -79.23 68.93
CA TYR HA 155 -95.59 -78.51 70.03
C TYR HA 155 -94.57 -78.36 71.14
N TYR HA 156 -94.29 -77.13 71.52
CA TYR HA 156 -93.39 -76.88 72.63
C TYR HA 156 -94.13 -76.14 73.73
N CYS HA 157 -93.60 -76.24 74.93
CA CYS HA 157 -94.08 -75.47 76.07
C CYS HA 157 -92.93 -75.32 77.05
N GLY HA 158 -93.14 -74.51 78.07
CA GLY HA 158 -92.14 -74.34 79.08
C GLY HA 158 -92.76 -74.43 80.45
N PHE HA 159 -92.19 -75.23 81.33
CA PHE HA 159 -92.86 -75.49 82.59
C PHE HA 159 -91.87 -75.93 83.65
N LYS HA 160 -92.39 -76.05 84.88
CA LYS HA 160 -91.53 -76.10 86.06
C LYS HA 160 -90.94 -77.49 86.27
N ALA HA 161 -91.78 -78.49 86.43
CA ALA HA 161 -91.33 -79.85 86.62
C ALA HA 161 -91.74 -80.68 85.42
N THR HA 162 -90.80 -81.44 84.89
CA THR HA 162 -90.96 -82.13 83.62
C THR HA 162 -90.58 -83.58 83.76
N ALA HA 163 -91.43 -84.47 83.26
CA ALA HA 163 -91.10 -85.89 83.16
C ALA HA 163 -91.23 -86.32 81.71
N ALA HA 164 -90.30 -87.14 81.27
CA ALA HA 164 -90.33 -87.64 79.91
C ALA HA 164 -89.74 -89.04 79.88
N GLY HA 165 -90.16 -89.82 78.90
CA GLY HA 165 -89.76 -91.20 78.81
C GLY HA 165 -90.94 -92.15 78.84
N VAL HA 166 -90.94 -93.08 79.79
CA VAL HA 166 -91.97 -94.11 79.86
C VAL HA 166 -93.01 -93.72 80.91
N LYS HA 167 -92.56 -93.04 81.97
CA LYS HA 167 -93.33 -92.94 83.18
C LYS HA 167 -93.80 -91.52 83.46
N GLN HA 168 -94.34 -90.83 82.45
CA GLN HA 168 -94.84 -89.47 82.66
C GLN HA 168 -96.03 -89.46 83.60
N THR HA 169 -97.02 -90.33 83.35
CA THR HA 169 -98.28 -90.31 84.08
C THR HA 169 -98.11 -90.66 85.55
N GLU HA 170 -97.05 -91.37 85.91
CA GLU HA 170 -96.79 -91.67 87.30
C GLU HA 170 -95.94 -90.59 87.96
N SER HA 171 -95.01 -90.00 87.20
CA SER HA 171 -94.14 -89.01 87.78
C SER HA 171 -94.82 -87.66 87.92
N THR HA 172 -95.52 -87.22 86.87
CA THR HA 172 -96.21 -85.93 86.92
C THR HA 172 -97.36 -85.92 87.91
N SER HA 173 -97.93 -87.08 88.21
CA SER HA 173 -98.87 -87.17 89.32
C SER HA 173 -98.16 -86.95 90.65
N PHE HA 174 -96.90 -87.38 90.75
CA PHE HA 174 -96.17 -87.22 91.99
C PHE HA 174 -95.64 -85.80 92.15
N LEU HA 175 -95.33 -85.14 91.04
CA LEU HA 175 -94.74 -83.81 91.13
C LEU HA 175 -95.79 -82.77 91.48
N GLU HA 176 -97.03 -82.95 91.02
CA GLU HA 176 -98.11 -82.06 91.45
C GLU HA 176 -98.44 -82.26 92.92
N LYS HA 177 -98.37 -83.50 93.39
CA LYS HA 177 -98.52 -83.76 94.82
C LYS HA 177 -97.37 -83.16 95.63
N LYS HA 178 -96.20 -83.01 95.02
CA LYS HA 178 -95.07 -82.39 95.69
C LYS HA 178 -95.11 -80.86 95.55
N VAL HA 179 -95.11 -80.37 94.32
CA VAL HA 179 -95.14 -78.92 94.08
C VAL HA 179 -96.61 -78.55 94.02
N LYS HA 180 -97.20 -78.37 95.20
CA LYS HA 180 -98.48 -77.70 95.33
C LYS HA 180 -98.31 -76.71 96.47
N LYS HA 181 -97.48 -77.10 97.42
CA LYS HA 181 -96.99 -76.19 98.45
C LYS HA 181 -95.71 -75.55 97.94
N LYS HA 182 -95.61 -74.23 98.09
CA LYS HA 182 -94.43 -73.49 97.65
C LYS HA 182 -93.39 -73.56 98.77
N PHE HA 183 -92.73 -74.72 98.86
CA PHE HA 183 -91.64 -74.89 99.79
C PHE HA 183 -90.42 -74.12 99.31
N ASP HA 184 -89.45 -73.94 100.20
CA ASP HA 184 -88.23 -73.24 99.85
C ASP HA 184 -87.33 -74.13 99.00
N TRP HA 185 -86.84 -73.59 97.89
CA TRP HA 185 -85.98 -74.32 96.97
C TRP HA 185 -84.58 -73.73 97.11
N THR HA 186 -83.69 -74.44 97.79
CA THR HA 186 -82.39 -73.91 98.17
C THR HA 186 -81.24 -74.65 97.51
N PHE HA 187 -81.50 -75.23 96.33
CA PHE HA 187 -80.59 -75.98 95.45
C PHE HA 187 -80.22 -77.36 96.01
N GLU HA 188 -80.51 -77.63 97.27
CA GLU HA 188 -80.50 -79.00 97.74
C GLU HA 188 -81.90 -79.58 97.81
N GLN HA 189 -82.90 -78.72 98.00
CA GLN HA 189 -84.27 -79.16 97.86
C GLN HA 189 -84.58 -79.54 96.41
N THR HA 190 -83.95 -78.85 95.47
CA THR HA 190 -84.22 -79.10 94.05
C THR HA 190 -83.69 -80.46 93.62
N VAL HA 191 -82.49 -80.82 94.09
CA VAL HA 191 -81.91 -82.11 93.75
C VAL HA 191 -82.66 -83.22 94.47
N GLU HA 192 -83.04 -82.98 95.73
CA GLU HA 192 -83.67 -84.01 96.55
C GLU HA 192 -85.04 -84.39 96.00
N THR HA 193 -85.78 -83.43 95.46
CA THR HA 193 -87.03 -83.78 94.82
C THR HA 193 -86.81 -84.42 93.46
N ALA HA 194 -85.74 -84.03 92.76
CA ALA HA 194 -85.45 -84.59 91.45
C ALA HA 194 -85.02 -86.06 91.55
N ILE HA 195 -84.34 -86.40 92.64
CA ILE HA 195 -83.91 -87.78 92.84
C ILE HA 195 -85.06 -88.63 93.36
N THR HA 196 -85.68 -88.20 94.45
CA THR HA 196 -86.66 -89.04 95.14
C THR HA 196 -87.98 -89.19 94.40
N CYS HA 197 -88.25 -88.34 93.41
CA CYS HA 197 -89.41 -88.59 92.57
C CYS HA 197 -89.17 -89.78 91.66
N LEU HA 198 -88.02 -89.79 91.01
CA LEU HA 198 -87.63 -90.93 90.18
C LEU HA 198 -87.35 -92.17 91.01
N SER HA 199 -86.93 -92.01 92.27
CA SER HA 199 -86.65 -93.15 93.12
C SER HA 199 -87.92 -93.83 93.61
N THR HA 200 -89.05 -93.15 93.56
CA THR HA 200 -90.31 -93.76 93.95
C THR HA 200 -91.11 -94.28 92.76
N VAL HA 201 -90.98 -93.64 91.61
CA VAL HA 201 -91.67 -94.11 90.41
C VAL HA 201 -91.06 -95.41 89.93
N LEU HA 202 -89.74 -95.47 89.85
CA LEU HA 202 -89.08 -96.69 89.42
C LEU HA 202 -88.86 -97.67 90.57
N SER HA 203 -88.85 -97.18 91.82
CA SER HA 203 -88.69 -97.97 93.05
C SER HA 203 -87.39 -98.78 93.04
N ILE HA 204 -86.27 -98.05 93.05
CA ILE HA 204 -84.95 -98.64 92.86
C ILE HA 204 -84.05 -98.43 94.07
N ASP HA 205 -83.98 -97.19 94.56
CA ASP HA 205 -83.05 -96.73 95.62
C ASP HA 205 -81.60 -97.02 95.21
N PHE HA 206 -81.20 -96.29 94.18
CA PHE HA 206 -80.12 -96.69 93.29
C PHE HA 206 -78.73 -96.39 93.84
N LYS HA 207 -77.78 -97.17 93.33
CA LYS HA 207 -76.35 -96.96 93.46
C LYS HA 207 -75.96 -95.64 92.78
N PRO HA 208 -74.88 -94.99 93.23
CA PRO HA 208 -74.46 -93.73 92.60
C PRO HA 208 -74.01 -93.82 91.13
N SER HA 209 -73.98 -94.98 90.49
CA SER HA 209 -73.39 -95.12 89.16
C SER HA 209 -74.43 -95.35 88.07
N GLU HA 210 -75.71 -95.09 88.34
CA GLU HA 210 -76.73 -95.26 87.31
C GLU HA 210 -77.26 -93.96 86.73
N ILE HA 211 -77.25 -92.86 87.46
CA ILE HA 211 -77.87 -91.64 87.01
C ILE HA 211 -76.81 -90.63 86.59
N GLU HA 212 -77.24 -89.54 85.99
CA GLU HA 212 -76.45 -88.34 85.86
C GLU HA 212 -77.25 -87.14 86.33
N VAL HA 213 -76.55 -86.07 86.67
CA VAL HA 213 -77.20 -84.81 87.00
C VAL HA 213 -76.58 -83.71 86.16
N GLY HA 214 -77.40 -83.09 85.31
CA GLY HA 214 -77.05 -81.85 84.66
C GLY HA 214 -77.58 -80.71 85.51
N VAL HA 215 -76.87 -79.59 85.48
CA VAL HA 215 -77.21 -78.50 86.38
C VAL HA 215 -76.80 -77.18 85.74
N VAL HA 216 -77.53 -76.13 86.11
CA VAL HA 216 -77.15 -74.75 85.84
C VAL HA 216 -77.69 -73.92 86.99
N THR HA 217 -76.94 -72.90 87.39
CA THR HA 217 -77.26 -72.15 88.60
C THR HA 217 -76.77 -70.73 88.39
N VAL HA 218 -77.46 -69.74 89.00
CA VAL HA 218 -76.85 -68.41 88.99
C VAL HA 218 -75.96 -68.31 90.21
N GLU HA 219 -74.87 -69.04 90.18
CA GLU HA 219 -73.55 -68.72 90.73
C GLU HA 219 -72.45 -69.19 89.79
N ASN HA 220 -72.75 -70.15 88.94
CA ASN HA 220 -71.86 -70.62 87.87
C ASN HA 220 -72.79 -70.96 86.73
N PRO HA 221 -73.08 -70.00 85.85
CA PRO HA 221 -74.08 -70.22 84.80
C PRO HA 221 -73.64 -71.15 83.68
N LYS HA 222 -72.45 -71.71 83.74
CA LYS HA 222 -72.05 -72.72 82.77
C LYS HA 222 -72.85 -73.99 82.99
N PHE HA 223 -73.08 -74.72 81.90
CA PHE HA 223 -73.65 -76.05 82.05
C PHE HA 223 -72.62 -76.98 82.65
N ARG HA 224 -73.09 -77.85 83.53
CA ARG HA 224 -72.16 -78.60 84.38
C ARG HA 224 -72.72 -79.99 84.62
N ILE HA 225 -71.91 -81.01 84.34
CA ILE HA 225 -72.29 -82.40 84.57
C ILE HA 225 -71.61 -82.86 85.85
N LEU HA 226 -72.37 -83.47 86.75
CA LEU HA 226 -71.86 -83.84 88.05
C LEU HA 226 -70.98 -85.08 87.98
N THR HA 227 -70.10 -85.19 88.97
CA THR HA 227 -69.16 -86.30 89.10
C THR HA 227 -69.78 -87.40 89.94
N GLU HA 228 -69.34 -88.64 89.66
CA GLU HA 228 -69.74 -89.84 90.41
C GLU HA 228 -69.58 -89.68 91.92
N ALA HA 229 -68.56 -88.95 92.36
CA ALA HA 229 -68.35 -88.73 93.78
C ALA HA 229 -69.42 -87.84 94.38
N GLU HA 230 -69.69 -86.70 93.76
CA GLU HA 230 -70.62 -85.74 94.34
C GLU HA 230 -72.08 -86.12 94.10
N ILE HA 231 -72.36 -87.05 93.19
CA ILE HA 231 -73.68 -87.66 93.14
C ILE HA 231 -73.93 -88.48 94.41
N ASP HA 232 -72.88 -89.16 94.88
CA ASP HA 232 -72.98 -89.91 96.13
C ASP HA 232 -73.13 -88.98 97.33
N ALA HA 233 -72.60 -87.76 97.22
CA ALA HA 233 -72.74 -86.80 98.32
C ALA HA 233 -74.17 -86.35 98.51
N HIS HA 234 -74.89 -86.16 97.40
CA HIS HA 234 -76.31 -85.85 97.52
C HIS HA 234 -77.13 -87.09 97.85
N LEU HA 235 -76.60 -88.27 97.52
CA LEU HA 235 -77.37 -89.48 97.71
C LEU HA 235 -77.41 -89.92 99.16
N VAL HA 236 -76.28 -89.86 99.85
CA VAL HA 236 -76.28 -90.18 101.28
C VAL HA 236 -76.88 -89.05 102.10
N ALA HA 237 -77.01 -87.85 101.53
CA ALA HA 237 -77.63 -86.75 102.25
C ALA HA 237 -79.13 -86.95 102.35
N LEU HA 238 -79.75 -87.61 101.38
CA LEU HA 238 -81.16 -87.94 101.44
C LEU HA 238 -81.40 -89.33 102.00
N ALA HA 239 -80.39 -89.96 102.60
CA ALA HA 239 -80.51 -91.32 103.12
C ALA HA 239 -81.06 -91.28 104.55
N GLU HA 240 -82.31 -90.84 104.66
CA GLU HA 240 -83.03 -90.86 105.93
C GLU HA 240 -84.43 -91.43 105.71
N GLU IA 2 -85.16 -85.11 46.90
CA GLU IA 2 -86.11 -86.21 46.74
C GLU IA 2 -86.18 -86.68 45.29
N ARG IA 3 -87.15 -87.55 45.02
CA ARG IA 3 -87.36 -88.03 43.65
C ARG IA 3 -87.90 -86.92 42.75
N GLY IA 4 -88.72 -86.03 43.30
CA GLY IA 4 -89.34 -85.00 42.50
C GLY IA 4 -90.66 -85.45 41.91
N TYR IA 5 -91.59 -85.88 42.78
CA TYR IA 5 -92.87 -86.43 42.31
C TYR IA 5 -93.84 -85.33 41.91
N SER IA 6 -94.16 -84.42 42.84
CA SER IA 6 -95.02 -83.25 42.64
C SER IA 6 -96.41 -83.62 42.10
N PHE IA 7 -97.05 -84.61 42.73
CA PHE IA 7 -98.46 -84.87 42.47
C PHE IA 7 -99.27 -84.46 43.70
N SER IA 8 -100.40 -83.81 43.46
CA SER IA 8 -101.27 -83.39 44.56
C SER IA 8 -101.97 -84.58 45.16
N LEU IA 9 -102.34 -84.45 46.43
CA LEU IA 9 -102.99 -85.53 47.16
C LEU IA 9 -104.51 -85.38 47.18
N THR IA 10 -105.04 -84.35 46.55
CA THR IA 10 -106.46 -84.05 46.60
C THR IA 10 -107.05 -84.11 45.19
N THR IA 11 -108.11 -84.89 45.03
CA THR IA 11 -108.82 -84.98 43.77
C THR IA 11 -110.32 -84.94 44.03
N PHE IA 12 -111.09 -84.79 42.96
CA PHE IA 12 -112.54 -84.68 43.10
C PHE IA 12 -113.17 -86.05 43.34
N SER IA 13 -114.19 -86.04 44.18
CA SER IA 13 -115.06 -87.19 44.32
C SER IA 13 -115.95 -87.31 43.09
N PRO IA 14 -116.56 -88.47 42.85
CA PRO IA 14 -117.59 -88.55 41.81
C PRO IA 14 -118.81 -87.68 42.10
N SER IA 15 -119.09 -87.38 43.37
CA SER IA 15 -120.12 -86.41 43.70
C SER IA 15 -119.67 -84.98 43.46
N GLY IA 16 -118.37 -84.74 43.36
CA GLY IA 16 -117.83 -83.44 43.12
C GLY IA 16 -117.29 -82.70 44.32
N LYS IA 17 -117.06 -83.38 45.43
CA LYS IA 17 -116.56 -82.75 46.64
C LYS IA 17 -115.09 -83.10 46.85
N LEU IA 18 -114.37 -82.19 47.49
CA LEU IA 18 -112.99 -82.43 47.88
C LEU IA 18 -112.99 -82.97 49.30
N VAL IA 19 -112.50 -84.20 49.45
CA VAL IA 19 -112.73 -84.94 50.68
C VAL IA 19 -111.82 -84.47 51.79
N GLN IA 20 -110.55 -84.20 51.47
CA GLN IA 20 -109.56 -83.92 52.49
C GLN IA 20 -109.78 -82.56 53.15
N ILE IA 21 -110.30 -81.59 52.41
CA ILE IA 21 -110.52 -80.27 52.98
C ILE IA 21 -111.69 -80.31 53.97
N GLU IA 22 -112.68 -81.17 53.69
CA GLU IA 22 -113.76 -81.34 54.66
C GLU IA 22 -113.29 -82.11 55.88
N TYR IA 23 -112.24 -82.92 55.75
CA TYR IA 23 -111.67 -83.56 56.93
C TYR IA 23 -110.89 -82.57 57.77
N ALA IA 24 -110.23 -81.60 57.13
CA ALA IA 24 -109.42 -80.64 57.89
C ALA IA 24 -110.30 -79.69 58.68
N LEU IA 25 -111.53 -79.45 58.23
CA LEU IA 25 -112.45 -78.64 59.01
C LEU IA 25 -112.95 -79.36 60.24
N ALA IA 26 -112.90 -80.70 60.24
CA ALA IA 26 -113.24 -81.44 61.45
C ALA IA 26 -112.20 -81.24 62.53
N ALA IA 27 -110.93 -81.12 62.14
CA ALA IA 27 -109.88 -80.85 63.11
C ALA IA 27 -109.94 -79.42 63.62
N VAL IA 28 -110.55 -78.51 62.87
CA VAL IA 28 -110.74 -77.14 63.35
C VAL IA 28 -111.79 -77.10 64.44
N ALA IA 29 -112.90 -77.81 64.24
CA ALA IA 29 -113.99 -77.82 65.20
C ALA IA 29 -113.63 -78.53 66.50
N GLY IA 30 -112.60 -79.38 66.48
CA GLY IA 30 -112.16 -80.05 67.68
C GLY IA 30 -111.01 -79.34 68.35
N GLY IA 31 -110.99 -78.01 68.27
CA GLY IA 31 -109.97 -77.20 68.91
C GLY IA 31 -110.51 -76.40 70.06
N ALA IA 32 -109.65 -75.55 70.61
CA ALA IA 32 -110.04 -74.71 71.73
C ALA IA 32 -111.01 -73.63 71.24
N PRO IA 33 -112.03 -73.31 72.02
CA PRO IA 33 -113.04 -72.36 71.56
C PRO IA 33 -112.53 -70.93 71.58
N SER IA 34 -113.10 -70.11 70.71
CA SER IA 34 -112.73 -68.71 70.60
C SER IA 34 -113.94 -67.90 70.15
N VAL IA 35 -113.83 -66.59 70.30
CA VAL IA 35 -114.92 -65.68 69.96
C VAL IA 35 -114.34 -64.34 69.57
N GLY IA 36 -114.98 -63.69 68.60
CA GLY IA 36 -114.57 -62.37 68.18
C GLY IA 36 -115.79 -61.50 67.95
N ILE IA 37 -115.74 -60.25 68.40
CA ILE IA 37 -116.89 -59.35 68.36
C ILE IA 37 -116.45 -57.99 67.85
N LYS IA 38 -117.06 -57.53 66.78
CA LYS IA 38 -116.78 -56.21 66.23
C LYS IA 38 -117.74 -55.22 66.89
N ALA IA 39 -117.20 -54.30 67.67
CA ALA IA 39 -117.99 -53.27 68.31
C ALA IA 39 -117.89 -51.98 67.49
N ALA IA 40 -118.55 -50.94 67.99
CA ALA IA 40 -118.61 -49.68 67.25
C ALA IA 40 -117.29 -48.93 67.25
N ASN IA 41 -116.44 -49.15 68.26
CA ASN IA 41 -115.17 -48.47 68.36
C ASN IA 41 -113.96 -49.39 68.27
N GLY IA 42 -114.14 -50.69 68.38
CA GLY IA 42 -113.01 -51.60 68.33
C GLY IA 42 -113.46 -53.03 68.13
N VAL IA 43 -112.47 -53.91 68.04
CA VAL IA 43 -112.69 -55.35 67.87
C VAL IA 43 -112.12 -56.06 69.09
N VAL IA 44 -112.87 -57.03 69.60
CA VAL IA 44 -112.46 -57.79 70.78
C VAL IA 44 -112.24 -59.24 70.37
N LEU IA 45 -111.06 -59.78 70.69
CA LEU IA 45 -110.79 -61.19 70.51
C LEU IA 45 -110.57 -61.84 71.86
N ALA IA 46 -111.09 -63.04 72.02
CA ALA IA 46 -110.96 -63.77 73.27
C ALA IA 46 -110.93 -65.26 72.97
N THR IA 47 -110.05 -65.96 73.66
CA THR IA 47 -109.89 -67.39 73.47
C THR IA 47 -109.85 -68.06 74.84
N GLU IA 48 -109.70 -69.39 74.83
CA GLU IA 48 -109.90 -70.21 76.01
C GLU IA 48 -108.66 -71.09 76.16
N LYS IA 49 -107.78 -70.71 77.08
CA LYS IA 49 -106.47 -71.34 77.21
C LYS IA 49 -106.39 -72.07 78.54
N LYS IA 50 -106.58 -73.38 78.50
CA LYS IA 50 -106.39 -74.21 79.69
C LYS IA 50 -105.14 -75.06 79.52
N GLN IA 51 -104.27 -75.01 80.52
CA GLN IA 51 -103.17 -75.95 80.59
C GLN IA 51 -103.69 -77.32 80.98
N LYS IA 52 -102.94 -78.36 80.61
CA LYS IA 52 -103.33 -79.71 80.95
C LYS IA 52 -102.94 -80.10 82.37
N SER IA 53 -102.17 -79.24 83.05
CA SER IA 53 -101.63 -79.58 84.37
C SER IA 53 -101.49 -78.31 85.19
N ILE IA 54 -101.08 -78.49 86.44
CA ILE IA 54 -100.70 -77.35 87.28
C ILE IA 54 -99.25 -76.96 87.09
N LEU IA 55 -98.53 -77.62 86.20
CA LEU IA 55 -97.12 -77.39 86.01
C LEU IA 55 -96.82 -76.37 84.92
N TYR IA 56 -97.72 -76.23 83.94
CA TYR IA 56 -97.45 -75.43 82.75
C TYR IA 56 -97.41 -73.94 83.06
N ASP IA 57 -96.41 -73.25 82.52
CA ASP IA 57 -96.34 -71.81 82.65
C ASP IA 57 -97.26 -71.17 81.62
N GLU IA 58 -97.88 -70.06 82.00
CA GLU IA 58 -98.83 -69.38 81.14
C GLU IA 58 -98.29 -68.08 80.59
N ARG IA 59 -97.07 -67.69 80.95
CA ARG IA 59 -96.43 -66.51 80.40
C ARG IA 59 -95.49 -66.84 79.26
N SER IA 60 -95.48 -68.10 78.80
CA SER IA 60 -94.54 -68.53 77.77
C SER IA 60 -95.16 -68.50 76.39
N VAL IA 61 -96.25 -69.24 76.20
CA VAL IA 61 -96.94 -69.32 74.91
C VAL IA 61 -98.10 -68.34 74.94
N HIS IA 62 -98.33 -67.65 73.83
CA HIS IA 62 -99.44 -66.71 73.72
C HIS IA 62 -100.36 -67.14 72.58
N LYS IA 63 -101.66 -66.93 72.78
CA LYS IA 63 -102.66 -67.23 71.77
C LYS IA 63 -103.04 -66.02 70.95
N VAL IA 64 -103.50 -64.95 71.60
CA VAL IA 64 -103.66 -63.67 70.93
C VAL IA 64 -102.29 -63.18 70.50
N GLU IA 65 -102.10 -63.00 69.19
CA GLU IA 65 -100.80 -62.72 68.66
C GLU IA 65 -100.87 -61.52 67.71
N PRO IA 66 -100.04 -60.51 67.91
CA PRO IA 66 -100.04 -59.36 66.98
C PRO IA 66 -99.29 -59.68 65.70
N ILE IA 67 -99.68 -58.98 64.64
CA ILE IA 67 -98.99 -59.05 63.35
C ILE IA 67 -98.27 -57.75 63.05
N THR IA 68 -99.01 -56.65 63.04
CA THR IA 68 -98.46 -55.32 62.99
C THR IA 68 -98.90 -54.66 64.29
N LYS IA 69 -98.64 -53.36 64.43
CA LYS IA 69 -99.06 -52.67 65.64
C LYS IA 69 -100.54 -52.32 65.65
N HIS IA 70 -101.30 -52.72 64.63
CA HIS IA 70 -102.73 -52.53 64.64
C HIS IA 70 -103.47 -53.75 64.13
N ILE IA 71 -102.82 -54.89 63.99
CA ILE IA 71 -103.43 -56.10 63.47
C ILE IA 71 -103.08 -57.26 64.39
N GLY IA 72 -104.09 -57.92 64.95
CA GLY IA 72 -103.91 -59.11 65.74
C GLY IA 72 -104.62 -60.30 65.11
N LEU IA 73 -104.44 -61.46 65.74
CA LEU IA 73 -104.75 -62.71 65.06
C LEU IA 73 -104.83 -63.83 66.09
N VAL IA 74 -105.95 -64.55 66.11
CA VAL IA 74 -106.14 -65.72 66.97
C VAL IA 74 -106.50 -66.91 66.09
N TYR IA 75 -106.77 -68.04 66.73
CA TYR IA 75 -107.03 -69.26 65.98
C TYR IA 75 -107.87 -70.23 66.80
N SER IA 76 -108.33 -71.26 66.12
CA SER IA 76 -108.96 -72.41 66.75
C SER IA 76 -108.66 -73.63 65.88
N GLY IA 77 -107.73 -74.45 66.34
CA GLY IA 77 -107.28 -75.59 65.56
C GLY IA 77 -106.17 -76.32 66.28
N MET IA 78 -105.09 -76.64 65.57
CA MET IA 78 -103.94 -77.26 66.18
C MET IA 78 -102.81 -76.26 66.31
N GLY IA 79 -102.24 -76.21 67.51
CA GLY IA 79 -101.17 -75.32 67.87
C GLY IA 79 -99.94 -75.25 66.98
N PRO IA 80 -99.31 -76.39 66.64
CA PRO IA 80 -98.09 -76.32 65.83
C PRO IA 80 -98.26 -75.77 64.43
N ASP IA 81 -99.37 -76.08 63.73
CA ASP IA 81 -99.56 -75.51 62.39
C ASP IA 81 -99.88 -74.03 62.44
N TYR IA 82 -100.25 -73.50 63.60
CA TYR IA 82 -100.56 -72.09 63.73
C TYR IA 82 -99.33 -71.21 63.58
N ARG IA 83 -98.19 -71.66 64.09
CA ARG IA 83 -97.00 -70.83 64.12
C ARG IA 83 -96.36 -70.64 62.76
N VAL IA 84 -96.71 -71.47 61.78
CA VAL IA 84 -96.15 -71.33 60.45
C VAL IA 84 -96.70 -70.08 59.76
N LEU IA 85 -98.02 -69.99 59.69
CA LEU IA 85 -98.65 -68.88 58.98
C LEU IA 85 -98.53 -67.56 59.73
N VAL IA 86 -98.28 -67.59 61.04
CA VAL IA 86 -98.00 -66.36 61.76
C VAL IA 86 -96.69 -65.76 61.28
N HIS IA 87 -95.62 -66.54 61.33
CA HIS IA 87 -94.32 -66.11 60.81
C HIS IA 87 -94.38 -65.84 59.32
N ARG IA 88 -95.26 -66.52 58.60
CA ARG IA 88 -95.47 -66.20 57.19
C ARG IA 88 -96.13 -64.84 57.04
N ALA IA 89 -97.15 -64.54 57.85
CA ALA IA 89 -97.87 -63.29 57.71
C ALA IA 89 -97.06 -62.11 58.22
N ARG IA 90 -96.10 -62.34 59.12
CA ARG IA 90 -95.22 -61.27 59.56
C ARG IA 90 -94.32 -60.81 58.42
N LYS IA 91 -93.65 -61.76 57.75
CA LYS IA 91 -92.76 -61.43 56.66
C LYS IA 91 -93.52 -60.88 55.47
N LEU IA 92 -94.76 -61.31 55.30
CA LEU IA 92 -95.59 -60.81 54.22
C LEU IA 92 -96.03 -59.38 54.47
N ALA IA 93 -96.21 -58.99 55.73
CA ALA IA 93 -96.65 -57.63 56.02
C ALA IA 93 -95.52 -56.62 55.82
N GLN IA 94 -94.29 -57.04 56.05
CA GLN IA 94 -93.17 -56.12 55.88
C GLN IA 94 -92.86 -55.89 54.41
N GLN IA 95 -93.15 -56.87 53.56
CA GLN IA 95 -92.96 -56.69 52.13
C GLN IA 95 -93.92 -55.66 51.56
N TYR IA 96 -95.10 -55.52 52.14
CA TYR IA 96 -95.97 -54.41 51.79
C TYR IA 96 -95.35 -53.10 52.25
N TYR IA 97 -94.77 -53.10 53.44
CA TYR IA 97 -94.31 -51.85 54.03
C TYR IA 97 -93.03 -51.35 53.36
N LEU IA 98 -92.22 -52.25 52.83
CA LEU IA 98 -91.03 -51.81 52.12
C LEU IA 98 -91.37 -51.19 50.78
N VAL IA 99 -92.48 -51.62 50.17
CA VAL IA 99 -92.84 -51.09 48.86
C VAL IA 99 -93.57 -49.77 49.00
N TYR IA 100 -94.61 -49.75 49.83
CA TYR IA 100 -95.55 -48.63 49.84
C TYR IA 100 -95.34 -47.66 50.98
N GLN IA 101 -94.44 -47.97 51.92
CA GLN IA 101 -94.09 -47.12 53.08
C GLN IA 101 -95.32 -46.77 53.90
N GLU IA 102 -96.16 -47.77 54.15
CA GLU IA 102 -97.45 -47.52 54.77
C GLU IA 102 -97.92 -48.84 55.37
N PRO IA 103 -98.49 -48.83 56.57
CA PRO IA 103 -98.91 -50.09 57.19
C PRO IA 103 -100.08 -50.71 56.44
N ILE IA 104 -100.05 -52.03 56.34
CA ILE IA 104 -100.97 -52.74 55.43
C ILE IA 104 -102.38 -52.69 55.99
N PRO IA 105 -103.40 -52.41 55.16
CA PRO IA 105 -104.78 -52.51 55.64
C PRO IA 105 -105.17 -53.95 55.84
N THR IA 106 -106.13 -54.15 56.75
CA THR IA 106 -106.51 -55.49 57.16
C THR IA 106 -107.21 -56.27 56.06
N ALA IA 107 -107.90 -55.58 55.14
CA ALA IA 107 -108.51 -56.27 54.03
C ALA IA 107 -107.47 -56.82 53.07
N GLN IA 108 -106.38 -56.09 52.89
CA GLN IA 108 -105.36 -56.51 51.94
C GLN IA 108 -104.50 -57.62 52.50
N LEU IA 109 -104.36 -57.69 53.83
CA LEU IA 109 -103.59 -58.75 54.45
C LEU IA 109 -104.27 -60.11 54.29
N VAL IA 110 -105.59 -60.14 54.40
CA VAL IA 110 -106.32 -61.40 54.30
C VAL IA 110 -106.36 -61.88 52.85
N GLN IA 111 -106.22 -60.95 51.89
CA GLN IA 111 -106.11 -61.34 50.48
C GLN IA 111 -104.90 -62.22 50.23
N ARG IA 112 -103.80 -61.94 50.92
CA ARG IA 112 -102.55 -62.62 50.64
C ARG IA 112 -102.32 -63.82 51.53
N VAL IA 113 -102.82 -63.78 52.77
CA VAL IA 113 -102.66 -64.91 53.66
C VAL IA 113 -103.52 -66.08 53.21
N ALA IA 114 -104.73 -65.79 52.72
CA ALA IA 114 -105.58 -66.84 52.19
C ALA IA 114 -105.01 -67.47 50.92
N SER IA 115 -104.22 -66.72 50.15
CA SER IA 115 -103.56 -67.30 49.00
C SER IA 115 -102.43 -68.23 49.44
N VAL IA 116 -101.85 -68.01 50.61
CA VAL IA 116 -100.84 -68.93 51.13
C VAL IA 116 -101.50 -70.24 51.53
N MET IA 117 -102.63 -70.17 52.24
CA MET IA 117 -103.33 -71.37 52.65
C MET IA 117 -103.96 -72.07 51.46
N GLN IA 118 -104.22 -71.33 50.38
CA GLN IA 118 -104.66 -71.93 49.13
C GLN IA 118 -103.59 -72.82 48.53
N GLU IA 119 -102.33 -72.43 48.68
CA GLU IA 119 -101.26 -73.08 47.94
C GLU IA 119 -100.95 -74.47 48.47
N TYR IA 120 -101.25 -74.74 49.74
CA TYR IA 120 -100.99 -76.07 50.26
C TYR IA 120 -102.09 -77.07 49.92
N THR IA 121 -103.24 -76.59 49.47
CA THR IA 121 -104.28 -77.51 49.04
C THR IA 121 -104.00 -78.04 47.64
N GLN IA 122 -103.63 -77.15 46.72
CA GLN IA 122 -103.54 -77.53 45.32
C GLN IA 122 -102.22 -78.19 45.00
N SER IA 123 -101.16 -77.87 45.73
CA SER IA 123 -99.82 -78.32 45.34
C SER IA 123 -99.62 -79.79 45.70
N GLY IA 124 -98.38 -80.26 45.54
CA GLY IA 124 -98.09 -81.67 45.49
C GLY IA 124 -97.56 -82.23 46.80
N GLY IA 125 -98.16 -83.33 47.24
CA GLY IA 125 -97.64 -84.11 48.34
C GLY IA 125 -97.89 -83.58 49.74
N VAL IA 126 -98.35 -82.35 49.87
CA VAL IA 126 -98.57 -81.77 51.19
C VAL IA 126 -100.05 -81.80 51.52
N ARG IA 127 -100.35 -81.78 52.80
CA ARG IA 127 -101.73 -81.69 53.24
C ARG IA 127 -102.07 -80.24 53.55
N PRO IA 128 -103.36 -79.90 53.65
CA PRO IA 128 -103.70 -78.54 54.08
C PRO IA 128 -103.46 -78.29 55.55
N PHE IA 129 -103.80 -77.09 56.00
CA PHE IA 129 -103.69 -76.75 57.41
C PHE IA 129 -104.80 -77.41 58.22
N GLY IA 130 -104.77 -77.16 59.52
CA GLY IA 130 -105.84 -77.57 60.39
C GLY IA 130 -106.25 -76.41 61.27
N VAL IA 131 -106.02 -75.20 60.78
CA VAL IA 131 -106.14 -73.99 61.58
C VAL IA 131 -107.03 -73.00 60.84
N SER IA 132 -108.11 -72.57 61.50
CA SER IA 132 -108.86 -71.42 61.03
C SER IA 132 -108.40 -70.20 61.81
N LEU IA 133 -108.66 -69.02 61.27
CA LEU IA 133 -108.13 -67.80 61.84
C LEU IA 133 -109.23 -66.80 62.11
N LEU IA 134 -108.90 -65.81 62.93
CA LEU IA 134 -109.72 -64.62 63.10
C LEU IA 134 -108.78 -63.44 63.12
N ILE IA 135 -108.96 -62.52 62.18
CA ILE IA 135 -108.03 -61.41 61.97
C ILE IA 135 -108.78 -60.12 62.22
N CYS IA 136 -108.15 -59.19 62.93
CA CYS IA 136 -108.78 -57.98 63.39
C CYS IA 136 -107.90 -56.77 63.08
N GLY IA 137 -108.48 -55.59 63.22
CA GLY IA 137 -107.72 -54.38 63.03
C GLY IA 137 -108.61 -53.21 62.75
N TRP IA 138 -108.12 -52.02 63.10
CA TRP IA 138 -108.85 -50.77 62.93
C TRP IA 138 -108.04 -49.89 61.99
N ASN IA 139 -108.26 -50.09 60.69
CA ASN IA 139 -107.60 -49.30 59.65
C ASN IA 139 -108.60 -48.31 59.08
N GLU IA 140 -108.20 -47.03 59.04
CA GLU IA 140 -108.97 -45.92 58.47
C GLU IA 140 -110.34 -45.77 59.15
N GLY IA 141 -110.30 -45.55 60.45
CA GLY IA 141 -111.51 -45.31 61.21
C GLY IA 141 -112.30 -46.56 61.51
N ARG IA 142 -112.87 -47.18 60.47
CA ARG IA 142 -113.70 -48.35 60.67
C ARG IA 142 -112.84 -49.56 61.02
N PRO IA 143 -113.24 -50.33 62.02
CA PRO IA 143 -112.51 -51.56 62.37
C PRO IA 143 -113.02 -52.74 61.55
N TYR IA 144 -112.24 -53.81 61.57
CA TYR IA 144 -112.54 -54.96 60.72
C TYR IA 144 -112.35 -56.25 61.49
N LEU IA 145 -113.06 -57.28 61.05
CA LEU IA 145 -112.98 -58.59 61.66
C LEU IA 145 -113.24 -59.64 60.60
N PHE IA 146 -112.22 -60.42 60.26
CA PHE IA 146 -112.31 -61.40 59.19
C PHE IA 146 -112.01 -62.78 59.75
N GLN IA 147 -112.44 -63.79 59.01
CA GLN IA 147 -112.18 -65.19 59.33
C GLN IA 147 -111.71 -65.91 58.08
N SER IA 148 -110.63 -66.68 58.19
CA SER IA 148 -110.19 -67.54 57.11
C SER IA 148 -110.27 -68.99 57.57
N ASP IA 149 -110.23 -69.89 56.60
CA ASP IA 149 -110.40 -71.32 56.83
C ASP IA 149 -109.34 -72.06 56.02
N PRO IA 150 -109.09 -73.35 56.33
CA PRO IA 150 -108.11 -74.10 55.55
C PRO IA 150 -108.47 -74.34 54.10
N SER IA 151 -109.71 -74.07 53.67
CA SER IA 151 -110.02 -74.19 52.26
C SER IA 151 -109.37 -73.09 51.44
N GLY IA 152 -109.10 -71.94 52.06
CA GLY IA 152 -108.60 -70.78 51.36
C GLY IA 152 -109.61 -69.67 51.22
N ALA IA 153 -110.85 -69.89 51.62
CA ALA IA 153 -111.85 -68.85 51.54
C ALA IA 153 -111.71 -67.89 52.72
N TYR IA 154 -112.53 -66.84 52.71
CA TYR IA 154 -112.57 -65.91 53.82
C TYR IA 154 -113.90 -65.16 53.81
N PHE IA 155 -114.24 -64.63 54.97
CA PHE IA 155 -115.52 -63.98 55.18
C PHE IA 155 -115.30 -62.69 55.96
N ALA IA 156 -116.41 -62.06 56.34
CA ALA IA 156 -116.39 -60.82 57.10
C ALA IA 156 -117.52 -60.89 58.11
N TRP IA 157 -117.18 -61.05 59.38
CA TRP IA 157 -118.18 -61.28 60.42
C TRP IA 157 -118.43 -60.01 61.22
N LYS IA 158 -119.67 -59.87 61.68
CA LYS IA 158 -119.96 -58.95 62.78
C LYS IA 158 -119.48 -59.55 64.09
N ALA IA 159 -119.94 -60.75 64.40
CA ALA IA 159 -119.50 -61.46 65.58
C ALA IA 159 -119.66 -62.95 65.32
N THR IA 160 -118.63 -63.72 65.66
CA THR IA 160 -118.67 -65.15 65.39
C THR IA 160 -117.85 -65.89 66.43
N ALA IA 161 -117.95 -67.21 66.38
CA ALA IA 161 -117.23 -68.07 67.30
C ALA IA 161 -116.68 -69.26 66.54
N MET IA 162 -115.48 -69.69 66.93
CA MET IA 162 -114.83 -70.85 66.32
C MET IA 162 -114.35 -71.77 67.44
N GLY IA 163 -114.24 -73.05 67.14
CA GLY IA 163 -113.78 -74.01 68.12
C GLY IA 163 -114.87 -74.98 68.51
N LYS IA 164 -114.78 -75.57 69.70
CA LYS IA 164 -115.85 -76.44 70.16
C LYS IA 164 -117.06 -75.63 70.58
N ASN IA 165 -118.24 -76.24 70.44
CA ASN IA 165 -119.55 -75.68 70.79
C ASN IA 165 -119.82 -74.37 70.09
N TYR IA 166 -119.36 -74.24 68.84
CA TYR IA 166 -119.55 -73.01 68.10
C TYR IA 166 -121.00 -72.80 67.71
N VAL IA 167 -121.78 -73.88 67.60
CA VAL IA 167 -123.20 -73.71 67.31
C VAL IA 167 -123.95 -73.17 68.53
N ASN IA 168 -123.42 -73.37 69.73
CA ASN IA 168 -124.02 -72.74 70.90
C ASN IA 168 -123.70 -71.26 70.94
N GLY IA 169 -122.43 -70.91 70.67
CA GLY IA 169 -122.07 -69.51 70.56
C GLY IA 169 -122.62 -68.84 69.32
N LYS IA 170 -123.01 -69.62 68.32
CA LYS IA 170 -123.73 -69.07 67.17
C LYS IA 170 -125.08 -68.53 67.61
N THR IA 171 -125.78 -69.29 68.44
CA THR IA 171 -127.09 -68.87 68.91
C THR IA 171 -127.00 -67.80 69.97
N PHE IA 172 -125.99 -67.89 70.85
CA PHE IA 172 -125.92 -66.97 71.98
C PHE IA 172 -125.53 -65.57 71.54
N LEU IA 173 -124.57 -65.47 70.63
CA LEU IA 173 -124.17 -64.15 70.13
C LEU IA 173 -125.26 -63.54 69.28
N GLU IA 174 -126.09 -64.37 68.65
CA GLU IA 174 -127.20 -63.86 67.86
C GLU IA 174 -128.26 -63.22 68.75
N LYS IA 175 -128.43 -63.74 69.97
CA LYS IA 175 -129.40 -63.15 70.88
C LYS IA 175 -128.80 -62.05 71.72
N ARG IA 176 -127.48 -62.02 71.86
CA ARG IA 176 -126.86 -61.04 72.76
C ARG IA 176 -126.34 -59.80 72.03
N TYR IA 177 -125.69 -59.98 70.87
CA TYR IA 177 -125.09 -58.85 70.19
C TYR IA 177 -126.16 -57.99 69.52
N ASN IA 178 -125.75 -56.81 69.09
CA ASN IA 178 -126.63 -55.86 68.45
C ASN IA 178 -125.81 -55.08 67.41
N GLU IA 179 -126.32 -53.92 67.01
CA GLU IA 179 -125.61 -53.11 66.03
C GLU IA 179 -124.39 -52.45 66.64
N ASP IA 180 -124.58 -51.70 67.73
CA ASP IA 180 -123.47 -50.97 68.34
C ASP IA 180 -123.38 -51.21 69.84
N LEU IA 181 -122.15 -51.25 70.33
CA LEU IA 181 -121.83 -51.22 71.74
C LEU IA 181 -120.60 -50.36 71.91
N GLU IA 182 -120.04 -50.35 73.11
CA GLU IA 182 -118.68 -49.88 73.29
C GLU IA 182 -117.75 -51.08 73.29
N LEU IA 183 -116.45 -50.82 73.45
CA LEU IA 183 -115.50 -51.90 73.59
C LEU IA 183 -115.71 -52.64 74.91
N GLU IA 184 -116.06 -51.90 75.96
CA GLU IA 184 -116.20 -52.51 77.28
C GLU IA 184 -117.45 -53.38 77.38
N ASP IA 185 -118.50 -53.05 76.64
CA ASP IA 185 -119.65 -53.93 76.58
C ASP IA 185 -119.34 -55.17 75.77
N ALA IA 186 -118.45 -55.05 74.78
CA ALA IA 186 -118.12 -56.17 73.93
C ALA IA 186 -117.26 -57.20 74.65
N ILE IA 187 -116.36 -56.76 75.53
CA ILE IA 187 -115.56 -57.71 76.30
C ILE IA 187 -116.43 -58.42 77.32
N HIS IA 188 -117.47 -57.72 77.81
CA HIS IA 188 -118.37 -58.32 78.80
C HIS IA 188 -119.17 -59.46 78.19
N THR IA 189 -119.74 -59.24 77.00
CA THR IA 189 -120.44 -60.31 76.32
C THR IA 189 -119.50 -61.31 75.65
N ALA IA 190 -118.21 -61.01 75.53
CA ALA IA 190 -117.30 -62.01 74.99
C ALA IA 190 -116.88 -63.02 76.05
N ILE IA 191 -116.82 -62.59 77.31
CA ILE IA 191 -116.53 -63.53 78.37
C ILE IA 191 -117.77 -64.35 78.70
N LEU IA 192 -118.94 -63.73 78.59
CA LEU IA 192 -120.18 -64.43 78.89
C LEU IA 192 -120.47 -65.53 77.88
N THR IA 193 -120.03 -65.35 76.63
CA THR IA 193 -120.10 -66.47 75.69
C THR IA 193 -118.90 -67.40 75.82
N LEU IA 194 -117.80 -66.94 76.41
CA LEU IA 194 -116.70 -67.84 76.70
C LEU IA 194 -116.95 -68.62 77.99
N LYS IA 195 -117.81 -68.10 78.87
CA LYS IA 195 -118.24 -68.83 80.06
C LYS IA 195 -119.25 -69.91 79.75
N GLU IA 196 -119.68 -70.02 78.48
CA GLU IA 196 -120.65 -71.03 78.11
C GLU IA 196 -120.03 -72.42 78.12
N SER IA 197 -118.79 -72.55 77.64
CA SER IA 197 -118.16 -73.85 77.49
C SER IA 197 -116.86 -73.98 78.26
N PHE IA 198 -116.58 -73.10 79.21
CA PHE IA 198 -115.33 -73.18 79.96
C PHE IA 198 -115.43 -74.26 81.03
N GLU IA 199 -114.38 -74.35 81.85
CA GLU IA 199 -114.36 -75.30 82.95
C GLU IA 199 -115.12 -74.71 84.14
N GLY IA 200 -114.96 -75.34 85.30
CA GLY IA 200 -115.67 -74.89 86.49
C GLY IA 200 -115.18 -73.55 87.02
N GLN IA 201 -113.88 -73.28 86.90
CA GLN IA 201 -113.29 -72.05 87.40
C GLN IA 201 -112.68 -71.28 86.25
N MET IA 202 -113.06 -70.02 86.11
CA MET IA 202 -112.45 -69.11 85.15
C MET IA 202 -111.64 -68.09 85.92
N THR IA 203 -110.34 -68.05 85.64
CA THR IA 203 -109.43 -67.18 86.36
C THR IA 203 -108.85 -66.16 85.39
N GLU IA 204 -107.85 -65.42 85.87
CA GLU IA 204 -107.09 -64.51 85.02
C GLU IA 204 -106.20 -65.24 84.04
N ASP IA 205 -105.98 -66.54 84.21
CA ASP IA 205 -105.05 -67.29 83.39
C ASP IA 205 -105.72 -68.32 82.50
N ASN IA 206 -106.99 -68.64 82.72
CA ASN IA 206 -107.67 -69.57 81.84
C ASN IA 206 -108.13 -68.91 80.55
N ILE IA 207 -108.31 -67.59 80.55
CA ILE IA 207 -108.70 -66.87 79.35
C ILE IA 207 -107.55 -65.95 78.97
N GLU IA 208 -107.64 -65.39 77.77
CA GLU IA 208 -106.57 -64.55 77.24
C GLU IA 208 -107.16 -63.67 76.15
N VAL IA 209 -107.15 -62.35 76.37
CA VAL IA 209 -107.98 -61.40 75.63
C VAL IA 209 -107.09 -60.35 74.98
N GLY IA 210 -107.34 -60.07 73.69
CA GLY IA 210 -106.73 -58.94 73.01
C GLY IA 210 -107.79 -58.04 72.39
N ILE IA 211 -107.48 -56.75 72.31
CA ILE IA 211 -108.41 -55.74 71.80
C ILE IA 211 -107.74 -54.96 70.68
N CYS IA 212 -108.56 -54.15 69.99
CA CYS IA 212 -108.10 -53.22 68.95
C CYS IA 212 -108.67 -51.83 69.22
N ASN IA 213 -107.89 -50.99 69.89
CA ASN IA 213 -108.26 -49.59 69.91
C ASN IA 213 -107.94 -48.96 68.55
N GLU IA 214 -108.47 -47.76 68.35
CA GLU IA 214 -108.00 -46.97 67.22
C GLU IA 214 -106.59 -46.46 67.47
N ALA IA 215 -106.16 -46.40 68.73
CA ALA IA 215 -104.77 -46.15 69.06
C ALA IA 215 -103.86 -47.34 68.78
N GLY IA 216 -104.41 -48.51 68.44
CA GLY IA 216 -103.58 -49.62 68.03
C GLY IA 216 -104.03 -50.96 68.57
N PHE IA 217 -103.28 -52.02 68.26
CA PHE IA 217 -103.55 -53.34 68.78
C PHE IA 217 -102.91 -53.49 70.14
N ARG IA 218 -103.55 -54.27 71.01
CA ARG IA 218 -103.07 -54.50 72.36
C ARG IA 218 -103.68 -55.78 72.91
N ARG IA 219 -102.85 -56.62 73.49
CA ARG IA 219 -103.33 -57.76 74.24
C ARG IA 219 -103.21 -57.46 75.73
N LEU IA 220 -104.14 -57.99 76.50
CA LEU IA 220 -104.32 -57.59 77.89
C LEU IA 220 -103.49 -58.45 78.82
N THR IA 221 -102.94 -57.81 79.83
CA THR IA 221 -102.20 -58.50 80.88
C THR IA 221 -103.18 -59.08 81.89
N PRO IA 222 -102.77 -60.09 82.67
CA PRO IA 222 -103.69 -60.68 83.66
C PRO IA 222 -104.06 -59.76 84.82
N THR IA 223 -103.46 -58.57 84.93
CA THR IA 223 -103.94 -57.60 85.91
C THR IA 223 -105.33 -57.11 85.55
N GLU IA 224 -105.54 -56.74 84.28
CA GLU IA 224 -106.83 -56.21 83.86
C GLU IA 224 -107.90 -57.29 83.80
N VAL IA 225 -107.54 -58.48 83.30
CA VAL IA 225 -108.52 -59.54 83.12
C VAL IA 225 -109.00 -60.08 84.46
N LYS IA 226 -108.15 -60.05 85.48
CA LYS IA 226 -108.63 -60.33 86.82
C LYS IA 226 -109.57 -59.24 87.30
N ASP IA 227 -109.21 -57.98 87.06
CA ASP IA 227 -110.06 -56.87 87.43
C ASP IA 227 -111.28 -56.74 86.53
N TYR IA 228 -111.24 -57.29 85.32
CA TYR IA 228 -112.42 -57.22 84.47
C TYR IA 228 -113.40 -58.34 84.81
N LEU IA 229 -112.89 -59.54 85.09
CA LEU IA 229 -113.73 -60.64 85.54
C LEU IA 229 -114.00 -60.59 87.04
N ALA IA 230 -113.65 -59.47 87.71
CA ALA IA 230 -113.93 -59.29 89.12
C ALA IA 230 -115.42 -59.00 89.28
N ALA IA 231 -116.20 -60.09 89.25
CA ALA IA 231 -117.65 -60.13 89.47
C ALA IA 231 -118.44 -59.27 88.48
N ILE IA 232 -117.84 -58.88 87.36
CA ILE IA 232 -118.61 -58.27 86.26
C ILE IA 232 -119.07 -59.43 85.40
N ALA IA 233 -120.18 -60.05 85.82
CA ALA IA 233 -120.68 -61.34 85.35
C ALA IA 233 -119.61 -62.42 85.36
N SER JA 1 -94.61 -94.46 47.49
CA SER JA 1 -93.69 -94.21 46.39
C SER JA 1 -94.45 -94.05 45.08
N ARG JA 2 -94.65 -95.18 44.40
CA ARG JA 2 -95.37 -95.21 43.13
C ARG JA 2 -96.86 -95.47 43.33
N ARG JA 3 -97.23 -96.14 44.42
CA ARG JA 3 -98.60 -96.62 44.65
C ARG JA 3 -99.55 -95.54 45.14
N TYR JA 4 -99.10 -94.29 45.25
CA TYR JA 4 -99.94 -93.19 45.70
C TYR JA 4 -100.50 -92.40 44.52
N ASP JA 5 -100.70 -93.07 43.39
CA ASP JA 5 -100.96 -92.39 42.12
C ASP JA 5 -102.41 -91.95 42.03
N SER JA 6 -102.61 -90.65 41.84
CA SER JA 6 -103.91 -90.09 41.53
C SER JA 6 -104.07 -90.03 40.01
N ARG JA 7 -105.32 -90.09 39.54
CA ARG JA 7 -105.49 -90.34 38.12
C ARG JA 7 -105.30 -89.08 37.29
N THR JA 8 -106.32 -88.21 37.27
CA THR JA 8 -106.32 -86.83 36.80
C THR JA 8 -106.00 -86.63 35.31
N THR JA 9 -105.55 -87.67 34.61
CA THR JA 9 -105.03 -87.47 33.26
C THR JA 9 -105.30 -88.65 32.34
N ILE JA 10 -106.13 -89.61 32.73
CA ILE JA 10 -106.22 -90.90 32.06
C ILE JA 10 -107.57 -91.00 31.38
N PHE JA 11 -107.56 -91.40 30.11
CA PHE JA 11 -108.76 -91.65 29.32
C PHE JA 11 -109.56 -92.80 29.90
N SER JA 12 -110.84 -92.83 29.53
CA SER JA 12 -111.67 -93.98 29.80
C SER JA 12 -111.39 -95.07 28.79
N PRO JA 13 -111.73 -96.32 29.11
CA PRO JA 13 -111.74 -97.36 28.06
C PRO JA 13 -112.73 -97.09 26.96
N GLU JA 14 -113.78 -96.31 27.22
CA GLU JA 14 -114.70 -95.89 26.17
C GLU JA 14 -114.28 -94.58 25.50
N GLY JA 15 -113.42 -93.79 26.15
CA GLY JA 15 -112.88 -92.61 25.51
C GLY JA 15 -113.24 -91.28 26.14
N ARG JA 16 -113.93 -91.29 27.27
CA ARG JA 16 -114.32 -90.06 27.92
C ARG JA 16 -113.31 -89.69 29.00
N LEU JA 17 -113.52 -88.55 29.65
CA LEU JA 17 -112.57 -88.04 30.63
C LEU JA 17 -113.07 -88.27 32.05
N TYR JA 18 -112.12 -88.48 32.94
CA TYR JA 18 -112.40 -88.96 34.29
C TYR JA 18 -112.74 -87.81 35.24
N GLN JA 19 -111.82 -86.87 35.40
CA GLN JA 19 -112.02 -85.78 36.35
C GLN JA 19 -112.83 -84.63 35.79
N VAL JA 20 -112.78 -84.41 34.48
CA VAL JA 20 -113.43 -83.24 33.89
C VAL JA 20 -114.94 -83.37 33.96
N GLU JA 21 -115.46 -84.58 33.83
CA GLU JA 21 -116.89 -84.79 34.01
C GLU JA 21 -117.30 -84.62 35.46
N TYR JA 22 -116.40 -84.93 36.39
CA TYR JA 22 -116.72 -84.77 37.80
C TYR JA 22 -116.69 -83.31 38.23
N ALA JA 23 -115.79 -82.52 37.65
CA ALA JA 23 -115.64 -81.13 38.06
C ALA JA 23 -116.81 -80.28 37.59
N MET JA 24 -117.43 -80.65 36.47
CA MET JA 24 -118.57 -79.91 35.99
C MET JA 24 -119.84 -80.19 36.80
N GLU JA 25 -119.81 -81.22 37.64
CA GLU JA 25 -120.96 -81.51 38.48
C GLU JA 25 -121.00 -80.64 39.72
N ALA JA 26 -119.84 -80.15 40.19
CA ALA JA 26 -119.83 -79.29 41.36
C ALA JA 26 -120.38 -77.91 41.05
N ILE JA 27 -120.33 -77.49 39.79
CA ILE JA 27 -120.80 -76.17 39.43
C ILE JA 27 -122.32 -76.11 39.47
N GLY JA 28 -122.98 -77.25 39.24
CA GLY JA 28 -124.42 -77.31 39.46
C GLY JA 28 -124.81 -77.15 40.91
N HIS JA 29 -123.92 -77.51 41.82
CA HIS JA 29 -124.12 -77.28 43.25
C HIS JA 29 -123.41 -76.00 43.69
N ALA JA 30 -123.81 -74.90 43.06
CA ALA JA 30 -123.21 -73.60 43.36
C ALA JA 30 -124.28 -72.53 43.17
N GLY JA 31 -123.86 -71.27 43.16
CA GLY JA 31 -124.76 -70.16 42.99
C GLY JA 31 -125.26 -70.03 41.56
N THR JA 32 -126.04 -68.98 41.34
CA THR JA 32 -126.69 -68.75 40.06
C THR JA 32 -126.20 -67.43 39.47
N CYS JA 33 -125.79 -67.47 38.21
CA CYS JA 33 -125.37 -66.29 37.48
C CYS JA 33 -125.95 -66.33 36.07
N LEU JA 34 -126.26 -65.15 35.55
CA LEU JA 34 -126.74 -65.06 34.17
C LEU JA 34 -126.42 -63.68 33.62
N GLY JA 35 -126.76 -63.50 32.34
CA GLY JA 35 -126.54 -62.24 31.66
C GLY JA 35 -127.28 -62.23 30.35
N ILE JA 36 -127.56 -61.03 29.86
CA ILE JA 36 -128.31 -60.86 28.62
C ILE JA 36 -127.75 -59.66 27.88
N LEU JA 37 -127.74 -59.74 26.56
CA LEU JA 37 -127.34 -58.58 25.79
C LEU JA 37 -128.46 -57.55 25.71
N ALA JA 38 -128.09 -56.37 25.24
CA ALA JA 38 -129.02 -55.33 24.85
C ALA JA 38 -128.47 -54.67 23.60
N ASN JA 39 -129.27 -53.79 23.01
CA ASN JA 39 -128.77 -52.98 21.91
C ASN JA 39 -127.81 -51.91 22.40
N ASP JA 40 -127.93 -51.53 23.67
CA ASP JA 40 -127.10 -50.49 24.26
C ASP JA 40 -126.65 -50.86 25.67
N GLY JA 41 -126.39 -52.13 25.93
CA GLY JA 41 -125.82 -52.49 27.20
C GLY JA 41 -125.73 -53.99 27.36
N VAL JA 42 -125.32 -54.38 28.58
CA VAL JA 42 -125.24 -55.78 28.97
C VAL JA 42 -125.28 -55.79 30.49
N LEU JA 43 -125.84 -56.84 31.07
CA LEU JA 43 -126.02 -56.89 32.52
C LEU JA 43 -125.62 -58.26 33.04
N LEU JA 44 -125.47 -58.32 34.35
CA LEU JA 44 -125.22 -59.58 35.05
C LEU JA 44 -126.11 -59.63 36.28
N ALA JA 45 -126.48 -60.84 36.67
CA ALA JA 45 -127.30 -61.06 37.85
C ALA JA 45 -126.72 -62.22 38.63
N ALA JA 46 -126.77 -62.12 39.95
CA ALA JA 46 -126.14 -63.11 40.80
C ALA JA 46 -127.07 -63.45 41.96
N GLU JA 47 -126.85 -64.65 42.50
CA GLU JA 47 -127.60 -65.12 43.66
C GLU JA 47 -126.69 -65.06 44.88
N ARG JA 48 -127.19 -64.48 45.97
CA ARG JA 48 -126.42 -64.40 47.21
C ARG JA 48 -126.53 -65.73 47.93
N ARG JA 49 -125.39 -66.32 48.26
CA ARG JA 49 -125.34 -67.46 49.16
C ARG JA 49 -124.84 -67.00 50.53
N ASN JA 50 -125.32 -67.70 51.57
CA ASN JA 50 -124.98 -67.44 52.97
C ASN JA 50 -125.35 -66.01 53.36
N ILE JA 51 -126.66 -65.78 53.43
CA ILE JA 51 -127.21 -64.46 53.66
C ILE JA 51 -127.55 -64.28 55.14
N HIS JA 52 -126.82 -65.00 56.00
CA HIS JA 52 -127.01 -64.90 57.44
C HIS JA 52 -126.72 -63.48 57.95
N LYS JA 53 -127.39 -63.11 59.04
CA LYS JA 53 -127.43 -61.73 59.51
C LYS JA 53 -126.27 -61.35 60.43
N LEU JA 54 -125.15 -62.05 60.35
CA LEU JA 54 -123.96 -61.66 61.11
C LEU JA 54 -122.77 -61.47 60.20
N LEU JA 55 -123.01 -61.10 58.94
CA LEU JA 55 -121.97 -60.83 57.98
C LEU JA 55 -121.92 -59.34 57.69
N ASP JA 56 -120.99 -58.94 56.84
CA ASP JA 56 -120.73 -57.52 56.61
C ASP JA 56 -120.97 -57.07 55.18
N GLU JA 57 -120.47 -57.84 54.20
CA GLU JA 57 -120.59 -57.54 52.76
C GLU JA 57 -120.05 -56.14 52.41
N VAL JA 58 -118.87 -55.82 52.94
CA VAL JA 58 -118.32 -54.47 52.82
C VAL JA 58 -117.36 -54.39 51.64
N PHE JA 59 -117.39 -55.39 50.77
CA PHE JA 59 -116.52 -55.39 49.60
C PHE JA 59 -117.13 -54.62 48.44
N PHE JA 60 -118.44 -54.33 48.50
CA PHE JA 60 -119.27 -53.69 47.49
C PHE JA 60 -119.40 -54.49 46.19
N SER JA 61 -118.84 -55.71 46.16
CA SER JA 61 -118.89 -56.62 45.03
C SER JA 61 -118.42 -57.98 45.51
N GLU JA 62 -119.21 -59.03 45.27
CA GLU JA 62 -118.85 -60.36 45.76
C GLU JA 62 -118.72 -61.36 44.64
N LYS JA 63 -119.67 -61.40 43.71
CA LYS JA 63 -119.55 -62.22 42.51
C LYS JA 63 -118.94 -61.49 41.33
N ILE JA 64 -119.06 -60.18 41.31
CA ILE JA 64 -118.58 -59.38 40.19
C ILE JA 64 -117.14 -58.97 40.46
N TYR JA 65 -116.31 -58.99 39.43
CA TYR JA 65 -114.93 -58.57 39.55
C TYR JA 65 -114.61 -57.69 38.34
N LYS JA 66 -114.61 -56.37 38.55
CA LYS JA 66 -114.22 -55.44 37.51
C LYS JA 66 -112.75 -55.66 37.19
N LEU JA 67 -112.47 -56.20 36.01
CA LEU JA 67 -111.17 -56.79 35.77
C LEU JA 67 -110.23 -55.94 34.92
N ASN JA 68 -110.66 -55.36 33.80
CA ASN JA 68 -109.68 -54.57 33.06
C ASN JA 68 -109.84 -53.06 33.29
N GLU JA 69 -110.73 -52.45 32.51
CA GLU JA 69 -111.38 -51.18 32.76
C GLU JA 69 -112.83 -51.18 32.31
N ASP JA 70 -113.18 -52.07 31.37
CA ASP JA 70 -114.48 -52.10 30.74
C ASP JA 70 -115.01 -53.52 30.66
N MET JA 71 -114.48 -54.43 31.46
CA MET JA 71 -114.96 -55.80 31.53
C MET JA 71 -115.10 -56.22 32.97
N ALA JA 72 -116.08 -57.07 33.23
CA ALA JA 72 -116.25 -57.68 34.52
C ALA JA 72 -116.58 -59.15 34.31
N CYS JA 73 -116.65 -59.89 35.40
CA CYS JA 73 -116.91 -61.31 35.31
C CYS JA 73 -117.68 -61.77 36.54
N SER JA 74 -118.64 -62.65 36.33
CA SER JA 74 -119.24 -63.37 37.44
C SER JA 74 -118.38 -64.59 37.72
N VAL JA 75 -118.80 -65.45 38.64
CA VAL JA 75 -118.02 -66.62 39.01
C VAL JA 75 -118.97 -67.66 39.59
N ALA JA 76 -118.62 -68.93 39.40
CA ALA JA 76 -119.40 -70.02 39.95
C ALA JA 76 -118.48 -71.22 40.15
N GLY JA 77 -118.62 -71.90 41.27
CA GLY JA 77 -117.78 -73.03 41.56
C GLY JA 77 -117.07 -72.90 42.88
N ILE JA 78 -115.84 -73.43 42.96
CA ILE JA 78 -115.07 -73.32 44.19
C ILE JA 78 -114.59 -71.89 44.34
N THR JA 79 -114.95 -71.27 45.46
CA THR JA 79 -114.63 -69.86 45.68
C THR JA 79 -113.14 -69.67 45.90
N SER JA 80 -112.52 -70.61 46.61
CA SER JA 80 -111.10 -70.50 46.93
C SER JA 80 -110.24 -70.75 45.70
N ASP JA 81 -110.72 -71.55 44.74
CA ASP JA 81 -109.99 -71.76 43.51
C ASP JA 81 -110.14 -70.58 42.56
N ALA JA 82 -111.17 -69.75 42.77
CA ALA JA 82 -111.43 -68.65 41.85
C ALA JA 82 -110.50 -67.47 42.06
N ASN JA 83 -109.91 -67.33 43.24
CA ASN JA 83 -109.04 -66.19 43.49
C ASN JA 83 -107.71 -66.32 42.76
N VAL JA 84 -107.31 -67.54 42.41
CA VAL JA 84 -106.10 -67.74 41.62
C VAL JA 84 -106.34 -67.25 40.20
N LEU JA 85 -107.55 -67.45 39.69
CA LEU JA 85 -107.84 -67.09 38.31
C LEU JA 85 -107.95 -65.58 38.13
N THR JA 86 -108.68 -64.91 39.02
CA THR JA 86 -108.96 -63.50 38.82
C THR JA 86 -107.73 -62.63 39.00
N ASN JA 87 -106.83 -63.02 39.91
CA ASN JA 87 -105.55 -62.32 40.00
C ASN JA 87 -104.69 -62.61 38.78
N GLU JA 88 -104.84 -63.78 38.19
CA GLU JA 88 -104.15 -64.05 36.93
C GLU JA 88 -104.83 -63.33 35.77
N LEU JA 89 -106.16 -63.29 35.78
CA LEU JA 89 -106.90 -62.73 34.65
C LEU JA 89 -106.73 -61.22 34.58
N ARG JA 90 -106.59 -60.55 35.72
CA ARG JA 90 -106.35 -59.11 35.71
C ARG JA 90 -104.97 -58.78 35.19
N LEU JA 91 -104.04 -59.72 35.30
CA LEU JA 91 -102.67 -59.44 34.96
C LEU JA 91 -102.41 -59.73 33.48
N ILE JA 92 -103.21 -60.60 32.88
CA ILE JA 92 -103.13 -60.83 31.44
C ILE JA 92 -103.60 -59.60 30.69
N ALA JA 93 -104.72 -59.01 31.11
CA ALA JA 93 -105.24 -57.81 30.47
C ALA JA 93 -104.33 -56.61 30.68
N GLN JA 94 -103.54 -56.63 31.75
CA GLN JA 94 -102.69 -55.51 32.05
C GLN JA 94 -101.32 -55.62 31.38
N ARG JA 95 -100.80 -56.84 31.20
CA ARG JA 95 -99.55 -56.97 30.45
C ARG JA 95 -99.77 -56.79 28.96
N TYR JA 96 -101.02 -56.89 28.49
CA TYR JA 96 -101.33 -56.55 27.11
C TYR JA 96 -101.23 -55.07 26.88
N LEU JA 97 -101.74 -54.27 27.82
CA LEU JA 97 -101.74 -52.82 27.68
C LEU JA 97 -100.32 -52.26 27.77
N LEU JA 98 -99.44 -52.92 28.51
CA LEU JA 98 -98.04 -52.54 28.47
C LEU JA 98 -97.42 -52.79 27.11
N GLN JA 99 -97.93 -53.78 26.39
CA GLN JA 99 -97.30 -54.21 25.15
C GLN JA 99 -97.78 -53.41 23.93
N TYR JA 100 -99.06 -53.08 23.86
CA TYR JA 100 -99.61 -52.40 22.69
C TYR JA 100 -100.19 -51.02 22.98
N GLN JA 101 -100.43 -50.68 24.24
CA GLN JA 101 -101.06 -49.43 24.68
C GLN JA 101 -102.45 -49.25 24.04
N GLU JA 102 -103.25 -50.30 24.13
CA GLU JA 102 -104.61 -50.36 23.64
C GLU JA 102 -105.28 -51.46 24.45
N PRO JA 103 -106.53 -51.32 24.86
CA PRO JA 103 -107.14 -52.34 25.72
C PRO JA 103 -107.36 -53.66 24.99
N ILE JA 104 -107.50 -54.71 25.79
CA ILE JA 104 -107.58 -56.07 25.27
C ILE JA 104 -108.96 -56.29 24.65
N PRO JA 105 -109.04 -56.82 23.45
CA PRO JA 105 -110.33 -56.85 22.75
C PRO JA 105 -111.24 -58.02 23.08
N CYS JA 106 -111.36 -58.38 24.35
CA CYS JA 106 -112.50 -59.12 24.90
C CYS JA 106 -112.69 -60.56 24.42
N GLU JA 107 -111.90 -61.05 23.46
CA GLU JA 107 -111.93 -62.47 23.11
C GLU JA 107 -110.62 -63.15 23.45
N GLN JA 108 -109.51 -62.56 23.00
CA GLN JA 108 -108.21 -63.16 23.26
C GLN JA 108 -107.78 -63.00 24.71
N LEU JA 109 -108.51 -62.24 25.52
CA LEU JA 109 -108.41 -62.39 26.96
C LEU JA 109 -108.93 -63.74 27.39
N VAL JA 110 -110.07 -64.16 26.83
CA VAL JA 110 -110.72 -65.39 27.26
C VAL JA 110 -109.92 -66.60 26.83
N THR JA 111 -109.36 -66.56 25.62
CA THR JA 111 -108.52 -67.67 25.16
C THR JA 111 -107.22 -67.73 25.94
N ALA JA 112 -106.75 -66.60 26.45
CA ALA JA 112 -105.56 -66.60 27.29
C ALA JA 112 -105.83 -67.28 28.62
N LEU JA 113 -107.03 -67.14 29.17
CA LEU JA 113 -107.34 -67.84 30.40
C LEU JA 113 -107.64 -69.30 30.12
N CYS JA 114 -108.43 -69.57 29.07
CA CYS JA 114 -108.88 -70.93 28.79
C CYS JA 114 -107.75 -71.85 28.38
N ASP JA 115 -106.64 -71.31 27.90
CA ASP JA 115 -105.48 -72.14 27.66
C ASP JA 115 -104.73 -72.45 28.96
N ILE JA 116 -104.84 -71.57 29.96
CA ILE JA 116 -104.30 -71.89 31.28
C ILE JA 116 -105.17 -72.93 31.96
N LYS JA 117 -106.49 -72.77 31.88
CA LYS JA 117 -107.41 -73.70 32.51
C LYS JA 117 -107.36 -75.07 31.87
N GLN JA 118 -107.09 -75.12 30.56
CA GLN JA 118 -106.92 -76.38 29.88
C GLN JA 118 -105.67 -77.11 30.35
N ALA JA 119 -104.59 -76.36 30.58
CA ALA JA 119 -103.26 -76.95 30.77
C ALA JA 119 -103.14 -77.78 32.03
N TYR JA 120 -104.05 -77.65 32.98
CA TYR JA 120 -104.01 -78.55 34.12
C TYR JA 120 -104.67 -79.89 33.82
N THR JA 121 -105.39 -80.01 32.70
CA THR JA 121 -105.89 -81.31 32.27
C THR JA 121 -104.86 -82.06 31.46
N GLN JA 122 -103.95 -81.34 30.83
CA GLN JA 122 -102.75 -81.91 30.24
C GLN JA 122 -101.66 -82.10 31.28
N PHE JA 123 -100.41 -82.09 30.81
CA PHE JA 123 -99.20 -82.44 31.56
C PHE JA 123 -99.15 -81.85 32.96
N GLY JA 124 -98.61 -82.64 33.88
CA GLY JA 124 -98.58 -82.27 35.28
C GLY JA 124 -99.78 -82.84 36.01
N GLY JA 125 -99.56 -83.83 36.87
CA GLY JA 125 -100.67 -84.39 37.60
C GLY JA 125 -101.13 -83.44 38.69
N LYS JA 126 -102.24 -82.76 38.43
CA LYS JA 126 -102.76 -81.74 39.32
C LYS JA 126 -104.27 -81.71 39.21
N ARG JA 127 -104.87 -80.91 40.03
CA ARG JA 127 -106.31 -80.80 40.09
C ARG JA 127 -106.79 -79.70 39.14
N PRO JA 128 -107.80 -79.94 38.32
CA PRO JA 128 -108.28 -78.90 37.41
C PRO JA 128 -109.07 -77.84 38.15
N PHE JA 129 -109.38 -76.76 37.42
CA PHE JA 129 -110.18 -75.69 37.99
C PHE JA 129 -111.65 -76.07 37.98
N GLY JA 130 -112.27 -76.03 39.15
CA GLY JA 130 -113.71 -76.26 39.22
C GLY JA 130 -114.49 -74.97 39.19
N VAL JA 131 -114.20 -74.11 38.20
CA VAL JA 131 -114.80 -72.79 38.12
C VAL JA 131 -115.25 -72.55 36.69
N SER JA 132 -116.54 -72.28 36.50
CA SER JA 132 -117.07 -71.66 35.30
C SER JA 132 -117.41 -70.22 35.63
N LEU JA 133 -117.27 -69.34 34.64
CA LEU JA 133 -117.46 -67.92 34.92
C LEU JA 133 -117.86 -67.21 33.63
N LEU JA 134 -118.49 -66.05 33.80
CA LEU JA 134 -119.06 -65.28 32.71
C LEU JA 134 -118.13 -64.17 32.27
N TYR JA 135 -118.53 -63.45 31.23
CA TYR JA 135 -117.76 -62.34 30.69
C TYR JA 135 -118.70 -61.31 30.10
N ILE JA 136 -118.48 -60.05 30.43
CA ILE JA 136 -119.18 -58.95 29.78
C ILE JA 136 -118.13 -57.94 29.34
N GLY JA 137 -118.41 -57.18 28.28
CA GLY JA 137 -117.46 -56.18 27.88
C GLY JA 137 -117.85 -55.49 26.60
N TRP JA 138 -116.93 -54.68 26.10
CA TRP JA 138 -117.10 -53.88 24.90
C TRP JA 138 -115.75 -53.72 24.22
N ASP JA 139 -115.74 -53.70 22.90
CA ASP JA 139 -114.49 -53.51 22.17
C ASP JA 139 -114.76 -52.64 20.96
N LYS JA 140 -113.72 -52.48 20.13
CA LYS JA 140 -113.82 -51.73 18.90
C LYS JA 140 -114.45 -52.53 17.78
N HIS JA 141 -114.29 -53.86 17.81
CA HIS JA 141 -114.56 -54.68 16.65
C HIS JA 141 -115.95 -55.29 16.64
N TYR JA 142 -116.52 -55.59 17.79
CA TYR JA 142 -117.84 -56.20 17.81
C TYR JA 142 -118.81 -55.57 18.79
N GLY JA 143 -118.35 -54.79 19.75
CA GLY JA 143 -119.26 -54.19 20.71
C GLY JA 143 -119.54 -55.06 21.91
N PHE JA 144 -120.80 -55.11 22.31
CA PHE JA 144 -121.19 -55.79 23.53
C PHE JA 144 -121.22 -57.30 23.33
N GLN JA 145 -120.70 -58.02 24.32
CA GLN JA 145 -120.44 -59.45 24.16
C GLN JA 145 -120.71 -60.20 25.47
N LEU JA 146 -120.98 -61.49 25.34
CA LEU JA 146 -121.03 -62.43 26.45
C LEU JA 146 -120.19 -63.65 26.10
N TYR JA 147 -119.55 -64.23 27.11
CA TYR JA 147 -118.80 -65.46 26.92
C TYR JA 147 -119.00 -66.37 28.13
N GLN JA 148 -118.64 -67.64 27.94
CA GLN JA 148 -118.99 -68.71 28.87
C GLN JA 148 -117.79 -69.62 29.07
N SER JA 149 -117.14 -69.53 30.21
CA SER JA 149 -115.99 -70.38 30.46
C SER JA 149 -116.43 -71.73 31.01
N ASP JA 150 -115.59 -72.73 30.79
CA ASP JA 150 -115.82 -74.09 31.24
C ASP JA 150 -114.55 -74.61 31.88
N PRO JA 151 -114.65 -75.62 32.75
CA PRO JA 151 -113.43 -76.25 33.26
C PRO JA 151 -112.63 -76.98 32.20
N SER JA 152 -113.26 -77.44 31.13
CA SER JA 152 -112.53 -78.09 30.05
C SER JA 152 -111.67 -77.13 29.27
N GLY JA 153 -111.98 -75.84 29.30
CA GLY JA 153 -111.32 -74.86 28.46
C GLY JA 153 -112.14 -74.42 27.28
N ASN JA 154 -113.30 -75.03 27.06
CA ASN JA 154 -114.16 -74.64 25.96
C ASN JA 154 -114.90 -73.37 26.31
N TYR JA 155 -115.10 -72.50 25.32
CA TYR JA 155 -115.86 -71.28 25.51
C TYR JA 155 -116.82 -71.08 24.35
N GLY JA 156 -117.86 -70.29 24.60
CA GLY JA 156 -118.81 -69.95 23.57
C GLY JA 156 -119.36 -68.55 23.80
N GLY JA 157 -119.70 -67.89 22.70
CA GLY JA 157 -120.29 -66.58 22.78
C GLY JA 157 -121.80 -66.62 22.70
N TRP JA 158 -122.46 -66.25 23.79
CA TRP JA 158 -123.89 -66.43 23.95
C TRP JA 158 -124.61 -65.09 23.92
N LYS JA 159 -125.95 -65.17 23.89
CA LYS JA 159 -126.79 -64.00 24.11
C LYS JA 159 -127.64 -64.13 25.36
N ALA JA 160 -127.75 -65.33 25.92
CA ALA JA 160 -128.36 -65.55 27.22
C ALA JA 160 -127.72 -66.80 27.78
N THR JA 161 -127.25 -66.74 29.02
CA THR JA 161 -126.34 -67.75 29.52
C THR JA 161 -126.95 -68.47 30.73
N CYS JA 162 -126.13 -69.31 31.36
CA CYS JA 162 -126.65 -70.42 32.14
C CYS JA 162 -125.68 -70.85 33.23
N ILE JA 163 -126.24 -71.24 34.37
CA ILE JA 163 -125.61 -72.14 35.33
C ILE JA 163 -126.50 -73.39 35.37
N GLY JA 164 -125.90 -74.54 35.63
CA GLY JA 164 -126.47 -75.81 35.22
C GLY JA 164 -127.52 -76.37 36.16
N ASN JA 165 -127.18 -77.43 36.90
CA ASN JA 165 -128.12 -78.17 37.76
C ASN JA 165 -128.83 -77.28 38.79
N ASN JA 166 -128.22 -76.14 39.15
CA ASN JA 166 -128.94 -75.11 39.87
C ASN JA 166 -130.07 -74.54 39.02
N SER JA 167 -129.76 -74.11 37.79
CA SER JA 167 -130.68 -73.25 37.06
C SER JA 167 -130.74 -73.59 35.57
N ALA JA 168 -130.75 -74.87 35.20
CA ALA JA 168 -130.86 -75.23 33.79
C ALA JA 168 -132.24 -74.93 33.22
N ALA JA 169 -133.26 -74.83 34.07
CA ALA JA 169 -134.61 -74.55 33.61
C ALA JA 169 -134.82 -73.09 33.25
N ALA JA 170 -133.87 -72.21 33.57
CA ALA JA 170 -134.01 -70.81 33.21
C ALA JA 170 -133.87 -70.61 31.71
N VAL JA 171 -133.04 -71.43 31.06
CA VAL JA 171 -132.79 -71.31 29.63
C VAL JA 171 -134.05 -71.64 28.85
N SER JA 172 -134.85 -72.57 29.37
CA SER JA 172 -136.16 -72.85 28.78
C SER JA 172 -137.07 -71.64 28.85
N MET JA 173 -136.95 -70.84 29.91
CA MET JA 173 -137.64 -69.55 29.92
C MET JA 173 -136.95 -68.57 28.99
N LEU JA 174 -135.62 -68.59 28.93
CA LEU JA 174 -134.89 -67.66 28.08
C LEU JA 174 -135.11 -67.95 26.60
N LYS JA 175 -135.29 -69.20 26.22
CA LYS JA 175 -135.66 -69.48 24.84
C LYS JA 175 -137.10 -69.08 24.55
N GLN JA 176 -137.92 -68.90 25.57
CA GLN JA 176 -139.31 -68.53 25.39
C GLN JA 176 -139.51 -67.02 25.36
N ASP JA 177 -138.72 -66.27 26.12
CA ASP JA 177 -139.05 -64.87 26.37
C ASP JA 177 -137.93 -63.88 26.03
N TYR JA 178 -136.91 -64.30 25.29
CA TYR JA 178 -135.91 -63.37 24.81
C TYR JA 178 -136.19 -63.09 23.34
N LYS JA 179 -136.65 -61.88 23.07
CA LYS JA 179 -136.90 -61.45 21.70
C LYS JA 179 -135.62 -60.95 21.08
N GLU JA 180 -135.45 -61.25 19.80
CA GLU JA 180 -134.21 -60.97 19.10
C GLU JA 180 -134.26 -59.58 18.47
N GLY JA 181 -133.12 -58.89 18.46
CA GLY JA 181 -133.01 -57.61 17.82
C GLY JA 181 -133.22 -56.46 18.78
N GLU JA 182 -134.41 -56.36 19.33
CA GLU JA 182 -134.70 -55.36 20.35
C GLU JA 182 -134.61 -56.02 21.72
N MET JA 183 -133.67 -55.54 22.54
CA MET JA 183 -133.45 -56.17 23.84
C MET JA 183 -133.05 -55.17 24.91
N THR JA 184 -133.60 -53.95 24.88
CA THR JA 184 -133.12 -52.81 25.67
C THR JA 184 -133.19 -53.07 27.17
N LEU JA 185 -132.57 -52.15 27.92
CA LEU JA 185 -132.19 -52.39 29.32
C LEU JA 185 -133.40 -52.60 30.22
N LYS JA 186 -134.39 -51.70 30.13
CA LYS JA 186 -135.57 -51.84 30.95
C LYS JA 186 -136.41 -53.04 30.54
N SER JA 187 -136.35 -53.42 29.27
CA SER JA 187 -136.91 -54.70 28.87
C SER JA 187 -136.07 -55.85 29.39
N ALA JA 188 -134.76 -55.65 29.50
CA ALA JA 188 -133.89 -56.71 29.98
C ALA JA 188 -133.91 -56.83 31.50
N LEU JA 189 -134.03 -55.70 32.21
CA LEU JA 189 -134.08 -55.74 33.67
C LEU JA 189 -135.38 -56.37 34.16
N ALA JA 190 -136.48 -56.10 33.47
CA ALA JA 190 -137.75 -56.72 33.83
C ALA JA 190 -137.75 -58.21 33.51
N LEU JA 191 -136.92 -58.63 32.56
CA LEU JA 191 -136.82 -60.04 32.23
C LEU JA 191 -136.08 -60.81 33.32
N ALA JA 192 -134.99 -60.23 33.83
CA ALA JA 192 -134.13 -60.95 34.75
C ALA JA 192 -134.76 -61.10 36.13
N ILE JA 193 -135.57 -60.13 36.56
CA ILE JA 193 -136.25 -60.26 37.85
C ILE JA 193 -137.34 -61.32 37.76
N LYS JA 194 -137.83 -61.60 36.55
CA LYS JA 194 -138.79 -62.69 36.37
C LYS JA 194 -138.10 -64.05 36.38
N VAL JA 195 -136.88 -64.13 35.83
CA VAL JA 195 -136.18 -65.40 35.75
C VAL JA 195 -135.70 -65.83 37.13
N LEU JA 196 -135.10 -64.91 37.88
CA LEU JA 196 -134.62 -65.23 39.23
C LEU JA 196 -135.76 -65.46 40.21
N ASN JA 197 -136.98 -65.02 39.88
CA ASN JA 197 -138.13 -65.38 40.68
C ASN JA 197 -138.42 -66.87 40.55
N LYS JA 198 -138.15 -67.46 39.38
CA LYS JA 198 -138.42 -68.88 39.19
C LYS JA 198 -137.32 -69.75 39.78
N THR JA 199 -136.06 -69.44 39.46
CA THR JA 199 -134.97 -70.33 39.79
C THR JA 199 -134.60 -70.24 41.27
N MET JA 200 -134.29 -69.04 41.73
CA MET JA 200 -134.09 -68.82 43.16
C MET JA 200 -135.42 -68.96 43.85
N ASP JA 201 -135.60 -70.04 44.61
CA ASP JA 201 -136.90 -70.41 45.17
C ASP JA 201 -137.22 -69.68 46.46
N VAL JA 202 -136.55 -68.57 46.74
CA VAL JA 202 -136.97 -67.69 47.82
C VAL JA 202 -138.29 -67.05 47.45
N SER JA 203 -139.31 -67.28 48.28
CA SER JA 203 -140.60 -66.66 48.05
C SER JA 203 -140.51 -65.16 48.31
N LYS JA 204 -141.22 -64.38 47.50
CA LYS JA 204 -141.37 -62.93 47.51
C LYS JA 204 -140.10 -62.17 47.14
N LEU JA 205 -138.98 -62.86 46.88
CA LEU JA 205 -137.74 -62.32 46.29
C LEU JA 205 -137.18 -61.18 47.14
N SER JA 206 -136.64 -61.57 48.29
CA SER JA 206 -135.89 -60.65 49.14
C SER JA 206 -134.77 -59.98 48.36
N ALA JA 207 -134.67 -58.66 48.49
CA ALA JA 207 -133.75 -57.89 47.67
C ALA JA 207 -132.29 -58.11 48.05
N GLU JA 208 -132.02 -58.64 49.23
CA GLU JA 208 -130.66 -58.92 49.66
C GLU JA 208 -130.18 -60.30 49.25
N LYS JA 209 -130.98 -61.03 48.47
CA LYS JA 209 -130.57 -62.31 47.94
C LYS JA 209 -130.12 -62.21 46.48
N VAL JA 210 -130.12 -61.01 45.91
CA VAL JA 210 -129.76 -60.81 44.52
C VAL JA 210 -128.68 -59.73 44.43
N GLU JA 211 -128.12 -59.61 43.23
CA GLU JA 211 -127.06 -58.65 42.96
C GLU JA 211 -127.01 -58.45 41.46
N ILE JA 212 -127.08 -57.19 41.01
CA ILE JA 212 -127.17 -56.88 39.59
C ILE JA 212 -126.11 -55.85 39.26
N ALA JA 213 -125.32 -56.11 38.23
CA ALA JA 213 -124.35 -55.14 37.71
C ALA JA 213 -124.54 -55.01 36.22
N THR JA 214 -124.48 -53.79 35.72
CA THR JA 214 -124.72 -53.47 34.32
C THR JA 214 -123.51 -52.78 33.72
N LEU JA 215 -123.57 -52.59 32.41
CA LEU JA 215 -122.49 -51.94 31.66
C LEU JA 215 -123.12 -51.21 30.49
N THR JA 216 -122.86 -49.90 30.40
CA THR JA 216 -123.35 -49.08 29.30
C THR JA 216 -122.18 -48.29 28.71
N ARG JA 217 -122.16 -48.21 27.39
CA ARG JA 217 -121.20 -47.37 26.69
C ARG JA 217 -121.73 -45.95 26.74
N GLU JA 218 -120.99 -45.05 27.38
CA GLU JA 218 -121.48 -43.71 27.66
C GLU JA 218 -120.38 -42.70 27.33
N ASN JA 219 -120.54 -42.02 26.20
CA ASN JA 219 -119.76 -40.87 25.75
C ASN JA 219 -118.28 -41.16 25.61
N GLY JA 220 -117.89 -42.42 25.45
CA GLY JA 220 -116.51 -42.80 25.40
C GLY JA 220 -115.89 -43.16 26.74
N LYS JA 221 -116.62 -43.84 27.61
CA LYS JA 221 -116.11 -44.19 28.93
C LYS JA 221 -116.29 -45.66 29.29
N THR JA 222 -117.39 -46.27 28.86
CA THR JA 222 -117.82 -47.62 29.22
C THR JA 222 -117.88 -47.79 30.74
N VAL JA 223 -118.84 -47.09 31.34
CA VAL JA 223 -119.03 -47.20 32.78
C VAL JA 223 -119.56 -48.58 33.15
N ILE JA 224 -119.21 -49.02 34.35
CA ILE JA 224 -119.68 -50.29 34.89
C ILE JA 224 -120.49 -49.96 36.14
N ARG JA 225 -121.81 -50.12 36.04
CA ARG JA 225 -122.72 -49.69 37.08
C ARG JA 225 -123.09 -50.87 37.96
N VAL JA 226 -122.55 -50.92 39.16
CA VAL JA 226 -122.96 -51.88 40.18
C VAL JA 226 -124.09 -51.19 40.95
N LEU JA 227 -125.32 -51.48 40.58
CA LEU JA 227 -126.46 -50.72 41.08
C LEU JA 227 -126.80 -51.10 42.52
N LYS JA 228 -127.20 -50.11 43.30
CA LYS JA 228 -127.34 -50.24 44.74
C LYS JA 228 -128.70 -50.84 45.10
N GLN JA 229 -128.96 -50.95 46.40
CA GLN JA 229 -130.12 -51.69 46.89
C GLN JA 229 -131.42 -50.92 46.80
N LYS JA 230 -131.37 -49.59 46.66
CA LYS JA 230 -132.59 -48.81 46.62
C LYS JA 230 -133.37 -49.02 45.34
N GLU JA 231 -132.67 -49.25 44.22
CA GLU JA 231 -133.31 -49.47 42.94
C GLU JA 231 -133.55 -50.94 42.63
N VAL JA 232 -133.01 -51.86 43.44
CA VAL JA 232 -133.49 -53.22 43.41
C VAL JA 232 -134.91 -53.29 43.91
N GLU JA 233 -135.25 -52.42 44.87
CA GLU JA 233 -136.59 -52.38 45.47
C GLU JA 233 -137.64 -52.00 44.44
N GLN JA 234 -137.41 -50.92 43.69
CA GLN JA 234 -138.36 -50.52 42.67
C GLN JA 234 -138.37 -51.46 41.48
N LEU JA 235 -137.28 -52.22 41.28
CA LEU JA 235 -137.30 -53.28 40.29
C LEU JA 235 -138.22 -54.41 40.72
N ILE JA 236 -138.28 -54.69 42.01
CA ILE JA 236 -139.23 -55.68 42.52
C ILE JA 236 -140.64 -55.14 42.45
N LYS JA 237 -140.84 -53.88 42.85
CA LYS JA 237 -142.17 -53.27 42.80
C LYS JA 237 -142.68 -53.10 41.38
N LYS JA 238 -141.79 -53.00 40.40
CA LYS JA 238 -142.22 -53.08 39.01
C LYS JA 238 -142.74 -54.47 38.68
N HIS JA 239 -142.09 -55.50 39.21
CA HIS JA 239 -142.55 -56.87 38.99
C HIS JA 239 -143.79 -57.18 39.81
N GLU JA 240 -144.06 -56.42 40.87
CA GLU JA 240 -145.25 -56.64 41.69
C GLU JA 240 -146.53 -56.34 40.94
N GLU JA 241 -146.51 -55.37 40.02
CA GLU JA 241 -147.69 -55.08 39.22
C GLU JA 241 -147.95 -56.19 38.22
N GLU JA 242 -146.91 -56.90 37.80
CA GLU JA 242 -147.06 -57.95 36.80
C GLU JA 242 -147.76 -59.19 37.34
N GLU JA 243 -147.87 -59.32 38.66
CA GLU JA 243 -148.72 -60.35 39.23
C GLU JA 243 -150.19 -59.99 39.06
N ALA JA 244 -150.53 -58.72 39.24
CA ALA JA 244 -151.93 -58.30 39.21
C ALA JA 244 -152.50 -58.35 37.80
N LYS JA 245 -151.68 -58.02 36.80
CA LYS JA 245 -152.11 -58.13 35.42
C LYS JA 245 -152.24 -59.59 34.99
N ALA JA 246 -151.49 -60.51 35.62
CA ALA JA 246 -151.45 -61.90 35.19
C ALA JA 246 -152.75 -62.64 35.45
N GLU JA 247 -153.63 -62.12 36.31
CA GLU JA 247 -154.91 -62.74 36.57
C GLU JA 247 -156.07 -62.04 35.88
N ARG JA 248 -155.82 -60.90 35.22
CA ARG JA 248 -156.90 -60.18 34.57
C ARG JA 248 -157.39 -60.88 33.32
N GLU JA 249 -156.52 -61.64 32.66
CA GLU JA 249 -156.84 -62.31 31.41
C GLU JA 249 -157.51 -63.66 31.61
N LYS JA 250 -157.95 -63.97 32.84
CA LYS JA 250 -158.63 -65.22 33.13
C LYS JA 250 -160.11 -65.13 32.79
N SER KA 1 -99.77 -105.01 31.42
CA SER KA 1 -100.92 -105.75 30.93
C SER KA 1 -102.20 -104.97 31.21
N TYR KA 2 -102.10 -104.00 32.11
CA TYR KA 2 -103.23 -103.18 32.52
C TYR KA 2 -103.52 -102.11 31.46
N ASP KA 3 -104.46 -101.22 31.77
CA ASP KA 3 -104.90 -100.19 30.84
C ASP KA 3 -104.88 -98.79 31.46
N ARG KA 4 -103.99 -98.52 32.39
CA ARG KA 4 -103.99 -97.22 33.06
C ARG KA 4 -102.60 -96.58 33.06
N ALA KA 5 -101.80 -96.90 32.05
CA ALA KA 5 -100.51 -96.25 31.87
C ALA KA 5 -100.16 -96.24 30.39
N ILE KA 6 -99.28 -95.32 30.01
CA ILE KA 6 -98.95 -95.13 28.61
C ILE KA 6 -97.60 -95.72 28.24
N THR KA 7 -96.70 -95.91 29.20
CA THR KA 7 -95.41 -96.52 28.95
C THR KA 7 -95.45 -98.04 29.07
N VAL KA 8 -96.63 -98.63 29.23
CA VAL KA 8 -96.75 -100.06 29.43
C VAL KA 8 -97.22 -100.69 28.12
N PHE KA 9 -96.77 -101.91 27.89
CA PHE KA 9 -97.22 -102.69 26.75
C PHE KA 9 -98.15 -103.78 27.25
N SER KA 10 -98.94 -104.31 26.34
CA SER KA 10 -99.79 -105.44 26.64
C SER KA 10 -98.96 -106.72 26.49
N PRO KA 11 -99.45 -107.86 26.97
CA PRO KA 11 -98.76 -109.12 26.65
C PRO KA 11 -98.84 -109.51 25.20
N ASP KA 12 -99.80 -108.98 24.44
CA ASP KA 12 -99.81 -109.14 22.99
C ASP KA 12 -99.37 -107.88 22.26
N GLY KA 13 -98.74 -106.94 22.96
CA GLY KA 13 -98.07 -105.82 22.32
C GLY KA 13 -98.97 -104.70 21.85
N HIS KA 14 -99.69 -104.08 22.78
CA HIS KA 14 -100.58 -102.97 22.45
C HIS KA 14 -100.33 -101.80 23.37
N LEU KA 15 -100.77 -100.62 22.92
CA LEU KA 15 -100.79 -99.39 23.69
C LEU KA 15 -102.24 -98.96 23.76
N PHE KA 16 -102.95 -99.42 24.80
CA PHE KA 16 -104.39 -99.22 24.85
C PHE KA 16 -104.75 -97.77 25.12
N GLN KA 17 -103.91 -97.04 25.85
CA GLN KA 17 -104.21 -95.64 26.12
C GLN KA 17 -104.06 -94.78 24.87
N VAL KA 18 -103.22 -95.17 23.93
CA VAL KA 18 -103.22 -94.51 22.64
C VAL KA 18 -104.44 -94.95 21.85
N GLU KA 19 -104.86 -96.21 22.03
CA GLU KA 19 -106.05 -96.69 21.35
C GLU KA 19 -107.32 -96.11 21.96
N TYR KA 20 -107.28 -95.72 23.24
CA TYR KA 20 -108.44 -95.07 23.83
C TYR KA 20 -108.55 -93.62 23.39
N ALA KA 21 -107.47 -93.04 22.87
CA ALA KA 21 -107.56 -91.70 22.31
C ALA KA 21 -108.34 -91.70 21.01
N GLN KA 22 -108.23 -92.77 20.21
CA GLN KA 22 -108.94 -92.83 18.94
C GLN KA 22 -110.42 -93.04 19.12
N GLU KA 23 -110.85 -93.51 20.30
CA GLU KA 23 -112.28 -93.61 20.58
C GLU KA 23 -112.89 -92.24 20.82
N ALA KA 24 -112.12 -91.32 21.43
CA ALA KA 24 -112.63 -89.99 21.69
C ALA KA 24 -112.81 -89.17 20.42
N VAL KA 25 -112.10 -89.54 19.35
CA VAL KA 25 -112.30 -88.88 18.06
C VAL KA 25 -113.66 -89.24 17.49
N LYS KA 26 -114.12 -90.46 17.74
CA LYS KA 26 -115.38 -90.93 17.19
C LYS KA 26 -116.61 -90.30 17.83
N LYS KA 27 -116.45 -89.53 18.91
CA LYS KA 27 -117.56 -88.79 19.50
C LYS KA 27 -117.65 -87.37 18.97
N GLY KA 28 -116.99 -87.07 17.85
CA GLY KA 28 -116.96 -85.75 17.29
C GLY KA 28 -117.84 -85.64 16.06
N SER KA 29 -118.02 -84.41 15.61
CA SER KA 29 -118.76 -84.15 14.39
C SER KA 29 -117.96 -84.62 13.19
N THR KA 30 -118.67 -85.00 12.14
CA THR KA 30 -118.03 -85.51 10.95
C THR KA 30 -117.55 -84.38 10.06
N ALA KA 31 -116.44 -84.61 9.40
CA ALA KA 31 -115.97 -83.70 8.36
C ALA KA 31 -115.37 -84.54 7.25
N VAL KA 32 -115.59 -84.11 6.02
CA VAL KA 32 -115.10 -84.81 4.84
C VAL KA 32 -114.21 -83.85 4.06
N GLY KA 33 -113.57 -84.39 3.04
CA GLY KA 33 -112.71 -83.56 2.22
C GLY KA 33 -112.14 -84.31 1.05
N VAL KA 34 -112.21 -83.72 -0.13
CA VAL KA 34 -111.60 -84.28 -1.33
C VAL KA 34 -110.68 -83.21 -1.91
N ARG KA 35 -109.80 -83.65 -2.80
CA ARG KA 35 -109.07 -82.75 -3.66
C ARG KA 35 -109.68 -82.83 -5.05
N GLY KA 36 -109.68 -81.71 -5.76
CA GLY KA 36 -110.21 -81.64 -7.10
C GLY KA 36 -109.11 -81.63 -8.15
N ARG KA 37 -109.46 -81.11 -9.31
CA ARG KA 37 -108.46 -80.89 -10.34
C ARG KA 37 -107.60 -79.68 -10.00
N ASP KA 38 -108.24 -78.57 -9.65
CA ASP KA 38 -107.52 -77.36 -9.26
C ASP KA 38 -108.03 -76.83 -7.93
N ILE KA 39 -109.35 -76.96 -7.69
CA ILE KA 39 -109.98 -76.39 -6.51
C ILE KA 39 -110.26 -77.50 -5.52
N VAL KA 40 -109.70 -77.38 -4.32
CA VAL KA 40 -109.92 -78.32 -3.25
C VAL KA 40 -111.15 -77.91 -2.47
N VAL KA 41 -111.68 -78.84 -1.67
CA VAL KA 41 -112.92 -78.59 -0.94
C VAL KA 41 -112.94 -79.47 0.29
N LEU KA 42 -113.53 -78.95 1.36
CA LEU KA 42 -113.84 -79.72 2.55
C LEU KA 42 -115.11 -79.14 3.14
N GLY KA 43 -115.71 -79.89 4.03
CA GLY KA 43 -116.94 -79.45 4.67
C GLY KA 43 -117.13 -80.14 6.00
N VAL KA 44 -117.83 -79.46 6.90
CA VAL KA 44 -118.12 -80.01 8.21
C VAL KA 44 -119.63 -80.18 8.30
N GLU KA 45 -120.05 -81.04 9.22
CA GLU KA 45 -121.47 -81.30 9.47
C GLU KA 45 -121.75 -81.12 10.94
N LYS KA 46 -123.02 -81.31 11.30
CA LYS KA 46 -123.52 -81.26 12.68
C LYS KA 46 -123.24 -79.91 13.34
N LYS KA 47 -123.83 -78.86 12.77
CA LYS KA 47 -123.71 -77.54 13.36
C LYS KA 47 -124.50 -77.47 14.66
N SER KA 48 -125.84 -77.61 14.56
CA SER KA 48 -126.78 -77.70 15.68
C SER KA 48 -126.68 -76.48 16.60
N VAL KA 49 -127.04 -75.33 16.02
CA VAL KA 49 -127.08 -74.09 16.79
C VAL KA 49 -128.21 -74.16 17.81
N ALA KA 50 -127.99 -73.56 18.98
CA ALA KA 50 -128.91 -73.68 20.11
C ALA KA 50 -129.63 -72.37 20.40
N LYS KA 51 -129.95 -71.59 19.37
CA LYS KA 51 -131.00 -70.56 19.35
C LYS KA 51 -130.65 -69.31 20.17
N LEU KA 52 -129.57 -69.35 20.95
CA LEU KA 52 -129.30 -68.25 21.85
C LEU KA 52 -127.84 -67.84 21.90
N GLN KA 53 -127.02 -68.25 20.93
CA GLN KA 53 -125.61 -67.91 20.97
C GLN KA 53 -125.14 -67.39 19.64
N ASP KA 54 -124.07 -66.60 19.69
CA ASP KA 54 -123.31 -66.24 18.51
C ASP KA 54 -122.60 -67.48 17.99
N GLU KA 55 -122.37 -67.50 16.68
CA GLU KA 55 -121.86 -68.70 16.02
C GLU KA 55 -120.55 -68.47 15.28
N ARG KA 56 -119.90 -67.33 15.47
CA ARG KA 56 -118.57 -67.14 14.93
C ARG KA 56 -117.50 -67.65 15.89
N THR KA 57 -117.89 -68.12 17.07
CA THR KA 57 -116.96 -68.65 18.06
C THR KA 57 -117.04 -70.16 18.16
N VAL KA 58 -117.70 -70.82 17.22
CA VAL KA 58 -117.83 -72.27 17.21
C VAL KA 58 -117.06 -72.75 15.97
N ARG KA 59 -116.03 -72.00 15.63
CA ARG KA 59 -115.26 -72.18 14.41
C ARG KA 59 -114.51 -73.51 14.42
N LYS KA 60 -114.84 -74.38 13.45
CA LYS KA 60 -114.22 -75.69 13.37
C LYS KA 60 -113.30 -75.86 12.17
N ILE KA 61 -113.21 -74.88 11.28
CA ILE KA 61 -112.29 -74.91 10.15
C ILE KA 61 -111.46 -73.64 10.25
N CYS KA 62 -110.14 -73.78 10.18
CA CYS KA 62 -109.27 -72.62 10.30
C CYS KA 62 -108.12 -72.71 9.32
N ALA KA 63 -107.40 -71.59 9.19
CA ALA KA 63 -106.28 -71.50 8.27
C ALA KA 63 -105.01 -71.27 9.07
N LEU KA 64 -103.99 -72.07 8.80
CA LEU KA 64 -102.70 -71.92 9.45
C LEU KA 64 -101.88 -70.82 8.78
N ASP KA 65 -101.72 -70.93 7.48
CA ASP KA 65 -101.02 -69.96 6.66
C ASP KA 65 -102.03 -69.45 5.63
N ASP KA 66 -101.56 -68.64 4.68
CA ASP KA 66 -102.44 -68.07 3.68
C ASP KA 66 -102.84 -69.05 2.60
N ASN KA 67 -102.31 -70.27 2.63
CA ASN KA 67 -102.59 -71.23 1.58
C ASN KA 67 -102.85 -72.63 2.09
N VAL KA 68 -103.07 -72.81 3.38
CA VAL KA 68 -103.30 -74.13 3.96
C VAL KA 68 -104.44 -74.03 4.96
N CYS KA 69 -105.25 -75.08 5.02
CA CYS KA 69 -106.45 -75.10 5.85
C CYS KA 69 -106.31 -76.17 6.92
N MET KA 70 -107.40 -76.37 7.66
CA MET KA 70 -107.41 -77.26 8.82
C MET KA 70 -108.84 -77.62 9.16
N ALA KA 71 -109.07 -78.90 9.44
CA ALA KA 71 -110.34 -79.35 9.98
C ALA KA 71 -110.07 -80.51 10.91
N PHE KA 72 -110.73 -80.52 12.07
CA PHE KA 72 -110.36 -81.43 13.14
C PHE KA 72 -111.57 -82.23 13.59
N ALA KA 73 -111.34 -83.06 14.61
CA ALA KA 73 -112.38 -83.83 15.28
C ALA KA 73 -112.04 -83.86 16.76
N GLY KA 74 -112.68 -84.77 17.48
CA GLY KA 74 -112.33 -84.96 18.88
C GLY KA 74 -112.92 -83.90 19.78
N LEU KA 75 -112.12 -83.43 20.73
CA LEU KA 75 -112.58 -82.46 21.71
C LEU KA 75 -111.94 -81.11 21.45
N THR KA 76 -112.75 -80.05 21.52
CA THR KA 76 -112.36 -78.73 21.04
C THR KA 76 -111.32 -78.05 21.90
N ALA KA 77 -111.09 -78.52 23.12
CA ALA KA 77 -110.09 -77.90 23.97
C ALA KA 77 -108.69 -78.22 23.49
N ASP KA 78 -108.42 -79.48 23.18
CA ASP KA 78 -107.09 -79.86 22.71
C ASP KA 78 -106.82 -79.37 21.29
N ALA KA 79 -107.87 -79.08 20.53
CA ALA KA 79 -107.66 -78.63 19.15
C ALA KA 79 -107.12 -77.22 19.11
N ARG KA 80 -107.43 -76.42 20.11
CA ARG KA 80 -107.01 -75.02 20.09
C ARG KA 80 -105.50 -74.89 20.29
N ILE KA 81 -104.90 -75.78 21.07
CA ILE KA 81 -103.46 -75.71 21.32
C ILE KA 81 -102.68 -76.13 20.10
N VAL KA 82 -103.18 -77.15 19.38
CA VAL KA 82 -102.48 -77.65 18.20
C VAL KA 82 -102.56 -76.64 17.07
N ILE KA 83 -103.71 -75.98 16.92
CA ILE KA 83 -103.88 -74.97 15.89
C ILE KA 83 -103.02 -73.76 16.19
N ASN KA 84 -103.01 -73.31 17.45
CA ASN KA 84 -102.25 -72.13 17.83
C ASN KA 84 -100.75 -72.39 17.76
N ARG KA 85 -100.33 -73.64 17.95
CA ARG KA 85 -98.91 -73.95 17.83
C ARG KA 85 -98.47 -74.01 16.38
N ALA KA 86 -99.31 -74.61 15.53
CA ALA KA 86 -98.94 -74.78 14.13
C ALA KA 86 -98.94 -73.47 13.37
N ARG KA 87 -99.67 -72.46 13.85
CA ARG KA 87 -99.56 -71.13 13.27
C ARG KA 87 -98.18 -70.54 13.49
N VAL KA 88 -97.56 -70.85 14.62
CA VAL KA 88 -96.24 -70.32 14.92
C VAL KA 88 -95.19 -70.97 14.03
N GLU KA 89 -95.32 -72.28 13.82
CA GLU KA 89 -94.32 -73.02 13.07
C GLU KA 89 -94.35 -72.66 11.59
N CYS KA 90 -95.55 -72.56 11.01
CA CYS KA 90 -95.66 -72.15 9.62
C CYS KA 90 -95.30 -70.68 9.43
N GLN KA 91 -95.26 -69.91 10.51
CA GLN KA 91 -94.77 -68.56 10.42
C GLN KA 91 -93.27 -68.48 10.65
N SER KA 92 -92.74 -69.26 11.60
CA SER KA 92 -91.32 -69.25 11.88
C SER KA 92 -90.51 -69.97 10.83
N HIS KA 93 -91.13 -70.91 10.11
CA HIS KA 93 -90.47 -71.52 8.96
C HIS KA 93 -90.21 -70.49 7.88
N ARG KA 94 -91.16 -69.56 7.70
CA ARG KA 94 -91.00 -68.52 6.71
C ARG KA 94 -89.88 -67.56 7.06
N LEU KA 95 -89.56 -67.42 8.35
CA LEU KA 95 -88.46 -66.56 8.75
C LEU KA 95 -87.11 -67.22 8.45
N THR KA 96 -86.92 -68.47 8.87
CA THR KA 96 -85.63 -69.12 8.67
C THR KA 96 -85.38 -69.49 7.22
N VAL KA 97 -86.42 -69.88 6.50
CA VAL KA 97 -86.32 -70.21 5.08
C VAL KA 97 -87.37 -69.40 4.35
N GLU KA 98 -86.96 -68.64 3.35
CA GLU KA 98 -87.83 -67.63 2.77
C GLU KA 98 -88.90 -68.19 1.83
N ASP KA 99 -89.09 -69.50 1.77
CA ASP KA 99 -90.18 -70.05 0.98
C ASP KA 99 -91.49 -69.98 1.77
N PRO KA 100 -92.63 -70.12 1.11
CA PRO KA 100 -93.83 -70.52 1.82
C PRO KA 100 -93.75 -71.97 2.25
N VAL KA 101 -94.51 -72.30 3.29
CA VAL KA 101 -94.46 -73.63 3.88
C VAL KA 101 -95.27 -74.59 3.02
N THR KA 102 -94.65 -75.71 2.67
CA THR KA 102 -95.38 -76.75 1.95
C THR KA 102 -96.37 -77.44 2.87
N VAL KA 103 -97.36 -78.11 2.26
CA VAL KA 103 -98.35 -78.83 3.04
C VAL KA 103 -97.74 -80.07 3.68
N GLU KA 104 -96.64 -80.59 3.13
CA GLU KA 104 -96.00 -81.76 3.69
C GLU KA 104 -95.16 -81.41 4.91
N TYR KA 105 -94.69 -80.18 5.00
CA TYR KA 105 -93.85 -79.79 6.13
C TYR KA 105 -94.67 -79.59 7.38
N ILE KA 106 -95.83 -78.95 7.26
CA ILE KA 106 -96.60 -78.59 8.44
C ILE KA 106 -97.28 -79.80 9.08
N THR KA 107 -97.51 -80.86 8.30
CA THR KA 107 -98.12 -82.05 8.88
C THR KA 107 -97.10 -82.94 9.55
N ARG KA 108 -95.85 -82.91 9.10
CA ARG KA 108 -94.81 -83.56 9.86
C ARG KA 108 -94.59 -82.87 11.19
N TYR KA 109 -94.79 -81.55 11.27
CA TYR KA 109 -94.61 -80.86 12.53
C TYR KA 109 -95.72 -81.22 13.52
N ILE KA 110 -96.95 -81.33 13.04
CA ILE KA 110 -98.06 -81.65 13.93
C ILE KA 110 -97.95 -83.09 14.42
N ALA KA 111 -97.54 -83.99 13.53
CA ALA KA 111 -97.39 -85.39 13.92
C ALA KA 111 -96.20 -85.58 14.84
N SER KA 112 -95.12 -84.83 14.62
CA SER KA 112 -93.97 -84.93 15.52
C SER KA 112 -94.25 -84.28 16.86
N LEU KA 113 -95.11 -83.26 16.89
CA LEU KA 113 -95.51 -82.70 18.16
C LEU KA 113 -96.38 -83.66 18.93
N LYS KA 114 -97.23 -84.39 18.22
CA LYS KA 114 -98.06 -85.39 18.85
C LYS KA 114 -97.29 -86.67 19.12
N GLN KA 115 -96.12 -86.82 18.48
CA GLN KA 115 -95.25 -87.96 18.71
C GLN KA 115 -94.64 -87.92 20.10
N ARG KA 116 -93.85 -86.88 20.37
CA ARG KA 116 -93.09 -86.76 21.62
C ARG KA 116 -93.99 -86.50 22.81
N TYR KA 117 -95.21 -86.11 22.56
CA TYR KA 117 -96.20 -85.85 23.59
C TYR KA 117 -96.87 -87.13 24.08
N THR KA 118 -96.62 -88.25 23.39
CA THR KA 118 -97.17 -89.53 23.79
C THR KA 118 -96.25 -90.26 24.77
N GLN KA 119 -94.94 -90.05 24.66
CA GLN KA 119 -93.97 -90.97 25.25
C GLN KA 119 -93.86 -90.82 26.76
N SER KA 120 -93.88 -89.59 27.27
CA SER KA 120 -93.64 -89.36 28.69
C SER KA 120 -94.92 -89.55 29.50
N ASN KA 121 -94.76 -90.13 30.70
CA ASN KA 121 -95.87 -90.30 31.62
C ASN KA 121 -96.41 -88.95 32.09
N GLY KA 122 -97.67 -88.95 32.48
CA GLY KA 122 -98.31 -87.74 32.94
C GLY KA 122 -98.58 -86.72 31.87
N ARG KA 123 -98.58 -87.11 30.60
CA ARG KA 123 -98.93 -86.21 29.50
C ARG KA 123 -100.04 -86.92 28.72
N ARG KA 124 -101.27 -86.48 28.92
CA ARG KA 124 -102.43 -87.10 28.30
C ARG KA 124 -102.47 -86.77 26.81
N PRO KA 125 -102.40 -87.77 25.93
CA PRO KA 125 -102.23 -87.50 24.49
C PRO KA 125 -103.42 -86.79 23.86
N PHE KA 126 -103.15 -86.05 22.79
CA PHE KA 126 -104.15 -85.23 22.13
C PHE KA 126 -105.24 -86.08 21.51
N GLY KA 127 -106.46 -85.94 22.00
CA GLY KA 127 -107.56 -86.70 21.45
C GLY KA 127 -108.24 -85.98 20.31
N ILE KA 128 -107.49 -85.61 19.27
CA ILE KA 128 -108.04 -85.02 18.06
C ILE KA 128 -107.44 -85.72 16.86
N SER KA 129 -108.10 -85.55 15.71
CA SER KA 129 -107.61 -86.01 14.43
C SER KA 129 -107.87 -84.92 13.42
N ALA KA 130 -106.83 -84.53 12.69
CA ALA KA 130 -106.89 -83.33 11.87
C ALA KA 130 -106.89 -83.68 10.40
N LEU KA 131 -107.41 -82.75 9.59
CA LEU KA 131 -107.35 -82.82 8.15
C LEU KA 131 -106.70 -81.54 7.64
N ILE KA 132 -105.64 -81.69 6.86
CA ILE KA 132 -104.86 -80.56 6.39
C ILE KA 132 -104.94 -80.55 4.88
N VAL KA 133 -105.56 -79.52 4.33
CA VAL KA 133 -105.81 -79.41 2.90
C VAL KA 133 -105.19 -78.11 2.41
N GLY KA 134 -104.36 -78.20 1.39
CA GLY KA 134 -103.83 -76.99 0.77
C GLY KA 134 -103.17 -77.23 -0.57
N PHE KA 135 -103.59 -76.45 -1.57
CA PHE KA 135 -102.97 -76.50 -2.90
C PHE KA 135 -101.86 -75.46 -2.91
N ASP KA 136 -100.78 -75.77 -2.19
CA ASP KA 136 -99.77 -74.78 -1.88
C ASP KA 136 -98.46 -75.12 -2.57
N PHE KA 137 -98.11 -76.40 -2.62
CA PHE KA 137 -96.80 -76.83 -3.09
C PHE KA 137 -96.73 -76.76 -4.61
N ASP KA 138 -96.64 -75.52 -5.10
CA ASP KA 138 -96.40 -75.17 -6.51
C ASP KA 138 -97.48 -75.74 -7.43
N GLY KA 139 -98.72 -75.33 -7.20
CA GLY KA 139 -99.82 -75.75 -8.03
C GLY KA 139 -100.26 -77.18 -7.87
N THR KA 140 -99.82 -77.87 -6.82
CA THR KA 140 -100.15 -79.27 -6.63
C THR KA 140 -101.12 -79.41 -5.46
N PRO KA 141 -102.38 -79.78 -5.71
CA PRO KA 141 -103.34 -79.89 -4.61
C PRO KA 141 -103.17 -81.20 -3.84
N ARG KA 142 -103.03 -81.08 -2.52
CA ARG KA 142 -102.85 -82.24 -1.66
C ARG KA 142 -103.72 -82.11 -0.42
N LEU KA 143 -104.04 -83.26 0.17
CA LEU KA 143 -104.72 -83.31 1.45
C LEU KA 143 -104.20 -84.49 2.23
N TYR KA 144 -104.00 -84.27 3.54
CA TYR KA 144 -103.41 -85.26 4.43
C TYR KA 144 -104.37 -85.51 5.59
N GLN KA 145 -103.97 -86.41 6.49
CA GLN KA 145 -104.67 -86.52 7.76
C GLN KA 145 -103.66 -86.89 8.84
N THR KA 146 -104.10 -86.78 10.08
CA THR KA 146 -103.30 -87.15 11.24
C THR KA 146 -104.01 -88.25 12.01
N ASP KA 147 -103.44 -88.58 13.16
CA ASP KA 147 -103.94 -89.63 14.03
C ASP KA 147 -103.38 -89.36 15.42
N PRO KA 148 -104.12 -89.66 16.49
CA PRO KA 148 -103.61 -89.40 17.84
C PRO KA 148 -102.36 -90.19 18.21
N SER KA 149 -102.04 -91.27 17.50
CA SER KA 149 -100.75 -91.91 17.68
C SER KA 149 -99.63 -91.04 17.13
N GLY KA 150 -99.91 -90.25 16.11
CA GLY KA 150 -98.87 -89.43 15.50
C GLY KA 150 -98.39 -89.97 14.17
N THR KA 151 -99.32 -90.41 13.32
CA THR KA 151 -99.00 -90.93 12.00
C THR KA 151 -99.63 -90.03 10.95
N TYR KA 152 -98.85 -89.09 10.42
CA TYR KA 152 -99.32 -88.28 9.31
C TYR KA 152 -99.40 -89.14 8.05
N HIS KA 153 -100.42 -88.88 7.24
CA HIS KA 153 -100.76 -89.84 6.21
C HIS KA 153 -101.61 -89.16 5.14
N ALA KA 154 -101.42 -89.58 3.89
CA ALA KA 154 -102.09 -88.94 2.77
C ALA KA 154 -103.23 -89.80 2.24
N TRP KA 155 -104.41 -89.19 2.14
CA TRP KA 155 -105.52 -89.76 1.38
C TRP KA 155 -105.81 -88.88 0.19
N LYS KA 156 -106.71 -89.35 -0.67
CA LYS KA 156 -107.28 -88.54 -1.74
C LYS KA 156 -108.73 -88.17 -1.48
N ALA KA 157 -109.38 -88.83 -0.52
CA ALA KA 157 -110.69 -88.45 -0.02
C ALA KA 157 -110.76 -88.96 1.40
N ASN KA 158 -111.48 -88.26 2.26
CA ASN KA 158 -111.38 -88.55 3.68
C ASN KA 158 -112.71 -88.29 4.35
N ALA KA 159 -112.90 -88.94 5.49
CA ALA KA 159 -114.04 -88.73 6.37
C ALA KA 159 -113.63 -89.11 7.78
N ILE KA 160 -114.06 -88.32 8.76
CA ILE KA 160 -113.75 -88.53 10.16
C ILE KA 160 -115.04 -88.36 10.96
N GLY KA 161 -114.91 -88.43 12.27
CA GLY KA 161 -116.03 -88.13 13.15
C GLY KA 161 -116.91 -89.34 13.42
N ARG KA 162 -118.12 -89.04 13.88
CA ARG KA 162 -119.06 -90.07 14.31
C ARG KA 162 -119.73 -90.69 13.09
N GLY KA 163 -119.25 -91.86 12.69
CA GLY KA 163 -119.81 -92.53 11.54
C GLY KA 163 -119.07 -92.20 10.26
N ALA KA 164 -117.75 -92.27 10.31
CA ALA KA 164 -116.94 -92.11 9.11
C ALA KA 164 -116.86 -93.39 8.30
N LYS KA 165 -117.12 -94.55 8.91
CA LYS KA 165 -117.05 -95.81 8.19
C LYS KA 165 -118.16 -95.92 7.15
N SER KA 166 -119.31 -95.30 7.41
CA SER KA 166 -120.36 -95.27 6.41
C SER KA 166 -120.00 -94.36 5.25
N VAL KA 167 -119.36 -93.22 5.54
CA VAL KA 167 -119.03 -92.27 4.49
C VAL KA 167 -117.85 -92.75 3.68
N ARG KA 168 -116.85 -93.34 4.34
CA ARG KA 168 -115.69 -93.87 3.64
C ARG KA 168 -116.08 -95.05 2.75
N GLU KA 169 -117.05 -95.85 3.19
CA GLU KA 169 -117.62 -96.85 2.30
C GLU KA 169 -118.44 -96.21 1.19
N PHE KA 170 -119.09 -95.08 1.49
CA PHE KA 170 -119.90 -94.42 0.48
C PHE KA 170 -119.02 -93.77 -0.58
N LEU KA 171 -117.87 -93.23 -0.18
CA LEU KA 171 -117.02 -92.51 -1.12
C LEU KA 171 -116.29 -93.45 -2.07
N GLU KA 172 -116.07 -94.71 -1.67
CA GLU KA 172 -115.40 -95.65 -2.56
C GLU KA 172 -116.26 -96.02 -3.75
N LYS KA 173 -117.57 -96.10 -3.56
CA LYS KA 173 -118.50 -96.33 -4.66
C LYS KA 173 -118.92 -95.03 -5.34
N ASN KA 174 -118.41 -93.89 -4.88
CA ASN KA 174 -118.83 -92.60 -5.41
C ASN KA 174 -117.71 -91.85 -6.10
N TYR KA 175 -116.50 -91.89 -5.56
CA TYR KA 175 -115.36 -91.27 -6.21
C TYR KA 175 -115.01 -92.07 -7.46
N THR KA 176 -115.29 -91.50 -8.62
CA THR KA 176 -115.08 -92.22 -9.86
C THR KA 176 -113.61 -92.17 -10.25
N ASP KA 177 -113.24 -93.08 -11.17
CA ASP KA 177 -111.93 -93.01 -11.82
C ASP KA 177 -111.84 -91.77 -12.68
N GLU KA 178 -112.97 -91.32 -13.22
CA GLU KA 178 -113.08 -89.97 -13.76
C GLU KA 178 -112.81 -88.96 -12.65
N ALA KA 179 -111.70 -88.25 -12.78
CA ALA KA 179 -111.43 -87.11 -11.92
C ALA KA 179 -112.42 -86.00 -12.24
N ILE KA 180 -113.25 -85.64 -11.27
CA ILE KA 180 -114.36 -84.73 -11.49
C ILE KA 180 -113.81 -83.32 -11.71
N GLU KA 181 -113.81 -82.86 -12.95
CA GLU KA 181 -113.50 -81.47 -13.28
C GLU KA 181 -114.79 -80.67 -13.18
N THR KA 182 -114.75 -79.41 -13.65
CA THR KA 182 -115.86 -78.46 -13.59
C THR KA 182 -116.32 -78.28 -12.14
N ASP KA 183 -115.45 -77.61 -11.37
CA ASP KA 183 -115.32 -77.72 -9.92
C ASP KA 183 -116.62 -77.62 -9.12
N ASP KA 184 -117.69 -77.05 -9.68
CA ASP KA 184 -119.00 -77.16 -9.06
C ASP KA 184 -119.50 -78.61 -9.02
N LEU KA 185 -119.03 -79.44 -9.97
CA LEU KA 185 -119.30 -80.87 -9.88
C LEU KA 185 -118.63 -81.48 -8.67
N THR KA 186 -117.38 -81.10 -8.39
CA THR KA 186 -116.68 -81.62 -7.22
C THR KA 186 -117.31 -81.14 -5.92
N ILE KA 187 -117.85 -79.93 -5.92
CA ILE KA 187 -118.58 -79.45 -4.76
C ILE KA 187 -119.90 -80.21 -4.62
N LYS KA 188 -120.51 -80.56 -5.76
CA LYS KA 188 -121.70 -81.41 -5.74
C LYS KA 188 -121.39 -82.81 -5.26
N LEU KA 189 -120.16 -83.28 -5.45
CA LEU KA 189 -119.75 -84.56 -4.89
C LEU KA 189 -119.65 -84.47 -3.37
N VAL KA 190 -119.11 -83.35 -2.87
CA VAL KA 190 -119.02 -83.15 -1.42
C VAL KA 190 -120.42 -82.94 -0.85
N ILE KA 191 -121.26 -82.18 -1.55
CA ILE KA 191 -122.61 -81.91 -1.08
C ILE KA 191 -123.47 -83.17 -1.11
N LYS KA 192 -123.19 -84.09 -2.03
CA LYS KA 192 -123.89 -85.37 -2.02
C LYS KA 192 -123.36 -86.29 -0.94
N ALA KA 193 -122.04 -86.25 -0.71
CA ALA KA 193 -121.46 -87.07 0.35
C ALA KA 193 -121.88 -86.57 1.73
N LEU KA 194 -121.92 -85.26 1.92
CA LEU KA 194 -122.43 -84.71 3.16
C LEU KA 194 -123.94 -84.86 3.28
N LEU KA 195 -124.64 -85.09 2.16
CA LEU KA 195 -126.06 -85.38 2.22
C LEU KA 195 -126.36 -86.74 2.82
N GLU KA 196 -125.35 -87.62 2.92
CA GLU KA 196 -125.47 -88.83 3.71
C GLU KA 196 -125.03 -88.58 5.16
N VAL KA 197 -125.59 -87.54 5.76
CA VAL KA 197 -125.32 -87.15 7.14
C VAL KA 197 -126.08 -88.07 8.08
N VAL KA 198 -125.81 -87.96 9.38
CA VAL KA 198 -126.49 -88.77 10.38
C VAL KA 198 -127.98 -88.44 10.44
N GLN KA 199 -128.36 -87.19 10.14
CA GLN KA 199 -129.76 -86.82 10.01
C GLN KA 199 -130.10 -86.15 8.70
N SER KA 200 -129.12 -85.56 8.01
CA SER KA 200 -129.27 -84.87 6.73
C SER KA 200 -130.33 -83.78 6.78
N GLY KA 201 -130.11 -82.83 7.68
CA GLY KA 201 -131.05 -81.72 7.85
C GLY KA 201 -131.03 -80.75 6.70
N GLY KA 202 -129.93 -80.68 5.94
CA GLY KA 202 -129.80 -79.84 4.79
C GLY KA 202 -129.26 -78.46 5.07
N LYS KA 203 -129.60 -77.87 6.21
CA LYS KA 203 -129.11 -76.55 6.58
C LYS KA 203 -127.98 -76.60 7.58
N ASN KA 204 -127.56 -77.81 8.00
CA ASN KA 204 -126.49 -77.97 8.97
C ASN KA 204 -125.18 -78.33 8.31
N ILE KA 205 -124.94 -77.82 7.11
CA ILE KA 205 -123.73 -78.12 6.34
C ILE KA 205 -122.95 -76.82 6.16
N GLU KA 206 -121.68 -76.83 6.56
CA GLU KA 206 -120.78 -75.71 6.37
C GLU KA 206 -119.63 -76.18 5.50
N LEU KA 207 -119.55 -75.67 4.28
CA LEU KA 207 -118.54 -76.09 3.34
C LEU KA 207 -117.59 -74.93 3.05
N ALA KA 208 -116.32 -75.25 2.85
CA ALA KA 208 -115.30 -74.26 2.57
C ALA KA 208 -114.39 -74.79 1.47
N VAL KA 209 -114.17 -73.97 0.46
CA VAL KA 209 -113.38 -74.39 -0.69
C VAL KA 209 -112.15 -73.51 -0.81
N MET KA 210 -111.32 -73.81 -1.80
CA MET KA 210 -110.15 -72.99 -2.12
C MET KA 210 -109.78 -73.28 -3.56
N ARG KA 211 -109.75 -72.24 -4.40
CA ARG KA 211 -109.49 -72.40 -5.83
C ARG KA 211 -108.02 -72.32 -6.17
N ARG KA 212 -107.14 -72.67 -5.23
CA ARG KA 212 -105.69 -72.82 -5.34
C ARG KA 212 -104.93 -71.52 -5.55
N ASP KA 213 -105.62 -70.40 -5.74
CA ASP KA 213 -104.97 -69.11 -5.93
C ASP KA 213 -105.55 -68.01 -5.07
N GLN KA 214 -106.79 -68.15 -4.62
CA GLN KA 214 -107.45 -67.15 -3.80
C GLN KA 214 -107.13 -67.39 -2.33
N SER KA 215 -107.85 -66.72 -1.45
CA SER KA 215 -107.82 -67.02 -0.03
C SER KA 215 -108.93 -68.03 0.26
N LEU KA 216 -109.20 -68.26 1.54
CA LEU KA 216 -110.26 -69.18 1.92
C LEU KA 216 -111.61 -68.57 1.62
N LYS KA 217 -112.53 -69.42 1.16
CA LYS KA 217 -113.86 -68.97 0.74
C LYS KA 217 -114.90 -69.75 1.54
N ILE KA 218 -115.46 -69.12 2.56
CA ILE KA 218 -116.61 -69.70 3.24
C ILE KA 218 -117.85 -69.52 2.39
N LEU KA 219 -118.55 -70.61 2.11
CA LEU KA 219 -119.76 -70.51 1.34
C LEU KA 219 -120.90 -69.97 2.21
N ASN KA 220 -121.87 -69.36 1.56
CA ASN KA 220 -122.98 -68.73 2.24
C ASN KA 220 -124.23 -69.59 2.13
N PRO KA 221 -125.12 -69.56 3.13
CA PRO KA 221 -126.29 -70.45 3.09
C PRO KA 221 -127.43 -69.94 2.21
N GLU KA 222 -127.09 -69.42 1.05
CA GLU KA 222 -127.97 -69.15 -0.07
C GLU KA 222 -127.39 -69.72 -1.35
N GLU KA 223 -126.08 -69.62 -1.53
CA GLU KA 223 -125.42 -70.39 -2.58
C GLU KA 223 -125.38 -71.87 -2.22
N ILE KA 224 -125.18 -72.17 -0.93
CA ILE KA 224 -125.16 -73.56 -0.49
C ILE KA 224 -126.57 -74.15 -0.54
N GLU KA 225 -127.60 -73.31 -0.38
CA GLU KA 225 -128.95 -73.79 -0.55
C GLU KA 225 -129.29 -74.01 -2.02
N LYS KA 226 -128.57 -73.34 -2.92
CA LYS KA 226 -128.78 -73.56 -4.34
C LYS KA 226 -128.22 -74.90 -4.79
N TYR KA 227 -127.13 -75.34 -4.17
CA TYR KA 227 -126.52 -76.60 -4.56
C TYR KA 227 -127.28 -77.80 -4.01
N VAL KA 228 -127.95 -77.64 -2.87
CA VAL KA 228 -128.75 -78.73 -2.33
C VAL KA 228 -130.02 -78.92 -3.14
N ALA KA 229 -130.45 -77.87 -3.86
CA ALA KA 229 -131.66 -77.97 -4.66
C ALA KA 229 -131.42 -78.79 -5.92
N GLU KA 230 -130.26 -78.58 -6.59
CA GLU KA 230 -129.97 -79.33 -7.79
C GLU KA 230 -129.57 -80.77 -7.51
N ILE KA 231 -129.29 -81.11 -6.25
CA ILE KA 231 -128.96 -82.49 -5.91
C ILE KA 231 -130.21 -83.35 -5.97
N GLU KA 232 -131.30 -82.90 -5.35
CA GLU KA 232 -132.55 -83.65 -5.42
C GLU KA 232 -133.21 -83.52 -6.79
N LYS KA 233 -132.89 -82.45 -7.52
CA LYS KA 233 -133.48 -82.26 -8.84
C LYS KA 233 -132.87 -83.21 -9.86
N GLU KA 234 -131.54 -83.36 -9.84
CA GLU KA 234 -130.90 -84.31 -10.74
C GLU KA 234 -131.14 -85.75 -10.30
N LYS KA 235 -131.43 -85.96 -9.01
CA LYS KA 235 -131.77 -87.30 -8.54
C LYS KA 235 -133.18 -87.70 -8.95
N GLU KA 236 -134.06 -86.72 -9.16
CA GLU KA 236 -135.41 -87.03 -9.63
C GLU KA 236 -135.40 -87.46 -11.08
N GLU KA 237 -134.47 -86.92 -11.89
CA GLU KA 237 -134.37 -87.29 -13.29
C GLU KA 237 -133.77 -88.67 -13.48
N ASN KA 238 -133.08 -89.20 -12.48
CA ASN KA 238 -132.52 -90.54 -12.58
C ASN KA 238 -133.57 -91.63 -12.49
N GLU KA 239 -134.74 -91.33 -11.93
CA GLU KA 239 -135.82 -92.31 -11.84
C GLU KA 239 -136.58 -92.41 -13.16
N TYR LA 7 -97.01 -101.55 38.20
CA TYR LA 7 -98.25 -102.20 37.78
C TYR LA 7 -97.99 -103.22 36.69
N ASP LA 8 -98.04 -104.50 37.09
CA ASP LA 8 -97.85 -105.67 36.24
C ASP LA 8 -96.51 -105.64 35.51
N ARG LA 9 -95.46 -105.70 36.32
CA ARG LA 9 -94.06 -105.80 35.89
C ARG LA 9 -93.68 -104.61 35.00
N GLY LA 10 -93.69 -103.43 35.60
CA GLY LA 10 -93.55 -102.16 34.92
C GLY LA 10 -92.20 -101.88 34.26
N VAL LA 11 -91.91 -100.59 34.05
CA VAL LA 11 -90.88 -100.17 33.12
C VAL LA 11 -89.48 -100.58 33.58
N ASN LA 12 -89.29 -100.80 34.87
CA ASN LA 12 -87.96 -101.14 35.38
C ASN LA 12 -88.15 -102.10 36.55
N THR LA 13 -88.24 -103.40 36.25
CA THR LA 13 -88.42 -104.45 37.26
C THR LA 13 -88.10 -105.81 36.69
N PHE LA 14 -87.20 -106.55 37.32
CA PHE LA 14 -86.82 -107.86 36.81
C PHE LA 14 -87.91 -108.90 37.02
N SER LA 15 -87.79 -109.98 36.30
CA SER LA 15 -88.53 -111.22 36.45
C SER LA 15 -87.93 -112.02 37.60
N PRO LA 16 -88.68 -112.95 38.19
CA PRO LA 16 -88.05 -113.94 39.06
C PRO LA 16 -87.09 -114.87 38.37
N GLU LA 17 -87.16 -114.98 37.04
CA GLU LA 17 -86.24 -115.85 36.31
C GLU LA 17 -85.36 -115.07 35.34
N GLY LA 18 -85.94 -114.30 34.43
CA GLY LA 18 -85.15 -113.81 33.32
C GLY LA 18 -85.32 -112.34 32.98
N ARG LA 19 -85.70 -112.07 31.74
CA ARG LA 19 -85.63 -110.73 31.17
C ARG LA 19 -86.69 -109.83 31.76
N LEU LA 20 -86.56 -108.54 31.43
CA LEU LA 20 -87.62 -107.59 31.66
C LEU LA 20 -88.81 -107.94 30.78
N PHE LA 21 -90.02 -107.83 31.33
CA PHE LA 21 -91.18 -108.16 30.53
C PHE LA 21 -91.55 -107.06 29.55
N GLN LA 22 -91.25 -105.81 29.88
CA GLN LA 22 -91.52 -104.71 28.95
C GLN LA 22 -90.67 -104.83 27.70
N VAL LA 23 -89.41 -105.21 27.86
CA VAL LA 23 -88.57 -105.51 26.71
C VAL LA 23 -89.08 -106.77 26.03
N GLU LA 24 -89.58 -107.73 26.81
CA GLU LA 24 -90.17 -108.93 26.23
C GLU LA 24 -91.44 -108.62 25.48
N TYR LA 25 -92.26 -107.72 26.00
CA TYR LA 25 -93.49 -107.33 25.31
C TYR LA 25 -93.22 -106.46 24.10
N ALA LA 26 -92.06 -105.80 24.04
CA ALA LA 26 -91.73 -104.98 22.89
C ALA LA 26 -91.44 -105.82 21.67
N ILE LA 27 -90.94 -107.04 21.87
CA ILE LA 27 -90.71 -107.96 20.77
C ILE LA 27 -92.04 -108.40 20.17
N GLU LA 28 -93.08 -108.47 21.00
CA GLU LA 28 -94.38 -108.91 20.53
C GLU LA 28 -95.06 -107.85 19.68
N ALA LA 29 -94.77 -106.57 19.92
CA ALA LA 29 -95.39 -105.50 19.14
C ALA LA 29 -94.90 -105.45 17.70
N ILE LA 30 -93.74 -106.02 17.41
CA ILE LA 30 -93.26 -106.13 16.04
C ILE LA 30 -94.10 -107.12 15.24
N LYS LA 31 -94.66 -108.13 15.91
CA LYS LA 31 -95.34 -109.23 15.24
C LYS LA 31 -96.61 -108.77 14.52
N LEU LA 32 -97.22 -107.67 14.95
CA LEU LA 32 -98.35 -107.13 14.22
C LEU LA 32 -97.95 -106.24 13.04
N GLY LA 33 -96.65 -106.01 12.82
CA GLY LA 33 -96.22 -105.18 11.73
C GLY LA 33 -96.28 -105.89 10.39
N SER LA 34 -95.99 -105.13 9.34
CA SER LA 34 -95.94 -105.69 8.00
C SER LA 34 -94.61 -106.39 7.76
N THR LA 35 -94.61 -107.35 6.86
CA THR LA 35 -93.41 -108.16 6.68
C THR LA 35 -92.41 -107.46 5.77
N ALA LA 36 -91.16 -107.93 5.84
CA ALA LA 36 -90.07 -107.36 5.06
C ALA LA 36 -88.95 -108.39 4.96
N ILE LA 37 -88.32 -108.46 3.80
CA ILE LA 37 -87.24 -109.41 3.55
C ILE LA 37 -86.05 -108.67 2.94
N GLY LA 38 -84.88 -108.84 3.52
CA GLY LA 38 -83.64 -108.36 2.93
C GLY LA 38 -82.66 -109.50 2.79
N ILE LA 39 -81.94 -109.53 1.66
CA ILE LA 39 -81.01 -110.61 1.34
C ILE LA 39 -79.68 -109.99 0.94
N GLN LA 40 -78.61 -110.42 1.60
CA GLN LA 40 -77.26 -109.96 1.26
C GLN LA 40 -76.64 -110.91 0.26
N THR LA 41 -76.10 -110.35 -0.82
CA THR LA 41 -75.46 -111.09 -1.89
C THR LA 41 -74.18 -110.34 -2.23
N SER LA 42 -73.14 -111.08 -2.65
CA SER LA 42 -71.85 -110.49 -2.96
C SER LA 42 -71.90 -109.47 -4.10
N GLU LA 43 -72.91 -109.54 -4.95
CA GLU LA 43 -73.13 -108.48 -5.93
C GLU LA 43 -73.76 -107.26 -5.29
N GLY LA 44 -74.53 -107.43 -4.22
CA GLY LA 44 -75.17 -106.30 -3.58
C GLY LA 44 -76.33 -106.77 -2.72
N VAL LA 45 -76.93 -105.81 -2.03
CA VAL LA 45 -78.01 -106.08 -1.08
C VAL LA 45 -79.33 -105.69 -1.73
N CYS LA 46 -80.23 -106.66 -1.85
CA CYS LA 46 -81.59 -106.41 -2.26
C CYS LA 46 -82.50 -106.38 -1.04
N LEU LA 47 -83.74 -105.95 -1.26
CA LEU LA 47 -84.62 -105.66 -0.14
C LEU LA 47 -86.05 -105.63 -0.65
N ALA LA 48 -87.00 -106.07 0.18
CA ALA LA 48 -88.40 -106.12 -0.21
C ALA LA 48 -89.29 -105.91 1.00
N VAL LA 49 -90.51 -105.45 0.76
CA VAL LA 49 -91.46 -105.14 1.83
C VAL LA 49 -92.85 -105.20 1.24
N GLU LA 50 -93.87 -105.31 2.10
CA GLU LA 50 -95.26 -105.27 1.70
C GLU LA 50 -95.93 -104.02 2.26
N LYS LA 51 -96.77 -103.36 1.45
CA LYS LA 51 -97.28 -102.06 1.84
C LYS LA 51 -98.48 -102.15 2.79
N ARG LA 52 -99.40 -103.08 2.53
CA ARG LA 52 -100.69 -103.22 3.24
C ARG LA 52 -101.50 -101.92 3.12
N ILE LA 53 -101.97 -101.68 1.90
CA ILE LA 53 -102.82 -100.54 1.61
C ILE LA 53 -104.27 -100.91 1.91
N THR LA 54 -104.97 -100.04 2.63
CA THR LA 54 -106.36 -100.33 2.99
C THR LA 54 -107.35 -99.81 1.94
N SER LA 55 -107.29 -98.52 1.62
CA SER LA 55 -108.31 -97.93 0.77
C SER LA 55 -107.76 -97.56 -0.61
N PRO LA 56 -108.59 -97.55 -1.64
CA PRO LA 56 -108.14 -96.97 -2.92
C PRO LA 56 -108.00 -95.46 -2.86
N LEU LA 57 -108.81 -94.81 -2.04
CA LEU LA 57 -108.67 -93.37 -1.81
C LEU LA 57 -107.37 -93.06 -1.09
N MET LA 58 -106.94 -93.99 -0.24
CA MET LA 58 -105.65 -93.91 0.45
C MET LA 58 -104.51 -93.93 -0.56
N GLU LA 59 -103.70 -92.89 -0.52
CA GLU LA 59 -102.63 -92.73 -1.50
C GLU LA 59 -101.55 -93.77 -1.25
N PRO LA 60 -101.07 -94.46 -2.28
CA PRO LA 60 -100.14 -95.58 -2.04
C PRO LA 60 -98.74 -95.14 -1.65
N SER LA 61 -98.20 -94.11 -2.28
CA SER LA 61 -96.80 -93.76 -2.05
C SER LA 61 -96.58 -92.97 -0.78
N SER LA 62 -97.63 -92.68 -0.01
CA SER LA 62 -97.42 -92.02 1.28
C SER LA 62 -96.95 -92.98 2.34
N ILE LA 63 -97.14 -94.28 2.14
CA ILE LA 63 -96.62 -95.28 3.05
C ILE LA 63 -95.19 -95.59 2.63
N GLU LA 64 -94.23 -95.20 3.45
CA GLU LA 64 -92.84 -95.52 3.17
C GLU LA 64 -92.38 -96.62 4.11
N LYS LA 65 -91.57 -97.49 3.58
CA LYS LA 65 -90.90 -98.51 4.37
C LYS LA 65 -89.40 -98.48 4.15
N ILE LA 66 -88.97 -98.29 2.91
CA ILE LA 66 -87.56 -98.09 2.61
C ILE LA 66 -87.30 -96.59 2.60
N VAL LA 67 -86.43 -96.14 3.49
CA VAL LA 67 -85.99 -94.77 3.51
C VAL LA 67 -84.52 -94.73 3.13
N GLU LA 68 -84.06 -93.56 2.77
CA GLU LA 68 -82.68 -93.33 2.37
C GLU LA 68 -81.95 -92.72 3.55
N ILE LA 69 -81.18 -93.55 4.26
CA ILE LA 69 -80.34 -93.04 5.34
C ILE LA 69 -79.20 -92.22 4.78
N ASP LA 70 -78.47 -92.79 3.84
CA ASP LA 70 -77.38 -92.11 3.17
C ASP LA 70 -77.42 -92.57 1.72
N ALA LA 71 -76.50 -92.06 0.90
CA ALA LA 71 -76.47 -92.44 -0.51
C ALA LA 71 -75.96 -93.86 -0.74
N HIS LA 72 -75.57 -94.58 0.30
CA HIS LA 72 -75.17 -95.98 0.14
C HIS LA 72 -75.72 -96.85 1.27
N ILE LA 73 -76.70 -96.37 2.03
CA ILE LA 73 -77.27 -97.11 3.15
C ILE LA 73 -78.78 -97.03 3.06
N GLY LA 74 -79.43 -98.19 2.95
CA GLY LA 74 -80.87 -98.27 2.98
C GLY LA 74 -81.41 -98.65 4.34
N CYS LA 75 -82.72 -98.82 4.40
CA CYS LA 75 -83.39 -99.20 5.64
C CYS LA 75 -84.71 -99.86 5.34
N ALA LA 76 -85.26 -100.53 6.35
CA ALA LA 76 -86.57 -101.15 6.29
C ALA LA 76 -87.10 -101.27 7.71
N MET LA 77 -88.40 -101.10 7.88
CA MET LA 77 -88.98 -101.00 9.21
C MET LA 77 -90.26 -101.81 9.29
N SER LA 78 -90.64 -102.15 10.52
CA SER LA 78 -91.90 -102.82 10.81
C SER LA 78 -92.29 -102.46 12.24
N GLY LA 79 -93.36 -103.09 12.71
CA GLY LA 79 -93.85 -102.77 14.03
C GLY LA 79 -94.57 -101.44 14.03
N LEU LA 80 -94.21 -100.58 14.96
CA LEU LA 80 -94.84 -99.27 15.01
C LEU LA 80 -94.26 -98.35 13.95
N ILE LA 81 -95.13 -97.61 13.28
CA ILE LA 81 -94.73 -96.64 12.30
C ILE LA 81 -94.21 -95.38 12.95
N ALA LA 82 -94.86 -94.96 14.04
CA ALA LA 82 -94.65 -93.66 14.63
C ALA LA 82 -93.30 -93.54 15.33
N ASP LA 83 -92.81 -94.60 15.96
CA ASP LA 83 -91.55 -94.50 16.66
C ASP LA 83 -90.36 -94.63 15.74
N ALA LA 84 -90.55 -95.20 14.55
CA ALA LA 84 -89.45 -95.41 13.63
C ALA LA 84 -88.95 -94.10 13.02
N LYS LA 85 -89.82 -93.09 12.96
CA LYS LA 85 -89.38 -91.78 12.47
C LYS LA 85 -88.41 -91.10 13.40
N THR LA 86 -88.41 -91.47 14.69
CA THR LA 86 -87.39 -90.96 15.60
C THR LA 86 -86.04 -91.60 15.32
N LEU LA 87 -86.04 -92.89 14.96
CA LEU LA 87 -84.79 -93.59 14.72
C LEU LA 87 -84.12 -93.13 13.43
N ILE LA 88 -84.91 -92.98 12.36
CA ILE LA 88 -84.37 -92.58 11.07
C ILE LA 88 -83.82 -91.16 11.10
N ASP LA 89 -84.34 -90.32 12.00
CA ASP LA 89 -83.95 -88.91 12.01
C ASP LA 89 -82.50 -88.75 12.46
N LYS LA 90 -82.15 -89.30 13.62
CA LYS LA 90 -80.78 -89.15 14.11
C LYS LA 90 -79.81 -90.10 13.42
N ALA LA 91 -80.30 -91.20 12.85
CA ALA LA 91 -79.44 -92.06 12.05
C ALA LA 91 -78.99 -91.36 10.78
N ARG LA 92 -79.83 -90.49 10.20
CA ARG LA 92 -79.38 -89.66 9.10
C ARG LA 92 -78.43 -88.57 9.59
N VAL LA 93 -78.61 -88.09 10.82
CA VAL LA 93 -77.80 -86.99 11.33
C VAL LA 93 -76.39 -87.48 11.66
N GLU LA 94 -76.29 -88.63 12.32
CA GLU LA 94 -75.00 -89.08 12.81
C GLU LA 94 -74.10 -89.66 11.73
N THR LA 95 -74.65 -90.10 10.60
CA THR LA 95 -73.78 -90.35 9.47
C THR LA 95 -73.28 -89.05 8.87
N GLN LA 96 -74.06 -87.99 9.00
CA GLN LA 96 -73.66 -86.71 8.43
C GLN LA 96 -72.67 -85.99 9.33
N ASN LA 97 -72.75 -86.23 10.64
CA ASN LA 97 -71.74 -85.69 11.56
C ASN LA 97 -70.39 -86.33 11.32
N HIS LA 98 -70.39 -87.63 11.00
CA HIS LA 98 -69.16 -88.34 10.73
C HIS LA 98 -68.48 -87.84 9.47
N TRP LA 99 -69.25 -87.52 8.45
CA TRP LA 99 -68.68 -86.95 7.25
C TRP LA 99 -68.14 -85.55 7.51
N PHE LA 100 -68.77 -84.82 8.42
CA PHE LA 100 -68.33 -83.46 8.73
C PHE LA 100 -66.97 -83.44 9.40
N THR LA 101 -66.67 -84.44 10.23
CA THR LA 101 -65.42 -84.45 10.97
C THR LA 101 -64.40 -85.45 10.48
N TYR LA 102 -64.70 -86.23 9.44
CA TYR LA 102 -63.72 -87.20 8.98
C TYR LA 102 -63.56 -87.29 7.48
N ASN LA 103 -64.41 -86.61 6.68
CA ASN LA 103 -64.38 -86.65 5.20
C ASN LA 103 -64.44 -88.06 4.66
N GLU LA 104 -65.25 -88.91 5.28
CA GLU LA 104 -65.38 -90.26 4.81
C GLU LA 104 -66.77 -90.76 5.15
N THR LA 105 -67.15 -91.86 4.51
CA THR LA 105 -68.46 -92.45 4.69
C THR LA 105 -68.43 -93.40 5.87
N MET LA 106 -69.41 -93.26 6.75
CA MET LA 106 -69.54 -94.15 7.90
C MET LA 106 -69.87 -95.56 7.43
N THR LA 107 -69.19 -96.55 8.00
CA THR LA 107 -69.44 -97.94 7.67
C THR LA 107 -70.81 -98.38 8.21
N VAL LA 108 -71.32 -99.46 7.62
CA VAL LA 108 -72.70 -99.87 7.88
C VAL LA 108 -72.85 -100.40 9.29
N GLU LA 109 -71.80 -101.07 9.80
CA GLU LA 109 -71.83 -101.60 11.15
C GLU LA 109 -71.83 -100.48 12.18
N SER LA 110 -71.01 -99.47 11.97
CA SER LA 110 -70.87 -98.39 12.93
C SER LA 110 -72.01 -97.39 12.87
N VAL LA 111 -72.92 -97.51 11.92
CA VAL LA 111 -74.17 -96.76 12.00
C VAL LA 111 -74.98 -97.26 13.18
N THR LA 112 -75.21 -98.57 13.21
CA THR LA 112 -76.20 -99.12 14.10
C THR LA 112 -75.69 -99.22 15.53
N GLN LA 113 -74.37 -99.14 15.72
CA GLN LA 113 -73.82 -98.93 17.05
C GLN LA 113 -74.39 -97.68 17.68
N ALA LA 114 -74.36 -96.57 16.95
CA ALA LA 114 -74.90 -95.31 17.46
C ALA LA 114 -76.41 -95.33 17.52
N VAL LA 115 -77.06 -96.10 16.65
CA VAL LA 115 -78.52 -96.22 16.69
C VAL LA 115 -78.94 -97.04 17.90
N SER LA 116 -78.21 -98.12 18.18
CA SER LA 116 -78.55 -98.94 19.33
C SER LA 116 -78.17 -98.30 20.65
N ASN LA 117 -77.35 -97.25 20.66
CA ASN LA 117 -77.08 -96.56 21.92
C ASN LA 117 -78.29 -95.80 22.42
N LEU LA 118 -79.17 -95.36 21.54
CA LEU LA 118 -80.33 -94.60 21.98
C LEU LA 118 -81.54 -95.49 22.23
N ALA LA 119 -81.54 -96.70 21.66
CA ALA LA 119 -82.63 -97.64 21.91
C ALA LA 119 -82.62 -98.18 23.32
N LEU LA 120 -81.47 -98.17 23.99
CA LEU LA 120 -81.39 -98.58 25.37
C LEU LA 120 -81.03 -97.36 26.21
N GLN LA 121 -82.04 -96.51 26.42
CA GLN LA 121 -81.95 -95.35 27.29
C GLN LA 121 -83.26 -95.12 28.02
N PHE LA 122 -84.18 -96.08 27.97
CA PHE LA 122 -85.52 -95.89 28.49
C PHE LA 122 -85.51 -95.88 30.01
N GLY LA 123 -86.39 -95.11 30.59
CA GLY LA 123 -86.49 -94.96 32.03
C GLY LA 123 -86.59 -93.50 32.39
N GLU LA 124 -86.50 -93.23 33.69
CA GLU LA 124 -86.58 -91.87 34.21
C GLU LA 124 -85.22 -91.18 34.30
N GLU LA 125 -84.15 -91.84 33.85
CA GLU LA 125 -82.84 -91.20 33.86
C GLU LA 125 -82.72 -90.23 32.68
N ASP LA 126 -81.84 -89.25 32.84
CA ASP LA 126 -81.57 -88.28 31.78
C ASP LA 126 -80.19 -88.52 31.19
N SER LA 133 -88.83 -93.18 29.85
CA SER LA 133 -89.86 -93.47 28.88
C SER LA 133 -89.92 -94.96 28.59
N ARG LA 134 -90.74 -95.34 27.61
CA ARG LA 134 -90.92 -96.73 27.25
C ARG LA 134 -89.90 -97.15 26.20
N PRO LA 135 -89.64 -98.45 26.05
CA PRO LA 135 -88.84 -98.91 24.91
C PRO LA 135 -89.59 -98.77 23.60
N PHE LA 136 -88.84 -98.90 22.51
CA PHE LA 136 -89.40 -98.70 21.18
C PHE LA 136 -90.08 -99.97 20.70
N GLY LA 137 -90.90 -99.82 19.66
CA GLY LA 137 -91.67 -100.94 19.16
C GLY LA 137 -91.40 -101.27 17.71
N VAL LA 138 -90.14 -101.26 17.30
CA VAL LA 138 -89.80 -101.28 15.88
C VAL LA 138 -88.47 -101.99 15.68
N ALA LA 139 -88.47 -102.98 14.79
CA ALA LA 139 -87.25 -103.62 14.33
C ALA LA 139 -86.82 -102.99 13.00
N LEU LA 140 -85.53 -103.13 12.69
CA LEU LA 140 -84.97 -102.52 11.51
C LEU LA 140 -84.07 -103.49 10.76
N LEU LA 141 -83.94 -103.27 9.46
CA LEU LA 141 -83.00 -103.97 8.61
C LEU LA 141 -82.19 -102.95 7.84
N PHE LA 142 -80.88 -102.97 8.01
CA PHE LA 142 -80.00 -102.01 7.35
C PHE LA 142 -79.18 -102.70 6.28
N GLY LA 143 -79.28 -102.19 5.06
CA GLY LA 143 -78.46 -102.66 3.95
C GLY LA 143 -77.55 -101.56 3.48
N GLY LA 144 -76.33 -101.93 3.12
CA GLY LA 144 -75.35 -100.93 2.72
C GLY LA 144 -74.12 -101.57 2.14
N VAL LA 145 -73.41 -100.79 1.34
CA VAL LA 145 -72.18 -101.22 0.69
C VAL LA 145 -71.07 -100.30 1.20
N ASP LA 146 -70.32 -100.76 2.18
CA ASP LA 146 -69.11 -100.09 2.64
C ASP LA 146 -67.89 -100.72 1.99
N GLU LA 147 -66.71 -100.40 2.54
CA GLU LA 147 -65.44 -100.86 2.00
C GLU LA 147 -65.24 -102.36 2.14
N LYS LA 148 -66.00 -103.02 3.02
CA LYS LA 148 -65.97 -104.47 3.14
C LYS LA 148 -67.02 -105.15 2.29
N GLY LA 149 -67.39 -104.53 1.17
CA GLY LA 149 -68.43 -105.07 0.32
C GLY LA 149 -69.80 -104.69 0.83
N PRO LA 150 -70.82 -105.47 0.45
CA PRO LA 150 -72.16 -105.22 0.96
C PRO LA 150 -72.36 -105.83 2.33
N GLN LA 151 -73.20 -105.17 3.13
CA GLN LA 151 -73.47 -105.62 4.49
C GLN LA 151 -74.98 -105.61 4.73
N LEU LA 152 -75.40 -106.44 5.67
CA LEU LA 152 -76.81 -106.51 6.05
C LEU LA 152 -76.90 -106.81 7.54
N PHE LA 153 -77.62 -105.97 8.26
CA PHE LA 153 -77.67 -106.04 9.71
C PHE LA 153 -79.11 -106.03 10.19
N HIS LA 154 -79.27 -106.31 11.49
CA HIS LA 154 -80.58 -106.34 12.10
C HIS LA 154 -80.48 -105.91 13.56
N MET LA 155 -81.42 -105.08 14.00
CA MET LA 155 -81.51 -104.69 15.39
C MET LA 155 -82.93 -104.92 15.88
N ASP LA 156 -83.10 -104.75 17.18
CA ASP LA 156 -84.37 -105.00 17.85
C ASP LA 156 -84.49 -104.02 19.00
N PRO LA 157 -85.69 -103.86 19.58
CA PRO LA 157 -85.83 -102.98 20.76
C PRO LA 157 -85.02 -103.39 21.98
N SER LA 158 -84.54 -104.63 22.05
CA SER LA 158 -83.62 -104.98 23.12
C SER LA 158 -82.21 -104.47 22.87
N GLY LA 159 -81.92 -103.96 21.67
CA GLY LA 159 -80.57 -103.56 21.32
C GLY LA 159 -79.66 -104.70 20.96
N THR LA 160 -80.17 -105.93 20.88
CA THR LA 160 -79.38 -107.08 20.47
C THR LA 160 -79.09 -106.94 18.98
N PHE LA 161 -77.93 -106.41 18.68
CA PHE LA 161 -77.56 -106.08 17.32
C PHE LA 161 -76.64 -107.13 16.73
N VAL LA 162 -76.93 -107.55 15.51
CA VAL LA 162 -76.26 -108.69 14.90
C VAL LA 162 -76.27 -108.54 13.38
N GLN LA 163 -75.32 -109.21 12.72
CA GLN LA 163 -75.30 -109.32 11.28
C GLN LA 163 -76.03 -110.58 10.82
N CYS LA 164 -76.83 -110.44 9.77
CA CYS LA 164 -77.47 -111.57 9.13
C CYS LA 164 -77.10 -111.63 7.66
N ASP LA 165 -77.30 -112.79 7.06
CA ASP LA 165 -77.12 -112.92 5.61
C ASP LA 165 -78.41 -112.70 4.86
N ALA LA 166 -79.52 -113.20 5.38
CA ALA LA 166 -80.83 -112.92 4.79
C ALA LA 166 -81.87 -113.10 5.89
N ARG LA 167 -82.54 -112.01 6.25
CA ARG LA 167 -83.42 -111.94 7.40
C ARG LA 167 -84.81 -111.54 6.95
N ALA LA 168 -85.83 -112.04 7.64
CA ALA LA 168 -87.20 -111.62 7.43
C ALA LA 168 -87.86 -111.33 8.77
N ILE LA 169 -88.54 -110.20 8.85
CA ILE LA 169 -89.19 -109.76 10.08
C ILE LA 169 -90.63 -109.36 9.77
N GLY LA 170 -91.34 -108.96 10.82
CA GLY LA 170 -92.73 -108.57 10.71
C GLY LA 170 -93.66 -109.71 11.02
N SER LA 171 -94.90 -109.57 10.57
CA SER LA 171 -95.83 -110.68 10.65
C SER LA 171 -95.43 -111.76 9.65
N ALA LA 172 -95.76 -113.00 10.02
CA ALA LA 172 -95.38 -114.22 9.28
C ALA LA 172 -93.87 -114.31 9.05
N SER LA 173 -93.10 -113.80 10.00
CA SER LA 173 -91.65 -113.87 9.90
C SER LA 173 -91.12 -115.25 10.20
N GLU LA 174 -91.87 -116.05 10.97
CA GLU LA 174 -91.44 -117.40 11.28
C GLU LA 174 -91.51 -118.29 10.05
N GLY LA 175 -92.62 -118.23 9.31
CA GLY LA 175 -92.76 -119.02 8.11
C GLY LA 175 -91.88 -118.56 6.98
N ALA LA 176 -91.48 -117.29 6.98
CA ALA LA 176 -90.57 -116.80 5.95
C ALA LA 176 -89.17 -117.34 6.16
N GLN LA 177 -88.68 -117.27 7.40
CA GLN LA 177 -87.31 -117.71 7.71
C GLN LA 177 -87.13 -119.21 7.53
N SER LA 178 -88.19 -120.00 7.70
CA SER LA 178 -88.09 -121.42 7.44
C SER LA 178 -87.95 -121.69 5.96
N SER LA 179 -88.74 -120.99 5.15
CA SER LA 179 -88.70 -121.16 3.71
C SER LA 179 -87.47 -120.52 3.09
N LEU LA 180 -86.86 -119.55 3.78
CA LEU LA 180 -85.74 -118.82 3.20
C LEU LA 180 -84.47 -119.63 3.23
N GLN LA 181 -84.30 -120.54 4.19
CA GLN LA 181 -83.07 -121.30 4.30
C GLN LA 181 -82.95 -122.38 3.24
N GLU LA 182 -84.04 -122.69 2.54
CA GLU LA 182 -83.95 -123.66 1.47
C GLU LA 182 -83.33 -123.05 0.22
N VAL LA 183 -83.67 -121.80 -0.10
CA VAL LA 183 -83.27 -121.22 -1.38
C VAL LA 183 -81.91 -120.53 -1.35
N TYR LA 184 -81.36 -120.26 -0.17
CA TYR LA 184 -80.15 -119.47 -0.08
C TYR LA 184 -78.91 -120.37 -0.17
N HIS LA 185 -77.90 -119.87 -0.87
CA HIS LA 185 -76.57 -120.45 -0.84
C HIS LA 185 -75.56 -119.32 -0.99
N LYS LA 186 -74.28 -119.66 -0.95
CA LYS LA 186 -73.24 -118.67 -0.86
C LYS LA 186 -72.97 -117.94 -2.17
N SER LA 187 -73.29 -118.55 -3.30
CA SER LA 187 -72.88 -118.04 -4.61
C SER LA 187 -74.07 -117.48 -5.39
N MET LA 188 -74.96 -116.77 -4.69
CA MET LA 188 -76.12 -116.17 -5.33
C MET LA 188 -75.70 -114.99 -6.20
N THR LA 189 -76.60 -114.59 -7.09
CA THR LA 189 -76.45 -113.35 -7.85
C THR LA 189 -77.66 -112.48 -7.56
N LEU LA 190 -77.52 -111.19 -7.88
CA LEU LA 190 -78.55 -110.22 -7.49
C LEU LA 190 -79.81 -110.38 -8.31
N LYS LA 191 -79.68 -110.66 -9.61
CA LYS LA 191 -80.86 -110.88 -10.45
C LYS LA 191 -81.56 -112.18 -10.07
N GLU LA 192 -80.82 -113.14 -9.52
CA GLU LA 192 -81.46 -114.35 -9.02
C GLU LA 192 -82.15 -114.10 -7.69
N ALA LA 193 -81.53 -113.31 -6.82
CA ALA LA 193 -82.00 -113.18 -5.45
C ALA LA 193 -83.27 -112.35 -5.35
N ILE LA 194 -83.50 -111.46 -6.31
CA ILE LA 194 -84.70 -110.62 -6.25
C ILE LA 194 -85.94 -111.45 -6.54
N LYS LA 195 -85.93 -112.23 -7.61
CA LYS LA 195 -87.07 -113.09 -7.89
C LYS LA 195 -87.13 -114.27 -6.93
N SER LA 196 -86.02 -114.62 -6.29
CA SER LA 196 -86.08 -115.64 -5.25
C SER LA 196 -86.75 -115.11 -3.98
N SER LA 197 -86.72 -113.79 -3.79
CA SER LA 197 -87.29 -113.21 -2.59
C SER LA 197 -88.81 -113.08 -2.70
N LEU LA 198 -89.30 -112.64 -3.85
CA LEU LA 198 -90.72 -112.32 -3.98
C LEU LA 198 -91.59 -113.56 -4.11
N ILE LA 199 -91.01 -114.71 -4.44
CA ILE LA 199 -91.75 -115.96 -4.34
C ILE LA 199 -92.12 -116.24 -2.90
N ILE LA 200 -91.19 -115.98 -1.98
CA ILE LA 200 -91.44 -116.11 -0.55
C ILE LA 200 -92.48 -115.08 -0.10
N LEU LA 201 -92.52 -113.91 -0.75
CA LEU LA 201 -93.46 -112.86 -0.38
C LEU LA 201 -94.90 -113.26 -0.66
N LYS LA 202 -95.19 -113.73 -1.87
CA LYS LA 202 -96.58 -114.04 -2.20
C LYS LA 202 -97.07 -115.31 -1.54
N GLN LA 203 -96.17 -116.14 -1.03
CA GLN LA 203 -96.58 -117.30 -0.26
C GLN LA 203 -96.95 -116.95 1.17
N VAL LA 204 -96.54 -115.78 1.66
CA VAL LA 204 -96.84 -115.39 3.03
C VAL LA 204 -97.82 -114.23 3.12
N MET LA 205 -98.06 -113.52 2.03
CA MET LA 205 -99.11 -112.52 2.01
C MET LA 205 -100.36 -113.13 1.38
N GLU LA 206 -101.43 -112.35 1.35
CA GLU LA 206 -102.72 -112.85 0.92
C GLU LA 206 -103.28 -112.14 -0.30
N GLU LA 207 -102.89 -110.90 -0.55
CA GLU LA 207 -103.42 -110.20 -1.71
C GLU LA 207 -102.66 -110.63 -2.96
N LYS LA 208 -103.15 -110.19 -4.11
CA LYS LA 208 -102.48 -110.46 -5.37
C LYS LA 208 -101.18 -109.67 -5.43
N LEU LA 209 -100.10 -110.37 -5.72
CA LEU LA 209 -98.78 -109.76 -5.81
C LEU LA 209 -98.72 -108.92 -7.09
N ASN LA 210 -98.91 -107.61 -6.93
CA ASN LA 210 -98.87 -106.71 -8.08
C ASN LA 210 -97.85 -105.59 -7.85
N ALA LA 211 -97.86 -104.57 -8.70
CA ALA LA 211 -96.92 -103.47 -8.61
C ALA LA 211 -97.33 -102.43 -7.57
N THR LA 212 -98.44 -102.63 -6.88
CA THR LA 212 -98.93 -101.66 -5.91
C THR LA 212 -98.80 -102.14 -4.48
N ASN LA 213 -98.52 -103.41 -4.24
CA ASN LA 213 -98.43 -103.93 -2.88
C ASN LA 213 -97.02 -103.97 -2.35
N ILE LA 214 -96.01 -104.12 -3.21
CA ILE LA 214 -94.64 -104.30 -2.77
C ILE LA 214 -93.77 -103.22 -3.38
N GLU LA 215 -92.56 -103.11 -2.85
CA GLU LA 215 -91.54 -102.24 -3.45
C GLU LA 215 -90.17 -102.80 -3.12
N LEU LA 216 -89.20 -102.50 -3.98
CA LEU LA 216 -87.87 -103.07 -3.89
C LEU LA 216 -86.84 -101.97 -3.66
N ALA LA 217 -85.64 -102.40 -3.30
CA ALA LA 217 -84.52 -101.50 -3.04
C ALA LA 217 -83.24 -102.31 -3.16
N THR LA 218 -82.40 -101.97 -4.14
CA THR LA 218 -81.15 -102.68 -4.39
C THR LA 218 -79.99 -101.70 -4.39
N VAL LA 219 -78.95 -102.02 -3.63
CA VAL LA 219 -77.73 -101.22 -3.60
C VAL LA 219 -76.57 -102.05 -4.13
N GLN LA 220 -75.75 -101.44 -4.96
CA GLN LA 220 -74.62 -102.07 -5.64
C GLN LA 220 -73.36 -101.28 -5.36
N PRO LA 221 -72.17 -101.88 -5.52
CA PRO LA 221 -70.93 -101.10 -5.42
C PRO LA 221 -70.80 -100.01 -6.49
N GLY LA 222 -70.86 -100.41 -7.76
CA GLY LA 222 -70.78 -99.45 -8.85
C GLY LA 222 -71.99 -98.59 -9.05
N GLN LA 223 -73.08 -98.92 -8.36
CA GLN LA 223 -74.35 -98.19 -8.42
C GLN LA 223 -74.75 -97.86 -6.99
N ASN LA 224 -73.87 -97.12 -6.31
CA ASN LA 224 -74.15 -96.65 -4.96
C ASN LA 224 -75.47 -95.89 -4.88
N PHE LA 225 -75.69 -94.98 -5.81
CA PHE LA 225 -76.97 -94.30 -5.92
C PHE LA 225 -78.03 -95.29 -6.43
N HIS LA 226 -79.30 -94.85 -6.38
CA HIS LA 226 -80.47 -95.56 -6.90
C HIS LA 226 -80.68 -96.88 -6.14
N MET LA 227 -81.02 -96.73 -4.87
CA MET LA 227 -81.47 -97.86 -4.08
C MET LA 227 -82.96 -98.11 -4.30
N PHE LA 228 -83.40 -98.24 -5.55
CA PHE LA 228 -84.83 -98.20 -5.80
C PHE LA 228 -85.15 -98.82 -7.15
N THR LA 229 -86.38 -99.30 -7.28
CA THR LA 229 -86.94 -99.72 -8.56
C THR LA 229 -88.26 -99.01 -8.77
N LYS LA 230 -88.50 -98.55 -10.01
CA LYS LA 230 -89.71 -97.76 -10.32
C LYS LA 230 -90.29 -98.23 -11.65
N GLU LA 231 -91.28 -99.13 -11.58
CA GLU LA 231 -92.07 -99.66 -12.68
C GLU LA 231 -91.28 -100.46 -13.74
N GLU LA 232 -89.98 -100.61 -13.50
CA GLU LA 232 -89.25 -101.78 -13.95
C GLU LA 232 -89.63 -102.97 -13.10
N LEU LA 233 -90.14 -102.70 -11.90
CA LEU LA 233 -90.75 -103.70 -11.04
C LEU LA 233 -91.95 -104.38 -11.69
N GLU LA 234 -92.62 -103.68 -12.61
CA GLU LA 234 -93.71 -104.30 -13.37
C GLU LA 234 -93.18 -105.37 -14.30
N GLU LA 235 -91.95 -105.22 -14.79
CA GLU LA 235 -91.36 -106.24 -15.65
C GLU LA 235 -90.97 -107.48 -14.84
N VAL LA 236 -90.57 -107.29 -13.58
CA VAL LA 236 -90.09 -108.39 -12.77
C VAL LA 236 -91.24 -109.31 -12.36
N ILE LA 237 -92.41 -108.75 -12.11
CA ILE LA 237 -93.54 -109.55 -11.66
C ILE LA 237 -94.09 -110.41 -12.79
N LYS LA 238 -94.18 -109.87 -14.00
CA LYS LA 238 -94.67 -110.65 -15.11
C LYS LA 238 -93.66 -111.68 -15.62
N ASP LA 239 -92.41 -111.63 -15.15
CA ASP LA 239 -91.43 -112.64 -15.50
C ASP LA 239 -91.40 -113.80 -14.50
N ILE LA 240 -92.09 -113.68 -13.37
CA ILE LA 240 -92.18 -114.80 -12.45
C ILE LA 240 -93.52 -115.46 -12.69
N ASN MA 9 -94.45 -112.29 48.52
CA ASN MA 9 -94.34 -111.77 47.17
C ASN MA 9 -94.58 -110.27 47.13
N GLN MA 10 -95.19 -109.75 48.18
CA GLN MA 10 -95.43 -108.32 48.28
C GLN MA 10 -94.18 -107.54 48.62
N TYR MA 11 -93.14 -108.21 49.10
CA TYR MA 11 -91.84 -107.58 49.29
C TYR MA 11 -90.98 -107.67 48.04
N ASP MA 12 -91.47 -108.37 47.02
CA ASP MA 12 -90.70 -108.67 45.82
C ASP MA 12 -91.02 -107.70 44.69
N ASN MA 13 -90.85 -106.41 44.91
CA ASN MA 13 -91.16 -105.45 43.85
C ASN MA 13 -90.07 -104.44 43.58
N ASP MA 14 -89.39 -103.94 44.61
CA ASP MA 14 -88.42 -102.88 44.43
C ASP MA 14 -87.09 -103.28 45.03
N VAL MA 15 -86.07 -102.53 44.64
CA VAL MA 15 -84.74 -102.75 45.20
C VAL MA 15 -84.68 -102.19 46.62
N THR MA 16 -85.51 -101.18 46.90
CA THR MA 16 -85.47 -100.50 48.18
C THR MA 16 -86.00 -101.38 49.31
N VAL MA 17 -86.97 -102.23 49.02
CA VAL MA 17 -87.70 -102.91 50.09
C VAL MA 17 -86.90 -104.09 50.60
N TRP MA 18 -86.55 -104.07 51.88
CA TRP MA 18 -85.97 -105.24 52.53
C TRP MA 18 -87.04 -106.29 52.74
N SER MA 19 -86.61 -107.53 52.88
CA SER MA 19 -87.51 -108.62 53.21
C SER MA 19 -87.57 -108.78 54.72
N PRO MA 20 -88.57 -109.47 55.24
CA PRO MA 20 -88.55 -109.88 56.65
C PRO MA 20 -87.54 -110.97 56.98
N GLN MA 21 -86.77 -111.44 56.00
CA GLN MA 21 -85.66 -112.34 56.25
C GLN MA 21 -84.32 -111.69 56.00
N GLY MA 22 -84.31 -110.46 55.48
CA GLY MA 22 -83.08 -109.74 55.23
C GLY MA 22 -82.48 -109.92 53.85
N ARG MA 23 -83.21 -110.52 52.92
CA ARG MA 23 -82.69 -110.79 51.59
C ARG MA 23 -83.48 -109.99 50.57
N ILE MA 24 -82.81 -109.06 49.90
CA ILE MA 24 -83.47 -108.28 48.86
C ILE MA 24 -83.59 -109.14 47.60
N HIS MA 25 -84.82 -109.36 47.16
CA HIS MA 25 -85.05 -110.31 46.08
C HIS MA 25 -84.67 -109.79 44.71
N GLN MA 26 -84.66 -108.47 44.52
CA GLN MA 26 -84.33 -107.93 43.20
C GLN MA 26 -82.88 -108.15 42.84
N ILE MA 27 -81.97 -108.09 43.82
CA ILE MA 27 -80.59 -108.46 43.58
C ILE MA 27 -80.48 -109.95 43.33
N GLU MA 28 -81.29 -110.75 44.04
CA GLU MA 28 -81.28 -112.19 43.84
C GLU MA 28 -81.80 -112.58 42.46
N TYR MA 29 -82.60 -111.73 41.83
CA TYR MA 29 -83.11 -112.07 40.51
C TYR MA 29 -82.13 -111.70 39.42
N ALA MA 30 -81.31 -110.69 39.64
CA ALA MA 30 -80.33 -110.31 38.63
C ALA MA 30 -79.19 -111.31 38.55
N MET MA 31 -78.97 -112.08 39.61
CA MET MA 31 -78.06 -113.22 39.53
C MET MA 31 -78.56 -114.25 38.53
N GLU MA 32 -79.87 -114.39 38.40
CA GLU MA 32 -80.42 -115.38 37.48
C GLU MA 32 -80.30 -114.94 36.03
N ALA MA 33 -80.20 -113.64 35.77
CA ALA MA 33 -80.00 -113.15 34.42
C ALA MA 33 -78.62 -113.47 33.89
N VAL MA 34 -77.64 -113.68 34.78
CA VAL MA 34 -76.31 -114.05 34.34
C VAL MA 34 -76.31 -115.47 33.79
N LYS MA 35 -77.15 -116.34 34.36
CA LYS MA 35 -77.21 -117.72 33.91
C LYS MA 35 -77.92 -117.88 32.57
N GLN MA 36 -78.51 -116.82 32.03
CA GLN MA 36 -79.13 -116.90 30.71
C GLN MA 36 -78.11 -116.87 29.59
N GLY MA 37 -76.97 -116.20 29.79
CA GLY MA 37 -75.95 -116.14 28.76
C GLY MA 37 -75.15 -117.42 28.68
N SER MA 38 -74.28 -117.49 27.70
CA SER MA 38 -73.50 -118.70 27.51
C SER MA 38 -72.35 -118.75 28.50
N ALA MA 39 -71.62 -119.86 28.48
CA ALA MA 39 -70.53 -120.06 29.41
C ALA MA 39 -69.25 -119.44 28.88
N THR MA 40 -68.37 -119.07 29.81
CA THR MA 40 -67.06 -118.51 29.47
C THR MA 40 -66.10 -118.80 30.60
N VAL MA 41 -64.83 -118.99 30.25
CA VAL MA 41 -63.83 -119.54 31.17
C VAL MA 41 -62.59 -118.66 31.12
N GLY MA 42 -62.12 -118.21 32.27
CA GLY MA 42 -60.88 -117.48 32.38
C GLY MA 42 -59.92 -118.15 33.35
N LEU MA 43 -58.63 -118.02 33.06
CA LEU MA 43 -57.58 -118.63 33.87
C LEU MA 43 -56.27 -117.92 33.59
N LYS MA 44 -55.27 -118.24 34.40
CA LYS MA 44 -53.98 -117.57 34.24
C LYS MA 44 -52.84 -118.47 34.69
N SER MA 45 -51.68 -118.26 34.07
CA SER MA 45 -50.41 -118.80 34.49
C SER MA 45 -49.67 -117.74 35.30
N LYS MA 46 -48.38 -117.97 35.52
CA LYS MA 46 -47.55 -116.91 36.09
C LYS MA 46 -47.34 -115.77 35.11
N THR MA 47 -47.35 -116.07 33.82
CA THR MA 47 -47.07 -115.06 32.81
C THR MA 47 -48.20 -114.77 31.86
N HIS MA 48 -49.22 -115.61 31.78
CA HIS MA 48 -50.23 -115.41 30.75
C HIS MA 48 -51.62 -115.66 31.30
N ALA MA 49 -52.51 -114.70 31.06
CA ALA MA 49 -53.89 -114.76 31.47
C ALA MA 49 -54.75 -114.89 30.23
N VAL MA 50 -55.50 -115.98 30.14
CA VAL MA 50 -56.27 -116.33 28.94
C VAL MA 50 -57.72 -116.52 29.36
N LEU MA 51 -58.62 -115.83 28.67
CA LEU MA 51 -60.05 -116.04 28.86
C LEU MA 51 -60.66 -116.51 27.54
N VAL MA 52 -61.47 -117.56 27.61
CA VAL MA 52 -62.04 -118.22 26.45
C VAL MA 52 -63.55 -118.25 26.62
N ALA MA 53 -64.28 -117.83 25.60
CA ALA MA 53 -65.73 -117.75 25.66
C ALA MA 53 -66.37 -118.60 24.56
N LEU MA 54 -67.67 -118.78 24.67
CA LEU MA 54 -68.46 -119.59 23.76
C LEU MA 54 -69.49 -118.74 23.06
N LYS MA 55 -69.42 -118.69 21.73
CA LYS MA 55 -70.40 -117.95 20.96
C LYS MA 55 -71.72 -118.71 20.89
N ARG MA 56 -72.79 -118.00 20.58
CA ARG MA 56 -74.10 -118.60 20.36
C ARG MA 56 -74.70 -118.04 19.08
N ALA MA 57 -75.20 -118.93 18.24
CA ALA MA 57 -75.87 -118.54 17.01
C ALA MA 57 -77.28 -118.06 17.29
N GLN MA 58 -77.73 -117.10 16.48
CA GLN MA 58 -79.12 -116.67 16.53
C GLN MA 58 -79.97 -117.47 15.56
N SER MA 59 -79.51 -117.60 14.32
CA SER MA 59 -80.15 -118.48 13.35
C SER MA 59 -79.09 -119.30 12.64
N GLU MA 60 -79.47 -120.00 11.58
CA GLU MA 60 -78.52 -120.86 10.90
C GLU MA 60 -77.54 -120.07 10.06
N LEU MA 61 -77.96 -118.92 9.54
CA LEU MA 61 -77.12 -118.14 8.64
C LEU MA 61 -76.73 -116.77 9.19
N ALA MA 62 -77.28 -116.37 10.33
CA ALA MA 62 -76.81 -115.14 10.96
C ALA MA 62 -75.45 -115.36 11.58
N ALA MA 63 -74.73 -114.26 11.80
CA ALA MA 63 -73.43 -114.35 12.44
C ALA MA 63 -73.59 -114.66 13.93
N HIS MA 64 -72.53 -115.18 14.52
CA HIS MA 64 -72.55 -115.50 15.94
C HIS MA 64 -72.22 -114.26 16.74
N GLN MA 65 -72.95 -114.05 17.83
CA GLN MA 65 -72.78 -112.85 18.63
C GLN MA 65 -71.50 -112.92 19.44
N LYS MA 66 -70.73 -111.84 19.41
CA LYS MA 66 -69.41 -111.84 20.02
C LYS MA 66 -69.49 -111.68 21.52
N LYS MA 67 -68.47 -112.20 22.21
CA LYS MA 67 -68.40 -112.16 23.65
C LYS MA 67 -67.19 -111.38 24.15
N ILE MA 68 -65.99 -111.73 23.70
CA ILE MA 68 -64.77 -111.10 24.18
C ILE MA 68 -64.60 -109.78 23.45
N LEU MA 69 -64.29 -108.72 24.18
CA LEU MA 69 -64.12 -107.43 23.55
C LEU MA 69 -62.96 -106.66 24.19
N HIS MA 70 -62.23 -105.96 23.34
CA HIS MA 70 -61.02 -105.25 23.75
C HIS MA 70 -61.37 -103.99 24.53
N VAL MA 71 -60.55 -103.69 25.54
CA VAL MA 71 -60.75 -102.49 26.36
C VAL MA 71 -59.54 -101.58 26.23
N ASP MA 72 -58.36 -102.11 26.58
CA ASP MA 72 -57.12 -101.37 26.50
C ASP MA 72 -56.03 -102.34 26.06
N ASN MA 73 -54.80 -101.85 25.93
CA ASN MA 73 -53.71 -102.68 25.46
C ASN MA 73 -53.26 -103.72 26.48
N HIS MA 74 -53.78 -103.67 27.69
CA HIS MA 74 -53.42 -104.64 28.71
C HIS MA 74 -54.62 -105.19 29.44
N ILE MA 75 -55.84 -104.84 29.03
CA ILE MA 75 -57.07 -105.29 29.67
C ILE MA 75 -58.07 -105.68 28.60
N GLY MA 76 -58.63 -106.87 28.71
CA GLY MA 76 -59.78 -107.24 27.93
C GLY MA 76 -60.77 -108.02 28.76
N ILE MA 77 -62.06 -107.87 28.45
CA ILE MA 77 -63.10 -108.42 29.29
C ILE MA 77 -63.98 -109.37 28.48
N SER MA 78 -64.61 -110.30 29.19
CA SER MA 78 -65.63 -111.17 28.65
C SER MA 78 -66.99 -110.69 29.13
N ILE MA 79 -68.07 -111.40 28.77
CA ILE MA 79 -69.39 -110.87 29.02
C ILE MA 79 -70.37 -112.03 29.22
N ALA MA 80 -71.39 -111.78 30.03
CA ALA MA 80 -72.50 -112.71 30.25
C ALA MA 80 -73.66 -111.92 30.83
N GLY MA 81 -74.84 -112.02 30.22
CA GLY MA 81 -76.01 -111.30 30.67
C GLY MA 81 -76.52 -110.34 29.61
N LEU MA 82 -77.16 -109.27 30.06
CA LEU MA 82 -77.83 -108.35 29.15
C LEU MA 82 -76.82 -107.59 28.30
N THR MA 83 -77.11 -107.52 26.99
CA THR MA 83 -76.27 -106.72 26.11
C THR MA 83 -76.49 -105.24 26.28
N ALA MA 84 -77.58 -104.83 26.94
CA ALA MA 84 -77.78 -103.43 27.24
C ALA MA 84 -76.75 -102.95 28.25
N ASP MA 85 -76.61 -103.66 29.37
CA ASP MA 85 -75.64 -103.31 30.38
C ASP MA 85 -74.22 -103.70 29.98
N ALA MA 86 -74.06 -104.47 28.91
CA ALA MA 86 -72.72 -104.80 28.44
C ALA MA 86 -72.03 -103.59 27.87
N ARG MA 87 -72.61 -102.97 26.85
CA ARG MA 87 -72.01 -101.78 26.26
C ARG MA 87 -72.10 -100.57 27.16
N LEU MA 88 -73.03 -100.60 28.14
CA LEU MA 88 -73.14 -99.47 29.04
C LEU MA 88 -71.98 -99.45 30.02
N LEU MA 89 -71.55 -100.61 30.52
CA LEU MA 89 -70.37 -100.66 31.36
C LEU MA 89 -69.09 -100.59 30.56
N CYS MA 90 -69.13 -101.00 29.29
CA CYS MA 90 -67.93 -100.93 28.46
C CYS MA 90 -67.54 -99.50 28.18
N ASN MA 91 -68.52 -98.65 27.90
CA ASN MA 91 -68.23 -97.24 27.63
C ASN MA 91 -67.73 -96.53 28.88
N PHE MA 92 -68.18 -96.95 30.05
CA PHE MA 92 -67.58 -96.46 31.28
C PHE MA 92 -66.21 -97.04 31.49
N MET MA 93 -65.99 -98.26 31.02
CA MET MA 93 -64.70 -98.91 31.22
C MET MA 93 -63.61 -98.26 30.37
N ARG MA 94 -63.91 -97.97 29.11
CA ARG MA 94 -62.92 -97.41 28.21
C ARG MA 94 -62.60 -95.98 28.57
N GLN MA 95 -63.55 -95.28 29.18
CA GLN MA 95 -63.33 -93.88 29.51
C GLN MA 95 -62.33 -93.73 30.63
N GLU MA 96 -62.38 -94.61 31.62
CA GLU MA 96 -61.48 -94.52 32.76
C GLU MA 96 -60.06 -94.90 32.41
N CYS MA 97 -59.88 -95.76 31.41
CA CYS MA 97 -58.54 -96.22 31.06
C CYS MA 97 -57.75 -95.13 30.38
N LEU MA 98 -58.38 -94.39 29.46
CA LEU MA 98 -57.64 -93.34 28.77
C LEU MA 98 -57.50 -92.08 29.60
N ASP MA 99 -58.21 -91.97 30.72
CA ASP MA 99 -57.98 -90.83 31.60
C ASP MA 99 -56.68 -90.97 32.36
N SER MA 100 -56.35 -92.18 32.81
CA SER MA 100 -55.05 -92.42 33.43
C SER MA 100 -53.93 -92.29 32.42
N ARG MA 101 -54.20 -92.60 31.16
CA ARG MA 101 -53.22 -92.34 30.12
C ARG MA 101 -53.07 -90.84 29.88
N PHE MA 102 -54.16 -90.09 30.02
CA PHE MA 102 -54.08 -88.67 29.75
C PHE MA 102 -53.49 -87.91 30.93
N VAL MA 103 -53.82 -88.31 32.15
CA VAL MA 103 -53.43 -87.52 33.31
C VAL MA 103 -52.09 -88.02 33.85
N PHE MA 104 -52.04 -89.29 34.20
CA PHE MA 104 -50.87 -89.85 34.85
C PHE MA 104 -49.84 -90.38 33.87
N ASP MA 105 -50.23 -90.56 32.61
CA ASP MA 105 -49.41 -91.13 31.54
C ASP MA 105 -48.87 -92.51 31.93
N ARG MA 106 -49.73 -93.30 32.54
CA ARG MA 106 -49.43 -94.70 32.84
C ARG MA 106 -50.68 -95.51 32.56
N PRO MA 107 -50.54 -96.81 32.35
CA PRO MA 107 -51.75 -97.65 32.33
C PRO MA 107 -52.28 -97.84 33.74
N LEU MA 108 -53.59 -98.10 33.82
CA LEU MA 108 -54.21 -98.32 35.11
C LEU MA 108 -53.75 -99.62 35.74
N PRO MA 109 -53.63 -99.63 37.07
CA PRO MA 109 -53.63 -100.92 37.78
C PRO MA 109 -54.99 -101.57 37.61
N VAL MA 110 -54.96 -102.87 37.36
CA VAL MA 110 -56.19 -103.59 37.05
C VAL MA 110 -57.07 -103.71 38.28
N SER MA 111 -56.46 -103.80 39.46
CA SER MA 111 -57.21 -104.00 40.69
C SER MA 111 -58.05 -102.77 41.05
N ARG MA 112 -57.49 -101.59 40.90
CA ARG MA 112 -58.24 -100.40 41.27
C ARG MA 112 -59.18 -99.94 40.18
N LEU MA 113 -59.12 -100.53 39.00
CA LEU MA 113 -60.17 -100.27 38.01
C LEU MA 113 -61.47 -100.95 38.42
N VAL MA 114 -61.37 -102.16 38.97
CA VAL MA 114 -62.54 -102.95 39.30
C VAL MA 114 -63.25 -102.34 40.51
N SER MA 115 -62.51 -101.69 41.39
CA SER MA 115 -63.12 -100.99 42.50
C SER MA 115 -63.95 -99.80 42.04
N LEU MA 116 -63.63 -99.24 40.88
CA LEU MA 116 -64.48 -98.21 40.30
C LEU MA 116 -65.77 -98.78 39.78
N ILE MA 117 -65.74 -100.04 39.32
CA ILE MA 117 -66.95 -100.67 38.81
C ILE MA 117 -67.90 -101.00 39.96
N GLY MA 118 -67.35 -101.45 41.09
CA GLY MA 118 -68.18 -101.74 42.23
C GLY MA 118 -68.81 -100.51 42.83
N SER MA 119 -68.12 -99.38 42.75
CA SER MA 119 -68.73 -98.12 43.14
C SER MA 119 -69.76 -97.67 42.12
N LYS MA 120 -69.56 -98.04 40.85
CA LYS MA 120 -70.50 -97.67 39.79
C LYS MA 120 -71.81 -98.42 39.93
N THR MA 121 -71.74 -99.74 40.12
CA THR MA 121 -72.95 -100.55 40.19
C THR MA 121 -73.61 -100.55 41.55
N GLN MA 122 -73.01 -99.94 42.57
CA GLN MA 122 -73.60 -99.90 43.90
C GLN MA 122 -74.81 -98.98 43.96
N ILE MA 123 -74.67 -97.75 43.44
CA ILE MA 123 -75.76 -96.77 43.48
C ILE MA 123 -77.08 -97.23 42.87
N PRO MA 124 -77.12 -97.82 41.65
CA PRO MA 124 -78.43 -98.38 41.21
C PRO MA 124 -78.92 -99.62 41.97
N THR MA 125 -78.17 -100.15 42.91
CA THR MA 125 -78.69 -101.17 43.81
C THR MA 125 -79.22 -100.61 45.11
N GLN MA 126 -79.29 -99.30 45.26
CA GLN MA 126 -79.85 -98.78 46.51
C GLN MA 126 -80.88 -97.69 46.29
N ARG MA 127 -80.67 -96.80 45.35
CA ARG MA 127 -81.67 -95.77 45.14
C ARG MA 127 -82.79 -96.29 44.24
N TYR MA 128 -83.97 -95.73 44.44
CA TYR MA 128 -85.12 -96.18 43.66
C TYR MA 128 -85.11 -95.49 42.30
N GLY MA 129 -85.53 -96.22 41.28
CA GLY MA 129 -85.69 -95.62 39.96
C GLY MA 129 -84.73 -96.15 38.94
N ARG MA 130 -83.97 -97.18 39.31
CA ARG MA 130 -82.99 -97.75 38.41
C ARG MA 130 -82.72 -99.19 38.82
N ARG MA 131 -82.77 -100.10 37.85
CA ARG MA 131 -82.53 -101.49 38.13
C ARG MA 131 -81.03 -101.74 38.32
N PRO MA 132 -80.66 -102.86 38.94
CA PRO MA 132 -79.26 -103.26 38.93
C PRO MA 132 -78.83 -103.69 37.54
N TYR MA 133 -77.52 -103.76 37.35
CA TYR MA 133 -76.94 -104.12 36.06
C TYR MA 133 -76.81 -105.64 36.00
N GLY MA 134 -77.63 -106.27 35.17
CA GLY MA 134 -77.50 -107.70 35.03
C GLY MA 134 -76.40 -108.04 34.06
N VAL MA 135 -75.24 -108.44 34.58
CA VAL MA 135 -74.03 -108.55 33.77
C VAL MA 135 -73.06 -109.47 34.51
N GLY MA 136 -72.12 -110.05 33.77
CA GLY MA 136 -71.28 -111.13 34.24
C GLY MA 136 -69.80 -111.00 33.94
N LEU MA 137 -69.21 -109.82 34.18
CA LEU MA 137 -67.88 -109.51 33.69
C LEU MA 137 -66.79 -110.45 34.23
N LEU MA 138 -65.94 -110.91 33.32
CA LEU MA 138 -64.67 -111.55 33.62
C LEU MA 138 -63.56 -110.68 33.04
N ILE MA 139 -62.57 -110.34 33.86
CA ILE MA 139 -61.57 -109.34 33.51
C ILE MA 139 -60.18 -109.97 33.57
N ALA MA 140 -59.40 -109.79 32.52
CA ALA MA 140 -57.99 -110.17 32.51
C ALA MA 140 -57.12 -108.94 32.35
N GLY MA 141 -55.94 -108.95 32.96
CA GLY MA 141 -55.16 -107.73 32.96
C GLY MA 141 -53.70 -107.90 33.30
N TYR MA 142 -52.97 -106.78 33.20
CA TYR MA 142 -51.57 -106.69 33.59
C TYR MA 142 -51.31 -105.36 34.26
N ASP MA 143 -51.18 -105.38 35.57
CA ASP MA 143 -50.54 -104.28 36.28
C ASP MA 143 -49.06 -104.63 36.43
N ASP MA 144 -48.36 -103.93 37.32
CA ASP MA 144 -46.94 -104.20 37.53
C ASP MA 144 -46.68 -105.51 38.23
N MET MA 145 -47.70 -106.14 38.83
CA MET MA 145 -47.51 -107.35 39.60
C MET MA 145 -48.13 -108.57 38.93
N GLY MA 146 -48.18 -108.57 37.61
CA GLY MA 146 -48.48 -109.77 36.87
C GLY MA 146 -49.93 -109.89 36.44
N PRO MA 147 -50.31 -111.09 35.98
CA PRO MA 147 -51.66 -111.28 35.47
C PRO MA 147 -52.70 -111.36 36.58
N HIS MA 148 -53.94 -111.10 36.19
CA HIS MA 148 -55.07 -111.14 37.11
C HIS MA 148 -56.30 -111.65 36.39
N ILE MA 149 -57.12 -112.40 37.12
CA ILE MA 149 -58.43 -112.79 36.65
C ILE MA 149 -59.44 -112.34 37.70
N PHE MA 150 -60.37 -111.49 37.29
CA PHE MA 150 -61.39 -110.96 38.17
C PHE MA 150 -62.76 -111.36 37.65
N GLN MA 151 -63.70 -111.54 38.56
CA GLN MA 151 -65.10 -111.61 38.18
C GLN MA 151 -65.89 -110.61 38.99
N THR MA 152 -67.03 -110.21 38.45
CA THR MA 152 -67.97 -109.36 39.14
C THR MA 152 -69.31 -110.08 39.22
N CYS MA 153 -70.30 -109.35 39.69
CA CYS MA 153 -71.65 -109.86 39.86
C CYS MA 153 -72.57 -108.66 39.96
N PRO MA 154 -73.87 -108.82 39.68
CA PRO MA 154 -74.80 -107.70 39.86
C PRO MA 154 -74.98 -107.25 41.30
N SER MA 155 -74.55 -108.04 42.28
CA SER MA 155 -74.52 -107.60 43.66
C SER MA 155 -73.27 -106.81 44.00
N ALA MA 156 -72.45 -106.48 43.00
CA ALA MA 156 -71.25 -105.63 43.10
C ALA MA 156 -70.17 -106.23 44.01
N ASN MA 157 -70.16 -107.54 44.18
CA ASN MA 157 -69.12 -108.22 44.96
C ASN MA 157 -68.09 -108.75 43.99
N TYR MA 158 -67.04 -107.98 43.75
CA TYR MA 158 -66.01 -108.39 42.81
C TYR MA 158 -65.00 -109.29 43.51
N PHE MA 159 -64.61 -110.36 42.82
CA PHE MA 159 -63.78 -111.41 43.41
C PHE MA 159 -62.48 -111.51 42.64
N ASP MA 160 -61.36 -111.56 43.35
CA ASP MA 160 -60.12 -111.99 42.75
C ASP MA 160 -60.10 -113.52 42.73
N CYS MA 161 -59.62 -114.07 41.62
CA CYS MA 161 -59.60 -115.51 41.45
C CYS MA 161 -58.47 -115.90 40.52
N ARG MA 162 -58.14 -117.19 40.53
CA ARG MA 162 -57.12 -117.72 39.65
C ARG MA 162 -57.69 -118.53 38.49
N ALA MA 163 -58.95 -118.93 38.58
CA ALA MA 163 -59.69 -119.55 37.49
C ALA MA 163 -61.15 -119.42 37.82
N MET MA 164 -61.99 -119.23 36.80
CA MET MA 164 -63.40 -119.00 37.05
C MET MA 164 -64.18 -119.31 35.78
N SER MA 165 -65.42 -119.76 35.96
CA SER MA 165 -66.31 -119.98 34.83
C SER MA 165 -67.73 -119.65 35.23
N ILE MA 166 -68.37 -118.77 34.47
CA ILE MA 166 -69.72 -118.31 34.75
C ILE MA 166 -70.58 -118.38 33.49
N GLY MA 167 -71.89 -118.43 33.70
CA GLY MA 167 -72.83 -118.53 32.60
C GLY MA 167 -73.76 -119.71 32.75
N ALA MA 168 -74.35 -120.16 31.65
CA ALA MA 168 -75.24 -121.31 31.70
C ALA MA 168 -74.43 -122.59 31.84
N ARG MA 169 -74.93 -123.49 32.70
CA ARG MA 169 -74.35 -124.78 33.12
C ARG MA 169 -72.84 -124.73 33.36
N SER MA 170 -72.37 -123.65 33.97
CA SER MA 170 -70.94 -123.44 34.13
C SER MA 170 -70.37 -124.14 35.34
N GLN MA 171 -71.17 -124.93 36.06
CA GLN MA 171 -70.64 -125.69 37.18
C GLN MA 171 -69.72 -126.81 36.73
N SER MA 172 -70.06 -127.45 35.61
CA SER MA 172 -69.24 -128.54 35.09
C SER MA 172 -67.88 -128.06 34.65
N ALA MA 173 -67.76 -126.79 34.28
CA ALA MA 173 -66.45 -126.23 34.00
C ALA MA 173 -65.67 -125.97 35.28
N ARG MA 174 -66.35 -125.60 36.36
CA ARG MA 174 -65.66 -125.34 37.62
C ARG MA 174 -65.09 -126.62 38.22
N THR MA 175 -65.80 -127.73 38.10
CA THR MA 175 -65.31 -128.99 38.63
C THR MA 175 -64.10 -129.49 37.87
N TYR MA 176 -64.00 -129.14 36.58
CA TYR MA 176 -62.79 -129.45 35.84
C TYR MA 176 -61.62 -128.61 36.33
N LEU MA 177 -61.86 -127.35 36.64
CA LEU MA 177 -60.78 -126.44 37.01
C LEU MA 177 -60.21 -126.72 38.39
N GLU MA 178 -61.00 -127.30 39.29
CA GLU MA 178 -60.51 -127.55 40.63
C GLU MA 178 -59.49 -128.67 40.67
N ARG MA 179 -59.66 -129.67 39.80
CA ARG MA 179 -58.71 -130.77 39.74
C ARG MA 179 -57.59 -130.54 38.75
N HIS MA 180 -57.44 -129.31 38.26
CA HIS MA 180 -56.30 -128.98 37.41
C HIS MA 180 -55.71 -127.62 37.73
N MET MA 181 -56.17 -126.94 38.78
CA MET MA 181 -55.66 -125.61 39.11
C MET MA 181 -54.22 -125.63 39.59
N SER MA 182 -53.74 -126.79 40.07
CA SER MA 182 -52.33 -126.90 40.43
C SER MA 182 -51.43 -126.92 39.20
N GLU MA 183 -51.96 -127.36 38.05
CA GLU MA 183 -51.18 -127.48 36.85
C GLU MA 183 -51.04 -126.18 36.08
N PHE MA 184 -51.75 -125.13 36.48
CA PHE MA 184 -51.90 -123.96 35.62
C PHE MA 184 -50.76 -122.98 35.75
N MET MA 185 -50.08 -122.94 36.89
CA MET MA 185 -49.08 -121.90 37.10
C MET MA 185 -47.79 -122.16 36.34
N GLU MA 186 -47.59 -123.36 35.81
CA GLU MA 186 -46.31 -123.74 35.24
C GLU MA 186 -46.31 -123.92 33.74
N CYS MA 187 -47.46 -124.15 33.11
CA CYS MA 187 -47.47 -124.45 31.70
C CYS MA 187 -47.27 -123.18 30.89
N ASN MA 188 -46.88 -123.36 29.63
CA ASN MA 188 -46.57 -122.24 28.75
C ASN MA 188 -47.85 -121.66 28.16
N LEU MA 189 -47.70 -120.84 27.10
CA LEU MA 189 -48.87 -120.23 26.47
C LEU MA 189 -49.74 -121.26 25.79
N ASN MA 190 -49.14 -122.36 25.33
CA ASN MA 190 -49.84 -123.21 24.36
C ASN MA 190 -50.86 -124.11 25.03
N GLU MA 191 -50.42 -124.98 25.94
CA GLU MA 191 -51.40 -125.86 26.55
C GLU MA 191 -52.24 -125.19 27.62
N LEU MA 192 -51.84 -124.00 28.09
CA LEU MA 192 -52.72 -123.24 28.98
C LEU MA 192 -54.02 -122.88 28.29
N VAL MA 193 -53.94 -122.55 27.01
CA VAL MA 193 -55.15 -122.30 26.21
C VAL MA 193 -55.97 -123.57 26.10
N LYS MA 194 -55.34 -124.68 25.77
CA LYS MA 194 -56.11 -125.91 25.65
C LYS MA 194 -56.19 -126.68 26.96
N HIS MA 195 -55.72 -126.11 28.08
CA HIS MA 195 -56.32 -126.50 29.35
C HIS MA 195 -57.68 -125.83 29.51
N GLY MA 196 -57.80 -124.60 29.03
CA GLY MA 196 -59.00 -123.82 29.21
C GLY MA 196 -60.17 -124.28 28.37
N LEU MA 197 -59.92 -124.62 27.11
CA LEU MA 197 -61.00 -125.07 26.26
C LEU MA 197 -61.27 -126.55 26.39
N ARG MA 198 -60.53 -127.27 27.22
CA ARG MA 198 -61.04 -128.55 27.69
C ARG MA 198 -62.12 -128.36 28.73
N ALA MA 199 -62.23 -127.17 29.33
CA ALA MA 199 -63.26 -126.93 30.32
C ALA MA 199 -64.59 -126.51 29.69
N LEU MA 200 -64.56 -125.88 28.51
CA LEU MA 200 -65.80 -125.43 27.90
C LEU MA 200 -66.61 -126.59 27.37
N ARG MA 201 -65.96 -127.68 26.99
CA ARG MA 201 -66.65 -128.78 26.34
C ARG MA 201 -67.48 -129.60 27.30
N GLU MA 202 -67.36 -129.40 28.61
CA GLU MA 202 -68.31 -129.98 29.56
C GLU MA 202 -69.49 -129.08 29.81
N THR MA 203 -69.43 -127.83 29.37
CA THR MA 203 -70.61 -126.97 29.35
C THR MA 203 -71.40 -127.11 28.06
N LEU MA 204 -71.11 -128.14 27.29
CA LEU MA 204 -71.83 -128.47 26.09
C LEU MA 204 -72.56 -129.79 26.26
N PRO MA 205 -73.76 -129.90 25.71
CA PRO MA 205 -74.37 -131.22 25.54
C PRO MA 205 -73.50 -132.09 24.64
N ALA MA 206 -73.42 -133.37 24.98
CA ALA MA 206 -72.44 -134.31 24.44
C ALA MA 206 -72.66 -134.66 22.97
N GLU MA 207 -73.63 -134.11 22.25
CA GLU MA 207 -73.85 -134.49 20.86
C GLU MA 207 -73.21 -133.52 19.87
N GLN MA 208 -72.86 -132.31 20.29
CA GLN MA 208 -72.20 -131.38 19.39
C GLN MA 208 -70.80 -131.07 19.90
N ASP MA 209 -69.99 -130.50 19.02
CA ASP MA 209 -68.56 -130.33 19.24
C ASP MA 209 -68.20 -128.86 19.18
N LEU MA 210 -67.11 -128.51 19.87
CA LEU MA 210 -66.58 -127.16 19.86
C LEU MA 210 -65.87 -126.93 18.53
N THR MA 211 -66.53 -126.21 17.63
CA THR MA 211 -66.02 -126.00 16.27
C THR MA 211 -65.21 -124.70 16.21
N THR MA 212 -64.93 -124.24 15.00
CA THR MA 212 -64.19 -123.00 14.84
C THR MA 212 -65.10 -121.78 14.92
N LYS MA 213 -66.32 -121.90 14.40
CA LYS MA 213 -67.18 -120.75 14.22
C LYS MA 213 -67.89 -120.31 15.49
N ASN MA 214 -67.72 -121.02 16.60
CA ASN MA 214 -68.51 -120.74 17.80
C ASN MA 214 -67.69 -120.45 19.04
N VAL MA 215 -66.40 -120.19 18.90
CA VAL MA 215 -65.54 -120.00 20.06
C VAL MA 215 -64.60 -118.83 19.79
N SER MA 216 -64.27 -118.08 20.84
CA SER MA 216 -63.33 -116.99 20.77
C SER MA 216 -62.30 -117.17 21.88
N ILE MA 217 -61.07 -116.73 21.61
CA ILE MA 217 -59.97 -116.83 22.58
C ILE MA 217 -59.26 -115.49 22.61
N GLY MA 218 -59.14 -114.91 23.81
CA GLY MA 218 -58.39 -113.69 24.00
C GLY MA 218 -57.22 -113.94 24.94
N ILE MA 219 -56.04 -113.47 24.55
CA ILE MA 219 -54.83 -113.64 25.34
C ILE MA 219 -54.21 -112.27 25.56
N VAL MA 220 -53.89 -111.96 26.82
CA VAL MA 220 -52.99 -110.87 27.14
C VAL MA 220 -51.79 -111.47 27.86
N GLY MA 221 -50.58 -111.01 27.51
CA GLY MA 221 -49.37 -111.61 28.01
C GLY MA 221 -48.49 -110.56 28.65
N LYS MA 222 -47.41 -111.04 29.29
CA LYS MA 222 -46.47 -110.14 29.95
C LYS MA 222 -45.74 -109.27 28.94
N ASP MA 223 -45.41 -109.82 27.79
CA ASP MA 223 -44.89 -109.04 26.68
C ASP MA 223 -45.86 -109.00 25.51
N LEU MA 224 -47.13 -109.33 25.72
CA LEU MA 224 -48.09 -109.49 24.65
C LEU MA 224 -49.30 -108.61 24.90
N GLU MA 225 -49.64 -107.80 23.91
CA GLU MA 225 -50.84 -106.97 23.97
C GLU MA 225 -52.08 -107.86 23.87
N PHE MA 226 -53.19 -107.39 24.43
CA PHE MA 226 -54.43 -108.16 24.43
C PHE MA 226 -54.97 -108.35 23.02
N THR MA 227 -55.08 -109.61 22.61
CA THR MA 227 -55.39 -109.95 21.22
C THR MA 227 -56.58 -110.90 21.19
N ILE MA 228 -57.54 -110.60 20.31
CA ILE MA 228 -58.75 -111.41 20.16
C ILE MA 228 -58.61 -112.23 18.89
N TYR MA 229 -58.79 -113.54 19.01
CA TYR MA 229 -58.76 -114.42 17.86
C TYR MA 229 -60.15 -114.97 17.60
N ASP MA 230 -60.46 -115.21 16.33
CA ASP MA 230 -61.79 -115.64 15.94
C ASP MA 230 -61.76 -116.31 14.58
N ASP MA 231 -62.19 -117.58 14.55
CA ASP MA 231 -62.67 -118.32 13.38
C ASP MA 231 -61.61 -118.71 12.37
N ASP MA 232 -60.42 -118.15 12.46
CA ASP MA 232 -59.35 -118.55 11.55
C ASP MA 232 -58.07 -118.88 12.29
N ASP MA 233 -57.74 -118.11 13.31
CA ASP MA 233 -56.57 -118.37 14.13
C ASP MA 233 -56.89 -119.26 15.31
N VAL MA 234 -58.14 -119.70 15.42
CA VAL MA 234 -58.52 -120.70 16.40
C VAL MA 234 -58.04 -122.08 15.97
N SER MA 235 -57.89 -122.30 14.67
CA SER MA 235 -57.42 -123.59 14.18
C SER MA 235 -56.00 -123.97 14.59
N PRO MA 236 -55.03 -123.07 14.80
CA PRO MA 236 -53.81 -123.51 15.50
C PRO MA 236 -54.02 -123.87 16.96
N PHE MA 237 -55.12 -123.47 17.57
CA PHE MA 237 -55.41 -123.86 18.94
C PHE MA 237 -56.23 -125.14 19.01
N LEU MA 238 -57.13 -125.35 18.05
CA LEU MA 238 -57.99 -126.53 18.09
C LEU MA 238 -57.28 -127.81 17.68
N GLU MA 239 -56.11 -127.70 17.06
CA GLU MA 239 -55.33 -128.90 16.78
C GLU MA 239 -54.74 -129.44 18.08
N GLY MA 240 -54.45 -130.73 18.08
CA GLY MA 240 -53.91 -131.36 19.27
C GLY MA 240 -54.92 -131.54 20.38
N LEU MA 241 -56.11 -132.02 20.06
CA LEU MA 241 -57.12 -132.33 21.06
C LEU MA 241 -57.59 -133.77 20.90
N GLU MA 242 -58.09 -134.32 22.00
CA GLU MA 242 -58.74 -135.61 21.99
C GLU MA 242 -60.24 -135.43 21.85
N GLU MA 243 -60.92 -136.53 21.52
CA GLU MA 243 -62.37 -136.50 21.46
C GLU MA 243 -62.96 -136.53 22.86
N ARG MA 244 -64.28 -136.42 22.93
CA ARG MA 244 -64.95 -136.47 24.21
C ARG MA 244 -64.96 -137.91 24.73
N PRO MA 245 -64.72 -138.11 26.04
CA PRO MA 245 -64.72 -139.47 26.58
C PRO MA 245 -66.12 -140.04 26.76
N GLN MA 246 -66.69 -140.56 25.68
CA GLN MA 246 -68.04 -141.14 25.74
C GLN MA 246 -67.97 -142.66 25.81
N THR NA 5 -96.22 -105.28 60.00
CA THR NA 5 -96.64 -106.12 58.88
C THR NA 5 -97.85 -105.51 58.19
N GLY NA 6 -97.67 -105.15 56.93
CA GLY NA 6 -98.61 -104.30 56.23
C GLY NA 6 -98.44 -102.84 56.61
N TYR NA 7 -97.31 -102.54 57.27
CA TYR NA 7 -96.95 -101.19 57.68
C TYR NA 7 -95.45 -101.02 57.47
N ASP NA 8 -94.83 -101.99 56.82
CA ASP NA 8 -93.39 -102.14 56.84
C ASP NA 8 -92.74 -102.07 55.47
N LEU NA 9 -93.40 -101.48 54.48
CA LEU NA 9 -92.79 -101.36 53.17
C LEU NA 9 -91.76 -100.24 53.15
N SER NA 10 -92.21 -99.02 53.38
CA SER NA 10 -91.32 -97.88 53.42
C SER NA 10 -90.59 -97.79 54.75
N ALA NA 11 -89.44 -97.14 54.72
CA ALA NA 11 -88.74 -96.77 55.95
C ALA NA 11 -89.18 -95.42 56.47
N SER NA 12 -90.17 -94.79 55.84
CA SER NA 12 -90.66 -93.50 56.28
C SER NA 12 -91.92 -93.62 57.11
N THR NA 13 -92.42 -94.83 57.34
CA THR NA 13 -93.67 -95.03 58.07
C THR NA 13 -93.39 -95.70 59.41
N PHE NA 14 -94.29 -95.45 60.35
CA PHE NA 14 -94.24 -96.04 61.68
C PHE NA 14 -95.14 -97.26 61.76
N SER NA 15 -94.83 -98.10 62.68
CA SER NA 15 -95.73 -99.19 63.01
C SER NA 15 -96.81 -98.67 63.95
N PRO NA 16 -97.92 -99.40 64.11
CA PRO NA 16 -98.91 -98.97 65.09
C PRO NA 16 -98.46 -99.01 66.54
N ASP NA 17 -97.32 -99.62 66.86
CA ASP NA 17 -96.76 -99.48 68.19
C ASP NA 17 -95.58 -98.54 68.26
N GLY NA 18 -95.05 -98.10 67.13
CA GLY NA 18 -94.06 -97.04 67.16
C GLY NA 18 -92.64 -97.43 66.80
N ARG NA 19 -92.45 -98.31 65.82
CA ARG NA 19 -91.10 -98.58 65.34
C ARG NA 19 -91.12 -98.78 63.84
N VAL NA 20 -89.93 -98.95 63.27
CA VAL NA 20 -89.72 -99.06 61.84
C VAL NA 20 -89.14 -100.43 61.55
N PHE NA 21 -89.89 -101.26 60.83
CA PHE NA 21 -89.42 -102.62 60.60
C PHE NA 21 -88.36 -102.72 59.53
N GLN NA 22 -88.29 -101.75 58.62
CA GLN NA 22 -87.23 -101.78 57.61
C GLN NA 22 -85.86 -101.62 58.24
N VAL NA 23 -85.77 -100.90 59.34
CA VAL NA 23 -84.53 -100.90 60.12
C VAL NA 23 -84.38 -102.24 60.84
N GLU NA 24 -85.48 -102.79 61.33
CA GLU NA 24 -85.45 -104.06 62.03
C GLU NA 24 -85.07 -105.20 61.10
N TYR NA 25 -85.51 -105.12 59.84
CA TYR NA 25 -85.21 -106.18 58.89
C TYR NA 25 -83.75 -106.17 58.48
N ALA NA 26 -83.17 -104.98 58.31
CA ALA NA 26 -81.80 -104.89 57.83
C ALA NA 26 -80.78 -105.26 58.90
N MET NA 27 -81.17 -105.24 60.16
CA MET NA 27 -80.22 -105.61 61.22
C MET NA 27 -79.94 -107.10 61.20
N LYS NA 28 -80.95 -107.92 60.95
CA LYS NA 28 -80.74 -109.35 60.97
C LYS NA 28 -80.35 -109.91 59.61
N ALA NA 29 -80.02 -109.05 58.66
CA ALA NA 29 -79.23 -109.49 57.52
C ALA NA 29 -77.75 -109.50 57.84
N VAL NA 30 -77.32 -108.63 58.75
CA VAL NA 30 -75.95 -108.67 59.26
C VAL NA 30 -75.74 -109.93 60.10
N GLU NA 31 -76.81 -110.44 60.71
CA GLU NA 31 -76.72 -111.60 61.59
C GLU NA 31 -76.28 -112.86 60.83
N ASN NA 32 -76.58 -112.94 59.55
CA ASN NA 32 -76.17 -114.09 58.76
C ASN NA 32 -74.74 -114.00 58.24
N SER NA 33 -74.04 -112.91 58.51
CA SER NA 33 -72.65 -112.79 58.09
C SER NA 33 -71.73 -113.47 59.11
N SER NA 34 -70.54 -113.82 58.63
CA SER NA 34 -69.56 -114.51 59.46
C SER NA 34 -69.04 -113.59 60.57
N THR NA 35 -68.47 -114.21 61.59
CA THR NA 35 -68.14 -113.50 62.81
C THR NA 35 -66.84 -112.72 62.66
N ALA NA 36 -66.88 -111.45 63.06
CA ALA NA 36 -65.69 -110.62 63.12
C ALA NA 36 -65.69 -109.91 64.46
N ILE NA 37 -64.58 -110.03 65.20
CA ILE NA 37 -64.50 -109.53 66.57
C ILE NA 37 -63.48 -108.41 66.64
N GLY NA 38 -63.50 -107.70 67.75
CA GLY NA 38 -62.55 -106.64 67.99
C GLY NA 38 -62.33 -106.50 69.48
N ILE NA 39 -61.11 -106.09 69.84
CA ILE NA 39 -60.70 -106.03 71.24
C ILE NA 39 -59.53 -105.05 71.32
N ARG NA 40 -59.47 -104.31 72.42
CA ARG NA 40 -58.40 -103.34 72.57
C ARG NA 40 -57.64 -103.61 73.86
N CYS NA 41 -56.32 -103.48 73.79
CA CYS NA 41 -55.45 -103.67 74.92
C CYS NA 41 -55.13 -102.29 75.51
N LYS NA 42 -54.18 -102.24 76.44
CA LYS NA 42 -53.89 -100.96 77.06
C LYS NA 42 -53.08 -100.03 76.17
N ASP NA 43 -52.49 -100.54 75.09
CA ASP NA 43 -51.79 -99.65 74.16
C ASP NA 43 -52.06 -100.05 72.71
N GLY NA 44 -53.30 -100.36 72.38
CA GLY NA 44 -53.65 -100.58 71.00
C GLY NA 44 -54.94 -101.34 70.86
N VAL NA 45 -55.32 -101.53 69.59
CA VAL NA 45 -56.55 -102.21 69.21
C VAL NA 45 -56.18 -103.34 68.27
N VAL NA 46 -56.73 -104.53 68.51
CA VAL NA 46 -56.48 -105.70 67.67
C VAL NA 46 -57.80 -106.17 67.09
N PHE NA 47 -57.84 -106.30 65.77
CA PHE NA 47 -59.01 -106.81 65.05
C PHE NA 47 -58.82 -108.28 64.72
N GLY NA 48 -59.93 -108.92 64.36
CA GLY NA 48 -59.90 -110.31 63.97
C GLY NA 48 -61.16 -110.73 63.23
N VAL NA 49 -61.00 -111.38 62.08
CA VAL NA 49 -62.13 -111.71 61.21
C VAL NA 49 -62.07 -113.20 60.89
N GLU NA 50 -63.14 -113.91 61.19
CA GLU NA 50 -63.34 -115.25 60.66
C GLU NA 50 -63.89 -115.11 59.25
N LYS NA 51 -63.09 -115.49 58.26
CA LYS NA 51 -63.50 -115.41 56.87
C LYS NA 51 -63.39 -116.77 56.23
N LEU NA 52 -64.44 -117.19 55.55
CA LEU NA 52 -64.53 -118.53 55.00
C LEU NA 52 -64.29 -118.52 53.48
N VAL NA 53 -63.63 -119.56 53.00
CA VAL NA 53 -63.31 -119.70 51.59
C VAL NA 53 -64.59 -120.07 50.83
N LEU NA 54 -64.83 -119.37 49.71
CA LEU NA 54 -66.05 -119.60 48.93
C LEU NA 54 -66.09 -121.00 48.34
N SER NA 55 -65.26 -121.30 47.35
CA SER NA 55 -65.10 -122.71 47.01
C SER NA 55 -63.66 -123.20 47.08
N LYS NA 56 -62.86 -122.86 46.07
CA LYS NA 56 -61.44 -123.16 46.11
C LYS NA 56 -60.70 -122.09 45.32
N LEU NA 57 -61.44 -121.38 44.47
CA LEU NA 57 -60.88 -120.51 43.47
C LEU NA 57 -60.67 -119.10 43.97
N TYR NA 58 -61.04 -118.84 45.22
CA TYR NA 58 -60.55 -117.70 45.99
C TYR NA 58 -59.03 -117.64 45.94
N GLU NA 59 -58.48 -116.44 45.87
CA GLU NA 59 -57.04 -116.37 45.64
C GLU NA 59 -56.32 -115.73 46.83
N GLU NA 60 -56.65 -116.21 48.03
CA GLU NA 60 -55.83 -116.09 49.24
C GLU NA 60 -55.56 -114.63 49.61
N GLY NA 61 -56.63 -113.93 49.95
CA GLY NA 61 -56.49 -112.53 50.28
C GLY NA 61 -57.37 -111.66 49.44
N SER NA 62 -58.22 -112.28 48.64
CA SER NA 62 -59.26 -111.55 47.93
C SER NA 62 -60.32 -111.07 48.93
N ASN NA 63 -61.08 -110.07 48.48
CA ASN NA 63 -62.27 -109.44 49.07
C ASN NA 63 -62.28 -109.36 50.60
N LYS NA 64 -61.18 -108.87 51.17
CA LYS NA 64 -60.99 -108.87 52.61
C LYS NA 64 -61.93 -107.87 53.28
N ARG NA 65 -62.29 -108.17 54.52
CA ARG NA 65 -63.18 -107.34 55.29
C ARG NA 65 -62.47 -106.46 56.30
N LEU NA 66 -61.15 -106.38 56.22
CA LEU NA 66 -60.35 -105.47 57.05
C LEU NA 66 -59.93 -104.30 56.17
N PHE NA 67 -60.56 -103.16 56.37
CA PHE NA 67 -60.33 -102.00 55.53
C PHE NA 67 -59.30 -101.09 56.17
N ASN NA 68 -59.02 -99.98 55.51
CA ASN NA 68 -57.97 -99.08 55.96
C ASN NA 68 -58.42 -97.67 55.62
N VAL NA 69 -59.05 -97.00 56.58
CA VAL NA 69 -59.73 -95.74 56.31
C VAL NA 69 -58.73 -94.60 56.23
N ASP NA 70 -57.91 -94.46 57.24
CA ASP NA 70 -56.95 -93.38 57.32
C ASP NA 70 -55.59 -93.99 57.64
N ARG NA 71 -54.60 -93.11 57.87
CA ARG NA 71 -53.27 -93.47 58.32
C ARG NA 71 -53.28 -94.30 59.61
N HIS NA 72 -54.31 -94.13 60.45
CA HIS NA 72 -54.35 -94.75 61.76
C HIS NA 72 -55.73 -95.32 62.09
N VAL NA 73 -56.63 -95.43 61.12
CA VAL NA 73 -57.99 -95.89 61.35
C VAL NA 73 -58.33 -96.95 60.31
N GLY NA 74 -58.91 -98.08 60.75
CA GLY NA 74 -59.43 -99.07 59.82
C GLY NA 74 -60.69 -99.73 60.33
N MET NA 75 -61.35 -100.46 59.43
CA MET NA 75 -62.66 -101.04 59.66
C MET NA 75 -62.57 -102.56 59.74
N ALA NA 76 -63.62 -103.15 60.29
CA ALA NA 76 -63.73 -104.60 60.49
C ALA NA 76 -65.12 -105.06 60.08
N VAL NA 77 -65.52 -104.73 58.84
CA VAL NA 77 -66.91 -104.84 58.39
C VAL NA 77 -67.44 -106.26 58.42
N ALA NA 78 -68.77 -106.36 58.46
CA ALA NA 78 -69.49 -107.63 58.37
C ALA NA 78 -70.90 -107.34 57.91
N GLY NA 79 -71.40 -108.17 57.01
CA GLY NA 79 -72.70 -107.96 56.39
C GLY NA 79 -72.61 -108.02 54.88
N LEU NA 80 -73.37 -107.19 54.18
CA LEU NA 80 -73.24 -107.12 52.73
C LEU NA 80 -71.93 -106.45 52.38
N LEU NA 81 -71.06 -107.19 51.69
CA LEU NA 81 -69.69 -106.72 51.48
C LEU NA 81 -69.63 -105.53 50.54
N ALA NA 82 -70.43 -105.56 49.47
CA ALA NA 82 -70.43 -104.46 48.51
C ALA NA 82 -71.03 -103.21 49.11
N ASP NA 83 -71.97 -103.36 50.03
CA ASP NA 83 -72.53 -102.21 50.72
C ASP NA 83 -71.53 -101.59 51.68
N ALA NA 84 -70.63 -102.41 52.24
CA ALA NA 84 -69.61 -101.89 53.12
C ALA NA 84 -68.50 -101.20 52.37
N ARG NA 85 -68.27 -101.58 51.11
CA ARG NA 85 -67.23 -100.95 50.31
C ARG NA 85 -67.58 -99.50 50.02
N SER NA 86 -68.83 -99.25 49.64
CA SER NA 86 -69.27 -97.88 49.41
C SER NA 86 -69.30 -97.09 50.70
N LEU NA 87 -69.60 -97.75 51.81
CA LEU NA 87 -69.62 -97.06 53.09
C LEU NA 87 -68.21 -96.77 53.56
N ALA NA 88 -67.24 -97.61 53.18
CA ALA NA 88 -65.86 -97.33 53.54
C ALA NA 88 -65.31 -96.14 52.77
N ASP NA 89 -65.76 -95.94 51.53
CA ASP NA 89 -65.33 -94.79 50.76
C ASP NA 89 -65.88 -93.48 51.28
N ILE NA 90 -66.99 -93.53 52.03
CA ILE NA 90 -67.44 -92.33 52.73
C ILE NA 90 -66.47 -91.97 53.84
N ALA NA 91 -65.99 -92.97 54.57
CA ALA NA 91 -65.08 -92.71 55.68
C ALA NA 91 -63.70 -92.31 55.19
N ARG NA 92 -63.26 -92.86 54.05
CA ARG NA 92 -62.00 -92.42 53.46
C ARG NA 92 -62.10 -90.97 53.03
N GLU NA 93 -63.24 -90.59 52.46
CA GLU NA 93 -63.40 -89.24 51.96
C GLU NA 93 -63.62 -88.25 53.09
N GLU NA 94 -64.18 -88.72 54.21
CA GLU NA 94 -64.47 -87.81 55.31
C GLU NA 94 -63.21 -87.36 56.02
N ALA NA 95 -62.24 -88.26 56.16
CA ALA NA 95 -60.99 -87.91 56.82
C ALA NA 95 -60.13 -86.97 55.99
N SER NA 96 -60.31 -86.98 54.66
CA SER NA 96 -59.53 -86.09 53.82
C SER NA 96 -59.99 -84.65 53.95
N ASN NA 97 -61.28 -84.43 54.17
CA ASN NA 97 -61.77 -83.07 54.32
C ASN NA 97 -61.36 -82.48 55.65
N PHE NA 98 -61.31 -83.32 56.70
CA PHE NA 98 -60.85 -82.83 57.99
C PHE NA 98 -59.37 -82.48 57.94
N ARG NA 99 -58.59 -83.25 57.18
CA ARG NA 99 -57.18 -82.94 56.98
C ARG NA 99 -57.02 -81.63 56.22
N SER NA 100 -57.85 -81.41 55.21
CA SER NA 100 -57.71 -80.23 54.38
C SER NA 100 -58.23 -78.98 55.05
N ASN NA 101 -59.17 -79.11 55.98
CA ASN NA 101 -59.78 -77.94 56.59
C ASN NA 101 -59.21 -77.61 57.94
N PHE NA 102 -58.52 -78.54 58.59
CA PHE NA 102 -58.03 -78.32 59.93
C PHE NA 102 -56.58 -78.69 60.13
N GLY NA 103 -55.97 -79.42 59.21
CA GLY NA 103 -54.54 -79.58 59.21
C GLY NA 103 -53.98 -80.64 60.13
N TYR NA 104 -54.82 -81.54 60.66
CA TYR NA 104 -54.31 -82.61 61.51
C TYR NA 104 -55.23 -83.81 61.39
N ASN NA 105 -54.84 -84.90 62.03
CA ASN NA 105 -55.52 -86.17 61.85
C ASN NA 105 -56.88 -86.17 62.53
N ILE NA 106 -57.80 -86.95 61.97
CA ILE NA 106 -59.18 -86.95 62.47
C ILE NA 106 -59.25 -87.68 63.80
N PRO NA 107 -59.88 -87.11 64.82
CA PRO NA 107 -60.14 -87.86 66.05
C PRO NA 107 -61.21 -88.91 65.80
N LEU NA 108 -61.05 -90.05 66.48
CA LEU NA 108 -61.94 -91.17 66.22
C LEU NA 108 -63.33 -90.93 66.79
N LYS NA 109 -63.42 -90.17 67.88
CA LYS NA 109 -64.72 -89.83 68.45
C LYS NA 109 -65.51 -88.93 67.50
N HIS NA 110 -64.81 -88.10 66.75
CA HIS NA 110 -65.50 -87.26 65.78
C HIS NA 110 -65.75 -87.98 64.47
N LEU NA 111 -64.90 -88.95 64.12
CA LEU NA 111 -65.08 -89.65 62.86
C LEU NA 111 -66.28 -90.56 62.91
N ALA NA 112 -66.54 -91.17 64.07
CA ALA NA 112 -67.70 -92.03 64.20
C ALA NA 112 -68.99 -91.23 64.20
N ASP NA 113 -68.94 -89.96 64.61
CA ASP NA 113 -70.13 -89.15 64.57
C ASP NA 113 -70.49 -88.76 63.15
N ARG NA 114 -69.49 -88.51 62.31
CA ARG NA 114 -69.76 -88.09 60.95
C ARG NA 114 -70.28 -89.24 60.12
N VAL NA 115 -69.82 -90.45 60.40
CA VAL NA 115 -70.28 -91.61 59.63
C VAL NA 115 -71.68 -92.00 60.05
N ALA NA 116 -71.95 -92.00 61.36
CA ALA NA 116 -73.24 -92.47 61.86
C ALA NA 116 -74.38 -91.55 61.48
N MET NA 117 -74.11 -90.25 61.33
CA MET NA 117 -75.12 -89.35 60.81
C MET NA 117 -75.40 -89.63 59.35
N TYR NA 118 -74.38 -90.05 58.60
CA TYR NA 118 -74.58 -90.42 57.21
C TYR NA 118 -75.35 -91.73 57.09
N VAL NA 119 -75.13 -92.66 58.02
CA VAL NA 119 -75.91 -93.88 58.05
C VAL NA 119 -77.35 -93.58 58.45
N HIS NA 120 -77.53 -92.56 59.30
CA HIS NA 120 -78.85 -92.20 59.79
C HIS NA 120 -79.75 -91.70 58.66
N ALA NA 121 -79.17 -91.03 57.67
CA ALA NA 121 -79.97 -90.39 56.63
C ALA NA 121 -80.63 -91.41 55.71
N TYR NA 122 -80.09 -92.62 55.63
CA TYR NA 122 -80.73 -93.66 54.86
C TYR NA 122 -81.83 -94.37 55.62
N THR NA 123 -82.11 -93.97 56.85
CA THR NA 123 -83.18 -94.58 57.62
C THR NA 123 -84.44 -93.73 57.64
N LEU NA 124 -84.52 -92.68 56.84
CA LEU NA 124 -85.63 -91.75 56.90
C LEU NA 124 -86.50 -91.77 55.66
N TYR NA 125 -85.89 -91.75 54.48
CA TYR NA 125 -86.64 -91.49 53.27
C TYR NA 125 -87.12 -92.79 52.64
N SER NA 126 -88.22 -92.67 51.90
CA SER NA 126 -88.79 -93.81 51.19
C SER NA 126 -88.03 -94.14 49.92
N ALA NA 127 -87.23 -93.22 49.40
CA ALA NA 127 -86.54 -93.46 48.14
C ALA NA 127 -85.35 -94.38 48.30
N VAL NA 128 -84.78 -94.46 49.50
CA VAL NA 128 -83.58 -95.25 49.74
C VAL NA 128 -83.87 -96.25 50.85
N ARG NA 129 -82.98 -97.21 50.99
CA ARG NA 129 -83.12 -98.20 52.04
C ARG NA 129 -82.01 -98.03 53.08
N PRO NA 130 -82.17 -98.59 54.28
CA PRO NA 130 -81.05 -98.61 55.21
C PRO NA 130 -79.94 -99.54 54.74
N PHE NA 131 -78.73 -99.24 55.22
CA PHE NA 131 -77.57 -100.09 54.94
C PHE NA 131 -77.72 -101.44 55.62
N GLY NA 132 -77.10 -102.44 55.04
CA GLY NA 132 -77.10 -103.77 55.63
C GLY NA 132 -75.73 -104.12 56.15
N CYS NA 133 -75.08 -103.18 56.83
CA CYS NA 133 -73.73 -103.36 57.29
C CYS NA 133 -73.60 -102.96 58.76
N SER NA 134 -72.61 -103.54 59.41
CA SER NA 134 -72.16 -103.08 60.70
C SER NA 134 -70.67 -103.34 60.78
N PHE NA 135 -69.97 -102.54 61.56
CA PHE NA 135 -68.52 -102.52 61.44
C PHE NA 135 -67.91 -101.97 62.73
N MET NA 136 -66.59 -101.97 62.76
CA MET NA 136 -65.80 -101.56 63.90
C MET NA 136 -64.89 -100.42 63.48
N LEU NA 137 -64.46 -99.62 64.45
CA LEU NA 137 -63.49 -98.57 64.19
C LEU NA 137 -62.45 -98.58 65.30
N GLY NA 138 -61.20 -98.81 64.94
CA GLY NA 138 -60.12 -98.79 65.90
C GLY NA 138 -59.04 -97.82 65.49
N SER NA 139 -58.42 -97.20 66.49
CA SER NA 139 -57.34 -96.26 66.24
C SER NA 139 -56.47 -96.19 67.49
N TYR NA 140 -55.38 -95.42 67.37
CA TYR NA 140 -54.48 -95.22 68.49
C TYR NA 140 -53.78 -93.89 68.31
N SER NA 141 -53.59 -93.20 69.43
CA SER NA 141 -52.85 -91.94 69.44
C SER NA 141 -52.10 -91.83 70.75
N VAL NA 142 -51.11 -90.96 70.77
CA VAL NA 142 -50.37 -90.71 72.01
C VAL NA 142 -51.06 -89.68 72.89
N ASN NA 143 -51.90 -88.84 72.33
CA ASN NA 143 -52.65 -87.87 73.13
C ASN NA 143 -54.02 -88.40 73.55
N ASP NA 144 -54.45 -89.53 73.02
CA ASP NA 144 -55.78 -90.06 73.27
C ASP NA 144 -55.82 -91.53 73.63
N GLY NA 145 -54.73 -92.26 73.46
CA GLY NA 145 -54.78 -93.69 73.70
C GLY NA 145 -55.47 -94.42 72.56
N ALA NA 146 -56.03 -95.57 72.87
CA ALA NA 146 -56.73 -96.40 71.90
C ALA NA 146 -58.23 -96.30 72.13
N GLN NA 147 -58.99 -96.31 71.04
CA GLN NA 147 -60.44 -96.32 71.12
C GLN NA 147 -61.00 -97.40 70.21
N LEU NA 148 -62.21 -97.84 70.53
CA LEU NA 148 -62.86 -98.88 69.76
C LEU NA 148 -64.35 -98.58 69.69
N TYR NA 149 -64.89 -98.53 68.48
CA TYR NA 149 -66.25 -98.10 68.24
C TYR NA 149 -67.05 -99.18 67.50
N MET NA 150 -68.32 -98.89 67.28
CA MET NA 150 -69.31 -99.89 66.89
C MET NA 150 -70.52 -99.18 66.32
N ILE NA 151 -70.88 -99.48 65.08
CA ILE NA 151 -71.97 -98.79 64.40
C ILE NA 151 -72.93 -99.83 63.86
N ASP NA 152 -74.19 -99.73 64.27
CA ASP NA 152 -75.27 -100.60 63.80
C ASP NA 152 -75.85 -100.03 62.52
N PRO NA 153 -76.76 -100.75 61.84
CA PRO NA 153 -77.46 -100.12 60.71
C PRO NA 153 -78.39 -98.97 61.08
N SER NA 154 -78.82 -98.85 62.34
CA SER NA 154 -79.68 -97.73 62.67
C SER NA 154 -78.90 -96.45 62.85
N GLY NA 155 -77.64 -96.53 63.26
CA GLY NA 155 -76.82 -95.35 63.38
C GLY NA 155 -76.36 -95.09 64.79
N VAL NA 156 -76.68 -96.00 65.70
CA VAL NA 156 -76.29 -95.86 67.10
C VAL NA 156 -74.82 -96.22 67.22
N SER NA 157 -74.03 -95.30 67.74
CA SER NA 157 -72.57 -95.46 67.77
C SER NA 157 -72.03 -95.04 69.11
N TYR NA 158 -71.42 -95.99 69.83
CA TYR NA 158 -70.68 -95.68 71.04
C TYR NA 158 -69.64 -96.77 71.29
N GLY NA 159 -68.86 -96.56 72.36
CA GLY NA 159 -67.61 -97.27 72.53
C GLY NA 159 -67.69 -98.49 73.42
N TYR NA 160 -66.79 -99.44 73.15
CA TYR NA 160 -66.67 -100.69 73.85
C TYR NA 160 -65.24 -100.90 74.32
N TRP NA 161 -65.01 -102.02 75.00
CA TRP NA 161 -63.67 -102.58 75.12
C TRP NA 161 -63.47 -103.80 74.25
N GLY NA 162 -64.50 -104.62 74.09
CA GLY NA 162 -64.47 -105.73 73.16
C GLY NA 162 -65.83 -105.91 72.55
N CYS NA 163 -65.85 -106.45 71.33
CA CYS NA 163 -67.12 -106.60 70.62
C CYS NA 163 -67.00 -107.74 69.61
N ALA NA 164 -68.15 -108.09 69.05
CA ALA NA 164 -68.26 -109.15 68.07
C ALA NA 164 -69.43 -108.85 67.16
N ILE NA 165 -69.30 -109.17 65.87
CA ILE NA 165 -70.34 -108.93 64.88
C ILE NA 165 -70.47 -110.18 64.02
N GLY NA 166 -71.64 -110.77 63.99
CA GLY NA 166 -71.86 -111.88 63.07
C GLY NA 166 -72.95 -112.81 63.61
N LYS NA 167 -72.82 -114.09 63.24
CA LYS NA 167 -73.70 -115.11 63.81
C LYS NA 167 -73.49 -115.21 65.31
N ALA NA 168 -72.26 -115.49 65.73
CA ALA NA 168 -71.96 -115.71 67.13
C ALA NA 168 -71.55 -114.41 67.80
N ARG NA 169 -72.51 -113.48 67.82
CA ARG NA 169 -72.26 -112.23 68.55
C ARG NA 169 -72.31 -112.47 70.05
N GLN NA 170 -73.31 -113.21 70.53
CA GLN NA 170 -73.38 -113.52 71.94
C GLN NA 170 -72.37 -114.57 72.33
N ALA NA 171 -72.15 -115.55 71.46
CA ALA NA 171 -71.30 -116.68 71.78
C ALA NA 171 -69.82 -116.33 71.78
N ALA NA 172 -69.44 -115.16 71.26
CA ALA NA 172 -68.05 -114.73 71.30
C ALA NA 172 -67.75 -113.84 72.48
N LYS NA 173 -68.61 -112.88 72.78
CA LYS NA 173 -68.36 -111.98 73.89
C LYS NA 173 -68.69 -112.62 75.24
N THR NA 174 -69.18 -113.85 75.25
CA THR NA 174 -69.24 -114.62 76.47
C THR NA 174 -67.86 -114.90 77.02
N GLU NA 175 -66.88 -115.10 76.14
CA GLU NA 175 -65.52 -115.39 76.55
C GLU NA 175 -64.54 -114.28 76.20
N ILE NA 176 -65.01 -113.16 75.65
CA ILE NA 176 -64.16 -111.99 75.62
C ILE NA 176 -64.04 -111.40 77.01
N GLU NA 177 -65.17 -111.38 77.74
CA GLU NA 177 -65.25 -110.73 79.04
C GLU NA 177 -64.51 -111.47 80.15
N LYS NA 178 -64.04 -112.68 79.91
CA LYS NA 178 -63.17 -113.35 80.87
C LYS NA 178 -61.70 -113.08 80.62
N LEU NA 179 -61.37 -111.95 80.01
CA LEU NA 179 -59.98 -111.57 79.81
C LEU NA 179 -59.68 -110.30 80.58
N GLN NA 180 -58.46 -110.23 81.12
CA GLN NA 180 -58.01 -109.05 81.85
C GLN NA 180 -57.30 -108.11 80.86
N MET NA 181 -58.12 -107.50 80.01
CA MET NA 181 -57.64 -106.73 78.88
C MET NA 181 -57.06 -105.38 79.25
N LYS NA 182 -57.26 -104.93 80.49
CA LYS NA 182 -56.80 -103.61 80.88
C LYS NA 182 -55.30 -103.53 81.05
N GLU NA 183 -54.61 -104.67 81.18
CA GLU NA 183 -53.19 -104.68 81.48
C GLU NA 183 -52.39 -105.52 80.50
N MET NA 184 -53.03 -106.17 79.54
CA MET NA 184 -52.32 -106.99 78.57
C MET NA 184 -51.72 -106.11 77.49
N THR NA 185 -50.55 -106.49 77.01
CA THR NA 185 -50.00 -105.88 75.81
C THR NA 185 -50.66 -106.49 74.59
N CYS NA 186 -50.73 -105.70 73.52
CA CYS NA 186 -51.40 -106.17 72.31
C CYS NA 186 -50.67 -107.30 71.59
N ARG NA 187 -49.38 -107.50 71.86
CA ARG NA 187 -48.72 -108.68 71.30
C ARG NA 187 -49.21 -109.94 71.99
N ASP NA 188 -49.59 -109.84 73.26
CA ASP NA 188 -50.22 -110.97 73.93
C ASP NA 188 -51.66 -111.15 73.47
N ILE NA 189 -52.29 -110.08 73.01
CA ILE NA 189 -53.69 -110.14 72.59
C ILE NA 189 -53.82 -110.93 71.30
N VAL NA 190 -52.82 -110.87 70.41
CA VAL NA 190 -52.90 -111.46 69.08
C VAL NA 190 -53.08 -112.97 69.14
N LYS NA 191 -52.34 -113.63 70.03
CA LYS NA 191 -52.57 -115.06 70.24
C LYS NA 191 -53.85 -115.33 71.02
N GLU NA 192 -54.41 -114.34 71.70
CA GLU NA 192 -55.66 -114.56 72.43
C GLU NA 192 -56.86 -114.32 71.54
N VAL NA 193 -56.74 -113.46 70.52
CA VAL NA 193 -57.80 -113.33 69.53
C VAL NA 193 -57.92 -114.62 68.73
N ALA NA 194 -56.79 -115.30 68.51
CA ALA NA 194 -56.74 -116.46 67.64
C ALA NA 194 -57.59 -117.61 68.17
N LYS NA 195 -57.63 -117.78 69.50
CA LYS NA 195 -58.44 -118.86 70.02
C LYS NA 195 -59.93 -118.53 69.98
N ILE NA 196 -60.30 -117.26 70.11
CA ILE NA 196 -61.71 -116.91 70.19
C ILE NA 196 -62.40 -117.11 68.84
N ILE NA 197 -61.69 -116.78 67.76
CA ILE NA 197 -62.16 -117.13 66.43
C ILE NA 197 -62.20 -118.64 66.27
N TYR NA 198 -61.16 -119.32 66.72
CA TYR NA 198 -61.03 -120.75 66.46
C TYR NA 198 -61.95 -121.60 67.35
N ILE NA 199 -62.39 -121.06 68.48
CA ILE NA 199 -63.36 -121.79 69.32
C ILE NA 199 -64.68 -121.95 68.59
N VAL NA 200 -65.20 -120.86 68.03
CA VAL NA 200 -66.53 -120.90 67.43
C VAL NA 200 -66.43 -121.33 65.97
N HIS NA 201 -66.92 -122.55 65.71
CA HIS NA 201 -67.37 -123.04 64.40
C HIS NA 201 -66.25 -123.00 63.35
N ASP NA 202 -65.28 -123.88 63.54
CA ASP NA 202 -64.23 -124.06 62.55
C ASP NA 202 -64.78 -124.63 61.25
N GLU NA 203 -65.32 -125.86 61.28
CA GLU NA 203 -65.79 -126.53 60.07
C GLU NA 203 -67.04 -127.38 60.33
N VAL NA 204 -67.91 -126.93 61.23
CA VAL NA 204 -69.04 -127.77 61.64
C VAL NA 204 -70.09 -127.85 60.53
N LYS NA 205 -70.68 -126.71 60.19
CA LYS NA 205 -71.59 -126.60 59.07
C LYS NA 205 -70.92 -125.99 57.84
N ASP NA 206 -69.71 -125.49 57.99
CA ASP NA 206 -68.93 -124.98 56.88
C ASP NA 206 -67.80 -125.94 56.58
N LYS NA 207 -66.98 -125.59 55.59
CA LYS NA 207 -65.88 -126.43 55.16
C LYS NA 207 -64.54 -125.91 55.66
N ALA NA 208 -64.19 -124.67 55.33
CA ALA NA 208 -62.89 -124.14 55.67
C ALA NA 208 -63.00 -122.64 55.83
N PHE NA 209 -62.04 -122.07 56.54
CA PHE NA 209 -62.01 -120.64 56.76
C PHE NA 209 -60.57 -120.19 56.77
N GLU NA 210 -60.36 -118.89 56.88
CA GLU NA 210 -59.02 -118.35 56.96
C GLU NA 210 -59.05 -117.14 57.86
N LEU NA 211 -57.98 -116.96 58.63
CA LEU NA 211 -57.92 -115.95 59.68
C LEU NA 211 -57.28 -114.67 59.17
N GLU NA 212 -57.86 -113.53 59.55
CA GLU NA 212 -57.30 -112.22 59.21
C GLU NA 212 -57.23 -111.40 60.48
N LEU NA 213 -56.07 -110.77 60.72
CA LEU NA 213 -55.85 -110.02 61.94
C LEU NA 213 -55.28 -108.66 61.59
N SER NA 214 -56.02 -107.61 61.91
CA SER NA 214 -55.52 -106.25 61.76
C SER NA 214 -55.01 -105.75 63.10
N TRP NA 215 -54.32 -104.62 63.07
CA TRP NA 215 -53.35 -104.36 64.13
C TRP NA 215 -52.96 -102.90 64.13
N VAL NA 216 -53.30 -102.19 65.21
CA VAL NA 216 -52.94 -100.80 65.36
C VAL NA 216 -52.60 -100.57 66.82
N GLY NA 217 -51.62 -99.72 67.07
CA GLY NA 217 -51.27 -99.38 68.43
C GLY NA 217 -49.88 -98.78 68.51
N GLU NA 218 -49.34 -98.82 69.72
CA GLU NA 218 -48.08 -98.17 70.01
C GLU NA 218 -46.91 -98.93 69.37
N LEU NA 219 -47.06 -100.24 69.18
CA LEU NA 219 -45.98 -101.01 68.59
C LEU NA 219 -45.83 -100.71 67.11
N THR NA 220 -46.91 -100.33 66.45
CA THR NA 220 -46.86 -99.94 65.05
C THR NA 220 -46.58 -98.46 64.88
N ASN NA 221 -46.29 -97.75 65.96
CA ASN NA 221 -46.02 -96.31 66.00
C ASN NA 221 -47.20 -95.50 65.45
N GLY NA 222 -48.41 -95.95 65.76
CA GLY NA 222 -49.60 -95.28 65.29
C GLY NA 222 -50.07 -95.70 63.92
N ARG NA 223 -49.27 -96.46 63.18
CA ARG NA 223 -49.71 -96.98 61.89
C ARG NA 223 -50.76 -98.05 62.09
N HIS NA 224 -51.57 -98.27 61.06
CA HIS NA 224 -52.51 -99.36 61.04
C HIS NA 224 -52.18 -100.28 59.87
N GLU NA 225 -51.92 -101.55 60.17
CA GLU NA 225 -51.59 -102.50 59.13
C GLU NA 225 -51.93 -103.90 59.59
N ILE NA 226 -51.85 -104.83 58.65
CA ILE NA 226 -52.06 -106.23 58.95
C ILE NA 226 -50.88 -106.76 59.78
N VAL NA 227 -51.15 -107.80 60.57
CA VAL NA 227 -50.11 -108.44 61.36
C VAL NA 227 -49.12 -109.13 60.44
N PRO NA 228 -47.89 -109.28 60.86
CA PRO NA 228 -47.02 -110.26 60.21
C PRO NA 228 -47.26 -111.64 60.80
N LYS NA 229 -48.31 -112.32 60.34
CA LYS NA 229 -48.59 -113.67 60.80
C LYS NA 229 -48.08 -114.72 59.83
N ASP NA 230 -47.78 -114.32 58.60
CA ASP NA 230 -46.81 -115.07 57.81
C ASP NA 230 -45.48 -115.18 58.53
N ILE NA 231 -45.11 -114.17 59.32
CA ILE NA 231 -44.05 -114.28 60.31
C ILE NA 231 -44.60 -115.04 61.52
N ARG NA 232 -43.86 -116.09 61.90
CA ARG NA 232 -43.95 -116.87 63.14
C ARG NA 232 -45.18 -117.77 63.27
N GLU NA 233 -46.23 -117.52 62.46
CA GLU NA 233 -47.47 -118.31 62.34
C GLU NA 233 -48.09 -118.66 63.69
N GLU NA 234 -47.92 -117.81 64.71
CA GLU NA 234 -48.17 -118.19 66.08
C GLU NA 234 -49.64 -118.24 66.44
N ALA NA 235 -50.51 -117.71 65.58
CA ALA NA 235 -51.94 -117.80 65.84
C ALA NA 235 -52.42 -119.23 65.77
N GLU NA 236 -52.16 -119.89 64.63
CA GLU NA 236 -52.68 -121.24 64.43
C GLU NA 236 -51.87 -122.26 65.23
N LYS NA 237 -50.62 -121.93 65.57
CA LYS NA 237 -49.84 -122.80 66.44
C LYS NA 237 -50.38 -122.82 67.86
N TYR NA 238 -51.07 -121.77 68.25
CA TYR NA 238 -51.56 -121.64 69.60
C TYR NA 238 -53.07 -121.82 69.72
N ALA NA 239 -53.82 -121.47 68.67
CA ALA NA 239 -55.26 -121.67 68.72
C ALA NA 239 -55.62 -123.14 68.57
N LYS NA 240 -54.86 -123.89 67.79
CA LYS NA 240 -55.16 -125.30 67.58
C LYS NA 240 -54.75 -126.17 68.75
N GLU NA 241 -54.10 -125.61 69.76
CA GLU NA 241 -53.79 -126.31 70.98
C GLU NA 241 -54.99 -126.48 71.89
N SER NA 242 -56.12 -125.83 71.57
CA SER NA 242 -57.35 -125.96 72.34
C SER NA 242 -58.20 -127.14 71.87
N LEU NA 243 -57.59 -128.15 71.26
CA LEU NA 243 -58.35 -129.33 70.83
C LEU NA 243 -58.77 -130.19 72.01
N LYS NA 244 -58.00 -130.16 73.09
CA LYS NA 244 -58.26 -131.01 74.24
C LYS NA 244 -59.20 -130.33 75.23
N THR OA 34 -49.69 -48.63 61.55
CA THR OA 34 -50.10 -49.89 62.17
C THR OA 34 -48.89 -50.77 62.41
N THR OA 35 -48.70 -51.18 63.65
CA THR OA 35 -47.58 -52.05 63.99
C THR OA 35 -48.05 -53.06 65.01
N ILE OA 36 -47.84 -54.34 64.72
CA ILE OA 36 -48.27 -55.42 65.60
C ILE OA 36 -47.07 -56.29 65.95
N MET OA 37 -47.19 -57.00 67.05
CA MET OA 37 -46.04 -57.59 67.74
C MET OA 37 -46.49 -58.87 68.43
N ALA OA 38 -45.64 -59.89 68.41
CA ALA OA 38 -45.97 -61.14 69.10
C ALA OA 38 -44.67 -61.85 69.46
N VAL OA 39 -44.50 -62.18 70.74
CA VAL OA 39 -43.32 -62.89 71.23
C VAL OA 39 -43.78 -64.02 72.13
N GLN OA 40 -43.29 -65.22 71.88
CA GLN OA 40 -43.55 -66.33 72.80
C GLN OA 40 -42.45 -66.41 73.84
N PHE OA 41 -42.79 -67.03 74.97
CA PHE OA 41 -41.84 -67.30 76.03
C PHE OA 41 -42.17 -68.68 76.57
N ASP OA 42 -41.62 -69.00 77.74
CA ASP OA 42 -41.72 -70.36 78.28
C ASP OA 42 -43.15 -70.70 78.68
N GLY OA 43 -43.81 -69.80 79.38
CA GLY OA 43 -45.17 -70.04 79.81
C GLY OA 43 -46.17 -69.91 78.68
N GLY OA 44 -46.17 -68.78 77.99
CA GLY OA 44 -47.13 -68.51 76.94
C GLY OA 44 -46.59 -67.54 75.93
N VAL OA 45 -47.43 -66.59 75.51
CA VAL OA 45 -47.07 -65.60 74.51
C VAL OA 45 -47.42 -64.21 75.02
N VAL OA 46 -46.89 -63.21 74.34
CA VAL OA 46 -47.13 -61.80 74.63
C VAL OA 46 -47.49 -61.10 73.33
N LEU OA 47 -48.58 -60.36 73.31
CA LEU OA 47 -49.02 -59.64 72.12
C LEU OA 47 -48.97 -58.14 72.37
N GLY OA 48 -48.98 -57.38 71.28
CA GLY OA 48 -48.95 -55.93 71.39
C GLY OA 48 -49.20 -55.17 70.10
N ALA OA 49 -49.81 -53.99 70.19
CA ALA OA 49 -50.11 -53.18 69.03
C ALA OA 49 -50.35 -51.74 69.44
N ASP OA 50 -50.34 -50.86 68.43
CA ASP OA 50 -50.68 -49.45 68.54
C ASP OA 50 -52.18 -49.27 68.32
N SER OA 51 -52.64 -48.03 68.11
CA SER OA 51 -54.01 -47.95 67.61
C SER OA 51 -54.18 -47.27 66.26
N ARG OA 52 -54.20 -45.91 66.24
CA ARG OA 52 -54.19 -44.99 65.09
C ARG OA 52 -54.72 -45.49 63.74
N THR OA 53 -55.98 -45.87 63.69
CA THR OA 53 -56.60 -46.22 62.42
C THR OA 53 -56.74 -44.97 61.57
N THR OA 54 -55.95 -44.87 60.50
CA THR OA 54 -55.92 -43.70 59.66
C THR OA 54 -56.69 -43.94 58.37
N THR OA 55 -56.90 -42.86 57.64
CA THR OA 55 -57.50 -42.90 56.31
C THR OA 55 -56.85 -41.80 55.48
N GLY OA 56 -55.92 -42.19 54.62
CA GLY OA 56 -55.08 -41.22 53.95
C GLY OA 56 -54.11 -40.60 54.93
N SER OA 57 -54.31 -39.33 55.26
CA SER OA 57 -53.47 -38.63 56.21
C SER OA 57 -54.27 -38.15 57.43
N TYR OA 58 -55.49 -38.63 57.57
CA TYR OA 58 -56.35 -38.26 58.69
C TYR OA 58 -56.60 -39.47 59.56
N ILE OA 59 -56.47 -39.29 60.87
CA ILE OA 59 -56.76 -40.36 61.83
C ILE OA 59 -58.26 -40.43 62.01
N ALA OA 60 -58.86 -41.53 61.57
CA ALA OA 60 -60.28 -41.72 61.79
C ALA OA 60 -60.55 -42.14 63.22
N ASN OA 61 -59.82 -43.13 63.72
CA ASN OA 61 -60.02 -43.64 65.06
C ASN OA 61 -58.74 -43.45 65.85
N ARG OA 62 -58.86 -42.75 66.99
CA ARG OA 62 -57.69 -42.39 67.77
C ARG OA 62 -57.23 -43.54 68.63
N VAL OA 63 -58.16 -44.40 69.05
CA VAL OA 63 -57.86 -45.55 69.90
C VAL OA 63 -58.67 -46.74 69.40
N THR OA 64 -58.01 -47.88 69.23
CA THR OA 64 -58.55 -48.99 68.46
C THR OA 64 -58.04 -50.30 69.02
N ASP OA 65 -58.94 -51.26 69.21
CA ASP OA 65 -58.56 -52.62 69.59
C ASP OA 65 -58.10 -53.36 68.35
N LYS OA 66 -56.80 -53.32 68.10
CA LYS OA 66 -56.26 -54.06 66.96
C LYS OA 66 -56.12 -55.54 67.22
N LEU OA 67 -56.14 -55.95 68.49
CA LEU OA 67 -56.06 -57.35 68.85
C LEU OA 67 -57.45 -57.86 69.23
N THR OA 68 -57.74 -59.09 68.83
CA THR OA 68 -59.10 -59.58 68.90
C THR OA 68 -59.14 -60.97 69.52
N PRO OA 69 -60.03 -61.21 70.48
CA PRO OA 69 -60.21 -62.56 70.99
C PRO OA 69 -60.93 -63.45 69.97
N ILE OA 70 -60.52 -64.71 69.93
CA ILE OA 70 -61.22 -65.74 69.16
C ILE OA 70 -61.78 -66.80 70.07
N HIS OA 71 -60.93 -67.45 70.85
CA HIS OA 71 -61.38 -68.38 71.87
C HIS OA 71 -60.81 -67.83 73.17
N ASP OA 72 -60.91 -68.59 74.27
CA ASP OA 72 -60.47 -68.09 75.56
C ASP OA 72 -58.95 -67.98 75.68
N ARG OA 73 -58.21 -68.67 74.81
CA ARG OA 73 -56.77 -68.68 74.91
C ARG OA 73 -56.07 -68.24 73.64
N ILE OA 74 -56.80 -67.85 72.59
CA ILE OA 74 -56.23 -67.57 71.29
C ILE OA 74 -56.65 -66.18 70.86
N PHE OA 75 -55.67 -65.30 70.66
CA PHE OA 75 -55.94 -63.98 70.11
C PHE OA 75 -55.39 -63.90 68.70
N CYS OA 76 -55.78 -62.84 68.00
CA CYS OA 76 -55.10 -62.46 66.78
C CYS OA 76 -55.02 -60.94 66.73
N CYS OA 77 -53.95 -60.44 66.14
CA CYS OA 77 -53.79 -59.04 65.84
C CYS OA 77 -53.76 -58.87 64.33
N ARG OA 78 -54.50 -57.89 63.84
CA ARG OA 78 -54.82 -57.80 62.43
C ARG OA 78 -54.24 -56.53 61.82
N SER OA 79 -53.90 -56.62 60.54
CA SER OA 79 -53.35 -55.49 59.82
C SER OA 79 -53.79 -55.56 58.37
N GLY OA 80 -53.65 -54.44 57.68
CA GLY OA 80 -54.16 -54.33 56.32
C GLY OA 80 -55.45 -53.56 56.27
N SER OA 81 -56.39 -54.02 55.45
CA SER OA 81 -57.68 -53.35 55.36
C SER OA 81 -58.51 -53.63 56.59
N ALA OA 82 -59.21 -52.59 57.07
CA ALA OA 82 -59.99 -52.72 58.29
C ALA OA 82 -61.23 -53.57 58.06
N ALA OA 83 -62.00 -53.26 57.02
CA ALA OA 83 -63.24 -53.97 56.76
C ALA OA 83 -63.02 -55.41 56.32
N ASP OA 84 -61.85 -55.73 55.76
CA ASP OA 84 -61.58 -57.10 55.39
C ASP OA 84 -61.27 -57.95 56.62
N THR OA 85 -60.37 -57.47 57.47
CA THR OA 85 -59.92 -58.28 58.60
C THR OA 85 -60.97 -58.40 59.68
N GLN OA 86 -61.89 -57.44 59.77
CA GLN OA 86 -63.02 -57.62 60.67
C GLN OA 86 -63.95 -58.71 60.16
N ALA OA 87 -64.10 -58.82 58.85
CA ALA OA 87 -65.00 -59.83 58.29
C ALA OA 87 -64.42 -61.23 58.39
N VAL OA 88 -63.09 -61.34 58.28
CA VAL OA 88 -62.47 -62.65 58.34
C VAL OA 88 -62.48 -63.19 59.77
N ALA OA 89 -62.17 -62.32 60.74
CA ALA OA 89 -62.05 -62.77 62.13
C ALA OA 89 -63.39 -63.19 62.71
N ASP OA 90 -64.49 -62.63 62.22
CA ASP OA 90 -65.80 -63.07 62.67
C ASP OA 90 -66.15 -64.43 62.09
N ALA OA 91 -65.66 -64.74 60.90
CA ALA OA 91 -65.95 -66.03 60.30
C ALA OA 91 -65.14 -67.14 60.96
N VAL OA 92 -63.90 -66.85 61.33
CA VAL OA 92 -63.06 -67.87 61.95
C VAL OA 92 -63.55 -68.15 63.37
N THR OA 93 -64.01 -67.12 64.06
CA THR OA 93 -64.58 -67.30 65.39
C THR OA 93 -65.86 -68.12 65.34
N TYR OA 94 -66.65 -67.94 64.28
CA TYR OA 94 -67.83 -68.77 64.08
C TYR OA 94 -67.46 -70.22 63.80
N GLN OA 95 -66.42 -70.44 63.00
CA GLN OA 95 -66.08 -71.81 62.64
C GLN OA 95 -65.36 -72.52 63.77
N LEU OA 96 -64.39 -71.85 64.40
CA LEU OA 96 -63.63 -72.48 65.48
C LEU OA 96 -64.47 -72.63 66.73
N GLY OA 97 -65.34 -71.67 67.01
CA GLY OA 97 -66.22 -71.79 68.15
C GLY OA 97 -67.23 -72.90 68.00
N PHE OA 98 -67.68 -73.17 66.78
CA PHE OA 98 -68.55 -74.31 66.55
C PHE OA 98 -67.77 -75.62 66.59
N HIS OA 99 -66.49 -75.57 66.24
CA HIS OA 99 -65.73 -76.79 66.11
C HIS OA 99 -65.34 -77.39 67.44
N SER OA 100 -65.11 -76.57 68.45
CA SER OA 100 -64.68 -77.07 69.74
C SER OA 100 -65.84 -77.62 70.57
N ILE OA 101 -67.06 -77.15 70.33
CA ILE OA 101 -68.21 -77.66 71.05
C ILE OA 101 -68.53 -79.08 70.60
N GLU OA 102 -68.25 -79.40 69.34
CA GLU OA 102 -68.39 -80.76 68.87
C GLU OA 102 -67.39 -81.70 69.54
N LEU OA 103 -66.13 -81.28 69.59
CA LEU OA 103 -65.10 -82.15 70.14
C LEU OA 103 -65.12 -82.19 71.66
N ASN OA 104 -65.76 -81.20 72.30
CA ASN OA 104 -65.76 -81.02 73.75
C ASN OA 104 -64.34 -80.93 74.28
N GLU OA 105 -63.50 -80.19 73.55
CA GLU OA 105 -62.08 -80.05 73.83
C GLU OA 105 -61.69 -78.61 73.58
N PRO OA 106 -60.65 -78.13 74.24
CA PRO OA 106 -60.08 -76.83 73.89
C PRO OA 106 -59.38 -76.91 72.55
N PRO OA 107 -59.52 -75.88 71.71
CA PRO OA 107 -58.96 -75.95 70.37
C PRO OA 107 -57.44 -75.75 70.38
N LEU OA 108 -56.83 -76.21 69.29
CA LEU OA 108 -55.40 -76.02 69.10
C LEU OA 108 -55.16 -74.66 68.44
N VAL OA 109 -54.01 -74.07 68.76
CA VAL OA 109 -53.64 -72.81 68.14
C VAL OA 109 -53.33 -73.03 66.67
N HIS OA 110 -52.74 -74.18 66.34
CA HIS OA 110 -52.46 -74.51 64.95
C HIS OA 110 -53.74 -74.74 64.16
N THR OA 111 -54.82 -75.17 64.82
CA THR OA 111 -56.10 -75.29 64.15
C THR OA 111 -56.66 -73.93 63.78
N ALA OA 112 -56.51 -72.96 64.68
CA ALA OA 112 -56.99 -71.61 64.41
C ALA OA 112 -56.19 -70.94 63.30
N ALA OA 113 -54.88 -71.16 63.26
CA ALA OA 113 -54.07 -70.58 62.20
C ALA OA 113 -54.34 -71.25 60.86
N SER OA 114 -54.83 -72.49 60.88
CA SER OA 114 -55.16 -73.17 59.65
C SER OA 114 -56.41 -72.57 59.00
N LEU OA 115 -57.31 -72.03 59.80
CA LEU OA 115 -58.56 -71.51 59.25
C LEU OA 115 -58.35 -70.17 58.58
N PHE OA 116 -57.46 -69.34 59.11
CA PHE OA 116 -57.12 -68.09 58.43
C PHE OA 116 -56.42 -68.33 57.12
N LYS OA 117 -55.62 -69.39 57.04
CA LYS OA 117 -54.91 -69.71 55.80
C LYS OA 117 -55.89 -70.11 54.71
N GLU OA 118 -56.97 -70.81 55.07
CA GLU OA 118 -57.92 -71.27 54.07
C GLU OA 118 -58.70 -70.11 53.47
N MET OA 119 -59.06 -69.13 54.30
CA MET OA 119 -59.78 -67.99 53.76
C MET OA 119 -58.87 -67.04 53.01
N CYS OA 120 -57.63 -66.86 53.46
CA CYS OA 120 -56.76 -65.91 52.80
C CYS OA 120 -56.19 -66.44 51.49
N TYR OA 121 -55.90 -67.74 51.42
CA TYR OA 121 -55.38 -68.28 50.18
C TYR OA 121 -56.46 -68.39 49.12
N ARG OA 122 -57.66 -68.77 49.53
CA ARG OA 122 -58.78 -68.85 48.60
C ARG OA 122 -59.19 -67.46 48.12
N TYR OA 123 -59.48 -66.58 49.04
CA TYR OA 123 -59.86 -65.22 48.67
C TYR OA 123 -58.66 -64.28 48.68
N ARG OA 124 -57.57 -64.72 48.05
CA ARG OA 124 -56.56 -63.76 47.65
C ARG OA 124 -57.02 -63.09 46.37
N GLU OA 125 -56.30 -62.03 45.99
CA GLU OA 125 -56.68 -61.02 44.99
C GLU OA 125 -57.95 -60.26 45.36
N ASP OA 126 -58.43 -60.42 46.60
CA ASP OA 126 -59.64 -59.79 47.09
C ASP OA 126 -59.47 -59.18 48.47
N LEU OA 127 -58.47 -59.59 49.23
CA LEU OA 127 -58.29 -59.18 50.60
C LEU OA 127 -56.87 -58.68 50.80
N MET OA 128 -56.70 -57.82 51.80
CA MET OA 128 -55.37 -57.38 52.24
C MET OA 128 -55.31 -57.59 53.74
N ALA OA 129 -54.82 -58.76 54.15
CA ALA OA 129 -54.86 -59.17 55.55
C ALA OA 129 -53.46 -59.48 56.06
N GLY OA 130 -53.16 -59.01 57.25
CA GLY OA 130 -51.87 -59.17 57.87
C GLY OA 130 -51.91 -59.93 59.19
N ILE OA 131 -52.63 -61.05 59.22
CA ILE OA 131 -53.00 -61.67 60.48
C ILE OA 131 -51.80 -62.35 61.14
N ILE OA 132 -51.64 -62.14 62.44
CA ILE OA 132 -50.72 -62.89 63.28
C ILE OA 132 -51.55 -63.56 64.38
N ILE OA 133 -51.43 -64.87 64.50
CA ILE OA 133 -52.18 -65.66 65.47
C ILE OA 133 -51.23 -66.13 66.55
N ALA OA 134 -51.59 -65.87 67.81
CA ALA OA 134 -50.78 -66.33 68.93
C ALA OA 134 -51.71 -66.73 70.06
N GLY OA 135 -51.21 -67.61 70.92
CA GLY OA 135 -52.00 -68.03 72.06
C GLY OA 135 -51.45 -69.29 72.69
N TRP OA 136 -51.89 -69.53 73.92
CA TRP OA 136 -51.46 -70.69 74.67
C TRP OA 136 -52.31 -71.90 74.31
N ASP OA 137 -51.68 -73.07 74.33
CA ASP OA 137 -52.34 -74.32 74.03
C ASP OA 137 -51.99 -75.36 75.08
N PRO OA 138 -52.93 -76.21 75.47
CA PRO OA 138 -52.60 -77.24 76.48
C PRO OA 138 -51.63 -78.28 75.97
N GLN OA 139 -51.74 -78.65 74.70
CA GLN OA 139 -50.86 -79.66 74.14
C GLN OA 139 -49.46 -79.11 73.92
N GLU OA 140 -49.34 -77.83 73.54
CA GLU OA 140 -48.09 -77.31 73.02
C GLU OA 140 -47.58 -76.04 73.68
N GLY OA 141 -48.32 -75.44 74.61
CA GLY OA 141 -47.83 -74.22 75.23
C GLY OA 141 -48.03 -73.00 74.38
N GLY OA 142 -47.05 -72.09 74.37
CA GLY OA 142 -47.19 -70.87 73.59
C GLY OA 142 -46.73 -71.09 72.16
N GLN OA 143 -47.46 -70.46 71.24
CA GLN OA 143 -47.17 -70.55 69.81
C GLN OA 143 -47.46 -69.23 69.15
N VAL OA 144 -46.72 -68.94 68.07
CA VAL OA 144 -46.91 -67.72 67.28
C VAL OA 144 -46.88 -68.10 65.81
N TYR OA 145 -47.92 -67.74 65.08
CA TYR OA 145 -48.01 -68.02 63.65
C TYR OA 145 -48.17 -66.73 62.87
N SER OA 146 -47.71 -66.76 61.62
CA SER OA 146 -47.71 -65.59 60.75
C SER OA 146 -48.47 -65.92 59.47
N VAL OA 147 -49.48 -65.10 59.17
CA VAL OA 147 -50.21 -65.19 57.92
C VAL OA 147 -50.11 -63.83 57.23
N PRO OA 148 -49.19 -63.68 56.29
CA PRO OA 148 -49.09 -62.40 55.57
C PRO OA 148 -50.10 -62.30 54.44
N MET OA 149 -49.98 -61.25 53.62
CA MET OA 149 -50.97 -60.96 52.59
C MET OA 149 -51.05 -62.03 51.51
N GLY OA 150 -50.01 -62.83 51.33
CA GLY OA 150 -50.05 -63.87 50.32
C GLY OA 150 -51.01 -64.98 50.66
N GLY OA 151 -50.84 -65.59 51.82
CA GLY OA 151 -51.69 -66.68 52.23
C GLY OA 151 -50.90 -67.83 52.83
N MET OA 152 -49.59 -67.65 52.97
CA MET OA 152 -48.78 -68.68 53.58
C MET OA 152 -48.89 -68.63 55.10
N MET OA 153 -48.40 -69.70 55.73
CA MET OA 153 -48.44 -69.85 57.18
C MET OA 153 -47.12 -70.41 57.65
N VAL OA 154 -46.58 -69.84 58.72
CA VAL OA 154 -45.30 -70.29 59.27
C VAL OA 154 -45.29 -70.01 60.77
N ARG OA 155 -44.65 -70.89 61.52
CA ARG OA 155 -44.45 -70.70 62.95
C ARG OA 155 -43.13 -69.99 63.18
N GLN OA 156 -43.13 -69.02 64.08
CA GLN OA 156 -41.93 -68.28 64.42
C GLN OA 156 -41.79 -68.13 65.93
N SER OA 157 -40.57 -67.87 66.37
CA SER OA 157 -40.35 -67.54 67.76
C SER OA 157 -40.93 -66.17 68.10
N PHE OA 158 -40.81 -65.23 67.18
CA PHE OA 158 -41.42 -63.92 67.34
C PHE OA 158 -41.79 -63.43 65.95
N ALA OA 159 -42.86 -62.63 65.90
CA ALA OA 159 -43.38 -62.18 64.62
C ALA OA 159 -43.85 -60.75 64.75
N ILE OA 160 -43.54 -59.93 63.76
CA ILE OA 160 -44.05 -58.57 63.69
C ILE OA 160 -44.75 -58.40 62.35
N GLY OA 161 -45.42 -57.26 62.20
CA GLY OA 161 -46.13 -56.98 60.97
C GLY OA 161 -46.69 -55.59 61.01
N GLY OA 162 -47.22 -55.17 59.87
CA GLY OA 162 -47.81 -53.86 59.74
C GLY OA 162 -46.96 -52.95 58.88
N SER OA 163 -47.46 -51.72 58.72
CA SER OA 163 -46.77 -50.74 57.87
C SER OA 163 -45.50 -50.24 58.52
N GLY OA 164 -45.54 -49.97 59.82
CA GLY OA 164 -44.38 -49.46 60.51
C GLY OA 164 -43.50 -50.54 61.08
N SER OA 165 -43.61 -51.75 60.56
CA SER OA 165 -42.81 -52.86 61.03
C SER OA 165 -41.40 -52.85 60.49
N SER OA 166 -41.16 -52.14 59.40
CA SER OA 166 -39.84 -52.13 58.78
C SER OA 166 -38.83 -51.34 59.57
N TYR OA 167 -39.26 -50.49 60.49
CA TYR OA 167 -38.37 -49.56 61.14
C TYR OA 167 -37.68 -50.15 62.35
N ILE OA 168 -38.39 -50.99 63.09
CA ILE OA 168 -37.86 -51.63 64.28
C ILE OA 168 -37.35 -53.00 63.90
N TYR OA 169 -37.28 -53.25 62.61
CA TYR OA 169 -37.07 -54.59 62.10
C TYR OA 169 -35.63 -55.05 62.30
N GLY OA 170 -34.70 -54.12 62.41
CA GLY OA 170 -33.33 -54.46 62.70
C GLY OA 170 -33.01 -54.30 64.17
N TYR OA 171 -33.87 -53.57 64.89
CA TYR OA 171 -33.72 -53.50 66.33
C TYR OA 171 -34.07 -54.82 66.99
N VAL OA 172 -35.05 -55.52 66.44
CA VAL OA 172 -35.69 -56.61 67.16
C VAL OA 172 -34.79 -57.84 67.21
N ASP OA 173 -33.99 -58.08 66.17
CA ASP OA 173 -33.15 -59.27 66.13
C ASP OA 173 -31.77 -59.04 66.71
N ALA OA 174 -31.40 -57.79 66.96
CA ALA OA 174 -30.22 -57.51 67.76
C ALA OA 174 -30.54 -57.51 69.25
N THR OA 175 -31.82 -57.38 69.60
CA THR OA 175 -32.22 -57.30 71.00
C THR OA 175 -32.81 -58.61 71.50
N TYR OA 176 -33.33 -59.43 70.60
CA TYR OA 176 -33.95 -60.70 71.00
C TYR OA 176 -32.92 -61.65 71.58
N ARG OA 177 -33.35 -62.42 72.57
CA ARG OA 177 -32.49 -63.34 73.28
C ARG OA 177 -33.31 -64.54 73.68
N GLU OA 178 -32.77 -65.73 73.44
CA GLU OA 178 -33.53 -66.95 73.70
C GLU OA 178 -33.61 -67.23 75.20
N GLY OA 179 -34.81 -67.53 75.67
CA GLY OA 179 -35.00 -67.86 77.06
C GLY OA 179 -35.33 -66.67 77.93
N MET OA 180 -36.33 -65.89 77.52
CA MET OA 180 -36.77 -64.76 78.32
C MET OA 180 -37.87 -65.19 79.29
N THR OA 181 -38.11 -64.34 80.27
CA THR OA 181 -39.24 -64.52 81.17
C THR OA 181 -40.42 -63.74 80.61
N LYS OA 182 -41.52 -63.73 81.35
CA LYS OA 182 -42.68 -62.98 80.90
C LYS OA 182 -42.45 -61.48 81.03
N GLU OA 183 -41.91 -61.06 82.17
CA GLU OA 183 -41.71 -59.63 82.44
C GLU OA 183 -40.64 -59.02 81.53
N GLU OA 184 -39.71 -59.82 81.03
CA GLU OA 184 -38.77 -59.32 80.05
C GLU OA 184 -39.45 -59.10 78.71
N CYS OA 185 -40.36 -60.00 78.33
CA CYS OA 185 -41.05 -59.89 77.05
C CYS OA 185 -42.02 -58.72 77.06
N LEU OA 186 -42.67 -58.44 78.20
CA LEU OA 186 -43.46 -57.23 78.30
C LEU OA 186 -42.60 -55.99 78.21
N GLN OA 187 -41.38 -56.06 78.72
CA GLN OA 187 -40.46 -54.95 78.53
C GLN OA 187 -39.91 -54.93 77.11
N PHE OA 188 -39.77 -56.10 76.49
CA PHE OA 188 -39.18 -56.17 75.16
C PHE OA 188 -40.10 -55.57 74.10
N THR OA 189 -41.39 -55.94 74.13
CA THR OA 189 -42.30 -55.45 73.11
C THR OA 189 -42.69 -54.01 73.33
N ALA OA 190 -42.62 -53.54 74.58
CA ALA OA 190 -42.98 -52.15 74.86
C ALA OA 190 -41.95 -51.19 74.29
N ASN OA 191 -40.66 -51.53 74.42
CA ASN OA 191 -39.64 -50.72 73.79
C ASN OA 191 -39.63 -50.91 72.29
N ALA OA 192 -40.05 -52.07 71.81
CA ALA OA 192 -40.03 -52.34 70.38
C ALA OA 192 -41.12 -51.56 69.67
N LEU OA 193 -42.33 -51.51 70.25
CA LEU OA 193 -43.40 -50.78 69.60
C LEU OA 193 -43.22 -49.28 69.71
N ALA OA 194 -42.58 -48.81 70.78
CA ALA OA 194 -42.45 -47.38 70.99
C ALA OA 194 -41.54 -46.71 69.98
N LEU OA 195 -40.64 -47.46 69.36
CA LEU OA 195 -39.75 -46.87 68.37
C LEU OA 195 -40.47 -46.62 67.05
N ALA OA 196 -41.31 -47.56 66.63
CA ALA OA 196 -42.09 -47.36 65.41
C ALA OA 196 -43.18 -46.34 65.62
N MET OA 197 -43.82 -46.36 66.79
CA MET OA 197 -44.87 -45.39 67.11
C MET OA 197 -44.32 -43.98 67.18
N GLU OA 198 -43.08 -43.83 67.62
CA GLU OA 198 -42.42 -42.53 67.56
C GLU OA 198 -42.21 -42.10 66.12
N ARG OA 199 -41.94 -43.06 65.24
CA ARG OA 199 -41.39 -42.76 63.94
C ARG OA 199 -42.41 -42.81 62.80
N ASP OA 200 -43.12 -43.92 62.66
CA ASP OA 200 -44.04 -44.08 61.54
C ASP OA 200 -45.28 -43.21 61.70
N GLY OA 201 -45.66 -42.54 60.62
CA GLY OA 201 -46.78 -41.63 60.66
C GLY OA 201 -48.13 -42.33 60.76
N SER OA 202 -48.24 -43.53 60.22
CA SER OA 202 -49.47 -44.28 60.35
C SER OA 202 -49.59 -44.98 61.69
N SER OA 203 -48.53 -45.01 62.48
CA SER OA 203 -48.53 -45.67 63.77
C SER OA 203 -48.49 -44.66 64.90
N GLY OA 204 -48.73 -45.15 66.12
CA GLY OA 204 -48.68 -44.36 67.32
C GLY OA 204 -49.96 -44.51 68.11
N GLY OA 205 -50.22 -43.55 68.98
CA GLY OA 205 -51.43 -43.58 69.77
C GLY OA 205 -51.19 -44.07 71.18
N VAL OA 206 -51.55 -45.32 71.44
CA VAL OA 206 -51.40 -45.91 72.77
C VAL OA 206 -51.06 -47.37 72.58
N ILE OA 207 -50.35 -47.94 73.54
CA ILE OA 207 -49.89 -49.32 73.46
C ILE OA 207 -50.89 -50.21 74.18
N ARG OA 208 -51.40 -51.22 73.48
CA ARG OA 208 -52.24 -52.23 74.07
C ARG OA 208 -51.48 -53.55 74.10
N LEU OA 209 -51.40 -54.16 75.28
CA LEU OA 209 -50.65 -55.38 75.48
C LEU OA 209 -51.55 -56.47 76.01
N ALA OA 210 -51.13 -57.71 75.81
CA ALA OA 210 -51.85 -58.86 76.31
C ALA OA 210 -50.88 -59.99 76.57
N ALA OA 211 -51.02 -60.64 77.72
CA ALA OA 211 -50.22 -61.80 78.07
C ALA OA 211 -51.12 -63.01 78.22
N ILE OA 212 -50.87 -64.03 77.44
CA ILE OA 212 -51.70 -65.24 77.43
C ILE OA 212 -50.85 -66.38 77.98
N ALA OA 213 -51.35 -67.02 79.04
CA ALA OA 213 -50.69 -68.16 79.61
C ALA OA 213 -51.74 -69.19 79.97
N GLU OA 214 -51.33 -70.21 80.73
CA GLU OA 214 -52.26 -71.24 81.18
C GLU OA 214 -53.26 -70.69 82.19
N SER OA 215 -52.85 -69.68 82.96
CA SER OA 215 -53.71 -69.17 84.03
C SER OA 215 -54.84 -68.33 83.46
N GLY OA 216 -54.50 -67.23 82.80
CA GLY OA 216 -55.52 -66.33 82.34
C GLY OA 216 -54.99 -65.44 81.25
N VAL OA 217 -55.70 -64.34 81.01
CA VAL OA 217 -55.32 -63.34 80.03
C VAL OA 217 -55.18 -62.01 80.75
N GLU OA 218 -53.99 -61.42 80.65
CA GLU OA 218 -53.69 -60.17 81.33
C GLU OA 218 -53.57 -59.07 80.28
N ARG OA 219 -54.61 -58.27 80.14
CA ARG OA 219 -54.62 -57.18 79.18
C ARG OA 219 -54.40 -55.86 79.90
N GLN OA 220 -53.60 -54.99 79.29
CA GLN OA 220 -53.30 -53.72 79.89
C GLN OA 220 -53.02 -52.68 78.82
N VAL OA 221 -53.25 -51.43 79.17
CA VAL OA 221 -53.07 -50.30 78.28
C VAL OA 221 -51.95 -49.45 78.85
N LEU OA 222 -50.94 -49.18 78.02
CA LEU OA 222 -49.70 -48.58 78.49
C LEU OA 222 -49.37 -47.36 77.64
N LEU OA 223 -48.65 -46.42 78.25
CA LEU OA 223 -48.11 -45.27 77.52
C LEU OA 223 -46.73 -44.93 78.09
N GLY OA 224 -45.72 -44.89 77.22
CA GLY OA 224 -44.36 -44.64 77.65
C GLY OA 224 -43.34 -45.06 76.61
N THR PA 43 -73.15 -31.74 54.60
CA THR PA 43 -73.55 -32.88 55.41
C THR PA 43 -72.65 -33.01 56.63
N THR PA 44 -73.25 -32.88 57.81
CA THR PA 44 -72.50 -32.95 59.06
C THR PA 44 -73.36 -33.64 60.10
N ILE PA 45 -72.93 -34.81 60.54
CA ILE PA 45 -73.62 -35.56 61.57
C ILE PA 45 -72.64 -35.89 62.68
N ALA PA 46 -73.15 -35.93 63.90
CA ALA PA 46 -72.29 -36.15 65.06
C ALA PA 46 -73.12 -36.78 66.18
N GLY PA 47 -72.42 -37.41 67.12
CA GLY PA 47 -73.05 -38.05 68.25
C GLY PA 47 -72.15 -38.05 69.45
N VAL PA 48 -72.74 -38.29 70.62
CA VAL PA 48 -72.01 -38.22 71.88
C VAL PA 48 -72.73 -39.13 72.87
N VAL PA 49 -72.03 -39.56 73.90
CA VAL PA 49 -72.58 -40.39 74.96
C VAL PA 49 -72.40 -39.64 76.26
N TYR PA 50 -73.48 -39.15 76.84
CA TYR PA 50 -73.39 -38.50 78.13
C TYR PA 50 -73.65 -39.52 79.22
N LYS PA 51 -73.86 -39.05 80.45
CA LYS PA 51 -73.92 -39.93 81.62
C LYS PA 51 -75.13 -40.84 81.62
N ASP PA 52 -76.17 -40.53 80.88
CA ASP PA 52 -77.37 -41.35 80.87
C ASP PA 52 -77.75 -41.88 79.51
N GLY PA 53 -77.49 -41.15 78.44
CA GLY PA 53 -77.90 -41.57 77.11
C GLY PA 53 -77.06 -40.98 76.02
N ILE PA 54 -77.70 -40.77 74.87
CA ILE PA 54 -77.03 -40.44 73.62
C ILE PA 54 -77.74 -39.26 72.97
N VAL PA 55 -76.97 -38.28 72.52
CA VAL PA 55 -77.49 -37.15 71.75
C VAL PA 55 -76.95 -37.26 70.34
N LEU PA 56 -77.83 -37.19 69.35
CA LEU PA 56 -77.46 -37.19 67.94
C LEU PA 56 -77.78 -35.84 67.32
N GLY PA 57 -77.00 -35.47 66.31
CA GLY PA 57 -77.19 -34.18 65.66
C GLY PA 57 -76.94 -34.28 64.18
N ALA PA 58 -77.58 -33.40 63.42
CA ALA PA 58 -77.47 -33.41 61.97
C ALA PA 58 -77.84 -32.02 61.46
N ASP PA 59 -77.84 -31.89 60.13
CA ASP PA 59 -78.17 -30.65 59.44
C ASP PA 59 -79.23 -30.92 58.39
N THR PA 60 -79.59 -29.90 57.61
CA THR PA 60 -80.77 -29.94 56.76
C THR PA 60 -80.48 -29.42 55.35
N ARG PA 61 -79.44 -29.92 54.69
CA ARG PA 61 -79.19 -29.56 53.30
C ARG PA 61 -78.86 -30.77 52.46
N ALA PA 62 -79.49 -30.86 51.29
CA ALA PA 62 -79.10 -31.80 50.25
C ALA PA 62 -78.77 -31.00 49.00
N THR PA 63 -77.56 -31.18 48.48
CA THR PA 63 -77.12 -30.48 47.30
C THR PA 63 -76.98 -31.43 46.11
N GLU PA 64 -77.04 -30.84 44.93
CA GLU PA 64 -76.80 -31.55 43.67
C GLU PA 64 -75.79 -30.72 42.89
N GLY PA 65 -74.60 -31.29 42.70
CA GLY PA 65 -73.50 -30.52 42.15
C GLY PA 65 -73.07 -29.48 43.17
N MET PA 66 -73.15 -28.20 42.80
CA MET PA 66 -72.91 -27.13 43.75
C MET PA 66 -74.14 -26.24 43.88
N VAL PA 67 -75.32 -26.83 43.74
CA VAL PA 67 -76.59 -26.11 43.83
C VAL PA 67 -77.39 -26.72 44.97
N VAL PA 68 -77.91 -25.88 45.85
CA VAL PA 68 -78.70 -26.35 46.99
C VAL PA 68 -80.03 -26.87 46.46
N ALA PA 69 -80.24 -28.18 46.57
CA ALA PA 69 -81.50 -28.77 46.11
C ALA PA 69 -82.58 -28.72 47.17
N ASP PA 70 -82.23 -28.98 48.43
CA ASP PA 70 -83.21 -29.04 49.50
C ASP PA 70 -82.73 -28.17 50.66
N LYS PA 71 -83.65 -27.36 51.18
CA LYS PA 71 -83.38 -26.53 52.33
C LYS PA 71 -83.75 -27.21 53.64
N ASN PA 72 -84.39 -28.36 53.58
CA ASN PA 72 -84.84 -29.04 54.79
C ASN PA 72 -84.97 -30.52 54.46
N CYS PA 73 -83.96 -31.30 54.82
CA CYS PA 73 -83.95 -32.74 54.59
C CYS PA 73 -83.71 -33.43 55.93
N SER PA 74 -84.56 -34.40 56.25
CA SER PA 74 -84.43 -35.11 57.52
C SER PA 74 -83.35 -36.17 57.39
N LYS PA 75 -82.29 -36.03 58.18
CA LYS PA 75 -81.15 -36.92 58.08
C LYS PA 75 -81.05 -37.90 59.24
N ILE PA 76 -81.91 -37.78 60.25
CA ILE PA 76 -81.94 -38.70 61.38
C ILE PA 76 -83.08 -39.67 61.14
N HIS PA 77 -82.76 -40.96 61.02
CA HIS PA 77 -83.74 -41.95 60.62
C HIS PA 77 -84.16 -42.83 61.79
N PHE PA 78 -85.41 -43.25 61.76
CA PHE PA 78 -85.95 -44.15 62.75
C PHE PA 78 -85.47 -45.57 62.48
N ILE PA 79 -85.14 -46.29 63.55
CA ILE PA 79 -84.83 -47.71 63.49
C ILE PA 79 -85.74 -48.50 64.42
N SER PA 80 -85.75 -48.17 65.69
CA SER PA 80 -86.58 -48.81 66.69
C SER PA 80 -86.95 -47.76 67.70
N PRO PA 81 -87.89 -48.03 68.64
CA PRO PA 81 -88.18 -47.03 69.67
C PRO PA 81 -87.04 -46.69 70.63
N ASN PA 82 -85.90 -47.37 70.54
CA ASN PA 82 -84.71 -46.96 71.27
C ASN PA 82 -83.51 -46.64 70.40
N ILE PA 83 -83.52 -46.98 69.11
CA ILE PA 83 -82.35 -46.85 68.25
C ILE PA 83 -82.67 -45.92 67.10
N TYR PA 84 -81.77 -44.97 66.84
CA TYR PA 84 -81.85 -44.07 65.69
C TYR PA 84 -80.53 -44.10 64.94
N CYS PA 85 -80.55 -43.55 63.73
CA CYS PA 85 -79.40 -43.60 62.85
C CYS PA 85 -79.32 -42.35 62.01
N CYS PA 86 -78.12 -41.83 61.84
CA CYS PA 86 -77.85 -40.68 61.00
C CYS PA 86 -77.19 -41.13 59.71
N GLY PA 87 -77.53 -40.47 58.61
CA GLY PA 87 -77.10 -40.90 57.30
C GLY PA 87 -76.21 -39.88 56.62
N ALA PA 88 -75.23 -40.36 55.87
CA ALA PA 88 -74.32 -39.52 55.12
C ALA PA 88 -73.81 -40.30 53.91
N GLY PA 89 -73.48 -39.57 52.86
CA GLY PA 89 -73.06 -40.20 51.62
C GLY PA 89 -74.11 -40.11 50.54
N THR PA 90 -74.35 -41.20 49.81
CA THR PA 90 -75.41 -41.23 48.82
C THR PA 90 -76.75 -41.25 49.53
N ALA PA 91 -77.62 -40.29 49.20
CA ALA PA 91 -78.85 -40.10 49.95
C ALA PA 91 -79.84 -41.23 49.73
N ALA PA 92 -79.92 -41.74 48.50
CA ALA PA 92 -80.83 -42.85 48.24
C ALA PA 92 -80.30 -44.16 48.77
N ASP PA 93 -78.98 -44.32 48.88
CA ASP PA 93 -78.44 -45.57 49.43
C ASP PA 93 -78.65 -45.64 50.93
N THR PA 94 -78.58 -44.50 51.62
CA THR PA 94 -78.82 -44.51 53.06
C THR PA 94 -80.28 -44.69 53.37
N ASP PA 95 -81.18 -44.20 52.51
CA ASP PA 95 -82.61 -44.31 52.79
C ASP PA 95 -83.08 -45.74 52.64
N MET PA 96 -82.69 -46.41 51.57
CA MET PA 96 -83.13 -47.78 51.35
C MET PA 96 -82.49 -48.77 52.30
N THR PA 97 -81.29 -48.46 52.79
CA THR PA 97 -80.64 -49.35 53.74
C THR PA 97 -81.25 -49.22 55.12
N THR PA 98 -81.50 -47.99 55.57
CA THR PA 98 -81.99 -47.78 56.91
C THR PA 98 -83.45 -48.20 57.09
N GLN PA 99 -84.17 -48.46 56.01
CA GLN PA 99 -85.53 -48.99 56.12
C GLN PA 99 -85.55 -50.50 56.12
N LEU PA 100 -84.58 -51.12 55.46
CA LEU PA 100 -84.51 -52.58 55.44
C LEU PA 100 -84.17 -53.14 56.81
N ILE PA 101 -83.18 -52.55 57.47
CA ILE PA 101 -82.78 -53.02 58.79
C ILE PA 101 -83.83 -52.68 59.83
N SER PA 102 -84.48 -51.53 59.67
CA SER PA 102 -85.61 -51.19 60.53
C SER PA 102 -86.79 -52.10 60.29
N SER PA 103 -86.89 -52.71 59.12
CA SER PA 103 -87.93 -53.71 58.90
C SER PA 103 -87.58 -55.02 59.58
N ASN PA 104 -86.30 -55.41 59.54
CA ASN PA 104 -85.94 -56.70 60.10
C ASN PA 104 -85.90 -56.68 61.63
N LEU PA 105 -85.53 -55.56 62.24
CA LEU PA 105 -85.54 -55.50 63.70
C LEU PA 105 -86.96 -55.47 64.24
N GLU PA 106 -87.89 -54.85 63.51
CA GLU PA 106 -89.29 -54.97 63.88
C GLU PA 106 -89.77 -56.40 63.72
N LEU PA 107 -89.28 -57.09 62.70
CA LEU PA 107 -89.58 -58.51 62.55
C LEU PA 107 -88.93 -59.34 63.65
N HIS PA 108 -87.71 -58.97 64.04
CA HIS PA 108 -86.98 -59.76 65.03
C HIS PA 108 -87.52 -59.54 66.44
N SER PA 109 -87.79 -58.29 66.81
CA SER PA 109 -88.22 -58.02 68.18
C SER PA 109 -89.65 -58.47 68.42
N LEU PA 110 -90.48 -58.43 67.39
CA LEU PA 110 -91.86 -58.88 67.57
C LEU PA 110 -91.91 -60.40 67.65
N SER PA 111 -90.97 -61.08 67.01
CA SER PA 111 -90.87 -62.52 67.15
C SER PA 111 -90.26 -62.91 68.50
N THR PA 112 -89.29 -62.12 68.97
CA THR PA 112 -88.67 -62.41 70.26
C THR PA 112 -89.59 -62.03 71.39
N GLY PA 113 -90.15 -60.83 71.34
CA GLY PA 113 -91.00 -60.33 72.40
C GLY PA 113 -90.31 -59.43 73.40
N ARG PA 114 -89.19 -58.83 73.03
CA ARG PA 114 -88.50 -57.92 73.94
C ARG PA 114 -87.76 -56.87 73.13
N LEU PA 115 -87.14 -55.95 73.83
CA LEU PA 115 -86.53 -54.77 73.27
C LEU PA 115 -85.26 -55.13 72.51
N PRO PA 116 -85.01 -54.53 71.35
CA PRO PA 116 -83.84 -54.91 70.55
C PRO PA 116 -82.53 -54.43 71.17
N ARG PA 117 -81.43 -54.94 70.61
CA ARG PA 117 -80.09 -54.57 71.03
C ARG PA 117 -79.39 -53.81 69.92
N VAL PA 118 -78.53 -52.87 70.31
CA VAL PA 118 -77.82 -52.05 69.33
C VAL PA 118 -76.78 -52.89 68.60
N VAL PA 119 -76.21 -53.89 69.28
CA VAL PA 119 -75.24 -54.76 68.64
C VAL PA 119 -75.89 -55.65 67.60
N THR PA 120 -77.21 -55.85 67.65
CA THR PA 120 -77.89 -56.56 66.59
C THR PA 120 -77.97 -55.71 65.34
N ALA PA 121 -78.26 -54.42 65.51
CA ALA PA 121 -78.32 -53.52 64.38
C ALA PA 121 -76.95 -53.26 63.78
N ASN PA 122 -75.91 -53.30 64.62
CA ASN PA 122 -74.55 -53.16 64.12
C ASN PA 122 -74.18 -54.36 63.26
N ARG PA 123 -74.53 -55.56 63.72
CA ARG PA 123 -74.10 -56.77 63.04
C ARG PA 123 -74.83 -56.96 61.72
N MET PA 124 -76.07 -56.47 61.63
CA MET PA 124 -76.79 -56.55 60.37
C MET PA 124 -76.21 -55.60 59.33
N LEU PA 125 -75.84 -54.39 59.76
CA LEU PA 125 -75.37 -53.37 58.82
C LEU PA 125 -73.98 -53.69 58.30
N LYS PA 126 -73.06 -54.08 59.19
CA LYS PA 126 -71.70 -54.33 58.75
C LYS PA 126 -71.59 -55.58 57.90
N GLN PA 127 -72.55 -56.49 58.00
CA GLN PA 127 -72.52 -57.70 57.21
C GLN PA 127 -73.25 -57.52 55.89
N MET PA 128 -74.18 -56.58 55.84
CA MET PA 128 -74.81 -56.25 54.57
C MET PA 128 -73.87 -55.47 53.67
N LEU PA 129 -73.23 -54.43 54.21
CA LEU PA 129 -72.40 -53.54 53.42
C LEU PA 129 -71.14 -54.20 52.92
N PHE PA 130 -70.64 -55.21 53.64
CA PHE PA 130 -69.45 -55.90 53.17
C PHE PA 130 -69.75 -56.76 51.96
N ARG PA 131 -71.00 -57.19 51.80
CA ARG PA 131 -71.35 -58.05 50.70
C ARG PA 131 -71.43 -57.28 49.38
N TYR PA 132 -71.66 -55.98 49.44
CA TYR PA 132 -71.72 -55.15 48.24
C TYR PA 132 -70.39 -54.53 47.89
N GLN PA 133 -69.34 -54.81 48.65
CA GLN PA 133 -67.96 -54.38 48.40
C GLN PA 133 -67.84 -52.86 48.33
N GLY PA 134 -68.63 -52.15 49.12
CA GLY PA 134 -68.55 -50.71 49.13
C GLY PA 134 -69.20 -50.02 47.97
N TYR PA 135 -69.94 -50.74 47.13
CA TYR PA 135 -70.67 -50.08 46.06
C TYR PA 135 -71.79 -49.22 46.60
N ILE PA 136 -72.45 -49.67 47.66
CA ILE PA 136 -73.45 -48.87 48.33
C ILE PA 136 -72.72 -47.86 49.20
N GLY PA 137 -72.79 -46.60 48.82
CA GLY PA 137 -72.10 -45.57 49.58
C GLY PA 137 -72.96 -45.05 50.71
N ALA PA 138 -72.73 -45.58 51.90
CA ALA PA 138 -73.51 -45.21 53.08
C ALA PA 138 -72.57 -45.04 54.26
N ALA PA 139 -72.61 -43.87 54.88
CA ALA PA 139 -71.85 -43.59 56.08
C ALA PA 139 -72.83 -43.33 57.21
N LEU PA 140 -72.79 -44.17 58.25
CA LEU PA 140 -73.84 -44.17 59.25
C LEU PA 140 -73.29 -43.97 60.65
N VAL PA 141 -74.10 -43.32 61.48
CA VAL PA 141 -73.83 -43.17 62.90
C VAL PA 141 -74.98 -43.85 63.62
N LEU PA 142 -74.67 -44.88 64.39
CA LEU PA 142 -75.68 -45.71 65.01
C LEU PA 142 -75.65 -45.51 66.52
N GLY PA 143 -76.81 -45.23 67.11
CA GLY PA 143 -76.89 -45.00 68.54
C GLY PA 143 -78.18 -45.46 69.17
N GLY PA 144 -78.11 -45.94 70.41
CA GLY PA 144 -79.31 -46.38 71.09
C GLY PA 144 -78.97 -46.81 72.50
N VAL PA 145 -80.01 -47.05 73.28
CA VAL PA 145 -79.88 -47.46 74.67
C VAL PA 145 -80.49 -48.84 74.83
N ASP PA 146 -79.69 -49.79 75.26
CA ASP PA 146 -80.11 -51.16 75.47
C ASP PA 146 -80.35 -51.43 76.95
N VAL PA 147 -80.54 -52.72 77.27
CA VAL PA 147 -80.48 -53.17 78.65
C VAL PA 147 -79.08 -52.92 79.22
N THR PA 148 -78.04 -53.14 78.41
CA THR PA 148 -76.69 -52.91 78.86
C THR PA 148 -76.35 -51.44 79.01
N GLY PA 149 -77.07 -50.55 78.32
CA GLY PA 149 -76.81 -49.14 78.41
C GLY PA 149 -76.70 -48.50 77.06
N PRO PA 150 -76.19 -47.27 77.01
CA PRO PA 150 -76.04 -46.59 75.72
C PRO PA 150 -74.86 -47.13 74.93
N HIS PA 151 -75.00 -47.09 73.61
CA HIS PA 151 -73.98 -47.58 72.70
C HIS PA 151 -73.97 -46.74 71.44
N LEU PA 152 -72.79 -46.31 71.03
CA LEU PA 152 -72.64 -45.46 69.87
C LEU PA 152 -71.66 -46.09 68.90
N TYR PA 153 -72.03 -46.15 67.63
CA TYR PA 153 -71.19 -46.75 66.60
C TYR PA 153 -71.06 -45.82 65.41
N SER PA 154 -70.03 -46.06 64.62
CA SER PA 154 -69.84 -45.39 63.35
C SER PA 154 -69.52 -46.44 62.29
N ILE PA 155 -70.21 -46.36 61.16
CA ILE PA 155 -70.14 -47.39 60.13
C ILE PA 155 -69.71 -46.75 58.82
N TYR PA 156 -68.71 -47.28 58.22
CA TYR PA 156 -68.10 -46.90 56.96
C TYR PA 156 -68.63 -47.77 55.83
N PRO PA 157 -68.72 -47.26 54.60
CA PRO PA 157 -69.42 -48.01 53.54
C PRO PA 157 -68.71 -49.26 53.05
N HIS PA 158 -67.51 -49.56 53.51
CA HIS PA 158 -66.93 -50.86 53.21
C HIS PA 158 -67.27 -51.92 54.25
N GLY PA 159 -67.70 -51.51 55.44
CA GLY PA 159 -68.13 -52.47 56.42
C GLY PA 159 -67.28 -52.49 57.67
N SER PA 160 -66.49 -51.44 57.88
CA SER PA 160 -65.67 -51.32 59.07
C SER PA 160 -66.43 -50.49 60.09
N THR PA 161 -66.52 -50.99 61.33
CA THR PA 161 -67.26 -50.34 62.39
C THR PA 161 -66.36 -50.04 63.56
N ASP PA 162 -66.73 -49.01 64.32
CA ASP PA 162 -65.99 -48.57 65.50
C ASP PA 162 -66.97 -48.20 66.60
N LYS PA 163 -66.69 -48.65 67.81
CA LYS PA 163 -67.41 -48.19 69.00
C LYS PA 163 -66.60 -47.07 69.64
N LEU PA 164 -67.21 -45.91 69.79
CA LEU PA 164 -66.55 -44.73 70.30
C LEU PA 164 -67.50 -43.95 71.18
N PRO PA 165 -66.99 -43.15 72.12
CA PRO PA 165 -67.87 -42.25 72.88
C PRO PA 165 -68.38 -41.07 72.09
N TYR PA 166 -67.72 -40.66 71.02
CA TYR PA 166 -68.19 -39.57 70.19
C TYR PA 166 -67.62 -39.71 68.79
N VAL PA 167 -68.46 -39.47 67.78
CA VAL PA 167 -68.07 -39.61 66.38
C VAL PA 167 -68.62 -38.43 65.59
N THR PA 168 -67.97 -38.16 64.45
CA THR PA 168 -68.48 -37.25 63.44
C THR PA 168 -68.32 -37.90 62.08
N MET PA 169 -69.32 -37.72 61.22
CA MET PA 169 -69.26 -38.23 59.86
C MET PA 169 -69.77 -37.15 58.92
N GLY PA 170 -69.49 -37.34 57.64
CA GLY PA 170 -69.94 -36.43 56.62
C GLY PA 170 -68.81 -35.59 56.06
N SER PA 171 -69.19 -34.64 55.21
CA SER PA 171 -68.19 -33.77 54.60
C SER PA 171 -67.67 -32.75 55.60
N GLY PA 172 -68.54 -32.22 56.45
CA GLY PA 172 -68.12 -31.26 57.44
C GLY PA 172 -67.74 -31.90 58.76
N SER PA 173 -67.33 -33.16 58.71
CA SER PA 173 -66.97 -33.89 59.92
C SER PA 173 -65.69 -33.37 60.55
N LEU PA 174 -64.79 -32.81 59.76
CA LEU PA 174 -63.53 -32.33 60.31
C LEU PA 174 -63.74 -31.10 61.16
N ALA PA 175 -64.71 -30.25 60.80
CA ALA PA 175 -64.99 -29.07 61.59
C ALA PA 175 -65.68 -29.44 62.89
N ALA PA 176 -66.54 -30.46 62.86
CA ALA PA 176 -67.27 -30.84 64.05
C ALA PA 176 -66.42 -31.61 65.04
N MET PA 177 -65.42 -32.32 64.57
CA MET PA 177 -64.51 -33.03 65.45
C MET PA 177 -63.59 -32.06 66.20
N ALA PA 178 -63.44 -30.83 65.70
CA ALA PA 178 -62.69 -29.81 66.42
C ALA PA 178 -63.36 -29.45 67.72
N VAL PA 179 -64.69 -29.37 67.72
CA VAL PA 179 -65.41 -28.96 68.92
C VAL PA 179 -65.43 -30.09 69.94
N PHE PA 180 -65.53 -31.33 69.47
CA PHE PA 180 -65.49 -32.47 70.37
C PHE PA 180 -64.12 -32.62 71.02
N GLU PA 181 -63.07 -32.64 70.23
CA GLU PA 181 -61.74 -32.90 70.76
C GLU PA 181 -61.23 -31.76 71.63
N ASP PA 182 -61.81 -30.57 71.50
CA ASP PA 182 -61.49 -29.48 72.41
C ASP PA 182 -62.36 -29.54 73.66
N LYS PA 183 -63.64 -29.88 73.52
CA LYS PA 183 -64.62 -29.64 74.58
C LYS PA 183 -65.40 -30.89 74.95
N PHE PA 184 -64.77 -32.05 75.00
CA PHE PA 184 -65.42 -33.24 75.51
C PHE PA 184 -64.84 -33.59 76.87
N ARG PA 185 -65.73 -33.97 77.78
CA ARG PA 185 -65.35 -34.53 79.05
C ARG PA 185 -66.31 -35.67 79.33
N PRO PA 186 -65.84 -36.74 79.96
CA PRO PA 186 -66.70 -37.92 80.13
C PRO PA 186 -67.79 -37.69 81.16
N ASP PA 187 -68.95 -38.30 80.90
CA ASP PA 187 -70.13 -38.26 81.76
C ASP PA 187 -70.61 -36.83 81.99
N MET PA 188 -71.00 -36.18 80.90
CA MET PA 188 -71.64 -34.88 80.99
C MET PA 188 -73.10 -35.03 81.38
N GLU PA 189 -73.74 -33.91 81.63
CA GLU PA 189 -75.14 -33.90 81.99
C GLU PA 189 -76.00 -33.75 80.74
N GLU PA 190 -77.29 -33.46 80.94
CA GLU PA 190 -78.21 -33.40 79.83
C GLU PA 190 -77.99 -32.16 78.98
N GLU PA 191 -78.17 -30.99 79.57
CA GLU PA 191 -78.04 -29.74 78.83
C GLU PA 191 -76.61 -29.44 78.44
N GLU PA 192 -75.64 -30.03 79.14
CA GLU PA 192 -74.25 -29.86 78.75
C GLU PA 192 -73.96 -30.61 77.46
N ALA PA 193 -74.62 -31.75 77.26
CA ALA PA 193 -74.39 -32.53 76.05
C ALA PA 193 -75.12 -31.93 74.86
N LYS PA 194 -76.35 -31.45 75.07
CA LYS PA 194 -77.11 -30.82 74.01
C LYS PA 194 -76.46 -29.52 73.55
N ASN PA 195 -75.81 -28.81 74.46
CA ASN PA 195 -75.11 -27.61 74.08
C ASN PA 195 -73.86 -27.94 73.26
N LEU PA 196 -73.24 -29.09 73.52
CA LEU PA 196 -72.01 -29.44 72.82
C LEU PA 196 -72.29 -29.84 71.38
N VAL PA 197 -73.33 -30.65 71.17
CA VAL PA 197 -73.62 -31.14 69.83
C VAL PA 197 -74.15 -30.03 68.95
N SER PA 198 -74.99 -29.15 69.51
CA SER PA 198 -75.49 -28.00 68.76
C SER PA 198 -74.37 -27.02 68.43
N GLU PA 199 -73.32 -26.99 69.26
CA GLU PA 199 -72.15 -26.20 68.92
C GLU PA 199 -71.31 -26.88 67.85
N ALA PA 200 -71.22 -28.21 67.87
CA ALA PA 200 -70.36 -28.91 66.95
C ALA PA 200 -70.96 -28.96 65.55
N ILE PA 201 -72.28 -29.08 65.46
CA ILE PA 201 -72.94 -29.05 64.15
C ILE PA 201 -72.85 -27.65 63.55
N ALA PA 202 -72.94 -26.62 64.39
CA ALA PA 202 -72.87 -25.25 63.90
C ALA PA 202 -71.48 -24.90 63.39
N ALA PA 203 -70.46 -25.61 63.86
CA ALA PA 203 -69.12 -25.39 63.32
C ALA PA 203 -69.01 -25.89 61.88
N GLY PA 204 -69.77 -26.93 61.55
CA GLY PA 204 -69.75 -27.42 60.18
C GLY PA 204 -70.62 -26.60 59.25
N ILE PA 205 -71.63 -25.93 59.79
CA ILE PA 205 -72.54 -25.15 58.96
C ILE PA 205 -71.87 -23.88 58.47
N PHE PA 206 -71.03 -23.28 59.31
CA PHE PA 206 -70.25 -22.13 58.88
C PHE PA 206 -68.92 -22.53 58.25
N ASN PA 207 -68.70 -23.82 58.04
CA ASN PA 207 -67.82 -24.31 57.01
C ASN PA 207 -68.67 -24.63 55.78
N ASP PA 208 -68.04 -24.80 54.63
CA ASP PA 208 -68.78 -24.95 53.39
C ASP PA 208 -69.46 -26.31 53.35
N LEU PA 209 -70.50 -26.39 52.49
CA LEU PA 209 -71.44 -27.50 52.43
C LEU PA 209 -72.08 -27.78 53.78
N GLY PA 210 -72.46 -26.70 54.44
CA GLY PA 210 -73.15 -26.78 55.70
C GLY PA 210 -74.61 -26.98 55.42
N SER PA 211 -75.47 -26.09 55.93
CA SER PA 211 -76.88 -26.26 55.64
C SER PA 211 -77.62 -24.94 55.69
N GLY PA 212 -78.85 -24.99 55.18
CA GLY PA 212 -79.86 -23.99 55.41
C GLY PA 212 -80.37 -24.27 56.81
N SER PA 213 -79.59 -23.83 57.79
CA SER PA 213 -79.46 -24.47 59.09
C SER PA 213 -80.74 -24.62 59.88
N ASN PA 214 -81.10 -25.87 60.10
CA ASN PA 214 -82.08 -26.25 61.09
C ASN PA 214 -81.42 -27.42 61.81
N ILE PA 215 -80.71 -27.13 62.89
CA ILE PA 215 -79.95 -28.16 63.59
C ILE PA 215 -80.94 -29.11 64.25
N ASP PA 216 -80.80 -30.39 63.97
CA ASP PA 216 -81.70 -31.40 64.50
C ASP PA 216 -81.06 -32.09 65.68
N LEU PA 217 -81.88 -32.44 66.67
CA LEU PA 217 -81.41 -33.20 67.80
C LEU PA 217 -82.35 -34.35 68.10
N CYS PA 218 -81.77 -35.49 68.46
CA CYS PA 218 -82.52 -36.64 68.95
C CYS PA 218 -81.86 -37.07 70.25
N VAL PA 219 -82.57 -36.88 71.36
CA VAL PA 219 -82.07 -37.26 72.67
C VAL PA 219 -82.67 -38.60 73.03
N ILE PA 220 -81.80 -39.58 73.24
CA ILE PA 220 -82.22 -40.93 73.62
C ILE PA 220 -81.75 -41.16 75.03
N SER PA 221 -82.68 -41.49 75.93
CA SER PA 221 -82.33 -41.83 77.29
C SER PA 221 -82.87 -43.22 77.60
N LYS PA 222 -82.80 -43.61 78.88
CA LYS PA 222 -83.26 -44.92 79.28
C LYS PA 222 -84.78 -45.04 79.20
N ASN PA 223 -85.48 -43.96 79.39
CA ASN PA 223 -86.94 -43.95 79.36
C ASN PA 223 -87.53 -42.88 78.46
N LYS PA 224 -86.92 -41.71 78.39
CA LYS PA 224 -87.46 -40.59 77.63
C LYS PA 224 -86.78 -40.52 76.26
N LEU PA 225 -87.58 -40.27 75.24
CA LEU PA 225 -87.10 -40.11 73.86
C LEU PA 225 -87.53 -38.74 73.33
N ASP PA 226 -86.57 -37.99 72.81
CA ASP PA 226 -86.83 -36.66 72.29
C ASP PA 226 -86.42 -36.58 70.83
N PHE PA 227 -87.06 -35.67 70.11
CA PHE PA 227 -86.80 -35.51 68.67
C PHE PA 227 -87.19 -34.10 68.29
N LEU PA 228 -86.21 -33.29 67.94
CA LEU PA 228 -86.39 -31.84 67.82
C LEU PA 228 -85.93 -31.41 66.43
N ARG PA 229 -86.88 -31.12 65.54
CA ARG PA 229 -86.47 -30.66 64.22
C ARG PA 229 -86.05 -29.19 64.26
N PRO PA 230 -86.88 -28.20 64.70
CA PRO PA 230 -86.31 -26.85 64.63
C PRO PA 230 -85.65 -26.44 65.93
N TYR PA 231 -84.55 -27.11 66.30
CA TYR PA 231 -83.91 -26.83 67.59
C TYR PA 231 -83.22 -25.47 67.58
N THR PA 232 -82.61 -25.09 66.47
CA THR PA 232 -81.98 -23.79 66.37
C THR PA 232 -82.00 -23.36 64.92
N VAL PA 233 -82.50 -22.16 64.66
CA VAL PA 233 -82.54 -21.62 63.31
C VAL PA 233 -81.66 -20.38 63.28
N PRO PA 234 -80.38 -20.50 62.94
CA PRO PA 234 -79.52 -19.31 62.89
C PRO PA 234 -79.57 -18.57 61.56
N ASN PA 235 -79.86 -19.24 60.45
CA ASN PA 235 -79.80 -18.62 59.13
C ASN PA 235 -81.20 -18.24 58.69
N LYS PA 236 -81.48 -16.95 58.65
CA LYS PA 236 -82.75 -16.42 58.21
C LYS PA 236 -82.61 -15.77 56.85
N LYS PA 237 -83.50 -16.14 55.93
CA LYS PA 237 -83.54 -15.46 54.63
C LYS PA 237 -84.04 -14.04 54.82
N GLY PA 238 -83.34 -13.09 54.20
CA GLY PA 238 -83.74 -11.70 54.29
C GLY PA 238 -85.03 -11.44 53.53
N THR PA 239 -85.70 -10.36 53.91
CA THR PA 239 -86.99 -10.04 53.33
C THR PA 239 -86.82 -9.52 51.90
N ARG PA 240 -87.93 -9.57 51.16
CA ARG PA 240 -87.96 -9.13 49.77
C ARG PA 240 -88.48 -7.70 49.74
N LEU PA 241 -87.69 -6.80 49.16
CA LEU PA 241 -87.97 -5.37 49.23
C LEU PA 241 -88.47 -4.79 47.91
N GLY PA 242 -88.82 -5.65 46.95
CA GLY PA 242 -89.22 -5.14 45.66
C GLY PA 242 -90.69 -5.30 45.35
N ARG PA 243 -91.20 -4.47 44.46
CA ARG PA 243 -92.56 -4.60 43.95
C ARG PA 243 -92.52 -5.52 42.72
N TYR PA 244 -93.31 -6.58 42.77
CA TYR PA 244 -93.34 -7.58 41.71
C TYR PA 244 -94.76 -7.75 41.22
N ARG PA 245 -95.38 -6.62 40.87
CA ARG PA 245 -96.78 -6.53 40.49
C ARG PA 245 -97.11 -7.40 39.28
N CYS PA 246 -97.87 -8.45 39.52
CA CYS PA 246 -98.35 -9.34 38.46
C CYS PA 246 -99.80 -9.00 38.15
N GLU PA 247 -100.13 -9.07 36.86
CA GLU PA 247 -101.45 -8.67 36.38
C GLU PA 247 -102.19 -9.90 35.90
N LYS PA 248 -103.50 -9.96 36.17
CA LYS PA 248 -104.33 -11.06 35.68
C LYS PA 248 -104.57 -10.83 34.19
N GLY PA 249 -103.61 -11.28 33.39
CA GLY PA 249 -103.69 -11.08 31.96
C GLY PA 249 -102.41 -10.58 31.33
N THR PA 250 -101.31 -10.61 32.08
CA THR PA 250 -100.01 -10.21 31.53
C THR PA 250 -99.29 -11.36 30.83
N THR PA 251 -99.97 -12.48 30.58
CA THR PA 251 -99.39 -13.61 29.88
C THR PA 251 -100.34 -14.07 28.79
N ALA PA 252 -99.84 -14.14 27.56
CA ALA PA 252 -100.66 -14.53 26.43
C ALA PA 252 -100.94 -16.03 26.45
N VAL PA 253 -102.17 -16.40 26.12
CA VAL PA 253 -102.62 -17.78 26.14
C VAL PA 253 -103.11 -18.15 24.75
N LEU PA 254 -102.59 -19.27 24.22
CA LEU PA 254 -103.01 -19.71 22.90
C LEU PA 254 -104.29 -20.53 22.96
N THR PA 255 -104.36 -21.48 23.87
CA THR PA 255 -105.49 -22.41 23.92
C THR PA 255 -105.84 -22.74 25.36
N GLU PA 256 -107.09 -22.51 25.73
CA GLU PA 256 -107.58 -22.84 27.05
C GLU PA 256 -108.46 -24.09 26.98
N LYS PA 257 -108.67 -24.69 28.14
CA LYS PA 257 -109.42 -25.95 28.22
C LYS PA 257 -109.92 -26.12 29.65
N ILE PA 258 -111.20 -26.42 29.81
CA ILE PA 258 -111.81 -26.61 31.12
C ILE PA 258 -112.40 -28.00 31.16
N THR PA 259 -112.16 -28.71 32.27
CA THR PA 259 -112.72 -30.04 32.47
C THR PA 259 -113.26 -30.10 33.89
N PRO PA 260 -114.57 -30.28 34.08
CA PRO PA 260 -115.12 -30.35 35.43
C PRO PA 260 -114.79 -31.67 36.10
N LEU PA 261 -115.11 -31.74 37.39
CA LEU PA 261 -114.86 -32.93 38.20
C LEU PA 261 -116.09 -33.17 39.05
N GLU PA 262 -115.92 -34.01 40.07
CA GLU PA 262 -117.01 -34.29 40.99
C GLU PA 262 -116.51 -34.40 42.44
N SER QA 1 -74.15 -34.33 28.44
CA SER QA 1 -74.43 -35.56 29.15
C SER QA 1 -75.59 -36.33 28.53
N ILE QA 2 -75.92 -37.47 29.15
CA ILE QA 2 -77.06 -38.25 28.69
C ILE QA 2 -78.35 -37.52 29.04
N MET QA 3 -78.37 -36.80 30.17
CA MET QA 3 -79.51 -35.95 30.49
C MET QA 3 -79.65 -34.79 29.52
N SER QA 4 -78.55 -34.36 28.91
CA SER QA 4 -78.58 -33.27 27.94
C SER QA 4 -78.73 -33.77 26.51
N TYR QA 5 -79.21 -34.98 26.33
CA TYR QA 5 -79.33 -35.53 24.98
C TYR QA 5 -80.60 -35.06 24.28
N ASN QA 6 -81.67 -34.85 25.04
CA ASN QA 6 -82.92 -34.39 24.47
C ASN QA 6 -83.48 -33.14 25.14
N GLY QA 7 -82.95 -32.74 26.28
CA GLY QA 7 -83.47 -31.59 26.98
C GLY QA 7 -84.77 -31.91 27.68
N GLY QA 8 -85.38 -30.86 28.22
CA GLY QA 8 -86.65 -30.98 28.92
C GLY QA 8 -86.66 -30.14 30.18
N ALA QA 9 -87.87 -29.82 30.63
CA ALA QA 9 -88.04 -29.02 31.83
C ALA QA 9 -89.42 -29.30 32.40
N VAL QA 10 -89.49 -29.66 33.68
CA VAL QA 10 -90.74 -29.93 34.38
C VAL QA 10 -90.73 -29.12 35.66
N MET QA 11 -91.80 -28.37 35.91
CA MET QA 11 -91.92 -27.56 37.10
C MET QA 11 -93.26 -27.79 37.75
N ALA QA 12 -93.27 -27.90 39.08
CA ALA QA 12 -94.50 -27.95 39.85
C ALA QA 12 -94.47 -26.88 40.92
N MET QA 13 -95.65 -26.42 41.33
CA MET QA 13 -95.74 -25.32 42.28
C MET QA 13 -97.03 -25.46 43.08
N LYS QA 14 -96.93 -25.25 44.39
CA LYS QA 14 -98.05 -25.44 45.30
C LYS QA 14 -98.76 -24.11 45.53
N GLY QA 15 -100.10 -24.14 45.50
CA GLY QA 15 -100.88 -22.95 45.74
C GLY QA 15 -101.58 -22.98 47.08
N LYS QA 16 -102.77 -22.37 47.15
CA LYS QA 16 -103.53 -22.37 48.41
C LYS QA 16 -104.27 -23.68 48.60
N ASN QA 17 -105.23 -23.96 47.71
CA ASN QA 17 -105.96 -25.21 47.72
C ASN QA 17 -105.81 -25.93 46.40
N CYS QA 18 -104.87 -25.49 45.58
CA CYS QA 18 -104.69 -25.98 44.23
C CYS QA 18 -103.21 -26.18 43.99
N VAL QA 19 -102.90 -26.78 42.85
CA VAL QA 19 -101.51 -27.08 42.51
C VAL QA 19 -101.40 -27.02 41.00
N ALA QA 20 -100.24 -26.54 40.53
CA ALA QA 20 -100.00 -26.37 39.10
C ALA QA 20 -98.75 -27.10 38.69
N ILE QA 21 -98.71 -27.50 37.42
CA ILE QA 21 -97.58 -28.22 36.87
C ILE QA 21 -97.43 -27.82 35.40
N ALA QA 22 -96.19 -27.72 34.94
CA ALA QA 22 -95.93 -27.23 33.60
C ALA QA 22 -94.73 -27.95 33.00
N ALA QA 23 -94.68 -27.97 31.68
CA ALA QA 23 -93.57 -28.57 30.96
C ALA QA 23 -93.48 -27.94 29.58
N ASP QA 24 -92.38 -28.21 28.90
CA ASP QA 24 -92.15 -27.75 27.54
C ASP QA 24 -92.74 -28.74 26.55
N ARG QA 25 -92.52 -28.48 25.26
CA ARG QA 25 -93.11 -29.29 24.22
C ARG QA 25 -92.09 -29.84 23.22
N ARG QA 26 -90.85 -29.38 23.27
CA ARG QA 26 -89.88 -29.71 22.23
C ARG QA 26 -89.38 -31.13 22.39
N PHE QA 27 -89.41 -31.89 21.30
CA PHE QA 27 -88.68 -33.14 21.19
C PHE QA 27 -87.61 -33.00 20.12
N GLY QA 28 -86.42 -33.46 20.42
CA GLY QA 28 -85.35 -33.38 19.47
C GLY QA 28 -84.13 -34.13 19.94
N ILE QA 29 -83.32 -34.52 18.96
CA ILE QA 29 -81.99 -35.06 19.18
C ILE QA 29 -81.11 -33.82 19.36
N GLN QA 30 -79.87 -34.03 19.81
CA GLN QA 30 -79.00 -33.06 20.49
C GLN QA 30 -79.11 -31.60 20.05
N ALA QA 31 -79.11 -31.36 18.75
CA ALA QA 31 -79.27 -30.02 18.22
C ALA QA 31 -80.42 -29.88 17.24
N GLN QA 32 -80.91 -30.97 16.68
CA GLN QA 32 -81.97 -30.95 15.67
C GLN QA 32 -83.29 -31.29 16.33
N MET QA 33 -84.25 -30.39 16.25
CA MET QA 33 -85.58 -30.72 16.74
C MET QA 33 -86.25 -31.70 15.78
N VAL QA 34 -87.31 -32.35 16.27
CA VAL QA 34 -88.11 -33.28 15.49
C VAL QA 34 -89.57 -32.87 15.49
N THR QA 35 -90.16 -32.67 16.67
CA THR QA 35 -91.56 -32.31 16.77
C THR QA 35 -91.77 -31.43 17.99
N THR QA 36 -92.94 -30.82 18.06
CA THR QA 36 -93.27 -29.88 19.12
C THR QA 36 -94.50 -30.30 19.91
N ASP QA 37 -94.79 -31.59 19.99
CA ASP QA 37 -95.98 -32.07 20.68
C ASP QA 37 -95.65 -33.32 21.49
N PHE QA 38 -94.50 -33.33 22.13
CA PHE QA 38 -94.06 -34.49 22.90
C PHE QA 38 -94.66 -34.41 24.29
N GLN QA 39 -95.41 -35.43 24.69
CA GLN QA 39 -96.04 -35.42 25.99
C GLN QA 39 -95.03 -35.77 27.08
N LYS QA 40 -95.00 -34.96 28.13
CA LYS QA 40 -94.15 -35.19 29.28
C LYS QA 40 -94.92 -35.18 30.59
N ILE QA 41 -96.22 -34.94 30.55
CA ILE QA 41 -97.07 -34.93 31.73
C ILE QA 41 -98.16 -35.97 31.54
N PHE QA 42 -98.27 -36.89 32.50
CA PHE QA 42 -99.16 -38.02 32.36
C PHE QA 42 -100.16 -38.05 33.51
N PRO QA 43 -101.44 -38.25 33.23
CA PRO QA 43 -102.43 -38.34 34.32
C PRO QA 43 -102.37 -39.68 35.00
N MET QA 44 -102.36 -39.66 36.34
CA MET QA 44 -102.37 -40.88 37.14
C MET QA 44 -103.57 -40.72 38.07
N GLY QA 45 -104.74 -41.10 37.59
CA GLY QA 45 -105.95 -40.86 38.35
C GLY QA 45 -106.40 -39.43 38.24
N ASP QA 46 -107.42 -39.10 39.03
CA ASP QA 46 -108.00 -37.77 39.03
C ASP QA 46 -107.33 -36.91 40.09
N ARG QA 47 -107.11 -35.64 39.75
CA ARG QA 47 -106.46 -34.65 40.60
C ARG QA 47 -105.07 -35.08 41.06
N LEU QA 48 -104.34 -35.79 40.19
CA LEU QA 48 -103.00 -36.28 40.53
C LEU QA 48 -102.27 -36.59 39.23
N TYR QA 49 -101.26 -35.81 38.91
CA TYR QA 49 -100.49 -35.99 37.67
C TYR QA 49 -99.05 -36.35 38.01
N ILE QA 50 -98.27 -36.58 36.96
CA ILE QA 50 -96.84 -36.81 37.10
C ILE QA 50 -96.15 -36.21 35.87
N GLY QA 51 -94.94 -35.70 36.07
CA GLY QA 51 -94.15 -35.15 35.00
C GLY QA 51 -92.79 -35.83 34.94
N LEU QA 52 -92.31 -36.04 33.73
CA LEU QA 52 -91.05 -36.74 33.51
C LEU QA 52 -90.15 -35.90 32.61
N ALA QA 53 -88.85 -35.96 32.88
CA ALA QA 53 -87.89 -35.24 32.08
C ALA QA 53 -86.58 -36.01 32.07
N GLY QA 54 -85.83 -35.85 30.99
CA GLY QA 54 -84.56 -36.53 30.86
C GLY QA 54 -84.42 -37.22 29.53
N LEU QA 55 -83.97 -38.47 29.54
CA LEU QA 55 -83.84 -39.23 28.31
C LEU QA 55 -85.22 -39.67 27.86
N ALA QA 56 -85.57 -39.34 26.62
CA ALA QA 56 -86.93 -39.55 26.11
C ALA QA 56 -87.30 -41.02 25.97
N THR QA 57 -86.31 -41.91 25.90
CA THR QA 57 -86.58 -43.33 26.01
C THR QA 57 -87.18 -43.67 27.37
N ASP QA 58 -86.48 -43.30 28.44
CA ASP QA 58 -86.92 -43.62 29.78
C ASP QA 58 -88.12 -42.81 30.21
N VAL QA 59 -88.42 -41.70 29.54
CA VAL QA 59 -89.66 -40.98 29.81
C VAL QA 59 -90.86 -41.83 29.41
N GLN QA 60 -90.83 -42.40 28.21
CA GLN QA 60 -91.95 -43.21 27.78
C GLN QA 60 -91.94 -44.59 28.43
N THR QA 61 -90.77 -45.09 28.83
CA THR QA 61 -90.71 -46.43 29.38
C THR QA 61 -91.22 -46.47 30.82
N VAL QA 62 -90.78 -45.53 31.63
CA VAL QA 62 -91.18 -45.49 33.04
C VAL QA 62 -92.66 -45.17 33.17
N ALA QA 63 -93.18 -44.30 32.29
CA ALA QA 63 -94.59 -43.94 32.34
C ALA QA 63 -95.50 -45.10 31.98
N GLN QA 64 -94.99 -46.09 31.26
CA GLN QA 64 -95.78 -47.27 30.96
C GLN QA 64 -95.64 -48.33 32.04
N ARG QA 65 -94.46 -48.45 32.65
CA ARG QA 65 -94.30 -49.40 33.74
C ARG QA 65 -95.03 -48.93 34.99
N LEU QA 66 -95.09 -47.63 35.21
CA LEU QA 66 -95.79 -47.11 36.36
C LEU QA 66 -97.30 -47.25 36.19
N LYS QA 67 -97.78 -47.09 34.96
CA LYS QA 67 -99.19 -47.31 34.70
C LYS QA 67 -99.55 -48.79 34.83
N PHE QA 68 -98.59 -49.67 34.57
CA PHE QA 68 -98.78 -51.11 34.76
C PHE QA 68 -99.00 -51.44 36.22
N ARG QA 69 -98.21 -50.84 37.10
CA ARG QA 69 -98.32 -51.13 38.52
C ARG QA 69 -99.48 -50.40 39.16
N LEU QA 70 -99.95 -49.31 38.56
CA LEU QA 70 -101.02 -48.54 39.16
C LEU QA 70 -102.37 -49.25 39.00
N ASN QA 71 -102.63 -49.79 37.82
CA ASN QA 71 -103.93 -50.41 37.57
C ASN QA 71 -104.08 -51.71 38.32
N LEU QA 72 -102.98 -52.41 38.58
CA LEU QA 72 -103.08 -53.58 39.44
C LEU QA 72 -103.32 -53.19 40.89
N TYR QA 73 -102.84 -52.02 41.29
CA TYR QA 73 -103.04 -51.56 42.65
C TYR QA 73 -104.48 -51.13 42.87
N GLU QA 74 -105.06 -50.42 41.91
CA GLU QA 74 -106.41 -49.90 42.05
C GLU QA 74 -107.49 -50.91 41.77
N LEU QA 75 -107.14 -52.18 41.55
CA LEU QA 75 -108.11 -53.24 41.45
C LEU QA 75 -108.09 -54.19 42.63
N LYS QA 76 -106.93 -54.41 43.23
CA LYS QA 76 -106.89 -55.14 44.49
C LYS QA 76 -107.42 -54.30 45.63
N GLU QA 77 -107.44 -52.98 45.48
CA GLU QA 77 -108.07 -52.09 46.43
C GLU QA 77 -109.09 -51.26 45.67
N GLY QA 78 -110.30 -51.15 46.23
CA GLY QA 78 -111.31 -50.35 45.58
C GLY QA 78 -111.03 -48.86 45.59
N ARG QA 79 -110.20 -48.40 46.52
CA ARG QA 79 -109.87 -46.99 46.60
C ARG QA 79 -108.88 -46.61 45.51
N GLN QA 80 -108.74 -45.30 45.31
CA GLN QA 80 -107.66 -44.77 44.49
C GLN QA 80 -106.40 -44.60 45.33
N ILE QA 81 -105.34 -44.22 44.67
CA ILE QA 81 -104.03 -44.16 45.31
C ILE QA 81 -103.85 -42.79 45.97
N LYS QA 82 -103.17 -42.78 47.11
CA LYS QA 82 -102.78 -41.57 47.80
C LYS QA 82 -101.49 -41.02 47.19
N PRO QA 83 -101.24 -39.71 47.31
CA PRO QA 83 -100.03 -39.14 46.70
C PRO QA 83 -98.73 -39.61 47.35
N TYR QA 84 -98.74 -39.87 48.65
CA TYR QA 84 -97.54 -40.45 49.29
C TYR QA 84 -97.29 -41.86 48.81
N THR QA 85 -98.36 -42.60 48.52
CA THR QA 85 -98.22 -43.98 48.12
C THR QA 85 -97.61 -44.07 46.73
N LEU QA 86 -97.92 -43.12 45.85
CA LEU QA 86 -97.32 -43.11 44.52
C LEU QA 86 -95.83 -42.80 44.59
N MET QA 87 -95.45 -41.88 45.48
CA MET QA 87 -94.05 -41.52 45.63
C MET QA 87 -93.23 -42.69 46.12
N SER QA 88 -93.79 -43.49 47.03
CA SER QA 88 -93.11 -44.69 47.48
C SER QA 88 -93.10 -45.75 46.39
N MET QA 89 -94.09 -45.72 45.50
CA MET QA 89 -94.15 -46.69 44.41
C MET QA 89 -93.10 -46.38 43.36
N VAL QA 90 -92.92 -45.10 43.03
CA VAL QA 90 -91.96 -44.71 42.00
C VAL QA 90 -90.54 -44.94 42.48
N ALA QA 91 -90.27 -44.62 43.74
CA ALA QA 91 -88.93 -44.79 44.30
C ALA QA 91 -88.55 -46.26 44.41
N ASN QA 92 -89.54 -47.14 44.51
CA ASN QA 92 -89.25 -48.56 44.43
C ASN QA 92 -88.87 -48.95 43.02
N LEU QA 93 -89.55 -48.38 42.03
CA LEU QA 93 -89.31 -48.76 40.65
C LEU QA 93 -87.96 -48.27 40.15
N LEU QA 94 -87.51 -47.13 40.64
CA LEU QA 94 -86.22 -46.61 40.21
C LEU QA 94 -85.07 -47.31 40.89
N TYR QA 95 -85.24 -47.73 42.14
CA TYR QA 95 -84.14 -48.31 42.88
C TYR QA 95 -83.87 -49.75 42.48
N GLU QA 96 -84.84 -50.42 41.84
CA GLU QA 96 -84.61 -51.75 41.32
C GLU QA 96 -83.58 -51.74 40.21
N LYS QA 97 -83.57 -50.69 39.39
CA LYS QA 97 -82.47 -50.47 38.47
C LYS QA 97 -81.44 -49.57 39.15
N ARG QA 98 -80.81 -50.14 40.18
CA ARG QA 98 -79.83 -49.39 40.94
C ARG QA 98 -78.57 -49.17 40.13
N PHE QA 99 -78.11 -50.19 39.43
CA PHE QA 99 -76.86 -50.09 38.69
C PHE QA 99 -77.08 -50.03 37.18
N GLY QA 100 -78.31 -50.15 36.71
CA GLY QA 100 -78.65 -49.95 35.32
C GLY QA 100 -79.66 -48.84 35.11
N PRO QA 101 -79.45 -47.67 35.71
CA PRO QA 101 -80.58 -46.81 36.06
C PRO QA 101 -81.25 -46.14 34.86
N TYR QA 102 -82.55 -45.90 35.01
CA TYR QA 102 -83.27 -45.08 34.04
C TYR QA 102 -82.81 -43.63 34.16
N TYR QA 103 -82.65 -42.98 33.02
CA TYR QA 103 -82.17 -41.59 33.01
C TYR QA 103 -83.38 -40.67 32.95
N THR QA 104 -84.07 -40.55 34.08
CA THR QA 104 -85.16 -39.61 34.19
C THR QA 104 -85.27 -39.15 35.64
N GLU QA 105 -85.97 -38.03 35.82
CA GLU QA 105 -86.15 -37.42 37.13
C GLU QA 105 -87.60 -36.98 37.26
N PRO QA 106 -88.43 -37.75 37.93
CA PRO QA 106 -89.86 -37.47 37.96
C PRO QA 106 -90.22 -36.32 38.89
N VAL QA 107 -91.39 -35.75 38.62
CA VAL QA 107 -92.01 -34.73 39.45
C VAL QA 107 -93.48 -35.10 39.61
N ILE QA 108 -93.94 -35.19 40.85
CA ILE QA 108 -95.31 -35.62 41.15
C ILE QA 108 -96.04 -34.44 41.76
N ALA QA 109 -97.23 -34.15 41.25
CA ALA QA 109 -98.09 -33.12 41.81
C ALA QA 109 -99.51 -33.62 41.84
N GLY QA 110 -100.24 -33.28 42.90
CA GLY QA 110 -101.63 -33.68 42.98
C GLY QA 110 -102.22 -33.29 44.32
N LEU QA 111 -103.53 -33.46 44.40
CA LEU QA 111 -104.28 -33.18 45.61
C LEU QA 111 -104.52 -34.47 46.39
N ASP QA 112 -105.00 -34.30 47.61
CA ASP QA 112 -105.42 -35.45 48.40
C ASP QA 112 -106.72 -36.00 47.82
N PRO QA 113 -106.89 -37.33 47.78
CA PRO QA 113 -108.14 -37.88 47.27
C PRO QA 113 -109.33 -37.68 48.20
N LYS QA 114 -109.10 -37.51 49.49
CA LYS QA 114 -110.19 -37.29 50.44
C LYS QA 114 -110.34 -35.83 50.80
N THR QA 115 -109.28 -35.21 51.30
CA THR QA 115 -109.30 -33.79 51.62
C THR QA 115 -108.86 -33.00 50.40
N PHE QA 116 -108.54 -31.73 50.59
CA PHE QA 116 -108.15 -30.83 49.51
C PHE QA 116 -106.65 -30.58 49.48
N LYS QA 117 -105.89 -31.35 50.22
CA LYS QA 117 -104.53 -30.94 50.53
C LYS QA 117 -103.61 -31.18 49.35
N PRO QA 118 -102.90 -30.15 48.89
CA PRO QA 118 -101.98 -30.33 47.76
C PRO QA 118 -100.72 -31.07 48.18
N PHE QA 119 -99.98 -31.52 47.17
CA PHE QA 119 -98.80 -32.33 47.39
C PHE QA 119 -97.87 -32.16 46.20
N ILE QA 120 -96.60 -31.88 46.46
CA ILE QA 120 -95.58 -31.88 45.42
C ILE QA 120 -94.34 -32.60 45.95
N CYS QA 121 -93.67 -33.33 45.05
CA CYS QA 121 -92.41 -33.96 45.36
C CYS QA 121 -91.67 -34.22 44.07
N SER QA 122 -90.38 -34.50 44.19
CA SER QA 122 -89.54 -34.87 43.07
C SER QA 122 -88.53 -35.88 43.54
N LEU QA 123 -87.96 -36.61 42.59
CA LEU QA 123 -87.07 -37.71 42.89
C LEU QA 123 -85.80 -37.59 42.08
N ASP QA 124 -84.78 -38.32 42.50
CA ASP QA 124 -83.54 -38.40 41.77
C ASP QA 124 -83.64 -39.52 40.75
N LEU QA 125 -82.55 -39.80 40.05
CA LEU QA 125 -82.57 -40.85 39.05
C LEU QA 125 -82.42 -42.24 39.65
N ILE QA 126 -82.18 -42.33 40.96
CA ILE QA 126 -82.16 -43.60 41.66
C ILE QA 126 -83.18 -43.67 42.78
N GLY QA 127 -83.96 -42.62 42.99
CA GLY QA 127 -85.11 -42.74 43.86
C GLY QA 127 -84.95 -42.17 45.26
N CYS QA 128 -84.37 -40.99 45.39
CA CYS QA 128 -84.36 -40.29 46.66
C CYS QA 128 -85.52 -39.31 46.66
N PRO QA 129 -86.58 -39.55 47.43
CA PRO QA 129 -87.73 -38.65 47.40
C PRO QA 129 -87.43 -37.36 48.14
N MET QA 130 -88.18 -36.32 47.79
CA MET QA 130 -87.95 -34.99 48.36
C MET QA 130 -89.25 -34.20 48.26
N VAL QA 131 -89.94 -34.04 49.37
CA VAL QA 131 -91.16 -33.25 49.43
C VAL QA 131 -90.80 -31.83 49.84
N THR QA 132 -91.50 -30.86 49.25
CA THR QA 132 -91.30 -29.46 49.61
C THR QA 132 -92.65 -28.81 49.91
N ASP QA 133 -92.64 -27.50 50.09
CA ASP QA 133 -93.88 -26.76 50.31
C ASP QA 133 -94.12 -25.66 49.30
N ASP QA 134 -93.16 -25.33 48.46
CA ASP QA 134 -93.29 -24.22 47.53
C ASP QA 134 -93.22 -24.64 46.07
N PHE QA 135 -92.18 -25.34 45.66
CA PHE QA 135 -91.98 -25.70 44.25
C PHE QA 135 -90.93 -26.78 44.16
N VAL QA 136 -91.01 -27.56 43.09
CA VAL QA 136 -89.94 -28.46 42.68
C VAL QA 136 -89.74 -28.29 41.19
N VAL QA 137 -88.48 -28.49 40.75
CA VAL QA 137 -88.12 -28.37 39.35
C VAL QA 137 -87.23 -29.54 38.97
N SER QA 138 -87.18 -29.83 37.68
CA SER QA 138 -86.30 -30.85 37.12
C SER QA 138 -86.08 -30.56 35.65
N GLY QA 139 -84.96 -31.04 35.14
CA GLY QA 139 -84.62 -30.91 33.75
C GLY QA 139 -83.23 -30.36 33.58
N THR QA 140 -82.90 -30.03 32.33
CA THR QA 140 -81.56 -29.52 32.03
C THR QA 140 -81.41 -28.09 32.52
N CYS QA 141 -82.43 -27.26 32.35
CA CYS QA 141 -82.36 -25.86 32.74
C CYS QA 141 -82.84 -25.65 34.17
N ALA QA 142 -82.19 -26.37 35.10
CA ALA QA 142 -82.62 -26.34 36.49
C ALA QA 142 -82.30 -25.01 37.15
N GLU QA 143 -81.09 -24.48 36.95
CA GLU QA 143 -80.65 -23.29 37.66
C GLU QA 143 -81.42 -22.05 37.23
N GLN QA 144 -81.87 -22.00 35.98
CA GLN QA 144 -82.73 -20.91 35.55
C GLN QA 144 -84.07 -20.96 36.24
N MET QA 145 -84.56 -22.17 36.53
CA MET QA 145 -85.86 -22.28 37.17
C MET QA 145 -85.80 -21.99 38.65
N TYR QA 146 -84.64 -22.19 39.29
CA TYR QA 146 -84.52 -21.81 40.69
C TYR QA 146 -84.50 -20.29 40.85
N GLY QA 147 -83.89 -19.57 39.90
CA GLY QA 147 -83.78 -18.13 40.04
C GLY QA 147 -85.12 -17.43 39.88
N MET QA 148 -86.02 -18.02 39.10
CA MET QA 148 -87.32 -17.40 38.93
C MET QA 148 -88.26 -17.72 40.09
N CYS QA 149 -88.20 -18.96 40.59
CA CYS QA 149 -89.16 -19.39 41.59
C CYS QA 149 -88.84 -18.84 42.98
N GLU QA 150 -87.57 -18.59 43.28
CA GLU QA 150 -87.21 -17.99 44.56
C GLU QA 150 -87.70 -16.56 44.69
N SER QA 151 -87.94 -15.87 43.58
CA SER QA 151 -88.36 -14.49 43.62
C SER QA 151 -89.85 -14.30 43.42
N LEU QA 152 -90.52 -15.19 42.71
CA LEU QA 152 -91.91 -14.97 42.34
C LEU QA 152 -92.90 -15.71 43.23
N TRP QA 153 -92.45 -16.65 44.03
CA TRP QA 153 -93.38 -17.48 44.79
C TRP QA 153 -93.89 -16.73 46.01
N GLU QA 154 -95.18 -16.83 46.26
CA GLU QA 154 -95.84 -16.31 47.43
C GLU QA 154 -96.53 -17.47 48.16
N PRO QA 155 -96.72 -17.37 49.49
CA PRO QA 155 -97.27 -18.51 50.24
C PRO QA 155 -98.69 -18.93 49.88
N ASN QA 156 -99.67 -18.03 49.95
CA ASN QA 156 -101.07 -18.39 49.79
C ASN QA 156 -101.62 -17.67 48.58
N MET QA 157 -101.84 -18.41 47.49
CA MET QA 157 -102.15 -17.81 46.21
C MET QA 157 -103.42 -18.43 45.64
N ASP QA 158 -104.28 -17.59 45.08
CA ASP QA 158 -105.44 -18.07 44.37
C ASP QA 158 -105.03 -18.76 43.06
N PRO QA 159 -105.92 -19.51 42.42
CA PRO QA 159 -105.58 -20.09 41.10
C PRO QA 159 -105.34 -19.07 40.00
N ASP QA 160 -105.67 -17.79 40.19
CA ASP QA 160 -105.33 -16.79 39.20
C ASP QA 160 -103.85 -16.44 39.25
N HIS QA 161 -103.38 -16.02 40.42
CA HIS QA 161 -101.99 -15.63 40.55
C HIS QA 161 -101.04 -16.82 40.54
N LEU QA 162 -101.54 -18.01 40.86
CA LEU QA 162 -100.71 -19.21 40.72
C LEU QA 162 -100.44 -19.48 39.25
N PHE QA 163 -101.43 -19.24 38.40
CA PHE QA 163 -101.24 -19.44 36.97
C PHE QA 163 -100.26 -18.42 36.40
N GLU QA 164 -100.35 -17.17 36.83
CA GLU QA 164 -99.47 -16.15 36.29
C GLU QA 164 -98.04 -16.28 36.80
N THR QA 165 -97.85 -16.88 37.97
CA THR QA 165 -96.50 -17.03 38.51
C THR QA 165 -95.75 -18.13 37.78
N ILE QA 166 -96.36 -19.29 37.61
CA ILE QA 166 -95.71 -20.39 36.94
C ILE QA 166 -95.60 -20.15 35.44
N SER QA 167 -96.42 -19.24 34.89
CA SER QA 167 -96.26 -18.88 33.49
C SER QA 167 -95.02 -18.00 33.31
N GLN QA 168 -94.87 -16.98 34.14
CA GLN QA 168 -93.70 -16.11 34.05
C GLN QA 168 -92.43 -16.83 34.46
N ALA QA 169 -92.52 -17.85 35.28
CA ALA QA 169 -91.33 -18.62 35.63
C ALA QA 169 -90.88 -19.48 34.47
N MET QA 170 -91.82 -20.15 33.80
CA MET QA 170 -91.45 -21.05 32.72
C MET QA 170 -91.07 -20.32 31.45
N LEU QA 171 -91.69 -19.18 31.17
CA LEU QA 171 -91.37 -18.50 29.92
C LEU QA 171 -90.00 -17.86 29.97
N ASN QA 172 -89.62 -17.30 31.11
CA ASN QA 172 -88.35 -16.60 31.18
C ASN QA 172 -87.18 -17.54 31.36
N ALA QA 173 -87.38 -18.67 32.03
CA ALA QA 173 -86.28 -19.60 32.26
C ALA QA 173 -85.96 -20.43 31.03
N VAL QA 174 -86.98 -20.82 30.28
CA VAL QA 174 -86.74 -21.71 29.15
C VAL QA 174 -86.15 -20.96 27.97
N ASP QA 175 -86.51 -19.69 27.78
CA ASP QA 175 -85.91 -18.87 26.73
C ASP QA 175 -84.43 -18.61 26.95
N ARG QA 176 -83.95 -18.73 28.18
CA ARG QA 176 -82.52 -18.69 28.46
C ARG QA 176 -81.86 -20.03 28.18
N ASP QA 177 -82.62 -21.12 28.15
CA ASP QA 177 -82.07 -22.41 27.77
C ASP QA 177 -82.06 -22.57 26.25
N ALA QA 178 -81.09 -23.33 25.77
CA ALA QA 178 -80.95 -23.58 24.34
C ALA QA 178 -81.76 -24.78 23.88
N VAL QA 179 -81.70 -25.89 24.59
CA VAL QA 179 -82.27 -27.15 24.14
C VAL QA 179 -83.68 -27.37 24.71
N SER QA 180 -84.33 -26.32 25.18
CA SER QA 180 -85.70 -26.42 25.66
C SER QA 180 -86.51 -25.28 25.09
N GLY QA 181 -87.76 -25.56 24.75
CA GLY QA 181 -88.62 -24.52 24.23
C GLY QA 181 -89.76 -25.03 23.38
N MET QA 182 -90.07 -24.26 22.33
CA MET QA 182 -91.03 -24.60 21.29
C MET QA 182 -92.44 -24.79 21.85
N GLY QA 183 -92.79 -24.05 22.88
CA GLY QA 183 -94.11 -24.15 23.47
C GLY QA 183 -94.07 -24.68 24.89
N VAL QA 184 -95.02 -24.21 25.69
CA VAL QA 184 -95.14 -24.58 27.10
C VAL QA 184 -96.60 -24.89 27.40
N ILE QA 185 -96.86 -26.05 27.99
CA ILE QA 185 -98.21 -26.44 28.40
C ILE QA 185 -98.29 -26.39 29.93
N VAL QA 186 -99.44 -25.99 30.45
CA VAL QA 186 -99.64 -25.78 31.88
C VAL QA 186 -100.92 -26.48 32.31
N HIS QA 187 -100.83 -27.36 33.29
CA HIS QA 187 -101.99 -27.92 33.96
C HIS QA 187 -102.14 -27.25 35.31
N ILE QA 188 -103.31 -26.69 35.58
CA ILE QA 188 -103.67 -26.18 36.89
C ILE QA 188 -104.94 -26.90 37.34
N ILE QA 189 -104.82 -27.68 38.40
CA ILE QA 189 -105.90 -28.51 38.88
C ILE QA 189 -106.33 -28.01 40.25
N GLU QA 190 -107.56 -28.35 40.62
CA GLU QA 190 -108.12 -27.95 41.90
C GLU QA 190 -109.23 -28.94 42.25
N LYS QA 191 -109.99 -28.63 43.30
CA LYS QA 191 -110.99 -29.57 43.79
C LYS QA 191 -112.17 -29.69 42.84
N ASP QA 192 -112.50 -28.61 42.13
CA ASP QA 192 -113.70 -28.60 41.31
C ASP QA 192 -113.46 -28.99 39.86
N LYS QA 193 -112.31 -28.63 39.31
CA LYS QA 193 -112.10 -28.78 37.89
C LYS QA 193 -110.61 -28.82 37.59
N ILE QA 194 -110.30 -29.05 36.32
CA ILE QA 194 -108.94 -29.16 35.82
C ILE QA 194 -108.82 -28.25 34.61
N THR QA 195 -107.88 -27.32 34.65
CA THR QA 195 -107.68 -26.37 33.56
C THR QA 195 -106.34 -26.63 32.90
N THR QA 196 -106.35 -26.79 31.59
CA THR QA 196 -105.15 -26.99 30.79
C THR QA 196 -105.01 -25.85 29.82
N ARG QA 197 -103.92 -25.11 29.91
CA ARG QA 197 -103.66 -24.01 28.99
C ARG QA 197 -102.29 -24.19 28.35
N THR QA 198 -102.19 -23.69 27.12
CA THR QA 198 -100.93 -23.63 26.41
C THR QA 198 -100.57 -22.17 26.15
N LEU QA 199 -99.30 -21.84 26.31
CA LEU QA 199 -98.86 -20.46 26.33
C LEU QA 199 -98.24 -20.08 25.00
N LYS QA 200 -98.16 -18.77 24.77
CA LYS QA 200 -97.58 -18.22 23.55
C LYS QA 200 -96.10 -17.99 23.79
N ALA QA 201 -95.27 -18.89 23.28
CA ALA QA 201 -93.84 -18.87 23.54
C ALA QA 201 -93.06 -18.63 22.26
N ARG QA 202 -91.77 -18.37 22.43
CA ARG QA 202 -90.87 -18.19 21.31
C ARG QA 202 -90.59 -19.53 20.65
N MET QA 203 -90.80 -19.61 19.34
CA MET QA 203 -90.62 -20.84 18.60
C MET QA 203 -89.26 -20.92 17.92
N ASP QA 204 -88.24 -20.29 18.50
CA ASP QA 204 -86.92 -20.28 17.91
C ASP QA 204 -85.93 -21.20 18.61
N MET RA 1 -76.67 -42.13 6.84
CA MET RA 1 -76.06 -42.11 5.52
C MET RA 1 -77.11 -42.16 4.42
N GLU RA 2 -77.84 -43.26 4.34
CA GLU RA 2 -78.91 -43.38 3.36
C GLU RA 2 -80.16 -42.65 3.86
N TYR RA 3 -81.19 -42.60 3.02
CA TYR RA 3 -82.20 -41.56 3.13
C TYR RA 3 -83.60 -42.12 3.20
N LEU RA 4 -84.44 -41.47 4.00
CA LEU RA 4 -85.87 -41.78 4.11
C LEU RA 4 -86.63 -40.48 4.12
N ILE RA 5 -87.92 -40.53 3.76
CA ILE RA 5 -88.76 -39.33 3.76
C ILE RA 5 -90.21 -39.73 3.96
N GLY RA 6 -90.95 -38.87 4.64
CA GLY RA 6 -92.22 -39.22 5.25
C GLY RA 6 -93.41 -38.30 5.07
N ILE RA 7 -93.70 -37.80 3.87
CA ILE RA 7 -94.74 -36.78 3.71
C ILE RA 7 -96.11 -37.37 4.02
N GLN RA 8 -96.80 -36.75 4.98
CA GLN RA 8 -98.13 -37.14 5.43
C GLN RA 8 -99.20 -36.23 4.84
N GLY RA 9 -100.28 -36.84 4.34
CA GLY RA 9 -101.35 -36.07 3.75
C GLY RA 9 -102.62 -36.13 4.58
N PRO RA 10 -103.71 -35.58 4.04
CA PRO RA 10 -104.99 -35.65 4.78
C PRO RA 10 -105.59 -37.04 4.78
N ASP RA 11 -105.45 -37.79 3.68
CA ASP RA 11 -105.97 -39.14 3.63
C ASP RA 11 -105.00 -40.12 2.97
N TYR RA 12 -103.71 -39.82 3.01
CA TYR RA 12 -102.72 -40.66 2.36
C TYR RA 12 -101.39 -40.43 3.05
N VAL RA 13 -100.46 -41.37 2.87
CA VAL RA 13 -99.10 -41.23 3.37
C VAL RA 13 -98.15 -41.49 2.21
N LEU RA 14 -97.29 -40.53 1.91
CA LEU RA 14 -96.31 -40.64 0.84
C LEU RA 14 -94.95 -40.93 1.44
N VAL RA 15 -94.36 -42.07 1.07
CA VAL RA 15 -93.04 -42.44 1.55
C VAL RA 15 -92.13 -42.70 0.37
N ALA RA 16 -90.84 -42.50 0.59
CA ALA RA 16 -89.83 -42.79 -0.42
C ALA RA 16 -88.49 -43.02 0.26
N SER RA 17 -87.69 -43.89 -0.33
CA SER RA 17 -86.34 -44.17 0.12
C SER RA 17 -85.41 -44.20 -1.09
N ASP RA 18 -84.16 -44.55 -0.85
CA ASP RA 18 -83.17 -44.71 -1.90
C ASP RA 18 -82.87 -46.20 -2.09
N ARG RA 19 -82.00 -46.49 -3.05
CA ARG RA 19 -81.82 -47.86 -3.53
C ARG RA 19 -80.36 -48.26 -3.53
N VAL RA 20 -79.58 -47.81 -2.55
CA VAL RA 20 -78.12 -47.95 -2.58
C VAL RA 20 -77.69 -48.87 -1.44
N ALA RA 21 -76.74 -49.76 -1.73
CA ALA RA 21 -76.25 -50.78 -0.82
C ALA RA 21 -74.72 -50.82 -0.83
N ALA RA 22 -74.10 -49.68 -0.61
CA ALA RA 22 -72.67 -49.49 -0.85
C ALA RA 22 -71.81 -50.24 0.16
N SER RA 23 -70.54 -50.49 -0.25
CA SER RA 23 -69.52 -51.13 0.61
C SER RA 23 -68.24 -50.30 0.55
N ASN RA 24 -68.20 -49.25 1.36
CA ASN RA 24 -67.05 -48.50 1.88
C ASN RA 24 -66.30 -47.65 0.84
N ILE RA 25 -66.33 -48.01 -0.43
CA ILE RA 25 -66.08 -47.09 -1.53
C ILE RA 25 -67.05 -47.40 -2.65
N VAL RA 26 -67.16 -48.67 -3.00
CA VAL RA 26 -67.92 -49.10 -4.16
C VAL RA 26 -69.39 -49.16 -3.81
N GLN RA 27 -70.23 -49.24 -4.82
CA GLN RA 27 -71.67 -49.30 -4.68
C GLN RA 27 -72.09 -50.63 -5.25
N MET RA 28 -72.32 -51.62 -4.36
CA MET RA 28 -72.49 -52.99 -4.82
C MET RA 28 -73.84 -53.19 -5.49
N LYS RA 29 -74.88 -52.53 -5.00
CA LYS RA 29 -76.22 -52.77 -5.50
C LYS RA 29 -76.95 -51.45 -5.63
N ASP RA 30 -77.56 -51.22 -6.79
CA ASP RA 30 -78.23 -49.97 -7.10
C ASP RA 30 -79.74 -50.12 -7.26
N ASP RA 31 -80.29 -51.28 -6.94
CA ASP RA 31 -81.73 -51.49 -6.94
C ASP RA 31 -82.17 -52.14 -5.64
N HIS RA 32 -81.54 -51.74 -4.54
CA HIS RA 32 -81.84 -52.31 -3.23
C HIS RA 32 -83.16 -51.76 -2.72
N ASP RA 33 -83.87 -52.58 -1.95
CA ASP RA 33 -85.18 -52.22 -1.43
C ASP RA 33 -85.11 -52.15 0.08
N LYS RA 34 -85.68 -51.09 0.66
CA LYS RA 34 -85.70 -50.89 2.09
C LYS RA 34 -87.12 -50.83 2.63
N MET RA 35 -88.07 -51.40 1.91
CA MET RA 35 -89.49 -51.26 2.20
C MET RA 35 -90.06 -52.63 2.56
N PHE RA 36 -90.74 -52.70 3.70
CA PHE RA 36 -91.20 -53.95 4.28
C PHE RA 36 -92.70 -53.87 4.53
N LYS RA 37 -93.48 -54.60 3.74
CA LYS RA 37 -94.93 -54.64 3.93
C LYS RA 37 -95.25 -55.47 5.14
N MET RA 38 -95.50 -54.81 6.26
CA MET RA 38 -95.93 -55.51 7.46
C MET RA 38 -97.33 -56.08 7.29
N SER RA 39 -98.23 -55.30 6.71
CA SER RA 39 -99.61 -55.74 6.54
C SER RA 39 -100.14 -55.12 5.26
N GLU RA 40 -101.45 -55.13 5.10
CA GLU RA 40 -102.09 -54.59 3.91
C GLU RA 40 -102.28 -53.09 3.97
N LYS RA 41 -101.97 -52.47 5.09
CA LYS RA 41 -102.07 -51.03 5.18
C LYS RA 41 -100.93 -50.42 5.99
N ILE RA 42 -99.84 -51.16 6.22
CA ILE RA 42 -98.74 -50.71 7.07
C ILE RA 42 -97.43 -51.04 6.37
N LEU RA 43 -96.60 -50.03 6.13
CA LEU RA 43 -95.24 -50.21 5.67
C LEU RA 43 -94.24 -50.02 6.81
N LEU RA 44 -92.99 -50.32 6.51
CA LEU RA 44 -91.91 -50.19 7.48
C LEU RA 44 -90.63 -49.84 6.75
N LEU RA 45 -89.94 -48.81 7.22
CA LEU RA 45 -88.68 -48.36 6.65
C LEU RA 45 -87.60 -48.51 7.70
N CYS RA 46 -86.46 -49.08 7.32
CA CYS RA 46 -85.43 -49.43 8.28
C CYS RA 46 -84.07 -48.98 7.77
N VAL RA 47 -83.36 -48.22 8.59
CA VAL RA 47 -82.02 -47.72 8.29
C VAL RA 47 -81.15 -47.90 9.52
N GLY RA 48 -80.03 -48.58 9.38
CA GLY RA 48 -79.16 -48.81 10.51
C GLY RA 48 -77.88 -49.53 10.17
N GLU RA 49 -77.49 -50.47 11.03
CA GLU RA 49 -76.24 -51.20 10.84
C GLU RA 49 -76.37 -52.24 9.74
N ALA RA 50 -75.26 -52.92 9.46
CA ALA RA 50 -75.20 -53.85 8.33
C ALA RA 50 -76.05 -55.09 8.56
N GLY RA 51 -76.14 -55.58 9.79
CA GLY RA 51 -76.88 -56.79 10.02
C GLY RA 51 -78.18 -56.56 10.76
N ASP RA 52 -78.24 -55.49 11.54
CA ASP RA 52 -79.35 -55.26 12.44
C ASP RA 52 -80.63 -54.86 11.71
N THR RA 53 -80.52 -54.39 10.46
CA THR RA 53 -81.71 -54.00 9.74
C THR RA 53 -82.52 -55.21 9.31
N VAL RA 54 -81.86 -56.21 8.75
CA VAL RA 54 -82.58 -57.38 8.24
C VAL RA 54 -83.04 -58.26 9.38
N GLN RA 55 -82.23 -58.38 10.43
CA GLN RA 55 -82.56 -59.27 11.53
C GLN RA 55 -83.72 -58.74 12.36
N PHE RA 56 -83.74 -57.44 12.64
CA PHE RA 56 -84.79 -56.90 13.49
C PHE RA 56 -86.09 -56.75 12.73
N ALA RA 57 -86.04 -56.19 11.52
CA ALA RA 57 -87.27 -55.81 10.85
C ALA RA 57 -88.03 -57.02 10.34
N GLU RA 58 -87.34 -58.11 10.01
CA GLU RA 58 -88.04 -59.34 9.70
C GLU RA 58 -88.62 -60.01 10.93
N TYR RA 59 -88.06 -59.74 12.11
CA TYR RA 59 -88.67 -60.25 13.33
C TYR RA 59 -90.00 -59.58 13.60
N ILE RA 60 -90.11 -58.30 13.26
CA ILE RA 60 -91.38 -57.61 13.41
C ILE RA 60 -92.32 -57.99 12.27
N GLN RA 61 -91.75 -58.24 11.08
CA GLN RA 61 -92.53 -58.59 9.90
C GLN RA 61 -93.33 -59.86 10.11
N LYS RA 62 -92.66 -60.93 10.53
CA LYS RA 62 -93.35 -62.18 10.76
C LYS RA 62 -94.17 -62.20 12.03
N ASN RA 63 -93.95 -61.27 12.95
CA ASN RA 63 -94.69 -61.34 14.20
C ASN RA 63 -96.04 -60.64 14.10
N VAL RA 64 -96.16 -59.64 13.23
CA VAL RA 64 -97.45 -59.00 13.01
C VAL RA 64 -98.35 -59.89 12.18
N GLN RA 65 -97.77 -60.67 11.26
CA GLN RA 65 -98.53 -61.63 10.48
C GLN RA 65 -99.11 -62.72 11.35
N LEU RA 66 -98.47 -63.03 12.48
CA LEU RA 66 -99.02 -64.01 13.39
C LEU RA 66 -100.28 -63.49 14.07
N TYR RA 67 -100.32 -62.19 14.36
CA TYR RA 67 -101.51 -61.58 14.95
C TYR RA 67 -102.69 -61.64 14.00
N LYS RA 68 -102.43 -61.50 12.70
CA LYS RA 68 -103.50 -61.52 11.71
C LYS RA 68 -104.10 -62.92 11.58
N MET RA 69 -103.25 -63.95 11.52
CA MET RA 69 -103.76 -65.29 11.31
C MET RA 69 -104.46 -65.83 12.54
N ARG RA 70 -104.08 -65.36 13.72
CA ARG RA 70 -104.56 -65.94 14.95
C ARG RA 70 -105.82 -65.26 15.46
N ASN RA 71 -105.96 -63.96 15.23
CA ASN RA 71 -107.15 -63.23 15.66
C ASN RA 71 -108.16 -63.06 14.54
N GLY RA 72 -107.70 -63.00 13.31
CA GLY RA 72 -108.57 -62.85 12.16
C GLY RA 72 -108.70 -61.44 11.66
N TYR RA 73 -108.23 -60.45 12.41
CA TYR RA 73 -108.26 -59.06 11.99
C TYR RA 73 -106.87 -58.47 12.14
N GLU RA 74 -106.72 -57.25 11.66
CA GLU RA 74 -105.43 -56.60 11.48
C GLU RA 74 -105.17 -55.62 12.63
N LEU RA 75 -103.89 -55.47 12.98
CA LEU RA 75 -103.51 -54.44 13.94
C LEU RA 75 -103.78 -53.04 13.41
N SER RA 76 -104.04 -52.13 14.33
CA SER RA 76 -104.04 -50.73 13.98
C SER RA 76 -102.61 -50.26 13.77
N PRO RA 77 -102.40 -49.20 12.98
CA PRO RA 77 -101.03 -48.67 12.85
C PRO RA 77 -100.50 -48.06 14.12
N THR RA 78 -101.36 -47.65 15.05
CA THR RA 78 -100.89 -47.14 16.32
C THR RA 78 -100.32 -48.25 17.19
N ALA RA 79 -101.06 -49.36 17.31
CA ALA RA 79 -100.60 -50.45 18.16
C ALA RA 79 -99.43 -51.19 17.51
N ALA RA 80 -99.41 -51.27 16.18
CA ALA RA 80 -98.29 -51.90 15.50
C ALA RA 80 -97.02 -51.09 15.66
N ALA RA 81 -97.14 -49.76 15.71
CA ALA RA 81 -95.97 -48.94 15.93
C ALA RA 81 -95.47 -49.04 17.35
N ASN RA 82 -96.38 -49.21 18.29
CA ASN RA 82 -96.05 -49.13 19.70
C ASN RA 82 -95.61 -50.47 20.25
N PHE RA 83 -95.75 -51.52 19.45
CA PHE RA 83 -95.18 -52.83 19.73
C PHE RA 83 -93.71 -52.89 19.35
N THR RA 84 -93.33 -52.18 18.30
CA THR RA 84 -91.92 -52.16 17.88
C THR RA 84 -91.07 -51.44 18.90
N ARG RA 85 -91.58 -50.35 19.47
CA ARG RA 85 -90.84 -49.59 20.47
C ARG RA 85 -90.61 -50.42 21.72
N ARG RA 86 -91.52 -51.33 22.03
CA ARG RA 86 -91.34 -52.20 23.18
C ARG RA 86 -90.20 -53.18 22.95
N ASN RA 87 -89.93 -53.53 21.70
CA ASN RA 87 -88.92 -54.54 21.45
C ASN RA 87 -87.51 -53.97 21.41
N LEU RA 88 -87.33 -52.70 21.04
CA LEU RA 88 -85.99 -52.13 21.13
C LEU RA 88 -85.63 -51.85 22.59
N ALA RA 89 -86.58 -51.30 23.35
CA ALA RA 89 -86.29 -50.87 24.71
C ALA RA 89 -86.01 -52.03 25.63
N ASP RA 90 -86.61 -53.19 25.36
CA ASP RA 90 -86.28 -54.37 26.15
C ASP RA 90 -84.91 -54.92 25.77
N CYS RA 91 -84.57 -54.85 24.48
CA CYS RA 91 -83.33 -55.41 23.98
C CYS RA 91 -82.22 -54.37 23.97
N LEU RA 92 -82.41 -53.23 24.66
CA LEU RA 92 -81.42 -52.17 24.67
C LEU RA 92 -80.37 -52.39 25.75
N ARG RA 93 -80.80 -52.71 26.98
CA ARG RA 93 -79.87 -52.95 28.08
C ARG RA 93 -79.45 -54.42 28.08
N SER RA 94 -78.75 -54.80 27.03
CA SER RA 94 -78.33 -56.19 26.89
C SER RA 94 -76.99 -56.21 26.17
N ARG RA 95 -76.44 -57.42 26.04
CA ARG RA 95 -75.19 -57.58 25.31
C ARG RA 95 -75.38 -57.45 23.81
N THR RA 96 -76.62 -57.58 23.32
CA THR RA 96 -76.92 -57.47 21.90
C THR RA 96 -77.97 -56.37 21.71
N PRO RA 97 -77.56 -55.12 21.57
CA PRO RA 97 -78.51 -54.08 21.19
C PRO RA 97 -78.59 -53.95 19.67
N TYR RA 98 -79.76 -53.51 19.22
CA TYR RA 98 -79.99 -53.26 17.80
C TYR RA 98 -79.83 -51.78 17.53
N HIS RA 99 -79.14 -51.44 16.45
CA HIS RA 99 -78.89 -50.05 16.10
C HIS RA 99 -79.50 -49.79 14.73
N VAL RA 100 -80.80 -49.49 14.74
CA VAL RA 100 -81.54 -49.18 13.51
C VAL RA 100 -82.38 -47.94 13.76
N ASN RA 101 -82.77 -47.30 12.67
CA ASN RA 101 -83.63 -46.13 12.73
C ASN RA 101 -84.83 -46.38 11.84
N LEU RA 102 -86.03 -46.19 12.37
CA LEU RA 102 -87.24 -46.62 11.72
C LEU RA 102 -88.17 -45.44 11.50
N LEU RA 103 -89.10 -45.62 10.58
CA LEU RA 103 -90.30 -44.79 10.55
C LEU RA 103 -91.42 -45.63 9.96
N LEU RA 104 -92.62 -45.42 10.47
CA LEU RA 104 -93.77 -46.26 10.19
C LEU RA 104 -94.86 -45.46 9.49
N ALA RA 105 -95.49 -46.11 8.52
CA ALA RA 105 -96.53 -45.49 7.71
C ALA RA 105 -97.72 -46.41 7.70
N GLY RA 106 -98.86 -45.92 8.16
CA GLY RA 106 -100.05 -46.76 8.22
C GLY RA 106 -101.29 -45.98 7.87
N TYR RA 107 -102.33 -46.72 7.49
CA TYR RA 107 -103.65 -46.16 7.29
C TYR RA 107 -104.63 -46.93 8.14
N ASP RA 108 -105.49 -46.20 8.84
CA ASP RA 108 -106.53 -46.81 9.65
C ASP RA 108 -107.89 -46.51 9.04
N GLU RA 109 -108.81 -47.45 9.17
CA GLU RA 109 -110.17 -47.21 8.71
C GLU RA 109 -110.90 -46.25 9.64
N HIS RA 110 -110.49 -46.20 10.91
CA HIS RA 110 -111.14 -45.36 11.91
C HIS RA 110 -110.39 -44.06 12.16
N GLU RA 111 -109.07 -44.07 12.03
CA GLU RA 111 -108.26 -42.90 12.36
C GLU RA 111 -107.58 -42.28 11.15
N GLY RA 112 -107.78 -42.85 9.97
CA GLY RA 112 -107.16 -42.31 8.78
C GLY RA 112 -105.70 -42.66 8.72
N PRO RA 113 -104.91 -41.81 8.09
CA PRO RA 113 -103.49 -42.08 7.92
C PRO RA 113 -102.71 -41.76 9.18
N ALA RA 114 -101.49 -42.29 9.24
CA ALA RA 114 -100.64 -42.08 10.39
C ALA RA 114 -99.18 -42.23 9.99
N LEU RA 115 -98.32 -41.48 10.66
CA LEU RA 115 -96.88 -41.53 10.46
C LEU RA 115 -96.19 -41.51 11.80
N TYR RA 116 -95.21 -42.38 12.00
CA TYR RA 116 -94.48 -42.43 13.26
C TYR RA 116 -92.98 -42.37 13.02
N TYR RA 117 -92.28 -41.89 14.03
CA TYR RA 117 -90.84 -41.68 13.98
C TYR RA 117 -90.19 -42.53 15.05
N MET RA 118 -89.01 -43.07 14.75
CA MET RA 118 -88.32 -43.95 15.68
C MET RA 118 -86.83 -43.71 15.63
N ASP RA 119 -86.23 -43.55 16.80
CA ASP RA 119 -84.81 -43.36 16.96
C ASP RA 119 -84.18 -44.72 17.27
N TYR RA 120 -82.86 -44.79 17.26
CA TYR RA 120 -82.20 -46.01 17.71
C TYR RA 120 -82.20 -46.14 19.22
N LEU RA 121 -82.60 -45.11 19.94
CA LEU RA 121 -82.82 -45.19 21.37
C LEU RA 121 -84.28 -45.42 21.71
N ALA RA 122 -85.11 -45.76 20.73
CA ALA RA 122 -86.51 -46.17 20.88
C ALA RA 122 -87.36 -45.06 21.52
N ALA RA 123 -87.48 -43.97 20.78
CA ALA RA 123 -88.40 -42.90 21.14
C ALA RA 123 -89.44 -42.76 20.04
N LEU RA 124 -90.71 -42.74 20.42
CA LEU RA 124 -91.79 -42.55 19.46
C LEU RA 124 -92.13 -41.09 19.28
N ALA RA 125 -92.62 -40.76 18.10
CA ALA RA 125 -93.11 -39.43 17.79
C ALA RA 125 -94.14 -39.53 16.69
N LYS RA 126 -95.10 -38.62 16.72
CA LYS RA 126 -96.17 -38.55 15.73
C LYS RA 126 -95.93 -37.28 14.92
N ALA RA 127 -95.46 -37.45 13.69
CA ALA RA 127 -94.99 -36.29 12.96
C ALA RA 127 -95.75 -36.12 11.65
N PRO RA 128 -95.92 -34.87 11.18
CA PRO RA 128 -96.51 -34.66 9.85
C PRO RA 128 -95.53 -34.86 8.71
N PHE RA 129 -94.24 -35.01 8.98
CA PHE RA 129 -93.20 -35.39 8.02
C PHE RA 129 -91.93 -35.68 8.80
N ALA RA 130 -91.10 -36.54 8.25
CA ALA RA 130 -89.87 -36.93 8.91
C ALA RA 130 -88.86 -37.41 7.87
N ALA RA 131 -87.62 -37.54 8.31
CA ALA RA 131 -86.53 -37.99 7.44
C ALA RA 131 -85.42 -38.54 8.32
N HIS RA 132 -84.57 -39.37 7.71
CA HIS RA 132 -83.40 -39.92 8.38
C HIS RA 132 -82.17 -39.76 7.50
N GLY RA 133 -81.02 -40.01 8.11
CA GLY RA 133 -79.77 -39.97 7.41
C GLY RA 133 -79.13 -38.60 7.42
N TYR RA 134 -78.03 -38.49 6.69
CA TYR RA 134 -77.37 -37.19 6.56
C TYR RA 134 -78.09 -36.27 5.61
N GLY RA 135 -78.79 -36.83 4.63
CA GLY RA 135 -79.62 -36.03 3.76
C GLY RA 135 -80.86 -35.48 4.42
N ALA RA 136 -81.18 -35.93 5.63
CA ALA RA 136 -82.29 -35.37 6.38
C ALA RA 136 -82.04 -33.92 6.76
N PHE RA 137 -80.78 -33.52 6.86
CA PHE RA 137 -80.47 -32.15 7.26
C PHE RA 137 -80.79 -31.15 6.16
N LEU RA 138 -80.40 -31.45 4.93
CA LEU RA 138 -80.54 -30.47 3.86
C LEU RA 138 -81.98 -30.35 3.39
N THR RA 139 -82.77 -31.39 3.54
CA THR RA 139 -84.01 -31.48 2.81
C THR RA 139 -85.23 -31.12 3.62
N LEU RA 140 -85.19 -31.26 4.94
CA LEU RA 140 -86.43 -31.12 5.66
C LEU RA 140 -86.82 -29.67 5.89
N SER RA 141 -85.90 -28.73 5.68
CA SER RA 141 -86.27 -27.32 5.74
C SER RA 141 -86.99 -26.88 4.47
N ILE RA 142 -86.68 -27.52 3.34
CA ILE RA 142 -87.48 -27.34 2.13
C ILE RA 142 -88.88 -27.84 2.38
N LEU RA 143 -88.98 -29.02 2.97
CA LEU RA 143 -90.25 -29.62 3.28
C LEU RA 143 -90.97 -28.85 4.39
N ASP RA 144 -90.24 -28.14 5.23
CA ASP RA 144 -90.86 -27.27 6.20
C ASP RA 144 -91.36 -25.98 5.56
N ARG RA 145 -90.78 -25.60 4.43
CA ARG RA 145 -91.14 -24.35 3.77
C ARG RA 145 -92.49 -24.46 3.06
N TYR RA 146 -92.69 -25.49 2.27
CA TYR RA 146 -93.82 -25.56 1.35
C TYR RA 146 -94.90 -26.53 1.81
N TYR RA 147 -94.90 -26.91 3.08
CA TYR RA 147 -95.89 -27.88 3.53
C TYR RA 147 -97.20 -27.20 3.87
N THR RA 148 -98.29 -27.87 3.51
CA THR RA 148 -99.63 -27.45 3.83
C THR RA 148 -100.31 -28.70 4.36
N PRO RA 149 -101.04 -28.61 5.48
CA PRO RA 149 -101.75 -29.78 5.98
C PRO RA 149 -102.84 -30.26 5.05
N THR RA 150 -103.47 -29.35 4.31
CA THR RA 150 -104.47 -29.73 3.32
C THR RA 150 -103.82 -29.67 1.94
N ILE RA 151 -103.03 -30.71 1.65
CA ILE RA 151 -102.29 -30.78 0.41
C ILE RA 151 -102.80 -31.98 -0.38
N SER RA 152 -102.72 -31.88 -1.70
CA SER RA 152 -103.19 -32.95 -2.55
C SER RA 152 -102.04 -33.89 -2.88
N ARG RA 153 -102.39 -35.10 -3.33
CA ARG RA 153 -101.37 -36.10 -3.61
C ARG RA 153 -100.57 -35.77 -4.87
N GLU RA 154 -101.08 -34.86 -5.71
CA GLU RA 154 -100.31 -34.44 -6.87
C GLU RA 154 -99.28 -33.40 -6.49
N ARG RA 155 -99.62 -32.52 -5.56
CA ARG RA 155 -98.65 -31.57 -5.05
C ARG RA 155 -97.57 -32.25 -4.22
N ALA RA 156 -97.93 -33.35 -3.56
CA ALA RA 156 -96.98 -34.02 -2.67
C ALA RA 156 -95.87 -34.70 -3.46
N VAL RA 157 -96.20 -35.27 -4.62
CA VAL RA 157 -95.17 -35.83 -5.48
C VAL RA 157 -94.31 -34.72 -6.06
N GLU RA 158 -94.92 -33.57 -6.34
CA GLU RA 158 -94.16 -32.43 -6.81
C GLU RA 158 -93.28 -31.86 -5.70
N LEU RA 159 -93.80 -31.82 -4.48
CA LEU RA 159 -93.00 -31.38 -3.35
C LEU RA 159 -91.91 -32.39 -3.02
N LEU RA 160 -92.16 -33.68 -3.28
CA LEU RA 160 -91.12 -34.67 -3.14
C LEU RA 160 -90.01 -34.47 -4.17
N ARG RA 161 -90.38 -34.05 -5.38
CA ARG RA 161 -89.37 -33.82 -6.41
C ARG RA 161 -88.52 -32.60 -6.10
N LYS RA 162 -89.12 -31.56 -5.51
CA LYS RA 162 -88.33 -30.43 -5.03
C LYS RA 162 -87.40 -30.85 -3.90
N CYS RA 163 -87.85 -31.80 -3.08
CA CYS RA 163 -87.09 -32.20 -1.91
C CYS RA 163 -85.88 -33.04 -2.28
N LEU RA 164 -85.94 -33.70 -3.44
CA LEU RA 164 -84.87 -34.59 -3.85
C LEU RA 164 -83.86 -33.95 -4.78
N GLU RA 165 -84.24 -32.90 -5.52
CA GLU RA 165 -83.31 -32.31 -6.46
C GLU RA 165 -82.26 -31.49 -5.77
N GLU RA 166 -82.56 -30.94 -4.59
CA GLU RA 166 -81.53 -30.23 -3.85
C GLU RA 166 -80.57 -31.18 -3.17
N LEU RA 167 -81.03 -32.39 -2.88
CA LEU RA 167 -80.12 -33.45 -2.46
C LEU RA 167 -79.28 -33.95 -3.61
N GLN RA 168 -79.72 -33.71 -4.85
CA GLN RA 168 -78.88 -34.01 -6.00
C GLN RA 168 -77.82 -32.94 -6.19
N LYS RA 169 -78.03 -31.75 -5.65
CA LYS RA 169 -77.17 -30.61 -5.90
C LYS RA 169 -76.04 -30.48 -4.89
N ARG RA 170 -76.35 -30.49 -3.60
CA ARG RA 170 -75.36 -30.17 -2.58
C ARG RA 170 -75.15 -31.31 -1.60
N PHE RA 171 -75.16 -32.55 -2.07
CA PHE RA 171 -74.90 -33.67 -1.18
C PHE RA 171 -73.82 -34.52 -1.82
N ILE RA 172 -72.82 -34.89 -1.02
CA ILE RA 172 -71.63 -35.52 -1.58
C ILE RA 172 -71.88 -36.93 -2.07
N LEU RA 173 -72.89 -37.63 -1.54
CA LEU RA 173 -73.06 -38.99 -2.00
C LEU RA 173 -73.83 -39.01 -3.32
N ASN RA 174 -73.84 -40.17 -3.96
CA ASN RA 174 -74.30 -40.24 -5.34
C ASN RA 174 -75.82 -40.23 -5.40
N LEU RA 175 -76.46 -41.29 -4.89
CA LEU RA 175 -77.90 -41.49 -4.76
C LEU RA 175 -78.70 -41.20 -6.02
N PRO RA 176 -78.63 -42.05 -7.05
CA PRO RA 176 -79.31 -41.71 -8.30
C PRO RA 176 -80.80 -42.01 -8.33
N THR RA 177 -81.25 -43.10 -7.72
CA THR RA 177 -82.62 -43.57 -7.88
C THR RA 177 -83.35 -43.62 -6.55
N PHE RA 178 -84.67 -43.47 -6.61
CA PHE RA 178 -85.51 -43.34 -5.41
C PHE RA 178 -86.85 -44.01 -5.63
N SER RA 179 -87.12 -45.07 -4.88
CA SER RA 179 -88.39 -45.77 -4.98
C SER RA 179 -89.45 -45.12 -4.09
N VAL RA 180 -90.69 -45.09 -4.58
CA VAL RA 180 -91.77 -44.32 -3.98
C VAL RA 180 -92.99 -45.23 -3.82
N ARG RA 181 -93.60 -45.21 -2.64
CA ARG RA 181 -94.89 -45.85 -2.40
C ARG RA 181 -95.94 -44.81 -2.04
N ILE RA 182 -97.19 -45.26 -1.96
CA ILE RA 182 -98.30 -44.44 -1.47
C ILE RA 182 -99.32 -45.38 -0.84
N ILE RA 183 -99.92 -44.92 0.26
CA ILE RA 183 -100.89 -45.70 1.02
C ILE RA 183 -102.15 -44.88 1.17
N ASP RA 184 -103.29 -45.48 0.85
CA ASP RA 184 -104.57 -44.79 0.92
C ASP RA 184 -105.61 -45.76 1.49
N LYS RA 185 -106.88 -45.45 1.27
CA LYS RA 185 -107.96 -46.31 1.74
C LYS RA 185 -107.99 -47.65 1.03
N ASN RA 186 -107.36 -47.77 -0.14
CA ASN RA 186 -107.37 -49.04 -0.85
C ASN RA 186 -106.24 -49.94 -0.37
N GLY RA 187 -105.02 -49.41 -0.32
CA GLY RA 187 -103.89 -50.21 0.14
C GLY RA 187 -102.59 -49.55 -0.31
N ILE RA 188 -101.52 -50.33 -0.28
CA ILE RA 188 -100.23 -49.85 -0.74
C ILE RA 188 -100.22 -49.85 -2.25
N HIS RA 189 -100.06 -48.68 -2.85
CA HIS RA 189 -99.90 -48.57 -4.28
C HIS RA 189 -98.47 -48.13 -4.56
N ASP RA 190 -97.87 -48.72 -5.57
CA ASP RA 190 -96.51 -48.37 -5.93
C ASP RA 190 -96.53 -47.31 -7.02
N LEU RA 191 -95.97 -46.14 -6.72
CA LEU RA 191 -95.79 -45.13 -7.74
C LEU RA 191 -94.55 -45.45 -8.55
N ASP RA 192 -94.31 -44.66 -9.60
CA ASP RA 192 -93.18 -44.89 -10.47
C ASP RA 192 -91.87 -44.54 -9.78
N ASN RA 193 -90.80 -45.16 -10.26
CA ASN RA 193 -89.48 -44.96 -9.70
C ASN RA 193 -88.96 -43.59 -10.10
N ILE RA 194 -88.24 -42.93 -9.21
CA ILE RA 194 -87.70 -41.59 -9.45
C ILE RA 194 -86.19 -41.72 -9.67
N SER RA 195 -85.74 -41.33 -10.86
CA SER RA 195 -84.33 -41.32 -11.21
C SER RA 195 -83.94 -39.90 -11.63
N PHE RA 196 -82.66 -39.72 -11.94
CA PHE RA 196 -82.19 -38.37 -12.25
C PHE RA 196 -81.23 -38.31 -13.43
N PRO RA 197 -81.64 -37.73 -14.54
CA PRO RA 197 -80.66 -37.18 -15.49
C PRO RA 197 -79.98 -35.95 -14.91
N LYS RA 198 -78.69 -36.07 -14.60
CA LYS RA 198 -78.01 -35.00 -13.87
C LYS RA 198 -77.64 -33.84 -14.78
N GLN RA 199 -76.77 -34.07 -15.76
CA GLN RA 199 -76.37 -33.01 -16.68
C GLN RA 199 -76.78 -33.32 -18.11
N THR SA 59 -55.99 -61.54 -2.67
CA THR SA 59 -57.23 -62.27 -2.79
C THR SA 59 -58.20 -61.53 -3.69
N THR SA 60 -58.69 -62.21 -4.72
CA THR SA 60 -59.63 -61.59 -5.65
C THR SA 60 -60.56 -62.66 -6.17
N THR SA 61 -61.86 -62.49 -5.94
CA THR SA 61 -62.89 -63.36 -6.49
C THR SA 61 -63.88 -62.51 -7.24
N LEU SA 62 -64.59 -63.14 -8.17
CA LEU SA 62 -65.68 -62.47 -8.84
C LEU SA 62 -66.71 -63.51 -9.25
N ALA SA 63 -67.95 -63.05 -9.41
CA ALA SA 63 -69.01 -63.91 -9.87
C ALA SA 63 -70.05 -63.06 -10.57
N PHE SA 64 -70.54 -63.56 -11.69
CA PHE SA 64 -71.61 -62.88 -12.40
C PHE SA 64 -72.49 -63.93 -13.07
N LYS SA 65 -73.76 -63.60 -13.20
CA LYS SA 65 -74.71 -64.45 -13.89
C LYS SA 65 -75.16 -63.78 -15.19
N PHE SA 66 -75.51 -64.60 -16.16
CA PHE SA 66 -75.88 -64.12 -17.47
C PHE SA 66 -76.91 -65.10 -18.02
N ARG SA 67 -77.10 -65.09 -19.33
CA ARG SA 67 -78.10 -65.96 -19.96
C ARG SA 67 -77.81 -67.44 -19.71
N HIS SA 68 -76.57 -67.86 -19.91
CA HIS SA 68 -76.22 -69.27 -19.75
C HIS SA 68 -75.52 -69.50 -18.41
N GLY SA 69 -76.24 -69.26 -17.31
CA GLY SA 69 -75.71 -69.63 -16.01
C GLY SA 69 -74.80 -68.62 -15.34
N VAL SA 70 -73.96 -69.11 -14.43
CA VAL SA 70 -73.16 -68.27 -13.55
C VAL SA 70 -71.69 -68.63 -13.75
N ILE SA 71 -70.83 -67.61 -13.80
CA ILE SA 71 -69.39 -67.77 -13.91
C ILE SA 71 -68.78 -67.43 -12.56
N VAL SA 72 -67.86 -68.29 -12.08
CA VAL SA 72 -67.12 -68.04 -10.84
C VAL SA 72 -65.64 -68.14 -11.15
N ALA SA 73 -64.86 -67.17 -10.68
CA ALA SA 73 -63.42 -67.18 -10.89
C ALA SA 73 -62.71 -66.57 -9.71
N ALA SA 74 -61.49 -67.03 -9.45
CA ALA SA 74 -60.71 -66.59 -8.30
C ALA SA 74 -59.23 -66.83 -8.54
N ASP SA 75 -58.41 -66.20 -7.72
CA ASP SA 75 -56.96 -66.39 -7.75
C ASP SA 75 -56.57 -67.51 -6.80
N SER SA 76 -55.27 -67.63 -6.49
CA SER SA 76 -54.84 -68.71 -5.62
C SER SA 76 -53.70 -68.33 -4.67
N ARG SA 77 -53.49 -67.04 -4.40
CA ARG SA 77 -52.40 -66.63 -3.52
C ARG SA 77 -52.91 -66.37 -2.12
N ALA SA 78 -52.25 -66.94 -1.13
CA ALA SA 78 -52.53 -66.67 0.27
C ALA SA 78 -51.27 -66.16 0.94
N THR SA 79 -51.35 -65.01 1.58
CA THR SA 79 -50.21 -64.38 2.21
C THR SA 79 -50.33 -64.43 3.72
N ALA SA 80 -49.25 -64.07 4.39
CA ALA SA 80 -49.21 -63.93 5.85
C ALA SA 80 -48.35 -62.70 6.13
N GLY SA 81 -48.99 -61.54 6.25
CA GLY SA 81 -48.25 -60.31 6.34
C GLY SA 81 -47.66 -59.97 4.98
N ALA SA 82 -46.35 -59.83 4.93
CA ALA SA 82 -45.64 -59.61 3.68
C ALA SA 82 -45.06 -60.91 3.13
N TYR SA 83 -45.41 -62.04 3.72
CA TYR SA 83 -44.85 -63.33 3.35
C TYR SA 83 -45.92 -64.17 2.66
N ILE SA 84 -45.58 -64.71 1.50
CA ILE SA 84 -46.50 -65.56 0.76
C ILE SA 84 -46.45 -66.97 1.34
N ALA SA 85 -47.58 -67.44 1.84
CA ALA SA 85 -47.67 -68.81 2.33
C ALA SA 85 -47.65 -69.80 1.18
N SER SA 86 -48.63 -69.72 0.30
CA SER SA 86 -48.74 -70.65 -0.81
C SER SA 86 -49.18 -69.93 -2.07
N GLN SA 87 -49.16 -70.67 -3.17
CA GLN SA 87 -49.63 -70.21 -4.46
C GLN SA 87 -50.71 -71.10 -5.03
N THR SA 88 -51.11 -72.16 -4.31
CA THR SA 88 -52.05 -73.14 -4.84
C THR SA 88 -53.25 -73.31 -3.92
N VAL SA 89 -53.83 -72.21 -3.49
CA VAL SA 89 -54.97 -72.26 -2.58
C VAL SA 89 -56.25 -72.28 -3.39
N LYS SA 90 -57.08 -73.29 -3.13
CA LYS SA 90 -58.37 -73.39 -3.80
C LYS SA 90 -59.36 -72.51 -3.05
N LYS SA 91 -59.65 -71.34 -3.60
CA LYS SA 91 -60.50 -70.37 -2.92
C LYS SA 91 -61.97 -70.49 -3.30
N VAL SA 92 -62.33 -71.47 -4.14
CA VAL SA 92 -63.72 -71.69 -4.48
C VAL SA 92 -64.12 -73.03 -3.88
N ILE SA 93 -64.92 -72.99 -2.82
CA ILE SA 93 -65.25 -74.18 -2.05
C ILE SA 93 -66.43 -74.88 -2.70
N GLU SA 94 -66.23 -76.13 -3.07
CA GLU SA 94 -67.25 -76.92 -3.75
C GLU SA 94 -68.18 -77.49 -2.69
N ILE SA 95 -69.32 -76.83 -2.47
CA ILE SA 95 -70.24 -77.25 -1.43
C ILE SA 95 -70.96 -78.53 -1.83
N ASN SA 96 -71.58 -78.53 -2.99
CA ASN SA 96 -72.42 -79.62 -3.45
C ASN SA 96 -72.12 -79.87 -4.91
N PRO SA 97 -72.76 -80.85 -5.56
CA PRO SA 97 -72.81 -80.84 -7.03
C PRO SA 97 -73.70 -79.76 -7.62
N TYR SA 98 -74.33 -78.91 -6.80
CA TYR SA 98 -75.21 -77.87 -7.29
C TYR SA 98 -75.03 -76.54 -6.57
N LEU SA 99 -74.03 -76.41 -5.71
CA LEU SA 99 -73.75 -75.14 -5.05
C LEU SA 99 -72.25 -74.91 -5.00
N LEU SA 100 -71.87 -73.64 -5.08
CA LEU SA 100 -70.48 -73.25 -4.99
C LEU SA 100 -70.37 -72.05 -4.06
N GLY SA 101 -69.32 -72.04 -3.25
CA GLY SA 101 -69.04 -70.93 -2.38
C GLY SA 101 -67.59 -70.50 -2.50
N THR SA 102 -67.32 -69.27 -2.11
CA THR SA 102 -66.02 -68.67 -2.26
C THR SA 102 -65.35 -68.50 -0.91
N MET SA 103 -64.09 -68.08 -0.94
CA MET SA 103 -63.28 -67.88 0.25
C MET SA 103 -62.64 -66.50 0.12
N ALA SA 104 -63.16 -65.55 0.86
CA ALA SA 104 -62.72 -64.16 0.73
C ALA SA 104 -62.75 -63.52 2.12
N GLY SA 105 -61.58 -63.42 2.74
CA GLY SA 105 -61.49 -62.83 4.06
C GLY SA 105 -61.54 -63.93 5.10
N GLY SA 106 -60.40 -64.27 5.69
CA GLY SA 106 -60.38 -65.34 6.67
C GLY SA 106 -60.30 -66.69 5.99
N ALA SA 107 -59.35 -67.52 6.39
CA ALA SA 107 -59.19 -68.81 5.73
C ALA SA 107 -60.01 -69.88 6.41
N ALA SA 108 -59.80 -70.07 7.71
CA ALA SA 108 -60.53 -71.12 8.41
C ALA SA 108 -61.97 -70.73 8.70
N ASP SA 109 -62.27 -69.44 8.71
CA ASP SA 109 -63.65 -69.02 8.93
C ASP SA 109 -64.53 -69.36 7.74
N CYS SA 110 -64.05 -69.07 6.52
CA CYS SA 110 -64.83 -69.42 5.35
C CYS SA 110 -64.84 -70.93 5.12
N SER SA 111 -63.79 -71.62 5.57
CA SER SA 111 -63.71 -73.06 5.35
C SER SA 111 -64.63 -73.82 6.29
N PHE SA 112 -64.78 -73.32 7.51
CA PHE SA 112 -65.55 -74.05 8.51
C PHE SA 112 -67.04 -73.90 8.28
N TRP SA 113 -67.52 -72.67 8.17
CA TRP SA 113 -68.95 -72.42 8.18
C TRP SA 113 -69.62 -72.85 6.89
N GLU SA 114 -68.87 -72.87 5.79
CA GLU SA 114 -69.44 -73.41 4.57
C GLU SA 114 -69.48 -74.93 4.58
N ARG SA 115 -68.50 -75.57 5.25
CA ARG SA 115 -68.59 -77.00 5.45
C ARG SA 115 -69.73 -77.35 6.38
N LEU SA 116 -70.00 -76.50 7.37
CA LEU SA 116 -71.14 -76.70 8.24
C LEU SA 116 -72.45 -76.47 7.50
N LEU SA 117 -72.42 -75.60 6.48
CA LEU SA 117 -73.60 -75.41 5.64
C LEU SA 117 -73.83 -76.61 4.75
N ALA SA 118 -72.76 -77.22 4.24
CA ALA SA 118 -72.89 -78.42 3.44
C ALA SA 118 -73.37 -79.61 4.26
N ARG SA 119 -73.04 -79.61 5.55
CA ARG SA 119 -73.61 -80.59 6.45
C ARG SA 119 -75.10 -80.37 6.63
N GLN SA 120 -75.55 -79.12 6.50
CA GLN SA 120 -76.94 -78.81 6.78
C GLN SA 120 -77.85 -79.07 5.60
N CYS SA 121 -77.38 -78.76 4.38
CA CYS SA 121 -78.23 -78.88 3.21
C CYS SA 121 -78.46 -80.34 2.83
N ARG SA 122 -77.54 -81.22 3.20
CA ARG SA 122 -77.73 -82.63 2.92
C ARG SA 122 -78.85 -83.22 3.76
N ILE SA 123 -78.98 -82.78 5.00
CA ILE SA 123 -80.05 -83.25 5.87
C ILE SA 123 -81.41 -82.75 5.38
N TYR SA 124 -81.43 -81.52 4.85
CA TYR SA 124 -82.64 -80.98 4.25
C TYR SA 124 -83.07 -81.79 3.04
N GLU SA 125 -82.11 -82.30 2.27
CA GLU SA 125 -82.45 -83.08 1.09
C GLU SA 125 -82.96 -84.45 1.47
N LEU SA 126 -82.44 -85.03 2.56
CA LEU SA 126 -82.88 -86.35 2.95
C LEU SA 126 -84.26 -86.32 3.58
N ARG SA 127 -84.61 -85.23 4.26
CA ARG SA 127 -85.91 -85.18 4.91
C ARG SA 127 -87.02 -84.84 3.93
N ASN SA 128 -86.76 -83.91 3.03
CA ASN SA 128 -87.82 -83.37 2.18
C ASN SA 128 -87.77 -83.90 0.77
N LYS SA 129 -86.77 -84.74 0.45
CA LYS SA 129 -86.63 -85.43 -0.85
C LYS SA 129 -86.54 -84.43 -2.00
N GLU SA 130 -85.83 -83.33 -1.77
CA GLU SA 130 -85.76 -82.24 -2.72
C GLU SA 130 -84.56 -81.37 -2.35
N ARG SA 131 -83.88 -80.85 -3.37
CA ARG SA 131 -82.75 -79.97 -3.14
C ARG SA 131 -83.20 -78.64 -2.55
N ILE SA 132 -82.29 -78.02 -1.81
CA ILE SA 132 -82.58 -76.75 -1.17
C ILE SA 132 -82.44 -75.63 -2.21
N SER SA 133 -83.18 -74.55 -2.01
CA SER SA 133 -83.08 -73.43 -2.93
C SER SA 133 -81.89 -72.55 -2.56
N VAL SA 134 -81.49 -71.71 -3.51
CA VAL SA 134 -80.28 -70.90 -3.33
C VAL SA 134 -80.53 -69.80 -2.33
N ALA SA 135 -81.74 -69.21 -2.34
CA ALA SA 135 -82.10 -68.22 -1.35
C ALA SA 135 -82.20 -68.79 0.05
N ALA SA 136 -82.50 -70.08 0.17
CA ALA SA 136 -82.58 -70.69 1.48
C ALA SA 136 -81.18 -70.94 2.05
N ALA SA 137 -80.27 -71.44 1.21
CA ALA SA 137 -78.93 -71.75 1.69
C ALA SA 137 -78.15 -70.48 2.00
N SER SA 138 -78.46 -69.38 1.31
CA SER SA 138 -77.87 -68.11 1.68
C SER SA 138 -78.40 -67.61 3.01
N LYS SA 139 -79.65 -67.91 3.31
CA LYS SA 139 -80.26 -67.39 4.53
C LYS SA 139 -79.78 -68.16 5.75
N LEU SA 140 -79.57 -69.47 5.61
CA LEU SA 140 -79.08 -70.27 6.73
C LEU SA 140 -77.66 -69.89 7.12
N LEU SA 141 -76.83 -69.53 6.14
CA LEU SA 141 -75.48 -69.11 6.46
C LEU SA 141 -75.48 -67.75 7.12
N ALA SA 142 -76.44 -66.89 6.77
CA ALA SA 142 -76.49 -65.56 7.36
C ALA SA 142 -76.89 -65.60 8.83
N ASN SA 143 -77.74 -66.56 9.21
CA ASN SA 143 -78.18 -66.61 10.59
C ASN SA 143 -77.14 -67.23 11.50
N MET SA 144 -76.32 -68.15 10.98
CA MET SA 144 -75.30 -68.77 11.81
C MET SA 144 -74.20 -67.78 12.16
N VAL SA 145 -73.84 -66.91 11.22
CA VAL SA 145 -72.75 -65.97 11.45
C VAL SA 145 -73.20 -64.84 12.35
N TYR SA 146 -74.46 -64.43 12.26
CA TYR SA 146 -74.97 -63.29 13.00
C TYR SA 146 -74.96 -63.48 14.51
N GLN SA 147 -74.98 -64.74 14.97
CA GLN SA 147 -74.88 -65.00 16.39
C GLN SA 147 -73.52 -64.66 16.97
N TYR SA 148 -72.49 -64.62 16.13
CA TYR SA 148 -71.14 -64.30 16.56
C TYR SA 148 -70.75 -62.91 16.12
N LYS SA 149 -71.72 -62.00 16.06
CA LYS SA 149 -71.46 -60.67 15.55
C LYS SA 149 -70.68 -59.86 16.57
N GLY SA 150 -69.57 -59.28 16.12
CA GLY SA 150 -68.70 -58.52 16.99
C GLY SA 150 -67.60 -59.32 17.63
N MET SA 151 -67.65 -60.64 17.57
CA MET SA 151 -66.61 -61.46 18.18
C MET SA 151 -65.39 -61.63 17.29
N GLY SA 152 -65.38 -61.03 16.10
CA GLY SA 152 -64.18 -61.02 15.29
C GLY SA 152 -64.10 -62.13 14.26
N LEU SA 153 -65.16 -62.34 13.51
CA LEU SA 153 -65.12 -63.24 12.37
C LEU SA 153 -64.90 -62.45 11.09
N SER SA 154 -64.15 -63.03 10.17
CA SER SA 154 -63.94 -62.46 8.85
C SER SA 154 -64.53 -63.41 7.83
N MET SA 155 -65.50 -62.94 7.05
CA MET SA 155 -66.17 -63.79 6.09
C MET SA 155 -66.88 -62.90 5.09
N GLY SA 156 -66.58 -63.09 3.81
CA GLY SA 156 -67.17 -62.27 2.77
C GLY SA 156 -67.60 -63.04 1.54
N THR SA 157 -68.08 -64.27 1.74
CA THR SA 157 -68.24 -65.19 0.63
C THR SA 157 -69.46 -64.87 -0.23
N MET SA 158 -69.63 -65.67 -1.27
CA MET SA 158 -70.74 -65.60 -2.21
C MET SA 158 -71.31 -66.99 -2.40
N ILE SA 159 -72.62 -67.06 -2.66
CA ILE SA 159 -73.30 -68.33 -2.87
C ILE SA 159 -73.81 -68.37 -4.29
N CYS SA 160 -73.47 -69.43 -5.01
CA CYS SA 160 -73.85 -69.57 -6.41
C CYS SA 160 -74.55 -70.89 -6.61
N GLY SA 161 -75.49 -70.91 -7.56
CA GLY SA 161 -76.15 -72.15 -7.88
C GLY SA 161 -77.41 -71.99 -8.69
N TRP SA 162 -77.75 -73.03 -9.45
CA TRP SA 162 -79.01 -73.02 -10.20
C TRP SA 162 -80.15 -73.38 -9.27
N ASP SA 163 -81.31 -72.79 -9.53
CA ASP SA 163 -82.46 -72.96 -8.67
C ASP SA 163 -83.68 -73.20 -9.55
N LYS SA 164 -84.81 -73.51 -8.90
CA LYS SA 164 -86.07 -73.62 -9.63
C LYS SA 164 -86.51 -72.27 -10.20
N ARG SA 165 -86.09 -71.18 -9.57
CA ARG SA 165 -86.29 -69.86 -10.14
C ARG SA 165 -85.24 -69.47 -11.17
N GLY SA 166 -84.24 -70.31 -11.39
CA GLY SA 166 -83.24 -70.04 -12.40
C GLY SA 166 -81.85 -69.98 -11.81
N PRO SA 167 -81.03 -69.07 -12.33
CA PRO SA 167 -79.73 -68.83 -11.71
C PRO SA 167 -79.90 -68.16 -10.35
N GLY SA 168 -78.88 -68.32 -9.52
CA GLY SA 168 -78.92 -67.73 -8.19
C GLY SA 168 -77.57 -67.21 -7.77
N LEU SA 169 -77.54 -65.98 -7.27
CA LEU SA 169 -76.28 -65.37 -6.85
C LEU SA 169 -76.56 -64.49 -5.65
N TYR SA 170 -76.05 -64.90 -4.50
CA TYR SA 170 -76.19 -64.13 -3.28
C TYR SA 170 -74.83 -63.83 -2.69
N TYR SA 171 -74.77 -62.75 -1.93
CA TYR SA 171 -73.55 -62.29 -1.29
C TYR SA 171 -73.77 -62.27 0.21
N VAL SA 172 -72.80 -62.78 0.96
CA VAL SA 172 -72.92 -62.95 2.40
C VAL SA 172 -71.67 -62.37 3.06
N ASP SA 173 -71.87 -61.45 4.00
CA ASP SA 173 -70.79 -60.93 4.82
C ASP SA 173 -70.76 -61.57 6.19
N SER SA 174 -69.67 -61.30 6.90
CA SER SA 174 -69.62 -61.59 8.33
C SER SA 174 -70.36 -60.54 9.14
N GLU SA 175 -70.74 -59.43 8.50
CA GLU SA 175 -71.55 -58.41 9.15
C GLU SA 175 -73.04 -58.66 9.02
N GLY SA 176 -73.45 -59.48 8.06
CA GLY SA 176 -74.85 -59.79 7.89
C GLY SA 176 -75.48 -59.07 6.73
N ASN SA 177 -74.72 -58.92 5.64
CA ASN SA 177 -75.22 -58.28 4.43
C ASN SA 177 -75.60 -59.34 3.42
N ARG SA 178 -76.76 -59.97 3.65
CA ARG SA 178 -77.31 -60.91 2.70
C ARG SA 178 -78.01 -60.12 1.60
N ILE SA 179 -77.39 -60.04 0.43
CA ILE SA 179 -77.99 -59.36 -0.71
C ILE SA 179 -77.87 -60.23 -1.94
N SER SA 180 -78.81 -60.06 -2.86
CA SER SA 180 -78.72 -60.67 -4.18
C SER SA 180 -78.10 -59.67 -5.15
N GLY SA 181 -78.00 -60.07 -6.40
CA GLY SA 181 -77.46 -59.19 -7.41
C GLY SA 181 -77.08 -59.96 -8.65
N ALA SA 182 -76.50 -59.24 -9.60
CA ALA SA 182 -76.09 -59.80 -10.88
C ALA SA 182 -74.59 -59.97 -11.00
N THR SA 183 -73.81 -59.00 -10.54
CA THR SA 183 -72.36 -59.07 -10.57
C THR SA 183 -71.81 -58.75 -9.19
N PHE SA 184 -70.78 -59.48 -8.79
CA PHE SA 184 -70.09 -59.18 -7.54
C PHE SA 184 -68.61 -59.44 -7.72
N SER SA 185 -67.81 -58.78 -6.87
CA SER SA 185 -66.37 -59.01 -6.83
C SER SA 185 -65.89 -58.69 -5.43
N VAL SA 186 -65.31 -59.67 -4.76
CA VAL SA 186 -64.93 -59.56 -3.35
C VAL SA 186 -63.44 -59.84 -3.25
N GLY SA 187 -62.74 -59.10 -2.40
CA GLY SA 187 -61.35 -59.36 -2.14
C GLY SA 187 -60.55 -58.10 -1.93
N SER SA 188 -59.25 -58.24 -1.74
CA SER SA 188 -58.40 -57.06 -1.62
C SER SA 188 -58.21 -56.38 -2.96
N GLY SA 189 -58.10 -57.17 -4.03
CA GLY SA 189 -58.02 -56.62 -5.35
C GLY SA 189 -59.37 -56.67 -6.04
N SER SA 190 -60.43 -56.45 -5.27
CA SER SA 190 -61.76 -56.52 -5.86
C SER SA 190 -62.08 -55.29 -6.70
N VAL SA 191 -61.65 -54.12 -6.26
CA VAL SA 191 -61.97 -52.89 -6.98
C VAL SA 191 -61.23 -52.79 -8.29
N TYR SA 192 -60.16 -53.55 -8.47
CA TYR SA 192 -59.49 -53.61 -9.76
C TYR SA 192 -60.28 -54.46 -10.74
N ALA SA 193 -61.17 -55.30 -10.24
CA ALA SA 193 -61.96 -56.16 -11.11
C ALA SA 193 -63.27 -55.51 -11.54
N TYR SA 194 -63.82 -54.60 -10.74
CA TYR SA 194 -65.09 -53.98 -11.09
C TYR SA 194 -64.98 -53.09 -12.32
N GLY SA 195 -63.81 -52.54 -12.58
CA GLY SA 195 -63.66 -51.69 -13.74
C GLY SA 195 -63.65 -52.47 -15.04
N VAL SA 196 -62.80 -53.49 -15.10
CA VAL SA 196 -62.63 -54.24 -16.34
C VAL SA 196 -63.82 -55.17 -16.61
N MET SA 197 -64.52 -55.60 -15.57
CA MET SA 197 -65.65 -56.49 -15.78
C MET SA 197 -66.88 -55.71 -16.26
N ASP SA 198 -67.18 -54.58 -15.63
CA ASP SA 198 -68.37 -53.83 -15.98
C ASP SA 198 -68.25 -53.16 -17.33
N ARG SA 199 -67.03 -52.92 -17.81
CA ARG SA 199 -66.88 -52.40 -19.16
C ARG SA 199 -67.21 -53.46 -20.19
N GLY SA 200 -66.91 -54.73 -19.88
CA GLY SA 200 -67.18 -55.80 -20.80
C GLY SA 200 -68.43 -56.61 -20.55
N TYR SA 201 -69.16 -56.34 -19.48
CA TYR SA 201 -70.29 -57.19 -19.12
C TYR SA 201 -71.50 -56.92 -19.99
N SER SA 202 -72.17 -57.99 -20.39
CA SER SA 202 -73.49 -57.93 -20.98
C SER SA 202 -74.26 -59.16 -20.53
N TYR SA 203 -75.58 -59.03 -20.50
CA TYR SA 203 -76.39 -60.18 -20.13
C TYR SA 203 -76.44 -61.20 -21.26
N ASP SA 204 -76.24 -60.76 -22.49
CA ASP SA 204 -76.34 -61.62 -23.66
C ASP SA 204 -74.98 -62.00 -24.20
N LEU SA 205 -74.01 -62.20 -23.32
CA LEU SA 205 -72.71 -62.67 -23.76
C LEU SA 205 -72.78 -64.14 -24.16
N GLU SA 206 -71.81 -64.56 -24.96
CA GLU SA 206 -71.69 -65.95 -25.33
C GLU SA 206 -70.99 -66.72 -24.22
N VAL SA 207 -70.87 -68.03 -24.40
CA VAL SA 207 -70.22 -68.84 -23.38
C VAL SA 207 -68.72 -68.67 -23.43
N GLU SA 208 -68.14 -68.74 -24.62
CA GLU SA 208 -66.70 -68.57 -24.76
C GLU SA 208 -66.29 -67.12 -24.54
N GLN SA 209 -67.19 -66.18 -24.80
CA GLN SA 209 -66.89 -64.78 -24.53
C GLN SA 209 -66.84 -64.51 -23.03
N ALA SA 210 -67.74 -65.12 -22.27
CA ALA SA 210 -67.75 -64.92 -20.84
C ALA SA 210 -66.58 -65.60 -20.16
N TYR SA 211 -66.04 -66.65 -20.78
CA TYR SA 211 -64.82 -67.26 -20.25
C TYR SA 211 -63.63 -66.32 -20.40
N ASP SA 212 -63.56 -65.62 -21.53
CA ASP SA 212 -62.47 -64.69 -21.74
C ASP SA 212 -62.60 -63.43 -20.91
N LEU SA 213 -63.81 -63.07 -20.50
CA LEU SA 213 -63.99 -61.87 -19.72
C LEU SA 213 -63.51 -62.06 -18.29
N ALA SA 214 -63.90 -63.18 -17.67
CA ALA SA 214 -63.52 -63.41 -16.29
C ALA SA 214 -62.04 -63.73 -16.17
N ARG SA 215 -61.47 -64.37 -17.18
CA ARG SA 215 -60.05 -64.68 -17.15
C ARG SA 215 -59.21 -63.43 -17.32
N ARG SA 216 -59.70 -62.47 -18.12
CA ARG SA 216 -59.02 -61.19 -18.25
C ARG SA 216 -59.12 -60.39 -16.95
N ALA SA 217 -60.26 -60.46 -16.26
CA ALA SA 217 -60.51 -59.57 -15.14
C ALA SA 217 -59.66 -59.95 -13.93
N ILE SA 218 -59.42 -61.25 -13.73
CA ILE SA 218 -58.52 -61.67 -12.67
C ILE SA 218 -57.08 -61.30 -13.01
N TYR SA 219 -56.73 -61.32 -14.30
CA TYR SA 219 -55.37 -60.98 -14.71
C TYR SA 219 -55.07 -59.51 -14.45
N GLN SA 220 -56.05 -58.62 -14.67
CA GLN SA 220 -55.81 -57.22 -14.40
C GLN SA 220 -55.81 -56.94 -12.90
N ALA SA 221 -56.45 -57.78 -12.11
CA ALA SA 221 -56.46 -57.57 -10.67
C ALA SA 221 -55.13 -58.00 -10.05
N THR SA 222 -54.60 -59.15 -10.48
CA THR SA 222 -53.33 -59.62 -9.95
C THR SA 222 -52.16 -58.78 -10.42
N TYR SA 223 -52.33 -58.01 -11.47
CA TYR SA 223 -51.26 -57.16 -11.95
C TYR SA 223 -51.04 -55.97 -11.02
N ARG SA 224 -52.10 -55.24 -10.68
CA ARG SA 224 -51.96 -54.05 -9.85
C ARG SA 224 -51.81 -54.41 -8.37
N ASP SA 225 -52.59 -55.36 -7.88
CA ASP SA 225 -52.57 -55.71 -6.47
C ASP SA 225 -51.34 -56.57 -6.16
N ALA SA 226 -50.85 -56.45 -4.94
CA ALA SA 226 -49.72 -57.25 -4.50
C ALA SA 226 -50.15 -58.54 -3.83
N TYR SA 227 -51.35 -58.58 -3.27
CA TYR SA 227 -51.83 -59.75 -2.53
C TYR SA 227 -52.65 -60.68 -3.41
N SER SA 228 -52.40 -60.69 -4.71
CA SER SA 228 -53.17 -61.54 -5.61
C SER SA 228 -52.25 -62.08 -6.69
N GLY SA 229 -52.30 -63.40 -6.87
CA GLY SA 229 -51.44 -64.03 -7.86
C GLY SA 229 -51.71 -65.51 -7.90
N GLY SA 230 -50.74 -66.25 -8.44
CA GLY SA 230 -50.89 -67.68 -8.53
C GLY SA 230 -51.55 -68.11 -9.83
N ALA SA 231 -52.49 -69.02 -9.70
CA ALA SA 231 -53.27 -69.45 -10.86
C ALA SA 231 -54.62 -68.75 -10.89
N VAL SA 232 -55.37 -68.98 -11.96
CA VAL SA 232 -56.69 -68.40 -12.14
C VAL SA 232 -57.65 -69.55 -12.36
N ASN SA 233 -58.48 -69.84 -11.36
CA ASN SA 233 -59.46 -70.89 -11.48
C ASN SA 233 -60.74 -70.34 -12.09
N LEU SA 234 -61.55 -71.24 -12.65
CA LEU SA 234 -62.72 -70.81 -13.41
C LEU SA 234 -63.77 -71.92 -13.38
N TYR SA 235 -64.91 -71.64 -12.78
CA TYR SA 235 -66.02 -72.59 -12.73
C TYR SA 235 -67.22 -72.04 -13.47
N HIS SA 236 -68.05 -72.95 -13.96
CA HIS SA 236 -69.24 -72.61 -14.72
C HIS SA 236 -70.43 -73.35 -14.12
N VAL SA 237 -71.44 -72.60 -13.70
CA VAL SA 237 -72.63 -73.19 -13.11
C VAL SA 237 -73.67 -73.34 -14.21
N ARG SA 238 -74.03 -74.58 -14.49
CA ARG SA 238 -75.04 -74.91 -15.48
C ARG SA 238 -76.30 -75.35 -14.73
N GLU SA 239 -77.38 -75.59 -15.48
CA GLU SA 239 -78.66 -75.96 -14.87
C GLU SA 239 -78.58 -77.29 -14.14
N ASP SA 240 -77.91 -78.28 -14.74
CA ASP SA 240 -77.76 -79.57 -14.09
C ASP SA 240 -76.79 -79.53 -12.92
N GLY SA 241 -75.70 -78.79 -13.05
CA GLY SA 241 -74.71 -78.72 -11.98
C GLY SA 241 -73.52 -77.92 -12.47
N TRP SA 242 -72.60 -77.69 -11.54
CA TRP SA 242 -71.42 -76.91 -11.89
C TRP SA 242 -70.43 -77.78 -12.65
N ILE SA 243 -69.54 -77.10 -13.40
CA ILE SA 243 -68.50 -77.77 -14.17
C ILE SA 243 -67.24 -76.92 -14.07
N ARG SA 244 -66.11 -77.58 -13.82
CA ARG SA 244 -64.83 -76.90 -13.84
C ARG SA 244 -64.42 -76.59 -15.27
N VAL SA 245 -64.02 -75.35 -15.53
CA VAL SA 245 -63.64 -74.98 -16.89
C VAL SA 245 -62.15 -75.19 -17.09
N SER SA 246 -61.33 -74.44 -16.36
CA SER SA 246 -59.90 -74.44 -16.59
C SER SA 246 -59.19 -73.83 -15.38
N SER SA 247 -57.86 -73.87 -15.42
CA SER SA 247 -57.03 -73.28 -14.37
C SER SA 247 -55.72 -72.89 -15.01
N ASP SA 248 -55.47 -71.59 -15.17
CA ASP SA 248 -54.32 -71.10 -15.92
C ASP SA 248 -53.41 -70.29 -15.02
N ASN SA 249 -52.11 -70.41 -15.24
CA ASN SA 249 -51.14 -69.62 -14.52
C ASN SA 249 -51.08 -68.21 -15.12
N VAL SA 250 -50.75 -67.24 -14.27
CA VAL SA 250 -50.71 -65.85 -14.71
C VAL SA 250 -49.55 -65.63 -15.66
N ALA SA 251 -48.42 -66.30 -15.42
CA ALA SA 251 -47.25 -66.17 -16.29
C ALA SA 251 -47.51 -66.73 -17.68
N ASP SA 252 -48.45 -67.68 -17.80
CA ASP SA 252 -48.87 -68.13 -19.12
C ASP SA 252 -49.84 -67.15 -19.75
N LEU SA 253 -50.69 -66.51 -18.94
CA LEU SA 253 -51.61 -65.52 -19.46
C LEU SA 253 -50.92 -64.21 -19.81
N HIS SA 254 -49.74 -63.97 -19.23
CA HIS SA 254 -49.00 -62.75 -19.55
C HIS SA 254 -48.47 -62.77 -20.97
N GLU SA 255 -48.03 -63.92 -21.44
CA GLU SA 255 -47.57 -64.02 -22.82
C GLU SA 255 -48.71 -63.98 -23.81
N LYS SA 256 -49.87 -64.51 -23.44
CA LYS SA 256 -51.03 -64.50 -24.33
C LYS SA 256 -51.60 -63.11 -24.49
N TYR SA 257 -51.69 -62.37 -23.41
CA TYR SA 257 -52.35 -61.07 -23.43
C TYR SA 257 -51.45 -59.97 -23.94
N SER SA 258 -50.14 -60.06 -23.71
CA SER SA 258 -49.22 -59.10 -24.27
C SER SA 258 -48.97 -59.31 -25.75
N GLY SA 259 -49.27 -60.50 -26.28
CA GLY SA 259 -49.08 -60.77 -27.69
C GLY SA 259 -47.77 -61.47 -27.98
N ARG TA 28 -48.40 -57.84 33.45
CA ARG TA 28 -49.11 -58.92 34.12
C ARG TA 28 -49.02 -60.20 33.28
N PHE TA 29 -49.68 -61.25 33.76
CA PHE TA 29 -49.60 -62.59 33.18
C PHE TA 29 -50.01 -62.63 31.71
N SER TA 30 -49.12 -63.15 30.88
CA SER TA 30 -49.36 -63.41 29.47
C SER TA 30 -49.26 -64.90 29.20
N PRO TA 31 -50.23 -65.47 28.49
CA PRO TA 31 -50.37 -66.93 28.43
C PRO TA 31 -49.58 -67.62 27.33
N TYR TA 32 -48.80 -66.88 26.55
CA TYR TA 32 -48.07 -67.41 25.40
C TYR TA 32 -46.59 -67.13 25.56
N VAL TA 33 -45.76 -67.96 24.92
CA VAL TA 33 -44.33 -67.72 24.79
C VAL TA 33 -43.88 -68.49 23.56
N PHE TA 34 -42.77 -68.05 22.97
CA PHE TA 34 -42.26 -68.67 21.76
C PHE TA 34 -41.08 -69.55 22.08
N ASN TA 35 -41.02 -70.72 21.46
CA ASN TA 35 -39.99 -71.70 21.77
C ASN TA 35 -39.12 -72.09 20.60
N GLY TA 36 -39.45 -71.65 19.39
CA GLY TA 36 -38.63 -71.98 18.24
C GLY TA 36 -38.85 -73.40 17.77
N GLY TA 37 -38.17 -73.72 16.67
CA GLY TA 37 -38.27 -75.03 16.05
C GLY TA 37 -38.49 -74.87 14.57
N THR TA 38 -38.18 -75.94 13.84
CA THR TA 38 -38.33 -75.93 12.39
C THR TA 38 -38.73 -77.33 11.94
N ILE TA 39 -39.81 -77.41 11.17
CA ILE TA 39 -40.38 -78.68 10.73
C ILE TA 39 -40.37 -78.69 9.22
N LEU TA 40 -39.95 -79.81 8.64
CA LEU TA 40 -39.91 -79.99 7.20
C LEU TA 40 -40.58 -81.29 6.82
N ALA TA 41 -41.38 -81.27 5.75
CA ALA TA 41 -41.98 -82.48 5.22
C ALA TA 41 -41.95 -82.47 3.70
N ILE TA 42 -41.73 -83.65 3.13
CA ILE TA 42 -41.69 -83.83 1.68
C ILE TA 42 -42.50 -85.06 1.33
N ALA TA 43 -43.51 -84.91 0.47
CA ALA TA 43 -44.28 -86.04 -0.02
C ALA TA 43 -43.56 -86.65 -1.21
N GLY TA 44 -43.14 -87.90 -1.06
CA GLY TA 44 -42.52 -88.62 -2.15
C GLY TA 44 -43.55 -89.32 -3.01
N GLU TA 45 -43.05 -90.12 -3.94
CA GLU TA 45 -43.94 -90.90 -4.79
C GLU TA 45 -44.54 -92.07 -4.03
N ASP TA 46 -43.75 -92.72 -3.20
CA ASP TA 46 -44.26 -93.79 -2.34
C ASP TA 46 -43.70 -93.67 -0.93
N PHE TA 47 -43.36 -92.46 -0.51
CA PHE TA 47 -42.73 -92.28 0.78
C PHE TA 47 -43.07 -90.88 1.28
N ALA TA 48 -42.61 -90.61 2.50
CA ALA TA 48 -42.74 -89.29 3.10
C ALA TA 48 -41.64 -89.14 4.12
N ILE TA 49 -41.05 -87.95 4.17
CA ILE TA 49 -39.92 -87.65 5.04
C ILE TA 49 -40.28 -86.47 5.90
N VAL TA 50 -40.23 -86.66 7.22
CA VAL TA 50 -40.50 -85.59 8.17
C VAL TA 50 -39.26 -85.38 9.02
N ALA TA 51 -38.77 -84.15 9.08
CA ALA TA 51 -37.54 -83.85 9.80
C ALA TA 51 -37.72 -82.62 10.66
N SER TA 52 -36.96 -82.57 11.75
CA SER TA 52 -36.98 -81.42 12.66
C SER TA 52 -35.70 -81.42 13.48
N ASP TA 53 -35.38 -80.26 14.02
CA ASP TA 53 -34.28 -80.13 14.96
C ASP TA 53 -34.75 -80.46 16.38
N THR TA 54 -33.80 -80.56 17.30
CA THR TA 54 -34.11 -81.00 18.66
C THR TA 54 -33.82 -79.92 19.69
N ARG TA 55 -33.62 -78.68 19.27
CA ARG TA 55 -33.29 -77.61 20.19
C ARG TA 55 -34.58 -77.01 20.76
N LEU TA 56 -34.61 -76.87 22.08
CA LEU TA 56 -35.73 -76.24 22.77
C LEU TA 56 -35.20 -75.01 23.48
N SER TA 57 -35.63 -73.84 23.04
CA SER TA 57 -35.09 -72.58 23.51
C SER TA 57 -36.21 -71.70 24.03
N GLU TA 58 -35.83 -70.63 24.72
CA GLU TA 58 -36.78 -69.62 25.18
C GLU TA 58 -36.02 -68.32 25.39
N GLY TA 59 -36.40 -67.28 24.66
CA GLY TA 59 -35.78 -65.99 24.82
C GLY TA 59 -34.36 -65.97 24.33
N PHE TA 60 -33.41 -65.95 25.26
CA PHE TA 60 -31.99 -66.04 24.95
C PHE TA 60 -31.36 -67.15 25.76
N SER TA 61 -32.04 -68.29 25.84
CA SER TA 61 -31.57 -69.40 26.64
C SER TA 61 -31.84 -70.69 25.89
N ILE TA 62 -31.14 -71.74 26.31
CA ILE TA 62 -31.31 -73.07 25.76
C ILE TA 62 -31.81 -73.96 26.89
N HIS TA 63 -33.04 -74.46 26.77
CA HIS TA 63 -33.51 -75.40 27.77
C HIS TA 63 -32.86 -76.75 27.59
N THR TA 64 -32.97 -77.33 26.41
CA THR TA 64 -32.32 -78.61 26.14
C THR TA 64 -31.90 -78.66 24.69
N ARG TA 65 -30.98 -79.58 24.41
CA ARG TA 65 -30.53 -79.85 23.07
C ARG TA 65 -31.08 -81.17 22.54
N ASP TA 66 -32.05 -81.74 23.25
CA ASP TA 66 -32.60 -83.04 22.85
C ASP TA 66 -34.12 -82.96 23.07
N SER TA 67 -34.83 -82.56 22.04
CA SER TA 67 -36.28 -82.47 22.07
C SER TA 67 -36.82 -82.57 20.66
N PRO TA 68 -36.98 -83.77 20.13
CA PRO TA 68 -37.46 -83.91 18.74
C PRO TA 68 -38.94 -83.60 18.64
N LYS TA 69 -39.31 -83.03 17.51
CA LYS TA 69 -40.69 -82.62 17.25
C LYS TA 69 -41.48 -83.66 16.48
N CYS TA 70 -40.87 -84.78 16.12
CA CYS TA 70 -41.56 -85.83 15.41
C CYS TA 70 -42.39 -86.65 16.38
N TYR TA 71 -43.54 -87.13 15.91
CA TYR TA 71 -44.41 -87.98 16.72
C TYR TA 71 -45.03 -89.03 15.82
N LYS TA 72 -44.76 -90.30 16.11
CA LYS TA 72 -45.33 -91.39 15.34
C LYS TA 72 -46.75 -91.64 15.82
N LEU TA 73 -47.73 -91.20 15.04
CA LEU TA 73 -49.12 -91.42 15.41
C LEU TA 73 -49.53 -92.87 15.11
N THR TA 74 -49.48 -93.25 13.85
CA THR TA 74 -49.72 -94.62 13.43
C THR TA 74 -48.46 -95.14 12.76
N ASP TA 75 -48.58 -96.30 12.13
CA ASP TA 75 -47.48 -96.83 11.35
C ASP TA 75 -47.34 -96.16 9.99
N LYS TA 76 -48.27 -95.28 9.62
CA LYS TA 76 -48.20 -94.59 8.34
C LYS TA 76 -48.44 -93.10 8.47
N THR TA 77 -48.26 -92.53 9.67
CA THR TA 77 -48.54 -91.11 9.86
C THR TA 77 -47.65 -90.56 10.94
N VAL TA 78 -46.90 -89.50 10.61
CA VAL TA 78 -46.05 -88.79 11.56
C VAL TA 78 -46.46 -87.33 11.53
N ILE TA 79 -46.60 -86.73 12.71
CA ILE TA 79 -46.97 -85.33 12.84
C ILE TA 79 -45.79 -84.56 13.43
N GLY TA 80 -45.69 -83.29 13.07
CA GLY TA 80 -44.75 -82.39 13.73
C GLY TA 80 -45.50 -81.21 14.32
N CYS TA 81 -45.00 -80.71 15.45
CA CYS TA 81 -45.64 -79.63 16.17
C CYS TA 81 -44.60 -78.60 16.58
N SER TA 82 -44.80 -77.35 16.19
CA SER TA 82 -43.92 -76.25 16.56
C SER TA 82 -44.68 -75.19 17.33
N GLY TA 83 -43.98 -74.13 17.69
CA GLY TA 83 -44.60 -72.99 18.34
C GLY TA 83 -44.50 -73.03 19.85
N PHE TA 84 -45.59 -72.68 20.54
CA PHE TA 84 -45.61 -72.73 21.98
C PHE TA 84 -45.63 -74.19 22.45
N HIS TA 85 -44.62 -74.54 23.25
CA HIS TA 85 -44.38 -75.93 23.58
C HIS TA 85 -45.41 -76.53 24.52
N GLY TA 86 -46.01 -75.71 25.39
CA GLY TA 86 -47.03 -76.24 26.28
C GLY TA 86 -48.29 -76.66 25.56
N ASP TA 87 -48.59 -76.01 24.44
CA ASP TA 87 -49.69 -76.47 23.61
C ASP TA 87 -49.31 -77.68 22.76
N CYS TA 88 -48.03 -77.83 22.44
CA CYS TA 88 -47.60 -78.99 21.67
C CYS TA 88 -47.72 -80.27 22.48
N LEU TA 89 -47.51 -80.20 23.80
CA LEU TA 89 -47.67 -81.38 24.62
C LEU TA 89 -49.14 -81.70 24.83
N THR TA 90 -49.98 -80.68 24.92
CA THR TA 90 -51.41 -80.91 25.13
C THR TA 90 -52.05 -81.47 23.87
N LEU TA 91 -51.77 -80.85 22.72
CA LEU TA 91 -52.43 -81.23 21.48
C LEU TA 91 -52.03 -82.62 21.02
N THR TA 92 -50.80 -83.04 21.33
CA THR TA 92 -50.37 -84.39 20.98
C THR TA 92 -51.14 -85.43 21.78
N LYS TA 93 -51.39 -85.15 23.06
CA LYS TA 93 -52.09 -86.12 23.89
C LYS TA 93 -53.58 -86.16 23.60
N ILE TA 94 -54.15 -85.08 23.05
CA ILE TA 94 -55.54 -85.11 22.64
C ILE TA 94 -55.72 -85.99 21.42
N ILE TA 95 -54.78 -85.93 20.49
CA ILE TA 95 -54.88 -86.69 19.25
C ILE TA 95 -54.75 -88.18 19.51
N GLU TA 96 -53.80 -88.57 20.37
CA GLU TA 96 -53.59 -89.98 20.67
C GLU TA 96 -54.74 -90.60 21.43
N ALA TA 97 -55.51 -89.80 22.17
CA ALA TA 97 -56.71 -90.31 22.81
C ALA TA 97 -57.78 -90.59 21.76
N ARG TA 98 -57.98 -89.67 20.82
CA ARG TA 98 -59.03 -89.81 19.83
C ARG TA 98 -58.70 -90.84 18.76
N LEU TA 99 -57.44 -91.24 18.63
CA LEU TA 99 -57.14 -92.38 17.78
C LEU TA 99 -57.71 -93.66 18.37
N LYS TA 100 -57.59 -93.82 19.69
CA LYS TA 100 -58.16 -94.99 20.34
C LYS TA 100 -59.67 -94.95 20.36
N MET TA 101 -60.24 -93.74 20.44
CA MET TA 101 -61.69 -93.61 20.43
C MET TA 101 -62.26 -93.94 19.06
N TYR TA 102 -61.51 -93.69 18.01
CA TYR TA 102 -61.92 -94.12 16.68
C TYR TA 102 -61.88 -95.63 16.58
N LYS TA 103 -60.85 -96.25 17.15
CA LYS TA 103 -60.58 -97.64 16.85
C LYS TA 103 -61.52 -98.58 17.57
N HIS TA 104 -61.88 -98.27 18.81
CA HIS TA 104 -62.84 -99.11 19.52
C HIS TA 104 -64.25 -98.87 19.01
N SER TA 105 -64.49 -97.76 18.31
CA SER TA 105 -65.79 -97.47 17.74
C SER TA 105 -65.93 -97.91 16.30
N ASN TA 106 -64.82 -98.14 15.59
CA ASN TA 106 -64.90 -98.44 14.18
C ASN TA 106 -64.06 -99.61 13.73
N ASN TA 107 -63.30 -100.24 14.62
CA ASN TA 107 -62.58 -101.51 14.38
C ASN TA 107 -61.52 -101.38 13.29
N LYS TA 108 -60.95 -100.19 13.14
CA LYS TA 108 -59.92 -99.94 12.15
C LYS TA 108 -59.18 -98.68 12.55
N ALA TA 109 -57.98 -98.50 12.00
CA ALA TA 109 -57.20 -97.31 12.29
C ALA TA 109 -57.56 -96.20 11.32
N MET TA 110 -57.29 -94.97 11.74
CA MET TA 110 -57.58 -93.83 10.88
C MET TA 110 -56.62 -93.76 9.71
N THR TA 111 -57.09 -93.17 8.62
CA THR TA 111 -56.24 -92.95 7.47
C THR TA 111 -55.43 -91.68 7.68
N THR TA 112 -54.61 -91.33 6.71
CA THR TA 112 -53.89 -90.06 6.81
C THR TA 112 -54.84 -88.89 6.60
N GLY TA 113 -55.73 -88.99 5.62
CA GLY TA 113 -56.67 -87.93 5.34
C GLY TA 113 -57.74 -87.77 6.40
N ALA TA 114 -58.05 -88.83 7.14
CA ALA TA 114 -59.05 -88.71 8.19
C ALA TA 114 -58.52 -87.95 9.39
N ILE TA 115 -57.22 -88.09 9.68
CA ILE TA 115 -56.63 -87.36 10.79
C ILE TA 115 -56.57 -85.88 10.47
N ALA TA 116 -56.25 -85.54 9.22
CA ALA TA 116 -56.21 -84.15 8.81
C ALA TA 116 -57.59 -83.51 8.85
N ALA TA 117 -58.64 -84.28 8.58
CA ALA TA 117 -59.98 -83.73 8.71
C ALA TA 117 -60.39 -83.58 10.17
N MET TA 118 -59.90 -84.48 11.03
CA MET TA 118 -60.27 -84.41 12.44
C MET TA 118 -59.56 -83.25 13.12
N LEU TA 119 -58.30 -83.02 12.76
CA LEU TA 119 -57.48 -82.02 13.44
C LEU TA 119 -57.99 -80.60 13.17
N SER TA 120 -58.58 -80.38 12.00
CA SER TA 120 -59.11 -79.06 11.67
C SER TA 120 -60.29 -78.71 12.56
N THR TA 121 -61.08 -79.70 12.96
CA THR TA 121 -62.18 -79.43 13.88
C THR TA 121 -61.68 -79.16 15.28
N ILE TA 122 -60.59 -79.82 15.67
CA ILE TA 122 -60.02 -79.64 17.01
C ILE TA 122 -59.43 -78.26 17.14
N LEU TA 123 -58.70 -77.82 16.12
CA LEU TA 123 -58.08 -76.51 16.15
C LEU TA 123 -59.10 -75.39 16.08
N TYR TA 124 -60.20 -75.60 15.36
CA TYR TA 124 -61.20 -74.55 15.30
C TYR TA 124 -62.05 -74.51 16.56
N SER TA 125 -62.06 -75.59 17.34
CA SER TA 125 -62.88 -75.66 18.55
C SER TA 125 -62.45 -74.68 19.63
N ARG TA 126 -61.24 -74.14 19.54
CA ARG TA 126 -60.79 -73.09 20.45
C ARG TA 126 -60.50 -71.84 19.65
N ARG TA 127 -61.43 -71.47 18.78
CA ARG TA 127 -61.26 -70.33 17.88
C ARG TA 127 -61.02 -69.04 18.62
N PHE TA 128 -61.61 -68.87 19.79
CA PHE TA 128 -61.50 -67.62 20.51
C PHE TA 128 -60.50 -67.69 21.67
N PHE TA 129 -59.65 -68.72 21.69
CA PHE TA 129 -58.48 -68.81 22.56
C PHE TA 129 -57.54 -69.83 21.92
N PRO TA 130 -56.81 -69.45 20.89
CA PRO TA 130 -56.25 -70.43 19.96
C PRO TA 130 -54.99 -71.12 20.47
N TYR TA 131 -54.78 -72.31 19.92
CA TYR TA 131 -53.49 -72.97 20.05
C TYR TA 131 -52.45 -72.23 19.23
N TYR TA 132 -51.29 -71.99 19.82
CA TYR TA 132 -50.20 -71.35 19.10
C TYR TA 132 -49.23 -72.42 18.61
N VAL TA 133 -49.72 -73.22 17.66
CA VAL TA 133 -49.03 -74.40 17.18
C VAL TA 133 -49.14 -74.44 15.65
N TYR TA 134 -48.00 -74.61 14.98
CA TYR TA 134 -47.98 -74.90 13.55
C TYR TA 134 -47.82 -76.39 13.35
N ASN TA 135 -48.64 -76.96 12.48
CA ASN TA 135 -48.73 -78.40 12.33
C ASN TA 135 -48.53 -78.82 10.89
N ILE TA 136 -47.79 -79.90 10.69
CA ILE TA 136 -47.64 -80.54 9.39
C ILE TA 136 -47.80 -82.04 9.60
N ILE TA 137 -48.71 -82.66 8.86
CA ILE TA 137 -48.92 -84.10 8.91
C ILE TA 137 -48.39 -84.70 7.63
N GLY TA 138 -47.44 -85.62 7.74
CA GLY TA 138 -46.93 -86.36 6.61
C GLY TA 138 -47.20 -87.84 6.80
N GLY TA 139 -47.45 -88.52 5.70
CA GLY TA 139 -47.70 -89.94 5.77
C GLY TA 139 -48.21 -90.47 4.45
N LEU TA 140 -48.52 -91.76 4.44
CA LEU TA 140 -48.96 -92.44 3.24
C LEU TA 140 -50.48 -92.43 3.14
N ASP TA 141 -50.98 -92.40 1.92
CA ASP TA 141 -52.42 -92.45 1.69
C ASP TA 141 -52.88 -93.91 1.66
N GLU TA 142 -54.11 -94.13 1.20
CA GLU TA 142 -54.59 -95.49 1.04
C GLU TA 142 -54.07 -96.15 -0.24
N GLU TA 143 -53.45 -95.38 -1.12
CA GLU TA 143 -52.88 -95.93 -2.34
C GLU TA 143 -51.38 -96.15 -2.23
N GLY TA 144 -50.78 -95.82 -1.10
CA GLY TA 144 -49.35 -96.02 -0.93
C GLY TA 144 -48.49 -94.89 -1.44
N LYS TA 145 -49.03 -93.69 -1.58
CA LYS TA 145 -48.28 -92.54 -2.03
C LYS TA 145 -48.16 -91.53 -0.91
N GLY TA 146 -47.20 -90.62 -1.06
CA GLY TA 146 -46.97 -89.62 -0.04
C GLY TA 146 -48.08 -88.58 0.01
N ALA TA 147 -48.26 -88.01 1.19
CA ALA TA 147 -49.29 -87.00 1.40
C ALA TA 147 -48.85 -86.08 2.53
N VAL TA 148 -48.88 -84.78 2.27
CA VAL TA 148 -48.48 -83.77 3.24
C VAL TA 148 -49.61 -82.78 3.40
N TYR TA 149 -50.03 -82.54 4.63
CA TYR TA 149 -51.07 -81.58 4.95
C TYR TA 149 -50.49 -80.51 5.86
N SER TA 150 -50.49 -79.27 5.38
CA SER TA 150 -50.04 -78.16 6.21
C SER TA 150 -51.22 -77.57 6.96
N PHE TA 151 -50.93 -76.79 7.99
CA PHE TA 151 -51.98 -76.24 8.85
C PHE TA 151 -51.63 -74.81 9.22
N ASP TA 152 -52.54 -74.20 9.96
CA ASP TA 152 -52.39 -72.87 10.53
C ASP TA 152 -52.88 -72.95 11.97
N PRO TA 153 -52.65 -71.96 12.84
CA PRO TA 153 -53.12 -72.10 14.23
C PRO TA 153 -54.63 -72.11 14.42
N VAL TA 154 -55.42 -71.78 13.42
CA VAL TA 154 -56.87 -71.80 13.57
C VAL TA 154 -57.53 -72.99 12.89
N GLY TA 155 -56.86 -73.65 11.95
CA GLY TA 155 -57.36 -74.92 11.47
C GLY TA 155 -57.74 -75.01 10.02
N SER TA 156 -57.15 -74.19 9.16
CA SER TA 156 -57.32 -74.32 7.72
C SER TA 156 -56.18 -75.16 7.16
N TYR TA 157 -56.49 -76.05 6.23
CA TYR TA 157 -55.47 -76.97 5.76
C TYR TA 157 -55.63 -77.21 4.28
N GLN TA 158 -54.57 -77.74 3.69
CA GLN TA 158 -54.58 -78.16 2.29
C GLN TA 158 -53.51 -79.21 2.10
N ARG TA 159 -53.65 -79.99 1.04
CA ARG TA 159 -52.67 -81.01 0.70
C ARG TA 159 -51.63 -80.41 -0.23
N ASP TA 160 -50.36 -80.59 0.12
CA ASP TA 160 -49.26 -80.08 -0.68
C ASP TA 160 -48.28 -81.21 -0.97
N SER TA 161 -47.22 -80.88 -1.70
CA SER TA 161 -46.14 -81.82 -1.93
C SER TA 161 -44.98 -81.64 -0.96
N PHE TA 162 -44.79 -80.43 -0.46
CA PHE TA 162 -43.74 -80.13 0.50
C PHE TA 162 -44.06 -78.83 1.19
N LYS TA 163 -43.84 -78.78 2.50
CA LYS TA 163 -43.98 -77.57 3.28
C LYS TA 163 -42.88 -77.53 4.34
N ALA TA 164 -42.52 -76.32 4.73
CA ALA TA 164 -41.58 -76.09 5.81
C ALA TA 164 -42.23 -75.14 6.79
N GLY TA 165 -42.36 -75.57 8.04
CA GLY TA 165 -42.96 -74.76 9.08
C GLY TA 165 -42.00 -74.50 10.22
N GLY TA 166 -42.29 -73.45 10.96
CA GLY TA 166 -41.50 -73.08 12.11
C GLY TA 166 -40.83 -71.73 11.95
N SER TA 167 -39.72 -71.57 12.66
CA SER TA 167 -39.04 -70.28 12.68
C SER TA 167 -38.23 -70.05 11.42
N ALA TA 168 -37.60 -71.09 10.89
CA ALA TA 168 -36.78 -70.97 9.69
C ALA TA 168 -37.54 -71.32 8.43
N SER TA 169 -38.86 -71.08 8.43
CA SER TA 169 -39.69 -71.46 7.30
C SER TA 169 -39.42 -70.59 6.09
N ALA TA 170 -39.09 -69.32 6.30
CA ALA TA 170 -38.81 -68.44 5.18
C ALA TA 170 -37.46 -68.71 4.53
N MET TA 171 -36.57 -69.41 5.22
CA MET TA 171 -35.27 -69.73 4.67
C MET TA 171 -35.26 -71.05 3.91
N LEU TA 172 -36.37 -71.77 3.89
CA LEU TA 172 -36.39 -73.10 3.30
C LEU TA 172 -37.33 -73.24 2.12
N GLN TA 173 -38.45 -72.52 2.13
CA GLN TA 173 -39.35 -72.54 0.98
C GLN TA 173 -38.76 -72.08 -0.35
N PRO TA 174 -37.92 -71.02 -0.46
CA PRO TA 174 -37.41 -70.68 -1.79
C PRO TA 174 -36.43 -71.69 -2.36
N LEU TA 175 -35.76 -72.47 -1.52
CA LEU TA 175 -34.81 -73.42 -2.05
C LEU TA 175 -35.49 -74.68 -2.55
N LEU TA 176 -36.52 -75.14 -1.84
CA LEU TA 176 -37.25 -76.32 -2.27
C LEU TA 176 -38.09 -76.07 -3.50
N ASP TA 177 -38.47 -74.82 -3.76
CA ASP TA 177 -39.13 -74.49 -5.02
C ASP TA 177 -38.16 -74.66 -6.18
N ASN TA 178 -36.88 -74.42 -5.95
CA ASN TA 178 -35.89 -74.58 -7.00
C ASN TA 178 -35.61 -76.05 -7.27
N GLN TA 179 -35.42 -76.84 -6.22
CA GLN TA 179 -34.95 -78.20 -6.40
C GLN TA 179 -36.08 -79.19 -6.63
N VAL TA 180 -37.13 -79.13 -5.82
CA VAL TA 180 -38.23 -80.06 -5.97
C VAL TA 180 -39.22 -79.59 -7.02
N GLY TA 181 -39.70 -78.36 -6.89
CA GLY TA 181 -40.68 -77.85 -7.83
C GLY TA 181 -40.15 -77.43 -9.18
N PHE TA 182 -38.82 -77.27 -9.28
CA PHE TA 182 -38.13 -76.85 -10.51
C PHE TA 182 -38.65 -75.51 -11.04
N LYS TA 183 -38.99 -74.61 -10.13
CA LYS TA 183 -39.45 -73.30 -10.53
C LYS TA 183 -38.30 -72.43 -10.96
N ASN TA 184 -38.57 -71.52 -11.90
CA ASN TA 184 -37.62 -70.55 -12.45
C ASN TA 184 -36.41 -71.22 -13.10
N MET TA 185 -36.59 -72.43 -13.63
CA MET TA 185 -35.52 -73.14 -14.31
C MET TA 185 -35.91 -73.34 -15.77
N GLN TA 186 -34.92 -73.22 -16.65
CA GLN TA 186 -35.13 -73.33 -18.07
C GLN TA 186 -34.47 -74.60 -18.59
N ASN TA 187 -35.22 -75.39 -19.37
CA ASN TA 187 -34.74 -76.59 -20.06
C ASN TA 187 -34.19 -77.63 -19.10
N VAL TA 188 -34.85 -77.80 -17.96
CA VAL TA 188 -34.52 -78.83 -17.00
C VAL TA 188 -35.69 -79.80 -16.97
N GLU TA 189 -35.41 -81.07 -17.23
CA GLU TA 189 -36.45 -82.09 -17.24
C GLU TA 189 -36.94 -82.35 -15.81
N HIS TA 190 -38.10 -82.97 -15.73
CA HIS TA 190 -38.76 -83.21 -14.44
C HIS TA 190 -38.69 -84.70 -14.13
N VAL TA 191 -37.57 -85.11 -13.55
CA VAL TA 191 -37.44 -86.46 -13.00
C VAL TA 191 -38.05 -86.41 -11.60
N PRO TA 192 -38.84 -87.40 -11.20
CA PRO TA 192 -39.37 -87.40 -9.84
C PRO TA 192 -38.27 -87.64 -8.83
N LEU TA 193 -38.51 -87.15 -7.61
CA LEU TA 193 -37.51 -87.24 -6.55
C LEU TA 193 -37.41 -88.66 -6.06
N SER TA 194 -36.21 -89.24 -6.16
CA SER TA 194 -35.95 -90.55 -5.60
C SER TA 194 -35.77 -90.43 -4.10
N LEU TA 195 -35.67 -91.57 -3.42
CA LEU TA 195 -35.51 -91.55 -1.98
C LEU TA 195 -34.12 -91.07 -1.58
N ASP TA 196 -33.09 -91.55 -2.29
CA ASP TA 196 -31.73 -91.22 -1.91
C ASP TA 196 -31.39 -89.77 -2.23
N ARG TA 197 -31.93 -89.24 -3.32
CA ARG TA 197 -31.72 -87.84 -3.63
C ARG TA 197 -32.45 -86.94 -2.64
N ALA TA 198 -33.60 -87.38 -2.15
CA ALA TA 198 -34.36 -86.57 -1.21
C ALA TA 198 -33.68 -86.52 0.15
N MET TA 199 -32.86 -87.51 0.48
CA MET TA 199 -32.19 -87.50 1.77
C MET TA 199 -31.13 -86.40 1.83
N ARG TA 200 -30.34 -86.25 0.78
CA ARG TA 200 -29.29 -85.25 0.80
C ARG TA 200 -29.84 -83.85 0.61
N LEU TA 201 -31.05 -83.70 0.09
CA LEU TA 201 -31.67 -82.38 0.06
C LEU TA 201 -32.08 -81.94 1.46
N VAL TA 202 -32.59 -82.87 2.26
CA VAL TA 202 -32.99 -82.54 3.61
C VAL TA 202 -31.77 -82.26 4.48
N LYS TA 203 -30.68 -83.01 4.26
CA LYS TA 203 -29.49 -82.78 5.08
C LYS TA 203 -28.79 -81.48 4.72
N ASP TA 204 -28.97 -80.99 3.50
CA ASP TA 204 -28.28 -79.77 3.11
C ASP TA 204 -29.06 -78.51 3.46
N VAL TA 205 -30.40 -78.57 3.52
CA VAL TA 205 -31.14 -77.35 3.79
C VAL TA 205 -31.03 -76.96 5.25
N PHE TA 206 -30.84 -77.91 6.15
CA PHE TA 206 -30.71 -77.57 7.56
C PHE TA 206 -29.33 -77.09 7.94
N ILE TA 207 -28.30 -77.51 7.20
CA ILE TA 207 -26.97 -76.97 7.42
C ILE TA 207 -26.93 -75.49 7.04
N SER TA 208 -27.56 -75.14 5.92
CA SER TA 208 -27.64 -73.73 5.54
C SER TA 208 -28.58 -72.95 6.45
N ALA TA 209 -29.57 -73.61 7.03
CA ALA TA 209 -30.49 -72.91 7.91
C ALA TA 209 -29.86 -72.68 9.28
N ALA TA 210 -29.00 -73.60 9.73
CA ALA TA 210 -28.38 -73.46 11.04
C ALA TA 210 -27.33 -72.37 11.06
N GLU TA 211 -26.86 -71.93 9.90
CA GLU TA 211 -25.89 -70.85 9.86
C GLU TA 211 -26.54 -69.50 10.12
N ARG TA 212 -27.75 -69.30 9.61
CA ARG TA 212 -28.35 -67.98 9.63
C ARG TA 212 -29.48 -67.85 10.64
N ASP TA 213 -30.03 -68.95 11.14
CA ASP TA 213 -31.06 -68.90 12.15
C ASP TA 213 -30.46 -69.28 13.50
N VAL TA 214 -30.93 -68.61 14.55
CA VAL TA 214 -30.44 -68.87 15.89
C VAL TA 214 -31.28 -69.89 16.64
N TYR TA 215 -32.49 -70.16 16.17
CA TYR TA 215 -33.37 -71.13 16.82
C TYR TA 215 -33.23 -72.52 16.23
N THR TA 216 -32.07 -72.84 15.64
CA THR TA 216 -31.93 -74.08 14.91
C THR TA 216 -30.54 -74.66 15.16
N GLY TA 217 -30.48 -75.91 15.58
CA GLY TA 217 -29.20 -76.58 15.67
C GLY TA 217 -29.29 -77.82 16.55
N ASP TA 218 -28.09 -78.28 16.92
CA ASP TA 218 -27.75 -79.27 17.94
C ASP TA 218 -28.05 -80.72 17.58
N ALA TA 219 -28.88 -80.95 16.55
CA ALA TA 219 -29.21 -82.27 15.99
C ALA TA 219 -30.15 -82.13 14.81
N LEU TA 220 -30.48 -83.26 14.19
CA LEU TA 220 -31.50 -83.28 13.14
C LEU TA 220 -32.13 -84.66 13.13
N ARG TA 221 -33.35 -84.77 13.64
CA ARG TA 221 -34.08 -86.02 13.68
C ARG TA 221 -34.91 -86.15 12.41
N ILE TA 222 -34.70 -87.23 11.67
CA ILE TA 222 -35.37 -87.46 10.40
C ILE TA 222 -36.18 -88.75 10.51
N CYS TA 223 -37.44 -88.69 10.10
CA CYS TA 223 -38.31 -89.86 10.07
C CYS TA 223 -38.72 -90.15 8.62
N ILE TA 224 -38.63 -91.41 8.23
CA ILE TA 224 -38.95 -91.83 6.86
C ILE TA 224 -40.10 -92.84 6.93
N VAL TA 225 -41.20 -92.52 6.27
CA VAL TA 225 -42.38 -93.38 6.24
C VAL TA 225 -42.41 -94.07 4.89
N THR TA 226 -42.33 -95.40 4.90
CA THR TA 226 -42.46 -96.20 3.70
C THR TA 226 -43.56 -97.24 3.91
N LYS TA 227 -43.63 -98.20 2.97
CA LYS TA 227 -44.55 -99.32 3.08
C LYS TA 227 -44.01 -100.45 3.95
N GLU TA 228 -42.90 -100.22 4.64
CA GLU TA 228 -42.27 -101.27 5.44
C GLU TA 228 -42.10 -100.84 6.89
N GLY TA 229 -42.61 -99.67 7.27
CA GLY TA 229 -42.49 -99.17 8.62
C GLY TA 229 -41.93 -97.78 8.60
N ILE TA 230 -41.47 -97.33 9.76
CA ILE TA 230 -40.95 -95.99 9.93
C ILE TA 230 -39.51 -96.08 10.40
N ARG TA 231 -38.60 -95.52 9.61
CA ARG TA 231 -37.19 -95.46 9.96
C ARG TA 231 -36.85 -94.10 10.55
N GLU TA 232 -35.93 -94.09 11.50
CA GLU TA 232 -35.44 -92.85 12.08
C GLU TA 232 -33.95 -92.72 11.85
N GLU TA 233 -33.48 -91.48 11.83
CA GLU TA 233 -32.08 -91.20 11.57
C GLU TA 233 -31.74 -89.83 12.15
N THR TA 234 -30.58 -89.74 12.79
CA THR TA 234 -30.15 -88.53 13.48
C THR TA 234 -28.81 -88.07 12.92
N VAL TA 235 -28.74 -86.81 12.50
CA VAL TA 235 -27.53 -86.19 11.99
C VAL TA 235 -27.23 -84.97 12.85
N SER TA 236 -25.99 -84.85 13.30
CA SER TA 236 -25.61 -83.74 14.17
C SER TA 236 -25.53 -82.44 13.39
N LEU TA 237 -25.67 -81.33 14.12
CA LEU TA 237 -25.45 -80.00 13.57
C LEU TA 237 -24.49 -79.23 14.44
N ARG TA 238 -24.34 -77.94 14.16
CA ARG TA 238 -23.44 -77.10 14.94
C ARG TA 238 -24.09 -76.71 16.26
N LYS TA 239 -23.27 -76.62 17.30
CA LYS TA 239 -23.75 -76.57 18.68
C LYS TA 239 -23.81 -75.17 19.27
N ASP TA 240 -23.45 -74.14 18.52
CA ASP TA 240 -23.42 -72.78 19.07
C ASP TA 240 -24.83 -72.23 19.31
N THR UA 45 -53.27 -66.63 40.44
CA THR UA 45 -52.30 -65.74 41.05
C THR UA 45 -51.80 -64.72 40.04
N GLN UA 46 -52.01 -63.44 40.32
CA GLN UA 46 -51.55 -62.36 39.46
C GLN UA 46 -50.30 -61.67 39.99
N ASN UA 47 -50.10 -61.65 41.30
CA ASN UA 47 -49.00 -60.94 41.92
C ASN UA 47 -48.37 -61.84 42.96
N PRO UA 48 -47.18 -62.38 42.73
CA PRO UA 48 -46.52 -63.20 43.75
C PRO UA 48 -46.01 -62.33 44.89
N MET UA 49 -46.51 -62.59 46.11
CA MET UA 49 -46.12 -61.77 47.24
C MET UA 49 -44.77 -62.20 47.82
N VAL UA 50 -44.71 -63.41 48.35
CA VAL UA 50 -43.51 -63.93 49.00
C VAL UA 50 -42.90 -64.97 48.08
N THR UA 51 -41.70 -64.71 47.59
CA THR UA 51 -41.08 -65.54 46.58
C THR UA 51 -39.81 -66.18 47.07
N GLY UA 52 -39.45 -67.28 46.42
CA GLY UA 52 -38.16 -67.91 46.60
C GLY UA 52 -37.20 -67.50 45.51
N THR UA 53 -36.32 -68.43 45.13
CA THR UA 53 -35.30 -68.17 44.12
C THR UA 53 -34.86 -69.50 43.52
N SER UA 54 -33.70 -69.49 42.87
CA SER UA 54 -33.22 -70.58 42.02
C SER UA 54 -33.08 -71.90 42.78
N VAL UA 55 -33.33 -73.00 42.06
CA VAL UA 55 -33.22 -74.35 42.57
C VAL UA 55 -32.37 -75.14 41.60
N LEU UA 56 -31.39 -75.87 42.11
CA LEU UA 56 -30.50 -76.67 41.28
C LEU UA 56 -30.86 -78.15 41.35
N GLY UA 57 -30.39 -78.89 40.36
CA GLY UA 57 -30.58 -80.33 40.34
C GLY UA 57 -29.76 -81.01 39.27
N VAL UA 58 -29.17 -82.16 39.60
CA VAL UA 58 -28.31 -82.87 38.66
C VAL UA 58 -28.35 -84.35 38.99
N LYS UA 59 -28.37 -85.18 37.96
CA LYS UA 59 -28.30 -86.62 38.13
C LYS UA 59 -26.89 -87.04 38.50
N PHE UA 60 -26.77 -88.25 39.04
CA PHE UA 60 -25.49 -88.92 39.14
C PHE UA 60 -25.72 -90.41 39.02
N GLU UA 61 -24.67 -91.19 39.27
CA GLU UA 61 -24.73 -92.64 39.16
C GLU UA 61 -25.56 -93.19 40.32
N GLY UA 62 -26.81 -93.52 40.05
CA GLY UA 62 -27.66 -94.13 41.05
C GLY UA 62 -28.38 -93.16 41.95
N GLY UA 63 -28.71 -91.97 41.47
CA GLY UA 63 -29.45 -91.03 42.29
C GLY UA 63 -29.45 -89.66 41.68
N VAL UA 64 -30.25 -88.79 42.30
CA VAL UA 64 -30.41 -87.41 41.90
C VAL UA 64 -30.23 -86.54 43.15
N VAL UA 65 -29.47 -85.46 43.02
CA VAL UA 65 -29.25 -84.53 44.11
C VAL UA 65 -29.82 -83.16 43.75
N ILE UA 66 -30.49 -82.53 44.71
CA ILE UA 66 -31.19 -81.27 44.52
C ILE UA 66 -30.87 -80.35 45.69
N ALA UA 67 -30.57 -79.08 45.40
CA ALA UA 67 -30.32 -78.09 46.44
C ALA UA 67 -31.13 -76.83 46.20
N ALA UA 68 -31.46 -76.15 47.30
CA ALA UA 68 -32.11 -74.85 47.29
C ALA UA 68 -31.86 -74.19 48.62
N ASP UA 69 -32.06 -72.88 48.67
CA ASP UA 69 -31.80 -72.14 49.90
C ASP UA 69 -33.05 -72.06 50.76
N MET UA 70 -33.01 -71.24 51.80
CA MET UA 70 -34.02 -71.20 52.85
C MET UA 70 -34.49 -69.78 53.07
N LEU UA 71 -34.85 -69.08 52.00
CA LEU UA 71 -35.17 -67.67 52.08
C LEU UA 71 -36.54 -67.38 51.47
N GLY UA 72 -37.30 -66.51 52.13
CA GLY UA 72 -38.66 -66.15 51.78
C GLY UA 72 -38.85 -64.69 51.45
N SER UA 73 -38.01 -64.14 50.57
CA SER UA 73 -37.96 -62.70 50.30
C SER UA 73 -39.29 -62.14 49.82
N TYR UA 74 -39.58 -60.92 50.28
CA TYR UA 74 -40.77 -60.16 49.94
C TYR UA 74 -40.30 -58.91 49.21
N GLY UA 75 -40.26 -58.97 47.88
CA GLY UA 75 -39.69 -57.88 47.14
C GLY UA 75 -38.19 -57.85 47.27
N SER UA 76 -37.67 -56.90 48.02
CA SER UA 76 -36.26 -56.88 48.39
C SER UA 76 -36.04 -57.24 49.84
N LEU UA 77 -37.05 -57.16 50.68
CA LEU UA 77 -36.92 -57.50 52.08
C LEU UA 77 -36.82 -59.01 52.25
N ALA UA 78 -35.75 -59.46 52.89
CA ALA UA 78 -35.58 -60.88 53.19
C ALA UA 78 -36.36 -61.17 54.46
N ARG UA 79 -37.67 -61.34 54.31
CA ARG UA 79 -38.55 -61.32 55.48
C ARG UA 79 -38.53 -62.64 56.23
N PHE UA 80 -38.65 -63.75 55.52
CA PHE UA 80 -38.71 -65.08 56.14
C PHE UA 80 -37.43 -65.82 55.81
N ARG UA 81 -36.47 -65.79 56.73
CA ARG UA 81 -35.16 -66.36 56.46
C ARG UA 81 -34.96 -67.73 57.06
N ASN UA 82 -36.05 -68.43 57.39
CA ASN UA 82 -35.93 -69.83 57.80
C ASN UA 82 -37.21 -70.54 57.36
N ILE UA 83 -37.17 -71.09 56.14
CA ILE UA 83 -38.26 -71.88 55.58
C ILE UA 83 -37.65 -73.00 54.77
N SER UA 84 -38.43 -74.06 54.56
CA SER UA 84 -37.99 -75.19 53.77
C SER UA 84 -38.70 -75.16 52.43
N ARG UA 85 -37.94 -75.37 51.36
CA ARG UA 85 -38.47 -75.29 50.01
C ARG UA 85 -38.31 -76.60 49.26
N ILE UA 86 -38.09 -77.70 49.97
CA ILE UA 86 -37.93 -79.02 49.38
C ILE UA 86 -38.87 -79.98 50.09
N MET UA 87 -39.75 -80.62 49.34
CA MET UA 87 -40.70 -81.57 49.89
C MET UA 87 -40.28 -83.00 49.57
N ARG UA 88 -40.27 -83.85 50.58
CA ARG UA 88 -39.96 -85.26 50.40
C ARG UA 88 -41.25 -85.99 50.10
N VAL UA 89 -41.46 -86.32 48.82
CA VAL UA 89 -42.55 -87.19 48.42
C VAL UA 89 -42.06 -88.60 48.73
N ASN UA 90 -42.95 -89.60 48.66
CA ASN UA 90 -42.95 -90.82 49.47
C ASN UA 90 -41.63 -91.55 49.74
N ASN UA 91 -41.03 -92.18 48.74
CA ASN UA 91 -39.74 -92.82 48.95
C ASN UA 91 -38.80 -92.70 47.78
N SER UA 92 -39.26 -92.34 46.60
CA SER UA 92 -38.40 -92.31 45.44
C SER UA 92 -38.35 -90.94 44.80
N THR UA 93 -39.48 -90.26 44.73
CA THR UA 93 -39.56 -88.94 44.12
C THR UA 93 -39.51 -87.85 45.18
N MET UA 94 -39.27 -86.63 44.71
CA MET UA 94 -38.82 -85.55 45.57
C MET UA 94 -38.94 -84.24 44.81
N LEU UA 95 -39.40 -83.20 45.50
CA LEU UA 95 -39.84 -81.97 44.85
C LEU UA 95 -39.24 -80.74 45.50
N GLY UA 96 -38.70 -79.86 44.67
CA GLY UA 96 -38.39 -78.51 45.11
C GLY UA 96 -39.01 -77.52 44.16
N ALA UA 97 -39.20 -76.30 44.64
CA ALA UA 97 -39.94 -75.33 43.86
C ALA UA 97 -39.37 -73.93 44.03
N SER UA 98 -39.75 -73.06 43.10
CA SER UA 98 -39.42 -71.66 43.18
C SER UA 98 -40.68 -70.83 42.98
N GLY UA 99 -40.53 -69.52 42.84
CA GLY UA 99 -41.68 -68.68 42.65
C GLY UA 99 -42.41 -68.42 43.96
N ASP UA 100 -43.74 -68.28 43.86
CA ASP UA 100 -44.55 -67.94 45.01
C ASP UA 100 -44.59 -69.09 45.99
N TYR UA 101 -44.52 -68.77 47.28
CA TYR UA 101 -44.43 -69.76 48.33
C TYR UA 101 -45.79 -70.17 48.87
N ALA UA 102 -46.77 -69.27 48.84
CA ALA UA 102 -48.11 -69.63 49.28
C ALA UA 102 -48.76 -70.60 48.30
N ASP UA 103 -48.41 -70.51 47.01
CA ASP UA 103 -48.88 -71.51 46.06
C ASP UA 103 -48.16 -72.83 46.26
N PHE UA 104 -46.92 -72.78 46.76
CA PHE UA 104 -46.17 -74.01 47.01
C PHE UA 104 -46.76 -74.80 48.15
N GLN UA 105 -47.25 -74.11 49.20
CA GLN UA 105 -47.93 -74.82 50.28
C GLN UA 105 -49.24 -75.43 49.83
N TYR UA 106 -49.86 -74.89 48.78
CA TYR UA 106 -51.06 -75.51 48.25
C TYR UA 106 -50.75 -76.83 47.56
N LEU UA 107 -49.71 -76.85 46.73
CA LEU UA 107 -49.34 -78.11 46.06
C LEU UA 107 -48.72 -79.09 47.04
N LYS UA 108 -48.09 -78.58 48.10
CA LYS UA 108 -47.62 -79.43 49.19
C LYS UA 108 -48.78 -80.08 49.91
N GLN UA 109 -49.93 -79.42 49.92
CA GLN UA 109 -51.12 -79.98 50.56
C GLN UA 109 -51.78 -81.02 49.67
N VAL UA 110 -51.84 -80.77 48.37
CA VAL UA 110 -52.60 -81.64 47.46
C VAL UA 110 -51.82 -82.91 47.17
N LEU UA 111 -50.53 -82.77 46.84
CA LEU UA 111 -49.68 -83.94 46.63
C LEU UA 111 -49.53 -84.78 47.89
N GLY UA 112 -49.57 -84.14 49.06
CA GLY UA 112 -49.53 -84.90 50.29
C GLY UA 112 -50.73 -85.78 50.48
N GLN UA 113 -51.87 -85.38 49.94
CA GLN UA 113 -53.07 -86.20 50.10
C GLN UA 113 -53.08 -87.36 49.13
N MET UA 114 -52.61 -87.15 47.89
CA MET UA 114 -52.66 -88.18 46.87
C MET UA 114 -51.74 -89.35 47.20
N VAL UA 115 -50.62 -89.07 47.85
CA VAL UA 115 -49.70 -90.14 48.23
C VAL UA 115 -50.30 -90.98 49.35
N ILE UA 116 -50.98 -90.33 50.29
CA ILE UA 116 -51.66 -91.05 51.36
C ILE UA 116 -52.78 -91.91 50.81
N ASP UA 117 -53.50 -91.38 49.81
CA ASP UA 117 -54.65 -92.09 49.26
C ASP UA 117 -54.26 -93.34 48.49
N GLU UA 118 -53.03 -93.44 48.00
CA GLU UA 118 -52.65 -94.67 47.34
C GLU UA 118 -52.10 -95.68 48.33
N GLU UA 119 -51.44 -95.21 49.39
CA GLU UA 119 -50.87 -96.12 50.38
C GLU UA 119 -51.94 -96.84 51.19
N LEU UA 120 -53.12 -96.24 51.30
CA LEU UA 120 -54.20 -96.88 52.04
C LEU UA 120 -54.81 -98.04 51.29
N LEU UA 121 -54.64 -98.07 49.96
CA LEU UA 121 -55.11 -99.22 49.21
C LEU UA 121 -54.27 -100.45 49.50
N GLY UA 122 -52.95 -100.29 49.56
CA GLY UA 122 -52.08 -101.40 49.89
C GLY UA 122 -51.97 -102.44 48.80
N ASP UA 123 -52.16 -102.05 47.55
CA ASP UA 123 -52.12 -102.99 46.43
C ASP UA 123 -50.72 -103.17 45.86
N GLY UA 124 -49.70 -102.61 46.50
CA GLY UA 124 -48.36 -102.74 45.99
C GLY UA 124 -48.01 -101.80 44.85
N HIS UA 125 -48.81 -100.76 44.63
CA HIS UA 125 -48.53 -99.79 43.59
C HIS UA 125 -48.24 -98.43 44.21
N SER UA 126 -47.33 -97.71 43.60
CA SER UA 126 -46.97 -96.37 44.02
C SER UA 126 -46.84 -95.49 42.79
N TYR UA 127 -46.79 -94.19 43.00
CA TYR UA 127 -46.58 -93.28 41.89
C TYR UA 127 -45.11 -93.24 41.53
N SER UA 128 -44.80 -93.53 40.27
CA SER UA 128 -43.46 -93.34 39.77
C SER UA 128 -43.15 -91.85 39.70
N PRO UA 129 -41.86 -91.48 39.71
CA PRO UA 129 -41.51 -90.06 39.56
C PRO UA 129 -41.90 -89.48 38.22
N ARG UA 130 -42.00 -90.31 37.18
CA ARG UA 130 -42.50 -89.80 35.91
C ARG UA 130 -43.99 -89.54 35.95
N ALA UA 131 -44.71 -90.28 36.79
CA ALA UA 131 -46.16 -90.07 36.90
C ALA UA 131 -46.48 -88.77 37.63
N ILE UA 132 -45.69 -88.41 38.63
CA ILE UA 132 -45.86 -87.13 39.30
C ILE UA 132 -45.55 -85.99 38.35
N HIS UA 133 -44.54 -86.19 37.50
CA HIS UA 133 -44.20 -85.18 36.50
C HIS UA 133 -45.29 -85.06 35.44
N SER UA 134 -46.01 -86.13 35.18
CA SER UA 134 -47.13 -86.04 34.25
C SER UA 134 -48.32 -85.33 34.88
N TRP UA 135 -48.64 -85.67 36.14
CA TRP UA 135 -49.79 -85.09 36.80
C TRP UA 135 -49.61 -83.60 37.04
N LEU UA 136 -48.40 -83.22 37.43
CA LEU UA 136 -48.15 -81.84 37.77
C LEU UA 136 -48.18 -80.95 36.53
N THR UA 137 -47.85 -81.53 35.37
CA THR UA 137 -47.92 -80.77 34.12
C THR UA 137 -49.37 -80.45 33.77
N ARG UA 138 -50.26 -81.41 33.90
CA ARG UA 138 -51.66 -81.18 33.57
C ARG UA 138 -52.32 -80.24 34.56
N ALA UA 139 -51.83 -80.21 35.80
CA ALA UA 139 -52.38 -79.28 36.78
C ALA UA 139 -52.00 -77.85 36.45
N MET UA 140 -50.79 -77.63 35.96
CA MET UA 140 -50.35 -76.29 35.64
C MET UA 140 -50.96 -75.81 34.34
N TYR UA 141 -51.11 -76.70 33.36
CA TYR UA 141 -51.65 -76.29 32.07
C TYR UA 141 -53.13 -75.98 32.17
N SER UA 142 -53.86 -76.75 32.97
CA SER UA 142 -55.27 -76.44 33.18
C SER UA 142 -55.45 -75.15 33.95
N ARG UA 143 -54.49 -74.78 34.76
CA ARG UA 143 -54.64 -73.61 35.60
C ARG UA 143 -54.39 -72.32 34.83
N ARG UA 144 -53.46 -72.31 33.88
CA ARG UA 144 -53.27 -71.13 33.06
C ARG UA 144 -54.38 -70.93 32.04
N SER UA 145 -55.10 -71.99 31.68
CA SER UA 145 -56.14 -71.86 30.68
C SER UA 145 -57.35 -71.12 31.23
N LYS UA 146 -57.49 -71.09 32.55
CA LYS UA 146 -58.48 -70.26 33.20
C LYS UA 146 -57.95 -68.86 33.47
N MET UA 147 -56.72 -68.57 33.03
CA MET UA 147 -56.04 -67.28 33.23
C MET UA 147 -55.93 -66.93 34.70
N ASN UA 148 -55.66 -67.93 35.54
CA ASN UA 148 -55.48 -67.73 36.98
C ASN UA 148 -54.38 -68.65 37.47
N PRO UA 149 -53.14 -68.40 37.05
CA PRO UA 149 -52.10 -69.43 37.11
C PRO UA 149 -51.56 -69.65 38.52
N LEU UA 150 -50.69 -70.66 38.62
CA LEU UA 150 -49.90 -70.90 39.83
C LEU UA 150 -48.49 -70.39 39.57
N TRP UA 151 -48.06 -69.42 40.36
CA TRP UA 151 -46.78 -68.75 40.11
C TRP UA 151 -45.66 -69.59 40.74
N ASN UA 152 -45.26 -70.64 40.01
CA ASN UA 152 -44.18 -71.49 40.49
C ASN UA 152 -43.32 -71.95 39.33
N THR UA 153 -42.22 -72.59 39.70
CA THR UA 153 -41.34 -73.27 38.76
C THR UA 153 -40.70 -74.39 39.53
N MET UA 154 -40.96 -75.63 39.12
CA MET UA 154 -40.75 -76.77 39.99
C MET UA 154 -39.81 -77.78 39.36
N VAL UA 155 -39.01 -78.42 40.21
CA VAL UA 155 -38.03 -79.40 39.80
C VAL UA 155 -38.34 -80.70 40.52
N ILE UA 156 -38.51 -81.77 39.76
CA ILE UA 156 -38.87 -83.07 40.30
C ILE UA 156 -37.71 -84.01 40.10
N GLY UA 157 -37.19 -84.56 41.18
CA GLY UA 157 -36.13 -85.54 41.13
C GLY UA 157 -36.63 -86.87 41.67
N GLY UA 158 -36.21 -87.95 41.02
CA GLY UA 158 -36.68 -89.26 41.43
C GLY UA 158 -35.74 -90.34 40.97
N TYR UA 159 -35.73 -91.44 41.73
CA TYR UA 159 -34.92 -92.60 41.41
C TYR UA 159 -35.77 -93.85 41.59
N ALA UA 160 -36.07 -94.52 40.49
CA ALA UA 160 -36.90 -95.72 40.56
C ALA UA 160 -36.43 -96.70 39.51
N ASP UA 161 -36.46 -97.99 39.87
CA ASP UA 161 -36.13 -99.11 39.00
C ASP UA 161 -34.71 -99.01 38.44
N GLY UA 162 -33.79 -98.55 39.28
CA GLY UA 162 -32.42 -98.35 38.84
C GLY UA 162 -32.23 -97.18 37.90
N GLU UA 163 -33.21 -96.31 37.76
CA GLU UA 163 -33.15 -95.20 36.82
C GLU UA 163 -33.37 -93.88 37.54
N SER UA 164 -32.48 -92.94 37.27
CA SER UA 164 -32.64 -91.60 37.78
C SER UA 164 -33.66 -90.85 36.95
N PHE UA 165 -34.23 -89.81 37.54
CA PHE UA 165 -35.21 -88.99 36.85
C PHE UA 165 -35.06 -87.56 37.33
N LEU UA 166 -35.16 -86.62 36.39
CA LEU UA 166 -34.98 -85.20 36.72
C LEU UA 166 -35.83 -84.40 35.76
N GLY UA 167 -36.90 -83.79 36.27
CA GLY UA 167 -37.88 -83.15 35.42
C GLY UA 167 -38.14 -81.72 35.81
N TYR UA 168 -38.51 -80.93 34.81
CA TYR UA 168 -38.80 -79.51 34.95
C TYR UA 168 -40.28 -79.27 34.73
N VAL UA 169 -40.85 -78.32 35.45
CA VAL UA 169 -42.23 -77.88 35.24
C VAL UA 169 -42.26 -76.36 35.31
N ASP UA 170 -42.76 -75.73 34.26
CA ASP UA 170 -42.89 -74.28 34.19
C ASP UA 170 -44.26 -73.85 34.69
N MET UA 171 -44.40 -72.55 34.92
CA MET UA 171 -45.70 -71.96 35.19
C MET UA 171 -46.67 -72.13 34.02
N LEU UA 172 -46.17 -72.01 32.80
CA LEU UA 172 -47.03 -72.08 31.63
C LEU UA 172 -47.24 -73.50 31.13
N GLY UA 173 -46.83 -74.51 31.88
CA GLY UA 173 -47.00 -75.88 31.43
C GLY UA 173 -45.94 -76.36 30.48
N VAL UA 174 -44.74 -75.80 30.53
CA VAL UA 174 -43.64 -76.27 29.70
C VAL UA 174 -42.81 -77.25 30.53
N ALA UA 175 -42.68 -78.47 30.04
CA ALA UA 175 -42.03 -79.51 30.82
C ALA UA 175 -41.10 -80.31 29.93
N TYR UA 176 -39.97 -80.74 30.50
CA TYR UA 176 -39.00 -81.54 29.79
C TYR UA 176 -38.13 -82.28 30.80
N GLU UA 177 -37.26 -83.13 30.30
CA GLU UA 177 -36.28 -83.85 31.09
C GLU UA 177 -34.88 -83.41 30.68
N ALA UA 178 -33.94 -83.49 31.61
CA ALA UA 178 -32.56 -83.08 31.36
C ALA UA 178 -31.68 -83.73 32.40
N PRO UA 179 -30.40 -83.94 32.09
CA PRO UA 179 -29.46 -84.42 33.12
C PRO UA 179 -29.05 -83.36 34.11
N SER UA 180 -29.38 -82.09 33.88
CA SER UA 180 -29.09 -81.03 34.83
C SER UA 180 -30.11 -79.92 34.65
N LEU UA 181 -30.58 -79.37 35.76
CA LEU UA 181 -31.61 -78.34 35.72
C LEU UA 181 -31.25 -77.21 36.66
N ALA UA 182 -31.83 -76.05 36.35
CA ALA UA 182 -31.64 -74.85 37.16
C ALA UA 182 -32.78 -73.89 36.83
N THR UA 183 -33.35 -73.31 37.87
CA THR UA 183 -34.41 -72.32 37.72
C THR UA 183 -33.88 -70.94 38.00
N GLY UA 184 -34.75 -69.94 37.84
CA GLY UA 184 -34.45 -68.59 38.27
C GLY UA 184 -33.30 -67.96 37.50
N TYR UA 185 -32.42 -67.28 38.24
CA TYR UA 185 -31.18 -66.81 37.65
C TYR UA 185 -30.16 -67.93 37.50
N GLY UA 186 -30.37 -69.06 38.16
CA GLY UA 186 -29.44 -70.18 38.04
C GLY UA 186 -29.41 -70.77 36.64
N ALA UA 187 -30.48 -70.58 35.88
CA ALA UA 187 -30.45 -70.91 34.45
C ALA UA 187 -29.49 -70.03 33.69
N TYR UA 188 -29.20 -68.84 34.18
CA TYR UA 188 -28.19 -68.00 33.56
C TYR UA 188 -26.83 -68.18 34.20
N LEU UA 189 -26.79 -68.52 35.47
CA LEU UA 189 -25.55 -68.45 36.23
C LEU UA 189 -24.93 -69.83 36.44
N ALA UA 190 -25.67 -70.75 37.04
CA ALA UA 190 -25.10 -72.05 37.38
C ALA UA 190 -25.22 -73.06 36.25
N GLN UA 191 -26.14 -72.85 35.33
CA GLN UA 191 -26.35 -73.79 34.23
C GLN UA 191 -25.14 -73.97 33.29
N PRO UA 192 -24.34 -72.95 32.93
CA PRO UA 192 -23.15 -73.26 32.13
C PRO UA 192 -22.08 -74.05 32.88
N LEU UA 193 -22.04 -73.96 34.20
CA LEU UA 193 -21.10 -74.80 34.95
C LEU UA 193 -21.54 -76.25 34.97
N LEU UA 194 -22.85 -76.49 34.90
CA LEU UA 194 -23.34 -77.86 34.91
C LEU UA 194 -23.08 -78.53 33.58
N ARG UA 195 -23.30 -77.82 32.48
CA ARG UA 195 -23.24 -78.43 31.16
C ARG UA 195 -21.82 -78.67 30.70
N GLU UA 196 -20.87 -77.87 31.19
CA GLU UA 196 -19.48 -78.05 30.77
C GLU UA 196 -18.91 -79.35 31.32
N VAL UA 197 -19.31 -79.72 32.53
CA VAL UA 197 -18.81 -80.96 33.13
C VAL UA 197 -19.48 -82.17 32.49
N LEU UA 198 -20.78 -82.06 32.22
CA LEU UA 198 -21.52 -83.21 31.70
C LEU UA 198 -21.17 -83.50 30.25
N GLU UA 199 -20.76 -82.49 29.49
CA GLU UA 199 -20.28 -82.75 28.14
C GLU UA 199 -18.87 -83.32 28.15
N LYS UA 200 -18.02 -82.84 29.06
CA LYS UA 200 -16.69 -83.41 29.18
C LYS UA 200 -16.70 -84.77 29.86
N GLN UA 201 -17.71 -85.05 30.67
CA GLN UA 201 -17.83 -86.33 31.36
C GLN UA 201 -19.30 -86.65 31.58
N PRO UA 202 -19.85 -87.64 30.89
CA PRO UA 202 -21.31 -87.83 30.91
C PRO UA 202 -21.84 -88.39 32.22
N VAL UA 203 -21.08 -89.20 32.93
CA VAL UA 203 -21.57 -89.78 34.19
C VAL UA 203 -20.77 -89.19 35.34
N LEU UA 204 -21.40 -89.17 36.51
CA LEU UA 204 -20.78 -88.63 37.71
C LEU UA 204 -21.05 -89.54 38.87
N SER UA 205 -20.08 -89.62 39.78
CA SER UA 205 -20.28 -90.30 41.04
C SER UA 205 -20.97 -89.35 42.02
N GLN UA 206 -21.31 -89.88 43.19
CA GLN UA 206 -22.07 -89.09 44.14
C GLN UA 206 -21.23 -88.00 44.78
N THR UA 207 -19.97 -88.29 45.09
CA THR UA 207 -19.11 -87.28 45.69
C THR UA 207 -18.72 -86.20 44.69
N GLU UA 208 -18.61 -86.56 43.40
CA GLU UA 208 -18.36 -85.56 42.38
C GLU UA 208 -19.56 -84.63 42.21
N ALA UA 209 -20.76 -85.20 42.25
CA ALA UA 209 -21.95 -84.40 42.01
C ALA UA 209 -22.24 -83.48 43.19
N ARG UA 210 -22.10 -83.99 44.41
CA ARG UA 210 -22.39 -83.19 45.59
C ARG UA 210 -21.38 -82.07 45.76
N ASP UA 211 -20.12 -82.32 45.41
CA ASP UA 211 -19.12 -81.26 45.43
C ASP UA 211 -19.39 -80.22 44.37
N LEU UA 212 -19.97 -80.63 43.24
CA LEU UA 212 -20.16 -79.69 42.14
C LEU UA 212 -21.32 -78.74 42.43
N VAL UA 213 -22.29 -79.18 43.23
CA VAL UA 213 -23.42 -78.32 43.57
C VAL UA 213 -22.98 -77.21 44.51
N GLU UA 214 -22.12 -77.55 45.48
CA GLU UA 214 -21.64 -76.58 46.44
C GLU UA 214 -20.80 -75.50 45.81
N ARG UA 215 -20.16 -75.81 44.68
CA ARG UA 215 -19.49 -74.77 43.91
C ARG UA 215 -20.51 -73.85 43.26
N CYS UA 216 -21.56 -74.42 42.67
CA CYS UA 216 -22.57 -73.61 42.00
C CYS UA 216 -23.41 -72.82 42.99
N MET UA 217 -23.66 -73.38 44.18
CA MET UA 217 -24.37 -72.63 45.20
C MET UA 217 -23.51 -71.50 45.75
N ARG UA 218 -22.19 -71.65 45.72
CA ARG UA 218 -21.31 -70.57 46.14
C ARG UA 218 -21.39 -69.40 45.17
N VAL UA 219 -21.42 -69.71 43.87
CA VAL UA 219 -21.40 -68.66 42.85
C VAL UA 219 -22.71 -67.89 42.84
N LEU UA 220 -23.82 -68.57 43.11
CA LEU UA 220 -25.09 -67.88 43.24
C LEU UA 220 -25.14 -66.98 44.46
N TYR UA 221 -24.31 -67.23 45.47
CA TYR UA 221 -24.29 -66.34 46.61
C TYR UA 221 -23.61 -65.03 46.28
N TYR UA 222 -22.66 -65.04 45.34
CA TYR UA 222 -21.94 -63.82 45.03
C TYR UA 222 -22.77 -62.83 44.23
N ARG UA 223 -23.57 -63.30 43.29
CA ARG UA 223 -24.11 -62.43 42.26
C ARG UA 223 -25.61 -62.58 42.09
N ASP UA 224 -26.33 -62.92 43.15
CA ASP UA 224 -27.78 -62.91 43.10
C ASP UA 224 -28.28 -62.09 44.28
N ALA UA 225 -29.08 -61.07 43.99
CA ALA UA 225 -29.56 -60.16 45.02
C ALA UA 225 -30.59 -60.78 45.94
N ARG UA 226 -31.07 -61.98 45.65
CA ARG UA 226 -32.08 -62.63 46.47
C ARG UA 226 -31.54 -63.92 47.08
N SER UA 227 -30.23 -64.04 47.17
CA SER UA 227 -29.60 -65.24 47.69
C SER UA 227 -29.40 -65.12 49.19
N TYR UA 228 -28.95 -66.21 49.81
CA TYR UA 228 -28.82 -66.28 51.25
C TYR UA 228 -27.83 -67.38 51.57
N ASN UA 229 -27.02 -67.17 52.60
CA ASN UA 229 -25.92 -68.08 52.90
C ASN UA 229 -26.35 -69.20 53.84
N ARG UA 230 -27.44 -69.87 53.48
CA ARG UA 230 -27.97 -70.97 54.28
C ARG UA 230 -28.87 -71.78 53.38
N PHE UA 231 -28.45 -72.99 53.05
CA PHE UA 231 -29.17 -73.81 52.10
C PHE UA 231 -29.17 -75.24 52.60
N GLN UA 232 -29.94 -76.08 51.92
CA GLN UA 232 -30.03 -77.48 52.28
C GLN UA 232 -30.03 -78.33 51.02
N ILE UA 233 -29.50 -79.54 51.16
CA ILE UA 233 -29.27 -80.44 50.04
C ILE UA 233 -30.07 -81.71 50.29
N ALA UA 234 -30.88 -82.08 49.31
CA ALA UA 234 -31.67 -83.30 49.38
C ALA UA 234 -31.24 -84.25 48.29
N THR UA 235 -31.25 -85.55 48.60
CA THR UA 235 -30.68 -86.55 47.73
C THR UA 235 -31.51 -87.82 47.77
N VAL UA 236 -31.89 -88.32 46.60
CA VAL UA 236 -32.52 -89.63 46.49
C VAL UA 236 -31.48 -90.65 46.09
N THR UA 237 -31.63 -91.86 46.64
CA THR UA 237 -30.85 -93.02 46.24
C THR UA 237 -31.81 -94.18 46.14
N GLU UA 238 -31.27 -95.39 46.05
CA GLU UA 238 -32.07 -96.57 46.28
C GLU UA 238 -32.35 -96.79 47.76
N LYS UA 239 -31.64 -96.10 48.64
CA LYS UA 239 -31.90 -96.18 50.07
C LYS UA 239 -33.02 -95.24 50.52
N GLY UA 240 -33.48 -94.33 49.66
CA GLY UA 240 -34.60 -93.49 50.00
C GLY UA 240 -34.26 -92.04 49.79
N VAL UA 241 -35.05 -91.18 50.45
CA VAL UA 241 -34.92 -89.74 50.35
C VAL UA 241 -34.26 -89.24 51.61
N GLU UA 242 -33.19 -88.46 51.47
CA GLU UA 242 -32.46 -87.91 52.60
C GLU UA 242 -32.25 -86.42 52.40
N ILE UA 243 -32.51 -85.64 53.43
CA ILE UA 243 -32.42 -84.18 53.37
C ILE UA 243 -31.38 -83.71 54.37
N GLU UA 244 -30.33 -83.06 53.89
CA GLU UA 244 -29.32 -82.53 54.78
C GLU UA 244 -29.76 -81.19 55.36
N GLY UA 245 -29.07 -80.78 56.41
CA GLY UA 245 -29.50 -79.64 57.20
C GLY UA 245 -29.11 -78.31 56.60
N PRO UA 246 -29.22 -77.24 57.39
CA PRO UA 246 -28.92 -75.90 56.88
C PRO UA 246 -27.42 -75.67 56.70
N LEU UA 247 -26.91 -76.08 55.55
CA LEU UA 247 -25.50 -75.90 55.26
C LEU UA 247 -25.20 -74.46 54.91
N SER UA 248 -23.91 -74.13 54.84
CA SER UA 248 -23.48 -72.77 54.53
C SER UA 248 -22.32 -72.85 53.54
N THR UA 249 -21.94 -71.70 53.00
CA THR UA 249 -20.88 -71.60 52.01
C THR UA 249 -19.63 -70.98 52.62
N GLU UA 250 -18.59 -70.91 51.80
CA GLU UA 250 -17.32 -70.30 52.18
C GLU UA 250 -16.92 -69.31 51.10
N THR UA 251 -16.86 -68.04 51.46
CA THR UA 251 -16.65 -66.98 50.49
C THR UA 251 -15.21 -66.51 50.51
N ASN UA 252 -14.82 -65.84 49.42
CA ASN UA 252 -13.51 -65.24 49.31
C ASN UA 252 -13.69 -63.76 49.02
N TRP UA 253 -12.90 -62.92 49.68
CA TRP UA 253 -13.01 -61.49 49.49
C TRP UA 253 -11.66 -60.84 49.36
N ASP UA 254 -10.69 -61.54 48.74
CA ASP UA 254 -9.36 -61.01 48.60
C ASP UA 254 -9.28 -59.91 47.56
N ILE UA 255 -10.24 -59.83 46.64
CA ILE UA 255 -10.25 -58.75 45.66
C ILE UA 255 -10.72 -57.44 46.24
N ALA UA 256 -11.21 -57.43 47.48
CA ALA UA 256 -11.63 -56.18 48.10
C ALA UA 256 -10.45 -55.31 48.47
N HIS UA 257 -9.28 -55.92 48.71
CA HIS UA 257 -8.09 -55.14 48.99
C HIS UA 257 -7.51 -54.48 47.75
N MET UA 258 -7.88 -54.97 46.57
CA MET UA 258 -7.50 -54.30 45.34
C MET UA 258 -8.31 -53.01 45.18
N ILE UA 259 -7.83 -52.13 44.32
CA ILE UA 259 -8.51 -50.87 44.08
C ILE UA 259 -9.60 -51.08 43.04
#